data_3JBP
#
_entry.id   3JBP
#
_cell.length_a   1
_cell.length_b   1
_cell.length_c   1
_cell.angle_alpha   90
_cell.angle_beta   90
_cell.angle_gamma   90
#
_symmetry.space_group_name_H-M   'P 1'
#
loop_
_entity.id
_entity.type
_entity.pdbx_description
1 polymer '18S ribosomal RNA'
2 polymer E-tRNA
3 polymer '40S ribosomal protein uS3'
4 polymer '40S ribosomal protein uS4'
5 polymer '40S ribosomal protein uS5'
6 polymer '40S ribosomal protein uS7'
7 polymer '40S ribosomal protein uS8'
8 polymer '40S ribosomal protein uS9'
9 polymer '40S ribosomal protein eS17'
10 polymer '40S ribosomal protein eS12'
11 polymer '40S ribosomal protein eS10'
12 polymer '40S ribosomal protein eS19'
13 polymer '40S ribosomal protein eS21'
14 polymer '40S ribosomal protein eS24'
15 polymer '40S ribosomal protein eS25'
16 polymer '40S ribosomal protein eS26'
17 polymer '40S ribosomal protein eS27'
18 polymer '40S ribosomal protein eS28'
19 polymer '40S ribosomal protein eS30'
20 polymer '40S ribosomal protein eS1'
21 polymer '40S ribosomal protein eS4'
22 polymer '40S ribosomal protein eS6'
23 polymer '40S ribosomal protein eS7'
24 polymer '40S ribosomal protein eS8'
25 polymer '40S ribosomal protein uS10'
26 polymer '40S ribosomal protein uS11'
27 polymer '40S ribosomal protein uS12'
28 polymer '40S ribosomal protein uS13'
29 polymer '40S ribosomal protein uS14'
30 polymer '40S ribosomal protein uS15'
31 polymer '40S ribosomal protein uS17'
32 polymer '40S ribosomal protein uS19'
33 polymer '40S ribosomal protein uS2'
34 polymer '28S ribosomal RNA'
35 polymer '5.8S ribosomal RNA'
36 polymer '5S ribosomal RNA'
37 polymer '60S ribosomal protein eL13'
38 polymer '60S ribosomal protein eL27'
39 polymer '60S ribosomal protein eL28'
40 polymer '60S ribosomal protein eL29'
41 polymer '60S ribosomal protein eL30'
42 polymer '60S ribosomal protein eL31'
43 polymer '60S ribosomal protein eL14'
44 polymer '60S ribosomal protein eL32'
45 polymer '60S ribosomal protein eL33'
46 polymer '60S ribosomal protein eL34'
47 polymer '60S ribosomal protein eL36'
48 polymer '60S ribosomal protein eL38'
49 polymer '60S ribosomal protein eL39'
50 polymer '60S ribosomal protein eL40'
51 polymer '60S ribosomal protein eL15'
52 polymer '60S ribosomal protein eL43'
53 polymer '60S ribosomal protein eL44'
54 polymer '60S ribosomal protein eL6'
55 polymer '60S ribosomal protein eL8'
56 polymer '60S ribosomal protein eL37'
57 polymer '60S ribosomal protein uL13'
58 polymer '60S ribosomal protein uL14'
59 polymer '60S ribosomal protein eL18'
60 polymer '60S ribosomal protein uL15'
61 polymer '60S ribosomal protein uL16'
62 polymer '60S ribosomal protein uL18'
63 polymer '60S ribosomal protein uL22'
64 polymer '60S ribosomal protein uL23'
65 polymer '60S ribosomal protein eL19'
66 polymer '60S ribosomal protein uL24'
67 polymer '60S ribosomal protein uL29'
68 polymer '60S ribosomal protein uL30'
69 polymer '60S ribosomal protein uL2'
70 polymer '60S ribosomal protein uL3'
71 polymer '60S ribosomal protein uL4'
72 polymer '60S ribosomal protein uL5'
73 polymer '60S ribosomal protein eL20'
74 polymer '60S ribosomal protein uL6'
75 polymer '60S ribosomal protein eL21'
76 polymer '60S ribosomal protein eL41'
77 polymer '60S ribosomal protein eL22'
78 polymer '60S ribosomal protein eL24'
#
loop_
_entity_poly.entity_id
_entity_poly.type
_entity_poly.pdbx_seq_one_letter_code
_entity_poly.pdbx_strand_id
1 'polyribonucleotide'
;AACCUGGUUGAUCUUGCCAGUAGUCAUAUGCUUGUCUCAAAGAUUAAGCCAUGCAAGUGAAAGUAUAUAUAUAUAUAUGU
AGAAACUGCGAACGGCUCAUUAAAACAGUUAUAGUCUACUUGACAUUUAUAAGGAUAACUACGGAAAAGCUGUAGCUAAU
ACUUGCAUUAUCCUUUUGGAUAAGUAUUUGUUAGAAGGAAUUAUAACAAAGAAGUAACACGUAAAGUGUGUAUCAAUCGA
GUUUCUGACCUAUCAGCUUUUGAUGUUAGGGUAUUGGCCUAACAUGGCUAUGACGGGUAACGGGGAAUUAGAGUUCGAUU
CCGGAGAGGGAGCCUGAGAAAUAGCUACCACAUCUAAGGAAGGCAGCAGGCGCGUAAAUUACCCAAUUCUAAAGAAGAGA
GGUAGUGACAAGAAAUAACAAUGCAAGGUUUGUAUUGGAAUGGUGGGAAUUUAAAACCUUCCCAGAGUAACAAUUGGAGG
GCAAGUCUGGUGCCAGCAGCCGCGGUAAUUCCAGCUCCAAUAGCGUAUAUUAAAAUUGUUGCAGUUAAAACGCUCGUAGU
UGAAUUUCAAAGAAUCAUUCUUUUUAAAAUCCGAUUUUGUUACUUUGAGUAAAUUAGAGUGUUCAAAGCAAACAGUUAAA
GCAUUGUGUUUGAAUACUAUAGCAUGGAAUAACAAAAUUGAACAAGCUAAAAUUUUUUGUUCUUAUUUUGGCUUAGUUAC
GAUUAAUAGGAGUAGCUUGGGGACAUUCGUAUUCAGAUGUCAGAGGUGAAAUUCUUAGAUUUUCUGGAGACGAACAACUG
CGAAAGCAUUUGUCUAAAAUACUUCCAUUAAUCAAGAACGAAAGUUAAGGGAGUGAAGACGAUCAGAUACCGUCGUAAUC
UUAACCAUAAACUAUGCCGACUAGGUGUUGGAUGAAGUGCUUCCUUCAGUACCUUAUGAGAAAUCAAAGUCUUUGGGUUC
UGGGGCGAGUAUUCGCGCAAGCGAGAAAGUUAAAAGAAUUGACGGAAGGGCACCACCAGGCGUGGAGCUUGCGGCUUAAU
UUGACUCAACACGGGGAAACUCACUAGUUUAAGACAUUGGAUGGUGAUGCAUGGCCGUUUUUAGUUCGUGAAUGAUUUGU
CUGGUUAAUUCCGAUAACGAACGAGAUCUUAACCUGCUAAUUAGCGGCGAGUACACUGUACUUGCUGCUUCUUAGAGGAA
CAUUGUGUGUCUAACACAAGGAAGUUUAAGGCAACAACAGGUCUGUGAUGUCCUUAGAUGAACUAGGCUGCACGCGUGCU
ACACUGAUAUAUAUAACGAGUAAAAUAUGCUUGCAUACUUUUCCUCCGCCGAAAGGCGUAGGUAAUCUUUAUCAAUAUAU
AUCGUGAUGGGGAUAGAUUAUUGCAAUUAUUAAUCUUGAACGAGGAAUGCCUAGUAAGCAUGAUUCAUCAGAUUGUGCUA
ACUACGUCCCUGCCCUUUGUACACACCGCCCGUCGCUCCUACCGAUUGAAAGAUAUGAUGAAUUGUUUGGACAAGAAAAA
UUUUUUCUGGAAAAACCGUAAAUCCUAUCUUUUAAAGGAAGGAGAAGUCGUAACAAGGUUUCCGUAGGUGAACCUGCGGA
AGGAUCAU
;
A
2 'polyribonucleotide' GGGUAAUUGGCGCAGUUGGUUAGCGCGCGGGUCUCAUAAUCCCGAGGUCGUGAGUUCGAUCCUCACAUUACCCA 7
3 'polypeptide(L)'
;PISKKRKFINDGVFQAELNEFLARILAEDGYSGVEVRVTPIRTEVIIRATRTREVLGDKGRRIRELTSLVQKRFFNKSTN
SVELFAERVEHRGLCAMAQAESLRYKLLKGLAVRRACYGVLRHIMESGAKGCEVIVSGKLRAQRAKSMKFRDGYLISTGE
PSKRFVNTATRSAQLKQGVLGIKVKIMLPTAIDTRTGLTSILPDNISVL
;
D
4 'polypeptide(L)'
;PKSYRNYSKTARNPKRPFEKERLDQELKLIGEYGLKNKREIWRVQYLLAKIRSAARYLLTLDEKSSKRIFQGEALLRRMV
RQGLLGENEEKLDYVLGLTLPKLLERRLQTKVFKLGLAKSVHHARVLIRQRHIRVGKQMVDIPSFLVRVDSEKHIDFATT
SPFGGARPGRVKRKSLKKQKEKTEA
;
E
5 'polypeptide(L)'
;KNWVPVTKLGRLVKEGKIVSIEEIYLHSLPIKEYQIIDYFFQPNECSHPLKDDVVKIMPVQKQTRAGQRTRFKAFVAIGD
GNGHCGLGVKCAKEVATAIRGAIISAKLSLIPVRRGYWGNKIGDPHTVPMKVSGKCGSVRIRLVPAPRGTQIVGAPTTKK
MLNFAGIKDCFSSSCGKTKTKGNFLRAIFNALSKTYGYLTPDLWKVTNFDKSPYEEWSDFLETY
;
G
6 'polypeptide(L)'
;DIKLFKKWSYEEINIADLSLVDCIAVSQKACVYTPHTAGRYQKKRFRKALCPIVERLVNSMMMHGRNNGKKLKAIRIVAY
AFEIIHLMTGENPLQVFVNAVQKGGPREDSTRIGSAGVVRRQAVDVSPLRRVNQAIYLICTGARNAAFRNIKSISECLAE
EIINCANESSSSYAIKKKDEIERVAKANR
;
I
7 'polypeptide(L)'
;VRMSVLADCLKTINNAEKRGRRQVLIRPSSKVVIKFLQYMQKKGYIGSFEIVDDHRSGKIVVNLLGRINKCAVISPRYDV
KLDEIEKIITSILPSRLFGHLILTTPYGIMDHEEARRKHTGGKVLGFFF
;
K
8 'polypeptide(L)'
;KRVQTFGKKKTAVAVATVTNGKGLIKLNGKNLDLVEPYILKTKVYEPLWLIGSGKLKNLDIRIRVKGGGQTSQIYAIRQA
IGKGIISYYQKYVDESTKKELKDVLLRYDRSLLVGDTRRCEPKKFGGKGARARYQKSY
;
M
9 'polypeptide(L)'
;RVRTKTIKRAARQIVEKYYAKLTLDFQINKKITEEVAIIPSKRMKNKVAGFVTHLMKRIQKGPVRGISLKLQEEERERRL
DFVPEKSQIDVSVIYVEPDTLRMIKSLG
;
W
10 'polypeptide(L)'
;VTAIQKVIKNAHVHDGLKIGIREVIKSIESQEAKVCFLSDVCSEPAYKKLITTLCAEKNIPLFMVQNDSKDLGHWAGLFK
LDNEGNARKIIGASSVAVVDFGEDSAEKDFLLSQ
;
R
11 'polypeptide(L)' YSYIPKQNKKLIYEYLFKEGVIVVEKDAKIPRHPHLNVPNLHIMMTLKSLKSRNYVEEKYNWKHQYFILNNEGIEYLRE O
12 'polypeptide(L)'
;RLLEPVPFVKTNNCIKDVDADLFIRSYATHLKLHNKITYPKWCTFVKTGKGRKLAPLNEDWYFIRASSILRRLYLHPDIG
VGFLRRQFSSKQRRGVAPNHTSLASGKILRSILQQLENLGYVEQNPKKKGRRLTTKGENAINNFARYINKKVYN
;
Y
13 'polypeptide(L)' IYIPRKCSATSRLIPAKEHGAVQINVGMVDANGVYNGKTETFAISGHVRQNGESDACLNRLMYEKKLLSFQN Z
14 'polypeptide(L)'
;DQFTIRVKKYMSNPLLRRKQFALEILHPNKGSVAKKEVKERLAKMYKLNNVNTIVLFGFKTLFGGGRTKGFGLIYKNVDA
VKKFEKKYRLVREGLIDKETKAGRRASKELKNRRKKVRGT
;
1
15 'polypeptide(L)' KLNHAVFIDKSLHSKILECKNMKVITPSAIAEKYKVNLSVARAVINHLADKKLIAEVCVQSHSQKLYT 2
16 'polypeptide(L)'
;PKKRRNGGRSKHNRGHVNPLRCSNCGRCVPKDKAIKRFNIRNIVDTSAQRDIKEASVYSTFQLPKLYIKQCYCVSCAIHS
RFVRVRSREQRRVRK
;
3
17 'polypeptide(L)' NPDPVEESKKHKLKRLIPTPNSYFMDVKCPGCLQITTLFSHAQNVVLCGSCNIMLCQPTGGKCKLTEGCSFRKKIE 4
18 'polypeptide(L)' EKSKLAKVEKVLGRTGSRGGVIQVRAQFMGDSELAGRFLIRNVKGPVREGDILALLETEREARRL 5
19 'polypeptide(L)' GSLARAGKVKNQTPKVPKLDKKKRLTGRAKKRQLYNRRFSDNG 6
20 'polypeptide(L)'
;FTKKEWYDLKAPKMFLVRNFGKTLVTKTIGKKLATDSLKGRIYEVNLADLNNDEDQAHKKIKLSCDHIINRDCYTDFCGL
SITRDKLCSLIRKGYTLIEGHTDVKTLDNYHLRMFCIAFTKKRQNQTKSTCYAQTSQIKKIRKKMVDIMTAEASKVLLKD
LVKKFIPESIGKEIEKQCKKIYPLQNVLIRKVKILKRPKLDISKLMELHT
;
B
21 'polypeptide(L)'
;GKGIKKHLKRVNAPSHWMLNKMGGQYAPKTSSGPHKLLESIPLVILLRNRLKYALTFDEVKMILIQKIVKVDNKVRTDCT
FPVGLMDVIHITKSNEYFRLLYDIKGRFVPHRITNEESKYKLCKVKKILLRKGRLSIAVTHDGRSIPYIHPDVKVNDTVR
LDLETGKVLEHLKFQVGSLVMVTAGHSVGRVGVISSIDKNMGTYDIIHVKDSRNKVFATRLSNVFVIGDNTKPYISLPRE
KGIKLDIIEERRNRLKA
;
F
22 'polypeptide(L)'
;MKLNISNPLNNVQKSIEIDDEKKLLPFMEKRIGNAVPGDSIGEEFTGYVFRITGGNDKQGFPMIQGVLTNNRVRLLFKKG
MKCYRPRKKGERKRKSVRGCIVGQDLSALNLTLVKKGVNEIPGLTDKAVGKKLGPKRASKIRKLFNLDKSDDVRKYVIIG
RAITKNGKTKFIKPKIQRLVTEKRLLRKRNLLQAKDKRRLEKKQQLKEYKQLLN
;
H
23 'polypeptide(L)'
;AVQKRVLKSNPSDLEKEIAQCLLDIELSSSSDIKTDAKEIKLLSCDLIEVEKLKKKTILIYIPYKIYTTYVRKIQRKLIN
ELEKKTKKYVVLVAKRTILKGKQKNKSFKIIPRSRTLTSVYDSILEDIVSPSEIIGKRISMKADGKRVFKIMLDSKERQR
DNIEEKLISFAAVYKKITRRDAVFSLPP
;
J
24 'polypeptide(L)'
;RDGRHKLRLTGGKKKIHKKKRKYELGRPPSNTKLGSRQVHVVRGRGRNYKYRAIKLDSGSFSWPTFGISKNTRIIDVVYN
ASNNELVRTKTLVKNCIVVIDSHPFTTWYENTFGTTLGKKKKEKKEEDNKEENKQEVENNEEAAKDETTKTYGVIKKIGK
SKNIDPLLLEQFKQGRVLACISSRPGQCGKADGYIIEGDELLFYKRKMDKKKRN
;
L
25 'polypeptide(L)'
;IALTSKNLRAIEKVCSDIMKGAKEKNLNVSGPVRLPVKTLRITTRKSPCGEGTNTWDRFELRIYKRLIDLYSQCEVVTQM
TSINIDPVVEVEVIITDS
;
N
26 'polypeptide(L)'
;ELVFGVAHIFASFNDTFIHVTDLSGRETLVRITGGMKVKADRDESSPYAAMMAAQDVAARLKELGVTAIHIKLRASGGTK
SKTPGPGAQSALRALARSGLKIGRIEDVTPIPTDSTRKKSGRRGRRL
;
P
27 'polypeptide(L)'
;GSGKPSGLRAARKLRIRRRTQRWADKSYKKSHLGTRWKSNPFRGSSHAKGIVVEKVAIEAKQPNSAYRKCVRVQLIKNGK
KITAFVPGDGCLNFIDENDEVLVSGFGRSGHSVGDLPGVKFKVVKVARVSLLALFKEKKEKPRS
;
Q
28 'polypeptide(L)'
;QHILRILNTNVDGKEKVIIALTAIKGIGKRMATVICKQANVDPTKRAGELTTEEIDNIVHIMSTPTQFKIPDWFLNRRKD
LKEGKNIHVIANQLDSYLREDLERMKKIRLHRGLRHHWGLRVRGQHTK
;
S
29 'polypeptide(L)' VHPKKYGQGSRQCRVCSNKHAIIRKYNINICRQCFRERADIIGFKKYR T
30 'polypeptide(L)'
;RMYGKGKGISSSTLPYKRKQPSWLKQKPSEIEDAIIKLAKKGQTPSQIGATLRDNYGIPQVKSVTGNKILRILRAQGIAT
TIPEDLYFLIKKAVSMRKHLEKNKKDKDCKFRLILTESKIHRISRYYKRKKLLPSNWKYQSSTASALIA
;
U
31 'polypeptide(L)'
;DVQHERAYQKQEGASFFNSKKIKKGSKSYIRYWKKVGLGFATPKEAKEGVYVDKKCPFTGNVSIRGRILKGMVISNKMKR
TIIIRRNYLHYVKKYNRFEKRHKNIPCHCSPCFDVKEGDIVTVGQCRPLSKTVRFNVLHVEKHQIFGSARKQFVLF
;
V
32 'polypeptide(L)'
;DLDKLLDLSQDELIKLFKARQRRKFQRGISKKAKSLLKKIRKSKKNCEPGEKPNPVPTHLRNMTIIPEMVGSIVAVHNGK
QYTNVEIKPEMIGYYLGEFSITY
;
X
33 'polypeptide(L)'
;KEESIAKMLICKVHIGTKNLENKMKRYVYTRAKDGVHIINLAKTYEKLQLAARIIVAISNPADVVVVSARPFGSRAVLKF
AQYTGAQAIAGRWTPGMLTNQIIQKFTEPRLLIVTDPRTDAQSVKESAYANIPVIALCDSDSPLEHVDIAIPCNNKGKES
IALMYWLLAQEVLYLKGVIPRSEPWNVMVDMFLWR
;
C
34 'polyribonucleotide'
;GAUGUUAGGAGGGCAAAUCCGCCGAAUUUAAGCAUAUAAUUAAGCGGAAGAAAAGAAAAUAACUAUGAUUCCUUUAGUAA
CGGCGAGUGAACAAGGACCAGCUCAAACGGUUAAUCCUUCGUUUGGUGCAAACCUUUCGACGGAAUUGUCGUUGAAUUAU
UCCAUGAAUGCCUUUAAUUUGAGCAAAGUGAGCAGGAAUGCUUCCCCAUAGAGGGUGAAAGGCCCAUAGUUCUUUUUAAU
UUAUUCAUUGGAAUUUUUCAUGUCGAGUCGUGUUCUUUGAGAUUGGAGCACUAAUACGUGUGAUACAUUUCACAUAAAGC
UAAAUAUAUGUAGGAGACCGAUAGCAAACAAGUACCGUGAGGGAAAGAUGAAAUAGUACUCAGGAAUGAGCAAUUAAAUA
GUACCUGAAAUCGUUAAGAUGGAACGGAUUAAGAGAGAAAACAAGUAAAGAGGGGAAUAUUCUCUUCUUUAUUAAAAGAA
ACAUCAGUGAUUAAUUUAAUUUCAAUAAAGCAAUCCCCUGAAAUUGUUUUCACUUUCUCCCCGCACUAAUGUGGGGAAAA
CUGGCUUUAUUUCUUCAAUUAUUUUUUUUGCUGAGGAAUUUUAAAAUUAUUUGAAUUUUUCUUCUUAUAAUUUAAGUUGU
UUCUAUACAGUACUUUCUUAACCCACUCGUCUUGAAACACGGACCAAGGAGUCUAGCAAAUGUGCAAGUGUAUAUGAUUC
UUUAAACAUUUUACGCAUAAUUAAUGUAAUAUGUCCAUUGUAGAUUUGUGCCCCACUUUGCAUACAAUACCGGUAAGCAA
AUGCUUUAUUGAGUACGAGCAUAUUUGGUAGGACCCGAGAGGCUUUGAACUAAGCGUGAUGAGAUUGAAGUCAGACGAAA
GUCUGAUGGAGGAUCGAGUUGAUACUGACGUGCAAAUCGUUCAUUUCAAUCACGUUUAGGGGCGAAAGACUAAUCGAAAA
GCCUAUUAGCUGGUUAUUUUCGAAAGAUCUCUCAGGAUCGCUGGAGUUGAUUAAUAUAAUUUUACCAGGUAGAGAUAAUG
AUUAGAGGACAGGGCCUUGACCUAUUCUCAAACUCCCAAUAGGUAAAAAGGGCGAAAUAACUCAAUUUGUAUUUCACUCA
UAUUAAAUAAAAUAACUCCAAGUGGGCCAUUUUUGGUAAGCAGAACUGGCGAUGAGGGAUGCUCCUAACGCUUGGAUAAG
GUGCCUAAAUAUUCGCUCAUGAGAUCCCAUAAAAGGUGUUGGUUCAUAUGAACUAGCCCUGAAAAUGGAUGGCGCUAAAG
CGGAUUACCGAUACCAAGCCAUAAAAAGAAGAAAAAAUUUUUUUUUAGAAUCUUUUUAUGAGUAGAAAAUCGUGGGGUUU
GUGUUGAAGCGAAAUACGUGAGUUUUCGUGGAACAUCUCCCUAGUGCAGAUCUUGGUGGAAGUAGCAACUAUUCAAAUGA
GAACUUUGAAGACUGAAGUGGAGAAGGGUUUCUUGUCAACUGUGAUUGAACAAGAGUUAGCCGCUCCUAAGGGAUAGCUG
AAAAGUGUUUAAAGGGGUCCCCGUCUCAAAAGGGAAACAGGUUGAUAUUCCUGUGCCAAUAGUAUUAUGAGUUAGAUGGU
AACAUAUAUAUAAAUGAACUCCUUUACAUAGGCUUUACACUCGGGGUGCGUUUUCUUUGCACUUUACCUUUAUAACAAAC
CUUGGAAUCAAUUUACUUGGAGAAGAGGUUCGUUGAACUCAAUUCAAAAAUUUGUUUUGUAGCAAUAGUAAUUCGUAAUU
AUCCGAAGUGGUAAGGACUAUCCUUGAAAAAAGGAGGGAACGGCUUUGUGCUUUGCUACUCUUAAUACUUGUAUGAGCGU
ACCAACAACCGCAUCAGGUCUCCAAGGUUAACAGCCUCUGGUUAAAUAGAAAAAAGUAGGUAAGGGAAGUCGGCAAAAUA
GAUCCGUAACUUCGGGAAAAGGAUUGGCUCUGAGGACAUUAAUGUUAACUCAGAACUGAAACGGACAAGGGGAAUCCGAC
UGUUUAAUUAAAACAUAGCAUUGUGAAAAGCCACAACUGGUAUUAACACAAUGUGAUUUCUGCCCAGUGCUUUGAAUGUC
AACUUGAUGAAAUUCAAUCAAGCGCAGGUAAACGGCGGGAGUAACUAUGACUCUCUUAAGGUAGCCAAAUGCCUCGUCAU
CUAAUUAGUGACGCGCAUGAAUGGAUUAACGAGAUUCCCACUGUCCCUACUUGCUAUCUAGCGAAACCACAGCCAAGGGA
ACGGGCUUGGCAAAAUCAGCGGGGAAAGAAGACCCUGUUGAGCUUUACUCUAGUCUGGCUUUGUGAAACGACUUAAGAGG
UGCUACUUUUAAAGUUGUUUUACUUAUCCAUUUAUAGGGAUGAAUUUCCCAAUAUGGAGACAUAGCCAGGUGGGGAGUUU
GACUGGGGCGGUACAUCUGUUAAAUAUUAACGCAGAUGUCCAAAGACAAGCUCAAAGAGAACAGAAAUCUCUUGUAGACU
AAAAGGGGAAAAGCUUGUUUGAUUUCUAUUUUCAGAACAAGUAGAAAACGUGAAAGCGUGGCCUAUCGAUCCUUUAUAUU
UGCAAAAUGACGUAAAUUACUUACUACUGUGCAUAUAGAGGUGUCUGAAAAGUUACCACAGGGAUAACUGGCUUGUGGCU
GCCAAGCGCUCCUAGCGACGUAGCUUUUUGAUCCUUCGAUGUCGGCUCUUCCUAUCAUUGGGACGCAGAAGUCUCAAAGU
GUCGGAUUGUUCACCCGCUAAUAGGGAACGUGAGCUGGGUUUAGACCGUCGUGAGACAGGUUAGUUUUACCCUACUGAUG
AAUUUUAUUAUAUAUAUACAUAUAGUAUUGUGACAGUAAUCCAACUUGGUACGAGAGGAUUAGUUGGUUCAGACAAUUGG
UACAGCAAUUGGUUGACAAACCAGUGUUGCGAAGCUAAGUCUGUUGGAUAAUGGCUGAACGCCUCUUAAGCCAGAAACCA
UGCUGAUUAAACAAUACUAUCUUUUUUGUUUGCUAAUGUAAAAGAGAAAUUAUAUAUGUACCGGUACAUAAAUAAUCCUA
UCACCUUUUUCGUGAGCUGAGCUGUGAGCUAGGCAAUAGUUCUUUAACAACAAAAAAGAGCACAAACUGUAGACGACUUU
UUUGCCUCAGGGUGCUGUAAACAUGAAAGUAAACUUUACGAUCUGUUGAGGCUUAUCCCUAGUGGUAAAGUGU
;
AA
35 'polyribonucleotide'
;AGCACAGUCUUAACGAUGGAUGUCUUGGUUCCUACAGCGAUGAAGGCCGCAGCAAAAUGCGAUACGCAAUGAAAAUUGCA
GUGACUGAAUCAUCAGAAUGCUGAAUGUAAACUACACCAAUUCCCUGGGAAUAGUGGUACUCCUACAGAAA
;
AC
36 'polyribonucleotide'
;GACUCGUUCAUACUACAGUGGAUACACCAGAUCCCAUCAGAACUCUGAAGUUAAGCACUGUAAGGCUUGGCUAGUACUGA
GGUGGGAGACCGCUCGGGAACACCAGGUGAUGAGUCAG
;
AB
37 'polypeptide(L)'
;VAHNNVLPNVHLHKWWQHRVRVNFSKNIKKKKRRLLREKRRKANGGTPIEKLHPIVHCPTQRYNFRTRLGKGFTFEELKG
AGLTPRAAQTIGICYDKRRKNRSEESLTKNVERLLKYKNSLVMIPLKKNKAKKGIGGIPADADKNTIKEFRNKKPLLSIF
KKEKNTKPFYETIEVSKIDKEFLAYKTLRRAKLAERRKNCRQQKKDIKFKS
;
AL
38 'polypeptide(L)'
;GKLLKPGKVIIILNGRRAGKKAVIVNTYEGQTRERPYSYCLVAGIEKHPLKVNKSMTKKKIVKRSKVKAFIKCINVNHIL
PTRYQVANDFDIKSLASDDVLKSKNKKKEVKKLGKIFRDKFLEPVNKKTGEVSKDISFLHKKLYF
;
A1
39 'polypeptide(L)'
;SNVSNALVWELTRKSNCFIKKNKAGKKGVFLCDPLNVNYKNTPSSSGLVKSNSTNVTLKDGKVVFSVKTSKESNVVNQHF
KAKNMKNVEKLLQQHGSFEKAKNKEKLLKKYKRLSKLY
;
A2
40 'polypeptide(L)' AKSKNHTNHNQNRKAHKNGIKKPKKHKFMSRKGLDPNFFRNQKYCLKGIQKKKKELKLKAKQEKNN A4
41 'polypeptide(L)'
;SAGDNINAKLQLVMKSGKYQFGRKSCLKALRTGKGKLVIVSSNCPSIQRSVIEYYAMLSKCGVHDYHGDNNDLGTACGKL
FRISCLVITDVGDSDIIK
;
A6
42 'polypeptide(L)'
;PVTKFITINLSKLTHKVCYKRKAPRAIKEIRSIAGKLMHTKDVRLDVKLNKFIWSKGVRNPPKRVRVKLERKRNEDEDSK
EKMYTIVEHVMVDSYKGLVNEC
;
A7
43 'polypeptide(L)'
;VELTEEELYISKKNLLFKRFVEPGRLCLIEYGPYAGKLCFIVDIVTITRVIVDGAFITGVPRMVIPLKRLKLLKERIKIN
KNCKSGFLRKTVNSTKVLEEFNNSKLGKKMIIKKKRDEATDFERFQVYFAKRELKKKMTTIKNKKN
;
AN
44 'polypeptide(L)'
;AVKKVGKIIKKRTKKFTRFQSNRFMRVKPAWRKPRGIDCRVRRRYKGTNLMPSIGYGSNKKTKFLLPNNKYKYVVKNVKE
MEPLIMNHTKYCVQIAHNVSSKKRKQIIERAKQMNVSVINAKARL
;
A8
45 'polypeptide(L)'
;LQAVRLYEKGVILGYKRSQRNQDPNFTLISIKNVNTKKHAQFYVGKRVAYVYRTTKHHDGVKIKCIWGKVCRTHGNSGVI
RAKFKTHIPPKAFGDRVRILMYP
;
A9
46 'polypeptide(L)'
;AQRVHYRRHNHYNTKSNKVRPVRTPGGKLTIHVVKKKAGKPKCADCKTAIQGVKALRPADNYRARRKNRTVARAYGGSIC
ARCIRERIMRAFLFEEQKCVRQVLKE
;
Aa
47 'polypeptide(L)'
;GRKSTIKPATGIAVGFNSGHVVTKRNLKLHKKKKPFSKRKELIKDVVREITGFSPYEKRIIELIKIGTSASTKRSLKYAK
KKLGTHKRGKAKREEIQKVVILQRR
;
Ab
48 'polypeptide(L)' PKQITDIRKFLKISRKPDTTAVIIMKKKSKTKKNTVITKLKLRTKKYLYTMVFADRKKAERIENSLLPSLKRIYYP Ad
49 'polypeptide(L)' GSIKRFRLKQRLGKCRRQNRPVPHWYRLKKDTKIRYNTKRRHWRRTKLGL Ae
50 'polypeptide(L)' AIEPSLAQLAQKYNCQKLICRKCYARLHPRATNCRNKKCGRTNQLRPKKKL Af
51 'polypeptide(L)'
;GAYKYIQEIWKKKQSDAMHFLLRVRTWEYRQLPVVHRVSKPSRPDKARRLGYKAIQGFVIYRVRVRRGDRKKRVKKGIVH
GKPKHQGVHKQKSTRNLKSVAEGKVGKSICGNLRVLNSYWVGQDAVYKYYEVILVDPNHNAVRNNPKINWICNPVHKHRE
LRGLTSAGKKYRGLRVKGHLSAKSRPSIRANWKRRQLIKLRKCR
;
AP
52 'polypeptide(L)'
;SRRTKKVGLTGKYGTRYGSSLRKQIKKIELMQHAKYLCTFCGKTATKRTCVGIWKCKKCKRKVCGGAWSLTTPAAVAAKS
TIIRL
;
Ah
53 'polypeptide(L)'
;VNVPKTRKTYCSNKCKKHTMHKVSQYKKGKERLSSLGRRRYDMKQKGFGGQTKPVFKKKAKTTKKIVLKLECTKCKKKRF
QTMKRCKTFEMGADK
;
Ai
54 'polypeptide(L)'
;KHYNVKGKKKVLVPVNAKKTINKKYFGRKVASKKKYVVQRKLRKSIEVGKVAIILTGKHMGKRCIITKILNSGLLAVVGP
YEINGVPLKRVDSRYLVVTSTNIFNFENIAKLKDDFLNYAQDIDDDSFIKTLEIKKKQKKLLKNKNEALFMNNVIDKIKE
IRKEDPKVQKLEGIQKDIGSLLKPEILKNKVFAHYLKSKFTLRNDMVLHKMKF
;
AI
55 'polypeptide(L)'
;KDNPLIFEKKKRSNIIGVGVRPKKDLSKYVKWPRYIRIQRKKKILLQRLKVPPSINQFNHTLPKSQTQDLLNFLKAYKPE
SKTDKKQRLLNKAKEALNKNITKDKKPLFLKYGINHITKLVENKKANLVVIANDVSPIELVLFLPALCRLKEVPYCIVKD
KATLGKLVHKKTATAVCLESVKKEDQEKLDYFAKVCKENFNDNVDLRRKWGGQKMSAKSMLLKKMKDKARKIEEAKKKEI
SAKL
;
AJ
56 'polypeptide(L)'
;GKAGKGTGSFGKRNGKTHFLCLRCGKRSYHLQKKKCASCGYPSAKKRRFNWSVKAKRRNTTGTGRCRYIKTLRRKLKNKF
TEGSTPKPK
;
Ac
57 'polypeptide(L)'
;MYKKEYVIDCKGHLLGRLASLIAKELLNGQRIVAVRCEDINISGSLYRNKLKYQEFLRLRTNTNPKKGPLHLREPSKILW
RCVRGMLPHKTYKGQLALKKLKVCVGMPAPYDKKKKYVLPSALRAFRLKKHRRYCRLGTLSSRVGWNYDTLVKKNEVLRK
QVSKAYYKKKVNNLNEKKEIKTEALNLINPEQRQVLENFGY
;
AK
58 'polypeptide(L)'
;TLKNKMRITLSLPVGALINCCDNSGGKNLYIIAVQGFGSCLNRLPAASLGDMVLATVKKGKPDLRKKVLNAIICRQSKAW
RRHEGYYIYFEDNAGVIVNPKGEMKGSAITGPVARECAELWPKLSSAASAIV
;
AM
59 'polypeptide(L)'
;GIALKNVGRIKKHGRKHLVSKNPYLRLLVKLYNFLARRTNANFNKIIAKRLIMPKRYRPPLSLSKLQYHMANHPNDIAVV
VGSITDDKRLFSLKQLKVCALRFTETARKRIEDAGGECLTFDQLALKYPTGKKCVLLRGPTKARTAEKHFGKAPGKPKSK
ARPYVRSKGRKFEKARGRRKSRAYKK
;
AS
60 'polypeptide(L)'
;ATRFKKNRKKRGHVSAGHGRVGKHRKHPGGRGKAGGLHHMRINFDKYHPGYFGKVGMRHLNLLKNRTYCPTINVDKLWGL
LPEEKKKEFSENKDIAPVIDVTRKGYFKVLGNGKLKHNQPIVVKARYFSSVAEKKIKAVGGQCILVA
;
AO
61 'polypeptide(L)'
;GRRPARCYRYCKNKPYPKSRYCRGVPDPKIRIYDMGRKKADVNEFSGVVHLVSYEYEQISSEALEAARISANKYMITNCG
KDNFHLRVRIHPFHVLRINKMLSCAGADRLQTGMRGAFGKPNGVVARVDIGQVLLSIRTKENFVSKACEALRRAKYKFPG
RQKVFVSNKWGFTPFSKDEYQQYKKKGRIISDGVSCKFIREKGPL
;
AQ
62 'polypeptide(L)'
;KVVKNKAYFKRYQVKYRRRREGKTDYRARKALILQDKNKYNAQKLRFVVRKTNSQVICQIACAHIEGDKILAEAKSKELI
RYGIPVGLKNYAAAYATGLLCARRFLKSLNLDTQFLGVEKVTGEIENNEDKEDEEGRKPIKAFLDVGITRTTTGNRVFAA
LKGACDGGLNIPHGNNRFPGSKNEFNPEQLRKNILGIHVAEYMKTLQEEDNDKYKTHFNDYLKNNIGADDIEQMYLNAHE
KIRQNPEKESKDTKNVKKFVSKHEKPKKLNAKLRKKRVKEKLALYVELQ
;
AR
63 'polypeptide(L)'
;YAKKIRNLGKCAKGAGVDLRVHFKNTYEAARAIRRMKLLEAKKYLNDVIEKKRCVPFRKYNGGVGRTNQAKEFNHTQGRW
PAKSCKFLLNILDNVQANAESRNLDVSKLRLIHVMVNKARPGRRRTYKAHGRINPFMSSPCHIQIIAREIN(UNK)
(UNK)(UNK)(UNK)(UNK)(UNK)(UNK)(UNK)(UNK)(UNK)(UNK)(UNK)(UNK)(UNK)(UNK)(UNK)(UNK)
(UNK)(UNK)
;
AW
64 'polypeptide(L)'
;ARNPKCPRIVKSCHSKTLDKYGLIKYPLTSEKAMKKIEEINTLVFMCDKRANKKNIKKSVKNLFGIECDKVNVLNTLNGD
KKAYVRLSGEHDALEVANKIG
;
AY
65 'polypeptide(L)'
;SLTLQKRLAASVLKCGKNKIWMDPNEISEISLANSRFSIRKLYKEGLILKKPQKVHSRARVRLYKLAKRKGRHMGIGKRK
GTKNARTNQKTLWIKRQRVLRRLLKRLRDSKKVDRHLYHSFYLKCKGNQFKNKRTLIEAIQREKNETLKKKAIADQLEAK
RLKAQVLRNKRKLKKDKEVVA
;
AT
66 'polypeptide(L)'
;KFNKQKSSSRRKMRKAHFTAPAGLRRKIMSSKLSKELRLKYKTRSLPVRKDDEVLICRGHNHGREGKVVKINRKRYKIYV
ERVTREKVNGESTFIGIHPSNVVLTKLKVDKNRKKILDRKA
;
AZ
67 'polypeptide(L)'
;NVKAYELRTLKKKELLDKLDELKKELSGLRISKALGNSAKNSKIHGVRKNVARVLTVYNQKRKMELRQLYKNKKFKPYNL
RKKLTKNKRLQLSPKQKAAMTLRQKKKVQNFPQRKYLVV
;
A3
68 'polypeptide(L)'
;AAKKIKTLKLINKKKRNDLRQRTLRYEEEYESERKKIIELKREARKNNCFYREAEKKVVFVIRLKGVNKLPPKVRSVFRL
LRLLQVHNGVFVKVNKATKEMLKIVEPYVTYGYPTLSTVRKLLYKRGYVRVGKVRRYARKKIQDNADISKHLGKYNVHGI
EDMVYQLYTCGPVFKKVNNFLWAFKLKPPRKGFKAKRHAFNEPRPGDWGNREAHINELINRMI
;
A5
69 'polypeptide(L)'
;GRVIRGQRKGRGSIFKSHNHHRKGAAKLRHLDYCEKKGYIKGLVKDIIHDPGRGAPLAKVIFKRTEKYGKKEELIIASEG
MFTGQYISCGTKAPLSVGNILPIGKMPEGTLICNLEHRTGNRGTLVKASGCYATVVGQSEDGKKTKVRLPSGAKKTIDAK
ARAMVGVVGAGGRIDKPILKAGVAHHKYRVKRNCWPKVRGVAMNPVEHPHGGGNHQHIGHPSTVSRSAPAGQKVGLIAAR
RTGLLRG
;
AD
70 'polypeptide(L)'
;SHRKFERPRHGSLGFLPRKRCKRLRGKIRSFPKDDKEKPPHFTAFMGYKAGMTHIVREVDKPGSKLHKKEIVEACTIIEC
APMVVVGIVGYRETPKGLRILSTVWANHVSDEFRRRYYKNWYKSEKKAFTKSLNVPEATKNCLLKRIEKYCTVLRAICHT
QPSKTPLRMKKAHIMEVQINGGSMKEKLEFVKEMLEKNLPVSTVFNPNEMIDVISVTKGHGTKGVVSRYGVKRLPRKTHR
GLRKVACIGAWHPARVQFQIPRHGQKGYFHRTERNKKIYRIGLKTDKNSASTDADITEKKITPMGGFPHYGVVNEDFLLL
KGCVAGTKKRPITLRKNIVPQVSRDALAQVSLKFIDTSSKIGHGRFQTSEEKVKYYGPLK
;
AE
71 'polypeptide(L)'
;PVANVYSTNGKNVVGEVEIPVVFQTPIRNDLIQSVYTNMSKNRRHPYAVKLGAGYETSAESWGTGRAVARIPRVPGGGTH
RAGQGAFGNMCRGGGMFNPTKIWRRWGRKVNLKEKRYAVCSSIAASGVTSLVLARGHRISHLKEVPLVVSNDIESLSKTK
EAVNFLVSLGLKDEVNRLVKSKKIRAGKGKMRNRKYKIRNGPLIIYENDNGVKKAFRNIPGVDLCKVTKLNLLKLAPGGS
IGRLCIWSESAFKKLDVIYGKIHEKKVTKKNYILPKSIVHNPDIYRIIHSDKVQASLLAKKKPCKKRLQNKNSLTNFAVR
CRLNPAYKLLRSLAVLRMRKSILEKSKNKKEKRVQKQIQKKELQKINHDYYKGVAKAVKKKKKREEKKAK
;
AF
72 'polypeptide(L)'
;VMREIKVNKLVLNICVGESGDRLTRAARVLEQLTEQKPIFGKCRFTIRSFGVRRNEKISCFVTVRGKKALEILEKGLKVK
EYELRRKNFSDTGNFGFGIQEHIDLGIKYDPSTGIYGMDFYVHLSRSGYRVTRRTRRRSKISKTHKVTKEDAMKWFQTK
;
AG
73 'polypeptide(L)'
;IDNSLNTNIHQYHIVGRAIPTAKDKNPNVYRMCIFAKNDTNAKSRFWYFMKKINKLKKSNGELLACEQIKERFPLRVKNY
GVLLRYDSRTGTHNMYKEFRDTTKEGAIAQLYSEMAGRHRARASSINIIRISEISSSLVRRPHIKQLLKRRLRFPALHLP
TLQKEYRKKFASKRPSTYRM
;
AU
74 'polypeptide(L)'
;KTIVSTQKVLIPEGVKVAINARKVTVSGKYGTLRRSFRHLPIDIRLNKLKKYIKVVMWFGVPDSLACIRTVCTHLKNMFT
GVTKKFLYKMRLVHAHFPINSNIVDNNTRIEIRNYLGEKSVRFVKALPGVVIEKSPNVKDEIYVSGADIENVSLTAALIH
QSVLCRNKDIRKFLDGIYVSEVTTV
;
AH
75 'polypeptide(L)'
;KSRGKRSGTRYKFSKKFRKHGECTANKYLEKLNYGDYVDIVCDSTQQKGMPFNYYHGKTGKIFHITKRGVGVLVNKRVKH
RIEQKKVCVRIEHVRKSRCNEDFLLRKIKNAELIKEAKLKNEHINIKRKTEGPKPAAMIKVPPSKIITIEPLPFY
;
AV
76 'polypeptide(L)' HGASRYKKSRAKMRWKWKKKRTRRLQKKRRKMRQRSR Ag
77 'polypeptide(L)'
;IKYVLDCTKPVKDTILDISGLEQFFKDKIKVDKKTNNLKNKVVVTSDEYKIYITVHIPFSKRYIKYLAKKYIKMHQIRDF
LRVIAKGKLAYEFKYFQ
;
AX
78 'polypeptide(L)' VKTEACSFSEYRIYPGRGQKYIARDGKVYFYLSSKFASLALQKKKAAKLRWTQTWRRNNKKT A0
#
# COMPACT_ATOMS: atom_id res chain seq x y z
N PRO C 1 23.34 -17.95 120.86
CA PRO C 1 21.95 -17.87 120.29
C PRO C 1 21.85 -18.46 118.90
N ILE C 2 22.78 -18.18 117.97
CA ILE C 2 22.66 -18.65 116.59
C ILE C 2 22.89 -20.15 116.40
N SER C 3 22.37 -20.72 115.29
CA SER C 3 22.58 -22.12 114.92
C SER C 3 23.94 -22.42 114.32
N LYS C 4 24.30 -23.72 114.23
CA LYS C 4 25.55 -24.18 113.66
C LYS C 4 25.69 -23.87 112.18
N LYS C 5 24.61 -24.05 111.41
CA LYS C 5 24.51 -23.67 110.02
C LYS C 5 24.84 -22.19 109.80
N ARG C 6 24.24 -21.30 110.62
CA ARG C 6 24.46 -19.86 110.64
C ARG C 6 25.89 -19.50 111.02
N LYS C 7 26.46 -20.19 112.02
CA LYS C 7 27.85 -20.04 112.42
C LYS C 7 28.80 -20.34 111.27
N PHE C 8 28.57 -21.43 110.52
CA PHE C 8 29.49 -21.83 109.46
C PHE C 8 29.48 -20.86 108.30
N ILE C 9 28.30 -20.42 107.84
CA ILE C 9 28.25 -19.41 106.80
C ILE C 9 28.92 -18.10 107.19
N ASN C 10 28.67 -17.56 108.39
CA ASN C 10 29.31 -16.32 108.82
C ASN C 10 30.81 -16.44 108.87
N ASP C 11 31.34 -17.56 109.36
CA ASP C 11 32.76 -17.87 109.36
C ASP C 11 33.36 -17.81 107.94
N GLY C 12 32.70 -18.46 106.96
CA GLY C 12 33.09 -18.40 105.56
C GLY C 12 33.06 -17.02 104.93
N VAL C 13 31.99 -16.25 105.13
CA VAL C 13 31.87 -14.90 104.62
C VAL C 13 32.95 -13.99 105.18
N PHE C 14 33.23 -14.09 106.49
CA PHE C 14 34.28 -13.35 107.12
C PHE C 14 35.65 -13.64 106.50
N GLN C 15 35.95 -14.92 106.25
CA GLN C 15 37.12 -15.31 105.51
C GLN C 15 37.21 -14.68 104.14
N ALA C 16 36.13 -14.71 103.36
CA ALA C 16 36.07 -14.10 102.05
C ALA C 16 36.33 -12.60 102.04
N GLU C 17 35.71 -11.85 102.96
CA GLU C 17 35.98 -10.43 103.09
C GLU C 17 37.44 -10.18 103.44
N LEU C 18 37.97 -10.93 104.43
CA LEU C 18 39.34 -10.80 104.83
C LEU C 18 40.32 -11.09 103.71
N ASN C 19 40.10 -12.16 102.94
CA ASN C 19 40.88 -12.47 101.76
C ASN C 19 40.94 -11.33 100.74
N GLU C 20 39.77 -10.76 100.37
CA GLU C 20 39.72 -9.58 99.51
C GLU C 20 40.40 -8.36 100.14
N PHE C 21 40.23 -8.13 101.45
CA PHE C 21 40.94 -7.09 102.18
C PHE C 21 42.47 -7.28 102.15
N LEU C 22 42.98 -8.52 102.28
CA LEU C 22 44.40 -8.83 102.13
C LEU C 22 44.88 -8.45 100.74
N ALA C 23 44.10 -8.79 99.71
CA ALA C 23 44.37 -8.38 98.35
C ALA C 23 44.47 -6.87 98.16
N ARG C 24 43.58 -6.06 98.75
CA ARG C 24 43.71 -4.61 98.69
C ARG C 24 45.00 -4.07 99.35
N ILE C 25 45.37 -4.58 100.53
CA ILE C 25 46.62 -4.23 101.21
C ILE C 25 47.90 -4.71 100.54
N LEU C 26 48.02 -6.04 100.29
CA LEU C 26 49.31 -6.71 100.18
C LEU C 26 50.06 -6.57 98.85
N ALA C 27 50.44 -5.33 98.50
CA ALA C 27 51.32 -5.06 97.38
C ALA C 27 52.74 -4.77 97.87
N GLU C 28 52.96 -4.66 99.19
CA GLU C 28 54.24 -4.24 99.72
C GLU C 28 55.14 -5.41 100.11
N ASP C 29 54.65 -6.65 99.97
CA ASP C 29 55.40 -7.83 100.36
C ASP C 29 54.85 -9.03 99.62
N GLY C 30 55.47 -10.20 99.85
CA GLY C 30 55.00 -11.48 99.35
C GLY C 30 53.87 -12.04 100.18
N TYR C 31 53.98 -13.33 100.54
CA TYR C 31 53.00 -14.01 101.36
C TYR C 31 53.72 -14.65 102.53
N SER C 32 53.27 -14.35 103.76
CA SER C 32 53.98 -14.75 104.97
C SER C 32 52.98 -15.09 106.07
N GLY C 33 51.73 -15.47 105.70
CA GLY C 33 50.67 -15.88 106.62
C GLY C 33 49.86 -14.77 107.26
N VAL C 34 48.89 -15.17 108.09
CA VAL C 34 47.99 -14.28 108.81
C VAL C 34 47.97 -14.65 110.28
N GLU C 35 47.55 -13.69 111.14
CA GLU C 35 47.63 -13.83 112.59
C GLU C 35 46.22 -13.88 113.18
N VAL C 36 45.83 -15.04 113.74
CA VAL C 36 44.50 -15.30 114.28
C VAL C 36 44.65 -15.69 115.78
N ARG C 62 52.75 -1.89 110.57
CA ARG C 62 52.28 -3.21 110.03
C ARG C 62 51.15 -3.85 110.82
N ILE C 63 51.39 -4.97 111.53
CA ILE C 63 50.32 -5.79 112.12
C ILE C 63 49.42 -5.03 113.09
N ARG C 64 49.95 -4.03 113.83
CA ARG C 64 49.14 -3.20 114.72
C ARG C 64 48.00 -2.45 114.03
N GLU C 65 48.25 -1.70 112.93
CA GLU C 65 47.19 -1.00 112.24
C GLU C 65 46.20 -1.92 111.57
N LEU C 66 46.67 -2.94 110.86
CA LEU C 66 45.82 -3.94 110.24
C LEU C 66 44.97 -4.72 111.21
N THR C 67 45.56 -5.18 112.33
CA THR C 67 44.84 -5.81 113.44
C THR C 67 43.79 -4.88 114.00
N SER C 68 44.14 -3.61 114.21
CA SER C 68 43.23 -2.61 114.70
C SER C 68 42.04 -2.39 113.79
N LEU C 69 42.27 -2.28 112.46
CA LEU C 69 41.19 -2.16 111.52
C LEU C 69 40.26 -3.35 111.50
N VAL C 70 40.81 -4.59 111.45
CA VAL C 70 39.97 -5.76 111.37
C VAL C 70 39.21 -6.01 112.64
N GLN C 71 39.84 -5.84 113.81
CA GLN C 71 39.18 -5.90 115.10
C GLN C 71 38.09 -4.86 115.26
N LYS C 72 38.33 -3.61 114.84
CA LYS C 72 37.33 -2.57 114.77
C LYS C 72 36.13 -2.93 113.90
N ARG C 73 36.39 -3.47 112.69
CA ARG C 73 35.39 -3.97 111.79
C ARG C 73 34.56 -5.13 112.35
N PHE C 74 35.23 -6.15 112.91
CA PHE C 74 34.67 -7.41 113.34
C PHE C 74 34.01 -7.45 114.73
N PHE C 75 34.31 -6.52 115.66
CA PHE C 75 33.78 -6.58 117.01
C PHE C 75 32.62 -5.58 117.24
N LEU C 94 57.08 -20.76 93.51
CA LEU C 94 55.90 -21.71 93.57
C LEU C 94 54.53 -21.18 93.96
N CYS C 95 54.38 -20.25 94.95
CA CYS C 95 53.07 -19.70 95.32
C CYS C 95 52.43 -18.87 94.23
N ALA C 96 51.35 -19.38 93.62
CA ALA C 96 50.63 -18.76 92.53
C ALA C 96 50.31 -17.29 92.71
N MET C 97 49.72 -16.91 93.88
CA MET C 97 49.40 -15.53 94.17
C MET C 97 50.61 -14.63 94.14
N ALA C 98 51.71 -15.03 94.80
CA ALA C 98 52.95 -14.29 94.78
C ALA C 98 53.54 -14.08 93.40
N GLN C 99 53.61 -15.15 92.59
CA GLN C 99 54.12 -15.07 91.24
C GLN C 99 53.32 -14.13 90.38
N ALA C 100 51.99 -14.30 90.40
CA ALA C 100 51.08 -13.45 89.69
C ALA C 100 51.15 -11.99 90.09
N GLU C 101 51.18 -11.70 91.41
CA GLU C 101 51.38 -10.36 91.93
C GLU C 101 52.68 -9.72 91.46
N SER C 102 53.80 -10.49 91.53
CA SER C 102 55.07 -10.09 90.95
C SER C 102 55.01 -9.78 89.47
N LEU C 103 54.38 -10.66 88.68
CA LEU C 103 54.20 -10.50 87.25
C LEU C 103 53.42 -9.26 86.87
N ARG C 104 52.29 -8.98 87.54
CA ARG C 104 51.51 -7.78 87.29
C ARG C 104 52.28 -6.53 87.63
N TYR C 105 53.02 -6.50 88.75
CA TYR C 105 53.91 -5.39 89.07
C TYR C 105 54.98 -5.11 88.00
N LYS C 106 55.65 -6.16 87.48
CA LYS C 106 56.57 -6.06 86.36
C LYS C 106 55.97 -5.56 85.05
N LEU C 107 54.79 -6.09 84.69
CA LEU C 107 53.98 -5.64 83.57
C LEU C 107 53.55 -4.19 83.70
N LEU C 108 53.09 -3.79 84.90
CA LEU C 108 52.65 -2.47 85.27
C LEU C 108 53.74 -1.44 85.14
N LYS C 109 54.99 -1.81 85.49
CA LYS C 109 56.16 -0.97 85.36
C LYS C 109 56.57 -0.77 83.88
N GLY C 110 55.93 -1.47 82.93
CA GLY C 110 56.06 -1.18 81.50
C GLY C 110 57.21 -1.85 80.82
N LEU C 111 57.87 -2.79 81.52
CA LEU C 111 58.87 -3.69 80.97
C LEU C 111 58.29 -4.56 79.85
N ALA C 112 59.11 -4.95 78.84
CA ALA C 112 58.67 -5.71 77.69
C ALA C 112 57.98 -7.02 78.02
N VAL C 113 56.84 -7.31 77.36
CA VAL C 113 55.90 -8.33 77.81
C VAL C 113 56.50 -9.72 77.74
N ARG C 114 57.24 -10.02 76.67
CA ARG C 114 57.93 -11.28 76.52
C ARG C 114 58.97 -11.49 77.58
N ARG C 115 59.82 -10.47 77.80
CA ARG C 115 60.89 -10.50 78.78
C ARG C 115 60.35 -10.77 80.17
N ALA C 116 59.29 -10.03 80.57
CA ALA C 116 58.61 -10.24 81.84
C ALA C 116 58.01 -11.64 81.99
N CYS C 117 57.33 -12.13 80.94
CA CYS C 117 56.75 -13.46 80.98
C CYS C 117 57.78 -14.55 81.11
N TYR C 118 58.84 -14.49 80.30
CA TYR C 118 59.96 -15.39 80.34
C TYR C 118 60.65 -15.36 81.69
N GLY C 119 60.94 -14.17 82.23
CA GLY C 119 61.54 -14.00 83.55
C GLY C 119 60.79 -14.68 84.66
N VAL C 120 59.48 -14.47 84.72
CA VAL C 120 58.61 -15.13 85.68
C VAL C 120 58.57 -16.62 85.48
N LEU C 121 58.40 -17.08 84.23
CA LEU C 121 58.29 -18.49 83.91
C LEU C 121 59.54 -19.25 84.29
N ARG C 122 60.70 -18.73 83.90
CA ARG C 122 62.00 -19.26 84.24
C ARG C 122 62.21 -19.30 85.75
N HIS C 123 61.87 -18.22 86.49
CA HIS C 123 61.89 -18.24 87.95
C HIS C 123 61.03 -19.34 88.54
N ILE C 124 59.80 -19.56 88.01
CA ILE C 124 58.92 -20.61 88.48
C ILE C 124 59.54 -21.97 88.31
N MET C 125 60.07 -22.26 87.12
CA MET C 125 60.79 -23.48 86.87
C MET C 125 62.02 -23.63 87.76
N GLU C 126 62.79 -22.55 87.96
CA GLU C 126 63.92 -22.51 88.88
C GLU C 126 63.53 -22.92 90.28
N SER C 127 62.33 -22.49 90.73
CA SER C 127 61.78 -22.83 92.04
C SER C 127 61.24 -24.26 92.12
N GLY C 128 61.51 -25.09 91.10
CA GLY C 128 61.30 -26.52 91.14
C GLY C 128 59.97 -26.98 90.64
N ALA C 129 59.26 -26.16 89.87
CA ALA C 129 57.97 -26.52 89.30
C ALA C 129 57.98 -27.74 88.37
N LYS C 130 57.00 -28.65 88.56
CA LYS C 130 56.81 -29.77 87.68
C LYS C 130 56.14 -29.35 86.38
N GLY C 131 55.39 -28.23 86.42
CA GLY C 131 55.06 -27.52 85.21
C GLY C 131 54.49 -26.18 85.52
N CYS C 132 54.31 -25.36 84.49
CA CYS C 132 53.80 -24.03 84.69
C CYS C 132 53.15 -23.55 83.42
N GLU C 133 52.11 -22.73 83.55
CA GLU C 133 51.50 -22.05 82.44
C GLU C 133 51.08 -20.68 82.89
N VAL C 134 51.47 -19.66 82.13
CA VAL C 134 51.07 -18.30 82.39
C VAL C 134 50.37 -17.79 81.16
N ILE C 135 49.15 -17.26 81.34
CA ILE C 135 48.35 -16.71 80.29
C ILE C 135 48.22 -15.22 80.53
N VAL C 136 48.39 -14.40 79.48
CA VAL C 136 48.16 -12.97 79.55
C VAL C 136 47.09 -12.56 78.56
N SER C 137 45.96 -11.98 79.00
CA SER C 137 44.88 -11.54 78.11
C SER C 137 44.65 -10.05 78.14
N GLY C 138 44.06 -9.48 77.07
CA GLY C 138 43.76 -8.05 76.93
C GLY C 138 44.43 -7.38 75.76
N LYS C 139 44.59 -6.04 75.78
CA LYS C 139 45.02 -5.25 74.62
C LYS C 139 46.40 -5.57 74.06
N LEU C 140 47.41 -5.68 74.94
CA LEU C 140 48.77 -6.09 74.61
C LEU C 140 49.44 -5.35 73.44
N ARG C 141 49.53 -4.01 73.57
CA ARG C 141 50.20 -3.12 72.63
C ARG C 141 49.64 -3.16 71.21
N ALA C 142 48.30 -3.11 71.12
CA ALA C 142 47.57 -3.05 69.87
C ALA C 142 46.19 -2.52 70.18
N GLN C 143 45.41 -2.19 69.14
CA GLN C 143 44.03 -1.78 69.30
C GLN C 143 43.09 -2.93 68.94
N ARG C 144 43.55 -4.17 69.15
CA ARG C 144 42.77 -5.37 69.00
C ARG C 144 43.16 -6.32 70.12
N ALA C 145 42.21 -6.75 70.97
CA ALA C 145 42.54 -7.68 72.05
C ALA C 145 42.95 -9.08 71.63
N LYS C 146 43.76 -9.72 72.48
CA LYS C 146 44.42 -10.96 72.15
C LYS C 146 44.75 -11.66 73.45
N SER C 147 45.28 -12.88 73.37
CA SER C 147 45.83 -13.57 74.51
C SER C 147 47.16 -14.15 74.12
N MET C 148 48.04 -14.44 75.09
CA MET C 148 49.28 -15.12 74.80
C MET C 148 49.56 -16.11 75.91
N LYS C 149 49.78 -17.38 75.49
CA LYS C 149 50.11 -18.52 76.32
C LYS C 149 51.60 -18.80 76.43
N PHE C 150 52.07 -19.05 77.66
CA PHE C 150 53.44 -19.42 77.90
C PHE C 150 53.46 -20.63 78.81
N ARG C 151 53.57 -21.84 78.22
CA ARG C 151 53.55 -23.07 78.98
C ARG C 151 54.93 -23.74 79.06
N ASP C 152 55.25 -24.43 80.18
CA ASP C 152 56.33 -25.38 80.30
C ASP C 152 55.92 -26.59 81.16
N GLY C 153 56.70 -27.69 81.14
CA GLY C 153 56.51 -28.85 82.01
C GLY C 153 55.25 -29.65 81.79
N TYR C 154 54.94 -30.60 82.71
CA TYR C 154 53.80 -31.51 82.60
C TYR C 154 52.47 -30.80 82.48
N LEU C 155 52.19 -29.88 83.43
CA LEU C 155 51.01 -29.02 83.47
C LEU C 155 49.68 -29.71 83.13
N ILE C 156 49.29 -30.70 83.94
CA ILE C 156 48.01 -31.38 83.88
C ILE C 156 46.80 -30.46 83.93
N SER C 157 45.64 -30.92 83.43
CA SER C 157 44.43 -30.12 83.52
C SER C 157 43.20 -30.91 83.86
N THR C 158 43.11 -32.20 83.52
CA THR C 158 41.91 -32.98 83.80
C THR C 158 41.77 -33.40 85.27
N GLY C 159 40.51 -33.52 85.74
CA GLY C 159 40.10 -34.13 87.01
C GLY C 159 40.72 -33.69 88.32
N GLU C 160 40.52 -34.46 89.39
CA GLU C 160 40.89 -34.01 90.71
C GLU C 160 42.39 -33.90 90.93
N PRO C 161 43.32 -34.64 90.33
CA PRO C 161 44.72 -34.30 90.35
C PRO C 161 45.04 -32.89 89.92
N SER C 162 44.26 -32.31 88.99
CA SER C 162 44.39 -30.90 88.64
C SER C 162 44.10 -29.98 89.80
N LYS C 163 43.00 -30.19 90.54
CA LYS C 163 42.73 -29.42 91.75
C LYS C 163 43.72 -29.68 92.86
N ARG C 164 44.18 -30.94 92.99
CA ARG C 164 45.10 -31.35 94.02
C ARG C 164 46.49 -30.75 93.88
N PHE C 165 47.03 -30.63 92.65
CA PHE C 165 48.40 -30.19 92.47
C PHE C 165 48.58 -28.85 91.79
N VAL C 166 47.53 -28.24 91.23
CA VAL C 166 47.68 -27.00 90.48
C VAL C 166 47.12 -25.86 91.28
N ASN C 167 47.97 -24.87 91.59
CA ASN C 167 47.51 -23.65 92.22
C ASN C 167 47.30 -22.61 91.14
N THR C 168 46.21 -21.83 91.26
CA THR C 168 45.76 -20.94 90.20
C THR C 168 45.47 -19.55 90.73
N ALA C 169 45.76 -18.51 89.93
CA ALA C 169 45.71 -17.13 90.40
C ALA C 169 45.26 -16.13 89.33
N THR C 170 44.30 -15.24 89.67
CA THR C 170 43.85 -14.15 88.78
C THR C 170 44.24 -12.80 89.33
N ARG C 171 44.77 -11.89 88.49
CA ARG C 171 45.22 -10.56 88.87
C ARG C 171 44.91 -9.55 87.78
N SER C 172 44.35 -8.39 88.16
CA SER C 172 44.06 -7.32 87.20
C SER C 172 45.17 -6.31 87.16
N ALA C 173 45.80 -6.14 85.99
CA ALA C 173 46.72 -5.05 85.73
C ALA C 173 46.04 -4.00 84.86
N GLN C 174 45.65 -2.86 85.45
CA GLN C 174 45.14 -1.75 84.71
C GLN C 174 46.27 -0.98 84.05
N LEU C 175 46.27 -0.90 82.72
CA LEU C 175 47.29 -0.16 82.02
C LEU C 175 46.57 0.97 81.31
N LYS C 176 47.17 1.63 80.31
CA LYS C 176 46.68 2.92 79.87
C LYS C 176 45.30 2.90 79.25
N GLN C 177 45.01 1.89 78.42
CA GLN C 177 43.79 1.86 77.64
C GLN C 177 42.79 0.84 78.16
N GLY C 178 42.81 0.57 79.47
CA GLY C 178 42.00 -0.47 80.10
C GLY C 178 42.83 -1.56 80.73
N VAL C 179 42.35 -2.81 80.74
CA VAL C 179 42.84 -3.77 81.72
C VAL C 179 43.32 -5.05 81.11
N LEU C 180 44.42 -5.53 81.69
CA LEU C 180 45.06 -6.78 81.38
C LEU C 180 44.77 -7.81 82.43
N GLY C 181 44.45 -9.03 82.00
CA GLY C 181 44.16 -10.13 82.90
C GLY C 181 45.31 -11.08 82.94
N ILE C 182 45.91 -11.23 84.12
CA ILE C 182 46.91 -12.24 84.36
C ILE C 182 46.22 -13.46 84.93
N LYS C 183 46.47 -14.63 84.36
CA LYS C 183 46.02 -15.90 84.88
C LYS C 183 47.20 -16.84 84.95
N VAL C 184 47.65 -17.16 86.17
CA VAL C 184 48.79 -18.03 86.41
C VAL C 184 48.32 -19.39 86.86
N LYS C 185 48.93 -20.46 86.34
CA LYS C 185 48.68 -21.80 86.80
C LYS C 185 50.03 -22.45 87.07
N ILE C 186 50.25 -22.94 88.31
CA ILE C 186 51.49 -23.64 88.63
C ILE C 186 51.17 -25.04 89.12
N MET C 187 51.86 -26.06 88.59
CA MET C 187 51.71 -27.43 89.04
C MET C 187 52.86 -27.77 89.96
N LEU C 188 52.53 -28.09 91.23
CA LEU C 188 53.49 -28.15 92.32
C LEU C 188 54.21 -29.49 92.46
N PRO C 189 55.32 -29.56 93.21
CA PRO C 189 55.75 -30.77 93.89
C PRO C 189 54.63 -31.58 94.53
N THR C 190 54.70 -32.91 94.41
CA THR C 190 53.55 -33.77 94.67
C THR C 190 53.39 -34.21 96.15
N SER C 200 52.37 -36.54 98.55
CA SER C 200 51.59 -37.67 97.93
C SER C 200 52.22 -38.11 96.61
N ILE C 201 51.46 -38.68 95.64
CA ILE C 201 51.99 -39.01 94.30
C ILE C 201 51.01 -38.62 93.21
N LEU C 202 51.51 -38.39 91.98
CA LEU C 202 50.67 -38.19 90.82
C LEU C 202 50.10 -39.54 90.37
N PRO C 203 48.78 -39.78 90.27
CA PRO C 203 48.26 -41.14 90.18
C PRO C 203 48.63 -41.95 88.95
N ASP C 204 48.91 -41.32 87.79
CA ASP C 204 49.26 -42.05 86.58
C ASP C 204 50.58 -42.83 86.70
N ASN C 205 51.61 -42.29 87.40
CA ASN C 205 52.93 -42.91 87.41
C ASN C 205 53.00 -44.25 88.12
N ILE C 206 53.45 -45.29 87.41
CA ILE C 206 53.65 -46.62 87.95
C ILE C 206 55.06 -47.02 87.63
N SER C 207 55.87 -47.42 88.64
CA SER C 207 57.24 -47.83 88.40
C SER C 207 57.66 -48.76 89.52
N VAL C 208 58.75 -49.51 89.30
CA VAL C 208 59.19 -50.57 90.18
C VAL C 208 60.71 -50.53 90.26
N LEU C 209 61.28 -50.67 91.47
CA LEU C 209 62.71 -50.60 91.72
C LEU C 209 63.41 -51.96 91.44
N PRO D 1 81.72 32.53 20.74
CA PRO D 1 81.61 31.03 20.71
C PRO D 1 81.87 30.55 22.12
N LYS D 2 81.55 29.29 22.43
CA LYS D 2 81.78 28.73 23.75
C LYS D 2 83.25 28.70 24.15
N SER D 3 83.57 28.97 25.43
CA SER D 3 84.92 28.93 25.95
C SER D 3 85.59 27.57 25.83
N TYR D 4 86.91 27.54 25.57
CA TYR D 4 87.60 26.30 25.39
C TYR D 4 88.17 25.76 26.68
N ARG D 5 88.06 26.49 27.79
CA ARG D 5 88.46 25.97 29.09
C ARG D 5 87.60 24.79 29.49
N ASN D 6 88.20 23.69 29.96
CA ASN D 6 87.47 22.49 30.31
C ASN D 6 86.92 22.57 31.73
N TYR D 7 86.11 21.57 32.14
CA TYR D 7 85.65 21.47 33.50
C TYR D 7 85.14 20.05 33.69
N SER D 8 85.11 19.54 34.94
CA SER D 8 84.68 18.16 35.19
C SER D 8 84.10 17.97 36.56
N LYS D 9 83.24 16.96 36.76
CA LYS D 9 82.84 16.56 38.08
C LYS D 9 83.99 16.04 38.91
N THR D 10 84.09 16.47 40.18
CA THR D 10 85.06 15.87 41.09
C THR D 10 84.57 14.53 41.59
N ALA D 11 83.26 14.40 41.87
CA ALA D 11 82.72 13.28 42.62
C ALA D 11 81.49 12.68 41.97
N ARG D 12 81.15 11.46 42.41
CA ARG D 12 80.05 10.68 41.91
C ARG D 12 79.15 10.37 43.09
N ASN D 13 77.85 10.67 42.98
CA ASN D 13 76.89 10.40 44.04
C ASN D 13 76.73 8.91 44.31
N PRO D 14 76.38 8.46 45.51
CA PRO D 14 76.88 7.18 45.98
C PRO D 14 76.08 5.98 45.53
N LYS D 15 74.81 6.15 45.10
CA LYS D 15 73.89 5.06 44.80
C LYS D 15 73.40 4.35 46.05
N ARG D 16 72.13 3.87 46.03
CA ARG D 16 71.52 3.16 47.15
C ARG D 16 71.55 3.93 48.49
N PRO D 17 70.83 5.05 48.65
CA PRO D 17 71.06 6.06 49.68
C PRO D 17 71.26 5.59 51.08
N PHE D 18 70.41 4.69 51.55
CA PHE D 18 70.27 4.46 52.95
C PHE D 18 70.94 3.19 53.43
N GLU D 19 71.87 2.59 52.67
CA GLU D 19 72.52 1.36 53.07
C GLU D 19 73.30 1.46 54.37
N LYS D 20 72.74 0.87 55.44
CA LYS D 20 73.12 1.12 56.82
C LYS D 20 74.60 1.01 57.11
N GLU D 21 75.20 -0.13 56.72
CA GLU D 21 76.59 -0.40 56.96
C GLU D 21 77.55 0.61 56.35
N ARG D 22 77.32 0.98 55.08
CA ARG D 22 78.06 2.04 54.44
C ARG D 22 77.87 3.39 55.10
N LEU D 23 76.62 3.75 55.43
CA LEU D 23 76.29 5.02 56.02
C LEU D 23 76.96 5.24 57.34
N ASP D 24 76.88 4.24 58.23
CA ASP D 24 77.53 4.29 59.52
C ASP D 24 79.05 4.37 59.39
N GLN D 25 79.62 3.64 58.41
CA GLN D 25 81.03 3.72 58.10
C GLN D 25 81.46 5.11 57.68
N GLU D 26 80.70 5.78 56.79
CA GLU D 26 81.00 7.14 56.41
C GLU D 26 81.00 8.10 57.58
N LEU D 27 80.00 7.99 58.47
CA LEU D 27 79.98 8.82 59.66
C LEU D 27 81.21 8.60 60.52
N LYS D 28 81.61 7.33 60.68
CA LYS D 28 82.81 6.95 61.38
C LYS D 28 84.07 7.59 60.81
N LEU D 29 84.22 7.57 59.48
CA LEU D 29 85.30 8.24 58.78
C LEU D 29 85.32 9.74 59.01
N ILE D 30 84.17 10.42 58.96
CA ILE D 30 84.03 11.83 59.27
C ILE D 30 84.50 12.11 60.68
N GLY D 31 84.09 11.26 61.63
CA GLY D 31 84.49 11.33 63.03
C GLY D 31 85.98 11.32 63.21
N GLU D 32 86.70 10.49 62.46
CA GLU D 32 88.14 10.47 62.52
C GLU D 32 88.81 11.64 61.80
N TYR D 33 88.44 11.98 60.56
CA TYR D 33 89.20 12.95 59.80
C TYR D 33 88.63 14.35 59.69
N GLY D 34 87.51 14.67 60.35
CA GLY D 34 87.00 16.03 60.41
C GLY D 34 86.50 16.66 59.12
N LEU D 35 85.83 15.90 58.24
CA LEU D 35 85.32 16.44 56.99
C LEU D 35 83.93 17.02 57.12
N LYS D 36 83.60 18.06 56.33
CA LYS D 36 82.33 18.75 56.47
C LYS D 36 81.12 17.98 55.94
N ASN D 37 81.27 17.27 54.83
CA ASN D 37 80.17 16.74 54.06
C ASN D 37 80.47 15.35 53.62
N LYS D 38 79.44 14.55 53.30
CA LYS D 38 79.66 13.29 52.61
C LYS D 38 80.34 13.48 51.27
N ARG D 39 80.11 14.64 50.64
CA ARG D 39 80.76 15.04 49.44
C ARG D 39 82.28 15.03 49.53
N GLU D 40 82.90 15.52 50.63
CA GLU D 40 84.34 15.38 50.77
C GLU D 40 84.83 13.93 50.70
N ILE D 41 84.15 13.00 51.40
CA ILE D 41 84.48 11.59 51.30
C ILE D 41 84.32 11.07 49.90
N TRP D 42 83.23 11.42 49.23
CA TRP D 42 82.97 10.99 47.89
C TRP D 42 84.02 11.43 46.89
N ARG D 43 84.50 12.69 46.93
CA ARG D 43 85.60 13.07 46.07
C ARG D 43 86.84 12.27 46.33
N VAL D 44 87.20 12.04 47.59
CA VAL D 44 88.36 11.23 47.89
C VAL D 44 88.16 9.80 47.40
N GLN D 45 86.96 9.25 47.59
CA GLN D 45 86.60 7.94 47.12
C GLN D 45 86.71 7.80 45.62
N TYR D 46 86.17 8.78 44.88
CA TYR D 46 86.29 8.88 43.45
C TYR D 46 87.73 8.92 42.97
N LEU D 47 88.57 9.73 43.63
CA LEU D 47 89.99 9.80 43.33
C LEU D 47 90.71 8.48 43.49
N LEU D 48 90.48 7.76 44.61
CA LEU D 48 91.00 6.44 44.82
C LEU D 48 90.53 5.46 43.78
N ALA D 49 89.23 5.49 43.47
CA ALA D 49 88.63 4.61 42.52
C ALA D 49 89.22 4.74 41.12
N LYS D 50 89.47 5.97 40.64
CA LYS D 50 90.14 6.19 39.38
C LYS D 50 91.52 5.55 39.32
N ILE D 51 92.35 5.74 40.36
CA ILE D 51 93.64 5.11 40.51
C ILE D 51 93.52 3.60 40.44
N ARG D 52 92.55 3.03 41.17
CA ARG D 52 92.31 1.61 41.17
C ARG D 52 91.94 1.08 39.79
N SER D 53 91.08 1.81 39.07
CA SER D 53 90.72 1.49 37.70
C SER D 53 91.91 1.50 36.77
N ALA D 54 92.75 2.54 36.83
CA ALA D 54 93.94 2.63 36.02
C ALA D 54 94.91 1.49 36.25
N ALA D 55 95.21 1.21 37.52
CA ALA D 55 96.04 0.11 37.92
C ALA D 55 95.49 -1.23 37.47
N ARG D 56 94.17 -1.44 37.58
CA ARG D 56 93.52 -2.65 37.12
C ARG D 56 93.72 -2.88 35.63
N TYR D 57 93.54 -1.83 34.81
CA TYR D 57 93.79 -1.90 33.38
C TYR D 57 95.23 -2.27 33.06
N LEU D 58 96.18 -1.64 33.76
CA LEU D 58 97.58 -1.89 33.60
C LEU D 58 97.95 -3.31 33.92
N LEU D 59 97.46 -3.85 35.03
CA LEU D 59 97.76 -5.21 35.41
C LEU D 59 97.20 -6.26 34.46
N THR D 60 96.13 -5.95 33.70
CA THR D 60 95.68 -6.86 32.64
C THR D 60 96.69 -7.04 31.53
N LEU D 61 97.34 -5.95 31.11
CA LEU D 61 98.37 -6.00 30.12
C LEU D 61 99.57 -6.83 30.60
N ASP D 62 100.19 -7.55 29.66
CA ASP D 62 101.31 -8.42 29.90
C ASP D 62 102.58 -7.75 30.40
N GLU D 63 103.37 -8.48 31.21
CA GLU D 63 104.70 -8.07 31.63
C GLU D 63 105.62 -7.81 30.45
N LYS D 64 106.59 -6.89 30.62
CA LYS D 64 107.54 -6.51 29.58
C LYS D 64 106.92 -5.71 28.44
N SER D 65 105.58 -5.61 28.37
CA SER D 65 104.90 -4.71 27.43
C SER D 65 105.30 -3.26 27.63
N SER D 66 105.67 -2.58 26.54
CA SER D 66 106.32 -1.28 26.59
C SER D 66 105.44 -0.24 27.21
N LYS D 67 104.18 -0.16 26.78
CA LYS D 67 103.21 0.76 27.32
C LYS D 67 103.02 0.51 28.82
N ARG D 68 102.84 -0.76 29.18
CA ARG D 68 102.63 -1.21 30.53
C ARG D 68 103.74 -0.83 31.48
N ILE D 69 105.01 -1.05 31.10
CA ILE D 69 106.12 -0.75 31.97
C ILE D 69 106.22 0.72 32.19
N PHE D 70 105.91 1.51 31.15
CA PHE D 70 106.10 2.93 31.18
C PHE D 70 105.02 3.52 32.04
N GLN D 71 103.75 3.28 31.67
CA GLN D 71 102.65 3.84 32.41
C GLN D 71 102.57 3.37 33.84
N GLY D 72 102.78 2.06 34.09
CA GLY D 72 102.76 1.52 35.44
C GLY D 72 103.77 2.13 36.34
N GLU D 73 105.02 2.24 35.86
CA GLU D 73 106.07 2.91 36.60
C GLU D 73 105.73 4.34 36.89
N ALA D 74 105.22 5.06 35.88
CA ALA D 74 104.84 6.45 36.03
C ALA D 74 103.76 6.69 37.08
N LEU D 75 102.69 5.88 37.05
CA LEU D 75 101.63 5.92 38.03
C LEU D 75 102.14 5.62 39.44
N LEU D 76 102.98 4.58 39.57
CA LEU D 76 103.57 4.19 40.83
C LEU D 76 104.47 5.26 41.42
N ARG D 77 105.31 5.89 40.58
CA ARG D 77 106.13 7.02 40.95
C ARG D 77 105.27 8.16 41.47
N ARG D 78 104.13 8.45 40.82
CA ARG D 78 103.18 9.43 41.29
C ARG D 78 102.62 9.08 42.67
N MET D 79 102.31 7.80 42.93
CA MET D 79 101.95 7.32 44.26
C MET D 79 103.02 7.53 45.31
N VAL D 80 104.30 7.31 44.95
CA VAL D 80 105.43 7.57 45.82
C VAL D 80 105.54 9.04 46.16
N ARG D 81 105.35 9.91 45.18
CA ARG D 81 105.33 11.35 45.38
C ARG D 81 104.23 11.77 46.36
N GLN D 82 103.02 11.23 46.18
CA GLN D 82 101.88 11.38 47.08
C GLN D 82 102.11 10.82 48.48
N GLY D 83 102.94 9.78 48.62
CA GLY D 83 103.19 9.14 49.90
C GLY D 83 102.21 8.07 50.22
N LEU D 84 101.57 7.53 49.18
CA LEU D 84 100.65 6.42 49.29
C LEU D 84 101.33 5.08 49.47
N LEU D 85 102.44 4.82 48.76
CA LEU D 85 103.16 3.57 48.91
C LEU D 85 104.54 3.80 49.46
N GLY D 86 104.94 2.93 50.41
CA GLY D 86 106.28 2.92 50.97
C GLY D 86 107.36 2.50 50.01
N GLU D 87 108.62 2.49 50.48
CA GLU D 87 109.77 2.17 49.68
C GLU D 87 109.84 0.72 49.26
N ASN D 88 109.50 -0.21 50.17
CA ASN D 88 109.66 -1.64 49.94
C ASN D 88 108.73 -2.16 48.86
N GLU D 89 107.46 -1.78 48.93
CA GLU D 89 106.48 -2.00 47.91
C GLU D 89 106.76 -1.17 46.66
N GLU D 90 106.56 -1.79 45.50
CA GLU D 90 106.87 -1.13 44.24
C GLU D 90 106.13 -1.81 43.12
N LYS D 91 105.07 -2.56 43.45
CA LYS D 91 104.40 -3.43 42.53
C LYS D 91 102.94 -3.08 42.48
N LEU D 92 102.29 -3.33 41.35
CA LEU D 92 100.96 -2.83 41.08
C LEU D 92 99.89 -3.39 42.00
N ASP D 93 100.16 -4.51 42.69
CA ASP D 93 99.18 -5.09 43.59
C ASP D 93 99.16 -4.32 44.90
N TYR D 94 100.20 -3.53 45.20
CA TYR D 94 100.11 -2.65 46.34
C TYR D 94 99.37 -1.39 45.97
N VAL D 95 99.32 -1.04 44.67
CA VAL D 95 98.49 0.04 44.21
C VAL D 95 97.03 -0.33 44.37
N LEU D 96 96.68 -1.58 44.00
CA LEU D 96 95.36 -2.10 44.22
C LEU D 96 95.02 -2.16 45.69
N GLY D 97 96.02 -2.51 46.51
CA GLY D 97 95.98 -2.51 47.96
C GLY D 97 95.74 -1.17 48.62
N LEU D 98 95.84 -0.05 47.91
CA LEU D 98 95.53 1.26 48.47
C LEU D 98 94.12 1.37 48.99
N THR D 99 93.95 2.10 50.10
CA THR D 99 92.73 1.99 50.89
C THR D 99 92.41 3.31 51.50
N LEU D 100 91.11 3.58 51.67
CA LEU D 100 90.64 4.91 51.91
C LEU D 100 91.17 5.63 53.15
N PRO D 101 91.41 5.04 54.33
CA PRO D 101 92.08 5.73 55.41
C PRO D 101 93.49 6.14 55.09
N LYS D 102 94.24 5.27 54.40
CA LYS D 102 95.57 5.54 53.94
C LYS D 102 95.69 6.80 53.10
N LEU D 103 94.63 7.13 52.34
CA LEU D 103 94.59 8.29 51.50
C LEU D 103 94.25 9.51 52.35
N LEU D 104 93.21 9.43 53.20
CA LEU D 104 92.85 10.46 54.16
C LEU D 104 94.00 10.91 55.06
N GLU D 105 94.83 9.95 55.50
CA GLU D 105 96.06 10.18 56.22
C GLU D 105 97.03 11.16 55.54
N ARG D 106 96.89 11.40 54.23
CA ARG D 106 97.68 12.36 53.52
C ARG D 106 97.01 13.72 53.34
N ARG D 107 95.85 14.00 53.97
CA ARG D 107 95.36 15.37 54.07
C ARG D 107 96.19 16.30 54.94
N LEU D 108 96.31 17.58 54.52
CA LEU D 108 97.11 18.58 55.20
C LEU D 108 96.63 18.85 56.60
N GLN D 109 95.30 18.90 56.82
CA GLN D 109 94.74 19.01 58.15
C GLN D 109 95.16 17.85 59.04
N THR D 110 95.16 16.61 58.51
CA THR D 110 95.60 15.46 59.27
C THR D 110 97.03 15.56 59.65
N LYS D 111 97.87 15.99 58.70
CA LYS D 111 99.28 16.13 58.88
C LYS D 111 99.61 17.14 59.98
N VAL D 112 98.92 18.29 59.98
CA VAL D 112 99.05 19.28 61.03
C VAL D 112 98.69 18.71 62.37
N PHE D 113 97.53 18.03 62.48
CA PHE D 113 97.08 17.45 63.74
C PHE D 113 98.09 16.48 64.33
N LYS D 114 98.62 15.60 63.49
CA LYS D 114 99.72 14.74 63.83
C LYS D 114 100.97 15.50 64.25
N LEU D 115 101.45 16.47 63.47
CA LEU D 115 102.68 17.18 63.78
C LEU D 115 102.57 18.06 65.01
N GLY D 116 101.38 18.60 65.29
CA GLY D 116 101.10 19.38 66.47
C GLY D 116 100.40 20.64 66.09
N LEU D 117 100.82 21.77 66.70
CA LEU D 117 100.38 23.11 66.36
C LEU D 117 98.99 23.35 66.92
N ALA D 118 98.00 22.64 66.36
CA ALA D 118 96.66 22.56 66.85
C ALA D 118 96.54 21.49 67.93
N LYS D 119 95.41 21.46 68.66
CA LYS D 119 95.17 20.48 69.70
C LYS D 119 94.02 19.55 69.36
N SER D 120 93.49 19.64 68.13
CA SER D 120 92.30 18.90 67.73
C SER D 120 92.26 18.90 66.23
N VAL D 121 91.60 17.91 65.61
CA VAL D 121 91.41 17.85 64.17
C VAL D 121 90.60 19.03 63.71
N HIS D 122 89.53 19.32 64.46
CA HIS D 122 88.65 20.44 64.25
C HIS D 122 89.38 21.77 64.41
N HIS D 123 90.23 21.86 65.44
CA HIS D 123 91.10 23.01 65.67
C HIS D 123 92.03 23.22 64.50
N ALA D 124 92.64 22.13 64.00
CA ALA D 124 93.48 22.21 62.82
C ALA D 124 92.73 22.74 61.60
N ARG D 125 91.50 22.26 61.35
CA ARG D 125 90.70 22.71 60.22
C ARG D 125 90.38 24.19 60.26
N VAL D 126 89.96 24.72 61.41
CA VAL D 126 89.76 26.15 61.53
C VAL D 126 91.05 26.94 61.42
N LEU D 127 92.15 26.45 62.01
CA LEU D 127 93.46 27.05 61.93
C LEU D 127 93.94 27.21 60.50
N ILE D 128 93.81 26.16 59.67
CA ILE D 128 94.05 26.21 58.24
C ILE D 128 93.15 27.19 57.52
N ARG D 129 91.82 27.23 57.80
CA ARG D 129 90.99 28.21 57.11
C ARG D 129 91.37 29.64 57.47
N GLN D 130 91.62 29.93 58.75
CA GLN D 130 91.98 31.24 59.25
C GLN D 130 93.42 31.67 58.96
N ARG D 131 94.08 31.07 57.96
CA ARG D 131 95.36 31.46 57.41
C ARG D 131 96.56 31.52 58.34
N HIS D 132 96.80 30.44 59.09
CA HIS D 132 97.96 30.37 59.97
C HIS D 132 99.02 29.41 59.50
N ILE D 133 98.77 28.62 58.45
CA ILE D 133 99.64 27.51 58.11
C ILE D 133 100.49 27.86 56.92
N ARG D 134 101.62 27.16 56.73
CA ARG D 134 102.53 27.42 55.64
C ARG D 134 103.22 26.12 55.28
N VAL D 135 103.45 25.82 54.00
CA VAL D 135 104.15 24.59 53.64
C VAL D 135 105.62 24.86 53.47
N GLY D 136 106.05 26.05 53.90
CA GLY D 136 107.35 26.63 53.60
C GLY D 136 107.30 27.27 52.25
N LYS D 137 107.73 28.54 52.15
CA LYS D 137 107.80 29.32 50.92
C LYS D 137 106.45 29.67 50.30
N GLN D 138 105.37 28.98 50.69
CA GLN D 138 104.03 29.16 50.20
C GLN D 138 103.05 28.90 51.31
N MET D 139 101.93 29.64 51.30
CA MET D 139 100.91 29.70 52.30
C MET D 139 99.65 29.10 51.69
N VAL D 140 98.73 28.54 52.50
CA VAL D 140 97.57 27.87 51.94
C VAL D 140 96.43 27.88 52.93
N ASP D 141 95.15 27.92 52.48
CA ASP D 141 94.00 27.91 53.36
C ASP D 141 93.08 26.72 53.12
N ILE D 142 93.53 25.76 52.31
CA ILE D 142 92.72 24.67 51.81
C ILE D 142 93.00 23.41 52.59
N PRO D 143 92.08 22.83 53.33
CA PRO D 143 92.37 21.74 54.23
C PRO D 143 92.36 20.44 53.46
N SER D 144 91.98 20.46 52.19
CA SER D 144 91.97 19.31 51.32
C SER D 144 93.16 19.32 50.37
N PHE D 145 94.15 20.21 50.61
CA PHE D 145 95.49 20.04 50.09
C PHE D 145 96.08 18.71 50.56
N LEU D 146 96.73 17.96 49.66
CA LEU D 146 97.32 16.70 50.04
C LEU D 146 98.80 16.86 50.14
N VAL D 147 99.45 16.24 51.13
CA VAL D 147 100.86 16.46 51.33
C VAL D 147 101.72 15.48 50.56
N ARG D 148 102.67 16.00 49.79
CA ARG D 148 103.68 15.20 49.14
C ARG D 148 104.85 15.00 50.05
N VAL D 149 105.57 13.88 49.89
CA VAL D 149 106.58 13.44 50.83
C VAL D 149 107.69 14.45 51.10
N ASP D 150 108.12 15.18 50.08
CA ASP D 150 109.20 16.15 50.19
C ASP D 150 108.75 17.47 50.81
N SER D 151 107.46 17.56 51.18
CA SER D 151 106.88 18.79 51.69
C SER D 151 106.39 18.55 53.10
N GLU D 152 106.43 17.30 53.57
CA GLU D 152 106.12 16.96 54.96
C GLU D 152 107.16 17.46 55.93
N LYS D 153 108.34 17.88 55.42
CA LYS D 153 109.45 18.32 56.22
C LYS D 153 109.44 19.83 56.46
N HIS D 154 108.43 20.57 55.95
CA HIS D 154 108.49 22.01 55.99
C HIS D 154 107.19 22.67 56.40
N ILE D 155 106.27 21.91 57.01
CA ILE D 155 105.10 22.49 57.65
C ILE D 155 105.49 23.37 58.83
N ASP D 156 104.91 24.57 58.87
CA ASP D 156 105.34 25.68 59.68
C ASP D 156 104.11 26.55 59.97
N PHE D 157 104.30 27.67 60.66
CA PHE D 157 103.36 28.75 60.71
C PHE D 157 103.59 29.70 59.58
N ALA D 158 102.51 30.31 59.07
CA ALA D 158 102.58 31.46 58.22
C ALA D 158 103.27 32.67 58.87
N THR D 159 104.18 33.34 58.16
CA THR D 159 105.01 34.39 58.71
C THR D 159 104.26 35.68 58.89
N THR D 160 103.10 35.81 58.22
CA THR D 160 102.22 36.94 58.43
C THR D 160 101.11 36.59 59.39
N SER D 161 101.20 35.44 60.10
CA SER D 161 100.23 35.08 61.15
C SER D 161 100.59 35.69 62.49
N PRO D 162 99.71 35.82 63.48
CA PRO D 162 100.07 36.11 64.85
C PRO D 162 101.14 35.18 65.38
N PHE D 163 101.04 33.87 65.11
CA PHE D 163 101.98 32.91 65.65
C PHE D 163 103.34 33.03 64.97
N GLY D 164 103.37 33.56 63.74
CA GLY D 164 104.56 34.02 63.05
C GLY D 164 105.19 35.28 63.61
N GLY D 165 104.49 36.00 64.51
CA GLY D 165 104.98 37.25 65.09
C GLY D 165 104.72 38.47 64.25
N ALA D 166 103.61 38.51 63.49
CA ALA D 166 103.20 39.66 62.72
C ALA D 166 102.54 40.74 63.60
N ARG D 167 101.34 41.28 63.24
CA ARG D 167 100.61 42.15 64.15
C ARG D 167 100.25 41.36 65.42
N PRO D 168 100.61 41.73 66.64
CA PRO D 168 101.00 40.68 67.56
C PRO D 168 99.83 40.20 68.36
N GLY D 169 98.78 41.01 68.54
CA GLY D 169 97.67 40.61 69.38
C GLY D 169 96.39 41.28 68.98
N ARG D 170 95.38 41.19 69.85
CA ARG D 170 94.13 41.85 69.63
C ARG D 170 94.26 43.34 69.82
N VAL D 171 94.18 44.07 68.69
CA VAL D 171 94.24 45.51 68.60
C VAL D 171 93.30 46.20 69.56
N LYS D 172 92.02 45.79 69.59
CA LYS D 172 90.99 46.31 70.46
C LYS D 172 91.40 46.30 71.92
N ARG D 173 91.63 45.11 72.50
CA ARG D 173 91.98 44.94 73.89
C ARG D 173 93.28 45.64 74.28
N LYS D 174 94.37 45.45 73.52
CA LYS D 174 95.63 46.08 73.83
C LYS D 174 95.58 47.61 73.83
N SER D 175 94.95 48.23 72.81
CA SER D 175 94.69 49.67 72.77
C SER D 175 93.85 50.18 73.93
N LEU D 176 92.76 49.46 74.26
CA LEU D 176 91.87 49.84 75.34
C LEU D 176 92.58 49.86 76.67
N LYS D 177 93.38 48.82 76.94
CA LYS D 177 94.23 48.74 78.10
C LYS D 177 95.29 49.84 78.16
N LYS D 178 95.99 50.12 77.04
CA LYS D 178 96.97 51.19 76.94
C LYS D 178 96.42 52.60 77.13
N GLN D 179 95.28 52.92 76.49
CA GLN D 179 94.54 54.16 76.69
C GLN D 179 94.07 54.35 78.12
N LYS D 180 93.48 53.29 78.73
CA LYS D 180 93.08 53.32 80.11
C LYS D 180 94.27 53.53 81.02
N GLU D 181 95.40 52.85 80.80
CA GLU D 181 96.61 53.06 81.58
C GLU D 181 97.15 54.48 81.52
N LYS D 182 97.27 55.06 80.31
CA LYS D 182 97.67 56.45 80.11
C LYS D 182 96.75 57.46 80.80
N THR D 183 95.43 57.27 80.69
CA THR D 183 94.39 58.08 81.33
C THR D 183 94.49 58.04 82.84
N GLU D 184 94.59 56.81 83.38
CA GLU D 184 94.70 56.50 84.78
C GLU D 184 95.95 57.09 85.43
N ALA D 185 97.13 56.87 84.82
CA ALA D 185 98.41 57.32 85.32
C ALA D 185 98.56 58.86 85.54
N LYS E 1 78.70 -25.69 76.99
CA LYS E 1 80.09 -25.70 77.59
C LYS E 1 80.77 -27.06 77.63
N ASN E 2 80.26 -28.02 78.45
CA ASN E 2 81.02 -29.20 78.84
C ASN E 2 80.16 -30.46 78.92
N TRP E 3 79.10 -30.51 78.09
CA TRP E 3 78.16 -31.60 77.94
C TRP E 3 78.67 -33.05 77.91
N VAL E 4 77.75 -34.01 78.10
CA VAL E 4 78.03 -35.43 77.96
C VAL E 4 77.78 -35.85 76.52
N PRO E 5 78.69 -36.50 75.80
CA PRO E 5 78.56 -36.71 74.36
C PRO E 5 77.59 -37.81 74.03
N VAL E 6 76.78 -37.61 72.99
CA VAL E 6 75.87 -38.62 72.49
C VAL E 6 76.60 -39.69 71.70
N THR E 7 77.52 -39.31 70.80
CA THR E 7 78.15 -40.24 69.88
C THR E 7 79.66 -40.15 69.91
N LYS E 8 80.33 -41.08 69.20
CA LYS E 8 81.74 -41.32 69.27
C LYS E 8 82.56 -40.14 68.79
N LEU E 9 82.16 -39.54 67.66
CA LEU E 9 82.82 -38.36 67.17
C LEU E 9 82.83 -37.24 68.18
N GLY E 10 81.65 -36.99 68.79
CA GLY E 10 81.50 -36.02 69.85
C GLY E 10 82.37 -36.31 71.05
N ARG E 11 82.41 -37.58 71.48
CA ARG E 11 83.24 -38.00 72.57
C ARG E 11 84.71 -37.73 72.32
N LEU E 12 85.21 -38.05 71.12
CA LEU E 12 86.57 -37.72 70.78
C LEU E 12 86.89 -36.23 70.83
N VAL E 13 86.01 -35.38 70.29
CA VAL E 13 86.19 -33.95 70.33
C VAL E 13 86.22 -33.36 71.73
N LYS E 14 85.34 -33.83 72.63
CA LYS E 14 85.34 -33.44 74.03
C LYS E 14 86.65 -33.71 74.71
N GLU E 15 87.24 -34.88 74.41
CA GLU E 15 88.45 -35.28 75.07
C GLU E 15 89.68 -34.58 74.52
N GLY E 16 89.73 -34.39 73.19
CA GLY E 16 90.81 -33.62 72.59
C GLY E 16 91.77 -34.46 71.80
N LYS E 17 91.40 -35.69 71.44
CA LYS E 17 92.13 -36.46 70.44
C LYS E 17 92.06 -35.82 69.06
N ILE E 18 90.87 -35.33 68.66
CA ILE E 18 90.69 -34.68 67.37
C ILE E 18 91.23 -33.28 67.42
N VAL E 19 92.23 -32.99 66.58
CA VAL E 19 92.99 -31.76 66.65
C VAL E 19 92.19 -30.51 66.38
N SER E 20 91.39 -30.50 65.29
CA SER E 20 90.71 -29.31 64.87
C SER E 20 89.66 -29.71 63.84
N ILE E 21 88.77 -28.79 63.43
CA ILE E 21 87.62 -29.12 62.60
C ILE E 21 87.98 -29.67 61.21
N GLU E 22 89.11 -29.24 60.64
CA GLU E 22 89.67 -29.77 59.41
C GLU E 22 89.72 -31.28 59.31
N GLU E 23 90.09 -31.98 60.40
CA GLU E 23 90.17 -33.42 60.40
C GLU E 23 88.85 -34.11 60.12
N ILE E 24 87.76 -33.67 60.79
CA ILE E 24 86.44 -34.20 60.51
C ILE E 24 85.91 -33.81 59.14
N TYR E 25 86.19 -32.58 58.66
CA TYR E 25 85.94 -32.18 57.28
C TYR E 25 86.64 -33.06 56.26
N LEU E 26 87.91 -33.42 56.51
CA LEU E 26 88.74 -34.25 55.68
C LEU E 26 88.10 -35.59 55.38
N HIS E 27 87.43 -36.18 56.38
CA HIS E 27 86.83 -37.49 56.20
C HIS E 27 85.33 -37.36 56.04
N SER E 28 84.85 -36.13 55.86
CA SER E 28 83.49 -35.78 55.46
C SER E 28 82.42 -36.41 56.30
N LEU E 29 82.61 -36.35 57.63
CA LEU E 29 81.81 -37.07 58.60
C LEU E 29 80.57 -36.29 59.01
N PRO E 30 79.57 -36.87 59.64
CA PRO E 30 78.36 -36.13 59.95
C PRO E 30 78.51 -35.52 61.31
N ILE E 31 78.60 -34.19 61.36
CA ILE E 31 78.89 -33.43 62.56
C ILE E 31 77.64 -33.21 63.42
N LYS E 32 77.04 -34.31 63.89
CA LYS E 32 75.71 -34.32 64.48
C LYS E 32 75.52 -33.50 65.75
N GLU E 33 76.49 -33.46 66.67
CA GLU E 33 76.32 -32.73 67.91
C GLU E 33 76.85 -31.30 67.79
N TYR E 34 76.05 -30.25 68.11
CA TYR E 34 76.45 -28.87 67.86
C TYR E 34 77.66 -28.40 68.65
N GLN E 35 77.80 -29.00 69.82
CA GLN E 35 78.93 -28.97 70.69
C GLN E 35 80.28 -29.17 70.02
N ILE E 36 80.39 -30.02 69.00
CA ILE E 36 81.65 -30.24 68.30
C ILE E 36 82.16 -28.97 67.63
N ILE E 37 81.28 -28.31 66.87
CA ILE E 37 81.53 -27.04 66.25
C ILE E 37 81.82 -26.00 67.29
N ASP E 38 81.01 -25.97 68.34
CA ASP E 38 81.15 -25.02 69.40
C ASP E 38 82.50 -25.10 70.11
N TYR E 39 83.00 -26.31 70.40
CA TYR E 39 84.29 -26.52 71.03
C TYR E 39 85.44 -25.97 70.21
N PHE E 40 85.46 -26.22 68.90
CA PHE E 40 86.58 -25.73 68.11
C PHE E 40 86.64 -24.21 68.00
N PHE E 41 85.50 -23.53 68.00
CA PHE E 41 85.47 -22.11 67.76
C PHE E 41 84.99 -21.33 68.95
N GLN E 42 85.14 -21.89 70.17
CA GLN E 42 84.74 -21.20 71.39
C GLN E 42 85.42 -19.83 71.54
N PRO E 43 84.75 -18.78 71.96
CA PRO E 43 85.06 -17.45 71.44
C PRO E 43 86.23 -16.85 72.16
N ASN E 44 86.63 -17.45 73.26
CA ASN E 44 87.78 -17.02 74.01
C ASN E 44 88.77 -18.13 73.96
N GLU E 45 90.07 -17.78 73.98
CA GLU E 45 91.17 -18.72 73.98
C GLU E 45 91.25 -19.50 72.67
N CYS E 46 90.95 -18.80 71.56
CA CYS E 46 90.89 -19.34 70.23
C CYS E 46 91.02 -18.18 69.26
N SER E 47 91.32 -18.44 67.98
CA SER E 47 91.69 -17.41 67.01
C SER E 47 90.61 -16.41 66.62
N HIS E 48 89.38 -16.84 66.32
CA HIS E 48 88.37 -15.95 65.83
C HIS E 48 86.99 -16.39 66.28
N PRO E 49 86.08 -15.50 66.66
CA PRO E 49 84.70 -15.85 66.97
C PRO E 49 83.91 -16.49 65.83
N LEU E 50 82.80 -17.15 66.15
CA LEU E 50 81.72 -17.33 65.21
C LEU E 50 80.69 -16.28 65.50
N LYS E 51 80.31 -15.49 64.49
CA LYS E 51 79.36 -14.43 64.65
C LYS E 51 78.03 -14.83 64.03
N ASP E 52 76.94 -14.75 64.80
CA ASP E 52 75.60 -14.99 64.33
C ASP E 52 74.95 -13.73 63.75
N ASP E 53 73.82 -13.92 63.03
CA ASP E 53 72.96 -12.85 62.59
C ASP E 53 71.64 -13.42 62.06
N VAL E 54 70.50 -12.97 62.62
CA VAL E 54 69.20 -13.29 62.05
C VAL E 54 68.96 -12.50 60.78
N VAL E 55 69.10 -13.12 59.60
CA VAL E 55 68.90 -12.41 58.36
C VAL E 55 67.44 -12.19 57.99
N LYS E 56 66.55 -13.17 58.23
CA LYS E 56 65.16 -13.00 57.88
C LYS E 56 64.24 -13.88 58.68
N ILE E 57 63.25 -13.28 59.37
CA ILE E 57 62.16 -13.95 60.07
C ILE E 57 60.87 -13.71 59.33
N MET E 58 60.20 -14.78 58.91
CA MET E 58 59.02 -14.68 58.06
C MET E 58 57.84 -15.45 58.65
N PRO E 59 56.66 -14.87 58.72
CA PRO E 59 55.49 -15.54 59.28
C PRO E 59 54.91 -16.53 58.29
N VAL E 60 54.54 -17.73 58.74
CA VAL E 60 53.87 -18.71 57.93
C VAL E 60 52.65 -19.21 58.68
N GLN E 61 51.55 -19.52 57.97
CA GLN E 61 50.34 -19.95 58.63
C GLN E 61 49.79 -21.21 57.98
N LYS E 62 49.37 -22.19 58.80
CA LYS E 62 48.90 -23.45 58.28
C LYS E 62 47.50 -23.37 57.71
N GLN E 63 46.59 -22.64 58.39
CA GLN E 63 45.18 -22.53 58.07
C GLN E 63 44.35 -23.75 58.45
N THR E 64 43.44 -23.55 59.41
CA THR E 64 42.61 -24.58 60.00
C THR E 64 41.20 -24.07 60.11
N ARG E 65 40.25 -24.97 60.44
CA ARG E 65 38.89 -24.59 60.69
C ARG E 65 38.74 -23.58 61.79
N ALA E 66 39.48 -23.79 62.89
CA ALA E 66 39.50 -22.85 63.98
C ALA E 66 40.15 -21.52 63.61
N GLY E 67 41.28 -21.53 62.88
CA GLY E 67 41.88 -20.28 62.49
C GLY E 67 43.20 -20.43 61.78
N GLN E 68 44.21 -19.68 62.24
CA GLN E 68 45.39 -19.46 61.46
C GLN E 68 46.54 -20.41 61.71
N ARG E 69 46.89 -20.61 63.00
CA ARG E 69 48.03 -21.39 63.41
C ARG E 69 49.34 -20.85 62.88
N THR E 70 49.80 -19.74 63.46
CA THR E 70 50.95 -18.99 62.95
C THR E 70 52.26 -19.56 63.50
N ARG E 71 53.14 -20.02 62.60
CA ARG E 71 54.51 -20.38 62.92
C ARG E 71 55.44 -19.30 62.45
N PHE E 72 56.67 -19.27 63.00
CA PHE E 72 57.65 -18.34 62.54
C PHE E 72 58.80 -19.14 61.97
N LYS E 73 59.03 -18.96 60.67
CA LYS E 73 60.22 -19.45 60.02
C LYS E 73 61.35 -18.45 60.17
N ALA E 74 62.59 -18.93 60.33
CA ALA E 74 63.71 -18.07 60.58
C ALA E 74 64.93 -18.54 59.79
N PHE E 75 65.52 -17.62 59.03
CA PHE E 75 66.76 -17.82 58.33
C PHE E 75 67.84 -17.05 59.06
N VAL E 76 68.91 -17.74 59.48
CA VAL E 76 70.03 -17.20 60.21
C VAL E 76 71.33 -17.57 59.56
N ALA E 77 72.28 -16.63 59.59
CA ALA E 77 73.59 -16.75 58.99
C ALA E 77 74.65 -16.79 60.07
N ILE E 78 75.58 -17.75 60.02
CA ILE E 78 76.70 -17.78 60.93
C ILE E 78 77.98 -17.81 60.13
N GLY E 79 79.03 -17.16 60.64
CA GLY E 79 80.28 -17.02 59.92
C GLY E 79 81.42 -16.76 60.86
N ASP E 80 82.61 -17.28 60.57
CA ASP E 80 83.78 -17.08 61.41
C ASP E 80 84.60 -15.86 61.04
N GLY E 81 84.37 -15.30 59.83
CA GLY E 81 85.22 -14.25 59.31
C GLY E 81 86.56 -14.74 58.82
N ASN E 82 86.76 -16.05 58.59
CA ASN E 82 88.07 -16.54 58.17
C ASN E 82 88.08 -17.88 57.45
N GLY E 83 86.95 -18.56 57.27
CA GLY E 83 86.80 -19.54 56.21
C GLY E 83 85.59 -20.42 56.31
N HIS E 84 84.71 -20.18 57.28
CA HIS E 84 83.62 -21.05 57.60
C HIS E 84 82.28 -20.35 57.64
N CYS E 85 81.38 -20.63 56.69
CA CYS E 85 80.03 -20.11 56.76
C CYS E 85 79.06 -21.21 57.08
N GLY E 86 77.86 -20.83 57.50
CA GLY E 86 76.81 -21.77 57.86
C GLY E 86 75.47 -21.09 57.73
N LEU E 87 74.53 -21.76 57.05
CA LEU E 87 73.22 -21.21 56.76
C LEU E 87 72.21 -22.05 57.48
N GLY E 88 71.43 -21.42 58.37
CA GLY E 88 70.54 -22.15 59.26
C GLY E 88 69.11 -21.69 59.12
N VAL E 89 68.22 -22.68 59.11
CA VAL E 89 66.81 -22.51 58.89
C VAL E 89 66.10 -23.23 60.01
N LYS E 90 65.19 -22.57 60.73
CA LYS E 90 64.36 -23.27 61.68
C LYS E 90 62.99 -22.67 61.65
N CYS E 91 61.96 -23.52 61.61
CA CYS E 91 60.58 -23.10 61.70
C CYS E 91 60.02 -23.61 62.99
N ALA E 92 59.46 -22.71 63.82
CA ALA E 92 58.98 -23.08 65.12
C ALA E 92 57.81 -22.21 65.54
N LYS E 93 57.07 -22.67 66.56
CA LYS E 93 55.88 -22.04 67.05
C LYS E 93 56.07 -20.63 67.52
N GLU E 94 57.15 -20.38 68.29
CA GLU E 94 57.41 -19.07 68.85
C GLU E 94 58.82 -18.56 68.62
N VAL E 95 58.94 -17.24 68.59
CA VAL E 95 60.00 -16.50 67.98
C VAL E 95 61.34 -16.79 68.58
N ALA E 96 61.48 -16.63 69.90
CA ALA E 96 62.75 -16.84 70.56
C ALA E 96 63.26 -18.26 70.39
N THR E 97 62.35 -19.24 70.50
CA THR E 97 62.66 -20.64 70.27
C THR E 97 63.14 -20.87 68.86
N ALA E 98 62.45 -20.29 67.87
CA ALA E 98 62.82 -20.41 66.48
C ALA E 98 64.23 -19.91 66.20
N ILE E 99 64.57 -18.71 66.70
CA ILE E 99 65.91 -18.17 66.59
C ILE E 99 66.95 -19.08 67.20
N ARG E 100 66.72 -19.59 68.42
CA ARG E 100 67.65 -20.47 69.09
C ARG E 100 67.93 -21.74 68.33
N GLY E 101 66.84 -22.39 67.88
CA GLY E 101 66.93 -23.55 67.01
C GLY E 101 67.67 -23.28 65.73
N ALA E 102 67.43 -22.11 65.12
CA ALA E 102 68.10 -21.71 63.90
C ALA E 102 69.60 -21.60 64.07
N ILE E 103 70.06 -21.04 65.20
CA ILE E 103 71.47 -20.92 65.50
C ILE E 103 72.11 -22.29 65.62
N ILE E 104 71.42 -23.24 66.25
CA ILE E 104 71.87 -24.62 66.28
C ILE E 104 72.03 -25.19 64.87
N SER E 105 71.01 -25.05 64.02
CA SER E 105 71.03 -25.51 62.64
C SER E 105 72.17 -24.89 61.87
N ALA E 106 72.37 -23.59 62.04
CA ALA E 106 73.45 -22.89 61.42
C ALA E 106 74.82 -23.43 61.77
N LYS E 107 75.07 -23.73 63.06
CA LYS E 107 76.30 -24.37 63.47
C LYS E 107 76.49 -25.73 62.84
N LEU E 108 75.44 -26.56 62.79
CA LEU E 108 75.49 -27.86 62.16
C LEU E 108 75.87 -27.81 60.70
N SER E 109 75.27 -26.89 59.94
CA SER E 109 75.53 -26.75 58.52
C SER E 109 76.96 -26.41 58.15
N LEU E 110 77.74 -25.81 59.06
CA LEU E 110 79.04 -25.18 58.82
C LEU E 110 79.96 -25.82 57.79
N ILE E 111 80.34 -25.09 56.74
CA ILE E 111 81.13 -25.62 55.63
C ILE E 111 82.39 -24.82 55.42
N PRO E 112 83.53 -25.38 55.04
CA PRO E 112 84.72 -24.61 54.76
C PRO E 112 84.72 -24.09 53.34
N VAL E 113 85.00 -22.79 53.10
CA VAL E 113 85.15 -22.28 51.74
C VAL E 113 86.58 -22.32 51.26
N ARG E 114 86.78 -22.56 49.96
CA ARG E 114 88.09 -22.40 49.36
C ARG E 114 88.27 -20.93 49.03
N ARG E 115 89.42 -20.35 49.39
CA ARG E 115 89.72 -18.96 49.12
C ARG E 115 90.93 -18.91 48.24
N GLY E 116 91.00 -17.95 47.32
CA GLY E 116 92.20 -17.75 46.52
C GLY E 116 92.39 -16.32 46.14
N TYR E 117 93.15 -16.09 45.09
CA TYR E 117 93.51 -14.75 44.72
C TYR E 117 93.47 -14.56 43.23
N TRP E 118 93.26 -13.31 42.80
CA TRP E 118 93.12 -12.94 41.40
C TRP E 118 94.39 -13.11 40.58
N GLY E 119 95.53 -12.64 41.13
CA GLY E 119 96.78 -12.56 40.38
C GLY E 119 97.91 -13.38 40.94
N ASN E 120 98.41 -13.01 42.14
CA ASN E 120 99.76 -13.36 42.55
C ASN E 120 99.86 -13.81 44.02
N LYS E 121 101.00 -14.45 44.39
CA LYS E 121 101.31 -14.98 45.72
C LYS E 121 101.47 -13.90 46.78
N ILE E 122 101.65 -12.63 46.37
CA ILE E 122 102.09 -11.57 47.25
C ILE E 122 100.94 -10.93 48.01
N GLY E 123 99.75 -11.54 47.90
CA GLY E 123 98.69 -11.39 48.88
C GLY E 123 98.31 -12.75 49.37
N ASP E 124 97.87 -12.83 50.64
CA ASP E 124 97.06 -13.94 51.10
C ASP E 124 95.71 -13.97 50.39
N PRO E 125 95.02 -15.08 50.28
CA PRO E 125 93.69 -15.17 49.70
C PRO E 125 92.70 -14.05 49.97
N HIS E 126 91.85 -13.73 48.99
CA HIS E 126 90.93 -12.62 49.13
C HIS E 126 89.70 -12.73 48.27
N THR E 127 89.61 -13.72 47.37
CA THR E 127 88.48 -13.83 46.48
C THR E 127 88.15 -15.28 46.24
N VAL E 128 86.99 -15.52 45.63
CA VAL E 128 86.52 -16.83 45.29
C VAL E 128 87.33 -17.39 44.13
N PRO E 129 88.03 -18.50 44.21
CA PRO E 129 89.22 -18.71 43.41
C PRO E 129 88.91 -19.04 41.98
N MET E 130 87.66 -19.30 41.65
CA MET E 130 87.23 -19.47 40.30
C MET E 130 85.76 -19.22 40.31
N LYS E 131 85.13 -19.02 39.15
CA LYS E 131 83.71 -18.87 39.04
C LYS E 131 82.95 -20.06 39.59
N VAL E 132 82.02 -19.83 40.53
CA VAL E 132 81.15 -20.88 41.02
C VAL E 132 79.74 -20.38 41.04
N SER E 133 78.81 -21.26 40.66
CA SER E 133 77.40 -20.92 40.54
C SER E 133 76.57 -21.86 41.38
N GLY E 134 75.65 -21.33 42.19
CA GLY E 134 74.71 -22.10 42.98
C GLY E 134 73.31 -21.69 42.66
N LYS E 135 72.43 -22.68 42.44
CA LYS E 135 71.04 -22.44 42.09
C LYS E 135 70.16 -22.93 43.20
N CYS E 136 69.05 -22.24 43.49
CA CYS E 136 67.99 -22.82 44.28
C CYS E 136 66.66 -22.19 43.88
N GLY E 137 65.63 -23.00 43.64
CA GLY E 137 64.37 -22.51 43.09
C GLY E 137 64.55 -21.69 41.83
N SER E 138 63.95 -20.52 41.78
CA SER E 138 64.16 -19.62 40.68
C SER E 138 65.57 -19.08 40.58
N VAL E 139 66.22 -18.84 41.72
CA VAL E 139 67.27 -17.87 41.78
C VAL E 139 68.64 -18.52 41.70
N ARG E 140 69.44 -18.08 40.73
CA ARG E 140 70.78 -18.57 40.51
C ARG E 140 71.78 -17.48 40.77
N ILE E 141 72.73 -17.71 41.68
CA ILE E 141 73.75 -16.75 42.05
C ILE E 141 75.11 -17.26 41.62
N ARG E 142 75.90 -16.40 40.98
CA ARG E 142 77.24 -16.69 40.54
C ARG E 142 78.22 -15.78 41.25
N LEU E 143 79.21 -16.39 41.91
CA LEU E 143 80.37 -15.71 42.41
C LEU E 143 81.48 -15.78 41.38
N VAL E 144 82.09 -14.63 41.04
CA VAL E 144 83.14 -14.55 40.05
C VAL E 144 84.33 -13.73 40.58
N PRO E 145 85.58 -14.21 40.47
CA PRO E 145 86.76 -13.57 41.06
C PRO E 145 87.05 -12.19 40.57
N ALA E 146 87.54 -11.34 41.47
CA ALA E 146 87.78 -9.95 41.24
C ALA E 146 89.13 -9.60 41.84
N PRO E 147 89.90 -8.64 41.35
CA PRO E 147 91.09 -8.16 42.03
C PRO E 147 90.79 -7.52 43.36
N ARG E 148 91.82 -7.29 44.18
CA ARG E 148 91.65 -6.72 45.50
C ARG E 148 91.22 -5.27 45.46
N GLY E 149 91.27 -4.68 44.25
CA GLY E 149 90.81 -3.34 43.94
C GLY E 149 89.29 -3.17 43.91
N THR E 150 88.60 -3.86 44.82
CA THR E 150 87.18 -4.12 44.73
C THR E 150 86.68 -4.22 46.15
N GLN E 151 85.37 -4.32 46.39
CA GLN E 151 84.84 -4.82 47.63
C GLN E 151 84.02 -6.03 47.29
N ILE E 152 82.87 -6.26 47.95
CA ILE E 152 81.93 -7.24 47.46
C ILE E 152 80.90 -6.47 46.66
N VAL E 153 80.93 -6.59 45.34
CA VAL E 153 79.95 -5.98 44.48
C VAL E 153 78.78 -6.93 44.39
N GLY E 154 77.81 -6.78 45.30
CA GLY E 154 76.66 -7.66 45.32
C GLY E 154 75.48 -7.09 46.02
N ALA E 155 74.42 -7.90 46.07
CA ALA E 155 73.25 -7.63 46.89
C ALA E 155 73.61 -7.51 48.36
N PRO E 156 73.00 -6.67 49.18
CA PRO E 156 73.16 -6.65 50.63
C PRO E 156 73.27 -8.00 51.27
N THR E 157 72.34 -8.89 50.91
CA THR E 157 72.34 -10.26 51.37
C THR E 157 73.58 -11.03 51.03
N THR E 158 74.01 -10.96 49.76
CA THR E 158 75.24 -11.62 49.33
C THR E 158 76.44 -11.05 50.02
N LYS E 159 76.54 -9.71 50.11
CA LYS E 159 77.64 -9.06 50.80
C LYS E 159 77.79 -9.54 52.21
N LYS E 160 76.68 -9.56 52.98
CA LYS E 160 76.73 -10.01 54.34
C LYS E 160 77.18 -11.45 54.46
N MET E 161 76.59 -12.35 53.65
CA MET E 161 76.89 -13.75 53.75
C MET E 161 78.31 -14.08 53.37
N LEU E 162 78.80 -13.49 52.28
CA LEU E 162 80.14 -13.71 51.82
C LEU E 162 81.18 -13.16 52.77
N ASN E 163 80.89 -11.99 53.38
CA ASN E 163 81.71 -11.40 54.41
C ASN E 163 81.82 -12.33 55.60
N PHE E 164 80.70 -12.91 56.03
CA PHE E 164 80.63 -13.88 57.10
C PHE E 164 81.55 -15.06 56.85
N ALA E 165 81.55 -15.59 55.63
CA ALA E 165 82.49 -16.61 55.23
C ALA E 165 83.96 -16.22 55.28
N GLY E 166 84.28 -14.91 55.22
CA GLY E 166 85.66 -14.45 55.22
C GLY E 166 86.25 -14.36 53.84
N ILE E 167 85.43 -14.11 52.82
CA ILE E 167 85.93 -13.82 51.49
C ILE E 167 85.77 -12.35 51.27
N LYS E 168 86.90 -11.62 51.12
CA LYS E 168 86.87 -10.18 51.12
C LYS E 168 86.29 -9.52 49.87
N ASP E 169 86.70 -9.94 48.65
CA ASP E 169 86.40 -9.15 47.46
C ASP E 169 85.88 -10.00 46.32
N CYS E 170 84.69 -9.70 45.77
CA CYS E 170 84.12 -10.53 44.71
C CYS E 170 83.28 -9.74 43.74
N PHE E 171 83.11 -10.22 42.49
CA PHE E 171 82.06 -9.77 41.61
C PHE E 171 80.95 -10.78 41.70
N SER E 172 79.70 -10.30 41.78
CA SER E 172 78.55 -11.17 41.86
C SER E 172 77.55 -10.87 40.77
N SER E 173 76.70 -11.85 40.46
CA SER E 173 75.59 -11.63 39.56
C SER E 173 74.46 -12.49 40.06
N SER E 174 73.25 -12.29 39.55
CA SER E 174 72.12 -13.08 39.96
C SER E 174 71.06 -13.03 38.89
N CYS E 175 70.26 -14.10 38.80
CA CYS E 175 69.19 -14.19 37.83
C CYS E 175 68.01 -14.84 38.50
N GLY E 176 66.81 -14.24 38.38
CA GLY E 176 65.59 -14.76 38.97
C GLY E 176 65.13 -13.93 40.14
N LYS E 177 64.16 -14.48 40.88
CA LYS E 177 63.45 -13.78 41.92
C LYS E 177 64.23 -13.66 43.21
N THR E 178 65.23 -12.77 43.23
CA THR E 178 66.07 -12.47 44.37
C THR E 178 65.28 -12.06 45.59
N LYS E 179 64.12 -11.43 45.36
CA LYS E 179 63.18 -11.07 46.37
C LYS E 179 62.63 -12.26 47.19
N THR E 180 62.70 -13.50 46.68
CA THR E 180 62.38 -14.68 47.48
C THR E 180 63.55 -15.04 48.37
N LYS E 181 63.61 -14.42 49.56
CA LYS E 181 64.84 -14.23 50.28
C LYS E 181 65.52 -15.51 50.69
N GLY E 182 64.74 -16.46 51.23
CA GLY E 182 65.26 -17.74 51.70
C GLY E 182 65.95 -18.53 50.62
N ASN E 183 65.33 -18.62 49.44
CA ASN E 183 65.88 -19.34 48.32
C ASN E 183 67.19 -18.76 47.85
N PHE E 184 67.27 -17.43 47.81
CA PHE E 184 68.48 -16.71 47.47
C PHE E 184 69.60 -17.05 48.44
N LEU E 185 69.32 -17.05 49.76
CA LEU E 185 70.28 -17.45 50.75
C LEU E 185 70.77 -18.87 50.56
N ARG E 186 69.86 -19.83 50.34
CA ARG E 186 70.23 -21.22 50.11
C ARG E 186 71.10 -21.37 48.88
N ALA E 187 70.73 -20.72 47.76
CA ALA E 187 71.54 -20.67 46.57
C ALA E 187 72.94 -20.13 46.80
N ILE E 188 73.07 -19.02 47.55
CA ILE E 188 74.36 -18.47 47.94
C ILE E 188 75.16 -19.48 48.71
N PHE E 189 74.52 -20.14 49.69
CA PHE E 189 75.18 -21.16 50.48
C PHE E 189 75.71 -22.32 49.66
N ASN E 190 74.89 -22.82 48.73
CA ASN E 190 75.31 -23.86 47.82
C ASN E 190 76.49 -23.43 46.96
N ALA E 191 76.46 -22.19 46.45
CA ALA E 191 77.55 -21.63 45.67
C ALA E 191 78.85 -21.57 46.47
N LEU E 192 78.81 -21.05 47.69
CA LEU E 192 79.95 -21.07 48.58
C LEU E 192 80.40 -22.49 48.81
N SER E 193 79.46 -23.39 49.10
CA SER E 193 79.72 -24.78 49.44
C SER E 193 80.47 -25.51 48.35
N LYS E 194 80.10 -25.27 47.10
CA LYS E 194 80.77 -25.83 45.94
C LYS E 194 82.25 -25.46 45.82
N THR E 195 82.72 -24.39 46.47
CA THR E 195 84.07 -23.86 46.24
C THR E 195 85.19 -24.83 46.46
N TYR E 196 85.13 -25.72 47.47
CA TYR E 196 86.21 -26.65 47.70
C TYR E 196 86.01 -27.94 46.94
N GLY E 197 84.93 -28.08 46.17
CA GLY E 197 84.71 -29.28 45.37
C GLY E 197 85.37 -29.25 44.02
N TYR E 198 85.96 -28.11 43.64
CA TYR E 198 86.19 -27.82 42.25
C TYR E 198 87.22 -28.67 41.51
N LEU E 199 88.39 -28.88 42.12
CA LEU E 199 89.56 -29.48 41.48
C LEU E 199 90.21 -28.60 40.43
N THR E 200 91.40 -28.08 40.77
CA THR E 200 92.10 -27.01 40.08
C THR E 200 93.57 -27.37 40.08
N PRO E 201 94.49 -26.73 39.38
CA PRO E 201 95.87 -27.16 39.33
C PRO E 201 96.57 -27.39 40.62
N ASP E 202 96.34 -26.52 41.62
CA ASP E 202 96.81 -26.64 42.99
C ASP E 202 96.53 -28.00 43.63
N LEU E 203 95.49 -28.69 43.13
CA LEU E 203 95.08 -29.99 43.58
C LEU E 203 95.22 -31.10 42.55
N TRP E 204 95.92 -30.91 41.41
CA TRP E 204 96.02 -31.99 40.42
C TRP E 204 96.72 -33.22 40.96
N LYS E 205 97.82 -33.02 41.69
CA LYS E 205 98.67 -34.10 42.14
C LYS E 205 98.03 -35.08 43.11
N VAL E 206 98.41 -36.35 43.00
CA VAL E 206 98.06 -37.41 43.94
C VAL E 206 98.68 -37.18 45.30
N THR E 207 98.09 -37.73 46.38
CA THR E 207 98.64 -37.65 47.72
C THR E 207 98.17 -38.86 48.51
N ASN E 208 98.63 -38.98 49.76
CA ASN E 208 98.36 -40.09 50.65
C ASN E 208 97.05 -39.89 51.43
N PHE E 209 96.65 -40.88 52.25
CA PHE E 209 95.48 -40.81 53.09
C PHE E 209 95.90 -40.84 54.53
N ASP E 210 95.40 -39.88 55.34
CA ASP E 210 95.37 -40.01 56.77
C ASP E 210 94.45 -41.14 57.21
N LYS E 211 94.74 -41.78 58.37
CA LYS E 211 93.79 -42.70 58.98
C LYS E 211 92.53 -41.97 59.43
N SER E 212 91.36 -42.60 59.29
CA SER E 212 90.13 -42.04 59.83
C SER E 212 90.16 -41.91 61.35
N PRO E 213 89.68 -40.87 62.01
CA PRO E 213 89.59 -40.80 63.47
C PRO E 213 89.00 -42.01 64.16
N TYR E 214 88.07 -42.70 63.49
CA TYR E 214 87.46 -43.91 63.98
C TYR E 214 88.42 -45.08 64.04
N GLU E 215 89.55 -44.98 63.34
CA GLU E 215 90.53 -46.02 63.27
C GLU E 215 91.76 -45.58 64.03
N GLU E 216 92.06 -44.26 63.99
CA GLU E 216 93.22 -43.70 64.63
C GLU E 216 93.10 -43.66 66.13
N TRP E 217 91.85 -43.55 66.62
CA TRP E 217 91.55 -43.54 68.03
C TRP E 217 90.62 -44.66 68.38
N SER E 218 90.70 -45.79 67.65
CA SER E 218 89.84 -46.94 67.86
C SER E 218 89.88 -47.47 69.29
N ASP E 219 91.08 -47.54 69.86
CA ASP E 219 91.33 -48.00 71.19
C ASP E 219 90.64 -47.11 72.21
N PHE E 220 90.82 -45.79 72.08
CA PHE E 220 90.21 -44.81 72.95
C PHE E 220 88.68 -44.82 72.94
N LEU E 221 88.02 -45.27 71.84
CA LEU E 221 86.59 -45.48 71.90
C LEU E 221 86.24 -46.82 72.51
N GLU E 222 87.08 -47.84 72.24
CA GLU E 222 86.84 -49.22 72.65
C GLU E 222 86.85 -49.41 74.15
N THR E 223 87.65 -48.62 74.85
CA THR E 223 87.76 -48.61 76.29
C THR E 223 86.47 -48.25 77.04
N TYR E 224 85.56 -47.46 76.44
CA TYR E 224 84.31 -47.10 77.09
C TYR E 224 83.18 -48.16 76.86
N ASP F 1 0.44 -78.48 91.81
CA ASP F 1 0.77 -78.04 93.22
C ASP F 1 0.48 -76.55 93.41
N ILE F 2 1.38 -75.65 92.96
CA ILE F 2 1.13 -74.21 92.83
C ILE F 2 -0.01 -73.96 91.82
N LYS F 3 -0.83 -72.91 91.99
CA LYS F 3 -1.92 -72.60 91.07
C LYS F 3 -2.15 -71.11 90.95
N LEU F 4 -2.49 -70.61 89.76
CA LEU F 4 -2.73 -69.20 89.51
C LEU F 4 -4.00 -68.70 90.18
N PHE F 5 -3.89 -67.72 91.10
CA PHE F 5 -4.92 -67.15 91.96
C PHE F 5 -5.58 -68.14 92.91
N LYS F 6 -5.01 -69.35 93.04
CA LYS F 6 -5.58 -70.52 93.71
C LYS F 6 -6.65 -71.18 92.83
N LYS F 7 -6.79 -70.74 91.56
CA LYS F 7 -7.90 -71.08 90.71
C LYS F 7 -7.51 -71.91 89.50
N TRP F 8 -6.37 -71.61 88.85
CA TRP F 8 -6.04 -72.24 87.59
C TRP F 8 -4.79 -73.10 87.73
N SER F 9 -4.91 -74.37 87.30
CA SER F 9 -3.99 -75.46 87.59
C SER F 9 -2.57 -75.34 87.06
N TYR F 10 -2.42 -74.86 85.80
CA TYR F 10 -1.18 -74.81 85.03
C TYR F 10 -0.25 -76.03 85.07
N GLU F 11 -0.81 -77.22 84.77
CA GLU F 11 -0.02 -78.42 84.55
C GLU F 11 -0.30 -79.01 83.19
N GLU F 12 -1.01 -78.29 82.29
CA GLU F 12 -1.44 -78.82 81.02
C GLU F 12 -1.37 -77.77 79.92
N ILE F 13 -0.94 -78.20 78.73
CA ILE F 13 -0.74 -77.34 77.57
C ILE F 13 -0.98 -78.15 76.29
N ASN F 14 -1.19 -77.46 75.15
CA ASN F 14 -1.06 -78.01 73.81
C ASN F 14 0.27 -77.54 73.20
N ILE F 15 0.70 -78.17 72.10
CA ILE F 15 2.09 -78.06 71.67
C ILE F 15 2.35 -76.95 70.68
N ALA F 16 1.30 -76.27 70.18
CA ALA F 16 1.40 -75.17 69.24
C ALA F 16 2.32 -75.42 68.02
N ASP F 17 3.11 -74.40 67.60
CA ASP F 17 4.09 -74.53 66.52
C ASP F 17 5.45 -74.92 67.13
N LEU F 18 5.45 -75.39 68.40
CA LEU F 18 6.57 -75.88 69.18
C LEU F 18 7.44 -74.76 69.72
N SER F 19 7.75 -73.80 68.85
CA SER F 19 8.43 -72.56 69.12
C SER F 19 7.73 -71.73 70.17
N LEU F 20 6.40 -71.60 70.03
CA LEU F 20 5.60 -70.81 70.93
C LEU F 20 5.58 -71.34 72.35
N VAL F 21 5.53 -72.69 72.54
CA VAL F 21 5.63 -73.30 73.86
C VAL F 21 6.95 -73.02 74.56
N ASP F 22 8.07 -73.16 73.84
CA ASP F 22 9.40 -72.78 74.30
C ASP F 22 9.46 -71.30 74.72
N CYS F 23 8.88 -70.40 73.91
CA CYS F 23 8.82 -68.98 74.22
C CYS F 23 7.94 -68.63 75.41
N ILE F 24 6.63 -68.99 75.42
CA ILE F 24 5.72 -68.68 76.51
C ILE F 24 6.13 -69.29 77.85
N ALA F 25 6.71 -70.52 77.82
CA ALA F 25 7.48 -71.12 78.90
C ALA F 25 6.78 -71.36 80.24
N VAL F 26 5.49 -71.77 80.23
CA VAL F 26 4.81 -72.18 81.45
C VAL F 26 5.39 -73.48 82.02
N SER F 27 6.10 -73.35 83.15
CA SER F 27 6.88 -74.41 83.74
C SER F 27 7.13 -73.98 85.17
N GLN F 28 7.59 -74.87 86.06
CA GLN F 28 7.52 -74.70 87.50
C GLN F 28 8.19 -73.44 88.02
N LYS F 29 9.40 -73.14 87.54
CA LYS F 29 10.09 -71.93 87.96
C LYS F 29 9.56 -70.65 87.34
N ALA F 30 8.72 -70.75 86.29
CA ALA F 30 8.01 -69.63 85.75
C ALA F 30 6.62 -69.48 86.35
N CYS F 31 6.09 -70.51 87.02
CA CYS F 31 4.84 -70.44 87.75
C CYS F 31 4.87 -69.52 88.96
N VAL F 32 3.76 -68.84 89.25
CA VAL F 32 3.65 -68.04 90.46
C VAL F 32 2.17 -67.91 90.76
N TYR F 33 1.82 -67.72 92.04
CA TYR F 33 0.43 -67.62 92.49
C TYR F 33 -0.32 -66.45 91.89
N THR F 34 0.36 -65.33 91.61
CA THR F 34 -0.29 -64.12 91.14
C THR F 34 0.62 -63.39 90.17
N PRO F 35 0.12 -62.72 89.14
CA PRO F 35 0.84 -61.65 88.46
C PRO F 35 1.42 -60.60 89.39
N HIS F 36 2.56 -60.01 88.98
CA HIS F 36 3.37 -59.00 89.61
C HIS F 36 4.67 -59.60 90.08
N THR F 37 5.62 -59.74 89.17
CA THR F 37 7.00 -60.06 89.47
C THR F 37 7.86 -59.16 88.63
N ALA F 38 8.71 -58.34 89.29
CA ALA F 38 9.34 -57.21 88.64
C ALA F 38 10.83 -57.41 88.43
N GLY F 39 11.32 -58.67 88.42
CA GLY F 39 12.71 -59.05 88.14
C GLY F 39 13.29 -58.47 86.86
N ARG F 40 14.63 -58.38 86.75
CA ARG F 40 15.26 -57.73 85.62
C ARG F 40 14.98 -58.42 84.30
N TYR F 41 14.16 -57.81 83.42
CA TYR F 41 13.77 -58.44 82.18
C TYR F 41 14.50 -57.86 81.00
N GLN F 42 15.33 -56.83 81.22
CA GLN F 42 16.04 -56.17 80.14
C GLN F 42 17.53 -56.40 80.26
N LYS F 43 17.91 -57.54 80.86
CA LYS F 43 19.28 -57.97 81.02
C LYS F 43 20.03 -58.23 79.72
N LYS F 44 19.33 -58.80 78.73
CA LYS F 44 19.86 -59.20 77.44
C LYS F 44 18.69 -59.44 76.51
N ARG F 45 18.91 -59.74 75.22
CA ARG F 45 17.85 -59.95 74.25
C ARG F 45 16.86 -61.04 74.61
N PHE F 46 17.35 -62.22 75.00
CA PHE F 46 16.53 -63.42 75.12
C PHE F 46 15.68 -63.42 76.38
N ARG F 47 16.03 -62.56 77.36
CA ARG F 47 15.54 -62.59 78.72
C ARG F 47 14.04 -62.55 78.89
N LYS F 48 13.34 -61.90 77.95
CA LYS F 48 11.90 -61.88 77.84
C LYS F 48 11.21 -63.24 77.84
N ALA F 49 11.85 -64.29 77.29
CA ALA F 49 11.41 -65.67 77.43
C ALA F 49 11.18 -66.14 78.87
N LEU F 50 12.11 -65.83 79.79
CA LEU F 50 12.01 -66.16 81.20
C LEU F 50 10.93 -65.41 81.99
N CYS F 51 10.50 -64.24 81.47
CA CYS F 51 9.42 -63.45 82.05
C CYS F 51 8.07 -64.18 81.89
N PRO F 52 7.34 -64.60 82.92
CA PRO F 52 6.11 -65.39 82.81
C PRO F 52 5.09 -64.86 81.83
N ILE F 53 4.43 -65.74 81.05
CA ILE F 53 3.54 -65.28 79.99
C ILE F 53 2.33 -64.50 80.49
N VAL F 54 1.78 -64.87 81.66
CA VAL F 54 0.78 -64.10 82.39
C VAL F 54 1.30 -62.72 82.83
N GLU F 55 2.55 -62.64 83.32
CA GLU F 55 3.21 -61.41 83.73
C GLU F 55 3.32 -60.46 82.55
N ARG F 56 3.71 -61.00 81.40
CA ARG F 56 3.79 -60.29 80.15
C ARG F 56 2.44 -59.73 79.72
N LEU F 57 1.38 -60.55 79.80
CA LEU F 57 0.04 -60.10 79.53
C LEU F 57 -0.44 -58.97 80.44
N VAL F 58 -0.20 -59.04 81.76
CA VAL F 58 -0.52 -57.91 82.64
C VAL F 58 0.24 -56.65 82.32
N ASN F 59 1.55 -56.73 82.04
CA ASN F 59 2.36 -55.57 81.71
C ASN F 59 1.86 -54.88 80.47
N SER F 60 1.60 -55.65 79.41
CA SER F 60 1.02 -55.12 78.19
C SER F 60 -0.34 -54.47 78.41
N MET F 61 -1.22 -55.15 79.16
CA MET F 61 -2.54 -54.63 79.41
C MET F 61 -2.60 -53.30 80.15
N MET F 62 -1.81 -53.13 81.23
CA MET F 62 -1.54 -51.85 81.87
C MET F 62 -1.13 -50.67 81.00
N MET F 63 -0.64 -50.93 79.78
CA MET F 63 -0.08 -49.88 78.97
C MET F 63 -1.13 -49.11 78.21
N HIS F 64 -1.21 -47.79 78.47
CA HIS F 64 -1.79 -46.76 77.63
C HIS F 64 -2.09 -45.55 78.47
N GLY F 65 -1.47 -44.40 78.14
CA GLY F 65 -1.74 -43.08 78.73
C GLY F 65 -2.11 -43.03 80.20
N ARG F 66 -3.34 -42.59 80.50
CA ARG F 66 -3.87 -42.40 81.84
C ARG F 66 -3.80 -43.64 82.72
N ASN F 67 -3.64 -44.83 82.13
CA ASN F 67 -3.75 -46.07 82.82
C ASN F 67 -2.36 -46.60 83.21
N ASN F 68 -1.29 -45.90 82.79
CA ASN F 68 0.06 -46.32 83.10
C ASN F 68 0.39 -46.36 84.60
N GLY F 69 1.14 -47.39 85.03
CA GLY F 69 1.60 -47.59 86.40
C GLY F 69 0.56 -48.12 87.34
N LYS F 70 -0.67 -48.33 86.87
CA LYS F 70 -1.78 -48.73 87.71
C LYS F 70 -1.95 -50.23 87.63
N LYS F 71 -0.92 -50.96 88.07
CA LYS F 71 -0.67 -52.31 87.65
C LYS F 71 -1.61 -53.26 88.37
N LEU F 72 -1.87 -53.00 89.67
CA LEU F 72 -2.82 -53.77 90.42
C LEU F 72 -4.23 -53.74 89.84
N LYS F 73 -4.81 -52.60 89.40
CA LYS F 73 -6.05 -52.65 88.64
C LYS F 73 -5.98 -53.50 87.37
N ALA F 74 -4.91 -53.37 86.58
CA ALA F 74 -4.74 -54.20 85.40
C ALA F 74 -4.71 -55.70 85.70
N ILE F 75 -4.02 -56.13 86.77
CA ILE F 75 -4.02 -57.48 87.30
C ILE F 75 -5.42 -57.95 87.71
N ARG F 76 -6.16 -57.08 88.42
CA ARG F 76 -7.53 -57.31 88.84
C ARG F 76 -8.42 -57.57 87.62
N ILE F 77 -8.26 -56.76 86.57
CA ILE F 77 -8.95 -56.96 85.31
C ILE F 77 -8.64 -58.30 84.66
N VAL F 78 -7.36 -58.75 84.59
CA VAL F 78 -7.06 -60.09 84.08
C VAL F 78 -7.63 -61.23 84.92
N ALA F 79 -7.60 -61.12 86.25
CA ALA F 79 -8.14 -62.14 87.12
C ALA F 79 -9.63 -62.32 86.91
N TYR F 80 -10.37 -61.21 86.88
CA TYR F 80 -11.77 -61.19 86.50
C TYR F 80 -12.00 -61.68 85.10
N ALA F 81 -11.17 -61.29 84.12
CA ALA F 81 -11.26 -61.80 82.77
C ALA F 81 -11.16 -63.32 82.66
N PHE F 82 -10.17 -63.97 83.33
CA PHE F 82 -10.13 -65.42 83.43
C PHE F 82 -11.34 -66.06 84.08
N GLU F 83 -11.85 -65.50 85.19
CA GLU F 83 -13.07 -65.95 85.82
C GLU F 83 -14.28 -65.90 84.87
N ILE F 84 -14.45 -64.79 84.13
CA ILE F 84 -15.43 -64.68 83.05
C ILE F 84 -15.26 -65.75 81.98
N ILE F 85 -14.03 -65.99 81.50
CA ILE F 85 -13.68 -67.02 80.54
C ILE F 85 -14.10 -68.42 80.97
N HIS F 86 -13.81 -68.77 82.24
CA HIS F 86 -14.16 -70.04 82.84
C HIS F 86 -15.65 -70.34 82.80
N LEU F 87 -16.47 -69.31 83.08
CA LEU F 87 -17.91 -69.42 83.04
C LEU F 87 -18.40 -69.42 81.59
N MET F 88 -18.08 -68.38 80.77
CA MET F 88 -18.52 -68.28 79.39
C MET F 88 -18.23 -69.47 78.48
N THR F 89 -17.07 -70.13 78.61
CA THR F 89 -16.74 -71.28 77.78
C THR F 89 -16.16 -72.39 78.62
N GLY F 90 -16.14 -73.62 78.08
CA GLY F 90 -16.00 -74.85 78.84
C GLY F 90 -14.62 -75.23 79.29
N GLU F 91 -13.59 -74.49 78.87
CA GLU F 91 -12.22 -74.85 79.16
C GLU F 91 -11.63 -74.12 80.37
N ASN F 92 -10.50 -74.64 80.88
CA ASN F 92 -9.63 -74.00 81.83
C ASN F 92 -9.06 -72.69 81.26
N PRO F 93 -9.10 -71.53 81.90
CA PRO F 93 -8.64 -70.27 81.35
C PRO F 93 -7.21 -70.27 80.89
N LEU F 94 -6.33 -70.97 81.61
CA LEU F 94 -4.92 -71.09 81.27
C LEU F 94 -4.75 -71.70 79.89
N GLN F 95 -5.49 -72.76 79.61
CA GLN F 95 -5.60 -73.37 78.31
C GLN F 95 -6.14 -72.41 77.25
N VAL F 96 -7.22 -71.64 77.55
CA VAL F 96 -7.80 -70.63 76.67
C VAL F 96 -6.76 -69.59 76.25
N PHE F 97 -5.95 -69.10 77.19
CA PHE F 97 -4.81 -68.25 76.90
C PHE F 97 -3.77 -68.87 75.95
N VAL F 98 -3.37 -70.15 76.18
CA VAL F 98 -2.48 -70.90 75.28
C VAL F 98 -3.05 -70.97 73.87
N ASN F 99 -4.35 -71.27 73.72
CA ASN F 99 -5.05 -71.27 72.45
C ASN F 99 -5.02 -69.90 71.76
N ALA F 100 -5.24 -68.82 72.52
CA ALA F 100 -5.21 -67.48 72.00
C ALA F 100 -3.83 -67.11 71.48
N VAL F 101 -2.75 -67.39 72.23
CA VAL F 101 -1.41 -67.15 71.72
C VAL F 101 -1.07 -68.02 70.51
N GLN F 102 -1.41 -69.32 70.52
CA GLN F 102 -1.18 -70.19 69.39
C GLN F 102 -1.82 -69.75 68.08
N LYS F 103 -3.12 -69.41 68.07
CA LYS F 103 -3.75 -68.72 66.95
C LYS F 103 -3.16 -67.35 66.63
N GLY F 104 -2.95 -66.51 67.65
CA GLY F 104 -2.90 -65.06 67.50
C GLY F 104 -1.74 -64.43 66.79
N GLY F 105 -0.52 -64.99 66.93
CA GLY F 105 0.68 -64.33 66.39
C GLY F 105 0.80 -64.28 64.87
N PRO F 106 1.15 -63.18 64.22
CA PRO F 106 1.46 -63.18 62.79
C PRO F 106 2.83 -63.71 62.50
N ARG F 107 2.98 -64.50 61.42
CA ARG F 107 4.19 -65.25 61.15
C ARG F 107 5.07 -64.67 60.05
N GLU F 108 4.61 -63.67 59.28
CA GLU F 108 5.36 -63.14 58.16
C GLU F 108 5.05 -61.67 57.94
N ASP F 109 6.03 -60.84 57.56
CA ASP F 109 5.84 -59.41 57.47
C ASP F 109 6.87 -58.78 56.52
N SER F 110 6.67 -57.53 56.09
CA SER F 110 7.52 -56.86 55.11
C SER F 110 8.04 -55.52 55.60
N THR F 111 9.35 -55.25 55.41
CA THR F 111 9.97 -53.95 55.69
C THR F 111 10.38 -53.19 54.44
N ARG F 112 10.62 -53.88 53.32
CA ARG F 112 11.17 -53.27 52.12
C ARG F 112 10.83 -54.14 50.88
N GLN F 122 9.67 -57.09 49.49
CA GLN F 122 10.09 -58.44 49.96
C GLN F 122 9.72 -58.72 51.41
N ALA F 123 8.70 -59.55 51.67
CA ALA F 123 8.42 -60.01 53.01
C ALA F 123 9.48 -60.97 53.56
N VAL F 124 9.62 -60.97 54.89
CA VAL F 124 10.55 -61.75 55.68
C VAL F 124 9.80 -62.44 56.81
N ASP F 125 10.35 -63.56 57.31
CA ASP F 125 9.74 -64.34 58.37
C ASP F 125 9.73 -63.62 59.73
N VAL F 126 8.71 -63.84 60.58
CA VAL F 126 8.66 -63.25 61.90
C VAL F 126 9.26 -64.19 62.93
N SER F 127 10.29 -63.73 63.67
CA SER F 127 10.93 -64.45 64.75
C SER F 127 9.97 -64.87 65.87
N PRO F 128 10.11 -65.97 66.59
CA PRO F 128 9.02 -66.45 67.43
C PRO F 128 8.84 -65.59 68.67
N LEU F 129 9.91 -65.09 69.29
CA LEU F 129 9.79 -64.20 70.44
C LEU F 129 9.00 -62.94 70.10
N ARG F 130 9.33 -62.34 68.96
CA ARG F 130 8.63 -61.22 68.37
C ARG F 130 7.17 -61.55 68.10
N ARG F 131 6.90 -62.74 67.54
CA ARG F 131 5.55 -63.21 67.29
C ARG F 131 4.69 -63.26 68.55
N VAL F 132 5.23 -63.78 69.66
CA VAL F 132 4.57 -63.76 70.96
C VAL F 132 4.26 -62.35 71.46
N ASN F 133 5.25 -61.43 71.38
CA ASN F 133 5.06 -60.06 71.82
C ASN F 133 3.98 -59.35 71.04
N GLN F 134 4.03 -59.49 69.70
CA GLN F 134 3.06 -58.94 68.78
C GLN F 134 1.67 -59.45 69.07
N ALA F 135 1.51 -60.77 69.32
CA ALA F 135 0.23 -61.33 69.69
C ALA F 135 -0.36 -60.74 70.97
N ILE F 136 0.45 -60.67 72.05
CA ILE F 136 0.05 -60.06 73.31
C ILE F 136 -0.36 -58.60 73.14
N TYR F 137 0.42 -57.84 72.38
CA TYR F 137 0.16 -56.46 72.03
C TYR F 137 -1.14 -56.35 71.23
N LEU F 138 -1.35 -57.19 70.21
CA LEU F 138 -2.54 -57.19 69.41
C LEU F 138 -3.77 -57.50 70.26
N ILE F 139 -3.72 -58.50 71.16
CA ILE F 139 -4.83 -58.79 72.04
C ILE F 139 -5.21 -57.63 72.95
N CYS F 140 -4.20 -56.94 73.52
CA CYS F 140 -4.43 -55.84 74.43
C CYS F 140 -4.94 -54.59 73.73
N THR F 141 -4.33 -54.25 72.59
CA THR F 141 -4.77 -53.18 71.70
C THR F 141 -6.18 -53.38 71.21
N GLY F 142 -6.55 -54.62 70.84
CA GLY F 142 -7.92 -54.96 70.51
C GLY F 142 -8.89 -54.71 71.65
N ALA F 143 -8.54 -55.12 72.88
CA ALA F 143 -9.30 -54.81 74.08
C ALA F 143 -9.47 -53.31 74.29
N ARG F 144 -8.39 -52.52 74.16
CA ARG F 144 -8.43 -51.08 74.29
C ARG F 144 -9.33 -50.40 73.28
N ASN F 145 -9.24 -50.80 72.00
CA ASN F 145 -10.09 -50.27 70.94
C ASN F 145 -11.56 -50.50 71.27
N ALA F 146 -11.90 -51.73 71.71
CA ALA F 146 -13.22 -52.08 72.18
C ALA F 146 -13.70 -51.31 73.41
N ALA F 147 -12.86 -51.13 74.43
CA ALA F 147 -13.22 -50.55 75.71
C ALA F 147 -13.76 -49.12 75.70
N PHE F 148 -13.00 -48.21 75.05
CA PHE F 148 -13.20 -46.77 75.12
C PHE F 148 -14.62 -46.28 74.82
N ARG F 149 -15.25 -45.61 75.80
CA ARG F 149 -16.59 -45.07 75.73
C ARG F 149 -17.69 -46.11 75.49
N ASN F 150 -17.42 -47.42 75.70
CA ASN F 150 -18.21 -48.44 75.07
C ASN F 150 -19.07 -49.26 76.02
N ILE F 151 -19.23 -48.82 77.27
CA ILE F 151 -20.28 -49.29 78.16
C ILE F 151 -19.98 -50.63 78.82
N LYS F 152 -19.67 -51.66 78.03
CA LYS F 152 -19.18 -52.93 78.52
C LYS F 152 -17.86 -52.81 79.28
N SER F 153 -17.72 -53.52 80.42
CA SER F 153 -16.53 -53.39 81.23
C SER F 153 -15.33 -54.14 80.68
N ILE F 154 -14.14 -53.58 80.95
CA ILE F 154 -12.87 -54.04 80.45
C ILE F 154 -12.54 -55.50 80.71
N SER F 155 -12.84 -56.05 81.90
CA SER F 155 -12.65 -57.45 82.23
C SER F 155 -13.36 -58.38 81.28
N GLU F 156 -14.61 -58.03 80.96
CA GLU F 156 -15.40 -58.71 79.97
C GLU F 156 -14.83 -58.50 78.58
N CYS F 157 -14.47 -57.25 78.21
CA CYS F 157 -13.87 -56.95 76.92
C CYS F 157 -12.55 -57.70 76.65
N LEU F 158 -11.65 -57.74 77.63
CA LEU F 158 -10.45 -58.56 77.62
C LEU F 158 -10.75 -60.05 77.50
N ALA F 159 -11.75 -60.54 78.24
CA ALA F 159 -12.23 -61.90 78.16
C ALA F 159 -12.73 -62.24 76.77
N GLU F 160 -13.55 -61.37 76.13
CA GLU F 160 -13.99 -61.53 74.77
C GLU F 160 -12.86 -61.62 73.78
N GLU F 161 -11.85 -60.74 73.85
CA GLU F 161 -10.68 -60.90 73.01
C GLU F 161 -9.95 -62.22 73.19
N ILE F 162 -9.67 -62.66 74.43
CA ILE F 162 -9.04 -63.95 74.67
C ILE F 162 -9.82 -65.15 74.14
N ILE F 163 -11.13 -65.28 74.42
CA ILE F 163 -11.93 -66.34 73.82
C ILE F 163 -12.02 -66.30 72.31
N ASN F 164 -12.26 -65.12 71.70
CA ASN F 164 -12.36 -65.00 70.26
C ASN F 164 -11.06 -65.31 69.57
N CYS F 165 -9.93 -64.83 70.09
CA CYS F 165 -8.62 -65.21 69.61
C CYS F 165 -8.35 -66.69 69.75
N ALA F 166 -8.71 -67.30 70.89
CA ALA F 166 -8.58 -68.73 71.10
C ALA F 166 -9.38 -69.58 70.13
N ASN F 167 -10.65 -69.22 69.90
CA ASN F 167 -11.48 -69.77 68.85
C ASN F 167 -10.94 -69.60 67.44
N GLU F 168 -10.46 -68.37 67.13
CA GLU F 168 -10.19 -67.82 65.81
C GLU F 168 -11.47 -67.31 65.18
N SER F 169 -11.61 -65.99 65.07
CA SER F 169 -12.87 -65.38 64.70
C SER F 169 -12.61 -63.99 64.20
N SER F 170 -13.59 -63.34 63.55
CA SER F 170 -13.50 -61.95 63.14
C SER F 170 -14.09 -61.06 64.22
N SER F 171 -14.48 -61.65 65.36
CA SER F 171 -14.90 -60.94 66.57
C SER F 171 -13.70 -60.74 67.50
N SER F 172 -12.49 -61.02 66.99
CA SER F 172 -11.23 -60.65 67.61
C SER F 172 -10.53 -59.69 66.68
N TYR F 173 -10.04 -58.59 67.24
CA TYR F 173 -9.12 -57.70 66.58
C TYR F 173 -7.83 -58.39 66.20
N ALA F 174 -7.23 -59.15 67.13
CA ALA F 174 -5.92 -59.76 66.98
C ALA F 174 -5.82 -60.68 65.78
N ILE F 175 -6.78 -61.60 65.60
CA ILE F 175 -6.87 -62.42 64.42
C ILE F 175 -7.05 -61.61 63.14
N LYS F 176 -7.93 -60.59 63.14
CA LYS F 176 -8.12 -59.68 62.02
C LYS F 176 -6.86 -58.95 61.60
N LYS F 177 -6.15 -58.38 62.57
CA LYS F 177 -4.86 -57.76 62.40
C LYS F 177 -3.81 -58.73 61.88
N LYS F 178 -3.74 -59.95 62.46
CA LYS F 178 -2.86 -60.99 61.98
C LYS F 178 -3.15 -61.38 60.54
N ASP F 179 -4.44 -61.54 60.18
CA ASP F 179 -4.89 -61.76 58.83
C ASP F 179 -4.41 -60.65 57.90
N GLU F 180 -4.58 -59.39 58.32
CA GLU F 180 -4.13 -58.24 57.59
C GLU F 180 -2.63 -58.24 57.35
N ILE F 181 -1.83 -58.48 58.41
CA ILE F 181 -0.39 -58.62 58.31
C ILE F 181 0.07 -59.76 57.39
N GLU F 182 -0.49 -60.97 57.59
CA GLU F 182 -0.19 -62.14 56.80
C GLU F 182 -0.55 -62.00 55.33
N ARG F 183 -1.75 -61.44 55.00
CA ARG F 183 -2.12 -61.15 53.64
C ARG F 183 -1.21 -60.16 52.93
N VAL F 184 -0.87 -59.01 53.58
CA VAL F 184 -0.01 -58.00 52.98
C VAL F 184 1.34 -58.56 52.65
N ALA F 185 1.92 -59.32 53.60
CA ALA F 185 3.16 -59.99 53.41
C ALA F 185 3.14 -61.02 52.29
N LYS F 186 2.10 -61.88 52.24
CA LYS F 186 1.92 -62.81 51.15
C LYS F 186 1.80 -62.16 49.78
N ALA F 187 0.97 -61.11 49.67
CA ALA F 187 0.80 -60.29 48.48
C ALA F 187 2.06 -59.58 47.99
N ASN F 188 2.80 -58.89 48.89
CA ASN F 188 4.03 -58.18 48.59
C ASN F 188 5.08 -59.11 47.97
N ARG F 189 5.28 -60.26 48.61
CA ARG F 189 6.34 -61.19 48.34
C ARG F 189 6.01 -62.24 47.25
N VAL G 1 72.30 -33.70 9.95
CA VAL G 1 73.72 -34.08 9.63
C VAL G 1 74.69 -33.47 10.63
N ARG G 2 75.92 -33.96 10.75
CA ARG G 2 76.84 -33.55 11.80
C ARG G 2 77.29 -32.09 11.79
N MET G 3 77.58 -31.51 10.62
CA MET G 3 78.39 -30.30 10.54
C MET G 3 79.70 -30.41 11.30
N SER G 4 80.15 -29.39 12.06
CA SER G 4 81.50 -29.41 12.62
C SER G 4 81.79 -30.60 13.53
N VAL G 5 82.77 -31.42 13.14
CA VAL G 5 83.21 -32.62 13.80
C VAL G 5 83.60 -32.40 15.23
N LEU G 6 84.33 -31.30 15.46
CA LEU G 6 84.99 -30.96 16.69
C LEU G 6 84.00 -30.87 17.82
N ALA G 7 82.87 -30.16 17.61
CA ALA G 7 81.85 -29.95 18.62
C ALA G 7 81.26 -31.24 19.15
N ASP G 8 80.95 -32.20 18.27
CA ASP G 8 80.54 -33.52 18.68
C ASP G 8 81.61 -34.19 19.52
N CYS G 9 82.88 -34.11 19.10
CA CYS G 9 83.92 -34.76 19.85
C CYS G 9 84.08 -34.30 21.28
N LEU G 10 84.17 -32.98 21.52
CA LEU G 10 84.22 -32.48 22.88
C LEU G 10 82.97 -32.79 23.66
N LYS G 11 81.77 -32.64 23.05
CA LYS G 11 80.54 -32.96 23.74
C LYS G 11 80.54 -34.38 24.25
N THR G 12 80.96 -35.31 23.39
CA THR G 12 81.12 -36.70 23.76
C THR G 12 82.09 -36.96 24.88
N ILE G 13 83.30 -36.35 24.82
CA ILE G 13 84.31 -36.48 25.86
C ILE G 13 83.80 -35.97 27.18
N ASN G 14 83.15 -34.80 27.15
CA ASN G 14 82.65 -34.09 28.29
C ASN G 14 81.62 -34.89 29.06
N ASN G 15 80.71 -35.53 28.31
CA ASN G 15 79.75 -36.44 28.90
C ASN G 15 80.43 -37.59 29.57
N ALA G 16 81.38 -38.25 28.91
CA ALA G 16 82.13 -39.31 29.54
C ALA G 16 82.87 -38.90 30.82
N GLU G 17 83.56 -37.75 30.82
CA GLU G 17 84.22 -37.22 32.00
C GLU G 17 83.27 -36.85 33.13
N LYS G 18 82.14 -36.19 32.83
CA LYS G 18 81.13 -35.91 33.84
C LYS G 18 80.58 -37.17 34.46
N ARG G 19 80.29 -38.17 33.62
CA ARG G 19 79.83 -39.46 34.03
C ARG G 19 80.84 -40.30 34.82
N GLY G 20 82.13 -40.18 34.51
CA GLY G 20 83.19 -40.93 35.17
C GLY G 20 83.54 -42.21 34.47
N ARG G 21 83.50 -42.19 33.13
CA ARG G 21 83.69 -43.37 32.33
C ARG G 21 85.12 -43.89 32.17
N ARG G 22 86.16 -43.06 32.38
CA ARG G 22 87.56 -43.44 32.28
C ARG G 22 88.09 -43.56 30.86
N GLN G 23 87.35 -44.19 29.93
CA GLN G 23 87.77 -44.24 28.55
C GLN G 23 86.59 -44.02 27.62
N VAL G 24 86.80 -43.43 26.43
CA VAL G 24 85.70 -43.11 25.54
C VAL G 24 86.14 -43.08 24.10
N LEU G 25 85.21 -43.45 23.19
CA LEU G 25 85.38 -43.64 21.77
C LEU G 25 84.73 -42.53 20.98
N ILE G 26 85.54 -41.62 20.42
CA ILE G 26 85.11 -40.51 19.62
C ILE G 26 84.95 -40.98 18.19
N ARG G 27 83.72 -40.94 17.62
CA ARG G 27 83.48 -41.60 16.34
C ARG G 27 84.08 -40.98 15.08
N PRO G 28 84.02 -39.71 14.73
CA PRO G 28 84.43 -39.32 13.39
C PRO G 28 85.76 -38.62 13.51
N SER G 29 86.89 -39.35 13.39
CA SER G 29 88.22 -38.74 13.47
C SER G 29 88.50 -37.69 12.41
N SER G 30 89.36 -36.70 12.71
CA SER G 30 89.83 -35.79 11.71
C SER G 30 91.12 -35.17 12.14
N LYS G 31 91.78 -34.49 11.21
CA LYS G 31 92.95 -33.68 11.37
C LYS G 31 92.82 -32.68 12.50
N VAL G 32 91.64 -32.03 12.61
CA VAL G 32 91.41 -31.04 13.63
C VAL G 32 91.32 -31.69 14.99
N VAL G 33 90.60 -32.82 15.08
CA VAL G 33 90.46 -33.53 16.33
C VAL G 33 91.79 -34.00 16.87
N ILE G 34 92.66 -34.52 15.99
CA ILE G 34 93.98 -34.97 16.37
C ILE G 34 94.79 -33.85 16.94
N LYS G 35 94.75 -32.69 16.28
CA LYS G 35 95.40 -31.52 16.78
C LYS G 35 94.88 -31.08 18.13
N PHE G 36 93.55 -31.06 18.32
CA PHE G 36 92.94 -30.69 19.58
C PHE G 36 93.31 -31.60 20.74
N LEU G 37 93.21 -32.93 20.54
CA LEU G 37 93.59 -33.87 21.58
C LEU G 37 95.07 -33.75 21.90
N GLN G 38 95.92 -33.64 20.87
CA GLN G 38 97.33 -33.50 21.06
C GLN G 38 97.68 -32.23 21.79
N TYR G 39 97.02 -31.10 21.49
CA TYR G 39 97.21 -29.87 22.20
C TYR G 39 96.79 -30.01 23.66
N MET G 40 95.64 -30.63 23.91
CA MET G 40 95.18 -30.88 25.24
C MET G 40 96.19 -31.72 26.03
N GLN G 41 96.69 -32.79 25.41
CA GLN G 41 97.74 -33.65 25.90
C GLN G 41 99.03 -32.94 26.28
N LYS G 42 99.53 -32.02 25.44
CA LYS G 42 100.71 -31.22 25.71
C LYS G 42 100.64 -30.49 27.04
N LYS G 43 99.45 -30.02 27.42
CA LYS G 43 99.31 -29.22 28.62
C LYS G 43 98.61 -30.00 29.68
N GLY G 44 98.47 -31.32 29.46
CA GLY G 44 98.30 -32.26 30.56
C GLY G 44 96.90 -32.41 31.06
N TYR G 45 95.92 -32.06 30.25
CA TYR G 45 94.52 -32.12 30.64
C TYR G 45 93.83 -33.36 30.10
N ILE G 46 94.55 -34.23 29.38
CA ILE G 46 94.02 -35.50 28.96
C ILE G 46 95.18 -36.43 28.73
N GLY G 47 94.93 -37.75 28.73
CA GLY G 47 96.00 -38.75 28.71
C GLY G 47 96.49 -39.12 27.34
N SER G 48 96.71 -40.42 27.13
CA SER G 48 97.16 -40.96 25.85
C SER G 48 95.96 -41.40 25.06
N PHE G 49 96.00 -41.25 23.74
CA PHE G 49 94.90 -41.64 22.90
C PHE G 49 95.37 -42.48 21.75
N GLU G 50 94.56 -43.45 21.34
CA GLU G 50 94.83 -44.27 20.18
C GLU G 50 93.88 -43.91 19.06
N ILE G 51 94.42 -43.40 17.92
CA ILE G 51 93.64 -43.28 16.71
C ILE G 51 93.72 -44.61 16.00
N VAL G 52 92.56 -45.26 15.86
CA VAL G 52 92.45 -46.51 15.16
C VAL G 52 91.93 -46.19 13.78
N ASP G 53 92.57 -46.80 12.77
CA ASP G 53 92.29 -46.47 11.41
C ASP G 53 91.07 -47.21 10.90
N ASP G 54 90.69 -46.89 9.67
CA ASP G 54 89.59 -47.46 8.99
C ASP G 54 89.95 -47.28 7.52
N HIS G 55 88.96 -47.03 6.68
CA HIS G 55 89.19 -46.43 5.38
C HIS G 55 88.05 -45.51 5.07
N ARG G 56 87.72 -44.58 6.00
CA ARG G 56 86.54 -43.76 5.88
C ARG G 56 86.48 -42.69 6.94
N SER G 57 87.65 -42.13 7.29
CA SER G 57 87.89 -41.46 8.56
C SER G 57 87.98 -42.49 9.66
N GLY G 58 89.05 -42.40 10.48
CA GLY G 58 89.23 -43.30 11.61
C GLY G 58 88.34 -43.00 12.79
N LYS G 59 88.65 -43.65 13.92
CA LYS G 59 88.02 -43.34 15.17
C LYS G 59 89.12 -43.11 16.17
N ILE G 60 88.85 -42.45 17.31
CA ILE G 60 89.86 -42.27 18.32
C ILE G 60 89.30 -42.71 19.64
N VAL G 61 90.14 -43.35 20.45
CA VAL G 61 89.82 -43.82 21.77
C VAL G 61 90.77 -43.15 22.73
N VAL G 62 90.23 -42.27 23.57
CA VAL G 62 90.96 -41.35 24.40
C VAL G 62 90.88 -41.74 25.85
N ASN G 63 92.03 -41.77 26.54
CA ASN G 63 92.08 -42.13 27.94
C ASN G 63 91.87 -40.89 28.78
N LEU G 64 90.85 -40.91 29.63
CA LEU G 64 90.48 -39.80 30.48
C LEU G 64 91.23 -39.90 31.78
N LEU G 65 91.64 -38.77 32.37
CA LEU G 65 92.37 -38.82 33.62
C LEU G 65 91.45 -38.62 34.80
N GLY G 66 90.17 -38.28 34.55
CA GLY G 66 89.27 -37.87 35.62
C GLY G 66 89.58 -36.45 36.06
N ARG G 67 89.73 -35.52 35.11
CA ARG G 67 90.26 -34.22 35.41
C ARG G 67 89.55 -33.10 34.67
N ILE G 68 88.94 -33.34 33.51
CA ILE G 68 88.29 -32.28 32.78
C ILE G 68 86.99 -31.89 33.45
N ASN G 69 86.85 -30.64 33.89
CA ASN G 69 85.62 -30.17 34.49
C ASN G 69 84.61 -29.84 33.41
N LYS G 70 85.04 -29.11 32.38
CA LYS G 70 84.21 -28.83 31.24
C LYS G 70 85.10 -28.57 30.03
N CYS G 71 84.79 -29.20 28.89
CA CYS G 71 85.39 -28.84 27.62
C CYS G 71 84.29 -28.65 26.61
N ALA G 72 84.33 -27.56 25.83
CA ALA G 72 83.37 -27.34 24.77
C ALA G 72 83.96 -26.57 23.61
N VAL G 73 83.17 -26.45 22.53
CA VAL G 73 83.58 -25.83 21.29
C VAL G 73 82.74 -24.61 21.11
N ILE G 74 83.38 -23.51 20.72
CA ILE G 74 82.72 -22.26 20.45
C ILE G 74 82.36 -22.28 18.98
N SER G 75 81.12 -21.92 18.66
CA SER G 75 80.64 -21.95 17.30
C SER G 75 79.73 -20.77 17.12
N PRO G 76 79.58 -20.16 15.95
CA PRO G 76 80.45 -20.30 14.79
C PRO G 76 81.89 -19.97 15.08
N ARG G 77 82.80 -20.20 14.13
CA ARG G 77 84.20 -19.87 14.26
C ARG G 77 84.44 -18.36 14.25
N TYR G 78 84.11 -17.63 15.34
CA TYR G 78 84.32 -16.20 15.43
C TYR G 78 85.77 -15.81 15.18
N ASP G 79 85.96 -14.74 14.38
CA ASP G 79 87.21 -14.03 14.29
C ASP G 79 87.53 -13.33 15.60
N VAL G 80 88.81 -13.12 15.93
CA VAL G 80 89.17 -12.44 17.14
C VAL G 80 90.55 -11.85 17.02
N LYS G 81 90.65 -10.56 17.37
CA LYS G 81 91.87 -9.80 17.37
C LYS G 81 92.81 -10.17 18.51
N LEU G 82 94.12 -9.95 18.31
CA LEU G 82 95.12 -10.18 19.35
C LEU G 82 94.82 -9.35 20.56
N ASP G 83 94.42 -8.10 20.34
CA ASP G 83 93.94 -7.17 21.31
C ASP G 83 92.70 -7.61 22.08
N GLU G 84 91.70 -8.16 21.38
CA GLU G 84 90.48 -8.68 21.98
C GLU G 84 90.63 -9.83 22.95
N ILE G 85 91.76 -10.55 22.94
CA ILE G 85 91.93 -11.81 23.63
C ILE G 85 91.60 -11.75 25.12
N GLU G 86 92.06 -10.70 25.82
CA GLU G 86 91.83 -10.51 27.24
C GLU G 86 90.35 -10.50 27.58
N LYS G 87 89.56 -9.74 26.80
CA LYS G 87 88.14 -9.66 26.98
C LYS G 87 87.42 -10.98 26.74
N ILE G 88 87.85 -11.75 25.73
CA ILE G 88 87.36 -13.10 25.53
C ILE G 88 87.63 -13.99 26.72
N ILE G 89 88.88 -14.04 27.23
CA ILE G 89 89.25 -14.96 28.29
C ILE G 89 88.53 -14.63 29.55
N THR G 90 88.38 -13.34 29.85
CA THR G 90 87.65 -12.90 31.03
C THR G 90 86.23 -13.36 30.97
N SER G 91 85.57 -13.19 29.82
CA SER G 91 84.24 -13.72 29.62
C SER G 91 84.06 -15.23 29.80
N ILE G 92 84.89 -16.06 29.13
CA ILE G 92 84.67 -17.49 29.06
C ILE G 92 85.23 -18.31 30.21
N LEU G 93 86.54 -18.22 30.47
CA LEU G 93 87.25 -19.09 31.37
C LEU G 93 86.88 -18.93 32.83
N PRO G 94 87.03 -19.93 33.68
CA PRO G 94 86.49 -19.89 35.03
C PRO G 94 87.38 -19.10 35.94
N SER G 95 88.57 -18.76 35.48
CA SER G 95 89.52 -18.00 36.25
C SER G 95 90.42 -17.38 35.24
N ARG G 96 91.08 -16.27 35.57
CA ARG G 96 92.12 -15.77 34.73
C ARG G 96 93.34 -16.68 34.75
N LEU G 97 93.66 -17.24 35.93
CA LEU G 97 94.88 -17.98 36.15
C LEU G 97 95.02 -19.31 35.42
N PHE G 98 93.95 -20.12 35.36
CA PHE G 98 94.04 -21.49 34.88
C PHE G 98 92.92 -21.86 33.91
N GLY G 99 93.07 -23.00 33.21
CA GLY G 99 92.21 -23.35 32.08
C GLY G 99 92.66 -22.70 30.81
N HIS G 100 92.17 -23.19 29.66
CA HIS G 100 92.72 -22.81 28.39
C HIS G 100 91.65 -22.47 27.38
N LEU G 101 91.84 -21.34 26.68
CA LEU G 101 91.03 -20.86 25.58
C LEU G 101 91.81 -21.08 24.29
N ILE G 102 91.29 -21.89 23.36
CA ILE G 102 92.03 -22.43 22.24
C ILE G 102 91.68 -21.75 20.93
N LEU G 103 92.68 -21.33 20.14
CA LEU G 103 92.50 -20.61 18.89
C LEU G 103 93.08 -21.37 17.73
N THR G 104 92.71 -20.97 16.49
CA THR G 104 93.39 -21.38 15.28
C THR G 104 94.03 -20.16 14.68
N THR G 105 95.36 -20.18 14.48
CA THR G 105 96.08 -19.01 14.03
C THR G 105 96.87 -19.39 12.80
N PRO G 106 97.36 -18.47 12.01
CA PRO G 106 98.32 -18.74 10.96
C PRO G 106 99.56 -19.48 11.40
N TYR G 107 99.93 -19.45 12.69
CA TYR G 107 101.08 -20.16 13.19
C TYR G 107 100.67 -21.49 13.81
N GLY G 108 99.42 -21.94 13.56
CA GLY G 108 98.90 -23.17 14.14
C GLY G 108 97.87 -22.95 15.22
N ILE G 109 97.27 -24.05 15.66
CA ILE G 109 96.36 -24.06 16.78
C ILE G 109 97.07 -24.03 18.12
N MET G 110 96.73 -23.06 18.97
CA MET G 110 97.32 -22.97 20.28
C MET G 110 96.37 -22.27 21.22
N ASP G 111 96.59 -22.34 22.54
CA ASP G 111 95.92 -21.47 23.49
C ASP G 111 96.37 -20.02 23.48
N HIS G 112 95.61 -19.17 24.20
CA HIS G 112 95.79 -17.76 24.26
C HIS G 112 97.14 -17.30 24.78
N GLU G 113 97.72 -18.00 25.78
CA GLU G 113 98.99 -17.65 26.36
C GLU G 113 100.08 -17.66 25.31
N GLU G 114 100.07 -18.72 24.51
CA GLU G 114 100.94 -18.90 23.38
C GLU G 114 100.76 -17.85 22.31
N ALA G 115 99.49 -17.53 21.98
CA ALA G 115 99.14 -16.54 21.01
C ALA G 115 99.66 -15.16 21.40
N ARG G 116 99.47 -14.82 22.67
CA ARG G 116 99.94 -13.59 23.25
C ARG G 116 101.44 -13.47 23.12
N ARG G 117 102.17 -14.54 23.47
CA ARG G 117 103.61 -14.60 23.32
C ARG G 117 104.09 -14.45 21.89
N LYS G 118 103.51 -15.22 20.97
CA LYS G 118 103.69 -15.11 19.54
C LYS G 118 103.45 -13.73 18.95
N HIS G 119 102.17 -13.34 18.92
CA HIS G 119 101.52 -12.41 17.99
C HIS G 119 100.72 -13.21 16.99
N THR G 120 99.67 -12.58 16.45
CA THR G 120 98.64 -13.11 15.56
C THR G 120 97.38 -13.43 16.29
N GLY G 121 96.27 -12.83 15.82
CA GLY G 121 94.94 -13.24 16.20
C GLY G 121 94.58 -14.51 15.50
N GLY G 122 93.31 -14.87 15.56
CA GLY G 122 92.81 -15.84 14.63
C GLY G 122 91.37 -16.07 14.88
N LYS G 123 90.91 -17.30 14.66
CA LYS G 123 89.57 -17.71 14.97
C LYS G 123 89.56 -18.54 16.23
N VAL G 124 88.53 -18.39 17.07
CA VAL G 124 88.48 -19.13 18.31
C VAL G 124 87.77 -20.46 18.10
N LEU G 125 88.39 -21.55 18.57
CA LEU G 125 87.90 -22.90 18.41
C LEU G 125 87.10 -23.35 19.62
N GLY G 126 87.73 -23.45 20.79
CA GLY G 126 87.00 -23.93 21.95
C GLY G 126 87.77 -23.69 23.19
N PHE G 127 87.45 -24.43 24.25
CA PHE G 127 88.10 -24.20 25.51
C PHE G 127 87.92 -25.39 26.42
N PHE G 128 88.76 -25.47 27.46
CA PHE G 128 88.58 -26.45 28.49
C PHE G 128 89.09 -25.92 29.80
N PHE G 129 88.64 -26.56 30.89
CA PHE G 129 89.11 -26.36 32.23
C PHE G 129 88.64 -27.52 33.14
N LYS H 1 16.07 -69.78 120.67
CA LYS H 1 15.78 -68.43 121.30
C LYS H 1 15.18 -67.42 120.32
N ARG H 2 15.98 -66.48 119.79
CA ARG H 2 15.53 -65.39 118.94
C ARG H 2 16.62 -65.06 117.94
N VAL H 3 16.29 -64.81 116.66
CA VAL H 3 17.22 -64.16 115.73
C VAL H 3 16.52 -62.97 115.08
N GLN H 4 17.28 -61.90 114.74
CA GLN H 4 16.70 -60.76 114.03
C GLN H 4 17.47 -60.50 112.75
N THR H 5 16.74 -60.15 111.69
CA THR H 5 17.24 -59.97 110.34
C THR H 5 16.42 -58.93 109.61
N PHE H 6 16.70 -58.70 108.30
CA PHE H 6 15.98 -57.73 107.52
C PHE H 6 15.75 -58.12 106.06
N GLY H 7 14.92 -57.30 105.40
CA GLY H 7 14.67 -57.29 103.97
C GLY H 7 14.59 -55.85 103.52
N LYS H 8 15.01 -55.56 102.29
CA LYS H 8 15.24 -54.23 101.78
C LYS H 8 15.03 -54.22 100.28
N LYS H 9 13.87 -53.70 99.81
CA LYS H 9 13.59 -53.49 98.40
C LYS H 9 13.17 -52.05 98.22
N LYS H 10 13.82 -51.33 97.28
CA LYS H 10 13.72 -49.89 97.15
C LYS H 10 14.05 -49.20 98.46
N THR H 11 13.24 -48.24 98.94
CA THR H 11 13.60 -47.55 100.19
C THR H 11 12.92 -48.17 101.41
N ALA H 12 12.05 -49.18 101.21
CA ALA H 12 11.53 -49.98 102.30
C ALA H 12 12.57 -50.74 103.11
N VAL H 13 12.36 -50.89 104.43
CA VAL H 13 13.09 -51.85 105.22
C VAL H 13 12.07 -52.60 106.09
N ALA H 14 12.18 -53.93 106.13
CA ALA H 14 11.33 -54.76 106.94
C ALA H 14 12.20 -55.60 107.83
N VAL H 15 12.11 -55.42 109.15
CA VAL H 15 12.89 -56.19 110.11
C VAL H 15 12.06 -57.39 110.48
N ALA H 16 12.66 -58.59 110.48
CA ALA H 16 12.01 -59.80 110.88
C ALA H 16 12.66 -60.33 112.16
N THR H 17 11.82 -60.61 113.17
CA THR H 17 12.23 -61.21 114.44
C THR H 17 11.67 -62.60 114.55
N VAL H 18 12.52 -63.62 114.57
CA VAL H 18 12.10 -65.01 114.58
C VAL H 18 12.47 -65.62 115.92
N THR H 19 11.45 -65.82 116.78
CA THR H 19 11.58 -66.35 118.13
C THR H 19 10.90 -67.70 118.31
N ASN H 20 11.20 -68.44 119.41
CA ASN H 20 10.48 -69.65 119.82
C ASN H 20 9.05 -69.37 120.24
N GLY H 21 8.08 -70.06 119.63
CA GLY H 21 6.68 -69.80 119.91
C GLY H 21 5.76 -70.90 119.43
N LYS H 22 4.74 -70.53 118.62
CA LYS H 22 3.58 -71.36 118.42
C LYS H 22 3.00 -71.20 117.01
N GLY H 23 3.38 -70.15 116.26
CA GLY H 23 2.90 -69.90 114.90
C GLY H 23 2.10 -68.62 114.79
N LEU H 24 2.25 -67.71 115.76
CA LEU H 24 1.65 -66.40 115.73
C LEU H 24 2.58 -65.44 114.97
N ILE H 25 2.03 -64.71 113.99
CA ILE H 25 2.81 -63.81 113.16
C ILE H 25 2.18 -62.44 113.17
N LYS H 26 2.88 -61.41 113.67
CA LYS H 26 2.37 -60.06 113.55
C LYS H 26 3.28 -59.11 112.78
N LEU H 27 2.65 -58.05 112.24
CA LEU H 27 3.22 -56.99 111.44
C LEU H 27 2.91 -55.69 112.14
N ASN H 28 3.93 -55.08 112.79
CA ASN H 28 3.75 -54.09 113.84
C ASN H 28 2.84 -54.67 114.93
N GLY H 29 1.81 -53.92 115.39
CA GLY H 29 0.90 -54.43 116.42
C GLY H 29 -0.16 -55.36 115.88
N LYS H 30 -0.17 -55.60 114.57
CA LYS H 30 -1.35 -56.00 113.85
C LYS H 30 -1.13 -57.33 113.13
N ASN H 31 -2.18 -58.19 113.04
CA ASN H 31 -2.05 -59.51 112.45
C ASN H 31 -1.65 -59.49 110.96
N LEU H 32 -0.99 -60.56 110.51
CA LEU H 32 -0.35 -60.66 109.22
C LEU H 32 -1.24 -60.43 108.00
N ASP H 33 -2.53 -60.81 108.05
CA ASP H 33 -3.46 -60.63 106.94
C ASP H 33 -3.80 -59.17 106.62
N LEU H 34 -3.60 -58.26 107.58
CA LEU H 34 -4.17 -56.93 107.58
C LEU H 34 -3.39 -55.89 106.74
N VAL H 35 -2.71 -56.33 105.66
CA VAL H 35 -1.77 -55.54 104.86
C VAL H 35 -2.39 -54.97 103.58
N GLU H 36 -3.65 -55.38 103.31
CA GLU H 36 -4.51 -54.91 102.24
C GLU H 36 -4.37 -55.62 100.88
N PRO H 37 -3.67 -55.21 99.80
CA PRO H 37 -3.96 -55.67 98.43
C PRO H 37 -3.95 -57.17 98.23
N TYR H 38 -5.05 -57.79 97.79
CA TYR H 38 -5.21 -59.24 97.80
C TYR H 38 -4.20 -59.96 96.95
N ILE H 39 -3.85 -59.37 95.79
CA ILE H 39 -2.85 -59.89 94.89
C ILE H 39 -1.47 -59.98 95.55
N LEU H 40 -1.00 -58.86 96.14
CA LEU H 40 0.29 -58.84 96.81
C LEU H 40 0.32 -59.53 98.16
N LYS H 41 -0.85 -59.75 98.80
CA LYS H 41 -1.05 -60.61 99.94
C LYS H 41 -0.48 -62.00 99.75
N THR H 42 -0.81 -62.60 98.59
CA THR H 42 -0.37 -63.94 98.21
C THR H 42 1.13 -64.08 98.14
N LYS H 43 1.83 -63.06 97.65
CA LYS H 43 3.27 -62.94 97.67
C LYS H 43 3.90 -63.04 99.06
N VAL H 44 3.22 -62.57 100.10
CA VAL H 44 3.78 -62.56 101.43
C VAL H 44 3.45 -63.87 102.11
N TYR H 45 2.31 -64.49 101.75
CA TYR H 45 1.99 -65.84 102.15
C TYR H 45 2.84 -66.89 101.45
N GLU H 46 3.31 -66.61 100.21
CA GLU H 46 4.15 -67.46 99.38
C GLU H 46 5.25 -68.23 100.11
N PRO H 47 6.12 -67.73 101.01
CA PRO H 47 7.11 -68.54 101.70
C PRO H 47 6.47 -69.57 102.63
N LEU H 48 5.32 -69.27 103.26
CA LEU H 48 4.61 -70.21 104.09
C LEU H 48 4.11 -71.42 103.30
N TRP H 49 3.68 -71.20 102.05
CA TRP H 49 3.20 -72.23 101.16
C TRP H 49 4.33 -73.06 100.58
N LEU H 50 5.50 -72.47 100.30
CA LEU H 50 6.68 -73.24 99.95
C LEU H 50 7.26 -74.09 101.09
N ILE H 51 6.98 -73.77 102.37
CA ILE H 51 7.66 -74.44 103.48
C ILE H 51 6.69 -75.28 104.34
N GLY H 52 5.40 -75.36 103.94
CA GLY H 52 4.34 -75.95 104.76
C GLY H 52 4.10 -75.30 106.13
N SER H 53 3.14 -75.82 106.90
CA SER H 53 2.67 -75.15 108.11
C SER H 53 3.32 -75.65 109.38
N GLY H 54 4.12 -76.72 109.32
CA GLY H 54 4.72 -77.30 110.52
C GLY H 54 5.86 -76.49 111.08
N LYS H 55 6.68 -75.93 110.19
CA LYS H 55 7.91 -75.25 110.54
C LYS H 55 7.69 -73.98 111.34
N LEU H 56 6.63 -73.23 110.98
CA LEU H 56 6.22 -72.04 111.72
C LEU H 56 5.52 -72.37 113.03
N LYS H 57 5.02 -73.62 113.22
CA LYS H 57 4.24 -73.97 114.38
C LYS H 57 5.07 -74.02 115.66
N ASN H 58 6.41 -74.11 115.53
CA ASN H 58 7.30 -74.04 116.66
C ASN H 58 7.77 -72.61 116.94
N LEU H 59 7.46 -71.63 116.08
CA LEU H 59 8.12 -70.34 116.13
C LEU H 59 7.12 -69.19 116.02
N ASP H 60 7.27 -68.13 116.84
CA ASP H 60 6.49 -66.91 116.67
C ASP H 60 7.34 -65.88 115.95
N ILE H 61 6.70 -65.13 115.05
CA ILE H 61 7.37 -64.19 114.16
C ILE H 61 6.81 -62.80 114.36
N ARG H 62 7.69 -61.81 114.54
CA ARG H 62 7.25 -60.46 114.68
C ARG H 62 7.97 -59.65 113.62
N ILE H 63 7.28 -58.70 112.99
CA ILE H 63 7.78 -57.96 111.85
C ILE H 63 7.58 -56.49 112.12
N ARG H 64 8.58 -55.66 111.78
CA ARG H 64 8.47 -54.21 111.85
C ARG H 64 8.81 -53.61 110.51
N VAL H 65 7.88 -52.95 109.84
CA VAL H 65 8.11 -52.41 108.50
C VAL H 65 8.14 -50.89 108.58
N LYS H 66 9.22 -50.27 108.07
CA LYS H 66 9.35 -48.83 108.05
C LYS H 66 9.78 -48.43 106.65
N GLY H 67 9.32 -47.26 106.17
CA GLY H 67 9.74 -46.66 104.90
C GLY H 67 9.27 -47.34 103.64
N GLY H 68 9.46 -46.63 102.50
CA GLY H 68 9.03 -47.08 101.19
C GLY H 68 7.53 -47.17 100.99
N GLY H 69 7.09 -47.21 99.73
CA GLY H 69 5.70 -47.43 99.39
C GLY H 69 5.24 -48.86 99.37
N GLN H 70 4.08 -49.09 98.76
CA GLN H 70 3.26 -50.27 98.89
C GLN H 70 3.92 -51.52 98.33
N THR H 71 4.40 -51.46 97.08
CA THR H 71 5.04 -52.56 96.39
C THR H 71 6.34 -52.87 97.07
N SER H 72 7.09 -51.79 97.39
CA SER H 72 8.36 -51.92 98.06
C SER H 72 8.31 -52.61 99.42
N GLN H 73 7.33 -52.26 100.26
CA GLN H 73 7.06 -52.94 101.51
C GLN H 73 6.77 -54.42 101.37
N ILE H 74 5.91 -54.80 100.41
CA ILE H 74 5.56 -56.20 100.19
C ILE H 74 6.76 -57.06 99.87
N TYR H 75 7.61 -56.61 98.93
CA TYR H 75 8.83 -57.31 98.61
C TYR H 75 9.78 -57.38 99.78
N ALA H 76 9.96 -56.27 100.52
CA ALA H 76 10.78 -56.24 101.70
C ALA H 76 10.31 -57.21 102.78
N ILE H 77 8.99 -57.29 103.04
CA ILE H 77 8.44 -58.31 103.90
C ILE H 77 8.75 -59.72 103.43
N ARG H 78 8.53 -60.00 102.12
CA ARG H 78 8.74 -61.32 101.53
C ARG H 78 10.19 -61.78 101.70
N GLN H 79 11.10 -60.85 101.38
CA GLN H 79 12.52 -60.99 101.55
C GLN H 79 12.93 -61.20 103.01
N ALA H 80 12.38 -60.41 103.94
CA ALA H 80 12.69 -60.55 105.33
C ALA H 80 12.28 -61.88 105.96
N ILE H 81 11.11 -62.42 105.59
CA ILE H 81 10.66 -63.74 106.04
C ILE H 81 11.60 -64.84 105.58
N GLY H 82 12.03 -64.77 104.31
CA GLY H 82 13.03 -65.66 103.73
C GLY H 82 14.31 -65.69 104.52
N LYS H 83 14.96 -64.54 104.62
CA LYS H 83 16.17 -64.30 105.39
C LYS H 83 16.04 -64.73 106.86
N GLY H 84 14.87 -64.49 107.47
CA GLY H 84 14.56 -64.92 108.82
C GLY H 84 14.55 -66.41 109.01
N ILE H 85 13.68 -67.14 108.29
CA ILE H 85 13.59 -68.60 108.37
C ILE H 85 14.93 -69.30 108.20
N ILE H 86 15.68 -68.95 107.14
CA ILE H 86 16.96 -69.57 106.86
C ILE H 86 18.00 -69.26 107.92
N SER H 87 18.11 -67.99 108.37
CA SER H 87 19.06 -67.63 109.42
C SER H 87 18.80 -68.30 110.76
N TYR H 88 17.52 -68.50 111.15
CA TYR H 88 17.17 -69.16 112.39
C TYR H 88 17.61 -70.62 112.39
N TYR H 89 17.46 -71.32 111.25
CA TYR H 89 17.88 -72.70 111.13
C TYR H 89 19.39 -72.86 111.11
N GLN H 90 20.15 -71.80 110.77
CA GLN H 90 21.59 -71.86 110.79
C GLN H 90 22.16 -71.66 112.20
N LYS H 91 21.45 -70.94 113.08
CA LYS H 91 21.98 -70.72 114.41
C LYS H 91 21.47 -71.77 115.36
N TYR H 92 20.23 -72.24 115.16
CA TYR H 92 19.55 -73.00 116.18
C TYR H 92 19.27 -74.41 115.71
N VAL H 93 18.64 -74.61 114.53
CA VAL H 93 18.14 -75.95 114.20
C VAL H 93 19.20 -76.94 113.70
N ASP H 94 19.89 -76.66 112.57
CA ASP H 94 20.69 -77.63 111.85
C ASP H 94 21.08 -77.06 110.48
N GLU H 95 22.39 -77.04 110.17
CA GLU H 95 22.94 -76.62 108.90
C GLU H 95 22.52 -77.44 107.66
N SER H 96 22.47 -78.80 107.71
CA SER H 96 21.95 -79.61 106.61
C SER H 96 20.50 -79.34 106.25
N THR H 97 19.61 -79.29 107.26
CA THR H 97 18.19 -78.91 107.14
C THR H 97 18.04 -77.51 106.58
N LYS H 98 18.86 -76.56 107.06
CA LYS H 98 18.90 -75.22 106.56
C LYS H 98 19.30 -75.19 105.10
N LYS H 99 20.34 -75.94 104.69
CA LYS H 99 20.75 -76.08 103.31
C LYS H 99 19.67 -76.62 102.40
N GLU H 100 18.95 -77.67 102.83
CA GLU H 100 17.78 -78.17 102.16
C GLU H 100 16.69 -77.11 101.96
N LEU H 101 16.38 -76.37 103.02
CA LEU H 101 15.42 -75.28 103.02
C LEU H 101 15.80 -74.14 102.07
N LYS H 102 17.08 -73.74 102.11
CA LYS H 102 17.71 -72.74 101.28
C LYS H 102 17.66 -73.14 99.82
N ASP H 103 17.93 -74.43 99.53
CA ASP H 103 17.78 -75.02 98.22
C ASP H 103 16.34 -74.87 97.72
N VAL H 104 15.31 -75.18 98.53
CA VAL H 104 13.91 -75.01 98.15
C VAL H 104 13.60 -73.56 97.79
N LEU H 105 13.97 -72.61 98.66
CA LEU H 105 13.80 -71.21 98.36
C LEU H 105 14.56 -70.71 97.14
N LEU H 106 15.85 -71.07 96.98
CA LEU H 106 16.65 -70.75 95.82
C LEU H 106 16.11 -71.32 94.51
N ARG H 107 15.67 -72.58 94.54
CA ARG H 107 15.06 -73.27 93.45
C ARG H 107 13.81 -72.57 92.94
N TYR H 108 12.93 -72.11 93.84
CA TYR H 108 11.87 -71.21 93.43
C TYR H 108 12.33 -69.83 92.92
N ASP H 109 12.97 -68.99 93.76
CA ASP H 109 13.45 -67.66 93.36
C ASP H 109 14.60 -67.08 94.21
N ARG H 110 15.55 -66.37 93.55
CA ARG H 110 16.66 -65.73 94.22
C ARG H 110 16.27 -64.37 94.77
N SER H 111 15.18 -63.79 94.26
CA SER H 111 14.63 -62.50 94.71
C SER H 111 14.22 -62.51 96.17
N LEU H 112 13.65 -63.61 96.65
CA LEU H 112 13.36 -63.83 98.05
C LEU H 112 14.60 -63.75 98.94
N LEU H 113 15.70 -64.39 98.51
CA LEU H 113 16.92 -64.46 99.26
C LEU H 113 17.63 -63.11 99.40
N VAL H 114 17.82 -62.40 98.27
CA VAL H 114 18.57 -61.17 98.21
C VAL H 114 17.77 -60.18 97.41
N GLY H 115 17.49 -59.00 98.00
CA GLY H 115 16.76 -57.94 97.34
C GLY H 115 17.34 -57.42 96.04
N ASP H 116 16.46 -57.00 95.11
CA ASP H 116 16.83 -56.23 93.96
C ASP H 116 17.41 -54.87 94.36
N THR H 117 18.54 -54.46 93.77
CA THR H 117 19.27 -53.29 94.25
C THR H 117 18.96 -52.06 93.46
N ARG H 118 18.00 -52.13 92.52
CA ARG H 118 17.58 -50.96 91.80
C ARG H 118 17.05 -49.87 92.70
N ARG H 119 17.45 -48.63 92.39
CA ARG H 119 17.20 -47.47 93.19
C ARG H 119 17.26 -46.35 92.18
N CYS H 120 16.84 -45.15 92.55
CA CYS H 120 16.75 -44.04 91.64
C CYS H 120 18.02 -43.58 90.95
N GLU H 121 17.93 -43.20 89.67
CA GLU H 121 18.91 -42.41 88.99
C GLU H 121 18.56 -40.95 89.28
N PRO H 122 19.43 -40.11 89.83
CA PRO H 122 19.18 -38.70 90.10
C PRO H 122 18.57 -37.87 88.98
N LYS H 123 17.75 -36.85 89.30
CA LYS H 123 17.37 -35.82 88.35
C LYS H 123 18.56 -34.99 87.91
N LYS H 124 18.61 -34.63 86.64
CA LYS H 124 19.68 -33.81 86.12
C LYS H 124 19.01 -32.65 85.43
N PHE H 125 19.41 -31.40 85.74
CA PHE H 125 18.88 -30.20 85.11
C PHE H 125 18.68 -30.26 83.59
N GLY H 126 17.77 -29.44 83.05
CA GLY H 126 17.39 -29.47 81.63
C GLY H 126 16.20 -30.33 81.31
N GLY H 127 15.47 -30.78 82.33
CA GLY H 127 14.26 -31.57 82.13
C GLY H 127 13.72 -32.05 83.43
N LYS H 128 12.40 -32.28 83.49
CA LYS H 128 11.74 -32.75 84.70
C LYS H 128 12.19 -34.15 85.09
N GLY H 129 12.33 -35.06 84.11
CA GLY H 129 12.77 -36.43 84.36
C GLY H 129 14.20 -36.61 84.83
N ALA H 130 14.58 -37.88 85.10
CA ALA H 130 15.94 -38.27 85.38
C ALA H 130 16.87 -38.11 84.19
N ARG H 131 16.39 -38.46 82.99
CA ARG H 131 17.11 -38.29 81.76
C ARG H 131 16.30 -37.49 80.77
N ALA H 132 14.97 -37.53 80.85
CA ALA H 132 14.08 -36.81 79.98
C ALA H 132 14.34 -35.31 79.97
N ARG H 133 14.08 -34.65 78.85
CA ARG H 133 14.48 -33.28 78.63
C ARG H 133 13.28 -32.42 78.31
N TYR H 134 13.39 -31.11 78.45
CA TYR H 134 12.41 -30.19 77.91
C TYR H 134 12.24 -30.30 76.39
N GLN H 135 11.03 -30.06 75.85
CA GLN H 135 10.82 -30.14 74.42
C GLN H 135 11.54 -29.04 73.64
N LYS H 136 12.47 -29.41 72.74
CA LYS H 136 13.18 -28.47 71.92
C LYS H 136 12.35 -28.12 70.69
N SER H 137 12.49 -26.92 70.12
CA SER H 137 11.75 -26.56 68.93
C SER H 137 12.53 -25.58 68.11
N TYR H 138 12.35 -25.61 66.78
CA TYR H 138 13.04 -24.71 65.87
C TYR H 138 12.10 -23.59 65.37
N ARG I 1 36.65 -52.43 76.05
CA ARG I 1 37.07 -52.22 77.46
C ARG I 1 38.58 -52.05 77.56
N VAL I 2 39.35 -53.13 77.31
CA VAL I 2 40.79 -53.15 77.15
C VAL I 2 41.66 -52.47 78.20
N ARG I 3 42.99 -52.43 78.00
CA ARG I 3 43.93 -51.89 78.97
C ARG I 3 44.85 -50.85 78.35
N THR I 4 44.96 -49.67 78.98
CA THR I 4 45.76 -48.54 78.48
C THR I 4 47.25 -48.74 78.58
N LYS I 5 48.06 -47.80 78.02
CA LYS I 5 49.50 -47.85 78.07
C LYS I 5 50.02 -47.89 79.47
N THR I 6 49.59 -46.98 80.37
CA THR I 6 49.94 -47.01 81.78
C THR I 6 49.76 -48.35 82.45
N ILE I 7 48.62 -49.02 82.22
CA ILE I 7 48.38 -50.34 82.73
C ILE I 7 49.28 -51.40 82.11
N LYS I 8 49.30 -51.50 80.77
CA LYS I 8 50.16 -52.43 80.07
C LYS I 8 51.63 -52.28 80.40
N ARG I 9 52.15 -51.04 80.40
CA ARG I 9 53.52 -50.72 80.71
C ARG I 9 53.92 -51.18 82.08
N ALA I 10 53.06 -50.90 83.08
CA ALA I 10 53.26 -51.40 84.42
C ALA I 10 53.25 -52.92 84.48
N ALA I 11 52.32 -53.54 83.76
CA ALA I 11 52.19 -54.96 83.70
C ALA I 11 53.45 -55.63 83.20
N ARG I 12 54.04 -55.12 82.12
CA ARG I 12 55.35 -55.49 81.61
C ARG I 12 56.50 -55.30 82.60
N GLN I 13 56.62 -54.14 83.27
CA GLN I 13 57.58 -53.91 84.35
C GLN I 13 57.55 -54.89 85.50
N ILE I 14 56.37 -55.14 86.09
CA ILE I 14 56.17 -56.31 86.93
C ILE I 14 56.32 -57.54 86.03
N VAL I 15 56.70 -58.72 86.53
CA VAL I 15 57.30 -59.77 85.70
C VAL I 15 58.75 -59.45 85.40
N GLU I 16 59.08 -58.28 84.82
CA GLU I 16 60.46 -57.88 84.53
C GLU I 16 61.34 -57.96 85.77
N LYS I 17 60.85 -57.48 86.92
CA LYS I 17 61.66 -57.49 88.12
C LYS I 17 61.21 -58.61 89.08
N TYR I 18 60.09 -59.30 88.82
CA TYR I 18 59.57 -60.25 89.80
C TYR I 18 58.93 -61.50 89.20
N TYR I 19 59.41 -61.96 88.02
CA TYR I 19 58.88 -63.14 87.33
C TYR I 19 58.82 -64.38 88.22
N ALA I 20 59.91 -64.65 88.98
CA ALA I 20 60.04 -65.87 89.74
C ALA I 20 58.95 -66.06 90.78
N LYS I 21 58.59 -64.99 91.50
CA LYS I 21 57.50 -64.99 92.45
C LYS I 21 56.14 -65.11 91.78
N LEU I 22 55.91 -64.38 90.67
CA LEU I 22 54.64 -64.40 89.98
C LEU I 22 54.23 -65.77 89.48
N THR I 23 52.91 -65.98 89.43
CA THR I 23 52.38 -67.33 89.37
C THR I 23 51.01 -67.29 88.72
N LEU I 24 50.33 -68.43 88.59
CA LEU I 24 49.14 -68.56 87.79
C LEU I 24 47.85 -68.39 88.60
N ASP I 25 47.92 -67.73 89.76
CA ASP I 25 46.76 -67.33 90.55
C ASP I 25 46.69 -65.81 90.63
N PHE I 26 45.48 -65.29 90.44
CA PHE I 26 45.17 -63.88 90.41
C PHE I 26 45.34 -63.28 91.79
N GLN I 27 44.78 -63.89 92.85
CA GLN I 27 44.93 -63.41 94.21
C GLN I 27 46.38 -63.32 94.67
N ILE I 28 47.20 -64.37 94.44
CA ILE I 28 48.64 -64.31 94.70
C ILE I 28 49.34 -63.22 93.91
N ASN I 29 49.04 -63.07 92.62
CA ASN I 29 49.58 -61.99 91.82
C ASN I 29 49.23 -60.61 92.37
N LYS I 30 47.97 -60.42 92.78
CA LYS I 30 47.46 -59.23 93.42
C LYS I 30 48.21 -58.93 94.70
N LYS I 31 48.48 -59.96 95.52
CA LYS I 31 49.35 -59.82 96.67
C LYS I 31 50.75 -59.33 96.30
N ILE I 32 51.37 -59.92 95.26
CA ILE I 32 52.65 -59.47 94.76
C ILE I 32 52.64 -58.02 94.26
N THR I 33 51.64 -57.62 93.47
CA THR I 33 51.52 -56.24 93.02
C THR I 33 51.37 -55.25 94.15
N GLU I 34 50.56 -55.57 95.16
CA GLU I 34 50.39 -54.77 96.35
C GLU I 34 51.69 -54.52 97.12
N GLU I 35 52.49 -55.58 97.34
CA GLU I 35 53.84 -55.45 97.82
C GLU I 35 54.80 -54.63 96.96
N VAL I 36 54.79 -54.86 95.64
CA VAL I 36 55.81 -54.31 94.75
C VAL I 36 55.48 -52.91 94.29
N ALA I 37 54.27 -52.67 93.79
CA ALA I 37 53.91 -51.46 93.11
C ALA I 37 53.61 -50.29 94.02
N ILE I 38 53.55 -49.08 93.45
CA ILE I 38 53.34 -47.85 94.21
C ILE I 38 51.99 -47.24 93.88
N ILE I 39 51.13 -47.97 93.14
CA ILE I 39 49.83 -47.53 92.67
C ILE I 39 48.88 -47.11 93.82
N PRO I 40 48.06 -46.05 93.75
CA PRO I 40 47.41 -45.52 94.95
C PRO I 40 45.97 -45.96 95.04
N SER I 41 45.42 -46.58 93.98
CA SER I 41 44.02 -46.94 93.92
C SER I 41 43.87 -48.44 93.85
N LYS I 42 42.89 -48.97 94.61
CA LYS I 42 42.52 -50.37 94.69
C LYS I 42 42.19 -50.95 93.32
N ARG I 43 41.29 -50.26 92.60
CA ARG I 43 40.83 -50.63 91.27
C ARG I 43 41.98 -50.75 90.30
N MET I 44 42.90 -49.78 90.30
CA MET I 44 44.09 -49.78 89.49
C MET I 44 45.06 -50.92 89.81
N LYS I 45 45.32 -51.20 91.10
CA LYS I 45 46.13 -52.33 91.52
C LYS I 45 45.56 -53.65 91.03
N ASN I 46 44.26 -53.86 91.21
CA ASN I 46 43.54 -55.00 90.70
C ASN I 46 43.68 -55.15 89.18
N LYS I 47 43.47 -54.06 88.43
CA LYS I 47 43.61 -54.01 86.99
C LYS I 47 44.99 -54.46 86.51
N VAL I 48 46.06 -53.92 87.14
CA VAL I 48 47.43 -54.33 86.90
C VAL I 48 47.66 -55.80 87.21
N ALA I 49 47.20 -56.27 88.38
CA ALA I 49 47.31 -57.65 88.77
C ALA I 49 46.62 -58.59 87.80
N GLY I 50 45.39 -58.25 87.39
CA GLY I 50 44.67 -58.97 86.36
C GLY I 50 45.42 -59.10 85.07
N PHE I 51 45.95 -57.99 84.54
CA PHE I 51 46.72 -58.06 83.31
C PHE I 51 48.06 -58.79 83.43
N VAL I 52 48.78 -58.66 84.56
CA VAL I 52 49.99 -59.44 84.79
C VAL I 52 49.69 -60.92 84.86
N THR I 53 48.56 -61.29 85.49
CA THR I 53 48.05 -62.65 85.49
C THR I 53 47.75 -63.14 84.11
N HIS I 54 47.10 -62.31 83.29
CA HIS I 54 46.82 -62.66 81.92
C HIS I 54 48.07 -62.87 81.08
N LEU I 55 49.10 -62.01 81.20
CA LEU I 55 50.37 -62.24 80.53
C LEU I 55 51.09 -63.51 80.97
N MET I 56 51.15 -63.76 82.28
CA MET I 56 51.68 -64.97 82.84
C MET I 56 50.97 -66.23 82.35
N LYS I 57 49.63 -66.19 82.33
CA LYS I 57 48.82 -67.20 81.70
C LYS I 57 49.11 -67.40 80.22
N ARG I 58 49.24 -66.31 79.44
CA ARG I 58 49.62 -66.36 78.04
C ARG I 58 50.95 -67.07 77.77
N ILE I 59 52.02 -66.78 78.53
CA ILE I 59 53.29 -67.51 78.36
C ILE I 59 53.18 -69.01 78.62
N GLN I 60 54.05 -69.79 77.96
CA GLN I 60 54.01 -71.23 77.78
C GLN I 60 53.26 -71.62 76.50
N LYS I 61 53.27 -70.69 75.53
CA LYS I 61 52.89 -70.94 74.15
C LYS I 61 53.86 -70.15 73.27
N GLY I 62 55.14 -70.14 73.65
CA GLY I 62 56.19 -69.34 73.04
C GLY I 62 56.21 -67.90 73.49
N PRO I 63 57.21 -67.13 73.08
CA PRO I 63 57.43 -65.75 73.51
C PRO I 63 56.28 -64.78 73.54
N VAL I 64 56.31 -63.85 74.52
CA VAL I 64 55.29 -62.85 74.78
C VAL I 64 55.65 -61.48 74.23
N ARG I 65 56.73 -61.42 73.43
CA ARG I 65 57.17 -60.23 72.71
C ARG I 65 57.58 -59.09 73.64
N GLY I 66 58.37 -59.48 74.66
CA GLY I 66 58.91 -58.59 75.67
C GLY I 66 59.49 -59.44 76.76
N ILE I 67 60.30 -58.81 77.64
CA ILE I 67 60.85 -59.39 78.86
C ILE I 67 61.90 -60.49 78.64
N SER I 68 63.17 -60.23 79.05
CA SER I 68 64.24 -61.24 79.08
C SER I 68 63.92 -62.39 80.04
N LEU I 69 64.19 -63.64 79.63
CA LEU I 69 63.84 -64.77 80.46
C LEU I 69 64.75 -65.96 80.31
N LYS I 70 65.02 -66.62 81.45
CA LYS I 70 65.89 -67.79 81.59
C LYS I 70 65.39 -68.98 80.82
N LEU I 71 64.06 -69.04 80.66
CA LEU I 71 63.37 -70.10 79.98
C LEU I 71 63.74 -70.15 78.51
N GLN I 72 63.81 -68.96 77.86
CA GLN I 72 64.31 -68.77 76.52
C GLN I 72 65.75 -69.22 76.34
N GLU I 73 66.64 -68.89 77.28
CA GLU I 73 68.03 -69.30 77.21
C GLU I 73 68.18 -70.82 77.16
N GLU I 74 67.44 -71.52 78.03
CA GLU I 74 67.33 -72.96 77.98
C GLU I 74 66.71 -73.48 76.68
N GLU I 75 65.60 -72.85 76.23
CA GLU I 75 64.95 -73.12 74.96
C GLU I 75 65.91 -73.01 73.77
N ARG I 76 66.74 -71.95 73.74
CA ARG I 76 67.79 -71.72 72.77
C ARG I 76 68.80 -72.85 72.77
N GLU I 77 69.20 -73.33 73.95
CA GLU I 77 70.00 -74.53 74.12
C GLU I 77 69.32 -75.76 73.49
N ARG I 78 68.02 -75.99 73.74
CA ARG I 78 67.28 -77.03 73.03
C ARG I 78 67.27 -76.86 71.52
N ARG I 79 67.04 -75.62 71.05
CA ARG I 79 67.03 -75.20 69.66
C ARG I 79 68.31 -75.43 68.86
N LEU I 80 69.49 -75.12 69.42
CA LEU I 80 70.76 -75.21 68.73
C LEU I 80 71.19 -76.60 68.23
N ASP I 81 71.09 -77.69 69.02
CA ASP I 81 71.45 -79.03 68.56
C ASP I 81 70.69 -80.09 69.41
N TYR I 95 76.09 -87.33 38.11
CA TYR I 95 76.10 -86.78 39.51
C TYR I 95 75.23 -85.53 39.61
N VAL I 96 75.81 -84.32 39.47
CA VAL I 96 75.10 -83.06 39.48
C VAL I 96 74.59 -82.68 38.09
N GLU I 97 73.88 -81.54 37.99
CA GLU I 97 73.30 -80.96 36.78
C GLU I 97 74.29 -80.63 35.66
N PRO I 98 73.94 -80.74 34.38
CA PRO I 98 74.90 -80.84 33.27
C PRO I 98 75.80 -79.63 33.13
N ASP I 99 75.24 -78.42 33.00
CA ASP I 99 76.02 -77.21 32.86
C ASP I 99 76.80 -76.91 34.13
N THR I 100 76.24 -77.22 35.30
CA THR I 100 76.96 -77.00 36.56
C THR I 100 78.21 -77.86 36.59
N LEU I 101 78.15 -79.11 36.08
CA LEU I 101 79.33 -79.95 35.90
C LEU I 101 80.33 -79.35 34.93
N ARG I 102 79.85 -78.79 33.81
CA ARG I 102 80.68 -78.10 32.85
C ARG I 102 81.41 -76.91 33.45
N MET I 103 80.73 -76.10 34.27
CA MET I 103 81.36 -75.05 35.03
C MET I 103 82.45 -75.54 35.96
N ILE I 104 82.21 -76.60 36.76
CA ILE I 104 83.19 -77.19 37.65
C ILE I 104 84.43 -77.65 36.92
N LYS I 105 84.23 -78.31 35.77
CA LYS I 105 85.27 -78.72 34.86
C LYS I 105 86.09 -77.56 34.33
N SER I 106 85.41 -76.46 33.92
CA SER I 106 86.03 -75.24 33.44
C SER I 106 86.92 -74.56 34.45
N LEU I 107 86.45 -74.45 35.71
CA LEU I 107 87.19 -73.87 36.80
C LEU I 107 88.47 -74.63 37.14
N GLY I 108 88.35 -75.92 37.49
CA GLY I 108 89.49 -76.77 37.80
C GLY I 108 89.92 -76.65 39.27
N VAL J 1 43.73 49.47 122.05
CA VAL J 1 42.90 48.27 121.64
C VAL J 1 43.58 46.90 121.76
N THR J 2 44.93 46.81 121.84
CA THR J 2 45.58 45.49 121.78
C THR J 2 45.55 44.73 123.10
N ALA J 3 45.26 45.43 124.22
CA ALA J 3 45.05 44.81 125.51
C ALA J 3 43.76 43.99 125.61
N ILE J 4 42.80 44.22 124.69
CA ILE J 4 41.63 43.40 124.43
C ILE J 4 41.94 42.32 123.40
N GLN J 5 42.51 42.72 122.25
CA GLN J 5 42.87 41.85 121.13
C GLN J 5 43.60 40.57 121.50
N LYS J 6 44.49 40.58 122.52
CA LYS J 6 45.21 39.36 122.92
C LYS J 6 44.26 38.36 123.59
N VAL J 7 43.40 38.82 124.54
CA VAL J 7 42.34 38.03 125.13
C VAL J 7 41.36 37.50 124.08
N ILE J 8 40.94 38.35 123.11
CA ILE J 8 40.17 37.97 121.93
C ILE J 8 40.81 36.88 121.08
N LYS J 9 42.12 36.98 120.77
CA LYS J 9 42.86 35.93 120.09
C LYS J 9 42.93 34.62 120.88
N ASN J 10 43.11 34.69 122.21
CA ASN J 10 43.03 33.51 123.06
C ASN J 10 41.61 32.88 123.03
N ALA J 11 40.58 33.73 123.05
CA ALA J 11 39.18 33.38 123.00
C ALA J 11 38.73 32.81 121.66
N HIS J 12 39.29 33.28 120.51
CA HIS J 12 39.15 32.66 119.20
C HIS J 12 39.56 31.19 119.22
N VAL J 13 40.84 30.92 119.58
CA VAL J 13 41.39 29.57 119.53
C VAL J 13 40.70 28.63 120.52
N HIS J 14 40.38 29.10 121.74
CA HIS J 14 39.58 28.33 122.68
C HIS J 14 38.05 28.43 122.51
N ASP J 15 37.56 28.96 121.37
CA ASP J 15 36.14 29.13 121.02
C ASP J 15 35.41 30.27 121.76
N GLY J 16 34.78 31.23 121.01
CA GLY J 16 34.35 32.49 121.62
C GLY J 16 33.20 33.26 121.01
N LEU J 17 32.82 33.08 119.72
CA LEU J 17 31.83 33.95 119.08
C LEU J 17 31.10 33.36 117.85
N LYS J 18 29.93 33.92 117.46
CA LYS J 18 29.10 33.43 116.36
C LYS J 18 28.18 34.54 115.80
N ILE J 19 27.77 34.44 114.52
CA ILE J 19 26.75 35.26 113.86
C ILE J 19 25.88 34.24 113.08
N GLY J 20 24.61 34.54 112.67
CA GLY J 20 23.80 33.56 111.94
C GLY J 20 22.31 33.70 112.09
N ILE J 21 21.71 34.71 111.42
CA ILE J 21 20.30 35.13 111.41
C ILE J 21 19.23 34.33 112.17
N ARG J 22 18.57 33.31 111.56
CA ARG J 22 17.58 32.44 112.19
C ARG J 22 18.03 31.77 113.49
N GLU J 23 19.25 31.20 113.48
CA GLU J 23 19.86 30.56 114.63
C GLU J 23 20.10 31.56 115.74
N VAL J 24 20.57 32.77 115.41
CA VAL J 24 20.80 33.85 116.36
C VAL J 24 19.52 34.44 116.94
N ILE J 25 18.43 34.68 116.16
CA ILE J 25 17.15 35.14 116.73
C ILE J 25 16.58 34.14 117.73
N LYS J 26 16.47 32.86 117.35
CA LYS J 26 15.98 31.86 118.28
C LYS J 26 16.88 31.63 119.52
N SER J 27 18.22 31.59 119.37
CA SER J 27 19.14 31.38 120.50
C SER J 27 19.37 32.54 121.47
N ILE J 28 19.25 33.81 121.01
CA ILE J 28 19.32 35.01 121.84
C ILE J 28 18.13 35.14 122.78
N GLU J 29 16.88 34.93 122.29
CA GLU J 29 15.65 35.47 122.86
C GLU J 29 15.33 34.91 124.26
N SER J 30 15.51 33.60 124.54
CA SER J 30 15.60 33.11 125.92
C SER J 30 16.97 33.44 126.56
N GLN J 31 17.14 34.68 127.05
CA GLN J 31 18.41 35.34 127.34
C GLN J 31 19.37 34.78 128.39
N GLU J 32 20.69 34.91 128.10
CA GLU J 32 21.74 34.96 129.10
C GLU J 32 22.96 35.61 128.45
N ALA J 33 23.62 34.90 127.52
CA ALA J 33 24.76 35.32 126.70
C ALA J 33 25.98 35.84 127.46
N LYS J 34 26.35 35.20 128.59
CA LYS J 34 27.45 35.59 129.49
C LYS J 34 27.71 37.11 129.66
N VAL J 35 28.90 37.61 129.27
CA VAL J 35 29.29 39.02 129.29
C VAL J 35 30.17 39.29 128.06
N CYS J 36 30.10 40.50 127.47
CA CYS J 36 30.77 40.86 126.24
C CYS J 36 31.49 42.20 126.37
N PHE J 37 32.41 42.49 125.44
CA PHE J 37 33.07 43.79 125.34
C PHE J 37 32.17 44.84 124.67
N LEU J 38 32.32 46.12 125.04
CA LEU J 38 31.56 47.20 124.42
C LEU J 38 32.39 48.45 124.27
N SER J 39 31.99 49.34 123.33
CA SER J 39 32.93 50.35 122.87
C SER J 39 32.27 51.57 122.27
N ASP J 40 33.14 52.53 121.92
CA ASP J 40 32.93 53.80 121.27
C ASP J 40 32.27 53.73 119.89
N VAL J 41 32.74 52.83 119.01
CA VAL J 41 32.19 52.68 117.66
C VAL J 41 30.85 51.98 117.63
N CYS J 42 30.48 51.28 118.71
CA CYS J 42 29.16 50.70 118.87
C CYS J 42 28.12 51.79 119.08
N SER J 43 27.40 52.14 118.00
CA SER J 43 26.46 53.26 117.94
C SER J 43 25.26 53.12 118.85
N GLU J 44 24.67 51.92 118.89
CA GLU J 44 23.43 51.64 119.58
C GLU J 44 23.52 51.76 121.11
N PRO J 45 22.59 52.41 121.82
CA PRO J 45 22.72 52.57 123.26
C PRO J 45 22.01 51.40 123.91
N ALA J 46 21.10 50.75 123.17
CA ALA J 46 20.45 49.52 123.58
C ALA J 46 21.40 48.33 123.63
N TYR J 47 22.54 48.37 122.87
CA TYR J 47 23.67 47.47 123.07
C TYR J 47 24.26 47.55 124.48
N LYS J 48 24.66 48.76 124.89
CA LYS J 48 25.17 49.08 126.20
C LYS J 48 24.20 48.73 127.34
N LYS J 49 22.91 49.09 127.18
CA LYS J 49 21.83 48.72 128.09
C LYS J 49 21.71 47.23 128.37
N LEU J 50 21.79 46.38 127.33
CA LEU J 50 21.71 44.94 127.47
C LEU J 50 22.90 44.35 128.23
N ILE J 51 24.15 44.68 127.83
CA ILE J 51 25.37 44.26 128.50
C ILE J 51 25.38 44.63 129.97
N THR J 52 25.33 45.94 130.29
CA THR J 52 25.35 46.41 131.68
C THR J 52 24.28 45.80 132.57
N THR J 53 23.00 45.73 132.15
CA THR J 53 21.94 45.04 132.87
C THR J 53 22.20 43.57 133.15
N LEU J 54 22.68 42.81 132.17
CA LEU J 54 22.96 41.39 132.33
C LEU J 54 24.24 41.12 133.14
N CYS J 55 25.16 42.10 133.23
CA CYS J 55 26.47 41.91 133.85
C CYS J 55 26.39 42.05 135.37
N ALA J 56 25.28 42.59 135.91
CA ALA J 56 25.26 43.07 137.27
C ALA J 56 24.90 42.04 138.34
N GLU J 57 23.97 41.11 138.08
CA GLU J 57 23.45 40.19 139.08
C GLU J 57 24.33 38.93 139.28
N MET J 64 35.42 44.87 130.81
CA MET J 64 34.45 45.23 129.73
C MET J 64 34.90 46.31 128.73
N VAL J 65 35.78 47.26 129.13
CA VAL J 65 36.30 48.35 128.31
C VAL J 65 36.94 47.91 126.99
N GLN J 66 36.58 48.55 125.86
CA GLN J 66 37.13 48.23 124.55
C GLN J 66 37.02 49.45 123.66
N ASN J 67 37.88 49.52 122.62
CA ASN J 67 37.87 50.55 121.59
C ASN J 67 37.77 49.87 120.24
N ASP J 68 36.97 50.41 119.30
CA ASP J 68 36.86 49.89 117.94
C ASP J 68 36.40 48.41 117.84
N SER J 69 35.29 48.01 118.51
CA SER J 69 34.77 46.62 118.47
C SER J 69 34.40 46.14 117.07
N LYS J 70 33.77 47.01 116.28
CA LYS J 70 33.23 46.69 114.96
C LYS J 70 34.20 46.01 114.02
N ASP J 71 35.45 46.50 113.88
CA ASP J 71 36.42 45.99 112.92
C ASP J 71 36.79 44.52 113.13
N LEU J 72 37.03 44.14 114.39
CA LEU J 72 37.14 42.77 114.86
C LEU J 72 35.90 41.93 114.57
N GLY J 73 34.69 42.51 114.76
CA GLY J 73 33.41 41.95 114.33
C GLY J 73 33.33 41.62 112.86
N HIS J 74 33.46 42.62 111.96
CA HIS J 74 33.62 42.46 110.51
C HIS J 74 34.53 41.34 110.08
N TRP J 75 35.80 41.33 110.53
CA TRP J 75 36.72 40.24 110.21
C TRP J 75 36.20 38.83 110.59
N ALA J 76 35.45 38.68 111.70
CA ALA J 76 34.73 37.46 112.04
C ALA J 76 33.54 37.07 111.15
N GLY J 77 33.14 37.95 110.20
CA GLY J 77 32.05 37.70 109.27
C GLY J 77 32.44 37.71 107.82
N LEU J 78 33.51 38.45 107.46
CA LEU J 78 34.04 38.53 106.11
C LEU J 78 35.52 38.18 106.09
N PHE J 79 35.87 37.04 105.46
CA PHE J 79 37.23 36.62 105.22
C PHE J 79 37.37 36.33 103.70
N ILE J 90 21.72 39.51 107.88
CA ILE J 90 22.95 40.21 107.35
C ILE J 90 24.23 39.79 108.06
N ILE J 91 25.40 40.31 107.63
CA ILE J 91 26.67 40.11 108.31
C ILE J 91 27.22 41.43 108.89
N GLY J 92 26.58 42.57 108.53
CA GLY J 92 27.11 43.91 108.79
C GLY J 92 26.86 44.49 110.14
N ALA J 93 26.08 43.81 110.99
CA ALA J 93 25.77 44.27 112.34
C ALA J 93 26.99 44.41 113.24
N SER J 94 27.95 43.47 113.11
CA SER J 94 29.30 43.51 113.69
C SER J 94 29.39 43.08 115.13
N SER J 95 28.40 42.30 115.62
CA SER J 95 28.33 41.79 116.99
C SER J 95 29.54 40.98 117.39
N VAL J 96 30.20 41.36 118.51
CA VAL J 96 31.32 40.59 119.06
C VAL J 96 30.87 39.24 119.62
N ALA J 97 29.67 39.18 120.25
CA ALA J 97 28.96 37.97 120.60
C ALA J 97 29.74 36.97 121.46
N VAL J 98 30.38 37.46 122.54
CA VAL J 98 31.21 36.66 123.44
C VAL J 98 30.45 35.57 124.19
N VAL J 99 30.89 34.32 124.00
CA VAL J 99 30.54 33.16 124.80
C VAL J 99 31.84 32.62 125.38
N ASP J 100 31.78 31.89 126.51
CA ASP J 100 32.97 31.52 127.26
C ASP J 100 33.99 30.64 126.52
N PHE J 101 35.29 30.93 126.76
CA PHE J 101 36.41 30.23 126.18
C PHE J 101 37.24 29.50 127.22
N GLY J 102 36.82 29.50 128.50
CA GLY J 102 37.57 28.90 129.59
C GLY J 102 38.24 29.91 130.48
N GLU J 103 39.42 29.55 131.02
CA GLU J 103 40.11 30.19 132.11
C GLU J 103 40.49 31.67 131.94
N ASP J 104 40.45 32.42 133.07
CA ASP J 104 40.86 33.81 133.16
C ASP J 104 42.03 33.94 134.13
N SER J 105 43.07 34.70 133.76
CA SER J 105 44.25 34.92 134.60
C SER J 105 44.78 36.33 134.42
N ALA J 106 45.61 36.80 135.37
CA ALA J 106 46.27 38.10 135.43
C ALA J 106 45.58 39.31 134.80
N GLU J 107 46.22 39.97 133.81
CA GLU J 107 45.71 41.20 133.24
C GLU J 107 44.50 40.96 132.34
N LYS J 108 44.34 39.73 131.82
CA LYS J 108 43.17 39.26 131.10
C LYS J 108 41.93 39.31 131.99
N ASP J 109 41.94 38.56 133.13
CA ASP J 109 40.91 38.61 134.16
C ASP J 109 40.59 40.03 134.60
N PHE J 110 41.64 40.82 134.93
CA PHE J 110 41.51 42.23 135.24
C PHE J 110 40.67 43.04 134.24
N LEU J 111 41.16 43.21 133.00
CA LEU J 111 40.46 43.89 131.92
C LEU J 111 39.05 43.42 131.60
N LEU J 112 38.76 42.11 131.57
CA LEU J 112 37.39 41.64 131.40
C LEU J 112 36.47 42.02 132.54
N SER J 113 36.89 41.77 133.79
CA SER J 113 36.08 41.96 134.99
C SER J 113 35.64 43.39 135.21
N GLN J 114 36.57 44.36 135.13
CA GLN J 114 36.26 45.76 135.30
C GLN J 114 35.46 46.35 134.08
N TYR K 1 21.31 23.60 104.36
CA TYR K 1 22.13 23.74 105.62
C TYR K 1 23.22 22.67 105.75
N SER K 2 22.93 21.52 106.42
CA SER K 2 23.83 20.36 106.58
C SER K 2 25.09 20.65 107.40
N TYR K 3 24.97 21.42 108.50
CA TYR K 3 26.02 21.64 109.48
C TYR K 3 26.46 20.39 110.24
N ILE K 4 27.76 20.30 110.58
CA ILE K 4 28.31 19.26 111.43
C ILE K 4 28.89 19.97 112.65
N PRO K 5 28.38 19.78 113.88
CA PRO K 5 28.88 20.45 115.08
C PRO K 5 30.37 20.45 115.30
N LYS K 6 30.92 21.56 115.83
CA LYS K 6 32.34 21.74 116.09
C LYS K 6 32.91 20.68 117.02
N GLN K 7 32.19 20.39 118.11
CA GLN K 7 32.47 19.27 118.96
C GLN K 7 32.46 17.93 118.25
N ASN K 8 31.48 17.66 117.37
CA ASN K 8 31.39 16.43 116.61
C ASN K 8 32.57 16.24 115.67
N LYS K 9 32.97 17.29 114.94
CA LYS K 9 34.12 17.26 114.08
C LYS K 9 35.40 16.96 114.86
N LYS K 10 35.59 17.67 115.99
CA LYS K 10 36.67 17.43 116.93
C LYS K 10 36.70 16.00 117.47
N LEU K 11 35.56 15.45 117.90
CA LEU K 11 35.42 14.07 118.32
C LEU K 11 35.78 13.07 117.23
N ILE K 12 35.33 13.25 115.98
CA ILE K 12 35.73 12.41 114.87
C ILE K 12 37.25 12.47 114.65
N TYR K 13 37.85 13.67 114.66
CA TYR K 13 39.29 13.82 114.54
C TYR K 13 40.05 13.12 115.66
N GLU K 14 39.57 13.31 116.90
CA GLU K 14 40.13 12.75 118.11
C GLU K 14 40.10 11.24 118.08
N TYR K 15 38.96 10.65 117.68
CA TYR K 15 38.79 9.23 117.50
C TYR K 15 39.80 8.69 116.51
N LEU K 16 39.96 9.39 115.37
CA LEU K 16 40.92 9.00 114.36
C LEU K 16 42.36 9.02 114.88
N PHE K 17 42.76 10.07 115.61
CA PHE K 17 44.03 10.10 116.31
C PHE K 17 44.22 9.01 117.38
N LYS K 18 43.22 8.81 118.25
CA LYS K 18 43.27 7.87 119.35
C LYS K 18 43.47 6.42 118.94
N GLU K 19 42.73 6.00 117.90
CA GLU K 19 42.79 4.70 117.30
C GLU K 19 44.02 4.58 116.38
N GLY K 20 44.05 5.47 115.37
CA GLY K 20 44.97 5.50 114.25
C GLY K 20 44.22 5.20 112.98
N VAL K 21 43.03 4.60 113.10
CA VAL K 21 42.25 4.09 111.99
C VAL K 21 40.74 4.30 112.17
N ILE K 22 39.97 4.38 111.06
CA ILE K 22 38.51 4.36 111.14
C ILE K 22 37.85 3.51 110.06
N VAL K 23 36.95 2.59 110.48
CA VAL K 23 36.10 1.79 109.62
C VAL K 23 34.75 2.50 109.50
N VAL K 24 34.63 3.45 108.55
CA VAL K 24 33.43 4.29 108.43
C VAL K 24 32.18 3.53 107.99
N GLU K 25 32.32 2.61 107.00
CA GLU K 25 31.22 1.93 106.31
C GLU K 25 30.51 2.83 105.29
N LYS K 26 30.40 2.36 104.02
CA LYS K 26 29.97 3.18 102.91
C LYS K 26 28.56 3.75 103.03
N ASP K 27 27.59 2.92 103.46
CA ASP K 27 26.18 3.30 103.51
C ASP K 27 25.88 4.51 104.39
N ALA K 28 24.96 5.38 103.93
CA ALA K 28 24.71 6.65 104.58
C ALA K 28 23.37 6.72 105.26
N LYS K 29 22.48 5.73 105.07
CA LYS K 29 21.17 5.76 105.70
C LYS K 29 21.18 4.96 107.00
N ILE K 30 22.29 4.26 107.31
CA ILE K 30 22.58 3.75 108.65
C ILE K 30 22.87 4.91 109.62
N PRO K 31 22.34 5.02 110.84
CA PRO K 31 22.33 6.33 111.49
C PRO K 31 23.55 6.56 112.35
N ARG K 32 24.13 5.54 113.01
CA ARG K 32 25.24 5.74 113.93
C ARG K 32 26.39 4.84 113.59
N HIS K 33 27.63 5.17 114.04
CA HIS K 33 28.71 4.21 114.12
C HIS K 33 28.56 3.42 115.41
N PRO K 34 28.90 2.15 115.57
CA PRO K 34 28.86 1.50 116.86
C PRO K 34 29.72 2.14 117.94
N HIS K 35 30.88 2.72 117.59
CA HIS K 35 31.73 3.39 118.57
C HIS K 35 31.77 4.89 118.41
N LEU K 36 30.92 5.50 117.55
CA LEU K 36 30.58 6.91 117.71
C LEU K 36 29.11 7.10 117.40
N ASN K 37 28.36 7.70 118.34
CA ASN K 37 26.93 7.92 118.16
C ASN K 37 26.69 9.21 117.41
N VAL K 38 27.21 9.22 116.18
CA VAL K 38 27.35 10.33 115.28
C VAL K 38 26.65 9.98 113.97
N PRO K 39 25.86 10.85 113.30
CA PRO K 39 25.44 10.66 111.92
C PRO K 39 26.51 10.17 110.95
N ASN K 40 26.34 8.97 110.35
CA ASN K 40 27.30 8.41 109.41
C ASN K 40 27.55 9.26 108.19
N LEU K 41 26.51 9.96 107.71
CA LEU K 41 26.62 10.89 106.60
C LEU K 41 27.61 12.01 106.90
N HIS K 42 27.55 12.61 108.11
CA HIS K 42 28.54 13.57 108.55
C HIS K 42 29.95 12.99 108.60
N ILE K 43 30.15 11.77 109.16
CA ILE K 43 31.47 11.14 109.22
C ILE K 43 32.05 10.91 107.83
N MET K 44 31.22 10.43 106.91
CA MET K 44 31.56 10.25 105.53
C MET K 44 31.96 11.55 104.82
N MET K 45 31.19 12.64 104.99
CA MET K 45 31.53 13.94 104.41
C MET K 45 32.89 14.45 104.84
N THR K 46 33.16 14.44 106.15
CA THR K 46 34.44 14.87 106.67
C THR K 46 35.59 13.99 106.25
N LEU K 47 35.43 12.65 106.27
CA LEU K 47 36.46 11.78 105.76
C LEU K 47 36.76 11.99 104.28
N LYS K 48 35.72 12.19 103.44
CA LYS K 48 35.89 12.50 102.04
C LYS K 48 36.75 13.75 101.81
N SER K 49 36.41 14.84 102.51
CA SER K 49 37.21 16.05 102.54
C SER K 49 38.63 15.88 103.00
N LEU K 50 38.83 15.15 104.11
CA LEU K 50 40.13 14.86 104.68
C LEU K 50 41.02 14.10 103.74
N LYS K 51 40.48 13.07 103.07
CA LYS K 51 41.20 12.38 102.02
C LYS K 51 41.56 13.30 100.87
N SER K 52 40.61 14.15 100.43
CA SER K 52 40.86 15.16 99.43
C SER K 52 42.01 16.10 99.74
N ARG K 53 42.14 16.54 101.01
CA ARG K 53 43.27 17.31 101.47
C ARG K 53 44.55 16.48 101.64
N ASN K 54 44.44 15.14 101.63
CA ASN K 54 45.53 14.17 101.53
C ASN K 54 46.16 13.86 102.87
N TYR K 55 45.38 14.01 103.93
CA TYR K 55 45.83 13.77 105.28
C TYR K 55 45.36 12.41 105.77
N VAL K 56 44.44 11.77 105.04
CA VAL K 56 44.00 10.44 105.36
C VAL K 56 43.88 9.64 104.08
N GLU K 57 44.32 8.38 104.12
CA GLU K 57 44.29 7.42 103.03
C GLU K 57 43.26 6.33 103.30
N GLU K 58 42.46 5.94 102.28
CA GLU K 58 41.52 4.85 102.41
C GLU K 58 41.93 3.72 101.49
N LYS K 59 41.80 2.48 102.00
CA LYS K 59 42.14 1.29 101.26
C LYS K 59 40.96 0.84 100.41
N TYR K 60 39.75 0.82 101.02
CA TYR K 60 38.50 0.42 100.43
C TYR K 60 38.39 -1.07 100.07
N ASN K 61 37.35 -1.73 100.60
CA ASN K 61 36.92 -3.04 100.20
C ASN K 61 35.41 -2.92 100.22
N TRP K 62 34.66 -3.91 99.69
CA TRP K 62 33.21 -3.84 99.58
C TRP K 62 32.47 -3.36 100.83
N LYS K 63 31.77 -2.21 100.68
CA LYS K 63 31.01 -1.50 101.71
C LYS K 63 31.81 -0.88 102.86
N HIS K 64 33.15 -0.92 102.85
CA HIS K 64 33.93 -0.49 104.00
C HIS K 64 35.21 0.21 103.58
N GLN K 65 35.50 1.36 104.23
CA GLN K 65 36.49 2.30 103.73
C GLN K 65 37.90 2.00 104.20
N TYR K 66 38.09 1.66 105.48
CA TYR K 66 39.41 1.40 106.05
C TYR K 66 40.38 2.58 105.97
N PHE K 67 40.12 3.68 106.70
CA PHE K 67 40.90 4.90 106.60
C PHE K 67 42.02 4.93 107.63
N ILE K 68 43.25 5.12 107.15
CA ILE K 68 44.48 5.32 107.89
C ILE K 68 45.06 6.70 107.64
N LEU K 69 45.47 7.43 108.68
CA LEU K 69 46.03 8.77 108.56
C LEU K 69 47.47 8.79 108.06
N ASN K 70 47.75 9.66 107.07
CA ASN K 70 49.10 10.16 106.78
C ASN K 70 49.74 10.81 108.01
N ASN K 71 51.09 10.81 108.13
CA ASN K 71 51.77 11.31 109.31
C ASN K 71 51.53 12.79 109.53
N GLU K 72 51.50 13.56 108.42
CA GLU K 72 51.12 14.95 108.41
C GLU K 72 49.70 15.16 108.92
N GLY K 73 48.78 14.25 108.54
CA GLY K 73 47.43 14.21 109.07
C GLY K 73 47.35 13.98 110.54
N ILE K 74 48.14 13.03 111.07
CA ILE K 74 48.19 12.70 112.49
C ILE K 74 48.58 13.92 113.33
N GLU K 75 49.66 14.62 112.95
CA GLU K 75 50.00 15.90 113.54
C GLU K 75 48.96 17.01 113.40
N TYR K 76 48.39 17.19 112.19
CA TYR K 76 47.42 18.23 111.85
C TYR K 76 46.17 18.19 112.71
N LEU K 77 45.58 16.99 112.88
CA LEU K 77 44.32 16.74 113.57
C LEU K 77 44.27 17.19 115.03
N ARG K 78 45.41 17.19 115.75
CA ARG K 78 45.49 17.59 117.14
C ARG K 78 44.90 18.97 117.44
N GLU K 79 45.18 19.99 116.61
CA GLU K 79 44.65 21.34 116.78
C GLU K 79 43.28 21.55 116.06
N ARG L 1 -16.30 -63.88 100.67
CA ARG L 1 -15.38 -62.69 100.49
C ARG L 1 -14.54 -62.34 101.71
N LEU L 2 -15.19 -61.92 102.81
CA LEU L 2 -14.53 -61.41 104.00
C LEU L 2 -13.68 -62.49 104.68
N LEU L 3 -14.22 -63.72 104.79
CA LEU L 3 -13.50 -64.91 105.20
C LEU L 3 -12.70 -65.48 104.04
N GLU L 4 -11.47 -65.95 104.34
CA GLU L 4 -10.58 -66.60 103.41
C GLU L 4 -9.78 -67.64 104.22
N PRO L 5 -9.26 -68.72 103.66
CA PRO L 5 -8.43 -69.65 104.42
C PRO L 5 -7.10 -69.02 104.80
N VAL L 6 -6.58 -69.39 105.97
CA VAL L 6 -5.48 -68.69 106.61
C VAL L 6 -4.31 -69.64 106.80
N PRO L 7 -3.06 -69.26 106.61
CA PRO L 7 -1.95 -70.20 106.77
C PRO L 7 -1.13 -69.85 108.00
N PHE L 8 -1.70 -69.14 108.99
CA PHE L 8 -0.99 -68.78 110.22
C PHE L 8 -2.00 -68.54 111.35
N VAL L 9 -1.54 -68.34 112.60
CA VAL L 9 -2.41 -68.27 113.78
C VAL L 9 -2.85 -66.85 114.15
N LYS L 10 -4.15 -66.52 113.93
CA LYS L 10 -4.77 -65.28 114.39
C LYS L 10 -4.96 -65.21 115.90
N THR L 11 -4.99 -63.99 116.49
CA THR L 11 -5.08 -63.80 117.94
C THR L 11 -6.42 -63.30 118.47
N ASN L 12 -7.15 -62.44 117.72
CA ASN L 12 -8.46 -61.89 118.06
C ASN L 12 -8.59 -61.27 119.45
N ASN L 13 -7.58 -60.54 119.94
CA ASN L 13 -7.60 -59.96 121.28
C ASN L 13 -7.75 -58.45 121.27
N CYS L 14 -7.76 -57.79 120.10
CA CYS L 14 -7.69 -56.32 120.02
C CYS L 14 -8.23 -55.83 118.68
N ILE L 15 -8.38 -54.49 118.52
CA ILE L 15 -8.72 -53.85 117.26
C ILE L 15 -7.62 -54.05 116.22
N LYS L 16 -6.40 -54.32 116.71
CA LYS L 16 -5.24 -54.60 115.89
C LYS L 16 -5.27 -56.02 115.32
N ASP L 17 -6.32 -56.77 115.63
CA ASP L 17 -6.45 -58.14 115.23
C ASP L 17 -7.65 -58.29 114.29
N VAL L 18 -8.28 -57.17 113.90
CA VAL L 18 -9.44 -57.17 113.05
C VAL L 18 -9.37 -56.00 112.07
N ASP L 19 -9.77 -56.25 110.81
CA ASP L 19 -9.80 -55.29 109.73
C ASP L 19 -10.58 -54.03 110.05
N ALA L 20 -10.02 -52.87 109.69
CA ALA L 20 -10.60 -51.57 109.94
C ALA L 20 -12.06 -51.39 109.59
N ASP L 21 -12.46 -51.74 108.36
CA ASP L 21 -13.75 -51.37 107.82
C ASP L 21 -14.94 -52.00 108.52
N LEU L 22 -14.93 -53.33 108.72
CA LEU L 22 -16.02 -54.04 109.39
C LEU L 22 -16.26 -53.56 110.80
N PHE L 23 -15.17 -53.42 111.56
CA PHE L 23 -15.17 -52.84 112.88
C PHE L 23 -15.72 -51.43 112.85
N ILE L 24 -15.22 -50.58 111.94
CA ILE L 24 -15.67 -49.22 111.80
C ILE L 24 -17.15 -49.09 111.47
N ARG L 25 -17.66 -49.80 110.45
CA ARG L 25 -19.06 -49.73 110.05
C ARG L 25 -19.99 -50.19 111.17
N SER L 26 -19.69 -51.36 111.76
CA SER L 26 -20.49 -51.89 112.85
C SER L 26 -20.50 -50.96 114.06
N TYR L 27 -19.35 -50.42 114.46
CA TYR L 27 -19.25 -49.51 115.58
C TYR L 27 -19.99 -48.21 115.32
N ALA L 28 -19.90 -47.66 114.10
CA ALA L 28 -20.65 -46.51 113.67
C ALA L 28 -22.15 -46.73 113.76
N THR L 29 -22.61 -47.87 113.22
CA THR L 29 -24.01 -48.28 113.25
C THR L 29 -24.53 -48.45 114.67
N HIS L 30 -23.74 -49.11 115.53
CA HIS L 30 -24.01 -49.30 116.95
C HIS L 30 -24.12 -47.99 117.69
N LEU L 31 -23.18 -47.06 117.46
CA LEU L 31 -23.16 -45.75 118.05
C LEU L 31 -24.40 -44.93 117.74
N LYS L 32 -24.80 -44.87 116.45
CA LYS L 32 -26.03 -44.22 116.05
C LYS L 32 -27.27 -44.85 116.64
N LEU L 33 -27.35 -46.19 116.64
CA LEU L 33 -28.42 -46.97 117.22
C LEU L 33 -28.64 -46.66 118.70
N HIS L 34 -27.55 -46.68 119.47
CA HIS L 34 -27.51 -46.31 120.87
C HIS L 34 -27.88 -44.86 121.12
N ASN L 35 -27.36 -43.95 120.27
CA ASN L 35 -27.70 -42.54 120.22
C ASN L 35 -26.84 -41.75 121.22
N LYS L 36 -25.63 -42.27 121.50
CA LYS L 36 -24.72 -41.65 122.43
C LYS L 36 -24.23 -40.29 121.96
N ILE L 37 -23.91 -40.18 120.66
CA ILE L 37 -23.36 -38.99 120.04
C ILE L 37 -24.37 -38.43 119.07
N THR L 38 -24.57 -37.10 119.07
CA THR L 38 -25.55 -36.41 118.25
C THR L 38 -25.13 -36.27 116.79
N TYR L 39 -26.05 -35.86 115.89
CA TYR L 39 -25.74 -35.75 114.46
C TYR L 39 -24.62 -34.75 114.11
N PRO L 40 -24.49 -33.57 114.71
CA PRO L 40 -25.54 -32.63 115.07
C PRO L 40 -26.13 -31.97 113.84
N LYS L 41 -27.26 -31.26 113.97
CA LYS L 41 -28.07 -30.78 112.86
C LYS L 41 -27.34 -29.88 111.86
N TRP L 42 -26.47 -28.97 112.33
CA TRP L 42 -25.77 -28.05 111.44
C TRP L 42 -24.77 -28.76 110.55
N CYS L 43 -24.34 -29.95 110.95
CA CYS L 43 -23.29 -30.69 110.30
C CYS L 43 -23.66 -31.20 108.91
N THR L 44 -24.97 -31.28 108.59
CA THR L 44 -25.41 -31.78 107.30
C THR L 44 -25.18 -30.80 106.15
N PHE L 45 -24.92 -29.50 106.44
CA PHE L 45 -24.83 -28.46 105.42
C PHE L 45 -23.40 -28.15 104.96
N VAL L 46 -22.40 -28.87 105.47
CA VAL L 46 -21.01 -28.55 105.27
C VAL L 46 -20.24 -29.75 104.74
N LYS L 47 -19.03 -29.51 104.22
CA LYS L 47 -18.18 -30.53 103.66
C LYS L 47 -17.15 -31.03 104.65
N THR L 48 -16.67 -32.27 104.43
CA THR L 48 -15.60 -32.88 105.22
C THR L 48 -14.28 -32.14 105.08
N GLY L 49 -13.95 -31.68 103.86
CA GLY L 49 -12.74 -30.90 103.60
C GLY L 49 -12.78 -30.36 102.21
N LYS L 50 -11.85 -29.46 101.85
CA LYS L 50 -11.99 -28.65 100.64
C LYS L 50 -11.65 -29.43 99.42
N GLY L 51 -11.00 -30.60 99.60
CA GLY L 51 -10.70 -31.52 98.52
C GLY L 51 -11.93 -32.18 97.97
N ARG L 52 -13.03 -32.15 98.74
CA ARG L 52 -14.29 -32.64 98.24
C ARG L 52 -14.94 -31.65 97.27
N LYS L 53 -15.01 -30.36 97.66
CA LYS L 53 -15.69 -29.30 96.91
C LYS L 53 -17.12 -29.70 96.47
N LEU L 54 -17.82 -30.41 97.36
CA LEU L 54 -19.11 -30.99 97.12
C LEU L 54 -19.69 -31.34 98.47
N ALA L 55 -21.00 -31.64 98.56
CA ALA L 55 -21.64 -32.20 99.73
C ALA L 55 -21.08 -33.59 100.10
N PRO L 56 -21.04 -34.00 101.36
CA PRO L 56 -20.51 -35.31 101.75
C PRO L 56 -21.31 -36.44 101.15
N LEU L 57 -22.63 -36.25 100.97
CA LEU L 57 -23.48 -37.09 100.13
C LEU L 57 -23.46 -38.59 100.47
N ASN L 58 -23.65 -38.92 101.76
CA ASN L 58 -23.63 -40.32 102.17
C ASN L 58 -24.32 -40.60 103.50
N GLU L 59 -25.00 -39.59 104.11
CA GLU L 59 -25.97 -39.76 105.19
C GLU L 59 -25.43 -40.05 106.57
N ASP L 60 -24.68 -41.15 106.73
CA ASP L 60 -24.38 -41.73 108.03
C ASP L 60 -22.93 -41.51 108.38
N TRP L 61 -22.28 -40.67 107.55
CA TRP L 61 -20.88 -40.41 107.60
C TRP L 61 -20.36 -39.92 108.93
N TYR L 62 -21.09 -39.09 109.69
CA TYR L 62 -20.60 -38.51 110.94
C TYR L 62 -20.20 -39.58 111.96
N PHE L 63 -21.06 -40.60 112.11
CA PHE L 63 -20.80 -41.77 112.90
C PHE L 63 -19.60 -42.55 112.40
N ILE L 64 -19.44 -42.68 111.08
CA ILE L 64 -18.25 -43.25 110.48
C ILE L 64 -17.01 -42.47 110.87
N ARG L 65 -17.05 -41.12 110.78
CA ARG L 65 -15.92 -40.28 111.12
C ARG L 65 -15.53 -40.47 112.56
N ALA L 66 -16.52 -40.46 113.47
CA ALA L 66 -16.27 -40.77 114.86
C ALA L 66 -15.64 -42.14 115.08
N SER L 67 -16.17 -43.16 114.40
CA SER L 67 -15.69 -44.50 114.47
C SER L 67 -14.25 -44.67 114.01
N SER L 68 -13.90 -44.08 112.87
CA SER L 68 -12.53 -44.04 112.42
C SER L 68 -11.61 -43.29 113.38
N ILE L 69 -12.02 -42.13 113.91
CA ILE L 69 -11.24 -41.35 114.88
C ILE L 69 -10.93 -42.14 116.12
N LEU L 70 -11.92 -42.81 116.69
CA LEU L 70 -11.78 -43.67 117.82
C LEU L 70 -10.77 -44.79 117.60
N ARG L 71 -10.84 -45.45 116.44
CA ARG L 71 -9.85 -46.42 116.03
C ARG L 71 -8.44 -45.85 115.92
N ARG L 72 -8.28 -44.65 115.32
CA ARG L 72 -7.01 -43.93 115.21
C ARG L 72 -6.40 -43.67 116.59
N LEU L 73 -7.23 -43.27 117.57
CA LEU L 73 -6.86 -43.11 118.95
C LEU L 73 -6.32 -44.37 119.60
N TYR L 74 -6.95 -45.56 119.42
CA TYR L 74 -6.26 -46.77 119.86
C TYR L 74 -4.93 -47.00 119.12
N LEU L 75 -4.90 -46.82 117.79
CA LEU L 75 -3.70 -46.96 116.99
C LEU L 75 -2.52 -46.09 117.44
N HIS L 76 -2.78 -44.79 117.65
CA HIS L 76 -1.80 -43.81 118.04
C HIS L 76 -2.26 -43.16 119.32
N PRO L 77 -1.63 -43.38 120.47
CA PRO L 77 -2.25 -43.12 121.75
C PRO L 77 -2.20 -41.67 122.17
N ASP L 78 -1.43 -40.79 121.51
CA ASP L 78 -1.44 -39.38 121.85
C ASP L 78 -1.43 -38.56 120.58
N ILE L 79 -2.49 -37.77 120.35
CA ILE L 79 -2.66 -36.99 119.15
C ILE L 79 -3.57 -35.82 119.48
N GLY L 80 -3.60 -34.79 118.62
CA GLY L 80 -4.58 -33.73 118.70
C GLY L 80 -5.38 -33.59 117.43
N VAL L 81 -5.98 -32.41 117.25
CA VAL L 81 -6.92 -32.13 116.19
C VAL L 81 -6.25 -32.13 114.84
N GLY L 82 -5.03 -31.55 114.76
CA GLY L 82 -4.23 -31.39 113.56
C GLY L 82 -3.94 -32.69 112.90
N PHE L 83 -3.64 -33.72 113.71
CA PHE L 83 -3.46 -35.08 113.23
C PHE L 83 -4.67 -35.62 112.48
N LEU L 84 -5.89 -35.42 113.02
CA LEU L 84 -7.13 -35.74 112.34
C LEU L 84 -7.32 -34.98 111.04
N ARG L 85 -7.05 -33.65 111.05
CA ARG L 85 -7.21 -32.80 109.88
C ARG L 85 -6.32 -33.25 108.75
N ARG L 86 -5.04 -33.54 109.08
CA ARG L 86 -4.09 -34.18 108.20
C ARG L 86 -4.48 -35.58 107.75
N GLN L 87 -5.03 -36.43 108.63
CA GLN L 87 -5.44 -37.77 108.30
C GLN L 87 -6.51 -37.77 107.22
N PHE L 88 -7.62 -37.08 107.48
CA PHE L 88 -8.75 -37.00 106.55
C PHE L 88 -8.59 -36.03 105.38
N SER L 89 -7.42 -35.40 105.23
CA SER L 89 -7.07 -34.61 104.06
C SER L 89 -7.13 -35.44 102.78
N SER L 90 -7.61 -34.88 101.66
CA SER L 90 -7.35 -35.52 100.37
C SER L 90 -7.05 -34.47 99.31
N LYS L 91 -6.98 -34.89 98.03
CA LYS L 91 -6.63 -34.02 96.93
C LYS L 91 -7.78 -33.13 96.47
N GLN L 92 -7.45 -31.89 96.12
CA GLN L 92 -8.36 -30.90 95.65
C GLN L 92 -7.97 -30.52 94.25
N ARG L 93 -8.83 -30.81 93.26
CA ARG L 93 -8.72 -30.24 91.94
C ARG L 93 -9.05 -28.76 91.98
N ARG L 94 -8.06 -27.90 91.69
CA ARG L 94 -8.18 -26.45 91.78
C ARG L 94 -8.61 -25.85 90.46
N GLY L 95 -9.34 -26.63 89.61
CA GLY L 95 -9.76 -26.24 88.28
C GLY L 95 -8.60 -26.34 87.32
N VAL L 96 -8.25 -25.22 86.67
CA VAL L 96 -7.06 -25.18 85.86
C VAL L 96 -5.76 -25.42 86.64
N ALA L 97 -5.64 -24.92 87.89
CA ALA L 97 -4.43 -25.11 88.66
C ALA L 97 -4.21 -26.56 89.13
N PRO L 98 -2.96 -27.02 89.35
CA PRO L 98 -2.64 -28.37 89.82
C PRO L 98 -3.30 -28.80 91.11
N ASN L 99 -3.28 -30.10 91.40
CA ASN L 99 -3.85 -30.58 92.64
C ASN L 99 -2.97 -30.26 93.84
N HIS L 100 -3.59 -30.06 95.02
CA HIS L 100 -2.87 -30.20 96.26
C HIS L 100 -3.75 -30.86 97.26
N THR L 101 -3.20 -31.67 98.19
CA THR L 101 -3.97 -32.07 99.36
C THR L 101 -4.44 -30.89 100.18
N SER L 102 -5.65 -30.95 100.75
CA SER L 102 -6.21 -29.84 101.49
C SER L 102 -6.90 -30.36 102.73
N LEU L 103 -6.58 -29.76 103.90
CA LEU L 103 -6.98 -30.27 105.19
C LEU L 103 -8.47 -30.42 105.46
N ALA L 104 -8.85 -31.42 106.27
CA ALA L 104 -10.23 -31.61 106.70
C ALA L 104 -10.76 -30.48 107.58
N SER L 105 -12.05 -30.17 107.48
CA SER L 105 -12.75 -29.16 108.26
C SER L 105 -12.66 -29.39 109.76
N GLY L 106 -12.12 -28.43 110.53
CA GLY L 106 -11.76 -28.70 111.92
C GLY L 106 -12.86 -28.61 112.94
N LYS L 107 -14.01 -27.99 112.63
CA LYS L 107 -15.08 -27.87 113.62
C LYS L 107 -15.72 -29.21 113.84
N ILE L 108 -16.11 -29.91 112.77
CA ILE L 108 -16.73 -31.21 112.89
C ILE L 108 -15.84 -32.19 113.63
N LEU L 109 -14.53 -32.21 113.35
CA LEU L 109 -13.55 -32.98 114.08
C LEU L 109 -13.47 -32.66 115.55
N ARG L 110 -13.39 -31.35 115.86
CA ARG L 110 -13.33 -30.82 117.20
C ARG L 110 -14.57 -31.23 117.99
N SER L 111 -15.75 -31.13 117.38
CA SER L 111 -17.00 -31.55 117.99
C SER L 111 -17.07 -33.04 118.32
N ILE L 112 -16.68 -33.93 117.38
CA ILE L 112 -16.62 -35.37 117.61
C ILE L 112 -15.72 -35.71 118.78
N LEU L 113 -14.52 -35.11 118.78
CA LEU L 113 -13.55 -35.34 119.81
C LEU L 113 -14.11 -34.97 121.18
N GLN L 114 -14.71 -33.77 121.28
CA GLN L 114 -15.40 -33.29 122.44
C GLN L 114 -16.57 -34.17 122.89
N GLN L 115 -17.48 -34.62 122.01
CA GLN L 115 -18.51 -35.57 122.40
C GLN L 115 -18.00 -36.89 122.96
N LEU L 116 -16.98 -37.50 122.34
CA LEU L 116 -16.37 -38.71 122.86
C LEU L 116 -15.80 -38.52 124.26
N GLU L 117 -15.14 -37.39 124.47
CA GLU L 117 -14.52 -36.99 125.69
C GLU L 117 -15.50 -36.82 126.82
N ASN L 118 -16.67 -36.24 126.49
CA ASN L 118 -17.76 -36.09 127.41
C ASN L 118 -18.31 -37.45 127.83
N LEU L 119 -18.36 -38.42 126.90
CA LEU L 119 -18.87 -39.74 127.19
C LEU L 119 -17.85 -40.70 127.79
N GLY L 120 -16.64 -40.22 128.11
CA GLY L 120 -15.63 -41.02 128.82
C GLY L 120 -14.81 -41.93 127.93
N TYR L 121 -14.87 -41.73 126.62
CA TYR L 121 -14.11 -42.53 125.69
C TYR L 121 -12.68 -42.02 125.52
N VAL L 122 -12.49 -40.69 125.49
CA VAL L 122 -11.21 -40.08 125.15
C VAL L 122 -10.91 -38.97 126.12
N GLU L 123 -9.62 -38.61 126.29
CA GLU L 123 -9.20 -37.73 127.36
C GLU L 123 -8.06 -36.76 127.07
N GLN L 124 -8.34 -35.46 127.14
CA GLN L 124 -7.37 -34.37 127.21
C GLN L 124 -6.52 -34.37 128.49
N ASN L 125 -5.18 -34.47 128.36
CA ASN L 125 -4.27 -34.50 129.50
C ASN L 125 -3.01 -33.67 129.25
N PRO L 126 -2.21 -33.37 130.27
CA PRO L 126 -0.89 -32.78 130.08
C PRO L 126 0.15 -33.87 130.06
N LYS L 127 -0.10 -35.03 130.71
CA LYS L 127 0.79 -36.17 130.72
C LYS L 127 0.48 -37.01 129.50
N LYS L 128 1.34 -36.86 128.47
CA LYS L 128 0.98 -37.00 127.07
C LYS L 128 0.07 -35.87 126.59
N LYS L 129 0.58 -35.13 125.59
CA LYS L 129 0.27 -33.75 125.27
C LYS L 129 -1.14 -33.44 124.79
N GLY L 130 -1.70 -34.28 123.91
CA GLY L 130 -3.00 -34.06 123.29
C GLY L 130 -4.06 -34.91 123.93
N ARG L 131 -5.07 -35.25 123.14
CA ARG L 131 -5.98 -36.37 123.36
C ARG L 131 -5.34 -37.74 123.37
N ARG L 132 -5.57 -38.48 124.45
CA ARG L 132 -5.36 -39.91 124.42
C ARG L 132 -6.69 -40.61 124.54
N LEU L 133 -6.74 -41.90 124.22
CA LEU L 133 -7.77 -42.84 124.62
C LEU L 133 -7.89 -43.04 126.14
N THR L 134 -9.10 -43.17 126.74
CA THR L 134 -9.21 -43.37 128.18
C THR L 134 -10.14 -44.52 128.54
N THR L 135 -10.15 -44.91 129.83
CA THR L 135 -10.28 -46.29 130.28
C THR L 135 -11.61 -46.95 129.96
N LYS L 136 -12.74 -46.23 130.14
CA LYS L 136 -14.04 -46.74 129.75
C LYS L 136 -14.10 -47.01 128.27
N GLY L 137 -13.65 -46.04 127.46
CA GLY L 137 -13.44 -46.26 126.04
C GLY L 137 -12.51 -47.39 125.70
N GLU L 138 -11.36 -47.51 126.37
CA GLU L 138 -10.41 -48.57 126.05
C GLU L 138 -10.99 -49.95 126.24
N ASN L 139 -11.66 -50.17 127.38
CA ASN L 139 -12.37 -51.40 127.68
C ASN L 139 -13.48 -51.70 126.67
N ALA L 140 -14.31 -50.69 126.36
CA ALA L 140 -15.39 -50.83 125.41
C ALA L 140 -14.94 -51.20 124.02
N ILE L 141 -13.94 -50.48 123.50
CA ILE L 141 -13.34 -50.73 122.21
C ILE L 141 -12.75 -52.10 122.11
N ASN L 142 -11.99 -52.52 123.15
CA ASN L 142 -11.43 -53.86 123.18
C ASN L 142 -12.49 -54.97 123.17
N ASN L 143 -13.48 -54.85 124.06
CA ASN L 143 -14.60 -55.78 124.15
C ASN L 143 -15.47 -55.85 122.93
N PHE L 144 -15.86 -54.69 122.37
CA PHE L 144 -16.59 -54.62 121.14
C PHE L 144 -15.81 -55.26 120.00
N ALA L 145 -14.48 -55.03 119.95
CA ALA L 145 -13.61 -55.72 119.02
C ALA L 145 -13.67 -57.23 119.16
N ARG L 146 -13.56 -57.79 120.38
CA ARG L 146 -13.80 -59.22 120.55
C ARG L 146 -15.18 -59.70 120.09
N TYR L 147 -16.26 -58.97 120.44
CA TYR L 147 -17.63 -59.32 120.12
C TYR L 147 -17.85 -59.43 118.61
N ILE L 148 -17.34 -58.44 117.87
CA ILE L 148 -17.30 -58.48 116.43
C ILE L 148 -16.45 -59.59 115.86
N ASN L 149 -15.23 -59.83 116.36
CA ASN L 149 -14.37 -60.87 115.80
C ASN L 149 -14.99 -62.25 115.84
N LYS L 150 -15.53 -62.65 116.99
CA LYS L 150 -16.27 -63.89 117.10
C LYS L 150 -17.50 -63.95 116.23
N LYS L 151 -18.32 -62.88 116.23
CA LYS L 151 -19.55 -62.84 115.46
C LYS L 151 -19.34 -62.98 113.97
N VAL L 152 -18.40 -62.21 113.40
CA VAL L 152 -17.95 -62.39 112.02
C VAL L 152 -17.31 -63.74 111.66
N TYR L 153 -16.37 -64.26 112.49
CA TYR L 153 -15.53 -65.40 112.12
C TYR L 153 -16.25 -66.71 111.77
N ASN L 154 -17.23 -67.17 112.58
CA ASN L 154 -17.96 -68.42 112.35
C ASN L 154 -19.48 -68.13 112.28
N ILE M 1 92.97 -23.12 54.83
CA ILE M 1 93.36 -24.06 53.72
C ILE M 1 93.53 -25.47 54.27
N TYR M 2 92.95 -26.50 53.64
CA TYR M 2 93.22 -27.88 53.97
C TYR M 2 93.23 -28.60 52.63
N ILE M 3 93.70 -29.84 52.56
CA ILE M 3 93.74 -30.54 51.29
C ILE M 3 92.68 -31.63 51.29
N PRO M 4 91.57 -31.56 50.58
CA PRO M 4 90.57 -32.61 50.58
C PRO M 4 91.05 -33.84 49.84
N ARG M 5 90.51 -35.02 50.20
CA ARG M 5 90.79 -36.29 49.56
C ARG M 5 90.44 -36.30 48.09
N LYS M 6 91.20 -37.06 47.31
CA LYS M 6 90.86 -37.32 45.94
C LYS M 6 90.59 -38.80 45.83
N CYS M 7 89.50 -39.16 45.14
CA CYS M 7 89.04 -40.53 44.97
C CYS M 7 90.04 -41.47 44.35
N SER M 8 90.18 -42.69 44.90
CA SER M 8 91.03 -43.71 44.33
C SER M 8 90.50 -44.24 43.01
N ALA M 9 89.18 -44.50 42.94
CA ALA M 9 88.55 -44.99 41.75
C ALA M 9 88.42 -43.97 40.62
N THR M 10 87.93 -42.76 40.91
CA THR M 10 87.54 -41.84 39.86
C THR M 10 88.53 -40.75 39.67
N SER M 11 89.51 -40.62 40.58
CA SER M 11 90.51 -39.55 40.57
C SER M 11 89.88 -38.17 40.72
N ARG M 12 88.84 -38.05 41.56
CA ARG M 12 88.07 -36.83 41.59
C ARG M 12 87.85 -36.42 43.02
N LEU M 13 87.54 -35.14 43.27
CA LEU M 13 87.62 -34.59 44.60
C LEU M 13 86.44 -34.95 45.45
N ILE M 14 86.68 -35.30 46.72
CA ILE M 14 85.62 -35.77 47.59
C ILE M 14 85.01 -34.58 48.32
N PRO M 15 83.72 -34.25 48.21
CA PRO M 15 83.18 -33.04 48.79
C PRO M 15 83.26 -32.97 50.29
N ALA M 16 83.21 -31.77 50.87
CA ALA M 16 83.37 -31.58 52.28
C ALA M 16 82.29 -32.23 53.12
N LYS M 17 81.05 -32.24 52.62
CA LYS M 17 79.91 -32.65 53.40
C LYS M 17 79.25 -33.88 52.80
N GLU M 18 79.96 -34.65 51.96
CA GLU M 18 79.35 -35.70 51.15
C GLU M 18 78.66 -36.82 51.90
N HIS M 19 79.32 -37.40 52.92
CA HIS M 19 78.89 -38.58 53.67
C HIS M 19 78.77 -39.88 52.90
N GLY M 20 78.58 -39.84 51.57
CA GLY M 20 78.49 -41.04 50.76
C GLY M 20 79.82 -41.66 50.43
N ALA M 21 80.91 -40.92 50.69
CA ALA M 21 82.25 -41.39 50.42
C ALA M 21 82.85 -42.16 51.58
N VAL M 22 83.70 -43.15 51.27
CA VAL M 22 84.20 -44.09 52.24
C VAL M 22 85.66 -44.42 52.02
N GLN M 23 86.31 -44.86 53.10
CA GLN M 23 87.68 -45.32 53.10
C GLN M 23 87.63 -46.79 53.46
N ILE M 24 87.93 -47.69 52.52
CA ILE M 24 87.95 -49.10 52.80
C ILE M 24 89.37 -49.57 53.04
N ASN M 25 89.66 -50.08 54.24
CA ASN M 25 90.97 -50.63 54.58
C ASN M 25 91.02 -52.13 54.32
N VAL M 26 91.96 -52.56 53.48
CA VAL M 26 92.12 -53.94 53.09
C VAL M 26 93.39 -54.46 53.71
N GLY M 27 93.27 -55.50 54.55
CA GLY M 27 94.39 -56.02 55.31
C GLY M 27 95.30 -56.89 54.49
N MET M 28 96.61 -56.62 54.59
CA MET M 28 97.61 -57.55 54.12
C MET M 28 97.75 -58.76 55.03
N VAL M 29 98.16 -59.89 54.45
CA VAL M 29 98.55 -61.05 55.22
C VAL M 29 100.03 -61.04 55.52
N ASP M 30 100.44 -61.86 56.48
CA ASP M 30 101.77 -62.40 56.63
C ASP M 30 101.90 -63.61 55.70
N ALA M 31 103.10 -64.18 55.53
CA ALA M 31 103.37 -65.25 54.59
C ALA M 31 102.52 -66.51 54.78
N ASN M 32 102.17 -66.85 56.04
CA ASN M 32 101.33 -67.98 56.37
C ASN M 32 99.86 -67.81 56.01
N GLY M 33 99.42 -66.59 55.66
CA GLY M 33 98.02 -66.33 55.36
C GLY M 33 97.25 -65.94 56.59
N VAL M 34 97.93 -65.23 57.50
CA VAL M 34 97.34 -64.65 58.70
C VAL M 34 97.49 -63.14 58.64
N TYR M 35 96.58 -62.39 59.24
CA TYR M 35 96.49 -60.93 59.22
C TYR M 35 97.72 -60.18 59.75
N ASN M 36 98.56 -59.63 58.86
CA ASN M 36 99.47 -58.55 59.15
C ASN M 36 98.82 -57.33 59.83
N GLY M 37 99.63 -56.42 60.39
CA GLY M 37 99.20 -55.10 60.82
C GLY M 37 98.78 -54.20 59.67
N LYS M 38 99.53 -54.19 58.55
CA LYS M 38 99.43 -53.17 57.53
C LYS M 38 98.24 -53.32 56.57
N THR M 39 97.88 -52.22 55.91
CA THR M 39 96.62 -52.01 55.21
C THR M 39 96.78 -51.26 53.90
N GLU M 40 96.29 -51.82 52.79
CA GLU M 40 96.18 -51.05 51.57
C GLU M 40 94.80 -50.43 51.57
N THR M 41 94.75 -49.11 51.37
CA THR M 41 93.55 -48.32 51.59
C THR M 41 93.03 -47.82 50.28
N PHE M 42 91.71 -47.73 50.12
CA PHE M 42 91.12 -47.16 48.94
C PHE M 42 90.07 -46.19 49.37
N ALA M 43 89.92 -45.07 48.62
CA ALA M 43 88.90 -44.10 48.89
C ALA M 43 87.92 -44.12 47.75
N ILE M 44 86.65 -44.34 48.07
CA ILE M 44 85.62 -44.51 47.09
C ILE M 44 84.64 -43.39 47.23
N SER M 45 84.50 -42.58 46.16
CA SER M 45 83.51 -41.53 46.06
C SER M 45 82.09 -42.00 46.21
N GLY M 46 81.24 -41.13 46.77
CA GLY M 46 79.80 -41.29 46.83
C GLY M 46 79.18 -41.51 45.48
N HIS M 47 79.71 -40.85 44.46
CA HIS M 47 79.16 -40.86 43.14
C HIS M 47 79.08 -42.24 42.48
N VAL M 48 80.14 -43.06 42.55
CA VAL M 48 80.07 -44.40 41.98
C VAL M 48 79.17 -45.33 42.76
N ARG M 49 79.18 -45.21 44.10
CA ARG M 49 78.28 -45.90 44.98
C ARG M 49 76.81 -45.62 44.75
N GLN M 50 76.47 -44.33 44.57
CA GLN M 50 75.13 -43.89 44.26
C GLN M 50 74.62 -44.49 42.97
N ASN M 51 75.45 -44.44 41.92
CA ASN M 51 75.18 -45.18 40.71
C ASN M 51 75.06 -46.67 40.93
N GLY M 52 75.95 -47.25 41.76
CA GLY M 52 75.97 -48.66 42.05
C GLY M 52 77.08 -49.37 41.32
N GLU M 53 78.04 -48.62 40.77
CA GLU M 53 79.11 -49.18 39.97
C GLU M 53 80.29 -49.59 40.83
N SER M 54 80.16 -49.42 42.16
CA SER M 54 81.29 -49.48 43.08
C SER M 54 82.03 -50.79 43.02
N ASP M 55 81.33 -51.94 42.97
CA ASP M 55 82.03 -53.20 42.85
C ASP M 55 82.92 -53.30 41.62
N ALA M 56 82.41 -52.94 40.42
CA ALA M 56 83.20 -52.99 39.22
C ALA M 56 84.44 -52.12 39.24
N CYS M 57 84.27 -50.86 39.69
CA CYS M 57 85.38 -49.96 39.86
C CYS M 57 86.40 -50.43 40.86
N LEU M 58 85.92 -50.96 42.00
CA LEU M 58 86.73 -51.52 43.05
C LEU M 58 87.53 -52.70 42.57
N ASN M 59 86.93 -53.60 41.79
CA ASN M 59 87.64 -54.71 41.20
C ASN M 59 88.80 -54.29 40.33
N ARG M 60 88.61 -53.29 39.44
CA ARG M 60 89.70 -52.84 38.60
C ARG M 60 90.82 -52.22 39.42
N LEU M 61 90.46 -51.45 40.44
CA LEU M 61 91.35 -50.87 41.41
C LEU M 61 92.15 -51.90 42.21
N MET M 62 91.52 -52.97 42.67
CA MET M 62 92.16 -54.10 43.31
C MET M 62 93.17 -54.79 42.42
N TYR M 63 92.82 -55.02 41.15
CA TYR M 63 93.72 -55.57 40.16
C TYR M 63 94.94 -54.70 39.95
N GLU M 64 94.74 -53.36 39.84
CA GLU M 64 95.82 -52.41 39.69
C GLU M 64 96.79 -52.48 40.86
N LYS M 65 96.30 -52.56 42.11
CA LYS M 65 97.18 -52.75 43.27
C LYS M 65 97.69 -54.16 43.45
N LYS M 66 97.09 -55.16 42.77
CA LYS M 66 97.54 -56.53 42.73
C LYS M 66 97.09 -57.33 43.95
N LEU M 67 95.78 -57.23 44.26
CA LEU M 67 95.16 -57.95 45.35
C LEU M 67 94.20 -59.00 44.79
N LEU M 68 92.99 -58.63 44.33
CA LEU M 68 92.14 -59.54 43.60
C LEU M 68 92.76 -60.04 42.31
N SER M 69 92.74 -61.36 42.11
CA SER M 69 93.36 -62.00 40.96
C SER M 69 92.65 -61.71 39.65
N PHE M 70 91.31 -61.74 39.62
CA PHE M 70 90.63 -62.01 38.38
C PHE M 70 90.42 -60.81 37.46
N GLN M 71 90.60 -59.57 37.95
CA GLN M 71 90.26 -58.36 37.20
C GLN M 71 88.77 -58.24 36.90
N ASN M 72 88.36 -58.17 35.63
CA ASN M 72 86.98 -58.05 35.21
C ASN M 72 86.81 -58.74 33.84
N ASP N 1 112.23 50.91 54.23
CA ASP N 1 112.01 49.48 53.83
C ASP N 1 113.22 48.86 53.14
N GLN N 2 113.18 47.54 52.89
CA GLN N 2 114.02 46.91 51.91
C GLN N 2 113.17 45.95 51.14
N PHE N 3 113.61 45.59 49.94
CA PHE N 3 112.94 44.62 49.11
C PHE N 3 113.98 43.99 48.21
N THR N 4 113.83 42.71 47.87
CA THR N 4 114.75 42.05 46.95
C THR N 4 114.11 41.93 45.59
N ILE N 5 114.84 42.28 44.54
CA ILE N 5 114.41 42.11 43.17
C ILE N 5 115.19 41.00 42.55
N ARG N 6 114.55 39.86 42.27
CA ARG N 6 115.11 38.85 41.42
C ARG N 6 114.64 39.06 39.99
N VAL N 7 115.51 38.70 39.03
CA VAL N 7 115.32 39.04 37.65
C VAL N 7 115.39 37.77 36.84
N LYS N 8 114.24 37.26 36.41
CA LYS N 8 114.17 36.04 35.65
C LYS N 8 114.09 36.28 34.16
N LYS N 9 114.54 35.29 33.35
CA LYS N 9 114.62 35.26 31.90
C LYS N 9 114.82 36.60 31.23
N TYR N 10 116.04 37.09 31.33
CA TYR N 10 116.46 38.42 30.94
C TYR N 10 116.89 38.38 29.49
N MET N 11 116.37 39.31 28.68
CA MET N 11 116.57 39.21 27.27
C MET N 11 116.82 40.56 26.64
N SER N 12 118.04 40.73 26.09
CA SER N 12 118.40 41.88 25.28
C SER N 12 117.88 41.70 23.88
N ASN N 13 116.98 42.57 23.46
CA ASN N 13 116.33 42.51 22.18
C ASN N 13 116.66 43.74 21.34
N PRO N 14 117.65 43.66 20.44
CA PRO N 14 117.94 44.74 19.52
C PRO N 14 116.95 44.89 18.40
N LEU N 15 116.00 43.97 18.20
CA LEU N 15 114.99 44.13 17.18
C LEU N 15 114.02 45.22 17.56
N LEU N 16 113.83 45.42 18.87
CA LEU N 16 113.05 46.52 19.38
C LEU N 16 113.89 47.47 20.20
N ARG N 17 115.21 47.27 20.23
CA ARG N 17 116.18 48.09 20.94
C ARG N 17 115.89 48.31 22.43
N ARG N 18 115.51 47.23 23.11
CA ARG N 18 115.12 47.23 24.50
C ARG N 18 115.66 45.98 25.14
N LYS N 19 115.84 45.96 26.46
CA LYS N 19 115.99 44.73 27.19
C LYS N 19 114.68 44.45 27.90
N GLN N 20 114.11 43.26 27.69
CA GLN N 20 112.90 42.78 28.34
C GLN N 20 113.16 41.68 29.35
N PHE N 21 112.30 41.54 30.38
CA PHE N 21 112.56 40.63 31.46
C PHE N 21 111.35 40.42 32.37
N ALA N 22 111.30 39.24 33.01
CA ALA N 22 110.38 38.93 34.08
C ALA N 22 110.91 39.39 35.44
N LEU N 23 110.01 39.87 36.31
CA LEU N 23 110.41 40.55 37.51
C LEU N 23 109.80 39.89 38.74
N GLU N 24 110.60 39.28 39.63
CA GLU N 24 110.09 38.82 40.91
C GLU N 24 110.56 39.67 42.08
N ILE N 25 109.64 40.44 42.69
CA ILE N 25 109.92 41.29 43.83
C ILE N 25 109.59 40.62 45.14
N LEU N 26 110.59 40.20 45.94
CA LEU N 26 110.38 39.78 47.31
C LEU N 26 110.18 40.93 48.26
N HIS N 27 109.30 40.79 49.27
CA HIS N 27 109.06 41.86 50.23
C HIS N 27 108.39 41.35 51.50
N PRO N 28 108.96 40.38 52.22
CA PRO N 28 108.31 39.76 53.37
C PRO N 28 107.76 40.73 54.41
N ASN N 29 106.51 40.52 54.85
CA ASN N 29 105.88 41.27 55.91
C ASN N 29 105.63 42.73 55.59
N LYS N 30 105.21 43.02 54.35
CA LYS N 30 104.83 44.35 53.94
C LYS N 30 103.98 44.18 52.70
N GLY N 31 103.08 45.15 52.37
CA GLY N 31 102.42 45.19 51.08
C GLY N 31 103.37 45.26 49.90
N SER N 32 102.87 45.18 48.65
CA SER N 32 103.73 45.28 47.48
C SER N 32 104.43 46.63 47.39
N VAL N 33 105.76 46.62 47.24
CA VAL N 33 106.50 47.86 47.15
C VAL N 33 106.15 48.71 45.94
N ALA N 34 106.21 50.05 46.11
CA ALA N 34 105.80 51.00 45.09
C ALA N 34 106.59 50.93 43.79
N LYS N 35 105.93 51.23 42.66
CA LYS N 35 106.48 50.99 41.34
C LYS N 35 107.58 51.98 41.05
N LYS N 36 107.40 53.24 41.46
CA LYS N 36 108.39 54.30 41.37
C LYS N 36 109.72 53.94 42.04
N GLU N 37 109.63 53.40 43.27
CA GLU N 37 110.77 52.88 43.99
C GLU N 37 111.43 51.73 43.28
N VAL N 38 110.64 50.76 42.78
CA VAL N 38 111.13 49.64 41.99
C VAL N 38 111.91 50.08 40.76
N LYS N 39 111.40 51.06 40.00
CA LYS N 39 112.13 51.65 38.90
C LYS N 39 113.46 52.21 39.34
N GLU N 40 113.48 52.97 40.44
CA GLU N 40 114.68 53.57 40.97
C GLU N 40 115.73 52.53 41.29
N ARG N 41 115.30 51.46 41.95
CA ARG N 41 116.14 50.35 42.30
C ARG N 41 116.68 49.65 41.07
N LEU N 42 115.84 49.39 40.07
CA LEU N 42 116.27 48.87 38.80
C LEU N 42 117.31 49.74 38.13
N ALA N 43 117.13 51.06 38.16
CA ALA N 43 118.08 52.00 37.63
C ALA N 43 119.44 51.88 38.29
N LYS N 44 119.47 51.73 39.63
CA LYS N 44 120.69 51.34 40.31
C LYS N 44 121.27 50.01 39.84
N MET N 45 120.44 48.96 39.71
CA MET N 45 120.86 47.63 39.30
C MET N 45 121.60 47.58 37.98
N TYR N 46 121.06 48.23 36.94
CA TYR N 46 121.63 48.12 35.62
C TYR N 46 122.35 49.40 35.25
N LYS N 47 122.78 50.16 36.27
CA LYS N 47 123.66 51.31 36.13
C LYS N 47 123.11 52.35 35.17
N LEU N 48 121.82 52.66 35.33
CA LEU N 48 121.10 53.56 34.46
C LEU N 48 120.99 54.92 35.10
N ASN N 49 120.84 55.96 34.27
CA ASN N 49 120.86 57.34 34.73
C ASN N 49 119.46 57.89 34.85
N ASN N 50 118.44 57.06 34.55
CA ASN N 50 117.09 57.50 34.36
C ASN N 50 116.14 56.44 34.81
N VAL N 51 114.95 56.84 35.29
CA VAL N 51 113.86 55.91 35.56
C VAL N 51 112.84 55.94 34.43
N ASN N 52 112.98 56.94 33.55
CA ASN N 52 111.99 57.32 32.57
C ASN N 52 112.22 56.64 31.23
N THR N 53 113.18 55.68 31.18
CA THR N 53 113.35 54.75 30.07
C THR N 53 113.00 53.36 30.50
N ILE N 54 112.48 53.20 31.72
CA ILE N 54 112.09 51.93 32.27
C ILE N 54 110.58 51.90 32.31
N VAL N 55 109.94 50.83 31.81
CA VAL N 55 108.50 50.65 31.92
C VAL N 55 108.23 49.35 32.65
N LEU N 56 107.29 49.34 33.60
CA LEU N 56 106.97 48.16 34.37
C LEU N 56 105.47 48.00 34.40
N PHE N 57 104.97 46.75 34.38
CA PHE N 57 103.54 46.52 34.31
C PHE N 57 103.17 45.11 34.76
N GLY N 58 101.86 44.85 34.97
CA GLY N 58 101.34 43.53 35.29
C GLY N 58 101.78 42.93 36.61
N PHE N 59 101.94 43.75 37.63
CA PHE N 59 102.43 43.30 38.91
C PHE N 59 101.33 42.65 39.74
N LYS N 60 101.40 41.32 39.93
CA LYS N 60 100.47 40.63 40.80
C LYS N 60 101.20 40.11 42.03
N THR N 61 100.64 40.35 43.24
CA THR N 61 101.22 39.81 44.45
C THR N 61 101.17 38.30 44.53
N LEU N 62 99.97 37.73 44.33
CA LEU N 62 99.64 36.35 44.56
C LEU N 62 99.49 36.03 46.05
N PHE N 63 98.59 35.07 46.38
CA PHE N 63 98.18 34.70 47.72
C PHE N 63 99.23 34.76 48.83
N GLY N 64 98.86 35.35 49.97
CA GLY N 64 99.69 35.38 51.16
C GLY N 64 100.80 36.40 51.19
N GLY N 65 100.92 37.22 50.13
CA GLY N 65 101.81 38.37 50.08
C GLY N 65 103.29 38.14 50.30
N GLY N 66 104.05 39.25 50.34
CA GLY N 66 105.50 39.22 50.50
C GLY N 66 106.27 38.93 49.26
N ARG N 67 105.58 38.86 48.12
CA ARG N 67 106.10 38.45 46.85
C ARG N 67 105.23 39.12 45.81
N THR N 68 105.83 39.63 44.75
CA THR N 68 105.12 40.23 43.64
C THR N 68 105.77 39.85 42.34
N LYS N 69 105.02 39.24 41.39
CA LYS N 69 105.52 38.94 40.06
C LYS N 69 105.00 39.94 39.02
N GLY N 70 105.90 40.47 38.15
CA GLY N 70 105.56 41.31 37.00
C GLY N 70 106.42 41.13 35.75
N PHE N 71 106.34 42.11 34.83
CA PHE N 71 107.10 42.16 33.59
C PHE N 71 107.66 43.55 33.37
N GLY N 72 108.93 43.61 32.95
CA GLY N 72 109.71 44.84 32.82
C GLY N 72 110.30 45.08 31.47
N LEU N 73 110.52 46.37 31.15
CA LEU N 73 111.09 46.81 29.91
C LEU N 73 112.06 47.95 30.18
N ILE N 74 113.23 47.94 29.50
CA ILE N 74 114.20 49.01 29.56
C ILE N 74 114.62 49.32 28.14
N TYR N 75 114.33 50.54 27.68
CA TYR N 75 114.64 51.02 26.36
C TYR N 75 115.98 51.72 26.30
N LYS N 76 116.63 51.73 25.11
CA LYS N 76 117.90 52.41 24.87
C LYS N 76 117.91 53.88 25.28
N ASN N 77 116.84 54.62 24.94
CA ASN N 77 116.67 56.01 25.27
C ASN N 77 115.20 56.32 25.24
N VAL N 78 114.80 57.56 25.57
CA VAL N 78 113.40 57.96 25.55
C VAL N 78 112.79 57.95 24.16
N ASP N 79 113.62 58.20 23.13
CA ASP N 79 113.21 58.15 21.75
C ASP N 79 112.65 56.78 21.35
N ALA N 80 113.32 55.70 21.78
CA ALA N 80 112.85 54.35 21.65
C ALA N 80 111.48 54.12 22.31
N VAL N 81 111.28 54.69 23.51
CA VAL N 81 110.00 54.68 24.20
C VAL N 81 108.93 55.36 23.37
N LYS N 82 109.24 56.50 22.74
CA LYS N 82 108.34 57.10 21.77
C LYS N 82 108.04 56.17 20.58
N LYS N 83 109.06 55.54 19.99
CA LYS N 83 108.94 54.64 18.85
C LYS N 83 108.02 53.44 19.04
N PHE N 84 108.20 52.58 20.05
CA PHE N 84 107.77 51.19 19.95
C PHE N 84 106.88 50.80 21.11
N GLU N 85 105.99 51.72 21.53
CA GLU N 85 105.04 51.45 22.56
C GLU N 85 103.76 52.19 22.24
N LYS N 86 102.58 51.66 22.65
CA LYS N 86 101.31 52.26 22.30
C LYS N 86 100.70 53.12 23.40
N LYS N 87 99.69 53.94 23.04
CA LYS N 87 99.34 55.14 23.76
C LYS N 87 98.92 54.95 25.18
N TYR N 88 98.16 53.88 25.49
CA TYR N 88 97.75 53.62 26.86
C TYR N 88 98.93 53.39 27.77
N ARG N 89 99.94 52.68 27.25
CA ARG N 89 101.16 52.40 27.95
C ARG N 89 101.91 53.68 28.23
N LEU N 90 101.97 54.60 27.26
CA LEU N 90 102.44 55.96 27.48
C LEU N 90 101.65 56.75 28.52
N VAL N 91 100.30 56.70 28.48
CA VAL N 91 99.44 57.30 29.50
C VAL N 91 99.73 56.75 30.89
N ARG N 92 99.86 55.42 31.01
CA ARG N 92 100.21 54.70 32.21
C ARG N 92 101.53 55.19 32.77
N GLU N 93 102.53 55.38 31.89
CA GLU N 93 103.80 55.99 32.19
C GLU N 93 103.69 57.43 32.67
N GLY N 94 102.99 58.28 31.91
CA GLY N 94 102.85 59.69 32.20
C GLY N 94 103.58 60.54 31.21
N LEU N 95 103.95 59.98 30.04
CA LEU N 95 104.57 60.74 28.98
C LEU N 95 103.65 61.76 28.30
N ILE N 96 102.39 61.37 27.98
CA ILE N 96 101.45 62.21 27.25
C ILE N 96 100.04 61.96 27.76
N ASP N 97 99.16 62.97 27.68
CA ASP N 97 97.79 62.86 28.15
C ASP N 97 96.90 62.09 27.18
N LYS N 98 95.77 61.56 27.69
CA LYS N 98 94.74 60.93 26.90
C LYS N 98 94.12 61.88 25.89
N GLU N 99 93.97 61.41 24.64
CA GLU N 99 93.54 62.23 23.52
C GLU N 99 92.03 62.43 23.47
N THR N 100 91.47 62.50 22.25
CA THR N 100 90.06 62.72 21.97
C THR N 100 89.09 61.67 22.50
N LYS N 101 87.90 62.10 22.93
CA LYS N 101 87.05 61.31 23.82
C LYS N 101 85.66 61.09 23.25
N ALA N 102 85.51 61.16 21.91
CA ALA N 102 84.26 60.92 21.21
C ALA N 102 83.70 59.49 21.36
N GLY N 103 84.59 58.47 21.45
CA GLY N 103 84.21 57.07 21.54
C GLY N 103 83.60 56.54 20.26
N ARG N 104 82.56 55.69 20.37
CA ARG N 104 81.97 55.10 19.18
C ARG N 104 80.77 55.91 18.71
N ARG N 105 80.50 57.07 19.33
CA ARG N 105 79.69 58.07 18.68
C ARG N 105 80.39 58.64 17.46
N ALA N 106 81.74 58.62 17.42
CA ALA N 106 82.53 58.87 16.22
C ALA N 106 82.07 58.07 15.01
N SER N 107 81.83 56.76 15.20
CA SER N 107 81.23 55.85 14.23
C SER N 107 79.87 56.38 13.79
N LYS N 108 79.04 56.85 14.73
CA LYS N 108 77.73 57.37 14.41
C LYS N 108 77.80 58.60 13.52
N GLU N 109 78.66 59.56 13.82
CA GLU N 109 78.95 60.70 12.97
C GLU N 109 79.50 60.29 11.60
N LEU N 110 80.39 59.28 11.55
CA LEU N 110 80.92 58.77 10.29
C LEU N 110 79.82 58.23 9.41
N LYS N 111 78.89 57.46 9.98
CA LYS N 111 77.80 56.92 9.24
C LYS N 111 76.72 57.94 8.94
N ASN N 112 76.64 59.02 9.72
CA ASN N 112 75.91 60.21 9.39
C ASN N 112 76.39 60.82 8.07
N ARG N 113 77.71 60.83 7.81
CA ARG N 113 78.23 61.20 6.51
C ARG N 113 77.81 60.25 5.39
N ARG N 114 77.41 60.82 4.26
CA ARG N 114 77.31 60.13 3.02
C ARG N 114 78.06 60.98 2.00
N LYS N 115 79.04 60.39 1.27
CA LYS N 115 79.89 61.11 0.33
C LYS N 115 79.15 61.82 -0.79
N LYS N 116 79.61 63.03 -1.12
CA LYS N 116 78.95 64.05 -1.90
C LYS N 116 77.44 64.25 -1.69
N VAL N 117 76.93 64.04 -0.46
CA VAL N 117 75.62 64.51 -0.04
C VAL N 117 75.73 65.95 0.44
N ARG N 118 76.77 66.27 1.22
CA ARG N 118 77.15 67.63 1.59
C ARG N 118 78.38 68.00 0.77
N GLY N 119 78.74 69.30 0.69
CA GLY N 119 79.96 69.73 -0.01
C GLY N 119 81.21 69.11 0.60
N THR N 120 81.16 68.87 1.92
CA THR N 120 82.08 68.00 2.64
C THR N 120 81.27 66.97 3.47
N LYS O 1 -27.14 -43.55 71.87
CA LYS O 1 -28.24 -42.91 72.65
C LYS O 1 -29.04 -43.91 73.47
N LEU O 2 -29.42 -43.58 74.72
CA LEU O 2 -30.21 -44.47 75.55
C LEU O 2 -31.63 -44.75 75.05
N ASN O 3 -32.07 -46.01 75.21
CA ASN O 3 -33.42 -46.42 74.89
C ASN O 3 -33.82 -47.53 75.86
N HIS O 4 -33.22 -47.51 77.07
CA HIS O 4 -33.43 -48.50 78.11
C HIS O 4 -34.29 -47.90 79.22
N ALA O 5 -34.91 -48.75 80.09
CA ALA O 5 -36.05 -48.32 80.88
C ALA O 5 -36.30 -49.12 82.18
N VAL O 6 -37.36 -48.73 82.93
CA VAL O 6 -37.78 -49.21 84.24
C VAL O 6 -38.23 -50.67 84.40
N PHE O 7 -39.04 -51.24 83.47
CA PHE O 7 -39.80 -52.46 83.72
C PHE O 7 -39.69 -53.47 82.56
N ILE O 8 -40.10 -54.74 82.81
CA ILE O 8 -40.15 -55.81 81.84
C ILE O 8 -41.53 -55.84 81.10
N VAL O 24 -25.08 -65.90 83.75
CA VAL O 24 -24.04 -64.81 83.94
C VAL O 24 -24.63 -63.58 84.64
N ILE O 25 -24.00 -63.13 85.75
CA ILE O 25 -24.58 -62.13 86.65
C ILE O 25 -23.76 -60.84 86.63
N THR O 26 -22.96 -60.65 85.56
CA THR O 26 -22.26 -59.39 85.27
C THR O 26 -23.23 -58.26 84.92
N PRO O 27 -22.88 -56.97 85.00
CA PRO O 27 -23.84 -55.89 84.81
C PRO O 27 -24.07 -55.77 83.33
N SER O 28 -22.99 -55.91 82.55
CA SER O 28 -23.03 -55.95 81.10
C SER O 28 -23.94 -57.06 80.56
N ALA O 29 -23.85 -58.31 81.07
CA ALA O 29 -24.74 -59.36 80.63
C ALA O 29 -26.22 -59.07 80.81
N ILE O 30 -26.60 -58.56 81.98
CA ILE O 30 -27.96 -58.15 82.28
C ILE O 30 -28.43 -57.03 81.36
N ALA O 31 -27.57 -56.00 81.15
CA ALA O 31 -27.85 -54.92 80.24
C ALA O 31 -28.09 -55.37 78.81
N GLU O 32 -27.22 -56.27 78.31
CA GLU O 32 -27.40 -56.96 77.05
C GLU O 32 -28.69 -57.77 76.88
N LYS O 33 -28.98 -58.72 77.80
CA LYS O 33 -30.16 -59.56 77.75
C LYS O 33 -31.50 -58.83 77.81
N TYR O 34 -31.68 -57.89 78.75
CA TYR O 34 -32.99 -57.30 79.01
C TYR O 34 -33.10 -55.87 78.49
N LYS O 35 -32.03 -55.32 77.89
CA LYS O 35 -31.98 -53.95 77.42
C LYS O 35 -32.22 -52.91 78.52
N VAL O 36 -31.37 -52.95 79.56
CA VAL O 36 -31.52 -52.10 80.74
C VAL O 36 -30.30 -51.23 80.96
N ASN O 37 -30.48 -50.03 81.55
CA ASN O 37 -29.40 -49.15 82.01
C ASN O 37 -28.62 -49.84 83.12
N LEU O 38 -27.35 -49.50 83.39
CA LEU O 38 -26.54 -50.36 84.24
C LEU O 38 -26.89 -50.25 85.72
N SER O 39 -27.39 -49.10 86.18
CA SER O 39 -27.98 -48.98 87.51
C SER O 39 -29.23 -49.84 87.65
N VAL O 40 -30.08 -49.88 86.62
CA VAL O 40 -31.25 -50.76 86.58
C VAL O 40 -30.83 -52.22 86.49
N ALA O 41 -29.77 -52.52 85.73
CA ALA O 41 -29.15 -53.83 85.66
C ALA O 41 -28.67 -54.30 87.01
N ARG O 42 -27.97 -53.42 87.76
CA ARG O 42 -27.63 -53.62 89.15
C ARG O 42 -28.83 -53.88 90.04
N ALA O 43 -29.91 -53.09 89.92
CA ALA O 43 -31.14 -53.30 90.64
C ALA O 43 -31.76 -54.69 90.42
N VAL O 44 -31.78 -55.14 89.15
CA VAL O 44 -32.18 -56.49 88.77
C VAL O 44 -31.30 -57.56 89.41
N ILE O 45 -29.97 -57.37 89.44
CA ILE O 45 -29.00 -58.27 90.05
C ILE O 45 -29.30 -58.44 91.51
N ASN O 46 -29.50 -57.33 92.22
CA ASN O 46 -29.81 -57.33 93.62
C ASN O 46 -31.12 -58.08 93.93
N HIS O 47 -32.19 -57.80 93.15
CA HIS O 47 -33.44 -58.56 93.21
C HIS O 47 -33.27 -60.05 92.94
N LEU O 48 -32.52 -60.40 91.88
CA LEU O 48 -32.22 -61.75 91.47
C LEU O 48 -31.48 -62.55 92.53
N ALA O 49 -30.46 -61.94 93.15
CA ALA O 49 -29.65 -62.55 94.16
C ALA O 49 -30.42 -63.00 95.41
N ASP O 50 -31.32 -62.14 95.92
CA ASP O 50 -32.09 -62.39 97.11
C ASP O 50 -33.15 -63.53 96.89
N SER O 63 -14.80 -52.08 92.74
CA SER O 63 -16.23 -52.33 92.31
C SER O 63 -16.54 -53.80 92.09
N GLN O 64 -16.17 -54.39 90.94
CA GLN O 64 -16.38 -55.82 90.66
C GLN O 64 -15.74 -56.77 91.67
N LYS O 65 -16.40 -57.92 91.94
CA LYS O 65 -16.02 -58.83 93.00
C LYS O 65 -16.54 -60.24 92.75
N LEU O 66 -16.16 -61.22 93.61
CA LEU O 66 -16.43 -62.64 93.42
C LEU O 66 -17.92 -63.01 93.31
N TYR O 67 -18.22 -64.03 92.48
CA TYR O 67 -19.58 -64.39 92.08
C TYR O 67 -20.13 -65.61 92.82
N THR O 68 -21.48 -65.75 92.82
CA THR O 68 -22.21 -66.81 93.48
C THR O 68 -22.39 -68.06 92.58
N PRO P 1 47.98 -30.10 36.07
CA PRO P 1 47.28 -30.55 34.84
C PRO P 1 48.20 -31.34 33.97
N LYS P 2 47.70 -31.91 32.86
CA LYS P 2 48.29 -33.06 32.21
C LYS P 2 48.20 -34.26 33.16
N LYS P 3 47.00 -34.52 33.69
CA LYS P 3 46.78 -35.47 34.75
C LYS P 3 47.05 -36.89 34.32
N ARG P 4 46.63 -37.22 33.10
CA ARG P 4 46.69 -38.56 32.60
C ARG P 4 47.71 -38.64 31.48
N ARG P 5 48.76 -39.47 31.63
CA ARG P 5 49.91 -39.54 30.74
C ARG P 5 49.48 -39.88 29.34
N ASN P 6 48.52 -40.79 29.21
CA ASN P 6 47.95 -41.16 27.94
C ASN P 6 46.51 -40.71 27.84
N GLY P 7 46.11 -39.70 28.60
CA GLY P 7 44.80 -39.06 28.43
C GLY P 7 43.62 -39.96 28.64
N GLY P 8 43.81 -41.04 29.43
CA GLY P 8 42.76 -42.01 29.71
C GLY P 8 42.32 -42.78 28.49
N ARG P 9 43.20 -42.94 27.51
CA ARG P 9 42.86 -43.61 26.29
C ARG P 9 44.11 -44.19 25.66
N SER P 10 43.99 -45.18 24.76
CA SER P 10 45.15 -45.95 24.35
C SER P 10 45.78 -45.50 23.05
N LYS P 11 45.32 -44.37 22.46
CA LYS P 11 45.94 -43.72 21.31
C LYS P 11 47.46 -43.51 21.36
N HIS P 12 48.16 -44.19 20.44
CA HIS P 12 49.56 -43.96 20.14
C HIS P 12 49.67 -44.35 18.70
N ASN P 13 50.51 -43.66 17.91
CA ASN P 13 50.80 -44.04 16.54
C ASN P 13 49.56 -44.08 15.64
N ARG P 14 48.56 -43.26 15.98
CA ARG P 14 47.26 -43.27 15.34
C ARG P 14 46.69 -41.89 15.37
N GLY P 15 46.25 -41.35 14.23
CA GLY P 15 45.74 -39.99 14.20
C GLY P 15 44.29 -39.87 14.62
N HIS P 16 43.51 -40.92 14.31
CA HIS P 16 42.06 -40.89 14.39
C HIS P 16 41.56 -42.28 14.59
N VAL P 17 40.41 -42.42 15.26
CA VAL P 17 39.82 -43.72 15.49
C VAL P 17 38.33 -43.60 15.36
N ASN P 18 37.63 -44.73 15.18
CA ASN P 18 36.19 -44.75 15.19
C ASN P 18 35.57 -44.41 16.55
N PRO P 19 34.49 -43.66 16.61
CA PRO P 19 33.62 -43.65 17.76
C PRO P 19 32.79 -44.91 17.79
N LEU P 20 32.66 -45.56 18.95
CA LEU P 20 31.52 -46.38 19.22
C LEU P 20 30.59 -45.61 20.14
N ARG P 21 29.37 -46.09 20.37
CA ARG P 21 28.39 -45.35 21.14
C ARG P 21 28.03 -46.06 22.42
N CYS P 22 28.01 -45.32 23.54
CA CYS P 22 27.81 -45.80 24.89
C CYS P 22 26.52 -46.54 25.05
N SER P 23 26.52 -47.77 25.58
CA SER P 23 25.30 -48.54 25.59
C SER P 23 24.30 -48.08 26.63
N ASN P 24 24.78 -47.40 27.69
CA ASN P 24 23.93 -47.00 28.79
C ASN P 24 23.53 -45.52 28.73
N CYS P 25 23.90 -44.79 27.66
CA CYS P 25 23.36 -43.44 27.44
C CYS P 25 23.42 -42.96 26.01
N GLY P 26 24.10 -43.69 25.11
CA GLY P 26 24.11 -43.40 23.69
C GLY P 26 25.13 -42.40 23.25
N ARG P 27 25.88 -41.75 24.16
CA ARG P 27 26.87 -40.79 23.69
C ARG P 27 28.03 -41.40 22.92
N CYS P 28 28.57 -40.65 21.97
CA CYS P 28 29.78 -40.96 21.26
C CYS P 28 30.99 -41.08 22.17
N VAL P 29 31.83 -42.09 21.96
CA VAL P 29 33.06 -42.21 22.69
C VAL P 29 34.06 -42.98 21.84
N PRO P 30 35.28 -42.50 21.68
CA PRO P 30 36.34 -43.22 21.00
C PRO P 30 36.67 -44.58 21.57
N LYS P 31 36.74 -45.62 20.72
CA LYS P 31 36.98 -46.98 21.14
C LYS P 31 38.25 -47.18 21.96
N ASP P 32 39.28 -46.38 21.71
CA ASP P 32 40.50 -46.43 22.48
C ASP P 32 40.35 -45.87 23.90
N LYS P 33 39.25 -45.15 24.17
CA LYS P 33 39.00 -44.49 25.42
C LYS P 33 37.90 -45.17 26.21
N ALA P 34 36.93 -45.77 25.50
CA ALA P 34 35.78 -46.41 26.06
C ALA P 34 36.04 -47.53 27.09
N ILE P 35 35.13 -47.70 28.06
CA ILE P 35 35.28 -48.69 29.12
C ILE P 35 34.49 -49.92 28.75
N LYS P 36 35.19 -50.97 28.35
CA LYS P 36 34.59 -52.17 27.77
C LYS P 36 34.47 -53.27 28.80
N ARG P 37 33.27 -53.85 28.96
CA ARG P 37 33.08 -54.96 29.89
C ARG P 37 32.45 -56.15 29.20
N PHE P 38 33.19 -57.28 29.05
CA PHE P 38 32.69 -58.51 28.45
C PHE P 38 31.88 -59.32 29.45
N ASN P 39 30.71 -58.79 29.84
CA ASN P 39 29.81 -59.36 30.82
C ASN P 39 29.24 -60.72 30.39
N ILE P 40 29.73 -61.82 30.98
CA ILE P 40 29.17 -63.14 30.80
C ILE P 40 28.07 -63.38 31.82
N ARG P 41 26.84 -63.59 31.35
CA ARG P 41 25.64 -63.52 32.15
C ARG P 41 24.79 -64.70 31.82
N ASN P 42 24.03 -65.26 32.77
CA ASN P 42 23.28 -66.46 32.46
C ASN P 42 21.84 -66.02 32.32
N ILE P 43 21.03 -66.77 31.53
CA ILE P 43 19.70 -66.31 31.17
C ILE P 43 18.78 -66.15 32.35
N VAL P 44 18.98 -66.98 33.37
CA VAL P 44 18.21 -66.92 34.57
C VAL P 44 19.13 -67.15 35.75
N ASP P 45 18.65 -66.84 36.96
CA ASP P 45 19.20 -67.25 38.22
C ASP P 45 19.34 -68.75 38.44
N THR P 46 19.82 -69.14 39.61
CA THR P 46 20.17 -70.52 39.96
C THR P 46 18.90 -71.23 40.30
N SER P 47 18.09 -70.69 41.21
CA SER P 47 16.83 -71.32 41.61
C SER P 47 15.88 -71.46 40.42
N ALA P 48 15.78 -70.44 39.54
CA ALA P 48 15.17 -70.57 38.25
C ALA P 48 15.75 -71.68 37.37
N GLN P 49 17.09 -71.76 37.24
CA GLN P 49 17.78 -72.81 36.51
C GLN P 49 17.42 -74.20 37.03
N ARG P 50 17.36 -74.37 38.36
CA ARG P 50 16.93 -75.57 39.04
C ARG P 50 15.53 -76.01 38.62
N ASP P 51 14.57 -75.06 38.61
CA ASP P 51 13.21 -75.32 38.20
C ASP P 51 13.13 -75.69 36.73
N ILE P 52 13.89 -75.00 35.87
CA ILE P 52 13.94 -75.30 34.45
C ILE P 52 14.52 -76.68 34.18
N LYS P 53 15.60 -77.08 34.88
CA LYS P 53 16.19 -78.39 34.77
C LYS P 53 15.18 -79.48 35.12
N GLU P 54 14.46 -79.27 36.22
CA GLU P 54 13.42 -80.16 36.69
C GLU P 54 12.31 -80.35 35.68
N ALA P 55 11.79 -79.24 35.13
CA ALA P 55 10.81 -79.25 34.06
C ALA P 55 11.29 -79.88 32.76
N SER P 56 12.53 -79.57 32.35
CA SER P 56 13.10 -79.95 31.07
C SER P 56 13.14 -81.42 30.73
N VAL P 57 12.92 -81.73 29.44
CA VAL P 57 13.37 -82.91 28.77
C VAL P 57 14.89 -83.10 28.82
N TYR P 58 15.37 -84.24 28.30
CA TYR P 58 16.77 -84.62 28.12
C TYR P 58 17.40 -85.16 29.37
N SER P 59 17.31 -84.40 30.48
CA SER P 59 17.95 -84.63 31.77
C SER P 59 19.44 -84.35 31.78
N THR P 60 20.05 -84.15 30.61
CA THR P 60 21.43 -83.70 30.43
C THR P 60 21.41 -82.29 29.91
N PHE P 61 20.24 -81.62 29.98
CA PHE P 61 20.08 -80.25 29.59
C PHE P 61 20.97 -79.28 30.37
N GLN P 62 21.41 -78.22 29.70
CA GLN P 62 22.30 -77.25 30.27
C GLN P 62 21.83 -75.89 29.83
N LEU P 63 21.71 -74.93 30.76
CA LEU P 63 21.20 -73.62 30.46
C LEU P 63 22.11 -72.84 29.49
N PRO P 64 21.63 -72.07 28.54
CA PRO P 64 22.47 -71.31 27.64
C PRO P 64 23.01 -70.06 28.29
N LYS P 65 24.26 -69.70 28.00
CA LYS P 65 24.86 -68.47 28.48
C LYS P 65 24.65 -67.30 27.52
N LEU P 66 24.69 -66.07 28.05
CA LEU P 66 24.54 -64.84 27.32
C LEU P 66 25.88 -64.17 27.13
N TYR P 67 26.19 -63.87 25.87
CA TYR P 67 27.43 -63.24 25.47
C TYR P 67 27.16 -61.85 24.95
N ILE P 68 27.51 -60.81 25.73
CA ILE P 68 27.11 -59.45 25.43
C ILE P 68 28.27 -58.60 24.95
N LYS P 69 29.14 -58.11 25.87
CA LYS P 69 30.13 -57.06 25.65
C LYS P 69 29.52 -55.68 25.56
N GLN P 70 29.55 -54.95 26.69
CA GLN P 70 28.96 -53.64 26.84
C GLN P 70 30.03 -52.57 26.95
N CYS P 71 29.89 -51.49 26.17
CA CYS P 71 30.81 -50.37 26.17
C CYS P 71 30.21 -49.15 26.84
N TYR P 72 30.93 -48.60 27.83
CA TYR P 72 30.50 -47.50 28.66
C TYR P 72 31.35 -46.26 28.44
N CYS P 73 30.69 -45.09 28.48
CA CYS P 73 31.36 -43.80 28.53
C CYS P 73 31.79 -43.47 29.93
N VAL P 74 32.63 -42.44 30.09
CA VAL P 74 33.24 -42.21 31.38
C VAL P 74 32.23 -41.83 32.44
N SER P 75 31.26 -40.95 32.09
CA SER P 75 30.22 -40.55 33.04
C SER P 75 29.38 -41.70 33.53
N CYS P 76 28.88 -42.52 32.59
CA CYS P 76 28.09 -43.68 32.92
C CYS P 76 28.82 -44.67 33.77
N ALA P 77 30.06 -44.98 33.38
CA ALA P 77 30.87 -45.95 34.07
C ALA P 77 31.09 -45.60 35.52
N ILE P 78 31.41 -44.34 35.81
CA ILE P 78 31.59 -43.91 37.18
C ILE P 78 30.27 -43.87 37.90
N HIS P 79 29.18 -43.46 37.24
CA HIS P 79 27.91 -43.36 37.94
C HIS P 79 27.37 -44.68 38.41
N SER P 80 27.40 -45.71 37.55
CA SER P 80 26.91 -47.04 37.91
C SER P 80 27.98 -47.89 38.56
N ARG P 81 29.10 -47.27 38.98
CA ARG P 81 30.12 -47.87 39.82
C ARG P 81 30.87 -49.02 39.17
N PHE P 82 31.07 -48.95 37.84
CA PHE P 82 31.97 -49.86 37.15
C PHE P 82 33.41 -49.56 37.46
N VAL P 83 33.77 -48.27 37.53
CA VAL P 83 35.13 -47.85 37.83
C VAL P 83 35.14 -46.86 38.99
N ARG P 84 35.91 -47.19 40.03
CA ARG P 84 36.01 -46.40 41.24
C ARG P 84 36.92 -45.20 41.04
N VAL P 85 36.80 -44.17 41.90
CA VAL P 85 37.57 -42.95 41.82
C VAL P 85 39.07 -43.13 42.04
N ARG P 86 39.46 -43.99 42.99
CA ARG P 86 40.84 -44.21 43.42
C ARG P 86 41.57 -42.98 43.94
N SER P 87 42.91 -43.05 44.07
CA SER P 87 43.70 -42.04 44.74
C SER P 87 44.91 -41.75 43.92
N ARG P 88 45.50 -40.55 44.06
CA ARG P 88 46.41 -39.98 43.08
C ARG P 88 47.63 -40.81 42.79
N GLU P 89 48.27 -41.34 43.83
CA GLU P 89 49.42 -42.21 43.71
C GLU P 89 49.13 -43.54 43.00
N GLN P 90 47.93 -44.10 43.20
CA GLN P 90 47.55 -45.43 42.78
C GLN P 90 46.90 -45.44 41.41
N ARG P 91 46.94 -44.33 40.69
CA ARG P 91 46.24 -44.20 39.44
C ARG P 91 46.82 -45.05 38.34
N ARG P 92 48.05 -45.55 38.47
CA ARG P 92 48.64 -46.44 37.47
C ARG P 92 48.50 -47.91 37.83
N VAL P 93 47.86 -48.22 38.96
CA VAL P 93 47.54 -49.59 39.34
C VAL P 93 46.59 -50.24 38.36
N ARG P 94 46.81 -51.51 38.01
CA ARG P 94 45.78 -52.28 37.32
C ARG P 94 45.79 -53.74 37.76
N LYS P 95 46.42 -54.64 36.99
CA LYS P 95 46.45 -56.05 37.29
C LYS P 95 47.76 -56.69 36.77
N ASN Q 1 85.96 -51.33 28.32
CA ASN Q 1 87.24 -50.77 27.72
C ASN Q 1 87.37 -50.95 26.21
N PRO Q 2 86.86 -50.09 25.32
CA PRO Q 2 86.38 -50.55 24.03
C PRO Q 2 87.47 -50.54 23.00
N ASP Q 3 88.74 -50.27 23.35
CA ASP Q 3 89.81 -50.40 22.39
C ASP Q 3 89.99 -51.80 21.78
N PRO Q 4 89.86 -52.97 22.43
CA PRO Q 4 90.35 -54.16 21.73
C PRO Q 4 89.47 -55.32 22.11
N VAL Q 5 88.19 -55.08 22.48
CA VAL Q 5 87.31 -56.13 22.96
C VAL Q 5 87.05 -57.20 21.92
N GLU Q 6 87.53 -58.43 22.21
CA GLU Q 6 87.50 -59.53 21.29
C GLU Q 6 86.10 -60.03 21.00
N GLU Q 7 85.27 -60.25 22.03
CA GLU Q 7 83.98 -60.86 21.81
C GLU Q 7 82.89 -59.85 21.50
N SER Q 8 83.18 -58.99 20.52
CA SER Q 8 82.30 -57.96 20.00
C SER Q 8 81.75 -58.39 18.65
N LYS Q 9 82.16 -59.59 18.20
CA LYS Q 9 81.85 -60.15 16.91
C LYS Q 9 80.37 -60.34 16.66
N LYS Q 10 79.65 -60.59 17.76
CA LYS Q 10 78.22 -60.75 17.79
C LYS Q 10 77.43 -59.47 17.52
N HIS Q 11 78.04 -58.27 17.59
CA HIS Q 11 77.32 -57.04 17.33
C HIS Q 11 76.95 -56.83 15.87
N LYS Q 12 75.86 -56.07 15.62
CA LYS Q 12 75.43 -55.53 14.33
C LYS Q 12 76.50 -55.13 13.34
N LEU Q 13 76.23 -55.24 12.04
CA LEU Q 13 77.05 -54.63 11.01
C LEU Q 13 77.18 -53.12 11.20
N LYS Q 14 78.40 -52.71 11.62
CA LYS Q 14 78.85 -51.44 12.16
C LYS Q 14 79.24 -51.59 13.61
N ARG Q 15 80.48 -52.09 13.78
CA ARG Q 15 81.12 -52.44 15.03
C ARG Q 15 82.21 -51.42 15.29
N LEU Q 16 83.30 -51.82 16.00
CA LEU Q 16 84.48 -50.98 16.08
C LEU Q 16 85.17 -50.81 14.74
N ILE Q 17 85.36 -51.92 14.00
CA ILE Q 17 85.89 -51.91 12.64
C ILE Q 17 84.85 -52.58 11.76
N PRO Q 18 84.36 -52.02 10.65
CA PRO Q 18 83.54 -52.71 9.67
C PRO Q 18 84.05 -54.06 9.28
N THR Q 19 83.18 -55.06 9.13
CA THR Q 19 83.61 -56.35 8.62
C THR Q 19 82.42 -56.98 7.98
N PRO Q 20 82.44 -57.48 6.78
CA PRO Q 20 81.28 -58.12 6.20
C PRO Q 20 81.03 -59.47 6.82
N ASN Q 21 79.76 -59.85 7.01
CA ASN Q 21 79.39 -61.15 7.51
C ASN Q 21 79.04 -62.04 6.35
N SER Q 22 79.47 -61.63 5.16
CA SER Q 22 79.21 -62.22 3.89
C SER Q 22 80.51 -62.63 3.26
N TYR Q 23 80.52 -63.79 2.61
CA TYR Q 23 81.74 -64.40 2.14
C TYR Q 23 81.49 -65.14 0.86
N PHE Q 24 82.55 -65.64 0.20
CA PHE Q 24 82.37 -66.43 -0.99
C PHE Q 24 82.71 -67.84 -0.66
N MET Q 25 82.06 -68.75 -1.38
CA MET Q 25 82.00 -70.12 -1.03
C MET Q 25 82.37 -70.92 -2.25
N ASP Q 26 83.28 -71.89 -2.10
CA ASP Q 26 83.54 -72.88 -3.12
C ASP Q 26 82.54 -74.03 -3.03
N VAL Q 27 81.71 -74.17 -4.06
CA VAL Q 27 80.59 -75.09 -4.06
C VAL Q 27 80.75 -76.07 -5.21
N LYS Q 28 80.28 -77.31 -5.02
CA LYS Q 28 80.14 -78.26 -6.09
C LYS Q 28 78.83 -79.01 -5.97
N CYS Q 29 78.24 -79.34 -7.15
CA CYS Q 29 76.94 -79.95 -7.35
C CYS Q 29 76.98 -81.47 -7.22
N PRO Q 30 76.14 -82.13 -6.43
CA PRO Q 30 76.11 -83.58 -6.35
C PRO Q 30 75.83 -84.25 -7.68
N GLY Q 31 76.67 -85.22 -8.07
CA GLY Q 31 76.47 -86.00 -9.28
C GLY Q 31 76.90 -85.33 -10.57
N CYS Q 32 77.48 -84.12 -10.49
CA CYS Q 32 78.00 -83.45 -11.66
C CYS Q 32 79.40 -82.95 -11.41
N LEU Q 33 79.72 -82.60 -10.14
CA LEU Q 33 81.07 -82.52 -9.63
C LEU Q 33 82.04 -81.65 -10.40
N GLN Q 34 81.60 -80.44 -10.76
CA GLN Q 34 82.46 -79.39 -11.25
C GLN Q 34 82.51 -78.31 -10.19
N ILE Q 35 83.70 -77.72 -9.98
CA ILE Q 35 83.91 -76.62 -9.06
C ILE Q 35 83.08 -75.38 -9.44
N THR Q 36 82.45 -74.68 -8.48
CA THR Q 36 81.91 -73.34 -8.79
C THR Q 36 82.09 -72.37 -7.65
N THR Q 37 82.64 -71.18 -7.99
CA THR Q 37 82.57 -69.92 -7.26
C THR Q 37 81.16 -69.46 -6.98
N LEU Q 38 80.83 -69.13 -5.73
CA LEU Q 38 79.49 -68.72 -5.42
C LEU Q 38 79.50 -67.86 -4.18
N PHE Q 39 78.48 -67.04 -4.06
CA PHE Q 39 78.37 -65.98 -3.10
C PHE Q 39 77.30 -66.33 -2.10
N SER Q 40 77.70 -66.52 -0.83
CA SER Q 40 76.75 -66.52 0.27
C SER Q 40 76.03 -65.18 0.34
N HIS Q 41 74.69 -65.20 0.16
CA HIS Q 41 73.82 -64.07 -0.05
C HIS Q 41 73.66 -63.69 -1.51
N ALA Q 42 73.77 -64.65 -2.45
CA ALA Q 42 73.48 -64.43 -3.86
C ALA Q 42 72.06 -63.98 -4.18
N GLN Q 43 71.89 -62.99 -5.06
CA GLN Q 43 70.65 -62.27 -5.23
C GLN Q 43 69.87 -62.65 -6.48
N ASN Q 44 70.40 -63.52 -7.32
CA ASN Q 44 69.68 -63.97 -8.50
C ASN Q 44 70.06 -65.40 -8.73
N VAL Q 45 69.26 -66.13 -9.51
CA VAL Q 45 69.38 -67.58 -9.62
C VAL Q 45 70.74 -68.07 -10.05
N VAL Q 46 71.13 -69.27 -9.60
CA VAL Q 46 72.50 -69.71 -9.72
C VAL Q 46 72.42 -71.07 -10.35
N LEU Q 47 73.13 -71.28 -11.48
CA LEU Q 47 73.05 -72.52 -12.22
C LEU Q 47 74.28 -73.36 -12.03
N CYS Q 48 74.17 -74.70 -12.13
CA CYS Q 48 75.32 -75.54 -12.41
C CYS Q 48 75.70 -75.46 -13.89
N GLY Q 49 77.01 -75.64 -14.20
CA GLY Q 49 77.57 -75.23 -15.48
C GLY Q 49 77.30 -76.08 -16.70
N SER Q 50 77.44 -77.42 -16.59
CA SER Q 50 77.39 -78.31 -17.76
C SER Q 50 76.03 -78.41 -18.40
N CYS Q 51 75.02 -78.62 -17.55
CA CYS Q 51 73.62 -78.57 -17.86
C CYS Q 51 73.04 -77.60 -16.84
N ASN Q 52 72.31 -76.57 -17.28
CA ASN Q 52 71.79 -75.59 -16.35
C ASN Q 52 70.63 -76.17 -15.57
N ILE Q 53 70.96 -76.65 -14.36
CA ILE Q 53 70.03 -77.06 -13.35
C ILE Q 53 70.29 -76.10 -12.22
N MET Q 54 69.25 -75.58 -11.56
CA MET Q 54 69.49 -74.66 -10.47
C MET Q 54 70.33 -75.25 -9.35
N LEU Q 55 71.14 -74.41 -8.74
CA LEU Q 55 71.93 -74.68 -7.57
C LEU Q 55 71.22 -73.97 -6.46
N CYS Q 56 71.57 -72.69 -6.23
CA CYS Q 56 70.97 -71.90 -5.19
C CYS Q 56 69.72 -71.17 -5.61
N GLN Q 57 68.69 -71.26 -4.75
CA GLN Q 57 67.54 -70.40 -4.77
C GLN Q 57 67.82 -69.09 -4.02
N PRO Q 58 67.76 -67.92 -4.64
CA PRO Q 58 67.93 -66.66 -3.92
C PRO Q 58 66.69 -66.32 -3.13
N THR Q 59 66.88 -65.73 -1.95
CA THR Q 59 65.86 -65.17 -1.09
C THR Q 59 66.62 -64.24 -0.20
N GLY Q 60 65.93 -63.34 0.51
CA GLY Q 60 66.53 -62.10 0.97
C GLY Q 60 67.48 -62.20 2.12
N GLY Q 61 67.65 -63.40 2.70
CA GLY Q 61 68.70 -63.66 3.66
C GLY Q 61 69.99 -64.11 3.04
N LYS Q 62 70.63 -65.06 3.70
CA LYS Q 62 71.89 -65.65 3.37
C LYS Q 62 71.86 -66.54 2.13
N CYS Q 63 70.64 -66.81 1.60
CA CYS Q 63 70.32 -67.67 0.48
C CYS Q 63 70.46 -69.15 0.79
N LYS Q 64 69.55 -69.98 0.23
CA LYS Q 64 69.26 -71.27 0.86
C LYS Q 64 69.79 -72.48 0.10
N LEU Q 65 70.65 -72.28 -0.91
CA LEU Q 65 71.21 -73.35 -1.72
C LEU Q 65 70.17 -74.30 -2.31
N THR Q 66 70.43 -75.60 -2.17
CA THR Q 66 69.59 -76.73 -2.52
C THR Q 66 69.84 -77.67 -1.38
N GLU Q 67 69.11 -78.78 -1.27
CA GLU Q 67 69.36 -79.78 -0.25
C GLU Q 67 70.74 -80.42 -0.36
N GLY Q 68 71.20 -80.67 -1.61
CA GLY Q 68 72.52 -81.19 -1.93
C GLY Q 68 73.65 -80.21 -1.82
N CYS Q 69 74.77 -80.55 -2.47
CA CYS Q 69 75.96 -79.71 -2.61
C CYS Q 69 76.84 -79.68 -1.39
N SER Q 70 78.14 -79.37 -1.59
CA SER Q 70 79.08 -79.27 -0.49
C SER Q 70 79.88 -77.99 -0.63
N PHE Q 71 80.19 -77.35 0.52
CA PHE Q 71 80.62 -75.96 0.53
C PHE Q 71 81.84 -75.75 1.41
N ARG Q 72 82.97 -75.40 0.78
CA ARG Q 72 84.14 -74.79 1.39
C ARG Q 72 84.00 -73.30 1.51
N LYS Q 73 84.62 -72.62 2.50
CA LYS Q 73 84.73 -71.17 2.39
C LYS Q 73 85.89 -70.79 1.50
N LYS Q 74 85.67 -69.82 0.58
CA LYS Q 74 86.61 -69.49 -0.47
C LYS Q 74 87.44 -68.29 -0.12
N ILE Q 75 87.46 -67.90 1.16
CA ILE Q 75 88.43 -66.96 1.70
C ILE Q 75 89.85 -67.43 1.51
N GLU Q 76 90.79 -66.52 1.23
CA GLU Q 76 92.17 -66.92 1.06
C GLU Q 76 92.82 -67.29 2.42
N GLU R 1 -3.79 -69.93 56.06
CA GLU R 1 -2.81 -70.96 55.59
C GLU R 1 -1.81 -71.40 56.65
N LYS R 2 -0.92 -72.37 56.32
CA LYS R 2 -0.37 -73.31 57.28
C LYS R 2 1.13 -73.17 57.54
N SER R 3 1.51 -73.13 58.83
CA SER R 3 2.90 -73.14 59.30
C SER R 3 3.67 -74.39 58.92
N LYS R 4 4.98 -74.26 58.64
CA LYS R 4 5.90 -75.38 58.56
C LYS R 4 7.14 -75.00 59.33
N LEU R 5 8.01 -75.96 59.68
CA LEU R 5 9.01 -75.77 60.71
C LEU R 5 10.45 -75.83 60.21
N ALA R 6 11.28 -74.88 60.65
CA ALA R 6 12.71 -75.02 60.52
C ALA R 6 13.38 -74.44 61.76
N LYS R 7 14.40 -75.13 62.30
CA LYS R 7 15.05 -74.76 63.54
C LYS R 7 16.27 -73.91 63.28
N VAL R 8 16.37 -72.74 63.93
CA VAL R 8 17.48 -71.84 63.72
C VAL R 8 18.77 -72.46 64.23
N GLU R 9 19.76 -72.54 63.34
CA GLU R 9 21.03 -73.15 63.63
C GLU R 9 22.05 -72.08 63.89
N LYS R 10 22.17 -71.11 62.97
CA LYS R 10 23.18 -70.08 63.05
C LYS R 10 22.65 -68.76 62.51
N VAL R 11 23.01 -67.67 63.23
CA VAL R 11 22.72 -66.30 62.89
C VAL R 11 23.90 -65.74 62.11
N LEU R 12 23.70 -65.32 60.85
CA LEU R 12 24.81 -64.89 60.03
C LEU R 12 25.08 -63.40 60.17
N GLY R 13 24.04 -62.54 60.13
CA GLY R 13 24.28 -61.10 60.18
C GLY R 13 23.03 -60.29 60.12
N ARG R 14 23.06 -59.06 60.66
CA ARG R 14 21.90 -58.19 60.64
C ARG R 14 21.97 -57.31 59.39
N THR R 15 20.88 -57.32 58.60
CA THR R 15 20.80 -56.72 57.28
C THR R 15 19.66 -55.71 57.16
N GLY R 16 19.39 -55.25 55.91
CA GLY R 16 18.32 -54.32 55.60
C GLY R 16 18.66 -52.88 55.80
N SER R 17 17.75 -51.99 55.37
CA SER R 17 17.95 -50.55 55.35
C SER R 17 18.04 -49.91 56.71
N ARG R 18 17.21 -50.35 57.66
CA ARG R 18 17.17 -49.76 58.98
C ARG R 18 17.77 -50.73 59.99
N GLY R 19 18.32 -51.86 59.48
CA GLY R 19 18.99 -52.86 60.29
C GLY R 19 18.13 -53.89 60.99
N GLY R 20 16.81 -53.88 60.73
CA GLY R 20 15.88 -54.77 61.43
C GLY R 20 15.80 -56.18 60.90
N VAL R 21 16.43 -56.47 59.76
CA VAL R 21 16.37 -57.79 59.18
C VAL R 21 17.58 -58.60 59.68
N ILE R 22 17.48 -59.94 59.78
CA ILE R 22 18.62 -60.78 60.12
C ILE R 22 18.70 -61.97 59.17
N GLN R 23 19.88 -62.21 58.58
CA GLN R 23 20.23 -63.40 57.83
C GLN R 23 20.46 -64.63 58.69
N VAL R 24 19.79 -65.76 58.41
CA VAL R 24 19.77 -66.92 59.29
C VAL R 24 19.82 -68.22 58.50
N ARG R 25 20.61 -69.21 58.96
CA ARG R 25 20.54 -70.59 58.49
C ARG R 25 19.66 -71.45 59.37
N ALA R 26 18.65 -72.11 58.78
CA ALA R 26 17.62 -72.84 59.49
C ALA R 26 17.53 -74.28 58.99
N GLN R 27 17.25 -75.25 59.87
CA GLN R 27 17.22 -76.65 59.52
C GLN R 27 15.79 -77.17 59.49
N PHE R 28 15.36 -77.72 58.33
CA PHE R 28 14.01 -78.11 58.01
C PHE R 28 13.74 -79.58 58.44
N GLY R 36 19.37 -80.80 50.05
CA GLY R 36 19.49 -80.89 51.55
C GLY R 36 18.34 -80.27 52.30
N ARG R 37 18.37 -80.35 53.64
CA ARG R 37 17.31 -79.83 54.49
C ARG R 37 17.72 -78.56 55.23
N PHE R 38 18.87 -77.95 54.88
CA PHE R 38 19.13 -76.55 55.17
C PHE R 38 18.13 -75.62 54.47
N LEU R 39 17.79 -74.51 55.11
CA LEU R 39 17.04 -73.44 54.49
C LEU R 39 17.67 -72.11 54.89
N ILE R 40 17.99 -71.25 53.92
CA ILE R 40 18.46 -69.90 54.18
C ILE R 40 17.30 -68.94 54.32
N ARG R 41 17.33 -68.08 55.34
CA ARG R 41 16.25 -67.22 55.73
C ARG R 41 16.67 -65.78 55.92
N ASN R 42 15.68 -64.89 55.83
CA ASN R 42 15.75 -63.53 56.34
C ASN R 42 14.62 -63.38 57.33
N VAL R 43 14.95 -63.03 58.58
CA VAL R 43 14.00 -62.98 59.68
C VAL R 43 13.92 -61.57 60.25
N LYS R 44 12.74 -61.17 60.73
CA LYS R 44 12.47 -59.92 61.39
C LYS R 44 12.22 -60.17 62.87
N GLY R 45 12.83 -59.35 63.74
CA GLY R 45 12.72 -59.45 65.19
C GLY R 45 13.71 -60.38 65.82
N PRO R 46 14.03 -60.18 67.10
CA PRO R 46 15.14 -60.83 67.79
C PRO R 46 15.12 -62.34 67.71
N VAL R 47 16.22 -62.95 67.27
CA VAL R 47 16.34 -64.37 67.13
C VAL R 47 17.55 -64.84 67.91
N ARG R 48 17.44 -65.96 68.63
CA ARG R 48 18.55 -66.61 69.27
C ARG R 48 18.71 -67.98 68.65
N GLU R 49 19.91 -68.58 68.67
CA GLU R 49 20.13 -69.94 68.26
C GLU R 49 19.28 -70.95 69.07
N GLY R 50 18.74 -71.99 68.40
CA GLY R 50 17.82 -72.92 69.02
C GLY R 50 16.39 -72.44 69.08
N ASP R 51 16.09 -71.24 68.56
CA ASP R 51 14.74 -70.85 68.19
C ASP R 51 14.24 -71.66 66.99
N ILE R 52 12.92 -71.85 66.82
CA ILE R 52 12.37 -72.56 65.67
C ILE R 52 11.49 -71.59 64.92
N LEU R 53 11.68 -71.47 63.61
CA LEU R 53 11.11 -70.43 62.82
C LEU R 53 9.93 -70.93 61.99
N ALA R 54 8.80 -70.21 62.05
CA ALA R 54 7.59 -70.59 61.34
C ALA R 54 7.62 -70.15 59.88
N LEU R 55 7.64 -71.13 58.97
CA LEU R 55 7.69 -70.90 57.55
C LEU R 55 6.30 -70.73 56.95
N LEU R 56 6.15 -69.89 55.92
CA LEU R 56 4.90 -69.75 55.21
C LEU R 56 5.04 -70.36 53.83
N GLU R 57 5.64 -69.64 52.86
CA GLU R 57 5.93 -70.18 51.53
C GLU R 57 7.29 -70.86 51.51
N THR R 58 7.27 -72.20 51.61
CA THR R 58 8.39 -73.01 52.08
C THR R 58 9.52 -73.17 51.10
N GLU R 59 9.27 -72.95 49.81
CA GLU R 59 10.28 -73.17 48.79
C GLU R 59 10.98 -71.88 48.39
N ARG R 60 10.58 -70.75 49.00
CA ARG R 60 11.10 -69.41 48.71
C ARG R 60 12.45 -69.14 49.41
N GLU R 61 13.50 -69.95 49.12
CA GLU R 61 14.81 -69.78 49.73
C GLU R 61 15.47 -68.45 49.41
N ALA R 62 16.10 -67.82 50.41
CA ALA R 62 16.57 -66.47 50.30
C ALA R 62 17.94 -66.36 49.64
N ARG R 63 18.28 -65.14 49.18
CA ARG R 63 19.60 -64.78 48.72
C ARG R 63 20.44 -64.26 49.88
N ARG R 64 21.56 -64.94 50.20
CA ARG R 64 22.55 -64.37 51.10
C ARG R 64 23.21 -63.12 50.54
N LEU R 65 23.50 -62.14 51.41
CA LEU R 65 24.22 -60.96 51.05
C LEU R 65 25.74 -61.17 51.34
N GLY S 1 27.22 19.77 43.21
CA GLY S 1 28.48 19.16 43.81
C GLY S 1 28.70 19.45 45.27
N SER S 2 29.66 18.76 45.90
CA SER S 2 29.83 18.74 47.35
C SER S 2 31.10 19.46 47.75
N LEU S 3 31.54 20.43 46.92
CA LEU S 3 32.84 21.07 46.96
C LEU S 3 33.21 21.82 48.21
N ALA S 4 32.29 22.61 48.77
CA ALA S 4 32.67 23.77 49.55
C ALA S 4 32.92 23.49 51.03
N ARG S 5 33.00 22.21 51.43
CA ARG S 5 33.48 21.84 52.74
C ARG S 5 35.00 21.87 52.81
N ALA S 6 35.67 21.85 51.63
CA ALA S 6 37.10 22.00 51.42
C ALA S 6 37.84 22.94 52.36
N GLY S 7 39.06 22.58 52.78
CA GLY S 7 39.81 23.40 53.73
C GLY S 7 39.37 23.22 55.16
N LYS S 8 38.54 22.20 55.40
CA LYS S 8 37.99 21.84 56.69
C LYS S 8 39.03 21.69 57.80
N VAL S 9 39.98 20.75 57.66
CA VAL S 9 40.80 20.34 58.77
C VAL S 9 41.80 21.43 59.17
N LYS S 10 42.48 22.08 58.21
CA LYS S 10 43.38 23.18 58.45
C LYS S 10 42.68 24.33 59.13
N ASN S 11 41.48 24.72 58.68
CA ASN S 11 40.71 25.71 59.38
C ASN S 11 40.37 25.31 60.83
N GLN S 12 39.95 24.05 61.06
CA GLN S 12 39.59 23.59 62.38
C GLN S 12 40.68 23.58 63.45
N THR S 13 41.91 23.13 63.12
CA THR S 13 42.96 22.93 64.11
C THR S 13 43.41 24.17 64.86
N PRO S 14 43.75 24.13 66.15
CA PRO S 14 44.47 25.19 66.83
C PRO S 14 45.77 25.61 66.16
N LYS S 15 46.26 26.83 66.45
CA LYS S 15 47.49 27.34 65.89
C LYS S 15 48.46 27.67 67.01
N VAL S 16 49.73 27.26 66.86
CA VAL S 16 50.69 27.21 67.95
C VAL S 16 51.89 28.09 67.60
N PRO S 17 52.44 28.93 68.48
CA PRO S 17 53.68 29.66 68.23
C PRO S 17 54.90 28.76 68.25
N LYS S 18 55.94 29.06 67.46
CA LYS S 18 56.98 28.10 67.11
C LYS S 18 58.24 28.15 67.99
N LEU S 19 58.21 28.90 69.09
CA LEU S 19 59.29 29.00 70.06
C LEU S 19 60.67 29.45 69.56
N ASP S 20 61.68 29.39 70.44
CA ASP S 20 62.96 30.06 70.26
C ASP S 20 64.03 29.06 69.87
N LYS S 21 64.64 28.40 70.89
CA LYS S 21 65.68 27.39 70.78
C LYS S 21 67.04 27.99 70.45
N LYS S 22 68.12 27.39 71.00
CA LYS S 22 69.46 27.87 70.72
C LYS S 22 69.96 27.26 69.42
N LYS S 23 70.14 28.11 68.38
CA LYS S 23 70.67 27.85 67.04
C LYS S 23 71.15 26.45 66.72
N ARG S 24 70.42 25.68 65.88
CA ARG S 24 70.90 24.38 65.47
C ARG S 24 72.18 24.46 64.64
N LEU S 25 73.18 23.63 64.96
CA LEU S 25 74.49 23.70 64.32
C LEU S 25 74.51 23.42 62.83
N THR S 26 75.43 24.09 62.11
CA THR S 26 75.73 23.77 60.73
C THR S 26 76.95 22.89 60.65
N GLY S 27 77.16 22.21 59.51
CA GLY S 27 78.50 21.86 59.07
C GLY S 27 79.23 20.86 59.91
N ARG S 28 80.55 21.07 60.01
CA ARG S 28 81.47 20.27 60.79
C ARG S 28 80.97 20.06 62.19
N ALA S 29 80.52 21.15 62.81
CA ALA S 29 80.05 21.19 64.16
C ALA S 29 78.88 20.26 64.37
N LYS S 30 77.90 20.28 63.46
CA LYS S 30 76.80 19.38 63.54
C LYS S 30 77.22 17.94 63.40
N LYS S 31 78.15 17.66 62.47
CA LYS S 31 78.69 16.33 62.32
C LYS S 31 79.41 15.82 63.58
N ARG S 32 80.26 16.65 64.22
CA ARG S 32 80.89 16.31 65.47
C ARG S 32 79.90 16.01 66.59
N GLN S 33 78.81 16.80 66.70
CA GLN S 33 77.77 16.51 67.68
C GLN S 33 77.11 15.17 67.44
N LEU S 34 76.73 14.87 66.19
CA LEU S 34 76.18 13.58 65.81
C LEU S 34 77.08 12.43 66.12
N TYR S 35 78.37 12.55 65.80
CA TYR S 35 79.34 11.55 66.14
C TYR S 35 79.38 11.24 67.63
N ASN S 36 79.44 12.28 68.49
CA ASN S 36 79.40 12.05 69.92
C ASN S 36 78.11 11.40 70.40
N ARG S 37 76.95 11.88 69.93
CA ARG S 37 75.70 11.41 70.49
C ARG S 37 75.38 9.97 70.10
N ARG S 38 75.75 9.55 68.88
CA ARG S 38 75.62 8.18 68.46
C ARG S 38 76.68 7.25 69.01
N PHE S 39 77.97 7.63 69.02
CA PHE S 39 79.01 6.62 69.11
C PHE S 39 79.92 6.68 70.31
N SER S 40 80.07 7.81 71.00
CA SER S 40 81.20 7.94 71.92
C SER S 40 80.95 7.32 73.28
N ASP S 41 80.23 8.01 74.18
CA ASP S 41 80.05 7.62 75.55
C ASP S 41 79.37 6.27 75.79
N ASN S 42 78.28 5.96 75.04
CA ASN S 42 77.43 4.78 75.12
C ASN S 42 78.13 3.47 75.48
N GLY S 43 77.84 2.93 76.69
CA GLY S 43 78.49 1.75 77.21
C GLY S 43 78.52 1.74 78.76
N PHE T 1 -8.43 -71.31 17.07
CA PHE T 1 -9.93 -71.50 17.24
C PHE T 1 -10.39 -72.89 16.82
N THR T 2 -11.70 -73.11 16.58
CA THR T 2 -12.25 -74.47 16.46
C THR T 2 -11.99 -75.16 15.15
N LYS T 3 -11.59 -74.43 14.10
CA LYS T 3 -11.64 -75.00 12.77
C LYS T 3 -10.33 -75.62 12.36
N LYS T 4 -9.30 -75.57 13.21
CA LYS T 4 -8.01 -76.10 12.86
C LYS T 4 -7.96 -77.61 12.93
N GLU T 5 -6.88 -78.16 12.36
CA GLU T 5 -6.72 -79.57 12.06
C GLU T 5 -5.23 -79.90 12.08
N TRP T 6 -4.80 -80.88 12.90
CA TRP T 6 -3.40 -81.28 12.97
C TRP T 6 -2.90 -81.98 11.70
N TYR T 7 -1.58 -81.86 11.43
CA TYR T 7 -0.89 -82.51 10.34
C TYR T 7 0.49 -82.92 10.81
N ASP T 8 0.95 -84.14 10.49
CA ASP T 8 2.23 -84.65 10.92
C ASP T 8 3.41 -84.25 10.00
N LEU T 9 4.53 -83.86 10.63
CA LEU T 9 5.75 -83.45 9.97
C LEU T 9 6.79 -84.54 9.91
N LYS T 10 6.97 -85.15 8.73
CA LYS T 10 8.02 -86.12 8.47
C LYS T 10 9.29 -85.50 7.89
N ALA T 11 10.47 -86.12 8.11
CA ALA T 11 11.74 -85.66 7.57
C ALA T 11 12.38 -86.72 6.69
N PRO T 12 13.10 -86.39 5.63
CA PRO T 12 13.80 -87.34 4.77
C PRO T 12 14.68 -88.41 5.39
N LYS T 13 15.00 -89.43 4.58
CA LYS T 13 15.56 -90.73 4.91
C LYS T 13 16.80 -90.75 5.77
N MET T 14 17.75 -89.84 5.52
CA MET T 14 19.03 -89.77 6.22
C MET T 14 18.95 -89.49 7.73
N PHE T 15 18.08 -88.59 8.17
CA PHE T 15 17.83 -88.33 9.57
C PHE T 15 17.20 -89.49 10.32
N LEU T 16 17.45 -89.65 11.64
CA LEU T 16 16.97 -90.83 12.31
C LEU T 16 15.50 -90.79 12.69
N VAL T 17 15.05 -89.75 13.41
CA VAL T 17 13.73 -89.76 14.02
C VAL T 17 12.59 -89.67 13.03
N ARG T 18 12.68 -88.73 12.07
CA ARG T 18 11.76 -88.59 10.95
C ARG T 18 10.30 -88.33 11.30
N ASN T 19 10.04 -87.90 12.54
CA ASN T 19 8.78 -87.35 12.97
C ASN T 19 9.17 -86.25 13.93
N PHE T 20 9.19 -85.00 13.48
CA PHE T 20 9.65 -83.90 14.30
C PHE T 20 8.53 -82.99 14.75
N GLY T 21 7.28 -83.37 14.45
CA GLY T 21 6.17 -82.89 15.24
C GLY T 21 4.86 -82.93 14.52
N LYS T 22 3.92 -82.14 15.03
CA LYS T 22 2.60 -82.01 14.48
C LYS T 22 2.42 -80.53 14.33
N THR T 23 1.70 -80.10 13.30
CA THR T 23 1.44 -78.70 13.06
C THR T 23 -0.03 -78.53 12.86
N LEU T 24 -0.62 -77.51 13.50
CA LEU T 24 -1.98 -77.12 13.24
C LEU T 24 -2.11 -76.22 12.02
N VAL T 25 -3.24 -76.34 11.30
CA VAL T 25 -3.48 -75.54 10.11
C VAL T 25 -4.94 -75.19 10.11
N THR T 26 -5.22 -73.90 9.91
CA THR T 26 -6.56 -73.33 9.80
C THR T 26 -7.53 -74.02 8.88
N LYS T 27 -8.79 -73.56 9.00
CA LYS T 27 -10.00 -73.95 8.32
C LYS T 27 -9.89 -74.50 6.90
N THR T 28 -10.74 -75.47 6.60
CA THR T 28 -10.66 -76.24 5.39
C THR T 28 -11.58 -75.73 4.31
N ILE T 29 -12.36 -74.67 4.59
CA ILE T 29 -13.33 -74.12 3.65
C ILE T 29 -12.75 -73.59 2.36
N GLY T 30 -13.50 -73.69 1.25
CA GLY T 30 -13.17 -73.01 -0.01
C GLY T 30 -13.03 -71.52 0.13
N LYS T 31 -12.31 -70.82 -0.76
CA LYS T 31 -11.63 -71.32 -1.94
C LYS T 31 -10.17 -71.63 -1.61
N LYS T 32 -9.79 -71.47 -0.33
CA LYS T 32 -8.43 -71.62 0.14
C LYS T 32 -8.30 -72.94 0.88
N LEU T 33 -7.65 -73.95 0.26
CA LEU T 33 -7.98 -75.32 0.57
C LEU T 33 -7.12 -75.91 1.67
N ALA T 34 -6.47 -75.06 2.47
CA ALA T 34 -5.68 -75.42 3.63
C ALA T 34 -4.32 -75.95 3.25
N THR T 35 -4.25 -76.83 2.26
CA THR T 35 -3.03 -77.37 1.69
C THR T 35 -2.10 -76.30 1.19
N ASP T 36 -2.62 -75.34 0.41
CA ASP T 36 -1.88 -74.17 0.02
C ASP T 36 -1.29 -73.39 1.19
N SER T 37 -2.09 -73.14 2.24
CA SER T 37 -1.56 -72.53 3.45
C SER T 37 -0.48 -73.35 4.13
N LEU T 38 -0.67 -74.67 4.24
CA LEU T 38 0.36 -75.59 4.69
C LEU T 38 1.64 -75.57 3.86
N LYS T 39 1.55 -75.66 2.52
CA LYS T 39 2.71 -75.63 1.66
C LYS T 39 3.53 -74.35 1.73
N GLY T 40 4.86 -74.48 1.79
CA GLY T 40 5.80 -73.37 1.64
C GLY T 40 6.29 -72.79 2.93
N ARG T 41 5.63 -73.07 4.06
CA ARG T 41 6.19 -72.72 5.35
C ARG T 41 7.46 -73.49 5.68
N ILE T 42 8.16 -73.10 6.76
CA ILE T 42 9.52 -73.53 6.98
C ILE T 42 9.73 -73.89 8.43
N TYR T 43 10.58 -74.88 8.70
CA TYR T 43 10.75 -75.44 10.01
C TYR T 43 12.21 -75.37 10.38
N GLU T 44 12.49 -74.83 11.58
CA GLU T 44 13.79 -74.90 12.21
C GLU T 44 13.81 -76.07 13.18
N VAL T 45 14.50 -77.15 12.84
CA VAL T 45 14.64 -78.30 13.71
C VAL T 45 16.05 -78.31 14.27
N ASN T 46 16.21 -78.40 15.60
CA ASN T 46 17.51 -78.69 16.18
C ASN T 46 18.03 -80.08 15.78
N LEU T 47 19.29 -80.14 15.29
CA LEU T 47 19.89 -81.33 14.71
C LEU T 47 20.07 -82.46 15.70
N ALA T 48 20.44 -82.13 16.94
CA ALA T 48 20.43 -83.05 18.05
C ALA T 48 19.04 -83.63 18.25
N ASP T 49 18.01 -82.80 18.36
CA ASP T 49 16.64 -83.23 18.50
C ASP T 49 16.03 -84.01 17.33
N LEU T 50 16.84 -84.33 16.32
CA LEU T 50 16.47 -85.02 15.13
C LEU T 50 17.18 -86.37 15.07
N ASN T 51 18.46 -86.44 15.48
CA ASN T 51 19.15 -87.71 15.67
C ASN T 51 18.96 -88.33 17.04
N ASN T 52 18.80 -87.48 18.07
CA ASN T 52 18.89 -87.70 19.51
C ASN T 52 20.31 -87.62 20.04
N ASP T 53 21.21 -86.84 19.38
CA ASP T 53 22.62 -86.83 19.69
C ASP T 53 23.13 -85.44 20.04
N GLU T 54 23.52 -85.23 21.31
CA GLU T 54 23.83 -83.93 21.84
C GLU T 54 25.13 -83.34 21.31
N ASP T 55 26.02 -84.11 20.68
CA ASP T 55 27.18 -83.54 20.04
C ASP T 55 26.83 -82.73 18.80
N GLN T 56 25.60 -82.83 18.29
CA GLN T 56 25.14 -81.97 17.23
C GLN T 56 24.24 -80.85 17.71
N ALA T 57 24.16 -80.61 19.04
CA ALA T 57 23.18 -79.71 19.63
C ALA T 57 23.37 -78.25 19.34
N HIS T 58 24.54 -77.87 18.81
CA HIS T 58 24.78 -76.52 18.43
C HIS T 58 24.44 -76.26 16.97
N LYS T 59 23.85 -77.24 16.27
CA LYS T 59 23.41 -77.06 14.91
C LYS T 59 21.89 -77.14 14.81
N LYS T 60 21.28 -76.33 13.93
CA LYS T 60 19.90 -76.51 13.58
C LYS T 60 19.76 -76.48 12.07
N ILE T 61 18.83 -77.29 11.55
CA ILE T 61 18.54 -77.39 10.15
C ILE T 61 17.26 -76.70 9.82
N LYS T 62 17.20 -76.10 8.64
CA LYS T 62 15.95 -75.64 8.12
C LYS T 62 15.46 -76.73 7.18
N LEU T 63 14.19 -77.11 7.33
CA LEU T 63 13.49 -78.06 6.48
C LEU T 63 12.29 -77.33 5.96
N SER T 64 12.03 -77.39 4.66
CA SER T 64 10.92 -76.63 4.10
C SER T 64 9.80 -77.55 3.74
N CYS T 65 8.58 -77.02 3.77
CA CYS T 65 7.39 -77.73 3.43
C CYS T 65 7.16 -77.63 1.94
N ASP T 66 7.13 -78.78 1.22
CA ASP T 66 7.04 -78.73 -0.23
C ASP T 66 6.06 -79.71 -0.83
N HIS T 67 5.69 -80.80 -0.14
CA HIS T 67 4.68 -81.65 -0.70
C HIS T 67 3.85 -82.30 0.37
N ILE T 68 2.56 -82.48 0.05
CA ILE T 68 1.55 -82.94 0.96
C ILE T 68 0.81 -84.08 0.29
N ILE T 69 0.46 -85.14 1.03
CA ILE T 69 -0.64 -86.01 0.68
C ILE T 69 -1.44 -86.06 1.96
N ASN T 70 -2.78 -85.98 1.84
CA ASN T 70 -3.75 -85.89 2.93
C ASN T 70 -3.28 -85.34 4.29
N ARG T 71 -2.83 -86.24 5.16
CA ARG T 71 -2.57 -86.00 6.54
C ARG T 71 -1.08 -85.79 6.81
N ASP T 72 -0.25 -85.82 5.77
CA ASP T 72 1.19 -85.90 5.90
C ASP T 72 1.93 -84.82 5.15
N CYS T 73 2.93 -84.21 5.82
CA CYS T 73 3.89 -83.32 5.21
C CYS T 73 5.28 -83.95 5.27
N TYR T 74 5.96 -84.09 4.12
CA TYR T 74 7.20 -84.86 4.08
C TYR T 74 8.47 -84.04 4.09
N THR T 75 8.40 -82.76 3.72
CA THR T 75 9.54 -81.83 3.73
C THR T 75 10.78 -82.13 2.88
N ASP T 76 11.55 -81.06 2.60
CA ASP T 76 12.81 -81.07 1.89
C ASP T 76 13.86 -80.32 2.72
N PHE T 77 15.16 -80.60 2.49
CA PHE T 77 16.29 -79.84 2.99
C PHE T 77 16.26 -78.36 2.56
N CYS T 78 16.40 -77.42 3.51
CA CYS T 78 16.40 -76.02 3.16
C CYS T 78 17.58 -75.21 3.65
N GLY T 79 18.22 -75.52 4.79
CA GLY T 79 19.48 -74.86 5.14
C GLY T 79 20.07 -75.39 6.42
N LEU T 80 21.20 -74.81 6.85
CA LEU T 80 21.91 -75.28 8.01
C LEU T 80 22.51 -74.12 8.77
N SER T 81 22.16 -73.94 10.05
CA SER T 81 22.68 -72.85 10.86
C SER T 81 23.23 -73.32 12.18
N ILE T 82 24.21 -72.57 12.72
CA ILE T 82 24.77 -72.75 14.03
C ILE T 82 24.02 -71.92 15.06
N THR T 83 23.84 -72.43 16.29
CA THR T 83 23.23 -71.69 17.38
C THR T 83 24.10 -70.56 17.88
N ARG T 84 23.52 -69.35 18.05
CA ARG T 84 24.27 -68.13 18.34
C ARG T 84 25.17 -68.15 19.56
N ASP T 85 24.78 -68.83 20.63
CA ASP T 85 25.61 -69.06 21.80
C ASP T 85 26.94 -69.76 21.51
N LYS T 86 26.91 -70.87 20.76
CA LYS T 86 28.07 -71.63 20.36
C LYS T 86 29.01 -70.79 19.54
N LEU T 87 28.48 -70.01 18.59
CA LEU T 87 29.24 -69.11 17.77
C LEU T 87 30.00 -68.07 18.58
N CYS T 88 29.31 -67.44 19.54
CA CYS T 88 29.92 -66.52 20.47
C CYS T 88 31.01 -67.15 21.30
N SER T 89 30.75 -68.36 21.81
CA SER T 89 31.64 -69.08 22.69
C SER T 89 33.00 -69.31 22.09
N LEU T 90 33.05 -69.76 20.82
CA LEU T 90 34.30 -69.86 20.08
C LEU T 90 35.13 -68.58 20.04
N ILE T 91 34.50 -67.42 19.81
CA ILE T 91 35.17 -66.14 19.80
C ILE T 91 35.73 -65.75 21.16
N ARG T 92 37.06 -65.67 21.31
CA ARG T 92 37.71 -65.11 22.48
C ARG T 92 38.95 -64.36 21.99
N LYS T 93 39.21 -63.15 22.53
CA LYS T 93 40.29 -62.29 22.06
C LYS T 93 41.68 -62.85 22.26
N GLY T 94 42.63 -62.44 21.39
CA GLY T 94 44.00 -62.93 21.37
C GLY T 94 44.21 -64.05 20.37
N TYR T 95 43.10 -64.58 19.87
CA TYR T 95 43.02 -65.43 18.72
C TYR T 95 42.45 -64.56 17.62
N THR T 96 42.55 -64.97 16.35
CA THR T 96 41.99 -64.15 15.27
C THR T 96 41.03 -64.94 14.41
N LEU T 97 39.81 -64.42 14.24
CA LEU T 97 38.81 -64.98 13.37
C LEU T 97 39.22 -64.96 11.90
N ILE T 98 38.92 -66.03 11.15
CA ILE T 98 39.00 -66.05 9.70
C ILE T 98 37.65 -66.50 9.18
N GLU T 99 36.97 -65.67 8.35
CA GLU T 99 35.72 -66.07 7.74
C GLU T 99 35.82 -66.08 6.24
N GLY T 100 35.62 -67.26 5.62
CA GLY T 100 35.38 -67.41 4.19
C GLY T 100 33.92 -67.55 3.84
N HIS T 101 33.61 -67.35 2.55
CA HIS T 101 32.32 -67.72 2.04
C HIS T 101 32.37 -67.77 0.53
N THR T 102 31.43 -68.47 -0.12
CA THR T 102 31.38 -68.52 -1.57
C THR T 102 30.01 -68.95 -2.01
N ASP T 103 29.69 -68.78 -3.30
CA ASP T 103 28.53 -69.32 -3.95
C ASP T 103 28.91 -70.52 -4.82
N VAL T 104 28.17 -71.63 -4.73
CA VAL T 104 28.49 -72.84 -5.41
C VAL T 104 27.21 -73.57 -5.78
N LYS T 105 27.26 -74.42 -6.82
CA LYS T 105 26.10 -75.13 -7.30
C LYS T 105 26.31 -76.63 -7.28
N THR T 106 25.23 -77.38 -7.09
CA THR T 106 25.27 -78.82 -6.94
C THR T 106 25.17 -79.55 -8.25
N LEU T 107 25.39 -80.88 -8.23
CA LEU T 107 25.09 -81.73 -9.36
C LEU T 107 23.60 -81.70 -9.72
N ASP T 108 22.73 -81.62 -8.68
CA ASP T 108 21.29 -81.45 -8.84
C ASP T 108 20.88 -80.06 -9.30
N ASN T 109 21.82 -79.10 -9.34
CA ASN T 109 21.59 -77.74 -9.80
C ASN T 109 20.85 -76.91 -8.80
N TYR T 110 21.16 -77.09 -7.52
CA TYR T 110 20.78 -76.15 -6.49
C TYR T 110 21.91 -75.16 -6.40
N HIS T 111 21.62 -73.86 -6.29
CA HIS T 111 22.67 -72.90 -5.98
C HIS T 111 22.62 -72.65 -4.50
N LEU T 112 23.75 -72.80 -3.80
CA LEU T 112 23.86 -72.59 -2.37
C LEU T 112 24.97 -71.61 -2.05
N ARG T 113 24.93 -71.07 -0.84
CA ARG T 113 25.93 -70.19 -0.30
C ARG T 113 26.38 -70.70 1.05
N MET T 114 27.70 -70.74 1.30
CA MET T 114 28.28 -71.32 2.48
C MET T 114 29.13 -70.28 3.17
N PHE T 115 29.01 -70.18 4.49
CA PHE T 115 29.70 -69.22 5.32
C PHE T 115 30.58 -69.97 6.28
N CYS T 116 31.91 -69.99 6.08
CA CYS T 116 32.76 -70.89 6.85
C CYS T 116 33.71 -70.12 7.74
N ILE T 117 33.63 -70.41 9.04
CA ILE T 117 34.47 -69.78 10.03
C ILE T 117 35.66 -70.63 10.36
N ALA T 118 36.73 -70.04 10.90
CA ALA T 118 37.91 -70.76 11.31
C ALA T 118 38.71 -69.94 12.30
N PHE T 119 39.16 -70.59 13.39
CA PHE T 119 39.95 -69.96 14.42
C PHE T 119 41.36 -70.52 14.46
N THR T 120 42.34 -69.69 14.82
CA THR T 120 43.71 -70.08 15.10
C THR T 120 43.91 -70.95 16.33
N LYS T 121 44.91 -71.85 16.32
CA LYS T 121 45.32 -72.60 17.50
C LYS T 121 46.67 -72.15 18.03
N LYS T 122 46.85 -72.12 19.37
CA LYS T 122 48.04 -71.62 20.03
C LYS T 122 49.34 -72.38 19.81
N ARG T 123 49.29 -73.74 19.89
CA ARG T 123 50.42 -74.67 19.91
C ARG T 123 51.55 -74.43 20.94
N GLN T 124 52.33 -75.49 21.25
CA GLN T 124 52.92 -75.65 22.57
C GLN T 124 54.20 -74.90 22.84
N ASN T 125 54.95 -74.48 21.81
CA ASN T 125 56.22 -73.80 22.05
C ASN T 125 56.04 -72.30 22.03
N GLN T 126 54.81 -71.83 21.76
CA GLN T 126 54.52 -70.43 21.53
C GLN T 126 54.70 -69.52 22.74
N THR T 127 54.22 -69.95 23.93
CA THR T 127 54.25 -69.18 25.17
C THR T 127 53.36 -67.96 25.17
N LYS T 128 53.80 -66.86 24.53
CA LYS T 128 53.12 -65.60 24.22
C LYS T 128 51.62 -65.68 24.03
N SER T 129 50.84 -64.80 24.69
CA SER T 129 49.40 -64.94 24.72
C SER T 129 48.72 -64.76 23.38
N THR T 130 49.07 -63.73 22.61
CA THR T 130 48.56 -63.54 21.26
C THR T 130 49.07 -64.55 20.26
N CYS T 131 48.25 -64.90 19.26
CA CYS T 131 48.58 -65.96 18.31
C CYS T 131 48.28 -65.57 16.90
N TYR T 132 48.10 -64.26 16.63
CA TYR T 132 47.65 -63.78 15.34
C TYR T 132 48.55 -64.15 14.19
N ALA T 133 47.97 -64.52 13.03
CA ALA T 133 48.76 -64.79 11.85
C ALA T 133 49.04 -63.53 11.05
N GLN T 134 50.04 -63.57 10.15
CA GLN T 134 50.25 -62.52 9.18
C GLN T 134 49.03 -62.39 8.27
N THR T 135 48.68 -61.18 7.83
CA THR T 135 47.54 -60.94 6.96
C THR T 135 47.66 -61.62 5.62
N SER T 136 48.87 -61.63 5.04
CA SER T 136 49.16 -62.39 3.85
C SER T 136 48.83 -63.87 4.04
N GLN T 137 49.24 -64.45 5.17
CA GLN T 137 48.84 -65.79 5.56
C GLN T 137 47.34 -65.97 5.68
N ILE T 138 46.59 -65.08 6.36
CA ILE T 138 45.16 -65.30 6.52
C ILE T 138 44.44 -65.26 5.18
N LYS T 139 44.86 -64.36 4.29
CA LYS T 139 44.39 -64.31 2.94
C LYS T 139 44.63 -65.60 2.16
N LYS T 140 45.83 -66.19 2.25
CA LYS T 140 46.11 -67.50 1.69
C LYS T 140 45.22 -68.58 2.30
N ILE T 141 45.05 -68.59 3.63
CA ILE T 141 44.19 -69.54 4.31
C ILE T 141 42.75 -69.41 3.85
N ARG T 142 42.24 -68.19 3.74
CA ARG T 142 40.90 -67.93 3.26
C ARG T 142 40.69 -68.42 1.86
N LYS T 143 41.61 -68.12 0.93
CA LYS T 143 41.51 -68.62 -0.42
C LYS T 143 41.48 -70.13 -0.47
N LYS T 144 42.37 -70.77 0.30
CA LYS T 144 42.46 -72.21 0.37
C LYS T 144 41.17 -72.81 0.89
N MET T 145 40.61 -72.23 1.95
CA MET T 145 39.33 -72.63 2.50
C MET T 145 38.20 -72.53 1.50
N VAL T 146 38.09 -71.39 0.79
CA VAL T 146 37.12 -71.23 -0.28
C VAL T 146 37.28 -72.27 -1.35
N ASP T 147 38.52 -72.56 -1.77
CA ASP T 147 38.81 -73.53 -2.78
C ASP T 147 38.36 -74.94 -2.41
N ILE T 148 38.67 -75.39 -1.19
CA ILE T 148 38.29 -76.72 -0.73
C ILE T 148 36.80 -76.86 -0.69
N MET T 149 36.10 -75.84 -0.16
CA MET T 149 34.68 -75.92 0.02
C MET T 149 33.93 -75.92 -1.28
N THR T 150 34.32 -75.10 -2.26
CA THR T 150 33.69 -75.10 -3.56
C THR T 150 33.91 -76.40 -4.30
N ALA T 151 35.13 -76.96 -4.26
CA ALA T 151 35.39 -78.25 -4.84
C ALA T 151 34.56 -79.38 -4.21
N GLU T 152 34.48 -79.42 -2.87
CA GLU T 152 33.72 -80.43 -2.16
C GLU T 152 32.23 -80.34 -2.37
N ALA T 153 31.67 -79.12 -2.34
CA ALA T 153 30.28 -78.89 -2.67
C ALA T 153 29.91 -79.29 -4.09
N SER T 154 30.73 -78.90 -5.08
CA SER T 154 30.36 -79.06 -6.49
C SER T 154 30.09 -80.48 -6.93
N LYS T 155 30.99 -81.40 -6.53
CA LYS T 155 30.94 -82.83 -6.78
C LYS T 155 29.58 -83.52 -6.84
N VAL T 156 28.88 -83.59 -5.71
CA VAL T 156 27.84 -84.58 -5.50
C VAL T 156 26.43 -84.06 -5.68
N LEU T 157 25.49 -85.02 -5.71
CA LEU T 157 24.08 -84.83 -5.43
C LEU T 157 23.84 -84.16 -4.09
N LEU T 158 22.68 -83.50 -3.92
CA LEU T 158 22.42 -82.68 -2.76
C LEU T 158 22.29 -83.51 -1.51
N LYS T 159 21.59 -84.65 -1.60
CA LYS T 159 21.35 -85.49 -0.45
C LYS T 159 22.64 -85.94 0.23
N ASP T 160 23.64 -86.38 -0.55
CA ASP T 160 24.95 -86.66 -0.05
C ASP T 160 25.66 -85.46 0.54
N LEU T 161 25.59 -84.28 -0.09
CA LEU T 161 26.20 -83.07 0.46
C LEU T 161 25.68 -82.71 1.84
N VAL T 162 24.35 -82.77 2.00
CA VAL T 162 23.69 -82.60 3.27
C VAL T 162 24.15 -83.65 4.27
N LYS T 163 24.24 -84.91 3.83
CA LYS T 163 24.72 -86.00 4.64
C LYS T 163 26.14 -85.77 5.12
N LYS T 164 27.02 -85.24 4.27
CA LYS T 164 28.38 -84.81 4.60
C LYS T 164 28.40 -83.76 5.70
N PHE T 165 27.52 -82.75 5.64
CA PHE T 165 27.41 -81.77 6.69
C PHE T 165 27.16 -82.37 8.08
N ILE T 166 26.27 -83.35 8.20
CA ILE T 166 25.89 -83.96 9.46
C ILE T 166 27.08 -84.44 10.32
N PRO T 167 28.06 -85.24 9.91
CA PRO T 167 29.21 -85.53 10.75
C PRO T 167 30.37 -84.72 10.23
N GLU T 168 30.08 -83.52 9.71
CA GLU T 168 30.94 -82.35 9.80
C GLU T 168 32.26 -82.48 9.07
N SER T 169 32.24 -83.19 7.93
CA SER T 169 33.46 -83.56 7.21
C SER T 169 34.28 -82.37 6.75
N ILE T 170 33.58 -81.33 6.30
CA ILE T 170 34.18 -80.19 5.63
C ILE T 170 35.22 -79.52 6.51
N GLY T 171 34.88 -79.26 7.78
CA GLY T 171 35.82 -78.68 8.71
C GLY T 171 37.10 -79.45 8.91
N LYS T 172 37.00 -80.78 9.02
CA LYS T 172 38.16 -81.64 9.16
C LYS T 172 39.09 -81.51 7.98
N GLU T 173 38.52 -81.56 6.77
CA GLU T 173 39.29 -81.40 5.55
C GLU T 173 39.98 -80.06 5.46
N ILE T 174 39.27 -78.96 5.80
CA ILE T 174 39.84 -77.63 5.83
C ILE T 174 41.00 -77.55 6.79
N GLU T 175 40.86 -78.12 8.00
CA GLU T 175 41.92 -78.10 8.98
C GLU T 175 43.17 -78.83 8.51
N LYS T 176 43.00 -80.05 7.97
CA LYS T 176 44.11 -80.81 7.44
C LYS T 176 44.89 -80.10 6.35
N GLN T 177 44.22 -79.48 5.38
CA GLN T 177 44.88 -78.69 4.36
C GLN T 177 45.61 -77.49 4.91
N CYS T 178 44.99 -76.75 5.84
CA CYS T 178 45.60 -75.54 6.33
C CYS T 178 46.72 -75.77 7.32
N LYS T 179 46.83 -76.96 7.95
CA LYS T 179 47.81 -77.24 8.99
C LYS T 179 49.25 -76.87 8.67
N LYS T 180 49.66 -77.08 7.40
CA LYS T 180 50.97 -76.76 6.89
C LYS T 180 51.27 -75.27 6.97
N ILE T 181 50.30 -74.44 6.56
CA ILE T 181 50.44 -73.00 6.55
C ILE T 181 50.18 -72.42 7.92
N TYR T 182 49.11 -72.81 8.62
CA TYR T 182 48.89 -72.34 9.98
C TYR T 182 48.08 -73.35 10.81
N PRO T 183 48.26 -73.52 12.10
CA PRO T 183 47.41 -74.42 12.86
C PRO T 183 46.06 -73.80 13.11
N LEU T 184 44.99 -74.60 12.98
CA LEU T 184 43.68 -74.08 13.25
C LEU T 184 43.06 -74.86 14.38
N GLN T 185 41.84 -74.47 14.77
CA GLN T 185 41.14 -75.06 15.88
C GLN T 185 39.73 -75.39 15.43
N ASN T 186 38.68 -75.12 16.22
CA ASN T 186 37.30 -75.43 15.86
C ASN T 186 36.79 -74.76 14.58
N VAL T 187 36.80 -75.47 13.44
CA VAL T 187 36.42 -74.96 12.15
C VAL T 187 35.06 -75.50 11.78
N LEU T 188 34.04 -74.64 11.77
CA LEU T 188 32.69 -75.00 11.42
C LEU T 188 32.19 -74.30 10.17
N ILE T 189 31.01 -74.72 9.71
CA ILE T 189 30.27 -73.98 8.72
C ILE T 189 29.26 -73.21 9.52
N ARG T 190 29.38 -71.88 9.56
CA ARG T 190 28.52 -71.04 10.35
C ARG T 190 27.09 -71.06 9.86
N LYS T 191 26.94 -70.82 8.56
CA LYS T 191 25.64 -70.76 7.95
C LYS T 191 25.72 -71.38 6.59
N VAL T 192 24.59 -71.92 6.14
CA VAL T 192 24.34 -72.35 4.80
C VAL T 192 22.98 -71.80 4.45
N LYS T 193 22.85 -71.24 3.25
CA LYS T 193 21.62 -70.72 2.71
C LYS T 193 21.44 -71.39 1.36
N ILE T 194 20.21 -71.78 1.00
CA ILE T 194 19.98 -72.14 -0.39
C ILE T 194 19.58 -70.87 -1.11
N LEU T 195 20.18 -70.65 -2.29
CA LEU T 195 19.95 -69.46 -3.06
C LEU T 195 18.92 -69.68 -4.12
N LYS T 196 19.09 -70.73 -4.93
CA LYS T 196 18.16 -71.06 -5.99
C LYS T 196 17.99 -72.55 -6.11
N ARG T 197 16.98 -73.12 -5.43
CA ARG T 197 16.52 -74.48 -5.62
C ARG T 197 15.91 -74.73 -7.01
N PRO T 198 16.14 -75.83 -7.73
CA PRO T 198 15.54 -76.08 -9.03
C PRO T 198 14.10 -76.46 -8.89
N LYS T 199 13.34 -76.39 -10.01
CA LYS T 199 11.91 -76.59 -10.02
C LYS T 199 11.48 -77.95 -9.49
N LEU T 200 10.43 -77.98 -8.66
CA LEU T 200 10.03 -79.15 -7.90
C LEU T 200 9.61 -80.36 -8.74
N ASP T 201 10.04 -81.57 -8.35
CA ASP T 201 9.46 -82.81 -8.81
C ASP T 201 9.05 -83.61 -7.60
N ILE T 202 7.74 -83.65 -7.30
CA ILE T 202 7.14 -84.48 -6.26
C ILE T 202 7.66 -85.89 -6.20
N SER T 203 7.78 -86.54 -7.37
CA SER T 203 8.36 -87.85 -7.59
C SER T 203 9.71 -88.03 -6.95
N LYS T 204 10.68 -87.22 -7.36
CA LYS T 204 12.01 -87.25 -6.85
C LYS T 204 12.05 -86.94 -5.37
N LEU T 205 11.31 -85.90 -4.93
CA LEU T 205 11.25 -85.55 -3.52
C LEU T 205 10.75 -86.66 -2.62
N MET T 206 9.64 -87.29 -2.98
CA MET T 206 9.17 -88.46 -2.29
C MET T 206 10.10 -89.64 -2.35
N GLU T 207 10.70 -89.91 -3.53
CA GLU T 207 11.63 -91.01 -3.70
C GLU T 207 12.86 -90.88 -2.81
N LEU T 208 13.42 -89.66 -2.72
CA LEU T 208 14.37 -89.34 -1.69
C LEU T 208 13.83 -89.52 -0.29
N HIS T 209 12.61 -89.03 -0.02
CA HIS T 209 12.03 -89.17 1.29
C HIS T 209 11.79 -90.58 1.82
N THR T 210 11.18 -91.45 1.00
CA THR T 210 10.40 -92.63 1.39
C THR T 210 9.76 -92.65 2.81
N GLY U 1 78.39 35.17 -0.51
CA GLY U 1 78.87 34.38 -1.71
C GLY U 1 79.37 32.98 -1.40
N LYS U 2 80.44 32.53 -2.07
CA LYS U 2 81.09 31.28 -1.71
C LYS U 2 82.52 31.31 -2.22
N GLY U 3 83.29 32.34 -1.82
CA GLY U 3 84.68 32.52 -2.23
C GLY U 3 85.67 31.65 -1.50
N ILE U 4 86.97 31.95 -1.65
CA ILE U 4 88.02 31.40 -0.79
C ILE U 4 87.91 31.81 0.67
N LYS U 5 88.31 30.94 1.60
CA LYS U 5 88.22 31.24 3.02
C LYS U 5 89.50 31.94 3.47
N LYS U 6 89.43 33.17 3.99
CA LYS U 6 90.62 33.90 4.39
C LYS U 6 90.93 33.79 5.89
N HIS U 7 89.95 33.41 6.73
CA HIS U 7 90.15 33.29 8.15
C HIS U 7 90.71 31.96 8.56
N LEU U 8 91.33 31.89 9.75
CA LEU U 8 91.73 30.63 10.33
C LEU U 8 91.50 30.67 11.82
N LYS U 9 90.60 29.82 12.35
CA LYS U 9 90.42 29.67 13.78
C LYS U 9 91.69 29.19 14.45
N ARG U 10 92.02 29.68 15.66
CA ARG U 10 93.21 29.23 16.36
C ARG U 10 93.19 27.74 16.67
N VAL U 11 92.04 27.20 17.10
CA VAL U 11 91.92 25.77 17.29
C VAL U 11 92.10 24.98 16.01
N ASN U 12 91.60 25.47 14.87
CA ASN U 12 91.62 24.70 13.64
C ASN U 12 92.99 24.70 12.98
N ALA U 13 93.86 25.64 13.35
CA ALA U 13 95.23 25.70 12.90
C ALA U 13 96.05 24.46 13.24
N PRO U 14 97.07 24.09 12.49
CA PRO U 14 97.92 22.93 12.78
C PRO U 14 98.39 22.78 14.21
N SER U 15 98.43 21.55 14.76
CA SER U 15 98.90 21.31 16.12
C SER U 15 100.33 21.75 16.34
N HIS U 16 101.16 21.64 15.30
CA HIS U 16 102.58 21.96 15.38
C HIS U 16 102.85 23.44 15.26
N TRP U 17 101.80 24.27 15.22
CA TRP U 17 101.97 25.68 15.48
C TRP U 17 102.26 25.84 16.95
N MET U 18 101.66 24.99 17.80
CA MET U 18 101.91 24.97 19.22
C MET U 18 101.33 26.20 19.91
N LEU U 19 100.09 26.56 19.53
CA LEU U 19 99.35 27.62 20.14
C LEU U 19 98.43 27.09 21.20
N ASN U 20 98.10 27.94 22.18
CA ASN U 20 97.29 27.54 23.31
C ASN U 20 95.80 27.60 23.03
N LYS U 21 94.97 27.04 23.92
CA LYS U 21 93.53 27.08 23.75
C LYS U 21 92.95 28.45 23.93
N MET U 22 93.43 29.20 24.93
CA MET U 22 92.73 30.38 25.39
C MET U 22 93.19 31.69 24.79
N GLY U 23 94.23 31.69 23.94
CA GLY U 23 94.78 32.92 23.38
C GLY U 23 94.00 33.44 22.21
N GLY U 24 92.94 34.23 22.45
CA GLY U 24 92.07 34.69 21.37
C GLY U 24 91.41 33.59 20.57
N GLN U 25 91.09 33.86 19.30
CA GLN U 25 90.20 33.00 18.54
C GLN U 25 90.70 32.69 17.15
N TYR U 26 91.52 33.55 16.57
CA TYR U 26 91.98 33.41 15.22
C TYR U 26 93.48 33.41 15.25
N ALA U 27 94.10 32.51 14.46
CA ALA U 27 95.53 32.45 14.25
C ALA U 27 95.96 33.43 13.15
N PRO U 28 97.21 33.81 12.94
CA PRO U 28 97.64 34.26 11.63
C PRO U 28 97.39 33.22 10.56
N LYS U 29 96.69 33.54 9.47
CA LYS U 29 96.63 32.63 8.33
C LYS U 29 97.83 32.92 7.47
N THR U 30 98.67 31.92 7.14
CA THR U 30 99.82 32.15 6.27
C THR U 30 99.40 32.72 4.95
N SER U 31 100.08 33.74 4.43
CA SER U 31 99.87 34.12 3.06
C SER U 31 100.27 33.01 2.13
N SER U 32 99.68 32.98 0.94
CA SER U 32 100.14 32.18 -0.16
C SER U 32 101.58 32.49 -0.51
N GLY U 33 102.37 31.47 -0.90
CA GLY U 33 103.80 31.69 -1.00
C GLY U 33 104.57 30.40 -1.08
N PRO U 34 105.88 30.42 -0.95
CA PRO U 34 106.74 29.36 -1.49
C PRO U 34 106.67 28.02 -0.80
N HIS U 35 105.93 27.86 0.30
CA HIS U 35 105.76 26.57 0.91
C HIS U 35 104.32 26.42 1.33
N LYS U 36 103.80 25.20 1.34
CA LYS U 36 102.43 24.92 1.70
C LYS U 36 102.07 25.32 3.12
N LEU U 37 100.84 25.82 3.33
CA LEU U 37 100.31 26.26 4.60
C LEU U 37 100.56 25.30 5.74
N LEU U 38 100.17 24.03 5.57
CA LEU U 38 100.33 23.00 6.57
C LEU U 38 101.77 22.59 6.82
N GLU U 39 102.72 23.12 6.04
CA GLU U 39 104.07 22.65 5.98
C GLU U 39 105.00 23.84 6.09
N SER U 40 104.73 24.75 7.02
CA SER U 40 105.56 25.92 7.17
C SER U 40 105.42 26.43 8.57
N ILE U 41 105.40 27.74 8.74
CA ILE U 41 104.99 28.48 9.89
C ILE U 41 104.81 29.86 9.31
N PRO U 42 103.93 30.71 9.78
CA PRO U 42 103.92 32.12 9.45
C PRO U 42 104.93 32.86 10.28
N LEU U 43 105.61 33.84 9.68
CA LEU U 43 106.70 34.57 10.29
C LEU U 43 106.38 35.15 11.66
N VAL U 44 105.12 35.55 11.91
CA VAL U 44 104.64 35.98 13.21
C VAL U 44 104.91 34.97 14.30
N ILE U 45 104.56 33.68 14.07
CA ILE U 45 104.79 32.61 15.01
C ILE U 45 106.26 32.47 15.35
N LEU U 46 107.12 32.53 14.33
CA LEU U 46 108.56 32.43 14.49
C LEU U 46 109.12 33.52 15.38
N LEU U 47 108.75 34.78 15.11
CA LEU U 47 109.22 35.91 15.88
C LEU U 47 108.67 35.99 17.29
N ARG U 48 107.38 35.71 17.49
CA ARG U 48 106.77 35.96 18.76
C ARG U 48 106.72 34.71 19.59
N ASN U 49 106.15 33.64 19.05
CA ASN U 49 105.86 32.44 19.80
C ASN U 49 107.04 31.49 19.95
N ARG U 50 108.04 31.57 19.06
CA ARG U 50 109.23 30.74 19.16
C ARG U 50 110.39 31.53 19.70
N LEU U 51 110.92 32.51 18.96
CA LEU U 51 112.08 33.28 19.41
C LEU U 51 111.81 34.17 20.61
N LYS U 52 110.59 34.72 20.71
CA LYS U 52 110.20 35.64 21.76
C LYS U 52 110.88 36.99 21.67
N TYR U 53 110.90 37.61 20.47
CA TYR U 53 111.34 38.99 20.33
C TYR U 53 110.18 39.94 20.22
N ALA U 54 108.96 39.43 20.33
CA ALA U 54 107.76 40.23 20.34
C ALA U 54 106.84 39.53 21.29
N LEU U 55 105.95 40.26 21.99
CA LEU U 55 104.97 39.67 22.85
C LEU U 55 103.61 39.77 22.19
N THR U 56 103.53 40.60 21.15
CA THR U 56 102.29 40.93 20.47
C THR U 56 102.47 40.89 18.98
N PHE U 57 101.37 40.79 18.23
CA PHE U 57 101.37 40.83 16.79
C PHE U 57 101.84 42.19 16.31
N ASP U 58 101.45 43.22 17.06
CA ASP U 58 101.83 44.57 16.84
C ASP U 58 103.35 44.78 16.87
N GLU U 59 104.04 44.22 17.88
CA GLU U 59 105.47 44.22 17.90
C GLU U 59 106.09 43.51 16.70
N VAL U 60 105.50 42.39 16.26
CA VAL U 60 105.90 41.78 15.00
C VAL U 60 105.79 42.73 13.82
N LYS U 61 104.67 43.48 13.69
CA LYS U 61 104.53 44.50 12.65
C LYS U 61 105.64 45.55 12.73
N MET U 62 105.94 46.04 13.94
CA MET U 62 107.00 47.00 14.17
C MET U 62 108.36 46.47 13.74
N ILE U 63 108.67 45.21 14.09
CA ILE U 63 109.87 44.54 13.64
C ILE U 63 109.92 44.40 12.13
N LEU U 64 108.83 43.98 11.50
CA LEU U 64 108.76 43.75 10.07
C LEU U 64 108.94 44.98 9.22
N ILE U 65 108.37 46.14 9.60
CA ILE U 65 108.61 47.40 8.90
C ILE U 65 110.07 47.72 8.74
N GLN U 66 110.83 47.53 9.82
CA GLN U 66 112.26 47.63 9.78
C GLN U 66 112.82 46.48 8.97
N LYS U 67 113.74 46.78 8.03
CA LYS U 67 114.15 45.81 7.03
C LYS U 67 115.29 44.96 7.55
N ILE U 68 115.13 44.46 8.78
CA ILE U 68 116.16 43.84 9.56
C ILE U 68 116.00 42.34 9.60
N VAL U 69 114.88 41.83 9.08
CA VAL U 69 114.69 40.42 8.85
C VAL U 69 114.91 40.12 7.40
N LYS U 70 115.66 39.05 7.10
CA LYS U 70 115.78 38.59 5.75
C LYS U 70 115.68 37.11 5.80
N VAL U 71 114.87 36.58 4.88
CA VAL U 71 114.69 35.19 4.61
C VAL U 71 115.26 35.00 3.24
N ASP U 72 116.07 33.96 3.00
CA ASP U 72 116.50 33.61 1.67
C ASP U 72 117.28 34.74 1.00
N ASN U 73 118.14 35.42 1.79
CA ASN U 73 119.00 36.51 1.36
C ASN U 73 118.28 37.84 1.05
N LYS U 74 116.94 37.86 0.98
CA LYS U 74 116.12 39.02 0.60
C LYS U 74 115.26 39.53 1.75
N VAL U 75 114.97 40.84 1.83
CA VAL U 75 114.09 41.34 2.87
C VAL U 75 112.66 40.92 2.62
N ARG U 76 111.90 40.63 3.68
CA ARG U 76 110.50 40.29 3.58
C ARG U 76 109.74 41.35 4.31
N THR U 77 108.41 41.40 4.13
CA THR U 77 107.65 42.57 4.59
C THR U 77 106.28 42.23 5.13
N ASP U 78 105.68 41.07 4.76
CA ASP U 78 104.39 40.70 5.28
C ASP U 78 104.55 39.81 6.49
N CYS U 79 103.75 40.07 7.52
CA CYS U 79 103.72 39.31 8.75
C CYS U 79 103.44 37.84 8.52
N THR U 80 102.55 37.54 7.58
CA THR U 80 102.01 36.22 7.39
C THR U 80 102.80 35.43 6.37
N PHE U 81 103.96 35.95 5.93
CA PHE U 81 104.84 35.31 4.98
C PHE U 81 105.37 33.95 5.50
N PRO U 82 105.48 32.88 4.70
CA PRO U 82 105.85 31.57 5.21
C PRO U 82 107.34 31.41 5.48
N VAL U 83 107.73 30.74 6.57
CA VAL U 83 109.15 30.53 6.86
C VAL U 83 109.82 29.52 5.95
N GLY U 84 109.11 28.47 5.51
CA GLY U 84 109.63 27.45 4.61
C GLY U 84 110.41 26.33 5.25
N LEU U 85 110.40 25.14 4.61
CA LEU U 85 110.96 23.90 5.16
C LEU U 85 112.44 23.95 5.37
N MET U 86 113.16 24.47 4.37
CA MET U 86 114.54 24.74 4.55
C MET U 86 114.79 26.16 4.14
N ASP U 87 115.18 26.99 5.11
CA ASP U 87 115.62 28.29 4.76
C ASP U 87 116.50 28.88 5.83
N VAL U 88 117.04 30.06 5.50
CA VAL U 88 117.91 30.83 6.33
C VAL U 88 117.18 32.08 6.72
N ILE U 89 116.94 32.26 8.02
CA ILE U 89 116.49 33.48 8.62
C ILE U 89 117.70 34.25 9.12
N HIS U 90 117.81 35.52 8.72
CA HIS U 90 118.88 36.41 9.11
C HIS U 90 118.31 37.63 9.79
N ILE U 91 118.72 37.87 11.05
CA ILE U 91 118.28 38.99 11.85
C ILE U 91 119.46 39.93 11.98
N THR U 92 119.38 41.06 11.27
CA THR U 92 120.57 41.84 10.94
C THR U 92 121.07 42.73 12.04
N LYS U 93 120.20 43.13 12.99
CA LYS U 93 120.59 43.98 14.09
C LYS U 93 121.57 43.32 15.02
N SER U 94 121.33 42.05 15.38
CA SER U 94 122.15 41.33 16.33
C SER U 94 123.09 40.36 15.66
N ASN U 95 123.08 40.33 14.31
CA ASN U 95 123.96 39.54 13.49
C ASN U 95 123.75 38.04 13.66
N GLU U 96 122.49 37.60 13.72
CA GLU U 96 122.18 36.23 14.03
C GLU U 96 121.62 35.54 12.80
N TYR U 97 122.09 34.31 12.58
CA TYR U 97 121.64 33.50 11.48
C TYR U 97 121.02 32.23 12.03
N PHE U 98 119.82 31.90 11.56
CA PHE U 98 119.15 30.68 11.93
C PHE U 98 118.85 29.89 10.69
N ARG U 99 119.01 28.56 10.76
CA ARG U 99 118.47 27.71 9.72
C ARG U 99 117.27 27.02 10.34
N LEU U 100 116.15 26.86 9.61
CA LEU U 100 114.98 26.24 10.17
C LEU U 100 115.01 24.73 10.04
N LEU U 101 114.87 23.97 11.15
CA LEU U 101 114.86 22.52 11.09
C LEU U 101 113.77 21.94 11.97
N TYR U 102 113.37 20.68 11.70
CA TYR U 102 112.50 19.92 12.59
C TYR U 102 113.27 19.36 13.77
N ASP U 103 112.64 19.33 14.96
CA ASP U 103 113.11 18.54 16.07
C ASP U 103 112.91 17.03 15.86
N ILE U 104 112.69 16.27 16.95
CA ILE U 104 112.43 14.84 16.87
C ILE U 104 111.04 14.53 17.38
N LYS U 105 110.21 15.56 17.62
CA LYS U 105 108.86 15.39 18.09
C LYS U 105 107.88 15.82 17.04
N GLY U 106 108.30 16.67 16.09
CA GLY U 106 107.50 17.05 14.94
C GLY U 106 107.19 18.51 14.84
N ARG U 107 108.05 19.40 15.36
CA ARG U 107 107.85 20.82 15.15
C ARG U 107 109.14 21.57 14.85
N PHE U 108 108.99 22.78 14.28
CA PHE U 108 110.07 23.61 13.83
C PHE U 108 110.74 24.44 14.90
N VAL U 109 112.05 24.29 15.00
CA VAL U 109 112.93 25.06 15.85
C VAL U 109 113.85 25.89 14.97
N PRO U 110 114.12 27.13 15.29
CA PRO U 110 115.10 27.94 14.60
C PRO U 110 116.47 27.67 15.15
N HIS U 111 117.38 27.12 14.35
CA HIS U 111 118.62 26.55 14.82
C HIS U 111 119.79 27.47 14.46
N ARG U 112 120.55 27.90 15.48
CA ARG U 112 121.73 28.75 15.40
C ARG U 112 122.82 28.30 14.46
N ILE U 113 123.09 29.07 13.41
CA ILE U 113 123.99 28.67 12.36
C ILE U 113 125.07 29.69 12.12
N THR U 114 126.30 29.21 11.84
CA THR U 114 127.45 30.02 11.47
C THR U 114 127.33 30.77 10.17
N ASN U 115 128.01 31.93 10.08
CA ASN U 115 127.96 32.82 8.95
C ASN U 115 128.33 32.13 7.64
N GLU U 116 129.41 31.33 7.65
CA GLU U 116 129.87 30.62 6.49
C GLU U 116 128.85 29.66 5.90
N GLU U 117 128.20 28.78 6.70
CA GLU U 117 127.24 27.87 6.12
C GLU U 117 125.92 28.54 5.77
N SER U 118 125.66 29.74 6.31
CA SER U 118 124.46 30.53 6.08
C SER U 118 124.23 30.97 4.65
N LYS U 119 125.23 30.84 3.78
CA LYS U 119 125.15 31.38 2.44
C LYS U 119 124.62 30.38 1.42
N TYR U 120 124.28 29.15 1.84
CA TYR U 120 123.65 28.14 1.01
C TYR U 120 122.41 27.49 1.64
N LYS U 121 121.58 26.85 0.81
CA LYS U 121 120.43 26.10 1.28
C LYS U 121 120.28 24.82 0.50
N LEU U 122 119.38 23.92 0.96
CA LEU U 122 119.14 22.62 0.38
C LEU U 122 117.78 22.61 -0.23
N CYS U 123 117.69 22.29 -1.53
CA CYS U 123 116.44 22.32 -2.25
C CYS U 123 116.13 20.99 -2.87
N LYS U 124 115.02 20.38 -2.44
CA LYS U 124 114.40 19.29 -3.12
C LYS U 124 113.66 19.76 -4.35
N VAL U 125 113.93 19.13 -5.49
CA VAL U 125 113.15 19.28 -6.69
C VAL U 125 111.92 18.40 -6.62
N LYS U 126 110.73 18.95 -6.90
CA LYS U 126 109.50 18.18 -7.04
C LYS U 126 109.21 17.79 -8.48
N LYS U 127 109.57 18.62 -9.48
CA LYS U 127 109.29 18.32 -10.88
C LYS U 127 110.37 18.85 -11.81
N ILE U 128 110.46 18.29 -13.02
CA ILE U 128 111.38 18.74 -14.05
C ILE U 128 110.61 18.82 -15.36
N LEU U 129 110.51 20.05 -15.89
CA LEU U 129 109.75 20.38 -17.07
C LEU U 129 110.65 20.79 -18.21
N LEU U 130 110.30 20.36 -19.43
CA LEU U 130 110.98 20.72 -20.65
C LEU U 130 110.30 21.90 -21.31
N ARG U 131 110.94 23.09 -21.31
CA ARG U 131 110.39 24.30 -21.85
C ARG U 131 111.06 24.66 -23.15
N LYS U 132 110.37 25.49 -23.95
CA LYS U 132 110.69 25.86 -25.32
C LYS U 132 112.15 26.04 -25.70
N GLY U 133 112.53 25.46 -26.86
CA GLY U 133 113.91 25.43 -27.36
C GLY U 133 114.72 24.29 -26.79
N ARG U 134 114.04 23.33 -26.14
CA ARG U 134 114.64 22.16 -25.51
C ARG U 134 115.56 22.53 -24.35
N LEU U 135 115.08 23.40 -23.45
CA LEU U 135 115.75 23.80 -22.22
C LEU U 135 115.01 23.31 -20.98
N SER U 136 115.59 22.36 -20.22
CA SER U 136 114.98 21.88 -18.99
C SER U 136 114.96 22.90 -17.87
N ILE U 137 113.97 22.79 -16.97
CA ILE U 137 113.93 23.56 -15.74
C ILE U 137 113.41 22.65 -14.65
N ALA U 138 113.98 22.77 -13.44
CA ALA U 138 113.55 22.04 -12.27
C ALA U 138 112.70 22.92 -11.37
N VAL U 139 111.81 22.30 -10.60
CA VAL U 139 110.80 22.97 -9.82
C VAL U 139 110.93 22.49 -8.41
N THR U 140 111.11 23.40 -7.45
CA THR U 140 111.48 23.01 -6.10
C THR U 140 110.34 23.08 -5.11
N HIS U 141 110.45 22.30 -4.02
CA HIS U 141 109.59 22.40 -2.85
C HIS U 141 109.76 23.71 -2.09
N ASP U 142 110.78 24.50 -2.47
CA ASP U 142 111.07 25.79 -1.96
C ASP U 142 110.40 26.84 -2.84
N GLY U 143 109.53 26.40 -3.78
CA GLY U 143 108.66 27.27 -4.56
C GLY U 143 109.38 27.96 -5.68
N ARG U 144 110.64 27.58 -5.87
CA ARG U 144 111.59 28.28 -6.65
C ARG U 144 111.87 27.51 -7.92
N SER U 145 112.14 28.24 -9.00
CA SER U 145 112.36 27.66 -10.31
C SER U 145 113.83 27.66 -10.65
N ILE U 146 114.33 26.53 -11.17
CA ILE U 146 115.75 26.35 -11.36
C ILE U 146 116.03 26.21 -12.83
N PRO U 147 116.64 27.17 -13.49
CA PRO U 147 116.92 27.07 -14.91
C PRO U 147 118.20 26.32 -15.13
N TYR U 148 118.28 25.54 -16.22
CA TYR U 148 119.50 24.95 -16.74
C TYR U 148 120.17 23.94 -15.82
N ILE U 149 119.34 23.16 -15.11
CA ILE U 149 119.73 22.06 -14.25
C ILE U 149 120.45 20.93 -15.00
N HIS U 150 121.37 20.21 -14.33
CA HIS U 150 122.00 19.05 -14.94
C HIS U 150 121.02 17.97 -15.37
N PRO U 151 121.23 17.26 -16.46
CA PRO U 151 120.37 16.16 -16.87
C PRO U 151 120.66 14.96 -16.03
N ASP U 152 121.76 14.99 -15.28
CA ASP U 152 122.19 13.97 -14.36
C ASP U 152 121.39 14.00 -13.04
N VAL U 153 120.65 15.09 -12.80
CA VAL U 153 119.85 15.26 -11.61
C VAL U 153 118.42 14.92 -11.94
N LYS U 154 117.79 14.06 -11.14
CA LYS U 154 116.43 13.62 -11.35
C LYS U 154 115.54 14.01 -10.19
N VAL U 155 114.26 13.59 -10.22
CA VAL U 155 113.20 14.14 -9.39
C VAL U 155 113.40 14.05 -7.88
N ASN U 156 113.97 12.96 -7.36
CA ASN U 156 114.12 12.89 -5.92
C ASN U 156 115.49 13.30 -5.47
N ASP U 157 116.40 13.63 -6.39
CA ASP U 157 117.69 14.15 -6.03
C ASP U 157 117.56 15.55 -5.46
N THR U 158 118.24 15.86 -4.35
CA THR U 158 118.22 17.22 -3.83
C THR U 158 119.38 17.96 -4.42
N VAL U 159 119.44 19.27 -4.21
CA VAL U 159 120.45 20.09 -4.81
C VAL U 159 120.84 21.19 -3.85
N ARG U 160 122.14 21.44 -3.75
CA ARG U 160 122.69 22.48 -2.95
C ARG U 160 122.66 23.77 -3.73
N LEU U 161 122.13 24.84 -3.14
CA LEU U 161 121.82 26.02 -3.89
C LEU U 161 122.35 27.25 -3.20
N ASP U 162 123.15 28.04 -3.94
CA ASP U 162 123.58 29.35 -3.53
C ASP U 162 122.41 30.31 -3.43
N LEU U 163 122.60 31.37 -2.65
CA LEU U 163 121.56 32.34 -2.36
C LEU U 163 121.87 33.66 -3.00
N GLU U 164 123.11 33.87 -3.46
CA GLU U 164 123.49 35.09 -4.17
C GLU U 164 123.06 35.02 -5.62
N THR U 165 123.34 33.90 -6.29
CA THR U 165 123.09 33.73 -7.69
C THR U 165 121.86 32.89 -7.94
N GLY U 166 121.46 32.05 -6.96
CA GLY U 166 120.34 31.13 -7.17
C GLY U 166 120.69 29.92 -8.01
N LYS U 167 121.98 29.69 -8.26
CA LYS U 167 122.46 28.60 -9.08
C LYS U 167 122.93 27.44 -8.24
N VAL U 168 123.10 26.27 -8.89
CA VAL U 168 123.42 25.04 -8.20
C VAL U 168 124.92 24.87 -8.00
N LEU U 169 125.35 24.45 -6.81
CA LEU U 169 126.74 24.17 -6.52
C LEU U 169 127.08 22.71 -6.75
N GLU U 170 126.21 21.80 -6.30
CA GLU U 170 126.39 20.37 -6.41
C GLU U 170 125.06 19.74 -6.11
N HIS U 171 124.94 18.41 -6.15
CA HIS U 171 123.68 17.74 -5.94
C HIS U 171 123.91 16.45 -5.20
N LEU U 172 122.89 15.94 -4.50
CA LEU U 172 122.95 14.72 -3.73
C LEU U 172 121.95 13.77 -4.32
N LYS U 173 122.45 12.68 -4.91
CA LYS U 173 121.63 11.61 -5.43
C LYS U 173 120.76 10.93 -4.38
N PHE U 174 119.56 10.48 -4.78
CA PHE U 174 118.60 9.78 -3.94
C PHE U 174 118.88 8.27 -3.92
N GLN U 175 120.06 7.87 -4.41
CA GLN U 175 120.68 6.57 -4.23
C GLN U 175 120.48 5.92 -2.85
N VAL U 176 120.41 4.57 -2.79
CA VAL U 176 120.06 3.84 -1.57
C VAL U 176 121.19 3.74 -0.56
N GLY U 177 121.96 4.83 -0.43
CA GLY U 177 123.05 4.97 0.51
C GLY U 177 123.17 6.40 0.97
N SER U 178 122.11 7.19 0.79
CA SER U 178 122.11 8.62 1.07
C SER U 178 121.29 8.93 2.28
N LEU U 179 121.76 9.88 3.10
CA LEU U 179 121.03 10.36 4.24
C LEU U 179 119.70 11.01 3.89
N VAL U 180 118.59 10.56 4.51
CA VAL U 180 117.26 11.08 4.30
C VAL U 180 116.63 11.56 5.61
N MET U 181 115.88 12.68 5.53
CA MET U 181 115.20 13.35 6.60
C MET U 181 113.70 13.26 6.34
N VAL U 182 112.92 12.88 7.37
CA VAL U 182 111.49 12.68 7.20
C VAL U 182 110.69 13.95 7.42
N THR U 183 109.79 14.33 6.50
CA THR U 183 109.28 15.70 6.45
C THR U 183 107.87 15.87 6.93
N ALA U 184 107.02 14.83 6.87
CA ALA U 184 105.62 15.04 7.18
C ALA U 184 104.84 13.80 7.58
N GLY U 185 105.40 12.59 7.41
CA GLY U 185 104.77 11.35 7.81
C GLY U 185 104.63 11.17 9.30
N HIS U 186 104.17 9.99 9.76
CA HIS U 186 103.95 9.75 11.17
C HIS U 186 105.23 9.84 11.98
N SER U 187 106.33 9.42 11.35
CA SER U 187 107.66 9.46 11.88
C SER U 187 108.45 10.67 11.40
N VAL U 188 107.80 11.77 10.95
CA VAL U 188 108.42 13.07 10.73
C VAL U 188 109.54 13.46 11.70
N GLY U 189 110.62 14.10 11.19
CA GLY U 189 111.68 14.55 12.07
C GLY U 189 112.58 13.44 12.53
N ARG U 190 113.18 12.73 11.58
CA ARG U 190 114.13 11.69 11.86
C ARG U 190 115.12 11.76 10.74
N VAL U 191 116.29 11.14 10.92
CA VAL U 191 117.27 10.98 9.89
C VAL U 191 117.67 9.53 9.80
N GLY U 192 117.88 9.02 8.59
CA GLY U 192 118.35 7.68 8.37
C GLY U 192 119.04 7.55 7.05
N VAL U 193 119.44 6.33 6.66
CA VAL U 193 120.38 6.15 5.57
C VAL U 193 119.77 5.69 4.25
N ILE U 194 118.44 5.47 4.18
CA ILE U 194 117.75 4.76 3.11
C ILE U 194 118.18 3.32 3.06
N SER U 195 117.37 2.41 3.64
CA SER U 195 117.63 0.99 3.45
C SER U 195 117.16 0.58 2.09
N SER U 196 115.86 0.81 1.78
CA SER U 196 115.30 0.08 0.66
C SER U 196 114.11 0.79 0.06
N ILE U 197 113.99 0.63 -1.27
CA ILE U 197 113.01 1.25 -2.13
C ILE U 197 112.04 0.23 -2.67
N ASP U 198 110.73 0.50 -2.58
CA ASP U 198 109.69 -0.38 -3.07
C ASP U 198 108.75 0.43 -3.94
N LYS U 199 108.65 0.00 -5.21
CA LYS U 199 107.95 0.71 -6.25
C LYS U 199 106.66 -0.01 -6.57
N ASN U 200 105.52 0.68 -6.46
CA ASN U 200 104.22 0.08 -6.57
C ASN U 200 103.44 0.74 -7.69
N MET U 201 102.98 -0.06 -8.67
CA MET U 201 102.36 0.46 -9.85
C MET U 201 101.08 1.21 -9.57
N GLY U 202 101.00 2.47 -10.01
CA GLY U 202 99.80 3.29 -9.90
C GLY U 202 99.52 3.85 -8.55
N THR U 203 100.40 3.64 -7.57
CA THR U 203 100.07 3.88 -6.16
C THR U 203 101.27 4.44 -5.41
N TYR U 204 101.10 4.76 -4.11
CA TYR U 204 102.16 5.26 -3.25
C TYR U 204 103.41 4.39 -3.21
N ASP U 205 104.58 5.01 -3.05
CA ASP U 205 105.84 4.30 -2.98
C ASP U 205 106.41 4.50 -1.60
N ILE U 206 106.89 3.42 -0.98
CA ILE U 206 107.32 3.42 0.40
C ILE U 206 108.82 3.22 0.44
N ILE U 207 109.53 3.88 1.36
CA ILE U 207 110.94 3.71 1.55
C ILE U 207 111.24 3.35 2.98
N HIS U 208 112.07 2.31 3.17
CA HIS U 208 112.46 1.83 4.47
C HIS U 208 113.68 2.57 4.97
N VAL U 209 113.60 3.17 6.16
CA VAL U 209 114.61 4.06 6.69
C VAL U 209 115.17 3.51 7.96
N LYS U 210 116.52 3.51 8.10
CA LYS U 210 117.19 3.03 9.30
C LYS U 210 117.88 4.15 10.07
N ASP U 211 117.55 4.24 11.37
CA ASP U 211 118.09 5.11 12.39
C ASP U 211 119.53 4.76 12.77
N SER U 212 120.26 5.68 13.42
CA SER U 212 121.62 5.41 13.91
C SER U 212 121.66 4.46 15.09
N ARG U 213 120.53 4.22 15.79
CA ARG U 213 120.46 3.21 16.83
C ARG U 213 120.00 1.89 16.24
N ASN U 214 119.90 1.82 14.89
CA ASN U 214 119.58 0.66 14.07
C ASN U 214 118.13 0.30 14.09
N LYS U 215 117.28 1.16 14.67
CA LYS U 215 115.85 1.05 14.56
C LYS U 215 115.39 1.32 13.12
N VAL U 216 114.37 0.59 12.65
CA VAL U 216 113.88 0.71 11.28
C VAL U 216 112.46 1.22 11.30
N PHE U 217 112.11 2.13 10.38
CA PHE U 217 110.73 2.47 10.15
C PHE U 217 110.53 2.76 8.67
N ALA U 218 109.31 2.58 8.15
CA ALA U 218 108.98 2.89 6.77
C ALA U 218 108.26 4.23 6.64
N THR U 219 108.31 4.85 5.45
CA THR U 219 107.65 6.13 5.21
C THR U 219 107.41 6.34 3.72
N ARG U 220 106.36 7.09 3.41
CA ARG U 220 105.91 7.41 2.08
C ARG U 220 106.82 8.37 1.33
N LEU U 221 107.18 8.05 0.06
CA LEU U 221 108.20 8.73 -0.74
C LEU U 221 108.02 10.23 -0.89
N SER U 222 106.77 10.68 -1.00
CA SER U 222 106.35 12.07 -1.06
C SER U 222 107.07 13.00 -0.10
N ASN U 223 107.24 12.56 1.16
CA ASN U 223 107.72 13.42 2.20
C ASN U 223 109.17 13.12 2.60
N VAL U 224 110.02 12.65 1.68
CA VAL U 224 111.37 12.27 2.07
C VAL U 224 112.39 13.20 1.45
N PHE U 225 113.21 13.81 2.33
CA PHE U 225 114.10 14.89 2.00
C PHE U 225 115.54 14.42 2.10
N VAL U 226 116.27 14.30 0.99
CA VAL U 226 117.68 13.94 1.04
C VAL U 226 118.48 15.04 1.70
N ILE U 227 119.42 14.69 2.58
CA ILE U 227 120.00 15.60 3.55
C ILE U 227 121.50 15.39 3.63
N GLY U 228 122.01 14.24 3.15
CA GLY U 228 123.40 14.21 2.72
C GLY U 228 123.77 12.91 2.09
N ASP U 229 125.08 12.65 2.03
CA ASP U 229 125.65 11.42 1.56
C ASP U 229 126.40 10.84 2.73
N ASN U 230 126.67 9.55 2.70
CA ASN U 230 127.10 8.73 3.82
C ASN U 230 128.23 9.26 4.70
N THR U 231 129.09 10.16 4.19
CA THR U 231 130.08 10.84 5.00
C THR U 231 129.48 11.73 6.09
N LYS U 232 128.50 12.60 5.77
CA LYS U 232 128.00 13.57 6.72
C LYS U 232 126.67 14.14 6.29
N PRO U 233 125.79 14.58 7.18
CA PRO U 233 124.79 15.58 6.82
C PRO U 233 125.38 16.87 6.26
N TYR U 234 124.80 17.43 5.18
CA TYR U 234 125.40 18.55 4.48
C TYR U 234 125.04 19.88 5.09
N ILE U 235 124.10 19.89 6.03
CA ILE U 235 123.86 21.04 6.89
C ILE U 235 123.93 20.56 8.31
N SER U 236 124.21 21.47 9.25
CA SER U 236 124.34 21.12 10.65
C SER U 236 123.01 20.78 11.29
N LEU U 237 122.79 19.51 11.63
CA LEU U 237 121.60 19.06 12.33
C LEU U 237 121.42 19.66 13.74
N PRO U 238 120.22 19.90 14.24
CA PRO U 238 119.99 20.31 15.61
C PRO U 238 120.35 19.24 16.62
N ARG U 239 120.30 19.62 17.90
CA ARG U 239 120.75 18.91 19.09
C ARG U 239 120.66 17.40 19.14
N GLU U 240 119.52 16.79 18.77
CA GLU U 240 119.36 15.37 18.93
C GLU U 240 119.74 14.62 17.68
N LYS U 241 120.22 15.36 16.67
CA LYS U 241 120.83 14.88 15.46
C LYS U 241 119.92 13.98 14.66
N GLY U 242 118.60 14.25 14.73
CA GLY U 242 117.61 13.48 13.99
C GLY U 242 117.32 12.13 14.58
N ILE U 243 117.85 11.83 15.76
CA ILE U 243 117.72 10.51 16.36
C ILE U 243 116.67 10.57 17.42
N LYS U 244 115.68 9.67 17.37
CA LYS U 244 114.57 9.75 18.30
C LYS U 244 114.67 8.69 19.37
N LEU U 245 114.77 9.13 20.64
CA LEU U 245 114.57 8.26 21.77
C LEU U 245 113.17 7.70 21.83
N ASP U 246 113.02 6.47 22.33
CA ASP U 246 111.74 5.87 22.58
C ASP U 246 111.21 6.36 23.92
N ILE U 247 109.88 6.49 24.08
CA ILE U 247 109.25 7.23 25.17
C ILE U 247 109.74 6.91 26.56
N ILE U 248 109.89 5.61 26.88
CA ILE U 248 110.32 5.13 28.17
C ILE U 248 111.70 5.64 28.49
N GLU U 249 112.62 5.46 27.54
CA GLU U 249 113.94 5.99 27.60
C GLU U 249 113.98 7.49 27.70
N GLU U 250 113.18 8.21 26.90
CA GLU U 250 113.11 9.65 27.00
C GLU U 250 112.74 10.16 28.38
N ARG U 251 111.71 9.56 28.99
CA ARG U 251 111.29 9.93 30.33
C ARG U 251 112.36 9.58 31.35
N ARG U 252 113.02 8.42 31.18
CA ARG U 252 114.13 8.01 32.02
C ARG U 252 115.31 8.96 31.95
N ASN U 253 115.68 9.43 30.75
CA ASN U 253 116.66 10.46 30.51
C ASN U 253 116.32 11.78 31.17
N ARG U 254 115.07 12.27 31.01
CA ARG U 254 114.60 13.52 31.57
C ARG U 254 114.75 13.60 33.08
N LEU U 255 114.32 12.54 33.79
CA LEU U 255 114.49 12.37 35.21
C LEU U 255 115.94 12.36 35.65
N LYS U 256 116.81 11.71 34.87
CA LYS U 256 118.20 11.46 35.17
C LYS U 256 119.09 12.61 34.69
N ALA U 257 118.78 13.81 35.19
CA ALA U 257 119.56 15.01 35.04
C ALA U 257 119.64 15.72 36.43
N MET V 1 57.98 76.08 -17.69
CA MET V 1 57.87 77.27 -16.76
C MET V 1 59.16 78.04 -16.56
N LYS V 2 60.14 77.48 -15.84
CA LYS V 2 61.43 78.12 -15.66
C LYS V 2 62.45 77.73 -16.71
N LEU V 3 63.02 78.72 -17.41
CA LEU V 3 63.91 78.53 -18.54
C LEU V 3 65.33 78.92 -18.15
N ASN V 4 66.25 77.96 -18.32
CA ASN V 4 67.63 78.06 -17.91
C ASN V 4 68.50 78.22 -19.14
N ILE V 5 68.97 79.44 -19.39
CA ILE V 5 69.62 79.84 -20.63
C ILE V 5 71.12 79.83 -20.48
N SER V 6 71.84 79.15 -21.38
CA SER V 6 73.30 79.16 -21.40
C SER V 6 73.89 79.75 -22.67
N ASN V 7 74.97 80.53 -22.49
CA ASN V 7 75.79 81.08 -23.54
C ASN V 7 77.15 80.40 -23.56
N PRO V 8 77.41 79.40 -24.39
CA PRO V 8 78.70 78.76 -24.50
C PRO V 8 79.75 79.61 -25.20
N LEU V 9 79.40 80.77 -25.79
CA LEU V 9 80.41 81.68 -26.29
C LEU V 9 81.17 82.33 -25.15
N ASN V 10 80.42 82.78 -24.11
CA ASN V 10 80.93 83.64 -23.06
C ASN V 10 81.01 82.94 -21.72
N ASN V 11 80.46 81.72 -21.62
CA ASN V 11 80.51 80.86 -20.44
C ASN V 11 79.56 81.32 -19.34
N VAL V 12 78.57 82.14 -19.70
CA VAL V 12 77.63 82.72 -18.77
C VAL V 12 76.26 82.10 -18.92
N GLN V 13 75.34 82.41 -18.00
CA GLN V 13 74.02 81.83 -17.99
C GLN V 13 73.08 82.77 -17.29
N LYS V 14 71.82 82.74 -17.73
CA LYS V 14 70.76 83.61 -17.28
C LYS V 14 69.50 82.79 -17.08
N SER V 15 68.64 83.12 -16.11
CA SER V 15 67.38 82.43 -15.90
C SER V 15 66.20 83.34 -16.18
N ILE V 16 65.04 82.77 -16.48
CA ILE V 16 63.83 83.53 -16.68
C ILE V 16 62.64 82.63 -16.41
N GLU V 17 61.52 83.23 -15.99
CA GLU V 17 60.31 82.55 -15.56
C GLU V 17 59.16 82.97 -16.45
N ILE V 18 58.60 82.04 -17.23
CA ILE V 18 57.46 82.33 -18.07
C ILE V 18 56.29 81.54 -17.56
N ASP V 19 55.23 82.21 -17.08
CA ASP V 19 54.06 81.54 -16.57
C ASP V 19 52.93 81.48 -17.59
N ASP V 20 53.10 82.10 -18.77
CA ASP V 20 52.06 82.16 -19.77
C ASP V 20 52.31 81.13 -20.85
N GLU V 21 51.39 80.16 -20.93
CA GLU V 21 51.29 79.18 -21.98
C GLU V 21 51.37 79.72 -23.39
N LYS V 22 50.83 80.92 -23.64
CA LYS V 22 50.73 81.47 -24.97
C LYS V 22 52.09 81.92 -25.48
N LYS V 23 52.97 82.37 -24.58
CA LYS V 23 54.36 82.61 -24.90
C LYS V 23 55.10 81.32 -25.18
N LEU V 24 54.91 80.32 -24.31
CA LEU V 24 55.50 78.99 -24.40
C LEU V 24 55.20 78.24 -25.70
N LEU V 25 53.93 77.88 -25.91
CA LEU V 25 53.32 77.36 -27.13
C LEU V 25 54.16 76.92 -28.33
N PRO V 26 54.94 77.74 -29.06
CA PRO V 26 55.78 77.28 -30.17
C PRO V 26 56.78 76.21 -29.81
N PHE V 27 57.18 76.05 -28.55
CA PHE V 27 58.18 75.06 -28.19
C PHE V 27 57.63 73.65 -28.21
N MET V 28 56.32 73.48 -28.01
CA MET V 28 55.72 72.19 -27.85
C MET V 28 55.82 71.30 -29.07
N GLU V 29 55.89 69.98 -28.82
CA GLU V 29 56.07 68.94 -29.82
C GLU V 29 57.47 68.89 -30.42
N LYS V 30 58.32 69.89 -30.19
CA LYS V 30 59.73 69.75 -30.49
C LYS V 30 60.43 68.86 -29.47
N ARG V 31 61.43 68.11 -29.93
CA ARG V 31 62.34 67.34 -29.12
C ARG V 31 63.52 68.13 -28.60
N ILE V 32 64.06 67.73 -27.44
CA ILE V 32 65.38 68.19 -27.03
C ILE V 32 66.43 67.86 -28.08
N GLY V 33 67.25 68.86 -28.39
CA GLY V 33 68.22 68.81 -29.46
C GLY V 33 67.72 69.46 -30.73
N ASN V 34 66.41 69.73 -30.90
CA ASN V 34 66.00 70.60 -32.00
C ASN V 34 66.38 72.05 -31.75
N ALA V 35 66.30 72.89 -32.80
CA ALA V 35 66.35 74.32 -32.66
C ALA V 35 64.94 74.87 -32.55
N VAL V 36 64.78 76.03 -31.91
CA VAL V 36 63.51 76.71 -31.81
C VAL V 36 63.79 78.21 -31.85
N PRO V 37 63.01 79.02 -32.53
CA PRO V 37 63.06 80.46 -32.32
C PRO V 37 62.54 80.83 -30.93
N GLY V 38 63.17 81.82 -30.27
CA GLY V 38 62.79 82.25 -28.93
C GLY V 38 61.76 83.36 -28.89
N ASP V 39 61.36 83.86 -30.06
CA ASP V 39 60.72 85.13 -30.25
C ASP V 39 59.50 85.42 -29.38
N SER V 40 58.64 84.41 -29.17
CA SER V 40 57.40 84.62 -28.44
C SER V 40 57.58 84.77 -26.94
N ILE V 41 58.75 84.45 -26.35
CA ILE V 41 58.94 84.61 -24.93
C ILE V 41 59.19 86.05 -24.53
N GLY V 42 59.62 86.91 -25.46
CA GLY V 42 59.92 88.29 -25.13
C GLY V 42 60.68 89.01 -26.20
N GLU V 43 60.73 90.35 -26.07
CA GLU V 43 61.25 91.27 -27.06
C GLU V 43 62.71 91.01 -27.40
N GLU V 44 63.55 90.89 -26.36
CA GLU V 44 64.98 90.61 -26.40
C GLU V 44 65.35 89.42 -27.26
N PHE V 45 64.52 88.37 -27.22
CA PHE V 45 64.90 87.09 -27.74
C PHE V 45 64.34 86.96 -29.14
N THR V 46 63.79 88.06 -29.68
CA THR V 46 63.37 88.10 -31.08
C THR V 46 64.49 87.83 -32.06
N GLY V 47 64.30 86.79 -32.86
CA GLY V 47 65.23 86.25 -33.83
C GLY V 47 66.35 85.42 -33.24
N TYR V 48 66.42 85.28 -31.91
CA TYR V 48 67.40 84.39 -31.30
C TYR V 48 67.01 82.94 -31.50
N VAL V 49 68.01 82.07 -31.72
CA VAL V 49 67.74 80.68 -31.92
C VAL V 49 68.30 79.91 -30.75
N PHE V 50 67.46 79.04 -30.18
CA PHE V 50 67.73 78.25 -29.02
C PHE V 50 67.77 76.78 -29.31
N ARG V 51 68.79 76.08 -28.80
CA ARG V 51 68.74 74.64 -28.68
C ARG V 51 68.21 74.26 -27.31
N ILE V 52 66.96 73.76 -27.21
CA ILE V 52 66.50 73.08 -26.01
C ILE V 52 67.33 71.82 -25.81
N THR V 53 67.70 71.45 -24.59
CA THR V 53 68.61 70.33 -24.38
C THR V 53 68.29 69.54 -23.15
N GLY V 54 67.44 70.04 -22.26
CA GLY V 54 67.09 69.24 -21.11
C GLY V 54 66.00 69.91 -20.36
N GLY V 55 65.60 69.34 -19.23
CA GLY V 55 64.42 69.82 -18.56
C GLY V 55 64.00 68.87 -17.49
N ASN V 56 62.94 69.26 -16.79
CA ASN V 56 62.48 68.49 -15.65
C ASN V 56 60.97 68.60 -15.55
N ASP V 57 60.38 67.55 -14.98
CA ASP V 57 58.99 67.20 -15.02
C ASP V 57 58.18 68.03 -14.07
N LYS V 58 56.85 67.85 -14.07
CA LYS V 58 55.96 68.35 -13.06
C LYS V 58 56.40 67.93 -11.66
N GLN V 59 56.86 66.68 -11.51
CA GLN V 59 57.43 66.22 -10.27
C GLN V 59 58.94 66.08 -10.37
N GLY V 60 59.54 66.82 -11.31
CA GLY V 60 60.97 67.11 -11.36
C GLY V 60 61.88 66.06 -11.88
N PHE V 61 61.35 64.92 -12.31
CA PHE V 61 62.12 63.89 -12.96
C PHE V 61 62.82 64.42 -14.20
N PRO V 62 64.01 63.98 -14.56
CA PRO V 62 64.71 64.53 -15.70
C PRO V 62 64.22 63.99 -17.01
N MET V 63 64.26 64.85 -18.04
CA MET V 63 64.22 64.46 -19.43
C MET V 63 65.37 63.53 -19.83
N ILE V 64 65.18 62.70 -20.87
CA ILE V 64 66.28 61.97 -21.46
C ILE V 64 66.04 61.77 -22.94
N GLN V 65 67.11 61.86 -23.73
CA GLN V 65 67.12 61.98 -25.17
C GLN V 65 66.48 60.84 -25.91
N GLY V 66 66.68 59.61 -25.42
CA GLY V 66 66.21 58.43 -26.11
C GLY V 66 64.72 58.25 -26.17
N VAL V 67 63.99 58.69 -25.12
CA VAL V 67 62.67 58.14 -24.90
C VAL V 67 61.60 58.94 -25.61
N LEU V 68 61.02 58.33 -26.66
CA LEU V 68 60.01 58.95 -27.48
C LEU V 68 58.64 58.95 -26.83
N THR V 69 58.44 59.83 -25.83
CA THR V 69 57.19 59.96 -25.10
C THR V 69 56.94 61.41 -24.74
N ASN V 70 55.73 61.70 -24.26
CA ASN V 70 55.30 63.02 -23.83
C ASN V 70 55.00 62.98 -22.34
N ASN V 71 55.54 61.98 -21.63
CA ASN V 71 55.08 61.59 -20.32
C ASN V 71 56.17 60.78 -19.67
N ARG V 72 56.03 60.37 -18.40
CA ARG V 72 57.10 59.65 -17.73
C ARG V 72 56.92 58.15 -17.78
N VAL V 73 58.04 57.41 -17.87
CA VAL V 73 58.09 55.96 -18.03
C VAL V 73 59.20 55.39 -17.16
N ARG V 74 59.10 54.13 -16.70
CA ARG V 74 60.07 53.56 -15.78
C ARG V 74 60.98 52.57 -16.46
N LEU V 75 62.30 52.83 -16.51
CA LEU V 75 63.27 51.97 -17.17
C LEU V 75 64.57 51.77 -16.42
N LEU V 76 65.25 50.64 -16.70
CA LEU V 76 66.51 50.25 -16.12
C LEU V 76 67.71 50.98 -16.73
N PHE V 77 68.60 51.53 -15.88
CA PHE V 77 69.78 52.26 -16.29
C PHE V 77 71.05 51.47 -16.08
N LYS V 78 72.10 51.82 -16.85
CA LYS V 78 73.43 51.25 -16.74
C LYS V 78 74.43 52.37 -16.83
N LYS V 79 75.71 52.12 -16.52
CA LYS V 79 76.70 53.15 -16.22
C LYS V 79 76.88 54.19 -17.31
N GLY V 80 76.88 53.77 -18.59
CA GLY V 80 77.15 54.66 -19.71
C GLY V 80 76.01 55.56 -20.08
N MET V 81 74.86 55.41 -19.43
CA MET V 81 73.73 56.29 -19.62
C MET V 81 73.85 57.52 -18.73
N LYS V 82 73.08 58.57 -19.03
CA LYS V 82 73.20 59.83 -18.32
C LYS V 82 72.66 59.86 -16.91
N CYS V 83 71.49 59.28 -16.65
CA CYS V 83 70.60 59.79 -15.63
C CYS V 83 70.69 59.14 -14.26
N TYR V 84 71.84 58.57 -13.91
CA TYR V 84 71.95 57.71 -12.75
C TYR V 84 73.41 57.61 -12.35
N ARG V 85 73.68 57.24 -11.10
CA ARG V 85 75.02 57.03 -10.62
C ARG V 85 75.11 55.63 -10.01
N PRO V 86 75.91 54.71 -10.50
CA PRO V 86 76.21 53.46 -9.81
C PRO V 86 76.75 53.58 -8.39
N ARG V 87 76.18 52.89 -7.39
CA ARG V 87 76.66 52.93 -6.02
C ARG V 87 77.57 51.76 -5.70
N LYS V 88 77.79 50.87 -6.65
CA LYS V 88 78.79 49.84 -6.63
C LYS V 88 79.13 49.58 -8.09
N LYS V 89 80.30 49.01 -8.41
CA LYS V 89 80.53 48.55 -9.78
C LYS V 89 79.50 47.50 -10.18
N GLY V 90 78.88 47.67 -11.36
CA GLY V 90 77.90 46.71 -11.85
C GLY V 90 76.53 46.83 -11.24
N GLU V 91 76.28 47.79 -10.35
CA GLU V 91 74.92 48.09 -9.99
C GLU V 91 74.12 48.56 -11.21
N ARG V 92 72.82 48.22 -11.31
CA ARG V 92 71.96 48.75 -12.35
C ARG V 92 70.62 49.02 -11.70
N LYS V 93 69.91 50.12 -12.04
CA LYS V 93 68.72 50.49 -11.30
C LYS V 93 67.60 50.94 -12.20
N ARG V 94 66.35 50.52 -11.92
CA ARG V 94 65.17 51.02 -12.59
C ARG V 94 64.60 52.29 -11.96
N LYS V 95 64.47 53.37 -12.74
CA LYS V 95 63.97 54.65 -12.27
C LYS V 95 62.92 55.18 -13.21
N SER V 96 61.94 55.95 -12.69
CA SER V 96 61.08 56.74 -13.56
C SER V 96 61.84 57.89 -14.20
N VAL V 97 61.59 58.19 -15.49
CA VAL V 97 62.24 59.27 -16.20
C VAL V 97 61.28 59.85 -17.21
N ARG V 98 61.51 61.10 -17.61
CA ARG V 98 60.67 61.81 -18.54
C ARG V 98 61.19 61.74 -19.95
N GLY V 99 60.27 61.62 -20.94
CA GLY V 99 60.56 61.69 -22.37
C GLY V 99 61.24 62.93 -22.90
N CYS V 100 61.53 62.90 -24.21
CA CYS V 100 62.32 63.91 -24.90
C CYS V 100 61.49 64.99 -25.58
N ILE V 101 60.16 64.96 -25.43
CA ILE V 101 59.25 65.88 -26.09
C ILE V 101 58.78 66.93 -25.09
N VAL V 102 59.12 68.20 -25.33
CA VAL V 102 58.75 69.28 -24.45
C VAL V 102 57.23 69.49 -24.46
N GLY V 103 56.63 69.57 -23.27
CA GLY V 103 55.17 69.62 -23.10
C GLY V 103 54.77 70.60 -22.04
N GLN V 104 53.48 70.99 -22.04
CA GLN V 104 52.91 71.96 -21.11
C GLN V 104 52.63 71.35 -19.74
N ASP V 105 53.68 70.84 -19.10
CA ASP V 105 53.63 70.27 -17.79
C ASP V 105 55.01 70.15 -17.17
N LEU V 106 56.07 70.58 -17.88
CA LEU V 106 57.43 70.46 -17.39
C LEU V 106 57.76 71.66 -16.54
N SER V 107 58.37 71.45 -15.35
CA SER V 107 58.64 72.57 -14.47
C SER V 107 59.85 73.37 -14.92
N ALA V 108 60.79 72.71 -15.61
CA ALA V 108 62.01 73.41 -15.96
C ALA V 108 62.52 72.97 -17.30
N LEU V 109 63.25 73.87 -17.98
CA LEU V 109 63.81 73.65 -19.28
C LEU V 109 65.17 74.27 -19.34
N ASN V 110 66.07 73.59 -20.05
CA ASN V 110 67.44 73.96 -20.22
C ASN V 110 67.60 74.26 -21.68
N LEU V 111 68.03 75.48 -22.01
CA LEU V 111 68.25 75.83 -23.38
C LEU V 111 69.63 76.44 -23.55
N THR V 112 70.06 76.54 -24.81
CA THR V 112 71.35 77.08 -25.14
C THR V 112 71.14 78.02 -26.28
N LEU V 113 71.68 79.26 -26.25
CA LEU V 113 71.61 80.06 -27.45
C LEU V 113 72.58 79.55 -28.51
N VAL V 114 72.12 79.41 -29.76
CA VAL V 114 72.98 79.02 -30.86
C VAL V 114 73.21 80.16 -31.82
N LYS V 115 72.18 80.93 -32.21
CA LYS V 115 72.34 82.01 -33.16
C LYS V 115 71.77 83.29 -32.60
N LYS V 116 72.46 84.42 -32.86
CA LYS V 116 72.01 85.71 -32.40
C LYS V 116 70.80 86.25 -33.16
N GLY V 117 69.98 87.05 -32.45
CA GLY V 117 68.90 87.84 -33.04
C GLY V 117 69.25 89.32 -33.15
N VAL V 118 68.22 90.18 -33.15
CA VAL V 118 68.37 91.61 -33.36
C VAL V 118 69.01 92.36 -32.21
N ASN V 119 68.55 92.09 -30.97
CA ASN V 119 68.80 92.96 -29.83
C ASN V 119 69.92 92.46 -28.94
N GLU V 120 70.54 93.34 -28.14
CA GLU V 120 71.41 92.92 -27.06
C GLU V 120 70.61 92.44 -25.87
N ILE V 121 71.12 91.45 -25.12
CA ILE V 121 70.38 90.82 -24.03
C ILE V 121 71.18 90.97 -22.75
N PRO V 122 70.67 91.65 -21.71
CA PRO V 122 71.44 91.97 -20.53
C PRO V 122 72.11 90.79 -19.85
N GLY V 123 73.45 90.83 -19.71
CA GLY V 123 74.17 89.77 -19.02
C GLY V 123 74.33 88.51 -19.83
N LEU V 124 73.90 88.52 -21.12
CA LEU V 124 73.89 87.31 -21.91
C LEU V 124 74.56 87.49 -23.24
N THR V 125 74.51 88.71 -23.83
CA THR V 125 75.36 89.04 -24.99
C THR V 125 76.54 89.89 -24.57
N ASP V 126 76.56 90.29 -23.30
CA ASP V 126 77.44 91.31 -22.76
C ASP V 126 78.67 90.66 -22.11
N LYS V 127 78.61 90.40 -20.79
CA LYS V 127 79.69 89.83 -19.99
C LYS V 127 80.16 88.47 -20.46
N ALA V 128 81.44 88.17 -20.19
CA ALA V 128 81.99 86.84 -20.34
C ALA V 128 82.81 86.50 -19.11
N VAL V 129 82.95 85.21 -18.83
CA VAL V 129 83.82 84.71 -17.78
C VAL V 129 84.77 83.72 -18.39
N GLY V 130 86.01 83.67 -17.89
CA GLY V 130 87.07 82.84 -18.48
C GLY V 130 86.93 81.37 -18.24
N LYS V 131 87.96 80.62 -18.67
CA LYS V 131 88.12 79.21 -18.40
C LYS V 131 88.20 78.90 -16.91
N LYS V 132 88.96 79.71 -16.15
CA LYS V 132 89.25 79.57 -14.74
C LYS V 132 90.35 78.55 -14.52
N LEU V 133 90.10 77.30 -14.96
CA LEU V 133 91.09 76.26 -15.00
C LEU V 133 91.55 76.16 -16.44
N GLY V 134 92.81 76.55 -16.71
CA GLY V 134 93.46 76.38 -17.99
C GLY V 134 94.00 74.98 -18.11
N PRO V 135 94.59 74.59 -19.23
CA PRO V 135 95.15 73.27 -19.43
C PRO V 135 96.21 72.86 -18.43
N LYS V 136 96.48 71.55 -18.32
CA LYS V 136 97.45 71.04 -17.38
C LYS V 136 98.32 70.00 -18.06
N ARG V 137 97.81 69.31 -19.11
CA ARG V 137 98.65 68.52 -19.99
C ARG V 137 99.70 69.35 -20.73
N ALA V 138 100.96 68.89 -20.76
CA ALA V 138 102.07 69.62 -21.32
C ALA V 138 101.94 69.95 -22.80
N SER V 139 101.57 68.99 -23.65
CA SER V 139 101.26 69.24 -25.04
C SER V 139 100.13 70.24 -25.28
N LYS V 140 99.03 70.15 -24.54
CA LYS V 140 97.95 71.13 -24.54
C LYS V 140 98.37 72.53 -24.17
N ILE V 141 99.21 72.68 -23.13
CA ILE V 141 99.82 73.96 -22.75
C ILE V 141 100.65 74.52 -23.90
N ARG V 142 101.46 73.68 -24.54
CA ARG V 142 102.25 74.03 -25.69
C ARG V 142 101.38 74.47 -26.85
N LYS V 143 100.30 73.74 -27.18
CA LYS V 143 99.34 74.19 -28.17
C LYS V 143 98.66 75.53 -27.88
N LEU V 144 98.13 75.76 -26.66
CA LEU V 144 97.45 77.00 -26.35
C LEU V 144 98.29 78.27 -26.43
N PHE V 145 99.56 78.21 -25.98
CA PHE V 145 100.45 79.36 -25.96
C PHE V 145 101.32 79.43 -27.18
N ASN V 146 101.54 78.30 -27.86
CA ASN V 146 102.15 78.22 -29.15
C ASN V 146 103.58 78.75 -29.24
N LEU V 147 104.44 78.26 -28.33
CA LEU V 147 105.87 78.50 -28.34
C LEU V 147 106.62 77.26 -28.83
N ASP V 148 105.85 76.30 -29.36
CA ASP V 148 106.26 74.99 -29.82
C ASP V 148 107.33 74.27 -29.00
N LYS V 149 108.36 73.74 -29.66
CA LYS V 149 109.29 72.80 -29.09
C LYS V 149 110.51 73.49 -28.52
N SER V 150 110.56 74.84 -28.63
CA SER V 150 111.77 75.60 -28.33
C SER V 150 112.17 75.62 -26.87
N ASP V 151 111.24 75.89 -25.93
CA ASP V 151 111.63 76.32 -24.60
C ASP V 151 110.61 75.95 -23.53
N ASP V 152 110.90 76.31 -22.27
CA ASP V 152 110.16 75.97 -21.08
C ASP V 152 108.74 76.50 -21.07
N VAL V 153 107.75 75.58 -21.13
CA VAL V 153 106.35 75.88 -21.10
C VAL V 153 105.89 76.34 -19.72
N ARG V 154 106.69 76.14 -18.67
CA ARG V 154 106.28 76.47 -17.32
C ARG V 154 106.59 77.93 -17.02
N LYS V 155 107.10 78.64 -18.03
CA LYS V 155 107.19 80.08 -18.04
C LYS V 155 105.96 80.69 -18.71
N TYR V 156 105.01 79.84 -19.13
CA TYR V 156 103.78 80.27 -19.78
C TYR V 156 102.58 79.60 -19.14
N VAL V 157 102.72 79.01 -17.95
CA VAL V 157 101.59 78.52 -17.17
C VAL V 157 101.08 79.60 -16.20
N ILE V 158 99.79 79.92 -16.33
CA ILE V 158 99.13 80.99 -15.62
C ILE V 158 99.04 80.85 -14.10
N ILE V 159 99.02 82.01 -13.41
CA ILE V 159 98.83 82.13 -11.97
C ILE V 159 97.44 81.71 -11.50
N GLY V 160 97.35 81.17 -10.27
CA GLY V 160 96.08 80.85 -9.64
C GLY V 160 95.42 82.09 -9.01
N PHE V 171 102.84 84.07 -6.04
CA PHE V 171 101.53 83.33 -6.13
C PHE V 171 101.54 82.12 -7.09
N ILE V 172 100.74 81.08 -6.75
CA ILE V 172 100.76 79.71 -7.28
C ILE V 172 100.51 79.53 -8.76
N LYS V 173 101.04 78.44 -9.33
CA LYS V 173 100.74 77.98 -10.68
C LYS V 173 100.85 76.45 -10.71
N PRO V 174 100.03 75.66 -11.42
CA PRO V 174 100.12 74.20 -11.45
C PRO V 174 101.43 73.60 -11.95
N LYS V 175 101.71 72.33 -11.63
CA LYS V 175 102.77 71.60 -12.29
C LYS V 175 102.22 70.83 -13.46
N ILE V 176 102.81 70.99 -14.67
CA ILE V 176 102.48 70.17 -15.83
C ILE V 176 102.81 68.71 -15.67
N GLN V 177 102.04 67.84 -16.36
CA GLN V 177 102.36 66.44 -16.48
C GLN V 177 102.62 66.20 -17.96
N ARG V 178 103.33 65.11 -18.30
CA ARG V 178 103.78 64.66 -19.62
C ARG V 178 105.11 65.33 -19.99
N LEU V 179 105.73 65.97 -18.99
CA LEU V 179 107.01 66.65 -18.96
C LEU V 179 108.24 65.93 -19.53
N VAL V 180 109.36 66.68 -19.65
CA VAL V 180 110.55 66.26 -20.41
C VAL V 180 111.86 66.27 -19.61
N THR V 181 111.77 66.31 -18.26
CA THR V 181 112.91 66.35 -17.33
C THR V 181 113.87 65.16 -17.34
N GLU V 182 115.10 65.36 -16.82
CA GLU V 182 116.15 64.36 -16.73
C GLU V 182 115.79 63.08 -16.00
N LYS V 183 115.00 63.14 -14.90
CA LYS V 183 114.62 61.94 -14.16
C LYS V 183 113.88 60.94 -15.03
N ARG V 184 112.97 61.45 -15.87
CA ARG V 184 112.26 60.67 -16.85
C ARG V 184 113.17 60.04 -17.89
N LEU V 185 114.16 60.80 -18.37
CA LEU V 185 115.17 60.36 -19.30
C LEU V 185 115.99 59.23 -18.70
N LEU V 186 116.38 59.37 -17.42
CA LEU V 186 117.11 58.38 -16.67
C LEU V 186 116.35 57.08 -16.58
N ARG V 187 115.04 57.13 -16.29
CA ARG V 187 114.22 55.94 -16.24
C ARG V 187 114.20 55.17 -17.55
N LYS V 188 114.03 55.88 -18.68
CA LYS V 188 114.13 55.28 -19.99
C LYS V 188 115.48 54.66 -20.29
N ARG V 189 116.57 55.39 -20.03
CA ARG V 189 117.92 54.93 -20.20
C ARG V 189 118.25 53.68 -19.39
N ASN V 190 117.85 53.69 -18.10
CA ASN V 190 117.95 52.57 -17.20
C ASN V 190 117.18 51.34 -17.66
N LEU V 191 115.96 51.50 -18.20
CA LEU V 191 115.23 50.44 -18.85
C LEU V 191 116.00 49.78 -19.98
N LEU V 192 116.59 50.59 -20.88
CA LEU V 192 117.39 50.13 -22.00
C LEU V 192 118.60 49.33 -21.51
N GLN V 193 119.28 49.89 -20.51
CA GLN V 193 120.42 49.31 -19.84
C GLN V 193 120.08 47.96 -19.23
N ALA V 194 118.95 47.87 -18.52
CA ALA V 194 118.48 46.67 -17.88
C ALA V 194 118.20 45.57 -18.89
N LYS V 195 117.51 45.89 -20.00
CA LYS V 195 117.25 44.95 -21.06
C LYS V 195 118.54 44.38 -21.64
N ASP V 196 119.54 45.23 -21.92
CA ASP V 196 120.85 44.75 -22.29
C ASP V 196 121.51 43.82 -21.26
N LYS V 197 121.47 44.17 -19.97
CA LYS V 197 121.99 43.35 -18.90
C LYS V 197 121.34 41.98 -18.80
N ARG V 198 119.98 41.92 -18.83
CA ARG V 198 119.20 40.69 -18.84
C ARG V 198 119.58 39.80 -20.01
N ARG V 199 119.72 40.41 -21.20
CA ARG V 199 120.20 39.77 -22.39
C ARG V 199 121.59 39.16 -22.22
N LEU V 200 122.56 39.91 -21.68
CA LEU V 200 123.89 39.40 -21.44
C LEU V 200 123.92 38.24 -20.45
N GLU V 201 123.19 38.34 -19.32
CA GLU V 201 123.06 37.24 -18.40
C GLU V 201 122.46 36.01 -19.04
N LYS V 202 121.37 36.17 -19.82
CA LYS V 202 120.74 35.09 -20.55
C LYS V 202 121.67 34.39 -21.53
N LYS V 203 122.40 35.16 -22.36
CA LYS V 203 123.39 34.64 -23.27
C LYS V 203 124.48 33.85 -22.57
N GLN V 204 124.97 34.38 -21.43
CA GLN V 204 125.95 33.73 -20.61
C GLN V 204 125.45 32.42 -20.02
N GLN V 205 124.22 32.38 -19.50
CA GLN V 205 123.59 31.16 -19.02
C GLN V 205 123.41 30.11 -20.09
N LEU V 206 122.95 30.52 -21.27
CA LEU V 206 122.75 29.63 -22.40
C LEU V 206 124.04 29.00 -22.88
N LYS V 207 125.11 29.82 -22.96
CA LYS V 207 126.44 29.35 -23.29
C LYS V 207 126.96 28.37 -22.25
N GLU V 208 126.80 28.68 -20.95
CA GLU V 208 127.18 27.79 -19.88
C GLU V 208 126.50 26.44 -19.97
N TYR V 209 125.18 26.43 -20.22
CA TYR V 209 124.41 25.22 -20.38
C TYR V 209 124.89 24.37 -21.55
N LYS V 210 125.11 25.03 -22.70
CA LYS V 210 125.57 24.39 -23.91
C LYS V 210 126.91 23.68 -23.75
N GLN V 211 127.89 24.37 -23.13
CA GLN V 211 129.14 23.78 -22.73
C GLN V 211 129.00 22.61 -21.76
N LEU V 212 128.19 22.80 -20.71
CA LEU V 212 127.98 21.88 -19.61
C LEU V 212 127.50 20.49 -19.99
N LEU V 213 126.44 20.42 -20.82
CA LEU V 213 125.66 19.22 -20.99
C LEU V 213 126.37 17.95 -21.47
N ASN V 214 127.18 18.02 -22.53
CA ASN V 214 127.44 16.84 -23.33
C ASN V 214 128.53 15.85 -22.81
N ALA W 1 130.42 -54.59 -19.05
CA ALA W 1 130.27 -56.03 -18.67
C ALA W 1 128.97 -56.36 -17.95
N VAL W 2 128.90 -57.51 -17.25
CA VAL W 2 127.65 -58.07 -16.76
C VAL W 2 127.08 -57.40 -15.51
N GLN W 3 127.90 -56.64 -14.75
CA GLN W 3 127.43 -55.85 -13.63
C GLN W 3 126.59 -54.66 -14.05
N LYS W 4 127.03 -53.94 -15.10
CA LYS W 4 126.39 -52.71 -15.53
C LYS W 4 125.07 -52.97 -16.23
N ARG W 5 124.85 -54.22 -16.66
CA ARG W 5 123.59 -54.71 -17.20
C ARG W 5 122.44 -54.55 -16.21
N VAL W 6 122.67 -54.89 -14.92
CA VAL W 6 121.62 -54.83 -13.92
C VAL W 6 121.84 -53.77 -12.86
N LEU W 7 123.04 -53.20 -12.74
CA LEU W 7 123.32 -52.20 -11.74
C LEU W 7 123.15 -50.82 -12.34
N LYS W 8 122.25 -49.99 -11.78
CA LYS W 8 121.85 -48.73 -12.36
C LYS W 8 122.91 -47.63 -12.47
N SER W 9 123.75 -47.42 -11.44
CA SER W 9 124.71 -46.31 -11.47
C SER W 9 125.97 -46.64 -10.70
N ASN W 10 127.11 -46.07 -11.13
CA ASN W 10 128.49 -46.29 -10.67
C ASN W 10 128.71 -46.59 -9.18
N PRO W 11 129.47 -47.59 -8.71
CA PRO W 11 128.94 -48.32 -7.57
C PRO W 11 129.98 -48.54 -6.49
N SER W 12 129.55 -49.00 -5.30
CA SER W 12 130.38 -49.48 -4.22
C SER W 12 130.09 -50.97 -3.97
N ASP W 13 130.71 -51.54 -2.92
CA ASP W 13 130.79 -52.96 -2.67
C ASP W 13 129.49 -53.74 -2.75
N LEU W 14 128.40 -53.24 -2.17
CA LEU W 14 127.26 -54.05 -1.81
C LEU W 14 126.33 -54.14 -2.99
N GLU W 15 126.23 -53.05 -3.76
CA GLU W 15 125.54 -53.00 -5.01
C GLU W 15 126.08 -54.02 -5.98
N LYS W 16 127.40 -54.14 -6.09
CA LYS W 16 128.01 -55.17 -6.89
C LYS W 16 127.73 -56.59 -6.39
N GLU W 17 127.75 -56.83 -5.07
CA GLU W 17 127.45 -58.14 -4.53
C GLU W 17 126.04 -58.62 -4.82
N ILE W 18 125.04 -57.74 -4.64
CA ILE W 18 123.66 -58.04 -4.98
C ILE W 18 123.50 -58.32 -6.46
N ALA W 19 124.09 -57.49 -7.33
CA ALA W 19 124.01 -57.65 -8.77
C ALA W 19 124.57 -58.97 -9.27
N GLN W 20 125.76 -59.34 -8.77
CA GLN W 20 126.38 -60.63 -9.03
C GLN W 20 125.52 -61.79 -8.57
N CYS W 21 124.95 -61.72 -7.35
CA CYS W 21 124.04 -62.72 -6.83
C CYS W 21 122.80 -62.88 -7.68
N LEU W 22 122.18 -61.79 -8.12
CA LEU W 22 121.09 -61.83 -9.07
C LEU W 22 121.48 -62.47 -10.38
N LEU W 23 122.65 -62.13 -10.96
CA LEU W 23 123.13 -62.81 -12.15
C LEU W 23 123.34 -64.31 -11.96
N ASP W 24 123.93 -64.72 -10.82
CA ASP W 24 124.04 -66.09 -10.41
C ASP W 24 122.67 -66.81 -10.35
N ILE W 25 121.65 -66.16 -9.78
CA ILE W 25 120.28 -66.64 -9.77
C ILE W 25 119.74 -66.77 -11.19
N GLU W 26 119.97 -65.77 -12.05
CA GLU W 26 119.59 -65.78 -13.46
C GLU W 26 120.22 -66.92 -14.24
N LEU W 27 121.53 -67.15 -14.05
CA LEU W 27 122.30 -68.19 -14.70
C LEU W 27 121.82 -69.63 -14.44
N SER W 28 121.51 -69.97 -13.17
CA SER W 28 121.41 -71.35 -12.75
C SER W 28 120.07 -71.97 -13.10
N SER W 29 118.98 -71.21 -12.96
CA SER W 29 117.62 -71.54 -13.40
C SER W 29 117.10 -72.92 -13.05
N SER W 30 117.47 -73.42 -11.85
CA SER W 30 117.10 -74.77 -11.42
C SER W 30 116.04 -74.72 -10.32
N SER W 31 115.81 -73.52 -9.73
CA SER W 31 114.78 -73.29 -8.72
C SER W 31 113.41 -73.14 -9.34
N ASP W 32 112.34 -73.20 -8.53
CA ASP W 32 110.94 -73.15 -8.97
C ASP W 32 110.48 -71.70 -9.26
N ILE W 33 111.28 -70.96 -10.04
CA ILE W 33 111.09 -69.58 -10.42
C ILE W 33 110.95 -69.56 -11.94
N LYS W 34 110.00 -68.75 -12.47
CA LYS W 34 109.70 -68.74 -13.90
C LYS W 34 110.31 -67.51 -14.59
N THR W 35 111.06 -67.76 -15.70
CA THR W 35 111.93 -66.80 -16.40
C THR W 35 112.96 -66.14 -15.51
N ASP W 36 113.33 -66.83 -14.41
CA ASP W 36 114.20 -66.34 -13.35
C ASP W 36 113.90 -64.90 -12.87
N ALA W 37 114.95 -64.10 -12.63
CA ALA W 37 114.83 -62.74 -12.16
C ALA W 37 115.24 -61.74 -13.25
N LYS W 38 115.27 -62.16 -14.52
CA LYS W 38 116.14 -61.56 -15.53
C LYS W 38 115.99 -60.07 -15.77
N GLU W 39 114.76 -59.53 -15.67
CA GLU W 39 114.52 -58.12 -15.94
C GLU W 39 114.66 -57.24 -14.71
N ILE W 40 114.87 -57.80 -13.51
CA ILE W 40 115.14 -57.01 -12.32
C ILE W 40 116.48 -56.29 -12.44
N LYS W 41 116.48 -54.97 -12.15
CA LYS W 41 117.67 -54.17 -12.24
C LYS W 41 117.63 -53.21 -11.06
N LEU W 42 118.73 -53.05 -10.33
CA LEU W 42 118.71 -52.50 -9.00
C LEU W 42 119.22 -51.08 -8.98
N LEU W 43 118.49 -50.18 -8.29
CA LEU W 43 118.87 -48.79 -8.21
C LEU W 43 119.95 -48.56 -7.18
N SER W 44 119.76 -49.10 -5.97
CA SER W 44 120.69 -48.78 -4.90
C SER W 44 120.52 -49.74 -3.75
N CYS W 45 121.47 -49.71 -2.81
CA CYS W 45 121.50 -50.58 -1.67
C CYS W 45 121.88 -49.77 -0.45
N ASP W 46 121.34 -50.13 0.71
CA ASP W 46 121.81 -49.59 1.98
C ASP W 46 122.00 -50.75 2.96
N LEU W 47 122.98 -50.67 3.87
CA LEU W 47 123.10 -51.61 4.97
C LEU W 47 122.83 -50.92 6.30
N ILE W 48 121.97 -51.51 7.14
CA ILE W 48 121.45 -50.92 8.37
C ILE W 48 121.42 -51.99 9.44
N GLU W 49 121.76 -51.67 10.71
CA GLU W 49 121.58 -52.59 11.83
C GLU W 49 120.28 -52.32 12.57
N VAL W 50 119.86 -53.25 13.44
CA VAL W 50 118.63 -53.13 14.20
C VAL W 50 118.93 -52.86 15.68
N GLU W 51 117.97 -53.12 16.59
CA GLU W 51 118.17 -53.02 18.02
C GLU W 51 119.27 -53.96 18.53
N LYS W 52 119.17 -55.26 18.16
CA LYS W 52 120.25 -56.22 18.24
C LYS W 52 121.29 -55.96 17.16
N LEU W 53 122.56 -56.24 17.48
CA LEU W 53 123.68 -55.69 16.72
C LEU W 53 124.21 -56.64 15.66
N LYS W 54 123.51 -57.77 15.43
CA LYS W 54 123.92 -58.81 14.51
C LYS W 54 122.78 -59.19 13.58
N LYS W 55 123.13 -59.81 12.42
CA LYS W 55 122.20 -60.19 11.37
C LYS W 55 121.51 -58.98 10.78
N LYS W 56 122.32 -58.00 10.35
CA LYS W 56 121.95 -56.75 9.73
C LYS W 56 120.96 -56.81 8.57
N THR W 57 120.39 -55.67 8.18
CA THR W 57 119.36 -55.62 7.17
C THR W 57 119.82 -54.77 6.01
N ILE W 58 119.56 -55.27 4.80
CA ILE W 58 119.91 -54.64 3.56
C ILE W 58 118.63 -54.11 2.96
N LEU W 59 118.63 -52.82 2.63
CA LEU W 59 117.54 -52.25 1.89
C LEU W 59 117.91 -52.27 0.44
N ILE W 60 116.95 -52.61 -0.41
CA ILE W 60 117.14 -52.65 -1.83
C ILE W 60 116.15 -51.70 -2.46
N TYR W 61 116.66 -50.70 -3.20
CA TYR W 61 115.83 -49.78 -3.95
C TYR W 61 115.68 -50.26 -5.37
N ILE W 62 114.45 -50.23 -5.89
CA ILE W 62 114.13 -50.69 -7.21
C ILE W 62 113.40 -49.55 -7.91
N PRO W 63 113.67 -49.26 -9.16
CA PRO W 63 112.83 -48.44 -10.02
C PRO W 63 111.39 -48.90 -10.12
N TYR W 64 110.40 -48.08 -9.70
CA TYR W 64 108.96 -48.35 -9.66
C TYR W 64 108.40 -49.25 -10.76
N LYS W 65 108.70 -48.92 -12.03
CA LYS W 65 108.23 -49.66 -13.17
C LYS W 65 108.64 -51.11 -13.15
N ILE W 66 109.92 -51.37 -12.86
CA ILE W 66 110.47 -52.69 -12.68
C ILE W 66 109.80 -53.42 -11.55
N TYR W 67 109.64 -52.75 -10.39
CA TYR W 67 109.04 -53.34 -9.21
C TYR W 67 107.61 -53.81 -9.47
N THR W 68 106.82 -52.93 -10.10
CA THR W 68 105.44 -53.19 -10.44
C THR W 68 105.26 -54.31 -11.43
N THR W 69 106.05 -54.34 -12.51
CA THR W 69 105.91 -55.40 -13.51
C THR W 69 106.46 -56.74 -13.06
N TYR W 70 107.72 -56.80 -12.58
CA TYR W 70 108.39 -58.07 -12.41
C TYR W 70 108.41 -58.53 -10.97
N VAL W 71 108.91 -57.69 -10.06
CA VAL W 71 109.31 -58.09 -8.73
C VAL W 71 108.16 -58.60 -7.91
N ARG W 72 107.03 -57.89 -7.97
CA ARG W 72 105.83 -58.15 -7.22
C ARG W 72 105.26 -59.55 -7.45
N LYS W 73 105.33 -60.05 -8.69
CA LYS W 73 104.79 -61.34 -9.06
C LYS W 73 105.41 -62.51 -8.31
N ILE W 74 106.73 -62.46 -8.10
CA ILE W 74 107.50 -63.61 -7.66
C ILE W 74 108.03 -63.43 -6.26
N GLN W 75 107.46 -62.48 -5.50
CA GLN W 75 108.16 -61.81 -4.43
C GLN W 75 108.68 -62.70 -3.31
N ARG W 76 107.89 -63.67 -2.87
CA ARG W 76 108.24 -64.59 -1.80
C ARG W 76 109.43 -65.45 -2.13
N LYS W 77 109.40 -66.10 -3.30
CA LYS W 77 110.50 -66.91 -3.80
C LYS W 77 111.78 -66.11 -4.01
N LEU W 78 111.65 -64.91 -4.60
CA LEU W 78 112.77 -64.06 -4.93
C LEU W 78 113.51 -63.57 -3.70
N ILE W 79 112.77 -63.07 -2.71
CA ILE W 79 113.33 -62.63 -1.45
C ILE W 79 114.04 -63.77 -0.72
N ASN W 80 113.49 -65.00 -0.74
CA ASN W 80 114.14 -66.17 -0.19
C ASN W 80 115.49 -66.50 -0.84
N GLU W 81 115.59 -66.41 -2.17
CA GLU W 81 116.84 -66.54 -2.90
C GLU W 81 117.86 -65.51 -2.47
N LEU W 82 117.45 -64.23 -2.34
CA LEU W 82 118.32 -63.21 -1.77
C LEU W 82 118.80 -63.53 -0.34
N GLU W 83 117.89 -63.95 0.55
CA GLU W 83 118.21 -64.38 1.91
C GLU W 83 119.20 -65.54 1.95
N LYS W 84 119.01 -66.57 1.11
CA LYS W 84 119.94 -67.67 0.95
C LYS W 84 121.34 -67.24 0.52
N LYS W 85 121.42 -66.34 -0.48
CA LYS W 85 122.67 -65.88 -1.06
C LYS W 85 123.43 -64.99 -0.10
N THR W 86 122.82 -63.89 0.33
CA THR W 86 123.48 -62.97 1.24
C THR W 86 122.90 -63.19 2.59
N LYS W 87 123.76 -63.52 3.58
CA LYS W 87 123.37 -63.92 4.92
C LYS W 87 122.92 -62.75 5.78
N LYS W 88 121.86 -62.08 5.32
CA LYS W 88 121.35 -60.83 5.81
C LYS W 88 119.87 -60.81 5.48
N TYR W 89 119.12 -59.95 6.17
CA TYR W 89 117.75 -59.64 5.84
C TYR W 89 117.68 -58.64 4.71
N VAL W 90 117.08 -59.01 3.59
CA VAL W 90 116.85 -58.10 2.49
C VAL W 90 115.42 -57.57 2.53
N VAL W 91 115.21 -56.26 2.27
CA VAL W 91 113.85 -55.77 2.02
C VAL W 91 113.81 -54.96 0.72
N LEU W 92 112.77 -55.18 -0.09
CA LEU W 92 112.55 -54.57 -1.39
C LEU W 92 111.62 -53.36 -1.31
N VAL W 93 112.01 -52.16 -1.78
CA VAL W 93 111.04 -51.08 -1.94
C VAL W 93 111.08 -50.44 -3.33
N ALA W 94 109.92 -49.97 -3.78
CA ALA W 94 109.77 -49.20 -5.00
C ALA W 94 109.98 -47.71 -4.81
N LYS W 95 110.84 -47.07 -5.63
CA LYS W 95 111.03 -45.63 -5.59
C LYS W 95 109.85 -44.83 -6.12
N ARG W 96 109.02 -44.31 -5.22
CA ARG W 96 107.93 -43.43 -5.56
C ARG W 96 108.34 -42.00 -5.31
N THR W 97 108.01 -41.08 -6.23
CA THR W 97 108.34 -39.66 -6.08
C THR W 97 107.26 -38.95 -5.28
N ILE W 98 107.62 -38.03 -4.39
CA ILE W 98 106.68 -37.34 -3.52
C ILE W 98 106.70 -35.87 -3.85
N LEU W 99 105.53 -35.21 -3.95
CA LEU W 99 105.44 -33.80 -4.30
C LEU W 99 104.62 -32.98 -3.31
N LYS W 100 105.17 -31.84 -2.83
CA LYS W 100 104.43 -30.87 -2.04
C LYS W 100 103.26 -30.23 -2.80
N GLY W 101 102.11 -30.02 -2.12
CA GLY W 101 100.84 -29.69 -2.77
C GLY W 101 100.72 -28.38 -3.52
N LYS W 102 101.42 -27.32 -3.12
CA LYS W 102 101.34 -26.06 -3.85
C LYS W 102 102.57 -25.83 -4.70
N GLN W 103 103.54 -26.74 -4.65
CA GLN W 103 104.86 -26.50 -5.18
C GLN W 103 104.92 -26.27 -6.68
N LYS W 104 104.08 -26.99 -7.44
CA LYS W 104 103.71 -26.72 -8.82
C LYS W 104 104.63 -27.33 -9.86
N ASN W 105 104.23 -28.47 -10.43
CA ASN W 105 105.02 -29.16 -11.42
C ASN W 105 104.66 -28.71 -12.82
N LYS W 106 105.63 -28.89 -13.75
CA LYS W 106 105.48 -28.67 -15.16
C LYS W 106 104.43 -29.56 -15.80
N SER W 107 104.38 -30.84 -15.39
CA SER W 107 103.27 -31.72 -15.72
C SER W 107 102.20 -31.66 -14.64
N PHE W 108 101.04 -32.25 -14.97
CA PHE W 108 99.93 -32.50 -14.07
C PHE W 108 99.00 -31.34 -13.84
N LYS W 109 97.69 -31.63 -13.89
CA LYS W 109 96.66 -30.72 -13.46
C LYS W 109 96.47 -30.96 -11.98
N ILE W 110 97.12 -30.10 -11.15
CA ILE W 110 97.43 -30.30 -9.73
C ILE W 110 98.12 -31.62 -9.38
N ILE W 111 98.70 -31.71 -8.18
CA ILE W 111 99.49 -32.85 -7.78
C ILE W 111 98.67 -34.12 -7.70
N PRO W 112 99.02 -35.23 -8.32
CA PRO W 112 98.24 -36.45 -8.19
C PRO W 112 98.38 -37.06 -6.82
N ARG W 113 97.32 -37.69 -6.29
CA ARG W 113 97.34 -38.24 -4.95
C ARG W 113 98.34 -39.35 -4.80
N SER W 114 98.57 -40.11 -5.87
CA SER W 114 99.67 -41.05 -5.94
C SER W 114 101.04 -40.47 -5.61
N ARG W 115 101.21 -39.14 -5.63
CA ARG W 115 102.47 -38.50 -5.36
C ARG W 115 102.45 -37.80 -4.03
N THR W 116 101.38 -38.02 -3.24
CA THR W 116 101.27 -37.42 -1.91
C THR W 116 101.96 -38.22 -0.84
N LEU W 117 102.51 -37.50 0.15
CA LEU W 117 103.33 -37.98 1.24
C LEU W 117 102.70 -39.12 1.97
N THR W 118 101.47 -38.91 2.45
CA THR W 118 100.71 -39.92 3.17
C THR W 118 100.46 -41.18 2.38
N SER W 119 100.05 -41.09 1.09
CA SER W 119 99.85 -42.23 0.23
C SER W 119 101.12 -43.01 -0.01
N VAL W 120 102.21 -42.32 -0.29
CA VAL W 120 103.50 -42.94 -0.51
C VAL W 120 103.99 -43.68 0.71
N TYR W 121 103.87 -43.10 1.91
CA TYR W 121 104.30 -43.76 3.12
C TYR W 121 103.47 -44.99 3.47
N ASP W 122 102.16 -44.94 3.22
CA ASP W 122 101.30 -46.11 3.27
C ASP W 122 101.74 -47.22 2.28
N SER W 123 102.07 -46.81 1.05
CA SER W 123 102.56 -47.70 0.02
C SER W 123 103.87 -48.38 0.38
N ILE W 124 104.81 -47.65 0.99
CA ILE W 124 106.07 -48.20 1.44
C ILE W 124 105.84 -49.20 2.55
N LEU W 125 104.88 -48.92 3.44
CA LEU W 125 104.46 -49.86 4.46
C LEU W 125 103.98 -51.18 3.88
N GLU W 126 103.18 -51.14 2.79
CA GLU W 126 102.90 -52.36 2.04
C GLU W 126 104.15 -53.05 1.48
N ASP W 127 105.10 -52.29 0.90
CA ASP W 127 106.31 -52.83 0.33
C ASP W 127 107.14 -53.60 1.36
N ILE W 128 107.38 -53.03 2.55
CA ILE W 128 108.25 -53.67 3.52
C ILE W 128 107.64 -54.94 4.08
N VAL W 129 106.35 -54.95 4.41
CA VAL W 129 105.66 -56.10 4.95
C VAL W 129 105.47 -57.22 3.93
N SER W 130 105.46 -56.87 2.62
CA SER W 130 105.10 -57.63 1.44
C SER W 130 105.00 -59.16 1.44
N PRO W 131 105.84 -60.02 1.98
CA PRO W 131 105.52 -61.42 2.20
C PRO W 131 104.22 -61.67 2.96
N SER W 132 103.76 -60.68 3.72
CA SER W 132 102.48 -60.61 4.39
C SER W 132 101.78 -59.40 3.83
N GLU W 133 100.48 -59.24 4.11
CA GLU W 133 99.73 -58.04 3.80
C GLU W 133 99.09 -57.50 5.07
N ILE W 134 98.89 -56.18 5.17
CA ILE W 134 98.53 -55.50 6.41
C ILE W 134 97.11 -55.82 6.86
N ILE W 135 96.93 -56.31 8.10
CA ILE W 135 95.61 -56.59 8.64
C ILE W 135 94.90 -55.34 9.14
N GLY W 136 95.60 -54.44 9.86
CA GLY W 136 95.00 -53.21 10.35
C GLY W 136 96.03 -52.29 10.96
N LYS W 137 95.76 -50.99 10.96
CA LYS W 137 96.68 -49.96 11.45
C LYS W 137 96.15 -49.21 12.67
N ARG W 138 97.03 -48.87 13.60
CA ARG W 138 96.65 -48.20 14.83
C ARG W 138 97.79 -47.28 15.25
N ILE W 139 97.50 -45.97 15.38
CA ILE W 139 98.51 -44.98 15.75
C ILE W 139 98.29 -44.50 17.16
N SER W 140 99.19 -44.86 18.07
CA SER W 140 99.06 -44.51 19.47
C SER W 140 99.81 -43.22 19.79
N MET W 141 99.15 -42.23 20.41
CA MET W 141 99.77 -40.99 20.83
C MET W 141 100.08 -41.01 22.30
N LYS W 142 101.34 -41.30 22.63
CA LYS W 142 101.87 -41.27 23.98
C LYS W 142 101.87 -39.88 24.58
N ALA W 143 101.84 -39.80 25.93
CA ALA W 143 101.87 -38.56 26.69
C ALA W 143 103.10 -37.70 26.41
N ASP W 144 104.19 -38.33 25.98
CA ASP W 144 105.40 -37.70 25.47
C ASP W 144 105.16 -36.74 24.31
N GLY W 145 104.17 -37.04 23.46
CA GLY W 145 103.90 -36.27 22.25
C GLY W 145 104.48 -36.91 21.03
N LYS W 146 105.10 -38.10 21.18
CA LYS W 146 105.49 -38.91 20.05
C LYS W 146 104.35 -39.82 19.63
N ARG W 147 104.44 -40.35 18.42
CA ARG W 147 103.40 -41.15 17.82
C ARG W 147 103.99 -42.51 17.50
N VAL W 148 103.25 -43.58 17.84
CA VAL W 148 103.72 -44.93 17.63
C VAL W 148 102.78 -45.63 16.68
N PHE W 149 103.35 -46.16 15.61
CA PHE W 149 102.64 -46.89 14.60
C PHE W 149 102.58 -48.37 14.97
N LYS W 150 101.47 -48.83 15.57
CA LYS W 150 101.27 -50.25 15.77
C LYS W 150 100.69 -50.81 14.48
N ILE W 151 101.50 -51.52 13.71
CA ILE W 151 101.09 -52.08 12.43
C ILE W 151 100.86 -53.56 12.53
N MET W 152 99.62 -54.01 12.39
CA MET W 152 99.28 -55.39 12.59
C MET W 152 99.26 -56.20 11.29
N LEU W 153 99.97 -57.34 11.30
CA LEU W 153 100.16 -58.23 10.17
C LEU W 153 99.15 -59.36 10.16
N ASP W 154 99.07 -60.14 9.06
CA ASP W 154 98.06 -61.16 8.92
C ASP W 154 98.22 -62.39 9.83
N SER W 155 98.68 -63.51 9.27
CA SER W 155 98.84 -64.76 9.97
C SER W 155 99.58 -65.79 9.13
N LYS W 156 99.87 -65.51 7.84
CA LYS W 156 100.49 -66.47 6.97
C LYS W 156 101.94 -66.70 7.34
N GLU W 157 102.70 -65.62 7.50
CA GLU W 157 104.10 -65.70 7.83
C GLU W 157 104.32 -65.60 9.31
N ARG W 158 103.53 -66.38 10.08
CA ARG W 158 103.74 -66.64 11.48
C ARG W 158 104.38 -68.01 11.69
N GLN W 159 104.36 -68.85 10.65
CA GLN W 159 104.82 -70.21 10.74
C GLN W 159 106.32 -70.36 10.52
N ARG W 160 106.89 -69.64 9.53
CA ARG W 160 108.33 -69.57 9.31
C ARG W 160 109.08 -68.93 10.49
N ASP W 161 110.28 -69.42 10.84
CA ASP W 161 110.86 -69.22 12.16
C ASP W 161 111.69 -67.94 12.30
N ASN W 162 111.75 -67.12 11.24
CA ASN W 162 112.44 -65.85 11.23
C ASN W 162 111.59 -64.70 11.75
N ILE W 163 110.32 -64.99 12.09
CA ILE W 163 109.27 -64.06 12.51
C ILE W 163 109.73 -62.86 13.30
N GLU W 164 110.15 -63.01 14.57
CA GLU W 164 110.46 -61.86 15.40
C GLU W 164 111.56 -61.01 14.81
N GLU W 165 112.58 -61.69 14.27
CA GLU W 165 113.65 -61.04 13.57
C GLU W 165 113.19 -60.21 12.38
N LYS W 166 112.26 -60.75 11.57
CA LYS W 166 111.64 -60.01 10.49
C LYS W 166 110.88 -58.78 10.98
N LEU W 167 110.06 -58.91 12.05
CA LEU W 167 109.27 -57.80 12.55
C LEU W 167 110.11 -56.61 13.02
N ILE W 168 111.17 -56.89 13.80
CA ILE W 168 112.14 -55.90 14.20
C ILE W 168 112.83 -55.27 13.01
N SER W 169 113.24 -56.12 12.04
CA SER W 169 113.85 -55.67 10.81
C SER W 169 112.98 -54.72 10.03
N PHE W 170 111.68 -55.04 9.85
CA PHE W 170 110.71 -54.15 9.27
C PHE W 170 110.61 -52.83 9.98
N ALA W 171 110.52 -52.85 11.32
CA ALA W 171 110.45 -51.62 12.11
C ALA W 171 111.63 -50.71 11.87
N ALA W 172 112.85 -51.28 11.91
CA ALA W 172 114.04 -50.54 11.59
C ALA W 172 114.02 -49.92 10.20
N VAL W 173 113.64 -50.69 9.18
CA VAL W 173 113.66 -50.21 7.81
C VAL W 173 112.65 -49.12 7.60
N TYR W 174 111.47 -49.23 8.22
CA TYR W 174 110.44 -48.22 8.10
C TYR W 174 110.93 -46.92 8.68
N LYS W 175 111.59 -46.98 9.85
CA LYS W 175 112.20 -45.83 10.47
C LYS W 175 113.27 -45.13 9.64
N LYS W 176 114.20 -45.87 9.00
CA LYS W 176 115.17 -45.24 8.13
C LYS W 176 114.55 -44.61 6.89
N ILE W 177 113.58 -45.28 6.24
CA ILE W 177 112.91 -44.69 5.10
C ILE W 177 112.04 -43.50 5.46
N THR W 178 111.22 -43.60 6.52
CA THR W 178 110.30 -42.56 6.92
C THR W 178 110.38 -42.37 8.42
N ARG W 179 110.58 -41.12 8.84
CA ARG W 179 110.98 -40.79 10.19
C ARG W 179 109.85 -40.91 11.18
N ARG W 180 109.58 -42.14 11.61
CA ARG W 180 108.49 -42.53 12.46
C ARG W 180 108.95 -43.72 13.27
N ASP W 181 108.36 -43.95 14.46
CA ASP W 181 108.58 -45.18 15.18
C ASP W 181 107.40 -46.14 15.02
N ALA W 182 107.68 -47.30 14.43
CA ALA W 182 106.73 -48.36 14.24
C ALA W 182 107.02 -49.53 15.12
N VAL W 183 105.99 -50.35 15.38
CA VAL W 183 106.12 -51.66 15.96
C VAL W 183 105.18 -52.56 15.19
N PHE W 184 105.49 -53.85 15.09
CA PHE W 184 104.73 -54.76 14.26
C PHE W 184 104.39 -55.97 15.09
N SER W 185 103.25 -56.61 14.78
CA SER W 185 102.84 -57.77 15.55
C SER W 185 101.77 -58.55 14.82
N LEU W 186 101.39 -59.68 15.39
CA LEU W 186 100.51 -60.67 14.85
C LEU W 186 99.52 -61.06 15.94
N PRO W 187 98.26 -61.31 15.62
CA PRO W 187 97.24 -61.67 16.61
C PRO W 187 97.53 -62.99 17.30
N PRO W 188 96.88 -63.30 18.43
CA PRO W 188 97.09 -64.56 19.13
C PRO W 188 96.70 -65.82 18.35
N ARG X 1 70.93 24.37 -13.78
CA ARG X 1 71.22 23.86 -15.17
C ARG X 1 72.07 22.61 -15.11
N ASP X 2 73.40 22.70 -15.28
CA ASP X 2 74.25 21.52 -15.37
C ASP X 2 74.23 20.60 -14.13
N GLY X 3 74.23 19.29 -14.39
CA GLY X 3 74.62 18.25 -13.44
C GLY X 3 73.68 17.77 -12.36
N ARG X 4 72.46 18.30 -12.25
CA ARG X 4 71.49 17.74 -11.33
C ARG X 4 70.09 18.14 -11.73
N HIS X 5 69.08 17.73 -10.96
CA HIS X 5 67.68 18.01 -11.21
C HIS X 5 67.16 17.30 -12.44
N LYS X 6 67.55 16.02 -12.51
CA LYS X 6 67.01 15.06 -13.42
C LYS X 6 67.10 13.72 -12.71
N LEU X 7 66.39 12.68 -13.18
CA LEU X 7 66.07 11.50 -12.40
C LEU X 7 67.23 10.66 -11.89
N ARG X 8 67.00 9.97 -10.77
CA ARG X 8 67.93 9.03 -10.16
C ARG X 8 68.22 7.84 -11.06
N LEU X 9 69.41 7.23 -10.96
CA LEU X 9 69.82 6.07 -11.74
C LEU X 9 68.88 4.89 -11.62
N THR X 10 68.24 4.75 -10.46
CA THR X 10 67.23 3.72 -10.20
C THR X 10 65.96 3.92 -10.97
N GLY X 11 65.72 5.16 -11.43
CA GLY X 11 64.46 5.64 -11.95
C GLY X 11 63.73 6.53 -10.97
N GLY X 12 64.15 6.59 -9.70
CA GLY X 12 63.56 7.47 -8.70
C GLY X 12 63.57 8.95 -9.01
N LYS X 13 62.69 9.72 -8.35
CA LYS X 13 62.69 11.17 -8.45
C LYS X 13 63.44 11.78 -7.29
N LYS X 14 64.75 12.01 -7.44
CA LYS X 14 65.54 12.60 -6.38
C LYS X 14 65.10 14.00 -6.01
N LYS X 15 65.08 14.29 -4.71
CA LYS X 15 64.77 15.60 -4.17
C LYS X 15 65.79 16.66 -4.55
N ILE X 16 65.36 17.92 -4.54
CA ILE X 16 66.21 19.03 -4.88
C ILE X 16 66.30 20.00 -3.72
N HIS X 17 67.51 20.45 -3.46
CA HIS X 17 67.86 21.55 -2.59
C HIS X 17 69.15 21.97 -3.21
N LYS X 18 69.78 23.06 -2.76
CA LYS X 18 70.94 23.64 -3.43
C LYS X 18 70.48 24.36 -4.68
N LYS X 19 70.06 25.63 -4.53
CA LYS X 19 69.60 26.46 -5.61
C LYS X 19 70.70 26.62 -6.66
N LYS X 20 70.36 26.58 -7.97
CA LYS X 20 71.28 26.64 -9.09
C LYS X 20 72.53 27.51 -8.90
N ARG X 21 73.74 26.98 -9.08
CA ARG X 21 74.96 27.72 -8.85
C ARG X 21 75.45 28.34 -10.13
N LYS X 22 76.07 29.54 -10.07
CA LYS X 22 76.58 30.22 -11.26
C LYS X 22 77.58 29.38 -12.04
N TYR X 23 78.47 28.64 -11.34
CA TYR X 23 79.48 27.84 -11.99
C TYR X 23 78.93 26.67 -12.82
N GLU X 24 77.63 26.38 -12.74
CA GLU X 24 76.98 25.51 -13.68
C GLU X 24 76.95 26.07 -15.11
N LEU X 25 76.70 27.39 -15.25
CA LEU X 25 76.47 28.09 -16.50
C LEU X 25 75.25 27.61 -17.30
N GLY X 26 75.43 26.62 -18.20
CA GLY X 26 74.51 26.25 -19.26
C GLY X 26 74.08 27.39 -20.17
N ARG X 27 75.08 28.09 -20.76
CA ARG X 27 74.90 29.26 -21.62
C ARG X 27 74.08 29.04 -22.88
N PRO X 28 73.40 30.05 -23.41
CA PRO X 28 72.38 29.84 -24.42
C PRO X 28 73.01 29.44 -25.74
N PRO X 29 72.44 28.54 -26.49
CA PRO X 29 73.11 27.90 -27.60
C PRO X 29 73.19 28.85 -28.76
N SER X 30 74.27 28.74 -29.55
CA SER X 30 74.42 29.60 -30.69
C SER X 30 74.36 28.79 -31.95
N ASN X 31 73.44 29.16 -32.85
CA ASN X 31 73.58 28.75 -34.23
C ASN X 31 74.74 29.53 -34.84
N THR X 32 75.18 29.18 -36.03
CA THR X 32 76.03 30.09 -36.77
C THR X 32 75.87 29.81 -38.23
N LYS X 33 75.65 30.85 -39.05
CA LYS X 33 75.33 30.63 -40.46
C LYS X 33 76.33 31.19 -41.45
N LEU X 34 76.00 31.06 -42.74
CA LEU X 34 76.87 31.38 -43.83
C LEU X 34 76.53 32.76 -44.36
N GLY X 35 77.47 33.72 -44.28
CA GLY X 35 77.13 35.08 -44.66
C GLY X 35 78.34 35.96 -44.79
N SER X 36 78.39 37.02 -43.96
CA SER X 36 79.57 37.87 -43.85
C SER X 36 80.03 37.79 -42.43
N ARG X 37 81.34 37.52 -42.22
CA ARG X 37 82.00 37.43 -40.93
C ARG X 37 81.52 38.40 -39.88
N GLN X 38 81.00 37.87 -38.77
CA GLN X 38 80.53 38.68 -37.68
C GLN X 38 80.68 37.85 -36.44
N VAL X 39 81.36 38.37 -35.42
CA VAL X 39 81.75 37.59 -34.27
C VAL X 39 81.53 38.39 -33.01
N HIS X 40 81.09 37.72 -31.94
CA HIS X 40 80.88 38.33 -30.65
C HIS X 40 81.82 37.73 -29.64
N VAL X 41 82.46 38.58 -28.84
CA VAL X 41 83.26 38.17 -27.69
C VAL X 41 82.38 37.65 -26.55
N VAL X 42 82.73 36.49 -25.96
CA VAL X 42 82.06 36.00 -24.77
C VAL X 42 83.05 35.89 -23.63
N ARG X 43 82.64 36.35 -22.43
CA ARG X 43 83.37 36.29 -21.19
C ARG X 43 82.94 35.07 -20.40
N GLY X 44 83.80 34.05 -20.36
CA GLY X 44 83.60 32.77 -19.67
C GLY X 44 84.25 32.78 -18.32
N ARG X 45 83.88 31.82 -17.45
CA ARG X 45 84.35 31.80 -16.07
C ARG X 45 85.86 31.92 -15.91
N GLY X 46 86.33 32.71 -14.92
CA GLY X 46 87.76 32.82 -14.71
C GLY X 46 88.43 33.69 -15.72
N ARG X 47 87.64 34.43 -16.50
CA ARG X 47 88.10 35.35 -17.51
C ARG X 47 88.71 34.67 -18.71
N ASN X 48 88.23 33.46 -19.00
CA ASN X 48 88.43 32.78 -20.25
C ASN X 48 87.63 33.41 -21.37
N TYR X 49 88.28 34.02 -22.36
CA TYR X 49 87.55 34.61 -23.46
C TYR X 49 87.31 33.57 -24.54
N LYS X 50 86.09 33.55 -25.10
CA LYS X 50 85.73 32.66 -26.18
C LYS X 50 85.14 33.50 -27.29
N TYR X 51 85.17 32.99 -28.53
CA TYR X 51 84.67 33.74 -29.67
C TYR X 51 83.46 33.06 -30.28
N ARG X 52 82.33 33.78 -30.30
CA ARG X 52 81.08 33.36 -30.87
C ARG X 52 80.90 33.85 -32.29
N ALA X 53 81.32 33.07 -33.30
CA ALA X 53 81.02 33.44 -34.65
C ALA X 53 79.55 33.25 -34.95
N ILE X 54 78.82 34.29 -35.40
CA ILE X 54 77.40 34.14 -35.66
C ILE X 54 77.16 34.06 -37.14
N LYS X 55 78.07 34.62 -37.95
CA LYS X 55 78.12 34.37 -39.36
C LYS X 55 79.57 34.27 -39.77
N LEU X 56 79.86 33.46 -40.79
CA LEU X 56 81.19 33.26 -41.30
C LEU X 56 81.07 33.01 -42.77
N ASP X 57 82.22 32.97 -43.45
CA ASP X 57 82.28 32.45 -44.80
C ASP X 57 83.68 32.04 -45.23
N SER X 58 84.73 32.59 -44.59
CA SER X 58 86.09 32.45 -45.07
C SER X 58 86.91 31.68 -44.08
N GLY X 59 87.30 30.44 -44.41
CA GLY X 59 88.03 29.58 -43.49
C GLY X 59 89.45 29.29 -43.87
N SER X 60 90.12 28.51 -43.01
CA SER X 60 91.41 27.90 -43.23
C SER X 60 91.19 26.44 -43.60
N PHE X 61 91.44 26.07 -44.86
CA PHE X 61 91.24 24.72 -45.33
C PHE X 61 92.52 24.03 -45.70
N SER X 62 92.69 22.79 -45.21
CA SER X 62 93.91 22.02 -45.34
C SER X 62 93.69 20.84 -46.25
N TRP X 63 94.61 20.65 -47.21
CA TRP X 63 94.75 19.43 -47.96
C TRP X 63 95.60 18.47 -47.12
N PRO X 64 95.06 17.54 -46.36
CA PRO X 64 95.83 16.75 -45.41
C PRO X 64 96.98 16.03 -46.06
N THR X 65 96.78 15.40 -47.21
CA THR X 65 97.77 14.60 -47.91
C THR X 65 99.07 15.31 -48.23
N PHE X 66 99.04 16.63 -48.45
CA PHE X 66 100.24 17.40 -48.66
C PHE X 66 100.54 18.32 -47.50
N GLY X 67 99.73 18.28 -46.43
CA GLY X 67 99.97 19.04 -45.21
C GLY X 67 99.96 20.54 -45.34
N ILE X 68 99.27 21.10 -46.34
CA ILE X 68 99.30 22.52 -46.64
C ILE X 68 97.92 23.09 -46.64
N SER X 69 97.81 24.39 -46.40
CA SER X 69 96.55 25.05 -46.14
C SER X 69 96.45 26.27 -46.99
N LYS X 70 95.24 26.57 -47.50
CA LYS X 70 94.95 27.88 -48.01
C LYS X 70 93.61 28.36 -47.54
N ASN X 71 93.44 29.70 -47.54
CA ASN X 71 92.22 30.33 -47.08
C ASN X 71 91.25 30.43 -48.21
N THR X 72 89.99 30.11 -47.96
CA THR X 72 89.02 30.02 -49.04
C THR X 72 87.63 30.37 -48.56
N ARG X 73 86.84 31.04 -49.43
CA ARG X 73 85.43 31.20 -49.21
C ARG X 73 84.69 29.88 -49.35
N ILE X 74 83.67 29.63 -48.52
CA ILE X 74 82.99 28.36 -48.48
C ILE X 74 81.66 28.53 -49.15
N ILE X 75 81.40 27.72 -50.18
CA ILE X 75 80.34 27.99 -51.12
C ILE X 75 78.98 27.71 -50.52
N ASP X 76 78.81 26.55 -49.87
CA ASP X 76 77.54 26.14 -49.35
C ASP X 76 77.69 25.01 -48.36
N VAL X 77 76.69 24.81 -47.49
CA VAL X 77 76.65 23.66 -46.63
C VAL X 77 75.84 22.61 -47.34
N VAL X 78 76.30 21.35 -47.39
CA VAL X 78 75.69 20.35 -48.24
C VAL X 78 75.24 19.11 -47.50
N TYR X 79 75.93 18.72 -46.43
CA TYR X 79 75.48 17.59 -45.64
C TYR X 79 75.91 17.78 -44.20
N ASN X 80 75.07 17.36 -43.26
CA ASN X 80 75.42 17.29 -41.87
C ASN X 80 75.25 15.86 -41.42
N ALA X 81 76.18 15.39 -40.57
CA ALA X 81 76.13 14.08 -39.98
C ALA X 81 74.92 13.85 -39.10
N SER X 82 74.61 14.81 -38.22
CA SER X 82 73.49 14.69 -37.33
C SER X 82 72.21 15.09 -38.01
N ASN X 83 71.43 16.00 -37.42
CA ASN X 83 70.13 16.42 -37.93
C ASN X 83 70.16 17.05 -39.31
N ASN X 84 69.11 16.83 -40.12
CA ASN X 84 68.99 17.50 -41.39
C ASN X 84 68.68 18.98 -41.25
N GLU X 85 68.18 19.42 -40.08
CA GLU X 85 67.80 20.81 -39.86
C GLU X 85 68.94 21.79 -40.05
N LEU X 86 70.12 21.51 -39.49
CA LEU X 86 71.27 22.38 -39.60
C LEU X 86 71.72 22.62 -41.05
N VAL X 87 71.80 21.57 -41.86
CA VAL X 87 72.16 21.71 -43.26
C VAL X 87 71.10 22.45 -44.05
N ARG X 88 69.81 22.20 -43.79
CA ARG X 88 68.71 22.90 -44.42
C ARG X 88 68.77 24.39 -44.14
N THR X 89 69.08 24.76 -42.90
CA THR X 89 69.09 26.15 -42.48
C THR X 89 70.34 26.87 -42.88
N LYS X 90 71.33 26.18 -43.46
CA LYS X 90 72.61 26.73 -43.84
C LYS X 90 73.42 27.18 -42.64
N THR X 91 73.48 26.33 -41.61
CA THR X 91 74.22 26.63 -40.40
C THR X 91 75.40 25.71 -40.22
N LEU X 92 76.55 26.26 -39.81
CA LEU X 92 77.77 25.50 -39.61
C LEU X 92 77.82 24.93 -38.22
N VAL X 93 78.48 23.78 -38.06
CA VAL X 93 78.76 23.15 -36.79
C VAL X 93 79.98 22.32 -37.07
N LYS X 94 80.71 21.87 -36.04
CA LYS X 94 82.01 21.23 -36.15
C LYS X 94 82.18 20.27 -37.30
N ASN X 95 81.42 19.17 -37.35
CA ASN X 95 81.76 18.04 -38.19
C ASN X 95 81.07 18.12 -39.54
N CYS X 96 80.53 19.29 -39.88
CA CYS X 96 79.73 19.48 -41.07
C CYS X 96 80.49 19.48 -42.40
N ILE X 97 79.80 19.04 -43.46
CA ILE X 97 80.32 18.99 -44.80
C ILE X 97 79.89 20.19 -45.61
N VAL X 98 80.87 21.01 -45.98
CA VAL X 98 80.73 22.17 -46.83
C VAL X 98 81.41 21.95 -48.17
N VAL X 99 81.33 22.93 -49.08
CA VAL X 99 82.09 22.89 -50.31
C VAL X 99 82.92 24.15 -50.39
N ILE X 100 84.20 24.04 -50.77
CA ILE X 100 85.17 25.13 -50.83
C ILE X 100 85.52 25.53 -52.24
N ASP X 101 85.87 26.81 -52.47
CA ASP X 101 86.35 27.25 -53.77
C ASP X 101 87.81 26.83 -53.98
N SER X 102 88.05 25.89 -54.92
CA SER X 102 89.32 25.20 -55.03
C SER X 102 90.43 25.90 -55.75
N HIS X 103 90.22 27.13 -56.21
CA HIS X 103 91.26 27.83 -56.93
C HIS X 103 92.58 28.04 -56.22
N PRO X 104 92.66 28.35 -54.94
CA PRO X 104 93.92 28.39 -54.23
C PRO X 104 94.74 27.13 -54.29
N PHE X 105 94.12 25.97 -54.01
CA PHE X 105 94.78 24.69 -54.05
C PHE X 105 95.28 24.35 -55.43
N THR X 106 94.42 24.58 -56.44
CA THR X 106 94.76 24.35 -57.84
C THR X 106 95.96 25.15 -58.25
N THR X 107 95.96 26.43 -57.89
CA THR X 107 97.04 27.38 -58.11
C THR X 107 98.31 26.95 -57.43
N TRP X 108 98.23 26.54 -56.15
CA TRP X 108 99.35 26.04 -55.38
C TRP X 108 99.99 24.84 -56.07
N TYR X 109 99.20 23.83 -56.46
CA TYR X 109 99.69 22.61 -57.06
C TYR X 109 100.44 22.87 -58.36
N GLU X 110 99.85 23.71 -59.23
CA GLU X 110 100.47 24.12 -60.47
C GLU X 110 101.79 24.86 -60.25
N ASN X 111 101.83 25.83 -59.32
CA ASN X 111 103.07 26.49 -58.96
C ASN X 111 104.14 25.55 -58.41
N THR X 112 103.74 24.64 -57.52
CA THR X 112 104.67 23.77 -56.81
C THR X 112 105.18 22.59 -57.58
N PHE X 113 104.28 21.78 -58.15
CA PHE X 113 104.66 20.57 -58.85
C PHE X 113 104.54 20.68 -60.35
N GLY X 114 103.66 21.57 -60.83
CA GLY X 114 103.28 21.64 -62.23
C GLY X 114 102.28 20.59 -62.63
N THR X 115 101.29 21.00 -63.44
CA THR X 115 100.21 20.23 -64.05
C THR X 115 98.90 20.39 -63.30
N THR X 116 97.78 20.54 -64.03
CA THR X 116 96.46 20.72 -63.42
C THR X 116 95.73 19.36 -63.32
N ILE X 158 109.11 19.63 -49.72
CA ILE X 158 108.09 18.72 -49.08
C ILE X 158 108.06 17.31 -49.69
N GLY X 159 107.18 16.40 -49.20
CA GLY X 159 107.13 15.00 -49.63
C GLY X 159 106.44 14.80 -50.95
N LYS X 160 107.18 14.98 -52.05
CA LYS X 160 106.69 15.12 -53.41
C LYS X 160 105.82 14.00 -53.98
N SER X 161 104.90 14.38 -54.89
CA SER X 161 104.30 13.49 -55.87
C SER X 161 103.51 12.31 -55.35
N LYS X 162 102.44 12.57 -54.57
CA LYS X 162 101.57 11.53 -54.03
C LYS X 162 100.34 11.27 -54.90
N ASN X 163 100.22 11.97 -56.05
CA ASN X 163 99.52 11.48 -57.22
C ASN X 163 98.00 11.61 -57.21
N ILE X 164 97.44 12.56 -56.45
CA ILE X 164 96.01 12.82 -56.31
C ILE X 164 95.11 11.57 -56.19
N ASP X 165 93.85 11.64 -56.64
CA ASP X 165 92.96 10.52 -56.79
C ASP X 165 92.07 10.90 -57.96
N PRO X 166 91.61 10.01 -58.81
CA PRO X 166 90.79 10.39 -59.93
C PRO X 166 89.45 10.96 -59.56
N LEU X 167 88.72 10.37 -58.60
CA LEU X 167 87.43 10.89 -58.20
C LEU X 167 87.51 12.33 -57.69
N LEU X 168 88.50 12.56 -56.82
CA LEU X 168 88.84 13.87 -56.35
C LEU X 168 89.23 14.81 -57.46
N LEU X 169 90.07 14.35 -58.41
CA LEU X 169 90.47 15.09 -59.59
C LEU X 169 89.29 15.50 -60.46
N GLU X 170 88.33 14.59 -60.69
CA GLU X 170 87.12 14.89 -61.42
C GLU X 170 86.32 15.99 -60.78
N GLN X 171 86.17 15.95 -59.45
CA GLN X 171 85.61 17.08 -58.74
C GLN X 171 86.39 18.37 -58.95
N PHE X 172 87.73 18.29 -58.84
CA PHE X 172 88.65 19.40 -58.93
C PHE X 172 88.53 20.22 -60.19
N LYS X 173 88.34 19.59 -61.37
CA LYS X 173 88.12 20.32 -62.61
C LYS X 173 86.93 21.26 -62.58
N GLN X 174 85.84 20.87 -61.89
CA GLN X 174 84.62 21.64 -61.89
C GLN X 174 84.68 22.71 -60.82
N GLY X 175 85.79 22.74 -60.06
CA GLY X 175 86.31 23.93 -59.39
C GLY X 175 85.80 24.25 -58.04
N ARG X 176 84.85 23.46 -57.52
CA ARG X 176 84.34 23.63 -56.18
C ARG X 176 84.36 22.26 -55.53
N VAL X 177 85.07 22.10 -54.40
CA VAL X 177 85.44 20.78 -53.88
C VAL X 177 84.92 20.56 -52.47
N LEU X 178 84.48 19.32 -52.19
CA LEU X 178 83.91 18.86 -50.95
C LEU X 178 84.87 18.79 -49.77
N ALA X 179 84.51 19.44 -48.64
CA ALA X 179 85.37 19.54 -47.49
C ALA X 179 84.61 19.39 -46.16
N CYS X 180 85.32 18.89 -45.14
CA CYS X 180 84.84 18.76 -43.79
C CYS X 180 85.43 19.81 -42.89
N ILE X 181 84.59 20.66 -42.28
CA ILE X 181 84.98 21.56 -41.21
C ILE X 181 85.45 20.76 -40.02
N SER X 182 86.57 21.14 -39.38
CA SER X 182 87.04 20.45 -38.19
C SER X 182 86.96 21.30 -36.95
N SER X 183 87.20 22.62 -37.02
CA SER X 183 87.22 23.45 -35.83
C SER X 183 85.83 23.78 -35.30
N ARG X 184 85.72 24.35 -34.08
CA ARG X 184 84.42 24.60 -33.52
C ARG X 184 84.05 26.07 -33.63
N PRO X 185 83.23 26.50 -34.58
CA PRO X 185 82.87 27.89 -34.82
C PRO X 185 82.38 28.62 -33.60
N GLY X 186 81.54 27.94 -32.82
CA GLY X 186 80.91 28.45 -31.61
C GLY X 186 81.87 28.70 -30.49
N GLN X 187 83.08 28.16 -30.60
CA GLN X 187 84.11 28.38 -29.64
C GLN X 187 85.21 29.29 -30.16
N CYS X 188 85.64 29.05 -31.41
CA CYS X 188 86.87 29.61 -31.93
C CYS X 188 86.71 30.76 -32.87
N GLY X 189 85.49 31.08 -33.32
CA GLY X 189 85.29 32.33 -34.06
C GLY X 189 85.70 32.30 -35.50
N LYS X 190 86.03 31.11 -35.98
CA LYS X 190 86.41 30.89 -37.34
C LYS X 190 86.16 29.42 -37.59
N ALA X 191 86.00 29.01 -38.85
CA ALA X 191 85.70 27.64 -39.18
C ALA X 191 86.76 27.15 -40.11
N ASP X 192 87.47 26.10 -39.68
CA ASP X 192 88.66 25.62 -40.32
C ASP X 192 88.46 24.16 -40.63
N GLY X 193 88.95 23.68 -41.78
CA GLY X 193 88.61 22.33 -42.21
C GLY X 193 89.56 21.70 -43.17
N TYR X 194 89.20 20.51 -43.66
CA TYR X 194 90.04 19.76 -44.55
C TYR X 194 89.27 19.16 -45.71
N ILE X 195 89.92 19.09 -46.88
CA ILE X 195 89.41 18.45 -48.06
C ILE X 195 89.16 16.97 -47.82
N ILE X 196 87.97 16.45 -48.14
CA ILE X 196 87.70 15.04 -47.91
C ILE X 196 88.54 14.14 -48.81
N GLU X 197 88.95 12.94 -48.37
CA GLU X 197 89.71 12.06 -49.22
C GLU X 197 89.24 10.62 -49.13
N GLY X 198 89.62 9.83 -50.14
CA GLY X 198 89.51 8.39 -50.31
C GLY X 198 88.22 7.75 -49.87
N ASP X 199 88.29 7.03 -48.75
CA ASP X 199 87.20 6.19 -48.28
C ASP X 199 86.15 7.07 -47.64
N GLU X 200 86.60 8.06 -46.85
CA GLU X 200 85.76 9.07 -46.26
C GLU X 200 84.99 9.82 -47.33
N LEU X 201 85.67 10.20 -48.43
CA LEU X 201 85.05 10.83 -49.58
C LEU X 201 83.94 10.00 -50.17
N LEU X 202 84.19 8.71 -50.36
CA LEU X 202 83.21 7.79 -50.90
C LEU X 202 81.96 7.71 -50.03
N PHE X 203 82.14 7.61 -48.70
CA PHE X 203 81.07 7.58 -47.75
C PHE X 203 80.19 8.82 -47.81
N TYR X 204 80.78 10.02 -47.79
CA TYR X 204 79.99 11.21 -47.85
C TYR X 204 79.30 11.37 -49.18
N LYS X 205 79.97 11.03 -50.30
CA LYS X 205 79.31 11.12 -51.58
C LYS X 205 78.07 10.23 -51.68
N ARG X 206 78.17 8.96 -51.25
CA ARG X 206 77.05 8.06 -51.22
C ARG X 206 75.88 8.53 -50.36
N LYS X 207 76.14 8.93 -49.10
CA LYS X 207 75.10 9.46 -48.25
C LYS X 207 74.42 10.70 -48.78
N MET X 208 75.22 11.67 -49.22
CA MET X 208 74.72 12.94 -49.66
C MET X 208 73.81 12.95 -50.87
N ASP X 209 74.13 12.20 -51.93
CA ASP X 209 73.42 12.33 -53.18
C ASP X 209 73.23 10.98 -53.88
N LYS X 212 67.02 3.40 -54.61
CA LYS X 212 67.83 3.96 -53.46
C LYS X 212 67.81 5.49 -53.34
N ARG X 213 68.56 6.23 -54.19
CA ARG X 213 68.85 7.64 -53.96
C ARG X 213 67.78 8.61 -54.43
N ASN X 214 67.28 9.44 -53.49
CA ASN X 214 66.37 10.55 -53.72
C ASN X 214 67.15 11.88 -53.87
N ILE Y 1 33.81 -33.97 125.51
CA ILE Y 1 33.62 -32.79 124.61
C ILE Y 1 32.91 -33.11 123.31
N ALA Y 2 32.20 -32.13 122.73
CA ALA Y 2 31.50 -32.18 121.48
C ALA Y 2 32.32 -31.48 120.41
N LEU Y 3 32.59 -32.12 119.27
CA LEU Y 3 33.47 -31.60 118.26
C LEU Y 3 32.69 -31.38 116.98
N THR Y 4 32.72 -30.15 116.46
CA THR Y 4 32.00 -29.79 115.26
C THR Y 4 33.00 -29.24 114.27
N SER Y 5 33.01 -29.71 113.01
CA SER Y 5 33.97 -29.20 112.04
C SER Y 5 33.46 -29.36 110.63
N LYS Y 6 34.15 -28.71 109.67
CA LYS Y 6 33.95 -28.93 108.26
C LYS Y 6 35.17 -29.61 107.67
N ASN Y 7 36.07 -30.14 108.53
CA ASN Y 7 37.16 -30.98 108.09
C ASN Y 7 37.11 -32.31 108.85
N LEU Y 8 36.52 -33.34 108.21
CA LEU Y 8 36.59 -34.75 108.56
C LEU Y 8 37.93 -35.26 109.07
N ARG Y 9 39.02 -35.11 108.30
CA ARG Y 9 40.33 -35.56 108.70
C ARG Y 9 40.81 -34.86 109.97
N ALA Y 10 40.63 -33.54 110.08
CA ALA Y 10 40.94 -32.82 111.30
C ALA Y 10 40.17 -33.31 112.53
N ILE Y 11 38.85 -33.56 112.39
CA ILE Y 11 38.04 -34.12 113.46
C ILE Y 11 38.56 -35.49 113.87
N GLU Y 12 38.85 -36.36 112.90
CA GLU Y 12 39.44 -37.66 113.11
C GLU Y 12 40.76 -37.64 113.87
N LYS Y 13 41.69 -36.75 113.51
CA LYS Y 13 42.92 -36.53 114.24
C LYS Y 13 42.70 -36.10 115.70
N VAL Y 14 41.77 -35.15 115.93
CA VAL Y 14 41.36 -34.74 117.26
C VAL Y 14 40.78 -35.89 118.07
N CYS Y 15 39.93 -36.72 117.44
CA CYS Y 15 39.32 -37.89 118.04
C CYS Y 15 40.34 -38.87 118.54
N SER Y 16 41.34 -39.18 117.72
CA SER Y 16 42.38 -40.10 118.13
C SER Y 16 43.24 -39.53 119.24
N ASP Y 17 43.66 -38.26 119.14
CA ASP Y 17 44.48 -37.66 120.17
C ASP Y 17 43.85 -37.54 121.56
N ILE Y 18 42.59 -37.09 121.67
CA ILE Y 18 41.90 -37.12 122.95
C ILE Y 18 41.63 -38.52 123.45
N MET Y 19 41.32 -39.50 122.56
CA MET Y 19 41.16 -40.90 122.93
C MET Y 19 42.40 -41.49 123.57
N LYS Y 20 43.59 -41.31 122.96
CA LYS Y 20 44.87 -41.69 123.56
C LYS Y 20 45.15 -40.98 124.88
N GLY Y 21 44.92 -39.65 124.90
CA GLY Y 21 45.11 -38.78 126.05
C GLY Y 21 44.32 -39.17 127.27
N ALA Y 22 43.03 -39.45 127.08
CA ALA Y 22 42.16 -39.98 128.10
C ALA Y 22 42.56 -41.36 128.62
N LYS Y 23 42.84 -42.31 127.72
CA LYS Y 23 43.16 -43.70 128.03
C LYS Y 23 44.43 -43.93 128.83
N GLU Y 24 45.43 -43.03 128.74
CA GLU Y 24 46.51 -42.92 129.71
C GLU Y 24 46.04 -42.82 131.16
N LYS Y 25 45.01 -41.98 131.38
CA LYS Y 25 44.59 -41.49 132.68
C LYS Y 25 43.35 -42.24 133.12
N ASN Y 26 42.96 -43.30 132.38
CA ASN Y 26 41.89 -44.24 132.69
C ASN Y 26 40.50 -43.63 132.59
N LEU Y 27 40.38 -42.47 131.93
CA LEU Y 27 39.17 -41.67 131.96
C LEU Y 27 37.99 -42.30 131.24
N ASN Y 28 36.76 -41.93 131.66
CA ASN Y 28 35.56 -42.55 131.14
C ASN Y 28 35.00 -41.74 130.01
N VAL Y 29 35.16 -42.27 128.79
CA VAL Y 29 34.60 -41.72 127.58
C VAL Y 29 33.60 -42.71 127.02
N SER Y 30 32.56 -42.20 126.37
CA SER Y 30 31.54 -43.02 125.75
C SER Y 30 31.80 -42.90 124.30
N GLY Y 31 32.15 -44.06 123.67
CA GLY Y 31 32.92 -44.15 122.44
C GLY Y 31 32.40 -43.31 121.29
N PRO Y 32 33.30 -42.68 120.50
CA PRO Y 32 33.00 -41.63 119.53
C PRO Y 32 31.62 -41.65 118.90
N VAL Y 33 30.77 -40.65 119.20
CA VAL Y 33 29.43 -40.68 118.67
C VAL Y 33 29.40 -39.79 117.47
N ARG Y 34 29.28 -40.40 116.30
CA ARG Y 34 29.21 -39.73 115.04
C ARG Y 34 27.79 -39.31 114.76
N LEU Y 35 27.52 -38.00 114.62
CA LEU Y 35 26.17 -37.55 114.37
C LEU Y 35 25.90 -37.64 112.88
N PRO Y 36 24.67 -37.87 112.41
CA PRO Y 36 24.31 -37.70 111.01
C PRO Y 36 24.90 -36.48 110.34
N VAL Y 37 25.62 -36.65 109.23
CA VAL Y 37 26.19 -35.53 108.50
C VAL Y 37 25.14 -34.60 107.94
N LYS Y 38 25.29 -33.29 108.18
CA LYS Y 38 24.42 -32.32 107.58
C LYS Y 38 25.17 -31.69 106.44
N THR Y 39 24.55 -31.58 105.27
CA THR Y 39 25.14 -30.83 104.16
C THR Y 39 24.30 -29.60 103.88
N LEU Y 40 24.94 -28.42 103.82
CA LEU Y 40 24.33 -27.22 103.32
C LEU Y 40 24.49 -27.20 101.80
N ARG Y 41 23.43 -27.48 101.05
CA ARG Y 41 23.49 -27.50 99.60
C ARG Y 41 22.87 -26.30 98.91
N ILE Y 42 23.63 -25.69 97.99
CA ILE Y 42 23.22 -24.52 97.24
C ILE Y 42 23.21 -24.87 95.77
N THR Y 43 22.10 -24.60 95.07
CA THR Y 43 21.95 -25.03 93.68
C THR Y 43 22.04 -23.81 92.82
N THR Y 44 23.12 -23.70 92.05
CA THR Y 44 23.56 -22.43 91.49
C THR Y 44 23.49 -22.48 89.99
N ARG Y 45 22.88 -21.46 89.36
CA ARG Y 45 22.99 -21.28 87.92
C ARG Y 45 24.42 -20.88 87.52
N LYS Y 46 24.99 -21.51 86.49
CA LYS Y 46 26.24 -21.07 85.89
C LYS Y 46 25.95 -19.97 84.90
N SER Y 47 26.97 -19.13 84.61
CA SER Y 47 26.86 -17.90 83.82
C SER Y 47 26.28 -16.77 84.62
N PRO Y 48 26.85 -15.58 84.64
CA PRO Y 48 26.28 -14.48 85.38
C PRO Y 48 25.08 -13.93 84.66
N CYS Y 49 24.83 -14.37 83.43
CA CYS Y 49 23.82 -13.83 82.56
C CYS Y 49 23.14 -14.99 81.89
N GLY Y 50 22.04 -14.77 81.16
CA GLY Y 50 21.16 -15.88 80.78
C GLY Y 50 21.65 -16.75 79.67
N GLU Y 51 22.13 -16.11 78.61
CA GLU Y 51 22.57 -16.64 77.35
C GLU Y 51 23.47 -17.85 77.41
N GLY Y 52 23.43 -18.65 76.34
CA GLY Y 52 23.83 -20.03 76.43
C GLY Y 52 22.79 -20.89 77.11
N THR Y 53 22.99 -22.21 77.08
CA THR Y 53 22.10 -23.19 77.69
C THR Y 53 21.94 -23.00 79.18
N ASN Y 54 20.76 -23.29 79.75
CA ASN Y 54 20.60 -23.37 81.18
C ASN Y 54 21.49 -24.47 81.79
N THR Y 55 22.53 -24.09 82.54
CA THR Y 55 23.53 -24.99 83.09
C THR Y 55 23.69 -24.71 84.56
N TRP Y 56 23.41 -25.72 85.40
CA TRP Y 56 23.47 -25.55 86.83
C TRP Y 56 24.61 -26.33 87.45
N ASP Y 57 25.23 -25.82 88.52
CA ASP Y 57 26.08 -26.63 89.38
C ASP Y 57 25.62 -26.68 90.84
N ARG Y 58 25.79 -27.84 91.50
CA ARG Y 58 25.21 -28.10 92.80
C ARG Y 58 26.31 -28.10 93.84
N PHE Y 59 26.34 -27.09 94.70
CA PHE Y 59 27.40 -26.93 95.69
C PHE Y 59 27.03 -27.63 97.00
N GLU Y 60 27.98 -28.30 97.67
CA GLU Y 60 27.73 -28.93 98.95
C GLU Y 60 28.76 -28.53 100.00
N LEU Y 61 28.30 -27.93 101.10
CA LEU Y 61 29.06 -27.71 102.33
C LEU Y 61 28.74 -28.76 103.38
N ARG Y 62 29.59 -29.80 103.52
CA ARG Y 62 29.35 -30.93 104.41
C ARG Y 62 29.96 -30.68 105.79
N ILE Y 63 29.11 -30.55 106.83
CA ILE Y 63 29.57 -30.35 108.20
C ILE Y 63 29.49 -31.62 109.04
N TYR Y 64 30.59 -31.91 109.74
CA TYR Y 64 30.80 -33.05 110.59
C TYR Y 64 30.57 -32.70 112.05
N LYS Y 65 29.71 -33.45 112.77
CA LYS Y 65 29.59 -33.32 114.20
C LYS Y 65 29.89 -34.67 114.85
N ARG Y 66 30.68 -34.65 115.92
CA ARG Y 66 31.03 -35.83 116.66
C ARG Y 66 30.96 -35.52 118.14
N LEU Y 67 30.70 -36.53 118.98
CA LEU Y 67 30.37 -36.34 120.36
C LEU Y 67 31.06 -37.33 121.27
N ILE Y 68 31.62 -36.84 122.40
CA ILE Y 68 32.19 -37.65 123.46
C ILE Y 68 31.73 -37.04 124.76
N ASP Y 69 31.05 -37.83 125.62
CA ASP Y 69 30.73 -37.47 126.98
C ASP Y 69 31.82 -37.98 127.92
N LEU Y 70 32.27 -37.17 128.92
CA LEU Y 70 33.43 -37.51 129.72
C LEU Y 70 33.25 -37.13 131.19
N TYR Y 71 33.63 -38.04 132.12
CA TYR Y 71 33.67 -37.85 133.57
C TYR Y 71 35.10 -37.62 134.06
N SER Y 72 35.45 -36.37 134.36
CA SER Y 72 36.76 -36.04 134.90
C SER Y 72 36.69 -34.61 135.38
N GLN Y 73 37.80 -34.08 135.93
CA GLN Y 73 38.03 -32.65 136.00
C GLN Y 73 38.07 -32.04 134.61
N CYS Y 74 37.31 -30.95 134.39
CA CYS Y 74 37.19 -30.27 133.12
C CYS Y 74 38.53 -29.79 132.58
N GLU Y 75 39.29 -29.12 133.43
CA GLU Y 75 40.43 -28.31 133.06
C GLU Y 75 41.51 -29.03 132.24
N VAL Y 76 41.99 -30.21 132.71
CA VAL Y 76 42.92 -31.05 131.96
C VAL Y 76 42.40 -31.52 130.62
N VAL Y 77 41.15 -32.03 130.50
CA VAL Y 77 40.62 -32.51 129.23
C VAL Y 77 40.45 -31.40 128.20
N THR Y 78 39.89 -30.24 128.60
CA THR Y 78 39.83 -29.06 127.76
C THR Y 78 41.19 -28.52 127.39
N GLN Y 79 42.15 -28.42 128.33
CA GLN Y 79 43.51 -28.04 128.00
C GLN Y 79 44.21 -28.98 127.01
N MET Y 80 44.11 -30.32 127.21
CA MET Y 80 44.57 -31.31 126.25
C MET Y 80 43.93 -31.16 124.89
N THR Y 81 42.60 -31.03 124.85
CA THR Y 81 41.84 -30.80 123.62
C THR Y 81 42.22 -29.52 122.90
N SER Y 82 42.24 -28.39 123.62
CA SER Y 82 42.35 -27.04 123.07
C SER Y 82 43.70 -26.78 122.45
N ILE Y 83 44.77 -27.27 123.08
CA ILE Y 83 46.10 -27.19 122.52
C ILE Y 83 46.27 -28.15 121.32
N ASN Y 84 45.67 -29.36 121.39
CA ASN Y 84 45.76 -30.33 120.33
C ASN Y 84 44.90 -30.05 119.10
N ILE Y 85 43.84 -29.22 119.18
CA ILE Y 85 43.06 -28.91 118.00
C ILE Y 85 43.78 -28.08 116.94
N ASP Y 86 43.35 -28.26 115.68
CA ASP Y 86 43.52 -27.24 114.67
C ASP Y 86 42.26 -26.35 114.72
N PRO Y 87 42.31 -25.01 114.62
CA PRO Y 87 41.16 -24.11 114.71
C PRO Y 87 39.97 -24.43 113.83
N VAL Y 88 40.10 -25.25 112.77
CA VAL Y 88 38.96 -25.71 111.98
C VAL Y 88 38.03 -26.64 112.75
N VAL Y 89 38.48 -27.23 113.87
CA VAL Y 89 37.65 -28.01 114.76
C VAL Y 89 37.13 -27.16 115.91
N GLU Y 90 35.80 -27.01 116.02
CA GLU Y 90 35.10 -26.23 117.02
C GLU Y 90 34.69 -27.09 118.22
N VAL Y 91 35.27 -26.81 119.41
CA VAL Y 91 35.11 -27.63 120.61
C VAL Y 91 34.07 -27.05 121.56
N GLU Y 92 33.08 -27.87 121.96
CA GLU Y 92 32.03 -27.54 122.92
C GLU Y 92 31.94 -28.50 124.11
N VAL Y 93 31.80 -27.97 125.33
CA VAL Y 93 31.71 -28.67 126.60
C VAL Y 93 30.56 -29.68 126.72
N ILE Y 94 30.87 -30.91 127.20
CA ILE Y 94 29.90 -31.85 127.72
C ILE Y 94 30.57 -32.71 128.79
N ILE Y 95 29.90 -32.93 129.95
CA ILE Y 95 30.48 -33.59 131.10
C ILE Y 95 29.42 -34.35 131.91
N THR Y 96 29.80 -35.49 132.50
CA THR Y 96 28.94 -36.38 133.28
C THR Y 96 29.64 -36.81 134.56
N ASP Y 97 28.88 -37.37 135.52
CA ASP Y 97 29.40 -37.93 136.75
C ASP Y 97 29.56 -39.46 136.59
N SER Y 98 29.04 -40.05 135.49
CA SER Y 98 29.17 -41.48 135.23
C SER Y 98 28.80 -41.76 133.75
N GLU Z 1 4.10 -90.01 24.75
CA GLU Z 1 3.90 -89.05 23.62
C GLU Z 1 4.17 -87.60 24.06
N LEU Z 2 4.48 -86.68 23.13
CA LEU Z 2 4.79 -85.31 23.49
C LEU Z 2 4.60 -84.43 22.28
N VAL Z 3 4.31 -83.12 22.44
CA VAL Z 3 4.23 -82.22 21.30
C VAL Z 3 4.73 -80.83 21.66
N PHE Z 4 5.56 -80.23 20.78
CA PHE Z 4 6.22 -78.97 21.04
C PHE Z 4 5.65 -77.80 20.26
N GLY Z 5 5.58 -76.64 20.94
CA GLY Z 5 5.34 -75.33 20.34
C GLY Z 5 6.52 -74.41 20.58
N VAL Z 6 6.54 -73.24 19.93
CA VAL Z 6 7.66 -72.32 20.07
C VAL Z 6 7.25 -71.02 20.73
N ALA Z 7 7.79 -70.74 21.93
CA ALA Z 7 7.50 -69.62 22.78
C ALA Z 7 8.48 -68.46 22.60
N HIS Z 8 8.15 -67.52 21.73
CA HIS Z 8 8.90 -66.29 21.57
C HIS Z 8 8.64 -65.33 22.72
N ILE Z 9 9.71 -64.95 23.45
CA ILE Z 9 9.60 -64.02 24.58
C ILE Z 9 10.38 -62.75 24.29
N PHE Z 10 9.67 -61.61 24.14
CA PHE Z 10 10.26 -60.31 23.85
C PHE Z 10 10.19 -59.37 25.04
N ALA Z 11 11.31 -59.08 25.72
CA ALA Z 11 11.33 -58.18 26.87
C ALA Z 11 12.07 -56.89 26.59
N SER Z 12 11.43 -55.72 26.72
CA SER Z 12 11.98 -54.49 26.17
C SER Z 12 12.42 -53.40 27.12
N PHE Z 13 12.07 -53.49 28.40
CA PHE Z 13 12.14 -52.43 29.41
C PHE Z 13 10.82 -51.68 29.47
N ASN Z 14 9.91 -51.99 28.56
CA ASN Z 14 8.50 -51.90 28.84
C ASN Z 14 8.03 -53.33 28.73
N ASP Z 15 6.95 -53.62 28.01
CA ASP Z 15 6.36 -54.94 27.86
C ASP Z 15 7.26 -56.18 27.85
N THR Z 16 6.71 -57.28 28.39
CA THR Z 16 7.29 -58.59 28.26
C THR Z 16 6.30 -59.41 27.49
N PHE Z 17 6.56 -59.58 26.21
CA PHE Z 17 5.67 -60.26 25.31
C PHE Z 17 5.87 -61.74 25.44
N ILE Z 18 4.77 -62.51 25.56
CA ILE Z 18 4.83 -63.94 25.40
C ILE Z 18 3.96 -64.24 24.21
N HIS Z 19 4.57 -64.80 23.17
CA HIS Z 19 3.89 -65.11 21.94
C HIS Z 19 4.25 -66.49 21.49
N VAL Z 20 3.47 -67.50 21.90
CA VAL Z 20 3.77 -68.88 21.57
C VAL Z 20 3.02 -69.31 20.32
N THR Z 21 3.68 -70.10 19.46
CA THR Z 21 3.24 -70.35 18.10
C THR Z 21 3.46 -71.77 17.68
N ASP Z 22 3.01 -72.08 16.45
CA ASP Z 22 3.36 -73.27 15.72
C ASP Z 22 4.85 -73.38 15.43
N LEU Z 23 5.35 -74.62 15.33
CA LEU Z 23 6.72 -74.95 15.00
C LEU Z 23 7.25 -74.30 13.73
N SER Z 24 6.37 -73.93 12.79
CA SER Z 24 6.78 -73.22 11.60
C SER Z 24 6.80 -71.71 11.77
N GLY Z 25 6.47 -71.20 12.96
CA GLY Z 25 6.31 -69.77 13.17
C GLY Z 25 4.93 -69.34 12.73
N ARG Z 26 4.68 -69.35 11.41
CA ARG Z 26 3.39 -69.00 10.85
C ARG Z 26 2.27 -69.81 11.43
N GLU Z 27 1.20 -69.11 11.87
CA GLU Z 27 0.15 -69.61 12.72
C GLU Z 27 0.47 -69.53 14.21
N THR Z 28 -0.25 -68.63 14.89
CA THR Z 28 -0.10 -68.34 16.30
C THR Z 28 -0.72 -69.39 17.20
N LEU Z 29 -0.46 -69.34 18.52
CA LEU Z 29 -1.28 -70.05 19.47
C LEU Z 29 -1.86 -69.08 20.47
N VAL Z 30 -1.04 -68.31 21.21
CA VAL Z 30 -1.53 -67.22 22.03
C VAL Z 30 -0.51 -66.11 22.13
N ARG Z 31 -0.95 -64.87 21.85
CA ARG Z 31 -0.32 -63.60 22.15
C ARG Z 31 -0.95 -63.07 23.40
N ILE Z 32 -0.20 -62.63 24.42
CA ILE Z 32 -0.87 -62.25 25.66
C ILE Z 32 -0.21 -61.07 26.38
N THR Z 33 0.84 -60.46 25.77
CA THR Z 33 1.65 -59.37 26.32
C THR Z 33 2.15 -59.56 27.75
N GLY Z 34 2.60 -58.51 28.42
CA GLY Z 34 2.66 -58.46 29.87
C GLY Z 34 1.76 -57.37 30.40
N GLY Z 35 1.55 -56.30 29.61
CA GLY Z 35 0.70 -55.19 29.97
C GLY Z 35 -0.74 -55.55 30.14
N MET Z 36 -1.22 -56.60 29.45
CA MET Z 36 -2.56 -57.10 29.51
C MET Z 36 -3.09 -57.34 30.92
N LYS Z 37 -2.22 -57.85 31.80
CA LYS Z 37 -2.63 -58.38 33.07
C LYS Z 37 -2.52 -57.36 34.19
N VAL Z 38 -2.15 -56.10 33.90
CA VAL Z 38 -2.08 -55.12 34.96
C VAL Z 38 -2.48 -53.74 34.45
N LYS Z 39 -3.30 -53.02 35.22
CA LYS Z 39 -3.95 -51.81 34.77
C LYS Z 39 -3.12 -50.59 35.10
N ALA Z 40 -1.86 -50.79 35.47
CA ALA Z 40 -1.06 -49.76 36.08
C ALA Z 40 -0.56 -48.65 35.15
N ASP Z 41 -0.46 -48.92 33.83
CA ASP Z 41 0.15 -48.02 32.85
C ASP Z 41 1.61 -47.66 33.17
N ARG Z 42 2.27 -48.66 33.73
CA ARG Z 42 3.65 -48.84 34.02
C ARG Z 42 3.68 -50.32 34.23
N ASP Z 43 4.86 -50.90 34.49
CA ASP Z 43 4.96 -52.23 35.03
C ASP Z 43 4.61 -53.29 34.03
N GLU Z 44 4.54 -52.95 32.75
CA GLU Z 44 4.48 -53.91 31.68
C GLU Z 44 5.82 -54.64 31.55
N SER Z 45 6.88 -54.03 32.11
CA SER Z 45 8.16 -54.64 32.35
C SER Z 45 8.24 -55.48 33.61
N SER Z 46 7.27 -55.35 34.53
CA SER Z 46 7.38 -55.92 35.86
C SER Z 46 7.50 -57.44 35.87
N PRO Z 47 8.31 -58.04 36.74
CA PRO Z 47 8.25 -59.46 36.99
C PRO Z 47 6.87 -59.93 37.33
N TYR Z 48 6.11 -59.20 38.16
CA TYR Z 48 4.79 -59.61 38.57
C TYR Z 48 3.84 -59.76 37.37
N ALA Z 49 3.82 -58.75 36.49
CA ALA Z 49 2.98 -58.75 35.32
C ALA Z 49 3.30 -59.91 34.42
N ALA Z 50 4.60 -60.12 34.20
CA ALA Z 50 5.10 -61.20 33.42
C ALA Z 50 4.72 -62.56 33.99
N MET Z 51 4.79 -62.73 35.32
CA MET Z 51 4.35 -63.95 35.96
C MET Z 51 2.87 -64.24 35.76
N MET Z 52 1.98 -63.23 35.94
CA MET Z 52 0.57 -63.42 35.68
C MET Z 52 0.27 -63.85 34.25
N ALA Z 53 0.90 -63.16 33.29
CA ALA Z 53 0.78 -63.44 31.89
C ALA Z 53 1.17 -64.83 31.52
N ALA Z 54 2.31 -65.28 32.07
CA ALA Z 54 2.79 -66.61 31.89
C ALA Z 54 1.83 -67.67 32.38
N GLN Z 55 1.29 -67.54 33.60
CA GLN Z 55 0.39 -68.56 34.09
C GLN Z 55 -0.88 -68.72 33.27
N ASP Z 56 -1.48 -67.60 32.86
CA ASP Z 56 -2.64 -67.65 31.98
C ASP Z 56 -2.34 -68.25 30.61
N VAL Z 57 -1.27 -67.83 29.92
CA VAL Z 57 -0.92 -68.46 28.65
C VAL Z 57 -0.67 -69.94 28.82
N ALA Z 58 0.04 -70.37 29.87
CA ALA Z 58 0.19 -71.76 30.18
C ALA Z 58 -1.13 -72.51 30.38
N ALA Z 59 -2.07 -71.91 31.13
CA ALA Z 59 -3.40 -72.48 31.30
C ALA Z 59 -4.15 -72.66 29.98
N ARG Z 60 -4.20 -71.60 29.17
CA ARG Z 60 -4.82 -71.62 27.86
C ARG Z 60 -4.15 -72.63 26.92
N LEU Z 61 -2.82 -72.69 26.89
CA LEU Z 61 -2.12 -73.60 26.02
C LEU Z 61 -2.38 -75.05 26.38
N LYS Z 62 -2.46 -75.39 27.68
CA LYS Z 62 -2.88 -76.69 28.13
C LYS Z 62 -4.29 -77.07 27.69
N GLU Z 63 -5.25 -76.13 27.76
CA GLU Z 63 -6.60 -76.28 27.24
C GLU Z 63 -6.60 -76.56 25.74
N LEU Z 64 -5.73 -75.89 25.00
CA LEU Z 64 -5.56 -76.05 23.58
C LEU Z 64 -4.98 -77.42 23.27
N GLY Z 65 -3.81 -77.77 23.83
CA GLY Z 65 -3.36 -79.17 23.83
C GLY Z 65 -1.93 -79.40 23.44
N VAL Z 66 -1.16 -78.36 23.11
CA VAL Z 66 0.27 -78.52 22.96
C VAL Z 66 0.93 -78.48 24.32
N THR Z 67 1.64 -79.56 24.68
CA THR Z 67 2.08 -79.80 26.04
C THR Z 67 3.33 -79.07 26.45
N ALA Z 68 4.16 -78.65 25.48
CA ALA Z 68 5.53 -78.36 25.77
C ALA Z 68 6.04 -77.27 24.86
N ILE Z 69 7.04 -76.49 25.31
CA ILE Z 69 7.46 -75.31 24.58
C ILE Z 69 8.97 -75.17 24.55
N HIS Z 70 9.46 -74.74 23.38
CA HIS Z 70 10.80 -74.26 23.15
C HIS Z 70 10.78 -72.78 23.42
N ILE Z 71 11.81 -72.18 24.02
CA ILE Z 71 11.77 -70.77 24.30
C ILE Z 71 12.79 -70.11 23.41
N LYS Z 72 12.36 -69.02 22.77
CA LYS Z 72 13.15 -68.17 21.91
C LYS Z 72 13.14 -66.81 22.56
N LEU Z 73 14.24 -66.47 23.25
CA LEU Z 73 14.34 -65.18 23.89
C LEU Z 73 14.66 -64.08 22.90
N ARG Z 74 14.22 -62.85 23.18
CA ARG Z 74 14.63 -61.69 22.43
C ARG Z 74 14.63 -60.49 23.35
N ALA Z 75 15.76 -59.82 23.34
CA ALA Z 75 16.01 -58.56 23.98
C ALA Z 75 15.79 -57.43 22.98
N SER Z 76 14.85 -56.49 23.26
CA SER Z 76 14.70 -55.19 22.60
C SER Z 76 15.17 -55.05 21.16
N GLY Z 77 16.46 -54.79 20.92
CA GLY Z 77 17.06 -54.91 19.60
C GLY Z 77 18.20 -53.95 19.45
N GLY Z 78 19.04 -54.14 18.42
CA GLY Z 78 20.28 -53.38 18.23
C GLY Z 78 20.12 -51.90 18.09
N THR Z 79 18.94 -51.47 17.64
CA THR Z 79 18.58 -50.08 17.53
C THR Z 79 18.25 -49.45 18.88
N LYS Z 80 18.08 -50.24 19.95
CA LYS Z 80 17.81 -49.69 21.27
C LYS Z 80 18.69 -50.32 22.35
N SER Z 81 18.52 -51.61 22.69
CA SER Z 81 19.37 -52.25 23.69
C SER Z 81 19.44 -53.75 23.53
N LYS Z 82 20.55 -54.37 23.98
CA LYS Z 82 20.81 -55.79 23.81
C LYS Z 82 20.55 -56.56 25.08
N THR Z 83 20.19 -55.87 26.17
CA THR Z 83 19.96 -56.48 27.47
C THR Z 83 18.60 -57.17 27.50
N PRO Z 84 18.38 -58.43 27.83
CA PRO Z 84 17.04 -58.93 28.13
C PRO Z 84 16.38 -58.17 29.26
N GLY Z 85 15.17 -57.59 29.06
CA GLY Z 85 14.47 -56.86 30.11
C GLY Z 85 14.13 -57.64 31.37
N PRO Z 86 13.78 -57.01 32.47
CA PRO Z 86 13.64 -57.62 33.78
C PRO Z 86 12.65 -58.75 33.85
N GLY Z 87 11.46 -58.60 33.25
CA GLY Z 87 10.39 -59.60 33.39
C GLY Z 87 10.62 -60.90 32.66
N ALA Z 88 11.64 -60.97 31.80
CA ALA Z 88 11.96 -62.15 31.04
C ALA Z 88 12.26 -63.33 31.92
N GLN Z 89 13.06 -63.11 32.97
CA GLN Z 89 13.34 -64.13 33.96
C GLN Z 89 12.10 -64.62 34.67
N SER Z 90 11.22 -63.69 35.08
CA SER Z 90 9.95 -64.03 35.72
C SER Z 90 9.07 -64.91 34.85
N ALA Z 91 8.90 -64.55 33.57
CA ALA Z 91 8.13 -65.32 32.63
C ALA Z 91 8.67 -66.74 32.47
N LEU Z 92 9.99 -66.90 32.32
CA LEU Z 92 10.62 -68.19 32.31
C LEU Z 92 10.36 -68.99 33.56
N ARG Z 93 10.54 -68.39 34.74
CA ARG Z 93 10.31 -69.09 36.00
C ARG Z 93 8.88 -69.55 36.16
N ALA Z 94 7.92 -68.69 35.84
CA ALA Z 94 6.52 -69.02 35.87
C ALA Z 94 6.15 -70.16 34.94
N LEU Z 95 6.65 -70.15 33.69
CA LEU Z 95 6.42 -71.25 32.77
C LEU Z 95 6.92 -72.59 33.26
N ALA Z 96 8.14 -72.67 33.81
CA ALA Z 96 8.64 -73.89 34.39
C ALA Z 96 7.80 -74.37 35.56
N ARG Z 97 7.42 -73.43 36.45
CA ARG Z 97 6.56 -73.69 37.59
C ARG Z 97 5.18 -74.21 37.20
N SER Z 98 4.57 -73.64 36.13
CA SER Z 98 3.22 -73.95 35.70
C SER Z 98 2.89 -75.41 35.47
N GLY Z 99 3.79 -76.15 34.79
CA GLY Z 99 3.65 -77.58 34.57
C GLY Z 99 3.82 -77.98 33.13
N LEU Z 100 4.04 -77.03 32.22
CA LEU Z 100 4.47 -77.34 30.89
C LEU Z 100 5.88 -77.94 30.84
N LYS Z 101 6.17 -78.79 29.84
CA LYS Z 101 7.54 -79.24 29.61
C LYS Z 101 8.37 -78.23 28.84
N ILE Z 102 9.56 -77.94 29.35
CA ILE Z 102 10.39 -76.85 28.91
C ILE Z 102 11.52 -77.36 28.06
N GLY Z 103 11.41 -77.29 26.73
CA GLY Z 103 12.40 -77.84 25.79
C GLY Z 103 13.61 -76.95 25.59
N ARG Z 104 14.17 -76.90 24.36
CA ARG Z 104 15.34 -76.10 24.08
C ARG Z 104 15.12 -74.60 24.28
N ILE Z 105 16.13 -73.90 24.81
CA ILE Z 105 16.03 -72.48 25.01
C ILE Z 105 17.11 -71.84 24.16
N GLU Z 106 16.74 -70.85 23.33
CA GLU Z 106 17.65 -70.20 22.43
C GLU Z 106 17.50 -68.68 22.51
N ASP Z 107 18.62 -67.95 22.38
CA ASP Z 107 18.56 -66.53 22.15
C ASP Z 107 18.53 -66.25 20.65
N VAL Z 108 17.48 -65.57 20.19
CA VAL Z 108 17.38 -65.11 18.83
C VAL Z 108 17.22 -63.60 18.80
N THR Z 109 17.59 -62.89 19.88
CA THR Z 109 17.76 -61.44 19.94
C THR Z 109 18.32 -60.82 18.66
N PRO Z 110 17.78 -59.75 18.10
CA PRO Z 110 18.20 -59.35 16.78
C PRO Z 110 19.38 -58.42 16.96
N ILE Z 111 20.56 -58.92 16.63
CA ILE Z 111 21.79 -58.18 16.74
C ILE Z 111 22.14 -57.54 15.41
N PRO Z 112 22.80 -56.42 15.38
CA PRO Z 112 23.20 -55.81 14.13
C PRO Z 112 24.63 -56.20 13.87
N THR Z 113 24.93 -56.75 12.70
CA THR Z 113 26.31 -56.96 12.27
C THR Z 113 27.06 -55.66 12.18
N ASP Z 114 26.38 -54.61 11.71
CA ASP Z 114 26.84 -53.27 11.52
C ASP Z 114 26.78 -52.41 12.80
N SER Z 115 26.46 -51.13 12.62
CA SER Z 115 26.14 -50.19 13.68
C SER Z 115 25.44 -48.97 13.12
N THR Z 116 24.39 -49.15 12.28
CA THR Z 116 23.40 -48.14 11.91
C THR Z 116 23.03 -47.17 13.03
N ARG Z 117 23.05 -45.85 12.75
CA ARG Z 117 23.14 -44.86 13.81
C ARG Z 117 21.90 -44.83 14.70
N LYS Z 118 22.08 -44.97 16.03
CA LYS Z 118 20.94 -45.02 16.94
C LYS Z 118 20.47 -43.65 17.38
N LYS Z 119 19.26 -43.56 17.94
CA LYS Z 119 18.71 -42.30 18.38
C LYS Z 119 19.41 -41.69 19.58
N SER Z 120 19.10 -40.41 19.84
CA SER Z 120 19.70 -39.50 20.79
C SER Z 120 21.01 -38.96 20.28
N GLY Z 121 21.32 -37.70 20.63
CA GLY Z 121 22.47 -37.00 20.06
C GLY Z 121 23.81 -37.63 20.29
N ARG Z 122 24.85 -37.01 19.73
CA ARG Z 122 26.23 -37.35 19.96
C ARG Z 122 26.61 -37.29 21.41
N ARG Z 123 26.00 -36.36 22.15
CA ARG Z 123 26.22 -36.16 23.56
C ARG Z 123 25.26 -37.01 24.38
N GLY Z 124 24.49 -37.89 23.70
CA GLY Z 124 23.57 -38.87 24.27
C GLY Z 124 22.43 -38.34 25.09
N ARG Z 125 21.60 -39.24 25.64
CA ARG Z 125 20.59 -38.85 26.60
C ARG Z 125 21.24 -38.26 27.82
N ARG Z 126 20.81 -37.08 28.22
CA ARG Z 126 21.44 -36.41 29.32
C ARG Z 126 20.69 -36.64 30.62
N LEU Z 127 19.55 -37.34 30.58
CA LEU Z 127 18.87 -37.78 31.77
C LEU Z 127 19.48 -39.09 32.30
N GLY AA 1 70.37 -28.11 20.04
CA GLY AA 1 69.61 -27.02 19.31
C GLY AA 1 69.53 -25.73 20.06
N SER AA 2 69.18 -24.62 19.39
CA SER AA 2 69.30 -23.29 19.99
C SER AA 2 68.25 -22.29 19.52
N GLY AA 3 67.60 -22.51 18.37
CA GLY AA 3 66.44 -21.74 17.94
C GLY AA 3 66.72 -20.41 17.29
N LYS AA 4 67.73 -19.66 17.73
CA LYS AA 4 68.20 -18.48 17.04
C LYS AA 4 69.24 -18.91 16.00
N PRO AA 5 69.40 -18.30 14.83
CA PRO AA 5 70.51 -18.59 13.94
C PRO AA 5 71.84 -18.25 14.57
N SER AA 6 72.97 -18.76 14.05
CA SER AA 6 74.24 -18.60 14.73
C SER AA 6 75.32 -18.18 13.80
N GLY AA 7 75.24 -18.65 12.55
CA GLY AA 7 76.21 -18.57 11.48
C GLY AA 7 76.99 -17.32 11.27
N LEU AA 8 78.21 -17.46 10.76
CA LEU AA 8 79.16 -16.40 10.59
C LEU AA 8 78.67 -15.28 9.66
N ARG AA 9 77.80 -15.63 8.70
CA ARG AA 9 77.14 -14.66 7.84
C ARG AA 9 75.67 -14.47 8.16
N ALA AA 10 75.18 -14.89 9.33
CA ALA AA 10 73.76 -14.87 9.60
C ALA AA 10 73.31 -13.54 10.20
N ALA AA 11 74.13 -12.48 10.10
CA ALA AA 11 73.88 -11.21 10.75
C ALA AA 11 72.60 -10.57 10.28
N ARG AA 12 72.28 -10.74 8.98
CA ARG AA 12 71.05 -10.25 8.41
C ARG AA 12 69.81 -10.75 9.12
N LYS AA 13 69.72 -12.05 9.38
CA LYS AA 13 68.59 -12.65 10.03
C LYS AA 13 68.46 -12.13 11.45
N LEU AA 14 69.59 -12.04 12.17
CA LEU AA 14 69.59 -11.46 13.48
C LEU AA 14 69.11 -10.02 13.50
N ARG AA 15 69.53 -9.17 12.54
CA ARG AA 15 69.07 -7.79 12.52
C ARG AA 15 67.61 -7.71 12.19
N ILE AA 16 67.13 -8.47 11.19
CA ILE AA 16 65.75 -8.36 10.76
C ILE AA 16 64.80 -8.85 11.81
N ARG AA 17 65.06 -10.03 12.40
CA ARG AA 17 64.27 -10.49 13.52
C ARG AA 17 64.24 -9.51 14.69
N ARG AA 18 65.36 -8.94 15.13
CA ARG AA 18 65.34 -8.00 16.25
C ARG AA 18 64.55 -6.75 15.96
N ARG AA 19 64.73 -6.18 14.77
CA ARG AA 19 64.12 -4.95 14.32
C ARG AA 19 62.61 -5.07 14.35
N THR AA 20 62.06 -6.18 13.85
CA THR AA 20 60.62 -6.39 13.94
C THR AA 20 60.17 -6.60 15.36
N GLN AA 21 60.92 -7.34 16.18
CA GLN AA 21 60.41 -7.82 17.43
C GLN AA 21 60.47 -6.73 18.46
N ARG AA 22 61.37 -5.74 18.32
CA ARG AA 22 61.36 -4.54 19.12
C ARG AA 22 59.99 -3.89 19.33
N TRP AA 23 59.12 -3.89 18.29
CA TRP AA 23 57.77 -3.37 18.36
C TRP AA 23 56.83 -4.08 19.31
N ALA AA 24 57.20 -5.23 19.88
CA ALA AA 24 56.37 -5.86 20.87
C ALA AA 24 56.24 -5.07 22.17
N ASP AA 25 57.35 -4.50 22.66
CA ASP AA 25 57.38 -3.82 23.95
C ASP AA 25 56.45 -2.63 24.09
N LYS AA 26 55.83 -2.50 25.28
CA LYS AA 26 54.99 -1.37 25.61
C LYS AA 26 55.74 -0.04 25.63
N SER AA 27 56.88 0.04 26.35
CA SER AA 27 57.64 1.28 26.47
C SER AA 27 58.14 1.79 25.13
N TYR AA 28 58.72 0.90 24.33
CA TYR AA 28 59.24 1.21 23.02
C TYR AA 28 58.18 1.78 22.10
N LYS AA 29 56.99 1.17 22.10
CA LYS AA 29 55.89 1.64 21.31
C LYS AA 29 55.49 3.05 21.66
N LYS AA 30 55.39 3.35 22.95
CA LYS AA 30 55.14 4.69 23.43
C LYS AA 30 56.20 5.67 22.94
N SER AA 31 57.50 5.36 23.04
CA SER AA 31 58.52 6.28 22.59
C SER AA 31 58.58 6.51 21.09
N HIS AA 32 58.49 5.47 20.25
CA HIS AA 32 58.75 5.64 18.82
C HIS AA 32 57.54 5.88 17.95
N LEU AA 33 56.31 5.66 18.42
CA LEU AA 33 55.16 5.79 17.54
C LEU AA 33 54.62 7.21 17.52
N GLY AA 34 53.97 7.59 16.40
CA GLY AA 34 53.51 8.96 16.12
C GLY AA 34 52.35 9.43 16.94
N THR AA 35 51.57 8.48 17.49
CA THR AA 35 50.40 8.71 18.32
C THR AA 35 50.67 9.66 19.44
N ARG AA 36 51.85 9.52 20.07
CA ARG AA 36 52.46 10.38 21.06
C ARG AA 36 52.16 11.85 20.88
N TRP AA 37 52.68 12.45 19.80
CA TRP AA 37 52.59 13.87 19.52
C TRP AA 37 51.19 14.37 19.27
N LYS AA 38 50.26 13.44 19.05
CA LYS AA 38 48.87 13.69 18.77
C LYS AA 38 48.10 13.67 20.07
N SER AA 39 48.00 12.50 20.71
CA SER AA 39 47.08 12.28 21.80
C SER AA 39 47.58 12.89 23.11
N ASN AA 40 48.91 13.02 23.33
CA ASN AA 40 49.41 13.69 24.51
C ASN AA 40 48.95 15.17 24.60
N PRO AA 41 48.26 15.66 25.63
CA PRO AA 41 47.62 16.97 25.54
C PRO AA 41 48.62 18.07 25.56
N PHE AA 42 49.79 17.84 26.16
CA PHE AA 42 50.82 18.84 26.28
C PHE AA 42 51.74 18.77 25.08
N ARG AA 43 51.47 17.86 24.14
CA ARG AA 43 52.31 17.58 22.99
C ARG AA 43 53.73 17.22 23.37
N GLY AA 44 53.90 16.52 24.51
CA GLY AA 44 55.21 16.10 24.95
C GLY AA 44 56.02 17.20 25.56
N SER AA 45 55.45 18.40 25.72
CA SER AA 45 56.02 19.38 26.64
C SER AA 45 55.94 18.87 28.07
N SER AA 46 56.91 19.21 28.92
CA SER AA 46 56.80 18.92 30.34
C SER AA 46 55.64 19.66 31.00
N HIS AA 47 55.45 20.95 30.67
CA HIS AA 47 54.50 21.78 31.35
C HIS AA 47 53.63 22.56 30.40
N ALA AA 48 52.58 23.21 30.94
CA ALA AA 48 51.62 23.95 30.15
C ALA AA 48 50.95 25.06 30.96
N LYS AA 49 50.62 26.18 30.31
CA LYS AA 49 49.76 27.18 30.91
C LYS AA 49 48.36 27.02 30.38
N GLY AA 50 47.38 26.97 31.28
CA GLY AA 50 45.98 26.99 30.91
C GLY AA 50 45.14 27.82 31.84
N ILE AA 51 43.84 27.88 31.56
CA ILE AA 51 42.88 28.63 32.34
C ILE AA 51 41.80 27.73 32.88
N VAL AA 52 41.39 27.99 34.13
CA VAL AA 52 40.39 27.22 34.84
C VAL AA 52 39.02 27.44 34.24
N VAL AA 53 38.39 26.38 33.71
CA VAL AA 53 36.99 26.46 33.32
C VAL AA 53 36.07 26.14 34.47
N GLU AA 54 36.22 24.95 35.10
CA GLU AA 54 35.27 24.48 36.10
C GLU AA 54 35.93 23.71 37.24
N LYS AA 55 35.38 23.82 38.45
CA LYS AA 55 35.85 23.15 39.64
C LYS AA 55 35.06 21.87 39.88
N VAL AA 56 35.71 20.69 39.89
CA VAL AA 56 34.99 19.43 39.91
C VAL AA 56 35.33 18.59 41.13
N ALA AA 57 34.44 17.65 41.50
CA ALA AA 57 34.57 16.79 42.66
C ALA AA 57 34.55 15.32 42.30
N ILE AA 58 35.70 14.72 41.96
CA ILE AA 58 35.80 13.30 41.65
C ILE AA 58 35.72 12.39 42.87
N GLU AA 59 34.83 11.38 42.85
CA GLU AA 59 34.76 10.34 43.86
C GLU AA 59 35.71 9.17 43.61
N ALA AA 60 36.38 8.70 44.67
CA ALA AA 60 37.33 7.61 44.64
C ALA AA 60 36.83 6.24 44.13
N LYS AA 61 37.77 5.40 43.61
CA LYS AA 61 37.65 3.95 43.53
C LYS AA 61 37.25 3.27 44.84
N GLN AA 62 36.82 1.99 44.78
CA GLN AA 62 36.11 1.34 45.88
C GLN AA 62 36.73 1.36 47.28
N PRO AA 63 37.97 1.02 47.58
CA PRO AA 63 38.40 0.80 48.95
C PRO AA 63 38.58 2.06 49.75
N ASN AA 64 38.46 3.26 49.16
CA ASN AA 64 38.61 4.51 49.87
C ASN AA 64 37.38 5.38 49.73
N SER AA 65 37.09 6.22 50.75
CA SER AA 65 36.01 7.21 50.67
C SER AA 65 36.57 8.60 50.83
N ALA AA 66 36.42 9.44 49.81
CA ALA AA 66 36.61 10.86 49.91
C ALA AA 66 35.99 11.49 48.68
N TYR AA 67 35.82 12.82 48.69
CA TYR AA 67 35.52 13.54 47.46
C TYR AA 67 36.76 14.31 47.11
N ARG AA 68 37.39 14.04 45.96
CA ARG AA 68 38.68 14.64 45.66
C ARG AA 68 38.55 15.87 44.83
N LYS AA 69 39.13 16.98 45.31
CA LYS AA 69 38.96 18.26 44.68
C LYS AA 69 39.84 18.40 43.44
N CYS AA 70 39.23 18.53 42.25
CA CYS AA 70 39.95 18.66 40.99
C CYS AA 70 39.52 19.87 40.19
N VAL AA 71 40.26 20.18 39.13
CA VAL AA 71 40.18 21.42 38.42
C VAL AA 71 40.22 21.15 36.94
N ARG AA 72 39.21 21.60 36.19
CA ARG AA 72 39.19 21.43 34.75
C ARG AA 72 39.77 22.63 34.08
N VAL AA 73 40.85 22.40 33.34
CA VAL AA 73 41.64 23.46 32.77
C VAL AA 73 41.71 23.26 31.28
N GLN AA 74 41.70 24.38 30.55
CA GLN AA 74 41.88 24.43 29.14
C GLN AA 74 43.26 24.94 28.83
N LEU AA 75 44.16 24.06 28.35
CA LEU AA 75 45.48 24.43 27.90
C LEU AA 75 45.49 25.48 26.79
N ILE AA 76 46.34 26.51 26.91
CA ILE AA 76 46.40 27.59 25.92
C ILE AA 76 46.86 27.10 24.57
N LYS AA 77 47.85 26.19 24.53
CA LYS AA 77 48.48 25.75 23.31
C LYS AA 77 47.52 25.19 22.29
N ASN AA 78 46.63 24.28 22.72
CA ASN AA 78 45.95 23.44 21.78
C ASN AA 78 44.46 23.46 21.95
N GLY AA 79 43.93 24.29 22.86
CA GLY AA 79 42.49 24.33 23.10
C GLY AA 79 41.94 23.04 23.65
N LYS AA 80 42.75 22.28 24.40
CA LYS AA 80 42.35 21.00 24.93
C LYS AA 80 41.98 21.11 26.39
N LYS AA 81 40.74 20.68 26.73
CA LYS AA 81 40.28 20.55 28.09
C LYS AA 81 40.77 19.28 28.76
N ILE AA 82 41.30 19.37 29.98
CA ILE AA 82 41.74 18.22 30.74
C ILE AA 82 41.37 18.44 32.18
N THR AA 83 41.27 17.35 32.96
CA THR AA 83 41.05 17.52 34.40
C THR AA 83 42.37 17.36 35.11
N ALA AA 84 42.69 18.30 36.02
CA ALA AA 84 43.92 18.33 36.77
C ALA AA 84 43.68 18.28 38.26
N PHE AA 85 44.57 17.61 39.00
CA PHE AA 85 44.52 17.51 40.44
C PHE AA 85 45.11 18.72 41.13
N VAL AA 86 44.49 19.11 42.26
CA VAL AA 86 45.00 20.14 43.12
C VAL AA 86 45.27 19.58 44.52
N PRO AA 87 46.52 19.39 44.92
CA PRO AA 87 46.91 19.18 46.32
C PRO AA 87 46.57 20.31 47.24
N GLY AA 88 46.49 20.04 48.55
CA GLY AA 88 46.29 21.04 49.59
C GLY AA 88 44.85 21.44 49.80
N ASP AA 89 44.36 21.32 51.04
CA ASP AA 89 42.97 21.47 51.36
C ASP AA 89 42.43 22.87 51.19
N GLY AA 90 43.23 23.92 51.47
CA GLY AA 90 42.79 25.29 51.21
C GLY AA 90 42.82 25.67 49.75
N CYS AA 91 43.43 24.85 48.89
CA CYS AA 91 43.78 25.28 47.56
C CYS AA 91 42.64 25.35 46.58
N LEU AA 92 41.50 24.68 46.84
CA LEU AA 92 40.34 24.79 46.00
C LEU AA 92 39.83 26.23 45.94
N ASN AA 93 39.90 26.96 47.07
CA ASN AA 93 39.53 28.35 47.09
C ASN AA 93 40.73 29.28 46.90
N PHE AA 94 41.89 28.74 46.48
CA PHE AA 94 43.02 29.55 46.08
C PHE AA 94 43.06 29.76 44.58
N ILE AA 95 42.08 29.26 43.82
CA ILE AA 95 41.93 29.60 42.43
C ILE AA 95 40.60 30.27 42.22
N ASP AA 96 40.58 31.34 41.41
CA ASP AA 96 39.34 31.95 40.97
C ASP AA 96 38.84 31.26 39.70
N GLU AA 97 37.60 31.55 39.32
CA GLU AA 97 36.85 30.85 38.31
C GLU AA 97 37.32 31.16 36.90
N ASN AA 98 38.15 32.20 36.71
CA ASN AA 98 38.69 32.54 35.42
C ASN AA 98 40.17 32.86 35.57
N ASP AA 99 40.90 32.00 36.28
CA ASP AA 99 42.30 32.19 36.56
C ASP AA 99 43.21 31.30 35.70
N GLU AA 100 44.50 31.66 35.70
CA GLU AA 100 45.61 31.10 34.99
C GLU AA 100 46.39 30.11 35.86
N VAL AA 101 46.39 28.83 35.50
CA VAL AA 101 47.13 27.79 36.18
C VAL AA 101 48.30 27.30 35.36
N LEU AA 102 49.40 26.97 36.05
CA LEU AA 102 50.57 26.36 35.49
C LEU AA 102 50.47 24.90 35.89
N VAL AA 103 50.21 24.05 34.89
CA VAL AA 103 49.96 22.64 35.09
C VAL AA 103 51.16 21.83 34.63
N SER AA 104 51.37 20.70 35.30
CA SER AA 104 52.47 19.78 35.09
C SER AA 104 51.94 18.38 34.91
N GLY AA 105 52.87 17.43 34.75
CA GLY AA 105 52.62 16.00 34.83
C GLY AA 105 52.36 15.57 36.23
N PHE AA 106 52.10 14.27 36.42
CA PHE AA 106 51.67 13.76 37.70
C PHE AA 106 52.35 12.44 38.00
N GLY AA 107 53.67 12.38 37.80
CA GLY AA 107 54.56 11.41 38.40
C GLY AA 107 54.58 10.05 37.78
N ARG AA 108 53.95 9.88 36.62
CA ARG AA 108 53.58 8.56 36.16
C ARG AA 108 53.38 8.55 34.66
N SER AA 109 53.73 9.65 33.96
CA SER AA 109 53.26 9.91 32.61
C SER AA 109 51.74 9.83 32.50
N GLY AA 110 51.18 9.21 31.45
CA GLY AA 110 49.73 9.24 31.26
C GLY AA 110 48.93 8.33 32.16
N HIS AA 111 49.58 7.49 32.98
CA HIS AA 111 48.90 6.55 33.87
C HIS AA 111 48.05 7.21 34.96
N SER AA 112 46.85 6.67 35.27
CA SER AA 112 46.04 7.12 36.40
C SER AA 112 46.75 6.94 37.73
N VAL AA 113 46.52 7.82 38.71
CA VAL AA 113 47.31 7.85 39.93
C VAL AA 113 46.44 7.66 41.14
N GLY AA 114 46.81 6.73 42.05
CA GLY AA 114 46.09 6.51 43.30
C GLY AA 114 44.59 6.35 43.20
N ASP AA 115 43.82 7.00 44.08
CA ASP AA 115 42.37 6.95 44.02
C ASP AA 115 41.76 7.51 42.75
N LEU AA 116 42.27 8.63 42.23
CA LEU AA 116 41.63 9.35 41.16
C LEU AA 116 41.54 8.59 39.85
N PRO AA 117 40.40 8.21 39.31
CA PRO AA 117 40.33 7.78 37.92
C PRO AA 117 40.43 8.97 36.98
N GLY AA 118 41.16 8.83 35.87
CA GLY AA 118 41.09 9.78 34.76
C GLY AA 118 41.88 11.06 34.88
N VAL AA 119 42.63 11.24 35.97
CA VAL AA 119 43.37 12.46 36.19
C VAL AA 119 44.84 12.23 35.88
N LYS AA 120 45.36 12.92 34.85
CA LYS AA 120 46.72 12.72 34.40
C LYS AA 120 47.62 13.91 34.72
N PHE AA 121 47.06 15.01 35.21
CA PHE AA 121 47.78 16.26 35.35
C PHE AA 121 47.57 16.92 36.71
N LYS AA 122 48.48 17.82 37.10
CA LYS AA 122 48.54 18.39 38.43
C LYS AA 122 48.85 19.87 38.34
N VAL AA 123 48.15 20.71 39.12
CA VAL AA 123 48.40 22.14 39.13
C VAL AA 123 49.49 22.51 40.10
N VAL AA 124 50.52 23.29 39.68
CA VAL AA 124 51.65 23.52 40.57
C VAL AA 124 51.98 25.00 40.74
N LYS AA 125 51.26 25.89 40.06
CA LYS AA 125 51.44 27.31 40.27
C LYS AA 125 50.19 27.97 39.75
N VAL AA 126 49.64 28.91 40.53
CA VAL AA 126 48.37 29.53 40.24
C VAL AA 126 48.54 31.02 40.33
N ALA AA 127 47.88 31.80 39.45
CA ALA AA 127 48.03 33.24 39.36
C ALA AA 127 49.49 33.68 39.28
N ARG AA 128 50.30 32.88 38.56
CA ARG AA 128 51.74 32.91 38.50
C ARG AA 128 52.49 32.95 39.84
N VAL AA 129 51.84 32.61 40.95
CA VAL AA 129 52.45 32.34 42.23
C VAL AA 129 52.49 30.83 42.47
N SER AA 130 53.44 30.30 43.24
CA SER AA 130 53.48 28.87 43.46
C SER AA 130 52.40 28.43 44.43
N LEU AA 131 51.67 27.37 44.04
CA LEU AA 131 50.64 26.81 44.87
C LEU AA 131 51.13 26.32 46.22
N LEU AA 132 52.25 25.59 46.20
CA LEU AA 132 52.86 25.06 47.39
C LEU AA 132 53.32 26.15 48.32
N ALA AA 133 53.93 27.21 47.79
CA ALA AA 133 54.37 28.32 48.59
C ALA AA 133 53.24 29.02 49.32
N LEU AA 134 52.12 29.27 48.64
CA LEU AA 134 50.95 29.78 49.29
C LEU AA 134 50.34 28.83 50.32
N PHE AA 135 50.29 27.53 50.02
CA PHE AA 135 49.72 26.56 50.92
C PHE AA 135 50.47 26.34 52.23
N LYS AA 136 51.81 26.13 52.15
CA LYS AA 136 52.63 25.48 53.16
C LYS AA 136 52.45 26.02 54.57
N GLU AA 137 53.27 27.01 54.92
CA GLU AA 137 52.80 28.14 55.67
C GLU AA 137 52.55 29.16 54.58
N LYS AA 138 51.88 30.27 54.88
CA LYS AA 138 51.66 31.36 53.97
C LYS AA 138 52.96 32.15 53.76
N LYS AA 139 53.96 31.50 53.14
CA LYS AA 139 55.30 32.01 52.95
C LYS AA 139 55.38 33.02 51.82
N GLU AA 140 54.38 33.04 50.94
CA GLU AA 140 54.39 33.87 49.77
C GLU AA 140 52.99 34.34 49.47
N LYS AA 141 52.88 35.49 48.79
CA LYS AA 141 51.69 36.25 48.46
C LYS AA 141 50.36 35.50 48.25
N PRO AA 142 49.28 35.83 48.96
CA PRO AA 142 47.90 35.53 48.59
C PRO AA 142 47.47 35.91 47.20
N ARG AA 143 46.22 35.60 46.82
CA ARG AA 143 45.61 36.17 45.63
C ARG AA 143 45.51 37.69 45.70
N SER AA 144 45.58 38.38 44.54
CA SER AA 144 45.46 39.83 44.50
C SER AA 144 43.99 40.28 44.29
N GLN BA 1 -45.97 -38.90 86.30
CA GLN BA 1 -44.87 -39.88 85.93
C GLN BA 1 -43.62 -39.18 85.39
N HIS BA 2 -42.79 -39.87 84.57
CA HIS BA 2 -41.69 -39.32 83.76
C HIS BA 2 -42.00 -38.07 82.92
N ILE BA 3 -40.94 -37.43 82.37
CA ILE BA 3 -41.03 -36.36 81.37
C ILE BA 3 -41.76 -35.12 81.87
N LEU BA 4 -41.30 -34.58 83.00
CA LEU BA 4 -41.89 -33.41 83.60
C LEU BA 4 -41.28 -32.12 83.09
N ARG BA 5 -42.07 -31.04 83.12
CA ARG BA 5 -41.61 -29.70 82.86
C ARG BA 5 -42.11 -28.86 84.01
N ILE BA 6 -41.19 -28.21 84.76
CA ILE BA 6 -41.57 -27.45 85.93
C ILE BA 6 -41.50 -25.98 85.53
N LEU BA 7 -40.78 -25.12 86.28
CA LEU BA 7 -40.55 -23.72 85.93
C LEU BA 7 -39.78 -23.61 84.64
N ASN BA 8 -38.80 -24.51 84.49
CA ASN BA 8 -38.04 -24.73 83.29
C ASN BA 8 -38.03 -26.24 83.07
N THR BA 9 -37.49 -26.72 81.94
CA THR BA 9 -37.51 -28.15 81.61
C THR BA 9 -36.81 -29.04 82.63
N ASN BA 10 -37.38 -30.24 82.84
CA ASN BA 10 -36.93 -31.12 83.89
C ASN BA 10 -37.28 -32.53 83.49
N VAL BA 11 -37.01 -32.85 82.20
CA VAL BA 11 -37.55 -34.03 81.53
C VAL BA 11 -36.92 -35.32 82.01
N ASP BA 12 -35.81 -35.22 82.74
CA ASP BA 12 -35.28 -36.19 83.66
C ASP BA 12 -36.33 -37.04 84.38
N GLY BA 13 -36.14 -38.36 84.39
CA GLY BA 13 -37.18 -39.25 84.86
C GLY BA 13 -36.78 -40.69 84.95
N LYS BA 14 -35.70 -41.08 84.26
CA LYS BA 14 -35.04 -42.34 84.47
C LYS BA 14 -33.84 -42.04 85.34
N GLU BA 15 -33.38 -40.81 85.22
CA GLU BA 15 -32.42 -40.11 86.00
C GLU BA 15 -32.82 -39.96 87.46
N LYS BA 16 -31.82 -39.98 88.36
CA LYS BA 16 -31.98 -39.75 89.78
C LYS BA 16 -32.56 -38.36 90.11
N VAL BA 17 -33.45 -38.26 91.11
CA VAL BA 17 -34.09 -37.02 91.50
C VAL BA 17 -33.19 -35.84 91.76
N ILE BA 18 -32.09 -36.02 92.50
CA ILE BA 18 -31.21 -34.93 92.87
C ILE BA 18 -30.59 -34.23 91.67
N ILE BA 19 -30.07 -35.00 90.70
CA ILE BA 19 -29.53 -34.43 89.48
C ILE BA 19 -30.61 -33.80 88.63
N ALA BA 20 -31.82 -34.38 88.60
CA ALA BA 20 -32.96 -33.73 88.00
C ALA BA 20 -33.24 -32.35 88.59
N LEU BA 21 -33.28 -32.23 89.93
CA LEU BA 21 -33.35 -30.95 90.62
C LEU BA 21 -32.27 -29.95 90.23
N THR BA 22 -31.01 -30.39 90.04
CA THR BA 22 -29.95 -29.51 89.56
C THR BA 22 -30.23 -28.82 88.24
N ALA BA 23 -30.87 -29.52 87.29
CA ALA BA 23 -31.19 -29.08 85.95
C ALA BA 23 -31.97 -27.77 85.76
N ILE BA 24 -32.36 -27.09 86.85
CA ILE BA 24 -32.97 -25.78 86.78
C ILE BA 24 -31.87 -24.78 87.04
N LYS BA 25 -31.68 -24.43 88.32
CA LYS BA 25 -30.59 -23.65 88.81
C LYS BA 25 -30.20 -24.35 90.10
N GLY BA 26 -28.99 -24.07 90.59
CA GLY BA 26 -28.35 -24.95 91.56
C GLY BA 26 -27.65 -26.10 90.85
N ILE BA 27 -27.05 -25.82 89.67
CA ILE BA 27 -26.19 -26.76 88.95
C ILE BA 27 -24.83 -26.88 89.64
N GLY BA 28 -24.51 -25.89 90.52
CA GLY BA 28 -23.48 -25.98 91.55
C GLY BA 28 -23.68 -27.11 92.55
N LYS BA 29 -24.93 -27.62 92.64
CA LYS BA 29 -25.29 -28.92 93.18
C LYS BA 29 -25.51 -28.95 94.68
N ARG BA 30 -24.71 -28.21 95.45
CA ARG BA 30 -24.88 -28.10 96.89
C ARG BA 30 -26.21 -27.48 97.26
N MET BA 31 -26.57 -26.36 96.60
CA MET BA 31 -27.84 -25.69 96.78
C MET BA 31 -29.02 -26.58 96.49
N ALA BA 32 -28.96 -27.30 95.36
CA ALA BA 32 -29.95 -28.30 95.01
C ALA BA 32 -30.06 -29.44 96.04
N THR BA 33 -28.92 -30.00 96.47
CA THR BA 33 -28.86 -31.03 97.49
C THR BA 33 -29.42 -30.64 98.86
N VAL BA 34 -29.05 -29.46 99.41
CA VAL BA 34 -29.60 -28.96 100.67
C VAL BA 34 -31.09 -28.71 100.60
N ILE BA 35 -31.57 -28.09 99.50
CA ILE BA 35 -32.97 -27.90 99.24
C ILE BA 35 -33.69 -29.24 99.19
N CYS BA 36 -33.16 -30.25 98.48
CA CYS BA 36 -33.72 -31.59 98.44
C CYS BA 36 -33.85 -32.24 99.83
N LYS BA 37 -32.79 -32.24 100.65
CA LYS BA 37 -32.87 -32.70 102.03
C LYS BA 37 -33.87 -31.97 102.92
N GLN BA 38 -33.85 -30.62 102.92
CA GLN BA 38 -34.81 -29.81 103.64
C GLN BA 38 -36.26 -29.95 103.22
N ALA BA 39 -36.54 -30.01 101.90
CA ALA BA 39 -37.82 -30.37 101.34
C ALA BA 39 -38.25 -31.77 101.75
N ASN BA 40 -37.25 -32.67 101.74
CA ASN BA 40 -37.28 -34.01 102.26
C ASN BA 40 -37.89 -34.95 101.26
N VAL BA 41 -37.85 -34.54 99.98
CA VAL BA 41 -37.88 -35.45 98.85
C VAL BA 41 -36.64 -36.34 98.89
N ASP BA 42 -36.80 -37.67 98.77
CA ASP BA 42 -35.69 -38.54 99.10
C ASP BA 42 -34.74 -38.73 97.91
N PRO BA 43 -33.44 -38.56 98.05
CA PRO BA 43 -32.46 -38.77 96.98
C PRO BA 43 -32.46 -40.13 96.28
N THR BA 44 -32.94 -41.21 96.92
CA THR BA 44 -32.84 -42.57 96.38
C THR BA 44 -33.56 -42.79 95.07
N LYS BA 45 -34.77 -42.22 94.90
CA LYS BA 45 -35.63 -42.51 93.78
C LYS BA 45 -35.27 -41.81 92.47
N ARG BA 46 -35.79 -42.36 91.35
CA ARG BA 46 -35.69 -41.74 90.04
C ARG BA 46 -36.75 -40.65 89.89
N ALA BA 47 -36.53 -39.67 89.00
CA ALA BA 47 -37.34 -38.47 88.90
C ALA BA 47 -38.75 -38.67 88.33
N GLY BA 48 -39.06 -39.86 87.78
CA GLY BA 48 -40.41 -40.21 87.37
C GLY BA 48 -41.31 -40.60 88.52
N GLU BA 49 -40.75 -40.69 89.75
CA GLU BA 49 -41.48 -41.02 90.96
C GLU BA 49 -41.67 -39.81 91.87
N LEU BA 50 -41.37 -38.58 91.39
CA LEU BA 50 -41.69 -37.35 92.10
C LEU BA 50 -43.18 -37.16 92.35
N THR BA 51 -43.54 -36.67 93.55
CA THR BA 51 -44.91 -36.25 93.86
C THR BA 51 -45.05 -34.77 93.58
N THR BA 52 -46.22 -34.33 93.14
CA THR BA 52 -46.49 -32.91 92.87
C THR BA 52 -46.36 -32.06 94.12
N GLU BA 53 -46.91 -32.55 95.25
CA GLU BA 53 -46.76 -31.98 96.56
C GLU BA 53 -45.31 -31.79 96.97
N GLU BA 54 -44.46 -32.82 96.74
CA GLU BA 54 -43.02 -32.71 96.98
C GLU BA 54 -42.38 -31.60 96.16
N ILE BA 55 -42.72 -31.46 94.87
CA ILE BA 55 -42.27 -30.36 94.03
C ILE BA 55 -42.66 -28.97 94.57
N ASP BA 56 -43.91 -28.80 95.01
CA ASP BA 56 -44.40 -27.59 95.65
C ASP BA 56 -43.62 -27.25 96.94
N ASN BA 57 -43.37 -28.26 97.79
CA ASN BA 57 -42.52 -28.14 98.96
C ASN BA 57 -41.13 -27.64 98.59
N ILE BA 58 -40.52 -28.15 97.51
CA ILE BA 58 -39.23 -27.68 97.02
C ILE BA 58 -39.25 -26.20 96.68
N VAL BA 59 -40.31 -25.72 96.00
CA VAL BA 59 -40.51 -24.30 95.73
C VAL BA 59 -40.64 -23.50 97.02
N HIS BA 60 -41.41 -24.02 97.99
CA HIS BA 60 -41.55 -23.43 99.32
C HIS BA 60 -40.21 -23.28 100.06
N ILE BA 61 -39.37 -24.33 100.11
CA ILE BA 61 -38.04 -24.30 100.71
C ILE BA 61 -37.12 -23.32 100.01
N MET BA 62 -37.10 -23.37 98.66
CA MET BA 62 -36.30 -22.50 97.81
C MET BA 62 -36.57 -21.03 98.05
N SER BA 63 -37.86 -20.66 98.15
CA SER BA 63 -38.30 -19.35 98.56
C SER BA 63 -37.82 -18.97 99.96
N THR BA 64 -36.87 -18.01 100.05
CA THR BA 64 -36.33 -17.47 101.32
C THR BA 64 -35.81 -18.47 102.35
N PRO BA 65 -34.66 -19.11 102.16
CA PRO BA 65 -34.36 -20.35 102.84
C PRO BA 65 -33.64 -20.09 104.14
N THR BA 66 -33.59 -18.83 104.60
CA THR BA 66 -33.08 -18.45 105.91
C THR BA 66 -33.85 -19.05 107.06
N GLN BA 67 -35.18 -19.25 106.87
CA GLN BA 67 -36.11 -19.69 107.89
C GLN BA 67 -36.04 -21.17 108.23
N PHE BA 68 -35.40 -21.98 107.37
CA PHE BA 68 -35.05 -23.36 107.69
C PHE BA 68 -33.73 -23.33 108.42
N LYS BA 69 -32.85 -24.33 108.26
CA LYS BA 69 -31.54 -24.28 108.90
C LYS BA 69 -30.41 -23.93 107.94
N ILE BA 70 -30.73 -23.69 106.65
CA ILE BA 70 -29.75 -23.42 105.61
C ILE BA 70 -28.93 -22.15 105.89
N PRO BA 71 -27.60 -22.19 106.09
CA PRO BA 71 -26.88 -21.04 106.65
C PRO BA 71 -26.83 -19.79 105.79
N ASP BA 72 -26.70 -18.63 106.43
CA ASP BA 72 -26.64 -17.36 105.76
C ASP BA 72 -25.42 -17.22 104.84
N TRP BA 73 -24.23 -17.69 105.29
CA TRP BA 73 -23.03 -17.74 104.46
C TRP BA 73 -23.20 -18.66 103.27
N PHE BA 74 -23.83 -19.82 103.48
CA PHE BA 74 -24.11 -20.79 102.45
C PHE BA 74 -24.98 -20.19 101.35
N LEU BA 75 -25.96 -19.36 101.75
CA LEU BA 75 -26.81 -18.64 100.83
C LEU BA 75 -26.05 -17.71 99.87
N ASN BA 76 -26.43 -17.73 98.58
CA ASN BA 76 -25.98 -16.85 97.53
C ASN BA 76 -26.72 -15.49 97.58
N ARG BA 77 -26.17 -14.46 96.89
CA ARG BA 77 -26.72 -13.13 96.74
C ARG BA 77 -27.02 -12.40 98.04
N ARG BA 78 -25.95 -12.21 98.84
CA ARG BA 78 -26.03 -11.89 100.24
C ARG BA 78 -26.26 -10.41 100.47
N LYS BA 79 -25.17 -9.64 100.66
CA LYS BA 79 -25.23 -8.24 101.01
C LYS BA 79 -25.82 -7.38 99.92
N ASP BA 80 -25.39 -7.59 98.64
CA ASP BA 80 -25.99 -7.03 97.44
C ASP BA 80 -26.12 -5.50 97.56
N LEU BA 81 -25.01 -4.86 97.99
CA LEU BA 81 -24.94 -3.56 98.65
C LEU BA 81 -25.99 -2.51 98.31
N LYS BA 82 -26.84 -2.26 99.30
CA LYS BA 82 -27.98 -1.39 99.22
C LYS BA 82 -28.35 -1.18 100.66
N GLU BA 83 -29.41 -0.40 100.94
CA GLU BA 83 -29.98 -0.31 102.27
C GLU BA 83 -30.48 -1.66 102.80
N GLY BA 84 -31.19 -2.45 101.97
CA GLY BA 84 -31.60 -3.83 102.24
C GLY BA 84 -30.53 -4.89 102.23
N LYS BA 85 -30.97 -6.16 102.34
CA LYS BA 85 -30.13 -7.35 102.29
C LYS BA 85 -30.94 -8.43 101.60
N ASN BA 86 -30.28 -9.29 100.81
CA ASN BA 86 -30.94 -10.13 99.83
C ASN BA 86 -30.65 -11.61 100.03
N ILE BA 87 -31.19 -12.43 99.11
CA ILE BA 87 -31.04 -13.87 99.02
C ILE BA 87 -30.85 -14.24 97.56
N HIS BA 88 -30.46 -15.50 97.29
CA HIS BA 88 -30.39 -16.06 95.95
C HIS BA 88 -31.69 -15.92 95.19
N VAL BA 89 -31.65 -15.44 93.93
CA VAL BA 89 -32.85 -14.88 93.32
C VAL BA 89 -33.30 -15.61 92.05
N ILE BA 90 -32.69 -16.78 91.72
CA ILE BA 90 -33.27 -17.82 90.84
C ILE BA 90 -33.58 -17.47 89.38
N ALA BA 91 -33.05 -18.25 88.42
CA ALA BA 91 -33.61 -18.32 87.08
C ALA BA 91 -33.60 -16.98 86.31
N ASN BA 92 -34.74 -16.62 85.67
CA ASN BA 92 -34.78 -15.43 84.83
C ASN BA 92 -34.68 -14.17 85.67
N GLN BA 93 -35.18 -14.21 86.92
CA GLN BA 93 -34.99 -13.12 87.85
C GLN BA 93 -33.53 -12.93 88.22
N LEU BA 94 -32.79 -14.03 88.43
CA LEU BA 94 -31.35 -13.99 88.66
C LEU BA 94 -30.58 -13.40 87.50
N ASP BA 95 -30.87 -13.84 86.27
CA ASP BA 95 -30.33 -13.25 85.07
C ASP BA 95 -30.67 -11.77 84.96
N SER BA 96 -31.94 -11.41 85.24
CA SER BA 96 -32.41 -10.04 85.23
C SER BA 96 -31.66 -9.17 86.21
N TYR BA 97 -31.44 -9.63 87.45
CA TYR BA 97 -30.59 -8.98 88.42
C TYR BA 97 -29.15 -8.82 87.99
N LEU BA 98 -28.52 -9.86 87.40
CA LEU BA 98 -27.16 -9.78 86.89
C LEU BA 98 -27.01 -8.72 85.80
N ARG BA 99 -27.98 -8.71 84.88
CA ARG BA 99 -28.11 -7.74 83.82
C ARG BA 99 -28.28 -6.34 84.40
N GLU BA 100 -29.11 -6.20 85.45
CA GLU BA 100 -29.33 -4.97 86.18
C GLU BA 100 -28.05 -4.42 86.76
N ASP BA 101 -27.27 -5.28 87.43
CA ASP BA 101 -25.98 -4.95 87.96
C ASP BA 101 -25.01 -4.47 86.90
N LEU BA 102 -24.92 -5.13 85.73
CA LEU BA 102 -24.15 -4.63 84.62
C LEU BA 102 -24.58 -3.24 84.12
N GLU BA 103 -25.89 -2.99 84.01
CA GLU BA 103 -26.44 -1.69 83.70
C GLU BA 103 -26.05 -0.62 84.71
N ARG BA 104 -26.15 -0.94 86.02
CA ARG BA 104 -25.69 -0.04 87.06
C ARG BA 104 -24.20 0.28 86.93
N MET BA 105 -23.33 -0.72 86.70
CA MET BA 105 -21.91 -0.53 86.45
C MET BA 105 -21.59 0.45 85.33
N LYS BA 106 -22.28 0.35 84.18
CA LYS BA 106 -22.04 1.26 83.07
C LYS BA 106 -22.28 2.71 83.45
N LYS BA 107 -23.40 3.00 84.15
CA LYS BA 107 -23.65 4.31 84.71
C LYS BA 107 -22.63 4.77 85.76
N ILE BA 108 -22.30 3.88 86.71
CA ILE BA 108 -21.40 4.14 87.83
C ILE BA 108 -20.00 4.52 87.40
N ARG BA 109 -19.47 3.79 86.42
CA ARG BA 109 -18.10 3.90 85.94
C ARG BA 109 -16.99 3.61 86.95
N LEU BA 110 -16.29 2.48 86.71
CA LEU BA 110 -14.92 2.29 87.11
C LEU BA 110 -14.42 1.26 86.11
N HIS BA 111 -13.11 0.98 86.10
CA HIS BA 111 -12.43 0.17 85.10
C HIS BA 111 -13.10 -1.15 84.74
N ARG BA 112 -13.60 -1.95 85.72
CA ARG BA 112 -14.30 -3.18 85.42
C ARG BA 112 -15.55 -2.99 84.59
N GLY BA 113 -16.38 -1.99 84.95
CA GLY BA 113 -17.53 -1.59 84.17
C GLY BA 113 -17.16 -1.18 82.78
N LEU BA 114 -16.12 -0.34 82.64
CA LEU BA 114 -15.63 0.10 81.36
C LEU BA 114 -15.10 -1.02 80.47
N ARG BA 115 -14.29 -1.94 81.01
CA ARG BA 115 -13.83 -3.14 80.31
C ARG BA 115 -15.00 -4.01 79.87
N HIS BA 116 -15.98 -4.25 80.78
CA HIS BA 116 -17.18 -4.99 80.46
C HIS BA 116 -18.00 -4.41 79.33
N HIS BA 117 -18.21 -3.08 79.35
CA HIS BA 117 -18.87 -2.34 78.29
C HIS BA 117 -18.13 -2.47 76.98
N TRP BA 118 -16.79 -2.31 77.02
CA TRP BA 118 -15.91 -2.50 75.88
C TRP BA 118 -15.91 -3.91 75.30
N GLY BA 119 -15.97 -4.95 76.16
CA GLY BA 119 -15.97 -6.35 75.72
C GLY BA 119 -14.73 -7.12 76.15
N LEU BA 120 -14.05 -6.66 77.22
CA LEU BA 120 -12.76 -7.18 77.66
C LEU BA 120 -12.83 -7.79 79.07
N ARG BA 121 -12.24 -8.99 79.26
CA ARG BA 121 -12.29 -9.76 80.50
C ARG BA 121 -11.85 -9.04 81.76
N VAL BA 122 -12.35 -9.51 82.90
CA VAL BA 122 -12.23 -8.87 84.20
C VAL BA 122 -10.83 -8.84 84.80
N ARG BA 123 -10.09 -9.98 84.77
CA ARG BA 123 -8.79 -10.08 85.41
C ARG BA 123 -7.64 -9.98 84.42
N GLY BA 124 -7.98 -9.97 83.11
CA GLY BA 124 -7.04 -10.07 82.00
C GLY BA 124 -6.62 -11.50 81.73
N GLN BA 125 -6.54 -11.88 80.44
CA GLN BA 125 -6.01 -13.19 80.04
C GLN BA 125 -4.55 -13.09 79.62
N HIS BA 126 -4.00 -11.85 79.51
CA HIS BA 126 -2.74 -11.58 78.85
C HIS BA 126 -2.79 -11.85 77.36
N THR BA 127 -3.36 -10.88 76.61
CA THR BA 127 -3.85 -11.10 75.26
C THR BA 127 -2.71 -11.11 74.26
N LYS BA 128 -1.53 -10.67 74.72
CA LYS BA 128 -0.25 -10.95 74.14
C LYS BA 128 0.09 -12.48 74.32
N VAL CA 1 12.92 10.76 102.33
CA VAL CA 1 12.96 9.30 101.96
C VAL CA 1 11.76 8.49 102.46
N HIS CA 2 11.42 7.38 101.80
CA HIS CA 2 10.38 6.44 102.18
C HIS CA 2 10.79 5.00 101.83
N PRO CA 3 11.79 4.41 102.49
CA PRO CA 3 12.06 2.99 102.38
C PRO CA 3 10.99 2.10 103.03
N LYS CA 4 11.02 0.82 102.66
CA LYS CA 4 10.23 -0.24 103.25
C LYS CA 4 11.22 -1.29 103.74
N LYS CA 5 10.91 -2.01 104.84
CA LYS CA 5 11.86 -2.95 105.43
C LYS CA 5 11.58 -4.37 104.95
N TYR CA 6 10.74 -4.49 103.92
CA TYR CA 6 10.29 -5.71 103.32
C TYR CA 6 10.26 -5.50 101.83
N GLY CA 7 10.14 -6.58 101.03
CA GLY CA 7 10.08 -6.48 99.58
C GLY CA 7 11.40 -6.17 98.91
N GLN CA 8 11.40 -6.13 97.57
CA GLN CA 8 12.61 -6.18 96.79
C GLN CA 8 13.62 -5.07 97.06
N GLY CA 9 13.16 -3.81 97.19
CA GLY CA 9 14.05 -2.68 97.37
C GLY CA 9 14.63 -2.56 98.74
N SER CA 10 14.22 -3.43 99.67
CA SER CA 10 14.67 -3.38 101.05
C SER CA 10 16.08 -3.91 101.26
N ARG CA 11 16.59 -4.67 100.29
CA ARG CA 11 17.76 -5.48 100.48
C ARG CA 11 18.62 -5.43 99.25
N GLN CA 12 19.92 -5.79 99.39
CA GLN CA 12 20.88 -5.76 98.30
C GLN CA 12 22.08 -6.62 98.64
N CYS CA 13 22.88 -7.04 97.64
CA CYS CA 13 24.04 -7.90 97.81
C CYS CA 13 25.08 -7.33 98.76
N ARG CA 14 25.56 -8.18 99.68
CA ARG CA 14 26.53 -7.81 100.70
C ARG CA 14 27.85 -7.37 100.10
N VAL CA 15 28.28 -8.04 99.02
CA VAL CA 15 29.49 -7.66 98.31
C VAL CA 15 29.28 -6.52 97.33
N CYS CA 16 28.34 -6.65 96.37
CA CYS CA 16 28.35 -5.77 95.21
C CYS CA 16 27.26 -4.73 95.18
N SER CA 17 26.27 -4.82 96.09
CA SER CA 17 25.11 -3.93 96.14
C SER CA 17 24.12 -4.05 95.00
N ASN CA 18 24.18 -5.11 94.17
CA ASN CA 18 23.08 -5.46 93.28
C ASN CA 18 21.84 -5.83 94.10
N LYS CA 19 20.65 -5.41 93.66
CA LYS CA 19 19.41 -5.80 94.30
C LYS CA 19 18.90 -7.16 93.81
N HIS CA 20 19.40 -7.66 92.66
CA HIS CA 20 18.90 -8.86 92.03
C HIS CA 20 19.70 -10.10 92.38
N ALA CA 21 19.06 -11.28 92.23
CA ALA CA 21 19.72 -12.57 92.25
C ALA CA 21 20.42 -12.94 93.55
N ILE CA 22 19.85 -12.55 94.70
CA ILE CA 22 20.47 -12.72 96.00
C ILE CA 22 20.07 -14.03 96.64
N ILE CA 23 21.06 -14.80 97.13
CA ILE CA 23 20.84 -15.99 97.92
C ILE CA 23 20.57 -15.62 99.35
N ARG CA 24 19.34 -15.80 99.83
CA ARG CA 24 18.99 -15.56 101.21
C ARG CA 24 18.85 -16.87 101.98
N LYS CA 25 18.98 -18.03 101.29
CA LYS CA 25 19.07 -19.32 101.93
C LYS CA 25 20.28 -19.40 102.85
N TYR CA 26 20.10 -19.92 104.07
CA TYR CA 26 21.09 -19.93 105.12
C TYR CA 26 21.53 -18.54 105.58
N ASN CA 27 20.82 -17.47 105.15
CA ASN CA 27 21.16 -16.08 105.37
C ASN CA 27 22.51 -15.66 104.80
N ILE CA 28 22.89 -16.17 103.63
CA ILE CA 28 24.15 -15.81 102.99
C ILE CA 28 24.22 -14.33 102.61
N ASN CA 29 23.16 -13.84 101.92
CA ASN CA 29 22.95 -12.48 101.50
C ASN CA 29 23.95 -12.01 100.43
N ILE CA 30 24.30 -12.91 99.51
CA ILE CA 30 25.25 -12.61 98.45
C ILE CA 30 24.56 -12.96 97.15
N CYS CA 31 24.81 -12.21 96.04
CA CYS CA 31 24.25 -12.57 94.74
C CYS CA 31 24.99 -13.72 94.10
N ARG CA 32 24.31 -14.53 93.28
CA ARG CA 32 24.89 -15.80 92.87
C ARG CA 32 26.18 -15.71 92.06
N GLN CA 33 26.31 -14.72 91.17
CA GLN CA 33 27.52 -14.42 90.44
C GLN CA 33 28.70 -14.11 91.35
N CYS CA 34 28.48 -13.37 92.44
CA CYS CA 34 29.50 -13.02 93.41
C CYS CA 34 29.87 -14.27 94.17
N PHE CA 35 28.84 -15.01 94.60
CA PHE CA 35 28.95 -16.30 95.23
C PHE CA 35 29.82 -17.28 94.43
N ARG CA 36 29.78 -17.24 93.10
CA ARG CA 36 30.62 -18.11 92.29
C ARG CA 36 32.09 -17.76 92.41
N GLU CA 37 32.42 -16.50 92.72
CA GLU CA 37 33.80 -16.10 92.82
C GLU CA 37 34.37 -16.55 94.15
N ARG CA 38 33.50 -16.72 95.15
CA ARG CA 38 33.87 -17.01 96.52
C ARG CA 38 33.63 -18.46 96.91
N ALA CA 39 32.99 -19.24 96.03
CA ALA CA 39 32.39 -20.51 96.37
C ALA CA 39 33.31 -21.58 96.93
N ASP CA 40 34.62 -21.54 96.62
CA ASP CA 40 35.52 -22.52 97.20
C ASP CA 40 35.96 -22.12 98.60
N ILE CA 41 36.40 -20.87 98.82
CA ILE CA 41 36.89 -20.46 100.13
C ILE CA 41 35.82 -20.40 101.19
N ILE CA 42 34.54 -20.23 100.82
CA ILE CA 42 33.47 -20.31 101.81
C ILE CA 42 33.26 -21.75 102.27
N GLY CA 43 33.39 -22.72 101.36
CA GLY CA 43 33.36 -24.16 101.67
C GLY CA 43 32.36 -24.91 100.84
N PHE CA 44 31.61 -24.21 99.99
CA PHE CA 44 30.57 -24.74 99.13
C PHE CA 44 31.12 -25.39 97.88
N LYS CA 45 31.91 -26.44 98.08
CA LYS CA 45 32.57 -27.22 97.07
C LYS CA 45 31.67 -28.03 96.16
N LYS CA 46 32.13 -28.26 94.92
CA LYS CA 46 31.43 -29.10 93.97
C LYS CA 46 31.89 -30.54 94.07
N TYR CA 47 30.96 -31.48 93.83
CA TYR CA 47 31.23 -32.90 93.97
C TYR CA 47 30.41 -33.69 92.97
N ARG CA 48 29.07 -33.58 93.05
CA ARG CA 48 28.13 -34.37 92.29
C ARG CA 48 26.74 -33.66 92.31
N ARG DA 1 66.16 -40.28 6.26
CA ARG DA 1 65.73 -40.39 4.83
C ARG DA 1 65.40 -39.02 4.24
N MET DA 2 65.45 -38.87 2.92
CA MET DA 2 65.14 -37.62 2.26
C MET DA 2 63.75 -37.12 2.51
N TYR DA 3 62.75 -38.01 2.48
CA TYR DA 3 61.37 -37.66 2.67
C TYR DA 3 60.75 -38.64 3.64
N GLY DA 4 59.55 -38.34 4.17
CA GLY DA 4 58.94 -39.15 5.23
C GLY DA 4 59.70 -39.16 6.54
N LYS DA 5 59.70 -40.29 7.24
CA LYS DA 5 60.32 -40.42 8.55
C LYS DA 5 61.09 -41.72 8.59
N GLY DA 6 61.95 -41.90 9.61
CA GLY DA 6 62.72 -43.12 9.81
C GLY DA 6 64.11 -43.05 9.24
N LYS DA 7 65.14 -43.37 10.05
CA LYS DA 7 66.52 -43.27 9.62
C LYS DA 7 66.87 -44.35 8.60
N GLY DA 8 66.53 -45.62 8.89
CA GLY DA 8 66.77 -46.76 8.01
C GLY DA 8 68.23 -47.00 7.76
N ILE DA 9 68.84 -47.95 8.46
CA ILE DA 9 70.27 -48.05 8.47
C ILE DA 9 70.75 -49.13 7.56
N SER DA 10 69.86 -49.78 6.79
CA SER DA 10 70.23 -50.71 5.73
C SER DA 10 71.30 -50.15 4.82
N SER DA 11 72.40 -50.89 4.70
CA SER DA 11 73.58 -50.42 4.03
C SER DA 11 74.40 -51.64 3.75
N SER DA 12 75.43 -51.51 2.92
CA SER DA 12 76.30 -52.63 2.59
C SER DA 12 77.69 -52.09 2.43
N THR DA 13 78.71 -52.71 3.05
CA THR DA 13 79.99 -52.02 3.21
C THR DA 13 81.18 -52.93 3.11
N LEU DA 14 82.15 -52.49 2.28
CA LEU DA 14 83.32 -53.21 1.85
C LEU DA 14 84.24 -53.61 2.99
N PRO DA 15 84.95 -54.72 2.95
CA PRO DA 15 85.93 -55.10 3.97
C PRO DA 15 87.12 -54.18 4.08
N TYR DA 16 87.93 -54.37 5.14
CA TYR DA 16 89.16 -53.67 5.34
C TYR DA 16 90.21 -54.01 4.29
N LYS DA 17 90.36 -55.29 3.91
CA LYS DA 17 91.27 -55.65 2.83
C LYS DA 17 90.80 -55.13 1.49
N ARG DA 18 91.62 -54.28 0.86
CA ARG DA 18 91.19 -53.53 -0.30
C ARG DA 18 91.92 -53.94 -1.55
N LYS DA 19 92.82 -54.92 -1.45
CA LYS DA 19 93.47 -55.51 -2.60
C LYS DA 19 92.58 -56.54 -3.25
N GLN DA 20 92.93 -57.02 -4.45
CA GLN DA 20 92.33 -58.21 -5.00
C GLN DA 20 92.57 -59.42 -4.08
N PRO DA 21 91.61 -60.22 -3.73
CA PRO DA 21 91.85 -61.37 -2.88
C PRO DA 21 92.43 -62.50 -3.69
N SER DA 22 93.37 -63.28 -3.13
CA SER DA 22 94.23 -64.21 -3.84
C SER DA 22 93.52 -65.30 -4.60
N TRP DA 23 92.36 -65.73 -4.10
CA TRP DA 23 91.60 -66.80 -4.69
C TRP DA 23 91.10 -66.52 -6.10
N LEU DA 24 90.65 -65.30 -6.41
CA LEU DA 24 90.21 -64.97 -7.76
C LEU DA 24 91.37 -64.78 -8.71
N LYS DA 25 91.45 -65.59 -9.77
CA LYS DA 25 92.60 -65.57 -10.67
C LYS DA 25 92.33 -64.86 -11.98
N GLN DA 26 91.08 -64.41 -12.24
CA GLN DA 26 90.77 -63.73 -13.48
C GLN DA 26 91.52 -62.41 -13.64
N LYS DA 27 92.00 -62.11 -14.85
CA LYS DA 27 92.78 -60.94 -15.13
C LYS DA 27 91.91 -59.74 -15.52
N PRO DA 28 92.41 -58.51 -15.52
CA PRO DA 28 91.64 -57.35 -15.93
C PRO DA 28 91.01 -57.42 -17.29
N SER DA 29 91.75 -57.89 -18.31
CA SER DA 29 91.25 -57.87 -19.68
C SER DA 29 89.99 -58.68 -19.90
N GLU DA 30 89.93 -59.90 -19.36
CA GLU DA 30 88.76 -60.75 -19.41
C GLU DA 30 87.55 -60.11 -18.74
N ILE DA 31 87.76 -59.50 -17.55
CA ILE DA 31 86.71 -58.83 -16.82
C ILE DA 31 86.25 -57.57 -17.55
N GLU DA 32 87.17 -56.81 -18.17
CA GLU DA 32 86.79 -55.66 -18.97
C GLU DA 32 85.86 -56.05 -20.11
N ASP DA 33 86.23 -57.11 -20.85
CA ASP DA 33 85.45 -57.63 -21.95
C ASP DA 33 84.05 -58.08 -21.52
N ALA DA 34 83.98 -58.83 -20.40
CA ALA DA 34 82.75 -59.32 -19.84
C ALA DA 34 81.78 -58.20 -19.46
N ILE DA 35 82.29 -57.16 -18.79
CA ILE DA 35 81.52 -55.99 -18.40
C ILE DA 35 80.95 -55.28 -19.61
N ILE DA 36 81.79 -55.06 -20.63
CA ILE DA 36 81.36 -54.43 -21.87
C ILE DA 36 80.27 -55.23 -22.52
N LYS DA 37 80.43 -56.56 -22.65
CA LYS DA 37 79.38 -57.39 -23.20
C LYS DA 37 78.06 -57.27 -22.47
N LEU DA 38 78.04 -57.34 -21.12
CA LEU DA 38 76.80 -57.21 -20.38
C LEU DA 38 76.08 -55.92 -20.62
N ALA DA 39 76.82 -54.80 -20.63
CA ALA DA 39 76.22 -53.52 -20.95
C ALA DA 39 75.62 -53.45 -22.34
N LYS DA 40 76.37 -53.93 -23.34
CA LYS DA 40 76.02 -53.90 -24.74
C LYS DA 40 74.76 -54.67 -25.06
N LYS DA 41 74.65 -55.87 -24.47
CA LYS DA 41 73.46 -56.70 -24.51
C LYS DA 41 72.25 -56.10 -23.81
N GLY DA 42 72.43 -54.99 -23.08
CA GLY DA 42 71.34 -54.24 -22.50
C GLY DA 42 71.17 -54.58 -21.06
N GLN DA 43 71.97 -53.95 -20.21
CA GLN DA 43 71.76 -53.98 -18.79
C GLN DA 43 72.26 -52.69 -18.21
N THR DA 44 71.67 -52.27 -17.08
CA THR DA 44 71.92 -51.01 -16.43
C THR DA 44 73.06 -51.15 -15.41
N PRO DA 45 73.98 -50.21 -15.24
CA PRO DA 45 75.21 -50.41 -14.49
C PRO DA 45 75.16 -50.97 -13.09
N SER DA 46 74.25 -50.51 -12.23
CA SER DA 46 74.04 -51.09 -10.92
C SER DA 46 73.72 -52.58 -11.00
N GLN DA 47 72.81 -52.96 -11.90
CA GLN DA 47 72.50 -54.34 -12.19
C GLN DA 47 73.69 -55.09 -12.74
N ILE DA 48 74.50 -54.48 -13.64
CA ILE DA 48 75.67 -55.12 -14.22
C ILE DA 48 76.65 -55.49 -13.14
N GLY DA 49 76.96 -54.59 -12.20
CA GLY DA 49 77.88 -54.93 -11.12
C GLY DA 49 77.37 -56.07 -10.24
N ALA DA 50 76.10 -56.01 -9.83
CA ALA DA 50 75.52 -57.07 -9.06
C ALA DA 50 75.51 -58.42 -9.78
N THR DA 51 75.08 -58.41 -11.04
CA THR DA 51 75.02 -59.56 -11.91
C THR DA 51 76.36 -60.19 -12.10
N LEU DA 52 77.39 -59.36 -12.35
CA LEU DA 52 78.77 -59.79 -12.44
C LEU DA 52 79.26 -60.43 -11.16
N ARG DA 53 78.94 -59.84 -9.99
CA ARG DA 53 79.39 -60.40 -8.73
C ARG DA 53 78.88 -61.79 -8.49
N ASP DA 54 77.63 -62.06 -8.80
CA ASP DA 54 77.02 -63.32 -8.44
C ASP DA 54 77.30 -64.35 -9.50
N ASN DA 55 76.90 -64.10 -10.74
CA ASN DA 55 77.10 -64.99 -11.85
C ASN DA 55 78.56 -65.27 -12.18
N TYR DA 56 79.43 -64.24 -12.23
CA TYR DA 56 80.80 -64.45 -12.68
C TYR DA 56 81.77 -64.50 -11.51
N GLY DA 57 81.35 -64.07 -10.30
CA GLY DA 57 82.13 -64.36 -9.10
C GLY DA 57 83.17 -63.35 -8.76
N ILE DA 58 82.97 -62.07 -9.10
CA ILE DA 58 83.94 -61.05 -8.75
C ILE DA 58 83.33 -60.06 -7.76
N PRO DA 59 83.67 -60.05 -6.48
CA PRO DA 59 83.37 -58.92 -5.62
C PRO DA 59 84.24 -57.77 -5.95
N GLN DA 60 83.70 -56.54 -5.90
CA GLN DA 60 84.50 -55.34 -5.86
C GLN DA 60 85.42 -55.13 -7.05
N VAL DA 61 84.84 -54.73 -8.20
CA VAL DA 61 85.58 -54.56 -9.44
C VAL DA 61 86.70 -53.56 -9.34
N LYS DA 62 86.58 -52.63 -8.39
CA LYS DA 62 87.53 -51.57 -8.13
C LYS DA 62 88.84 -52.12 -7.57
N SER DA 63 88.83 -53.35 -7.04
CA SER DA 63 90.05 -53.95 -6.55
C SER DA 63 90.64 -54.83 -7.62
N VAL DA 64 89.81 -55.57 -8.36
CA VAL DA 64 90.34 -56.49 -9.35
C VAL DA 64 90.74 -55.79 -10.64
N THR DA 65 90.24 -54.57 -10.84
CA THR DA 65 90.56 -53.74 -11.98
C THR DA 65 90.87 -52.37 -11.48
N GLY DA 66 91.59 -51.55 -12.27
CA GLY DA 66 92.14 -50.30 -11.78
C GLY DA 66 91.18 -49.16 -11.72
N ASN DA 67 89.93 -49.34 -12.16
CA ASN DA 67 89.08 -48.20 -12.44
C ASN DA 67 87.63 -48.57 -12.17
N LYS DA 68 86.81 -47.63 -11.66
CA LYS DA 68 85.41 -47.85 -11.37
C LYS DA 68 84.56 -48.14 -12.59
N ILE DA 69 83.44 -48.88 -12.40
CA ILE DA 69 82.70 -49.42 -13.51
C ILE DA 69 82.07 -48.37 -14.42
N LEU DA 70 81.50 -47.28 -13.86
CA LEU DA 70 80.96 -46.23 -14.70
C LEU DA 70 82.02 -45.58 -15.55
N ARG DA 71 83.20 -45.32 -14.96
CA ARG DA 71 84.33 -44.82 -15.68
C ARG DA 71 84.79 -45.70 -16.82
N ILE DA 72 84.96 -47.03 -16.64
CA ILE DA 72 85.33 -47.89 -17.77
C ILE DA 72 84.29 -47.95 -18.85
N LEU DA 73 83.00 -47.96 -18.49
CA LEU DA 73 81.94 -47.92 -19.46
C LEU DA 73 81.98 -46.67 -20.34
N ARG DA 74 82.18 -45.50 -19.73
CA ARG DA 74 82.44 -44.24 -20.40
C ARG DA 74 83.67 -44.26 -21.28
N ALA DA 75 84.78 -44.82 -20.78
CA ALA DA 75 86.03 -44.90 -21.50
C ALA DA 75 85.89 -45.69 -22.78
N GLN DA 76 85.15 -46.81 -22.74
CA GLN DA 76 84.88 -47.59 -23.94
C GLN DA 76 83.76 -46.99 -24.77
N GLY DA 77 83.15 -45.90 -24.28
CA GLY DA 77 82.21 -45.04 -24.99
C GLY DA 77 80.78 -45.47 -24.98
N ILE DA 78 80.44 -46.51 -24.22
CA ILE DA 78 79.15 -47.17 -24.38
C ILE DA 78 78.12 -46.60 -23.42
N ALA DA 79 78.56 -45.83 -22.41
CA ALA DA 79 77.70 -45.32 -21.37
C ALA DA 79 76.56 -44.40 -21.80
N THR DA 80 75.41 -44.54 -21.13
CA THR DA 80 74.16 -43.84 -21.38
C THR DA 80 74.29 -42.33 -21.31
N THR DA 81 73.57 -41.58 -22.17
CA THR DA 81 73.57 -40.13 -22.12
C THR DA 81 73.00 -39.54 -20.85
N ILE DA 82 71.87 -40.04 -20.35
CA ILE DA 82 71.33 -39.63 -19.08
C ILE DA 82 71.91 -40.53 -18.01
N PRO DA 83 72.46 -40.08 -16.89
CA PRO DA 83 72.82 -40.91 -15.75
C PRO DA 83 71.76 -41.85 -15.23
N GLU DA 84 72.15 -43.08 -14.86
CA GLU DA 84 71.28 -44.16 -14.47
C GLU DA 84 70.22 -43.85 -13.44
N ASP DA 85 70.63 -43.29 -12.31
CA ASP DA 85 69.79 -42.90 -11.22
C ASP DA 85 68.74 -41.87 -11.65
N LEU DA 86 69.14 -40.82 -12.38
CA LEU DA 86 68.18 -39.89 -12.94
C LEU DA 86 67.19 -40.57 -13.89
N TYR DA 87 67.68 -41.46 -14.78
CA TYR DA 87 66.85 -42.15 -15.74
C TYR DA 87 65.74 -42.97 -15.11
N PHE DA 88 66.07 -43.75 -14.06
CA PHE DA 88 65.08 -44.55 -13.37
C PHE DA 88 64.07 -43.69 -12.67
N LEU DA 89 64.51 -42.59 -12.07
CA LEU DA 89 63.61 -41.67 -11.45
C LEU DA 89 62.62 -41.07 -12.43
N ILE DA 90 63.10 -40.63 -13.60
CA ILE DA 90 62.20 -40.17 -14.66
C ILE DA 90 61.24 -41.26 -15.09
N LYS DA 91 61.68 -42.51 -15.23
CA LYS DA 91 60.80 -43.62 -15.55
C LYS DA 91 59.68 -43.77 -14.56
N LYS DA 92 60.03 -43.72 -13.26
CA LYS DA 92 59.06 -43.79 -12.20
C LYS DA 92 58.05 -42.66 -12.27
N ALA DA 93 58.51 -41.43 -12.57
CA ALA DA 93 57.62 -40.33 -12.77
C ALA DA 93 56.63 -40.52 -13.92
N VAL DA 94 57.08 -41.04 -15.08
CA VAL DA 94 56.21 -41.27 -16.21
C VAL DA 94 55.11 -42.26 -15.90
N SER DA 95 55.46 -43.39 -15.28
CA SER DA 95 54.46 -44.37 -14.91
C SER DA 95 53.39 -43.83 -13.99
N MET DA 96 53.83 -43.09 -12.96
CA MET DA 96 52.97 -42.44 -11.98
C MET DA 96 52.00 -41.47 -12.61
N ARG DA 97 52.50 -40.68 -13.56
CA ARG DA 97 51.69 -39.76 -14.30
C ARG DA 97 50.67 -40.46 -15.15
N LYS DA 98 51.05 -41.56 -15.82
CA LYS DA 98 50.09 -42.35 -16.57
C LYS DA 98 48.92 -42.82 -15.73
N HIS DA 99 49.18 -43.36 -14.52
CA HIS DA 99 48.08 -43.65 -13.61
C HIS DA 99 47.23 -42.44 -13.23
N LEU DA 100 47.85 -41.31 -12.89
CA LEU DA 100 47.12 -40.13 -12.51
C LEU DA 100 46.27 -39.54 -13.62
N GLU DA 101 46.76 -39.62 -14.87
CA GLU DA 101 46.03 -39.19 -16.05
C GLU DA 101 44.75 -39.97 -16.27
N LYS DA 102 44.78 -41.30 -16.08
CA LYS DA 102 43.57 -42.08 -16.04
C LYS DA 102 42.65 -41.78 -14.87
N ASN DA 103 43.20 -41.71 -13.64
CA ASN DA 103 42.43 -41.65 -12.42
C ASN DA 103 42.73 -40.37 -11.68
N LYS DA 104 41.76 -39.45 -11.55
CA LYS DA 104 42.10 -38.11 -11.10
C LYS DA 104 41.91 -37.89 -9.62
N LYS DA 105 41.47 -38.90 -8.86
CA LYS DA 105 41.03 -38.65 -7.51
C LYS DA 105 42.03 -39.08 -6.44
N ASP DA 106 43.02 -39.92 -6.80
CA ASP DA 106 44.02 -40.41 -5.88
C ASP DA 106 44.88 -39.30 -5.25
N LYS DA 107 44.63 -38.98 -3.98
CA LYS DA 107 45.33 -37.93 -3.28
C LYS DA 107 46.78 -38.26 -3.01
N ASP DA 108 47.07 -39.50 -2.57
CA ASP DA 108 48.41 -39.93 -2.25
C ASP DA 108 49.30 -39.96 -3.49
N CYS DA 109 48.81 -40.47 -4.63
CA CYS DA 109 49.56 -40.51 -5.85
C CYS DA 109 49.92 -39.12 -6.32
N LYS DA 110 48.98 -38.17 -6.28
CA LYS DA 110 49.26 -36.78 -6.53
C LYS DA 110 50.29 -36.17 -5.57
N PHE DA 111 50.21 -36.45 -4.25
CA PHE DA 111 51.17 -36.03 -3.24
C PHE DA 111 52.56 -36.56 -3.57
N ARG DA 112 52.65 -37.84 -3.95
CA ARG DA 112 53.84 -38.49 -4.43
C ARG DA 112 54.38 -37.90 -5.71
N LEU DA 113 53.51 -37.51 -6.66
CA LEU DA 113 53.93 -36.85 -7.86
C LEU DA 113 54.65 -35.57 -7.57
N ILE DA 114 54.15 -34.73 -6.64
CA ILE DA 114 54.88 -33.55 -6.23
C ILE DA 114 56.21 -33.90 -5.61
N LEU DA 115 56.24 -34.89 -4.71
CA LEU DA 115 57.43 -35.31 -4.05
C LEU DA 115 58.53 -35.83 -4.99
N THR DA 116 58.14 -36.72 -5.90
CA THR DA 116 59.04 -37.25 -6.91
C THR DA 116 59.52 -36.21 -7.87
N GLU DA 117 58.63 -35.30 -8.32
CA GLU DA 117 59.00 -34.23 -9.22
C GLU DA 117 60.10 -33.36 -8.64
N SER DA 118 59.97 -33.01 -7.36
CA SER DA 118 60.97 -32.26 -6.65
C SER DA 118 62.28 -33.00 -6.56
N LYS DA 119 62.24 -34.33 -6.31
CA LYS DA 119 63.45 -35.11 -6.23
C LYS DA 119 64.21 -35.10 -7.56
N ILE DA 120 63.48 -35.17 -8.69
CA ILE DA 120 64.08 -35.09 -10.00
C ILE DA 120 64.76 -33.77 -10.19
N HIS DA 121 64.10 -32.66 -9.84
CA HIS DA 121 64.72 -31.36 -9.97
C HIS DA 121 65.99 -31.21 -9.19
N ARG DA 122 66.03 -31.66 -7.94
CA ARG DA 122 67.26 -31.69 -7.19
C ARG DA 122 68.39 -32.50 -7.83
N ILE DA 123 68.10 -33.74 -8.29
CA ILE DA 123 69.12 -34.55 -8.93
C ILE DA 123 69.58 -33.95 -10.25
N SER DA 124 68.63 -33.38 -11.00
CA SER DA 124 68.89 -32.72 -12.26
C SER DA 124 69.81 -31.52 -12.04
N ARG DA 125 69.59 -30.75 -10.98
CA ARG DA 125 70.43 -29.62 -10.63
C ARG DA 125 71.87 -30.04 -10.37
N TYR DA 126 72.06 -31.18 -9.68
CA TYR DA 126 73.40 -31.72 -9.51
C TYR DA 126 74.02 -32.15 -10.83
N TYR DA 127 73.26 -32.81 -11.71
CA TYR DA 127 73.79 -33.21 -12.99
C TYR DA 127 74.10 -32.08 -13.95
N LYS DA 128 73.35 -30.98 -13.89
CA LYS DA 128 73.73 -29.75 -14.55
C LYS DA 128 75.01 -29.15 -14.03
N ARG DA 129 75.23 -29.14 -12.69
CA ARG DA 129 76.51 -28.70 -12.15
C ARG DA 129 77.70 -29.51 -12.64
N LYS DA 130 77.55 -30.82 -12.83
CA LYS DA 130 78.54 -31.61 -13.53
C LYS DA 130 78.35 -31.48 -15.03
N LYS DA 131 79.24 -32.07 -15.83
CA LYS DA 131 79.16 -31.98 -17.27
C LYS DA 131 78.59 -33.25 -17.84
N LEU DA 132 77.76 -33.96 -17.07
CA LEU DA 132 77.19 -35.24 -17.44
C LEU DA 132 75.81 -35.11 -18.05
N LEU DA 133 75.35 -33.89 -18.31
CA LEU DA 133 74.02 -33.62 -18.82
C LEU DA 133 74.10 -32.36 -19.67
N PRO DA 134 73.32 -32.11 -20.71
CA PRO DA 134 73.41 -30.86 -21.46
C PRO DA 134 72.91 -29.69 -20.66
N SER DA 135 73.50 -28.49 -20.80
CA SER DA 135 73.10 -27.32 -20.01
C SER DA 135 71.67 -26.89 -20.27
N ASN DA 136 71.21 -27.05 -21.51
CA ASN DA 136 69.90 -26.61 -21.93
C ASN DA 136 68.88 -27.72 -21.88
N TRP DA 137 69.20 -28.84 -21.23
CA TRP DA 137 68.24 -29.87 -20.84
C TRP DA 137 67.28 -29.33 -19.81
N LYS DA 138 66.04 -29.84 -19.71
CA LYS DA 138 65.17 -29.25 -18.70
C LYS DA 138 64.22 -30.17 -18.00
N TYR DA 139 63.73 -31.25 -18.65
CA TYR DA 139 62.60 -32.03 -18.15
C TYR DA 139 61.29 -31.24 -18.12
N GLN DA 140 60.21 -31.81 -18.67
CA GLN DA 140 58.88 -31.25 -18.55
C GLN DA 140 57.88 -32.36 -18.32
N SER DA 141 56.78 -32.04 -17.61
CA SER DA 141 55.66 -32.95 -17.38
C SER DA 141 55.18 -33.63 -18.65
N SER DA 142 54.82 -32.81 -19.67
CA SER DA 142 54.55 -33.16 -21.05
C SER DA 142 55.46 -34.19 -21.66
N THR DA 143 56.78 -33.95 -21.58
CA THR DA 143 57.75 -34.56 -22.48
C THR DA 143 58.25 -35.88 -21.95
N ALA DA 144 57.92 -36.21 -20.70
CA ALA DA 144 58.65 -37.15 -19.90
C ALA DA 144 58.89 -38.56 -20.48
N SER DA 145 57.86 -39.26 -21.00
CA SER DA 145 58.07 -40.52 -21.73
C SER DA 145 59.06 -40.42 -22.88
N ALA DA 146 58.81 -39.45 -23.79
CA ALA DA 146 59.62 -39.13 -24.93
C ALA DA 146 61.07 -38.78 -24.56
N LEU DA 147 61.25 -38.07 -23.43
CA LEU DA 147 62.51 -37.59 -22.90
C LEU DA 147 63.57 -38.67 -22.75
N ILE DA 148 63.19 -39.82 -22.20
CA ILE DA 148 64.14 -40.85 -21.82
C ILE DA 148 64.04 -42.05 -22.75
N ALA DA 149 63.04 -42.05 -23.64
CA ALA DA 149 62.87 -42.98 -24.74
C ALA DA 149 63.28 -44.48 -24.49
N ASP EA 1 82.25 -2.40 -44.57
CA ASP EA 1 82.25 -3.25 -43.33
C ASP EA 1 81.81 -2.51 -42.07
N VAL EA 2 82.76 -1.90 -41.32
CA VAL EA 2 82.57 -1.51 -39.94
C VAL EA 2 81.46 -0.52 -39.71
N GLN EA 3 81.46 0.58 -40.47
CA GLN EA 3 80.70 1.74 -40.11
C GLN EA 3 79.44 1.88 -40.92
N HIS EA 4 78.35 2.33 -40.28
CA HIS EA 4 77.14 2.62 -40.99
C HIS EA 4 76.18 3.50 -40.21
N GLU EA 5 76.48 3.87 -38.96
CA GLU EA 5 75.92 5.03 -38.31
C GLU EA 5 76.25 6.31 -39.07
N ARG EA 6 75.39 7.33 -39.02
CA ARG EA 6 75.32 8.35 -40.05
C ARG EA 6 76.33 9.48 -39.98
N ALA EA 7 77.57 9.15 -39.59
CA ALA EA 7 78.70 10.03 -39.63
C ALA EA 7 79.88 9.15 -39.94
N TYR EA 8 80.93 9.64 -40.63
CA TYR EA 8 82.10 8.82 -40.83
C TYR EA 8 82.81 8.48 -39.52
N GLN EA 9 83.31 7.25 -39.41
CA GLN EA 9 83.97 6.76 -38.23
C GLN EA 9 85.42 6.50 -38.59
N LYS EA 10 86.37 6.95 -37.75
CA LYS EA 10 87.67 7.25 -38.28
C LYS EA 10 88.84 6.63 -37.55
N GLN EA 11 88.71 6.34 -36.24
CA GLN EA 11 89.85 6.01 -35.40
C GLN EA 11 90.88 7.13 -35.37
N GLU EA 12 90.50 8.28 -34.80
CA GLU EA 12 91.31 9.48 -34.80
C GLU EA 12 92.68 9.31 -34.16
N GLY EA 13 93.69 9.95 -34.76
CA GLY EA 13 95.08 9.78 -34.35
C GLY EA 13 95.76 8.60 -34.98
N ALA EA 14 95.06 7.86 -35.85
CA ALA EA 14 95.68 6.80 -36.64
C ALA EA 14 96.71 7.30 -37.64
N SER EA 15 96.39 8.41 -38.34
CA SER EA 15 97.22 9.00 -39.38
C SER EA 15 97.18 8.20 -40.67
N PHE EA 16 97.33 8.88 -41.81
CA PHE EA 16 96.98 8.26 -43.07
C PHE EA 16 97.88 8.58 -44.23
N PHE EA 17 98.66 9.66 -44.18
CA PHE EA 17 99.24 10.17 -45.40
C PHE EA 17 100.75 10.17 -45.38
N ASN EA 18 101.37 9.73 -44.27
CA ASN EA 18 102.81 9.68 -44.16
C ASN EA 18 103.23 8.38 -43.50
N SER EA 19 103.47 8.37 -42.17
CA SER EA 19 103.95 7.21 -41.39
C SER EA 19 105.08 6.39 -42.02
N LYS EA 20 105.10 5.07 -41.82
CA LYS EA 20 106.04 4.14 -42.41
C LYS EA 20 105.35 2.76 -42.59
N ARG EA 31 96.88 1.24 -38.78
CA ARG EA 31 95.95 1.62 -37.66
C ARG EA 31 96.68 2.05 -36.38
N TYR EA 32 96.00 2.14 -35.21
CA TYR EA 32 96.56 2.66 -33.98
C TYR EA 32 95.99 1.95 -32.77
N TRP EA 33 96.84 1.77 -31.74
CA TRP EA 33 96.48 1.13 -30.49
C TRP EA 33 97.48 1.53 -29.44
N LYS EA 34 97.15 1.37 -28.15
CA LYS EA 34 97.94 1.88 -27.03
C LYS EA 34 98.23 0.80 -26.00
N LYS EA 35 99.08 1.09 -24.99
CA LYS EA 35 99.68 0.04 -24.20
C LYS EA 35 99.00 -0.26 -22.85
N VAL EA 36 98.13 0.65 -22.35
CA VAL EA 36 97.30 0.58 -21.15
C VAL EA 36 97.96 0.47 -19.80
N GLY EA 37 99.14 -0.15 -19.74
CA GLY EA 37 99.92 -0.38 -18.53
C GLY EA 37 99.26 -1.13 -17.41
N LEU EA 38 99.76 -0.87 -16.18
CA LEU EA 38 99.35 -1.50 -14.94
C LEU EA 38 99.49 -2.99 -14.97
N GLY EA 39 100.44 -3.49 -15.78
CA GLY EA 39 100.73 -4.91 -15.91
C GLY EA 39 99.76 -5.68 -16.75
N PHE EA 40 98.75 -5.04 -17.34
CA PHE EA 40 97.79 -5.69 -18.21
C PHE EA 40 98.38 -5.91 -19.58
N ALA EA 41 97.80 -6.83 -20.35
CA ALA EA 41 98.33 -7.14 -21.66
C ALA EA 41 97.31 -6.73 -22.71
N THR EA 42 97.73 -5.90 -23.70
CA THR EA 42 96.89 -5.49 -24.81
C THR EA 42 96.42 -6.66 -25.63
N PRO EA 43 95.15 -6.95 -25.82
CA PRO EA 43 94.73 -8.20 -26.44
C PRO EA 43 95.06 -8.26 -27.90
N LYS EA 44 95.47 -9.43 -28.43
CA LYS EA 44 95.73 -9.56 -29.86
C LYS EA 44 94.49 -9.25 -30.69
N GLU EA 45 93.31 -9.63 -30.17
CA GLU EA 45 92.05 -9.44 -30.84
C GLU EA 45 91.61 -7.99 -30.83
N ALA EA 46 92.07 -7.20 -29.85
CA ALA EA 46 91.94 -5.75 -29.94
C ALA EA 46 92.87 -5.17 -31.00
N LYS EA 47 94.13 -5.59 -30.98
CA LYS EA 47 95.17 -4.95 -31.75
C LYS EA 47 95.12 -5.21 -33.23
N GLU EA 48 94.83 -6.46 -33.64
CA GLU EA 48 94.81 -6.79 -35.04
C GLU EA 48 93.39 -6.93 -35.51
N GLY EA 49 92.42 -6.67 -34.62
CA GLY EA 49 91.04 -6.37 -35.02
C GLY EA 49 90.95 -5.15 -35.90
N VAL EA 50 89.83 -4.98 -36.60
CA VAL EA 50 89.69 -3.88 -37.55
C VAL EA 50 88.82 -2.76 -37.02
N TYR EA 51 87.98 -3.04 -36.01
CA TYR EA 51 86.96 -2.15 -35.47
C TYR EA 51 87.33 -0.70 -35.20
N VAL EA 52 86.30 0.16 -35.09
CA VAL EA 52 86.43 1.57 -34.76
C VAL EA 52 85.65 1.87 -33.51
N ASP EA 53 86.21 2.69 -32.62
CA ASP EA 53 85.63 3.00 -31.35
C ASP EA 53 86.20 4.32 -30.87
N LYS EA 54 85.80 4.77 -29.70
CA LYS EA 54 86.23 6.00 -29.09
C LYS EA 54 86.36 5.84 -27.58
N LYS EA 55 85.67 4.88 -26.99
CA LYS EA 55 85.63 4.64 -25.56
C LYS EA 55 86.35 3.36 -25.23
N CYS EA 56 86.79 2.60 -26.23
CA CYS EA 56 87.66 1.46 -26.05
C CYS EA 56 89.00 1.82 -25.39
N PRO EA 57 89.47 1.17 -24.35
CA PRO EA 57 90.68 1.57 -23.66
C PRO EA 57 91.91 1.21 -24.43
N PHE EA 58 91.79 0.41 -25.49
CA PHE EA 58 92.95 0.05 -26.27
C PHE EA 58 93.12 0.89 -27.50
N THR EA 59 92.22 1.85 -27.80
CA THR EA 59 92.41 2.64 -29.01
C THR EA 59 91.69 3.98 -29.01
N GLY EA 60 90.85 4.28 -28.00
CA GLY EA 60 90.24 5.60 -27.85
C GLY EA 60 91.18 6.69 -27.37
N ASN EA 61 90.65 7.89 -27.07
CA ASN EA 61 91.43 8.90 -26.37
C ASN EA 61 91.45 8.64 -24.87
N VAL EA 62 90.46 7.91 -24.36
CA VAL EA 62 90.32 7.58 -22.95
C VAL EA 62 91.47 6.78 -22.38
N SER EA 63 91.73 6.93 -21.07
CA SER EA 63 92.80 6.19 -20.43
C SER EA 63 92.34 5.79 -19.05
N ILE EA 64 93.03 4.83 -18.43
CA ILE EA 64 92.62 4.27 -17.16
C ILE EA 64 93.40 4.91 -16.05
N ARG EA 65 92.72 5.42 -15.00
CA ARG EA 65 93.39 5.83 -13.78
C ARG EA 65 92.39 5.85 -12.66
N GLY EA 66 92.79 5.50 -11.42
CA GLY EA 66 91.86 5.28 -10.31
C GLY EA 66 91.92 3.86 -9.82
N ARG EA 67 90.78 3.28 -9.42
CA ARG EA 67 90.74 1.92 -8.89
C ARG EA 67 90.66 0.84 -9.95
N ILE EA 68 91.03 -0.40 -9.56
CA ILE EA 68 90.98 -1.61 -10.37
C ILE EA 68 90.19 -2.67 -9.63
N LEU EA 69 89.01 -3.13 -10.11
CA LEU EA 69 88.22 -4.10 -9.37
C LEU EA 69 87.85 -5.29 -10.25
N LYS EA 70 87.51 -6.44 -9.61
CA LYS EA 70 87.01 -7.62 -10.29
C LYS EA 70 85.54 -7.80 -10.02
N GLY EA 71 84.75 -8.17 -11.03
CA GLY EA 71 83.31 -8.31 -10.93
C GLY EA 71 82.76 -9.39 -11.81
N MET EA 72 81.44 -9.66 -11.69
CA MET EA 72 80.77 -10.63 -12.53
C MET EA 72 79.76 -9.96 -13.45
N VAL EA 73 79.82 -10.28 -14.76
CA VAL EA 73 78.93 -9.69 -15.75
C VAL EA 73 77.53 -10.25 -15.73
N ILE EA 74 76.52 -9.37 -15.70
CA ILE EA 74 75.13 -9.77 -15.56
C ILE EA 74 74.39 -9.57 -16.86
N SER EA 75 74.75 -8.55 -17.64
CA SER EA 75 73.96 -8.15 -18.80
C SER EA 75 74.85 -7.68 -19.91
N ASN EA 76 74.55 -8.13 -21.14
CA ASN EA 76 75.38 -7.88 -22.28
C ASN EA 76 74.59 -7.16 -23.34
N LYS EA 77 73.43 -6.59 -23.01
CA LYS EA 77 72.48 -6.39 -24.07
C LYS EA 77 72.39 -4.98 -24.59
N MET EA 78 73.25 -4.05 -24.14
CA MET EA 78 73.42 -2.77 -24.80
C MET EA 78 74.58 -2.80 -25.77
N LYS EA 79 74.61 -1.84 -26.72
CA LYS EA 79 75.71 -1.70 -27.65
C LYS EA 79 77.01 -1.38 -26.93
N ARG EA 80 77.96 -2.32 -26.96
CA ARG EA 80 79.26 -2.17 -26.33
C ARG EA 80 79.26 -1.79 -24.84
N THR EA 81 78.24 -2.19 -24.05
CA THR EA 81 78.22 -1.76 -22.66
C THR EA 81 77.64 -2.86 -21.82
N ILE EA 82 78.16 -3.05 -20.60
CA ILE EA 82 77.87 -4.20 -19.77
C ILE EA 82 77.56 -3.78 -18.36
N ILE EA 83 76.80 -4.60 -17.60
CA ILE EA 83 76.54 -4.29 -16.21
C ILE EA 83 77.16 -5.35 -15.36
N ILE EA 84 78.03 -4.94 -14.41
CA ILE EA 84 78.69 -5.88 -13.53
C ILE EA 84 78.19 -5.73 -12.12
N ARG EA 85 78.00 -6.86 -11.43
CA ARG EA 85 77.76 -6.85 -10.00
C ARG EA 85 79.02 -7.15 -9.21
N ARG EA 86 79.29 -6.36 -8.17
CA ARG EA 86 80.26 -6.67 -7.15
C ARG EA 86 79.54 -7.15 -5.91
N ASN EA 87 79.68 -8.44 -5.58
CA ASN EA 87 79.18 -9.01 -4.34
C ASN EA 87 80.19 -8.82 -3.25
N TYR EA 88 79.78 -8.58 -1.99
CA TYR EA 88 80.74 -8.48 -0.91
C TYR EA 88 80.10 -8.65 0.44
N LEU EA 89 80.94 -8.88 1.44
CA LEU EA 89 80.49 -9.20 2.76
C LEU EA 89 80.68 -7.98 3.62
N HIS EA 90 79.59 -7.53 4.24
CA HIS EA 90 79.53 -6.38 5.11
C HIS EA 90 79.58 -6.79 6.56
N TYR EA 91 80.52 -6.23 7.33
CA TYR EA 91 80.67 -6.56 8.73
C TYR EA 91 79.72 -5.76 9.60
N VAL EA 92 78.91 -6.44 10.42
CA VAL EA 92 77.96 -5.78 11.29
C VAL EA 92 78.46 -5.86 12.71
N LYS EA 93 78.78 -4.69 13.28
CA LYS EA 93 79.48 -4.59 14.54
C LYS EA 93 78.72 -5.17 15.73
N LYS EA 94 77.38 -5.10 15.73
CA LYS EA 94 76.53 -5.61 16.80
C LYS EA 94 76.68 -7.09 17.03
N TYR EA 95 76.78 -7.87 15.94
CA TYR EA 95 76.66 -9.30 16.03
C TYR EA 95 77.98 -10.00 15.74
N ASN EA 96 79.06 -9.24 15.52
CA ASN EA 96 80.39 -9.75 15.21
C ASN EA 96 80.42 -10.58 13.94
N ARG EA 97 79.47 -10.35 13.04
CA ARG EA 97 79.16 -11.24 11.94
C ARG EA 97 78.99 -10.50 10.65
N PHE EA 98 78.82 -11.22 9.54
CA PHE EA 98 78.71 -10.61 8.24
C PHE EA 98 77.32 -10.77 7.66
N GLU EA 99 77.04 -10.03 6.57
CA GLU EA 99 75.87 -10.21 5.73
C GLU EA 99 76.28 -9.89 4.31
N LYS EA 100 75.69 -10.55 3.31
CA LYS EA 100 75.90 -10.22 1.91
C LYS EA 100 75.28 -8.90 1.51
N ARG EA 101 76.03 -7.99 0.88
CA ARG EA 101 75.47 -6.84 0.20
C ARG EA 101 76.14 -6.73 -1.14
N HIS EA 102 75.57 -5.95 -2.06
CA HIS EA 102 76.14 -5.87 -3.38
C HIS EA 102 75.85 -4.58 -4.08
N LYS EA 103 76.61 -4.26 -5.12
CA LYS EA 103 76.46 -3.00 -5.82
C LYS EA 103 76.74 -3.18 -7.31
N ASN EA 104 75.91 -2.56 -8.17
CA ASN EA 104 76.08 -2.66 -9.60
C ASN EA 104 76.92 -1.50 -10.10
N ILE EA 105 77.86 -1.77 -11.00
CA ILE EA 105 78.63 -0.74 -11.66
C ILE EA 105 78.37 -0.89 -13.15
N PRO EA 106 77.79 0.09 -13.83
CA PRO EA 106 77.66 0.03 -15.28
C PRO EA 106 78.99 0.32 -15.92
N CYS EA 107 79.41 -0.52 -16.87
CA CYS EA 107 80.76 -0.45 -17.37
C CYS EA 107 80.79 -0.49 -18.87
N HIS EA 108 81.58 0.38 -19.52
CA HIS EA 108 81.85 0.24 -20.92
C HIS EA 108 82.61 -1.02 -21.26
N CYS EA 109 82.39 -1.56 -22.46
CA CYS EA 109 83.06 -2.77 -22.88
C CYS EA 109 84.18 -2.44 -23.84
N SER EA 110 84.33 -3.23 -24.90
CA SER EA 110 85.21 -3.04 -26.00
C SER EA 110 84.64 -3.97 -27.03
N PRO EA 111 84.93 -3.89 -28.30
CA PRO EA 111 84.58 -4.96 -29.22
C PRO EA 111 85.51 -6.13 -29.06
N CYS EA 112 86.67 -5.96 -28.39
CA CYS EA 112 87.70 -7.01 -28.37
C CYS EA 112 87.31 -8.30 -27.71
N PHE EA 113 86.65 -8.22 -26.55
CA PHE EA 113 86.25 -9.38 -25.80
C PHE EA 113 84.93 -9.89 -26.34
N ASP EA 114 84.54 -11.10 -25.97
CA ASP EA 114 83.21 -11.59 -26.28
C ASP EA 114 82.65 -12.12 -24.99
N VAL EA 115 81.68 -11.40 -24.42
CA VAL EA 115 81.38 -11.52 -23.02
C VAL EA 115 80.05 -12.18 -22.86
N LYS EA 116 79.96 -13.20 -22.00
CA LYS EA 116 78.73 -13.92 -21.77
C LYS EA 116 78.37 -13.78 -20.31
N GLU EA 117 77.07 -13.52 -20.02
CA GLU EA 117 76.45 -13.56 -18.71
C GLU EA 117 77.07 -14.57 -17.74
N GLY EA 118 77.61 -14.08 -16.62
CA GLY EA 118 78.33 -14.89 -15.64
C GLY EA 118 79.83 -14.90 -15.79
N ASP EA 119 80.40 -14.41 -16.90
CA ASP EA 119 81.84 -14.22 -17.02
C ASP EA 119 82.41 -13.28 -15.95
N ILE EA 120 83.59 -13.61 -15.41
CA ILE EA 120 84.31 -12.70 -14.54
C ILE EA 120 85.08 -11.68 -15.36
N VAL EA 121 85.12 -10.42 -14.92
CA VAL EA 121 85.79 -9.36 -15.63
C VAL EA 121 86.57 -8.51 -14.69
N THR EA 122 87.71 -8.00 -15.16
CA THR EA 122 88.52 -7.09 -14.40
C THR EA 122 88.38 -5.73 -15.03
N VAL EA 123 87.75 -4.79 -14.33
CA VAL EA 123 87.49 -3.46 -14.83
C VAL EA 123 88.43 -2.41 -14.25
N GLY EA 124 88.60 -1.27 -14.95
CA GLY EA 124 89.35 -0.12 -14.42
C GLY EA 124 88.54 1.14 -14.40
N GLN EA 125 88.92 2.11 -13.56
CA GLN EA 125 88.25 3.39 -13.47
C GLN EA 125 88.79 4.37 -14.51
N CYS EA 126 87.94 5.29 -15.00
CA CYS EA 126 88.32 6.17 -16.08
C CYS EA 126 87.44 7.40 -16.05
N ARG EA 127 87.72 8.41 -16.91
CA ARG EA 127 86.88 9.60 -16.98
C ARG EA 127 85.43 9.30 -17.36
N PRO EA 128 84.41 10.02 -16.90
CA PRO EA 128 83.02 9.69 -17.19
C PRO EA 128 82.66 9.58 -18.66
N LEU EA 129 82.06 8.43 -19.08
CA LEU EA 129 81.78 8.17 -20.48
C LEU EA 129 80.29 8.19 -20.81
N SER EA 130 79.45 8.17 -19.78
CA SER EA 130 78.01 8.31 -19.89
C SER EA 130 77.60 8.63 -18.50
N LYS EA 131 76.31 8.84 -18.23
CA LYS EA 131 75.82 9.28 -16.95
C LYS EA 131 76.24 8.39 -15.81
N THR EA 132 76.10 7.06 -15.97
CA THR EA 132 76.58 6.14 -14.96
C THR EA 132 77.62 5.17 -15.49
N VAL EA 133 78.17 5.41 -16.69
CA VAL EA 133 79.25 4.57 -17.18
C VAL EA 133 80.58 5.18 -16.81
N ARG EA 134 81.25 4.58 -15.81
CA ARG EA 134 82.42 5.18 -15.21
C ARG EA 134 83.58 4.21 -14.97
N PHE EA 135 83.41 2.92 -15.27
CA PHE EA 135 84.52 2.03 -15.50
C PHE EA 135 84.55 1.57 -16.96
N ASN EA 136 85.64 0.93 -17.40
CA ASN EA 136 85.74 0.23 -18.65
C ASN EA 136 86.56 -1.04 -18.50
N VAL EA 137 86.09 -2.14 -19.12
CA VAL EA 137 86.66 -3.46 -18.98
C VAL EA 137 88.10 -3.62 -19.44
N LEU EA 138 88.97 -4.25 -18.63
CA LEU EA 138 90.34 -4.47 -19.03
C LEU EA 138 90.67 -5.93 -19.31
N HIS EA 139 90.03 -6.90 -18.64
CA HIS EA 139 90.36 -8.30 -18.85
C HIS EA 139 89.18 -9.24 -18.66
N VAL EA 140 88.93 -10.14 -19.63
CA VAL EA 140 87.82 -11.08 -19.59
C VAL EA 140 88.23 -12.48 -19.15
N GLU EA 141 87.85 -12.84 -17.92
CA GLU EA 141 88.11 -14.14 -17.33
C GLU EA 141 86.89 -15.04 -17.54
N LYS EA 142 86.93 -15.84 -18.62
CA LYS EA 142 85.84 -16.71 -19.03
C LYS EA 142 85.49 -17.79 -18.02
N HIS EA 143 84.18 -18.02 -17.81
CA HIS EA 143 83.74 -18.89 -16.73
C HIS EA 143 82.25 -19.15 -16.79
N GLN EA 144 81.88 -20.38 -17.16
CA GLN EA 144 80.51 -20.87 -17.19
C GLN EA 144 79.84 -20.83 -15.82
N ILE EA 145 78.51 -20.62 -15.78
CA ILE EA 145 77.78 -20.52 -14.54
C ILE EA 145 76.48 -21.30 -14.62
N PHE EA 146 75.89 -21.67 -13.47
CA PHE EA 146 74.63 -22.40 -13.41
C PHE EA 146 73.57 -21.50 -12.84
N GLY EA 147 72.28 -21.81 -13.09
CA GLY EA 147 71.20 -20.90 -12.71
C GLY EA 147 71.26 -19.58 -13.43
N SER EA 148 70.89 -18.49 -12.75
CA SER EA 148 70.95 -17.17 -13.35
C SER EA 148 71.93 -16.31 -12.60
N ALA EA 149 72.77 -15.55 -13.32
CA ALA EA 149 73.84 -14.75 -12.78
C ALA EA 149 73.36 -13.72 -11.77
N ARG EA 150 72.17 -13.14 -12.03
CA ARG EA 150 71.50 -12.21 -11.14
C ARG EA 150 71.29 -12.79 -9.75
N LYS EA 151 71.13 -14.11 -9.62
CA LYS EA 151 70.99 -14.75 -8.33
C LYS EA 151 72.30 -15.32 -7.82
N GLN EA 152 73.41 -15.21 -8.57
CA GLN EA 152 74.64 -15.87 -8.22
C GLN EA 152 75.57 -15.07 -7.34
N PHE EA 153 76.49 -15.79 -6.67
CA PHE EA 153 77.39 -15.21 -5.71
C PHE EA 153 78.80 -15.70 -5.97
N VAL EA 154 79.71 -14.78 -6.30
CA VAL EA 154 81.13 -15.03 -6.41
C VAL EA 154 81.82 -14.11 -5.43
N LEU EA 155 82.93 -14.57 -4.84
CA LEU EA 155 83.43 -14.00 -3.60
C LEU EA 155 84.59 -13.04 -3.82
N PHE EA 156 84.94 -12.76 -5.08
CA PHE EA 156 86.08 -11.95 -5.43
C PHE EA 156 86.09 -10.49 -4.89
N ASP FA 1 -32.07 5.33 103.62
CA ASP FA 1 -31.06 5.63 102.55
C ASP FA 1 -30.04 6.69 102.99
N LEU FA 2 -29.68 7.64 102.11
CA LEU FA 2 -28.52 8.50 102.20
C LEU FA 2 -28.37 9.32 103.47
N ASP FA 3 -29.41 10.03 103.93
CA ASP FA 3 -29.34 10.85 105.12
C ASP FA 3 -29.04 10.06 106.39
N LYS FA 4 -29.69 8.91 106.56
CA LYS FA 4 -29.45 7.95 107.62
C LYS FA 4 -28.05 7.37 107.55
N LEU FA 5 -27.61 7.01 106.35
CA LEU FA 5 -26.25 6.59 106.08
C LEU FA 5 -25.18 7.65 106.45
N LEU FA 6 -25.40 8.93 106.10
CA LEU FA 6 -24.60 10.05 106.57
C LEU FA 6 -24.58 10.18 108.09
N ASP FA 7 -25.77 10.08 108.72
CA ASP FA 7 -25.96 10.15 110.15
C ASP FA 7 -25.20 9.10 110.96
N LEU FA 8 -25.36 7.81 110.62
CA LEU FA 8 -24.73 6.71 111.33
C LEU FA 8 -23.20 6.76 111.45
N SER FA 9 -22.65 6.09 112.48
CA SER FA 9 -21.24 6.12 112.85
C SER FA 9 -20.31 5.35 111.92
N GLN FA 10 -18.99 5.55 112.08
CA GLN FA 10 -17.96 4.87 111.31
C GLN FA 10 -18.02 3.36 111.41
N ASP FA 11 -18.24 2.83 112.61
CA ASP FA 11 -18.43 1.41 112.84
C ASP FA 11 -19.62 0.84 112.09
N GLU FA 12 -20.76 1.55 112.15
CA GLU FA 12 -21.96 1.22 111.42
C GLU FA 12 -21.70 1.26 109.90
N LEU FA 13 -21.04 2.32 109.42
CA LEU FA 13 -20.57 2.48 108.06
C LEU FA 13 -19.61 1.39 107.53
N ILE FA 14 -18.59 0.97 108.29
CA ILE FA 14 -17.77 -0.19 107.98
C ILE FA 14 -18.57 -1.47 107.92
N LYS FA 15 -19.49 -1.66 108.87
CA LYS FA 15 -20.39 -2.79 108.89
C LYS FA 15 -21.27 -2.82 107.65
N LEU FA 16 -21.82 -1.67 107.22
CA LEU FA 16 -22.46 -1.53 105.92
C LEU FA 16 -21.57 -1.88 104.72
N PHE FA 17 -20.30 -1.47 104.71
CA PHE FA 17 -19.32 -1.85 103.71
C PHE FA 17 -19.03 -3.36 103.58
N LYS FA 18 -18.51 -3.79 102.41
CA LYS FA 18 -17.93 -5.11 102.26
C LYS FA 18 -16.58 -5.22 102.95
N ALA FA 19 -16.02 -6.44 103.01
CA ALA FA 19 -14.87 -6.74 103.82
C ALA FA 19 -13.59 -6.00 103.44
N ARG FA 20 -13.31 -5.86 102.13
CA ARG FA 20 -12.10 -5.22 101.64
C ARG FA 20 -11.99 -3.77 102.09
N GLN FA 21 -13.07 -3.01 101.91
CA GLN FA 21 -13.23 -1.67 102.39
C GLN FA 21 -13.15 -1.61 103.90
N ARG FA 22 -13.89 -2.50 104.59
CA ARG FA 22 -13.90 -2.61 106.03
C ARG FA 22 -12.51 -2.83 106.63
N ARG FA 23 -11.73 -3.75 106.04
CA ARG FA 23 -10.35 -4.00 106.36
C ARG FA 23 -9.51 -2.76 106.17
N LYS FA 24 -9.68 -2.08 105.03
CA LYS FA 24 -8.96 -0.87 104.69
C LYS FA 24 -9.12 0.26 105.71
N PHE FA 25 -10.36 0.51 106.16
CA PHE FA 25 -10.61 1.34 107.33
C PHE FA 25 -9.99 0.83 108.62
N GLN FA 26 -10.11 -0.47 108.92
CA GLN FA 26 -9.61 -1.02 110.16
C GLN FA 26 -8.12 -0.94 110.36
N ARG FA 27 -7.32 -1.35 109.37
CA ARG FA 27 -5.87 -1.30 109.46
C ARG FA 27 -5.27 0.08 109.70
N GLY FA 28 -5.74 1.09 108.94
CA GLY FA 28 -5.25 2.46 109.11
C GLY FA 28 -5.72 3.36 108.00
N ILE FA 29 -6.24 4.54 108.35
CA ILE FA 29 -6.81 5.47 107.39
C ILE FA 29 -5.84 6.60 107.07
N SER FA 30 -4.57 6.48 107.52
CA SER FA 30 -3.45 7.40 107.24
C SER FA 30 -3.54 8.82 107.83
N LYS FA 31 -2.43 9.58 107.76
CA LYS FA 31 -2.45 11.03 107.73
C LYS FA 31 -3.21 11.52 106.50
N LYS FA 32 -2.51 11.72 105.36
CA LYS FA 32 -2.97 11.80 103.97
C LYS FA 32 -4.46 11.90 103.66
N ALA FA 33 -5.21 10.81 103.89
CA ALA FA 33 -6.63 10.75 103.64
C ALA FA 33 -7.45 11.71 104.48
N LYS FA 34 -7.12 11.91 105.77
CA LYS FA 34 -7.74 12.91 106.62
C LYS FA 34 -7.60 14.31 106.07
N SER FA 35 -6.39 14.66 105.58
CA SER FA 35 -6.12 15.93 104.92
C SER FA 35 -7.00 16.14 103.70
N LEU FA 36 -7.13 15.11 102.84
CA LEU FA 36 -8.08 15.13 101.74
C LEU FA 36 -9.53 15.28 102.17
N LEU FA 37 -9.97 14.55 103.21
CA LEU FA 37 -11.31 14.63 103.75
C LEU FA 37 -11.69 16.03 104.23
N LYS FA 38 -10.82 16.68 105.02
CA LYS FA 38 -10.96 18.06 105.46
C LYS FA 38 -11.11 19.02 104.29
N LYS FA 39 -10.23 18.85 103.29
CA LYS FA 39 -10.22 19.64 102.08
C LYS FA 39 -11.52 19.54 101.29
N ILE FA 40 -12.03 18.32 101.07
CA ILE FA 40 -13.29 18.05 100.39
C ILE FA 40 -14.51 18.62 101.09
N ARG FA 41 -14.63 18.48 102.43
CA ARG FA 41 -15.73 19.05 103.20
C ARG FA 41 -15.85 20.57 103.08
N LYS FA 42 -14.72 21.27 103.29
CA LYS FA 42 -14.62 22.71 103.09
C LYS FA 42 -14.88 23.18 101.67
N SER FA 43 -14.30 22.49 100.67
CA SER FA 43 -14.40 22.82 99.25
C SER FA 43 -15.81 22.73 98.71
N LYS FA 44 -16.51 21.61 98.98
CA LYS FA 44 -17.92 21.51 98.71
C LYS FA 44 -18.77 22.54 99.45
N LYS FA 45 -18.53 22.77 100.76
CA LYS FA 45 -19.31 23.72 101.53
C LYS FA 45 -19.28 25.16 101.02
N ASN FA 46 -18.07 25.68 100.71
CA ASN FA 46 -17.89 27.11 100.49
C ASN FA 46 -18.45 27.68 99.18
N CYS FA 47 -18.87 26.82 98.23
CA CYS FA 47 -19.43 27.30 96.97
C CYS FA 47 -20.94 27.51 97.06
N GLU FA 48 -21.50 28.20 96.06
CA GLU FA 48 -22.94 28.43 95.91
C GLU FA 48 -23.75 27.13 95.79
N PRO FA 49 -24.99 27.03 96.27
CA PRO FA 49 -25.72 25.77 96.33
C PRO FA 49 -26.08 25.21 94.97
N GLY FA 50 -26.27 26.07 93.95
CA GLY FA 50 -26.56 25.64 92.58
C GLY FA 50 -25.37 25.28 91.74
N GLU FA 51 -24.13 25.54 92.23
CA GLU FA 51 -22.93 25.49 91.42
C GLU FA 51 -21.97 24.43 91.92
N LYS FA 52 -21.40 23.62 91.00
CA LYS FA 52 -20.53 22.51 91.35
C LYS FA 52 -19.21 22.93 92.02
N PRO FA 53 -18.69 22.23 93.04
CA PRO FA 53 -17.39 22.51 93.65
C PRO FA 53 -16.19 22.53 92.71
N ASN FA 54 -15.11 23.24 93.09
CA ASN FA 54 -13.82 23.16 92.42
C ASN FA 54 -13.17 21.77 92.50
N PRO FA 55 -12.38 21.32 91.52
CA PRO FA 55 -11.67 20.04 91.56
C PRO FA 55 -10.79 19.75 92.77
N VAL FA 56 -10.43 18.47 92.97
CA VAL FA 56 -9.54 18.03 94.03
C VAL FA 56 -8.19 17.63 93.42
N PRO FA 57 -7.11 18.39 93.57
CA PRO FA 57 -5.83 18.10 92.92
C PRO FA 57 -4.96 17.18 93.76
N THR FA 58 -3.68 16.99 93.35
CA THR FA 58 -2.70 16.17 94.06
C THR FA 58 -3.13 14.72 94.09
N HIS FA 59 -3.47 14.16 92.92
CA HIS FA 59 -4.11 12.86 92.81
C HIS FA 59 -3.31 11.64 93.29
N LEU FA 60 -3.99 10.75 94.01
CA LEU FA 60 -3.55 9.41 94.36
C LEU FA 60 -4.83 8.64 94.49
N ARG FA 61 -4.87 7.34 94.14
CA ARG FA 61 -6.11 6.75 93.66
C ARG FA 61 -6.78 5.73 94.56
N ASN FA 62 -6.24 5.47 95.77
CA ASN FA 62 -6.64 4.31 96.55
C ASN FA 62 -7.77 4.60 97.53
N MET FA 63 -8.32 5.82 97.53
CA MET FA 63 -9.28 6.23 98.54
C MET FA 63 -10.72 5.84 98.16
N THR FA 64 -11.41 5.07 99.02
CA THR FA 64 -12.84 4.78 98.89
C THR FA 64 -13.73 6.01 99.01
N ILE FA 65 -14.88 5.98 98.33
CA ILE FA 65 -15.83 7.08 98.30
C ILE FA 65 -16.82 6.93 99.44
N ILE FA 66 -17.09 8.03 100.16
CA ILE FA 66 -17.84 8.04 101.40
C ILE FA 66 -18.99 9.03 101.23
N PRO FA 67 -20.25 8.76 101.63
CA PRO FA 67 -21.37 9.70 101.63
C PRO FA 67 -21.04 11.15 101.95
N GLU FA 68 -20.29 11.37 103.04
CA GLU FA 68 -19.71 12.64 103.45
C GLU FA 68 -19.06 13.50 102.35
N MET FA 69 -18.43 12.86 101.36
CA MET FA 69 -17.63 13.52 100.34
C MET FA 69 -18.35 13.65 99.01
N VAL FA 70 -19.59 13.13 98.93
CA VAL FA 70 -20.37 13.02 97.71
C VAL FA 70 -20.61 14.33 96.95
N GLY FA 71 -20.54 14.27 95.62
CA GLY FA 71 -20.81 15.38 94.71
C GLY FA 71 -19.59 16.17 94.28
N SER FA 72 -18.40 15.86 94.81
CA SER FA 72 -17.14 16.45 94.36
C SER FA 72 -16.74 16.01 92.97
N ILE FA 73 -16.02 16.87 92.23
CA ILE FA 73 -15.50 16.55 90.91
C ILE FA 73 -14.05 16.11 91.02
N VAL FA 74 -13.76 14.87 90.57
CA VAL FA 74 -12.42 14.31 90.48
C VAL FA 74 -11.50 15.03 89.49
N ALA FA 75 -10.19 15.07 89.78
CA ALA FA 75 -9.19 15.58 88.85
C ALA FA 75 -8.48 14.46 88.03
N THR FA 83 -12.49 12.54 82.07
CA THR FA 83 -12.66 12.10 83.52
C THR FA 83 -13.15 13.20 84.45
N ASN FA 84 -14.48 13.49 84.45
CA ASN FA 84 -15.04 14.57 85.26
C ASN FA 84 -16.34 14.20 85.97
N VAL FA 85 -16.71 12.90 86.02
CA VAL FA 85 -17.91 12.47 86.72
C VAL FA 85 -17.84 12.70 88.24
N GLU FA 86 -18.86 13.37 88.80
CA GLU FA 86 -18.92 13.69 90.20
C GLU FA 86 -19.18 12.47 91.06
N ILE FA 87 -18.62 12.43 92.27
CA ILE FA 87 -18.73 11.26 93.14
C ILE FA 87 -20.09 11.15 93.82
N LYS FA 88 -21.07 10.58 93.10
CA LYS FA 88 -22.37 10.17 93.58
C LYS FA 88 -22.37 9.25 94.81
N PRO FA 89 -23.48 9.08 95.56
CA PRO FA 89 -23.55 8.09 96.64
C PRO FA 89 -23.59 6.65 96.14
N GLU FA 90 -23.64 6.44 94.81
CA GLU FA 90 -23.74 5.13 94.19
C GLU FA 90 -22.37 4.58 93.84
N MET FA 91 -21.30 5.32 94.17
CA MET FA 91 -19.95 5.08 93.71
C MET FA 91 -18.99 4.78 94.85
N ILE FA 92 -19.53 4.44 96.04
CA ILE FA 92 -18.78 4.36 97.30
C ILE FA 92 -17.60 3.38 97.36
N GLY FA 93 -17.76 2.12 96.90
CA GLY FA 93 -16.82 1.06 97.24
C GLY FA 93 -15.59 0.92 96.39
N TYR FA 94 -15.51 1.68 95.28
CA TYR FA 94 -14.69 1.31 94.15
C TYR FA 94 -13.38 2.08 94.03
N TYR FA 95 -12.93 2.76 95.11
CA TYR FA 95 -11.84 3.73 95.09
C TYR FA 95 -11.98 4.83 94.01
N LEU FA 96 -10.89 5.52 93.68
CA LEU FA 96 -10.94 6.60 92.73
C LEU FA 96 -10.72 6.14 91.29
N GLY FA 97 -9.66 5.34 91.03
CA GLY FA 97 -9.24 4.88 89.70
C GLY FA 97 -9.09 5.94 88.62
N GLU FA 98 -9.28 5.52 87.34
CA GLU FA 98 -9.47 6.40 86.20
C GLU FA 98 -8.26 7.25 85.77
N PHE FA 99 -7.24 6.59 85.17
CA PHE FA 99 -6.09 7.24 84.56
C PHE FA 99 -5.67 6.42 83.35
N SER FA 100 -4.72 6.94 82.51
CA SER FA 100 -4.32 6.45 81.18
C SER FA 100 -4.48 4.97 80.85
N ILE FA 101 -5.35 4.67 79.87
CA ILE FA 101 -5.82 3.31 79.64
C ILE FA 101 -6.29 3.17 78.19
N THR FA 102 -5.95 4.17 77.35
CA THR FA 102 -6.40 4.48 75.99
C THR FA 102 -6.83 3.32 75.09
N TYR FA 103 -8.09 3.38 74.62
CA TYR FA 103 -8.70 2.33 73.85
C TYR FA 103 -8.55 2.62 72.33
N LYS GA 1 91.08 -75.01 51.16
CA LYS GA 1 91.60 -74.63 49.80
C LYS GA 1 90.66 -75.08 48.68
N GLU GA 2 90.71 -76.33 48.19
CA GLU GA 2 89.63 -76.90 47.40
C GLU GA 2 88.40 -77.12 48.24
N GLU GA 3 88.62 -77.48 49.51
CA GLU GA 3 87.65 -78.05 50.41
C GLU GA 3 86.49 -77.12 50.68
N SER GA 4 86.79 -75.83 50.83
CA SER GA 4 85.82 -74.76 50.90
C SER GA 4 84.95 -74.67 49.67
N ILE GA 5 85.56 -74.76 48.47
CA ILE GA 5 84.88 -74.76 47.20
C ILE GA 5 83.95 -75.93 47.08
N ALA GA 6 84.46 -77.13 47.41
CA ALA GA 6 83.69 -78.33 47.42
C ALA GA 6 82.52 -78.33 48.40
N LYS GA 7 82.76 -77.93 49.67
CA LYS GA 7 81.71 -77.76 50.64
C LYS GA 7 80.60 -76.80 50.21
N MET GA 8 80.98 -75.62 49.70
CA MET GA 8 80.06 -74.72 49.05
C MET GA 8 79.30 -75.34 47.89
N LEU GA 9 80.01 -76.02 46.99
CA LEU GA 9 79.50 -76.65 45.80
C LEU GA 9 78.37 -77.61 46.02
N ILE GA 10 78.53 -78.51 47.00
CA ILE GA 10 77.52 -79.48 47.36
C ILE GA 10 76.23 -78.82 47.82
N CYS GA 11 76.33 -77.76 48.63
CA CYS GA 11 75.21 -76.87 48.87
C CYS GA 11 74.80 -76.15 47.59
N LYS GA 12 73.50 -75.84 47.41
CA LYS GA 12 73.02 -75.38 46.12
C LYS GA 12 73.26 -73.89 45.81
N VAL GA 13 74.29 -73.24 46.41
CA VAL GA 13 74.49 -71.80 46.37
C VAL GA 13 74.79 -71.27 44.99
N HIS GA 14 75.23 -72.17 44.11
CA HIS GA 14 75.49 -71.88 42.72
C HIS GA 14 74.23 -71.65 41.91
N ILE GA 15 73.05 -72.10 42.37
CA ILE GA 15 71.82 -71.83 41.65
C ILE GA 15 71.27 -70.49 42.08
N GLY GA 16 71.60 -69.41 41.34
CA GLY GA 16 70.87 -68.16 41.39
C GLY GA 16 69.48 -68.27 40.83
N THR GA 17 68.58 -67.36 41.24
CA THR GA 17 67.25 -67.28 40.64
C THR GA 17 67.31 -66.67 39.25
N LYS GA 18 66.17 -66.61 38.55
CA LYS GA 18 65.97 -65.90 37.31
C LYS GA 18 66.31 -64.40 37.37
N ASN GA 19 66.08 -63.65 36.27
CA ASN GA 19 66.22 -62.20 36.26
C ASN GA 19 67.65 -61.69 36.41
N LEU GA 20 68.53 -62.13 35.51
CA LEU GA 20 69.95 -61.83 35.38
C LEU GA 20 70.47 -60.56 36.03
N GLU GA 21 69.98 -59.39 35.55
CA GLU GA 21 70.43 -58.09 35.98
C GLU GA 21 71.83 -57.75 35.46
N ASN GA 22 71.94 -56.62 34.76
CA ASN GA 22 73.14 -56.09 34.14
C ASN GA 22 74.43 -56.13 34.96
N LYS GA 23 74.47 -55.46 36.12
CA LYS GA 23 75.63 -55.42 36.97
C LYS GA 23 76.17 -56.78 37.41
N MET GA 24 75.30 -57.76 37.67
CA MET GA 24 75.71 -59.10 37.99
C MET GA 24 76.09 -59.97 36.80
N LYS GA 25 76.05 -59.45 35.56
CA LYS GA 25 76.26 -60.24 34.36
C LYS GA 25 77.64 -60.89 34.31
N ARG GA 26 78.65 -60.14 34.76
CA ARG GA 26 80.01 -60.58 34.88
C ARG GA 26 80.26 -61.66 35.93
N TYR GA 27 79.33 -61.88 36.88
CA TYR GA 27 79.47 -62.95 37.85
C TYR GA 27 78.64 -64.17 37.53
N VAL GA 28 77.71 -64.05 36.58
CA VAL GA 28 76.98 -65.22 36.15
C VAL GA 28 77.85 -66.07 35.25
N TYR GA 29 77.69 -67.40 35.31
CA TYR GA 29 78.48 -68.31 34.53
C TYR GA 29 77.70 -68.58 33.26
N THR GA 30 76.49 -69.15 33.39
CA THR GA 30 75.56 -69.15 32.27
C THR GA 30 74.17 -69.33 32.80
N ARG GA 31 73.15 -68.82 32.10
CA ARG GA 31 71.78 -69.18 32.38
C ARG GA 31 71.54 -70.62 31.98
N ALA GA 32 71.11 -71.46 32.93
CA ALA GA 32 70.64 -72.79 32.65
C ALA GA 32 69.34 -72.72 31.88
N LYS GA 33 69.17 -73.61 30.89
CA LYS GA 33 68.03 -73.65 29.97
C LYS GA 33 66.67 -73.64 30.69
N ASP GA 34 66.62 -74.18 31.91
CA ASP GA 34 65.53 -74.14 32.85
C ASP GA 34 65.02 -72.75 33.16
N GLY GA 35 65.91 -71.74 33.22
CA GLY GA 35 65.58 -70.38 33.63
C GLY GA 35 66.03 -70.03 35.03
N VAL GA 36 67.26 -70.41 35.38
CA VAL GA 36 67.91 -70.06 36.63
C VAL GA 36 69.33 -69.73 36.25
N HIS GA 37 70.06 -68.96 37.06
CA HIS GA 37 71.41 -68.57 36.67
C HIS GA 37 72.42 -69.27 37.51
N ILE GA 38 73.39 -69.93 36.88
CA ILE GA 38 74.43 -70.55 37.66
C ILE GA 38 75.47 -69.50 37.95
N ILE GA 39 75.99 -69.50 39.18
CA ILE GA 39 76.91 -68.53 39.70
C ILE GA 39 78.29 -69.12 39.70
N ASN GA 40 79.29 -68.38 39.17
CA ASN GA 40 80.68 -68.76 39.04
C ASN GA 40 81.34 -69.52 40.19
N LEU GA 41 81.14 -69.09 41.46
CA LEU GA 41 81.67 -69.73 42.65
C LEU GA 41 83.10 -69.39 42.94
N ALA GA 42 83.99 -69.53 41.96
CA ALA GA 42 85.40 -69.37 42.16
C ALA GA 42 85.72 -67.94 42.48
N LYS GA 43 85.09 -67.03 41.73
CA LYS GA 43 85.09 -65.62 42.00
C LYS GA 43 84.49 -65.32 43.36
N THR GA 44 83.42 -66.03 43.76
CA THR GA 44 82.80 -65.86 45.09
C THR GA 44 83.78 -66.18 46.17
N TYR GA 45 84.50 -67.29 46.05
CA TYR GA 45 85.51 -67.67 47.01
C TYR GA 45 86.59 -66.60 47.16
N GLU GA 46 87.17 -66.11 46.05
CA GLU GA 46 88.15 -65.03 46.10
C GLU GA 46 87.61 -63.77 46.74
N LYS GA 47 86.38 -63.39 46.35
CA LYS GA 47 85.67 -62.28 46.92
C LYS GA 47 85.45 -62.40 48.41
N LEU GA 48 85.02 -63.58 48.86
CA LEU GA 48 84.78 -63.90 50.24
C LEU GA 48 86.02 -63.71 51.08
N GLN GA 49 87.17 -64.20 50.58
CA GLN GA 49 88.45 -63.96 51.18
C GLN GA 49 88.81 -62.47 51.29
N LEU GA 50 88.57 -61.67 50.24
CA LEU GA 50 88.70 -60.21 50.29
C LEU GA 50 87.85 -59.59 51.38
N ALA GA 51 86.58 -59.99 51.48
CA ALA GA 51 85.68 -59.54 52.49
C ALA GA 51 86.18 -59.88 53.88
N ALA GA 52 86.69 -61.09 54.06
CA ALA GA 52 87.28 -61.49 55.30
C ALA GA 52 88.43 -60.58 55.69
N ARG GA 53 89.33 -60.24 54.74
CA ARG GA 53 90.37 -59.28 55.02
C ARG GA 53 89.86 -57.94 55.49
N ILE GA 54 88.83 -57.36 54.84
CA ILE GA 54 88.30 -56.09 55.31
C ILE GA 54 87.65 -56.18 56.67
N ILE GA 55 86.88 -57.26 56.98
CA ILE GA 55 86.31 -57.45 58.30
C ILE GA 55 87.37 -57.56 59.37
N VAL GA 56 88.40 -58.37 59.11
CA VAL GA 56 89.53 -58.54 60.00
C VAL GA 56 90.29 -57.26 60.26
N ALA GA 57 90.58 -56.47 59.22
CA ALA GA 57 91.25 -55.19 59.36
C ALA GA 57 90.62 -54.13 60.29
N ILE GA 58 89.45 -54.36 60.88
CA ILE GA 58 88.88 -53.43 61.84
C ILE GA 58 89.30 -53.83 63.23
N SER GA 59 90.09 -52.97 63.90
CA SER GA 59 90.65 -53.29 65.21
C SER GA 59 89.64 -53.48 66.32
N ASN GA 60 88.55 -52.70 66.35
CA ASN GA 60 87.46 -52.99 67.27
C ASN GA 60 86.42 -53.82 66.54
N PRO GA 61 86.21 -55.10 66.80
CA PRO GA 61 85.28 -55.89 66.02
C PRO GA 61 83.86 -55.62 66.45
N ALA GA 62 83.64 -54.96 67.60
CA ALA GA 62 82.30 -54.68 68.07
C ALA GA 62 81.56 -53.70 67.16
N ASP GA 63 82.33 -52.84 66.48
CA ASP GA 63 81.81 -51.90 65.51
C ASP GA 63 81.43 -52.51 64.16
N VAL GA 64 81.32 -53.84 64.07
CA VAL GA 64 81.03 -54.53 62.85
C VAL GA 64 79.68 -55.14 63.02
N VAL GA 65 78.70 -54.69 62.23
CA VAL GA 65 77.33 -55.07 62.42
C VAL GA 65 76.90 -56.03 61.35
N VAL GA 66 76.26 -57.15 61.74
CA VAL GA 66 75.55 -57.99 60.79
C VAL GA 66 74.10 -57.59 60.76
N VAL GA 67 73.42 -57.62 59.60
CA VAL GA 67 72.01 -57.32 59.56
C VAL GA 67 71.22 -58.23 58.61
N SER GA 68 70.03 -58.65 59.06
CA SER GA 68 69.13 -59.46 58.29
C SER GA 68 67.77 -59.29 58.88
N ALA GA 69 66.72 -59.70 58.16
CA ALA GA 69 65.36 -59.60 58.62
C ALA GA 69 64.54 -60.77 58.09
N ARG GA 70 65.20 -61.90 57.80
CA ARG GA 70 64.51 -63.11 57.41
C ARG GA 70 64.75 -64.20 58.43
N PRO GA 71 63.75 -64.84 59.04
CA PRO GA 71 63.92 -65.84 60.09
C PRO GA 71 64.97 -66.90 59.84
N PHE GA 72 64.93 -67.54 58.67
CA PHE GA 72 65.89 -68.55 58.29
C PHE GA 72 67.32 -68.05 58.14
N GLY GA 73 67.53 -66.75 57.92
CA GLY GA 73 68.87 -66.18 57.98
C GLY GA 73 69.26 -65.72 59.35
N SER GA 74 68.28 -65.47 60.23
CA SER GA 74 68.49 -64.95 61.57
C SER GA 74 69.43 -65.80 62.41
N ARG GA 75 69.20 -67.13 62.41
CA ARG GA 75 70.03 -68.07 63.11
C ARG GA 75 71.47 -68.01 62.68
N ALA GA 76 71.70 -67.93 61.36
CA ALA GA 76 73.02 -67.82 60.78
C ALA GA 76 73.74 -66.59 61.28
N VAL GA 77 73.09 -65.42 61.25
CA VAL GA 77 73.73 -64.20 61.67
C VAL GA 77 73.98 -64.18 63.16
N LEU GA 78 73.06 -64.66 64.00
CA LEU GA 78 73.32 -64.77 65.42
C LEU GA 78 74.51 -65.66 65.76
N LYS GA 79 74.62 -66.84 65.15
CA LYS GA 79 75.80 -67.68 65.27
C LYS GA 79 77.07 -66.96 64.83
N PHE GA 80 77.04 -66.27 63.68
CA PHE GA 80 78.15 -65.47 63.20
C PHE GA 80 78.57 -64.42 64.23
N ALA GA 81 77.59 -63.78 64.86
CA ALA GA 81 77.79 -62.86 65.93
C ALA GA 81 78.48 -63.47 67.13
N GLN GA 82 78.09 -64.68 67.55
CA GLN GA 82 78.82 -65.38 68.60
C GLN GA 82 80.29 -65.65 68.29
N TYR GA 83 80.61 -66.16 67.08
CA TYR GA 83 81.96 -66.59 66.79
C TYR GA 83 82.98 -65.52 66.52
N THR GA 84 82.70 -64.56 65.65
CA THR GA 84 83.57 -63.39 65.50
C THR GA 84 83.10 -62.34 66.49
N GLY GA 85 83.83 -61.22 66.64
CA GLY GA 85 83.50 -60.18 67.62
C GLY GA 85 82.37 -59.29 67.19
N ALA GA 86 81.92 -59.44 65.95
CA ALA GA 86 80.81 -58.70 65.38
C ALA GA 86 79.48 -58.88 66.11
N GLN GA 87 78.78 -57.77 66.38
CA GLN GA 87 77.41 -57.76 66.84
C GLN GA 87 76.39 -57.92 65.69
N ALA GA 88 75.43 -58.85 65.77
CA ALA GA 88 74.33 -58.87 64.82
C ALA GA 88 73.13 -58.09 65.31
N ILE GA 89 72.40 -57.44 64.39
CA ILE GA 89 71.02 -57.02 64.58
C ILE GA 89 70.15 -57.84 63.66
N ALA GA 90 69.21 -58.59 64.23
CA ALA GA 90 68.36 -59.48 63.47
C ALA GA 90 66.93 -59.04 63.65
N GLY GA 91 66.00 -59.67 62.91
CA GLY GA 91 64.60 -59.24 62.85
C GLY GA 91 64.42 -57.87 62.24
N ARG GA 92 63.18 -57.37 62.25
CA ARG GA 92 62.80 -56.05 61.78
C ARG GA 92 63.81 -54.91 62.03
N TRP GA 93 64.22 -54.22 60.97
CA TRP GA 93 65.05 -53.04 61.05
C TRP GA 93 64.36 -51.87 61.75
N THR GA 94 65.12 -51.05 62.50
CA THR GA 94 64.59 -49.86 63.14
C THR GA 94 64.92 -48.69 62.24
N PRO GA 95 64.01 -48.00 61.61
CA PRO GA 95 64.33 -47.38 60.33
C PRO GA 95 64.78 -45.95 60.52
N GLY GA 96 64.92 -45.51 61.76
CA GLY GA 96 65.66 -44.29 62.08
C GLY GA 96 67.05 -44.55 62.56
N MET GA 97 67.44 -45.83 62.71
CA MET GA 97 68.55 -46.18 63.57
C MET GA 97 69.89 -45.51 63.31
N LEU GA 98 70.40 -45.52 62.08
CA LEU GA 98 71.71 -44.96 61.83
C LEU GA 98 71.70 -43.44 61.76
N THR GA 99 70.68 -42.86 61.11
CA THR GA 99 70.57 -41.42 60.97
C THR GA 99 70.25 -40.72 62.26
N ASN GA 100 69.38 -41.29 63.10
CA ASN GA 100 68.97 -40.69 64.34
C ASN GA 100 70.03 -40.87 65.41
N GLN GA 101 70.58 -39.74 65.90
CA GLN GA 101 71.51 -39.73 66.98
C GLN GA 101 70.87 -40.01 68.32
N ILE GA 102 69.66 -39.49 68.58
CA ILE GA 102 69.15 -39.38 69.93
C ILE GA 102 68.19 -40.48 70.28
N ILE GA 103 67.86 -41.35 69.31
CA ILE GA 103 67.11 -42.57 69.55
C ILE GA 103 67.83 -43.49 70.53
N GLN GA 104 67.08 -44.22 71.38
CA GLN GA 104 67.69 -45.08 72.37
C GLN GA 104 68.49 -46.24 71.80
N LYS GA 105 67.93 -46.93 70.79
CA LYS GA 105 68.57 -48.12 70.28
C LYS GA 105 69.87 -47.84 69.56
N PHE GA 106 69.87 -46.83 68.67
CA PHE GA 106 71.05 -46.27 68.02
C PHE GA 106 72.10 -47.27 67.53
N THR GA 107 73.40 -46.95 67.70
CA THR GA 107 74.59 -47.61 67.19
C THR GA 107 75.15 -46.79 66.08
N GLU GA 108 76.41 -46.34 66.20
CA GLU GA 108 77.14 -45.77 65.09
C GLU GA 108 78.27 -46.75 64.79
N PRO GA 109 78.15 -47.63 63.82
CA PRO GA 109 79.12 -48.68 63.62
C PRO GA 109 80.21 -48.19 62.71
N ARG GA 110 81.15 -49.06 62.33
CA ARG GA 110 82.14 -48.72 61.33
C ARG GA 110 81.95 -49.55 60.08
N LEU GA 111 81.22 -50.67 60.15
CA LEU GA 111 81.09 -51.50 58.99
C LEU GA 111 79.79 -52.25 59.06
N LEU GA 112 79.22 -52.58 57.88
CA LEU GA 112 77.95 -53.27 57.75
C LEU GA 112 78.09 -54.49 56.88
N ILE GA 113 77.51 -55.61 57.32
CA ILE GA 113 77.40 -56.82 56.56
C ILE GA 113 75.93 -57.08 56.33
N VAL GA 114 75.49 -57.09 55.06
CA VAL GA 114 74.07 -57.20 54.77
C VAL GA 114 73.77 -58.48 54.02
N THR GA 115 72.63 -59.10 54.39
CA THR GA 115 72.23 -60.42 53.95
C THR GA 115 71.56 -60.46 52.61
N ASP GA 116 70.68 -59.49 52.33
CA ASP GA 116 70.11 -59.37 51.00
C ASP GA 116 69.78 -57.90 50.74
N PRO GA 117 70.35 -57.23 49.75
CA PRO GA 117 70.16 -55.80 49.56
C PRO GA 117 68.74 -55.39 49.25
N ARG GA 118 68.00 -56.22 48.51
CA ARG GA 118 66.60 -55.95 48.22
C ARG GA 118 65.77 -56.00 49.48
N THR GA 119 66.01 -57.02 50.29
CA THR GA 119 65.30 -57.24 51.53
C THR GA 119 65.55 -56.18 52.58
N ASP GA 120 66.81 -55.81 52.82
CA ASP GA 120 67.16 -54.95 53.93
C ASP GA 120 67.36 -53.50 53.50
N ALA GA 121 66.74 -53.09 52.37
CA ALA GA 121 67.10 -51.90 51.61
C ALA GA 121 67.15 -50.57 52.35
N GLN GA 122 66.25 -50.31 53.32
CA GLN GA 122 66.32 -49.11 54.13
C GLN GA 122 67.61 -49.03 54.93
N SER GA 123 68.02 -50.14 55.58
CA SER GA 123 69.26 -50.23 56.33
C SER GA 123 70.47 -49.94 55.47
N VAL GA 124 70.49 -50.50 54.25
CA VAL GA 124 71.49 -50.21 53.26
C VAL GA 124 71.53 -48.74 52.90
N LYS GA 125 70.37 -48.12 52.66
CA LYS GA 125 70.30 -46.71 52.35
C LYS GA 125 70.79 -45.85 53.51
N GLU GA 126 70.35 -46.14 54.73
CA GLU GA 126 70.73 -45.45 55.94
C GLU GA 126 72.23 -45.47 56.13
N SER GA 127 72.86 -46.62 55.85
CA SER GA 127 74.31 -46.80 55.92
C SER GA 127 75.06 -45.78 55.09
N ALA GA 128 74.55 -45.47 53.89
CA ALA GA 128 75.12 -44.49 53.00
C ALA GA 128 75.10 -43.06 53.52
N TYR GA 129 74.18 -42.72 54.44
CA TYR GA 129 74.08 -41.36 54.95
C TYR GA 129 75.15 -41.03 55.98
N ALA GA 130 75.93 -42.01 56.43
CA ALA GA 130 76.89 -41.83 57.49
C ALA GA 130 78.13 -42.65 57.23
N ASN GA 131 78.56 -42.70 55.96
CA ASN GA 131 79.83 -43.24 55.51
C ASN GA 131 80.18 -44.66 55.90
N ILE GA 132 79.25 -45.60 55.76
CA ILE GA 132 79.55 -46.99 56.02
C ILE GA 132 79.57 -47.71 54.68
N PRO GA 133 80.54 -48.55 54.32
CA PRO GA 133 80.74 -48.91 52.92
C PRO GA 133 79.87 -50.06 52.47
N VAL GA 134 79.53 -51.01 53.37
CA VAL GA 134 78.63 -52.12 53.12
C VAL GA 134 79.21 -53.21 52.23
N ILE GA 135 79.56 -54.36 52.83
CA ILE GA 135 79.78 -55.58 52.08
C ILE GA 135 78.48 -56.31 51.97
N ALA GA 136 78.28 -57.05 50.86
CA ALA GA 136 76.94 -57.45 50.50
C ALA GA 136 76.87 -58.82 49.93
N LEU GA 137 76.04 -59.68 50.52
CA LEU GA 137 75.71 -60.96 49.91
C LEU GA 137 74.71 -60.70 48.79
N CYS GA 138 75.16 -60.77 47.53
CA CYS GA 138 74.42 -60.26 46.39
C CYS GA 138 74.04 -61.39 45.45
N ASP GA 139 72.91 -61.22 44.77
CA ASP GA 139 72.20 -62.30 44.15
C ASP GA 139 71.74 -61.83 42.78
N SER GA 140 71.01 -62.68 42.05
CA SER GA 140 70.50 -62.38 40.73
C SER GA 140 69.62 -61.13 40.69
N ASP GA 141 68.76 -60.94 41.70
CA ASP GA 141 67.78 -59.89 41.75
C ASP GA 141 68.26 -58.65 42.48
N SER GA 142 69.50 -58.64 42.98
CA SER GA 142 70.03 -57.53 43.75
C SER GA 142 70.23 -56.27 42.92
N PRO GA 143 69.80 -55.08 43.30
CA PRO GA 143 70.49 -53.87 42.92
C PRO GA 143 71.79 -53.77 43.70
N LEU GA 144 72.72 -52.91 43.28
CA LEU GA 144 73.99 -52.77 43.99
C LEU GA 144 74.15 -51.38 44.56
N GLU GA 145 73.05 -50.62 44.72
CA GLU GA 145 73.03 -49.27 45.25
C GLU GA 145 73.71 -49.15 46.60
N HIS GA 146 74.82 -48.40 46.65
CA HIS GA 146 75.68 -48.23 47.80
C HIS GA 146 76.23 -49.51 48.42
N VAL GA 147 76.59 -50.53 47.61
CA VAL GA 147 77.32 -51.67 48.13
C VAL GA 147 78.69 -51.73 47.47
N ASP GA 148 79.74 -51.99 48.26
CA ASP GA 148 81.10 -51.89 47.76
C ASP GA 148 81.59 -53.25 47.34
N ILE GA 149 81.90 -54.16 48.29
CA ILE GA 149 82.32 -55.48 47.89
C ILE GA 149 81.08 -56.34 47.80
N ALA GA 150 80.83 -56.86 46.58
CA ALA GA 150 79.69 -57.68 46.31
C ALA GA 150 80.12 -59.14 46.25
N ILE GA 151 79.48 -60.02 47.04
CA ILE GA 151 79.79 -61.43 47.19
C ILE GA 151 78.72 -62.24 46.50
N PRO GA 152 78.91 -62.79 45.31
CA PRO GA 152 77.85 -63.50 44.62
C PRO GA 152 77.40 -64.71 45.38
N CYS GA 153 76.09 -64.85 45.61
CA CYS GA 153 75.51 -65.90 46.41
C CYS GA 153 74.03 -66.02 46.11
N ASN GA 154 73.46 -67.25 46.15
CA ASN GA 154 72.03 -67.38 46.31
C ASN GA 154 71.65 -66.94 47.73
N ASN GA 155 70.83 -65.91 47.89
CA ASN GA 155 70.50 -65.40 49.21
C ASN GA 155 69.21 -65.96 49.73
N LYS GA 156 68.57 -66.85 48.98
CA LYS GA 156 67.19 -67.14 49.23
C LYS GA 156 67.04 -68.49 49.89
N GLY GA 157 67.99 -69.43 49.65
CA GLY GA 157 68.00 -70.74 50.26
C GLY GA 157 68.59 -70.74 51.65
N LYS GA 158 67.96 -71.45 52.60
CA LYS GA 158 68.42 -71.46 53.97
C LYS GA 158 69.75 -72.15 54.13
N GLU GA 159 69.95 -73.29 53.47
CA GLU GA 159 71.23 -73.95 53.41
C GLU GA 159 72.30 -73.04 52.82
N SER GA 160 71.98 -72.35 51.70
CA SER GA 160 72.89 -71.44 51.03
C SER GA 160 73.37 -70.34 51.93
N ILE GA 161 72.45 -69.67 52.64
CA ILE GA 161 72.79 -68.66 53.61
C ILE GA 161 73.70 -69.17 54.71
N ALA GA 162 73.36 -70.34 55.28
CA ALA GA 162 74.15 -70.94 56.31
C ALA GA 162 75.57 -71.26 55.86
N LEU GA 163 75.72 -71.88 54.69
CA LEU GA 163 77.00 -72.26 54.14
C LEU GA 163 77.88 -71.04 53.93
N MET GA 164 77.31 -69.99 53.34
CA MET GA 164 77.98 -68.75 53.07
C MET GA 164 78.53 -68.08 54.30
N TYR GA 165 77.67 -67.92 55.33
CA TYR GA 165 78.12 -67.40 56.60
C TYR GA 165 79.20 -68.26 57.24
N TRP GA 166 79.03 -69.59 57.24
CA TRP GA 166 79.99 -70.52 57.78
C TRP GA 166 81.39 -70.39 57.17
N LEU GA 167 81.51 -70.34 55.84
CA LEU GA 167 82.78 -70.08 55.21
C LEU GA 167 83.40 -68.74 55.55
N LEU GA 168 82.60 -67.66 55.54
CA LEU GA 168 83.04 -66.34 55.93
C LEU GA 168 83.65 -66.30 57.31
N ALA GA 169 82.94 -66.92 58.27
CA ALA GA 169 83.41 -67.06 59.62
C ALA GA 169 84.73 -67.80 59.70
N GLN GA 170 84.85 -68.93 58.97
CA GLN GA 170 86.07 -69.69 59.00
C GLN GA 170 87.29 -68.92 58.50
N GLU GA 171 87.15 -68.19 57.38
CA GLU GA 171 88.20 -67.31 56.91
C GLU GA 171 88.62 -66.26 57.92
N VAL GA 172 87.68 -65.53 58.55
CA VAL GA 172 88.06 -64.53 59.53
C VAL GA 172 88.79 -65.11 60.71
N LEU GA 173 88.33 -66.25 61.23
CA LEU GA 173 89.02 -66.98 62.26
C LEU GA 173 90.44 -67.40 61.87
N TYR GA 174 90.65 -67.94 60.66
CA TYR GA 174 91.97 -68.25 60.15
C TYR GA 174 92.90 -67.05 60.09
N LEU GA 175 92.42 -65.91 59.58
CA LEU GA 175 93.17 -64.68 59.57
C LEU GA 175 93.57 -64.22 60.96
N LYS GA 176 92.61 -64.18 61.90
CA LYS GA 176 92.87 -64.05 63.32
C LYS GA 176 93.73 -65.18 63.90
N GLY GA 177 94.01 -65.14 65.21
CA GLY GA 177 94.90 -66.10 65.86
C GLY GA 177 94.30 -67.45 66.18
N VAL GA 178 93.02 -67.64 65.86
CA VAL GA 178 92.20 -68.73 66.37
C VAL GA 178 92.65 -70.12 65.99
N ILE GA 179 92.94 -70.35 64.71
CA ILE GA 179 93.11 -71.70 64.21
C ILE GA 179 94.12 -71.64 63.07
N PRO GA 180 95.08 -72.56 62.91
CA PRO GA 180 95.96 -72.58 61.75
C PRO GA 180 95.26 -73.14 60.55
N ARG GA 181 95.66 -72.74 59.33
CA ARG GA 181 94.94 -73.07 58.10
C ARG GA 181 94.93 -74.56 57.75
N SER GA 182 95.81 -75.37 58.36
CA SER GA 182 95.80 -76.82 58.23
C SER GA 182 94.54 -77.50 58.72
N GLU GA 183 93.99 -77.04 59.86
CA GLU GA 183 92.92 -77.73 60.54
C GLU GA 183 91.54 -77.27 60.09
N PRO GA 184 90.59 -78.15 59.78
CA PRO GA 184 89.16 -77.85 59.80
C PRO GA 184 88.66 -77.25 61.11
N TRP GA 185 87.84 -76.18 61.04
CA TRP GA 185 87.17 -75.61 62.19
C TRP GA 185 86.17 -76.57 62.85
N ASN GA 186 86.03 -76.49 64.18
CA ASN GA 186 85.21 -77.40 64.97
C ASN GA 186 83.71 -77.28 64.77
N VAL GA 187 83.19 -76.07 64.62
CA VAL GA 187 81.76 -75.82 64.53
C VAL GA 187 81.11 -76.44 63.29
N MET GA 188 80.04 -77.24 63.46
CA MET GA 188 79.31 -77.79 62.33
C MET GA 188 78.68 -76.74 61.43
N VAL GA 189 78.59 -77.00 60.12
CA VAL GA 189 77.80 -76.19 59.19
C VAL GA 189 76.33 -76.20 59.58
N ASP GA 190 75.86 -77.38 60.02
CA ASP GA 190 74.57 -77.65 60.57
C ASP GA 190 74.19 -76.73 61.75
N MET GA 191 75.18 -76.27 62.54
CA MET GA 191 74.98 -75.40 63.66
C MET GA 191 74.40 -74.04 63.29
N PHE GA 192 74.67 -73.54 62.07
CA PHE GA 192 74.22 -72.22 61.65
C PHE GA 192 72.88 -72.28 60.92
N LEU GA 193 72.28 -73.47 60.74
CA LEU GA 193 71.03 -73.59 59.98
C LEU GA 193 69.78 -73.49 60.84
N TRP GA 194 68.71 -72.89 60.29
CA TRP GA 194 67.40 -72.76 60.89
C TRP GA 194 66.70 -74.07 61.31
N ARG GA 195 65.78 -74.00 62.29
CA ARG GA 195 64.94 -75.11 62.71
C ARG GA 195 63.45 -74.69 62.90
N VAL KA 1 -58.63 -4.06 -21.68
CA VAL KA 1 -60.06 -4.42 -21.33
C VAL KA 1 -60.72 -3.35 -20.49
N ALA KA 2 -61.99 -2.99 -20.76
CA ALA KA 2 -62.61 -1.86 -20.10
C ALA KA 2 -64.09 -2.06 -19.86
N HIS KA 3 -64.51 -1.83 -18.62
CA HIS KA 3 -65.86 -1.91 -18.11
C HIS KA 3 -66.75 -3.07 -18.56
N ASN KA 4 -68.06 -2.83 -18.76
CA ASN KA 4 -69.09 -3.85 -18.79
C ASN KA 4 -68.94 -4.91 -19.87
N ASN KA 5 -68.53 -4.53 -21.08
CA ASN KA 5 -68.21 -5.39 -22.22
C ASN KA 5 -67.60 -6.76 -21.92
N VAL KA 6 -68.07 -7.83 -22.60
CA VAL KA 6 -67.58 -9.18 -22.41
C VAL KA 6 -66.08 -9.34 -22.62
N LEU KA 7 -65.44 -10.33 -21.95
CA LEU KA 7 -64.03 -10.58 -22.11
C LEU KA 7 -63.61 -10.84 -23.55
N PRO KA 8 -62.48 -10.36 -24.03
CA PRO KA 8 -62.07 -10.57 -25.41
C PRO KA 8 -61.59 -11.99 -25.61
N ASN KA 9 -61.65 -12.52 -26.85
CA ASN KA 9 -61.43 -13.94 -27.04
C ASN KA 9 -60.99 -14.27 -28.46
N VAL KA 10 -60.47 -13.31 -29.22
CA VAL KA 10 -60.24 -13.52 -30.64
C VAL KA 10 -58.99 -14.32 -30.91
N HIS KA 11 -59.12 -15.51 -31.55
CA HIS KA 11 -57.97 -16.37 -31.85
C HIS KA 11 -57.32 -16.06 -33.18
N LEU KA 12 -56.92 -14.81 -33.41
CA LEU KA 12 -56.13 -14.46 -34.58
C LEU KA 12 -54.70 -14.24 -34.16
N HIS KA 13 -54.32 -14.72 -32.97
CA HIS KA 13 -53.01 -14.43 -32.44
C HIS KA 13 -51.83 -15.06 -33.16
N LYS KA 14 -51.89 -16.37 -33.50
CA LYS KA 14 -50.94 -16.98 -34.43
C LYS KA 14 -51.18 -16.49 -35.86
N TRP KA 15 -50.10 -16.29 -36.67
CA TRP KA 15 -50.14 -15.52 -37.91
C TRP KA 15 -51.31 -15.83 -38.85
N TRP KA 16 -52.16 -14.84 -39.16
CA TRP KA 16 -53.41 -15.11 -39.85
C TRP KA 16 -53.53 -14.41 -41.19
N GLN KA 17 -52.76 -13.33 -41.47
CA GLN KA 17 -52.85 -12.67 -42.77
C GLN KA 17 -52.46 -13.57 -43.93
N HIS KA 18 -51.48 -14.44 -43.68
CA HIS KA 18 -51.00 -15.48 -44.58
C HIS KA 18 -51.94 -16.68 -44.65
N ARG KA 19 -53.25 -16.49 -44.42
CA ARG KA 19 -54.13 -17.62 -44.26
C ARG KA 19 -55.60 -17.30 -44.55
N VAL KA 20 -55.93 -16.05 -44.91
CA VAL KA 20 -57.25 -15.71 -45.40
C VAL KA 20 -57.52 -16.31 -46.76
N ARG KA 21 -58.76 -16.69 -47.07
CA ARG KA 21 -59.15 -16.76 -48.46
C ARG KA 21 -60.56 -16.27 -48.60
N VAL KA 22 -60.80 -15.45 -49.63
CA VAL KA 22 -62.08 -14.80 -49.81
C VAL KA 22 -62.71 -15.34 -51.06
N ASN KA 23 -63.89 -15.92 -50.94
CA ASN KA 23 -64.52 -16.56 -52.06
C ASN KA 23 -65.33 -15.54 -52.83
N PHE KA 24 -64.78 -15.04 -53.94
CA PHE KA 24 -65.51 -14.22 -54.89
C PHE KA 24 -66.09 -15.11 -55.96
N SER KA 25 -65.86 -16.41 -55.81
CA SER KA 25 -66.03 -17.38 -56.84
C SER KA 25 -67.38 -18.04 -56.79
N LYS KA 26 -68.25 -17.73 -55.81
CA LYS KA 26 -69.44 -18.53 -55.55
C LYS KA 26 -70.30 -18.80 -56.76
N ASN KA 27 -70.89 -17.74 -57.34
CA ASN KA 27 -71.73 -17.91 -58.50
C ASN KA 27 -71.02 -18.55 -59.69
N ILE KA 28 -69.80 -18.11 -60.03
CA ILE KA 28 -69.09 -18.73 -61.13
C ILE KA 28 -68.77 -20.20 -60.89
N LYS KA 29 -68.27 -20.58 -59.69
CA LYS KA 29 -68.06 -21.96 -59.34
C LYS KA 29 -69.31 -22.82 -59.45
N LYS KA 30 -70.45 -22.31 -58.96
CA LYS KA 30 -71.73 -22.96 -59.10
C LYS KA 30 -72.13 -23.18 -60.55
N LYS KA 31 -71.97 -22.14 -61.39
CA LYS KA 31 -72.20 -22.24 -62.82
C LYS KA 31 -71.34 -23.29 -63.48
N LYS KA 32 -70.05 -23.32 -63.15
CA LYS KA 32 -69.15 -24.34 -63.64
C LYS KA 32 -69.55 -25.76 -63.28
N ARG KA 33 -69.91 -26.04 -62.01
CA ARG KA 33 -70.33 -27.38 -61.63
C ARG KA 33 -71.55 -27.85 -62.40
N ARG KA 34 -72.56 -26.97 -62.50
CA ARG KA 34 -73.74 -27.21 -63.28
C ARG KA 34 -73.45 -27.52 -64.72
N LEU KA 35 -72.63 -26.68 -65.38
CA LEU KA 35 -72.30 -26.89 -66.77
C LEU KA 35 -71.58 -28.20 -67.06
N LEU KA 36 -70.57 -28.59 -66.25
CA LEU KA 36 -69.95 -29.90 -66.40
C LEU KA 36 -70.92 -31.05 -66.25
N ARG KA 37 -71.75 -31.05 -65.19
CA ARG KA 37 -72.66 -32.16 -64.96
C ARG KA 37 -73.70 -32.28 -66.05
N GLU KA 38 -74.27 -31.14 -66.49
CA GLU KA 38 -75.15 -31.09 -67.62
C GLU KA 38 -74.53 -31.63 -68.88
N LYS KA 39 -73.28 -31.22 -69.18
CA LYS KA 39 -72.53 -31.74 -70.30
C LYS KA 39 -72.35 -33.25 -70.20
N ARG KA 40 -71.99 -33.77 -69.03
CA ARG KA 40 -71.89 -35.19 -68.81
C ARG KA 40 -73.20 -35.93 -69.06
N ARG KA 41 -74.32 -35.45 -68.49
CA ARG KA 41 -75.63 -36.01 -68.78
C ARG KA 41 -75.98 -36.02 -70.25
N LYS KA 42 -75.73 -34.90 -70.97
CA LYS KA 42 -75.89 -34.84 -72.41
C LYS KA 42 -75.06 -35.86 -73.15
N ALA KA 43 -73.80 -36.02 -72.79
CA ALA KA 43 -72.92 -37.01 -73.36
C ALA KA 43 -73.41 -38.44 -73.25
N ASN KA 44 -74.00 -38.80 -72.09
CA ASN KA 44 -74.26 -40.17 -71.73
C ASN KA 44 -75.55 -40.74 -72.33
N GLY KA 45 -75.80 -40.49 -73.61
CA GLY KA 45 -76.83 -41.19 -74.39
C GLY KA 45 -78.24 -41.03 -73.91
N GLY KA 46 -78.53 -39.94 -73.20
CA GLY KA 46 -79.85 -39.65 -72.67
C GLY KA 46 -80.18 -40.40 -71.41
N THR KA 47 -79.25 -41.21 -70.90
CA THR KA 47 -79.38 -41.90 -69.62
C THR KA 47 -79.43 -40.96 -68.41
N PRO KA 48 -80.09 -41.22 -67.29
CA PRO KA 48 -79.79 -40.51 -66.06
C PRO KA 48 -78.36 -40.76 -65.60
N ILE KA 49 -77.78 -39.85 -64.79
CA ILE KA 49 -76.40 -39.95 -64.34
C ILE KA 49 -76.33 -40.12 -62.85
N GLU KA 50 -77.43 -39.84 -62.17
CA GLU KA 50 -77.75 -40.12 -60.81
C GLU KA 50 -77.81 -41.63 -60.55
N LYS KA 51 -77.39 -42.07 -59.37
CA LYS KA 51 -77.45 -43.48 -59.02
C LYS KA 51 -78.45 -43.65 -57.91
N LEU KA 52 -79.12 -44.81 -57.86
CA LEU KA 52 -80.07 -45.11 -56.82
C LEU KA 52 -79.42 -45.24 -55.45
N HIS KA 53 -80.12 -44.87 -54.37
CA HIS KA 53 -79.57 -45.00 -53.04
C HIS KA 53 -80.64 -45.52 -52.10
N PRO KA 54 -80.31 -46.29 -51.09
CA PRO KA 54 -81.28 -46.74 -50.12
C PRO KA 54 -81.68 -45.62 -49.22
N ILE KA 55 -82.93 -45.62 -48.74
CA ILE KA 55 -83.29 -44.77 -47.63
C ILE KA 55 -82.87 -45.46 -46.36
N VAL KA 56 -82.36 -44.70 -45.38
CA VAL KA 56 -81.90 -45.25 -44.13
C VAL KA 56 -82.38 -44.38 -43.01
N HIS KA 57 -82.50 -44.92 -41.79
CA HIS KA 57 -82.77 -44.10 -40.62
C HIS KA 57 -81.49 -43.55 -40.03
N CYS KA 58 -81.52 -42.26 -39.62
CA CYS KA 58 -80.35 -41.59 -39.12
C CYS KA 58 -79.78 -42.18 -37.81
N PRO KA 59 -78.47 -42.23 -37.61
CA PRO KA 59 -77.82 -42.50 -36.33
C PRO KA 59 -78.38 -41.83 -35.10
N THR KA 60 -78.21 -42.48 -33.95
CA THR KA 60 -78.42 -41.96 -32.62
C THR KA 60 -79.75 -41.25 -32.30
N GLN KA 61 -79.84 -40.75 -31.05
CA GLN KA 61 -80.95 -40.17 -30.39
C GLN KA 61 -81.48 -38.95 -31.09
N ARG KA 62 -80.55 -38.12 -31.56
CA ARG KA 62 -80.82 -36.79 -32.07
C ARG KA 62 -81.74 -36.75 -33.25
N TYR KA 63 -81.65 -37.74 -34.15
CA TYR KA 63 -82.38 -37.74 -35.39
C TYR KA 63 -83.14 -39.03 -35.59
N ASN KA 64 -83.49 -39.70 -34.49
CA ASN KA 64 -84.11 -41.02 -34.50
C ASN KA 64 -85.38 -41.12 -35.32
N PHE KA 65 -86.14 -40.02 -35.43
CA PHE KA 65 -87.36 -39.99 -36.20
C PHE KA 65 -87.17 -39.60 -37.66
N ARG KA 66 -85.96 -39.25 -38.09
CA ARG KA 66 -85.72 -38.77 -39.44
C ARG KA 66 -85.01 -39.80 -40.30
N THR KA 67 -85.16 -39.67 -41.63
CA THR KA 67 -84.69 -40.66 -42.60
C THR KA 67 -84.09 -39.96 -43.78
N ARG KA 68 -82.99 -40.49 -44.31
CA ARG KA 68 -82.19 -39.83 -45.30
C ARG KA 68 -81.62 -40.83 -46.25
N LEU KA 69 -81.03 -40.37 -47.36
CA LEU KA 69 -80.30 -41.25 -48.24
C LEU KA 69 -79.04 -41.76 -47.59
N GLY KA 70 -78.84 -43.09 -47.59
CA GLY KA 70 -77.65 -43.73 -47.07
C GLY KA 70 -76.57 -43.91 -48.10
N LYS KA 71 -75.70 -44.90 -47.90
CA LYS KA 71 -74.80 -45.33 -48.94
C LYS KA 71 -74.80 -46.83 -49.05
N GLY KA 72 -75.20 -47.34 -50.23
CA GLY KA 72 -75.14 -48.76 -50.54
C GLY KA 72 -76.29 -49.59 -50.04
N PHE KA 73 -77.05 -50.17 -50.96
CA PHE KA 73 -77.93 -51.29 -50.65
C PHE KA 73 -77.12 -52.50 -50.25
N THR KA 74 -77.61 -53.32 -49.32
CA THR KA 74 -76.89 -54.50 -48.87
C THR KA 74 -77.36 -55.76 -49.58
N PHE KA 75 -76.58 -56.84 -49.45
CA PHE KA 75 -76.73 -58.11 -50.12
C PHE KA 75 -78.11 -58.69 -49.95
N GLU KA 76 -78.65 -58.63 -48.72
CA GLU KA 76 -79.99 -59.08 -48.42
C GLU KA 76 -81.03 -58.33 -49.21
N GLU KA 77 -80.91 -57.00 -49.29
CA GLU KA 77 -81.82 -56.19 -50.03
C GLU KA 77 -81.78 -56.49 -51.53
N LEU KA 78 -80.59 -56.65 -52.11
CA LEU KA 78 -80.45 -57.07 -53.49
C LEU KA 78 -81.06 -58.42 -53.79
N LYS KA 79 -80.75 -59.41 -52.95
CA LYS KA 79 -81.28 -60.75 -53.09
C LYS KA 79 -82.79 -60.78 -53.04
N GLY KA 80 -83.38 -60.06 -52.07
CA GLY KA 80 -84.81 -59.86 -51.95
C GLY KA 80 -85.44 -59.23 -53.16
N ALA KA 81 -84.82 -58.17 -53.70
CA ALA KA 81 -85.19 -57.61 -54.99
C ALA KA 81 -85.10 -58.58 -56.17
N GLY KA 82 -84.13 -59.51 -56.16
CA GLY KA 82 -83.87 -60.41 -57.27
C GLY KA 82 -82.74 -59.92 -58.15
N LEU KA 83 -81.67 -59.40 -57.55
CA LEU KA 83 -80.49 -58.97 -58.28
C LEU KA 83 -79.25 -59.47 -57.59
N THR KA 84 -78.10 -59.46 -58.30
CA THR KA 84 -76.82 -59.88 -57.78
C THR KA 84 -75.84 -58.71 -57.91
N PRO KA 85 -74.86 -58.48 -57.04
CA PRO KA 85 -74.27 -57.16 -56.89
C PRO KA 85 -73.65 -56.54 -58.11
N ARG KA 86 -72.84 -57.27 -58.87
CA ARG KA 86 -72.24 -56.73 -60.08
C ARG KA 86 -73.29 -56.28 -61.09
N ALA KA 87 -74.31 -57.12 -61.30
CA ALA KA 87 -75.41 -56.82 -62.17
C ALA KA 87 -76.16 -55.58 -61.77
N ALA KA 88 -76.40 -55.44 -60.45
CA ALA KA 88 -77.03 -54.27 -59.87
C ALA KA 88 -76.22 -53.02 -60.17
N GLN KA 89 -74.90 -53.13 -59.98
CA GLN KA 89 -73.91 -52.10 -60.17
C GLN KA 89 -73.94 -51.55 -61.58
N THR KA 90 -74.01 -52.42 -62.59
CA THR KA 90 -74.16 -52.01 -63.98
C THR KA 90 -75.37 -51.14 -64.25
N ILE KA 91 -76.53 -51.43 -63.66
CA ILE KA 91 -77.72 -50.61 -63.84
C ILE KA 91 -77.86 -49.52 -62.78
N GLY KA 92 -76.73 -49.14 -62.14
CA GLY KA 92 -76.66 -47.94 -61.31
C GLY KA 92 -77.18 -48.08 -59.92
N ILE KA 93 -77.49 -49.30 -59.50
CA ILE KA 93 -77.91 -49.57 -58.14
C ILE KA 93 -76.66 -49.76 -57.32
N CYS KA 94 -76.45 -48.95 -56.28
CA CYS KA 94 -75.17 -48.94 -55.61
C CYS KA 94 -75.11 -49.86 -54.44
N TYR KA 95 -73.98 -50.54 -54.33
CA TYR KA 95 -73.79 -51.67 -53.47
C TYR KA 95 -73.12 -51.23 -52.17
N ASP KA 96 -73.15 -52.08 -51.14
CA ASP KA 96 -72.09 -52.13 -50.18
C ASP KA 96 -72.14 -53.49 -49.54
N LYS KA 97 -71.13 -53.79 -48.75
CA LYS KA 97 -71.05 -54.94 -47.91
C LYS KA 97 -71.28 -54.53 -46.47
N ARG KA 98 -71.07 -53.26 -46.12
CA ARG KA 98 -71.08 -52.81 -44.75
C ARG KA 98 -72.41 -52.82 -44.02
N ARG KA 99 -73.48 -52.32 -44.65
CA ARG KA 99 -74.78 -52.37 -44.02
C ARG KA 99 -75.32 -53.77 -43.80
N LYS KA 100 -76.13 -53.93 -42.76
CA LYS KA 100 -76.75 -55.17 -42.39
C LYS KA 100 -78.15 -54.84 -41.89
N ASN KA 101 -79.18 -55.55 -42.37
CA ASN KA 101 -80.55 -55.19 -42.02
C ASN KA 101 -80.90 -55.65 -40.62
N ARG KA 102 -80.77 -54.73 -39.67
CA ARG KA 102 -81.01 -54.98 -38.27
C ARG KA 102 -82.45 -55.36 -37.95
N SER KA 103 -83.41 -54.69 -38.60
CA SER KA 103 -84.82 -54.90 -38.31
C SER KA 103 -85.62 -55.10 -39.59
N GLU KA 104 -86.77 -55.77 -39.46
CA GLU KA 104 -87.55 -56.24 -40.58
C GLU KA 104 -88.04 -55.16 -41.51
N GLU KA 105 -88.62 -54.09 -40.95
CA GLU KA 105 -89.25 -53.04 -41.71
C GLU KA 105 -88.31 -52.39 -42.71
N SER KA 106 -87.07 -52.10 -42.29
CA SER KA 106 -86.08 -51.51 -43.17
C SER KA 106 -85.75 -52.40 -44.35
N LEU KA 107 -85.53 -53.71 -44.15
CA LEU KA 107 -85.38 -54.62 -45.28
C LEU KA 107 -86.55 -54.64 -46.25
N THR KA 108 -87.79 -54.75 -45.75
CA THR KA 108 -88.94 -54.72 -46.65
C THR KA 108 -89.08 -53.45 -47.42
N LYS KA 109 -88.90 -52.31 -46.75
CA LYS KA 109 -88.98 -51.01 -47.36
C LYS KA 109 -87.95 -50.81 -48.46
N ASN KA 110 -86.70 -51.21 -48.22
CA ASN KA 110 -85.67 -51.13 -49.24
C ASN KA 110 -85.89 -52.08 -50.40
N VAL KA 111 -86.38 -53.32 -50.21
CA VAL KA 111 -86.60 -54.18 -51.36
C VAL KA 111 -87.74 -53.68 -52.24
N GLU KA 112 -88.78 -53.08 -51.64
CA GLU KA 112 -89.81 -52.40 -52.39
C GLU KA 112 -89.25 -51.25 -53.22
N ARG KA 113 -88.37 -50.43 -52.64
CA ARG KA 113 -87.70 -49.35 -53.34
C ARG KA 113 -86.88 -49.80 -54.54
N LEU KA 114 -86.07 -50.86 -54.37
CA LEU KA 114 -85.34 -51.49 -55.45
C LEU KA 114 -86.24 -52.00 -56.55
N LEU KA 115 -87.29 -52.73 -56.17
CA LEU KA 115 -88.27 -53.26 -57.08
C LEU KA 115 -88.95 -52.19 -57.90
N LYS KA 116 -89.36 -51.08 -57.27
CA LYS KA 116 -89.96 -49.97 -57.97
C LYS KA 116 -89.06 -49.36 -59.04
N TYR KA 117 -87.79 -49.11 -58.71
CA TYR KA 117 -86.80 -48.70 -59.67
C TYR KA 117 -86.61 -49.71 -60.77
N LYS KA 118 -86.47 -50.99 -60.42
CA LYS KA 118 -86.28 -52.07 -61.38
C LYS KA 118 -87.41 -52.18 -62.38
N ASN KA 119 -88.65 -52.18 -61.88
CA ASN KA 119 -89.84 -52.22 -62.68
C ASN KA 119 -89.94 -51.05 -63.63
N SER KA 120 -89.64 -49.84 -63.13
CA SER KA 120 -89.56 -48.66 -63.97
C SER KA 120 -88.58 -48.75 -65.14
N LEU KA 121 -87.33 -49.19 -64.94
CA LEU KA 121 -86.33 -49.10 -65.98
C LEU KA 121 -86.54 -49.97 -67.21
N VAL KA 122 -86.10 -49.45 -68.38
CA VAL KA 122 -86.15 -50.12 -69.66
C VAL KA 122 -84.78 -50.04 -70.29
N MET KA 123 -84.30 -51.18 -70.83
CA MET KA 123 -82.90 -51.41 -71.09
C MET KA 123 -82.58 -51.37 -72.57
N ILE KA 124 -81.51 -50.66 -72.96
CA ILE KA 124 -81.04 -50.61 -74.33
C ILE KA 124 -80.31 -51.90 -74.71
N PRO KA 125 -80.64 -52.63 -75.78
CA PRO KA 125 -79.86 -53.75 -76.26
C PRO KA 125 -78.42 -53.38 -76.58
N LEU KA 126 -77.45 -54.14 -76.05
CA LEU KA 126 -76.07 -53.73 -75.95
C LEU KA 126 -75.39 -53.40 -77.27
N LYS KA 127 -75.60 -54.22 -78.30
CA LYS KA 127 -74.92 -54.06 -79.57
C LYS KA 127 -75.89 -53.67 -80.67
N LYS KA 128 -77.06 -53.13 -80.30
CA LYS KA 128 -78.11 -52.63 -81.18
C LYS KA 128 -78.87 -53.68 -81.97
N ASN KA 129 -80.20 -53.75 -81.80
CA ASN KA 129 -81.10 -54.60 -82.57
C ASN KA 129 -80.82 -56.06 -82.36
N LYS KA 130 -80.47 -56.44 -81.12
CA LYS KA 130 -79.96 -57.76 -80.82
C LYS KA 130 -80.47 -58.16 -79.44
N ALA KA 131 -81.70 -57.70 -79.11
CA ALA KA 131 -82.32 -57.82 -77.81
C ALA KA 131 -82.48 -59.23 -77.26
N LYS KA 132 -82.12 -59.45 -75.99
CA LYS KA 132 -82.06 -60.74 -75.35
C LYS KA 132 -82.54 -60.65 -73.91
N LYS KA 133 -82.71 -61.83 -73.27
CA LYS KA 133 -83.17 -61.94 -71.91
C LYS KA 133 -82.17 -61.44 -70.85
N GLY KA 134 -80.87 -61.73 -71.01
CA GLY KA 134 -79.81 -61.18 -70.17
C GLY KA 134 -79.67 -61.74 -68.77
N ILE KA 135 -78.56 -61.39 -68.09
CA ILE KA 135 -78.09 -62.08 -66.90
C ILE KA 135 -78.34 -61.37 -65.59
N GLY KA 136 -78.20 -62.13 -64.47
CA GLY KA 136 -78.08 -61.56 -63.14
C GLY KA 136 -79.35 -61.03 -62.56
N GLY KA 137 -80.47 -61.25 -63.27
CA GLY KA 137 -81.75 -60.63 -62.93
C GLY KA 137 -81.90 -59.23 -63.44
N ILE KA 138 -80.97 -58.72 -64.27
CA ILE KA 138 -81.17 -57.44 -64.95
C ILE KA 138 -82.40 -57.51 -65.85
N PRO KA 139 -83.31 -56.56 -65.91
CA PRO KA 139 -84.42 -56.56 -66.84
C PRO KA 139 -84.06 -56.84 -68.27
N ALA KA 140 -84.84 -57.69 -68.97
CA ALA KA 140 -84.57 -58.02 -70.35
C ALA KA 140 -84.60 -56.83 -71.28
N ASP KA 141 -83.81 -56.88 -72.36
CA ASP KA 141 -83.75 -55.86 -73.38
C ASP KA 141 -85.10 -55.49 -74.01
N ALA KA 142 -85.15 -54.46 -74.87
CA ALA KA 142 -86.36 -54.12 -75.57
C ALA KA 142 -86.11 -53.76 -77.02
N ASP KA 143 -87.18 -53.88 -77.83
CA ASP KA 143 -87.30 -53.55 -79.25
C ASP KA 143 -86.96 -52.10 -79.64
N LYS KA 144 -87.15 -51.75 -80.93
CA LYS KA 144 -86.86 -50.40 -81.36
C LYS KA 144 -88.00 -49.48 -80.99
N ASN KA 145 -89.25 -49.92 -81.21
CA ASN KA 145 -90.42 -49.08 -81.06
C ASN KA 145 -90.60 -48.51 -79.66
N THR KA 146 -90.49 -49.37 -78.65
CA THR KA 146 -90.62 -48.99 -77.26
C THR KA 146 -89.58 -47.99 -76.84
N ILE KA 147 -88.31 -48.26 -77.16
CA ILE KA 147 -87.21 -47.36 -76.92
C ILE KA 147 -87.39 -46.02 -77.57
N LYS KA 148 -87.78 -45.98 -78.85
CA LYS KA 148 -87.93 -44.74 -79.58
C LYS KA 148 -88.96 -43.84 -78.95
N GLU KA 149 -90.14 -44.42 -78.66
CA GLU KA 149 -91.19 -43.72 -77.97
C GLU KA 149 -90.83 -43.29 -76.55
N PHE KA 150 -90.16 -44.15 -75.77
CA PHE KA 150 -89.63 -43.80 -74.48
C PHE KA 150 -88.60 -42.71 -74.46
N ARG KA 151 -87.59 -42.70 -75.38
CA ARG KA 151 -86.63 -41.62 -75.47
C ARG KA 151 -87.33 -40.28 -75.63
N ASN KA 152 -88.33 -40.22 -76.52
CA ASN KA 152 -89.17 -39.04 -76.62
C ASN KA 152 -89.90 -38.61 -75.35
N LYS KA 153 -90.14 -39.49 -74.38
CA LYS KA 153 -90.82 -39.16 -73.15
C LYS KA 153 -89.86 -38.54 -72.13
N LYS KA 154 -90.36 -37.66 -71.24
CA LYS KA 154 -89.56 -37.05 -70.18
C LYS KA 154 -89.07 -38.07 -69.14
N PRO KA 155 -87.82 -38.08 -68.65
CA PRO KA 155 -87.40 -39.12 -67.74
C PRO KA 155 -87.62 -38.63 -66.33
N LEU KA 156 -88.63 -39.18 -65.61
CA LEU KA 156 -89.05 -38.59 -64.35
C LEU KA 156 -88.21 -39.10 -63.19
N LEU KA 157 -87.55 -38.16 -62.49
CA LEU KA 157 -86.41 -38.45 -61.64
C LEU KA 157 -86.79 -38.54 -60.17
N SER KA 158 -88.09 -38.58 -59.88
CA SER KA 158 -88.62 -38.49 -58.53
C SER KA 158 -88.12 -39.55 -57.57
N ILE KA 159 -87.89 -40.78 -58.08
CA ILE KA 159 -87.37 -41.89 -57.30
C ILE KA 159 -86.02 -41.65 -56.67
N PHE KA 160 -85.13 -40.89 -57.32
CA PHE KA 160 -83.82 -40.57 -56.77
C PHE KA 160 -83.88 -39.76 -55.49
N LYS KA 161 -84.81 -38.81 -55.39
CA LYS KA 161 -85.01 -38.01 -54.20
C LYS KA 161 -85.38 -38.77 -52.94
N LYS KA 162 -85.04 -38.16 -51.79
CA LYS KA 162 -85.38 -38.59 -50.44
C LYS KA 162 -86.89 -38.69 -50.23
N GLU KA 163 -87.39 -39.69 -49.48
CA GLU KA 163 -88.82 -39.82 -49.25
C GLU KA 163 -89.31 -38.84 -48.20
N LYS KA 164 -90.30 -37.98 -48.54
CA LYS KA 164 -90.94 -37.14 -47.56
C LYS KA 164 -91.66 -37.96 -46.51
N ASN KA 165 -91.43 -37.72 -45.20
CA ASN KA 165 -92.27 -38.35 -44.20
C ASN KA 165 -93.56 -37.57 -44.11
N THR KA 166 -94.70 -38.21 -44.43
CA THR KA 166 -95.98 -37.54 -44.33
C THR KA 166 -96.38 -37.38 -42.88
N LYS KA 167 -96.51 -36.12 -42.44
CA LYS KA 167 -96.91 -35.71 -41.11
C LYS KA 167 -98.29 -36.25 -40.73
N PRO KA 168 -98.52 -36.84 -39.57
CA PRO KA 168 -99.87 -37.29 -39.29
C PRO KA 168 -100.15 -36.98 -37.84
N PHE KA 169 -99.50 -35.96 -37.25
CA PHE KA 169 -99.72 -35.60 -35.87
C PHE KA 169 -101.10 -35.06 -35.56
N TYR KA 170 -101.71 -34.28 -36.47
CA TYR KA 170 -103.07 -33.78 -36.31
C TYR KA 170 -104.11 -34.88 -36.49
N GLU KA 171 -104.21 -35.80 -35.51
CA GLU KA 171 -105.06 -36.97 -35.58
C GLU KA 171 -105.96 -37.13 -34.37
N THR KA 172 -107.00 -37.95 -34.54
CA THR KA 172 -108.22 -37.88 -33.75
C THR KA 172 -108.47 -39.18 -33.02
N ILE KA 173 -108.95 -39.16 -31.78
CA ILE KA 173 -109.33 -40.38 -31.10
C ILE KA 173 -110.57 -40.13 -30.27
N GLU KA 174 -111.46 -41.12 -30.15
CA GLU KA 174 -112.63 -41.01 -29.30
C GLU KA 174 -112.28 -40.97 -27.82
N VAL KA 175 -112.92 -40.06 -27.07
CA VAL KA 175 -112.70 -39.79 -25.66
C VAL KA 175 -112.93 -41.01 -24.80
N SER KA 176 -114.02 -41.75 -25.05
CA SER KA 176 -114.32 -42.96 -24.32
C SER KA 176 -113.43 -44.16 -24.64
N LYS KA 177 -112.37 -44.01 -25.47
CA LYS KA 177 -111.34 -45.02 -25.60
C LYS KA 177 -110.07 -44.66 -24.84
N ILE KA 178 -109.99 -43.44 -24.26
CA ILE KA 178 -108.88 -42.99 -23.44
C ILE KA 178 -108.79 -43.78 -22.14
N ASP KA 179 -107.58 -44.16 -21.70
CA ASP KA 179 -107.39 -44.93 -20.49
C ASP KA 179 -106.68 -44.07 -19.46
N LYS KA 180 -107.41 -43.59 -18.45
CA LYS KA 180 -106.94 -42.50 -17.63
C LYS KA 180 -106.21 -42.94 -16.38
N GLU KA 181 -106.17 -44.24 -16.10
CA GLU KA 181 -105.56 -44.73 -14.88
C GLU KA 181 -104.05 -44.81 -14.97
N PHE KA 182 -103.47 -44.74 -16.18
CA PHE KA 182 -102.05 -44.86 -16.40
C PHE KA 182 -101.23 -43.78 -15.70
N LEU KA 183 -100.03 -44.12 -15.24
CA LEU KA 183 -99.10 -43.15 -14.71
C LEU KA 183 -97.82 -43.28 -15.50
N ALA KA 184 -97.57 -42.35 -16.43
CA ALA KA 184 -96.46 -42.43 -17.31
C ALA KA 184 -95.19 -42.01 -16.61
N TYR KA 185 -95.26 -40.94 -15.82
CA TYR KA 185 -94.12 -40.40 -15.13
C TYR KA 185 -93.54 -41.39 -14.16
N LYS KA 186 -94.43 -42.03 -13.39
CA LYS KA 186 -94.06 -43.03 -12.43
C LYS KA 186 -93.35 -44.19 -13.07
N THR KA 187 -93.91 -44.66 -14.19
CA THR KA 187 -93.34 -45.77 -14.93
C THR KA 187 -91.94 -45.45 -15.39
N LEU KA 188 -91.75 -44.24 -15.93
CA LEU KA 188 -90.47 -43.79 -16.40
C LEU KA 188 -89.40 -43.75 -15.34
N ARG KA 189 -89.65 -43.06 -14.21
CA ARG KA 189 -88.68 -42.99 -13.15
C ARG KA 189 -88.35 -44.32 -12.52
N ARG KA 190 -89.37 -45.16 -12.28
CA ARG KA 190 -89.16 -46.51 -11.81
C ARG KA 190 -88.30 -47.32 -12.74
N ALA KA 191 -88.56 -47.25 -14.04
CA ALA KA 191 -87.73 -47.93 -15.02
C ALA KA 191 -86.27 -47.50 -14.96
N LYS KA 192 -86.00 -46.19 -14.86
CA LYS KA 192 -84.65 -45.69 -14.67
C LYS KA 192 -84.00 -46.20 -13.39
N LEU KA 193 -84.73 -46.17 -12.27
CA LEU KA 193 -84.27 -46.72 -11.01
C LEU KA 193 -83.90 -48.20 -11.07
N ALA KA 194 -84.72 -49.00 -11.73
CA ALA KA 194 -84.55 -50.43 -11.77
C ALA KA 194 -83.54 -50.92 -12.80
N GLU KA 195 -82.91 -50.00 -13.56
CA GLU KA 195 -82.08 -50.37 -14.70
C GLU KA 195 -80.89 -51.23 -14.34
N ARG KA 196 -80.09 -50.85 -13.33
CA ARG KA 196 -78.92 -51.62 -12.94
C ARG KA 196 -79.26 -53.06 -12.57
N ARG KA 197 -80.31 -53.29 -11.76
CA ARG KA 197 -80.68 -54.63 -11.39
C ARG KA 197 -81.13 -55.45 -12.59
N LYS KA 198 -81.83 -54.84 -13.55
CA LYS KA 198 -82.21 -55.51 -14.76
C LYS KA 198 -81.00 -55.90 -15.58
N ASN KA 199 -80.00 -55.00 -15.70
CA ASN KA 199 -78.75 -55.32 -16.34
C ASN KA 199 -78.06 -56.48 -15.67
N CYS KA 200 -78.05 -56.49 -14.34
CA CYS KA 200 -77.41 -57.53 -13.56
C CYS KA 200 -77.99 -58.90 -13.88
N ARG KA 201 -79.33 -59.01 -13.91
CA ARG KA 201 -80.00 -60.21 -14.36
C ARG KA 201 -79.70 -60.60 -15.80
N GLN KA 202 -79.76 -59.64 -16.74
CA GLN KA 202 -79.53 -59.88 -18.14
C GLN KA 202 -78.15 -60.46 -18.39
N GLN KA 203 -77.14 -59.88 -17.74
CA GLN KA 203 -75.78 -60.35 -17.76
C GLN KA 203 -75.67 -61.79 -17.30
N LYS KA 204 -76.34 -62.14 -16.19
CA LYS KA 204 -76.42 -63.50 -15.76
C LYS KA 204 -77.06 -64.43 -16.77
N LYS KA 205 -78.18 -64.04 -17.41
CA LYS KA 205 -78.73 -64.83 -18.51
C LYS KA 205 -77.74 -65.03 -19.66
N ASP KA 206 -77.08 -63.96 -20.09
CA ASP KA 206 -76.08 -64.03 -21.14
C ASP KA 206 -74.96 -65.02 -20.83
N ILE KA 207 -74.41 -65.00 -19.60
CA ILE KA 207 -73.45 -66.00 -19.15
C ILE KA 207 -74.00 -67.41 -19.28
N LYS KA 208 -75.23 -67.64 -18.79
CA LYS KA 208 -75.87 -68.93 -18.80
C LYS KA 208 -76.00 -69.48 -20.19
N PHE KA 209 -76.49 -68.65 -21.12
CA PHE KA 209 -76.69 -69.01 -22.50
C PHE KA 209 -75.42 -69.50 -23.20
N LYS KA 210 -74.28 -68.84 -22.96
CA LYS KA 210 -73.05 -69.04 -23.69
C LYS KA 210 -72.44 -70.40 -23.46
N SER KA 211 -72.44 -70.89 -22.21
CA SER KA 211 -72.01 -72.24 -21.90
C SER KA 211 -72.76 -73.35 -22.70
N GLY LA 1 62.70 -65.66 -47.44
CA GLY LA 1 62.43 -64.31 -48.08
C GLY LA 1 61.98 -64.38 -49.52
N LYS LA 2 62.25 -63.32 -50.32
CA LYS LA 2 61.96 -63.29 -51.74
C LYS LA 2 60.51 -63.58 -52.09
N LEU LA 3 59.59 -62.72 -51.62
CA LEU LA 3 58.16 -62.98 -51.67
C LEU LA 3 57.57 -63.16 -53.04
N LEU LA 4 57.96 -62.33 -54.01
CA LEU LA 4 57.46 -62.40 -55.37
C LEU LA 4 58.29 -63.35 -56.23
N LYS LA 5 58.42 -64.60 -55.79
CA LYS LA 5 59.05 -65.66 -56.53
C LYS LA 5 58.22 -66.03 -57.77
N PRO LA 6 58.71 -65.94 -59.00
CA PRO LA 6 57.93 -66.09 -60.22
C PRO LA 6 56.93 -67.23 -60.33
N GLY LA 7 55.80 -67.00 -61.03
CA GLY LA 7 54.72 -67.98 -61.20
C GLY LA 7 53.71 -67.98 -60.08
N LYS LA 8 53.91 -67.13 -59.08
CA LYS LA 8 52.95 -66.79 -58.07
C LYS LA 8 51.71 -66.06 -58.58
N VAL LA 9 50.53 -66.32 -58.00
CA VAL LA 9 49.33 -65.60 -58.36
C VAL LA 9 49.16 -64.37 -57.49
N ILE LA 10 48.73 -63.26 -58.07
CA ILE LA 10 48.66 -61.98 -57.42
C ILE LA 10 47.36 -61.34 -57.79
N ILE LA 11 46.87 -60.43 -56.94
CA ILE LA 11 45.71 -59.63 -57.25
C ILE LA 11 46.15 -58.22 -57.54
N ILE LA 12 45.82 -57.68 -58.73
CA ILE LA 12 46.06 -56.29 -59.07
C ILE LA 12 45.15 -55.35 -58.26
N LEU LA 13 45.68 -54.22 -57.79
CA LEU LA 13 44.94 -53.30 -56.94
C LEU LA 13 44.52 -52.03 -57.67
N ASN LA 14 44.70 -51.93 -58.99
CA ASN LA 14 44.69 -50.64 -59.66
C ASN LA 14 44.30 -50.69 -61.12
N GLY LA 15 44.06 -49.50 -61.68
CA GLY LA 15 43.95 -49.24 -63.10
C GLY LA 15 43.04 -50.08 -63.93
N ARG LA 16 43.33 -50.14 -65.22
CA ARG LA 16 42.51 -50.73 -66.25
C ARG LA 16 42.20 -52.18 -65.97
N ARG LA 17 43.13 -52.88 -65.34
CA ARG LA 17 43.00 -54.28 -65.06
C ARG LA 17 42.43 -54.51 -63.67
N ALA LA 18 42.05 -53.41 -63.02
CA ALA LA 18 41.23 -53.38 -61.84
C ALA LA 18 41.60 -54.34 -60.72
N GLY LA 19 40.58 -54.97 -60.11
CA GLY LA 19 40.76 -55.91 -59.02
C GLY LA 19 41.12 -57.30 -59.45
N LYS LA 20 41.29 -57.51 -60.75
CA LYS LA 20 41.42 -58.83 -61.32
C LYS LA 20 42.71 -59.56 -60.96
N LYS LA 21 42.63 -60.90 -60.98
CA LYS LA 21 43.73 -61.77 -60.59
C LYS LA 21 44.63 -62.14 -61.75
N ALA LA 22 45.94 -62.24 -61.45
CA ALA LA 22 46.95 -62.45 -62.47
C ALA LA 22 48.21 -63.17 -61.98
N VAL LA 23 49.07 -63.58 -62.93
CA VAL LA 23 50.27 -64.35 -62.68
C VAL LA 23 51.51 -63.53 -62.97
N ILE LA 24 52.46 -63.42 -62.00
CA ILE LA 24 53.76 -62.82 -62.22
C ILE LA 24 54.75 -63.68 -63.02
N VAL LA 25 55.49 -63.06 -63.95
CA VAL LA 25 56.40 -63.81 -64.80
C VAL LA 25 57.86 -63.60 -64.44
N ASN LA 26 58.33 -62.37 -64.13
CA ASN LA 26 59.78 -62.15 -64.06
C ASN LA 26 60.30 -61.42 -62.85
N THR LA 27 59.53 -60.52 -62.20
CA THR LA 27 59.95 -59.85 -60.96
C THR LA 27 61.25 -59.11 -61.08
N TYR LA 28 61.33 -58.11 -61.97
CA TYR LA 28 62.59 -57.55 -62.42
C TYR LA 28 63.44 -56.94 -61.33
N GLU LA 29 62.84 -56.11 -60.45
CA GLU LA 29 63.49 -55.49 -59.30
C GLU LA 29 64.62 -54.50 -59.61
N GLY LA 30 64.77 -53.47 -58.75
CA GLY LA 30 65.77 -52.41 -58.93
C GLY LA 30 65.35 -51.37 -59.95
N GLN LA 31 65.38 -50.09 -59.56
CA GLN LA 31 65.00 -48.98 -60.40
C GLN LA 31 65.79 -48.88 -61.69
N THR LA 32 65.16 -48.37 -62.75
CA THR LA 32 65.84 -48.09 -64.00
C THR LA 32 65.61 -46.66 -64.34
N ARG LA 33 66.39 -46.11 -65.29
CA ARG LA 33 66.19 -44.76 -65.77
C ARG LA 33 64.84 -44.57 -66.43
N GLU LA 34 64.40 -45.56 -67.23
CA GLU LA 34 63.12 -45.52 -67.89
C GLU LA 34 61.95 -45.69 -66.95
N ARG LA 35 62.03 -46.66 -66.05
CA ARG LA 35 60.99 -46.99 -65.09
C ARG LA 35 61.60 -46.95 -63.70
N PRO LA 36 61.34 -45.99 -62.83
CA PRO LA 36 62.20 -45.84 -61.66
C PRO LA 36 61.50 -46.49 -60.49
N TYR LA 37 61.11 -47.75 -60.65
CA TYR LA 37 60.34 -48.48 -59.70
C TYR LA 37 60.44 -49.94 -60.01
N SER LA 38 59.90 -50.82 -59.16
CA SER LA 38 60.00 -52.25 -59.36
C SER LA 38 58.71 -52.84 -59.87
N TYR LA 39 58.82 -53.78 -60.82
CA TYR LA 39 57.70 -54.29 -61.58
C TYR LA 39 57.95 -55.72 -62.00
N CYS LA 40 56.89 -56.49 -62.32
CA CYS LA 40 57.05 -57.92 -62.52
C CYS LA 40 56.82 -58.45 -63.91
N LEU LA 41 55.98 -57.77 -64.71
CA LEU LA 41 55.39 -58.32 -65.92
C LEU LA 41 54.43 -59.45 -65.62
N VAL LA 42 53.16 -59.24 -65.97
CA VAL LA 42 52.07 -59.97 -65.40
C VAL LA 42 51.11 -60.43 -66.48
N ALA LA 43 50.66 -61.69 -66.43
CA ALA LA 43 49.65 -62.21 -67.32
C ALA LA 43 48.39 -62.49 -66.53
N GLY LA 44 47.24 -61.87 -66.89
CA GLY LA 44 46.00 -62.05 -66.12
C GLY LA 44 44.75 -62.25 -66.91
N ILE LA 45 43.63 -62.45 -66.19
CA ILE LA 45 42.33 -62.76 -66.76
C ILE LA 45 41.41 -61.54 -66.72
N GLU LA 46 40.94 -61.04 -67.88
CA GLU LA 46 39.92 -60.00 -67.90
C GLU LA 46 38.52 -60.54 -67.66
N LYS LA 47 38.13 -61.60 -68.37
CA LYS LA 47 36.85 -62.23 -68.16
C LYS LA 47 37.01 -63.69 -67.83
N HIS LA 48 36.67 -64.09 -66.60
CA HIS LA 48 36.54 -65.47 -66.16
C HIS LA 48 35.38 -66.17 -66.86
N PRO LA 49 35.36 -67.46 -67.06
CA PRO LA 49 34.22 -68.21 -67.56
C PRO LA 49 32.88 -67.84 -67.00
N LEU LA 50 31.81 -67.96 -67.79
CA LEU LA 50 30.53 -67.35 -67.48
C LEU LA 50 29.62 -68.30 -66.73
N LYS LA 51 30.17 -69.44 -66.28
CA LYS LA 51 29.45 -70.61 -65.81
C LYS LA 51 28.78 -71.34 -66.95
N VAL LA 52 28.58 -72.64 -66.77
CA VAL LA 52 27.64 -73.40 -67.58
C VAL LA 52 26.84 -74.23 -66.61
N ASN LA 53 25.67 -74.71 -67.02
CA ASN LA 53 24.86 -75.54 -66.17
C ASN LA 53 25.12 -76.99 -66.55
N LYS LA 54 24.87 -77.92 -65.62
CA LYS LA 54 25.29 -79.30 -65.66
C LYS LA 54 24.80 -80.06 -66.88
N SER LA 55 23.61 -79.71 -67.37
CA SER LA 55 22.96 -80.33 -68.50
C SER LA 55 23.04 -79.48 -69.76
N MET LA 56 23.77 -78.35 -69.74
CA MET LA 56 23.88 -77.49 -70.91
C MET LA 56 24.50 -78.20 -72.13
N THR LA 57 24.07 -77.83 -73.34
CA THR LA 57 24.58 -78.40 -74.59
C THR LA 57 26.05 -78.17 -74.81
N LYS LA 58 26.77 -79.19 -75.30
CA LYS LA 58 28.22 -79.22 -75.34
C LYS LA 58 28.84 -78.15 -76.24
N LYS LA 59 28.28 -77.94 -77.45
CA LYS LA 59 28.66 -76.86 -78.33
C LYS LA 59 28.53 -75.50 -77.67
N LYS LA 60 27.38 -75.28 -76.99
CA LYS LA 60 27.17 -74.09 -76.20
C LYS LA 60 28.15 -73.95 -75.06
N ILE LA 61 28.47 -75.03 -74.34
CA ILE LA 61 29.44 -74.99 -73.24
C ILE LA 61 30.79 -74.54 -73.70
N VAL LA 62 31.28 -75.09 -74.82
CA VAL LA 62 32.56 -74.67 -75.35
C VAL LA 62 32.57 -73.22 -75.77
N LYS LA 63 31.54 -72.72 -76.49
CA LYS LA 63 31.49 -71.31 -76.82
C LYS LA 63 31.42 -70.39 -75.60
N ARG LA 64 30.58 -70.74 -74.61
CA ARG LA 64 30.36 -70.02 -73.38
C ARG LA 64 31.62 -69.85 -72.56
N SER LA 65 32.40 -70.93 -72.44
CA SER LA 65 33.50 -71.01 -71.51
C SER LA 65 34.82 -70.49 -72.05
N LYS LA 66 34.81 -69.61 -73.06
CA LYS LA 66 35.97 -68.81 -73.42
C LYS LA 66 36.58 -68.01 -72.28
N VAL LA 67 37.80 -67.47 -72.47
CA VAL LA 67 38.43 -66.64 -71.46
C VAL LA 67 39.20 -65.53 -72.14
N LYS LA 68 38.99 -64.27 -71.70
CA LYS LA 68 39.73 -63.14 -72.24
C LYS LA 68 40.93 -62.82 -71.39
N ALA LA 69 42.16 -62.99 -71.92
CA ALA LA 69 43.36 -62.68 -71.16
C ALA LA 69 43.88 -61.26 -71.37
N PHE LA 70 45.00 -60.92 -70.70
CA PHE LA 70 45.70 -59.66 -70.85
C PHE LA 70 47.15 -59.73 -70.35
N ILE LA 71 48.05 -58.93 -70.96
CA ILE LA 71 49.47 -58.89 -70.63
C ILE LA 71 49.83 -57.47 -70.26
N LYS LA 72 50.29 -57.27 -69.01
CA LYS LA 72 50.38 -55.97 -68.38
C LYS LA 72 51.63 -55.80 -67.53
N CYS LA 73 52.36 -54.68 -67.65
CA CYS LA 73 53.36 -54.31 -66.65
C CYS LA 73 52.73 -53.55 -65.50
N ILE LA 74 53.19 -53.76 -64.25
CA ILE LA 74 52.66 -52.97 -63.15
C ILE LA 74 53.63 -52.91 -61.99
N ASN LA 75 53.61 -51.81 -61.23
CA ASN LA 75 54.39 -51.63 -60.02
C ASN LA 75 54.06 -52.65 -58.94
N VAL LA 76 55.08 -53.12 -58.21
CA VAL LA 76 54.91 -54.05 -57.11
C VAL LA 76 54.08 -53.50 -55.96
N ASN LA 77 54.05 -52.19 -55.74
CA ASN LA 77 53.20 -51.54 -54.78
C ASN LA 77 51.72 -51.56 -55.16
N HIS LA 78 51.37 -52.05 -56.35
CA HIS LA 78 50.00 -52.18 -56.80
C HIS LA 78 49.53 -53.61 -56.89
N ILE LA 79 50.33 -54.58 -56.43
CA ILE LA 79 49.94 -55.97 -56.45
C ILE LA 79 49.91 -56.54 -55.05
N LEU LA 80 48.84 -57.28 -54.75
CA LEU LA 80 48.61 -57.94 -53.50
C LEU LA 80 48.98 -59.41 -53.65
N PRO LA 81 50.00 -59.94 -53.01
CA PRO LA 81 50.45 -61.30 -53.26
C PRO LA 81 49.60 -62.31 -52.54
N THR LA 82 49.38 -63.50 -53.14
CA THR LA 82 48.61 -64.55 -52.51
C THR LA 82 49.52 -65.71 -52.20
N ARG LA 83 49.09 -66.68 -51.40
CA ARG LA 83 49.82 -67.92 -51.27
C ARG LA 83 49.72 -68.83 -52.49
N TYR LA 84 48.69 -68.67 -53.33
CA TYR LA 84 48.46 -69.56 -54.45
C TYR LA 84 49.47 -69.39 -55.59
N GLN LA 85 49.99 -70.52 -56.08
CA GLN LA 85 50.88 -70.57 -57.20
C GLN LA 85 50.61 -71.73 -58.12
N VAL LA 86 50.44 -71.49 -59.43
CA VAL LA 86 50.26 -72.58 -60.39
C VAL LA 86 51.59 -72.97 -61.00
N ALA LA 87 52.69 -72.44 -60.44
CA ALA LA 87 54.00 -72.41 -61.05
C ALA LA 87 54.58 -73.76 -61.46
N ASN LA 88 54.32 -74.83 -60.69
CA ASN LA 88 54.83 -76.15 -60.97
C ASN LA 88 53.76 -77.00 -61.62
N ASP LA 89 52.63 -76.40 -62.00
CA ASP LA 89 51.41 -77.08 -62.38
C ASP LA 89 50.95 -76.63 -63.76
N PHE LA 90 51.84 -75.94 -64.48
CA PHE LA 90 51.53 -75.17 -65.65
C PHE LA 90 52.83 -74.51 -66.05
N ASP LA 91 53.18 -74.45 -67.34
CA ASP LA 91 54.34 -73.68 -67.75
C ASP LA 91 54.16 -72.19 -67.49
N ILE LA 92 55.25 -71.51 -67.08
CA ILE LA 92 55.21 -70.09 -66.78
C ILE LA 92 56.10 -69.27 -67.67
N LYS LA 93 56.80 -69.88 -68.66
CA LYS LA 93 57.74 -69.15 -69.48
C LYS LA 93 57.25 -68.97 -70.88
N SER LA 94 56.22 -69.73 -71.27
CA SER LA 94 55.58 -69.59 -72.56
C SER LA 94 54.62 -68.43 -72.59
N LEU LA 95 54.22 -67.93 -71.41
CA LEU LA 95 53.17 -66.96 -71.25
C LEU LA 95 53.44 -65.59 -71.85
N ALA LA 96 54.65 -65.05 -71.68
CA ALA LA 96 54.94 -63.70 -72.10
C ALA LA 96 56.43 -63.50 -72.28
N SER LA 97 56.84 -62.33 -72.78
CA SER LA 97 58.25 -62.06 -72.96
C SER LA 97 58.51 -60.57 -72.89
N ASP LA 98 59.77 -60.21 -72.63
CA ASP LA 98 60.35 -58.88 -72.64
C ASP LA 98 60.03 -58.15 -73.93
N ASP LA 99 60.37 -58.79 -75.04
CA ASP LA 99 60.35 -58.33 -76.38
C ASP LA 99 58.97 -57.86 -76.85
N VAL LA 100 57.88 -58.39 -76.26
CA VAL LA 100 56.55 -58.10 -76.76
C VAL LA 100 56.10 -56.70 -76.38
N LEU LA 101 56.71 -56.09 -75.33
CA LEU LA 101 56.58 -54.68 -75.04
C LEU LA 101 56.99 -53.76 -76.20
N LYS LA 102 58.14 -54.05 -76.81
CA LYS LA 102 58.63 -53.31 -77.95
C LYS LA 102 57.87 -53.60 -79.24
N SER LA 103 57.47 -54.86 -79.45
CA SER LA 103 56.94 -55.33 -80.73
C SER LA 103 55.45 -55.08 -80.93
N LYS LA 104 54.98 -55.30 -82.17
CA LYS LA 104 53.67 -54.85 -82.63
C LYS LA 104 52.66 -55.96 -82.64
N ASN LA 105 53.08 -57.18 -82.26
CA ASN LA 105 52.28 -58.39 -82.23
C ASN LA 105 51.62 -58.67 -80.88
N LYS LA 106 51.36 -57.63 -80.06
CA LYS LA 106 50.80 -57.77 -78.73
C LYS LA 106 49.41 -58.37 -78.72
N LYS LA 107 48.54 -57.91 -79.63
CA LYS LA 107 47.20 -58.47 -79.75
C LYS LA 107 47.24 -59.95 -80.12
N LYS LA 108 48.17 -60.35 -81.01
CA LYS LA 108 48.43 -61.75 -81.33
C LYS LA 108 48.87 -62.55 -80.12
N GLU LA 109 49.79 -62.00 -79.32
CA GLU LA 109 50.26 -62.63 -78.10
C GLU LA 109 49.14 -62.86 -77.08
N VAL LA 110 48.28 -61.86 -76.83
CA VAL LA 110 47.14 -61.99 -75.95
C VAL LA 110 46.18 -63.07 -76.38
N LYS LA 111 45.92 -63.18 -77.69
CA LYS LA 111 45.08 -64.22 -78.26
C LYS LA 111 45.63 -65.60 -78.00
N LYS LA 112 46.94 -65.81 -78.22
CA LYS LA 112 47.59 -67.05 -77.90
C LYS LA 112 47.47 -67.39 -76.42
N LEU LA 113 47.70 -66.41 -75.54
CA LEU LA 113 47.57 -66.53 -74.11
C LEU LA 113 46.17 -66.96 -73.67
N GLY LA 114 45.12 -66.33 -74.22
CA GLY LA 114 43.73 -66.74 -73.98
C GLY LA 114 43.44 -68.17 -74.34
N LYS LA 115 43.91 -68.61 -75.51
CA LYS LA 115 43.79 -69.98 -75.92
C LYS LA 115 44.48 -70.94 -74.96
N ILE LA 116 45.72 -70.63 -74.52
CA ILE LA 116 46.44 -71.44 -73.55
C ILE LA 116 45.70 -71.49 -72.22
N PHE LA 117 45.16 -70.35 -71.76
CA PHE LA 117 44.29 -70.34 -70.61
C PHE LA 117 43.07 -71.24 -70.76
N ARG LA 118 42.36 -71.22 -71.89
CA ARG LA 118 41.23 -72.10 -72.10
C ARG LA 118 41.57 -73.57 -71.97
N ASP LA 119 42.67 -73.99 -72.62
CA ASP LA 119 43.13 -75.36 -72.57
C ASP LA 119 43.51 -75.78 -71.14
N LYS LA 120 44.22 -74.90 -70.40
CA LYS LA 120 44.51 -75.07 -69.00
C LYS LA 120 43.29 -75.16 -68.10
N PHE LA 121 42.30 -74.28 -68.30
CA PHE LA 121 41.07 -74.28 -67.54
C PHE LA 121 40.28 -75.56 -67.65
N LEU LA 122 40.14 -76.11 -68.86
CA LEU LA 122 39.38 -77.33 -69.01
C LEU LA 122 39.96 -78.54 -68.27
N GLU LA 123 41.28 -78.79 -68.34
CA GLU LA 123 41.86 -80.02 -67.83
C GLU LA 123 42.60 -79.85 -66.50
N PRO LA 124 42.32 -80.60 -65.43
CA PRO LA 124 43.16 -80.66 -64.24
C PRO LA 124 44.39 -81.57 -64.42
N VAL LA 125 45.09 -81.91 -63.32
CA VAL LA 125 46.21 -82.85 -63.23
C VAL LA 125 47.57 -82.28 -63.73
N GLU LA 131 43.76 -85.76 -58.81
CA GLU LA 131 44.32 -84.46 -58.30
C GLU LA 131 43.89 -83.23 -59.09
N VAL LA 132 43.28 -82.23 -58.42
CA VAL LA 132 43.01 -80.93 -59.01
C VAL LA 132 43.81 -79.97 -58.19
N SER LA 133 44.81 -79.29 -58.78
CA SER LA 133 45.67 -78.38 -58.02
C SER LA 133 44.91 -77.19 -57.44
N LYS LA 134 45.02 -76.94 -56.13
CA LYS LA 134 44.10 -76.05 -55.45
C LYS LA 134 44.16 -74.63 -55.96
N ASP LA 135 45.37 -74.22 -56.26
CA ASP LA 135 45.76 -72.99 -56.87
C ASP LA 135 45.06 -72.76 -58.21
N ILE LA 136 45.00 -73.77 -59.12
CA ILE LA 136 44.32 -73.57 -60.40
C ILE LA 136 42.84 -73.33 -60.16
N SER LA 137 42.24 -74.06 -59.21
CA SER LA 137 40.86 -73.84 -58.82
C SER LA 137 40.62 -72.41 -58.36
N PHE LA 138 41.49 -71.88 -57.49
CA PHE LA 138 41.46 -70.48 -57.08
C PHE LA 138 41.52 -69.53 -58.28
N LEU LA 139 42.42 -69.77 -59.23
CA LEU LA 139 42.53 -68.98 -60.44
C LEU LA 139 41.25 -68.95 -61.27
N HIS LA 140 40.60 -70.12 -61.43
CA HIS LA 140 39.45 -70.29 -62.29
C HIS LA 140 38.24 -69.41 -62.04
N LYS LA 141 37.75 -69.28 -60.79
CA LYS LA 141 36.59 -68.44 -60.55
C LYS LA 141 36.94 -66.96 -60.41
N LYS LA 142 36.02 -66.07 -60.78
CA LYS LA 142 36.11 -64.62 -60.61
C LYS LA 142 36.21 -64.16 -59.16
N LEU LA 143 36.97 -63.08 -58.89
CA LEU LA 143 36.95 -62.42 -57.60
C LEU LA 143 35.81 -61.43 -57.54
N TYR LA 144 34.97 -61.49 -56.49
CA TYR LA 144 33.82 -60.60 -56.37
C TYR LA 144 34.10 -59.50 -55.38
N PHE LA 145 34.34 -58.28 -55.89
CA PHE LA 145 34.69 -57.11 -55.12
C PHE LA 145 33.78 -55.91 -55.49
N SER MA 1 -106.89 4.30 -49.88
CA SER MA 1 -105.85 3.85 -50.88
C SER MA 1 -104.45 4.21 -50.46
N ASN MA 2 -103.45 4.03 -51.32
CA ASN MA 2 -102.06 4.10 -50.91
C ASN MA 2 -101.35 5.38 -51.26
N VAL MA 3 -101.98 6.33 -51.97
CA VAL MA 3 -101.29 7.53 -52.39
C VAL MA 3 -102.21 8.75 -52.46
N SER MA 4 -101.78 9.89 -51.89
CA SER MA 4 -102.54 11.13 -51.91
C SER MA 4 -101.58 12.26 -51.70
N ASN MA 5 -102.07 13.50 -51.71
CA ASN MA 5 -101.31 14.68 -52.01
C ASN MA 5 -100.23 14.94 -50.99
N ALA MA 6 -100.56 14.79 -49.71
CA ALA MA 6 -99.60 14.91 -48.66
C ALA MA 6 -98.44 13.93 -48.82
N LEU MA 7 -98.75 12.66 -49.11
CA LEU MA 7 -97.75 11.64 -49.35
C LEU MA 7 -96.85 11.97 -50.50
N VAL MA 8 -97.43 12.44 -51.61
CA VAL MA 8 -96.68 12.86 -52.78
C VAL MA 8 -95.70 13.95 -52.43
N TRP MA 9 -96.16 14.98 -51.70
CA TRP MA 9 -95.29 16.03 -51.24
C TRP MA 9 -94.14 15.55 -50.38
N GLU MA 10 -94.38 14.69 -49.38
CA GLU MA 10 -93.30 14.09 -48.60
C GLU MA 10 -92.29 13.34 -49.45
N LEU MA 11 -92.78 12.55 -50.42
CA LEU MA 11 -91.95 11.89 -51.40
C LEU MA 11 -91.14 12.88 -52.24
N THR MA 12 -91.75 13.99 -52.69
CA THR MA 12 -91.11 14.84 -53.67
C THR MA 12 -90.70 16.23 -53.21
N ARG MA 13 -90.67 16.54 -51.91
CA ARG MA 13 -90.20 17.82 -51.40
C ARG MA 13 -88.69 17.92 -51.37
N LYS MA 14 -88.02 16.78 -51.55
CA LYS MA 14 -86.58 16.71 -51.61
C LYS MA 14 -86.19 16.13 -52.93
N SER MA 15 -86.26 14.80 -53.11
CA SER MA 15 -85.99 14.19 -54.40
C SER MA 15 -86.99 14.61 -55.45
N ASN MA 16 -86.51 15.19 -56.56
CA ASN MA 16 -87.38 15.82 -57.54
C ASN MA 16 -86.49 16.40 -58.62
N CYS MA 17 -86.59 15.88 -59.84
CA CYS MA 17 -85.70 16.23 -60.92
C CYS MA 17 -85.95 17.59 -61.49
N PHE MA 18 -87.07 18.22 -61.15
CA PHE MA 18 -87.35 19.56 -61.57
C PHE MA 18 -87.14 20.58 -60.47
N ILE MA 19 -86.82 20.20 -59.23
CA ILE MA 19 -86.10 21.08 -58.31
C ILE MA 19 -84.76 21.55 -58.86
N LYS MA 20 -84.52 22.86 -58.94
CA LYS MA 20 -83.23 23.43 -59.23
C LYS MA 20 -82.89 24.45 -58.17
N LYS MA 21 -81.75 24.26 -57.51
CA LYS MA 21 -81.38 24.92 -56.29
C LYS MA 21 -80.16 25.78 -56.51
N ASN MA 22 -80.16 27.04 -56.04
CA ASN MA 22 -79.14 28.00 -56.41
C ASN MA 22 -77.96 27.97 -55.45
N LYS MA 23 -76.89 27.25 -55.80
CA LYS MA 23 -75.69 27.14 -54.97
C LYS MA 23 -74.98 28.45 -54.80
N ALA MA 24 -74.80 29.22 -55.90
CA ALA MA 24 -74.09 30.46 -55.85
C ALA MA 24 -74.82 31.52 -55.04
N GLY MA 25 -76.14 31.62 -55.23
CA GLY MA 25 -76.99 32.56 -54.53
C GLY MA 25 -77.86 31.83 -53.58
N LYS MA 26 -77.46 31.81 -52.31
CA LYS MA 26 -77.98 30.88 -51.33
C LYS MA 26 -79.47 30.93 -51.09
N LYS MA 27 -80.13 32.06 -51.33
CA LYS MA 27 -81.57 32.17 -51.15
C LYS MA 27 -82.39 31.27 -52.05
N GLY MA 28 -82.01 31.14 -53.33
CA GLY MA 28 -82.89 30.57 -54.34
C GLY MA 28 -83.11 29.07 -54.32
N VAL MA 29 -84.39 28.64 -54.34
CA VAL MA 29 -84.79 27.30 -54.71
C VAL MA 29 -85.95 27.44 -55.66
N PHE MA 30 -85.87 26.90 -56.89
CA PHE MA 30 -87.02 26.84 -57.76
C PHE MA 30 -87.46 25.41 -58.03
N LEU MA 31 -88.75 25.23 -58.35
CA LEU MA 31 -89.35 23.98 -58.78
C LEU MA 31 -89.95 24.19 -60.16
N CYS MA 32 -89.39 23.56 -61.19
CA CYS MA 32 -89.67 23.90 -62.56
C CYS MA 32 -90.52 22.89 -63.30
N ASP MA 33 -91.42 22.20 -62.61
CA ASP MA 33 -92.41 21.38 -63.28
C ASP MA 33 -93.33 22.19 -64.24
N PRO MA 34 -93.70 21.71 -65.42
CA PRO MA 34 -94.46 22.49 -66.38
C PRO MA 34 -95.88 22.81 -65.93
N LEU MA 35 -96.34 22.31 -64.79
CA LEU MA 35 -97.60 22.71 -64.24
C LEU MA 35 -97.45 23.54 -62.97
N ASN MA 36 -96.26 24.08 -62.68
CA ASN MA 36 -96.10 25.10 -61.67
C ASN MA 36 -96.52 26.49 -62.14
N VAL MA 37 -97.54 27.09 -61.50
CA VAL MA 37 -97.96 28.46 -61.78
C VAL MA 37 -96.87 29.44 -61.42
N ASN MA 38 -96.34 29.32 -60.21
CA ASN MA 38 -95.19 30.04 -59.75
C ASN MA 38 -94.14 29.03 -59.47
N TYR MA 39 -92.88 29.40 -59.53
CA TYR MA 39 -91.84 28.41 -59.55
C TYR MA 39 -91.37 28.03 -58.15
N LYS MA 40 -92.17 28.36 -57.11
CA LYS MA 40 -91.86 27.96 -55.75
C LYS MA 40 -91.79 26.47 -55.51
N ASN MA 41 -90.87 26.04 -54.64
CA ASN MA 41 -90.85 24.70 -54.10
C ASN MA 41 -91.85 24.57 -52.97
N THR MA 42 -93.15 24.46 -53.30
CA THR MA 42 -94.23 24.44 -52.33
C THR MA 42 -95.36 23.55 -52.81
N PRO MA 43 -96.06 22.78 -52.00
CA PRO MA 43 -97.23 22.05 -52.42
C PRO MA 43 -98.38 22.99 -52.65
N SER MA 44 -98.24 24.28 -52.32
CA SER MA 44 -99.12 25.30 -52.85
C SER MA 44 -99.08 25.34 -54.37
N SER MA 45 -97.90 25.21 -54.98
CA SER MA 45 -97.74 25.44 -56.41
C SER MA 45 -97.36 24.20 -57.19
N SER MA 46 -96.78 23.17 -56.54
CA SER MA 46 -96.24 22.01 -57.23
C SER MA 46 -97.17 21.28 -58.17
N GLY MA 47 -96.80 21.23 -59.46
CA GLY MA 47 -97.52 20.51 -60.49
C GLY MA 47 -97.59 19.04 -60.25
N LEU MA 48 -96.64 18.49 -59.49
CA LEU MA 48 -96.74 17.14 -59.03
C LEU MA 48 -97.83 16.99 -58.00
N VAL MA 49 -97.87 17.89 -57.01
CA VAL MA 49 -98.82 17.80 -55.92
C VAL MA 49 -100.23 18.14 -56.32
N LYS MA 50 -100.42 19.21 -57.11
CA LYS MA 50 -101.73 19.74 -57.40
C LYS MA 50 -102.64 18.74 -58.10
N SER MA 51 -103.90 18.61 -57.67
CA SER MA 51 -104.79 17.59 -58.21
C SER MA 51 -105.14 17.80 -59.67
N ASN MA 52 -105.59 19.01 -60.04
CA ASN MA 52 -105.90 19.40 -61.40
C ASN MA 52 -105.63 20.91 -61.48
N SER MA 53 -105.01 21.40 -62.56
CA SER MA 53 -104.41 22.73 -62.55
C SER MA 53 -104.17 23.26 -63.95
N THR MA 54 -103.80 24.55 -64.07
CA THR MA 54 -103.68 25.33 -65.29
C THR MA 54 -102.35 26.03 -65.34
N ASN MA 55 -101.53 25.89 -66.41
CA ASN MA 55 -100.31 26.67 -66.51
C ASN MA 55 -99.98 27.10 -67.94
N VAL MA 56 -99.47 28.33 -68.11
CA VAL MA 56 -98.85 28.76 -69.35
C VAL MA 56 -97.35 28.56 -69.29
N THR MA 57 -96.79 27.81 -70.25
CA THR MA 57 -95.34 27.73 -70.45
C THR MA 57 -94.90 28.29 -71.79
N LEU MA 58 -93.66 27.96 -72.20
CA LEU MA 58 -93.07 28.26 -73.48
C LEU MA 58 -92.33 27.02 -73.93
N LYS MA 59 -92.65 26.49 -75.13
CA LYS MA 59 -92.04 25.27 -75.63
C LYS MA 59 -91.76 25.43 -77.11
N ASP MA 60 -90.47 25.32 -77.50
CA ASP MA 60 -90.01 25.37 -78.87
C ASP MA 60 -90.49 26.59 -79.65
N GLY MA 61 -90.41 27.77 -79.01
CA GLY MA 61 -90.72 29.04 -79.64
C GLY MA 61 -92.16 29.41 -79.71
N LYS MA 62 -93.06 28.59 -79.16
CA LYS MA 62 -94.45 28.95 -79.06
C LYS MA 62 -94.89 28.86 -77.63
N VAL MA 63 -95.61 29.87 -77.10
CA VAL MA 63 -96.25 29.75 -75.80
C VAL MA 63 -97.35 28.71 -75.78
N VAL MA 64 -97.38 27.89 -74.74
CA VAL MA 64 -98.31 26.79 -74.68
C VAL MA 64 -99.16 26.97 -73.47
N PHE MA 65 -100.49 26.81 -73.61
CA PHE MA 65 -101.34 26.68 -72.46
C PHE MA 65 -101.55 25.21 -72.22
N SER MA 66 -101.29 24.73 -71.02
CA SER MA 66 -101.55 23.36 -70.63
C SER MA 66 -102.48 23.30 -69.44
N VAL MA 67 -103.27 22.22 -69.35
CA VAL MA 67 -104.21 22.07 -68.27
C VAL MA 67 -104.17 20.62 -67.90
N LYS MA 68 -104.32 20.33 -66.59
CA LYS MA 68 -104.25 19.03 -65.98
C LYS MA 68 -105.66 18.61 -65.53
N VAL MA 76 -106.85 13.85 -68.46
CA VAL MA 76 -105.50 14.22 -67.90
C VAL MA 76 -104.57 14.75 -68.98
N ASN MA 77 -104.09 16.02 -68.84
CA ASN MA 77 -103.13 16.68 -69.71
C ASN MA 77 -103.64 17.08 -71.08
N GLN MA 78 -103.73 18.39 -71.33
CA GLN MA 78 -104.17 18.94 -72.60
C GLN MA 78 -103.16 19.99 -73.04
N HIS MA 79 -103.23 20.44 -74.30
CA HIS MA 79 -102.34 21.48 -74.81
C HIS MA 79 -103.04 22.37 -75.81
N PHE MA 80 -102.75 23.68 -75.76
CA PHE MA 80 -103.39 24.67 -76.60
C PHE MA 80 -102.40 25.78 -76.94
N LYS MA 81 -102.70 26.57 -77.99
CA LYS MA 81 -101.81 27.57 -78.54
C LYS MA 81 -102.27 29.04 -78.27
N MET MA 85 -103.71 36.59 -76.96
CA MET MA 85 -104.24 36.63 -75.53
C MET MA 85 -105.69 36.25 -75.35
N LYS MA 86 -106.60 36.69 -76.23
CA LYS MA 86 -108.01 36.43 -76.09
C LYS MA 86 -108.35 34.95 -76.08
N ASN MA 87 -107.72 34.16 -76.97
CA ASN MA 87 -107.93 32.72 -77.02
C ASN MA 87 -107.56 32.03 -75.72
N VAL MA 88 -106.41 32.40 -75.14
CA VAL MA 88 -105.93 31.95 -73.85
C VAL MA 88 -106.90 32.31 -72.75
N GLU MA 89 -107.35 33.57 -72.73
CA GLU MA 89 -108.34 34.01 -71.77
C GLU MA 89 -109.62 33.17 -71.81
N LYS MA 90 -110.18 32.97 -73.01
CA LYS MA 90 -111.35 32.15 -73.18
C LYS MA 90 -111.17 30.72 -72.72
N LEU MA 91 -110.06 30.09 -73.11
CA LEU MA 91 -109.71 28.75 -72.69
C LEU MA 91 -109.60 28.58 -71.19
N LEU MA 92 -108.87 29.49 -70.51
CA LEU MA 92 -108.82 29.53 -69.07
C LEU MA 92 -110.17 29.65 -68.40
N GLN MA 93 -111.04 30.53 -68.94
CA GLN MA 93 -112.37 30.77 -68.44
C GLN MA 93 -113.20 29.52 -68.45
N GLN MA 94 -113.10 28.80 -69.57
CA GLN MA 94 -113.63 27.47 -69.78
C GLN MA 94 -113.05 26.47 -68.78
N HIS MA 95 -111.90 25.89 -69.10
CA HIS MA 95 -111.38 24.71 -68.47
C HIS MA 95 -110.88 24.88 -67.05
N GLY MA 96 -110.48 26.11 -66.65
CA GLY MA 96 -109.95 26.40 -65.32
C GLY MA 96 -110.83 26.21 -64.11
N SER MA 97 -110.23 26.35 -62.92
CA SER MA 97 -110.93 26.23 -61.67
C SER MA 97 -110.20 27.05 -60.57
N LYS MA 102 -108.24 34.07 -57.49
CA LYS MA 102 -106.82 34.55 -57.32
C LYS MA 102 -105.85 34.07 -58.40
N ASN MA 103 -105.79 32.74 -58.60
CA ASN MA 103 -104.85 32.12 -59.51
C ASN MA 103 -105.07 32.48 -60.95
N LYS MA 104 -106.32 32.52 -61.44
CA LYS MA 104 -106.62 32.81 -62.84
C LYS MA 104 -106.08 34.16 -63.23
N GLU MA 105 -106.37 35.14 -62.37
CA GLU MA 105 -105.91 36.48 -62.42
C GLU MA 105 -104.40 36.59 -62.45
N LYS MA 106 -103.73 35.82 -61.58
CA LYS MA 106 -102.28 35.72 -61.60
C LYS MA 106 -101.75 35.11 -62.88
N LEU MA 107 -102.35 34.03 -63.35
CA LEU MA 107 -102.01 33.35 -64.56
C LEU MA 107 -102.14 34.22 -65.78
N LEU MA 108 -103.24 34.98 -65.91
CA LEU MA 108 -103.41 35.92 -67.00
C LEU MA 108 -102.29 36.94 -67.05
N LYS MA 109 -101.94 37.47 -65.86
CA LYS MA 109 -100.84 38.39 -65.71
C LYS MA 109 -99.51 37.78 -66.11
N LYS MA 110 -99.26 36.53 -65.66
CA LYS MA 110 -98.13 35.75 -66.08
C LYS MA 110 -98.08 35.57 -67.59
N TYR MA 111 -99.19 35.24 -68.24
CA TYR MA 111 -99.24 35.11 -69.68
C TYR MA 111 -98.85 36.40 -70.38
N LYS MA 112 -99.33 37.57 -69.95
CA LYS MA 112 -98.92 38.81 -70.60
C LYS MA 112 -97.42 39.03 -70.59
N ARG MA 113 -96.81 38.80 -69.42
CA ARG MA 113 -95.40 38.92 -69.20
C ARG MA 113 -94.61 37.95 -70.06
N LEU MA 114 -95.06 36.70 -70.11
CA LEU MA 114 -94.54 35.64 -70.91
C LEU MA 114 -94.62 35.93 -72.40
N SER MA 115 -95.75 36.51 -72.83
CA SER MA 115 -96.11 36.82 -74.20
C SER MA 115 -95.07 37.67 -74.88
N LYS MA 116 -94.54 38.69 -74.17
CA LYS MA 116 -93.43 39.50 -74.63
C LYS MA 116 -92.23 38.74 -75.21
N LEU MA 117 -91.82 37.57 -74.67
CA LEU MA 117 -90.68 36.83 -75.20
C LEU MA 117 -90.76 36.37 -76.66
N TYR MA 118 -89.60 36.36 -77.37
CA TYR MA 118 -89.42 35.79 -78.69
C TYR MA 118 -87.98 35.23 -78.82
N ALA NA 1 -40.61 9.08 -6.41
CA ALA NA 1 -40.09 10.48 -6.33
C ALA NA 1 -41.07 11.41 -5.65
N LYS NA 2 -40.59 12.35 -4.80
CA LYS NA 2 -41.44 13.02 -3.83
C LYS NA 2 -42.55 13.84 -4.43
N SER NA 3 -43.79 13.40 -4.17
CA SER NA 3 -44.97 13.87 -4.88
C SER NA 3 -46.09 13.90 -3.88
N LYS NA 4 -46.90 14.97 -3.86
CA LYS NA 4 -47.83 15.22 -2.77
C LYS NA 4 -48.83 14.11 -2.57
N ASN NA 5 -49.10 13.76 -1.33
CA ASN NA 5 -49.57 12.44 -1.02
C ASN NA 5 -51.03 12.46 -0.70
N HIS NA 6 -51.58 13.64 -0.38
CA HIS NA 6 -52.99 13.74 -0.18
C HIS NA 6 -53.40 15.20 -0.31
N THR NA 7 -54.71 15.39 -0.29
CA THR NA 7 -55.44 16.62 -0.19
C THR NA 7 -56.86 16.29 -0.51
N ASN NA 8 -57.77 16.88 0.26
CA ASN NA 8 -59.18 16.82 0.01
C ASN NA 8 -59.60 17.98 -0.88
N HIS NA 9 -58.68 18.88 -1.25
CA HIS NA 9 -59.01 20.07 -2.02
C HIS NA 9 -59.73 19.77 -3.32
N ASN NA 10 -60.64 20.66 -3.74
CA ASN NA 10 -61.46 20.54 -4.92
C ASN NA 10 -62.52 19.43 -4.89
N GLN NA 11 -62.39 18.40 -4.04
CA GLN NA 11 -63.40 17.35 -3.92
C GLN NA 11 -64.77 17.86 -3.56
N ASN NA 12 -64.87 18.75 -2.57
CA ASN NA 12 -66.12 19.34 -2.17
C ASN NA 12 -66.79 20.07 -3.32
N ARG NA 13 -65.98 20.82 -4.09
CA ARG NA 13 -66.40 21.61 -5.22
C ARG NA 13 -67.00 20.72 -6.30
N LYS NA 14 -66.35 19.60 -6.61
CA LYS NA 14 -66.94 18.59 -7.45
C LYS NA 14 -68.23 18.02 -6.89
N ALA NA 15 -68.24 17.68 -5.61
CA ALA NA 15 -69.36 17.04 -4.98
C ALA NA 15 -70.64 17.84 -5.06
N HIS NA 16 -70.60 19.14 -4.79
CA HIS NA 16 -71.81 19.94 -4.88
C HIS NA 16 -72.33 20.13 -6.29
N LYS NA 17 -71.55 19.83 -7.32
CA LYS NA 17 -71.85 20.18 -8.69
C LYS NA 17 -73.10 19.50 -9.22
N ASN NA 18 -73.31 18.23 -8.84
CA ASN NA 18 -74.48 17.46 -9.22
C ASN NA 18 -75.38 17.40 -8.02
N GLY NA 19 -75.01 18.17 -6.98
CA GLY NA 19 -75.70 18.28 -5.71
C GLY NA 19 -75.41 17.12 -4.82
N ILE NA 20 -75.54 17.30 -3.50
CA ILE NA 20 -75.43 16.15 -2.62
C ILE NA 20 -76.70 15.34 -2.74
N LYS NA 21 -76.61 14.18 -3.40
CA LYS NA 21 -77.75 13.36 -3.73
C LYS NA 21 -78.42 12.77 -2.50
N LYS NA 22 -79.74 12.59 -2.58
CA LYS NA 22 -80.52 12.02 -1.51
C LYS NA 22 -80.88 10.59 -1.84
N PRO NA 23 -81.18 9.71 -0.89
CA PRO NA 23 -81.86 8.45 -1.17
C PRO NA 23 -83.23 8.66 -1.78
N LYS NA 24 -83.85 7.61 -2.32
CA LYS NA 24 -85.07 7.76 -3.09
C LYS NA 24 -86.32 7.54 -2.28
N LYS NA 25 -86.19 7.30 -0.96
CA LYS NA 25 -87.27 7.44 0.00
C LYS NA 25 -88.49 6.59 -0.27
N HIS NA 26 -88.29 5.31 -0.62
CA HIS NA 26 -89.40 4.41 -0.87
C HIS NA 26 -90.27 4.16 0.36
N LYS NA 27 -91.59 4.08 0.18
CA LYS NA 27 -92.49 3.88 1.29
C LYS NA 27 -92.38 2.50 1.90
N PHE NA 28 -92.37 1.48 1.06
CA PHE NA 28 -92.23 0.11 1.48
C PHE NA 28 -90.81 -0.31 1.23
N MET NA 29 -90.35 -1.38 1.86
CA MET NA 29 -89.07 -1.94 1.51
C MET NA 29 -89.09 -3.38 1.90
N SER NA 30 -88.12 -4.19 1.42
CA SER NA 30 -88.06 -5.58 1.81
C SER NA 30 -87.88 -5.84 3.29
N ARG NA 31 -88.55 -6.88 3.75
CA ARG NA 31 -88.62 -7.27 5.13
C ARG NA 31 -87.78 -8.50 5.39
N LYS NA 32 -86.91 -8.88 4.43
CA LYS NA 32 -86.15 -10.12 4.45
C LYS NA 32 -85.48 -10.47 5.77
N GLY NA 33 -84.58 -9.61 6.27
CA GLY NA 33 -83.84 -9.93 7.48
C GLY NA 33 -84.58 -9.62 8.72
N LEU NA 34 -85.60 -8.78 8.62
CA LEU NA 34 -86.37 -8.34 9.75
C LEU NA 34 -87.13 -9.48 10.42
N ASP NA 35 -87.09 -9.55 11.75
CA ASP NA 35 -87.72 -10.48 12.66
C ASP NA 35 -88.59 -11.62 12.13
N PRO NA 36 -88.05 -12.80 11.87
CA PRO NA 36 -88.78 -14.05 11.97
C PRO NA 36 -89.58 -14.16 13.26
N ASN NA 37 -90.71 -14.88 13.21
CA ASN NA 37 -91.84 -14.80 14.13
C ASN NA 37 -92.80 -13.77 13.63
N PHE NA 38 -92.56 -12.48 13.89
CA PHE NA 38 -93.55 -11.47 13.59
C PHE NA 38 -93.95 -11.43 12.12
N PHE NA 39 -92.99 -11.50 11.19
CA PHE NA 39 -93.37 -11.40 9.81
C PHE NA 39 -94.00 -12.67 9.27
N ARG NA 40 -93.62 -13.87 9.75
CA ARG NA 40 -94.34 -15.05 9.33
C ARG NA 40 -95.79 -15.03 9.77
N ASN NA 41 -96.06 -14.54 10.99
CA ASN NA 41 -97.41 -14.29 11.48
C ASN NA 41 -98.20 -13.38 10.54
N GLN NA 42 -97.57 -12.29 10.12
CA GLN NA 42 -98.14 -11.39 9.15
C GLN NA 42 -98.47 -12.04 7.83
N LYS NA 43 -97.60 -12.90 7.30
CA LYS NA 43 -97.89 -13.63 6.08
C LYS NA 43 -99.17 -14.45 6.18
N TYR NA 44 -99.37 -15.14 7.31
CA TYR NA 44 -100.63 -15.79 7.60
C TYR NA 44 -101.79 -14.81 7.64
N CYS NA 45 -101.64 -13.63 8.28
CA CYS NA 45 -102.70 -12.64 8.35
C CYS NA 45 -103.15 -12.16 6.98
N LEU NA 46 -102.17 -11.83 6.12
CA LEU NA 46 -102.44 -11.39 4.78
C LEU NA 46 -103.15 -12.44 3.98
N LYS NA 47 -102.71 -13.71 4.09
CA LYS NA 47 -103.40 -14.80 3.45
C LYS NA 47 -104.84 -14.97 3.90
N GLY NA 48 -105.09 -14.89 5.23
CA GLY NA 48 -106.42 -14.92 5.80
C GLY NA 48 -107.37 -13.86 5.31
N ILE NA 49 -106.94 -12.59 5.38
CA ILE NA 49 -107.75 -11.45 4.95
C ILE NA 49 -108.05 -11.51 3.47
N GLN NA 50 -107.01 -11.82 2.68
CA GLN NA 50 -107.11 -11.96 1.25
C GLN NA 50 -108.07 -13.06 0.87
N LYS NA 51 -108.00 -14.23 1.53
CA LYS NA 51 -108.91 -15.32 1.28
C LYS NA 51 -110.36 -14.97 1.54
N LYS NA 52 -110.65 -14.31 2.68
CA LYS NA 52 -111.99 -13.81 2.95
C LYS NA 52 -112.49 -12.83 1.89
N LYS NA 53 -111.64 -11.87 1.49
CA LYS NA 53 -111.98 -10.88 0.49
C LYS NA 53 -112.28 -11.49 -0.88
N LYS NA 54 -111.46 -12.45 -1.32
CA LYS NA 54 -111.63 -13.21 -2.55
C LYS NA 54 -112.93 -13.97 -2.57
N GLU NA 55 -113.26 -14.68 -1.49
CA GLU NA 55 -114.46 -15.47 -1.38
C GLU NA 55 -115.71 -14.62 -1.47
N LEU NA 56 -115.74 -13.47 -0.77
CA LEU NA 56 -116.77 -12.46 -0.89
C LEU NA 56 -116.89 -11.89 -2.29
N LYS NA 57 -115.79 -11.50 -2.96
CA LYS NA 57 -115.84 -11.03 -4.33
C LYS NA 57 -116.39 -12.05 -5.32
N LEU NA 58 -115.94 -13.33 -5.22
CA LEU NA 58 -116.46 -14.43 -6.01
C LEU NA 58 -117.95 -14.61 -5.80
N LYS NA 59 -118.40 -14.57 -4.54
CA LYS NA 59 -119.79 -14.71 -4.17
C LYS NA 59 -120.64 -13.63 -4.78
N ALA NA 60 -120.20 -12.36 -4.73
CA ALA NA 60 -120.86 -11.28 -5.42
C ALA NA 60 -120.92 -11.49 -6.92
N LYS NA 61 -119.80 -11.87 -7.56
CA LYS NA 61 -119.75 -12.11 -8.99
C LYS NA 61 -120.61 -13.25 -9.53
N GLN NA 62 -120.51 -14.44 -8.91
CA GLN NA 62 -121.34 -15.59 -9.23
C GLN NA 62 -122.82 -15.33 -8.99
N GLU NA 63 -123.16 -14.69 -7.85
CA GLU NA 63 -124.52 -14.24 -7.53
C GLU NA 63 -125.07 -13.26 -8.56
N LYS NA 64 -124.27 -12.26 -8.98
CA LYS NA 64 -124.59 -11.33 -10.05
C LYS NA 64 -124.83 -12.03 -11.38
N ASN NA 65 -123.96 -12.99 -11.76
CA ASN NA 65 -124.10 -13.82 -12.93
C ASN NA 65 -125.41 -14.64 -12.99
N ASN NA 66 -125.78 -15.34 -11.90
CA ASN NA 66 -126.95 -16.22 -11.80
C ASN NA 66 -126.88 -17.47 -12.74
N SER OA 1 52.98 -56.34 -16.94
CA SER OA 1 54.35 -56.97 -16.82
C SER OA 1 54.89 -57.61 -18.09
N ALA OA 2 54.14 -58.50 -18.79
CA ALA OA 2 54.56 -59.07 -20.06
C ALA OA 2 54.80 -58.04 -21.15
N GLY OA 3 53.87 -57.07 -21.27
CA GLY OA 3 53.94 -55.93 -22.17
C GLY OA 3 55.15 -55.07 -21.92
N ASP OA 4 55.42 -54.77 -20.64
CA ASP OA 4 56.56 -54.01 -20.18
C ASP OA 4 57.86 -54.67 -20.59
N ASN OA 5 57.96 -56.00 -20.44
CA ASN OA 5 59.08 -56.78 -20.92
C ASN OA 5 59.30 -56.64 -22.42
N ILE OA 6 58.24 -56.75 -23.24
CA ILE OA 6 58.29 -56.44 -24.67
C ILE OA 6 58.77 -55.03 -24.91
N ASN OA 7 58.22 -54.05 -24.19
CA ASN OA 7 58.60 -52.66 -24.29
C ASN OA 7 60.08 -52.43 -24.00
N ALA OA 8 60.65 -53.04 -22.96
CA ALA OA 8 62.07 -53.03 -22.71
C ALA OA 8 62.92 -53.61 -23.83
N LYS OA 9 62.54 -54.78 -24.36
CA LYS OA 9 63.19 -55.37 -25.52
C LYS OA 9 63.17 -54.45 -26.72
N LEU OA 10 62.00 -53.84 -26.96
CA LEU OA 10 61.77 -52.89 -28.02
C LEU OA 10 62.66 -51.68 -27.87
N GLN OA 11 62.82 -51.18 -26.65
CA GLN OA 11 63.70 -50.10 -26.32
C GLN OA 11 65.15 -50.41 -26.69
N LEU OA 12 65.62 -51.64 -26.40
CA LEU OA 12 66.91 -52.10 -26.90
C LEU OA 12 66.99 -52.09 -28.43
N VAL OA 13 65.94 -52.58 -29.09
CA VAL OA 13 65.89 -52.65 -30.54
C VAL OA 13 65.98 -51.28 -31.15
N MET OA 14 65.23 -50.33 -30.61
CA MET OA 14 65.21 -48.95 -31.00
C MET OA 14 66.59 -48.36 -30.89
N LYS OA 15 67.29 -48.58 -29.77
CA LYS OA 15 68.64 -48.13 -29.62
C LYS OA 15 69.63 -48.72 -30.63
N SER OA 16 69.69 -50.04 -30.84
CA SER OA 16 70.81 -50.62 -31.59
C SER OA 16 70.49 -51.55 -32.76
N GLY OA 17 69.22 -51.69 -33.20
CA GLY OA 17 68.88 -52.42 -34.41
C GLY OA 17 68.93 -51.60 -35.68
N LYS OA 18 68.47 -52.18 -36.81
CA LYS OA 18 68.03 -51.43 -37.96
C LYS OA 18 66.54 -51.65 -38.07
N TYR OA 19 65.76 -50.56 -38.14
CA TYR OA 19 64.32 -50.66 -38.21
C TYR OA 19 63.72 -49.58 -39.08
N GLN OA 20 62.44 -49.76 -39.46
CA GLN OA 20 61.70 -48.82 -40.27
C GLN OA 20 60.23 -48.86 -39.89
N PHE OA 21 59.57 -47.71 -39.74
CA PHE OA 21 58.14 -47.69 -39.46
C PHE OA 21 57.33 -47.03 -40.56
N GLY OA 22 56.07 -47.49 -40.71
CA GLY OA 22 55.14 -47.04 -41.73
C GLY OA 22 54.84 -48.06 -42.79
N ARG OA 23 53.59 -48.00 -43.31
CA ARG OA 23 53.00 -48.94 -44.23
C ARG OA 23 53.87 -49.32 -45.41
N LYS OA 24 54.37 -48.33 -46.17
CA LYS OA 24 55.07 -48.64 -47.40
C LYS OA 24 56.39 -49.33 -47.12
N SER OA 25 57.16 -48.85 -46.15
CA SER OA 25 58.37 -49.52 -45.68
C SER OA 25 58.11 -50.94 -45.20
N CYS OA 26 57.01 -51.17 -44.47
CA CYS OA 26 56.64 -52.48 -44.00
C CYS OA 26 56.44 -53.45 -45.16
N LEU OA 27 55.68 -53.03 -46.18
CA LEU OA 27 55.44 -53.82 -47.35
C LEU OA 27 56.73 -54.17 -48.08
N LYS OA 28 57.60 -53.17 -48.35
CA LYS OA 28 58.89 -53.43 -48.95
C LYS OA 28 59.73 -54.41 -48.15
N ALA OA 29 59.84 -54.21 -46.83
CA ALA OA 29 60.61 -55.09 -45.98
C ALA OA 29 60.21 -56.56 -46.00
N LEU OA 30 58.92 -56.86 -45.85
CA LEU OA 30 58.39 -58.19 -45.94
C LEU OA 30 58.57 -58.79 -47.29
N ARG OA 31 58.29 -58.01 -48.33
CA ARG OA 31 58.41 -58.43 -49.72
C ARG OA 31 59.82 -58.88 -50.06
N THR OA 32 60.79 -58.08 -49.62
CA THR OA 32 62.20 -58.41 -49.69
C THR OA 32 62.55 -59.65 -48.89
N GLY OA 33 62.01 -59.73 -47.65
CA GLY OA 33 62.41 -60.72 -46.66
C GLY OA 33 63.45 -60.16 -45.74
N LYS OA 34 63.70 -58.85 -45.83
CA LYS OA 34 64.63 -58.11 -45.02
C LYS OA 34 64.21 -58.13 -43.56
N GLY OA 35 62.89 -57.97 -43.32
CA GLY OA 35 62.27 -58.04 -41.99
C GLY OA 35 62.53 -59.30 -41.21
N LYS OA 36 62.60 -59.16 -39.87
CA LYS OA 36 62.68 -60.29 -38.97
C LYS OA 36 61.46 -60.36 -38.08
N LEU OA 37 60.78 -59.23 -37.83
CA LEU OA 37 59.70 -59.20 -36.88
C LEU OA 37 58.87 -57.95 -37.09
N VAL OA 38 57.54 -58.07 -37.14
CA VAL OA 38 56.66 -56.95 -37.31
C VAL OA 38 55.91 -56.69 -36.02
N ILE OA 39 55.81 -55.42 -35.57
CA ILE OA 39 55.14 -55.09 -34.32
C ILE OA 39 54.08 -54.08 -34.64
N VAL OA 40 52.82 -54.45 -34.38
CA VAL OA 40 51.65 -53.75 -34.84
C VAL OA 40 50.77 -53.24 -33.70
N SER OA 41 50.51 -51.93 -33.68
CA SER OA 41 49.59 -51.36 -32.70
C SER OA 41 48.15 -51.78 -32.91
N SER OA 42 47.41 -51.96 -31.81
CA SER OA 42 46.04 -52.44 -31.78
C SER OA 42 45.09 -51.63 -32.62
N ASN OA 43 45.31 -50.31 -32.64
CA ASN OA 43 44.47 -49.31 -33.25
C ASN OA 43 44.29 -49.45 -34.73
N CYS OA 44 45.37 -49.86 -35.44
CA CYS OA 44 45.50 -49.96 -36.88
C CYS OA 44 44.23 -50.24 -37.65
N PRO OA 45 43.88 -49.51 -38.73
CA PRO OA 45 42.72 -49.82 -39.54
C PRO OA 45 42.73 -51.25 -40.01
N SER OA 46 41.57 -51.93 -39.90
CA SER OA 46 41.46 -53.38 -39.98
C SER OA 46 42.05 -53.96 -41.25
N ILE OA 47 41.73 -53.32 -42.39
CA ILE OA 47 42.20 -53.74 -43.67
C ILE OA 47 43.71 -53.69 -43.77
N GLN OA 48 44.35 -52.59 -43.30
CA GLN OA 48 45.80 -52.51 -43.30
C GLN OA 48 46.42 -53.54 -42.40
N ARG OA 49 45.87 -53.73 -41.20
CA ARG OA 49 46.35 -54.72 -40.26
C ARG OA 49 46.32 -56.09 -40.89
N SER OA 50 45.19 -56.42 -41.52
CA SER OA 50 45.01 -57.66 -42.22
C SER OA 50 46.03 -57.90 -43.30
N VAL OA 51 46.26 -56.92 -44.19
CA VAL OA 51 47.26 -57.03 -45.25
C VAL OA 51 48.64 -57.29 -44.71
N ILE OA 52 49.07 -56.53 -43.69
CA ILE OA 52 50.36 -56.73 -43.05
C ILE OA 52 50.46 -58.10 -42.44
N GLU OA 53 49.42 -58.57 -41.75
CA GLU OA 53 49.41 -59.88 -41.16
C GLU OA 53 49.59 -60.96 -42.20
N TYR OA 54 48.82 -60.88 -43.29
CA TYR OA 54 48.94 -61.81 -44.40
C TYR OA 54 50.33 -61.81 -45.02
N TYR OA 55 50.89 -60.62 -45.29
CA TYR OA 55 52.21 -60.52 -45.87
C TYR OA 55 53.28 -61.16 -44.98
N ALA OA 56 53.24 -60.85 -43.69
CA ALA OA 56 54.14 -61.38 -42.70
C ALA OA 56 54.09 -62.87 -42.57
N MET OA 57 52.86 -63.40 -42.47
CA MET OA 57 52.62 -64.82 -42.49
C MET OA 57 53.17 -65.50 -43.71
N LEU OA 58 52.93 -64.93 -44.90
CA LEU OA 58 53.45 -65.39 -46.16
C LEU OA 58 54.97 -65.45 -46.21
N SER OA 59 55.64 -64.43 -45.65
CA SER OA 59 57.10 -64.32 -45.76
C SER OA 59 57.77 -64.89 -44.53
N LYS OA 60 56.97 -65.53 -43.66
CA LYS OA 60 57.42 -66.25 -42.50
C LYS OA 60 58.18 -65.42 -41.48
N CYS OA 61 57.55 -64.35 -40.97
CA CYS OA 61 58.00 -63.70 -39.76
C CYS OA 61 56.82 -63.49 -38.84
N GLY OA 62 57.10 -63.40 -37.54
CA GLY OA 62 56.10 -63.11 -36.53
C GLY OA 62 55.53 -61.72 -36.61
N VAL OA 63 54.28 -61.62 -36.18
CA VAL OA 63 53.63 -60.35 -35.98
C VAL OA 63 53.29 -60.36 -34.52
N HIS OA 64 53.52 -59.25 -33.82
CA HIS OA 64 53.26 -59.20 -32.41
C HIS OA 64 52.41 -58.00 -32.10
N ASP OA 65 51.29 -58.26 -31.41
CA ASP OA 65 50.36 -57.25 -30.98
C ASP OA 65 50.94 -56.43 -29.85
N TYR OA 66 50.91 -55.10 -29.97
CA TYR OA 66 51.41 -54.24 -28.91
C TYR OA 66 50.31 -53.96 -27.93
N HIS OA 67 50.63 -54.09 -26.63
CA HIS OA 67 49.69 -54.03 -25.55
C HIS OA 67 48.82 -52.78 -25.53
N GLY OA 68 49.43 -51.60 -25.74
CA GLY OA 68 48.73 -50.31 -25.69
C GLY OA 68 48.18 -49.82 -27.01
N ASP OA 69 48.32 -48.50 -27.24
CA ASP OA 69 47.72 -47.78 -28.34
C ASP OA 69 48.78 -47.02 -29.13
N ASN OA 70 48.37 -46.51 -30.31
CA ASN OA 70 49.23 -45.95 -31.33
C ASN OA 70 50.25 -44.94 -30.84
N ASN OA 71 49.82 -43.97 -30.03
CA ASN OA 71 50.72 -43.02 -29.42
C ASN OA 71 51.76 -43.69 -28.54
N ASP OA 72 51.33 -44.63 -27.69
CA ASP OA 72 52.17 -45.30 -26.74
C ASP OA 72 53.23 -46.17 -27.40
N LEU OA 73 52.89 -46.85 -28.52
CA LEU OA 73 53.88 -47.59 -29.28
C LEU OA 73 54.91 -46.67 -29.91
N GLY OA 74 54.52 -45.42 -30.20
CA GLY OA 74 55.42 -44.43 -30.76
C GLY OA 74 56.35 -43.90 -29.71
N THR OA 75 55.82 -43.59 -28.53
CA THR OA 75 56.65 -43.11 -27.44
C THR OA 75 57.53 -44.21 -26.93
N ALA OA 76 57.07 -45.46 -26.96
CA ALA OA 76 57.92 -46.59 -26.69
C ALA OA 76 59.08 -46.71 -27.67
N CYS OA 77 58.87 -46.36 -28.94
CA CYS OA 77 59.94 -46.29 -29.89
C CYS OA 77 60.60 -44.92 -29.91
N GLY OA 78 60.35 -44.06 -28.91
CA GLY OA 78 61.07 -42.81 -28.72
C GLY OA 78 60.68 -41.68 -29.64
N LYS OA 79 59.61 -41.82 -30.41
CA LYS OA 79 59.21 -40.83 -31.37
C LYS OA 79 57.97 -40.13 -30.89
N LEU OA 80 57.70 -38.93 -31.42
CA LEU OA 80 56.62 -38.10 -30.94
C LEU OA 80 55.48 -38.08 -31.94
N PHE OA 81 55.54 -38.91 -32.99
CA PHE OA 81 54.46 -39.11 -33.91
C PHE OA 81 54.04 -40.55 -33.83
N ARG OA 82 52.73 -40.83 -33.80
CA ARG OA 82 52.20 -42.18 -33.72
C ARG OA 82 52.69 -43.10 -34.83
N ILE OA 83 52.73 -44.41 -34.58
CA ILE OA 83 53.61 -45.27 -35.35
C ILE OA 83 52.90 -46.38 -36.11
N SER OA 84 51.90 -47.07 -35.51
CA SER OA 84 51.02 -48.05 -36.14
C SER OA 84 51.66 -49.39 -36.42
N CYS OA 85 52.78 -49.40 -37.14
CA CYS OA 85 53.49 -50.60 -37.48
C CYS OA 85 54.94 -50.29 -37.74
N LEU OA 86 55.83 -51.15 -37.25
CA LEU OA 86 57.22 -51.07 -37.56
C LEU OA 86 57.73 -52.45 -37.88
N VAL OA 87 58.84 -52.49 -38.61
CA VAL OA 87 59.50 -53.70 -38.96
C VAL OA 87 60.92 -53.58 -38.50
N ILE OA 88 61.33 -54.53 -37.65
CA ILE OA 88 62.73 -54.72 -37.36
C ILE OA 88 63.34 -55.44 -38.53
N THR OA 89 64.42 -54.89 -39.10
CA THR OA 89 65.03 -55.52 -40.27
C THR OA 89 66.40 -56.00 -39.92
N ASP OA 90 66.89 -55.65 -38.73
CA ASP OA 90 68.00 -56.32 -38.13
C ASP OA 90 67.82 -56.10 -36.66
N VAL OA 91 67.81 -57.17 -35.85
CA VAL OA 91 67.78 -57.00 -34.41
C VAL OA 91 69.04 -56.34 -33.90
N GLY OA 92 68.91 -55.54 -32.83
CA GLY OA 92 70.04 -55.21 -32.00
C GLY OA 92 70.42 -56.41 -31.17
N ASP OA 93 71.40 -56.26 -30.29
CA ASP OA 93 71.74 -57.29 -29.33
C ASP OA 93 70.73 -57.32 -28.19
N SER OA 94 69.53 -57.82 -28.49
CA SER OA 94 68.35 -57.82 -27.65
C SER OA 94 67.76 -59.20 -27.64
N ASP OA 95 66.86 -59.46 -26.70
CA ASP OA 95 66.22 -60.74 -26.52
C ASP OA 95 64.89 -60.78 -27.26
N ILE OA 96 64.63 -59.79 -28.12
CA ILE OA 96 63.40 -59.58 -28.84
C ILE OA 96 62.94 -60.75 -29.71
N ILE OA 97 63.86 -61.45 -30.40
CA ILE OA 97 63.51 -62.31 -31.52
C ILE OA 97 62.81 -63.61 -31.13
N LYS OA 98 62.94 -64.06 -29.87
CA LYS OA 98 62.39 -65.32 -29.45
C LYS OA 98 60.84 -65.30 -29.24
N PRO PA 1 10.68 60.37 -85.01
CA PRO PA 1 11.26 59.17 -84.29
C PRO PA 1 12.70 59.47 -83.97
N VAL PA 2 13.20 59.01 -82.80
CA VAL PA 2 14.48 59.45 -82.25
C VAL PA 2 15.25 58.29 -81.66
N THR PA 3 16.56 58.48 -81.47
CA THR PA 3 17.46 57.49 -80.92
C THR PA 3 18.10 58.03 -79.68
N LYS PA 4 18.00 57.34 -78.52
CA LYS PA 4 18.65 57.81 -77.31
C LYS PA 4 19.59 56.77 -76.69
N PHE PA 5 20.60 57.24 -75.94
CA PHE PA 5 21.45 56.39 -75.12
C PHE PA 5 21.36 56.84 -73.69
N ILE PA 6 20.97 55.93 -72.79
CA ILE PA 6 20.78 56.22 -71.39
C ILE PA 6 21.59 55.25 -70.55
N THR PA 7 21.76 55.58 -69.26
CA THR PA 7 22.23 54.59 -68.31
C THR PA 7 21.19 54.53 -67.24
N ILE PA 8 20.67 53.33 -66.99
CA ILE PA 8 19.70 53.08 -65.95
C ILE PA 8 20.44 52.44 -64.83
N ASN PA 9 20.39 53.06 -63.65
CA ASN PA 9 20.89 52.45 -62.45
C ASN PA 9 19.88 51.40 -61.99
N LEU PA 10 20.16 50.12 -62.27
CA LEU PA 10 19.24 49.08 -61.89
C LEU PA 10 19.26 48.88 -60.39
N SER PA 11 20.38 49.13 -59.72
CA SER PA 11 20.51 48.89 -58.28
C SER PA 11 19.53 49.66 -57.44
N LYS PA 12 19.36 50.97 -57.67
CA LYS PA 12 18.36 51.74 -56.98
C LYS PA 12 16.95 51.22 -57.16
N LEU PA 13 16.56 50.92 -58.40
CA LEU PA 13 15.23 50.43 -58.70
C LEU PA 13 14.92 49.08 -58.08
N THR PA 14 15.90 48.18 -58.09
CA THR PA 14 15.76 46.78 -57.73
C THR PA 14 15.85 46.59 -56.24
N HIS PA 15 16.38 47.59 -55.53
CA HIS PA 15 16.68 47.65 -54.11
C HIS PA 15 15.73 46.92 -53.17
N LYS PA 16 14.43 47.12 -53.34
CA LYS PA 16 13.43 46.59 -52.45
C LYS PA 16 13.27 45.08 -52.44
N VAL PA 17 13.28 44.45 -53.61
CA VAL PA 17 12.72 43.11 -53.74
C VAL PA 17 13.67 41.98 -53.36
N CYS PA 18 13.11 40.84 -52.95
CA CYS PA 18 13.79 39.61 -52.64
C CYS PA 18 14.60 38.98 -53.78
N TYR PA 19 15.67 38.19 -53.45
CA TYR PA 19 16.48 37.44 -54.40
C TYR PA 19 15.70 36.70 -55.46
N LYS PA 20 14.70 35.95 -55.02
CA LYS PA 20 13.79 35.19 -55.84
C LYS PA 20 13.16 35.93 -57.01
N ARG PA 21 12.90 37.23 -56.87
CA ARG PA 21 12.28 38.01 -57.92
C ARG PA 21 13.24 39.08 -58.46
N LYS PA 22 14.47 39.17 -57.93
CA LYS PA 22 15.44 40.21 -58.24
C LYS PA 22 15.77 40.41 -59.71
N ALA PA 23 16.26 39.37 -60.38
CA ALA PA 23 16.52 39.42 -61.80
C ALA PA 23 15.27 39.62 -62.65
N PRO PA 24 14.13 39.00 -62.35
CA PRO PA 24 12.88 39.30 -63.01
C PRO PA 24 12.52 40.74 -62.89
N ARG PA 25 12.64 41.32 -61.69
CA ARG PA 25 12.32 42.70 -61.50
C ARG PA 25 13.21 43.58 -62.35
N ALA PA 26 14.52 43.29 -62.44
CA ALA PA 26 15.39 44.08 -63.30
C ALA PA 26 14.98 44.08 -64.77
N ILE PA 27 14.61 42.91 -65.33
CA ILE PA 27 14.04 42.87 -66.65
C ILE PA 27 12.73 43.66 -66.76
N LYS PA 28 11.79 43.49 -65.81
CA LYS PA 28 10.51 44.16 -65.75
C LYS PA 28 10.70 45.66 -65.67
N GLU PA 29 11.62 46.08 -64.81
CA GLU PA 29 11.95 47.46 -64.67
C GLU PA 29 12.50 48.06 -65.93
N ILE PA 30 13.41 47.37 -66.67
CA ILE PA 30 13.79 47.85 -67.99
C ILE PA 30 12.61 48.06 -68.92
N ARG PA 31 11.67 47.10 -68.99
CA ARG PA 31 10.51 47.26 -69.85
C ARG PA 31 9.70 48.50 -69.48
N SER PA 32 9.47 48.66 -68.19
CA SER PA 32 8.76 49.79 -67.63
C SER PA 32 9.36 51.14 -67.93
N ILE PA 33 10.67 51.32 -67.69
CA ILE PA 33 11.34 52.58 -67.94
C ILE PA 33 11.31 52.93 -69.39
N ALA PA 34 11.64 51.97 -70.26
CA ALA PA 34 11.75 52.26 -71.66
C ALA PA 34 10.45 52.69 -72.28
N GLY PA 35 9.35 51.97 -71.98
CA GLY PA 35 8.02 52.43 -72.35
C GLY PA 35 7.62 53.78 -71.83
N LYS PA 36 7.81 54.02 -70.51
CA LYS PA 36 7.46 55.28 -69.88
C LYS PA 36 8.20 56.47 -70.45
N LEU PA 37 9.49 56.28 -70.71
CA LEU PA 37 10.35 57.28 -71.28
C LEU PA 37 10.03 57.57 -72.72
N MET PA 38 9.90 56.53 -73.56
CA MET PA 38 9.83 56.71 -75.00
C MET PA 38 8.40 56.84 -75.52
N HIS PA 39 7.41 56.69 -74.63
CA HIS PA 39 6.00 56.87 -74.92
C HIS PA 39 5.40 55.83 -75.82
N THR PA 40 5.68 54.55 -75.55
CA THR PA 40 5.05 53.46 -76.26
C THR PA 40 4.49 52.53 -75.23
N LYS PA 41 3.54 51.68 -75.64
CA LYS PA 41 3.04 50.63 -74.77
C LYS PA 41 3.74 49.33 -75.11
N ASP PA 42 4.61 49.37 -76.13
CA ASP PA 42 5.26 48.23 -76.69
C ASP PA 42 6.77 48.41 -76.64
N VAL PA 43 7.43 47.53 -75.89
CA VAL PA 43 8.87 47.52 -75.75
C VAL PA 43 9.34 46.12 -76.04
N ARG PA 44 10.22 45.95 -77.04
CA ARG PA 44 10.87 44.69 -77.32
C ARG PA 44 12.24 44.67 -76.65
N LEU PA 45 12.50 43.67 -75.81
CA LEU PA 45 13.72 43.64 -75.05
C LEU PA 45 14.65 42.66 -75.70
N ASP PA 46 15.73 43.14 -76.35
CA ASP PA 46 16.63 42.27 -77.06
C ASP PA 46 17.30 41.21 -76.19
N VAL PA 47 17.51 40.02 -76.76
CA VAL PA 47 18.08 38.89 -76.10
C VAL PA 47 19.46 39.19 -75.55
N LYS PA 48 20.25 40.02 -76.24
CA LYS PA 48 21.56 40.40 -75.77
C LYS PA 48 21.52 41.11 -74.41
N LEU PA 49 20.58 42.05 -74.23
CA LEU PA 49 20.35 42.73 -72.98
C LEU PA 49 19.91 41.80 -71.90
N ASN PA 50 19.00 40.89 -72.25
CA ASN PA 50 18.50 39.88 -71.37
C ASN PA 50 19.63 39.00 -70.86
N LYS PA 51 20.51 38.57 -71.76
CA LYS PA 51 21.69 37.84 -71.38
C LYS PA 51 22.59 38.62 -70.44
N PHE PA 52 22.89 39.90 -70.75
CA PHE PA 52 23.74 40.69 -69.90
C PHE PA 52 23.21 40.89 -68.48
N ILE PA 53 21.92 41.18 -68.35
CA ILE PA 53 21.31 41.38 -67.04
C ILE PA 53 21.33 40.11 -66.23
N TRP PA 54 21.09 38.96 -66.85
CA TRP PA 54 21.07 37.72 -66.13
C TRP PA 54 22.45 37.12 -65.92
N SER PA 55 23.52 37.72 -66.47
CA SER PA 55 24.82 37.09 -66.54
C SER PA 55 25.41 36.72 -65.19
N LYS PA 56 25.28 37.59 -64.19
CA LYS PA 56 25.80 37.26 -62.88
C LYS PA 56 24.72 36.62 -62.03
N GLY PA 57 23.65 36.12 -62.64
CA GLY PA 57 22.65 35.31 -61.96
C GLY PA 57 21.74 36.02 -61.00
N VAL PA 58 20.76 35.26 -60.48
CA VAL PA 58 19.58 35.79 -59.83
C VAL PA 58 19.82 36.64 -58.62
N ARG PA 59 20.82 36.35 -57.79
CA ARG PA 59 21.07 37.13 -56.59
C ARG PA 59 21.46 38.58 -56.83
N ASN PA 60 22.29 38.88 -57.83
CA ASN PA 60 22.64 40.25 -58.09
C ASN PA 60 22.79 40.52 -59.57
N PRO PA 61 21.76 41.01 -60.24
CA PRO PA 61 21.88 41.76 -61.47
C PRO PA 61 22.98 42.81 -61.50
N PRO PA 62 23.65 43.10 -62.60
CA PRO PA 62 24.56 44.23 -62.68
C PRO PA 62 23.99 45.54 -62.18
N LYS PA 63 24.83 46.39 -61.60
CA LYS PA 63 24.43 47.61 -60.95
C LYS PA 63 23.92 48.65 -61.92
N ARG PA 64 24.57 48.77 -63.09
CA ARG PA 64 24.27 49.77 -64.06
C ARG PA 64 24.26 49.13 -65.44
N VAL PA 65 23.28 49.48 -66.28
CA VAL PA 65 23.25 49.10 -67.68
C VAL PA 65 23.20 50.33 -68.55
N ARG PA 66 23.99 50.33 -69.63
CA ARG PA 66 23.84 51.31 -70.68
C ARG PA 66 22.98 50.75 -71.79
N VAL PA 67 21.76 51.29 -71.90
CA VAL PA 67 20.76 50.88 -72.85
C VAL PA 67 20.59 51.90 -73.96
N LYS PA 68 20.30 51.41 -75.17
CA LYS PA 68 20.08 52.18 -76.36
C LYS PA 68 18.64 51.99 -76.78
N LEU PA 69 17.86 53.09 -76.84
CA LEU PA 69 16.45 53.09 -77.21
C LEU PA 69 16.24 53.61 -78.62
N GLU PA 70 15.39 52.88 -79.36
CA GLU PA 70 15.13 53.05 -80.78
C GLU PA 70 13.65 53.23 -81.10
N ARG PA 71 13.15 54.44 -81.48
CA ARG PA 71 11.75 54.61 -81.89
C ARG PA 71 11.43 54.05 -83.27
N LYS PA 72 10.48 53.10 -83.37
CA LYS PA 72 10.10 52.45 -84.60
C LYS PA 72 8.60 52.37 -84.73
N ARG PA 73 8.11 52.13 -85.96
CA ARG PA 73 6.76 52.51 -86.32
C ARG PA 73 5.97 51.44 -87.09
N ASN PA 74 6.62 50.51 -87.80
CA ASN PA 74 5.94 49.75 -88.83
C ASN PA 74 5.79 48.26 -88.49
N GLU PA 81 -0.31 50.01 -80.98
CA GLU PA 81 -0.70 50.31 -82.40
C GLU PA 81 0.44 50.17 -83.41
N LYS PA 82 0.90 51.27 -84.03
CA LYS PA 82 2.00 51.29 -84.95
C LYS PA 82 3.32 51.43 -84.21
N MET PA 83 3.43 52.45 -83.35
CA MET PA 83 4.65 52.79 -82.68
C MET PA 83 5.18 51.78 -81.67
N TYR PA 84 6.50 51.57 -81.59
CA TYR PA 84 7.10 50.67 -80.65
C TYR PA 84 8.54 51.07 -80.41
N THR PA 85 9.23 50.40 -79.48
CA THR PA 85 10.65 50.64 -79.32
C THR PA 85 11.35 49.38 -78.93
N ILE PA 86 12.62 49.27 -79.30
CA ILE PA 86 13.46 48.14 -78.98
C ILE PA 86 14.53 48.65 -78.08
N VAL PA 87 14.81 47.96 -76.96
CA VAL PA 87 15.98 48.26 -76.16
C VAL PA 87 17.11 47.36 -76.54
N GLU PA 88 18.28 47.95 -76.81
CA GLU PA 88 19.49 47.25 -77.17
C GLU PA 88 20.58 47.60 -76.18
N HIS PA 89 21.45 46.63 -75.84
CA HIS PA 89 22.45 46.76 -74.81
C HIS PA 89 23.79 47.20 -75.34
N VAL PA 90 24.48 48.06 -74.59
CA VAL PA 90 25.80 48.52 -74.96
C VAL PA 90 26.80 48.11 -73.90
N MET PA 91 27.77 47.26 -74.28
CA MET PA 91 28.89 46.89 -73.45
C MET PA 91 29.82 48.06 -73.17
N VAL PA 92 30.44 48.10 -71.98
CA VAL PA 92 31.22 49.27 -71.62
C VAL PA 92 32.40 48.88 -70.75
N ASP PA 93 33.53 49.60 -70.89
CA ASP PA 93 34.67 49.45 -70.02
C ASP PA 93 34.41 49.97 -68.62
N SER PA 94 33.83 51.18 -68.51
CA SER PA 94 33.52 51.79 -67.23
C SER PA 94 32.31 52.69 -67.38
N TYR PA 95 31.42 52.69 -66.39
CA TYR PA 95 30.27 53.58 -66.36
C TYR PA 95 30.61 55.01 -66.13
N LYS PA 96 31.58 55.29 -65.26
CA LYS PA 96 32.02 56.63 -64.89
C LYS PA 96 32.03 57.68 -65.99
N GLY PA 97 31.46 58.86 -65.74
CA GLY PA 97 31.54 59.98 -66.65
C GLY PA 97 30.64 59.94 -67.85
N LEU PA 98 29.76 58.93 -67.98
CA LEU PA 98 28.80 58.87 -69.06
C LEU PA 98 27.48 59.48 -68.65
N VAL PA 99 26.88 60.26 -69.54
CA VAL PA 99 25.64 60.97 -69.26
C VAL PA 99 24.67 60.59 -70.33
N ASN PA 100 23.45 61.12 -70.29
CA ASN PA 100 22.49 60.94 -71.36
C ASN PA 100 22.94 61.53 -72.70
N GLU PA 101 22.54 60.91 -73.83
CA GLU PA 101 22.84 61.52 -75.11
C GLU PA 101 21.82 61.14 -76.16
N CYS PA 102 21.80 61.94 -77.24
CA CYS PA 102 20.84 61.87 -78.31
C CYS PA 102 21.60 61.99 -79.65
N VAL QA 1 -52.09 116.42 27.12
CA VAL QA 1 -51.09 116.64 26.01
C VAL QA 1 -51.66 116.30 24.65
N GLU QA 2 -51.22 116.97 23.57
CA GLU QA 2 -51.73 116.74 22.24
C GLU QA 2 -50.66 117.12 21.23
N LEU QA 3 -50.89 116.82 19.94
CA LEU QA 3 -49.88 116.88 18.91
C LEU QA 3 -50.25 117.92 17.85
N THR QA 4 -49.28 118.76 17.45
CA THR QA 4 -49.47 119.87 16.52
C THR QA 4 -48.80 119.60 15.19
N GLU QA 5 -47.47 119.38 15.18
CA GLU QA 5 -46.73 119.08 13.96
C GLU QA 5 -46.19 117.67 14.00
N GLU QA 6 -46.16 117.03 15.18
CA GLU QA 6 -46.05 115.61 15.29
C GLU QA 6 -47.24 114.88 14.67
N GLU QA 7 -48.37 115.60 14.54
CA GLU QA 7 -49.53 115.14 13.81
C GLU QA 7 -49.21 114.85 12.36
N LEU QA 8 -48.47 115.76 11.70
CA LEU QA 8 -47.97 115.60 10.35
C LEU QA 8 -47.08 114.38 10.19
N TYR QA 9 -46.14 114.19 11.12
CA TYR QA 9 -45.23 113.06 11.12
C TYR QA 9 -45.96 111.73 11.17
N ILE QA 10 -46.94 111.57 12.07
CA ILE QA 10 -47.75 110.37 12.16
C ILE QA 10 -48.55 110.17 10.89
N SER QA 11 -49.12 111.24 10.36
CA SER QA 11 -49.87 111.26 9.12
C SER QA 11 -49.12 110.72 7.91
N LYS QA 12 -47.86 111.13 7.74
CA LYS QA 12 -47.06 110.70 6.59
C LYS QA 12 -46.14 109.53 6.96
N LYS QA 13 -46.43 108.83 8.07
CA LYS QA 13 -45.79 107.58 8.40
C LYS QA 13 -46.26 106.50 7.45
N ASN QA 14 -45.45 106.20 6.42
CA ASN QA 14 -45.88 105.33 5.33
C ASN QA 14 -45.66 103.87 5.71
N LEU QA 15 -46.65 103.25 6.36
CA LEU QA 15 -46.64 101.85 6.69
C LEU QA 15 -46.57 100.95 5.48
N LEU QA 16 -45.88 99.81 5.58
CA LEU QA 16 -45.60 98.99 4.41
C LEU QA 16 -46.82 98.29 3.85
N PHE QA 17 -47.85 98.10 4.67
CA PHE QA 17 -49.14 97.61 4.23
C PHE QA 17 -50.21 98.20 5.13
N LYS QA 18 -51.36 98.52 4.55
CA LYS QA 18 -52.47 99.14 5.20
C LYS QA 18 -53.55 98.09 5.32
N ARG QA 19 -54.81 98.50 5.51
CA ARG QA 19 -55.97 97.66 5.36
C ARG QA 19 -56.06 96.46 6.28
N PHE QA 20 -55.78 96.61 7.57
CA PHE QA 20 -55.86 95.51 8.54
C PHE QA 20 -57.26 94.93 8.61
N VAL QA 21 -57.43 93.64 8.92
CA VAL QA 21 -58.70 92.96 8.69
C VAL QA 21 -59.71 93.17 9.81
N GLU QA 22 -59.37 94.10 10.72
CA GLU QA 22 -60.17 94.78 11.72
C GLU QA 22 -61.65 94.96 11.36
N PRO QA 23 -62.63 94.74 12.24
CA PRO QA 23 -64.04 94.94 11.94
C PRO QA 23 -64.40 96.22 11.21
N GLY QA 24 -65.33 96.15 10.25
CA GLY QA 24 -65.75 97.32 9.50
C GLY QA 24 -64.97 97.63 8.25
N ARG QA 25 -64.11 96.73 7.75
CA ARG QA 25 -63.39 96.94 6.51
C ARG QA 25 -64.12 96.39 5.29
N LEU QA 26 -64.07 97.14 4.16
CA LEU QA 26 -64.70 96.73 2.91
C LEU QA 26 -63.87 95.73 2.12
N CYS QA 27 -64.53 94.72 1.54
CA CYS QA 27 -63.92 93.57 0.91
C CYS QA 27 -64.61 93.13 -0.35
N LEU QA 28 -63.80 92.78 -1.36
CA LEU QA 28 -64.21 92.24 -2.62
C LEU QA 28 -63.92 90.75 -2.67
N ILE QA 29 -64.98 89.92 -2.66
CA ILE QA 29 -64.88 88.46 -2.69
C ILE QA 29 -64.30 87.97 -4.01
N GLU QA 30 -63.20 87.19 -3.96
CA GLU QA 30 -62.51 86.76 -5.15
C GLU QA 30 -62.84 85.34 -5.55
N TYR QA 31 -63.53 84.56 -4.70
CA TYR QA 31 -63.69 83.14 -4.97
C TYR QA 31 -65.00 82.55 -4.47
N GLY QA 32 -65.53 81.59 -5.25
CA GLY QA 32 -66.73 80.83 -4.94
C GLY QA 32 -67.98 81.45 -5.50
N PRO QA 33 -69.14 80.86 -5.27
CA PRO QA 33 -70.39 81.32 -5.84
C PRO QA 33 -70.74 82.77 -5.53
N TYR QA 34 -70.28 83.33 -4.42
CA TYR QA 34 -70.55 84.71 -4.10
C TYR QA 34 -69.40 85.62 -4.49
N ALA QA 35 -68.47 85.17 -5.34
CA ALA QA 35 -67.46 86.03 -5.91
C ALA QA 35 -67.99 87.24 -6.68
N GLY QA 36 -67.22 88.34 -6.65
CA GLY QA 36 -67.53 89.58 -7.36
C GLY QA 36 -68.47 90.48 -6.63
N LYS QA 37 -68.93 90.06 -5.44
CA LYS QA 37 -69.70 90.87 -4.54
C LYS QA 37 -68.81 91.69 -3.62
N LEU QA 38 -69.31 92.87 -3.19
CA LEU QA 38 -68.70 93.60 -2.11
C LEU QA 38 -69.36 93.24 -0.79
N CYS QA 39 -68.62 93.32 0.30
CA CYS QA 39 -69.07 92.88 1.60
C CYS QA 39 -68.27 93.54 2.69
N PHE QA 40 -68.81 93.65 3.91
CA PHE QA 40 -68.03 94.03 5.07
C PHE QA 40 -67.49 92.84 5.86
N ILE QA 41 -66.28 92.97 6.42
CA ILE QA 41 -65.81 92.07 7.46
C ILE QA 41 -66.46 92.43 8.77
N VAL QA 42 -67.35 91.58 9.28
CA VAL QA 42 -67.87 91.76 10.62
C VAL QA 42 -66.90 91.21 11.66
N ASP QA 43 -66.92 89.90 11.92
CA ASP QA 43 -66.11 89.27 12.94
C ASP QA 43 -64.86 88.57 12.41
N ILE QA 44 -64.01 88.11 13.34
CA ILE QA 44 -62.85 87.30 13.07
C ILE QA 44 -63.00 86.09 13.97
N VAL QA 45 -63.03 84.89 13.38
CA VAL QA 45 -63.36 83.65 14.07
C VAL QA 45 -62.11 83.12 14.71
N THR QA 46 -61.05 83.07 13.92
CA THR QA 46 -59.83 82.35 14.19
C THR QA 46 -58.91 82.76 13.09
N ILE QA 47 -57.66 82.25 13.09
CA ILE QA 47 -56.56 82.78 12.31
C ILE QA 47 -56.83 82.66 10.83
N THR QA 48 -57.51 81.59 10.43
CA THR QA 48 -57.97 81.38 9.09
C THR QA 48 -59.26 82.07 8.71
N ARG QA 49 -60.30 82.05 9.56
CA ARG QA 49 -61.64 82.28 9.10
C ARG QA 49 -62.29 83.51 9.69
N VAL QA 50 -63.10 84.21 8.89
CA VAL QA 50 -63.72 85.47 9.23
C VAL QA 50 -65.18 85.42 8.91
N ILE QA 51 -66.00 86.21 9.63
CA ILE QA 51 -67.41 86.28 9.34
C ILE QA 51 -67.62 87.50 8.50
N VAL QA 52 -68.07 87.27 7.27
CA VAL QA 52 -68.31 88.34 6.34
C VAL QA 52 -69.79 88.56 6.25
N ASP QA 53 -70.20 89.76 5.87
CA ASP QA 53 -71.59 90.06 5.77
C ASP QA 53 -71.66 91.11 4.72
N GLY QA 54 -72.32 90.82 3.60
CA GLY QA 54 -72.76 91.86 2.69
C GLY QA 54 -73.59 92.93 3.35
N ALA QA 55 -73.72 94.07 2.68
CA ALA QA 55 -74.77 94.98 3.05
C ALA QA 55 -76.03 94.44 2.44
N PHE QA 56 -77.20 94.86 2.93
CA PHE QA 56 -78.40 94.45 2.26
C PHE QA 56 -78.53 95.21 0.95
N ILE QA 57 -77.80 96.33 0.82
CA ILE QA 57 -77.53 96.96 -0.46
C ILE QA 57 -76.71 96.07 -1.41
N THR QA 58 -75.61 95.42 -0.95
CA THR QA 58 -74.75 94.66 -1.85
C THR QA 58 -75.23 93.26 -2.07
N GLY QA 59 -76.04 92.71 -1.15
CA GLY QA 59 -76.84 91.52 -1.39
C GLY QA 59 -76.15 90.19 -1.38
N VAL QA 60 -75.26 89.92 -0.39
CA VAL QA 60 -74.85 88.58 -0.05
C VAL QA 60 -75.04 88.36 1.44
N PRO QA 61 -75.74 87.34 1.95
CA PRO QA 61 -76.03 87.27 3.37
C PRO QA 61 -74.85 86.94 4.26
N ARG QA 62 -75.03 87.13 5.57
CA ARG QA 62 -74.06 86.89 6.62
C ARG QA 62 -73.57 85.45 6.65
N MET QA 63 -72.24 85.21 6.68
CA MET QA 63 -71.71 83.88 6.58
C MET QA 63 -70.23 83.83 6.86
N VAL QA 64 -69.74 82.65 7.29
CA VAL QA 64 -68.34 82.43 7.53
C VAL QA 64 -67.64 82.10 6.23
N ILE QA 65 -66.46 82.69 5.97
CA ILE QA 65 -65.62 82.31 4.85
C ILE QA 65 -64.16 82.28 5.29
N PRO QA 66 -63.28 81.56 4.63
CA PRO QA 66 -61.85 81.68 4.84
C PRO QA 66 -61.27 82.96 4.28
N LEU QA 67 -60.35 83.58 5.04
CA LEU QA 67 -59.76 84.87 4.75
C LEU QA 67 -59.12 84.94 3.37
N LYS QA 68 -58.64 83.79 2.88
CA LYS QA 68 -57.96 83.67 1.61
C LYS QA 68 -58.82 84.12 0.43
N ARG QA 69 -60.15 84.15 0.58
CA ARG QA 69 -61.00 84.47 -0.54
C ARG QA 69 -61.34 85.95 -0.66
N LEU QA 70 -60.79 86.83 0.18
CA LEU QA 70 -61.16 88.23 0.12
C LEU QA 70 -60.02 89.10 -0.36
N LYS QA 71 -60.37 90.24 -1.00
CA LYS QA 71 -59.41 91.25 -1.34
C LYS QA 71 -59.93 92.55 -0.78
N LEU QA 72 -59.30 92.99 0.32
CA LEU QA 72 -59.63 94.17 1.04
C LEU QA 72 -59.39 95.49 0.33
N LEU QA 73 -60.29 96.44 0.54
CA LEU QA 73 -60.26 97.75 -0.08
C LEU QA 73 -59.84 98.73 0.99
N LYS QA 74 -59.45 99.95 0.60
CA LYS QA 74 -59.01 100.96 1.53
C LYS QA 74 -60.02 101.28 2.62
N GLU QA 75 -61.23 101.57 2.16
CA GLU QA 75 -62.38 102.02 2.90
C GLU QA 75 -62.81 101.15 4.05
N ARG QA 76 -63.22 101.82 5.14
CA ARG QA 76 -63.68 101.14 6.33
C ARG QA 76 -64.70 102.00 7.05
N ILE QA 77 -65.71 101.37 7.66
CA ILE QA 77 -66.68 102.04 8.50
C ILE QA 77 -66.35 101.81 9.96
N LYS QA 78 -66.86 102.69 10.84
CA LYS QA 78 -66.39 102.86 12.22
C LYS QA 78 -67.18 102.00 13.19
N ILE QA 79 -67.93 101.03 12.67
CA ILE QA 79 -68.85 100.19 13.41
C ILE QA 79 -68.29 99.43 14.58
N ASN QA 80 -69.14 99.22 15.60
CA ASN QA 80 -68.86 98.39 16.75
C ASN QA 80 -68.63 96.96 16.34
N LYS QA 81 -67.85 96.22 17.12
CA LYS QA 81 -67.60 94.80 16.96
C LYS QA 81 -68.87 93.96 16.99
N ASN QA 82 -69.83 94.33 17.85
CA ASN QA 82 -71.03 93.58 18.12
C ASN QA 82 -71.94 93.43 16.92
N CYS QA 83 -71.98 94.49 16.08
CA CYS QA 83 -72.92 94.76 15.01
C CYS QA 83 -73.62 93.61 14.29
N LYS QA 84 -74.93 93.80 14.08
CA LYS QA 84 -75.78 92.91 13.31
C LYS QA 84 -76.47 93.71 12.22
N SER QA 85 -77.31 93.04 11.42
CA SER QA 85 -77.61 93.51 10.09
C SER QA 85 -78.37 94.81 10.03
N GLY QA 86 -79.34 95.05 10.93
CA GLY QA 86 -80.10 96.30 10.93
C GLY QA 86 -79.25 97.54 11.13
N PHE QA 87 -78.40 97.52 12.18
CA PHE QA 87 -77.46 98.57 12.47
C PHE QA 87 -76.49 98.76 11.33
N LEU QA 88 -76.01 97.65 10.74
CA LEU QA 88 -75.17 97.71 9.58
C LEU QA 88 -75.84 98.38 8.38
N ARG QA 89 -77.11 98.08 8.06
CA ARG QA 89 -77.79 98.77 6.97
C ARG QA 89 -77.91 100.28 7.21
N LYS QA 90 -78.36 100.68 8.41
CA LYS QA 90 -78.48 102.08 8.77
C LYS QA 90 -77.16 102.84 8.67
N THR QA 91 -76.09 102.25 9.19
CA THR QA 91 -74.77 102.85 9.19
C THR QA 91 -74.14 102.92 7.81
N VAL QA 92 -74.15 101.83 7.02
CA VAL QA 92 -73.47 101.80 5.74
C VAL QA 92 -74.02 102.80 4.75
N ASN QA 93 -75.36 102.93 4.70
CA ASN QA 93 -76.03 103.93 3.92
C ASN QA 93 -75.67 105.33 4.37
N SER QA 94 -75.70 105.57 5.70
CA SER QA 94 -75.51 106.90 6.28
C SER QA 94 -74.16 107.50 5.99
N THR QA 95 -73.07 106.73 6.19
CA THR QA 95 -71.74 107.27 5.97
C THR QA 95 -71.31 107.23 4.51
N LYS QA 96 -72.12 106.60 3.65
CA LYS QA 96 -71.95 106.57 2.20
C LYS QA 96 -70.66 105.94 1.72
N VAL QA 97 -70.26 104.80 2.31
CA VAL QA 97 -68.96 104.23 1.97
C VAL QA 97 -68.91 103.59 0.58
N LEU QA 98 -70.00 102.96 0.13
CA LEU QA 98 -70.06 102.35 -1.18
C LEU QA 98 -69.84 103.35 -2.28
N GLU QA 99 -70.40 104.56 -2.10
CA GLU QA 99 -70.21 105.66 -3.02
C GLU QA 99 -68.75 106.02 -3.17
N GLU QA 100 -68.02 106.09 -2.04
CA GLU QA 100 -66.59 106.31 -2.03
C GLU QA 100 -65.84 105.25 -2.80
N PHE QA 101 -66.18 103.96 -2.61
CA PHE QA 101 -65.60 102.89 -3.42
C PHE QA 101 -65.89 103.06 -4.90
N ASN QA 102 -67.13 103.38 -5.28
CA ASN QA 102 -67.48 103.60 -6.66
C ASN QA 102 -66.72 104.74 -7.32
N ASN QA 103 -66.58 105.86 -6.60
CA ASN QA 103 -65.74 106.97 -6.99
C ASN QA 103 -64.27 106.63 -7.15
N SER QA 104 -63.72 105.78 -6.26
CA SER QA 104 -62.37 105.23 -6.40
C SER QA 104 -62.15 104.49 -7.70
N LYS QA 105 -60.88 104.46 -8.18
CA LYS QA 105 -60.54 104.00 -9.50
C LYS QA 105 -60.98 102.59 -9.79
N LEU QA 106 -60.72 101.64 -8.88
CA LEU QA 106 -61.07 100.26 -9.10
C LEU QA 106 -62.58 100.07 -9.21
N GLY QA 107 -63.36 100.71 -8.33
CA GLY QA 107 -64.81 100.77 -8.46
C GLY QA 107 -65.31 101.38 -9.75
N LYS QA 108 -64.70 102.48 -10.20
CA LYS QA 108 -65.06 103.12 -11.45
C LYS QA 108 -64.83 102.19 -12.65
N LYS QA 109 -63.68 101.51 -12.66
CA LYS QA 109 -63.37 100.55 -13.67
C LYS QA 109 -64.33 99.36 -13.62
N MET QA 110 -64.70 98.92 -12.42
CA MET QA 110 -65.68 97.89 -12.21
C MET QA 110 -67.05 98.18 -12.81
N ILE QA 111 -67.58 99.39 -12.62
CA ILE QA 111 -68.86 99.76 -13.19
C ILE QA 111 -68.81 99.86 -14.70
N ILE QA 112 -67.71 100.41 -15.25
CA ILE QA 112 -67.53 100.46 -16.70
C ILE QA 112 -67.48 99.06 -17.26
N LYS QA 113 -66.75 98.15 -16.62
CA LYS QA 113 -66.63 96.78 -17.06
C LYS QA 113 -67.96 96.07 -17.13
N LYS QA 114 -68.78 96.20 -16.07
CA LYS QA 114 -70.08 95.56 -16.04
C LYS QA 114 -71.00 96.02 -17.16
N LYS QA 115 -71.08 97.34 -17.43
CA LYS QA 115 -71.76 97.86 -18.59
C LYS QA 115 -71.23 97.34 -19.92
N ARG QA 116 -69.90 97.37 -20.09
CA ARG QA 116 -69.21 96.98 -21.30
C ARG QA 116 -69.47 95.53 -21.66
N ASP QA 117 -69.44 94.63 -20.66
CA ASP QA 117 -69.85 93.25 -20.84
C ASP QA 117 -71.30 93.14 -21.30
N GLU QA 118 -72.23 93.91 -20.69
CA GLU QA 118 -73.65 93.77 -20.94
C GLU QA 118 -74.14 94.46 -22.20
N ALA QA 119 -73.33 95.32 -22.81
CA ALA QA 119 -73.70 96.16 -23.93
C ALA QA 119 -74.26 95.46 -25.18
N THR QA 120 -75.32 96.05 -25.75
CA THR QA 120 -76.10 95.55 -26.87
C THR QA 120 -75.44 95.78 -28.21
N ASP QA 121 -75.90 95.10 -29.28
CA ASP QA 121 -75.27 95.20 -30.58
C ASP QA 121 -75.13 96.60 -31.15
N PHE QA 122 -76.17 97.42 -31.03
CA PHE QA 122 -76.11 98.80 -31.45
C PHE QA 122 -75.04 99.59 -30.72
N GLU QA 123 -74.98 99.47 -29.39
CA GLU QA 123 -73.96 100.08 -28.58
C GLU QA 123 -72.55 99.72 -28.99
N ARG QA 124 -72.31 98.43 -29.30
CA ARG QA 124 -71.02 98.00 -29.79
C ARG QA 124 -70.62 98.70 -31.08
N PHE QA 125 -71.55 98.81 -32.05
CA PHE QA 125 -71.28 99.59 -33.23
C PHE QA 125 -71.02 101.07 -32.93
N GLN QA 126 -71.84 101.65 -32.05
CA GLN QA 126 -71.76 103.05 -31.70
C GLN QA 126 -70.41 103.46 -31.17
N VAL QA 127 -69.84 102.68 -30.23
CA VAL QA 127 -68.49 102.92 -29.76
C VAL QA 127 -67.49 102.86 -30.88
N TYR QA 128 -67.57 101.88 -31.80
CA TYR QA 128 -66.70 101.87 -32.95
C TYR QA 128 -66.80 103.13 -33.80
N PHE QA 129 -68.02 103.57 -34.14
CA PHE QA 129 -68.21 104.77 -34.93
C PHE QA 129 -67.62 106.02 -34.30
N ALA QA 130 -67.88 106.22 -33.00
CA ALA QA 130 -67.35 107.32 -32.26
C ALA QA 130 -65.84 107.32 -32.18
N LYS QA 131 -65.24 106.16 -31.89
CA LYS QA 131 -63.81 105.99 -31.85
C LYS QA 131 -63.17 106.27 -33.20
N ARG QA 132 -63.80 105.81 -34.30
CA ARG QA 132 -63.35 106.06 -35.65
C ARG QA 132 -63.34 107.56 -35.96
N GLU QA 133 -64.42 108.25 -35.59
CA GLU QA 133 -64.48 109.69 -35.67
C GLU QA 133 -63.38 110.40 -34.89
N LEU QA 134 -63.15 109.96 -33.64
CA LEU QA 134 -62.06 110.45 -32.83
C LEU QA 134 -60.72 110.26 -33.49
N LYS QA 135 -60.46 109.07 -34.06
CA LYS QA 135 -59.24 108.80 -34.77
C LYS QA 135 -59.01 109.73 -35.95
N LYS QA 136 -60.04 109.98 -36.76
CA LYS QA 136 -59.98 110.96 -37.83
C LYS QA 136 -59.58 112.35 -37.34
N LYS QA 137 -60.27 112.91 -36.33
CA LYS QA 137 -59.91 114.23 -35.83
C LYS QA 137 -58.50 114.26 -35.27
N MET QA 138 -58.14 113.28 -34.43
CA MET QA 138 -56.86 113.19 -33.80
C MET QA 138 -55.72 113.08 -34.78
N THR QA 139 -55.85 112.19 -35.79
CA THR QA 139 -54.87 112.04 -36.85
C THR QA 139 -54.70 113.30 -37.64
N THR QA 140 -55.80 113.99 -37.96
CA THR QA 140 -55.73 115.26 -38.64
C THR QA 140 -54.99 116.32 -37.84
N ILE QA 141 -55.24 116.42 -36.53
CA ILE QA 141 -54.52 117.34 -35.66
C ILE QA 141 -53.04 117.05 -35.60
N LYS QA 142 -52.66 115.77 -35.48
CA LYS QA 142 -51.26 115.40 -35.48
C LYS QA 142 -50.55 115.79 -36.75
N ASN QA 143 -51.20 115.56 -37.90
CA ASN QA 143 -50.73 115.91 -39.22
C ASN QA 143 -50.52 117.42 -39.32
N LYS QA 144 -51.50 118.20 -38.83
CA LYS QA 144 -51.40 119.64 -38.71
C LYS QA 144 -50.20 120.08 -37.88
N LYS QA 145 -49.93 119.42 -36.76
CA LYS QA 145 -49.11 119.93 -35.69
C LYS QA 145 -47.66 120.27 -36.02
N ASN QA 146 -46.94 119.44 -36.80
CA ASN QA 146 -45.59 119.66 -37.33
C ASN QA 146 -44.91 121.08 -37.17
N ALA RA 1 -65.03 49.92 -39.41
CA ALA RA 1 -66.34 50.14 -38.70
C ALA RA 1 -67.53 49.64 -39.49
N VAL RA 2 -68.77 49.87 -39.01
CA VAL RA 2 -69.98 49.42 -39.66
C VAL RA 2 -70.15 50.01 -41.05
N LYS RA 3 -70.63 49.23 -42.04
CA LYS RA 3 -70.70 49.72 -43.40
C LYS RA 3 -72.16 49.74 -43.83
N LYS RA 4 -72.90 50.77 -43.35
CA LYS RA 4 -74.27 51.03 -43.75
C LYS RA 4 -74.41 51.51 -45.19
N VAL RA 5 -75.40 51.00 -45.94
CA VAL RA 5 -75.91 51.67 -47.13
C VAL RA 5 -77.41 51.39 -47.22
N GLY RA 6 -78.26 52.40 -47.05
CA GLY RA 6 -79.72 52.23 -47.17
C GLY RA 6 -80.36 51.20 -46.27
N LYS RA 7 -80.86 50.09 -46.86
CA LYS RA 7 -81.45 49.01 -46.11
C LYS RA 7 -80.42 47.94 -45.78
N ILE RA 8 -79.17 48.10 -46.22
CA ILE RA 8 -78.18 47.05 -46.13
C ILE RA 8 -77.15 47.46 -45.11
N ILE RA 9 -77.19 46.89 -43.91
CA ILE RA 9 -76.09 47.05 -42.97
C ILE RA 9 -75.27 45.79 -43.01
N LYS RA 10 -73.97 45.91 -43.34
CA LYS RA 10 -73.04 44.85 -43.07
C LYS RA 10 -72.09 45.34 -42.01
N LYS RA 11 -71.86 44.52 -40.98
CA LYS RA 11 -71.12 44.95 -39.83
C LYS RA 11 -69.62 45.02 -40.06
N ARG RA 12 -69.04 44.06 -40.79
CA ARG RA 12 -67.60 43.89 -40.89
C ARG RA 12 -67.11 43.80 -42.33
N THR RA 13 -65.97 44.46 -42.61
CA THR RA 13 -65.23 44.36 -43.86
C THR RA 13 -63.79 44.19 -43.48
N LYS RA 14 -62.92 43.95 -44.48
CA LYS RA 14 -61.55 43.46 -44.33
C LYS RA 14 -61.59 42.00 -44.03
N LYS RA 15 -61.45 41.15 -45.08
CA LYS RA 15 -61.58 39.72 -44.97
C LYS RA 15 -60.56 39.11 -44.02
N PHE RA 16 -61.03 38.55 -42.88
CA PHE RA 16 -60.26 37.87 -41.85
C PHE RA 16 -59.04 37.09 -42.31
N THR RA 17 -57.92 37.26 -41.63
CA THR RA 17 -56.64 36.83 -42.13
C THR RA 17 -56.06 35.77 -41.25
N ARG RA 18 -55.57 34.66 -41.82
CA ARG RA 18 -54.92 33.64 -41.03
C ARG RA 18 -53.68 34.15 -40.35
N PHE RA 19 -53.62 33.98 -39.02
CA PHE RA 19 -52.53 34.53 -38.24
C PHE RA 19 -51.19 34.01 -38.72
N GLN RA 20 -50.22 34.93 -38.85
CA GLN RA 20 -48.84 34.71 -39.14
C GLN RA 20 -48.60 34.72 -40.65
N SER RA 21 -49.65 34.89 -41.48
CA SER RA 21 -49.55 34.88 -42.94
C SER RA 21 -48.86 36.11 -43.47
N ASN RA 22 -48.82 37.16 -42.65
CA ASN RA 22 -47.98 38.30 -42.84
C ASN RA 22 -46.50 37.96 -42.88
N ARG RA 23 -45.99 37.09 -41.99
CA ARG RA 23 -44.56 36.96 -41.79
C ARG RA 23 -43.98 35.57 -42.02
N PHE RA 24 -44.73 34.66 -42.66
CA PHE RA 24 -44.15 33.45 -43.26
C PHE RA 24 -44.86 33.19 -44.57
N MET RA 25 -44.13 32.82 -45.62
CA MET RA 25 -44.75 32.62 -46.91
C MET RA 25 -45.65 31.41 -47.01
N ARG RA 26 -45.25 30.28 -46.42
CA ARG RA 26 -46.00 29.05 -46.43
C ARG RA 26 -47.39 29.15 -45.84
N VAL RA 27 -47.60 29.94 -44.77
CA VAL RA 27 -48.90 30.12 -44.16
C VAL RA 27 -49.93 30.77 -45.08
N LYS RA 28 -50.96 30.01 -45.49
CA LYS RA 28 -51.97 30.44 -46.45
C LYS RA 28 -52.81 31.65 -46.01
N PRO RA 29 -53.32 32.53 -46.85
CA PRO RA 29 -53.91 33.78 -46.36
C PRO RA 29 -55.32 33.58 -45.88
N ALA RA 30 -56.14 32.72 -46.53
CA ALA RA 30 -57.49 32.41 -46.10
C ALA RA 30 -57.59 31.78 -44.71
N TRP RA 31 -58.68 32.04 -43.97
CA TRP RA 31 -58.77 31.79 -42.55
C TRP RA 31 -58.51 30.36 -42.07
N ARG RA 32 -58.11 30.27 -40.80
CA ARG RA 32 -57.92 29.03 -40.12
C ARG RA 32 -58.14 29.36 -38.66
N LYS RA 33 -58.72 28.48 -37.84
CA LYS RA 33 -58.82 28.79 -36.42
C LYS RA 33 -57.51 28.39 -35.76
N PRO RA 34 -56.80 29.23 -35.07
CA PRO RA 34 -55.62 28.80 -34.35
C PRO RA 34 -56.00 27.85 -33.25
N ARG RA 35 -55.23 26.78 -33.02
CA ARG RA 35 -55.48 25.89 -31.91
C ARG RA 35 -54.59 26.34 -30.79
N GLY RA 36 -53.39 25.76 -30.66
CA GLY RA 36 -52.31 26.31 -29.86
C GLY RA 36 -52.41 26.19 -28.36
N ILE RA 37 -51.34 25.76 -27.68
CA ILE RA 37 -51.33 25.78 -26.24
C ILE RA 37 -51.42 27.17 -25.66
N ASP RA 38 -50.85 28.18 -26.35
CA ASP RA 38 -50.92 29.56 -25.97
C ASP RA 38 -50.27 30.41 -27.06
N CYS RA 39 -51.01 31.36 -27.67
CA CYS RA 39 -50.67 31.79 -29.00
C CYS RA 39 -51.12 33.18 -29.40
N ARG RA 40 -51.60 34.01 -28.46
CA ARG RA 40 -52.30 35.25 -28.76
C ARG RA 40 -53.69 35.02 -29.29
N VAL RA 41 -53.82 34.52 -30.51
CA VAL RA 41 -55.04 34.69 -31.26
C VAL RA 41 -56.24 33.97 -30.71
N ARG RA 42 -56.09 32.70 -30.35
CA ARG RA 42 -57.12 31.91 -29.68
C ARG RA 42 -57.47 32.51 -28.34
N ARG RA 43 -56.47 33.11 -27.71
CA ARG RA 43 -56.55 33.62 -26.38
C ARG RA 43 -57.05 35.07 -26.39
N ARG RA 44 -57.36 35.62 -27.58
CA ARG RA 44 -57.96 36.92 -27.74
C ARG RA 44 -57.17 38.07 -27.13
N TYR RA 45 -55.84 38.09 -27.33
CA TYR RA 45 -54.98 39.20 -26.94
C TYR RA 45 -55.41 40.51 -27.58
N LYS RA 46 -55.19 41.64 -26.89
CA LYS RA 46 -55.47 42.91 -27.49
C LYS RA 46 -54.76 43.17 -28.82
N GLY RA 47 -55.48 43.78 -29.78
CA GLY RA 47 -54.99 44.21 -31.09
C GLY RA 47 -54.22 43.20 -31.91
N THR RA 48 -54.74 41.98 -32.08
CA THR RA 48 -54.08 41.01 -32.94
C THR RA 48 -55.06 40.08 -33.55
N ASN RA 49 -55.18 40.10 -34.90
CA ASN RA 49 -55.97 39.21 -35.73
C ASN RA 49 -57.30 38.79 -35.15
N LEU RA 50 -58.24 39.73 -34.99
CA LEU RA 50 -59.46 39.46 -34.27
C LEU RA 50 -60.29 38.33 -34.85
N MET RA 51 -60.55 37.27 -34.06
CA MET RA 51 -61.20 36.07 -34.54
C MET RA 51 -62.61 36.30 -35.08
N PRO RA 52 -63.03 35.80 -36.22
CA PRO RA 52 -64.42 35.85 -36.63
C PRO RA 52 -65.28 35.06 -35.68
N SER RA 53 -66.58 35.35 -35.62
CA SER RA 53 -67.52 34.58 -34.84
C SER RA 53 -68.88 34.93 -35.34
N ILE RA 54 -69.88 34.08 -35.10
CA ILE RA 54 -71.13 34.14 -35.82
C ILE RA 54 -71.92 35.43 -35.67
N GLY RA 55 -71.88 36.08 -34.49
CA GLY RA 55 -72.66 37.27 -34.19
C GLY RA 55 -72.45 38.44 -35.13
N TYR RA 56 -71.32 38.47 -35.84
CA TYR RA 56 -71.02 39.40 -36.90
C TYR RA 56 -72.00 39.33 -38.06
N GLY RA 57 -72.61 38.16 -38.32
CA GLY RA 57 -73.52 37.85 -39.42
C GLY RA 57 -74.51 38.88 -39.86
N SER RA 58 -74.76 38.98 -41.18
CA SER RA 58 -75.72 39.90 -41.75
C SER RA 58 -77.14 39.66 -41.29
N ASN RA 59 -78.01 40.70 -41.26
CA ASN RA 59 -79.39 40.56 -40.82
C ASN RA 59 -80.22 39.58 -41.63
N LYS RA 60 -81.14 38.87 -40.95
CA LYS RA 60 -81.73 37.68 -41.52
C LYS RA 60 -82.80 37.97 -42.55
N LYS RA 61 -83.25 39.23 -42.62
CA LYS RA 61 -84.21 39.68 -43.60
C LYS RA 61 -83.53 40.34 -44.78
N THR RA 62 -82.18 40.27 -44.86
CA THR RA 62 -81.44 40.88 -45.95
C THR RA 62 -80.19 40.08 -46.24
N LYS RA 63 -80.21 38.78 -45.89
CA LYS RA 63 -79.03 37.98 -45.71
C LYS RA 63 -78.08 37.88 -46.90
N PHE RA 64 -78.58 37.71 -48.13
CA PHE RA 64 -77.70 37.49 -49.26
C PHE RA 64 -77.81 38.58 -50.29
N LEU RA 65 -78.53 39.69 -50.01
CA LEU RA 65 -78.96 40.55 -51.09
C LEU RA 65 -77.91 41.50 -51.60
N LEU RA 66 -77.49 41.34 -52.88
CA LEU RA 66 -76.56 42.19 -53.61
C LEU RA 66 -76.92 43.67 -53.61
N PRO RA 67 -76.03 44.62 -53.89
CA PRO RA 67 -76.34 46.05 -53.89
C PRO RA 67 -77.23 46.41 -55.06
N ASN RA 68 -77.42 45.44 -55.94
CA ASN RA 68 -78.43 45.36 -56.95
C ASN RA 68 -79.85 45.39 -56.36
N ASN RA 69 -80.02 44.93 -55.11
CA ASN RA 69 -81.27 44.73 -54.42
C ASN RA 69 -82.03 43.56 -55.01
N LYS RA 70 -81.29 42.62 -55.59
CA LYS RA 70 -81.87 41.47 -56.22
C LYS RA 70 -80.92 40.32 -55.97
N TYR RA 71 -81.43 39.10 -55.71
CA TYR RA 71 -80.65 37.92 -55.45
C TYR RA 71 -79.90 37.39 -56.67
N LYS RA 72 -78.60 37.05 -56.55
CA LYS RA 72 -77.87 36.59 -57.71
C LYS RA 72 -78.20 35.16 -58.09
N TYR RA 73 -78.43 34.92 -59.39
CA TYR RA 73 -78.69 33.60 -59.92
C TYR RA 73 -77.74 33.32 -61.08
N VAL RA 74 -76.99 32.20 -61.01
CA VAL RA 74 -76.08 31.86 -62.08
C VAL RA 74 -76.79 31.06 -63.15
N VAL RA 75 -76.56 31.42 -64.43
CA VAL RA 75 -77.24 30.88 -65.58
C VAL RA 75 -76.25 30.40 -66.60
N LYS RA 76 -76.33 29.14 -67.04
CA LYS RA 76 -75.60 28.70 -68.19
C LYS RA 76 -76.45 28.29 -69.38
N ASN RA 77 -77.79 28.29 -69.28
CA ASN RA 77 -78.60 28.02 -70.46
C ASN RA 77 -79.95 28.75 -70.41
N VAL RA 78 -80.48 29.15 -71.59
CA VAL RA 78 -81.75 29.85 -71.70
C VAL RA 78 -82.96 29.14 -71.13
N LYS RA 79 -82.98 27.80 -71.12
CA LYS RA 79 -83.97 27.01 -70.43
C LYS RA 79 -83.99 27.29 -68.93
N GLU RA 80 -82.83 27.51 -68.30
CA GLU RA 80 -82.74 27.74 -66.88
C GLU RA 80 -83.34 29.07 -66.48
N MET RA 81 -83.59 29.95 -67.46
CA MET RA 81 -84.17 31.23 -67.19
C MET RA 81 -85.67 31.16 -67.21
N GLU RA 82 -86.24 29.98 -67.51
CA GLU RA 82 -87.67 29.79 -67.47
C GLU RA 82 -88.33 30.12 -66.12
N PRO RA 83 -87.83 29.82 -64.92
CA PRO RA 83 -88.44 30.29 -63.70
C PRO RA 83 -88.37 31.78 -63.52
N LEU RA 84 -87.27 32.43 -63.91
CA LEU RA 84 -86.92 33.65 -63.23
C LEU RA 84 -87.60 34.86 -63.81
N ILE RA 85 -88.42 34.64 -64.84
CA ILE RA 85 -89.40 35.57 -65.33
C ILE RA 85 -90.38 36.01 -64.26
N MET RA 86 -90.71 35.14 -63.30
CA MET RA 86 -91.69 35.46 -62.28
C MET RA 86 -91.06 36.13 -61.07
N ASN RA 87 -89.78 36.46 -61.13
CA ASN RA 87 -89.09 37.06 -60.02
C ASN RA 87 -88.15 38.13 -60.51
N HIS RA 88 -88.47 38.74 -61.67
CA HIS RA 88 -87.56 39.60 -62.40
C HIS RA 88 -87.17 40.87 -61.66
N THR RA 89 -87.92 41.17 -60.61
CA THR RA 89 -87.85 42.36 -59.81
C THR RA 89 -87.02 42.14 -58.57
N LYS RA 90 -86.50 40.92 -58.37
CA LYS RA 90 -86.00 40.52 -57.08
C LYS RA 90 -84.85 39.50 -57.19
N TYR RA 91 -84.60 38.98 -58.39
CA TYR RA 91 -83.45 38.15 -58.68
C TYR RA 91 -82.79 38.77 -59.89
N CYS RA 92 -81.47 38.67 -60.00
CA CYS RA 92 -80.72 39.15 -61.13
C CYS RA 92 -79.83 38.04 -61.68
N VAL RA 93 -79.77 37.87 -63.00
CA VAL RA 93 -78.93 36.85 -63.60
C VAL RA 93 -77.48 37.22 -63.69
N GLN RA 94 -76.62 36.24 -63.43
CA GLN RA 94 -75.24 36.27 -63.82
C GLN RA 94 -74.97 35.15 -64.79
N ILE RA 95 -74.30 35.42 -65.92
CA ILE RA 95 -74.09 34.40 -66.92
C ILE RA 95 -72.84 33.64 -66.60
N ALA RA 96 -72.92 32.31 -66.52
CA ALA RA 96 -71.85 31.48 -66.02
C ALA RA 96 -70.54 31.56 -66.78
N HIS RA 97 -69.41 31.48 -66.06
CA HIS RA 97 -68.09 31.78 -66.59
C HIS RA 97 -67.67 30.96 -67.79
N ASN RA 98 -68.03 29.70 -67.78
CA ASN RA 98 -67.81 28.76 -68.83
C ASN RA 98 -68.49 29.11 -70.14
N VAL RA 99 -69.71 29.67 -70.13
CA VAL RA 99 -70.51 29.89 -71.33
C VAL RA 99 -69.89 30.71 -72.45
N SER RA 100 -69.72 30.05 -73.59
CA SER RA 100 -69.24 30.57 -74.85
C SER RA 100 -70.06 31.69 -75.45
N SER RA 101 -69.39 32.56 -76.21
CA SER RA 101 -69.88 33.86 -76.60
C SER RA 101 -71.15 33.84 -77.42
N LYS RA 102 -71.32 32.89 -78.35
CA LYS RA 102 -72.56 32.81 -79.10
C LYS RA 102 -73.79 32.57 -78.23
N LYS RA 103 -73.71 31.54 -77.37
CA LYS RA 103 -74.72 31.23 -76.39
C LYS RA 103 -74.96 32.37 -75.40
N ARG RA 104 -73.87 33.00 -74.94
CA ARG RA 104 -73.87 34.08 -73.97
C ARG RA 104 -74.70 35.25 -74.44
N LYS RA 105 -74.49 35.68 -75.69
CA LYS RA 105 -75.26 36.68 -76.38
C LYS RA 105 -76.75 36.39 -76.38
N GLN RA 106 -77.12 35.15 -76.72
CA GLN RA 106 -78.49 34.71 -76.68
C GLN RA 106 -79.09 34.85 -75.29
N ILE RA 107 -78.36 34.43 -74.25
CA ILE RA 107 -78.81 34.59 -72.88
C ILE RA 107 -79.02 36.06 -72.52
N ILE RA 108 -78.08 36.96 -72.90
CA ILE RA 108 -78.26 38.38 -72.67
C ILE RA 108 -79.51 38.90 -73.36
N GLU RA 109 -79.72 38.54 -74.63
CA GLU RA 109 -80.90 38.96 -75.33
C GLU RA 109 -82.22 38.53 -74.71
N ARG RA 110 -82.32 37.24 -74.29
CA ARG RA 110 -83.50 36.73 -73.62
C ARG RA 110 -83.80 37.46 -72.34
N ALA RA 111 -82.76 37.73 -71.55
CA ALA RA 111 -82.91 38.45 -70.32
C ALA RA 111 -83.46 39.85 -70.48
N LYS RA 112 -82.95 40.59 -71.47
CA LYS RA 112 -83.38 41.93 -71.79
C LYS RA 112 -84.85 42.00 -72.14
N GLN RA 113 -85.32 41.05 -72.96
CA GLN RA 113 -86.72 40.91 -73.29
C GLN RA 113 -87.57 40.66 -72.06
N MET RA 114 -87.04 39.90 -71.11
CA MET RA 114 -87.78 39.40 -69.99
C MET RA 114 -87.79 40.42 -68.87
N ASN RA 115 -86.99 41.48 -69.01
CA ASN RA 115 -86.93 42.58 -68.09
C ASN RA 115 -86.27 42.19 -66.77
N VAL RA 116 -85.15 41.47 -66.86
CA VAL RA 116 -84.36 41.09 -65.70
C VAL RA 116 -82.93 41.61 -65.84
N SER RA 117 -82.36 42.18 -64.77
CA SER RA 117 -80.98 42.68 -64.77
C SER RA 117 -79.92 41.61 -65.03
N VAL RA 118 -78.86 41.96 -65.79
CA VAL RA 118 -77.80 41.03 -66.15
C VAL RA 118 -76.49 41.59 -65.65
N ILE RA 119 -75.85 41.00 -64.64
CA ILE RA 119 -74.74 41.69 -64.00
C ILE RA 119 -73.40 41.70 -64.72
N ASN RA 120 -72.94 40.59 -65.32
CA ASN RA 120 -71.67 40.55 -66.02
C ASN RA 120 -71.84 40.85 -67.49
N ALA RA 121 -72.58 41.92 -67.79
CA ALA RA 121 -73.18 42.20 -69.07
C ALA RA 121 -72.24 42.28 -70.26
N LYS RA 122 -71.06 42.85 -70.09
CA LYS RA 122 -70.21 43.15 -71.21
C LYS RA 122 -69.24 42.02 -71.51
N ALA RA 123 -69.39 40.88 -70.81
CA ALA RA 123 -68.44 39.80 -70.88
C ALA RA 123 -68.22 39.15 -72.26
N ARG RA 124 -66.93 38.94 -72.58
CA ARG RA 124 -66.42 38.27 -73.75
C ARG RA 124 -66.84 38.81 -75.12
N LEU RA 125 -66.87 40.16 -75.27
CA LEU RA 125 -67.11 40.81 -76.56
C LEU RA 125 -65.92 41.76 -76.88
N LEU SA 1 -61.91 95.22 -42.85
CA LEU SA 1 -61.48 94.53 -44.11
C LEU SA 1 -62.29 93.26 -44.41
N GLN SA 2 -62.06 92.64 -45.58
CA GLN SA 2 -62.87 91.57 -46.13
C GLN SA 2 -63.03 90.27 -45.33
N ALA SA 3 -64.22 89.63 -45.48
CA ALA SA 3 -64.54 88.27 -45.11
C ALA SA 3 -64.44 87.92 -43.63
N VAL SA 4 -64.93 88.80 -42.73
CA VAL SA 4 -64.82 88.61 -41.30
C VAL SA 4 -65.50 87.37 -40.76
N ARG SA 5 -64.86 86.68 -39.80
CA ARG SA 5 -65.08 85.27 -39.56
C ARG SA 5 -66.47 84.78 -39.19
N LEU SA 6 -67.11 85.35 -38.18
CA LEU SA 6 -68.37 84.86 -37.63
C LEU SA 6 -68.31 83.42 -37.12
N TYR SA 7 -67.14 82.97 -36.65
CA TYR SA 7 -66.99 81.66 -36.05
C TYR SA 7 -65.91 81.73 -35.01
N GLU SA 8 -65.97 80.89 -33.97
CA GLU SA 8 -64.95 80.89 -32.95
C GLU SA 8 -63.83 79.96 -33.28
N LYS SA 9 -62.58 80.44 -33.10
CA LYS SA 9 -61.38 79.67 -33.34
C LYS SA 9 -61.23 78.48 -32.43
N GLY SA 10 -60.60 77.41 -32.92
CA GLY SA 10 -60.38 76.26 -32.07
C GLY SA 10 -59.25 75.43 -32.55
N VAL SA 11 -58.82 74.52 -31.66
CA VAL SA 11 -57.72 73.61 -31.79
C VAL SA 11 -58.19 72.20 -31.53
N ILE SA 12 -58.05 71.32 -32.54
CA ILE SA 12 -58.29 69.90 -32.40
C ILE SA 12 -57.22 69.25 -31.56
N LEU SA 13 -57.56 68.81 -30.33
CA LEU SA 13 -56.67 68.10 -29.43
C LEU SA 13 -56.55 66.63 -29.85
N GLY SA 14 -56.36 65.70 -28.89
CA GLY SA 14 -56.45 64.28 -29.20
C GLY SA 14 -57.85 63.75 -29.53
N TYR SA 15 -57.91 62.41 -29.63
CA TYR SA 15 -59.14 61.65 -29.59
C TYR SA 15 -59.61 61.53 -28.16
N LYS SA 16 -60.82 61.00 -27.93
CA LYS SA 16 -61.29 60.70 -26.58
C LYS SA 16 -60.57 59.49 -25.97
N ARG SA 17 -59.29 59.68 -25.68
CA ARG SA 17 -58.44 58.80 -24.93
C ARG SA 17 -58.90 58.38 -23.57
N SER SA 18 -58.23 57.35 -23.10
CA SER SA 18 -58.15 56.92 -21.74
C SER SA 18 -56.75 56.40 -21.77
N GLN SA 19 -56.12 56.06 -20.64
CA GLN SA 19 -54.74 55.68 -20.71
C GLN SA 19 -54.55 54.39 -21.51
N ARG SA 20 -53.64 54.43 -22.51
CA ARG SA 20 -53.37 53.34 -23.42
C ARG SA 20 -54.53 52.62 -24.09
N ASN SA 21 -55.65 53.32 -24.37
CA ASN SA 21 -56.71 52.79 -25.18
C ASN SA 21 -57.37 53.91 -25.94
N GLN SA 22 -57.77 53.61 -27.18
CA GLN SA 22 -58.16 54.66 -28.08
C GLN SA 22 -59.56 54.49 -28.64
N ASP SA 23 -60.39 55.56 -28.62
CA ASP SA 23 -61.71 55.63 -29.21
C ASP SA 23 -61.81 56.74 -30.26
N PRO SA 24 -62.11 56.55 -31.52
CA PRO SA 24 -61.85 57.58 -32.51
C PRO SA 24 -63.15 58.30 -32.78
N ASN SA 25 -64.26 57.79 -32.25
CA ASN SA 25 -65.60 58.30 -32.40
C ASN SA 25 -65.78 59.74 -31.98
N PHE SA 26 -65.01 60.19 -30.97
CA PHE SA 26 -65.13 61.52 -30.44
C PHE SA 26 -63.80 62.21 -30.51
N THR SA 27 -63.83 63.49 -30.84
CA THR SA 27 -62.65 64.30 -30.88
C THR SA 27 -62.72 65.23 -29.70
N LEU SA 28 -61.57 65.72 -29.21
CA LEU SA 28 -61.58 66.68 -28.14
C LEU SA 28 -61.15 68.02 -28.71
N ILE SA 29 -61.93 69.07 -28.42
CA ILE SA 29 -61.68 70.38 -28.97
C ILE SA 29 -61.50 71.39 -27.86
N SER SA 30 -60.46 72.24 -27.99
CA SER SA 30 -60.34 73.46 -27.21
C SER SA 30 -60.82 74.68 -27.98
N ILE SA 31 -61.78 75.45 -27.47
CA ILE SA 31 -62.35 76.63 -28.12
C ILE SA 31 -61.76 77.91 -27.57
N LYS SA 32 -61.28 78.82 -28.46
CA LYS SA 32 -60.54 80.06 -28.26
C LYS SA 32 -60.45 80.74 -26.88
N ASN SA 33 -61.56 80.94 -26.18
CA ASN SA 33 -61.49 81.49 -24.83
C ASN SA 33 -62.44 80.78 -23.90
N VAL SA 34 -62.85 79.56 -24.20
CA VAL SA 34 -63.59 78.78 -23.25
C VAL SA 34 -62.65 78.19 -22.21
N ASN SA 35 -63.11 78.05 -20.95
CA ASN SA 35 -62.21 77.62 -19.89
C ASN SA 35 -62.91 76.88 -18.78
N THR SA 36 -64.26 76.80 -18.75
CA THR SA 36 -64.96 76.16 -17.66
C THR SA 36 -66.08 75.35 -18.21
N LYS SA 37 -66.54 74.38 -17.42
CA LYS SA 37 -67.70 73.58 -17.69
C LYS SA 37 -68.90 74.44 -18.01
N LYS SA 38 -69.17 75.42 -17.13
CA LYS SA 38 -70.28 76.33 -17.29
C LYS SA 38 -70.18 77.16 -18.55
N HIS SA 39 -69.00 77.72 -18.84
CA HIS SA 39 -68.81 78.49 -20.04
C HIS SA 39 -68.90 77.65 -21.28
N ALA SA 40 -68.34 76.45 -21.25
CA ALA SA 40 -68.43 75.51 -22.34
C ALA SA 40 -69.86 75.17 -22.71
N GLN SA 41 -70.72 74.97 -21.70
CA GLN SA 41 -72.09 74.55 -21.86
C GLN SA 41 -72.89 75.41 -22.82
N PHE SA 42 -72.55 76.71 -22.90
CA PHE SA 42 -73.10 77.65 -23.85
C PHE SA 42 -72.95 77.23 -25.31
N TYR SA 43 -71.90 76.51 -25.68
CA TYR SA 43 -71.66 76.14 -27.05
C TYR SA 43 -72.26 74.79 -27.40
N VAL SA 44 -72.91 74.10 -26.44
CA VAL SA 44 -73.12 72.68 -26.55
C VAL SA 44 -73.84 72.22 -27.81
N GLY SA 45 -74.91 72.93 -28.23
CA GLY SA 45 -75.69 72.54 -29.39
C GLY SA 45 -75.08 72.87 -30.72
N LYS SA 46 -73.93 73.54 -30.75
CA LYS SA 46 -73.46 74.17 -31.97
C LYS SA 46 -72.68 73.28 -32.93
N ARG SA 47 -72.84 73.60 -34.22
CA ARG SA 47 -72.15 73.08 -35.39
C ARG SA 47 -70.63 73.27 -35.44
N VAL SA 48 -69.87 72.24 -35.86
CA VAL SA 48 -68.42 72.32 -35.98
C VAL SA 48 -68.01 72.02 -37.41
N ALA SA 49 -67.03 72.77 -37.94
CA ALA SA 49 -66.45 72.56 -39.24
C ALA SA 49 -64.94 72.39 -39.19
N TYR SA 50 -64.41 71.26 -39.66
CA TYR SA 50 -62.99 71.09 -39.91
C TYR SA 50 -62.72 71.32 -41.39
N VAL SA 51 -62.09 72.44 -41.76
CA VAL SA 51 -61.71 72.69 -43.15
C VAL SA 51 -60.24 72.44 -43.37
N TYR SA 52 -59.86 71.75 -44.46
CA TYR SA 52 -58.45 71.51 -44.74
C TYR SA 52 -58.11 71.54 -46.21
N ARG SA 53 -56.82 71.76 -46.53
CA ARG SA 53 -56.33 71.87 -47.88
C ARG SA 53 -55.67 70.60 -48.33
N THR SA 54 -55.76 70.28 -49.63
CA THR SA 54 -55.08 69.15 -50.25
C THR SA 54 -54.33 69.62 -51.46
N THR SA 55 -53.34 68.84 -51.93
CA THR SA 55 -52.45 69.30 -52.98
C THR SA 55 -53.08 69.46 -54.34
N LYS SA 56 -53.84 68.47 -54.81
CA LYS SA 56 -54.47 68.52 -56.12
C LYS SA 56 -55.98 68.62 -56.02
N HIS SA 57 -56.63 69.07 -57.10
CA HIS SA 57 -58.06 69.31 -57.13
C HIS SA 57 -58.92 68.09 -56.79
N HIS SA 58 -60.07 68.31 -56.13
CA HIS SA 58 -61.09 67.28 -55.99
C HIS SA 58 -62.30 67.63 -56.80
N ASP SA 59 -63.26 68.37 -56.24
CA ASP SA 59 -64.37 68.92 -56.97
C ASP SA 59 -63.95 70.25 -57.58
N GLY SA 60 -62.82 70.23 -58.29
CA GLY SA 60 -62.27 71.36 -59.02
C GLY SA 60 -61.55 72.36 -58.15
N VAL SA 61 -61.48 72.08 -56.84
CA VAL SA 61 -61.00 73.02 -55.85
C VAL SA 61 -60.06 72.32 -54.89
N LYS SA 62 -59.32 73.10 -54.08
CA LYS SA 62 -58.27 72.57 -53.23
C LYS SA 62 -58.72 72.40 -51.79
N ILE SA 63 -59.97 72.74 -51.48
CA ILE SA 63 -60.45 72.72 -50.12
C ILE SA 63 -61.46 71.61 -49.95
N LYS SA 64 -61.35 70.77 -48.91
CA LYS SA 64 -62.50 69.99 -48.48
C LYS SA 64 -62.75 70.13 -46.99
N CYS SA 65 -63.90 69.63 -46.54
CA CYS SA 65 -64.44 69.94 -45.23
C CYS SA 65 -65.13 68.74 -44.65
N ILE SA 66 -64.94 68.49 -43.35
CA ILE SA 66 -65.67 67.49 -42.62
C ILE SA 66 -66.52 68.21 -41.58
N TRP SA 67 -67.78 67.79 -41.43
CA TRP SA 67 -68.73 68.44 -40.56
C TRP SA 67 -68.92 67.69 -39.27
N GLY SA 68 -69.13 68.43 -38.17
CA GLY SA 68 -69.35 67.89 -36.86
C GLY SA 68 -70.30 68.70 -36.02
N LYS SA 69 -70.49 68.24 -34.80
CA LYS SA 69 -71.35 68.80 -33.80
C LYS SA 69 -70.65 68.72 -32.47
N VAL SA 70 -70.61 69.82 -31.71
CA VAL SA 70 -70.39 69.79 -30.28
C VAL SA 70 -71.46 68.94 -29.61
N CYS SA 71 -71.15 68.21 -28.52
CA CYS SA 71 -72.17 67.31 -28.02
C CYS SA 71 -72.12 67.09 -26.52
N ARG SA 72 -71.02 67.47 -25.84
CA ARG SA 72 -71.02 67.48 -24.41
C ARG SA 72 -69.76 68.11 -23.94
N THR SA 73 -69.80 68.73 -22.75
CA THR SA 73 -68.61 69.24 -22.15
C THR SA 73 -67.81 68.09 -21.58
N HIS SA 74 -66.53 68.30 -21.27
CA HIS SA 74 -65.64 67.25 -20.86
C HIS SA 74 -64.73 67.78 -19.81
N GLY SA 75 -64.67 67.13 -18.63
CA GLY SA 75 -63.91 67.67 -17.51
C GLY SA 75 -64.38 69.00 -16.97
N ASN SA 76 -63.59 69.62 -16.09
CA ASN SA 76 -63.93 70.92 -15.58
C ASN SA 76 -63.53 72.01 -16.54
N SER SA 77 -62.35 71.93 -17.13
CA SER SA 77 -61.66 73.06 -17.75
C SER SA 77 -62.12 73.44 -19.16
N GLY SA 78 -63.40 73.25 -19.48
CA GLY SA 78 -63.99 73.79 -20.69
C GLY SA 78 -63.70 73.07 -21.98
N VAL SA 79 -63.00 71.94 -21.95
CA VAL SA 79 -62.82 71.14 -23.14
C VAL SA 79 -64.12 70.52 -23.58
N ILE SA 80 -64.35 70.35 -24.89
CA ILE SA 80 -65.59 69.77 -25.35
C ILE SA 80 -65.36 68.53 -26.17
N ARG SA 81 -66.28 67.55 -26.03
CA ARG SA 81 -66.29 66.41 -26.91
C ARG SA 81 -67.11 66.77 -28.14
N ALA SA 82 -66.56 66.45 -29.32
CA ALA SA 82 -67.17 66.72 -30.59
C ALA SA 82 -67.25 65.44 -31.38
N LYS SA 83 -68.41 65.17 -31.99
CA LYS SA 83 -68.65 64.00 -32.79
C LYS SA 83 -68.79 64.42 -34.23
N PHE SA 84 -68.04 63.80 -35.13
CA PHE SA 84 -68.07 64.15 -36.52
C PHE SA 84 -68.76 63.04 -37.26
N LYS SA 85 -69.16 63.29 -38.53
CA LYS SA 85 -69.73 62.28 -39.39
C LYS SA 85 -68.76 61.17 -39.72
N THR SA 86 -67.49 61.53 -39.92
CA THR SA 86 -66.43 60.59 -40.21
C THR SA 86 -65.36 60.86 -39.21
N HIS SA 87 -64.61 59.85 -38.73
CA HIS SA 87 -63.57 60.11 -37.73
C HIS SA 87 -62.52 61.10 -38.18
N ILE SA 88 -62.13 62.05 -37.31
CA ILE SA 88 -61.13 63.01 -37.70
C ILE SA 88 -59.80 62.35 -37.91
N PRO SA 89 -59.02 62.65 -38.91
CA PRO SA 89 -57.78 61.95 -39.14
C PRO SA 89 -56.77 62.44 -38.16
N PRO SA 90 -55.93 61.65 -37.53
CA PRO SA 90 -55.27 62.08 -36.32
C PRO SA 90 -54.12 63.00 -36.65
N LYS SA 91 -53.72 63.07 -37.93
CA LYS SA 91 -52.69 63.97 -38.40
C LYS SA 91 -53.05 65.44 -38.22
N ALA SA 92 -54.35 65.71 -38.01
CA ALA SA 92 -54.88 67.01 -37.82
C ALA SA 92 -54.87 67.40 -36.35
N PHE SA 93 -54.25 66.60 -35.47
CA PHE SA 93 -54.04 67.04 -34.11
C PHE SA 93 -53.24 68.33 -34.07
N GLY SA 94 -53.74 69.30 -33.31
CA GLY SA 94 -53.20 70.63 -33.22
C GLY SA 94 -53.58 71.55 -34.35
N ASP SA 95 -54.32 71.07 -35.36
CA ASP SA 95 -54.81 71.94 -36.40
C ASP SA 95 -56.04 72.73 -35.94
N ARG SA 96 -56.44 73.70 -36.78
CA ARG SA 96 -57.52 74.61 -36.53
C ARG SA 96 -58.89 74.01 -36.79
N VAL SA 97 -59.90 74.37 -35.98
CA VAL SA 97 -61.25 73.94 -36.22
C VAL SA 97 -62.17 75.10 -35.97
N ARG SA 98 -63.33 75.13 -36.65
CA ARG SA 98 -64.25 76.23 -36.66
C ARG SA 98 -65.55 75.87 -35.96
N ILE SA 99 -65.93 76.66 -34.95
CA ILE SA 99 -67.16 76.49 -34.24
C ILE SA 99 -68.07 77.63 -34.67
N LEU SA 100 -69.06 77.30 -35.52
CA LEU SA 100 -69.95 78.24 -36.15
C LEU SA 100 -71.07 78.71 -35.23
N MET SA 101 -71.83 79.73 -35.67
CA MET SA 101 -72.94 80.25 -34.90
C MET SA 101 -74.21 79.43 -34.94
N TYR SA 102 -74.50 78.80 -36.08
CA TYR SA 102 -75.66 77.93 -36.25
C TYR SA 102 -75.60 76.65 -35.42
N PRO SA 103 -76.69 76.04 -35.00
CA PRO SA 103 -78.04 76.54 -35.07
C PRO SA 103 -78.31 77.64 -34.08
N ALA TA 1 28.74 6.42 -65.95
CA ALA TA 1 29.00 5.16 -66.71
C ALA TA 1 27.86 4.75 -67.61
N GLN TA 2 27.44 3.48 -67.58
CA GLN TA 2 26.25 3.01 -68.22
C GLN TA 2 25.55 2.12 -67.21
N ARG TA 3 24.26 1.86 -67.41
CA ARG TA 3 23.50 1.03 -66.51
C ARG TA 3 23.05 -0.18 -67.26
N VAL TA 4 22.58 -1.20 -66.54
CA VAL TA 4 22.15 -2.44 -67.13
C VAL TA 4 20.76 -2.72 -66.63
N HIS TA 5 20.10 -3.70 -67.25
CA HIS TA 5 18.79 -4.11 -66.81
C HIS TA 5 18.51 -5.50 -67.29
N TYR TA 6 17.67 -6.23 -66.56
CA TYR TA 6 17.29 -7.58 -66.91
C TYR TA 6 16.58 -7.70 -68.25
N ARG TA 7 16.86 -8.78 -69.00
CA ARG TA 7 16.22 -8.98 -70.28
C ARG TA 7 15.39 -10.24 -70.31
N ARG TA 8 15.35 -11.03 -69.24
CA ARG TA 8 14.84 -12.39 -69.29
C ARG TA 8 13.53 -12.63 -68.55
N HIS TA 9 12.74 -11.59 -68.27
CA HIS TA 9 11.38 -11.77 -67.75
C HIS TA 9 11.27 -12.43 -66.38
N ASN TA 10 12.23 -12.13 -65.50
CA ASN TA 10 12.17 -12.46 -64.08
C ASN TA 10 13.29 -11.74 -63.39
N HIS TA 11 12.98 -10.70 -62.61
CA HIS TA 11 14.00 -9.71 -62.36
C HIS TA 11 14.62 -9.83 -60.99
N TYR TA 12 14.04 -10.67 -60.13
CA TYR TA 12 14.56 -10.89 -58.80
C TYR TA 12 15.95 -11.55 -58.80
N ASN TA 13 16.78 -11.30 -57.78
CA ASN TA 13 18.18 -11.70 -57.77
C ASN TA 13 18.40 -13.10 -57.24
N THR TA 14 17.44 -14.02 -57.46
CA THR TA 14 17.49 -15.41 -57.04
C THR TA 14 18.70 -16.18 -57.51
N LYS TA 15 19.07 -17.25 -56.78
CA LYS TA 15 20.31 -17.97 -56.97
C LYS TA 15 20.59 -18.47 -58.38
N SER TA 16 19.54 -18.77 -59.16
CA SER TA 16 19.67 -19.25 -60.52
C SER TA 16 19.64 -18.14 -61.56
N ASN TA 17 19.52 -16.87 -61.13
CA ASN TA 17 19.30 -15.76 -62.02
C ASN TA 17 20.45 -14.76 -61.95
N LYS TA 18 21.57 -15.12 -61.29
CA LYS TA 18 22.72 -14.27 -61.11
C LYS TA 18 23.33 -13.78 -62.41
N VAL TA 19 23.85 -12.55 -62.42
CA VAL TA 19 24.01 -11.89 -63.69
C VAL TA 19 25.33 -11.15 -63.80
N ARG TA 20 25.93 -11.22 -65.00
CA ARG TA 20 27.26 -10.78 -65.33
C ARG TA 20 27.28 -9.64 -66.33
N PRO TA 21 27.67 -8.42 -66.04
CA PRO TA 21 27.74 -7.35 -67.04
C PRO TA 21 28.74 -7.60 -68.18
N VAL TA 22 28.34 -7.37 -69.44
CA VAL TA 22 29.22 -7.57 -70.58
C VAL TA 22 29.03 -6.46 -71.59
N ARG TA 23 30.12 -5.94 -72.18
CA ARG TA 23 30.07 -4.96 -73.23
C ARG TA 23 29.90 -5.51 -74.63
N THR TA 24 29.04 -4.89 -75.43
CA THR TA 24 28.82 -5.26 -76.82
C THR TA 24 29.80 -4.61 -77.77
N PRO TA 25 29.98 -5.12 -78.98
CA PRO TA 25 30.67 -4.40 -80.04
C PRO TA 25 29.86 -3.24 -80.52
N GLY TA 26 28.62 -3.08 -80.04
CA GLY TA 26 27.84 -1.88 -80.26
C GLY TA 26 28.20 -0.79 -79.29
N GLY TA 27 29.11 -1.06 -78.35
CA GLY TA 27 29.49 -0.09 -77.34
C GLY TA 27 28.46 0.02 -76.26
N LYS TA 28 27.48 -0.86 -76.26
CA LYS TA 28 26.43 -0.88 -75.27
C LYS TA 28 26.88 -1.77 -74.13
N LEU TA 29 26.72 -1.36 -72.86
CA LEU TA 29 26.92 -2.30 -71.78
C LEU TA 29 25.64 -3.06 -71.56
N THR TA 30 25.67 -4.38 -71.73
CA THR TA 30 24.51 -5.24 -71.54
C THR TA 30 24.71 -6.23 -70.42
N ILE TA 31 23.66 -7.04 -70.16
CA ILE TA 31 23.61 -8.01 -69.09
C ILE TA 31 23.43 -9.41 -69.64
N HIS TA 32 24.14 -10.40 -69.09
CA HIS TA 32 23.88 -11.80 -69.38
C HIS TA 32 23.68 -12.60 -68.12
N VAL TA 33 22.68 -13.49 -68.10
CA VAL TA 33 22.43 -14.38 -66.99
C VAL TA 33 23.32 -15.59 -67.09
N VAL TA 34 24.26 -15.75 -66.15
CA VAL TA 34 25.23 -16.83 -66.20
C VAL TA 34 24.69 -18.05 -65.54
N LYS TA 35 24.89 -19.22 -66.16
CA LYS TA 35 24.42 -20.48 -65.63
C LYS TA 35 24.92 -20.82 -64.24
N LYS TA 36 24.08 -21.55 -63.48
CA LYS TA 36 24.36 -22.00 -62.13
C LYS TA 36 25.58 -22.89 -62.02
N LYS TA 37 26.49 -22.59 -61.07
CA LYS TA 37 27.61 -23.47 -60.78
C LYS TA 37 27.15 -24.78 -60.18
N ALA TA 38 27.73 -25.91 -60.59
CA ALA TA 38 27.20 -27.22 -60.30
C ALA TA 38 28.12 -28.05 -59.42
N GLY TA 39 27.55 -28.86 -58.52
CA GLY TA 39 28.31 -29.75 -57.64
C GLY TA 39 29.21 -30.76 -58.32
N LYS TA 40 30.35 -31.06 -57.70
CA LYS TA 40 31.17 -32.16 -58.15
C LYS TA 40 30.52 -33.53 -57.90
N PRO TA 41 30.65 -34.54 -58.74
CA PRO TA 41 30.06 -35.85 -58.49
C PRO TA 41 30.92 -36.71 -57.57
N LYS TA 42 30.29 -37.41 -56.61
CA LYS TA 42 30.95 -37.98 -55.45
C LYS TA 42 30.87 -39.50 -55.29
N CYS TA 43 31.99 -40.15 -54.95
CA CYS TA 43 32.11 -41.52 -54.45
C CYS TA 43 31.03 -42.01 -53.51
N ALA TA 44 30.50 -43.20 -53.77
CA ALA TA 44 29.46 -43.81 -52.96
C ALA TA 44 29.84 -44.03 -51.50
N ASP TA 45 31.05 -44.59 -51.23
CA ASP TA 45 31.48 -44.81 -49.87
C ASP TA 45 31.82 -43.52 -49.14
N CYS TA 46 32.60 -42.61 -49.73
CA CYS TA 46 33.20 -41.54 -48.93
C CYS TA 46 32.77 -40.14 -49.28
N LYS TA 47 31.77 -39.97 -50.17
CA LYS TA 47 31.14 -38.70 -50.49
C LYS TA 47 32.12 -37.61 -50.94
N THR TA 48 33.09 -37.99 -51.79
CA THR TA 48 34.24 -37.16 -52.11
C THR TA 48 34.42 -37.18 -53.60
N ALA TA 49 34.57 -36.03 -54.27
CA ALA TA 49 34.64 -35.96 -55.72
C ALA TA 49 35.68 -36.83 -56.42
N ILE TA 50 35.34 -37.37 -57.60
CA ILE TA 50 36.18 -38.33 -58.29
C ILE TA 50 36.78 -37.71 -59.53
N GLN TA 51 38.12 -37.73 -59.64
CA GLN TA 51 38.90 -37.36 -60.81
C GLN TA 51 38.30 -37.71 -62.17
N GLY TA 52 38.58 -36.86 -63.17
CA GLY TA 52 38.20 -37.04 -64.55
C GLY TA 52 36.78 -36.64 -64.85
N VAL TA 53 35.85 -36.92 -63.95
CA VAL TA 53 34.45 -36.68 -64.20
C VAL TA 53 34.10 -35.21 -64.16
N LYS TA 54 33.57 -34.65 -65.26
CA LYS TA 54 33.10 -33.28 -65.29
C LYS TA 54 31.88 -33.00 -64.42
N ALA TA 55 31.75 -31.77 -63.92
CA ALA TA 55 30.78 -31.42 -62.91
C ALA TA 55 29.47 -30.92 -63.49
N LEU TA 56 29.17 -31.28 -64.74
CA LEU TA 56 28.03 -30.81 -65.48
C LEU TA 56 26.64 -31.07 -64.88
N ARG TA 57 25.75 -30.04 -64.94
CA ARG TA 57 24.34 -30.12 -64.59
C ARG TA 57 23.57 -31.19 -65.35
N PRO TA 58 22.38 -31.59 -64.95
CA PRO TA 58 21.68 -32.66 -65.62
C PRO TA 58 21.35 -32.37 -67.05
N ALA TA 59 21.29 -31.10 -67.48
CA ALA TA 59 21.22 -30.81 -68.88
C ALA TA 59 22.54 -31.05 -69.61
N ASP TA 60 23.65 -30.49 -69.09
CA ASP TA 60 24.91 -30.56 -69.79
C ASP TA 60 25.55 -31.93 -69.76
N ASN TA 61 25.31 -32.72 -68.69
CA ASN TA 61 25.84 -34.05 -68.58
C ASN TA 61 25.30 -34.96 -69.67
N TYR TA 62 24.12 -34.62 -70.20
CA TYR TA 62 23.47 -35.38 -71.23
C TYR TA 62 24.12 -35.11 -72.59
N ARG TA 63 24.56 -33.87 -72.84
CA ARG TA 63 25.08 -33.49 -74.13
C ARG TA 63 26.54 -33.78 -74.36
N ALA TA 64 27.39 -33.81 -73.32
CA ALA TA 64 28.82 -34.04 -73.45
C ALA TA 64 29.22 -35.41 -74.02
N ARG TA 65 30.41 -35.51 -74.66
CA ARG TA 65 30.95 -36.81 -75.06
C ARG TA 65 31.22 -37.73 -73.87
N ARG TA 66 30.97 -39.06 -74.06
CA ARG TA 66 30.81 -40.03 -72.98
C ARG TA 66 32.01 -40.15 -72.08
N LYS TA 67 33.21 -40.01 -72.67
CA LYS TA 67 34.49 -40.02 -71.99
C LYS TA 67 34.60 -39.05 -70.83
N ASN TA 68 33.84 -37.95 -70.82
CA ASN TA 68 33.85 -37.00 -69.74
C ASN TA 68 33.10 -37.46 -68.51
N ARG TA 69 32.27 -38.52 -68.61
CA ARG TA 69 31.43 -38.88 -67.50
C ARG TA 69 32.03 -39.90 -66.56
N THR TA 70 33.11 -40.61 -66.94
CA THR TA 70 33.46 -41.80 -66.16
C THR TA 70 34.88 -42.25 -66.41
N VAL TA 71 35.33 -43.23 -65.62
CA VAL TA 71 36.71 -43.64 -65.51
C VAL TA 71 36.79 -45.09 -65.90
N ALA TA 72 37.73 -45.47 -66.77
CA ALA TA 72 37.94 -46.84 -67.17
C ALA TA 72 38.65 -47.70 -66.12
N ARG TA 73 37.98 -48.01 -65.01
CA ARG TA 73 38.61 -48.62 -63.85
C ARG TA 73 37.59 -49.00 -62.82
N ALA TA 74 37.24 -50.30 -62.74
CA ALA TA 74 36.35 -50.84 -61.73
C ALA TA 74 35.03 -50.09 -61.58
N TYR TA 75 34.67 -49.68 -60.35
CA TYR TA 75 33.46 -48.93 -60.06
C TYR TA 75 33.52 -47.46 -60.50
N GLY TA 76 34.24 -47.17 -61.59
CA GLY TA 76 34.40 -45.91 -62.31
C GLY TA 76 34.09 -44.63 -61.59
N GLY TA 77 33.26 -43.78 -62.21
CA GLY TA 77 32.83 -42.52 -61.63
C GLY TA 77 31.77 -42.67 -60.57
N SER TA 78 31.81 -43.75 -59.79
CA SER TA 78 30.86 -43.98 -58.74
C SER TA 78 31.56 -44.33 -57.45
N ILE TA 79 32.81 -44.82 -57.49
CA ILE TA 79 33.60 -45.03 -56.29
C ILE TA 79 35.01 -44.56 -56.60
N CYS TA 80 35.66 -43.84 -55.67
CA CYS TA 80 36.99 -43.29 -55.87
C CYS TA 80 38.10 -44.33 -55.77
N ALA TA 81 39.31 -43.97 -56.21
CA ALA TA 81 40.41 -44.91 -56.29
C ALA TA 81 40.86 -45.43 -54.94
N ARG TA 82 41.00 -44.54 -53.95
CA ARG TA 82 41.38 -44.92 -52.61
C ARG TA 82 40.44 -45.93 -51.95
N CYS TA 83 39.12 -45.69 -52.01
CA CYS TA 83 38.18 -46.64 -51.47
C CYS TA 83 38.20 -47.98 -52.17
N ILE TA 84 38.29 -48.01 -53.51
CA ILE TA 84 38.30 -49.23 -54.29
C ILE TA 84 39.47 -50.08 -53.91
N ARG TA 85 40.65 -49.46 -53.78
CA ARG TA 85 41.86 -50.15 -53.37
C ARG TA 85 41.69 -50.88 -52.05
N GLU TA 86 41.17 -50.17 -51.03
CA GLU TA 86 40.88 -50.77 -49.74
C GLU TA 86 39.85 -51.88 -49.84
N ARG TA 87 38.76 -51.66 -50.59
CA ARG TA 87 37.74 -52.66 -50.82
C ARG TA 87 38.24 -53.94 -51.50
N ILE TA 88 39.06 -53.85 -52.55
CA ILE TA 88 39.67 -55.00 -53.18
C ILE TA 88 40.46 -55.84 -52.20
N MET TA 89 41.25 -55.18 -51.35
CA MET TA 89 41.97 -55.86 -50.29
C MET TA 89 41.04 -56.61 -49.34
N ARG TA 90 39.95 -55.98 -48.87
CA ARG TA 90 38.97 -56.60 -47.98
C ARG TA 90 38.38 -57.85 -48.60
N ALA TA 91 38.00 -57.76 -49.88
CA ALA TA 91 37.43 -58.86 -50.63
C ALA TA 91 38.35 -60.06 -50.74
N PHE TA 92 39.67 -59.86 -50.88
CA PHE TA 92 40.57 -60.98 -50.76
C PHE TA 92 40.77 -61.44 -49.32
N LEU TA 93 41.13 -60.52 -48.42
CA LEU TA 93 41.58 -60.86 -47.09
C LEU TA 93 40.56 -61.63 -46.26
N PHE TA 94 39.29 -61.19 -46.26
CA PHE TA 94 38.26 -61.86 -45.50
C PHE TA 94 37.98 -63.21 -46.05
N GLU TA 95 37.98 -63.37 -47.38
CA GLU TA 95 37.77 -64.66 -47.99
C GLU TA 95 38.80 -65.70 -47.58
N GLU TA 96 40.10 -65.34 -47.61
CA GLU TA 96 41.14 -66.19 -47.05
C GLU TA 96 40.96 -66.48 -45.57
N GLN TA 97 40.69 -65.43 -44.77
CA GLN TA 97 40.56 -65.57 -43.34
C GLN TA 97 39.45 -66.52 -42.94
N LYS TA 98 38.29 -66.39 -43.60
CA LYS TA 98 37.16 -67.29 -43.54
C LYS TA 98 37.48 -68.74 -43.88
N CYS TA 99 38.18 -68.99 -45.00
CA CYS TA 99 38.63 -70.33 -45.35
C CYS TA 99 39.56 -70.95 -44.33
N VAL TA 100 40.52 -70.18 -43.81
CA VAL TA 100 41.44 -70.58 -42.75
C VAL TA 100 40.69 -70.99 -41.50
N ARG TA 101 39.70 -70.17 -41.09
CA ARG TA 101 38.87 -70.34 -39.92
C ARG TA 101 38.10 -71.65 -39.98
N GLN TA 102 37.44 -71.94 -41.12
CA GLN TA 102 36.80 -73.21 -41.41
C GLN TA 102 37.71 -74.41 -41.33
N VAL TA 103 38.91 -74.34 -41.94
CA VAL TA 103 39.92 -75.39 -41.85
C VAL TA 103 40.35 -75.65 -40.42
N LEU TA 104 40.61 -74.58 -39.64
CA LEU TA 104 40.94 -74.66 -38.23
C LEU TA 104 39.85 -75.30 -37.38
N LYS TA 105 38.58 -74.92 -37.64
CA LYS TA 105 37.40 -75.33 -36.90
C LYS TA 105 37.18 -76.83 -36.84
N GLU TA 106 37.30 -77.53 -37.98
CA GLU TA 106 37.20 -78.98 -38.00
C GLU TA 106 38.39 -79.68 -37.29
N GLY UA 1 -76.91 -48.85 -22.57
CA GLY UA 1 -77.95 -49.77 -21.96
C GLY UA 1 -78.22 -51.02 -22.77
N ARG UA 2 -78.13 -52.20 -22.15
CA ARG UA 2 -78.29 -53.46 -22.83
C ARG UA 2 -79.65 -53.71 -23.44
N LYS UA 3 -79.68 -54.41 -24.59
CA LYS UA 3 -80.88 -54.80 -25.28
C LYS UA 3 -81.13 -56.29 -25.09
N SER UA 4 -82.33 -56.80 -25.43
CA SER UA 4 -82.60 -58.23 -25.40
C SER UA 4 -82.95 -58.71 -26.78
N THR UA 5 -82.40 -59.86 -27.23
CA THR UA 5 -82.53 -60.32 -28.62
C THR UA 5 -83.67 -61.29 -28.76
N ILE UA 6 -84.50 -61.31 -27.73
CA ILE UA 6 -85.70 -62.09 -27.61
C ILE UA 6 -86.48 -61.26 -26.61
N LYS UA 7 -87.81 -61.45 -26.52
CA LYS UA 7 -88.71 -60.61 -25.74
C LYS UA 7 -88.68 -59.13 -26.13
N PRO UA 8 -88.92 -58.76 -27.41
CA PRO UA 8 -88.59 -57.46 -27.99
C PRO UA 8 -88.89 -56.22 -27.18
N ALA UA 9 -87.96 -55.25 -27.22
CA ALA UA 9 -87.94 -54.01 -26.48
C ALA UA 9 -89.24 -53.34 -26.10
N THR UA 10 -89.30 -52.75 -24.91
CA THR UA 10 -90.39 -51.86 -24.50
C THR UA 10 -90.39 -50.57 -25.31
N GLY UA 11 -91.59 -49.99 -25.55
CA GLY UA 11 -91.74 -48.82 -26.41
C GLY UA 11 -91.35 -47.51 -25.77
N ILE UA 12 -90.98 -47.53 -24.48
CA ILE UA 12 -90.53 -46.38 -23.74
C ILE UA 12 -89.09 -46.02 -24.05
N ALA UA 13 -88.66 -44.83 -23.65
CA ALA UA 13 -87.42 -44.28 -24.15
C ALA UA 13 -86.24 -44.54 -23.24
N VAL UA 14 -86.44 -45.15 -22.07
CA VAL UA 14 -85.38 -45.23 -21.08
C VAL UA 14 -85.61 -46.41 -20.18
N GLY UA 15 -84.61 -46.80 -19.38
CA GLY UA 15 -84.58 -48.07 -18.69
C GLY UA 15 -84.12 -49.18 -19.60
N PHE UA 16 -84.01 -50.39 -19.03
CA PHE UA 16 -83.57 -51.59 -19.70
C PHE UA 16 -84.39 -51.95 -20.93
N ASN UA 17 -83.75 -52.61 -21.92
CA ASN UA 17 -84.29 -53.07 -23.18
C ASN UA 17 -85.36 -52.19 -23.81
N SER UA 18 -84.95 -50.97 -24.12
CA SER UA 18 -85.81 -49.86 -24.48
C SER UA 18 -85.62 -49.47 -25.92
N GLY UA 19 -86.60 -48.75 -26.48
CA GLY UA 19 -86.45 -48.15 -27.80
C GLY UA 19 -87.66 -48.29 -28.66
N HIS UA 20 -87.56 -47.78 -29.88
CA HIS UA 20 -88.56 -47.91 -30.92
C HIS UA 20 -88.89 -49.36 -31.28
N VAL UA 21 -90.15 -49.65 -31.66
CA VAL UA 21 -90.71 -50.99 -31.45
C VAL UA 21 -90.59 -51.93 -32.64
N VAL UA 22 -89.75 -51.63 -33.64
CA VAL UA 22 -89.56 -52.47 -34.81
C VAL UA 22 -89.08 -53.87 -34.50
N THR UA 23 -89.54 -54.85 -35.29
CA THR UA 23 -89.23 -56.26 -35.05
C THR UA 23 -87.79 -56.59 -35.36
N LYS UA 24 -86.98 -56.88 -34.34
CA LYS UA 24 -85.57 -57.19 -34.51
C LYS UA 24 -85.36 -58.48 -35.28
N ARG UA 25 -84.39 -58.51 -36.20
CA ARG UA 25 -84.00 -59.73 -36.87
C ARG UA 25 -82.88 -60.46 -36.14
N ASN UA 26 -82.53 -61.67 -36.59
CA ASN UA 26 -81.35 -62.37 -36.14
C ASN UA 26 -80.05 -61.74 -36.73
N SER UA 37 -60.24 -77.50 -38.14
CA SER UA 37 -58.99 -77.33 -37.31
C SER UA 37 -58.12 -78.60 -37.16
N LYS UA 38 -57.30 -78.94 -38.19
CA LYS UA 38 -56.43 -80.13 -38.17
C LYS UA 38 -55.01 -79.82 -38.62
N ARG UA 39 -54.89 -79.09 -39.74
CA ARG UA 39 -53.64 -78.65 -40.30
C ARG UA 39 -52.92 -77.78 -39.28
N LYS UA 40 -53.66 -76.89 -38.59
CA LYS UA 40 -53.09 -75.98 -37.61
C LYS UA 40 -52.34 -76.72 -36.52
N GLU UA 41 -52.98 -77.78 -35.98
CA GLU UA 41 -52.31 -78.65 -35.03
C GLU UA 41 -51.09 -79.32 -35.60
N LEU UA 42 -51.19 -79.86 -36.83
CA LEU UA 42 -50.04 -80.48 -37.44
C LEU UA 42 -48.84 -79.55 -37.60
N ILE UA 43 -49.05 -78.34 -38.14
CA ILE UA 43 -47.96 -77.38 -38.28
C ILE UA 43 -47.34 -77.02 -36.95
N LYS UA 44 -48.16 -76.76 -35.92
CA LYS UA 44 -47.65 -76.41 -34.61
C LYS UA 44 -46.78 -77.50 -34.01
N ASP UA 45 -47.24 -78.75 -34.13
CA ASP UA 45 -46.49 -79.91 -33.71
C ASP UA 45 -45.14 -80.02 -34.40
N VAL UA 46 -45.08 -79.85 -35.73
CA VAL UA 46 -43.83 -79.86 -36.45
C VAL UA 46 -42.89 -78.78 -35.97
N VAL UA 47 -43.39 -77.54 -35.78
CA VAL UA 47 -42.61 -76.43 -35.29
C VAL UA 47 -42.05 -76.72 -33.92
N ARG UA 48 -42.85 -77.29 -33.01
CA ARG UA 48 -42.37 -77.62 -31.69
C ARG UA 48 -41.22 -78.61 -31.69
N GLU UA 49 -41.30 -79.66 -32.53
CA GLU UA 49 -40.23 -80.62 -32.72
C GLU UA 49 -38.94 -80.00 -33.23
N ILE UA 50 -39.02 -79.09 -34.23
CA ILE UA 50 -37.86 -78.33 -34.67
C ILE UA 50 -37.28 -77.42 -33.60
N THR UA 51 -38.13 -76.59 -32.98
CA THR UA 51 -37.68 -75.39 -32.28
C THR UA 51 -37.63 -75.44 -30.77
N GLY UA 52 -38.35 -76.34 -30.09
CA GLY UA 52 -38.46 -76.32 -28.63
C GLY UA 52 -39.01 -75.05 -27.99
N PHE UA 53 -38.92 -74.95 -26.66
CA PHE UA 53 -39.42 -73.83 -25.87
C PHE UA 53 -38.57 -72.57 -25.92
N SER UA 54 -39.11 -71.43 -25.46
CA SER UA 54 -38.33 -70.24 -25.12
C SER UA 54 -37.50 -70.42 -23.83
N PRO UA 55 -36.41 -69.71 -23.56
CA PRO UA 55 -35.78 -69.71 -22.25
C PRO UA 55 -36.69 -69.34 -21.09
N TYR UA 56 -37.51 -68.29 -21.23
CA TYR UA 56 -38.47 -67.93 -20.20
C TYR UA 56 -39.50 -69.03 -19.98
N GLU UA 57 -39.97 -69.65 -21.08
CA GLU UA 57 -40.86 -70.78 -21.04
C GLU UA 57 -40.24 -71.92 -20.25
N LYS UA 58 -38.95 -72.23 -20.44
CA LYS UA 58 -38.28 -73.19 -19.59
C LYS UA 58 -38.35 -72.85 -18.11
N ARG UA 59 -38.09 -71.59 -17.73
CA ARG UA 59 -38.30 -71.20 -16.33
C ARG UA 59 -39.74 -71.41 -15.85
N ILE UA 60 -40.72 -71.01 -16.67
CA ILE UA 60 -42.13 -71.19 -16.42
C ILE UA 60 -42.48 -72.65 -16.24
N ILE UA 61 -41.98 -73.54 -17.10
CA ILE UA 61 -42.15 -74.98 -16.97
C ILE UA 61 -41.67 -75.46 -15.63
N GLU UA 62 -40.46 -75.06 -15.19
CA GLU UA 62 -40.00 -75.45 -13.88
C GLU UA 62 -40.90 -74.98 -12.75
N LEU UA 63 -41.37 -73.74 -12.78
CA LEU UA 63 -42.35 -73.26 -11.81
C LEU UA 63 -43.64 -74.07 -11.78
N ILE UA 64 -44.25 -74.37 -12.94
CA ILE UA 64 -45.42 -75.22 -13.03
C ILE UA 64 -45.14 -76.61 -12.52
N LYS UA 65 -43.98 -77.18 -12.86
CA LYS UA 65 -43.58 -78.47 -12.39
C LYS UA 65 -43.50 -78.58 -10.88
N ILE UA 66 -42.95 -77.56 -10.18
CA ILE UA 66 -43.06 -77.41 -8.73
C ILE UA 66 -44.48 -77.59 -8.19
N GLY UA 67 -45.48 -76.95 -8.82
CA GLY UA 67 -46.88 -77.34 -8.65
C GLY UA 67 -47.53 -76.98 -7.34
N THR UA 68 -47.25 -75.77 -6.84
CA THR UA 68 -47.76 -75.28 -5.58
C THR UA 68 -48.39 -73.93 -5.80
N SER UA 69 -49.14 -73.42 -4.81
CA SER UA 69 -49.82 -72.15 -4.96
C SER UA 69 -48.84 -71.01 -4.99
N ALA UA 70 -47.80 -71.04 -4.14
CA ALA UA 70 -46.73 -70.07 -4.23
C ALA UA 70 -45.99 -70.10 -5.56
N SER UA 71 -45.56 -71.29 -6.02
CA SER UA 71 -44.88 -71.42 -7.30
C SER UA 71 -45.70 -71.00 -8.49
N THR UA 72 -46.97 -71.43 -8.57
CA THR UA 72 -47.90 -70.96 -9.58
C THR UA 72 -48.16 -69.48 -9.54
N LYS UA 73 -48.34 -68.87 -8.35
CA LYS UA 73 -48.48 -67.44 -8.20
C LYS UA 73 -47.28 -66.66 -8.69
N ARG UA 74 -46.07 -67.13 -8.35
CA ARG UA 74 -44.83 -66.58 -8.85
C ARG UA 74 -44.78 -66.67 -10.35
N SER UA 75 -45.14 -67.83 -10.91
CA SER UA 75 -45.17 -68.00 -12.36
C SER UA 75 -46.09 -67.05 -13.07
N LEU UA 76 -47.30 -66.82 -12.55
CA LEU UA 76 -48.22 -65.87 -13.15
C LEU UA 76 -47.68 -64.46 -13.15
N LYS UA 77 -47.11 -64.03 -12.03
CA LYS UA 77 -46.48 -62.74 -11.93
C LYS UA 77 -45.31 -62.57 -12.87
N TYR UA 78 -44.44 -63.60 -12.97
CA TYR UA 78 -43.30 -63.64 -13.86
C TYR UA 78 -43.70 -63.51 -15.32
N ALA UA 79 -44.73 -64.25 -15.72
CA ALA UA 79 -45.27 -64.20 -17.05
C ALA UA 79 -45.79 -62.82 -17.40
N LYS UA 80 -46.52 -62.20 -16.45
CA LYS UA 80 -47.00 -60.83 -16.58
C LYS UA 80 -45.87 -59.84 -16.79
N LYS UA 81 -44.78 -59.95 -16.02
CA LYS UA 81 -43.59 -59.16 -16.21
C LYS UA 81 -42.96 -59.38 -17.57
N LYS UA 82 -42.82 -60.64 -18.01
CA LYS UA 82 -42.13 -60.92 -19.24
C LYS UA 82 -42.91 -60.46 -20.46
N LEU UA 83 -44.18 -60.83 -20.61
CA LEU UA 83 -44.90 -60.40 -21.77
C LEU UA 83 -45.46 -58.99 -21.69
N GLY UA 84 -45.62 -58.43 -20.47
CA GLY UA 84 -46.46 -57.25 -20.22
C GLY UA 84 -47.95 -57.58 -20.19
N THR UA 85 -48.70 -57.00 -19.24
CA THR UA 85 -50.15 -57.20 -19.05
C THR UA 85 -50.57 -58.54 -18.49
N HIS UA 86 -51.67 -58.58 -17.75
CA HIS UA 86 -52.24 -59.84 -17.30
C HIS UA 86 -52.73 -60.74 -18.40
N LYS UA 87 -53.41 -60.21 -19.42
CA LYS UA 87 -54.07 -61.06 -20.39
C LYS UA 87 -53.13 -62.00 -21.11
N ARG UA 88 -52.04 -61.44 -21.64
CA ARG UA 88 -51.01 -62.21 -22.29
C ARG UA 88 -50.36 -63.21 -21.38
N GLY UA 89 -50.02 -62.78 -20.15
CA GLY UA 89 -49.36 -63.65 -19.19
C GLY UA 89 -50.21 -64.81 -18.80
N LYS UA 90 -51.49 -64.58 -18.46
CA LYS UA 90 -52.41 -65.63 -18.11
C LYS UA 90 -52.56 -66.65 -19.21
N ALA UA 91 -52.80 -66.19 -20.45
CA ALA UA 91 -52.89 -67.09 -21.58
C ALA UA 91 -51.69 -68.01 -21.76
N LYS UA 92 -50.49 -67.43 -21.66
CA LYS UA 92 -49.26 -68.19 -21.71
C LYS UA 92 -49.11 -69.16 -20.55
N ARG UA 93 -49.39 -68.76 -19.30
CA ARG UA 93 -49.31 -69.66 -18.17
C ARG UA 93 -50.22 -70.85 -18.28
N GLU UA 94 -51.47 -70.64 -18.71
CA GLU UA 94 -52.39 -71.73 -18.95
C GLU UA 94 -51.91 -72.66 -20.04
N GLU UA 95 -51.46 -72.11 -21.17
CA GLU UA 95 -50.91 -72.89 -22.25
C GLU UA 95 -49.70 -73.75 -21.86
N ILE UA 96 -48.72 -73.17 -21.14
CA ILE UA 96 -47.61 -73.97 -20.66
C ILE UA 96 -48.04 -75.00 -19.64
N GLN UA 97 -48.95 -74.64 -18.72
CA GLN UA 97 -49.42 -75.56 -17.71
C GLN UA 97 -50.07 -76.79 -18.29
N LYS UA 98 -50.90 -76.56 -19.32
CA LYS UA 98 -51.50 -77.60 -20.09
C LYS UA 98 -50.47 -78.51 -20.73
N VAL UA 99 -49.41 -77.95 -21.31
CA VAL UA 99 -48.29 -78.73 -21.84
C VAL UA 99 -47.62 -79.56 -20.77
N VAL UA 100 -47.33 -78.98 -19.60
CA VAL UA 100 -46.72 -79.69 -18.50
C VAL UA 100 -47.56 -80.85 -18.02
N ILE UA 101 -48.88 -80.68 -17.85
CA ILE UA 101 -49.77 -81.77 -17.49
C ILE UA 101 -49.77 -82.89 -18.52
N LEU UA 102 -49.89 -82.52 -19.80
CA LEU UA 102 -49.90 -83.45 -20.90
C LEU UA 102 -48.61 -84.26 -21.02
N GLN UA 103 -47.46 -83.59 -20.96
CA GLN UA 103 -46.16 -84.24 -20.96
C GLN UA 103 -45.92 -85.17 -19.78
N ARG UA 104 -46.30 -84.75 -18.57
CA ARG UA 104 -46.24 -85.55 -17.36
C ARG UA 104 -47.08 -86.81 -17.43
N ARG UA 105 -48.26 -86.71 -18.05
CA ARG UA 105 -49.12 -87.82 -18.36
C ARG UA 105 -48.47 -88.81 -19.39
N PRO VA 1 30.87 -21.02 -86.24
CA PRO VA 1 32.17 -20.64 -86.87
C PRO VA 1 33.28 -21.52 -86.37
N LYS VA 2 34.22 -21.94 -87.23
CA LYS VA 2 35.32 -22.81 -86.89
C LYS VA 2 36.52 -22.40 -87.73
N GLN VA 3 37.75 -22.64 -87.24
CA GLN VA 3 38.94 -22.23 -87.94
C GLN VA 3 39.72 -23.43 -88.43
N ILE VA 4 39.96 -23.51 -89.74
CA ILE VA 4 40.70 -24.59 -90.36
C ILE VA 4 42.15 -24.20 -90.43
N THR VA 5 43.07 -25.18 -90.39
CA THR VA 5 44.50 -24.94 -90.58
C THR VA 5 45.04 -25.72 -91.75
N ASP VA 6 44.61 -26.98 -91.92
CA ASP VA 6 45.03 -27.84 -93.00
C ASP VA 6 44.39 -27.46 -94.34
N ILE VA 7 45.24 -27.01 -95.27
CA ILE VA 7 44.91 -26.80 -96.66
C ILE VA 7 44.19 -28.00 -97.27
N ARG VA 8 44.64 -29.23 -96.96
CA ARG VA 8 43.99 -30.41 -97.44
C ARG VA 8 42.59 -30.58 -96.91
N LYS VA 9 42.36 -30.41 -95.60
CA LYS VA 9 41.03 -30.50 -95.02
C LYS VA 9 40.10 -29.47 -95.64
N PHE VA 10 40.60 -28.24 -95.84
CA PHE VA 10 39.87 -27.21 -96.55
C PHE VA 10 39.44 -27.63 -97.96
N LEU VA 11 40.35 -28.20 -98.77
CA LEU VA 11 40.02 -28.78 -100.05
C LEU VA 11 38.98 -29.88 -99.98
N LYS VA 12 39.11 -30.75 -98.97
CA LYS VA 12 38.21 -31.86 -98.72
C LYS VA 12 36.79 -31.42 -98.47
N ILE VA 13 36.57 -30.41 -97.61
CA ILE VA 13 35.29 -29.75 -97.47
C ILE VA 13 34.81 -29.16 -98.77
N SER VA 14 35.71 -28.51 -99.52
CA SER VA 14 35.40 -27.82 -100.76
C SER VA 14 34.76 -28.71 -101.79
N ARG VA 15 35.29 -29.92 -102.00
CA ARG VA 15 34.67 -30.85 -102.92
C ARG VA 15 33.24 -31.30 -102.59
N LYS VA 16 32.79 -31.21 -101.32
CA LYS VA 16 31.60 -31.93 -100.92
C LYS VA 16 30.24 -31.28 -101.25
N PRO VA 17 29.15 -32.04 -101.38
CA PRO VA 17 27.88 -31.52 -101.89
C PRO VA 17 27.25 -30.39 -101.14
N ASP VA 18 27.34 -30.35 -99.80
CA ASP VA 18 26.55 -29.41 -99.04
C ASP VA 18 27.32 -28.12 -98.76
N THR VA 19 28.52 -28.01 -99.34
CA THR VA 19 29.37 -26.84 -99.29
C THR VA 19 28.93 -25.78 -100.29
N THR VA 20 27.84 -25.05 -99.99
CA THR VA 20 27.19 -24.20 -100.98
C THR VA 20 27.99 -23.01 -101.44
N ALA VA 21 28.71 -22.33 -100.55
CA ALA VA 21 29.32 -21.08 -100.93
C ALA VA 21 30.70 -20.85 -100.37
N VAL VA 22 31.46 -20.04 -101.12
CA VAL VA 22 32.79 -19.59 -100.84
C VAL VA 22 32.68 -18.10 -100.67
N ILE VA 23 33.11 -17.59 -99.52
CA ILE VA 23 33.04 -16.19 -99.20
C ILE VA 23 34.45 -15.71 -98.96
N ILE VA 24 34.93 -14.84 -99.84
CA ILE VA 24 36.31 -14.49 -99.96
C ILE VA 24 36.49 -13.03 -99.60
N MET VA 25 37.45 -12.68 -98.69
CA MET VA 25 37.67 -11.29 -98.40
C MET VA 25 39.11 -10.91 -98.15
N LYS VA 26 39.51 -9.79 -98.78
CA LYS VA 26 40.87 -9.31 -98.87
C LYS VA 26 40.95 -7.90 -98.33
N LYS VA 27 41.98 -7.61 -97.52
CA LYS VA 27 42.04 -6.37 -96.76
C LYS VA 27 43.46 -5.97 -96.38
N LYS VA 28 43.66 -4.68 -96.06
CA LYS VA 28 44.88 -4.15 -95.52
C LYS VA 28 45.01 -4.43 -94.02
N SER VA 29 46.21 -4.33 -93.43
CA SER VA 29 46.32 -4.39 -91.96
C SER VA 29 47.25 -3.36 -91.35
N LYS VA 30 48.31 -2.92 -92.06
CA LYS VA 30 49.25 -1.95 -91.57
C LYS VA 30 49.59 -0.92 -92.69
N THR VA 35 50.47 -3.26 -97.27
CA THR VA 35 50.47 -4.79 -97.14
C THR VA 35 49.05 -5.38 -97.16
N VAL VA 36 48.79 -6.51 -97.83
CA VAL VA 36 47.44 -7.08 -98.00
C VAL VA 36 47.39 -8.51 -97.52
N ILE VA 37 46.26 -8.94 -96.91
CA ILE VA 37 46.06 -10.28 -96.38
C ILE VA 37 44.68 -10.81 -96.76
N THR VA 38 44.42 -12.14 -96.65
CA THR VA 38 43.17 -12.73 -97.15
C THR VA 38 42.51 -13.67 -96.17
N LYS VA 39 41.23 -13.43 -95.87
CA LYS VA 39 40.38 -14.32 -95.12
C LYS VA 39 39.51 -15.13 -96.09
N LEU VA 40 39.60 -16.47 -96.06
CA LEU VA 40 38.73 -17.34 -96.85
C LEU VA 40 37.69 -18.04 -95.99
N LYS VA 41 36.41 -17.68 -96.13
CA LYS VA 41 35.32 -18.30 -95.40
C LYS VA 41 34.50 -19.25 -96.28
N LEU VA 42 34.22 -20.49 -95.84
CA LEU VA 42 33.38 -21.43 -96.57
C LEU VA 42 32.08 -21.65 -95.83
N ARG VA 43 30.95 -21.68 -96.56
CA ARG VA 43 29.63 -21.78 -95.99
C ARG VA 43 29.03 -23.14 -96.28
N THR VA 44 29.11 -24.01 -95.28
CA THR VA 44 28.38 -25.26 -95.17
C THR VA 44 27.16 -24.98 -94.35
N LYS VA 45 26.01 -25.63 -94.59
CA LYS VA 45 24.84 -25.43 -93.75
C LYS VA 45 25.11 -25.57 -92.26
N LYS VA 46 25.88 -26.60 -91.88
CA LYS VA 46 26.32 -26.80 -90.52
C LYS VA 46 27.25 -25.72 -89.96
N TYR VA 47 28.23 -25.20 -90.72
CA TYR VA 47 29.15 -24.20 -90.20
C TYR VA 47 29.72 -23.28 -91.26
N LEU VA 48 30.30 -22.16 -90.81
CA LEU VA 48 31.08 -21.24 -91.60
C LEU VA 48 32.52 -21.38 -91.16
N TYR VA 49 33.33 -22.01 -92.02
CA TYR VA 49 34.70 -22.36 -91.73
C TYR VA 49 35.59 -21.29 -92.29
N THR VA 50 36.66 -20.90 -91.57
CA THR VA 50 37.52 -19.84 -92.05
C THR VA 50 38.96 -20.30 -92.04
N MET VA 51 39.68 -19.99 -93.12
CA MET VA 51 41.10 -20.21 -93.28
C MET VA 51 41.79 -18.88 -93.51
N VAL VA 52 42.88 -18.61 -92.78
CA VAL VA 52 43.63 -17.37 -92.89
C VAL VA 52 44.85 -17.48 -93.79
N PHE VA 53 44.80 -16.92 -95.02
CA PHE VA 53 45.92 -17.00 -95.94
C PHE VA 53 46.76 -15.75 -95.89
N ALA VA 54 48.05 -15.95 -95.53
CA ALA VA 54 48.96 -14.86 -95.28
C ALA VA 54 49.78 -14.47 -96.51
N ASP VA 55 49.66 -15.22 -97.60
CA ASP VA 55 50.39 -14.96 -98.82
C ASP VA 55 49.42 -14.85 -99.96
N ARG VA 56 49.53 -13.81 -100.79
CA ARG VA 56 48.68 -13.64 -101.94
C ARG VA 56 48.77 -14.78 -102.94
N LYS VA 57 49.98 -15.24 -103.30
CA LYS VA 57 50.13 -16.22 -104.35
C LYS VA 57 49.39 -17.52 -104.08
N LYS VA 58 49.50 -18.07 -102.85
CA LYS VA 58 48.78 -19.24 -102.42
C LYS VA 58 47.29 -19.04 -102.53
N ALA VA 59 46.80 -17.89 -102.03
CA ALA VA 59 45.41 -17.54 -102.05
C ALA VA 59 44.83 -17.46 -103.46
N GLU VA 60 45.55 -16.79 -104.38
CA GLU VA 60 45.15 -16.67 -105.77
C GLU VA 60 44.99 -18.02 -106.46
N ARG VA 61 45.97 -18.91 -106.29
CA ARG VA 61 45.90 -20.23 -106.83
C ARG VA 61 44.76 -21.07 -106.28
N ILE VA 62 44.53 -21.05 -104.95
CA ILE VA 62 43.43 -21.78 -104.35
C ILE VA 62 42.07 -21.24 -104.76
N GLU VA 63 41.87 -19.90 -104.78
CA GLU VA 63 40.63 -19.31 -105.23
C GLU VA 63 40.30 -19.69 -106.66
N ASN VA 64 41.29 -19.67 -107.58
CA ASN VA 64 41.12 -20.22 -108.91
C ASN VA 64 40.79 -21.73 -108.94
N SER VA 65 41.52 -22.54 -108.16
CA SER VA 65 41.46 -24.00 -108.16
C SER VA 65 40.10 -24.60 -107.89
N LEU VA 66 39.35 -24.02 -106.96
CA LEU VA 66 38.02 -24.44 -106.57
C LEU VA 66 37.05 -24.75 -107.70
N LEU VA 67 36.07 -25.63 -107.42
CA LEU VA 67 34.98 -25.86 -108.36
C LEU VA 67 34.18 -24.57 -108.59
N PRO VA 68 33.83 -24.20 -109.81
CA PRO VA 68 33.43 -22.82 -110.07
C PRO VA 68 31.95 -22.66 -109.84
N SER VA 69 31.20 -23.77 -109.86
CA SER VA 69 29.76 -23.83 -109.66
C SER VA 69 29.35 -23.37 -108.29
N LEU VA 70 30.18 -23.69 -107.28
CA LEU VA 70 30.01 -23.30 -105.91
C LEU VA 70 29.92 -21.80 -105.77
N LYS VA 71 28.94 -21.30 -105.00
CA LYS VA 71 28.61 -19.89 -104.97
C LYS VA 71 29.72 -19.01 -104.43
N ARG VA 72 29.87 -17.81 -104.99
CA ARG VA 72 30.97 -16.93 -104.67
C ARG VA 72 30.41 -15.63 -104.17
N ILE VA 73 30.85 -15.17 -102.99
CA ILE VA 73 30.47 -13.88 -102.43
C ILE VA 73 31.72 -13.08 -102.13
N TYR VA 74 31.71 -11.81 -102.51
CA TYR VA 74 32.64 -10.81 -102.02
C TYR VA 74 31.83 -9.85 -101.18
N TYR VA 75 32.35 -9.34 -100.05
CA TYR VA 75 31.57 -8.38 -99.29
C TYR VA 75 31.32 -7.02 -99.94
N PRO VA 76 32.23 -6.30 -100.58
CA PRO VA 76 31.92 -5.00 -101.14
C PRO VA 76 30.85 -4.99 -102.23
N GLY WA 1 -1.42 -5.68 -65.87
CA GLY WA 1 -0.06 -6.30 -66.01
C GLY WA 1 0.35 -6.48 -67.45
N SER WA 2 1.59 -6.94 -67.68
CA SER WA 2 2.03 -7.37 -69.00
C SER WA 2 1.27 -8.57 -69.49
N ILE WA 3 1.19 -9.60 -68.63
CA ILE WA 3 0.57 -10.85 -68.90
C ILE WA 3 -0.90 -10.86 -68.58
N LYS WA 4 -1.63 -11.74 -69.26
CA LYS WA 4 -3.03 -11.94 -69.05
C LYS WA 4 -3.28 -13.39 -69.37
N ARG WA 5 -4.43 -13.93 -68.97
CA ARG WA 5 -4.92 -15.18 -69.47
C ARG WA 5 -5.81 -14.90 -70.67
N PHE WA 6 -6.00 -15.83 -71.63
CA PHE WA 6 -6.65 -15.52 -72.89
C PHE WA 6 -8.08 -15.02 -72.74
N ARG WA 7 -8.87 -15.61 -71.82
CA ARG WA 7 -10.24 -15.18 -71.56
C ARG WA 7 -10.27 -13.74 -71.12
N LEU WA 8 -9.40 -13.38 -70.17
CA LEU WA 8 -9.30 -12.04 -69.69
C LEU WA 8 -8.93 -11.05 -70.79
N LYS WA 9 -7.93 -11.39 -71.64
CA LYS WA 9 -7.56 -10.52 -72.73
C LYS WA 9 -8.71 -10.28 -73.70
N GLN WA 10 -9.41 -11.35 -74.06
CA GLN WA 10 -10.52 -11.27 -74.96
C GLN WA 10 -11.64 -10.40 -74.43
N ARG WA 11 -11.97 -10.55 -73.14
CA ARG WA 11 -12.90 -9.72 -72.42
C ARG WA 11 -12.50 -8.25 -72.40
N LEU WA 12 -11.22 -7.93 -72.16
CA LEU WA 12 -10.76 -6.56 -72.18
C LEU WA 12 -11.01 -5.94 -73.54
N GLY WA 13 -10.71 -6.70 -74.60
CA GLY WA 13 -11.09 -6.33 -75.95
C GLY WA 13 -12.57 -6.13 -76.16
N LYS WA 14 -13.41 -7.02 -75.63
CA LYS WA 14 -14.86 -6.90 -75.69
C LYS WA 14 -15.38 -5.61 -75.09
N CYS WA 15 -14.91 -5.25 -73.89
CA CYS WA 15 -15.25 -3.98 -73.27
C CYS WA 15 -14.84 -2.79 -74.13
N ARG WA 16 -13.60 -2.80 -74.65
CA ARG WA 16 -13.11 -1.77 -75.53
C ARG WA 16 -13.96 -1.55 -76.77
N ARG WA 17 -14.36 -2.66 -77.38
CA ARG WA 17 -15.28 -2.73 -78.50
C ARG WA 17 -16.64 -2.18 -78.13
N GLN WA 18 -17.17 -2.52 -76.94
CA GLN WA 18 -18.43 -2.04 -76.43
C GLN WA 18 -18.50 -0.53 -76.32
N ASN WA 19 -17.44 0.13 -75.83
CA ASN WA 19 -17.35 1.57 -75.74
C ASN WA 19 -17.73 2.37 -77.00
N ARG WA 20 -17.20 1.99 -78.17
CA ARG WA 20 -17.37 2.63 -79.48
C ARG WA 20 -18.70 3.37 -79.70
N PRO WA 21 -18.75 4.65 -80.01
CA PRO WA 21 -19.98 5.43 -79.95
C PRO WA 21 -20.96 5.07 -81.04
N VAL WA 22 -22.24 5.45 -80.86
CA VAL WA 22 -23.33 5.10 -81.74
C VAL WA 22 -23.12 5.54 -83.19
N PRO WA 23 -23.45 4.78 -84.24
CA PRO WA 23 -22.98 5.10 -85.58
C PRO WA 23 -23.75 6.26 -86.14
N HIS WA 24 -23.04 7.20 -86.79
CA HIS WA 24 -23.59 8.51 -87.04
C HIS WA 24 -24.78 8.56 -87.99
N TRP WA 25 -24.79 7.67 -89.00
CA TRP WA 25 -25.95 7.55 -89.85
C TRP WA 25 -27.19 7.01 -89.16
N TYR WA 26 -27.03 6.17 -88.12
CA TYR WA 26 -28.15 5.65 -87.37
C TYR WA 26 -29.03 6.71 -86.73
N ARG WA 27 -28.42 7.80 -86.23
CA ARG WA 27 -29.08 8.93 -85.60
C ARG WA 27 -29.99 9.69 -86.57
N LEU WA 28 -29.93 9.38 -87.86
CA LEU WA 28 -30.57 10.13 -88.93
C LEU WA 28 -31.83 9.40 -89.39
N LYS WA 29 -32.03 8.14 -88.97
CA LYS WA 29 -33.34 7.51 -89.05
C LYS WA 29 -34.42 8.28 -88.22
N ASN WA 37 -24.90 8.33 -76.68
CA ASN WA 37 -25.86 7.34 -76.07
C ASN WA 37 -25.98 7.46 -74.55
N THR WA 38 -26.63 6.49 -73.85
CA THR WA 38 -26.94 6.64 -72.43
C THR WA 38 -26.08 5.80 -71.52
N LYS WA 39 -25.28 4.89 -72.08
CA LYS WA 39 -24.58 3.87 -71.35
C LYS WA 39 -23.21 3.78 -71.91
N ARG WA 40 -22.17 4.14 -71.14
CA ARG WA 40 -20.88 4.26 -71.76
C ARG WA 40 -19.75 4.23 -70.77
N ARG WA 41 -18.95 3.15 -70.83
CA ARG WA 41 -17.69 3.00 -70.14
C ARG WA 41 -16.73 4.15 -70.43
N HIS WA 42 -16.15 4.72 -69.38
CA HIS WA 42 -15.02 5.60 -69.50
C HIS WA 42 -13.96 5.08 -68.56
N TRP WA 43 -12.72 4.97 -69.03
CA TRP WA 43 -11.70 4.19 -68.37
C TRP WA 43 -11.22 4.67 -67.01
N ARG WA 44 -11.04 5.98 -66.83
CA ARG WA 44 -10.30 6.44 -65.70
C ARG WA 44 -11.03 6.34 -64.37
N ARG WA 45 -12.27 6.85 -64.32
CA ARG WA 45 -13.00 6.98 -63.07
C ARG WA 45 -14.02 5.89 -62.88
N THR WA 46 -14.09 4.93 -63.82
CA THR WA 46 -15.17 3.94 -63.81
C THR WA 46 -14.61 2.61 -64.21
N LYS WA 47 -14.03 1.91 -63.24
CA LYS WA 47 -13.35 0.66 -63.45
C LYS WA 47 -14.22 -0.45 -63.95
N LEU WA 48 -13.63 -1.35 -64.75
CA LEU WA 48 -14.27 -2.51 -65.31
C LEU WA 48 -14.58 -3.50 -64.21
N GLY WA 49 -13.61 -3.71 -63.31
CA GLY WA 49 -13.75 -4.49 -62.09
C GLY WA 49 -13.66 -5.97 -62.29
N LEU WA 50 -14.14 -6.45 -63.43
CA LEU WA 50 -14.04 -7.82 -63.80
C LEU WA 50 -12.67 -8.11 -64.46
N ALA XA 1 9.45 81.57 30.55
CA ALA XA 1 8.62 80.64 29.73
C ALA XA 1 7.12 80.97 29.76
N ILE XA 2 6.25 80.03 30.17
CA ILE XA 2 4.82 80.23 30.11
C ILE XA 2 4.32 80.85 31.39
N GLU XA 3 4.18 82.18 31.42
CA GLU XA 3 3.60 82.89 32.55
C GLU XA 3 2.11 82.58 32.72
N PRO XA 4 1.57 82.39 33.91
CA PRO XA 4 0.21 81.92 34.17
C PRO XA 4 -0.92 82.49 33.36
N SER XA 5 -0.99 83.82 33.18
CA SER XA 5 -2.09 84.45 32.46
C SER XA 5 -2.16 83.96 31.03
N LEU XA 6 -0.99 83.91 30.38
CA LEU XA 6 -0.84 83.40 29.04
C LEU XA 6 -1.30 81.96 28.95
N ALA XA 7 -0.88 81.14 29.95
CA ALA XA 7 -1.31 79.77 30.06
C ALA XA 7 -2.82 79.62 30.14
N GLN XA 8 -3.50 80.39 31.01
CA GLN XA 8 -4.96 80.36 31.11
C GLN XA 8 -5.63 80.70 29.80
N LEU XA 9 -5.08 81.72 29.12
CA LEU XA 9 -5.53 82.16 27.83
C LEU XA 9 -5.43 81.06 26.78
N ALA XA 10 -4.31 80.34 26.76
CA ALA XA 10 -4.19 79.13 25.99
C ALA XA 10 -5.19 78.04 26.38
N GLN XA 11 -5.40 77.80 27.68
CA GLN XA 11 -6.27 76.74 28.17
C GLN XA 11 -7.71 76.93 27.73
N LYS XA 12 -8.23 78.17 27.77
CA LYS XA 12 -9.52 78.56 27.21
C LYS XA 12 -9.78 78.02 25.82
N TYR XA 13 -8.76 78.04 24.96
CA TYR XA 13 -8.83 77.47 23.65
C TYR XA 13 -8.57 75.97 23.65
N ASN XA 14 -7.44 75.53 24.20
CA ASN XA 14 -6.93 74.18 24.03
C ASN XA 14 -7.43 73.09 24.95
N CYS XA 15 -8.05 73.42 26.10
CA CYS XA 15 -8.20 72.46 27.18
C CYS XA 15 -9.59 72.36 27.73
N GLN XA 16 -10.33 73.47 27.83
CA GLN XA 16 -11.49 73.52 28.69
C GLN XA 16 -12.77 73.10 27.98
N LYS XA 17 -12.64 72.57 26.75
CA LYS XA 17 -13.72 72.05 25.96
C LYS XA 17 -14.02 70.59 26.26
N LEU XA 18 -15.29 70.20 26.07
CA LEU XA 18 -15.76 68.83 26.22
C LEU XA 18 -15.74 68.10 24.89
N ILE XA 19 -15.83 66.76 24.92
CA ILE XA 19 -15.77 65.96 23.71
C ILE XA 19 -16.86 64.94 23.72
N CYS XA 20 -17.59 64.86 22.60
CA CYS XA 20 -18.54 63.80 22.31
C CYS XA 20 -17.92 62.43 22.22
N ARG XA 21 -18.40 61.47 23.02
CA ARG XA 21 -17.93 60.10 22.98
C ARG XA 21 -18.13 59.39 21.67
N LYS XA 22 -19.26 59.66 20.99
CA LYS XA 22 -19.61 58.93 19.80
C LYS XA 22 -19.20 59.63 18.51
N CYS XA 23 -18.43 60.72 18.56
CA CYS XA 23 -17.93 61.25 17.30
C CYS XA 23 -16.66 62.06 17.36
N TYR XA 24 -16.13 62.38 18.55
CA TYR XA 24 -14.92 63.16 18.65
C TYR XA 24 -15.09 64.58 18.10
N ALA XA 25 -15.71 65.47 18.90
CA ALA XA 25 -15.84 66.86 18.53
C ALA XA 25 -15.78 67.74 19.76
N ARG XA 26 -15.04 68.85 19.68
CA ARG XA 26 -14.83 69.74 20.78
C ARG XA 26 -15.99 70.71 20.98
N LEU XA 27 -16.57 70.74 22.19
CA LEU XA 27 -17.65 71.66 22.50
C LEU XA 27 -17.36 72.56 23.69
N HIS XA 28 -18.07 73.70 23.74
CA HIS XA 28 -18.05 74.68 24.81
C HIS XA 28 -18.35 74.16 26.23
N PRO XA 29 -17.99 74.86 27.30
CA PRO XA 29 -18.07 74.33 28.66
C PRO XA 29 -19.44 73.95 29.15
N ARG XA 30 -20.48 74.62 28.64
CA ARG XA 30 -21.85 74.38 29.06
C ARG XA 30 -22.57 73.51 28.05
N ALA XA 31 -21.83 72.77 27.22
CA ALA XA 31 -22.39 71.78 26.33
C ALA XA 31 -23.40 70.80 26.92
N THR XA 32 -24.19 70.20 26.03
CA THR XA 32 -25.21 69.25 26.45
C THR XA 32 -25.47 68.26 25.36
N ASN XA 33 -25.22 68.61 24.09
CA ASN XA 33 -25.60 67.77 23.00
C ASN XA 33 -24.60 68.01 21.91
N CYS XA 34 -24.44 67.04 21.01
CA CYS XA 34 -23.27 66.95 20.15
C CYS XA 34 -22.95 68.09 19.21
N ARG XA 35 -23.93 68.81 18.66
CA ARG XA 35 -23.69 69.89 17.70
C ARG XA 35 -23.12 69.35 16.39
N ASN XA 36 -23.42 68.07 16.09
CA ASN XA 36 -22.93 67.38 14.92
C ASN XA 36 -24.00 66.44 14.38
N LYS XA 37 -24.38 66.60 13.11
CA LYS XA 37 -25.38 65.80 12.44
C LYS XA 37 -25.04 64.35 12.34
N LYS XA 38 -23.78 64.03 12.00
CA LYS XA 38 -23.37 62.67 11.70
C LYS XA 38 -23.32 61.81 12.95
N CYS XA 39 -23.26 62.45 14.12
CA CYS XA 39 -23.34 61.75 15.38
C CYS XA 39 -24.76 61.35 15.77
N GLY XA 40 -25.78 61.99 15.19
CA GLY XA 40 -27.14 61.86 15.68
C GLY XA 40 -27.46 62.85 16.77
N ARG XA 41 -26.57 63.84 16.99
CA ARG XA 41 -26.78 64.93 17.93
C ARG XA 41 -26.94 64.48 19.38
N THR XA 42 -26.16 63.46 19.77
CA THR XA 42 -26.34 62.73 21.02
C THR XA 42 -26.01 63.47 22.27
N ASN XA 43 -26.21 62.81 23.41
CA ASN XA 43 -26.11 63.38 24.72
C ASN XA 43 -24.78 63.02 25.39
N GLN XA 44 -23.90 62.24 24.76
CA GLN XA 44 -22.82 61.60 25.48
C GLN XA 44 -21.47 62.32 25.40
N LEU XA 45 -21.11 62.97 26.52
CA LEU XA 45 -19.95 63.81 26.66
C LEU XA 45 -18.93 63.27 27.64
N ARG XA 46 -17.63 63.48 27.37
CA ARG XA 46 -16.59 63.33 28.35
C ARG XA 46 -15.74 64.59 28.32
N PRO XA 47 -14.96 64.92 29.34
CA PRO XA 47 -14.10 66.08 29.31
C PRO XA 47 -12.83 65.80 28.55
N LYS XA 48 -12.20 66.82 27.93
CA LYS XA 48 -10.83 66.75 27.44
C LYS XA 48 -9.90 66.36 28.58
N LYS XA 49 -8.99 65.41 28.37
CA LYS XA 49 -8.10 65.00 29.45
C LYS XA 49 -6.90 65.91 29.56
N LYS XA 50 -6.33 66.04 30.77
CA LYS XA 50 -5.27 67.00 31.04
C LYS XA 50 -3.89 66.37 30.99
N LEU XA 51 -3.07 66.54 32.04
CA LEU XA 51 -1.72 66.03 32.09
C LEU XA 51 -1.55 65.02 33.26
N GLY YA 1 -47.99 -74.02 -48.24
CA GLY YA 1 -47.43 -74.70 -47.01
C GLY YA 1 -46.03 -74.35 -46.56
N ALA YA 2 -45.03 -74.34 -47.48
CA ALA YA 2 -43.62 -74.18 -47.13
C ALA YA 2 -43.36 -72.91 -46.35
N TYR YA 3 -43.93 -71.83 -46.87
CA TYR YA 3 -43.80 -70.51 -46.33
C TYR YA 3 -44.38 -70.42 -44.93
N LYS YA 4 -45.52 -71.10 -44.64
CA LYS YA 4 -46.08 -71.14 -43.30
C LYS YA 4 -45.11 -71.71 -42.28
N TYR YA 5 -44.43 -72.82 -42.60
CA TYR YA 5 -43.43 -73.41 -41.73
C TYR YA 5 -42.32 -72.43 -41.47
N ILE YA 6 -41.82 -71.78 -42.53
CA ILE YA 6 -40.70 -70.90 -42.39
C ILE YA 6 -41.08 -69.67 -41.58
N GLN YA 7 -42.31 -69.18 -41.74
CA GLN YA 7 -42.85 -68.11 -40.94
C GLN YA 7 -42.84 -68.44 -39.47
N GLU YA 8 -43.38 -69.58 -39.07
CA GLU YA 8 -43.39 -70.00 -37.69
C GLU YA 8 -42.02 -70.28 -37.12
N ILE YA 9 -41.11 -70.91 -37.89
CA ILE YA 9 -39.72 -71.06 -37.48
C ILE YA 9 -39.05 -69.73 -37.19
N TRP YA 10 -39.22 -68.73 -38.07
CA TRP YA 10 -38.67 -67.42 -37.79
C TRP YA 10 -39.41 -66.68 -36.70
N LYS YA 11 -40.68 -67.01 -36.47
CA LYS YA 11 -41.46 -66.38 -35.45
C LYS YA 11 -40.98 -66.63 -34.04
N LYS YA 12 -40.47 -67.84 -33.76
CA LYS YA 12 -40.01 -68.16 -32.44
C LYS YA 12 -38.78 -67.40 -31.96
N LYS YA 13 -37.74 -67.32 -32.80
CA LYS YA 13 -36.56 -66.54 -32.52
C LYS YA 13 -35.64 -67.09 -31.46
N GLN YA 14 -36.02 -67.05 -30.17
CA GLN YA 14 -35.11 -67.35 -29.10
C GLN YA 14 -34.99 -68.84 -28.84
N SER YA 15 -35.62 -69.65 -29.68
CA SER YA 15 -35.31 -71.03 -29.91
C SER YA 15 -33.91 -71.24 -30.45
N ASP YA 16 -33.19 -72.24 -29.94
CA ASP YA 16 -31.80 -72.52 -30.21
C ASP YA 16 -31.35 -72.42 -31.66
N ALA YA 17 -32.00 -73.18 -32.56
CA ALA YA 17 -31.61 -73.23 -33.96
C ALA YA 17 -31.69 -71.88 -34.67
N MET YA 18 -32.81 -71.17 -34.53
CA MET YA 18 -32.93 -69.82 -35.01
C MET YA 18 -31.92 -68.87 -34.39
N HIS YA 19 -31.70 -68.94 -33.07
CA HIS YA 19 -30.82 -68.03 -32.36
C HIS YA 19 -29.38 -68.13 -32.82
N PHE YA 20 -28.89 -69.36 -32.98
CA PHE YA 20 -27.63 -69.65 -33.60
C PHE YA 20 -27.57 -69.06 -34.99
N LEU YA 21 -28.61 -69.33 -35.79
CA LEU YA 21 -28.70 -68.88 -37.15
C LEU YA 21 -28.65 -67.36 -37.30
N LEU YA 22 -29.43 -66.60 -36.51
CA LEU YA 22 -29.42 -65.15 -36.53
C LEU YA 22 -28.06 -64.60 -36.20
N ARG YA 23 -27.41 -65.15 -35.16
CA ARG YA 23 -26.05 -64.81 -34.82
C ARG YA 23 -25.06 -65.01 -35.97
N VAL YA 24 -25.11 -66.16 -36.65
CA VAL YA 24 -24.27 -66.44 -37.81
C VAL YA 24 -24.51 -65.45 -38.93
N ARG YA 25 -25.78 -65.11 -39.22
CA ARG YA 25 -26.15 -64.16 -40.24
C ARG YA 25 -25.64 -62.77 -39.88
N THR YA 26 -25.85 -62.38 -38.62
CA THR YA 26 -25.37 -61.13 -38.10
C THR YA 26 -23.88 -61.00 -38.20
N TRP YA 27 -23.12 -62.09 -37.95
CA TRP YA 27 -21.70 -62.09 -38.14
C TRP YA 27 -21.29 -61.79 -39.56
N GLU YA 28 -21.93 -62.47 -40.53
CA GLU YA 28 -21.66 -62.24 -41.93
C GLU YA 28 -21.92 -60.81 -42.34
N TYR YA 29 -23.07 -60.27 -41.90
CA TYR YA 29 -23.44 -58.91 -42.24
C TYR YA 29 -22.51 -57.86 -41.67
N ARG YA 30 -22.09 -58.00 -40.41
CA ARG YA 30 -21.09 -57.16 -39.79
C ARG YA 30 -19.79 -57.01 -40.57
N GLN YA 31 -19.41 -58.03 -41.35
CA GLN YA 31 -18.30 -57.91 -42.26
C GLN YA 31 -18.61 -57.14 -43.55
N LEU YA 32 -19.72 -57.44 -44.21
CA LEU YA 32 -20.08 -56.92 -45.51
C LEU YA 32 -20.23 -55.40 -45.62
N PRO YA 33 -19.91 -54.77 -46.75
CA PRO YA 33 -20.04 -53.33 -46.93
C PRO YA 33 -21.47 -52.83 -46.85
N VAL YA 34 -21.65 -51.55 -46.51
CA VAL YA 34 -22.87 -51.03 -45.91
C VAL YA 34 -24.16 -51.21 -46.68
N VAL YA 35 -24.13 -50.99 -47.99
CA VAL YA 35 -25.21 -51.28 -48.89
C VAL YA 35 -24.77 -52.31 -49.93
N HIS YA 36 -25.43 -53.47 -50.06
CA HIS YA 36 -25.08 -54.42 -51.13
C HIS YA 36 -26.24 -55.21 -51.65
N ARG YA 37 -26.29 -55.48 -52.98
CA ARG YA 37 -27.18 -56.48 -53.56
C ARG YA 37 -26.99 -57.92 -53.07
N VAL YA 38 -28.09 -58.65 -52.85
CA VAL YA 38 -28.08 -60.06 -52.47
C VAL YA 38 -28.66 -60.87 -53.61
N SER YA 39 -28.33 -62.17 -53.73
CA SER YA 39 -28.71 -63.01 -54.86
C SER YA 39 -30.19 -63.24 -55.07
N LYS YA 40 -30.90 -63.62 -54.01
CA LYS YA 40 -32.30 -63.97 -54.01
C LYS YA 40 -32.72 -63.70 -52.58
N PRO YA 41 -33.97 -63.45 -52.24
CA PRO YA 41 -34.40 -63.02 -50.92
C PRO YA 41 -33.92 -63.84 -49.74
N SER YA 42 -33.27 -63.24 -48.73
CA SER YA 42 -32.76 -64.00 -47.60
C SER YA 42 -33.84 -64.60 -46.77
N ARG YA 43 -34.92 -63.85 -46.50
CA ARG YA 43 -36.13 -64.41 -45.92
C ARG YA 43 -37.16 -64.55 -47.03
N PRO YA 44 -37.32 -65.66 -47.70
CA PRO YA 44 -38.32 -65.81 -48.73
C PRO YA 44 -39.70 -65.54 -48.23
N ASP YA 45 -40.08 -66.07 -47.04
CA ASP YA 45 -41.43 -65.90 -46.57
C ASP YA 45 -41.81 -64.45 -46.37
N LYS YA 46 -41.01 -63.70 -45.62
CA LYS YA 46 -41.41 -62.33 -45.37
C LYS YA 46 -41.43 -61.50 -46.63
N ALA YA 47 -40.37 -61.61 -47.47
CA ALA YA 47 -40.26 -60.82 -48.68
C ALA YA 47 -41.37 -61.03 -49.68
N ARG YA 48 -41.64 -62.31 -49.99
CA ARG YA 48 -42.71 -62.69 -50.87
C ARG YA 48 -44.06 -62.27 -50.36
N ARG YA 49 -44.32 -62.50 -49.06
CA ARG YA 49 -45.55 -62.10 -48.42
C ARG YA 49 -45.76 -60.61 -48.49
N LEU YA 50 -44.69 -59.83 -48.31
CA LEU YA 50 -44.68 -58.42 -48.48
C LEU YA 50 -44.77 -58.03 -49.96
N GLY YA 51 -43.78 -57.31 -50.50
CA GLY YA 51 -43.95 -56.74 -51.84
C GLY YA 51 -43.44 -57.62 -52.95
N TYR YA 52 -42.45 -58.48 -52.66
CA TYR YA 52 -41.63 -59.10 -53.67
C TYR YA 52 -42.40 -59.99 -54.62
N LYS YA 53 -42.03 -59.98 -55.91
CA LYS YA 53 -42.62 -60.86 -56.87
C LYS YA 53 -41.51 -61.29 -57.81
N ALA YA 54 -41.23 -62.60 -57.90
CA ALA YA 54 -39.91 -63.07 -58.27
C ALA YA 54 -39.38 -62.75 -59.64
N ILE YA 55 -40.21 -62.85 -60.68
CA ILE YA 55 -39.76 -62.76 -62.05
C ILE YA 55 -39.11 -61.42 -62.43
N GLN YA 56 -37.98 -61.49 -63.19
CA GLN YA 56 -37.16 -60.36 -63.60
C GLN YA 56 -36.90 -59.25 -62.56
N GLY YA 57 -37.00 -57.96 -62.95
CA GLY YA 57 -36.26 -56.83 -62.35
C GLY YA 57 -36.65 -56.32 -61.00
N PHE YA 58 -37.04 -57.24 -60.13
CA PHE YA 58 -37.19 -57.09 -58.72
C PHE YA 58 -35.89 -57.49 -58.02
N VAL YA 59 -35.23 -56.59 -57.29
CA VAL YA 59 -33.88 -56.82 -56.78
C VAL YA 59 -33.86 -56.60 -55.28
N ILE YA 60 -32.99 -57.36 -54.58
CA ILE YA 60 -32.86 -57.27 -53.13
C ILE YA 60 -31.56 -56.59 -52.76
N TYR YA 61 -31.63 -55.66 -51.79
CA TYR YA 61 -30.51 -54.97 -51.21
C TYR YA 61 -30.52 -55.06 -49.70
N ARG YA 62 -29.38 -55.45 -49.13
CA ARG YA 62 -29.17 -55.51 -47.71
C ARG YA 62 -28.43 -54.27 -47.24
N VAL YA 63 -28.99 -53.58 -46.24
CA VAL YA 63 -28.49 -52.30 -45.78
C VAL YA 63 -28.26 -52.34 -44.29
N ARG YA 64 -27.15 -51.75 -43.82
CA ARG YA 64 -26.80 -51.67 -42.42
C ARG YA 64 -27.01 -50.24 -41.92
N VAL YA 65 -27.73 -50.05 -40.80
CA VAL YA 65 -27.92 -48.76 -40.17
C VAL YA 65 -27.57 -48.72 -38.69
N ARG YA 66 -26.90 -47.65 -38.23
CA ARG YA 66 -26.57 -47.45 -36.83
C ARG YA 66 -27.75 -47.16 -35.89
N ARG YA 67 -27.71 -47.73 -34.67
CA ARG YA 67 -28.77 -47.73 -33.67
C ARG YA 67 -28.92 -46.48 -32.83
N GLY YA 68 -29.94 -46.48 -31.93
CA GLY YA 68 -30.16 -45.46 -30.91
C GLY YA 68 -30.56 -44.08 -31.36
N ASP YA 69 -30.35 -43.07 -30.49
CA ASP YA 69 -30.61 -41.70 -30.81
C ASP YA 69 -29.68 -41.16 -31.90
N ARG YA 70 -29.87 -39.91 -32.31
CA ARG YA 70 -29.03 -39.28 -33.30
C ARG YA 70 -28.23 -38.11 -32.74
N LYS YA 71 -28.48 -37.69 -31.48
CA LYS YA 71 -28.04 -36.45 -30.85
C LYS YA 71 -28.49 -35.17 -31.58
N LYS YA 72 -28.90 -34.11 -30.84
CA LYS YA 72 -29.20 -32.83 -31.46
C LYS YA 72 -27.98 -32.19 -32.10
N ARG YA 73 -28.13 -31.53 -33.26
CA ARG YA 73 -27.02 -31.34 -34.16
C ARG YA 73 -26.28 -30.06 -33.89
N VAL YA 74 -26.74 -29.29 -32.89
CA VAL YA 74 -26.22 -27.95 -32.63
C VAL YA 74 -24.75 -27.92 -32.23
N LYS YA 75 -23.97 -27.09 -32.95
CA LYS YA 75 -22.53 -27.08 -32.90
C LYS YA 75 -21.93 -26.85 -31.52
N LYS YA 76 -20.89 -27.63 -31.20
CA LYS YA 76 -20.06 -27.48 -30.03
C LYS YA 76 -20.76 -27.82 -28.73
N GLY YA 77 -21.97 -28.40 -28.81
CA GLY YA 77 -22.68 -28.86 -27.64
C GLY YA 77 -23.31 -27.79 -26.80
N ILE YA 78 -23.93 -26.78 -27.41
CA ILE YA 78 -24.78 -25.88 -26.67
C ILE YA 78 -25.84 -25.32 -27.58
N VAL YA 79 -27.05 -25.05 -27.06
CA VAL YA 79 -28.15 -24.52 -27.85
C VAL YA 79 -28.54 -23.20 -27.25
N HIS YA 80 -28.74 -22.14 -28.06
CA HIS YA 80 -28.83 -20.80 -27.48
C HIS YA 80 -30.24 -20.34 -27.21
N GLY YA 81 -31.24 -21.21 -27.45
CA GLY YA 81 -32.64 -20.92 -27.15
C GLY YA 81 -33.02 -20.94 -25.69
N LYS YA 82 -34.31 -21.16 -25.40
CA LYS YA 82 -34.81 -21.31 -24.04
C LYS YA 82 -34.48 -22.66 -23.41
N PRO YA 83 -34.50 -22.81 -22.08
CA PRO YA 83 -34.17 -24.05 -21.41
C PRO YA 83 -34.97 -25.24 -21.87
N LYS YA 84 -36.24 -25.08 -22.25
CA LYS YA 84 -37.02 -26.13 -22.84
C LYS YA 84 -36.40 -26.80 -24.05
N HIS YA 85 -35.61 -26.08 -24.85
CA HIS YA 85 -34.95 -26.64 -25.98
C HIS YA 85 -33.46 -26.79 -25.78
N GLN YA 86 -32.96 -26.55 -24.57
CA GLN YA 86 -31.53 -26.56 -24.36
C GLN YA 86 -30.94 -27.95 -24.34
N GLY YA 87 -31.77 -28.98 -24.11
CA GLY YA 87 -31.37 -30.39 -24.08
C GLY YA 87 -30.79 -30.95 -25.36
N VAL YA 88 -29.48 -31.22 -25.39
CA VAL YA 88 -28.83 -31.77 -26.56
C VAL YA 88 -28.96 -33.28 -26.64
N HIS YA 89 -28.71 -33.97 -25.52
CA HIS YA 89 -28.38 -35.38 -25.56
C HIS YA 89 -29.49 -36.36 -25.87
N LYS YA 90 -30.68 -36.20 -25.28
CA LYS YA 90 -31.66 -37.26 -25.33
C LYS YA 90 -32.66 -37.15 -26.46
N GLN YA 91 -32.56 -36.11 -27.30
CA GLN YA 91 -33.48 -35.87 -28.40
C GLN YA 91 -33.60 -37.00 -29.40
N LYS YA 92 -34.82 -37.24 -29.92
CA LYS YA 92 -35.15 -38.43 -30.68
C LYS YA 92 -35.78 -38.13 -32.02
N SER YA 93 -35.28 -38.72 -33.11
CA SER YA 93 -35.80 -38.48 -34.45
C SER YA 93 -37.22 -38.99 -34.69
N THR YA 94 -37.94 -38.31 -35.59
CA THR YA 94 -39.30 -38.64 -35.93
C THR YA 94 -39.43 -39.82 -36.86
N ARG YA 95 -38.59 -39.90 -37.91
CA ARG YA 95 -38.57 -41.10 -38.74
C ARG YA 95 -38.04 -42.30 -38.00
N ASN YA 96 -38.64 -43.49 -38.20
CA ASN YA 96 -38.10 -44.73 -37.68
C ASN YA 96 -36.86 -45.18 -38.41
N LEU YA 97 -36.00 -45.95 -37.72
CA LEU YA 97 -34.73 -46.38 -38.26
C LEU YA 97 -34.84 -47.16 -39.57
N LYS YA 98 -35.89 -47.98 -39.72
CA LYS YA 98 -36.23 -48.71 -40.92
C LYS YA 98 -36.41 -47.81 -42.13
N SER YA 99 -37.12 -46.69 -41.97
CA SER YA 99 -37.26 -45.70 -43.00
C SER YA 99 -35.93 -45.12 -43.44
N VAL YA 100 -35.05 -44.78 -42.48
CA VAL YA 100 -33.74 -44.27 -42.79
C VAL YA 100 -32.95 -45.27 -43.61
N ALA YA 101 -32.98 -46.54 -43.24
CA ALA YA 101 -32.37 -47.60 -44.01
C ALA YA 101 -32.86 -47.68 -45.44
N GLU YA 102 -34.19 -47.55 -45.66
CA GLU YA 102 -34.72 -47.55 -47.01
C GLU YA 102 -34.22 -46.34 -47.78
N GLY YA 103 -34.10 -45.20 -47.08
CA GLY YA 103 -33.53 -43.99 -47.64
C GLY YA 103 -32.11 -44.16 -48.13
N LYS YA 104 -31.27 -44.86 -47.37
CA LYS YA 104 -29.85 -44.91 -47.66
C LYS YA 104 -29.58 -45.65 -48.95
N VAL YA 105 -30.35 -46.72 -49.24
CA VAL YA 105 -30.31 -47.34 -50.55
C VAL YA 105 -31.07 -46.49 -51.58
N GLY YA 106 -32.30 -46.08 -51.25
CA GLY YA 106 -33.25 -45.35 -52.06
C GLY YA 106 -32.83 -44.08 -52.77
N LYS YA 107 -31.91 -43.29 -52.19
CA LYS YA 107 -31.57 -41.99 -52.75
C LYS YA 107 -30.61 -42.11 -53.94
N SER YA 108 -29.32 -41.79 -53.79
CA SER YA 108 -28.39 -41.85 -54.92
C SER YA 108 -27.96 -43.27 -55.26
N ILE YA 109 -27.73 -44.11 -54.24
CA ILE YA 109 -26.97 -45.34 -54.36
C ILE YA 109 -27.56 -46.32 -55.33
N CYS YA 110 -28.87 -46.49 -55.29
CA CYS YA 110 -29.53 -47.44 -56.15
C CYS YA 110 -30.54 -46.72 -57.01
N GLY YA 111 -30.25 -45.45 -57.35
CA GLY YA 111 -31.26 -44.48 -57.76
C GLY YA 111 -31.87 -44.69 -59.12
N ASN YA 112 -31.42 -45.69 -59.87
CA ASN YA 112 -32.18 -46.22 -60.98
C ASN YA 112 -33.52 -46.77 -60.50
N LEU YA 113 -33.50 -47.52 -59.40
CA LEU YA 113 -34.66 -48.26 -58.98
C LEU YA 113 -35.67 -47.42 -58.22
N ARG YA 114 -36.80 -48.03 -57.86
CA ARG YA 114 -37.78 -47.47 -56.98
C ARG YA 114 -37.99 -48.42 -55.82
N VAL YA 115 -37.87 -47.94 -54.56
CA VAL YA 115 -38.10 -48.76 -53.38
C VAL YA 115 -39.54 -49.19 -53.22
N LEU YA 116 -39.79 -50.50 -53.14
CA LEU YA 116 -41.12 -50.98 -52.91
C LEU YA 116 -41.36 -51.24 -51.46
N ASN YA 117 -40.51 -52.06 -50.82
CA ASN YA 117 -40.73 -52.38 -49.42
C ASN YA 117 -39.49 -52.94 -48.75
N SER YA 118 -39.57 -53.31 -47.46
CA SER YA 118 -38.40 -53.70 -46.70
C SER YA 118 -38.77 -54.52 -45.49
N TYR YA 119 -37.95 -55.51 -45.11
CA TYR YA 119 -38.22 -56.41 -43.99
C TYR YA 119 -37.03 -56.56 -43.05
N TRP YA 120 -37.28 -57.14 -41.84
CA TRP YA 120 -36.45 -56.92 -40.67
C TRP YA 120 -35.06 -57.53 -40.63
N VAL YA 121 -34.90 -58.83 -40.92
CA VAL YA 121 -33.59 -59.47 -41.04
C VAL YA 121 -32.78 -59.68 -39.78
N GLY YA 122 -32.34 -58.66 -39.05
CA GLY YA 122 -31.38 -58.96 -37.98
C GLY YA 122 -30.83 -57.79 -37.24
N GLN YA 123 -30.24 -58.05 -36.07
CA GLN YA 123 -29.94 -56.99 -35.13
C GLN YA 123 -28.77 -57.33 -34.24
N ASP YA 124 -28.11 -56.28 -33.76
CA ASP YA 124 -26.97 -56.29 -32.91
C ASP YA 124 -27.07 -54.96 -32.15
N ALA YA 125 -26.20 -54.72 -31.16
CA ALA YA 125 -26.19 -53.48 -30.44
C ALA YA 125 -25.80 -52.29 -31.26
N VAL YA 126 -24.75 -52.42 -32.07
CA VAL YA 126 -24.31 -51.37 -32.95
C VAL YA 126 -25.22 -51.14 -34.14
N TYR YA 127 -25.65 -52.21 -34.82
CA TYR YA 127 -26.41 -52.05 -36.04
C TYR YA 127 -27.73 -52.75 -36.04
N LYS YA 128 -28.71 -52.19 -36.75
CA LYS YA 128 -29.81 -52.96 -37.30
C LYS YA 128 -29.55 -53.20 -38.76
N TYR YA 129 -29.78 -54.42 -39.24
CA TYR YA 129 -29.61 -54.75 -40.64
C TYR YA 129 -30.98 -54.97 -41.24
N TYR YA 130 -31.37 -54.22 -42.29
CA TYR YA 130 -32.64 -54.42 -42.98
C TYR YA 130 -32.39 -54.86 -44.40
N GLU YA 131 -33.31 -55.63 -44.99
CA GLU YA 131 -33.33 -55.88 -46.41
C GLU YA 131 -34.43 -55.11 -47.10
N VAL YA 132 -34.07 -54.40 -48.17
CA VAL YA 132 -34.93 -53.57 -48.97
C VAL YA 132 -35.17 -54.20 -50.32
N ILE YA 133 -36.43 -54.37 -50.69
CA ILE YA 133 -36.89 -54.77 -51.99
C ILE YA 133 -37.04 -53.55 -52.86
N LEU YA 134 -36.37 -53.54 -54.02
CA LEU YA 134 -36.49 -52.46 -54.96
C LEU YA 134 -36.80 -53.01 -56.33
N VAL YA 135 -37.37 -52.17 -57.22
CA VAL YA 135 -37.83 -52.64 -58.51
C VAL YA 135 -37.51 -51.62 -59.59
N ASP YA 136 -37.12 -52.12 -60.77
CA ASP YA 136 -36.78 -51.33 -61.92
C ASP YA 136 -38.04 -50.93 -62.72
N PRO YA 137 -38.08 -49.81 -63.41
CA PRO YA 137 -39.30 -49.45 -64.12
C PRO YA 137 -38.94 -49.15 -65.55
N ASN YA 138 -37.74 -49.50 -66.00
CA ASN YA 138 -37.19 -49.12 -67.28
C ASN YA 138 -36.93 -50.35 -68.11
N HIS YA 139 -37.42 -51.48 -67.60
CA HIS YA 139 -37.30 -52.80 -68.13
C HIS YA 139 -38.69 -53.38 -68.35
N ASN YA 140 -38.84 -54.17 -69.41
CA ASN YA 140 -40.13 -54.57 -69.93
C ASN YA 140 -41.00 -55.35 -68.99
N ALA YA 141 -40.45 -56.27 -68.18
CA ALA YA 141 -41.24 -57.13 -67.32
C ALA YA 141 -42.20 -56.42 -66.39
N VAL YA 142 -41.87 -55.19 -65.98
CA VAL YA 142 -42.74 -54.49 -65.07
C VAL YA 142 -43.72 -53.67 -65.87
N ARG YA 143 -43.27 -53.14 -67.02
CA ARG YA 143 -44.10 -52.41 -67.96
C ARG YA 143 -45.22 -53.21 -68.59
N ASN YA 144 -44.94 -54.45 -69.01
CA ASN YA 144 -45.93 -55.35 -69.55
C ASN YA 144 -46.97 -55.81 -68.57
N ASN YA 145 -46.58 -56.34 -67.40
CA ASN YA 145 -47.47 -56.94 -66.44
C ASN YA 145 -48.60 -56.00 -66.01
N PRO YA 146 -49.88 -56.34 -66.12
CA PRO YA 146 -50.95 -55.49 -65.64
C PRO YA 146 -50.99 -55.46 -64.15
N LYS YA 147 -50.62 -56.56 -63.50
CA LYS YA 147 -50.37 -56.53 -62.08
C LYS YA 147 -49.14 -55.69 -61.82
N ILE YA 148 -49.07 -54.99 -60.68
CA ILE YA 148 -47.92 -54.26 -60.18
C ILE YA 148 -47.42 -53.06 -60.98
N ASN YA 149 -47.76 -53.01 -62.28
CA ASN YA 149 -47.58 -51.98 -63.29
C ASN YA 149 -47.43 -50.55 -62.85
N TRP YA 150 -48.22 -50.17 -61.85
CA TRP YA 150 -48.38 -48.84 -61.34
C TRP YA 150 -47.07 -48.20 -60.95
N ILE YA 151 -46.16 -48.98 -60.36
CA ILE YA 151 -44.86 -48.51 -59.94
C ILE YA 151 -44.00 -47.95 -61.06
N CYS YA 152 -44.28 -48.30 -62.32
CA CYS YA 152 -43.62 -47.63 -63.43
C CYS YA 152 -44.07 -46.22 -63.69
N ASN YA 153 -45.23 -45.76 -63.17
CA ASN YA 153 -45.71 -44.41 -63.44
C ASN YA 153 -44.77 -43.32 -62.96
N PRO YA 154 -44.72 -42.13 -63.51
CA PRO YA 154 -43.75 -41.13 -63.08
C PRO YA 154 -44.03 -40.59 -61.70
N VAL YA 155 -45.18 -40.91 -61.11
CA VAL YA 155 -45.65 -40.27 -59.89
C VAL YA 155 -45.24 -41.08 -58.68
N HIS YA 156 -44.52 -42.19 -58.89
CA HIS YA 156 -44.10 -43.06 -57.81
C HIS YA 156 -42.61 -43.15 -57.66
N LYS YA 157 -41.86 -42.24 -58.28
CA LYS YA 157 -40.47 -42.07 -57.94
C LYS YA 157 -40.31 -41.71 -56.46
N HIS YA 158 -39.28 -42.26 -55.81
CA HIS YA 158 -38.91 -41.91 -54.45
C HIS YA 158 -39.95 -42.01 -53.34
N ARG YA 159 -40.74 -43.10 -53.32
CA ARG YA 159 -41.70 -43.36 -52.27
C ARG YA 159 -41.11 -43.36 -50.86
N GLU YA 160 -39.91 -43.90 -50.72
CA GLU YA 160 -39.20 -44.00 -49.47
C GLU YA 160 -38.76 -42.66 -48.93
N LEU YA 161 -38.50 -41.68 -49.79
CA LEU YA 161 -38.18 -40.35 -49.35
C LEU YA 161 -39.38 -39.49 -49.04
N ARG YA 162 -40.60 -39.99 -49.24
CA ARG YA 162 -41.80 -39.17 -49.09
C ARG YA 162 -42.75 -39.72 -48.05
N GLY YA 163 -42.36 -40.78 -47.34
CA GLY YA 163 -43.29 -41.40 -46.41
C GLY YA 163 -44.38 -42.18 -47.08
N LEU YA 164 -44.06 -42.86 -48.19
CA LEU YA 164 -45.00 -43.67 -48.93
C LEU YA 164 -44.57 -45.12 -49.00
N THR YA 165 -43.89 -45.59 -47.95
CA THR YA 165 -43.55 -47.01 -47.76
C THR YA 165 -44.28 -47.45 -46.54
N SER YA 166 -44.23 -48.75 -46.18
CA SER YA 166 -44.91 -49.20 -44.96
C SER YA 166 -44.40 -48.50 -43.72
N ALA YA 167 -43.07 -48.28 -43.65
CA ALA YA 167 -42.47 -47.47 -42.63
C ALA YA 167 -42.97 -46.04 -42.66
N GLY YA 168 -43.12 -45.49 -43.87
CA GLY YA 168 -43.65 -44.17 -44.09
C GLY YA 168 -45.05 -43.96 -43.61
N LYS YA 169 -45.94 -44.93 -43.93
CA LYS YA 169 -47.31 -44.97 -43.46
C LYS YA 169 -47.29 -44.98 -41.93
N LYS YA 170 -46.42 -45.82 -41.33
CA LYS YA 170 -46.19 -45.83 -39.90
C LYS YA 170 -45.87 -44.48 -39.27
N TYR YA 171 -44.78 -43.77 -39.63
CA TYR YA 171 -44.38 -42.63 -38.81
C TYR YA 171 -45.25 -41.42 -39.01
N ARG YA 172 -46.04 -41.41 -40.08
CA ARG YA 172 -47.05 -40.40 -40.29
C ARG YA 172 -48.31 -40.70 -39.54
N GLY YA 173 -48.45 -41.92 -39.02
CA GLY YA 173 -49.61 -42.29 -38.24
C GLY YA 173 -50.74 -42.70 -39.12
N LEU YA 174 -50.44 -43.00 -40.39
CA LEU YA 174 -51.44 -43.39 -41.33
C LEU YA 174 -51.85 -44.83 -41.19
N ARG YA 175 -51.02 -45.66 -40.54
CA ARG YA 175 -51.34 -47.04 -40.27
C ARG YA 175 -52.59 -47.20 -39.42
N VAL YA 176 -52.74 -46.40 -38.36
CA VAL YA 176 -53.89 -46.52 -37.48
C VAL YA 176 -54.90 -45.47 -37.83
N LYS YA 177 -56.10 -45.86 -38.27
CA LYS YA 177 -57.18 -44.93 -38.56
C LYS YA 177 -57.93 -44.59 -37.28
N GLY YA 178 -59.26 -44.38 -37.39
CA GLY YA 178 -60.16 -44.11 -36.29
C GLY YA 178 -59.92 -42.84 -35.52
N HIS YA 179 -60.67 -42.63 -34.43
CA HIS YA 179 -60.56 -41.39 -33.69
C HIS YA 179 -59.20 -41.25 -33.03
N LEU YA 180 -58.60 -42.37 -32.63
CA LEU YA 180 -57.31 -42.40 -32.00
C LEU YA 180 -56.18 -41.70 -32.75
N SER YA 181 -56.15 -41.73 -34.09
CA SER YA 181 -55.12 -41.01 -34.82
C SER YA 181 -55.57 -39.64 -35.27
N ALA YA 182 -56.86 -39.32 -35.10
CA ALA YA 182 -57.45 -38.03 -35.31
C ALA YA 182 -56.96 -37.22 -36.51
N LYS YA 183 -56.08 -36.27 -36.25
CA LYS YA 183 -55.66 -35.25 -37.16
C LYS YA 183 -54.72 -35.70 -38.25
N SER YA 184 -54.14 -36.91 -38.20
CA SER YA 184 -53.11 -37.31 -39.18
C SER YA 184 -53.57 -37.37 -40.62
N ARG YA 185 -54.80 -37.85 -40.85
CA ARG YA 185 -55.21 -38.49 -42.08
C ARG YA 185 -54.98 -37.77 -43.41
N PRO YA 186 -55.20 -36.50 -43.69
CA PRO YA 186 -55.06 -36.00 -45.05
C PRO YA 186 -53.67 -35.49 -45.23
N SER YA 187 -52.80 -35.79 -44.24
CA SER YA 187 -51.47 -35.30 -44.00
C SER YA 187 -51.51 -34.36 -42.81
N ILE YA 188 -50.48 -34.41 -41.96
CA ILE YA 188 -50.39 -33.68 -40.73
C ILE YA 188 -50.35 -32.19 -41.00
N ARG YA 189 -49.47 -31.73 -41.90
CA ARG YA 189 -49.49 -30.34 -42.31
C ARG YA 189 -50.83 -29.94 -42.89
N ALA YA 190 -51.40 -30.74 -43.79
CA ALA YA 190 -52.63 -30.39 -44.46
C ALA YA 190 -53.76 -30.17 -43.47
N ASN YA 191 -53.88 -31.09 -42.51
CA ASN YA 191 -54.85 -31.01 -41.45
C ASN YA 191 -54.69 -29.76 -40.62
N TRP YA 192 -53.46 -29.42 -40.22
CA TRP YA 192 -53.19 -28.18 -39.52
C TRP YA 192 -53.58 -26.99 -40.36
N LYS YA 193 -53.18 -26.97 -41.63
CA LYS YA 193 -53.56 -25.90 -42.51
C LYS YA 193 -55.06 -25.72 -42.68
N ARG YA 194 -55.85 -26.80 -42.81
CA ARG YA 194 -57.30 -26.71 -42.90
C ARG YA 194 -57.92 -26.14 -41.65
N ARG YA 195 -57.46 -26.58 -40.48
CA ARG YA 195 -57.97 -26.10 -39.21
C ARG YA 195 -57.69 -24.62 -39.00
N GLN YA 196 -56.48 -24.16 -39.32
CA GLN YA 196 -56.17 -22.75 -39.31
C GLN YA 196 -56.95 -21.92 -40.31
N LEU YA 197 -57.14 -22.43 -41.54
CA LEU YA 197 -57.77 -21.74 -42.66
C LEU YA 197 -59.01 -20.90 -42.34
N ILE YA 198 -58.94 -19.57 -42.59
CA ILE YA 198 -59.98 -18.63 -42.20
C ILE YA 198 -60.66 -18.08 -43.45
N LYS YA 199 -62.00 -18.24 -43.52
CA LYS YA 199 -62.75 -18.26 -44.75
C LYS YA 199 -63.78 -17.14 -44.78
N LEU YA 200 -63.90 -16.40 -45.90
CA LEU YA 200 -64.91 -15.38 -46.08
C LEU YA 200 -65.59 -15.53 -47.42
N ARG YA 201 -66.78 -14.94 -47.58
CA ARG YA 201 -67.54 -14.98 -48.79
C ARG YA 201 -67.87 -13.56 -49.17
N LYS YA 202 -68.32 -13.34 -50.42
CA LYS YA 202 -68.43 -12.02 -51.02
C LYS YA 202 -69.32 -11.08 -50.24
N CYS YA 203 -70.44 -11.62 -49.75
CA CYS YA 203 -71.43 -10.91 -48.99
C CYS YA 203 -71.28 -11.13 -47.48
N ARG YA 204 -70.18 -11.78 -47.08
CA ARG YA 204 -69.92 -12.35 -45.77
C ARG YA 204 -70.51 -13.77 -45.62
N SER ZA 1 48.85 -10.94 -24.47
CA SER ZA 1 48.82 -10.85 -22.95
C SER ZA 1 47.52 -11.35 -22.34
N ARG ZA 2 47.40 -11.38 -21.00
CA ARG ZA 2 46.30 -12.05 -20.32
C ARG ZA 2 45.06 -11.18 -20.32
N ARG ZA 3 44.07 -11.51 -21.17
CA ARG ZA 3 42.93 -10.63 -21.38
C ARG ZA 3 42.01 -10.47 -20.20
N THR ZA 4 41.63 -11.58 -19.54
CA THR ZA 4 40.67 -11.54 -18.46
C THR ZA 4 41.25 -12.22 -17.24
N LYS ZA 5 40.94 -11.71 -16.04
CA LYS ZA 5 41.31 -12.39 -14.81
C LYS ZA 5 40.51 -13.67 -14.63
N LYS ZA 6 39.19 -13.60 -14.85
CA LYS ZA 6 38.32 -14.72 -14.73
C LYS ZA 6 37.88 -15.23 -16.08
N VAL ZA 7 37.06 -14.42 -16.78
CA VAL ZA 7 35.95 -14.93 -17.55
C VAL ZA 7 36.26 -15.93 -18.65
N GLY ZA 8 37.30 -15.72 -19.46
CA GLY ZA 8 37.60 -16.61 -20.57
C GLY ZA 8 36.48 -16.76 -21.59
N LEU ZA 9 36.14 -18.01 -21.96
CA LEU ZA 9 35.27 -18.38 -23.07
C LEU ZA 9 33.94 -17.69 -23.09
N THR ZA 10 33.43 -17.30 -21.94
CA THR ZA 10 32.12 -16.69 -21.80
C THR ZA 10 32.17 -15.19 -21.84
N GLY ZA 11 33.33 -14.62 -22.23
CA GLY ZA 11 33.57 -13.18 -22.30
C GLY ZA 11 32.74 -12.52 -23.35
N LYS ZA 12 32.37 -13.30 -24.36
CA LYS ZA 12 31.52 -12.90 -25.44
C LYS ZA 12 30.17 -12.40 -24.97
N TYR ZA 13 29.68 -12.88 -23.82
CA TYR ZA 13 28.38 -12.47 -23.33
C TYR ZA 13 28.45 -11.08 -22.74
N GLY ZA 14 29.62 -10.63 -22.28
CA GLY ZA 14 29.80 -9.31 -21.74
C GLY ZA 14 29.15 -9.05 -20.42
N THR ZA 15 28.74 -7.81 -20.17
CA THR ZA 15 28.32 -7.39 -18.84
C THR ZA 15 26.97 -7.92 -18.46
N ARG ZA 16 26.18 -8.33 -19.46
CA ARG ZA 16 24.92 -9.00 -19.27
C ARG ZA 16 24.96 -10.31 -18.48
N TYR ZA 17 23.82 -10.68 -17.88
CA TYR ZA 17 23.58 -11.95 -17.21
C TYR ZA 17 24.32 -12.13 -15.92
N GLY ZA 18 23.75 -12.95 -15.02
CA GLY ZA 18 24.37 -13.34 -13.76
C GLY ZA 18 25.72 -14.00 -13.84
N SER ZA 19 26.62 -13.68 -12.92
CA SER ZA 19 27.92 -14.33 -12.80
C SER ZA 19 27.84 -15.80 -12.52
N SER ZA 20 26.94 -16.22 -11.64
CA SER ZA 20 26.71 -17.62 -11.35
C SER ZA 20 26.21 -18.37 -12.57
N LEU ZA 21 25.25 -17.77 -13.29
CA LEU ZA 21 24.73 -18.31 -14.53
C LEU ZA 21 25.83 -18.45 -15.54
N ARG ZA 22 26.66 -17.41 -15.66
CA ARG ZA 22 27.75 -17.36 -16.58
C ARG ZA 22 28.80 -18.42 -16.26
N LYS ZA 23 29.12 -18.61 -14.98
CA LYS ZA 23 30.01 -19.65 -14.50
C LYS ZA 23 29.54 -21.03 -14.92
N GLN ZA 24 28.25 -21.32 -14.77
CA GLN ZA 24 27.72 -22.62 -15.15
C GLN ZA 24 27.86 -22.85 -16.63
N ILE ZA 25 27.57 -21.82 -17.43
CA ILE ZA 25 27.81 -21.87 -18.85
C ILE ZA 25 29.26 -22.09 -19.20
N LYS ZA 26 30.18 -21.39 -18.51
CA LYS ZA 26 31.61 -21.52 -18.73
C LYS ZA 26 32.16 -22.92 -18.62
N LYS ZA 27 31.73 -23.67 -17.60
CA LYS ZA 27 32.15 -25.04 -17.44
C LYS ZA 27 31.69 -25.90 -18.60
N ILE ZA 28 30.39 -25.81 -18.97
CA ILE ZA 28 29.86 -26.60 -20.05
C ILE ZA 28 30.46 -26.20 -21.38
N GLU ZA 29 30.71 -24.91 -21.64
CA GLU ZA 29 31.33 -24.53 -22.88
C GLU ZA 29 32.77 -24.99 -23.00
N LEU ZA 30 33.56 -24.91 -21.92
CA LEU ZA 30 34.92 -25.43 -21.91
C LEU ZA 30 34.95 -26.89 -22.25
N MET ZA 31 34.06 -27.68 -21.63
CA MET ZA 31 33.86 -29.04 -22.01
C MET ZA 31 33.44 -29.22 -23.47
N GLN ZA 32 32.48 -28.40 -23.94
CA GLN ZA 32 31.91 -28.50 -25.26
C GLN ZA 32 32.89 -28.44 -26.40
N HIS ZA 33 33.79 -27.44 -26.43
CA HIS ZA 33 34.64 -27.30 -27.59
C HIS ZA 33 35.93 -28.05 -27.44
N ALA ZA 34 36.10 -28.78 -26.31
CA ALA ZA 34 37.28 -29.57 -26.07
C ALA ZA 34 37.52 -30.65 -27.11
N LYS ZA 35 38.78 -30.84 -27.52
CA LYS ZA 35 39.10 -31.80 -28.53
C LYS ZA 35 39.38 -33.13 -27.88
N TYR ZA 36 38.53 -34.11 -28.15
CA TYR ZA 36 38.69 -35.45 -27.64
C TYR ZA 36 39.68 -36.25 -28.46
N LEU ZA 37 40.31 -37.26 -27.82
CA LEU ZA 37 41.18 -38.21 -28.48
C LEU ZA 37 40.37 -39.27 -29.19
N CYS ZA 38 40.66 -39.50 -30.47
CA CYS ZA 38 39.87 -40.38 -31.31
C CYS ZA 38 40.40 -41.78 -31.23
N THR ZA 39 39.60 -42.73 -30.72
CA THR ZA 39 40.05 -44.09 -30.48
C THR ZA 39 39.95 -44.93 -31.72
N PHE ZA 40 39.60 -44.30 -32.84
CA PHE ZA 40 39.79 -44.86 -34.15
C PHE ZA 40 41.07 -44.38 -34.81
N CYS ZA 41 41.90 -43.53 -34.18
CA CYS ZA 41 43.20 -43.31 -34.81
C CYS ZA 41 44.35 -42.89 -33.96
N GLY ZA 42 44.15 -42.27 -32.78
CA GLY ZA 42 45.29 -41.61 -32.15
C GLY ZA 42 45.63 -40.26 -32.76
N LYS ZA 43 44.62 -39.42 -32.95
CA LYS ZA 43 44.86 -38.00 -33.03
C LYS ZA 43 43.82 -37.39 -32.13
N THR ZA 44 44.03 -36.15 -31.70
CA THR ZA 44 43.18 -35.43 -30.79
C THR ZA 44 42.31 -34.50 -31.57
N ALA ZA 45 41.56 -35.06 -32.53
CA ALA ZA 45 40.85 -34.28 -33.50
C ALA ZA 45 39.35 -34.34 -33.39
N THR ZA 46 38.78 -35.25 -32.59
CA THR ZA 46 37.35 -35.37 -32.38
C THR ZA 46 36.68 -34.12 -31.87
N LYS ZA 47 35.78 -33.51 -32.66
CA LYS ZA 47 35.03 -32.33 -32.29
C LYS ZA 47 33.53 -32.61 -32.39
N ARG ZA 48 32.70 -31.80 -31.73
CA ARG ZA 48 31.25 -31.80 -31.86
C ARG ZA 48 30.79 -31.01 -33.07
N THR ZA 49 29.97 -31.59 -33.95
CA THR ZA 49 29.47 -30.87 -35.12
C THR ZA 49 28.02 -30.55 -34.95
N CYS ZA 50 27.31 -31.32 -34.13
CA CYS ZA 50 25.92 -31.09 -33.86
C CYS ZA 50 25.63 -31.77 -32.54
N VAL ZA 51 24.52 -31.44 -31.87
CA VAL ZA 51 24.19 -31.75 -30.48
C VAL ZA 51 24.72 -33.03 -29.90
N GLY ZA 52 24.53 -34.18 -30.57
CA GLY ZA 52 24.99 -35.48 -30.09
C GLY ZA 52 26.02 -36.14 -30.95
N ILE ZA 53 26.60 -35.43 -31.91
CA ILE ZA 53 27.34 -36.07 -32.98
C ILE ZA 53 28.75 -35.55 -32.97
N TRP ZA 54 29.72 -36.48 -32.91
CA TRP ZA 54 31.11 -36.13 -32.76
C TRP ZA 54 31.91 -36.68 -33.92
N LYS ZA 55 32.51 -35.80 -34.73
CA LYS ZA 55 33.31 -36.19 -35.86
C LYS ZA 55 34.78 -36.06 -35.57
N CYS ZA 56 35.57 -37.06 -35.99
CA CYS ZA 56 37.00 -36.91 -36.07
C CYS ZA 56 37.37 -36.31 -37.40
N LYS ZA 57 38.17 -35.24 -37.41
CA LYS ZA 57 38.64 -34.63 -38.64
C LYS ZA 57 39.52 -35.55 -39.45
N LYS ZA 58 40.46 -36.26 -38.80
CA LYS ZA 58 41.39 -37.16 -39.48
C LYS ZA 58 40.74 -38.40 -40.05
N CYS ZA 59 39.86 -39.06 -39.27
CA CYS ZA 59 39.23 -40.31 -39.68
C CYS ZA 59 38.03 -40.12 -40.55
N LYS ZA 60 37.42 -38.93 -40.50
CA LYS ZA 60 36.20 -38.58 -41.21
C LYS ZA 60 35.08 -39.53 -40.83
N ARG ZA 61 34.95 -39.77 -39.51
CA ARG ZA 61 34.16 -40.83 -38.93
C ARG ZA 61 33.37 -40.24 -37.78
N LYS ZA 62 32.10 -40.61 -37.67
CA LYS ZA 62 31.18 -40.07 -36.71
C LYS ZA 62 30.97 -40.99 -35.52
N VAL ZA 63 31.43 -40.59 -34.33
CA VAL ZA 63 31.09 -41.20 -33.07
C VAL ZA 63 29.83 -40.58 -32.48
N CYS ZA 64 28.86 -41.41 -32.02
CA CYS ZA 64 27.68 -40.92 -31.32
C CYS ZA 64 28.03 -40.69 -29.87
N GLY ZA 65 27.69 -39.53 -29.33
CA GLY ZA 65 28.12 -39.16 -27.99
C GLY ZA 65 27.07 -38.45 -27.22
N GLY ZA 66 27.50 -37.82 -26.12
CA GLY ZA 66 26.65 -37.04 -25.24
C GLY ZA 66 26.31 -35.70 -25.79
N ALA ZA 67 25.55 -34.91 -25.03
CA ALA ZA 67 25.29 -33.54 -25.38
C ALA ZA 67 26.51 -32.65 -25.28
N TRP ZA 68 27.33 -32.83 -24.23
CA TRP ZA 68 28.39 -31.89 -24.00
C TRP ZA 68 29.73 -32.56 -23.92
N SER ZA 69 29.83 -33.83 -24.28
CA SER ZA 69 31.10 -34.52 -24.25
C SER ZA 69 31.05 -35.67 -25.21
N LEU ZA 70 32.23 -36.23 -25.55
CA LEU ZA 70 32.27 -37.48 -26.26
C LEU ZA 70 31.63 -38.61 -25.46
N THR ZA 71 31.92 -38.68 -24.16
CA THR ZA 71 31.42 -39.74 -23.30
C THR ZA 71 30.77 -39.18 -22.06
N THR ZA 72 29.52 -39.54 -21.76
CA THR ZA 72 28.91 -39.26 -20.46
C THR ZA 72 29.25 -40.31 -19.42
N PRO ZA 73 29.29 -40.03 -18.12
CA PRO ZA 73 29.70 -41.03 -17.14
C PRO ZA 73 28.76 -42.19 -17.06
N ALA ZA 74 27.45 -41.95 -17.25
CA ALA ZA 74 26.44 -42.99 -17.25
C ALA ZA 74 26.71 -44.06 -18.28
N ALA ZA 75 27.04 -43.65 -19.51
CA ALA ZA 75 27.39 -44.55 -20.58
C ALA ZA 75 28.64 -45.34 -20.27
N VAL ZA 76 29.67 -44.68 -19.71
CA VAL ZA 76 30.93 -45.31 -19.35
C VAL ZA 76 30.75 -46.42 -18.35
N ALA ZA 77 29.95 -46.19 -17.30
CA ALA ZA 77 29.61 -47.22 -16.34
C ALA ZA 77 28.86 -48.40 -16.97
N ALA ZA 78 27.87 -48.11 -17.83
CA ALA ZA 78 27.12 -49.13 -18.53
C ALA ZA 78 27.98 -50.00 -19.42
N LYS ZA 79 28.86 -49.35 -20.21
CA LYS ZA 79 29.81 -49.98 -21.09
C LYS ZA 79 30.73 -50.94 -20.36
N SER ZA 80 31.29 -50.49 -19.23
CA SER ZA 80 32.11 -51.32 -18.37
C SER ZA 80 31.35 -52.52 -17.85
N THR ZA 81 30.12 -52.30 -17.38
CA THR ZA 81 29.28 -53.37 -16.86
C THR ZA 81 29.03 -54.48 -17.87
N ILE ZA 82 28.71 -54.11 -19.12
CA ILE ZA 82 28.62 -55.02 -20.24
C ILE ZA 82 29.92 -55.76 -20.51
N ILE ZA 83 31.05 -55.05 -20.48
CA ILE ZA 83 32.37 -55.58 -20.78
C ILE ZA 83 32.78 -56.68 -19.82
N ARG ZA 84 32.46 -56.50 -18.54
CA ARG ZA 84 32.79 -57.41 -17.47
C ARG ZA 84 32.22 -58.82 -17.70
N LEU ZA 85 30.97 -58.93 -18.17
CA LEU ZA 85 30.36 -60.20 -18.52
C LEU ZA 85 31.03 -60.95 -19.72
N VAL AB 1 -50.67 -23.04 25.27
CA VAL AB 1 -52.14 -23.36 25.34
C VAL AB 1 -52.41 -24.85 25.55
N ASN AB 2 -53.36 -25.23 26.42
CA ASN AB 2 -53.58 -26.60 26.84
C ASN AB 2 -55.06 -26.94 26.87
N VAL AB 3 -55.46 -28.01 26.16
CA VAL AB 3 -56.84 -28.40 26.05
C VAL AB 3 -57.03 -29.80 26.65
N PRO AB 4 -58.05 -30.12 27.43
CA PRO AB 4 -58.29 -31.47 27.94
C PRO AB 4 -58.73 -32.42 26.86
N LYS AB 5 -58.65 -33.74 27.09
CA LYS AB 5 -58.76 -34.70 26.00
C LYS AB 5 -60.16 -35.21 25.75
N THR AB 6 -61.13 -34.90 26.62
CA THR AB 6 -62.52 -35.23 26.36
C THR AB 6 -63.40 -34.06 26.70
N ARG AB 7 -64.52 -33.91 25.98
CA ARG AB 7 -65.33 -32.71 26.11
C ARG AB 7 -66.75 -33.02 25.73
N LYS AB 8 -67.68 -32.61 26.60
CA LYS AB 8 -69.10 -32.78 26.40
C LYS AB 8 -69.59 -31.61 25.58
N THR AB 9 -70.08 -31.87 24.35
CA THR AB 9 -70.40 -30.83 23.40
C THR AB 9 -71.48 -31.28 22.47
N TYR AB 10 -72.17 -30.35 21.78
CA TYR AB 10 -73.05 -30.68 20.70
C TYR AB 10 -72.36 -31.43 19.55
N CYS AB 11 -72.98 -32.54 19.12
CA CYS AB 11 -72.52 -33.36 18.03
C CYS AB 11 -73.33 -33.02 16.80
N SER AB 12 -72.65 -32.55 15.75
CA SER AB 12 -73.28 -32.13 14.52
C SER AB 12 -73.93 -33.19 13.69
N ASN AB 13 -73.32 -34.38 13.58
CA ASN AB 13 -73.72 -35.36 12.60
C ASN AB 13 -74.23 -36.59 13.30
N LYS AB 14 -75.39 -37.12 12.87
CA LYS AB 14 -75.99 -38.33 13.41
C LYS AB 14 -76.31 -38.22 14.89
N CYS AB 15 -76.70 -37.01 15.30
CA CYS AB 15 -77.04 -36.65 16.66
C CYS AB 15 -77.80 -35.36 16.59
N LYS AB 16 -78.53 -35.03 17.66
CA LYS AB 16 -78.89 -33.66 17.92
C LYS AB 16 -78.36 -33.24 19.28
N LYS AB 17 -77.86 -34.17 20.11
CA LYS AB 17 -77.66 -33.87 21.52
C LYS AB 17 -76.22 -33.56 21.87
N HIS AB 18 -76.02 -32.85 22.98
CA HIS AB 18 -74.75 -32.74 23.66
C HIS AB 18 -74.30 -34.08 24.20
N THR AB 19 -73.14 -34.57 23.78
CA THR AB 19 -72.61 -35.79 24.32
C THR AB 19 -71.11 -35.69 24.34
N MET AB 20 -70.43 -36.67 24.95
CA MET AB 20 -68.99 -36.65 25.05
C MET AB 20 -68.27 -36.90 23.73
N HIS AB 21 -67.12 -36.26 23.53
CA HIS AB 21 -66.24 -36.48 22.42
C HIS AB 21 -64.83 -36.67 22.92
N LYS AB 22 -64.05 -37.50 22.22
CA LYS AB 22 -62.61 -37.55 22.36
C LYS AB 22 -61.95 -36.53 21.45
N VAL AB 23 -60.86 -35.90 21.92
CA VAL AB 23 -60.24 -34.77 21.26
C VAL AB 23 -58.84 -35.12 20.85
N SER AB 24 -58.47 -34.87 19.59
CA SER AB 24 -57.15 -35.19 19.10
C SER AB 24 -56.66 -34.11 18.18
N GLN AB 25 -55.36 -34.14 17.83
CA GLN AB 25 -54.74 -33.10 17.04
C GLN AB 25 -54.58 -33.53 15.59
N TYR AB 26 -55.23 -32.85 14.62
CA TYR AB 26 -55.03 -33.11 13.20
C TYR AB 26 -53.57 -32.96 12.74
N LYS AB 27 -53.15 -33.81 11.79
CA LYS AB 27 -51.84 -33.74 11.16
C LYS AB 27 -51.99 -34.12 9.70
N LYS AB 28 -51.21 -33.49 8.81
CA LYS AB 28 -51.38 -33.61 7.37
C LYS AB 28 -51.08 -34.97 6.73
N GLY AB 29 -49.94 -35.59 7.08
CA GLY AB 29 -49.48 -36.83 6.47
C GLY AB 29 -48.98 -36.75 5.03
N LYS AB 30 -48.39 -37.85 4.53
CA LYS AB 30 -47.85 -37.97 3.19
C LYS AB 30 -48.90 -37.81 2.10
N GLU AB 31 -48.64 -36.97 1.09
CA GLU AB 31 -49.49 -36.81 -0.07
C GLU AB 31 -49.53 -38.05 -0.91
N ARG AB 32 -50.70 -38.42 -1.42
CA ARG AB 32 -50.82 -39.62 -2.23
C ARG AB 32 -50.18 -39.43 -3.60
N LEU AB 33 -49.33 -40.39 -4.02
CA LEU AB 33 -48.59 -40.26 -5.25
C LEU AB 33 -49.48 -40.20 -6.47
N SER AB 34 -50.62 -40.90 -6.44
CA SER AB 34 -51.47 -40.98 -7.60
C SER AB 34 -52.53 -39.90 -7.62
N SER AB 35 -52.52 -38.96 -6.66
CA SER AB 35 -53.42 -37.81 -6.66
C SER AB 35 -53.27 -36.92 -7.86
N LEU AB 36 -54.40 -36.45 -8.41
CA LEU AB 36 -54.47 -35.80 -9.70
C LEU AB 36 -53.50 -34.68 -9.91
N GLY AB 37 -53.37 -33.75 -8.95
CA GLY AB 37 -52.47 -32.63 -9.03
C GLY AB 37 -51.04 -33.07 -9.15
N ARG AB 38 -50.63 -34.02 -8.30
CA ARG AB 38 -49.30 -34.56 -8.36
C ARG AB 38 -49.06 -35.23 -9.70
N ARG AB 39 -50.03 -35.98 -10.25
CA ARG AB 39 -49.89 -36.50 -11.61
C ARG AB 39 -49.63 -35.43 -12.66
N ARG AB 40 -50.41 -34.34 -12.67
CA ARG AB 40 -50.18 -33.24 -13.60
C ARG AB 40 -48.82 -32.62 -13.39
N TYR AB 41 -48.44 -32.35 -12.13
CA TYR AB 41 -47.15 -31.79 -11.82
C TYR AB 41 -46.01 -32.69 -12.29
N ASP AB 42 -46.11 -33.99 -12.06
CA ASP AB 42 -45.13 -34.95 -12.50
C ASP AB 42 -44.96 -34.92 -14.00
N MET AB 43 -46.06 -34.91 -14.76
CA MET AB 43 -46.04 -34.76 -16.18
C MET AB 43 -45.39 -33.46 -16.64
N LYS AB 44 -45.71 -32.31 -16.02
CA LYS AB 44 -45.06 -31.06 -16.36
C LYS AB 44 -43.57 -31.09 -16.10
N GLN AB 45 -43.14 -31.60 -14.95
CA GLN AB 45 -41.75 -31.72 -14.58
C GLN AB 45 -40.92 -32.54 -15.54
N LYS AB 46 -41.46 -33.70 -15.96
CA LYS AB 46 -40.81 -34.68 -16.80
C LYS AB 46 -40.28 -34.18 -18.15
N GLY AB 47 -39.19 -34.79 -18.67
CA GLY AB 47 -38.49 -34.24 -19.82
C GLY AB 47 -37.74 -32.96 -19.54
N PHE AB 48 -37.33 -32.22 -20.59
CA PHE AB 48 -36.51 -31.04 -20.42
C PHE AB 48 -37.22 -29.83 -19.85
N GLY AB 49 -36.44 -28.77 -19.58
CA GLY AB 49 -36.97 -27.45 -19.27
C GLY AB 49 -36.92 -27.03 -17.84
N GLY AB 50 -36.38 -27.85 -16.94
CA GLY AB 50 -36.21 -27.42 -15.54
C GLY AB 50 -37.47 -27.06 -14.80
N GLN AB 51 -37.35 -26.52 -13.57
CA GLN AB 51 -38.49 -26.40 -12.68
C GLN AB 51 -39.63 -25.51 -13.19
N THR AB 52 -40.88 -25.99 -13.08
CA THR AB 52 -41.96 -25.52 -13.93
C THR AB 52 -42.97 -24.64 -13.26
N LYS AB 53 -42.83 -24.40 -11.95
CA LYS AB 53 -43.87 -23.77 -11.18
C LYS AB 53 -43.26 -22.74 -10.27
N PRO AB 54 -44.04 -21.89 -9.67
CA PRO AB 54 -43.78 -21.36 -8.35
C PRO AB 54 -43.33 -22.35 -7.30
N VAL AB 55 -42.49 -21.92 -6.33
CA VAL AB 55 -42.20 -22.66 -5.12
C VAL AB 55 -42.48 -21.70 -3.97
N PHE AB 56 -43.36 -22.03 -2.98
CA PHE AB 56 -43.91 -21.04 -2.03
C PHE AB 56 -42.90 -20.55 -0.97
N LYS AB 57 -41.79 -19.94 -1.39
CA LYS AB 57 -40.52 -19.97 -0.68
C LYS AB 57 -40.20 -18.77 0.21
N LYS AB 58 -40.97 -17.68 0.16
CA LYS AB 58 -40.61 -16.45 0.85
C LYS AB 58 -40.57 -16.56 2.37
N LYS AB 59 -41.59 -17.21 2.97
CA LYS AB 59 -41.58 -17.73 4.33
C LYS AB 59 -41.56 -16.67 5.42
N ALA AB 60 -42.69 -16.49 6.12
CA ALA AB 60 -42.85 -15.42 7.06
C ALA AB 60 -43.19 -15.93 8.43
N LYS AB 61 -44.48 -16.19 8.68
CA LYS AB 61 -44.97 -16.56 9.98
C LYS AB 61 -44.43 -17.86 10.51
N THR AB 62 -44.29 -17.96 11.83
CA THR AB 62 -43.53 -19.02 12.48
C THR AB 62 -44.45 -19.99 13.19
N THR AB 63 -45.77 -19.82 13.04
CA THR AB 63 -46.79 -20.62 13.71
C THR AB 63 -47.79 -21.10 12.68
N LYS AB 64 -48.66 -22.05 13.06
CA LYS AB 64 -49.63 -22.65 12.16
C LYS AB 64 -50.90 -22.85 12.98
N LYS AB 65 -52.10 -22.53 12.44
CA LYS AB 65 -53.36 -22.57 13.17
C LYS AB 65 -53.63 -23.91 13.84
N ILE AB 66 -54.10 -23.95 15.10
CA ILE AB 66 -54.30 -25.24 15.72
C ILE AB 66 -55.74 -25.67 15.54
N VAL AB 67 -55.89 -26.94 15.16
CA VAL AB 67 -57.14 -27.55 14.79
C VAL AB 67 -57.40 -28.78 15.63
N LEU AB 68 -58.54 -28.82 16.34
CA LEU AB 68 -58.90 -29.98 17.10
C LEU AB 68 -59.78 -30.89 16.29
N LYS AB 69 -59.52 -32.20 16.36
CA LYS AB 69 -60.35 -33.26 15.81
C LYS AB 69 -61.31 -33.76 16.87
N LEU AB 70 -62.61 -33.68 16.62
CA LEU AB 70 -63.62 -34.12 17.53
C LEU AB 70 -64.27 -35.44 17.07
N GLU AB 71 -64.21 -36.51 17.88
CA GLU AB 71 -64.94 -37.75 17.66
C GLU AB 71 -65.95 -38.04 18.75
N CYS AB 72 -67.25 -38.08 18.40
CA CYS AB 72 -68.36 -38.49 19.24
C CYS AB 72 -68.28 -39.97 19.61
N THR AB 73 -68.37 -40.33 20.90
CA THR AB 73 -68.40 -41.75 21.29
C THR AB 73 -69.63 -42.48 20.81
N LYS AB 74 -70.80 -41.85 20.87
CA LYS AB 74 -72.05 -42.48 20.49
C LYS AB 74 -72.15 -42.84 19.02
N CYS AB 75 -71.75 -41.93 18.12
CA CYS AB 75 -71.84 -42.15 16.70
C CYS AB 75 -70.52 -41.78 16.07
N LYS AB 76 -69.94 -42.70 15.28
CA LYS AB 76 -68.60 -42.57 14.77
C LYS AB 76 -68.51 -41.64 13.58
N LYS AB 77 -68.86 -40.36 13.77
CA LYS AB 77 -68.75 -39.34 12.76
C LYS AB 77 -68.04 -38.14 13.31
N LYS AB 78 -66.97 -37.74 12.65
CA LYS AB 78 -66.02 -36.80 13.19
C LYS AB 78 -66.22 -35.40 12.66
N ARG AB 79 -65.70 -34.39 13.39
CA ARG AB 79 -65.94 -33.01 13.07
C ARG AB 79 -64.75 -32.16 13.45
N PHE AB 80 -64.46 -31.10 12.66
CA PHE AB 80 -63.31 -30.22 12.89
C PHE AB 80 -63.65 -28.96 13.67
N GLN AB 81 -62.67 -28.40 14.39
CA GLN AB 81 -62.82 -27.22 15.21
C GLN AB 81 -61.53 -26.45 15.12
N THR AB 82 -61.60 -25.20 14.66
CA THR AB 82 -60.43 -24.37 14.39
C THR AB 82 -60.42 -23.23 15.38
N MET AB 83 -59.23 -22.80 15.79
CA MET AB 83 -59.05 -21.72 16.72
C MET AB 83 -57.69 -21.10 16.45
N LYS AB 84 -57.45 -19.88 16.96
CA LYS AB 84 -56.22 -19.10 16.79
C LYS AB 84 -54.88 -19.84 16.66
N ARG AB 85 -53.95 -19.30 15.87
CA ARG AB 85 -52.59 -19.77 15.82
C ARG AB 85 -51.83 -19.56 17.14
N CYS AB 86 -51.19 -20.62 17.66
CA CYS AB 86 -50.44 -20.56 18.91
C CYS AB 86 -49.09 -21.21 18.74
N LYS AB 87 -48.07 -20.76 19.46
CA LYS AB 87 -46.73 -21.32 19.32
C LYS AB 87 -46.55 -22.65 20.02
N THR AB 88 -47.06 -22.80 21.25
CA THR AB 88 -46.83 -23.98 22.06
C THR AB 88 -48.14 -24.61 22.44
N PHE AB 89 -48.36 -25.85 22.00
CA PHE AB 89 -49.64 -26.50 22.15
C PHE AB 89 -49.47 -27.79 22.92
N GLU AB 90 -50.42 -28.07 23.81
CA GLU AB 90 -50.38 -29.21 24.72
C GLU AB 90 -51.74 -29.87 24.78
N MET AB 91 -51.76 -31.21 24.85
CA MET AB 91 -52.99 -31.92 25.04
C MET AB 91 -53.02 -32.67 26.35
N GLY AB 92 -54.00 -32.35 27.22
CA GLY AB 92 -54.26 -33.12 28.44
C GLY AB 92 -53.34 -32.87 29.59
N ALA AB 93 -52.45 -31.87 29.48
CA ALA AB 93 -51.43 -31.59 30.44
C ALA AB 93 -51.93 -31.02 31.76
N ASP AB 94 -50.98 -30.87 32.72
CA ASP AB 94 -51.08 -30.30 34.05
C ASP AB 94 -52.07 -29.18 34.29
N LYS AB 95 -52.77 -29.24 35.44
CA LYS AB 95 -53.77 -28.27 35.83
C LYS AB 95 -53.14 -27.01 36.52
N LYS BB 1 -106.68 75.11 -34.86
CA LYS BB 1 -107.04 73.85 -34.12
C LYS BB 1 -105.89 73.31 -33.26
N HIS BB 2 -106.17 72.71 -32.08
CA HIS BB 2 -105.13 72.41 -31.11
C HIS BB 2 -105.44 71.21 -30.25
N TYR BB 3 -104.40 70.59 -29.66
CA TYR BB 3 -104.54 69.65 -28.57
C TYR BB 3 -103.84 70.19 -27.35
N ASN BB 4 -104.45 70.03 -26.16
CA ASN BB 4 -104.10 70.81 -25.00
C ASN BB 4 -103.61 69.98 -23.85
N VAL BB 5 -103.10 68.77 -24.13
CA VAL BB 5 -102.66 67.83 -23.13
C VAL BB 5 -101.65 68.40 -22.14
N LYS BB 6 -101.89 68.16 -20.84
CA LYS BB 6 -101.09 68.68 -19.74
C LYS BB 6 -100.92 70.20 -19.73
N GLY BB 7 -101.84 70.94 -20.36
CA GLY BB 7 -101.82 72.39 -20.43
C GLY BB 7 -100.91 73.00 -21.48
N LYS BB 8 -100.28 72.19 -22.35
CA LYS BB 8 -99.34 72.69 -23.32
C LYS BB 8 -99.86 73.52 -24.48
N LYS BB 9 -101.04 73.16 -25.04
CA LYS BB 9 -101.66 73.90 -26.13
C LYS BB 9 -100.84 73.99 -27.41
N LYS BB 10 -100.43 72.83 -27.96
CA LYS BB 10 -99.43 72.74 -29.00
C LYS BB 10 -99.76 73.32 -30.38
N VAL BB 11 -101.01 73.16 -30.87
CA VAL BB 11 -101.48 73.69 -32.15
C VAL BB 11 -101.12 72.84 -33.37
N LEU BB 12 -102.13 72.40 -34.13
CA LEU BB 12 -101.99 71.47 -35.23
C LEU BB 12 -102.14 72.03 -36.62
N VAL BB 13 -101.28 71.60 -37.55
CA VAL BB 13 -101.28 71.93 -38.97
C VAL BB 13 -101.60 70.69 -39.80
N PRO BB 14 -102.53 70.70 -40.75
CA PRO BB 14 -102.66 69.66 -41.77
C PRO BB 14 -101.43 69.45 -42.64
N VAL BB 15 -100.80 68.26 -42.54
CA VAL BB 15 -99.63 67.88 -43.32
C VAL BB 15 -99.90 66.65 -44.18
N ASN BB 16 -99.39 66.61 -45.41
CA ASN BB 16 -99.59 65.49 -46.31
C ASN BB 16 -98.78 64.26 -45.93
N ALA BB 17 -99.08 63.11 -46.55
CA ALA BB 17 -98.29 61.91 -46.43
C ALA BB 17 -97.78 61.56 -47.81
N LYS BB 18 -96.50 61.20 -47.92
CA LYS BB 18 -95.80 61.14 -49.19
C LYS BB 18 -94.92 59.91 -49.32
N LYS BB 19 -94.42 59.33 -48.22
CA LYS BB 19 -93.64 58.11 -48.29
C LYS BB 19 -94.50 56.86 -48.38
N THR BB 20 -94.30 56.03 -49.42
CA THR BB 20 -94.89 54.69 -49.52
C THR BB 20 -93.87 53.59 -49.26
N ILE BB 21 -94.26 52.50 -48.59
CA ILE BB 21 -93.46 51.28 -48.46
C ILE BB 21 -94.22 50.08 -48.93
N ASN BB 22 -93.57 49.13 -49.65
CA ASN BB 22 -94.10 47.77 -49.75
C ASN BB 22 -94.42 47.14 -48.40
N LYS BB 23 -95.67 46.67 -48.25
CA LYS BB 23 -96.26 46.32 -46.98
C LYS BB 23 -95.93 44.87 -46.57
N LYS BB 24 -96.40 44.35 -45.41
CA LYS BB 24 -95.89 43.06 -44.92
C LYS BB 24 -96.12 41.83 -45.80
N TYR BB 25 -97.33 41.67 -46.35
CA TYR BB 25 -97.62 40.52 -47.19
C TYR BB 25 -97.87 40.95 -48.62
N PHE BB 26 -98.99 41.61 -48.89
CA PHE BB 26 -99.47 41.84 -50.23
C PHE BB 26 -98.97 43.15 -50.83
N GLY BB 27 -99.73 44.24 -50.80
CA GLY BB 27 -99.43 45.42 -51.60
C GLY BB 27 -98.35 46.35 -51.13
N ARG BB 28 -98.67 47.65 -51.16
CA ARG BB 28 -97.86 48.73 -50.63
C ARG BB 28 -98.75 49.50 -49.69
N LYS BB 29 -98.19 50.33 -48.82
CA LYS BB 29 -99.01 51.19 -48.01
C LYS BB 29 -98.28 52.49 -47.79
N VAL BB 30 -99.03 53.58 -47.59
CA VAL BB 30 -98.51 54.82 -47.06
C VAL BB 30 -97.88 54.65 -45.69
N ALA BB 31 -96.72 55.27 -45.45
CA ALA BB 31 -96.06 55.15 -44.16
C ALA BB 31 -96.81 55.79 -43.00
N SER BB 32 -97.30 57.03 -43.18
CA SER BB 32 -97.85 57.80 -42.07
C SER BB 32 -99.09 57.24 -41.43
N LYS BB 33 -99.11 57.26 -40.09
CA LYS BB 33 -100.29 56.99 -39.31
C LYS BB 33 -100.95 58.30 -38.90
N LYS BB 34 -100.40 59.46 -39.26
CA LYS BB 34 -100.86 60.75 -38.77
C LYS BB 34 -101.09 61.72 -39.90
N LYS BB 35 -101.79 62.83 -39.61
CA LYS BB 35 -102.28 63.75 -40.58
C LYS BB 35 -102.05 65.19 -40.14
N TYR BB 36 -101.93 65.42 -38.84
CA TYR BB 36 -101.75 66.73 -38.26
C TYR BB 36 -100.42 66.84 -37.53
N VAL BB 37 -99.50 67.68 -38.04
CA VAL BB 37 -98.21 67.95 -37.42
C VAL BB 37 -98.29 69.18 -36.52
N VAL BB 38 -97.67 69.12 -35.34
CA VAL BB 38 -97.48 70.30 -34.51
C VAL BB 38 -96.79 71.48 -35.21
N GLN BB 39 -97.31 72.72 -35.04
CA GLN BB 39 -96.71 73.94 -35.53
C GLN BB 39 -95.33 74.24 -34.94
N ARG BB 40 -94.46 74.95 -35.67
CA ARG BB 40 -93.07 75.07 -35.28
C ARG BB 40 -92.76 75.79 -33.97
N LYS BB 41 -93.35 76.97 -33.70
CA LYS BB 41 -92.90 77.95 -32.71
C LYS BB 41 -91.47 78.49 -32.86
N LEU BB 42 -91.06 79.49 -32.06
CA LEU BB 42 -89.85 80.26 -32.32
C LEU BB 42 -89.11 80.66 -31.06
N ARG BB 43 -87.83 81.14 -31.20
CA ARG BB 43 -87.08 81.82 -30.14
C ARG BB 43 -87.85 83.05 -29.68
N LYS BB 44 -87.82 83.32 -28.37
CA LYS BB 44 -88.77 84.22 -27.73
C LYS BB 44 -88.76 85.63 -28.30
N SER BB 45 -87.58 86.14 -28.66
CA SER BB 45 -87.42 87.53 -29.10
C SER BB 45 -87.84 87.79 -30.53
N ILE BB 46 -88.02 86.75 -31.35
CA ILE BB 46 -88.34 86.93 -32.76
C ILE BB 46 -89.73 87.49 -32.97
N GLU BB 47 -89.82 88.63 -33.66
CA GLU BB 47 -91.06 89.26 -34.04
C GLU BB 47 -90.73 90.23 -35.15
N VAL BB 48 -91.73 90.91 -35.72
CA VAL BB 48 -91.56 91.73 -36.91
C VAL BB 48 -90.49 92.80 -36.79
N GLY BB 49 -90.42 93.52 -35.66
CA GLY BB 49 -89.66 94.76 -35.60
C GLY BB 49 -88.17 94.63 -35.45
N LYS BB 50 -87.63 93.42 -35.33
CA LYS BB 50 -86.25 93.26 -34.98
C LYS BB 50 -85.28 93.27 -36.15
N VAL BB 51 -84.08 93.86 -35.94
CA VAL BB 51 -82.96 93.75 -36.86
C VAL BB 51 -82.10 92.58 -36.47
N ALA BB 52 -81.66 91.82 -37.47
CA ALA BB 52 -81.04 90.54 -37.31
C ALA BB 52 -79.81 90.37 -38.19
N ILE BB 53 -78.86 89.54 -37.75
CA ILE BB 53 -77.68 89.22 -38.52
C ILE BB 53 -77.95 87.99 -39.38
N ILE BB 54 -77.66 88.06 -40.69
CA ILE BB 54 -77.67 86.90 -41.56
C ILE BB 54 -76.37 86.15 -41.43
N LEU BB 55 -76.38 84.88 -41.06
CA LEU BB 55 -75.15 84.22 -40.68
C LEU BB 55 -74.57 83.28 -41.72
N THR BB 56 -75.37 82.73 -42.65
CA THR BB 56 -74.88 81.66 -43.50
C THR BB 56 -74.44 82.08 -44.90
N GLY BB 57 -75.34 82.64 -45.74
CA GLY BB 57 -75.13 82.73 -47.17
C GLY BB 57 -74.14 83.74 -47.65
N LYS BB 58 -74.21 84.08 -48.94
CA LYS BB 58 -73.33 85.07 -49.57
C LYS BB 58 -73.39 86.45 -48.93
N HIS BB 59 -74.51 86.80 -48.31
CA HIS BB 59 -74.69 88.09 -47.70
C HIS BB 59 -74.32 88.10 -46.25
N MET BB 60 -73.74 86.99 -45.73
CA MET BB 60 -73.31 86.81 -44.34
C MET BB 60 -72.77 88.04 -43.62
N GLY BB 61 -73.30 88.30 -42.43
CA GLY BB 61 -72.90 89.39 -41.55
C GLY BB 61 -73.55 90.69 -41.87
N LYS BB 62 -74.34 90.82 -42.95
CA LYS BB 62 -75.27 91.91 -43.11
C LYS BB 62 -76.36 91.97 -42.06
N ARG BB 63 -76.81 93.20 -41.73
CA ARG BB 63 -77.84 93.42 -40.75
C ARG BB 63 -79.12 93.71 -41.48
N CYS BB 64 -80.07 92.78 -41.42
CA CYS BB 64 -81.30 92.85 -42.15
C CYS BB 64 -82.49 92.85 -41.21
N ILE BB 65 -83.58 93.55 -41.55
CA ILE BB 65 -84.75 93.67 -40.69
C ILE BB 65 -85.77 92.58 -40.99
N ILE BB 66 -86.34 91.94 -39.97
CA ILE BB 66 -87.31 90.87 -40.12
C ILE BB 66 -88.63 91.40 -40.65
N THR BB 67 -89.37 90.64 -41.49
CA THR BB 67 -90.66 91.14 -41.95
C THR BB 67 -91.77 90.22 -41.50
N LYS BB 68 -92.06 89.15 -42.23
CA LYS BB 68 -93.21 88.33 -41.96
C LYS BB 68 -92.81 86.91 -41.68
N ILE BB 69 -93.35 86.34 -40.60
CA ILE BB 69 -93.33 84.90 -40.39
C ILE BB 69 -94.29 84.23 -41.35
N LEU BB 70 -93.79 83.40 -42.27
CA LEU BB 70 -94.57 82.99 -43.42
C LEU BB 70 -95.36 81.71 -43.23
N ASN BB 71 -96.00 81.52 -42.06
CA ASN BB 71 -96.93 80.43 -41.74
C ASN BB 71 -96.23 79.13 -41.44
N SER BB 72 -95.30 78.73 -42.31
CA SER BB 72 -94.75 77.40 -42.39
C SER BB 72 -93.49 77.24 -41.57
N GLY BB 73 -93.10 78.27 -40.80
CA GLY BB 73 -91.95 78.24 -39.89
C GLY BB 73 -90.72 78.91 -40.43
N LEU BB 74 -90.83 79.43 -41.64
CA LEU BB 74 -89.81 80.11 -42.37
C LEU BB 74 -90.12 81.59 -42.33
N LEU BB 75 -89.14 82.49 -42.13
CA LEU BB 75 -89.49 83.90 -42.13
C LEU BB 75 -88.86 84.67 -43.26
N ALA BB 76 -89.47 85.81 -43.59
CA ALA BB 76 -88.96 86.77 -44.52
C ALA BB 76 -88.15 87.89 -43.86
N VAL BB 77 -87.19 88.46 -44.59
CA VAL BB 77 -86.31 89.47 -44.05
C VAL BB 77 -85.84 90.37 -45.18
N VAL BB 78 -85.72 91.68 -44.88
CA VAL BB 78 -85.18 92.66 -45.78
C VAL BB 78 -84.33 93.63 -44.99
N GLY BB 79 -83.08 93.85 -45.39
CA GLY BB 79 -82.31 95.04 -45.03
C GLY BB 79 -82.40 96.03 -46.16
N PRO BB 80 -83.44 96.82 -46.31
CA PRO BB 80 -83.85 97.50 -47.54
C PRO BB 80 -82.86 97.66 -48.65
N TYR BB 81 -83.20 97.13 -49.83
CA TYR BB 81 -82.27 96.98 -50.93
C TYR BB 81 -81.65 98.31 -51.35
N GLU BB 82 -82.46 99.37 -51.36
CA GLU BB 82 -82.00 100.70 -51.74
C GLU BB 82 -81.14 101.38 -50.68
N ILE BB 83 -81.10 100.87 -49.45
CA ILE BB 83 -80.14 101.34 -48.47
C ILE BB 83 -78.90 100.46 -48.50
N ASN BB 84 -79.10 99.14 -48.32
CA ASN BB 84 -78.04 98.28 -47.84
C ASN BB 84 -77.78 97.10 -48.76
N GLY BB 85 -78.53 96.99 -49.86
CA GLY BB 85 -78.27 95.96 -50.85
C GLY BB 85 -78.72 94.58 -50.46
N VAL BB 86 -79.42 94.38 -49.33
CA VAL BB 86 -79.89 93.04 -49.00
C VAL BB 86 -81.25 92.88 -49.64
N PRO BB 87 -81.54 91.87 -50.43
CA PRO BB 87 -82.86 91.70 -51.04
C PRO BB 87 -83.91 91.24 -50.06
N LEU BB 88 -85.11 90.98 -50.57
CA LEU BB 88 -86.17 90.27 -49.93
C LEU BB 88 -85.90 88.79 -49.87
N LYS BB 89 -85.33 88.32 -48.74
CA LYS BB 89 -84.86 86.96 -48.59
C LYS BB 89 -85.74 86.15 -47.66
N ARG BB 90 -86.03 84.89 -48.00
CA ARG BB 90 -86.57 83.96 -47.03
C ARG BB 90 -85.41 83.27 -46.32
N VAL BB 91 -85.48 83.07 -44.99
CA VAL BB 91 -84.44 82.45 -44.19
C VAL BB 91 -85.04 81.81 -42.96
N ASP BB 92 -84.30 80.83 -42.40
CA ASP BB 92 -84.67 80.14 -41.20
C ASP BB 92 -84.17 80.87 -39.95
N SER BB 93 -84.79 80.58 -38.78
CA SER BB 93 -84.37 81.06 -37.48
C SER BB 93 -82.96 80.65 -37.15
N ARG BB 94 -82.58 79.41 -37.46
CA ARG BB 94 -81.34 78.90 -36.97
C ARG BB 94 -80.19 79.26 -37.88
N TYR BB 95 -80.42 80.11 -38.90
CA TYR BB 95 -79.33 80.67 -39.67
C TYR BB 95 -79.30 82.18 -39.52
N LEU BB 96 -80.13 82.74 -38.62
CA LEU BB 96 -80.30 84.17 -38.47
C LEU BB 96 -80.18 84.57 -37.01
N VAL BB 97 -79.28 85.50 -36.66
CA VAL BB 97 -79.13 85.93 -35.28
C VAL BB 97 -79.90 87.21 -35.00
N VAL BB 98 -81.05 87.11 -34.31
CA VAL BB 98 -81.90 88.24 -34.00
C VAL BB 98 -81.40 89.08 -32.83
N THR BB 99 -81.17 90.39 -33.05
CA THR BB 99 -80.71 91.28 -31.99
C THR BB 99 -81.84 91.81 -31.14
N SER BB 100 -81.55 92.44 -29.99
CA SER BB 100 -82.60 93.10 -29.20
C SER BB 100 -83.14 94.38 -29.80
N THR BB 101 -82.42 95.01 -30.73
CA THR BB 101 -82.80 96.28 -31.35
C THR BB 101 -84.05 96.17 -32.22
N ASN BB 102 -84.98 97.12 -32.09
CA ASN BB 102 -86.25 97.11 -32.80
C ASN BB 102 -86.39 98.40 -33.61
N ILE BB 103 -86.73 98.28 -34.91
CA ILE BB 103 -86.91 99.39 -35.82
C ILE BB 103 -87.98 100.37 -35.35
N PHE BB 104 -89.03 99.88 -34.68
CA PHE BB 104 -90.17 100.68 -34.33
C PHE BB 104 -90.01 101.33 -32.97
N ASN BB 105 -88.78 101.32 -32.43
CA ASN BB 105 -88.47 102.12 -31.26
C ASN BB 105 -87.87 103.44 -31.70
N PHE BB 106 -87.74 103.66 -33.02
CA PHE BB 106 -87.42 104.95 -33.57
C PHE BB 106 -88.71 105.61 -33.99
N GLU BB 107 -88.98 106.81 -33.46
CA GLU BB 107 -90.30 107.37 -33.32
C GLU BB 107 -90.85 107.92 -34.61
N ASN BB 108 -89.98 108.32 -35.54
CA ASN BB 108 -90.40 108.69 -36.87
C ASN BB 108 -90.87 107.44 -37.63
N ILE BB 109 -90.27 106.28 -37.33
CA ILE BB 109 -90.55 105.05 -38.03
C ILE BB 109 -91.73 104.35 -37.38
N ALA BB 110 -91.95 104.61 -36.08
CA ALA BB 110 -93.01 104.02 -35.29
C ALA BB 110 -94.40 104.43 -35.76
N LYS BB 111 -94.52 105.55 -36.49
CA LYS BB 111 -95.77 105.88 -37.15
C LYS BB 111 -96.07 105.02 -38.36
N LEU BB 112 -95.07 104.34 -38.95
CA LEU BB 112 -95.22 103.71 -40.24
C LEU BB 112 -95.37 102.20 -40.15
N LYS BB 113 -95.90 101.69 -39.04
CA LYS BB 113 -95.83 100.27 -38.78
C LYS BB 113 -96.90 99.51 -39.52
N ASP BB 114 -98.14 100.02 -39.54
CA ASP BB 114 -99.27 99.42 -40.20
C ASP BB 114 -99.08 99.28 -41.70
N ASP BB 115 -98.56 100.32 -42.36
CA ASP BB 115 -98.20 100.33 -43.76
C ASP BB 115 -97.15 99.30 -44.10
N PHE BB 116 -96.11 99.18 -43.26
CA PHE BB 116 -95.12 98.13 -43.40
C PHE BB 116 -95.75 96.75 -43.32
N LEU BB 117 -96.64 96.54 -42.33
CA LEU BB 117 -97.42 95.34 -42.22
C LEU BB 117 -98.28 95.05 -43.42
N ASN BB 118 -99.01 95.99 -44.02
CA ASN BB 118 -99.78 95.71 -45.22
C ASN BB 118 -98.92 95.25 -46.41
N TYR BB 119 -97.82 95.97 -46.70
CA TYR BB 119 -96.88 95.55 -47.73
C TYR BB 119 -96.33 94.16 -47.49
N ALA BB 120 -95.94 93.86 -46.24
CA ALA BB 120 -95.59 92.53 -45.82
C ALA BB 120 -96.70 91.52 -46.00
N GLN BB 121 -97.93 91.87 -45.62
CA GLN BB 121 -99.09 91.01 -45.58
C GLN BB 121 -99.37 90.33 -46.90
N ASP BB 122 -99.28 91.07 -48.01
CA ASP BB 122 -99.38 90.50 -49.33
C ASP BB 122 -98.44 89.34 -49.71
N ILE BB 123 -97.15 89.36 -49.32
CA ILE BB 123 -96.21 88.28 -49.65
C ILE BB 123 -96.39 87.09 -48.75
N ASP BB 124 -96.12 85.90 -49.28
CA ASP BB 124 -96.35 84.67 -48.57
C ASP BB 124 -95.37 83.62 -49.06
N ASP BB 125 -95.28 82.50 -48.32
CA ASP BB 125 -94.35 81.40 -48.52
C ASP BB 125 -94.35 80.85 -49.93
N ASP BB 126 -95.54 80.78 -50.54
CA ASP BB 126 -95.74 80.26 -51.87
C ASP BB 126 -95.09 81.11 -52.96
N SER BB 127 -94.82 82.40 -52.67
CA SER BB 127 -94.19 83.28 -53.63
C SER BB 127 -92.71 83.00 -53.80
N PHE BB 128 -92.06 82.40 -52.80
CA PHE BB 128 -90.63 82.16 -52.85
C PHE BB 128 -90.29 80.81 -53.45
N ILE BB 129 -91.23 79.86 -53.53
CA ILE BB 129 -90.89 78.55 -54.05
C ILE BB 129 -90.71 78.53 -55.56
N LYS BB 130 -89.48 78.21 -55.99
CA LYS BB 130 -89.01 78.17 -57.35
C LYS BB 130 -89.78 77.21 -58.26
N THR BB 131 -90.03 77.64 -59.50
CA THR BB 131 -90.85 76.90 -60.45
C THR BB 131 -90.01 75.98 -61.29
N LEU BB 132 -90.44 74.72 -61.45
CA LEU BB 132 -89.70 73.66 -62.13
C LEU BB 132 -89.35 73.97 -63.58
N GLU BB 133 -90.28 74.59 -64.34
CA GLU BB 133 -90.09 74.96 -65.72
C GLU BB 133 -88.91 75.90 -65.91
N ILE BB 134 -88.80 76.88 -65.03
CA ILE BB 134 -87.76 77.88 -65.00
C ILE BB 134 -86.41 77.24 -64.78
N LYS BB 135 -86.35 76.31 -63.81
CA LYS BB 135 -85.15 75.57 -63.52
C LYS BB 135 -84.72 74.75 -64.71
N LYS BB 136 -85.66 74.04 -65.35
CA LYS BB 136 -85.36 73.25 -66.53
C LYS BB 136 -84.82 74.05 -67.69
N LYS BB 137 -85.39 75.22 -67.99
CA LYS BB 137 -84.84 76.13 -68.98
C LYS BB 137 -83.40 76.51 -68.67
N GLN BB 138 -83.14 76.86 -67.41
CA GLN BB 138 -81.82 77.18 -66.96
C GLN BB 138 -80.83 76.03 -67.11
N LYS BB 139 -81.22 74.82 -66.69
CA LYS BB 139 -80.41 73.65 -66.85
C LYS BB 139 -80.12 73.36 -68.30
N LYS BB 140 -81.15 73.39 -69.15
CA LYS BB 140 -81.05 73.28 -70.59
C LYS BB 140 -80.13 74.28 -71.32
N LEU BB 141 -79.59 75.30 -70.63
CA LEU BB 141 -78.58 76.13 -71.24
C LEU BB 141 -77.19 75.56 -71.05
N LEU BB 142 -76.97 74.80 -69.97
CA LEU BB 142 -75.64 74.43 -69.52
C LEU BB 142 -74.84 73.60 -70.51
N LYS BB 143 -75.45 72.59 -71.12
CA LYS BB 143 -74.74 71.70 -72.00
C LYS BB 143 -74.67 72.29 -73.43
N PHE BB 150 -68.14 82.82 -73.74
CA PHE BB 150 -68.52 81.55 -73.02
C PHE BB 150 -68.83 81.72 -71.54
N MET BB 151 -67.84 81.77 -70.64
CA MET BB 151 -68.08 81.81 -69.19
C MET BB 151 -68.97 82.95 -68.71
N ASN BB 152 -68.78 84.15 -69.26
CA ASN BB 152 -69.61 85.31 -68.99
C ASN BB 152 -71.08 85.11 -69.34
N ASN BB 153 -71.31 84.47 -70.49
CA ASN BB 153 -72.63 84.20 -71.04
C ASN BB 153 -73.48 83.43 -70.08
N VAL BB 154 -72.89 82.41 -69.46
CA VAL BB 154 -73.60 81.56 -68.53
C VAL BB 154 -74.13 82.33 -67.34
N ILE BB 155 -73.29 83.17 -66.70
CA ILE BB 155 -73.76 84.01 -65.61
C ILE BB 155 -74.86 84.95 -66.05
N ASP BB 156 -74.66 85.63 -67.20
CA ASP BB 156 -75.65 86.54 -67.75
C ASP BB 156 -77.01 85.90 -68.00
N LYS BB 157 -76.99 84.72 -68.64
CA LYS BB 157 -78.18 83.98 -68.98
C LYS BB 157 -78.97 83.56 -67.78
N ILE BB 158 -78.29 83.04 -66.76
CA ILE BB 158 -78.92 82.63 -65.53
C ILE BB 158 -79.65 83.78 -64.87
N LYS BB 159 -79.02 84.97 -64.76
CA LYS BB 159 -79.66 86.14 -64.20
C LYS BB 159 -80.86 86.56 -65.02
N GLU BB 160 -80.74 86.54 -66.36
CA GLU BB 160 -81.83 86.85 -67.25
C GLU BB 160 -83.04 85.94 -67.05
N ILE BB 161 -82.84 84.62 -66.97
CA ILE BB 161 -83.90 83.68 -66.68
C ILE BB 161 -84.57 83.93 -65.34
N ARG BB 162 -83.78 84.15 -64.27
CA ARG BB 162 -84.31 84.51 -62.96
C ARG BB 162 -85.13 85.79 -62.93
N LYS BB 163 -84.65 86.83 -63.61
CA LYS BB 163 -85.30 88.11 -63.77
C LYS BB 163 -86.67 88.00 -64.42
N GLU BB 164 -86.78 87.19 -65.49
CA GLU BB 164 -88.03 86.93 -66.17
C GLU BB 164 -89.19 86.43 -65.30
N ASP BB 165 -88.95 85.47 -64.38
CA ASP BB 165 -89.95 84.90 -63.52
C ASP BB 165 -91.01 85.85 -62.94
N PRO BB 166 -92.29 85.58 -63.10
CA PRO BB 166 -93.33 86.39 -62.52
C PRO BB 166 -93.32 86.42 -61.01
N LYS BB 167 -93.09 85.30 -60.30
CA LYS BB 167 -93.04 85.33 -58.86
C LYS BB 167 -91.92 86.21 -58.32
N VAL BB 168 -90.72 86.13 -58.92
CA VAL BB 168 -89.63 87.06 -58.66
C VAL BB 168 -90.00 88.49 -58.91
N GLN BB 169 -90.61 88.80 -60.06
CA GLN BB 169 -91.08 90.13 -60.36
C GLN BB 169 -92.05 90.69 -59.35
N LYS BB 170 -93.09 89.92 -58.99
CA LYS BB 170 -94.02 90.22 -57.92
C LYS BB 170 -93.36 90.48 -56.56
N LEU BB 171 -92.45 89.60 -56.15
CA LEU BB 171 -91.70 89.76 -54.93
C LEU BB 171 -90.83 91.01 -54.90
N GLU BB 172 -90.14 91.27 -56.03
CA GLU BB 172 -89.26 92.39 -56.28
C GLU BB 172 -89.99 93.71 -56.22
N GLY BB 173 -91.20 93.77 -56.80
CA GLY BB 173 -92.10 94.90 -56.67
C GLY BB 173 -92.40 95.25 -55.23
N ILE BB 174 -92.79 94.24 -54.44
CA ILE BB 174 -92.98 94.42 -53.01
C ILE BB 174 -91.72 94.89 -52.30
N GLN BB 175 -90.56 94.29 -52.60
CA GLN BB 175 -89.29 94.68 -52.01
C GLN BB 175 -88.94 96.14 -52.27
N LYS BB 176 -89.10 96.60 -53.51
CA LYS BB 176 -88.94 97.99 -53.86
C LYS BB 176 -89.89 98.90 -53.13
N ASP BB 177 -91.19 98.54 -53.07
CA ASP BB 177 -92.19 99.28 -52.31
C ASP BB 177 -91.82 99.44 -50.85
N ILE BB 178 -91.38 98.38 -50.16
CA ILE BB 178 -90.91 98.46 -48.80
C ILE BB 178 -89.73 99.41 -48.68
N GLY BB 179 -88.75 99.28 -49.61
CA GLY BB 179 -87.60 100.18 -49.65
C GLY BB 179 -87.98 101.63 -49.82
N SER BB 180 -88.90 101.91 -50.75
CA SER BB 180 -89.44 103.21 -51.03
C SER BB 180 -90.08 103.84 -49.80
N LEU BB 181 -90.89 103.05 -49.07
CA LEU BB 181 -91.48 103.45 -47.81
C LEU BB 181 -90.43 103.81 -46.79
N LEU BB 182 -89.37 103.03 -46.67
CA LEU BB 182 -88.49 103.14 -45.54
C LEU BB 182 -87.32 104.06 -45.77
N LYS BB 183 -86.66 104.07 -46.94
CA LYS BB 183 -85.35 104.69 -47.15
C LYS BB 183 -85.03 106.02 -46.46
N PRO BB 184 -85.71 107.14 -46.65
CA PRO BB 184 -85.35 108.39 -46.00
C PRO BB 184 -85.42 108.30 -44.49
N GLU BB 185 -86.50 107.72 -43.95
CA GLU BB 185 -86.76 107.64 -42.55
C GLU BB 185 -85.75 106.87 -41.74
N ILE BB 186 -85.30 105.71 -42.23
CA ILE BB 186 -84.14 105.03 -41.72
C ILE BB 186 -82.88 105.87 -41.87
N LEU BB 187 -82.67 106.46 -43.06
CA LEU BB 187 -81.46 107.17 -43.40
C LEU BB 187 -81.16 108.35 -42.51
N LYS BB 188 -82.18 109.15 -42.19
CA LYS BB 188 -82.08 110.40 -41.47
C LYS BB 188 -81.37 110.25 -40.12
N ASN BB 189 -81.71 109.23 -39.31
CA ASN BB 189 -80.92 108.89 -38.13
C ASN BB 189 -79.56 108.29 -38.52
N LYS BB 190 -78.53 109.14 -38.64
CA LYS BB 190 -77.32 108.78 -39.36
C LYS BB 190 -76.55 107.63 -38.76
N VAL BB 191 -76.39 107.63 -37.43
CA VAL BB 191 -75.71 106.55 -36.74
C VAL BB 191 -76.37 105.21 -36.96
N PHE BB 192 -77.70 105.16 -36.86
CA PHE BB 192 -78.48 103.97 -37.12
C PHE BB 192 -78.32 103.50 -38.55
N ALA BB 193 -78.33 104.43 -39.52
CA ALA BB 193 -78.10 104.10 -40.91
C ALA BB 193 -76.77 103.40 -41.17
N HIS BB 194 -75.69 103.97 -40.65
CA HIS BB 194 -74.36 103.38 -40.69
C HIS BB 194 -74.30 102.02 -40.05
N TYR BB 195 -74.94 101.84 -38.90
CA TYR BB 195 -75.02 100.59 -38.18
C TYR BB 195 -75.68 99.52 -39.02
N LEU BB 196 -76.83 99.83 -39.63
CA LEU BB 196 -77.49 98.93 -40.54
C LEU BB 196 -76.63 98.59 -41.73
N LYS BB 197 -76.00 99.59 -42.35
CA LYS BB 197 -75.09 99.37 -43.44
C LYS BB 197 -73.90 98.49 -43.11
N SER BB 198 -73.28 98.72 -41.97
CA SER BB 198 -72.08 98.01 -41.53
C SER BB 198 -72.28 96.54 -41.20
N LYS BB 199 -71.28 95.72 -41.53
CA LYS BB 199 -71.34 94.29 -41.30
C LYS BB 199 -71.00 93.91 -39.87
N PHE BB 200 -71.63 92.84 -39.37
CA PHE BB 200 -71.28 92.12 -38.16
C PHE BB 200 -69.97 91.37 -38.35
N THR BB 201 -69.26 91.18 -37.24
CA THR BB 201 -67.84 90.95 -37.18
C THR BB 201 -67.61 90.26 -35.87
N LEU BB 202 -66.39 89.74 -35.62
CA LEU BB 202 -66.14 89.01 -34.40
C LEU BB 202 -64.69 89.14 -34.08
N ARG BB 203 -64.29 90.31 -33.59
CA ARG BB 203 -62.91 90.65 -33.34
C ARG BB 203 -62.36 90.07 -32.03
N ASN BB 204 -61.04 90.14 -31.83
CA ASN BB 204 -60.30 89.45 -30.78
C ASN BB 204 -60.75 89.85 -29.39
N ASP BB 205 -61.34 91.04 -29.29
CA ASP BB 205 -61.98 91.61 -28.12
C ASP BB 205 -63.17 90.76 -27.62
N MET BB 206 -64.02 90.27 -28.54
CA MET BB 206 -65.23 89.57 -28.20
C MET BB 206 -65.04 88.22 -27.52
N VAL BB 207 -65.96 87.91 -26.58
CA VAL BB 207 -66.05 86.59 -26.01
C VAL BB 207 -67.49 86.19 -26.15
N LEU BB 208 -67.78 85.29 -27.12
CA LEU BB 208 -69.13 85.07 -27.57
C LEU BB 208 -70.06 84.55 -26.50
N HIS BB 209 -69.62 83.52 -25.76
CA HIS BB 209 -70.42 82.96 -24.70
C HIS BB 209 -70.66 83.91 -23.57
N LYS BB 210 -69.64 84.70 -23.22
CA LYS BB 210 -69.72 85.61 -22.13
C LYS BB 210 -70.68 86.75 -22.40
N MET BB 211 -70.64 87.36 -23.60
CA MET BB 211 -71.48 88.51 -23.86
C MET BB 211 -72.98 88.27 -23.94
N LYS BB 212 -73.77 89.23 -23.44
CA LYS BB 212 -75.23 89.23 -23.50
C LYS BB 212 -75.70 89.75 -24.84
N PHE BB 213 -75.37 89.00 -25.90
CA PHE BB 213 -75.38 89.37 -27.30
C PHE BB 213 -76.38 90.45 -27.77
N LYS CB 1 34.17 -82.36 -72.81
CA LYS CB 1 33.53 -83.45 -72.01
C LYS CB 1 33.25 -82.99 -70.58
N ASP CB 2 33.73 -83.71 -69.53
CA ASP CB 2 33.38 -83.40 -68.16
C ASP CB 2 34.60 -83.51 -67.24
N ASN CB 3 34.83 -82.49 -66.41
CA ASN CB 3 35.83 -82.52 -65.34
C ASN CB 3 35.36 -81.58 -64.25
N PRO CB 4 35.70 -81.77 -62.98
CA PRO CB 4 34.90 -81.23 -61.89
C PRO CB 4 35.21 -79.79 -61.61
N LEU CB 5 36.25 -79.20 -62.20
CA LEU CB 5 36.75 -77.91 -61.80
C LEU CB 5 36.09 -76.75 -62.55
N ILE CB 6 35.04 -77.04 -63.34
CA ILE CB 6 34.24 -76.02 -64.00
C ILE CB 6 32.90 -75.79 -63.32
N PHE CB 7 32.64 -76.47 -62.18
CA PHE CB 7 31.38 -76.33 -61.47
C PHE CB 7 31.60 -75.84 -60.00
N ILE CB 15 27.85 -70.43 -35.33
CA ILE CB 15 26.98 -69.98 -36.47
C ILE CB 15 26.98 -70.89 -37.68
N ILE CB 16 25.91 -70.84 -38.48
CA ILE CB 16 25.82 -71.46 -39.79
C ILE CB 16 25.08 -70.41 -40.66
N GLY CB 17 25.03 -70.56 -42.01
CA GLY CB 17 24.52 -69.54 -42.95
C GLY CB 17 23.15 -68.92 -42.72
N VAL CB 18 23.07 -67.59 -42.90
CA VAL CB 18 21.86 -66.78 -42.71
C VAL CB 18 22.02 -65.40 -43.39
N GLY CB 19 22.31 -65.43 -44.71
CA GLY CB 19 22.34 -64.25 -45.58
C GLY CB 19 20.97 -63.99 -46.16
N VAL CB 20 20.73 -64.34 -47.45
CA VAL CB 20 19.42 -64.25 -48.10
C VAL CB 20 18.93 -65.64 -48.48
N ARG CB 21 17.67 -65.97 -48.13
CA ARG CB 21 17.13 -67.32 -48.25
C ARG CB 21 16.32 -67.50 -49.52
N PRO CB 22 16.09 -68.71 -49.97
CA PRO CB 22 15.26 -68.92 -51.12
C PRO CB 22 13.85 -69.17 -50.66
N LYS CB 23 12.90 -68.28 -51.00
CA LYS CB 23 11.47 -68.49 -50.79
C LYS CB 23 10.92 -69.67 -51.58
N LYS CB 24 9.94 -70.39 -51.01
CA LYS CB 24 9.22 -71.44 -51.66
C LYS CB 24 7.82 -70.89 -51.78
N ASP CB 25 7.06 -71.19 -52.86
CA ASP CB 25 5.95 -70.34 -53.30
C ASP CB 25 4.86 -70.06 -52.24
N LEU CB 26 4.57 -71.06 -51.38
CA LEU CB 26 3.84 -71.03 -50.14
C LEU CB 26 2.89 -69.87 -49.87
N SER CB 27 1.59 -70.14 -50.02
CA SER CB 27 0.53 -69.16 -50.17
C SER CB 27 -0.20 -68.84 -48.89
N LYS CB 28 0.32 -69.29 -47.73
CA LYS CB 28 -0.27 -69.05 -46.42
C LYS CB 28 -0.46 -67.56 -46.14
N TYR CB 29 0.47 -66.74 -46.63
CA TYR CB 29 0.57 -65.34 -46.31
C TYR CB 29 -0.14 -64.44 -47.31
N VAL CB 30 -0.86 -65.01 -48.29
CA VAL CB 30 -1.65 -64.25 -49.24
C VAL CB 30 -2.81 -63.50 -48.57
N LYS CB 31 -2.99 -62.19 -48.85
CA LYS CB 31 -3.98 -61.38 -48.17
C LYS CB 31 -5.42 -61.69 -48.55
N TRP CB 32 -5.72 -61.80 -49.86
CA TRP CB 32 -7.05 -62.05 -50.41
C TRP CB 32 -8.05 -60.87 -50.32
N PRO CB 33 -9.00 -60.71 -51.23
CA PRO CB 33 -9.98 -59.63 -51.24
C PRO CB 33 -10.82 -59.38 -50.00
N ARG CB 34 -11.59 -58.27 -50.01
CA ARG CB 34 -12.56 -57.93 -49.00
C ARG CB 34 -13.65 -58.99 -48.84
N TYR CB 35 -14.15 -59.54 -49.95
CA TYR CB 35 -15.02 -60.67 -49.98
C TYR CB 35 -14.17 -61.93 -50.05
N ILE CB 36 -14.77 -63.13 -49.93
CA ILE CB 36 -14.15 -64.46 -50.04
C ILE CB 36 -13.35 -64.83 -48.84
N ARG CB 37 -12.52 -63.90 -48.35
CA ARG CB 37 -11.78 -64.01 -47.14
C ARG CB 37 -12.73 -64.21 -45.98
N ILE CB 38 -13.81 -63.42 -45.97
CA ILE CB 38 -14.91 -63.52 -45.03
C ILE CB 38 -15.64 -64.85 -45.13
N GLN CB 39 -15.92 -65.34 -46.34
CA GLN CB 39 -16.52 -66.65 -46.53
C GLN CB 39 -15.67 -67.74 -45.93
N ARG CB 40 -14.36 -67.70 -46.19
CA ARG CB 40 -13.44 -68.62 -45.57
C ARG CB 40 -13.50 -68.58 -44.06
N LYS CB 41 -13.42 -67.38 -43.48
CA LYS CB 41 -13.51 -67.20 -42.05
C LYS CB 41 -14.83 -67.67 -41.44
N LYS CB 42 -15.96 -67.40 -42.13
CA LYS CB 42 -17.27 -67.87 -41.75
C LYS CB 42 -17.36 -69.37 -41.65
N LYS CB 43 -16.81 -70.08 -42.65
CA LYS CB 43 -16.78 -71.52 -42.68
C LYS CB 43 -16.14 -72.11 -41.46
N ILE CB 44 -14.97 -71.57 -41.08
CA ILE CB 44 -14.28 -71.92 -39.86
C ILE CB 44 -15.14 -71.67 -38.65
N LEU CB 45 -15.78 -70.50 -38.55
CA LEU CB 45 -16.66 -70.18 -37.45
C LEU CB 45 -17.79 -71.18 -37.26
N LEU CB 46 -18.46 -71.54 -38.36
CA LEU CB 46 -19.50 -72.55 -38.36
C LEU CB 46 -19.05 -73.90 -37.85
N GLN CB 47 -17.89 -74.41 -38.32
CA GLN CB 47 -17.30 -75.62 -37.78
C GLN CB 47 -16.95 -75.52 -36.30
N ARG CB 48 -16.35 -74.40 -35.90
CA ARG CB 48 -15.81 -74.18 -34.60
C ARG CB 48 -16.84 -74.10 -33.48
N LEU CB 49 -17.85 -73.24 -33.63
CA LEU CB 49 -18.93 -73.01 -32.69
C LEU CB 49 -19.79 -74.24 -32.42
N LYS CB 50 -20.49 -74.28 -31.27
CA LYS CB 50 -21.54 -75.25 -31.01
C LYS CB 50 -22.74 -75.14 -31.96
N VAL CB 51 -23.20 -76.26 -32.58
CA VAL CB 51 -24.23 -76.25 -33.60
C VAL CB 51 -25.46 -76.97 -33.09
N PRO CB 52 -26.63 -76.35 -33.01
CA PRO CB 52 -27.89 -77.00 -32.69
C PRO CB 52 -28.25 -78.27 -33.44
N PRO CB 53 -28.85 -79.29 -32.83
CA PRO CB 53 -29.16 -80.56 -33.47
C PRO CB 53 -29.91 -80.43 -34.76
N SER CB 54 -30.93 -79.59 -34.79
CA SER CB 54 -31.77 -79.41 -35.95
C SER CB 54 -30.95 -78.92 -37.14
N ILE CB 55 -30.06 -77.93 -36.93
CA ILE CB 55 -29.09 -77.54 -37.94
C ILE CB 55 -28.07 -78.63 -38.25
N ASN CB 56 -27.57 -79.30 -37.20
CA ASN CB 56 -26.53 -80.31 -37.27
C ASN CB 56 -26.89 -81.46 -38.19
N GLN CB 57 -28.13 -81.98 -38.11
CA GLN CB 57 -28.56 -83.12 -38.89
C GLN CB 57 -28.37 -83.02 -40.40
N PHE CB 58 -28.21 -81.80 -40.93
CA PHE CB 58 -27.92 -81.61 -42.34
C PHE CB 58 -26.49 -81.93 -42.70
N ASN CB 59 -25.58 -82.09 -41.73
CA ASN CB 59 -24.24 -82.55 -42.04
C ASN CB 59 -24.20 -83.97 -42.58
N HIS CB 60 -24.96 -84.91 -41.98
CA HIS CB 60 -24.83 -86.32 -42.31
C HIS CB 60 -25.63 -86.72 -43.52
N THR CB 61 -25.02 -86.63 -44.70
CA THR CB 61 -25.61 -87.09 -45.93
C THR CB 61 -25.65 -88.59 -46.03
N LEU CB 62 -26.29 -89.16 -47.07
CA LEU CB 62 -25.99 -90.52 -47.49
C LEU CB 62 -24.52 -90.69 -47.85
N PRO CB 63 -23.89 -91.84 -47.69
CA PRO CB 63 -22.63 -92.15 -48.34
C PRO CB 63 -22.60 -91.85 -49.82
N LYS CB 64 -21.44 -91.52 -50.38
CA LYS CB 64 -21.27 -91.09 -51.75
C LYS CB 64 -21.72 -92.14 -52.76
N SER CB 65 -21.30 -93.39 -52.53
CA SER CB 65 -21.66 -94.52 -53.36
C SER CB 65 -23.15 -94.81 -53.33
N GLN CB 66 -23.76 -94.77 -52.14
CA GLN CB 66 -25.18 -94.91 -51.94
C GLN CB 66 -25.93 -93.80 -52.64
N THR CB 67 -25.45 -92.56 -52.49
CA THR CB 67 -25.99 -91.39 -53.15
C THR CB 67 -26.03 -91.54 -54.65
N GLN CB 68 -24.91 -91.97 -55.26
CA GLN CB 68 -24.84 -92.17 -56.68
C GLN CB 68 -25.86 -93.20 -57.14
N ASP CB 69 -25.95 -94.33 -56.44
CA ASP CB 69 -26.89 -95.38 -56.74
C ASP CB 69 -28.35 -94.89 -56.72
N LEU CB 70 -28.75 -94.13 -55.68
CA LEU CB 70 -30.05 -93.51 -55.59
C LEU CB 70 -30.34 -92.54 -56.73
N LEU CB 71 -29.37 -91.68 -57.04
CA LEU CB 71 -29.48 -90.72 -58.11
C LEU CB 71 -29.70 -91.41 -59.46
N ASN CB 72 -28.91 -92.46 -59.73
CA ASN CB 72 -28.99 -93.26 -60.92
C ASN CB 72 -30.37 -93.91 -61.07
N PHE CB 73 -30.88 -94.51 -59.98
CA PHE CB 73 -32.21 -95.08 -59.90
C PHE CB 73 -33.31 -94.08 -60.23
N LEU CB 74 -33.25 -92.86 -59.68
CA LEU CB 74 -34.19 -91.82 -60.00
C LEU CB 74 -34.15 -91.43 -61.47
N LYS CB 75 -32.95 -91.29 -62.04
CA LYS CB 75 -32.63 -90.66 -63.30
C LYS CB 75 -33.60 -90.80 -64.47
N ALA CB 76 -34.15 -92.01 -64.69
CA ALA CB 76 -35.05 -92.26 -65.78
C ALA CB 76 -36.44 -91.63 -65.63
N TYR CB 77 -36.81 -91.19 -64.42
CA TYR CB 77 -38.14 -90.67 -64.11
C TYR CB 77 -38.12 -89.16 -64.05
N LYS CB 78 -37.01 -88.57 -64.54
CA LYS CB 78 -36.87 -87.18 -64.88
C LYS CB 78 -38.06 -86.65 -65.69
N PRO CB 79 -38.75 -85.60 -65.31
CA PRO CB 79 -39.98 -85.17 -65.93
C PRO CB 79 -39.87 -84.84 -67.40
N GLU CB 80 -41.01 -84.83 -68.11
CA GLU CB 80 -41.15 -84.44 -69.50
C GLU CB 80 -40.48 -83.12 -69.85
N SER CB 81 -39.57 -83.13 -70.84
CA SER CB 81 -38.72 -81.98 -71.10
C SER CB 81 -39.28 -81.11 -72.21
N LYS CB 82 -38.86 -79.84 -72.27
CA LYS CB 82 -39.46 -78.80 -73.10
C LYS CB 82 -39.79 -79.16 -74.54
N THR CB 83 -38.82 -79.70 -75.27
CA THR CB 83 -39.00 -80.16 -76.63
C THR CB 83 -39.96 -81.32 -76.76
N ASP CB 84 -39.86 -82.28 -75.84
CA ASP CB 84 -40.75 -83.41 -75.71
C ASP CB 84 -42.18 -82.98 -75.47
N LYS CB 85 -42.39 -82.04 -74.55
CA LYS CB 85 -43.68 -81.46 -74.24
C LYS CB 85 -44.34 -80.87 -75.46
N LYS CB 86 -43.58 -80.06 -76.22
CA LYS CB 86 -44.03 -79.57 -77.51
C LYS CB 86 -44.42 -80.70 -78.49
N GLN CB 87 -43.60 -81.76 -78.62
CA GLN CB 87 -43.92 -82.92 -79.44
C GLN CB 87 -45.21 -83.66 -79.07
N ARG CB 88 -45.42 -83.86 -77.77
CA ARG CB 88 -46.61 -84.48 -77.22
C ARG CB 88 -47.86 -83.69 -77.54
N LEU CB 89 -47.76 -82.37 -77.37
CA LEU CB 89 -48.77 -81.42 -77.76
C LEU CB 89 -49.08 -81.51 -79.25
N LEU CB 90 -48.03 -81.52 -80.09
CA LEU CB 90 -48.13 -81.61 -81.54
C LEU CB 90 -48.85 -82.84 -82.04
N ASN CB 91 -48.57 -84.05 -81.48
CA ASN CB 91 -49.32 -85.24 -81.85
C ASN CB 91 -50.87 -85.11 -81.69
N LYS CB 92 -51.35 -84.79 -80.48
CA LYS CB 92 -52.76 -84.60 -80.20
C LYS CB 92 -52.92 -84.11 -78.73
N LEU CB 108 -44.51 -92.96 -62.93
CA LEU CB 108 -44.58 -91.83 -63.92
C LEU CB 108 -43.42 -90.83 -63.77
N PHE CB 109 -43.60 -89.67 -63.10
CA PHE CB 109 -42.61 -88.61 -63.14
C PHE CB 109 -42.24 -88.15 -61.76
N LEU CB 110 -41.07 -87.50 -61.65
CA LEU CB 110 -40.53 -86.98 -60.42
C LEU CB 110 -41.05 -85.59 -60.18
N LYS CB 111 -41.55 -85.30 -58.97
CA LYS CB 111 -42.14 -84.01 -58.69
C LYS CB 111 -41.17 -83.20 -57.86
N TYR CB 112 -41.06 -81.91 -58.18
CA TYR CB 112 -40.13 -81.00 -57.53
C TYR CB 112 -40.80 -79.72 -57.05
N GLY CB 113 -40.01 -78.76 -56.51
CA GLY CB 113 -40.47 -77.45 -56.02
C GLY CB 113 -40.96 -77.47 -54.59
N ILE CB 114 -40.36 -76.67 -53.69
CA ILE CB 114 -40.56 -76.89 -52.26
C ILE CB 114 -41.97 -76.78 -51.75
N ASN CB 115 -42.79 -75.87 -52.27
CA ASN CB 115 -44.15 -75.74 -51.82
C ASN CB 115 -44.94 -76.99 -52.16
N HIS CB 116 -44.80 -77.42 -53.41
CA HIS CB 116 -45.44 -78.61 -53.95
C HIS CB 116 -44.98 -79.84 -53.19
N ILE CB 117 -43.68 -79.94 -52.88
CA ILE CB 117 -43.14 -81.03 -52.11
C ILE CB 117 -43.76 -81.10 -50.72
N THR CB 118 -43.93 -79.96 -50.01
CA THR CB 118 -44.53 -80.00 -48.70
C THR CB 118 -45.93 -80.53 -48.69
N LYS CB 119 -46.74 -80.12 -49.68
CA LYS CB 119 -48.07 -80.66 -49.85
C LYS CB 119 -48.06 -82.15 -50.12
N LEU CB 120 -47.16 -82.62 -50.99
CA LEU CB 120 -47.03 -84.02 -51.32
C LEU CB 120 -46.65 -84.86 -50.10
N VAL CB 121 -45.69 -84.38 -49.29
CA VAL CB 121 -45.38 -84.98 -48.00
C VAL CB 121 -46.57 -84.98 -47.06
N GLU CB 122 -47.28 -83.85 -46.92
CA GLU CB 122 -48.37 -83.73 -45.97
C GLU CB 122 -49.50 -84.69 -46.22
N ASN CB 123 -49.90 -84.80 -47.48
CA ASN CB 123 -51.03 -85.60 -47.88
C ASN CB 123 -50.73 -87.08 -48.09
N LYS CB 124 -49.47 -87.47 -47.83
CA LYS CB 124 -48.95 -88.81 -48.02
C LYS CB 124 -49.09 -89.26 -49.45
N LYS CB 125 -48.92 -88.30 -50.37
CA LYS CB 125 -48.77 -88.54 -51.77
C LYS CB 125 -47.32 -88.92 -52.02
N ALA CB 126 -46.39 -88.31 -51.26
CA ALA CB 126 -45.01 -88.69 -51.23
C ALA CB 126 -44.77 -90.14 -50.80
N ASN CB 127 -43.79 -90.81 -51.42
CA ASN CB 127 -43.36 -92.14 -50.99
C ASN CB 127 -41.87 -92.16 -50.71
N LEU CB 128 -41.05 -91.44 -51.50
CA LEU CB 128 -39.66 -91.23 -51.18
C LEU CB 128 -39.27 -89.82 -51.51
N VAL CB 129 -38.62 -89.12 -50.57
CA VAL CB 129 -38.19 -87.75 -50.74
C VAL CB 129 -36.68 -87.69 -50.72
N VAL CB 130 -36.07 -86.95 -51.67
CA VAL CB 130 -34.65 -86.64 -51.63
C VAL CB 130 -34.46 -85.17 -51.42
N ILE CB 131 -33.69 -84.82 -50.37
CA ILE CB 131 -33.46 -83.48 -49.89
C ILE CB 131 -32.04 -83.00 -50.24
N ALA CB 132 -31.88 -81.77 -50.76
CA ALA CB 132 -30.57 -81.20 -50.99
C ALA CB 132 -29.84 -80.81 -49.71
N ASN CB 133 -28.51 -80.90 -49.71
CA ASN CB 133 -27.72 -80.60 -48.53
C ASN CB 133 -27.77 -79.15 -48.07
N ASP CB 134 -27.66 -78.19 -49.00
CA ASP CB 134 -26.98 -76.96 -48.70
C ASP CB 134 -27.60 -75.77 -49.42
N VAL CB 135 -28.93 -75.62 -49.39
CA VAL CB 135 -29.55 -74.37 -49.80
C VAL CB 135 -29.14 -73.22 -48.92
N SER CB 136 -28.94 -72.00 -49.48
CA SER CB 136 -28.31 -70.93 -48.71
C SER CB 136 -29.10 -70.43 -47.51
N PRO CB 137 -30.40 -70.26 -47.53
CA PRO CB 137 -31.14 -70.04 -46.32
C PRO CB 137 -31.59 -71.40 -45.82
N ILE CB 138 -31.03 -71.89 -44.69
CA ILE CB 138 -31.34 -73.18 -44.13
C ILE CB 138 -32.81 -73.36 -43.84
N GLU CB 139 -33.49 -72.29 -43.43
CA GLU CB 139 -34.87 -72.28 -43.07
C GLU CB 139 -35.81 -72.89 -44.11
N LEU CB 140 -35.55 -72.67 -45.42
CA LEU CB 140 -36.48 -73.13 -46.43
C LEU CB 140 -36.46 -74.62 -46.63
N VAL CB 141 -35.45 -75.33 -46.09
CA VAL CB 141 -35.48 -76.79 -46.08
C VAL CB 141 -35.56 -77.32 -44.66
N LEU CB 142 -35.37 -76.46 -43.64
CA LEU CB 142 -35.18 -76.85 -42.25
C LEU CB 142 -36.25 -77.75 -41.67
N PHE CB 143 -37.52 -77.45 -41.96
CA PHE CB 143 -38.62 -78.24 -41.49
C PHE CB 143 -38.68 -79.62 -42.09
N LEU CB 144 -38.04 -79.86 -43.24
CA LEU CB 144 -38.39 -80.99 -44.04
C LEU CB 144 -38.05 -82.35 -43.47
N PRO CB 145 -36.90 -82.72 -42.90
CA PRO CB 145 -36.70 -84.01 -42.28
C PRO CB 145 -37.65 -84.27 -41.15
N ALA CB 146 -37.94 -83.24 -40.34
CA ALA CB 146 -38.85 -83.38 -39.24
C ALA CB 146 -40.25 -83.71 -39.70
N LEU CB 147 -40.74 -82.97 -40.71
CA LEU CB 147 -42.04 -83.17 -41.30
C LEU CB 147 -42.20 -84.54 -41.90
N CYS CB 148 -41.19 -84.98 -42.66
CA CYS CB 148 -41.18 -86.29 -43.28
C CYS CB 148 -41.25 -87.40 -42.28
N ARG CB 149 -40.47 -87.31 -41.19
CA ARG CB 149 -40.57 -88.27 -40.11
C ARG CB 149 -41.93 -88.30 -39.45
N LEU CB 150 -42.49 -87.13 -39.11
CA LEU CB 150 -43.79 -87.03 -38.47
C LEU CB 150 -44.90 -87.58 -39.30
N LYS CB 151 -45.00 -87.18 -40.58
CA LYS CB 151 -46.01 -87.74 -41.45
C LYS CB 151 -45.60 -89.09 -42.03
N GLU CB 152 -44.46 -89.61 -41.55
CA GLU CB 152 -43.97 -90.93 -41.75
C GLU CB 152 -43.71 -91.36 -43.18
N VAL CB 153 -42.86 -90.62 -43.90
CA VAL CB 153 -42.39 -90.99 -45.21
C VAL CB 153 -40.86 -91.11 -45.20
N PRO CB 154 -40.24 -92.11 -45.79
CA PRO CB 154 -38.80 -92.15 -46.00
C PRO CB 154 -38.20 -90.95 -46.68
N TYR CB 155 -37.18 -90.34 -46.04
CA TYR CB 155 -36.46 -89.22 -46.59
C TYR CB 155 -34.97 -89.46 -46.62
N CYS CB 156 -34.26 -88.84 -47.57
CA CYS CB 156 -32.82 -88.91 -47.63
C CYS CB 156 -32.21 -87.57 -47.94
N ILE CB 157 -31.17 -87.17 -47.19
CA ILE CB 157 -30.38 -86.01 -47.51
C ILE CB 157 -29.18 -86.40 -48.37
N VAL CB 158 -29.13 -85.80 -49.57
CA VAL CB 158 -28.12 -86.07 -50.57
C VAL CB 158 -27.16 -84.92 -50.66
N LYS CB 159 -25.87 -85.23 -50.89
CA LYS CB 159 -24.76 -84.30 -50.84
C LYS CB 159 -24.82 -83.12 -51.80
N ASP CB 160 -25.20 -83.34 -53.06
CA ASP CB 160 -24.97 -82.33 -54.09
C ASP CB 160 -26.25 -81.64 -54.57
N LYS CB 161 -26.33 -80.33 -54.32
CA LYS CB 161 -27.46 -79.50 -54.66
C LYS CB 161 -27.67 -79.31 -56.16
N ALA CB 162 -26.57 -79.03 -56.88
CA ALA CB 162 -26.59 -78.80 -58.29
C ALA CB 162 -27.13 -79.98 -59.09
N THR CB 163 -26.72 -81.20 -58.74
CA THR CB 163 -27.12 -82.43 -59.43
C THR CB 163 -28.60 -82.70 -59.31
N LEU CB 164 -29.20 -82.47 -58.15
CA LEU CB 164 -30.64 -82.52 -58.01
C LEU CB 164 -31.32 -81.54 -58.94
N GLY CB 165 -30.75 -80.34 -59.13
CA GLY CB 165 -31.21 -79.45 -60.19
C GLY CB 165 -31.10 -80.02 -61.60
N LYS CB 166 -29.97 -80.64 -61.95
CA LYS CB 166 -29.74 -81.27 -63.24
C LYS CB 166 -30.78 -82.32 -63.52
N LEU CB 167 -31.08 -83.15 -62.51
CA LEU CB 167 -32.12 -84.15 -62.52
C LEU CB 167 -33.51 -83.66 -62.89
N VAL CB 168 -33.83 -82.36 -62.76
CA VAL CB 168 -35.13 -81.83 -63.13
C VAL CB 168 -35.03 -80.78 -64.22
N HIS CB 169 -33.90 -80.71 -64.93
CA HIS CB 169 -33.67 -79.74 -65.98
C HIS CB 169 -33.65 -78.30 -65.49
N LYS CB 170 -32.96 -78.04 -64.38
CA LYS CB 170 -32.89 -76.72 -63.81
C LYS CB 170 -31.46 -76.45 -63.39
N LYS CB 171 -31.12 -75.19 -63.10
CA LYS CB 171 -29.79 -74.83 -62.62
C LYS CB 171 -29.57 -75.25 -61.18
N THR CB 172 -30.65 -75.42 -60.42
CA THR CB 172 -30.61 -75.90 -59.07
C THR CB 172 -31.99 -76.41 -58.76
N ALA CB 173 -32.15 -77.18 -57.69
CA ALA CB 173 -33.43 -77.62 -57.23
C ALA CB 173 -33.28 -77.97 -55.79
N THR CB 174 -34.38 -77.96 -55.02
CA THR CB 174 -34.26 -78.09 -53.58
C THR CB 174 -34.53 -79.49 -53.13
N ALA CB 175 -35.74 -79.99 -53.38
CA ALA CB 175 -36.13 -81.33 -53.07
C ALA CB 175 -36.78 -81.93 -54.28
N VAL CB 176 -36.85 -83.26 -54.32
CA VAL CB 176 -37.43 -83.98 -55.41
C VAL CB 176 -38.07 -85.16 -54.75
N CYS CB 177 -39.28 -85.51 -55.21
CA CYS CB 177 -40.06 -86.58 -54.61
C CYS CB 177 -40.61 -87.51 -55.66
N LEU CB 178 -40.67 -88.79 -55.29
CA LEU CB 178 -41.10 -89.87 -56.11
C LEU CB 178 -42.30 -90.51 -55.46
N GLU CB 179 -43.48 -90.35 -56.07
CA GLU CB 179 -44.71 -90.96 -55.59
C GLU CB 179 -44.85 -92.42 -55.98
N SER CB 180 -44.54 -92.79 -57.24
CA SER CB 180 -44.56 -94.19 -57.66
C SER CB 180 -43.75 -94.41 -58.93
N VAL CB 181 -43.28 -95.63 -59.15
CA VAL CB 181 -42.38 -96.00 -60.21
C VAL CB 181 -42.89 -97.31 -60.76
N LYS CB 182 -42.39 -97.76 -61.93
CA LYS CB 182 -42.86 -98.97 -62.57
C LYS CB 182 -42.69 -100.26 -61.76
N LYS CB 183 -43.66 -101.18 -61.89
CA LYS CB 183 -43.80 -102.41 -61.13
C LYS CB 183 -42.57 -103.29 -61.12
N GLU CB 184 -41.87 -103.33 -62.25
CA GLU CB 184 -40.60 -103.99 -62.45
C GLU CB 184 -39.46 -103.49 -61.56
N ASP CB 185 -39.56 -102.25 -61.05
CA ASP CB 185 -38.55 -101.59 -60.25
C ASP CB 185 -39.00 -101.35 -58.82
N GLN CB 186 -40.29 -101.54 -58.49
CA GLN CB 186 -40.86 -101.39 -57.15
C GLN CB 186 -40.06 -101.99 -56.00
N GLU CB 187 -39.48 -103.18 -56.18
CA GLU CB 187 -38.56 -103.75 -55.21
C GLU CB 187 -37.36 -102.85 -54.92
N LYS CB 188 -36.70 -102.29 -55.94
CA LYS CB 188 -35.56 -101.40 -55.80
C LYS CB 188 -35.92 -100.13 -55.06
N LEU CB 189 -37.11 -99.57 -55.34
CA LEU CB 189 -37.61 -98.42 -54.64
C LEU CB 189 -37.83 -98.71 -53.17
N ASP CB 190 -38.34 -99.92 -52.87
CA ASP CB 190 -38.46 -100.42 -51.53
C ASP CB 190 -37.08 -100.54 -50.86
N TYR CB 191 -36.06 -101.05 -51.56
CA TYR CB 191 -34.70 -101.08 -51.05
C TYR CB 191 -34.16 -99.70 -50.69
N PHE CB 192 -34.29 -98.69 -51.56
CA PHE CB 192 -33.88 -97.33 -51.26
C PHE CB 192 -34.62 -96.79 -50.05
N ALA CB 193 -35.94 -97.01 -49.99
CA ALA CB 193 -36.75 -96.64 -48.87
C ALA CB 193 -36.26 -97.30 -47.59
N LYS CB 194 -35.95 -98.59 -47.62
CA LYS CB 194 -35.36 -99.33 -46.52
C LYS CB 194 -34.05 -98.72 -46.04
N VAL CB 195 -33.12 -98.37 -46.95
CA VAL CB 195 -31.86 -97.70 -46.64
C VAL CB 195 -32.11 -96.39 -45.93
N CYS CB 196 -33.00 -95.57 -46.49
CA CYS CB 196 -33.37 -94.30 -45.91
C CYS CB 196 -33.92 -94.45 -44.51
N LYS CB 197 -34.82 -95.41 -44.33
CA LYS CB 197 -35.49 -95.65 -43.09
C LYS CB 197 -34.50 -96.00 -41.99
N GLU CB 198 -33.56 -96.90 -42.30
CA GLU CB 198 -32.47 -97.27 -41.44
C GLU CB 198 -31.55 -96.13 -41.08
N ASN CB 199 -31.19 -95.28 -42.06
CA ASN CB 199 -30.35 -94.15 -41.79
C ASN CB 199 -31.07 -93.09 -40.98
N PHE CB 200 -32.27 -92.68 -41.40
CA PHE CB 200 -32.93 -91.53 -40.82
C PHE CB 200 -34.17 -91.85 -40.01
N ASN CB 201 -35.21 -92.46 -40.60
CA ASN CB 201 -36.53 -92.56 -39.99
C ASN CB 201 -36.57 -93.38 -38.71
N ASP CB 202 -35.87 -94.52 -38.67
CA ASP CB 202 -35.69 -95.32 -37.47
C ASP CB 202 -34.86 -94.54 -36.43
N ASN CB 203 -33.76 -93.95 -36.92
CA ASN CB 203 -32.75 -93.26 -36.15
C ASN CB 203 -33.25 -92.04 -35.40
N VAL CB 204 -32.85 -91.88 -34.13
CA VAL CB 204 -33.01 -90.61 -33.43
C VAL CB 204 -31.69 -90.17 -32.83
N ASP CB 205 -30.57 -90.82 -33.21
CA ASP CB 205 -29.25 -90.41 -32.78
C ASP CB 205 -28.82 -89.09 -33.43
N LEU CB 206 -28.93 -88.97 -34.76
CA LEU CB 206 -28.58 -87.75 -35.47
C LEU CB 206 -29.46 -86.61 -35.03
N ARG CB 207 -30.74 -86.92 -34.86
CA ARG CB 207 -31.81 -85.99 -34.55
C ARG CB 207 -31.58 -85.20 -33.26
N ARG CB 208 -31.02 -85.84 -32.23
CA ARG CB 208 -30.84 -85.19 -30.94
C ARG CB 208 -29.42 -84.74 -30.71
N LYS CB 209 -28.48 -85.05 -31.62
CA LYS CB 209 -27.08 -84.85 -31.32
C LYS CB 209 -26.59 -83.44 -31.64
N TRP CB 210 -26.07 -82.73 -30.63
CA TRP CB 210 -25.39 -81.47 -30.83
C TRP CB 210 -24.12 -81.62 -31.66
N GLY CB 211 -23.86 -80.67 -32.58
CA GLY CB 211 -22.69 -80.68 -33.45
C GLY CB 211 -21.75 -79.57 -33.14
N GLY CB 212 -20.71 -79.42 -33.97
CA GLY CB 212 -19.65 -78.44 -33.75
C GLY CB 212 -18.87 -78.63 -32.46
N GLN CB 213 -18.40 -77.51 -31.87
CA GLN CB 213 -17.48 -77.50 -30.75
C GLN CB 213 -16.15 -78.13 -31.08
N LYS CB 214 -15.60 -77.73 -32.23
CA LYS CB 214 -14.31 -78.17 -32.71
C LYS CB 214 -13.26 -77.18 -32.26
N MET CB 215 -12.04 -77.25 -32.82
CA MET CB 215 -10.91 -76.51 -32.28
C MET CB 215 -10.01 -76.06 -33.39
N SER CB 216 -9.32 -74.93 -33.18
CA SER CB 216 -8.16 -74.55 -33.98
C SER CB 216 -7.04 -75.54 -33.78
N ALA CB 217 -6.16 -75.69 -34.78
CA ALA CB 217 -4.99 -76.53 -34.73
C ALA CB 217 -4.16 -76.28 -33.50
N LYS CB 218 -3.76 -75.01 -33.30
CA LYS CB 218 -3.00 -74.63 -32.14
C LYS CB 218 -3.76 -74.89 -30.85
N SER CB 219 -5.04 -74.47 -30.80
CA SER CB 219 -5.90 -74.68 -29.66
C SER CB 219 -6.01 -76.13 -29.24
N MET CB 220 -6.23 -77.03 -30.22
CA MET CB 220 -6.29 -78.44 -29.99
C MET CB 220 -4.99 -79.00 -29.43
N LEU CB 221 -3.85 -78.58 -30.02
CA LEU CB 221 -2.54 -78.97 -29.61
C LEU CB 221 -2.24 -78.54 -28.18
N LEU CB 222 -2.53 -77.27 -27.86
CA LEU CB 222 -2.36 -76.72 -26.54
C LEU CB 222 -3.20 -77.40 -25.47
N LYS CB 223 -4.49 -77.63 -25.71
CA LYS CB 223 -5.39 -78.41 -24.87
C LYS CB 223 -4.87 -79.81 -24.59
N LYS CB 224 -4.47 -80.51 -25.66
CA LYS CB 224 -3.81 -81.79 -25.60
C LYS CB 224 -2.55 -81.76 -24.75
N MET CB 225 -1.70 -80.74 -24.93
CA MET CB 225 -0.45 -80.56 -24.21
C MET CB 225 -0.67 -80.41 -22.71
N LYS CB 226 -1.65 -79.57 -22.31
CA LYS CB 226 -2.05 -79.38 -20.94
C LYS CB 226 -2.59 -80.66 -20.33
N ASP CB 227 -3.40 -81.42 -21.10
CA ASP CB 227 -3.89 -82.72 -20.72
C ASP CB 227 -2.74 -83.69 -20.41
N LYS CB 228 -1.68 -83.68 -21.23
CA LYS CB 228 -0.62 -84.66 -21.28
C LYS CB 228 0.24 -84.56 -20.04
N ALA CB 229 0.82 -83.38 -19.76
CA ALA CB 229 1.74 -83.17 -18.68
C ALA CB 229 1.01 -83.36 -17.35
N ARG CB 230 -0.22 -82.84 -17.25
CA ARG CB 230 -1.11 -83.05 -16.12
C ARG CB 230 -1.38 -84.54 -15.90
N LYS CB 231 -1.80 -85.28 -16.94
CA LYS CB 231 -2.06 -86.70 -16.85
C LYS CB 231 -0.86 -87.50 -16.38
N ILE CB 232 0.34 -87.23 -16.91
CA ILE CB 232 1.57 -87.82 -16.41
C ILE CB 232 1.82 -87.44 -14.96
N GLU CB 233 1.62 -86.18 -14.56
CA GLU CB 233 1.73 -85.77 -13.18
C GLU CB 233 0.77 -86.49 -12.22
N GLU CB 234 -0.54 -86.57 -12.53
CA GLU CB 234 -1.52 -87.37 -11.79
C GLU CB 234 -1.20 -88.86 -11.73
N ALA CB 235 -0.77 -89.45 -12.86
CA ALA CB 235 -0.33 -90.83 -13.01
C ALA CB 235 0.87 -91.15 -12.13
N LYS CB 236 1.77 -90.17 -11.96
CA LYS CB 236 3.05 -90.23 -11.30
C LYS CB 236 2.76 -90.10 -9.82
N LYS CB 237 1.99 -89.10 -9.40
CA LYS CB 237 1.52 -88.94 -8.03
C LYS CB 237 0.79 -90.21 -7.58
N LYS CB 238 -0.11 -90.78 -8.41
CA LYS CB 238 -0.76 -92.03 -8.08
C LYS CB 238 0.21 -93.19 -7.86
N GLU CB 239 1.24 -93.36 -8.72
CA GLU CB 239 2.27 -94.37 -8.57
C GLU CB 239 3.03 -94.26 -7.26
N ILE CB 240 3.47 -93.04 -6.89
CA ILE CB 240 4.13 -92.78 -5.64
C ILE CB 240 3.25 -93.13 -4.45
N SER CB 241 1.97 -92.71 -4.49
CA SER CB 241 1.02 -92.97 -3.42
C SER CB 241 0.77 -94.44 -3.15
N ALA CB 242 0.56 -95.24 -4.21
CA ALA CB 242 0.46 -96.68 -4.09
C ALA CB 242 1.70 -97.37 -3.54
N LYS CB 243 2.89 -96.99 -4.06
CA LYS CB 243 4.17 -97.46 -3.60
C LYS CB 243 4.53 -97.20 -2.14
N LEU CB 244 4.27 -95.97 -1.66
CA LEU CB 244 4.83 -95.47 -0.43
C LEU CB 244 3.74 -94.80 0.46
N GLY DB 1 1.69 3.95 -37.43
CA GLY DB 1 2.34 5.07 -38.20
C GLY DB 1 1.77 5.32 -39.56
N LYS DB 2 2.62 5.26 -40.61
CA LYS DB 2 2.25 5.83 -41.91
C LYS DB 2 1.60 4.80 -42.83
N ALA DB 3 1.38 3.58 -42.32
CA ALA DB 3 0.60 2.59 -43.02
C ALA DB 3 -0.82 2.58 -42.50
N GLY DB 4 -1.18 3.57 -41.67
CA GLY DB 4 -2.40 3.66 -40.85
C GLY DB 4 -3.71 3.11 -41.38
N LYS DB 5 -4.58 2.66 -40.45
CA LYS DB 5 -5.74 1.83 -40.70
C LYS DB 5 -6.72 2.37 -41.72
N GLY DB 6 -6.90 3.69 -41.77
CA GLY DB 6 -7.57 4.33 -42.87
C GLY DB 6 -6.71 4.43 -44.11
N THR DB 7 -6.41 5.65 -44.58
CA THR DB 7 -5.96 5.82 -45.96
C THR DB 7 -4.68 5.13 -46.32
N GLY DB 8 -3.66 5.14 -45.45
CA GLY DB 8 -2.45 4.36 -45.68
C GLY DB 8 -2.68 2.90 -45.92
N SER DB 9 -3.58 2.27 -45.17
CA SER DB 9 -3.85 0.87 -45.34
C SER DB 9 -4.70 0.55 -46.53
N PHE DB 10 -5.57 1.47 -46.95
CA PHE DB 10 -6.32 1.27 -48.15
C PHE DB 10 -5.46 1.29 -49.37
N GLY DB 11 -4.25 1.86 -49.26
CA GLY DB 11 -3.36 1.98 -50.39
C GLY DB 11 -2.79 0.65 -50.72
N LYS DB 12 -2.74 -0.24 -49.74
CA LYS DB 12 -1.97 -1.44 -49.82
C LYS DB 12 -2.71 -2.54 -50.53
N ARG DB 13 -3.99 -2.34 -50.90
CA ARG DB 13 -4.75 -3.27 -51.68
C ARG DB 13 -4.14 -3.62 -53.04
N ASN DB 14 -3.72 -4.87 -53.23
CA ASN DB 14 -3.32 -5.39 -54.50
C ASN DB 14 -3.67 -6.86 -54.51
N GLY DB 15 -4.29 -7.35 -55.62
CA GLY DB 15 -4.69 -8.76 -55.75
C GLY DB 15 -6.15 -9.01 -55.42
N LYS DB 16 -6.99 -9.16 -56.45
CA LYS DB 16 -8.35 -9.59 -56.28
C LYS DB 16 -8.42 -11.01 -55.71
N THR DB 17 -9.39 -11.29 -54.83
CA THR DB 17 -9.53 -12.64 -54.28
C THR DB 17 -10.63 -13.39 -54.97
N HIS DB 18 -11.35 -12.74 -55.87
CA HIS DB 18 -12.32 -13.38 -56.72
C HIS DB 18 -11.96 -13.22 -58.17
N PHE DB 19 -12.22 -14.23 -58.99
CA PHE DB 19 -12.15 -14.09 -60.43
C PHE DB 19 -13.49 -14.42 -61.06
N LEU DB 20 -13.50 -14.57 -62.39
CA LEU DB 20 -14.69 -14.50 -63.21
C LEU DB 20 -15.81 -15.50 -62.93
N CYS DB 21 -15.50 -16.78 -62.64
CA CYS DB 21 -16.49 -17.85 -62.46
C CYS DB 21 -17.12 -18.30 -63.73
N LEU DB 22 -16.86 -19.56 -64.12
CA LEU DB 22 -17.46 -20.13 -65.30
C LEU DB 22 -18.98 -20.14 -65.23
N ARG DB 23 -19.54 -20.55 -64.10
CA ARG DB 23 -20.97 -20.78 -64.05
C ARG DB 23 -21.78 -19.52 -63.80
N CYS DB 24 -21.15 -18.44 -63.32
CA CYS DB 24 -21.90 -17.25 -62.98
C CYS DB 24 -21.62 -16.09 -63.88
N GLY DB 25 -20.36 -15.85 -64.28
CA GLY DB 25 -20.03 -14.67 -65.08
C GLY DB 25 -20.03 -13.41 -64.26
N LYS DB 26 -20.22 -13.58 -62.95
CA LYS DB 26 -20.32 -12.58 -61.93
C LYS DB 26 -19.12 -12.82 -61.08
N ARG DB 27 -18.30 -11.78 -60.84
CA ARG DB 27 -16.89 -11.94 -60.53
C ARG DB 27 -16.61 -12.37 -59.12
N SER DB 28 -16.92 -13.63 -58.83
CA SER DB 28 -17.14 -14.08 -57.49
C SER DB 28 -16.61 -15.47 -57.28
N TYR DB 29 -15.71 -15.94 -58.17
CA TYR DB 29 -15.03 -17.21 -57.96
C TYR DB 29 -13.84 -16.98 -57.07
N HIS DB 30 -13.95 -17.38 -55.80
CA HIS DB 30 -12.92 -17.24 -54.81
C HIS DB 30 -11.72 -18.11 -55.10
N LEU DB 31 -10.59 -17.48 -55.48
CA LEU DB 31 -9.45 -18.18 -55.98
C LEU DB 31 -8.79 -19.11 -55.02
N GLN DB 32 -8.61 -18.71 -53.75
CA GLN DB 32 -7.81 -19.52 -52.85
C GLN DB 32 -8.40 -20.89 -52.53
N LYS DB 33 -9.71 -20.98 -52.26
CA LYS DB 33 -10.35 -22.26 -51.99
C LYS DB 33 -11.17 -22.75 -53.17
N LYS DB 34 -10.96 -22.16 -54.37
CA LYS DB 34 -11.48 -22.68 -55.63
C LYS DB 34 -12.99 -22.82 -55.66
N LYS DB 35 -13.75 -21.79 -55.28
CA LYS DB 35 -15.17 -21.94 -55.02
C LYS DB 35 -15.91 -20.64 -55.30
N CYS DB 36 -17.10 -20.68 -55.92
CA CYS DB 36 -17.82 -19.44 -56.21
C CYS DB 36 -18.72 -19.00 -55.09
N ALA DB 37 -18.72 -17.70 -54.75
CA ALA DB 37 -19.61 -17.13 -53.77
C ALA DB 37 -21.05 -17.12 -54.21
N SER DB 38 -21.29 -16.94 -55.52
CA SER DB 38 -22.61 -16.82 -56.10
C SER DB 38 -23.06 -18.06 -56.84
N CYS DB 39 -22.36 -19.19 -56.68
CA CYS DB 39 -22.96 -20.46 -57.07
C CYS DB 39 -22.36 -21.71 -56.49
N GLY DB 40 -21.25 -21.66 -55.75
CA GLY DB 40 -20.65 -22.88 -55.19
C GLY DB 40 -19.90 -23.74 -56.17
N TYR DB 41 -19.66 -23.23 -57.40
CA TYR DB 41 -19.22 -23.92 -58.59
C TYR DB 41 -18.86 -25.40 -58.55
N PRO DB 42 -17.84 -25.95 -57.93
CA PRO DB 42 -17.63 -27.39 -57.93
C PRO DB 42 -18.78 -28.20 -57.34
N SER DB 43 -19.57 -27.63 -56.42
CA SER DB 43 -20.83 -28.23 -56.06
C SER DB 43 -21.81 -28.22 -57.22
N ALA DB 44 -22.57 -29.31 -57.41
CA ALA DB 44 -23.51 -29.35 -58.50
C ALA DB 44 -24.62 -28.33 -58.38
N LYS DB 45 -25.21 -28.22 -57.19
CA LYS DB 45 -26.34 -27.36 -56.93
C LYS DB 45 -26.08 -25.89 -57.17
N LYS DB 46 -27.09 -25.14 -57.58
CA LYS DB 46 -27.00 -23.75 -57.97
C LYS DB 46 -26.55 -22.76 -56.91
N ARG DB 47 -26.92 -23.00 -55.64
CA ARG DB 47 -26.69 -22.09 -54.53
C ARG DB 47 -27.76 -21.01 -54.48
N ARG DB 48 -29.04 -21.41 -54.49
CA ARG DB 48 -30.13 -20.52 -54.13
C ARG DB 48 -30.25 -20.39 -52.62
N PHE DB 49 -31.10 -19.48 -52.13
CA PHE DB 49 -31.56 -19.47 -50.75
C PHE DB 49 -32.93 -18.84 -50.72
N ASN DB 50 -33.81 -19.21 -49.78
CA ASN DB 50 -35.10 -18.57 -49.71
C ASN DB 50 -35.05 -17.23 -49.04
N TRP DB 51 -34.02 -16.94 -48.23
CA TRP DB 51 -33.90 -15.63 -47.63
C TRP DB 51 -33.69 -14.52 -48.63
N SER DB 52 -32.89 -14.71 -49.69
CA SER DB 52 -32.72 -13.62 -50.64
C SER DB 52 -33.68 -13.67 -51.82
N VAL DB 53 -34.81 -12.94 -51.70
CA VAL DB 53 -35.84 -12.88 -52.72
C VAL DB 53 -35.28 -12.19 -53.94
N LYS DB 54 -34.54 -11.11 -53.67
CA LYS DB 54 -33.90 -10.32 -54.67
C LYS DB 54 -32.92 -11.12 -55.49
N ALA DB 55 -32.07 -11.96 -54.84
CA ALA DB 55 -31.15 -12.82 -55.54
C ALA DB 55 -31.88 -13.78 -56.47
N LYS DB 56 -33.00 -14.40 -56.03
CA LYS DB 56 -33.75 -15.24 -56.92
C LYS DB 56 -34.26 -14.51 -58.14
N ARG DB 57 -34.86 -13.32 -57.99
CA ARG DB 57 -35.39 -12.65 -59.16
C ARG DB 57 -34.33 -12.15 -60.10
N ARG DB 58 -33.16 -11.73 -59.63
CA ARG DB 58 -32.07 -11.42 -60.52
C ARG DB 58 -31.32 -12.61 -61.15
N ASN DB 59 -31.79 -13.87 -61.02
CA ASN DB 59 -31.21 -14.95 -61.80
C ASN DB 59 -32.15 -16.15 -61.90
N THR DB 60 -33.36 -15.94 -62.41
CA THR DB 60 -34.35 -16.99 -62.57
C THR DB 60 -34.60 -17.27 -64.03
N THR DB 61 -35.18 -18.43 -64.32
CA THR DB 61 -35.60 -18.85 -65.64
C THR DB 61 -36.49 -17.85 -66.28
N GLY DB 62 -36.09 -17.36 -67.46
CA GLY DB 62 -36.76 -16.29 -68.18
C GLY DB 62 -35.97 -15.02 -68.17
N THR DB 63 -34.93 -14.94 -67.32
CA THR DB 63 -33.97 -13.86 -67.42
C THR DB 63 -33.07 -14.08 -68.61
N GLY DB 64 -32.67 -15.34 -68.82
CA GLY DB 64 -31.79 -15.76 -69.90
C GLY DB 64 -32.46 -16.05 -71.21
N ARG DB 65 -31.69 -16.60 -72.15
CA ARG DB 65 -32.10 -16.78 -73.52
C ARG DB 65 -33.30 -17.69 -73.72
N CYS DB 66 -33.40 -18.78 -72.94
CA CYS DB 66 -34.46 -19.77 -73.07
C CYS DB 66 -34.45 -20.52 -74.39
N ARG DB 67 -33.26 -20.96 -74.81
CA ARG DB 67 -32.94 -21.44 -76.13
C ARG DB 67 -33.74 -22.63 -76.60
N TYR DB 68 -34.35 -23.40 -75.69
CA TYR DB 68 -35.11 -24.59 -76.01
C TYR DB 68 -36.53 -24.38 -75.54
N ILE DB 69 -36.73 -23.82 -74.34
CA ILE DB 69 -38.07 -23.57 -73.80
C ILE DB 69 -38.91 -22.70 -74.71
N LYS DB 70 -38.33 -21.61 -75.27
CA LYS DB 70 -39.04 -20.72 -76.16
C LYS DB 70 -39.57 -21.46 -77.38
N THR DB 71 -38.74 -22.34 -77.97
CA THR DB 71 -39.08 -23.11 -79.15
C THR DB 71 -40.20 -24.05 -78.85
N LEU DB 72 -40.15 -24.73 -77.69
CA LEU DB 72 -41.21 -25.63 -77.28
C LEU DB 72 -42.56 -24.95 -77.06
N ARG DB 73 -42.61 -23.73 -76.49
CA ARG DB 73 -43.84 -22.95 -76.50
C ARG DB 73 -44.49 -22.82 -77.87
N ARG DB 74 -45.83 -22.76 -77.89
CA ARG DB 74 -46.69 -22.88 -79.06
C ARG DB 74 -46.90 -24.31 -79.47
N LYS DB 75 -45.92 -25.22 -79.25
CA LYS DB 75 -46.04 -26.59 -79.71
C LYS DB 75 -47.25 -27.28 -79.16
N LEU DB 76 -47.51 -27.07 -77.86
CA LEU DB 76 -48.68 -27.58 -77.21
C LEU DB 76 -49.99 -27.16 -77.86
N LYS DB 77 -50.14 -25.86 -78.19
CA LYS DB 77 -51.30 -25.37 -78.92
C LYS DB 77 -51.47 -25.95 -80.32
N ASN DB 78 -50.40 -26.00 -81.14
CA ASN DB 78 -50.46 -26.58 -82.47
C ASN DB 78 -50.67 -28.08 -82.52
N LYS DB 79 -49.97 -28.81 -81.63
CA LYS DB 79 -49.94 -30.24 -81.51
C LYS DB 79 -49.68 -30.99 -82.80
N PHE DB 80 -48.76 -30.50 -83.65
CA PHE DB 80 -48.35 -31.21 -84.85
C PHE DB 80 -47.71 -32.55 -84.56
N THR DB 81 -48.04 -33.58 -85.35
CA THR DB 81 -47.37 -34.88 -85.27
C THR DB 81 -45.91 -34.79 -85.65
N GLU DB 82 -45.02 -35.49 -84.93
CA GLU DB 82 -43.59 -35.32 -85.09
C GLU DB 82 -43.03 -35.62 -86.47
N GLY DB 83 -42.16 -34.74 -86.98
CA GLY DB 83 -41.49 -34.92 -88.26
C GLY DB 83 -42.37 -34.64 -89.45
N SER DB 84 -43.62 -34.24 -89.23
CA SER DB 84 -44.55 -33.95 -90.31
C SER DB 84 -44.38 -32.55 -90.85
N THR DB 85 -44.93 -32.29 -92.03
CA THR DB 85 -44.84 -31.02 -92.71
C THR DB 85 -46.22 -30.61 -93.13
N PRO DB 86 -46.50 -29.38 -93.45
CA PRO DB 86 -47.70 -29.03 -94.19
C PRO DB 86 -47.58 -29.46 -95.64
N LYS DB 87 -48.67 -29.96 -96.23
CA LYS DB 87 -48.72 -30.46 -97.60
C LYS DB 87 -48.40 -29.40 -98.67
N PRO DB 88 -47.63 -29.64 -99.72
CA PRO DB 88 -47.23 -28.61 -100.69
C PRO DB 88 -48.35 -27.88 -101.44
N LYS DB 89 -48.04 -26.67 -101.97
CA LYS DB 89 -48.98 -25.80 -102.66
C LYS DB 89 -49.56 -26.30 -104.03
N MET EB 1 -51.75 78.81 -26.65
CA MET EB 1 -52.59 77.99 -27.57
C MET EB 1 -52.78 78.59 -28.94
N TYR EB 2 -53.40 79.78 -29.06
CA TYR EB 2 -53.91 80.20 -30.34
C TYR EB 2 -53.05 81.21 -31.04
N LYS EB 3 -51.93 81.67 -30.45
CA LYS EB 3 -51.10 82.71 -31.04
C LYS EB 3 -49.94 82.09 -31.77
N LYS EB 4 -49.26 82.81 -32.68
CA LYS EB 4 -48.14 82.20 -33.37
C LYS EB 4 -46.95 81.88 -32.48
N GLU EB 5 -46.47 82.82 -31.66
CA GLU EB 5 -45.33 82.53 -30.81
C GLU EB 5 -45.45 83.18 -29.46
N TYR EB 6 -45.43 82.40 -28.38
CA TYR EB 6 -45.21 82.94 -27.06
C TYR EB 6 -43.72 83.08 -26.80
N VAL EB 7 -43.27 84.29 -26.43
CA VAL EB 7 -41.93 84.49 -25.93
C VAL EB 7 -41.97 84.56 -24.41
N ILE EB 8 -41.16 83.74 -23.71
CA ILE EB 8 -41.27 83.63 -22.27
C ILE EB 8 -40.00 84.10 -21.61
N ASP EB 9 -40.09 85.15 -20.75
CA ASP EB 9 -39.00 85.55 -19.89
C ASP EB 9 -38.92 84.61 -18.71
N CYS EB 10 -38.03 83.62 -18.79
CA CYS EB 10 -37.96 82.55 -17.83
C CYS EB 10 -37.47 82.98 -16.44
N LYS EB 11 -36.93 84.21 -16.31
CA LYS EB 11 -36.52 84.79 -15.04
C LYS EB 11 -37.57 84.65 -13.95
N GLY EB 12 -37.17 84.05 -12.81
CA GLY EB 12 -38.05 83.89 -11.68
C GLY EB 12 -39.01 82.72 -11.80
N HIS EB 13 -38.89 81.90 -12.83
CA HIS EB 13 -39.74 80.75 -12.94
C HIS EB 13 -39.14 79.53 -12.25
N LEU EB 14 -39.99 78.63 -11.74
CA LEU EB 14 -39.55 77.38 -11.17
C LEU EB 14 -39.45 76.29 -12.21
N LEU EB 15 -38.24 75.72 -12.37
CA LEU EB 15 -37.88 74.73 -13.37
C LEU EB 15 -38.95 73.76 -13.81
N GLY EB 16 -39.38 72.84 -12.92
CA GLY EB 16 -40.36 71.84 -13.26
C GLY EB 16 -41.66 72.38 -13.78
N ARG EB 17 -42.26 73.33 -13.05
CA ARG EB 17 -43.51 73.92 -13.45
C ARG EB 17 -43.44 74.60 -14.78
N LEU EB 18 -42.36 75.37 -15.02
CA LEU EB 18 -42.21 76.01 -16.30
C LEU EB 18 -42.15 74.98 -17.41
N ALA EB 19 -41.37 73.92 -17.22
CA ALA EB 19 -41.28 72.83 -18.13
C ALA EB 19 -42.62 72.14 -18.41
N SER EB 20 -43.39 71.79 -17.37
CA SER EB 20 -44.68 71.16 -17.53
C SER EB 20 -45.68 72.00 -18.29
N LEU EB 21 -45.79 73.28 -17.92
CA LEU EB 21 -46.64 74.20 -18.62
C LEU EB 21 -46.23 74.38 -20.05
N ILE EB 22 -44.92 74.53 -20.33
CA ILE EB 22 -44.43 74.61 -21.69
C ILE EB 22 -44.78 73.36 -22.46
N ALA EB 23 -44.55 72.17 -21.89
CA ALA EB 23 -44.76 70.94 -22.59
C ALA EB 23 -46.18 70.74 -23.06
N LYS EB 24 -47.19 71.02 -22.21
CA LYS EB 24 -48.57 70.90 -22.62
C LYS EB 24 -48.92 71.79 -23.80
N GLU EB 25 -48.52 73.06 -23.74
CA GLU EB 25 -48.68 73.96 -24.86
C GLU EB 25 -47.99 73.49 -26.13
N LEU EB 26 -46.74 73.01 -26.04
CA LEU EB 26 -46.04 72.45 -27.18
C LEU EB 26 -46.76 71.29 -27.81
N LEU EB 27 -47.23 70.34 -27.00
CA LEU EB 27 -47.96 69.21 -27.46
C LEU EB 27 -49.23 69.60 -28.20
N ASN EB 28 -50.02 70.52 -27.63
CA ASN EB 28 -51.14 71.10 -28.33
C ASN EB 28 -50.78 71.79 -29.65
N GLY EB 29 -49.63 72.46 -29.74
CA GLY EB 29 -49.13 73.00 -31.01
C GLY EB 29 -48.68 74.45 -30.97
N GLN EB 30 -48.79 75.11 -29.83
CA GLN EB 30 -48.34 76.48 -29.65
C GLN EB 30 -46.84 76.61 -29.64
N ARG EB 31 -46.25 77.41 -30.55
CA ARG EB 31 -44.82 77.63 -30.51
C ARG EB 31 -44.35 78.45 -29.31
N ILE EB 32 -43.23 78.02 -28.70
CA ILE EB 32 -42.65 78.64 -27.52
C ILE EB 32 -41.19 79.00 -27.72
N VAL EB 33 -40.85 80.29 -27.59
CA VAL EB 33 -39.48 80.76 -27.48
C VAL EB 33 -39.15 81.04 -26.03
N ALA EB 34 -38.41 80.13 -25.39
CA ALA EB 34 -37.93 80.29 -24.04
C ALA EB 34 -36.67 81.14 -23.96
N VAL EB 35 -36.70 82.32 -23.32
CA VAL EB 35 -35.55 83.19 -23.26
C VAL EB 35 -35.18 83.51 -21.84
N ARG EB 36 -33.89 83.83 -21.63
CA ARG EB 36 -33.37 84.24 -20.35
C ARG EB 36 -33.47 83.15 -19.29
N CYS EB 37 -33.01 81.93 -19.63
CA CYS EB 37 -33.16 80.79 -18.76
C CYS EB 37 -32.28 80.80 -17.52
N GLU EB 38 -31.20 81.59 -17.44
CA GLU EB 38 -30.28 81.48 -16.32
C GLU EB 38 -30.89 81.81 -14.97
N ASP EB 39 -31.89 82.71 -14.89
CA ASP EB 39 -32.59 82.98 -13.65
C ASP EB 39 -33.85 82.14 -13.53
N ILE EB 40 -33.91 80.98 -14.21
CA ILE EB 40 -34.74 79.89 -13.74
C ILE EB 40 -34.29 79.48 -12.36
N ASN EB 41 -35.24 79.25 -11.45
CA ASN EB 41 -34.94 78.76 -10.15
C ASN EB 41 -35.23 77.29 -10.06
N ILE EB 42 -34.34 76.56 -9.39
CA ILE EB 42 -34.64 75.23 -8.91
C ILE EB 42 -34.95 75.44 -7.44
N SER EB 43 -35.85 74.67 -6.84
CA SER EB 43 -36.21 74.86 -5.45
C SER EB 43 -35.23 74.25 -4.50
N GLY EB 44 -35.19 74.75 -3.26
CA GLY EB 44 -34.29 74.26 -2.24
C GLY EB 44 -32.89 74.83 -2.29
N SER EB 45 -32.08 74.39 -1.32
CA SER EB 45 -30.70 74.78 -1.09
C SER EB 45 -29.73 74.49 -2.24
N LEU EB 46 -28.70 75.34 -2.39
CA LEU EB 46 -27.74 75.22 -3.47
C LEU EB 46 -26.98 73.94 -3.37
N TYR EB 47 -26.44 73.62 -2.17
CA TYR EB 47 -25.60 72.46 -2.00
C TYR EB 47 -26.35 71.20 -2.38
N ARG EB 48 -27.62 71.08 -1.95
CA ARG EB 48 -28.44 69.95 -2.31
C ARG EB 48 -28.59 69.77 -3.81
N ASN EB 49 -28.91 70.86 -4.53
CA ASN EB 49 -28.98 70.83 -5.98
C ASN EB 49 -27.70 70.45 -6.66
N LYS EB 50 -26.57 71.01 -6.22
CA LYS EB 50 -25.28 70.63 -6.74
C LYS EB 50 -25.01 69.15 -6.56
N LEU EB 51 -25.23 68.60 -5.36
CA LEU EB 51 -25.00 67.20 -5.10
C LEU EB 51 -25.80 66.28 -5.98
N LYS EB 52 -27.11 66.57 -6.12
CA LYS EB 52 -27.98 65.84 -7.01
C LYS EB 52 -27.50 65.88 -8.46
N TYR EB 53 -27.12 67.07 -8.95
CA TYR EB 53 -26.58 67.20 -10.28
C TYR EB 53 -25.26 66.45 -10.46
N GLN EB 54 -24.38 66.48 -9.46
CA GLN EB 54 -23.16 65.72 -9.45
C GLN EB 54 -23.38 64.23 -9.61
N GLU EB 55 -24.36 63.64 -8.91
CA GLU EB 55 -24.80 62.28 -9.21
C GLU EB 55 -25.29 62.09 -10.63
N PHE EB 56 -26.08 63.02 -11.18
CA PHE EB 56 -26.45 62.93 -12.59
C PHE EB 56 -25.22 62.96 -13.52
N LEU EB 57 -24.25 63.85 -13.30
CA LEU EB 57 -22.98 63.89 -14.02
C LEU EB 57 -22.20 62.59 -13.91
N ARG EB 58 -22.09 62.03 -12.69
CA ARG EB 58 -21.49 60.74 -12.41
C ARG EB 58 -22.04 59.56 -13.24
N LEU EB 59 -23.36 59.49 -13.43
CA LEU EB 59 -23.99 58.47 -14.26
C LEU EB 59 -23.44 58.40 -15.69
N ARG EB 60 -22.89 57.25 -16.11
CA ARG EB 60 -22.40 57.07 -17.46
C ARG EB 60 -22.50 55.60 -17.83
N THR EB 61 -22.69 55.29 -19.12
CA THR EB 61 -22.60 53.90 -19.54
C THR EB 61 -21.23 53.31 -19.28
N ASN EB 62 -21.16 52.04 -18.88
CA ASN EB 62 -19.90 51.37 -18.69
C ASN EB 62 -19.14 51.23 -19.99
N THR EB 63 -19.86 50.86 -21.04
CA THR EB 63 -19.22 50.39 -22.24
C THR EB 63 -18.46 51.41 -23.03
N ASN EB 64 -19.04 52.61 -23.23
CA ASN EB 64 -18.58 53.49 -24.27
C ASN EB 64 -19.23 54.84 -24.08
N PRO EB 65 -18.62 55.83 -23.45
CA PRO EB 65 -19.33 57.02 -23.04
C PRO EB 65 -19.90 57.85 -24.15
N LYS EB 66 -19.45 57.66 -25.39
CA LYS EB 66 -20.06 58.24 -26.57
C LYS EB 66 -21.55 57.97 -26.70
N LYS EB 67 -22.01 56.83 -26.15
CA LYS EB 67 -23.38 56.40 -26.21
C LYS EB 67 -23.91 56.44 -24.79
N GLY EB 68 -23.19 57.12 -23.89
CA GLY EB 68 -23.65 57.44 -22.56
C GLY EB 68 -24.68 58.53 -22.58
N PRO EB 69 -25.50 58.67 -21.54
CA PRO EB 69 -26.40 59.80 -21.42
C PRO EB 69 -25.69 61.13 -21.50
N LEU EB 70 -26.17 62.03 -22.35
CA LEU EB 70 -25.61 63.34 -22.52
C LEU EB 70 -25.83 64.22 -21.29
N HIS EB 71 -24.78 64.85 -20.77
CA HIS EB 71 -24.93 65.61 -19.56
C HIS EB 71 -25.44 67.00 -19.75
N LEU EB 72 -24.80 67.81 -20.62
CA LEU EB 72 -25.06 69.22 -20.79
C LEU EB 72 -24.75 70.06 -19.55
N ARG EB 73 -24.38 71.33 -19.74
CA ARG EB 73 -24.11 72.20 -18.62
C ARG EB 73 -24.68 73.60 -18.83
N GLU EB 74 -25.37 73.82 -19.95
CA GLU EB 74 -25.83 75.13 -20.36
C GLU EB 74 -27.28 75.32 -19.94
N PRO EB 75 -27.65 76.37 -19.23
CA PRO EB 75 -28.93 76.46 -18.53
C PRO EB 75 -30.13 76.29 -19.41
N SER EB 76 -30.12 76.89 -20.60
CA SER EB 76 -31.16 76.73 -21.58
C SER EB 76 -31.34 75.29 -22.00
N LYS EB 77 -30.23 74.61 -22.27
CA LYS EB 77 -30.22 73.21 -22.60
C LYS EB 77 -30.68 72.34 -21.45
N ILE EB 78 -30.38 72.71 -20.19
CA ILE EB 78 -30.93 72.02 -19.03
C ILE EB 78 -32.44 72.06 -19.04
N LEU EB 79 -33.02 73.26 -19.25
CA LEU EB 79 -34.45 73.42 -19.36
C LEU EB 79 -35.01 72.57 -20.48
N TRP EB 80 -34.35 72.57 -21.64
CA TRP EB 80 -34.70 71.76 -22.79
C TRP EB 80 -34.73 70.27 -22.52
N ARG EB 81 -33.69 69.72 -21.86
CA ARG EB 81 -33.70 68.32 -21.49
C ARG EB 81 -34.87 68.00 -20.59
N CYS EB 82 -35.13 68.87 -19.60
CA CYS EB 82 -36.27 68.71 -18.75
C CYS EB 82 -37.59 68.72 -19.51
N VAL EB 83 -37.78 69.64 -20.45
CA VAL EB 83 -38.95 69.61 -21.31
C VAL EB 83 -39.06 68.31 -22.10
N ARG EB 84 -37.95 67.80 -22.66
CA ARG EB 84 -37.96 66.53 -23.37
C ARG EB 84 -38.47 65.39 -22.51
N GLY EB 85 -38.00 65.28 -21.25
CA GLY EB 85 -38.55 64.38 -20.26
C GLY EB 85 -40.05 64.40 -20.10
N MET EB 86 -40.66 65.56 -20.24
CA MET EB 86 -42.07 65.75 -20.10
C MET EB 86 -42.83 65.64 -21.42
N LEU EB 87 -42.25 65.02 -22.45
CA LEU EB 87 -42.91 64.82 -23.71
C LEU EB 87 -42.62 63.42 -24.18
N PRO EB 88 -43.32 62.85 -25.15
CA PRO EB 88 -43.13 61.45 -25.45
C PRO EB 88 -42.25 61.42 -26.65
N HIS EB 89 -40.97 61.76 -26.46
CA HIS EB 89 -40.14 62.21 -27.54
C HIS EB 89 -39.69 61.15 -28.49
N LYS EB 90 -39.81 59.87 -28.10
CA LYS EB 90 -39.46 58.76 -28.96
C LYS EB 90 -40.54 58.47 -29.99
N THR EB 91 -41.74 59.03 -29.80
CA THR EB 91 -42.82 59.03 -30.79
C THR EB 91 -42.59 60.11 -31.84
N TYR EB 92 -43.48 60.26 -32.83
CA TYR EB 92 -43.22 61.14 -33.95
C TYR EB 92 -43.97 62.41 -33.68
N LYS EB 93 -45.22 62.33 -33.22
CA LYS EB 93 -45.93 63.49 -32.75
C LYS EB 93 -45.15 64.19 -31.64
N GLY EB 94 -44.67 63.40 -30.67
CA GLY EB 94 -43.79 63.88 -29.61
C GLY EB 94 -42.55 64.56 -30.12
N GLN EB 95 -41.90 63.99 -31.14
CA GLN EB 95 -40.73 64.58 -31.72
C GLN EB 95 -41.04 65.95 -32.30
N LEU EB 96 -42.15 66.10 -33.03
CA LEU EB 96 -42.61 67.41 -33.44
C LEU EB 96 -42.80 68.39 -32.30
N ALA EB 97 -43.41 67.97 -31.18
CA ALA EB 97 -43.54 68.82 -30.02
C ALA EB 97 -42.23 69.34 -29.46
N LEU EB 98 -41.22 68.46 -29.34
CA LEU EB 98 -39.89 68.84 -28.94
C LEU EB 98 -39.25 69.84 -29.89
N LYS EB 99 -39.41 69.64 -31.20
CA LYS EB 99 -38.94 70.55 -32.21
C LYS EB 99 -39.56 71.92 -32.11
N LYS EB 100 -40.87 72.02 -31.86
CA LYS EB 100 -41.57 73.28 -31.73
C LYS EB 100 -40.94 74.26 -30.75
N LEU EB 101 -40.43 73.77 -29.61
CA LEU EB 101 -39.69 74.54 -28.62
C LEU EB 101 -38.33 75.03 -29.09
N LYS EB 102 -38.06 76.34 -28.93
CA LYS EB 102 -36.72 76.86 -29.05
C LYS EB 102 -36.34 77.55 -27.75
N VAL EB 103 -35.11 77.31 -27.26
CA VAL EB 103 -34.57 77.84 -26.02
C VAL EB 103 -33.34 78.69 -26.26
N CYS EB 104 -33.16 79.80 -25.52
CA CYS EB 104 -31.85 80.42 -25.48
C CYS EB 104 -31.57 81.22 -24.20
N VAL EB 105 -30.31 81.21 -23.73
CA VAL EB 105 -29.84 82.06 -22.65
C VAL EB 105 -29.75 83.52 -23.09
N GLY EB 106 -29.93 84.48 -22.16
CA GLY EB 106 -30.05 85.91 -22.50
C GLY EB 106 -31.20 86.23 -23.44
N MET EB 107 -31.08 87.30 -24.25
CA MET EB 107 -32.05 87.58 -25.27
C MET EB 107 -31.37 87.91 -26.59
N PRO EB 108 -31.41 87.05 -27.57
CA PRO EB 108 -30.99 87.36 -28.93
C PRO EB 108 -31.81 88.41 -29.66
N ALA EB 109 -31.27 88.92 -30.77
CA ALA EB 109 -31.76 90.06 -31.53
C ALA EB 109 -33.18 90.02 -32.07
N PRO EB 110 -33.75 89.02 -32.69
CA PRO EB 110 -35.10 89.11 -33.22
C PRO EB 110 -36.09 88.94 -32.09
N TYR EB 111 -35.64 88.61 -30.87
CA TYR EB 111 -36.53 88.55 -29.74
C TYR EB 111 -36.40 89.77 -28.88
N ASP EB 112 -35.50 90.69 -29.21
CA ASP EB 112 -35.29 91.91 -28.47
C ASP EB 112 -36.55 92.76 -28.39
N LYS EB 113 -37.23 92.92 -29.54
CA LYS EB 113 -38.31 93.86 -29.66
C LYS EB 113 -39.66 93.18 -29.77
N LYS EB 114 -39.79 91.98 -29.19
CA LYS EB 114 -41.06 91.28 -29.11
C LYS EB 114 -41.39 91.04 -27.66
N LYS EB 115 -42.70 91.08 -27.32
CA LYS EB 115 -43.12 91.06 -25.93
C LYS EB 115 -42.80 89.79 -25.19
N LYS EB 116 -42.11 89.91 -24.05
CA LYS EB 116 -41.94 88.80 -23.15
C LYS EB 116 -43.17 88.65 -22.28
N TYR EB 117 -43.64 87.40 -22.11
CA TYR EB 117 -44.69 87.04 -21.20
C TYR EB 117 -44.10 86.34 -19.99
N VAL EB 118 -44.90 86.23 -18.92
CA VAL EB 118 -44.55 85.48 -17.72
C VAL EB 118 -45.70 84.56 -17.42
N LEU EB 119 -45.43 83.35 -16.89
CA LEU EB 119 -46.45 82.41 -16.52
C LEU EB 119 -46.69 82.50 -15.02
N PRO EB 120 -47.82 82.92 -14.50
CA PRO EB 120 -47.90 83.41 -13.14
C PRO EB 120 -48.00 82.24 -12.20
N SER EB 121 -48.50 81.11 -12.68
CA SER EB 121 -48.59 79.84 -11.98
C SER EB 121 -47.24 79.28 -11.63
N ALA EB 122 -46.23 79.53 -12.47
CA ALA EB 122 -44.89 79.01 -12.27
C ALA EB 122 -43.90 80.05 -11.71
N LEU EB 123 -44.37 81.26 -11.40
CA LEU EB 123 -43.55 82.28 -10.75
C LEU EB 123 -43.12 81.88 -9.35
N ARG EB 124 -41.83 82.02 -9.02
CA ARG EB 124 -41.25 81.56 -7.77
C ARG EB 124 -41.89 82.10 -6.52
N ALA EB 125 -42.13 83.42 -6.51
CA ALA EB 125 -42.60 84.16 -5.35
C ALA EB 125 -43.97 83.72 -4.87
N PHE EB 126 -44.77 83.16 -5.78
CA PHE EB 126 -46.09 82.70 -5.49
C PHE EB 126 -46.12 81.21 -5.22
N ARG EB 127 -44.96 80.51 -5.19
CA ARG EB 127 -44.99 79.08 -5.00
C ARG EB 127 -43.99 78.55 -3.99
N LEU EB 128 -42.87 79.24 -3.69
CA LEU EB 128 -41.98 78.77 -2.64
C LEU EB 128 -42.13 79.64 -1.41
N LYS EB 129 -42.28 79.03 -0.21
CA LYS EB 129 -42.34 79.79 1.02
C LYS EB 129 -41.08 80.58 1.33
N LYS EB 130 -41.23 81.68 2.08
CA LYS EB 130 -40.18 82.66 2.14
C LYS EB 130 -39.14 82.39 3.20
N HIS EB 131 -39.24 81.26 3.90
CA HIS EB 131 -38.15 80.81 4.75
C HIS EB 131 -37.51 79.55 4.23
N ARG EB 132 -37.81 79.14 2.99
CA ARG EB 132 -37.30 77.91 2.44
C ARG EB 132 -36.40 78.22 1.27
N ARG EB 133 -35.14 77.76 1.31
CA ARG EB 133 -34.10 78.14 0.37
C ARG EB 133 -34.40 77.94 -1.11
N TYR EB 134 -33.70 78.69 -1.98
CA TYR EB 134 -33.89 78.59 -3.41
C TYR EB 134 -32.60 78.83 -4.14
N CYS EB 135 -32.57 78.61 -5.46
CA CYS EB 135 -31.30 78.56 -6.15
C CYS EB 135 -31.41 78.89 -7.62
N ARG EB 136 -30.58 79.86 -8.08
CA ARG EB 136 -30.42 80.28 -9.45
C ARG EB 136 -29.73 79.25 -10.33
N LEU EB 137 -30.35 78.86 -11.46
CA LEU EB 137 -29.83 77.87 -12.39
C LEU EB 137 -28.50 78.24 -12.99
N GLY EB 138 -28.30 79.53 -13.28
CA GLY EB 138 -27.05 80.09 -13.81
C GLY EB 138 -25.90 79.88 -12.86
N THR EB 139 -26.12 80.12 -11.55
CA THR EB 139 -25.15 79.85 -10.51
C THR EB 139 -24.76 78.39 -10.48
N LEU EB 140 -25.76 77.49 -10.54
CA LEU EB 140 -25.58 76.05 -10.57
C LEU EB 140 -24.75 75.69 -11.77
N SER EB 141 -25.08 76.28 -12.91
CA SER EB 141 -24.37 76.07 -14.13
C SER EB 141 -22.91 76.47 -14.03
N SER EB 142 -22.59 77.65 -13.47
CA SER EB 142 -21.21 78.03 -13.22
C SER EB 142 -20.43 77.06 -12.35
N ARG EB 143 -21.01 76.65 -11.21
CA ARG EB 143 -20.40 75.66 -10.35
C ARG EB 143 -20.13 74.31 -10.99
N VAL EB 144 -21.03 73.78 -11.84
CA VAL EB 144 -20.71 72.57 -12.57
C VAL EB 144 -20.13 72.86 -13.95
N GLY EB 145 -19.44 73.99 -14.10
CA GLY EB 145 -18.49 74.19 -15.20
C GLY EB 145 -19.01 74.76 -16.48
N TRP EB 146 -20.16 75.43 -16.49
CA TRP EB 146 -20.64 76.09 -17.70
C TRP EB 146 -19.77 77.24 -18.14
N ASN EB 147 -19.39 78.10 -17.18
CA ASN EB 147 -18.41 79.15 -17.37
C ASN EB 147 -18.75 80.17 -18.44
N TYR EB 148 -20.04 80.53 -18.52
CA TYR EB 148 -20.51 81.50 -19.48
C TYR EB 148 -21.54 82.39 -18.84
N ASP EB 149 -21.37 82.66 -17.53
CA ASP EB 149 -22.37 83.31 -16.74
C ASP EB 149 -22.08 84.79 -16.75
N THR EB 150 -20.83 85.18 -16.49
CA THR EB 150 -20.39 86.57 -16.50
C THR EB 150 -20.68 87.27 -17.81
N LEU EB 151 -20.42 86.58 -18.94
CA LEU EB 151 -20.70 87.11 -20.24
C LEU EB 151 -22.18 87.42 -20.46
N VAL EB 152 -23.09 86.51 -20.10
CA VAL EB 152 -24.52 86.73 -20.17
C VAL EB 152 -24.95 87.90 -19.32
N LYS EB 153 -24.41 88.03 -18.11
CA LYS EB 153 -24.69 89.15 -17.25
C LYS EB 153 -24.31 90.49 -17.89
N LYS EB 154 -23.11 90.57 -18.49
CA LYS EB 154 -22.66 91.72 -19.25
C LYS EB 154 -23.63 92.10 -20.36
N ASN EB 155 -24.06 91.11 -21.15
CA ASN EB 155 -25.10 91.30 -22.14
C ASN EB 155 -26.43 91.83 -21.58
N GLU EB 156 -26.95 91.29 -20.46
CA GLU EB 156 -28.18 91.77 -19.84
C GLU EB 156 -28.14 93.25 -19.54
N VAL EB 157 -27.03 93.71 -18.93
CA VAL EB 157 -26.80 95.11 -18.62
C VAL EB 157 -26.88 95.98 -19.86
N LEU EB 158 -26.26 95.54 -20.97
CA LEU EB 158 -26.29 96.26 -22.22
C LEU EB 158 -27.69 96.43 -22.76
N ARG EB 159 -28.49 95.34 -22.73
CA ARG EB 159 -29.87 95.36 -23.20
C ARG EB 159 -30.69 96.32 -22.37
N LYS EB 160 -30.50 96.33 -21.05
CA LYS EB 160 -31.21 97.27 -20.20
C LYS EB 160 -31.02 98.72 -20.63
N GLN EB 161 -29.80 99.17 -20.97
CA GLN EB 161 -29.62 100.53 -21.47
C GLN EB 161 -30.46 100.84 -22.71
N VAL EB 162 -30.49 99.91 -23.67
CA VAL EB 162 -31.36 100.01 -24.82
C VAL EB 162 -32.83 100.07 -24.44
N SER EB 163 -33.27 99.18 -23.55
CA SER EB 163 -34.63 99.15 -23.08
C SER EB 163 -35.07 100.44 -22.42
N LYS EB 164 -34.28 101.00 -21.51
CA LYS EB 164 -34.58 102.26 -20.87
C LYS EB 164 -34.72 103.41 -21.83
N ALA EB 165 -33.83 103.53 -22.82
CA ALA EB 165 -34.00 104.52 -23.86
C ALA EB 165 -35.30 104.38 -24.64
N TYR EB 166 -35.66 103.15 -25.04
CA TYR EB 166 -36.89 102.87 -25.76
C TYR EB 166 -38.11 103.21 -24.90
N TYR EB 167 -38.10 102.81 -23.63
CA TYR EB 167 -39.19 103.06 -22.74
C TYR EB 167 -39.46 104.52 -22.49
N LYS EB 168 -38.38 105.30 -22.31
CA LYS EB 168 -38.49 106.73 -22.12
C LYS EB 168 -39.12 107.44 -23.30
N LYS EB 169 -38.68 107.07 -24.52
CA LYS EB 169 -39.31 107.55 -25.73
C LYS EB 169 -40.78 107.17 -25.81
N LYS EB 170 -41.10 105.91 -25.50
CA LYS EB 170 -42.44 105.38 -25.57
C LYS EB 170 -43.40 106.10 -24.64
N VAL EB 171 -43.00 106.31 -23.38
CA VAL EB 171 -43.78 107.02 -22.39
C VAL EB 171 -44.07 108.43 -22.86
N ASN EB 172 -43.04 109.13 -23.37
CA ASN EB 172 -43.22 110.41 -24.02
C ASN EB 172 -44.24 110.36 -25.18
N ASN EB 173 -44.17 109.34 -26.05
CA ASN EB 173 -45.12 109.15 -27.15
C ASN EB 173 -46.53 108.95 -26.70
N LEU EB 174 -46.74 108.12 -25.66
CA LEU EB 174 -48.03 107.95 -25.01
C LEU EB 174 -48.58 109.27 -24.53
N ASN EB 175 -47.74 110.11 -23.89
CA ASN EB 175 -48.13 111.46 -23.52
C ASN EB 175 -48.57 112.30 -24.70
N GLU EB 176 -47.85 112.30 -25.84
CA GLU EB 176 -48.28 113.04 -27.01
C GLU EB 176 -49.66 112.61 -27.51
N LYS EB 177 -49.87 111.28 -27.64
CA LYS EB 177 -51.13 110.72 -28.07
C LYS EB 177 -52.27 111.10 -27.15
N LYS EB 178 -52.05 110.95 -25.83
CA LYS EB 178 -53.02 111.32 -24.82
C LYS EB 178 -53.38 112.78 -24.85
N GLU EB 179 -52.38 113.66 -24.98
CA GLU EB 179 -52.58 115.08 -25.12
C GLU EB 179 -53.41 115.43 -26.35
N ILE EB 180 -53.05 114.87 -27.54
CA ILE EB 180 -53.87 115.09 -28.72
C ILE EB 180 -55.29 114.60 -28.54
N LYS EB 181 -55.47 113.39 -27.98
CA LYS EB 181 -56.79 112.83 -27.79
C LYS EB 181 -57.72 113.67 -26.95
N THR EB 182 -57.24 114.15 -25.77
CA THR EB 182 -58.05 115.00 -24.91
C THR EB 182 -58.44 116.30 -25.58
N GLU EB 183 -57.49 116.96 -26.26
CA GLU EB 183 -57.73 118.16 -27.02
C GLU EB 183 -58.72 118.02 -28.16
N ALA EB 184 -58.65 116.95 -28.95
CA ALA EB 184 -59.51 116.82 -30.08
C ALA EB 184 -60.75 116.02 -29.73
N LEU EB 185 -60.97 115.73 -28.44
CA LEU EB 185 -62.15 115.04 -27.95
C LEU EB 185 -63.40 115.87 -28.16
N ASN EB 186 -63.28 117.18 -27.98
CA ASN EB 186 -64.41 118.06 -28.05
C ASN EB 186 -64.53 118.68 -29.42
N LEU EB 187 -64.04 117.95 -30.44
CA LEU EB 187 -64.33 118.20 -31.84
C LEU EB 187 -65.29 117.15 -32.39
N ILE EB 188 -65.71 116.20 -31.56
CA ILE EB 188 -66.64 115.15 -31.92
C ILE EB 188 -68.06 115.63 -31.70
N ASN EB 189 -69.01 115.19 -32.54
CA ASN EB 189 -70.42 115.48 -32.37
C ASN EB 189 -70.92 115.04 -31.00
N PRO EB 190 -71.86 115.70 -30.35
CA PRO EB 190 -72.31 115.36 -29.02
C PRO EB 190 -72.71 113.93 -28.81
N GLU EB 191 -73.63 113.37 -29.60
CA GLU EB 191 -74.11 112.01 -29.39
C GLU EB 191 -73.02 110.95 -29.40
N GLN EB 192 -72.14 110.97 -30.42
CA GLN EB 192 -71.03 110.05 -30.51
C GLN EB 192 -70.06 110.23 -29.35
N ARG EB 193 -69.77 111.50 -29.03
CA ARG EB 193 -68.94 111.86 -27.90
C ARG EB 193 -69.49 111.28 -26.60
N GLN EB 194 -70.79 111.44 -26.35
CA GLN EB 194 -71.46 110.86 -25.21
C GLN EB 194 -71.40 109.36 -25.11
N VAL EB 195 -71.63 108.61 -26.20
CA VAL EB 195 -71.41 107.16 -26.14
C VAL EB 195 -69.99 106.77 -25.77
N LEU EB 196 -69.00 107.42 -26.41
CA LEU EB 196 -67.59 107.19 -26.16
C LEU EB 196 -67.19 107.47 -24.71
N GLU EB 197 -67.70 108.59 -24.18
CA GLU EB 197 -67.62 109.02 -22.80
C GLU EB 197 -68.25 108.04 -21.85
N ASN EB 198 -69.46 107.52 -22.18
CA ASN EB 198 -70.20 106.59 -21.36
C ASN EB 198 -69.38 105.36 -21.05
N PHE EB 199 -68.68 104.82 -22.05
CA PHE EB 199 -67.80 103.70 -21.79
C PHE EB 199 -66.37 104.14 -21.49
N GLY EB 200 -66.18 105.42 -21.15
CA GLY EB 200 -64.96 105.97 -20.58
C GLY EB 200 -63.71 105.93 -21.44
N TYR EB 201 -63.83 105.99 -22.77
CA TYR EB 201 -62.67 105.88 -23.62
C TYR EB 201 -61.98 107.23 -23.95
N THR FB 1 28.41 62.31 3.76
CA THR FB 1 27.14 61.48 3.67
C THR FB 1 26.12 62.12 2.75
N LEU FB 2 25.80 61.46 1.61
CA LEU FB 2 24.83 61.93 0.63
C LEU FB 2 24.30 60.68 -0.05
N LYS FB 3 23.09 60.71 -0.66
CA LYS FB 3 22.59 59.55 -1.41
C LYS FB 3 21.90 59.94 -2.71
N ASN FB 4 22.14 61.16 -3.21
CA ASN FB 4 21.66 61.66 -4.50
C ASN FB 4 22.40 61.06 -5.69
N LYS FB 5 22.19 59.76 -5.96
CA LYS FB 5 23.00 58.92 -6.82
C LYS FB 5 23.17 59.41 -8.25
N MET FB 6 22.08 59.86 -8.87
CA MET FB 6 21.96 60.19 -10.29
C MET FB 6 21.81 58.94 -11.14
N ARG FB 7 20.92 58.96 -12.15
CA ARG FB 7 20.57 57.76 -12.91
C ARG FB 7 21.73 57.10 -13.61
N ILE FB 8 21.98 55.82 -13.32
CA ILE FB 8 22.99 55.05 -14.01
C ILE FB 8 22.37 53.72 -14.34
N THR FB 9 22.26 53.43 -15.64
CA THR FB 9 21.62 52.29 -16.28
C THR FB 9 21.55 50.99 -15.52
N LEU FB 10 20.36 50.38 -15.44
CA LEU FB 10 20.18 49.13 -14.73
C LEU FB 10 20.97 47.98 -15.32
N SER FB 11 21.48 47.13 -14.44
CA SER FB 11 22.29 45.98 -14.73
C SER FB 11 22.17 45.11 -13.51
N LEU FB 12 22.74 43.91 -13.54
CA LEU FB 12 22.70 43.02 -12.41
C LEU FB 12 21.30 42.76 -11.86
N PRO FB 13 20.36 42.22 -12.62
CA PRO FB 13 19.13 41.70 -12.05
C PRO FB 13 19.39 40.57 -11.07
N VAL FB 14 18.40 40.30 -10.20
CA VAL FB 14 18.57 39.33 -9.14
C VAL FB 14 18.96 37.95 -9.58
N GLY FB 15 19.86 37.34 -8.80
CA GLY FB 15 20.48 36.08 -9.13
C GLY FB 15 21.80 36.23 -9.85
N ALA FB 16 22.25 37.46 -10.14
CA ALA FB 16 23.57 37.71 -10.68
C ALA FB 16 24.70 37.27 -9.76
N LEU FB 17 25.79 36.76 -10.34
CA LEU FB 17 26.96 36.33 -9.61
C LEU FB 17 28.17 37.18 -9.96
N ILE FB 18 28.73 37.93 -8.99
CA ILE FB 18 29.83 38.85 -9.23
C ILE FB 18 31.05 38.52 -8.41
N ASN FB 19 32.24 38.90 -8.89
CA ASN FB 19 33.49 38.75 -8.15
C ASN FB 19 33.54 39.56 -6.86
N CYS FB 20 34.13 38.99 -5.78
CA CYS FB 20 34.16 39.64 -4.48
C CYS FB 20 35.26 40.69 -4.29
N CYS FB 21 36.49 40.44 -4.79
CA CYS FB 21 37.51 41.48 -4.94
C CYS FB 21 37.94 42.25 -3.69
N ASP FB 22 38.14 41.55 -2.56
CA ASP FB 22 38.62 42.16 -1.34
C ASP FB 22 39.39 41.13 -0.52
N ASN FB 23 39.78 41.53 0.70
CA ASN FB 23 40.45 40.67 1.64
C ASN FB 23 39.52 40.07 2.68
N SER FB 24 38.20 40.04 2.49
CA SER FB 24 37.30 39.34 3.40
C SER FB 24 37.54 37.84 3.47
N GLY FB 25 37.82 37.23 2.30
CA GLY FB 25 37.91 35.80 2.10
C GLY FB 25 36.71 35.27 1.38
N GLY FB 26 35.75 36.12 0.99
CA GLY FB 26 34.75 35.75 0.00
C GLY FB 26 35.37 35.70 -1.37
N LYS FB 27 35.07 34.69 -2.20
CA LYS FB 27 35.54 34.73 -3.57
C LYS FB 27 34.48 35.25 -4.53
N ASN FB 28 33.20 34.91 -4.30
CA ASN FB 28 32.09 35.40 -5.13
C ASN FB 28 30.91 35.89 -4.30
N LEU FB 29 29.99 36.66 -4.90
CA LEU FB 29 28.85 37.22 -4.23
C LEU FB 29 27.65 37.08 -5.13
N TYR FB 30 26.58 36.47 -4.62
CA TYR FB 30 25.34 36.24 -5.33
C TYR FB 30 24.27 37.21 -4.85
N ILE FB 31 23.84 38.16 -5.69
CA ILE FB 31 22.91 39.20 -5.26
C ILE FB 31 21.46 38.74 -5.26
N ILE FB 32 20.77 38.82 -4.10
CA ILE FB 32 19.44 38.29 -3.98
C ILE FB 32 18.37 39.35 -3.90
N ALA FB 33 18.72 40.60 -3.56
CA ALA FB 33 17.76 41.67 -3.61
C ALA FB 33 18.48 43.00 -3.63
N VAL FB 34 17.85 44.06 -4.18
CA VAL FB 34 18.50 45.35 -4.18
C VAL FB 34 17.70 46.31 -3.31
N GLN FB 35 18.39 47.11 -2.50
CA GLN FB 35 17.77 48.07 -1.61
C GLN FB 35 17.06 49.18 -2.36
N GLY FB 36 15.88 49.59 -1.87
CA GLY FB 36 15.14 50.71 -2.42
C GLY FB 36 14.48 50.45 -3.75
N PHE FB 37 14.57 49.22 -4.28
CA PHE FB 37 13.95 48.87 -5.53
C PHE FB 37 12.44 48.98 -5.48
N GLY FB 38 11.84 49.40 -6.61
CA GLY FB 38 10.41 49.58 -6.73
C GLY FB 38 9.56 48.35 -6.49
N SER FB 39 8.25 48.58 -6.53
CA SER FB 39 7.25 47.54 -6.52
C SER FB 39 6.66 47.61 -7.88
N CYS FB 40 6.57 46.50 -8.61
CA CYS FB 40 6.20 46.57 -9.99
C CYS FB 40 5.78 45.20 -10.47
N LEU FB 41 4.90 45.09 -11.48
CA LEU FB 41 4.17 43.86 -11.75
C LEU FB 41 5.00 42.66 -12.08
N ASN FB 42 6.05 42.78 -12.91
CA ASN FB 42 6.83 41.59 -13.22
C ASN FB 42 8.28 41.92 -13.55
N ARG FB 43 8.76 43.11 -13.14
CA ARG FB 43 10.12 43.52 -13.37
C ARG FB 43 11.08 42.96 -12.33
N LEU FB 44 12.19 42.32 -12.71
CA LEU FB 44 13.18 41.90 -11.74
C LEU FB 44 13.87 43.05 -11.01
N PRO FB 45 13.99 43.09 -9.69
CA PRO FB 45 14.96 43.93 -8.99
C PRO FB 45 16.35 43.88 -9.57
N ALA FB 46 17.04 45.02 -9.60
CA ALA FB 46 18.30 45.13 -10.31
C ALA FB 46 19.09 46.31 -9.78
N ALA FB 47 20.39 46.37 -10.08
CA ALA FB 47 21.29 47.29 -9.45
C ALA FB 47 22.06 48.13 -10.45
N SER FB 48 23.02 48.89 -9.94
CA SER FB 48 23.96 49.68 -10.68
C SER FB 48 25.04 50.04 -9.70
N LEU FB 49 26.11 50.76 -10.11
CA LEU FB 49 27.27 51.03 -9.28
C LEU FB 49 26.94 51.65 -7.94
N GLY FB 50 25.98 52.59 -7.90
CA GLY FB 50 25.64 53.25 -6.66
C GLY FB 50 24.75 52.46 -5.71
N ASP FB 51 24.27 51.28 -6.10
CA ASP FB 51 23.27 50.60 -5.31
C ASP FB 51 23.79 49.70 -4.21
N MET FB 52 23.01 49.64 -3.13
CA MET FB 52 23.19 48.76 -2.00
C MET FB 52 22.39 47.48 -2.20
N VAL FB 53 23.07 46.32 -2.29
CA VAL FB 53 22.40 45.04 -2.47
C VAL FB 53 22.39 44.24 -1.19
N LEU FB 54 21.65 43.13 -1.21
CA LEU FB 54 21.78 42.08 -0.25
C LEU FB 54 22.14 40.85 -1.03
N ALA FB 55 23.21 40.16 -0.60
CA ALA FB 55 23.80 39.05 -1.29
C ALA FB 55 24.12 37.90 -0.35
N THR FB 56 24.48 36.74 -0.91
CA THR FB 56 25.06 35.64 -0.13
C THR FB 56 26.37 35.24 -0.74
N VAL FB 57 27.23 34.55 0.04
CA VAL FB 57 28.53 34.09 -0.42
C VAL FB 57 28.48 32.60 -0.75
N LYS FB 58 28.51 32.22 -2.04
CA LYS FB 58 28.57 30.82 -2.40
C LYS FB 58 29.93 30.17 -2.20
N LYS FB 59 31.02 30.84 -2.63
CA LYS FB 59 32.38 30.34 -2.54
C LYS FB 59 33.24 31.35 -1.81
N GLY FB 60 34.04 30.88 -0.84
CA GLY FB 60 34.72 31.76 0.10
C GLY FB 60 34.88 31.06 1.41
N LYS FB 61 35.38 31.74 2.46
CA LYS FB 61 35.41 31.26 3.83
C LYS FB 61 34.06 30.82 4.39
N PRO FB 62 33.96 29.86 5.30
CA PRO FB 62 32.71 29.24 5.65
C PRO FB 62 31.81 30.16 6.41
N ASP FB 63 32.35 31.01 7.28
CA ASP FB 63 31.53 31.84 8.13
C ASP FB 63 30.87 32.97 7.34
N LEU FB 64 31.39 33.25 6.14
CA LEU FB 64 30.76 34.20 5.26
C LEU FB 64 29.59 33.57 4.52
N ARG FB 65 29.51 32.23 4.46
CA ARG FB 65 28.43 31.53 3.79
C ARG FB 65 27.12 31.61 4.57
N LYS FB 66 25.99 31.50 3.86
CA LYS FB 66 24.67 31.26 4.41
C LYS FB 66 23.99 32.48 4.98
N LYS FB 67 24.73 33.33 5.70
CA LYS FB 67 24.21 34.60 6.15
C LYS FB 67 23.82 35.52 5.01
N VAL FB 68 22.65 36.17 5.08
CA VAL FB 68 22.40 37.30 4.21
C VAL FB 68 23.34 38.44 4.55
N LEU FB 69 23.91 39.14 3.56
CA LEU FB 69 24.86 40.16 3.89
C LEU FB 69 24.78 41.29 2.90
N ASN FB 70 24.98 42.53 3.38
CA ASN FB 70 24.89 43.71 2.56
C ASN FB 70 26.14 43.86 1.72
N ALA FB 71 26.01 44.32 0.47
CA ALA FB 71 27.16 44.61 -0.35
C ALA FB 71 26.94 45.86 -1.16
N ILE FB 72 28.02 46.40 -1.71
CA ILE FB 72 28.01 47.56 -2.54
C ILE FB 72 28.67 47.17 -3.83
N ILE FB 73 28.08 47.53 -4.97
CA ILE FB 73 28.61 47.19 -6.27
C ILE FB 73 29.75 48.13 -6.67
N CYS FB 74 30.89 47.61 -7.11
CA CYS FB 74 32.03 48.44 -7.41
C CYS FB 74 32.34 48.52 -8.88
N ARG FB 75 32.15 47.41 -9.62
CA ARG FB 75 32.41 47.35 -11.04
C ARG FB 75 31.27 46.73 -11.77
N GLN FB 76 30.95 47.21 -12.97
CA GLN FB 76 29.94 46.56 -13.78
C GLN FB 76 30.28 46.66 -15.23
N SER FB 77 29.95 45.64 -16.01
CA SER FB 77 30.32 45.61 -17.40
C SER FB 77 29.19 46.04 -18.29
N LYS FB 78 27.96 46.19 -17.78
CA LYS FB 78 26.95 46.83 -18.59
C LYS FB 78 27.24 48.28 -18.76
N ALA FB 79 27.35 48.76 -20.01
CA ALA FB 79 27.69 50.13 -20.28
C ALA FB 79 26.73 51.14 -19.70
N TRP FB 80 27.26 52.26 -19.18
CA TRP FB 80 26.46 53.35 -18.70
C TRP FB 80 27.00 54.64 -19.27
N ARG FB 81 26.11 55.64 -19.38
CA ARG FB 81 26.45 56.93 -19.89
C ARG FB 81 26.92 57.82 -18.75
N ARG FB 82 28.22 58.18 -18.68
CA ARG FB 82 28.63 59.19 -17.73
C ARG FB 82 28.31 60.53 -18.34
N HIS FB 83 27.87 61.51 -17.55
CA HIS FB 83 27.23 62.71 -18.07
C HIS FB 83 28.20 63.63 -18.79
N GLU FB 84 29.50 63.38 -18.63
CA GLU FB 84 30.55 64.10 -19.31
C GLU FB 84 30.57 63.84 -20.80
N GLY FB 85 29.89 62.77 -21.27
CA GLY FB 85 29.72 62.54 -22.70
C GLY FB 85 30.35 61.29 -23.26
N TYR FB 86 30.51 60.24 -22.45
CA TYR FB 86 31.02 59.00 -22.97
C TYR FB 86 30.50 57.83 -22.19
N TYR FB 87 30.50 56.68 -22.84
CA TYR FB 87 30.01 55.44 -22.27
C TYR FB 87 31.13 54.63 -21.65
N ILE FB 88 31.03 54.32 -20.36
CA ILE FB 88 32.00 53.51 -19.64
C ILE FB 88 31.55 52.07 -19.58
N TYR FB 89 32.47 51.09 -19.66
CA TYR FB 89 32.23 49.78 -19.07
C TYR FB 89 33.50 49.14 -18.55
N PHE FB 90 33.38 48.40 -17.43
CA PHE FB 90 34.47 47.62 -16.85
C PHE FB 90 34.55 46.26 -17.48
N GLU FB 91 35.72 45.62 -17.36
CA GLU FB 91 35.96 44.29 -17.87
C GLU FB 91 35.12 43.19 -17.23
N ASP FB 92 34.91 43.20 -15.91
CA ASP FB 92 34.07 42.21 -15.26
C ASP FB 92 33.35 42.77 -14.05
N ASN FB 93 32.15 42.25 -13.74
CA ASN FB 93 31.34 42.73 -12.63
C ASN FB 93 31.93 42.41 -11.26
N ALA FB 94 31.84 43.34 -10.29
CA ALA FB 94 32.42 43.14 -8.97
C ALA FB 94 31.74 43.97 -7.88
N GLY FB 95 31.54 43.41 -6.67
CA GLY FB 95 31.15 44.21 -5.50
C GLY FB 95 31.91 43.86 -4.26
N VAL FB 96 31.74 44.60 -3.15
CA VAL FB 96 32.38 44.36 -1.87
C VAL FB 96 31.35 44.26 -0.75
N ILE FB 97 31.46 43.26 0.15
CA ILE FB 97 30.58 43.13 1.31
C ILE FB 97 30.78 44.15 2.41
N VAL FB 98 29.68 44.54 3.08
CA VAL FB 98 29.68 45.64 4.02
C VAL FB 98 28.75 45.38 5.18
N ASN FB 99 28.98 46.11 6.28
CA ASN FB 99 28.06 46.31 7.38
C ASN FB 99 26.80 47.03 6.90
N PRO FB 100 25.61 46.94 7.45
CA PRO FB 100 24.42 47.55 6.90
C PRO FB 100 24.45 49.04 6.64
N LYS FB 101 25.23 49.82 7.41
CA LYS FB 101 25.35 51.25 7.14
C LYS FB 101 26.55 51.52 6.22
N GLY FB 102 27.05 50.49 5.55
CA GLY FB 102 27.99 50.61 4.46
C GLY FB 102 29.43 50.52 4.82
N GLU FB 103 29.75 50.25 6.09
CA GLU FB 103 31.15 50.07 6.46
C GLU FB 103 31.76 48.81 5.85
N MET FB 104 32.90 48.96 5.17
CA MET FB 104 33.59 47.89 4.51
C MET FB 104 34.11 46.82 5.45
N LYS FB 105 33.89 45.53 5.16
CA LYS FB 105 34.23 44.49 6.10
C LYS FB 105 35.71 44.21 6.28
N GLY FB 106 36.47 44.15 5.17
CA GLY FB 106 37.91 43.87 5.18
C GLY FB 106 38.77 45.10 5.34
N SER FB 107 39.72 45.30 4.43
CA SER FB 107 40.69 46.38 4.51
C SER FB 107 41.10 46.96 3.18
N ALA FB 108 40.99 46.23 2.05
CA ALA FB 108 41.43 46.73 0.77
C ALA FB 108 40.58 46.23 -0.39
N ILE FB 109 40.15 47.14 -1.26
CA ILE FB 109 39.40 46.84 -2.47
C ILE FB 109 40.36 46.72 -3.64
N THR FB 110 40.59 45.50 -4.16
CA THR FB 110 41.69 45.25 -5.10
C THR FB 110 41.56 45.77 -6.52
N GLY FB 111 40.36 45.77 -7.13
CA GLY FB 111 40.15 46.29 -8.48
C GLY FB 111 40.19 47.79 -8.55
N PRO FB 112 39.96 48.44 -9.67
CA PRO FB 112 39.69 49.85 -9.61
C PRO FB 112 38.20 50.01 -9.34
N VAL FB 113 37.77 51.19 -8.90
CA VAL FB 113 36.42 51.47 -8.43
C VAL FB 113 35.87 52.69 -9.11
N ALA FB 114 34.71 52.61 -9.78
CA ALA FB 114 34.09 53.80 -10.34
C ALA FB 114 33.83 54.93 -9.34
N ARG FB 115 34.10 56.17 -9.77
CA ARG FB 115 34.06 57.36 -8.96
C ARG FB 115 32.67 57.64 -8.47
N GLU FB 116 31.70 57.22 -9.28
CA GLU FB 116 30.30 57.28 -9.03
C GLU FB 116 29.91 56.51 -7.80
N CYS FB 117 30.69 55.47 -7.43
CA CYS FB 117 30.47 54.74 -6.22
C CYS FB 117 31.25 55.40 -5.10
N ALA FB 118 32.47 55.84 -5.41
CA ALA FB 118 33.37 56.43 -4.45
C ALA FB 118 32.78 57.65 -3.75
N GLU FB 119 32.18 58.56 -4.51
CA GLU FB 119 31.54 59.74 -3.98
C GLU FB 119 30.36 59.42 -3.08
N LEU FB 120 29.76 58.25 -3.26
CA LEU FB 120 28.53 57.91 -2.61
C LEU FB 120 28.79 57.17 -1.31
N TRP FB 121 30.05 56.84 -1.00
CA TRP FB 121 30.36 56.07 0.19
C TRP FB 121 31.77 56.36 0.68
N PRO FB 122 32.03 57.44 1.39
CA PRO FB 122 33.36 57.83 1.85
C PRO FB 122 34.20 56.75 2.49
N LYS FB 123 33.63 56.03 3.47
CA LYS FB 123 34.26 54.90 4.12
C LYS FB 123 34.71 53.77 3.20
N LEU FB 124 34.14 53.70 1.98
CA LEU FB 124 34.53 52.71 1.01
C LEU FB 124 35.60 53.28 0.14
N SER FB 125 35.47 54.57 -0.20
CA SER FB 125 36.37 55.29 -1.08
C SER FB 125 37.81 55.22 -0.64
N SER FB 126 38.06 55.45 0.65
CA SER FB 126 39.36 55.34 1.29
C SER FB 126 40.15 54.11 0.89
N ALA FB 127 39.58 52.92 1.05
CA ALA FB 127 40.28 51.67 0.88
C ALA FB 127 40.32 51.18 -0.57
N ALA FB 128 39.96 52.04 -1.53
CA ALA FB 128 40.00 51.72 -2.93
C ALA FB 128 41.37 52.00 -3.52
N SER FB 129 41.99 51.06 -4.25
CA SER FB 129 43.34 51.33 -4.73
C SER FB 129 43.40 52.35 -5.85
N ALA FB 130 42.43 52.40 -6.79
CA ALA FB 130 42.27 53.62 -7.57
C ALA FB 130 40.81 53.94 -7.88
N ILE FB 131 40.52 55.25 -8.00
CA ILE FB 131 39.23 55.83 -8.31
C ILE FB 131 39.12 56.25 -9.77
N VAL FB 132 38.16 55.74 -10.55
CA VAL FB 132 38.09 56.01 -11.99
C VAL FB 132 36.78 56.68 -12.54
N GLY GB 1 -71.92 40.53 -15.96
CA GLY GB 1 -72.41 39.13 -16.04
C GLY GB 1 -73.61 38.81 -15.21
N ILE GB 2 -73.96 37.53 -15.14
CA ILE GB 2 -75.10 37.06 -14.40
C ILE GB 2 -74.80 35.61 -14.15
N ALA GB 3 -75.43 34.98 -13.16
CA ALA GB 3 -75.23 33.59 -12.87
C ALA GB 3 -76.56 32.88 -12.92
N LEU GB 4 -76.68 31.85 -13.76
CA LEU GB 4 -77.89 31.11 -13.95
C LEU GB 4 -77.48 29.69 -14.21
N LYS GB 5 -78.38 28.72 -13.99
CA LYS GB 5 -78.11 27.34 -14.30
C LYS GB 5 -78.06 27.15 -15.81
N ASN GB 6 -76.95 26.60 -16.33
CA ASN GB 6 -76.62 26.49 -17.75
C ASN GB 6 -76.77 27.81 -18.49
N VAL GB 7 -76.36 28.90 -17.82
CA VAL GB 7 -76.31 30.24 -18.34
C VAL GB 7 -77.62 30.72 -18.97
N GLY GB 8 -78.75 30.24 -18.41
CA GLY GB 8 -80.08 30.64 -18.81
C GLY GB 8 -80.63 29.94 -20.02
N ARG GB 9 -79.94 28.93 -20.56
CA ARG GB 9 -80.51 28.13 -21.61
C ARG GB 9 -81.14 26.86 -21.04
N ILE GB 10 -82.48 26.73 -21.09
CA ILE GB 10 -83.23 25.58 -20.63
C ILE GB 10 -82.84 24.29 -21.36
N LYS GB 11 -82.74 23.15 -20.66
CA LYS GB 11 -82.39 21.89 -21.30
C LYS GB 11 -83.53 20.89 -21.20
N LYS GB 12 -84.28 20.70 -22.29
CA LYS GB 12 -85.28 19.66 -22.36
C LYS GB 12 -84.61 18.34 -22.72
N HIS GB 13 -85.20 17.18 -22.41
CA HIS GB 13 -84.56 15.91 -22.68
C HIS GB 13 -85.44 15.02 -23.51
N GLY GB 14 -84.83 14.02 -24.17
CA GLY GB 14 -85.52 13.14 -25.11
C GLY GB 14 -85.64 13.74 -26.49
N ARG GB 15 -86.30 13.02 -27.39
CA ARG GB 15 -86.57 13.41 -28.77
C ARG GB 15 -87.04 14.83 -29.00
N LYS GB 16 -86.85 15.31 -30.25
CA LYS GB 16 -87.16 16.68 -30.60
C LYS GB 16 -88.01 16.71 -31.86
N HIS GB 17 -87.87 15.70 -32.74
CA HIS GB 17 -88.76 15.40 -33.84
C HIS GB 17 -88.38 13.99 -34.21
N LEU GB 18 -89.16 13.26 -35.04
CA LEU GB 18 -88.84 11.89 -35.41
C LEU GB 18 -87.54 11.70 -36.16
N VAL GB 19 -86.84 10.59 -35.91
CA VAL GB 19 -85.64 10.28 -36.66
C VAL GB 19 -86.00 9.59 -37.93
N SER GB 20 -86.94 8.62 -37.88
CA SER GB 20 -87.50 7.90 -39.02
C SER GB 20 -87.66 8.67 -40.31
N LYS GB 21 -87.20 8.11 -41.43
CA LYS GB 21 -87.33 8.79 -42.71
C LYS GB 21 -88.54 8.31 -43.46
N ASN GB 22 -89.28 7.33 -42.92
CA ASN GB 22 -90.43 6.71 -43.53
C ASN GB 22 -91.60 7.67 -43.83
N PRO GB 23 -92.03 7.89 -45.07
CA PRO GB 23 -93.02 8.90 -45.40
C PRO GB 23 -94.32 8.75 -44.69
N TYR GB 24 -94.84 7.53 -44.55
CA TYR GB 24 -96.08 7.29 -43.85
C TYR GB 24 -96.00 7.72 -42.41
N LEU GB 25 -94.92 7.35 -41.72
CA LEU GB 25 -94.70 7.77 -40.36
C LEU GB 25 -94.56 9.29 -40.25
N ARG GB 26 -93.88 9.94 -41.21
CA ARG GB 26 -93.81 11.38 -41.27
C ARG GB 26 -95.19 12.03 -41.41
N LEU GB 27 -96.04 11.48 -42.28
CA LEU GB 27 -97.42 11.89 -42.40
C LEU GB 27 -98.19 11.74 -41.09
N LEU GB 28 -98.07 10.60 -40.40
CA LEU GB 28 -98.72 10.44 -39.12
C LEU GB 28 -98.26 11.41 -38.07
N VAL GB 29 -96.95 11.70 -37.92
CA VAL GB 29 -96.56 12.69 -36.92
C VAL GB 29 -97.06 14.08 -37.25
N LYS GB 30 -97.06 14.49 -38.53
CA LYS GB 30 -97.67 15.75 -38.91
C LYS GB 30 -99.14 15.85 -38.51
N LEU GB 31 -99.94 14.82 -38.82
CA LEU GB 31 -101.33 14.75 -38.45
C LEU GB 31 -101.56 14.83 -36.95
N TYR GB 32 -100.89 14.01 -36.16
CA TYR GB 32 -101.10 14.05 -34.74
C TYR GB 32 -100.56 15.29 -34.08
N ASN GB 33 -99.43 15.86 -34.56
CA ASN GB 33 -99.00 17.14 -34.07
C ASN GB 33 -100.03 18.23 -34.30
N PHE GB 34 -100.64 18.28 -35.48
CA PHE GB 34 -101.75 19.16 -35.75
C PHE GB 34 -102.94 18.98 -34.82
N LEU GB 35 -103.38 17.74 -34.56
CA LEU GB 35 -104.44 17.47 -33.61
C LEU GB 35 -104.11 17.90 -32.20
N ALA GB 36 -102.86 17.66 -31.78
CA ALA GB 36 -102.29 18.09 -30.53
C ALA GB 36 -102.31 19.59 -30.34
N ARG GB 37 -101.87 20.35 -31.35
CA ARG GB 37 -101.74 21.79 -31.29
C ARG GB 37 -103.08 22.51 -31.23
N ARG GB 38 -104.05 22.06 -32.04
CA ARG GB 38 -105.39 22.60 -32.09
C ARG GB 38 -106.22 22.20 -30.89
N THR GB 39 -106.39 20.90 -30.60
CA THR GB 39 -107.17 20.49 -29.44
C THR GB 39 -106.39 20.66 -28.15
N ASN GB 40 -107.07 20.69 -26.99
CA ASN GB 40 -106.40 20.76 -25.72
C ASN GB 40 -106.31 19.39 -25.07
N ALA GB 41 -106.86 18.35 -25.73
CA ALA GB 41 -106.92 17.01 -25.21
C ALA GB 41 -105.58 16.35 -24.97
N ASN GB 42 -105.41 15.70 -23.81
CA ASN GB 42 -104.13 15.13 -23.45
C ASN GB 42 -103.84 13.93 -24.29
N PHE GB 43 -104.88 13.19 -24.71
CA PHE GB 43 -104.78 12.08 -25.61
C PHE GB 43 -103.97 12.40 -26.85
N ASN GB 44 -104.27 13.52 -27.54
CA ASN GB 44 -103.50 13.86 -28.72
C ASN GB 44 -102.03 14.10 -28.46
N LYS GB 45 -101.66 14.83 -27.39
CA LYS GB 45 -100.27 15.04 -27.08
C LYS GB 45 -99.50 13.77 -26.78
N ILE GB 46 -100.05 12.90 -25.90
CA ILE GB 46 -99.41 11.65 -25.57
C ILE GB 46 -99.24 10.74 -26.76
N ILE GB 47 -100.26 10.61 -27.62
CA ILE GB 47 -100.14 9.86 -28.85
C ILE GB 47 -99.06 10.42 -29.73
N ALA GB 48 -98.99 11.74 -29.89
CA ALA GB 48 -97.92 12.35 -30.62
C ALA GB 48 -96.53 12.06 -30.04
N LYS GB 49 -96.34 12.28 -28.74
CA LYS GB 49 -95.09 12.00 -28.06
C LYS GB 49 -94.67 10.54 -28.18
N ARG GB 50 -95.59 9.60 -27.91
CA ARG GB 50 -95.31 8.19 -28.01
C ARG GB 50 -95.00 7.78 -29.44
N LEU GB 51 -95.70 8.35 -30.43
CA LEU GB 51 -95.47 8.07 -31.81
C LEU GB 51 -94.05 8.39 -32.25
N ILE GB 52 -93.50 9.51 -31.81
CA ILE GB 52 -92.11 9.83 -32.05
C ILE GB 52 -91.08 8.84 -31.48
N MET GB 53 -91.34 8.22 -30.32
CA MET GB 53 -90.41 7.31 -29.64
C MET GB 53 -89.56 6.34 -30.48
N PRO GB 54 -88.30 6.13 -30.17
CA PRO GB 54 -87.47 5.11 -30.81
C PRO GB 54 -87.95 3.68 -30.69
N LYS GB 55 -87.34 2.79 -31.50
CA LYS GB 55 -87.70 1.41 -31.70
C LYS GB 55 -87.70 0.55 -30.45
N ARG GB 56 -86.73 0.68 -29.55
CA ARG GB 56 -86.77 -0.11 -28.33
C ARG GB 56 -87.92 0.23 -27.42
N TYR GB 57 -88.32 1.51 -27.34
CA TYR GB 57 -89.28 1.94 -26.35
C TYR GB 57 -90.70 1.50 -26.57
N ARG GB 58 -91.22 1.59 -27.80
CA ARG GB 58 -92.51 1.03 -28.12
C ARG GB 58 -92.36 -0.48 -28.31
N PRO GB 59 -92.99 -1.36 -27.56
CA PRO GB 59 -92.64 -2.77 -27.59
C PRO GB 59 -93.57 -3.50 -28.53
N PRO GB 60 -93.43 -4.78 -28.78
CA PRO GB 60 -94.54 -5.56 -29.30
C PRO GB 60 -95.46 -5.99 -28.16
N LEU GB 61 -96.78 -5.95 -28.37
CA LEU GB 61 -97.84 -6.35 -27.46
C LEU GB 61 -98.50 -7.67 -27.80
N SER GB 62 -98.62 -8.63 -26.87
CA SER GB 62 -99.40 -9.84 -27.11
C SER GB 62 -100.92 -9.62 -26.97
N LEU GB 63 -101.67 -10.27 -27.88
CA LEU GB 63 -103.11 -10.34 -27.90
C LEU GB 63 -103.68 -10.72 -26.55
N SER GB 64 -103.08 -11.71 -25.89
CA SER GB 64 -103.55 -12.22 -24.62
C SER GB 64 -103.57 -11.14 -23.55
N LYS GB 65 -102.50 -10.35 -23.51
CA LYS GB 65 -102.34 -9.24 -22.61
C LYS GB 65 -103.38 -8.16 -22.87
N LEU GB 66 -103.60 -7.88 -24.17
CA LEU GB 66 -104.59 -6.92 -24.60
C LEU GB 66 -105.99 -7.32 -24.17
N GLN GB 67 -106.35 -8.61 -24.33
CA GLN GB 67 -107.62 -9.10 -23.82
C GLN GB 67 -107.78 -8.93 -22.33
N TYR GB 68 -106.73 -9.24 -21.55
CA TYR GB 68 -106.75 -9.02 -20.13
C TYR GB 68 -106.99 -7.54 -19.81
N HIS GB 69 -106.32 -6.60 -20.49
CA HIS GB 69 -106.61 -5.21 -20.26
C HIS GB 69 -108.00 -4.78 -20.63
N MET GB 70 -108.55 -5.23 -21.76
CA MET GB 70 -109.85 -4.77 -22.20
C MET GB 70 -111.02 -5.37 -21.44
N ALA GB 71 -110.78 -6.39 -20.61
CA ALA GB 71 -111.79 -7.26 -20.05
C ALA GB 71 -112.92 -6.56 -19.30
N ASN GB 72 -112.62 -5.50 -18.55
CA ASN GB 72 -113.62 -4.87 -17.70
C ASN GB 72 -114.36 -3.74 -18.41
N HIS GB 73 -114.11 -3.52 -19.71
CA HIS GB 73 -114.89 -2.56 -20.48
C HIS GB 73 -114.83 -2.90 -21.96
N PRO GB 74 -115.52 -3.93 -22.42
CA PRO GB 74 -115.20 -4.57 -23.70
C PRO GB 74 -116.02 -3.93 -24.78
N ASN GB 75 -116.68 -2.82 -24.47
CA ASN GB 75 -117.43 -2.03 -25.40
C ASN GB 75 -116.53 -1.15 -26.25
N ASP GB 76 -115.29 -0.89 -25.80
CA ASP GB 76 -114.49 0.25 -26.19
C ASP GB 76 -113.22 -0.10 -26.93
N ILE GB 77 -112.51 0.91 -27.43
CA ILE GB 77 -111.40 0.76 -28.34
C ILE GB 77 -110.03 0.98 -27.71
N ALA GB 78 -109.24 -0.09 -27.65
CA ALA GB 78 -107.85 -0.08 -27.31
C ALA GB 78 -106.97 0.57 -28.37
N VAL GB 79 -106.14 1.54 -28.00
CA VAL GB 79 -105.11 2.02 -28.89
C VAL GB 79 -103.77 1.66 -28.30
N VAL GB 80 -102.84 1.21 -29.15
CA VAL GB 80 -101.56 0.71 -28.74
C VAL GB 80 -100.54 1.28 -29.66
N VAL GB 81 -99.62 2.09 -29.15
CA VAL GB 81 -98.65 2.82 -29.95
C VAL GB 81 -97.51 1.97 -30.46
N GLY GB 82 -97.70 0.66 -30.56
CA GLY GB 82 -96.69 -0.29 -31.02
C GLY GB 82 -97.24 -1.26 -32.01
N SER GB 83 -96.53 -2.37 -32.17
CA SER GB 83 -96.97 -3.47 -33.00
C SER GB 83 -97.65 -4.50 -32.13
N ILE GB 84 -98.70 -5.17 -32.60
CA ILE GB 84 -99.30 -6.26 -31.86
C ILE GB 84 -98.93 -7.60 -32.46
N THR GB 85 -98.43 -8.49 -31.61
CA THR GB 85 -97.93 -9.82 -31.94
C THR GB 85 -98.87 -10.89 -31.45
N ASP GB 86 -98.85 -12.07 -32.09
CA ASP GB 86 -99.82 -13.11 -31.85
C ASP GB 86 -99.31 -14.10 -30.82
N ASP GB 87 -100.19 -14.98 -30.36
CA ASP GB 87 -99.89 -15.84 -29.28
C ASP GB 87 -100.55 -17.17 -29.47
N LYS GB 88 -99.84 -18.23 -29.11
CA LYS GB 88 -100.37 -19.56 -29.22
C LYS GB 88 -100.86 -20.01 -27.86
N ARG GB 89 -100.55 -19.26 -26.79
CA ARG GB 89 -101.06 -19.54 -25.48
C ARG GB 89 -102.51 -19.16 -25.38
N LEU GB 90 -102.89 -18.05 -26.03
CA LEU GB 90 -104.26 -17.60 -26.04
C LEU GB 90 -105.19 -18.53 -26.79
N PHE GB 91 -106.13 -19.19 -26.08
CA PHE GB 91 -107.07 -20.10 -26.68
C PHE GB 91 -108.08 -19.42 -27.61
N SER GB 92 -108.66 -18.28 -27.21
CA SER GB 92 -109.73 -17.64 -27.97
C SER GB 92 -109.79 -16.17 -27.60
N LEU GB 93 -110.52 -15.36 -28.36
CA LEU GB 93 -110.47 -13.93 -28.26
C LEU GB 93 -111.87 -13.40 -28.47
N LYS GB 94 -112.34 -12.49 -27.60
CA LYS GB 94 -113.72 -12.01 -27.59
C LYS GB 94 -113.90 -10.67 -28.30
N GLN GB 95 -113.73 -10.65 -29.64
CA GLN GB 95 -114.01 -9.54 -30.56
C GLN GB 95 -113.60 -8.13 -30.16
N LEU GB 96 -112.31 -7.91 -29.88
CA LEU GB 96 -111.82 -6.60 -29.50
C LEU GB 96 -111.75 -5.59 -30.65
N LYS GB 97 -111.61 -4.31 -30.32
CA LYS GB 97 -111.52 -3.21 -31.26
C LYS GB 97 -110.18 -2.56 -31.04
N VAL GB 98 -109.20 -2.74 -31.94
CA VAL GB 98 -107.84 -2.34 -31.65
C VAL GB 98 -107.22 -1.47 -32.72
N CYS GB 99 -106.67 -0.32 -32.30
CA CYS GB 99 -105.78 0.48 -33.11
C CYS GB 99 -104.35 0.16 -32.74
N ALA GB 100 -103.55 -0.22 -33.72
CA ALA GB 100 -102.14 -0.43 -33.50
C ALA GB 100 -101.35 0.10 -34.67
N LEU GB 101 -100.03 0.26 -34.49
CA LEU GB 101 -99.15 0.72 -35.53
C LEU GB 101 -99.00 -0.30 -36.62
N ARG GB 102 -98.88 -1.56 -36.23
CA ARG GB 102 -98.57 -2.63 -37.14
C ARG GB 102 -99.20 -3.90 -36.58
N PHE GB 103 -99.71 -4.77 -37.46
CA PHE GB 103 -100.28 -6.04 -37.08
C PHE GB 103 -99.41 -7.15 -37.61
N THR GB 104 -99.00 -8.11 -36.77
CA THR GB 104 -98.51 -9.41 -37.27
C THR GB 104 -99.57 -10.11 -38.10
N GLU GB 105 -99.18 -10.81 -39.17
CA GLU GB 105 -100.12 -11.30 -40.15
C GLU GB 105 -101.16 -12.23 -39.57
N THR GB 106 -100.71 -13.18 -38.74
CA THR GB 106 -101.57 -14.12 -38.05
C THR GB 106 -102.56 -13.44 -37.11
N ALA GB 107 -102.14 -12.42 -36.34
CA ALA GB 107 -103.02 -11.71 -35.43
C ALA GB 107 -104.17 -11.04 -36.14
N ARG GB 108 -103.90 -10.35 -37.26
CA ARG GB 108 -104.94 -9.71 -38.03
C ARG GB 108 -105.95 -10.72 -38.49
N LYS GB 109 -105.46 -11.86 -39.01
CA LYS GB 109 -106.32 -12.94 -39.39
C LYS GB 109 -107.21 -13.44 -38.27
N ARG GB 110 -106.64 -13.70 -37.08
CA ARG GB 110 -107.39 -14.09 -35.91
C ARG GB 110 -108.41 -13.07 -35.43
N ILE GB 111 -108.05 -11.79 -35.31
CA ILE GB 111 -108.94 -10.74 -34.87
C ILE GB 111 -110.10 -10.58 -35.81
N GLU GB 112 -109.82 -10.54 -37.12
CA GLU GB 112 -110.85 -10.49 -38.13
C GLU GB 112 -111.78 -11.68 -38.07
N ASP GB 113 -111.23 -12.89 -37.95
CA ASP GB 113 -112.00 -14.11 -37.81
C ASP GB 113 -112.91 -14.08 -36.59
N ALA GB 114 -112.39 -13.67 -35.42
CA ALA GB 114 -113.14 -13.43 -34.21
C ALA GB 114 -114.22 -12.36 -34.32
N GLY GB 115 -114.24 -11.57 -35.40
CA GLY GB 115 -115.22 -10.52 -35.64
C GLY GB 115 -114.81 -9.17 -35.13
N GLY GB 116 -113.55 -9.04 -34.68
CA GLY GB 116 -112.96 -7.79 -34.22
C GLY GB 116 -112.63 -6.80 -35.32
N GLU GB 117 -111.98 -5.68 -34.95
CA GLU GB 117 -111.75 -4.58 -35.86
C GLU GB 117 -110.31 -4.09 -35.74
N CYS GB 118 -109.58 -4.04 -36.87
CA CYS GB 118 -108.20 -3.58 -36.93
C CYS GB 118 -108.10 -2.19 -37.48
N LEU GB 119 -107.71 -1.22 -36.64
CA LEU GB 119 -107.62 0.17 -37.03
C LEU GB 119 -106.20 0.63 -37.16
N THR GB 120 -105.92 1.35 -38.25
CA THR GB 120 -104.73 2.18 -38.37
C THR GB 120 -104.95 3.53 -37.73
N PHE GB 121 -103.88 4.27 -37.41
CA PHE GB 121 -103.98 5.53 -36.69
C PHE GB 121 -104.76 6.60 -37.42
N ASP GB 122 -104.62 6.70 -38.74
CA ASP GB 122 -105.39 7.60 -39.55
C ASP GB 122 -106.89 7.35 -39.41
N GLN GB 123 -107.27 6.07 -39.45
CA GLN GB 123 -108.62 5.64 -39.21
C GLN GB 123 -109.08 5.99 -37.81
N LEU GB 124 -108.23 5.77 -36.78
CA LEU GB 124 -108.56 6.12 -35.41
C LEU GB 124 -108.85 7.59 -35.22
N ALA GB 125 -107.99 8.45 -35.78
CA ALA GB 125 -108.19 9.87 -35.78
C ALA GB 125 -109.50 10.28 -36.42
N LEU GB 126 -109.78 9.74 -37.62
CA LEU GB 126 -110.98 10.03 -38.35
C LEU GB 126 -112.25 9.67 -37.61
N LYS GB 127 -112.30 8.46 -37.05
CA LYS GB 127 -113.43 7.98 -36.30
C LYS GB 127 -113.57 8.60 -34.92
N TYR GB 128 -112.46 8.81 -34.21
CA TYR GB 128 -112.48 9.26 -32.85
C TYR GB 128 -111.60 10.48 -32.70
N PRO GB 129 -112.06 11.63 -32.28
CA PRO GB 129 -111.27 12.83 -32.47
C PRO GB 129 -110.41 13.08 -31.28
N THR GB 130 -110.90 12.76 -30.08
CA THR GB 130 -110.20 13.13 -28.86
C THR GB 130 -109.81 11.91 -28.10
N GLY GB 131 -109.89 10.73 -28.74
CA GLY GB 131 -109.69 9.49 -28.00
C GLY GB 131 -110.89 9.15 -27.17
N LYS GB 132 -112.06 9.72 -27.51
CA LYS GB 132 -113.29 9.48 -26.79
C LYS GB 132 -113.65 8.01 -26.76
N LYS GB 133 -113.91 7.48 -25.56
CA LYS GB 133 -114.14 6.06 -25.32
C LYS GB 133 -113.00 5.16 -25.79
N CYS GB 134 -111.76 5.66 -25.70
CA CYS GB 134 -110.57 4.92 -26.05
C CYS GB 134 -109.77 4.52 -24.83
N VAL GB 135 -108.81 3.60 -25.00
CA VAL GB 135 -107.93 3.24 -23.92
C VAL GB 135 -106.54 3.16 -24.49
N LEU GB 136 -105.65 4.05 -24.06
CA LEU GB 136 -104.26 3.95 -24.40
C LEU GB 136 -103.59 2.83 -23.61
N LEU GB 137 -102.90 1.92 -24.29
CA LEU GB 137 -102.15 0.82 -23.71
C LEU GB 137 -100.74 0.76 -24.27
N ARG GB 138 -99.77 0.26 -23.51
CA ARG GB 138 -98.53 -0.16 -24.10
C ARG GB 138 -97.98 -1.35 -23.34
N GLY GB 139 -97.17 -2.18 -24.02
CA GLY GB 139 -96.69 -3.46 -23.48
C GLY GB 139 -95.55 -3.43 -22.49
N PRO GB 140 -95.04 -4.58 -22.09
CA PRO GB 140 -93.84 -4.71 -21.30
C PRO GB 140 -92.67 -4.01 -21.91
N THR GB 141 -92.01 -3.11 -21.17
CA THR GB 141 -91.08 -2.17 -21.73
C THR GB 141 -89.72 -2.43 -21.18
N LYS GB 142 -89.62 -2.67 -19.88
CA LYS GB 142 -88.38 -2.96 -19.20
C LYS GB 142 -87.97 -4.41 -19.42
N ALA GB 143 -88.92 -5.24 -19.87
CA ALA GB 143 -88.77 -6.67 -19.96
C ALA GB 143 -87.82 -7.16 -21.04
N ARG GB 144 -87.49 -6.30 -22.03
CA ARG GB 144 -86.39 -6.47 -22.96
C ARG GB 144 -85.12 -7.09 -22.36
N THR GB 145 -84.49 -8.06 -23.05
CA THR GB 145 -83.43 -8.84 -22.44
C THR GB 145 -82.19 -8.02 -22.14
N ALA GB 146 -81.93 -6.96 -22.91
CA ALA GB 146 -80.78 -6.11 -22.76
C ALA GB 146 -80.69 -5.44 -21.39
N GLU GB 147 -81.82 -4.91 -20.90
CA GLU GB 147 -81.94 -4.19 -19.66
C GLU GB 147 -81.55 -5.02 -18.45
N LYS GB 148 -81.60 -6.35 -18.54
CA LYS GB 148 -81.14 -7.21 -17.49
C LYS GB 148 -79.64 -7.13 -17.26
N HIS GB 149 -78.88 -6.49 -18.16
CA HIS GB 149 -77.47 -6.25 -17.90
C HIS GB 149 -77.24 -4.89 -17.30
N PHE GB 150 -78.29 -4.07 -17.14
CA PHE GB 150 -78.18 -2.75 -16.57
C PHE GB 150 -78.38 -2.78 -15.06
N GLY GB 151 -78.32 -1.60 -14.40
CA GLY GB 151 -78.50 -1.45 -12.97
C GLY GB 151 -77.24 -1.70 -12.20
N LYS GB 152 -77.29 -1.56 -10.85
CA LYS GB 152 -76.18 -1.80 -9.94
C LYS GB 152 -75.34 -2.99 -10.33
N ALA GB 153 -74.02 -2.81 -10.49
CA ALA GB 153 -73.21 -3.66 -11.32
C ALA GB 153 -73.18 -5.16 -10.99
N PRO GB 154 -73.11 -6.07 -11.94
CA PRO GB 154 -73.04 -7.50 -11.68
C PRO GB 154 -71.89 -7.86 -10.77
N GLY GB 155 -72.16 -8.60 -9.68
CA GLY GB 155 -71.12 -8.91 -8.73
C GLY GB 155 -70.87 -7.84 -7.73
N LYS GB 156 -71.81 -6.90 -7.59
CA LYS GB 156 -71.83 -5.97 -6.48
C LYS GB 156 -73.07 -6.29 -5.65
N PRO GB 157 -72.99 -6.41 -4.32
CA PRO GB 157 -73.84 -7.29 -3.53
C PRO GB 157 -75.31 -7.31 -3.82
N LYS GB 158 -75.91 -8.51 -3.81
CA LYS GB 158 -77.30 -8.79 -4.08
C LYS GB 158 -77.75 -8.52 -5.51
N SER GB 159 -77.13 -7.57 -6.24
CA SER GB 159 -77.66 -7.12 -7.51
C SER GB 159 -77.77 -8.18 -8.58
N LYS GB 160 -78.88 -8.13 -9.32
CA LYS GB 160 -79.33 -9.26 -10.09
C LYS GB 160 -79.00 -9.10 -11.55
N ALA GB 161 -78.12 -8.16 -11.90
CA ALA GB 161 -77.75 -7.99 -13.27
C ALA GB 161 -77.13 -9.23 -13.90
N ARG GB 162 -77.53 -9.57 -15.13
CA ARG GB 162 -76.90 -10.63 -15.88
C ARG GB 162 -75.45 -10.27 -16.19
N PRO GB 163 -74.49 -11.14 -16.07
CA PRO GB 163 -73.18 -10.90 -16.63
C PRO GB 163 -73.23 -10.99 -18.14
N TYR GB 164 -72.07 -10.91 -18.79
CA TYR GB 164 -71.96 -11.26 -20.18
C TYR GB 164 -70.98 -12.41 -20.24
N VAL GB 165 -71.27 -13.45 -21.05
CA VAL GB 165 -70.42 -14.63 -21.10
C VAL GB 165 -70.36 -15.18 -22.49
N ARG GB 166 -69.29 -15.94 -22.79
CA ARG GB 166 -69.21 -16.72 -24.02
C ARG GB 166 -70.26 -17.81 -24.07
N SER GB 167 -70.45 -18.57 -22.97
CA SER GB 167 -71.46 -19.61 -22.90
C SER GB 167 -71.75 -19.91 -21.44
N LYS GB 168 -72.92 -20.49 -21.09
CA LYS GB 168 -73.38 -20.50 -19.72
C LYS GB 168 -73.13 -21.81 -18.97
N GLY GB 169 -72.28 -22.69 -19.53
CA GLY GB 169 -71.78 -23.89 -18.86
C GLY GB 169 -70.91 -23.70 -17.61
N ARG GB 170 -70.48 -24.82 -17.02
CA ARG GB 170 -69.86 -24.84 -15.71
C ARG GB 170 -68.45 -24.34 -15.66
N LYS GB 171 -67.77 -24.16 -16.81
CA LYS GB 171 -66.42 -23.62 -16.80
C LYS GB 171 -66.37 -22.14 -17.06
N PHE GB 172 -67.52 -21.48 -17.21
CA PHE GB 172 -67.50 -20.07 -17.57
C PHE GB 172 -68.13 -19.25 -16.50
N GLU GB 173 -67.30 -18.53 -15.72
CA GLU GB 173 -67.80 -17.56 -14.77
C GLU GB 173 -68.75 -18.15 -13.73
N LYS GB 174 -68.28 -19.16 -12.99
CA LYS GB 174 -69.15 -19.86 -12.07
C LYS GB 174 -68.36 -20.46 -10.93
N ALA GB 175 -67.13 -19.98 -10.71
CA ALA GB 175 -66.23 -20.52 -9.72
C ALA GB 175 -65.75 -19.41 -8.80
N ARG GB 176 -64.50 -18.92 -8.91
CA ARG GB 176 -63.98 -17.93 -8.01
C ARG GB 176 -64.73 -16.64 -8.13
N GLY GB 177 -65.38 -16.23 -7.03
CA GLY GB 177 -66.16 -15.01 -6.98
C GLY GB 177 -67.61 -15.16 -7.31
N ARG GB 178 -68.23 -16.35 -7.11
CA ARG GB 178 -69.67 -16.45 -7.23
C ARG GB 178 -70.32 -17.42 -6.26
N ARG GB 179 -69.60 -17.87 -5.23
CA ARG GB 179 -70.13 -18.86 -4.32
C ARG GB 179 -69.28 -18.82 -3.07
N LYS GB 180 -69.73 -19.44 -1.95
CA LYS GB 180 -68.93 -19.47 -0.72
C LYS GB 180 -67.62 -20.21 -0.89
N SER GB 181 -67.66 -21.33 -1.62
CA SER GB 181 -66.55 -22.28 -1.73
C SER GB 181 -65.29 -21.67 -2.27
N ARG GB 182 -65.41 -20.86 -3.33
CA ARG GB 182 -64.25 -20.32 -3.99
C ARG GB 182 -64.29 -18.82 -3.86
N ALA GB 183 -63.41 -18.26 -3.00
CA ALA GB 183 -63.46 -16.89 -2.57
C ALA GB 183 -64.85 -16.35 -2.14
N TYR GB 184 -65.09 -15.05 -2.33
CA TYR GB 184 -66.34 -14.42 -2.00
C TYR GB 184 -67.56 -14.86 -2.82
N LYS GB 185 -68.75 -14.83 -2.20
CA LYS GB 185 -69.99 -15.11 -2.91
C LYS GB 185 -70.56 -13.86 -3.58
N LYS GB 186 -71.28 -14.07 -4.70
CA LYS GB 186 -72.00 -13.14 -5.56
C LYS GB 186 -72.30 -11.72 -4.99
N ALA HB 1 -69.36 4.38 -46.03
CA ALA HB 1 -68.91 4.26 -44.61
C ALA HB 1 -67.98 5.36 -44.14
N THR HB 2 -66.81 5.54 -44.79
CA THR HB 2 -65.71 6.35 -44.29
C THR HB 2 -66.06 7.77 -43.96
N ARG HB 3 -66.84 8.45 -44.81
CA ARG HB 3 -67.20 9.85 -44.67
C ARG HB 3 -67.87 10.24 -43.37
N PHE HB 4 -68.60 9.33 -42.72
CA PHE HB 4 -69.23 9.61 -41.46
C PHE HB 4 -68.30 9.55 -40.26
N LYS HB 5 -67.10 8.94 -40.37
CA LYS HB 5 -66.28 8.63 -39.21
C LYS HB 5 -65.85 9.78 -38.33
N LYS HB 6 -65.65 9.48 -37.03
CA LYS HB 6 -65.42 10.45 -35.99
C LYS HB 6 -64.19 11.30 -36.21
N ASN HB 7 -63.10 10.73 -36.75
CA ASN HB 7 -61.85 11.43 -36.89
C ASN HB 7 -61.97 12.65 -37.79
N ARG HB 8 -62.73 12.57 -38.91
CA ARG HB 8 -63.00 13.71 -39.77
C ARG HB 8 -63.65 14.90 -39.10
N LYS HB 9 -64.40 14.69 -38.01
CA LYS HB 9 -65.08 15.76 -37.31
C LYS HB 9 -64.08 16.56 -36.49
N LYS HB 10 -62.98 15.91 -36.09
CA LYS HB 10 -61.96 16.47 -35.23
C LYS HB 10 -60.70 16.72 -36.02
N ARG HB 11 -60.76 16.75 -37.36
CA ARG HB 11 -59.62 16.45 -38.19
C ARG HB 11 -58.34 17.22 -37.91
N GLY HB 12 -58.40 18.53 -37.63
CA GLY HB 12 -57.23 19.31 -37.23
C GLY HB 12 -57.18 19.72 -35.78
N HIS HB 13 -56.58 18.92 -34.90
CA HIS HB 13 -56.73 19.18 -33.49
C HIS HB 13 -55.66 18.54 -32.63
N VAL HB 14 -54.57 18.04 -33.21
CA VAL HB 14 -53.35 17.71 -32.50
C VAL HB 14 -53.37 16.36 -31.80
N SER HB 15 -54.44 16.03 -31.07
CA SER HB 15 -54.55 14.73 -30.44
C SER HB 15 -55.23 13.70 -31.28
N ALA HB 16 -55.80 14.14 -32.41
CA ALA HB 16 -56.72 13.36 -33.21
C ALA HB 16 -57.98 12.95 -32.45
N GLY HB 17 -58.39 13.75 -31.44
CA GLY HB 17 -59.53 13.46 -30.59
C GLY HB 17 -59.18 12.38 -29.61
N HIS HB 18 -58.00 12.46 -28.99
CA HIS HB 18 -57.53 11.37 -28.18
C HIS HB 18 -56.61 11.81 -27.10
N GLY HB 19 -56.79 13.06 -26.61
CA GLY HB 19 -56.16 13.57 -25.41
C GLY HB 19 -54.78 14.13 -25.62
N ARG HB 20 -54.62 15.45 -25.43
CA ARG HB 20 -53.32 16.07 -25.55
C ARG HB 20 -52.33 15.63 -24.49
N VAL HB 21 -52.76 15.56 -23.22
CA VAL HB 21 -51.86 15.52 -22.09
C VAL HB 21 -51.18 14.18 -21.90
N GLY HB 22 -51.96 13.10 -21.83
CA GLY HB 22 -51.42 11.76 -21.62
C GLY HB 22 -51.01 11.09 -22.89
N LYS HB 23 -51.65 11.50 -24.01
CA LYS HB 23 -51.51 10.91 -25.32
C LYS HB 23 -51.88 9.42 -25.44
N HIS HB 24 -52.17 8.97 -26.67
CA HIS HB 24 -52.51 7.58 -26.92
C HIS HB 24 -51.27 6.78 -27.25
N ARG HB 25 -50.66 6.10 -26.29
CA ARG HB 25 -49.50 5.28 -26.57
C ARG HB 25 -49.89 3.85 -26.92
N LYS HB 26 -48.99 3.09 -27.55
CA LYS HB 26 -49.25 1.71 -27.88
C LYS HB 26 -49.50 0.82 -26.66
N HIS HB 27 -50.41 -0.17 -26.79
CA HIS HB 27 -50.67 -1.19 -25.80
C HIS HB 27 -50.67 -0.77 -24.33
N PRO HB 28 -51.51 0.13 -23.88
CA PRO HB 28 -51.17 1.03 -22.79
C PRO HB 28 -51.30 0.38 -21.43
N GLY HB 29 -51.89 -0.82 -21.33
CA GLY HB 29 -51.97 -1.54 -20.07
C GLY HB 29 -51.12 -2.78 -20.08
N GLY HB 30 -50.66 -3.18 -21.28
CA GLY HB 30 -50.30 -4.55 -21.59
C GLY HB 30 -51.42 -5.21 -22.37
N ARG HB 31 -51.13 -6.27 -23.10
CA ARG HB 31 -52.08 -6.94 -23.96
C ARG HB 31 -53.29 -7.52 -23.27
N GLY HB 32 -54.39 -7.59 -24.01
CA GLY HB 32 -55.56 -8.42 -23.75
C GLY HB 32 -55.99 -8.62 -22.32
N LYS HB 33 -56.09 -9.87 -21.89
CA LYS HB 33 -56.67 -10.19 -20.63
C LYS HB 33 -55.67 -10.17 -19.49
N ALA HB 34 -54.48 -9.58 -19.71
CA ALA HB 34 -53.36 -9.73 -18.81
C ALA HB 34 -53.57 -9.34 -17.36
N GLY HB 35 -54.21 -8.18 -17.12
CA GLY HB 35 -54.16 -7.52 -15.82
C GLY HB 35 -55.01 -8.12 -14.76
N GLY HB 36 -55.78 -9.16 -15.11
CA GLY HB 36 -56.54 -9.99 -14.19
C GLY HB 36 -55.73 -10.46 -13.00
N LEU HB 37 -56.38 -10.63 -11.84
CA LEU HB 37 -55.77 -10.98 -10.57
C LEU HB 37 -54.81 -9.93 -9.97
N HIS HB 38 -54.24 -9.03 -10.79
CA HIS HB 38 -53.33 -8.00 -10.35
C HIS HB 38 -53.85 -6.61 -10.66
N HIS HB 39 -53.29 -5.88 -11.63
CA HIS HB 39 -53.56 -4.46 -11.70
C HIS HB 39 -54.90 -4.10 -12.30
N MET HB 40 -55.58 -5.03 -12.97
CA MET HB 40 -56.92 -4.80 -13.45
C MET HB 40 -57.87 -5.71 -12.71
N ARG HB 41 -57.49 -6.15 -11.49
CA ARG HB 41 -58.27 -7.09 -10.71
C ARG HB 41 -59.64 -6.53 -10.40
N ILE HB 42 -59.72 -5.23 -10.05
CA ILE HB 42 -60.96 -4.58 -9.72
C ILE HB 42 -61.95 -4.67 -10.86
N ASN HB 43 -61.52 -4.44 -12.13
CA ASN HB 43 -62.39 -4.67 -13.25
C ASN HB 43 -62.85 -6.09 -13.34
N PHE HB 44 -61.97 -7.08 -13.18
CA PHE HB 44 -62.35 -8.47 -13.25
C PHE HB 44 -63.34 -8.90 -12.16
N ASP HB 45 -63.15 -8.49 -10.91
CA ASP HB 45 -64.11 -8.68 -9.84
C ASP HB 45 -65.44 -7.99 -10.14
N LYS HB 46 -65.42 -6.77 -10.67
CA LYS HB 46 -66.60 -5.95 -10.77
C LYS HB 46 -67.44 -6.22 -12.01
N TYR HB 47 -66.86 -6.83 -13.06
CA TYR HB 47 -67.55 -7.14 -14.28
C TYR HB 47 -67.65 -8.60 -14.67
N HIS HB 48 -66.87 -9.53 -14.08
CA HIS HB 48 -66.99 -10.93 -14.45
C HIS HB 48 -66.93 -11.86 -13.24
N PRO HB 49 -67.79 -11.72 -12.28
CA PRO HB 49 -67.64 -12.22 -10.92
C PRO HB 49 -66.97 -13.55 -10.71
N GLY HB 50 -67.49 -14.62 -11.29
CA GLY HB 50 -67.10 -16.00 -11.10
C GLY HB 50 -65.91 -16.50 -11.88
N TYR HB 51 -65.18 -15.64 -12.62
CA TYR HB 51 -64.27 -16.02 -13.69
C TYR HB 51 -63.12 -16.98 -13.38
N PHE HB 52 -62.32 -16.76 -12.34
CA PHE HB 52 -61.11 -17.55 -12.17
C PHE HB 52 -61.36 -18.96 -11.62
N GLY HB 53 -60.40 -19.88 -11.81
CA GLY HB 53 -60.41 -21.22 -11.23
C GLY HB 53 -61.36 -22.20 -11.85
N LYS HB 54 -61.34 -23.45 -11.33
CA LYS HB 54 -62.12 -24.55 -11.87
C LYS HB 54 -63.14 -25.01 -10.86
N VAL HB 55 -64.24 -25.60 -11.32
CA VAL HB 55 -65.23 -26.12 -10.43
C VAL HB 55 -65.87 -27.32 -11.07
N GLY HB 56 -66.21 -28.32 -10.25
CA GLY HB 56 -66.99 -29.47 -10.67
C GLY HB 56 -66.28 -30.57 -11.42
N MET HB 57 -67.07 -31.61 -11.69
CA MET HB 57 -66.75 -32.83 -12.37
C MET HB 57 -66.25 -32.63 -13.80
N ARG HB 58 -65.28 -33.43 -14.25
CA ARG HB 58 -64.81 -33.40 -15.62
C ARG HB 58 -65.59 -34.37 -16.49
N HIS HB 59 -65.71 -34.11 -17.80
CA HIS HB 59 -66.41 -35.03 -18.68
C HIS HB 59 -65.63 -35.15 -19.97
N LEU HB 60 -65.08 -36.34 -20.23
CA LEU HB 60 -64.03 -36.56 -21.19
C LEU HB 60 -64.41 -36.40 -22.67
N ASN HB 61 -65.57 -36.91 -23.13
CA ASN HB 61 -66.12 -36.46 -24.41
C ASN HB 61 -67.59 -36.26 -24.21
N LEU HB 62 -68.12 -35.04 -24.42
CA LEU HB 62 -69.54 -34.81 -24.20
C LEU HB 62 -70.43 -35.60 -25.14
N LEU HB 63 -70.10 -35.63 -26.44
CA LEU HB 63 -70.86 -36.38 -27.44
C LEU HB 63 -72.31 -35.96 -27.50
N LYS HB 64 -72.57 -34.67 -27.82
CA LYS HB 64 -73.77 -33.95 -27.44
C LYS HB 64 -75.10 -34.49 -27.94
N ASN HB 65 -75.11 -35.46 -28.85
CA ASN HB 65 -76.29 -36.04 -29.40
C ASN HB 65 -77.09 -36.73 -28.32
N ARG HB 66 -76.45 -37.61 -27.53
CA ARG HB 66 -77.05 -38.33 -26.41
C ARG HB 66 -78.00 -37.51 -25.56
N THR HB 67 -77.60 -36.30 -25.19
CA THR HB 67 -78.32 -35.49 -24.22
C THR HB 67 -79.18 -34.43 -24.85
N TYR HB 68 -79.32 -34.39 -26.17
CA TYR HB 68 -80.23 -33.47 -26.81
C TYR HB 68 -81.69 -33.68 -26.42
N CYS HB 69 -82.44 -32.61 -26.11
CA CYS HB 69 -83.86 -32.71 -25.77
C CYS HB 69 -84.55 -31.35 -25.59
N PRO HB 70 -84.93 -30.66 -26.65
CA PRO HB 70 -85.83 -29.52 -26.60
C PRO HB 70 -87.10 -29.67 -25.79
N THR HB 71 -87.51 -28.60 -25.10
CA THR HB 71 -88.71 -28.56 -24.27
C THR HB 71 -89.83 -27.73 -24.87
N ILE HB 72 -91.08 -28.02 -24.48
CA ILE HB 72 -92.24 -27.16 -24.70
C ILE HB 72 -93.10 -27.17 -23.47
N ASN HB 73 -93.71 -26.03 -23.10
CA ASN HB 73 -94.73 -26.06 -22.07
C ASN HB 73 -96.11 -26.40 -22.61
N VAL HB 74 -96.93 -27.03 -21.77
CA VAL HB 74 -98.31 -27.41 -22.03
C VAL HB 74 -99.13 -26.25 -22.54
N ASP HB 75 -98.94 -25.06 -21.95
CA ASP HB 75 -99.43 -23.79 -22.42
C ASP HB 75 -99.51 -23.61 -23.94
N LYS HB 76 -98.47 -24.05 -24.68
CA LYS HB 76 -98.40 -23.86 -26.11
C LYS HB 76 -99.01 -25.01 -26.89
N LEU HB 77 -99.42 -26.09 -26.23
CA LEU HB 77 -99.73 -27.34 -26.86
C LEU HB 77 -100.89 -27.27 -27.84
N TRP HB 78 -102.02 -26.64 -27.45
CA TRP HB 78 -103.14 -26.46 -28.37
C TRP HB 78 -102.79 -25.60 -29.56
N GLY HB 79 -101.82 -24.71 -29.40
CA GLY HB 79 -101.31 -23.85 -30.44
C GLY HB 79 -100.60 -24.56 -31.56
N LEU HB 80 -100.15 -25.80 -31.34
CA LEU HB 80 -99.60 -26.60 -32.42
C LEU HB 80 -100.66 -27.09 -33.40
N LEU HB 81 -101.96 -27.01 -33.08
CA LEU HB 81 -103.00 -27.23 -34.07
C LEU HB 81 -103.28 -25.93 -34.81
N PRO HB 82 -103.73 -25.91 -36.05
CA PRO HB 82 -104.34 -24.72 -36.64
C PRO HB 82 -105.63 -24.35 -35.94
N GLU HB 83 -106.13 -23.12 -36.19
CA GLU HB 83 -107.28 -22.55 -35.51
C GLU HB 83 -108.55 -23.35 -35.74
N GLU HB 84 -108.85 -23.67 -37.01
CA GLU HB 84 -110.11 -24.28 -37.38
C GLU HB 84 -110.32 -25.63 -36.74
N LYS HB 85 -109.27 -26.46 -36.69
CA LYS HB 85 -109.27 -27.72 -35.99
C LYS HB 85 -109.58 -27.60 -34.50
N LYS HB 86 -108.96 -26.63 -33.82
CA LYS HB 86 -109.18 -26.36 -32.42
C LYS HB 86 -110.63 -26.05 -32.11
N LYS HB 87 -111.25 -25.18 -32.91
CA LYS HB 87 -112.64 -24.85 -32.78
C LYS HB 87 -113.55 -26.06 -32.89
N GLU HB 88 -113.28 -26.92 -33.86
CA GLU HB 88 -114.00 -28.16 -34.08
C GLU HB 88 -113.96 -29.13 -32.90
N PHE HB 89 -112.81 -29.31 -32.25
CA PHE HB 89 -112.72 -30.02 -30.99
C PHE HB 89 -113.47 -29.38 -29.85
N SER HB 90 -113.41 -28.05 -29.72
CA SER HB 90 -114.19 -27.35 -28.73
C SER HB 90 -115.69 -27.58 -28.87
N GLU HB 91 -116.19 -27.52 -30.11
CA GLU HB 91 -117.56 -27.88 -30.41
C GLU HB 91 -117.94 -29.33 -30.11
N ASN HB 92 -117.11 -30.31 -30.51
CA ASN HB 92 -117.49 -31.71 -30.43
C ASN HB 92 -116.76 -32.40 -29.29
N LYS HB 93 -117.49 -32.72 -28.22
CA LYS HB 93 -116.96 -33.33 -27.04
C LYS HB 93 -116.45 -34.75 -27.20
N ASP HB 94 -117.11 -35.58 -28.03
CA ASP HB 94 -116.87 -37.01 -28.09
C ASP HB 94 -115.47 -37.40 -28.55
N ILE HB 95 -114.87 -36.63 -29.45
CA ILE HB 95 -113.52 -36.86 -29.90
C ILE HB 95 -112.58 -35.87 -29.25
N ALA HB 96 -111.28 -36.22 -29.21
CA ALA HB 96 -110.25 -35.35 -28.72
C ALA HB 96 -109.07 -35.45 -29.66
N PRO HB 97 -108.18 -34.49 -29.75
CA PRO HB 97 -106.98 -34.62 -30.53
C PRO HB 97 -105.94 -35.45 -29.80
N VAL HB 98 -105.25 -36.36 -30.52
CA VAL HB 98 -103.93 -36.78 -30.12
C VAL HB 98 -102.96 -35.74 -30.61
N ILE HB 99 -101.87 -35.47 -29.87
CA ILE HB 99 -100.78 -34.64 -30.33
C ILE HB 99 -99.47 -35.38 -30.17
N ASP HB 100 -98.83 -35.73 -31.29
CA ASP HB 100 -97.50 -36.32 -31.29
C ASP HB 100 -96.46 -35.22 -31.27
N VAL HB 101 -95.89 -34.98 -30.08
CA VAL HB 101 -94.91 -33.95 -29.82
C VAL HB 101 -93.61 -34.17 -30.60
N THR HB 102 -93.36 -35.36 -31.13
CA THR HB 102 -92.15 -35.63 -31.89
C THR HB 102 -92.17 -34.97 -33.23
N ARG HB 103 -93.30 -34.97 -33.93
CA ARG HB 103 -93.38 -34.42 -35.27
C ARG HB 103 -93.02 -32.95 -35.36
N LYS HB 104 -93.29 -32.16 -34.31
CA LYS HB 104 -92.94 -30.76 -34.28
C LYS HB 104 -91.59 -30.54 -33.65
N GLY HB 105 -90.87 -31.62 -33.33
CA GLY HB 105 -89.48 -31.53 -32.91
C GLY HB 105 -89.27 -31.08 -31.50
N TYR HB 106 -90.04 -31.60 -30.55
CA TYR HB 106 -89.81 -31.34 -29.15
C TYR HB 106 -89.77 -32.67 -28.43
N PHE HB 107 -89.05 -32.75 -27.30
CA PHE HB 107 -88.86 -34.00 -26.63
C PHE HB 107 -89.47 -34.03 -25.24
N LYS HB 108 -89.41 -32.93 -24.46
CA LYS HB 108 -89.95 -32.94 -23.12
C LYS HB 108 -91.05 -31.94 -22.94
N VAL HB 109 -92.14 -32.33 -22.26
CA VAL HB 109 -93.26 -31.46 -22.06
C VAL HB 109 -93.25 -30.96 -20.62
N LEU HB 110 -93.20 -29.63 -20.44
CA LEU HB 110 -93.20 -28.99 -19.13
C LEU HB 110 -94.52 -28.28 -18.83
N GLY HB 111 -94.68 -27.87 -17.57
CA GLY HB 111 -95.96 -27.57 -16.96
C GLY HB 111 -96.42 -26.14 -16.83
N ASN HB 112 -95.80 -25.14 -17.49
CA ASN HB 112 -96.29 -23.78 -17.39
C ASN HB 112 -97.73 -23.60 -17.89
N GLY HB 113 -98.53 -22.71 -17.27
CA GLY HB 113 -99.81 -22.26 -17.82
C GLY HB 113 -101.02 -23.09 -17.47
N LYS HB 114 -102.18 -22.73 -18.07
CA LYS HB 114 -103.46 -23.36 -17.84
C LYS HB 114 -104.02 -23.94 -19.14
N LEU HB 115 -104.40 -25.22 -19.14
CA LEU HB 115 -105.11 -25.86 -20.22
C LEU HB 115 -106.59 -25.56 -20.14
N LYS HB 116 -107.31 -25.61 -21.28
CA LYS HB 116 -108.74 -25.44 -21.29
C LYS HB 116 -109.45 -26.53 -20.50
N HIS HB 117 -110.20 -26.13 -19.46
CA HIS HB 117 -110.83 -27.03 -18.52
C HIS HB 117 -111.92 -27.89 -19.15
N ASN HB 118 -111.69 -29.22 -19.21
CA ASN HB 118 -112.64 -30.20 -19.71
C ASN HB 118 -112.59 -30.39 -21.21
N GLN HB 119 -111.44 -30.10 -21.85
CA GLN HB 119 -111.12 -30.71 -23.10
C GLN HB 119 -110.09 -31.77 -22.77
N PRO HB 120 -110.36 -33.04 -22.84
CA PRO HB 120 -109.32 -34.05 -22.77
C PRO HB 120 -108.38 -33.96 -23.94
N ILE HB 121 -107.13 -34.40 -23.77
CA ILE HB 121 -106.16 -34.36 -24.85
C ILE HB 121 -105.20 -35.50 -24.66
N VAL HB 122 -104.83 -36.23 -25.72
CA VAL HB 122 -103.85 -37.28 -25.59
C VAL HB 122 -102.49 -36.78 -26.03
N VAL HB 123 -101.50 -36.88 -25.15
CA VAL HB 123 -100.18 -36.35 -25.41
C VAL HB 123 -99.17 -37.46 -25.60
N LYS HB 124 -98.59 -37.55 -26.79
CA LYS HB 124 -97.52 -38.47 -27.12
C LYS HB 124 -96.17 -37.76 -27.09
N ALA HB 125 -95.22 -38.21 -26.25
CA ALA HB 125 -93.93 -37.58 -26.16
C ALA HB 125 -92.89 -38.51 -25.58
N ARG HB 126 -91.59 -38.17 -25.71
CA ARG HB 126 -90.54 -38.90 -25.03
C ARG HB 126 -90.48 -38.63 -23.54
N TYR HB 127 -90.52 -37.37 -23.10
CA TYR HB 127 -90.41 -37.03 -21.69
C TYR HB 127 -91.53 -36.13 -21.17
N PHE HB 128 -91.84 -36.25 -19.87
CA PHE HB 128 -92.83 -35.43 -19.21
C PHE HB 128 -92.30 -34.98 -17.87
N SER HB 129 -92.68 -33.78 -17.41
CA SER HB 129 -92.58 -33.47 -16.01
C SER HB 129 -93.70 -34.07 -15.21
N SER HB 130 -93.42 -34.30 -13.92
CA SER HB 130 -94.38 -34.67 -12.90
C SER HB 130 -95.62 -33.79 -12.91
N VAL HB 131 -95.41 -32.47 -12.94
CA VAL HB 131 -96.43 -31.46 -13.03
C VAL HB 131 -97.25 -31.62 -14.28
N ALA HB 132 -96.59 -31.83 -15.43
CA ALA HB 132 -97.26 -32.00 -16.68
C ALA HB 132 -98.18 -33.19 -16.68
N GLU HB 133 -97.73 -34.35 -16.16
CA GLU HB 133 -98.61 -35.50 -16.02
C GLU HB 133 -99.83 -35.19 -15.18
N LYS HB 134 -99.65 -34.53 -14.03
CA LYS HB 134 -100.78 -34.16 -13.22
C LYS HB 134 -101.77 -33.24 -13.91
N LYS HB 135 -101.28 -32.20 -14.60
CA LYS HB 135 -102.14 -31.31 -15.36
C LYS HB 135 -102.89 -31.98 -16.49
N ILE HB 136 -102.20 -32.80 -17.29
CA ILE HB 136 -102.82 -33.49 -18.40
C ILE HB 136 -103.89 -34.42 -17.89
N LYS HB 137 -103.60 -35.13 -16.78
CA LYS HB 137 -104.59 -35.98 -16.16
C LYS HB 137 -105.76 -35.18 -15.63
N ALA HB 138 -105.53 -34.04 -14.95
CA ALA HB 138 -106.57 -33.22 -14.39
C ALA HB 138 -107.67 -32.80 -15.37
N VAL HB 139 -107.32 -32.58 -16.63
CA VAL HB 139 -108.30 -32.21 -17.64
C VAL HB 139 -108.89 -33.42 -18.33
N GLY HB 140 -108.52 -34.64 -17.90
CA GLY HB 140 -109.12 -35.88 -18.36
C GLY HB 140 -108.37 -36.54 -19.48
N GLY HB 141 -107.20 -36.00 -19.85
CA GLY HB 141 -106.34 -36.56 -20.89
C GLY HB 141 -105.40 -37.64 -20.42
N GLN HB 142 -104.69 -38.27 -21.37
CA GLN HB 142 -103.74 -39.32 -21.09
C GLN HB 142 -102.36 -38.97 -21.63
N CYS HB 143 -101.31 -39.47 -20.97
CA CYS HB 143 -99.95 -39.35 -21.44
C CYS HB 143 -99.52 -40.70 -21.97
N ILE HB 144 -98.95 -40.73 -23.17
CA ILE HB 144 -98.40 -41.95 -23.74
C ILE HB 144 -96.92 -41.76 -23.93
N LEU HB 145 -96.08 -42.51 -23.19
CA LEU HB 145 -94.66 -42.53 -23.44
C LEU HB 145 -94.35 -43.22 -24.76
N VAL HB 146 -93.57 -42.59 -25.64
CA VAL HB 146 -93.29 -43.19 -26.92
C VAL HB 146 -91.92 -42.80 -27.42
N ALA HB 147 -91.19 -43.79 -27.95
CA ALA HB 147 -90.01 -43.55 -28.74
C ALA HB 147 -90.41 -43.36 -30.24
N GLY IB 1 -22.14 29.49 20.04
CA GLY IB 1 -22.76 28.29 20.72
C GLY IB 1 -24.25 28.20 20.51
N ARG IB 2 -25.03 28.99 21.27
CA ARG IB 2 -26.42 29.21 20.98
C ARG IB 2 -26.65 29.81 19.61
N ARG IB 3 -27.83 29.58 19.00
CA ARG IB 3 -28.33 30.38 17.90
C ARG IB 3 -28.32 31.88 18.20
N PRO IB 4 -28.30 32.78 17.25
CA PRO IB 4 -27.99 34.18 17.51
C PRO IB 4 -29.17 34.93 18.08
N ALA IB 5 -30.35 34.31 18.18
CA ALA IB 5 -31.52 34.75 18.93
C ALA IB 5 -32.50 35.58 18.12
N ARG IB 6 -32.07 36.13 16.97
CA ARG IB 6 -32.96 36.78 16.03
C ARG IB 6 -33.99 35.82 15.44
N CYS IB 7 -33.69 34.52 15.50
CA CYS IB 7 -34.59 33.45 15.17
C CYS IB 7 -35.83 33.39 16.05
N TYR IB 8 -35.71 33.65 17.35
CA TYR IB 8 -36.74 33.27 18.30
C TYR IB 8 -37.61 34.40 18.76
N ARG IB 9 -37.50 35.60 18.18
CA ARG IB 9 -38.38 36.72 18.49
C ARG IB 9 -39.83 36.44 18.17
N TYR IB 10 -40.09 35.61 17.14
CA TYR IB 10 -41.41 35.17 16.78
C TYR IB 10 -41.80 33.88 17.50
N CYS IB 11 -43.01 33.85 18.09
CA CYS IB 11 -43.38 32.88 19.10
C CYS IB 11 -44.42 31.92 18.62
N LYS IB 12 -44.56 31.83 17.29
CA LYS IB 12 -45.23 30.76 16.59
C LYS IB 12 -44.75 29.37 16.96
N ASN IB 13 -45.42 28.33 16.40
CA ASN IB 13 -45.36 26.96 16.87
C ASN IB 13 -46.12 26.84 18.19
N LYS IB 14 -46.76 25.69 18.47
CA LYS IB 14 -47.44 25.49 19.72
C LYS IB 14 -46.50 25.49 20.91
N PRO IB 15 -46.93 25.79 22.13
CA PRO IB 15 -46.21 25.38 23.33
C PRO IB 15 -45.85 23.90 23.35
N TYR IB 16 -44.88 23.54 24.19
CA TYR IB 16 -44.20 22.28 24.09
C TYR IB 16 -43.37 22.19 25.35
N PRO IB 17 -43.85 21.57 26.42
CA PRO IB 17 -43.24 21.75 27.73
C PRO IB 17 -42.32 20.61 28.07
N LYS IB 18 -41.52 20.74 29.13
CA LYS IB 18 -40.78 19.63 29.70
C LYS IB 18 -41.75 18.58 30.19
N SER IB 19 -41.66 17.36 29.65
CA SER IB 19 -42.78 16.43 29.80
C SER IB 19 -42.34 15.02 29.53
N ARG IB 20 -43.16 14.06 29.98
CA ARG IB 20 -42.87 12.65 29.92
C ARG IB 20 -42.68 12.15 28.51
N TYR IB 21 -43.43 12.71 27.56
CA TYR IB 21 -43.28 12.38 26.16
C TYR IB 21 -41.94 12.83 25.61
N CYS IB 22 -41.55 14.08 25.93
CA CYS IB 22 -40.38 14.68 25.33
C CYS IB 22 -39.07 14.17 25.92
N ARG IB 23 -38.97 14.14 27.26
CA ARG IB 23 -37.76 13.81 28.00
C ARG IB 23 -36.50 14.61 27.66
N GLY IB 24 -35.43 14.42 28.46
CA GLY IB 24 -34.06 14.69 28.01
C GLY IB 24 -33.61 16.12 27.93
N VAL IB 25 -34.41 17.09 28.39
CA VAL IB 25 -34.09 18.50 28.27
C VAL IB 25 -32.80 18.91 28.97
N PRO IB 26 -31.96 19.80 28.44
CA PRO IB 26 -30.93 20.46 29.24
C PRO IB 26 -31.55 21.29 30.35
N ASP IB 27 -30.78 21.65 31.38
CA ASP IB 27 -31.29 22.44 32.48
C ASP IB 27 -31.80 23.83 32.09
N PRO IB 28 -32.86 24.39 32.65
CA PRO IB 28 -33.09 25.83 32.69
C PRO IB 28 -31.88 26.64 33.11
N LYS IB 29 -31.61 27.81 32.51
CA LYS IB 29 -30.46 28.59 32.93
C LYS IB 29 -30.63 29.20 34.31
N ILE IB 30 -31.82 29.74 34.59
CA ILE IB 30 -32.13 30.35 35.86
C ILE IB 30 -32.71 29.36 36.85
N ARG IB 31 -32.00 29.12 37.97
CA ARG IB 31 -32.54 28.41 39.12
C ARG IB 31 -32.69 29.33 40.31
N ILE IB 32 -32.25 30.60 40.20
CA ILE IB 32 -32.21 31.52 41.32
C ILE IB 32 -33.58 31.97 41.77
N TYR IB 33 -34.45 32.35 40.82
CA TYR IB 33 -35.73 33.00 41.06
C TYR IB 33 -35.69 34.15 42.04
N ASP IB 34 -36.57 34.23 43.05
CA ASP IB 34 -36.61 35.39 43.92
C ASP IB 34 -35.30 35.72 44.66
N MET IB 35 -35.09 37.00 45.00
CA MET IB 35 -33.88 37.44 45.67
C MET IB 35 -34.21 38.65 46.50
N GLY IB 36 -33.28 39.07 47.37
CA GLY IB 36 -33.48 40.25 48.20
C GLY IB 36 -33.71 39.82 49.61
N ARG IB 37 -34.39 40.66 50.40
CA ARG IB 37 -34.83 40.28 51.73
C ARG IB 37 -36.15 39.55 51.63
N LYS IB 38 -36.07 38.24 51.39
CA LYS IB 38 -37.20 37.49 50.94
C LYS IB 38 -38.20 37.21 52.02
N LYS IB 39 -37.77 37.33 53.29
CA LYS IB 39 -38.59 36.96 54.41
C LYS IB 39 -39.39 38.12 54.96
N ALA IB 40 -39.24 39.33 54.37
CA ALA IB 40 -39.84 40.52 54.92
C ALA IB 40 -41.36 40.51 55.05
N ASP IB 41 -41.84 41.03 56.19
CA ASP IB 41 -43.24 41.17 56.49
C ASP IB 41 -43.92 42.18 55.57
N VAL IB 42 -45.21 41.97 55.32
CA VAL IB 42 -46.06 42.80 54.50
C VAL IB 42 -46.18 44.20 55.06
N ASN IB 43 -46.13 44.32 56.40
CA ASN IB 43 -46.11 45.61 57.05
C ASN IB 43 -44.90 46.47 56.66
N GLU IB 44 -43.70 45.88 56.50
CA GLU IB 44 -42.49 46.64 56.30
C GLU IB 44 -42.42 47.45 55.01
N PHE IB 45 -42.76 46.82 53.87
CA PHE IB 45 -42.74 47.46 52.58
C PHE IB 45 -44.09 48.02 52.22
N SER IB 46 -44.16 48.81 51.14
CA SER IB 46 -45.44 49.37 50.70
C SER IB 46 -45.38 49.91 49.31
N GLY IB 47 -44.19 49.95 48.68
CA GLY IB 47 -44.02 50.44 47.33
C GLY IB 47 -43.75 49.30 46.40
N VAL IB 48 -44.18 49.44 45.14
CA VAL IB 48 -44.04 48.37 44.20
C VAL IB 48 -43.91 48.94 42.80
N VAL IB 49 -43.05 48.33 41.97
CA VAL IB 49 -42.88 48.68 40.57
C VAL IB 49 -42.81 47.43 39.75
N HIS IB 50 -43.12 47.54 38.46
CA HIS IB 50 -43.20 46.44 37.54
C HIS IB 50 -42.65 46.83 36.19
N LEU IB 51 -41.99 45.87 35.52
CA LEU IB 51 -41.54 46.03 34.17
C LEU IB 51 -42.41 45.12 33.35
N VAL IB 52 -43.14 45.68 32.38
CA VAL IB 52 -44.28 45.00 31.80
C VAL IB 52 -44.14 44.83 30.31
N SER IB 53 -44.42 43.59 29.84
CA SER IB 53 -44.41 43.16 28.46
C SER IB 53 -45.36 43.89 27.52
N TYR IB 54 -44.98 43.99 26.25
CA TYR IB 54 -45.90 44.51 25.26
C TYR IB 54 -45.85 43.78 23.95
N GLU IB 55 -44.74 43.11 23.60
CA GLU IB 55 -44.62 42.60 22.26
C GLU IB 55 -45.43 41.35 21.98
N TYR IB 56 -45.30 40.33 22.84
CA TYR IB 56 -45.70 38.92 22.68
C TYR IB 56 -44.39 38.12 22.62
N GLU IB 57 -43.32 38.70 23.14
CA GLU IB 57 -41.96 38.25 23.13
C GLU IB 57 -41.69 36.88 23.75
N GLN IB 58 -40.68 36.15 23.22
CA GLN IB 58 -40.37 34.82 23.67
C GLN IB 58 -39.60 34.74 24.99
N ILE IB 59 -38.56 35.60 25.12
CA ILE IB 59 -37.71 35.72 26.29
C ILE IB 59 -36.87 34.50 26.57
N SER IB 60 -35.59 34.55 26.18
CA SER IB 60 -34.60 33.52 26.42
C SER IB 60 -34.36 33.21 27.88
N SER IB 61 -34.17 31.94 28.27
CA SER IB 61 -33.93 31.64 29.67
C SER IB 61 -32.69 32.29 30.21
N GLU IB 62 -31.61 32.26 29.44
CA GLU IB 62 -30.39 32.97 29.67
C GLU IB 62 -30.52 34.49 29.75
N ALA IB 63 -31.27 35.12 28.83
CA ALA IB 63 -31.61 36.52 28.91
C ALA IB 63 -32.28 36.88 30.22
N LEU IB 64 -33.25 36.07 30.63
CA LEU IB 64 -33.95 36.26 31.88
C LEU IB 64 -33.00 36.24 33.07
N GLU IB 65 -32.10 35.26 33.13
CA GLU IB 65 -31.10 35.12 34.15
C GLU IB 65 -30.21 36.35 34.23
N ALA IB 66 -29.70 36.80 33.09
CA ALA IB 66 -28.91 38.00 32.97
C ALA IB 66 -29.63 39.26 33.45
N ALA IB 67 -30.90 39.44 33.05
CA ALA IB 67 -31.72 40.54 33.47
C ALA IB 67 -31.89 40.59 34.96
N ARG IB 68 -32.21 39.44 35.57
CA ARG IB 68 -32.27 39.29 37.00
C ARG IB 68 -30.98 39.65 37.70
N ILE IB 69 -29.83 39.14 37.25
CA ILE IB 69 -28.56 39.50 37.87
C ILE IB 69 -28.26 40.98 37.76
N SER IB 70 -28.51 41.59 36.60
CA SER IB 70 -28.34 43.02 36.40
C SER IB 70 -29.17 43.86 37.35
N ALA IB 71 -30.46 43.55 37.47
CA ALA IB 71 -31.42 44.21 38.36
C ALA IB 71 -31.00 44.20 39.79
N ASN IB 72 -30.56 43.03 40.24
CA ASN IB 72 -30.19 42.72 41.59
C ASN IB 72 -28.98 43.54 41.96
N LYS IB 73 -27.96 43.51 41.10
CA LYS IB 73 -26.72 44.22 41.30
C LYS IB 73 -26.94 45.71 41.41
N TYR IB 74 -27.81 46.26 40.55
CA TYR IB 74 -28.17 47.66 40.65
C TYR IB 74 -28.84 48.04 41.96
N MET IB 75 -29.84 47.30 42.46
CA MET IB 75 -30.37 47.54 43.79
C MET IB 75 -29.37 47.42 44.91
N ILE IB 76 -28.55 46.36 44.92
CA ILE IB 76 -27.55 46.14 45.96
C ILE IB 76 -26.54 47.24 46.01
N THR IB 77 -26.06 47.70 44.85
CA THR IB 77 -25.22 48.90 44.81
C THR IB 77 -25.88 50.15 45.33
N ASN IB 78 -27.15 50.39 44.97
CA ASN IB 78 -27.86 51.57 45.40
C ASN IB 78 -28.32 51.55 46.86
N CYS IB 79 -29.29 50.68 47.23
CA CYS IB 79 -29.96 50.78 48.52
C CYS IB 79 -29.67 49.65 49.47
N GLY IB 80 -28.79 48.70 49.10
CA GLY IB 80 -28.45 47.55 49.94
C GLY IB 80 -29.59 46.61 50.30
N LYS IB 81 -29.23 45.56 51.03
CA LYS IB 81 -30.04 44.35 51.09
C LYS IB 81 -31.07 44.37 52.18
N ASP IB 82 -31.19 45.47 52.92
CA ASP IB 82 -32.25 45.62 53.90
C ASP IB 82 -33.56 46.01 53.26
N ASN IB 83 -33.53 46.55 52.03
CA ASN IB 83 -34.58 47.44 51.57
C ASN IB 83 -35.39 46.98 50.39
N PHE IB 84 -35.23 45.75 49.88
CA PHE IB 84 -36.05 45.35 48.76
C PHE IB 84 -36.18 43.85 48.64
N HIS IB 85 -37.08 43.45 47.74
CA HIS IB 85 -37.18 42.09 47.34
C HIS IB 85 -37.49 42.13 45.86
N LEU IB 86 -36.67 41.40 45.10
CA LEU IB 86 -36.74 41.23 43.67
C LEU IB 86 -37.34 39.91 43.33
N ARG IB 87 -38.56 39.87 42.79
CA ARG IB 87 -39.18 38.62 42.43
C ARG IB 87 -39.38 38.55 40.94
N VAL IB 88 -38.68 37.60 40.29
CA VAL IB 88 -38.90 37.27 38.89
C VAL IB 88 -40.31 36.73 38.75
N ARG IB 89 -41.13 37.32 37.89
CA ARG IB 89 -42.54 37.00 37.84
C ARG IB 89 -42.90 36.34 36.53
N ILE IB 90 -41.91 35.62 35.97
CA ILE IB 90 -42.08 34.80 34.79
C ILE IB 90 -41.14 33.65 34.97
N HIS IB 91 -41.23 32.62 34.12
CA HIS IB 91 -40.41 31.46 34.18
C HIS IB 91 -40.20 30.98 32.76
N PRO IB 92 -39.10 30.40 32.39
CA PRO IB 92 -39.09 29.51 31.25
C PRO IB 92 -39.88 28.25 31.54
N PHE IB 93 -40.52 27.66 30.53
CA PHE IB 93 -41.20 26.37 30.65
C PHE IB 93 -41.38 25.69 29.31
N HIS IB 94 -40.99 26.34 28.21
CA HIS IB 94 -41.25 25.85 26.89
C HIS IB 94 -39.94 25.50 26.27
N VAL IB 95 -39.84 24.31 25.66
CA VAL IB 95 -38.61 23.80 25.10
C VAL IB 95 -38.46 24.23 23.67
N LEU IB 96 -37.25 24.60 23.25
CA LEU IB 96 -36.91 24.89 21.88
C LEU IB 96 -35.92 23.86 21.43
N ARG IB 97 -36.03 23.47 20.17
CA ARG IB 97 -35.31 22.35 19.62
C ARG IB 97 -34.74 22.72 18.28
N ILE IB 98 -33.61 22.10 17.88
CA ILE IB 98 -32.90 22.47 16.67
C ILE IB 98 -32.35 21.25 15.99
N ASN IB 99 -32.09 21.39 14.67
CA ASN IB 99 -31.36 20.41 13.92
C ASN IB 99 -29.86 20.56 14.19
N LYS IB 100 -29.05 19.63 13.70
CA LYS IB 100 -27.60 19.67 13.79
C LYS IB 100 -26.95 20.55 12.66
N ALA IB 117 -35.09 15.77 9.23
CA ALA IB 117 -35.80 15.20 10.40
C ALA IB 117 -36.17 16.22 11.46
N PHE IB 118 -36.97 15.80 12.46
CA PHE IB 118 -37.34 16.54 13.64
C PHE IB 118 -36.15 16.93 14.51
N GLY IB 119 -36.22 18.09 15.19
CA GLY IB 119 -35.15 18.58 16.05
C GLY IB 119 -34.85 17.75 17.28
N LYS IB 120 -33.82 18.18 18.03
CA LYS IB 120 -33.51 17.67 19.35
C LYS IB 120 -33.66 18.81 20.34
N PRO IB 121 -34.10 18.61 21.57
CA PRO IB 121 -34.07 19.61 22.62
C PRO IB 121 -32.77 20.38 22.75
N ASN IB 122 -32.83 21.71 22.95
CA ASN IB 122 -31.61 22.49 23.07
C ASN IB 122 -31.70 23.64 24.04
N GLY IB 123 -32.87 24.19 24.33
CA GLY IB 123 -32.95 25.29 25.28
C GLY IB 123 -34.36 25.50 25.72
N VAL IB 124 -34.58 26.42 26.67
CA VAL IB 124 -35.90 26.66 27.20
C VAL IB 124 -36.18 28.13 27.22
N VAL IB 125 -37.47 28.49 27.29
CA VAL IB 125 -37.92 29.81 26.97
C VAL IB 125 -39.27 30.06 27.61
N ALA IB 126 -39.78 31.31 27.63
CA ALA IB 126 -40.83 31.71 28.55
C ALA IB 126 -42.19 32.15 27.99
N ARG IB 127 -42.26 32.71 26.78
CA ARG IB 127 -43.50 33.07 26.09
C ARG IB 127 -44.54 33.88 26.85
N VAL IB 128 -44.22 35.10 27.31
CA VAL IB 128 -45.24 35.99 27.83
C VAL IB 128 -46.24 36.47 26.82
N ASP IB 129 -47.47 36.71 27.28
CA ASP IB 129 -48.45 37.45 26.54
C ASP IB 129 -48.25 38.95 26.76
N ILE IB 130 -48.89 39.79 25.93
CA ILE IB 130 -48.93 41.22 26.11
C ILE IB 130 -49.51 41.62 27.46
N GLY IB 131 -48.93 42.64 28.12
CA GLY IB 131 -49.52 43.22 29.31
C GLY IB 131 -49.36 42.39 30.55
N GLN IB 132 -48.21 41.73 30.70
CA GLN IB 132 -47.90 40.90 31.82
C GLN IB 132 -46.59 41.36 32.44
N VAL IB 133 -46.54 41.42 33.77
CA VAL IB 133 -45.30 41.74 34.46
C VAL IB 133 -44.20 40.71 34.28
N LEU IB 134 -42.98 41.19 33.98
CA LEU IB 134 -41.79 40.35 33.90
C LEU IB 134 -41.05 40.36 35.21
N LEU IB 135 -40.62 41.55 35.64
CA LEU IB 135 -39.85 41.67 36.85
C LEU IB 135 -40.56 42.59 37.82
N SER IB 136 -40.62 42.18 39.09
CA SER IB 136 -41.32 42.90 40.14
C SER IB 136 -40.40 43.19 41.29
N ILE IB 137 -40.47 44.42 41.83
CA ILE IB 137 -39.69 44.80 42.98
C ILE IB 137 -40.62 45.30 44.05
N ARG IB 138 -40.56 44.67 45.23
CA ARG IB 138 -41.25 45.08 46.42
C ARG IB 138 -40.29 45.89 47.27
N THR IB 139 -40.68 47.09 47.74
CA THR IB 139 -39.75 47.97 48.43
C THR IB 139 -40.44 49.02 49.28
N LYS IB 140 -39.65 49.89 49.89
CA LYS IB 140 -40.04 51.02 50.70
C LYS IB 140 -40.11 52.29 49.84
N GLU IB 141 -40.95 53.26 50.27
CA GLU IB 141 -41.32 54.44 49.50
C GLU IB 141 -40.15 55.29 49.04
N ASN IB 142 -39.09 55.42 49.85
CA ASN IB 142 -37.94 56.23 49.53
C ASN IB 142 -37.17 55.72 48.34
N PHE IB 143 -37.41 54.47 47.95
CA PHE IB 143 -36.53 53.74 47.08
C PHE IB 143 -37.24 53.36 45.82
N VAL IB 144 -38.42 53.91 45.53
CA VAL IB 144 -39.20 53.45 44.39
C VAL IB 144 -38.59 53.91 43.09
N SER IB 145 -38.06 55.15 43.03
CA SER IB 145 -37.30 55.63 41.88
C SER IB 145 -36.07 54.78 41.59
N LYS IB 146 -35.34 54.36 42.63
CA LYS IB 146 -34.22 53.46 42.49
C LYS IB 146 -34.60 52.13 41.88
N ALA IB 147 -35.68 51.53 42.36
CA ALA IB 147 -36.24 50.30 41.85
C ALA IB 147 -36.68 50.45 40.41
N CYS IB 148 -37.38 51.55 40.08
CA CYS IB 148 -37.75 51.90 38.74
C CYS IB 148 -36.55 51.95 37.82
N GLU IB 149 -35.47 52.60 38.26
CA GLU IB 149 -34.23 52.64 37.54
C GLU IB 149 -33.61 51.27 37.33
N ALA IB 150 -33.63 50.39 38.35
CA ALA IB 150 -33.18 49.02 38.22
C ALA IB 150 -33.91 48.25 37.12
N LEU IB 151 -35.24 48.35 37.09
CA LEU IB 151 -36.04 47.82 36.01
C LEU IB 151 -35.69 48.38 34.65
N ARG IB 152 -35.39 49.67 34.58
CA ARG IB 152 -34.96 50.34 33.38
C ARG IB 152 -33.63 49.79 32.86
N ARG IB 153 -32.67 49.52 33.76
CA ARG IB 153 -31.46 48.81 33.42
C ARG IB 153 -31.77 47.44 32.89
N ALA IB 154 -32.70 46.72 33.52
CA ALA IB 154 -33.12 45.39 33.12
C ALA IB 154 -33.69 45.33 31.71
N LYS IB 155 -34.55 46.28 31.32
CA LYS IB 155 -35.22 46.27 30.04
C LYS IB 155 -34.32 46.11 28.82
N TYR IB 156 -33.15 46.76 28.79
CA TYR IB 156 -32.17 46.54 27.74
C TYR IB 156 -31.64 45.11 27.56
N LYS IB 157 -31.97 44.16 28.45
CA LYS IB 157 -31.54 42.79 28.33
C LYS IB 157 -32.66 41.90 27.82
N PHE IB 158 -33.82 42.48 27.47
CA PHE IB 158 -34.90 41.70 26.90
C PHE IB 158 -35.12 42.07 25.43
N PRO IB 159 -35.32 41.13 24.53
CA PRO IB 159 -36.04 41.35 23.29
C PRO IB 159 -37.34 42.12 23.43
N GLY IB 160 -37.76 42.83 22.36
CA GLY IB 160 -39.08 43.45 22.31
C GLY IB 160 -39.31 44.65 23.18
N ARG IB 161 -40.51 45.23 23.08
CA ARG IB 161 -40.90 46.45 23.74
C ARG IB 161 -41.38 46.23 25.17
N GLN IB 162 -40.94 47.08 26.13
CA GLN IB 162 -41.48 47.02 27.49
C GLN IB 162 -41.55 48.39 28.11
N LYS IB 163 -42.51 48.61 29.01
CA LYS IB 163 -42.64 49.84 29.76
C LYS IB 163 -42.56 49.53 31.23
N VAL IB 164 -42.02 50.49 31.99
CA VAL IB 164 -41.93 50.42 33.43
C VAL IB 164 -43.12 51.11 34.04
N PHE IB 165 -43.69 50.53 35.12
CA PHE IB 165 -44.81 51.10 35.81
C PHE IB 165 -44.63 51.01 37.31
N VAL IB 166 -45.46 51.78 38.01
CA VAL IB 166 -45.59 51.85 39.43
C VAL IB 166 -47.07 51.66 39.69
N SER IB 167 -47.48 51.29 40.91
CA SER IB 167 -48.88 50.96 41.16
C SER IB 167 -49.36 51.64 42.41
N ASN IB 168 -50.69 51.66 42.58
CA ASN IB 168 -51.34 52.24 43.74
C ASN IB 168 -51.68 51.17 44.74
N LYS IB 169 -51.22 49.95 44.51
CA LYS IB 169 -51.39 48.86 45.43
C LYS IB 169 -50.35 48.87 46.52
N TRP IB 170 -50.55 48.07 47.57
CA TRP IB 170 -49.60 47.95 48.66
C TRP IB 170 -48.37 47.13 48.27
N GLY IB 171 -48.45 46.41 47.13
CA GLY IB 171 -47.38 45.58 46.62
C GLY IB 171 -47.58 44.17 47.07
N PHE IB 172 -47.61 43.24 46.10
CA PHE IB 172 -47.88 41.84 46.35
C PHE IB 172 -49.18 41.59 47.11
N THR IB 173 -50.27 42.07 46.52
CA THR IB 173 -51.57 41.99 47.13
C THR IB 173 -52.51 42.23 46.00
N PRO IB 174 -53.78 41.95 46.09
CA PRO IB 174 -54.75 42.53 45.18
C PRO IB 174 -55.11 43.95 45.61
N PHE IB 175 -54.81 44.37 46.84
CA PHE IB 175 -55.40 45.57 47.40
C PHE IB 175 -54.68 46.88 47.10
N SER IB 176 -55.43 47.94 46.78
CA SER IB 176 -54.96 49.32 46.75
C SER IB 176 -54.41 49.78 48.09
N LYS IB 177 -53.45 50.73 48.15
CA LYS IB 177 -52.82 51.13 49.41
C LYS IB 177 -53.81 51.60 50.44
N ASP IB 178 -54.73 52.47 50.02
CA ASP IB 178 -55.82 52.96 50.81
C ASP IB 178 -56.73 51.86 51.33
N GLU IB 179 -57.08 50.89 50.48
CA GLU IB 179 -57.83 49.70 50.85
C GLU IB 179 -57.11 48.90 51.90
N TYR IB 180 -55.79 48.68 51.71
CA TYR IB 180 -54.95 47.95 52.63
C TYR IB 180 -54.97 48.60 54.00
N GLN IB 181 -54.83 49.93 54.05
CA GLN IB 181 -54.89 50.68 55.27
C GLN IB 181 -56.24 50.57 55.94
N GLN IB 182 -57.33 50.71 55.17
CA GLN IB 182 -58.68 50.59 55.66
C GLN IB 182 -58.98 49.23 56.27
N TYR IB 183 -58.64 48.15 55.57
CA TYR IB 183 -58.75 46.80 56.10
C TYR IB 183 -57.92 46.58 57.34
N LYS IB 184 -56.65 47.03 57.35
CA LYS IB 184 -55.77 46.97 58.49
C LYS IB 184 -56.32 47.68 59.71
N LYS IB 185 -56.92 48.86 59.51
CA LYS IB 185 -57.59 49.62 60.54
C LYS IB 185 -58.70 48.86 61.25
N LYS IB 186 -59.56 48.17 60.49
CA LYS IB 186 -60.69 47.45 61.05
C LYS IB 186 -60.42 45.96 61.15
N GLY IB 187 -59.12 45.56 61.14
CA GLY IB 187 -58.65 44.25 61.56
C GLY IB 187 -59.13 43.07 60.75
N ARG IB 188 -59.35 43.25 59.43
CA ARG IB 188 -59.90 42.20 58.58
C ARG IB 188 -58.84 41.48 57.76
N ILE IB 189 -57.57 41.86 57.93
CA ILE IB 189 -56.51 41.44 57.04
C ILE IB 189 -55.32 40.97 57.84
N ILE IB 190 -54.93 39.71 57.65
CA ILE IB 190 -53.91 39.05 58.43
C ILE IB 190 -52.67 38.80 57.60
N SER IB 191 -51.47 39.13 58.11
CA SER IB 191 -50.24 38.92 57.36
C SER IB 191 -49.80 37.49 57.58
N ASP IB 192 -49.49 36.78 56.50
CA ASP IB 192 -49.50 35.33 56.50
C ASP IB 192 -48.30 34.81 55.72
N GLY IB 193 -47.22 35.61 55.63
CA GLY IB 193 -46.03 35.28 54.86
C GLY IB 193 -46.19 35.66 53.40
N VAL IB 194 -45.25 36.49 52.91
CA VAL IB 194 -45.24 37.07 51.56
C VAL IB 194 -46.26 38.17 51.44
N SER IB 195 -47.52 37.81 51.64
CA SER IB 195 -48.68 38.66 51.45
C SER IB 195 -49.71 38.41 52.53
N CYS IB 196 -50.97 38.75 52.26
CA CYS IB 196 -51.98 38.98 53.25
C CYS IB 196 -53.26 38.21 52.99
N LYS IB 197 -53.82 37.62 54.05
CA LYS IB 197 -55.03 36.84 54.03
C LYS IB 197 -56.23 37.65 54.49
N PHE IB 198 -57.31 37.65 53.70
CA PHE IB 198 -58.53 38.39 53.97
C PHE IB 198 -59.55 37.52 54.71
N ILE IB 199 -59.97 37.92 55.91
CA ILE IB 199 -60.99 37.23 56.69
C ILE IB 199 -62.38 37.26 56.04
N ARG IB 200 -63.01 36.08 55.82
CA ARG IB 200 -64.25 35.95 55.07
C ARG IB 200 -65.45 35.42 55.87
N GLU IB 201 -65.33 35.36 57.21
CA GLU IB 201 -66.45 35.20 58.12
C GLU IB 201 -67.18 33.85 58.06
N LYS IB 202 -66.44 32.73 58.11
CA LYS IB 202 -66.97 31.42 57.78
C LYS IB 202 -66.72 30.35 58.83
N GLY IB 203 -67.76 29.58 59.21
CA GLY IB 203 -67.71 28.57 60.27
C GLY IB 203 -67.32 29.06 61.66
N PRO IB 204 -67.19 28.20 62.65
CA PRO IB 204 -66.66 28.57 63.96
C PRO IB 204 -65.24 29.09 63.92
N LEU IB 205 -64.81 29.76 65.00
CA LEU IB 205 -63.55 30.47 65.09
C LEU IB 205 -62.31 29.67 64.56
N LYS JB 1 -51.59 13.02 54.88
CA LYS JB 1 -52.53 14.19 54.76
C LYS JB 1 -53.88 13.92 55.38
N VAL JB 2 -54.74 14.94 55.49
CA VAL JB 2 -56.13 14.71 55.87
C VAL JB 2 -56.91 14.15 54.69
N VAL JB 3 -57.47 12.94 54.82
CA VAL JB 3 -58.17 12.32 53.70
C VAL JB 3 -59.47 13.04 53.39
N LYS JB 4 -60.14 13.60 54.43
CA LYS JB 4 -61.37 14.36 54.28
C LYS JB 4 -61.13 15.80 53.86
N ASN JB 5 -60.13 16.00 52.99
CA ASN JB 5 -59.85 17.15 52.17
C ASN JB 5 -61.09 17.70 51.44
N LYS JB 6 -61.06 18.98 51.06
CA LYS JB 6 -62.06 19.59 50.21
C LYS JB 6 -62.20 18.87 48.88
N ALA JB 7 -61.05 18.49 48.28
CA ALA JB 7 -60.99 17.78 47.03
C ALA JB 7 -61.77 16.47 47.05
N TYR JB 8 -61.62 15.69 48.12
CA TYR JB 8 -62.31 14.44 48.29
C TYR JB 8 -63.83 14.61 48.26
N PHE JB 9 -64.41 15.61 48.95
CA PHE JB 9 -65.81 15.91 48.75
C PHE JB 9 -66.17 16.31 47.34
N LYS JB 10 -65.35 17.19 46.74
CA LYS JB 10 -65.58 17.72 45.42
C LYS JB 10 -65.64 16.71 44.30
N ARG JB 11 -64.67 15.79 44.24
CA ARG JB 11 -64.71 14.74 43.26
C ARG JB 11 -65.90 13.80 43.40
N TYR JB 12 -66.21 13.36 44.63
CA TYR JB 12 -67.20 12.35 44.96
C TYR JB 12 -68.47 12.27 44.13
N GLN JB 13 -68.82 11.04 43.70
CA GLN JB 13 -70.08 10.75 43.09
C GLN JB 13 -70.79 9.76 43.97
N VAL JB 14 -71.97 10.14 44.50
CA VAL JB 14 -72.82 9.25 45.26
C VAL JB 14 -73.42 8.13 44.44
N LYS JB 15 -73.60 6.94 45.04
CA LYS JB 15 -74.45 5.92 44.46
C LYS JB 15 -75.90 6.27 44.75
N TYR JB 16 -76.85 5.73 43.95
CA TYR JB 16 -78.27 6.02 44.03
C TYR JB 16 -78.87 5.92 45.43
N ARG JB 17 -79.89 6.73 45.76
CA ARG JB 17 -80.34 6.89 47.13
C ARG JB 17 -80.79 5.60 47.74
N ARG JB 18 -81.60 4.80 47.03
CA ARG JB 18 -82.00 3.50 47.53
C ARG JB 18 -80.83 2.54 47.74
N ARG JB 19 -79.83 2.48 46.84
CA ARG JB 19 -78.63 1.69 47.06
C ARG JB 19 -77.80 2.15 48.24
N ARG JB 20 -77.67 3.46 48.40
CA ARG JB 20 -77.00 4.11 49.51
C ARG JB 20 -77.62 3.79 50.86
N GLU JB 21 -78.95 3.88 50.94
CA GLU JB 21 -79.80 3.43 52.02
C GLU JB 21 -79.70 1.93 52.25
N GLY JB 22 -79.64 1.18 51.14
CA GLY JB 22 -79.34 -0.23 51.11
C GLY JB 22 -80.51 -1.11 50.79
N LYS JB 23 -81.68 -0.52 50.55
CA LYS JB 23 -82.86 -1.30 50.24
C LYS JB 23 -82.77 -2.09 48.95
N THR JB 24 -82.31 -1.47 47.86
CA THR JB 24 -82.41 -2.08 46.54
C THR JB 24 -81.07 -2.55 46.01
N ASP JB 25 -81.09 -3.47 45.04
CA ASP JB 25 -79.89 -3.93 44.39
C ASP JB 25 -79.49 -3.11 43.16
N TYR JB 26 -80.48 -2.76 42.31
CA TYR JB 26 -80.32 -2.13 41.01
C TYR JB 26 -79.89 -3.07 39.92
N ARG JB 27 -78.80 -3.84 40.08
CA ARG JB 27 -78.39 -4.80 39.06
C ARG JB 27 -79.47 -5.84 38.85
N ALA JB 28 -79.94 -6.44 39.96
CA ALA JB 28 -81.05 -7.35 39.94
C ALA JB 28 -82.31 -6.70 39.44
N ARG JB 29 -82.62 -5.46 39.85
CA ARG JB 29 -83.80 -4.76 39.40
C ARG JB 29 -83.80 -4.55 37.90
N LYS JB 30 -82.69 -4.07 37.31
CA LYS JB 30 -82.68 -3.82 35.89
C LYS JB 30 -82.88 -5.08 35.07
N ALA JB 31 -82.21 -6.18 35.46
CA ALA JB 31 -82.43 -7.47 34.86
C ALA JB 31 -83.85 -7.99 35.00
N LEU JB 32 -84.43 -7.89 36.20
CA LEU JB 32 -85.78 -8.26 36.51
C LEU JB 32 -86.84 -7.52 35.71
N ILE JB 33 -86.69 -6.20 35.54
CA ILE JB 33 -87.67 -5.37 34.85
C ILE JB 33 -87.77 -5.70 33.38
N LEU JB 34 -86.71 -5.48 32.60
CA LEU JB 34 -86.65 -5.66 31.17
C LEU JB 34 -87.41 -6.84 30.60
N GLN JB 35 -88.33 -6.61 29.66
CA GLN JB 35 -88.95 -7.65 28.88
C GLN JB 35 -88.36 -7.57 27.50
N ASP JB 36 -88.49 -8.63 26.66
CA ASP JB 36 -87.97 -8.57 25.32
C ASP JB 36 -88.63 -7.47 24.52
N LYS JB 37 -87.82 -6.60 23.90
CA LYS JB 37 -88.29 -5.28 23.60
C LYS JB 37 -89.28 -5.24 22.47
N ASN JB 38 -89.31 -6.27 21.61
CA ASN JB 38 -90.34 -6.41 20.61
C ASN JB 38 -91.70 -6.83 21.19
N LYS JB 39 -91.76 -7.39 22.42
CA LYS JB 39 -93.02 -7.51 23.12
C LYS JB 39 -93.50 -6.15 23.56
N TYR JB 40 -94.82 -5.91 23.59
CA TYR JB 40 -95.34 -4.60 23.91
C TYR JB 40 -96.39 -4.71 24.97
N ASN JB 41 -96.29 -3.89 26.04
CA ASN JB 41 -97.25 -3.84 27.12
C ASN JB 41 -97.28 -5.12 27.95
N ALA JB 42 -96.20 -5.91 27.88
CA ALA JB 42 -95.99 -7.03 28.75
C ALA JB 42 -95.15 -6.51 29.88
N GLN JB 43 -95.72 -6.44 31.09
CA GLN JB 43 -95.12 -5.65 32.14
C GLN JB 43 -94.35 -6.48 33.14
N LYS JB 44 -94.28 -7.82 32.95
CA LYS JB 44 -93.49 -8.74 33.76
C LYS JB 44 -93.64 -8.59 35.27
N LEU JB 45 -94.84 -8.86 35.79
CA LEU JB 45 -95.21 -8.70 37.18
C LEU JB 45 -94.29 -9.43 38.15
N ARG JB 46 -93.63 -8.68 39.05
CA ARG JB 46 -92.76 -9.28 40.04
C ARG JB 46 -93.46 -9.48 41.36
N PHE JB 47 -93.24 -10.65 41.97
CA PHE JB 47 -93.68 -10.97 43.30
C PHE JB 47 -92.58 -10.60 44.28
N VAL JB 48 -92.71 -9.44 44.91
CA VAL JB 48 -91.73 -8.88 45.80
C VAL JB 48 -91.97 -9.29 47.24
N VAL JB 49 -90.94 -9.89 47.87
CA VAL JB 49 -91.01 -10.35 49.24
C VAL JB 49 -89.85 -9.74 50.00
N ARG JB 50 -90.15 -8.99 51.06
CA ARG JB 50 -89.13 -8.44 51.92
C ARG JB 50 -89.35 -8.95 53.33
N LYS JB 51 -88.28 -9.43 54.00
CA LYS JB 51 -88.37 -10.10 55.28
C LYS JB 51 -87.89 -9.18 56.37
N THR JB 52 -88.84 -8.47 57.00
CA THR JB 52 -88.55 -7.54 58.10
C THR JB 52 -88.47 -8.38 59.35
N ASN JB 53 -87.83 -7.88 60.42
CA ASN JB 53 -87.62 -8.67 61.61
C ASN JB 53 -88.95 -9.16 62.21
N SER JB 54 -89.97 -8.30 62.17
CA SER JB 54 -91.29 -8.60 62.69
C SER JB 54 -92.15 -9.54 61.85
N GLN JB 55 -91.89 -9.77 60.56
CA GLN JB 55 -92.94 -10.11 59.62
C GLN JB 55 -92.51 -9.94 58.18
N VAL JB 56 -93.06 -10.76 57.28
CA VAL JB 56 -92.67 -10.78 55.89
C VAL JB 56 -93.78 -10.16 55.08
N ILE JB 57 -93.39 -9.34 54.11
CA ILE JB 57 -94.32 -8.52 53.39
C ILE JB 57 -94.27 -8.94 51.93
N CYS JB 58 -95.43 -9.28 51.35
CA CYS JB 58 -95.54 -9.79 50.00
C CYS JB 58 -96.38 -8.87 49.15
N GLN JB 59 -95.79 -8.25 48.13
CA GLN JB 59 -96.48 -7.37 47.21
C GLN JB 59 -96.38 -7.83 45.75
N ILE JB 60 -97.41 -7.52 44.93
CA ILE JB 60 -97.37 -7.68 43.50
C ILE JB 60 -97.03 -6.36 42.85
N ALA JB 61 -95.88 -6.27 42.18
CA ALA JB 61 -95.35 -5.05 41.63
C ALA JB 61 -95.19 -5.00 40.10
N CYS JB 62 -95.48 -3.83 39.52
CA CYS JB 62 -95.37 -3.53 38.12
C CYS JB 62 -94.57 -2.27 37.92
N ALA JB 63 -93.46 -2.36 37.19
CA ALA JB 63 -92.58 -1.24 36.93
C ALA JB 63 -93.14 -0.24 35.92
N HIS JB 64 -93.11 1.07 36.25
CA HIS JB 64 -93.53 2.13 35.37
C HIS JB 64 -92.55 3.26 35.57
N ILE JB 65 -92.47 4.19 34.60
CA ILE JB 65 -91.47 5.24 34.58
C ILE JB 65 -91.54 6.23 35.73
N GLU JB 66 -92.73 6.52 36.27
CA GLU JB 66 -92.92 7.36 37.43
C GLU JB 66 -93.06 6.53 38.71
N GLY JB 67 -92.71 5.25 38.62
CA GLY JB 67 -92.43 4.38 39.75
C GLY JB 67 -93.39 3.24 39.88
N ASP JB 68 -93.00 2.22 40.63
CA ASP JB 68 -93.71 0.97 40.81
C ASP JB 68 -95.16 1.06 41.29
N LYS JB 69 -96.06 0.39 40.60
CA LYS JB 69 -97.43 0.23 41.03
C LYS JB 69 -97.65 -1.11 41.69
N ILE JB 70 -98.18 -1.11 42.92
CA ILE JB 70 -98.54 -2.29 43.68
C ILE JB 70 -99.97 -2.70 43.45
N LEU JB 71 -100.24 -3.93 43.00
CA LEU JB 71 -101.60 -4.36 42.80
C LEU JB 71 -102.19 -5.10 43.99
N ALA JB 72 -101.53 -6.13 44.56
CA ALA JB 72 -101.95 -6.73 45.82
C ALA JB 72 -100.81 -6.79 46.82
N GLU JB 73 -101.11 -6.64 48.12
CA GLU JB 73 -100.10 -6.58 49.15
C GLU JB 73 -100.58 -7.23 50.44
N ALA JB 74 -99.76 -8.07 51.08
CA ALA JB 74 -100.11 -8.67 52.34
C ALA JB 74 -98.95 -8.74 53.31
N LYS JB 75 -99.27 -8.44 54.58
CA LYS JB 75 -98.39 -8.45 55.72
C LYS JB 75 -98.78 -9.56 56.70
N SER JB 76 -97.80 -10.17 57.36
CA SER JB 76 -98.00 -11.31 58.25
C SER JB 76 -98.93 -11.05 59.41
N LYS JB 77 -99.05 -9.81 59.90
CA LYS JB 77 -99.88 -9.53 61.04
C LYS JB 77 -101.37 -9.57 60.69
N GLU JB 78 -101.72 -9.80 59.43
CA GLU JB 78 -103.09 -10.10 59.06
C GLU JB 78 -103.50 -11.49 59.47
N LEU JB 79 -102.59 -12.47 59.52
CA LEU JB 79 -102.92 -13.82 59.90
C LEU JB 79 -103.60 -13.99 61.25
N ILE JB 80 -103.43 -13.03 62.18
CA ILE JB 80 -104.21 -12.90 63.41
C ILE JB 80 -105.70 -12.94 63.19
N ARG JB 81 -106.19 -12.23 62.14
CA ARG JB 81 -107.60 -12.20 61.81
C ARG JB 81 -108.11 -13.55 61.37
N TYR JB 82 -107.20 -14.45 60.98
CA TYR JB 82 -107.51 -15.74 60.41
C TYR JB 82 -107.16 -16.84 61.40
N GLY JB 83 -106.81 -16.46 62.64
CA GLY JB 83 -106.72 -17.38 63.76
C GLY JB 83 -105.32 -17.76 64.16
N ILE JB 84 -104.29 -17.12 63.60
CA ILE JB 84 -102.90 -17.39 64.00
C ILE JB 84 -102.40 -16.18 64.77
N PRO JB 85 -102.16 -16.21 66.06
CA PRO JB 85 -102.00 -14.95 66.79
C PRO JB 85 -100.52 -14.70 66.98
N VAL JB 86 -99.67 -15.64 66.57
CA VAL JB 86 -98.34 -15.71 67.09
C VAL JB 86 -97.44 -16.32 66.04
N GLY JB 87 -96.11 -16.04 66.09
CA GLY JB 87 -95.14 -16.66 65.20
C GLY JB 87 -95.04 -15.99 63.88
N LEU JB 88 -95.29 -14.68 63.82
CA LEU JB 88 -95.52 -13.98 62.57
C LEU JB 88 -94.27 -13.77 61.73
N LYS JB 89 -93.08 -13.93 62.33
CA LYS JB 89 -91.81 -13.96 61.62
C LYS JB 89 -91.57 -15.30 60.93
N ASN JB 90 -92.27 -16.36 61.36
CA ASN JB 90 -91.97 -17.72 61.00
C ASN JB 90 -92.13 -18.11 59.52
N TYR JB 91 -91.39 -19.14 59.09
CA TYR JB 91 -91.50 -19.79 57.81
C TYR JB 91 -92.92 -20.21 57.47
N ALA JB 92 -93.63 -20.82 58.43
CA ALA JB 92 -95.02 -21.17 58.28
C ALA JB 92 -95.86 -19.95 57.96
N ALA JB 93 -95.65 -18.88 58.73
CA ALA JB 93 -96.30 -17.61 58.54
C ALA JB 93 -96.02 -17.04 57.16
N ALA JB 94 -94.78 -17.12 56.70
CA ALA JB 94 -94.43 -16.65 55.39
C ALA JB 94 -95.16 -17.39 54.28
N TYR JB 95 -95.26 -18.73 54.36
CA TYR JB 95 -96.03 -19.51 53.43
C TYR JB 95 -97.49 -19.06 53.38
N ALA JB 96 -98.08 -18.86 54.57
CA ALA JB 96 -99.41 -18.31 54.68
C ALA JB 96 -99.55 -16.91 54.07
N THR JB 97 -98.59 -16.03 54.37
CA THR JB 97 -98.56 -14.66 53.89
C THR JB 97 -98.57 -14.58 52.37
N GLY JB 98 -97.69 -15.37 51.72
CA GLY JB 98 -97.63 -15.49 50.28
C GLY JB 98 -98.93 -15.93 49.67
N LEU JB 99 -99.51 -16.99 50.26
CA LEU JB 99 -100.76 -17.53 49.81
C LEU JB 99 -101.89 -16.52 49.88
N LEU JB 100 -101.96 -15.76 50.99
CA LEU JB 100 -102.95 -14.74 51.18
C LEU JB 100 -102.86 -13.68 50.09
N CYS JB 101 -101.63 -13.22 49.79
CA CYS JB 101 -101.43 -12.24 48.75
C CYS JB 101 -101.94 -12.72 47.40
N ALA JB 102 -101.58 -13.95 47.01
CA ALA JB 102 -102.05 -14.50 45.76
C ALA JB 102 -103.56 -14.60 45.62
N ARG JB 103 -104.24 -15.13 46.64
CA ARG JB 103 -105.68 -15.19 46.66
C ARG JB 103 -106.33 -13.83 46.58
N ARG JB 104 -105.87 -12.84 47.37
CA ARG JB 104 -106.38 -11.49 47.28
C ARG JB 104 -106.17 -10.88 45.90
N PHE JB 105 -105.00 -11.09 45.26
CA PHE JB 105 -104.78 -10.67 43.90
C PHE JB 105 -105.78 -11.24 42.90
N LEU JB 106 -105.98 -12.57 42.94
CA LEU JB 106 -106.97 -13.21 42.09
C LEU JB 106 -108.38 -12.72 42.30
N LYS JB 107 -108.79 -12.52 43.56
CA LYS JB 107 -110.08 -11.94 43.90
C LYS JB 107 -110.28 -10.56 43.30
N SER JB 108 -109.24 -9.69 43.35
CA SER JB 108 -109.27 -8.39 42.71
C SER JB 108 -109.45 -8.43 41.20
N LEU JB 109 -108.71 -9.31 40.51
CA LEU JB 109 -108.88 -9.58 39.10
C LEU JB 109 -110.24 -10.13 38.73
N ASN JB 110 -110.78 -10.99 39.61
CA ASN JB 110 -112.02 -11.71 39.53
C ASN JB 110 -111.79 -13.07 38.90
N LEU JB 111 -110.59 -13.61 39.12
CA LEU JB 111 -110.17 -14.89 38.61
C LEU JB 111 -110.00 -15.86 39.76
N ASP JB 112 -110.56 -15.53 40.94
CA ASP JB 112 -110.56 -16.41 42.09
C ASP JB 112 -111.26 -17.73 41.81
N THR JB 113 -112.40 -17.67 41.11
CA THR JB 113 -113.13 -18.84 40.71
C THR JB 113 -112.52 -19.51 39.50
N GLN JB 114 -111.68 -18.79 38.73
CA GLN JB 114 -110.99 -19.33 37.58
C GLN JB 114 -109.94 -20.38 37.96
N PHE JB 115 -109.16 -20.11 39.01
CA PHE JB 115 -108.15 -21.03 39.50
C PHE JB 115 -108.27 -21.19 41.00
N LEU JB 116 -108.54 -22.41 41.50
CA LEU JB 116 -108.63 -22.66 42.93
C LEU JB 116 -107.33 -23.28 43.41
N GLY JB 117 -106.36 -23.44 42.49
CA GLY JB 117 -105.02 -23.93 42.76
C GLY JB 117 -104.90 -25.28 43.42
N VAL JB 118 -103.88 -25.40 44.28
CA VAL JB 118 -103.49 -26.64 44.89
C VAL JB 118 -104.21 -26.79 46.20
N GLU JB 119 -104.94 -27.89 46.36
CA GLU JB 119 -105.61 -28.20 47.59
C GLU JB 119 -104.69 -28.96 48.53
N LYS JB 120 -104.64 -28.60 49.83
CA LYS JB 120 -103.70 -29.11 50.81
C LYS JB 120 -102.22 -29.16 50.38
N VAL JB 121 -101.43 -30.13 50.85
CA VAL JB 121 -100.00 -30.21 50.53
C VAL JB 121 -99.66 -31.60 50.00
N THR JB 122 -98.91 -31.67 48.88
CA THR JB 122 -98.59 -32.91 48.17
C THR JB 122 -97.35 -33.67 48.75
N ARG JB 137 -106.93 -23.86 29.96
CA ARG JB 137 -106.21 -22.55 30.10
C ARG JB 137 -105.00 -22.64 31.02
N LYS JB 138 -104.06 -21.66 30.99
CA LYS JB 138 -102.94 -21.61 31.90
C LYS JB 138 -103.06 -20.42 32.86
N PRO JB 139 -102.60 -20.50 34.09
CA PRO JB 139 -102.60 -19.38 35.02
C PRO JB 139 -101.78 -18.17 34.64
N ILE JB 140 -102.08 -17.02 35.28
CA ILE JB 140 -101.28 -15.81 35.25
C ILE JB 140 -99.91 -15.96 35.90
N LYS JB 141 -98.92 -15.22 35.37
CA LYS JB 141 -97.53 -15.46 35.61
C LYS JB 141 -96.88 -14.33 36.38
N ALA JB 142 -95.88 -14.62 37.22
CA ALA JB 142 -95.12 -13.60 37.90
C ALA JB 142 -93.71 -14.07 38.21
N PHE JB 143 -92.81 -13.18 38.65
CA PHE JB 143 -91.42 -13.51 38.90
C PHE JB 143 -91.00 -13.20 40.32
N LEU JB 144 -90.42 -14.17 41.03
CA LEU JB 144 -89.95 -13.95 42.39
C LEU JB 144 -88.79 -12.97 42.47
N ASP JB 145 -88.85 -12.02 43.42
CA ASP JB 145 -87.74 -11.16 43.76
C ASP JB 145 -86.85 -11.81 44.81
N VAL JB 146 -85.53 -11.68 44.63
CA VAL JB 146 -84.54 -11.97 45.63
C VAL JB 146 -84.67 -11.08 46.85
N GLY JB 147 -84.91 -9.77 46.65
CA GLY JB 147 -84.91 -8.75 47.69
C GLY JB 147 -83.73 -8.73 48.63
N ILE JB 148 -82.50 -8.64 48.08
CA ILE JB 148 -81.23 -8.39 48.77
C ILE JB 148 -80.70 -9.43 49.75
N THR JB 149 -81.56 -10.23 50.41
CA THR JB 149 -81.16 -11.43 51.17
C THR JB 149 -80.56 -12.49 50.26
N ARG JB 150 -79.59 -13.30 50.74
CA ARG JB 150 -79.08 -14.39 49.97
C ARG JB 150 -80.12 -15.42 49.60
N THR JB 151 -80.09 -15.99 48.39
CA THR JB 151 -80.99 -17.08 48.06
C THR JB 151 -80.48 -18.42 48.54
N THR JB 152 -79.92 -18.44 49.77
CA THR JB 152 -79.47 -19.63 50.46
C THR JB 152 -80.60 -20.62 50.70
N THR JB 153 -80.31 -21.93 50.59
CA THR JB 153 -81.27 -22.99 50.79
C THR JB 153 -82.01 -22.90 52.11
N GLY JB 154 -83.34 -23.05 52.08
CA GLY JB 154 -84.21 -22.96 53.25
C GLY JB 154 -84.60 -21.56 53.66
N ASN JB 155 -84.16 -20.51 52.95
CA ASN JB 155 -84.62 -19.14 53.15
C ASN JB 155 -86.13 -18.95 53.00
N ARG JB 156 -86.65 -17.85 53.54
CA ARG JB 156 -88.05 -17.68 53.85
C ARG JB 156 -88.82 -17.31 52.60
N VAL JB 157 -88.16 -16.61 51.69
CA VAL JB 157 -88.72 -16.20 50.42
C VAL JB 157 -89.25 -17.35 49.61
N PHE JB 158 -88.53 -18.49 49.60
CA PHE JB 158 -88.97 -19.69 48.92
C PHE JB 158 -90.26 -20.24 49.51
N ALA JB 159 -90.44 -20.18 50.84
CA ALA JB 159 -91.71 -20.53 51.44
C ALA JB 159 -92.86 -19.67 50.95
N ALA JB 160 -92.65 -18.35 50.93
CA ALA JB 160 -93.60 -17.42 50.37
C ALA JB 160 -93.95 -17.71 48.91
N LEU JB 161 -92.93 -18.03 48.10
CA LEU JB 161 -93.11 -18.42 46.72
C LEU JB 161 -93.98 -19.64 46.62
N LYS JB 162 -93.68 -20.66 47.44
CA LYS JB 162 -94.47 -21.87 47.45
C LYS JB 162 -95.92 -21.63 47.79
N GLY JB 163 -96.19 -20.80 48.81
CA GLY JB 163 -97.55 -20.38 49.14
C GLY JB 163 -98.28 -19.70 48.01
N ALA JB 164 -97.63 -18.75 47.33
CA ALA JB 164 -98.19 -18.10 46.18
C ALA JB 164 -98.59 -19.07 45.08
N CYS JB 165 -97.66 -19.96 44.75
CA CYS JB 165 -97.84 -21.00 43.76
C CYS JB 165 -98.98 -21.95 44.07
N ASP JB 166 -99.05 -22.44 45.31
CA ASP JB 166 -100.07 -23.33 45.80
C ASP JB 166 -101.43 -22.65 45.73
N GLY JB 167 -101.42 -21.32 45.92
CA GLY JB 167 -102.55 -20.44 45.75
C GLY JB 167 -103.04 -20.43 44.34
N GLY JB 168 -102.30 -19.86 43.41
CA GLY JB 168 -102.67 -20.02 42.01
C GLY JB 168 -101.73 -19.39 41.04
N LEU JB 169 -100.88 -18.48 41.49
CA LEU JB 169 -99.96 -17.79 40.62
C LEU JB 169 -98.92 -18.71 40.02
N ASN JB 170 -98.57 -18.55 38.74
CA ASN JB 170 -97.46 -19.31 38.20
C ASN JB 170 -96.18 -18.50 38.35
N ILE JB 171 -95.28 -18.93 39.23
CA ILE JB 171 -93.95 -18.34 39.30
C ILE JB 171 -92.97 -19.46 39.06
N PRO JB 172 -92.33 -19.58 37.91
CA PRO JB 172 -91.36 -20.62 37.62
C PRO JB 172 -90.27 -20.78 38.66
N HIS JB 173 -89.92 -22.03 39.02
CA HIS JB 173 -89.02 -22.25 40.13
C HIS JB 173 -88.34 -23.60 40.01
N GLY JB 174 -87.14 -23.74 40.59
CA GLY JB 174 -86.54 -25.04 40.88
C GLY JB 174 -87.03 -25.60 42.18
N ASN JB 175 -86.56 -26.78 42.58
CA ASN JB 175 -86.85 -27.32 43.90
C ASN JB 175 -85.67 -27.14 44.81
N ASN JB 176 -84.55 -26.64 44.28
CA ASN JB 176 -83.24 -26.74 44.86
C ASN JB 176 -83.13 -26.13 46.24
N ARG JB 177 -83.82 -25.00 46.47
CA ARG JB 177 -83.63 -24.24 47.68
C ARG JB 177 -84.65 -24.54 48.74
N PHE JB 178 -85.51 -25.54 48.54
CA PHE JB 178 -86.19 -26.17 49.66
C PHE JB 178 -85.23 -27.15 50.33
N PRO JB 179 -85.29 -27.40 51.63
CA PRO JB 179 -84.52 -28.43 52.34
C PRO JB 179 -84.00 -29.65 51.58
N GLY JB 180 -82.67 -29.89 51.60
CA GLY JB 180 -82.04 -31.02 50.93
C GLY JB 180 -81.71 -30.80 49.46
N SER JB 181 -80.59 -31.38 49.02
CA SER JB 181 -80.09 -31.25 47.66
C SER JB 181 -80.46 -32.48 46.80
N PHE JB 185 -83.96 -34.07 46.79
CA PHE JB 185 -85.14 -33.23 47.21
C PHE JB 185 -86.05 -33.97 48.17
N ASN JB 186 -86.57 -33.28 49.21
CA ASN JB 186 -87.46 -33.87 50.16
C ASN JB 186 -88.80 -33.11 50.17
N PRO JB 187 -89.86 -33.64 49.60
CA PRO JB 187 -91.14 -32.95 49.59
C PRO JB 187 -91.80 -33.11 50.94
N GLU JB 188 -91.63 -34.27 51.60
CA GLU JB 188 -92.19 -34.54 52.91
C GLU JB 188 -91.70 -33.53 53.95
N GLN JB 189 -90.39 -33.25 53.95
CA GLN JB 189 -89.80 -32.23 54.80
C GLN JB 189 -90.38 -30.87 54.54
N LEU JB 190 -90.57 -30.49 53.27
CA LEU JB 190 -91.27 -29.27 52.93
C LEU JB 190 -92.67 -29.21 53.52
N ARG JB 191 -93.45 -30.30 53.40
CA ARG JB 191 -94.76 -30.38 54.00
C ARG JB 191 -94.77 -30.21 55.51
N LYS JB 192 -93.85 -30.90 56.21
CA LYS JB 192 -93.63 -30.71 57.62
C LYS JB 192 -93.31 -29.27 57.98
N ASN JB 193 -92.38 -28.66 57.25
CA ASN JB 193 -91.96 -27.30 57.47
C ASN JB 193 -93.02 -26.24 57.29
N ILE JB 194 -93.83 -26.30 56.21
CA ILE JB 194 -94.89 -25.32 56.04
C ILE JB 194 -96.00 -25.51 57.04
N LEU JB 195 -96.31 -26.76 57.41
CA LEU JB 195 -97.19 -27.05 58.53
C LEU JB 195 -96.63 -26.50 59.86
N GLY JB 196 -95.31 -26.63 60.08
CA GLY JB 196 -94.62 -26.05 61.23
C GLY JB 196 -94.11 -27.10 62.18
N ILE JB 197 -94.01 -28.35 61.73
CA ILE JB 197 -93.76 -29.52 62.58
C ILE JB 197 -92.42 -29.46 63.28
N HIS JB 198 -91.36 -28.98 62.58
CA HIS JB 198 -90.07 -28.72 63.20
C HIS JB 198 -90.14 -27.70 64.32
N VAL JB 199 -90.88 -26.57 64.16
CA VAL JB 199 -91.04 -25.60 65.23
C VAL JB 199 -91.63 -26.24 66.49
N ALA JB 200 -92.66 -27.08 66.30
CA ALA JB 200 -93.24 -27.87 67.35
C ALA JB 200 -92.22 -28.80 68.00
N GLU JB 201 -91.42 -29.48 67.18
CA GLU JB 201 -90.37 -30.36 67.62
C GLU JB 201 -89.35 -29.65 68.49
N TYR JB 202 -88.93 -28.46 68.09
CA TYR JB 202 -88.05 -27.61 68.84
C TYR JB 202 -88.70 -27.23 70.17
N MET JB 203 -89.98 -26.85 70.20
CA MET JB 203 -90.71 -26.63 71.43
C MET JB 203 -90.73 -27.83 72.38
N LYS JB 204 -91.01 -29.04 71.84
CA LYS JB 204 -90.98 -30.26 72.63
C LYS JB 204 -89.59 -30.50 73.17
N THR JB 205 -88.58 -30.32 72.30
CA THR JB 205 -87.19 -30.53 72.65
C THR JB 205 -86.73 -29.60 73.72
N LEU JB 206 -87.06 -28.31 73.63
CA LEU JB 206 -86.72 -27.34 74.65
C LEU JB 206 -87.40 -27.61 75.98
N GLN JB 207 -88.69 -28.00 75.97
CA GLN JB 207 -89.42 -28.37 77.17
C GLN JB 207 -88.78 -29.55 77.90
N GLU JB 208 -88.39 -30.59 77.15
CA GLU JB 208 -87.65 -31.71 77.66
C GLU JB 208 -86.31 -31.34 78.25
N GLU JB 209 -85.56 -30.46 77.56
CA GLU JB 209 -84.33 -29.89 78.06
C GLU JB 209 -84.48 -29.14 79.38
N ASP JB 210 -85.38 -28.15 79.42
CA ASP JB 210 -85.56 -27.33 80.60
C ASP JB 210 -86.92 -26.64 80.57
N ASN JB 211 -87.52 -26.40 81.75
CA ASN JB 211 -88.81 -25.75 81.82
C ASN JB 211 -88.66 -24.24 81.83
N ASP JB 212 -87.63 -23.70 82.52
CA ASP JB 212 -87.36 -22.26 82.55
C ASP JB 212 -87.08 -21.68 81.16
N LYS JB 213 -86.20 -22.35 80.38
CA LYS JB 213 -85.89 -21.98 79.04
C LYS JB 213 -87.07 -22.08 78.12
N TYR JB 214 -87.88 -23.15 78.23
CA TYR JB 214 -89.07 -23.26 77.44
C TYR JB 214 -90.07 -22.12 77.68
N LYS JB 215 -90.41 -21.82 78.95
CA LYS JB 215 -91.32 -20.73 79.26
C LYS JB 215 -90.81 -19.36 78.90
N THR JB 216 -89.54 -19.07 79.23
CA THR JB 216 -88.93 -17.80 78.87
C THR JB 216 -88.86 -17.54 77.38
N HIS JB 217 -88.44 -18.54 76.58
CA HIS JB 217 -88.38 -18.44 75.14
C HIS JB 217 -89.69 -18.28 74.45
N PHE JB 218 -90.54 -19.30 74.45
CA PHE JB 218 -91.78 -19.19 73.71
C PHE JB 218 -92.86 -18.61 74.62
N ASN JB 219 -92.57 -17.45 75.21
CA ASN JB 219 -93.40 -16.79 76.18
C ASN JB 219 -94.73 -16.31 75.61
N ASP JB 220 -94.71 -15.60 74.46
CA ASP JB 220 -95.91 -15.19 73.77
C ASP JB 220 -96.83 -16.36 73.40
N TYR JB 221 -96.25 -17.47 72.90
CA TYR JB 221 -96.97 -18.71 72.62
C TYR JB 221 -97.67 -19.26 73.85
N LEU JB 222 -96.99 -19.26 74.99
CA LEU JB 222 -97.53 -19.67 76.26
C LEU JB 222 -98.70 -18.81 76.71
N LYS JB 223 -98.59 -17.48 76.57
CA LYS JB 223 -99.63 -16.52 76.89
C LYS JB 223 -100.90 -16.72 76.08
N ASN JB 224 -100.75 -16.86 74.76
CA ASN JB 224 -101.82 -17.18 73.82
C ASN JB 224 -102.38 -18.57 74.05
N ASN JB 225 -101.52 -19.52 74.45
CA ASN JB 225 -101.87 -20.84 74.91
C ASN JB 225 -102.03 -21.77 73.75
N ILE JB 226 -100.95 -21.89 72.97
CA ILE JB 226 -100.90 -22.81 71.86
C ILE JB 226 -99.89 -23.88 72.21
N GLY JB 227 -100.36 -25.12 72.47
CA GLY JB 227 -99.49 -26.29 72.65
C GLY JB 227 -98.79 -26.63 71.36
N ALA JB 228 -97.61 -27.28 71.41
CA ALA JB 228 -96.79 -27.45 70.22
C ALA JB 228 -97.49 -28.22 69.10
N ASP JB 229 -97.98 -29.43 69.41
CA ASP JB 229 -99.03 -30.19 68.77
C ASP JB 229 -100.17 -29.43 68.08
N ASP JB 230 -100.67 -28.33 68.68
CA ASP JB 230 -101.77 -27.58 68.14
C ASP JB 230 -101.38 -26.69 66.98
N ILE JB 231 -100.08 -26.37 66.81
CA ILE JB 231 -99.64 -25.34 65.89
C ILE JB 231 -100.00 -25.69 64.48
N GLU JB 232 -99.71 -26.94 64.07
CA GLU JB 232 -100.02 -27.45 62.75
C GLU JB 232 -101.51 -27.38 62.46
N GLN JB 233 -102.36 -27.77 63.43
CA GLN JB 233 -103.80 -27.73 63.32
C GLN JB 233 -104.28 -26.31 63.12
N MET JB 234 -103.80 -25.37 63.94
CA MET JB 234 -104.15 -23.99 63.83
C MET JB 234 -103.76 -23.39 62.50
N TYR JB 235 -102.51 -23.60 62.08
CA TYR JB 235 -102.03 -23.20 60.78
C TYR JB 235 -102.80 -23.79 59.63
N LEU JB 236 -103.12 -25.08 59.67
CA LEU JB 236 -103.96 -25.73 58.69
C LEU JB 236 -105.36 -25.15 58.60
N ASN JB 237 -106.00 -24.92 59.76
CA ASN JB 237 -107.31 -24.33 59.83
C ASN JB 237 -107.35 -22.93 59.23
N ALA JB 238 -106.35 -22.10 59.61
CA ALA JB 238 -106.18 -20.77 59.08
C ALA JB 238 -105.95 -20.75 57.58
N HIS JB 239 -105.06 -21.63 57.11
CA HIS JB 239 -104.72 -21.81 55.72
C HIS JB 239 -105.94 -22.15 54.87
N GLU JB 240 -106.77 -23.09 55.35
CA GLU JB 240 -108.03 -23.45 54.73
C GLU JB 240 -108.99 -22.29 54.68
N LYS JB 241 -109.08 -21.53 55.78
CA LYS JB 241 -109.94 -20.39 55.88
C LYS JB 241 -109.52 -19.30 54.91
N ILE JB 242 -108.22 -18.97 54.83
CA ILE JB 242 -107.71 -17.97 53.92
C ILE JB 242 -108.02 -18.30 52.47
N ARG JB 243 -107.77 -19.55 52.00
CA ARG JB 243 -108.12 -19.96 50.65
C ARG JB 243 -109.59 -19.84 50.31
N GLN JB 244 -110.46 -20.26 51.23
CA GLN JB 244 -111.89 -20.00 51.13
C GLN JB 244 -112.27 -18.52 51.07
N ASN JB 245 -111.69 -17.68 51.96
CA ASN JB 245 -112.23 -16.36 52.19
C ASN JB 245 -111.16 -15.26 52.33
N PRO JB 246 -110.51 -14.84 51.27
CA PRO JB 246 -109.82 -13.58 51.23
C PRO JB 246 -110.78 -12.40 51.08
N LYS JB 267 -88.70 22.51 63.30
CA LYS JB 267 -88.92 22.99 61.88
C LYS JB 267 -87.75 23.84 61.34
N LYS JB 268 -87.59 23.99 60.01
CA LYS JB 268 -86.52 24.75 59.37
C LYS JB 268 -86.47 26.24 59.71
N LEU JB 269 -85.26 26.77 59.89
CA LEU JB 269 -85.01 28.19 60.13
C LEU JB 269 -84.79 28.91 58.79
N ASN JB 270 -84.45 30.23 58.80
CA ASN JB 270 -84.20 31.00 57.58
C ASN JB 270 -82.96 31.86 57.75
N ALA JB 271 -82.44 32.44 56.64
CA ALA JB 271 -81.19 33.17 56.67
C ALA JB 271 -81.18 34.43 57.50
N LYS JB 272 -82.20 35.28 57.40
CA LYS JB 272 -82.30 36.49 58.20
C LYS JB 272 -82.29 36.19 59.70
N LEU JB 273 -83.08 35.17 60.07
CA LEU JB 273 -83.13 34.59 61.39
C LEU JB 273 -81.80 34.01 61.85
N ARG JB 274 -81.13 33.20 60.99
CA ARG JB 274 -79.81 32.67 61.27
C ARG JB 274 -78.78 33.76 61.48
N LYS JB 275 -78.80 34.82 60.66
CA LYS JB 275 -77.92 35.97 60.78
C LYS JB 275 -78.01 36.60 62.14
N LYS JB 276 -79.25 36.80 62.61
CA LYS JB 276 -79.55 37.22 63.96
C LYS JB 276 -78.95 36.27 64.99
N ARG JB 277 -79.20 34.95 64.84
CA ARG JB 277 -78.72 33.92 65.74
C ARG JB 277 -77.21 33.94 65.90
N VAL JB 278 -76.47 34.06 64.79
CA VAL JB 278 -75.04 34.28 64.82
C VAL JB 278 -74.62 35.52 65.59
N LYS JB 279 -75.29 36.68 65.39
CA LYS JB 279 -74.97 37.89 66.12
C LYS JB 279 -75.14 37.78 67.62
N GLU JB 280 -76.27 37.23 68.05
CA GLU JB 280 -76.56 36.96 69.44
C GLU JB 280 -75.58 36.00 70.10
N LYS JB 281 -75.26 34.91 69.40
CA LYS JB 281 -74.28 33.94 69.85
C LYS JB 281 -72.90 34.55 70.02
N LEU JB 282 -72.47 35.39 69.07
CA LEU JB 282 -71.19 36.06 69.14
C LEU JB 282 -71.04 36.98 70.33
N ALA JB 283 -72.03 37.84 70.61
CA ALA JB 283 -72.01 38.70 71.77
C ALA JB 283 -71.93 37.95 73.09
N LEU JB 284 -72.77 36.91 73.24
CA LEU JB 284 -72.74 36.05 74.40
C LEU JB 284 -71.42 35.34 74.57
N TYR JB 285 -70.82 34.80 73.48
CA TYR JB 285 -69.54 34.13 73.51
C TYR JB 285 -68.42 35.06 73.93
N VAL JB 286 -68.41 36.30 73.43
CA VAL JB 286 -67.46 37.30 73.89
C VAL JB 286 -67.55 37.60 75.37
N GLU JB 287 -68.75 37.78 75.94
CA GLU JB 287 -68.88 37.86 77.39
C GLU JB 287 -68.48 36.62 78.19
N LEU JB 288 -68.94 35.44 77.75
CA LEU JB 288 -68.98 34.21 78.52
C LEU JB 288 -67.64 33.65 79.00
N GLN JB 289 -66.63 33.60 78.11
CA GLN JB 289 -65.38 32.90 78.38
C GLN JB 289 -64.20 33.92 78.40
N TYR KB 1 -38.80 39.75 -75.95
CA TYR KB 1 -38.06 40.97 -75.42
C TYR KB 1 -38.86 41.70 -74.36
N ALA KB 2 -38.21 42.21 -73.31
CA ALA KB 2 -38.85 42.35 -72.02
C ALA KB 2 -39.25 43.76 -71.59
N LYS KB 3 -39.34 44.71 -72.53
CA LYS KB 3 -39.82 46.05 -72.20
C LYS KB 3 -40.92 46.44 -73.17
N LYS KB 4 -41.94 47.18 -72.72
CA LYS KB 4 -42.91 47.79 -73.62
C LYS KB 4 -42.25 48.78 -74.57
N ILE KB 5 -42.64 48.79 -75.86
CA ILE KB 5 -41.88 49.52 -76.88
C ILE KB 5 -42.62 50.71 -77.44
N ARG KB 6 -43.89 50.53 -77.85
CA ARG KB 6 -44.64 51.47 -78.67
C ARG KB 6 -44.09 51.59 -80.09
N ASN KB 7 -42.99 52.35 -80.28
CA ASN KB 7 -42.47 52.65 -81.60
C ASN KB 7 -41.45 51.62 -82.04
N LEU KB 8 -41.82 50.67 -82.91
CA LEU KB 8 -40.94 49.58 -83.33
C LEU KB 8 -39.84 50.02 -84.28
N GLY KB 9 -40.10 51.06 -85.07
CA GLY KB 9 -39.32 51.43 -86.26
C GLY KB 9 -37.99 52.04 -85.96
N LYS KB 10 -37.68 52.27 -84.69
CA LYS KB 10 -36.54 53.02 -84.26
C LYS KB 10 -35.66 52.15 -83.38
N CYS KB 11 -35.84 50.82 -83.45
CA CYS KB 11 -35.30 49.91 -82.46
C CYS KB 11 -34.17 49.09 -82.99
N ALA KB 12 -33.18 48.81 -82.12
CA ALA KB 12 -32.15 47.84 -82.41
C ALA KB 12 -32.02 46.87 -81.27
N LYS KB 13 -32.21 45.57 -81.55
CA LYS KB 13 -32.13 44.52 -80.57
C LYS KB 13 -30.79 43.81 -80.60
N GLY KB 14 -30.51 43.01 -79.57
CA GLY KB 14 -29.41 42.06 -79.59
C GLY KB 14 -29.40 41.27 -78.33
N ALA KB 15 -28.97 40.01 -78.41
CA ALA KB 15 -29.02 39.12 -77.28
C ALA KB 15 -27.76 38.28 -77.20
N GLY KB 16 -27.41 37.86 -75.99
CA GLY KB 16 -26.46 36.80 -75.75
C GLY KB 16 -27.18 35.74 -74.98
N VAL KB 17 -27.13 34.49 -75.46
CA VAL KB 17 -27.84 33.36 -74.88
C VAL KB 17 -27.26 32.95 -73.54
N ASP KB 18 -26.15 32.23 -73.50
CA ASP KB 18 -25.66 31.60 -72.29
C ASP KB 18 -24.21 32.04 -72.12
N LEU KB 19 -24.02 33.25 -71.58
CA LEU KB 19 -22.71 33.81 -71.31
C LEU KB 19 -22.11 33.22 -70.04
N ARG KB 20 -20.85 32.78 -70.14
CA ARG KB 20 -20.16 32.08 -69.09
C ARG KB 20 -19.19 33.01 -68.40
N VAL KB 21 -19.73 34.09 -67.83
CA VAL KB 21 -19.02 35.04 -67.02
C VAL KB 21 -19.95 35.35 -65.89
N HIS KB 22 -19.42 35.73 -64.73
CA HIS KB 22 -20.23 35.75 -63.54
C HIS KB 22 -21.38 36.71 -63.52
N PHE KB 23 -22.53 36.24 -63.02
CA PHE KB 23 -23.69 37.05 -62.83
C PHE KB 23 -23.45 38.29 -62.00
N LYS KB 24 -22.72 38.20 -60.88
CA LYS KB 24 -22.56 39.36 -60.04
C LYS KB 24 -21.72 40.44 -60.69
N ASN KB 25 -20.55 40.07 -61.25
CA ASN KB 25 -19.71 40.99 -62.00
C ASN KB 25 -20.43 41.63 -63.14
N THR KB 26 -21.15 40.81 -63.91
CA THR KB 26 -21.86 41.28 -65.08
C THR KB 26 -22.95 42.22 -64.72
N TYR KB 27 -23.68 41.92 -63.65
CA TYR KB 27 -24.73 42.78 -63.18
C TYR KB 27 -24.23 44.16 -62.78
N GLU KB 28 -23.14 44.22 -62.01
CA GLU KB 28 -22.59 45.50 -61.64
C GLU KB 28 -22.22 46.37 -62.84
N ALA KB 29 -21.54 45.78 -63.83
CA ALA KB 29 -21.25 46.48 -65.04
C ALA KB 29 -22.51 46.92 -65.78
N ALA KB 30 -23.48 46.03 -65.94
CA ALA KB 30 -24.72 46.33 -66.60
C ALA KB 30 -25.47 47.52 -66.01
N ARG KB 31 -25.60 47.61 -64.67
CA ARG KB 31 -26.18 48.78 -64.05
C ARG KB 31 -25.44 50.05 -64.37
N ALA KB 32 -24.09 50.01 -64.36
CA ALA KB 32 -23.27 51.15 -64.71
C ALA KB 32 -23.52 51.74 -66.09
N ILE KB 33 -23.59 50.90 -67.14
CA ILE KB 33 -23.77 51.38 -68.50
C ILE KB 33 -25.02 52.22 -68.76
N ARG KB 34 -26.21 51.70 -68.39
CA ARG KB 34 -27.55 52.14 -68.81
C ARG KB 34 -27.89 53.61 -69.00
N ARG KB 35 -28.82 53.87 -69.96
CA ARG KB 35 -29.44 55.16 -70.23
C ARG KB 35 -28.44 56.17 -70.79
N MET KB 36 -27.33 55.66 -71.29
CA MET KB 36 -26.25 56.34 -71.96
C MET KB 36 -26.40 56.19 -73.46
N LYS KB 37 -25.91 57.18 -74.23
CA LYS KB 37 -25.68 56.98 -75.66
C LYS KB 37 -24.71 55.82 -75.98
N LEU KB 38 -24.94 55.09 -77.08
CA LEU KB 38 -24.28 53.83 -77.39
C LEU KB 38 -22.80 53.92 -77.56
N LEU KB 39 -22.32 54.92 -78.31
CA LEU KB 39 -20.89 55.06 -78.55
C LEU KB 39 -20.13 55.36 -77.28
N GLU KB 40 -20.70 56.22 -76.42
CA GLU KB 40 -20.17 56.50 -75.09
C GLU KB 40 -20.10 55.24 -74.27
N ALA KB 41 -21.15 54.41 -74.28
CA ALA KB 41 -21.11 53.14 -73.63
C ALA KB 41 -20.00 52.22 -74.13
N LYS KB 42 -19.83 52.08 -75.45
CA LYS KB 42 -18.75 51.30 -76.01
C LYS KB 42 -17.38 51.81 -75.57
N LYS KB 43 -17.16 53.12 -75.68
CA LYS KB 43 -15.92 53.74 -75.30
C LYS KB 43 -15.55 53.49 -73.83
N TYR KB 44 -16.55 53.65 -72.93
CA TYR KB 44 -16.45 53.38 -71.53
C TYR KB 44 -16.07 51.94 -71.23
N LEU KB 45 -16.71 50.97 -71.90
CA LEU KB 45 -16.36 49.57 -71.76
C LEU KB 45 -14.92 49.29 -72.14
N ASN KB 46 -14.44 49.88 -73.24
CA ASN KB 46 -13.06 49.73 -73.64
C ASN KB 46 -12.10 50.28 -72.58
N ASP KB 47 -12.42 51.46 -72.01
CA ASP KB 47 -11.67 52.04 -70.91
C ASP KB 47 -11.56 51.14 -69.69
N VAL KB 48 -12.67 50.56 -69.21
CA VAL KB 48 -12.62 49.66 -68.09
C VAL KB 48 -11.84 48.39 -68.39
N ILE KB 49 -11.91 47.84 -69.62
CA ILE KB 49 -11.11 46.68 -70.00
C ILE KB 49 -9.62 46.96 -69.83
N GLU KB 50 -9.15 48.15 -70.22
CA GLU KB 50 -7.76 48.51 -70.01
C GLU KB 50 -7.51 49.20 -68.68
N LYS KB 51 -8.40 49.00 -67.69
CA LYS KB 51 -8.24 49.47 -66.34
C LYS KB 51 -7.98 50.99 -66.23
N LYS KB 52 -8.67 51.78 -67.07
CA LYS KB 52 -8.44 53.20 -67.14
C LYS KB 52 -9.48 53.95 -66.34
N ARG KB 53 -10.57 53.28 -65.96
CA ARG KB 53 -11.73 53.93 -65.37
C ARG KB 53 -12.70 52.84 -64.97
N CYS KB 54 -12.75 52.50 -63.68
CA CYS KB 54 -13.60 51.47 -63.09
C CYS KB 54 -15.09 51.42 -63.42
N VAL KB 55 -15.73 50.26 -63.13
CA VAL KB 55 -17.17 50.20 -62.93
C VAL KB 55 -17.46 50.32 -61.45
N PRO KB 56 -18.37 51.14 -60.99
CA PRO KB 56 -18.60 51.28 -59.58
C PRO KB 56 -19.59 50.21 -59.12
N PHE KB 57 -19.11 49.26 -58.31
CA PHE KB 57 -19.96 48.26 -57.70
C PHE KB 57 -20.85 48.89 -56.65
N ARG KB 58 -22.05 48.35 -56.42
CA ARG KB 58 -22.91 48.90 -55.40
C ARG KB 58 -24.06 47.98 -55.01
N LYS KB 59 -24.16 46.77 -55.56
CA LYS KB 59 -25.33 45.94 -55.36
C LYS KB 59 -24.99 44.51 -54.98
N TYR KB 60 -23.84 43.99 -55.38
CA TYR KB 60 -23.39 42.67 -55.02
C TYR KB 60 -21.94 42.82 -54.70
N ASN KB 61 -21.65 43.25 -53.46
CA ASN KB 61 -20.51 44.10 -53.27
C ASN KB 61 -19.96 44.09 -51.88
N GLY KB 62 -20.34 43.12 -51.03
CA GLY KB 62 -19.71 42.99 -49.74
C GLY KB 62 -18.28 42.52 -49.85
N GLY KB 63 -17.34 43.23 -49.21
CA GLY KB 63 -15.95 42.85 -49.16
C GLY KB 63 -15.14 43.16 -50.41
N VAL KB 64 -15.73 43.80 -51.42
CA VAL KB 64 -14.99 44.29 -52.56
C VAL KB 64 -14.09 45.45 -52.18
N GLY KB 65 -12.97 45.66 -52.89
CA GLY KB 65 -12.02 46.70 -52.55
C GLY KB 65 -12.52 48.13 -52.51
N ARG KB 66 -11.88 48.97 -51.68
CA ARG KB 66 -12.00 50.40 -51.81
C ARG KB 66 -11.00 50.90 -52.82
N THR KB 67 -11.37 51.91 -53.60
CA THR KB 67 -10.50 52.35 -54.66
C THR KB 67 -10.69 53.83 -54.92
N ASN KB 68 -9.61 54.48 -55.36
CA ASN KB 68 -9.62 55.83 -55.83
C ASN KB 68 -10.53 56.04 -57.02
N GLN KB 69 -10.59 55.10 -57.98
CA GLN KB 69 -11.30 55.40 -59.20
C GLN KB 69 -12.80 55.48 -59.01
N ALA KB 70 -13.32 54.98 -57.89
CA ALA KB 70 -14.74 55.02 -57.64
C ALA KB 70 -15.31 56.40 -57.25
N LYS KB 71 -14.47 57.37 -56.83
CA LYS KB 71 -14.90 58.72 -56.50
C LYS KB 71 -15.77 59.41 -57.55
N GLU KB 72 -15.62 59.05 -58.83
CA GLU KB 72 -16.36 59.61 -59.94
C GLU KB 72 -17.83 59.32 -59.89
N PHE KB 73 -18.23 58.26 -59.18
CA PHE KB 73 -19.61 57.84 -59.14
C PHE KB 73 -20.11 57.93 -57.72
N ASN KB 74 -19.44 58.74 -56.89
CA ASN KB 74 -19.87 59.05 -55.56
C ASN KB 74 -19.93 57.83 -54.69
N HIS KB 75 -18.90 56.98 -54.78
CA HIS KB 75 -18.96 55.70 -54.15
C HIS KB 75 -17.55 55.27 -53.89
N THR KB 76 -17.32 54.41 -52.91
CA THR KB 76 -15.94 54.10 -52.54
C THR KB 76 -15.52 52.79 -53.13
N GLN KB 77 -16.45 52.06 -53.75
CA GLN KB 77 -16.20 50.69 -54.15
C GLN KB 77 -16.33 50.49 -55.64
N GLY KB 78 -15.28 49.98 -56.30
CA GLY KB 78 -15.38 49.65 -57.71
C GLY KB 78 -14.37 48.62 -58.10
N ARG KB 79 -14.60 48.01 -59.27
CA ARG KB 79 -13.78 46.94 -59.79
C ARG KB 79 -13.69 47.11 -61.29
N TRP KB 80 -12.96 46.23 -61.96
CA TRP KB 80 -12.71 46.37 -63.36
C TRP KB 80 -12.90 45.05 -64.09
N PRO KB 81 -14.06 44.49 -64.28
CA PRO KB 81 -14.15 43.06 -64.51
C PRO KB 81 -14.03 42.74 -65.99
N ALA KB 82 -12.87 42.25 -66.41
CA ALA KB 82 -12.42 42.33 -67.76
C ALA KB 82 -13.17 41.41 -68.67
N LYS KB 83 -13.25 40.13 -68.30
CA LYS KB 83 -13.91 39.10 -69.04
C LYS KB 83 -15.38 39.42 -69.25
N SER KB 84 -16.05 39.86 -68.18
CA SER KB 84 -17.42 40.34 -68.24
C SER KB 84 -17.57 41.50 -69.22
N CYS KB 85 -16.69 42.51 -69.13
CA CYS KB 85 -16.76 43.65 -70.01
C CYS KB 85 -16.58 43.29 -71.45
N LYS KB 86 -15.63 42.40 -71.77
CA LYS KB 86 -15.45 41.86 -73.10
C LYS KB 86 -16.68 41.15 -73.63
N PHE KB 87 -17.34 40.31 -72.81
CA PHE KB 87 -18.63 39.75 -73.18
C PHE KB 87 -19.67 40.80 -73.44
N LEU KB 88 -19.76 41.84 -72.58
CA LEU KB 88 -20.67 42.94 -72.81
C LEU KB 88 -20.35 43.71 -74.06
N LEU KB 89 -19.07 43.96 -74.34
CA LEU KB 89 -18.63 44.61 -75.55
C LEU KB 89 -19.05 43.88 -76.81
N ASN KB 90 -18.85 42.56 -76.85
CA ASN KB 90 -19.16 41.77 -78.02
C ASN KB 90 -20.64 41.81 -78.36
N ILE KB 91 -21.50 41.62 -77.35
CA ILE KB 91 -22.93 41.62 -77.55
C ILE KB 91 -23.38 43.01 -77.95
N LEU KB 92 -22.85 44.06 -77.30
CA LEU KB 92 -23.15 45.43 -77.66
C LEU KB 92 -22.79 45.73 -79.10
N ASP KB 93 -21.64 45.25 -79.57
CA ASP KB 93 -21.22 45.40 -80.94
C ASP KB 93 -22.23 44.77 -81.89
N ASN KB 94 -22.72 43.57 -81.57
CA ASN KB 94 -23.78 42.92 -82.31
C ASN KB 94 -25.01 43.81 -82.41
N VAL KB 95 -25.47 44.45 -81.30
CA VAL KB 95 -26.58 45.39 -81.37
C VAL KB 95 -26.31 46.54 -82.32
N GLN KB 96 -25.12 47.16 -82.26
CA GLN KB 96 -24.75 48.20 -83.20
C GLN KB 96 -24.78 47.78 -84.66
N ALA KB 97 -24.25 46.59 -84.95
CA ALA KB 97 -24.26 46.02 -86.27
C ALA KB 97 -25.66 45.81 -86.79
N ASN KB 98 -26.54 45.28 -85.94
CA ASN KB 98 -27.94 45.11 -86.25
C ASN KB 98 -28.57 46.43 -86.57
N ALA KB 99 -28.31 47.48 -85.78
CA ALA KB 99 -28.85 48.79 -86.04
C ALA KB 99 -28.39 49.36 -87.37
N GLU KB 100 -27.10 49.25 -87.70
CA GLU KB 100 -26.63 49.57 -89.03
C GLU KB 100 -27.31 48.80 -90.14
N SER KB 101 -27.42 47.47 -90.00
CA SER KB 101 -28.14 46.60 -90.92
C SER KB 101 -29.61 46.93 -91.16
N ARG KB 102 -30.34 47.22 -90.07
CA ARG KB 102 -31.72 47.65 -90.06
C ARG KB 102 -31.94 49.07 -90.56
N ASN KB 103 -30.89 49.90 -90.38
CA ASN KB 103 -30.70 51.23 -90.91
C ASN KB 103 -31.18 52.29 -89.95
N LEU KB 104 -30.29 52.73 -89.04
CA LEU KB 104 -30.51 53.78 -88.08
C LEU KB 104 -29.25 54.59 -88.01
N ASP KB 105 -29.30 55.83 -87.51
CA ASP KB 105 -28.12 56.65 -87.34
C ASP KB 105 -27.43 56.33 -86.01
N VAL KB 106 -26.14 55.97 -86.03
CA VAL KB 106 -25.48 55.43 -84.84
C VAL KB 106 -25.38 56.39 -83.68
N SER KB 107 -25.18 57.69 -83.94
CA SER KB 107 -24.95 58.70 -82.93
C SER KB 107 -26.08 58.89 -81.95
N LYS KB 108 -27.30 58.81 -82.47
CA LYS KB 108 -28.52 59.14 -81.80
C LYS KB 108 -29.09 58.00 -80.98
N LEU KB 109 -28.39 56.86 -80.89
CA LEU KB 109 -28.91 55.66 -80.29
C LEU KB 109 -28.58 55.65 -78.82
N ARG KB 110 -29.59 55.44 -77.96
CA ARG KB 110 -29.38 55.36 -76.54
C ARG KB 110 -29.71 53.95 -76.11
N LEU KB 111 -28.95 53.39 -75.16
CA LEU KB 111 -29.26 52.10 -74.61
C LEU KB 111 -30.44 52.21 -73.66
N ILE KB 112 -31.61 51.72 -74.07
CA ILE KB 112 -32.83 51.98 -73.34
C ILE KB 112 -33.19 50.86 -72.40
N HIS KB 113 -32.66 49.65 -72.63
CA HIS KB 113 -33.09 48.51 -71.87
C HIS KB 113 -32.01 47.48 -71.74
N VAL KB 114 -31.32 47.44 -70.59
CA VAL KB 114 -30.25 46.48 -70.35
C VAL KB 114 -30.69 45.49 -69.30
N MET KB 115 -30.99 44.24 -69.69
CA MET KB 115 -31.46 43.22 -68.76
C MET KB 115 -30.51 42.03 -68.61
N VAL KB 116 -30.16 41.68 -67.37
CA VAL KB 116 -29.27 40.58 -67.04
C VAL KB 116 -29.93 39.56 -66.13
N ASN KB 117 -30.16 38.32 -66.59
CA ASN KB 117 -30.67 37.27 -65.74
C ASN KB 117 -29.64 36.20 -65.45
N LYS KB 118 -29.76 35.51 -64.31
CA LYS KB 118 -28.90 34.41 -63.92
C LYS KB 118 -29.34 33.07 -64.52
N ALA KB 119 -28.40 32.26 -65.03
CA ALA KB 119 -28.71 31.08 -65.83
C ALA KB 119 -28.21 29.77 -65.22
N ARG KB 120 -28.49 28.63 -65.88
CA ARG KB 120 -28.29 27.27 -65.39
C ARG KB 120 -26.92 26.96 -64.81
N PRO KB 121 -26.72 26.58 -63.57
CA PRO KB 121 -25.38 26.45 -63.03
C PRO KB 121 -24.60 25.28 -63.59
N GLY KB 122 -23.28 25.44 -63.81
CA GLY KB 122 -22.40 24.36 -64.21
C GLY KB 122 -21.78 23.72 -63.01
N ARG KB 123 -21.93 22.39 -62.83
CA ARG KB 123 -21.44 21.71 -61.65
C ARG KB 123 -20.10 21.03 -61.85
N ARG KB 124 -19.07 21.46 -61.12
CA ARG KB 124 -17.88 20.68 -60.90
C ARG KB 124 -17.74 20.29 -59.43
N ARG KB 125 -16.61 19.68 -59.06
CA ARG KB 125 -16.33 19.18 -57.73
C ARG KB 125 -15.23 19.92 -57.00
N THR KB 126 -15.32 20.08 -55.68
CA THR KB 126 -14.17 20.44 -54.85
C THR KB 126 -14.05 19.44 -53.72
N TYR KB 127 -12.81 19.20 -53.23
CA TYR KB 127 -12.56 18.16 -52.25
C TYR KB 127 -12.14 18.75 -50.94
N LYS KB 128 -12.92 18.40 -49.90
CA LYS KB 128 -12.97 18.99 -48.59
C LYS KB 128 -12.69 18.01 -47.46
N ALA KB 129 -12.20 18.57 -46.33
CA ALA KB 129 -12.41 18.10 -44.98
C ALA KB 129 -11.95 16.71 -44.58
N HIS KB 130 -12.74 15.71 -44.95
CA HIS KB 130 -12.71 14.40 -44.36
C HIS KB 130 -13.30 13.44 -45.33
N GLY KB 131 -12.68 13.28 -46.51
CA GLY KB 131 -13.26 12.59 -47.65
C GLY KB 131 -14.63 13.10 -48.03
N ARG KB 132 -14.75 14.42 -48.19
CA ARG KB 132 -16.02 15.04 -48.48
C ARG KB 132 -15.93 15.81 -49.76
N ILE KB 133 -16.88 15.54 -50.67
CA ILE KB 133 -16.98 16.23 -51.92
C ILE KB 133 -18.03 17.29 -51.76
N ASN KB 134 -17.75 18.53 -52.18
CA ASN KB 134 -18.76 19.57 -52.10
C ASN KB 134 -18.92 20.19 -53.46
N PRO KB 135 -20.04 20.84 -53.78
CA PRO KB 135 -20.23 21.32 -55.13
C PRO KB 135 -19.39 22.54 -55.38
N PHE KB 136 -18.94 22.72 -56.62
CA PHE KB 136 -18.10 23.84 -57.02
C PHE KB 136 -18.73 24.40 -58.28
N MET KB 137 -19.54 25.47 -58.23
CA MET KB 137 -20.39 25.79 -59.35
C MET KB 137 -20.07 27.10 -60.04
N SER KB 138 -20.17 27.11 -61.38
CA SER KB 138 -20.04 28.33 -62.16
C SER KB 138 -21.42 28.93 -62.39
N SER KB 139 -21.58 30.24 -62.23
CA SER KB 139 -22.90 30.86 -62.31
C SER KB 139 -23.01 31.76 -63.50
N PRO KB 140 -23.67 31.38 -64.57
CA PRO KB 140 -23.61 32.11 -65.82
C PRO KB 140 -24.81 33.01 -65.96
N CYS KB 141 -25.00 33.63 -67.13
CA CYS KB 141 -26.02 34.63 -67.32
C CYS KB 141 -26.48 34.79 -68.76
N HIS KB 142 -27.75 35.18 -68.93
CA HIS KB 142 -28.30 35.66 -70.18
C HIS KB 142 -28.22 37.17 -70.23
N ILE KB 143 -27.93 37.77 -71.40
CA ILE KB 143 -27.89 39.21 -71.53
C ILE KB 143 -28.81 39.62 -72.64
N GLN KB 144 -29.83 40.46 -72.37
CA GLN KB 144 -30.59 41.10 -73.43
C GLN KB 144 -30.36 42.60 -73.43
N ILE KB 145 -30.07 43.24 -74.58
CA ILE KB 145 -29.84 44.69 -74.64
C ILE KB 145 -30.60 45.31 -75.80
N ILE KB 146 -31.35 46.42 -75.57
CA ILE KB 146 -32.10 47.11 -76.61
C ILE KB 146 -31.68 48.57 -76.75
N ALA KB 147 -31.23 48.98 -77.95
CA ALA KB 147 -30.99 50.37 -78.25
C ALA KB 147 -32.13 51.02 -79.05
N ARG KB 148 -32.22 52.37 -78.96
CA ARG KB 148 -33.26 53.13 -79.63
C ARG KB 148 -32.82 54.55 -79.98
N GLU KB 149 -33.20 55.03 -81.17
CA GLU KB 149 -32.96 56.38 -81.64
C GLU KB 149 -33.82 57.46 -80.94
N ILE KB 150 -33.25 58.63 -80.56
CA ILE KB 150 -33.88 59.67 -79.75
C ILE KB 150 -33.44 61.07 -80.19
N ASN KB 151 -34.32 62.11 -80.12
CA ASN KB 151 -34.00 63.49 -80.51
C ASN KB 151 -34.62 64.61 -79.60
N UNK KB 152 -62.03 68.58 -66.70
CA UNK KB 152 -63.03 69.16 -67.65
C UNK KB 152 -64.43 69.43 -67.07
N UNK KB 153 -65.19 68.37 -66.71
CA UNK KB 153 -66.58 68.45 -66.29
C UNK KB 153 -66.89 69.35 -65.09
N UNK KB 154 -68.12 69.89 -65.06
CA UNK KB 154 -68.57 70.82 -64.05
C UNK KB 154 -70.09 70.78 -63.99
N UNK KB 155 -70.72 71.44 -63.02
CA UNK KB 155 -72.14 71.32 -62.79
C UNK KB 155 -72.74 72.66 -62.42
N UNK KB 156 -74.07 72.81 -62.53
CA UNK KB 156 -74.72 74.09 -62.38
C UNK KB 156 -74.53 74.76 -61.02
N UNK KB 157 -74.65 73.98 -59.93
CA UNK KB 157 -74.43 74.47 -58.59
C UNK KB 157 -73.03 74.98 -58.38
N UNK KB 158 -72.03 74.20 -58.83
CA UNK KB 158 -70.64 74.58 -58.80
C UNK KB 158 -70.34 75.80 -59.64
N UNK KB 159 -70.92 75.92 -60.85
CA UNK KB 159 -70.79 77.10 -61.67
C UNK KB 159 -71.29 78.37 -60.99
N UNK KB 160 -72.45 78.28 -60.32
CA UNK KB 160 -73.00 79.38 -59.56
C UNK KB 160 -72.09 79.78 -58.42
N UNK KB 161 -71.55 78.79 -57.69
CA UNK KB 161 -70.56 78.96 -56.65
C UNK KB 161 -69.28 79.64 -57.13
N UNK KB 162 -68.76 79.21 -58.30
CA UNK KB 162 -67.58 79.75 -58.91
C UNK KB 162 -67.71 81.22 -59.21
N UNK KB 163 -68.84 81.62 -59.82
CA UNK KB 163 -69.15 83.01 -60.03
C UNK KB 163 -69.21 83.82 -58.74
N UNK KB 164 -69.85 83.28 -57.69
CA UNK KB 164 -69.91 83.90 -56.39
C UNK KB 164 -68.53 84.09 -55.77
N UNK KB 165 -67.69 83.06 -55.81
CA UNK KB 165 -66.33 83.12 -55.33
C UNK KB 165 -65.47 84.14 -56.04
N UNK KB 166 -65.50 84.15 -57.39
CA UNK KB 166 -64.75 85.11 -58.16
C UNK KB 166 -65.15 86.55 -57.88
N UNK KB 167 -66.47 86.81 -57.83
CA UNK KB 167 -67.02 88.09 -57.43
C UNK KB 167 -66.58 88.51 -56.03
N UNK KB 168 -66.62 87.58 -55.05
CA UNK KB 168 -66.14 87.79 -53.71
C UNK KB 168 -64.65 88.12 -53.63
N UNK KB 169 -63.81 87.38 -54.38
CA UNK KB 169 -62.39 87.56 -54.45
C UNK KB 169 -61.96 88.95 -54.93
N UNK KB 170 -62.61 89.46 -56.00
CA UNK KB 170 -62.33 90.78 -56.55
C UNK KB 170 -62.54 91.99 -55.57
N ALA LB 1 -13.58 -56.13 -76.32
CA ALA LB 1 -13.84 -54.65 -76.37
C ALA LB 1 -15.06 -54.27 -77.22
N ARG LB 2 -15.30 -52.95 -77.46
CA ARG LB 2 -16.43 -52.36 -78.17
C ARG LB 2 -17.10 -53.10 -79.31
N ASN LB 3 -18.44 -53.05 -79.38
CA ASN LB 3 -19.19 -53.51 -80.54
C ASN LB 3 -20.59 -52.89 -80.64
N PRO LB 4 -20.81 -51.58 -80.71
CA PRO LB 4 -22.14 -50.99 -80.85
C PRO LB 4 -23.06 -51.64 -81.87
N LYS LB 5 -24.31 -51.96 -81.47
CA LYS LB 5 -25.20 -52.78 -82.26
C LYS LB 5 -25.83 -52.01 -83.40
N CYS LB 6 -25.73 -50.68 -83.32
CA CYS LB 6 -26.01 -49.77 -84.40
C CYS LB 6 -25.28 -48.51 -83.98
N PRO LB 7 -24.96 -47.56 -84.85
CA PRO LB 7 -24.46 -46.25 -84.45
C PRO LB 7 -25.28 -45.55 -83.40
N ARG LB 8 -24.66 -44.88 -82.40
CA ARG LB 8 -25.42 -44.14 -81.41
C ARG LB 8 -26.11 -42.92 -81.98
N ILE LB 9 -25.37 -42.10 -82.73
CA ILE LB 9 -25.86 -40.84 -83.24
C ILE LB 9 -25.16 -40.56 -84.54
N VAL LB 10 -25.87 -39.99 -85.53
CA VAL LB 10 -25.33 -39.77 -86.86
C VAL LB 10 -25.37 -38.30 -87.19
N LYS LB 11 -24.25 -37.73 -87.68
CA LYS LB 11 -24.26 -36.39 -88.22
C LYS LB 11 -24.70 -36.42 -89.67
N SER LB 12 -25.79 -35.72 -89.95
CA SER LB 12 -26.40 -35.69 -91.26
C SER LB 12 -25.71 -34.74 -92.20
N CYS LB 13 -25.65 -33.49 -91.77
CA CYS LB 13 -25.18 -32.29 -92.43
C CYS LB 13 -23.83 -32.30 -93.11
N HIS LB 14 -23.62 -31.30 -93.97
CA HIS LB 14 -22.30 -30.83 -94.36
C HIS LB 14 -21.53 -30.33 -93.16
N SER LB 15 -20.19 -30.47 -93.15
CA SER LB 15 -19.40 -30.20 -91.96
C SER LB 15 -19.50 -28.79 -91.42
N LYS LB 16 -19.56 -28.68 -90.08
CA LYS LB 16 -19.63 -27.41 -89.41
C LYS LB 16 -18.24 -27.00 -88.98
N THR LB 17 -17.21 -27.79 -89.31
CA THR LB 17 -15.83 -27.40 -89.10
C THR LB 17 -15.44 -26.16 -89.89
N LEU LB 18 -14.52 -25.37 -89.36
CA LEU LB 18 -14.07 -24.18 -90.04
C LEU LB 18 -13.30 -24.47 -91.32
N ASP LB 19 -13.92 -24.12 -92.47
CA ASP LB 19 -13.38 -24.37 -93.79
C ASP LB 19 -12.27 -23.38 -94.15
N LYS LB 20 -11.48 -23.72 -95.18
CA LYS LB 20 -10.36 -22.94 -95.65
C LYS LB 20 -10.71 -21.51 -96.06
N TYR LB 21 -11.85 -21.34 -96.74
CA TYR LB 21 -12.39 -20.04 -97.06
C TYR LB 21 -13.31 -19.67 -95.94
N GLY LB 22 -12.91 -18.70 -95.11
CA GLY LB 22 -13.51 -18.48 -93.80
C GLY LB 22 -12.48 -18.61 -92.73
N LEU LB 23 -11.50 -19.52 -92.86
CA LEU LB 23 -10.36 -19.58 -91.98
C LEU LB 23 -9.52 -18.33 -92.12
N ILE LB 24 -9.09 -18.06 -93.34
CA ILE LB 24 -8.41 -16.83 -93.69
C ILE LB 24 -9.42 -15.86 -94.24
N LYS LB 25 -9.65 -14.73 -93.56
CA LYS LB 25 -10.78 -13.88 -93.84
C LYS LB 25 -10.48 -12.85 -94.91
N TYR LB 26 -9.32 -12.16 -94.84
CA TYR LB 26 -9.01 -11.12 -95.82
C TYR LB 26 -7.59 -10.57 -95.66
N PRO LB 27 -6.92 -10.09 -96.69
CA PRO LB 27 -5.62 -9.42 -96.56
C PRO LB 27 -5.74 -8.13 -95.81
N LEU LB 28 -4.70 -7.73 -95.06
CA LEU LB 28 -4.74 -6.49 -94.32
C LEU LB 28 -4.24 -5.34 -95.17
N THR LB 29 -4.90 -4.19 -95.06
CA THR LB 29 -4.71 -3.09 -95.99
C THR LB 29 -4.19 -1.87 -95.28
N SER LB 30 -3.69 -2.04 -94.04
CA SER LB 30 -3.00 -0.98 -93.31
C SER LB 30 -1.75 -0.49 -93.98
N GLU LB 31 -1.38 0.77 -93.73
CA GLU LB 31 -0.11 1.31 -94.13
C GLU LB 31 1.09 0.43 -93.76
N LYS LB 32 1.06 -0.14 -92.53
CA LYS LB 32 2.09 -1.03 -92.07
C LYS LB 32 2.17 -2.25 -92.94
N ALA LB 33 1.02 -2.86 -93.23
CA ALA LB 33 0.98 -4.06 -94.03
C ALA LB 33 1.42 -3.83 -95.46
N MET LB 34 1.04 -2.71 -96.09
CA MET LB 34 1.54 -2.39 -97.42
C MET LB 34 3.05 -2.30 -97.45
N LYS LB 35 3.62 -1.64 -96.43
CA LYS LB 35 5.05 -1.50 -96.32
C LYS LB 35 5.78 -2.84 -96.24
N LYS LB 36 5.30 -3.77 -95.40
CA LYS LB 36 5.86 -5.10 -95.26
C LYS LB 36 5.86 -5.88 -96.56
N ILE LB 37 4.73 -5.87 -97.29
CA ILE LB 37 4.63 -6.46 -98.62
C ILE LB 37 5.66 -5.89 -99.57
N GLU LB 38 5.83 -4.56 -99.58
CA GLU LB 38 6.87 -3.93 -100.38
C GLU LB 38 8.28 -4.37 -100.00
N GLU LB 39 8.66 -4.24 -98.73
CA GLU LB 39 10.05 -4.12 -98.37
C GLU LB 39 10.68 -5.44 -98.00
N ILE LB 40 9.96 -6.37 -97.37
CA ILE LB 40 10.52 -7.63 -96.95
C ILE LB 40 9.77 -8.81 -97.51
N ASN LB 41 8.90 -8.58 -98.52
CA ASN LB 41 8.17 -9.61 -99.24
C ASN LB 41 7.29 -10.49 -98.37
N THR LB 42 6.59 -9.86 -97.42
CA THR LB 42 5.84 -10.53 -96.37
C THR LB 42 4.39 -10.15 -96.42
N LEU LB 43 3.45 -11.11 -96.53
CA LEU LB 43 2.04 -10.80 -96.70
C LEU LB 43 1.28 -10.93 -95.39
N VAL LB 44 0.42 -9.94 -95.10
CA VAL LB 44 -0.30 -9.86 -93.85
C VAL LB 44 -1.76 -10.23 -94.04
N PHE LB 45 -2.26 -11.26 -93.33
CA PHE LB 45 -3.61 -11.74 -93.49
C PHE LB 45 -4.36 -11.76 -92.17
N MET LB 46 -5.64 -11.32 -92.21
CA MET LB 46 -6.56 -11.51 -91.12
C MET LB 46 -7.17 -12.90 -91.14
N CYS LB 47 -7.28 -13.56 -89.99
CA CYS LB 47 -7.87 -14.87 -89.93
C CYS LB 47 -8.77 -14.97 -88.73
N ASP LB 48 -9.54 -16.06 -88.68
CA ASP LB 48 -10.32 -16.46 -87.53
C ASP LB 48 -9.44 -16.71 -86.31
N LYS LB 49 -9.96 -16.41 -85.12
CA LYS LB 49 -9.29 -16.58 -83.85
C LYS LB 49 -8.82 -18.00 -83.59
N ARG LB 50 -9.58 -19.01 -84.00
CA ARG LB 50 -9.30 -20.37 -83.58
C ARG LB 50 -8.39 -21.08 -84.55
N ALA LB 51 -7.91 -20.38 -85.59
CA ALA LB 51 -6.87 -20.86 -86.48
C ALA LB 51 -5.57 -21.25 -85.78
N ASN LB 52 -4.77 -22.13 -86.38
CA ASN LB 52 -3.46 -22.47 -85.89
C ASN LB 52 -2.52 -22.35 -87.06
N LYS LB 53 -1.21 -22.25 -86.83
CA LYS LB 53 -0.26 -21.89 -87.86
C LYS LB 53 -0.24 -22.85 -89.02
N LYS LB 54 -0.23 -24.15 -88.72
CA LYS LB 54 -0.20 -25.21 -89.72
C LYS LB 54 -1.36 -25.10 -90.68
N ASN LB 55 -2.56 -24.89 -90.15
CA ASN LB 55 -3.75 -24.73 -90.95
C ASN LB 55 -3.66 -23.53 -91.85
N ILE LB 56 -3.16 -22.39 -91.34
CA ILE LB 56 -2.99 -21.21 -92.16
C ILE LB 56 -2.04 -21.47 -93.31
N LYS LB 57 -0.90 -22.13 -93.05
CA LYS LB 57 0.07 -22.40 -94.09
C LYS LB 57 -0.47 -23.26 -95.20
N LYS LB 58 -1.17 -24.36 -94.84
CA LYS LB 58 -1.85 -25.20 -95.81
C LYS LB 58 -2.90 -24.42 -96.59
N SER LB 59 -3.74 -23.67 -95.87
CA SER LB 59 -4.81 -22.89 -96.43
C SER LB 59 -4.34 -21.86 -97.43
N VAL LB 60 -3.33 -21.06 -97.09
CA VAL LB 60 -2.74 -20.07 -97.96
C VAL LB 60 -2.19 -20.68 -99.25
N LYS LB 61 -1.48 -21.82 -99.17
CA LYS LB 61 -1.04 -22.55 -100.34
C LYS LB 61 -2.19 -23.02 -101.22
N ASN LB 62 -3.28 -23.50 -100.62
CA ASN LB 62 -4.46 -23.85 -101.37
C ASN LB 62 -5.13 -22.64 -102.01
N LEU LB 63 -5.27 -21.52 -101.28
CA LEU LB 63 -6.06 -20.41 -101.72
C LEU LB 63 -5.31 -19.51 -102.69
N PHE LB 64 -3.97 -19.50 -102.66
CA PHE LB 64 -3.17 -18.65 -103.51
C PHE LB 64 -1.91 -19.39 -103.88
N GLY LB 65 -1.11 -18.85 -104.83
CA GLY LB 65 0.09 -19.51 -105.33
C GLY LB 65 1.26 -19.45 -104.38
N ILE LB 66 1.05 -18.80 -103.24
CA ILE LB 66 1.98 -18.61 -102.15
C ILE LB 66 2.49 -19.92 -101.56
N GLU LB 67 3.82 -19.98 -101.29
CA GLU LB 67 4.38 -20.97 -100.41
C GLU LB 67 5.02 -20.22 -99.27
N CYS LB 68 4.98 -20.78 -98.06
CA CYS LB 68 5.20 -20.02 -96.86
C CYS LB 68 6.45 -20.51 -96.19
N ASP LB 69 7.43 -19.63 -95.99
CA ASP LB 69 8.62 -19.97 -95.26
C ASP LB 69 8.40 -20.09 -93.75
N LYS LB 70 7.72 -19.11 -93.14
CA LYS LB 70 7.44 -19.08 -91.72
C LYS LB 70 6.18 -18.29 -91.52
N VAL LB 71 5.34 -18.71 -90.56
CA VAL LB 71 4.09 -18.03 -90.26
C VAL LB 71 4.07 -17.63 -88.81
N ASN LB 72 4.00 -16.32 -88.57
CA ASN LB 72 3.90 -15.74 -87.26
C ASN LB 72 2.46 -15.33 -87.03
N VAL LB 73 1.89 -15.52 -85.84
CA VAL LB 73 0.52 -15.10 -85.58
C VAL LB 73 0.38 -14.29 -84.31
N LEU LB 74 -0.69 -13.49 -84.20
CA LEU LB 74 -1.04 -12.80 -82.97
C LEU LB 74 -2.53 -12.61 -82.86
N ASN LB 75 -3.05 -12.63 -81.63
CA ASN LB 75 -4.44 -12.37 -81.34
C ASN LB 75 -4.65 -10.90 -81.01
N THR LB 76 -5.37 -10.14 -81.86
CA THR LB 76 -5.64 -8.72 -81.61
C THR LB 76 -6.59 -8.44 -80.47
N LEU LB 77 -6.70 -7.18 -80.03
CA LEU LB 77 -7.73 -6.79 -79.08
C LEU LB 77 -9.12 -6.96 -79.63
N ASN LB 78 -9.32 -6.68 -80.93
CA ASN LB 78 -10.66 -6.61 -81.50
C ASN LB 78 -11.31 -7.97 -81.70
N GLY LB 79 -10.54 -9.07 -81.67
CA GLY LB 79 -11.08 -10.43 -81.72
C GLY LB 79 -10.74 -11.14 -82.99
N ASP LB 80 -9.80 -10.57 -83.74
CA ASP LB 80 -9.43 -11.03 -85.04
C ASP LB 80 -7.97 -11.49 -85.00
N LYS LB 81 -7.60 -12.55 -85.73
CA LYS LB 81 -6.24 -13.02 -85.72
C LYS LB 81 -5.45 -12.40 -86.85
N LYS LB 82 -4.18 -12.04 -86.60
CA LYS LB 82 -3.34 -11.41 -87.60
C LYS LB 82 -2.17 -12.32 -87.84
N ALA LB 83 -2.03 -12.75 -89.09
CA ALA LB 83 -1.01 -13.68 -89.49
C ALA LB 83 -0.04 -13.01 -90.43
N TYR LB 84 1.23 -12.93 -90.04
CA TYR LB 84 2.30 -12.53 -90.92
C TYR LB 84 2.81 -13.78 -91.59
N VAL LB 85 2.66 -13.86 -92.92
CA VAL LB 85 3.12 -15.00 -93.69
C VAL LB 85 4.28 -14.54 -94.53
N ARG LB 86 5.46 -15.08 -94.17
CA ARG LB 86 6.71 -14.76 -94.81
C ARG LB 86 6.91 -15.61 -96.03
N LEU LB 87 7.05 -15.01 -97.22
CA LEU LB 87 7.07 -15.80 -98.42
C LEU LB 87 8.41 -16.42 -98.69
N SER LB 88 8.38 -17.62 -99.29
CA SER LB 88 9.56 -18.30 -99.80
C SER LB 88 10.00 -17.68 -101.10
N GLY LB 89 11.26 -17.91 -101.50
CA GLY LB 89 11.84 -17.37 -102.72
C GLY LB 89 11.38 -18.09 -103.97
N GLU LB 90 10.54 -19.13 -103.81
CA GLU LB 90 9.95 -19.91 -104.89
C GLU LB 90 9.12 -19.06 -105.83
N HIS LB 91 8.45 -18.03 -105.28
CA HIS LB 91 7.82 -16.97 -106.04
C HIS LB 91 8.18 -15.66 -105.37
N ASP LB 92 7.82 -14.53 -105.99
CA ASP LB 92 8.13 -13.24 -105.43
C ASP LB 92 6.83 -12.51 -105.12
N ALA LB 93 6.68 -12.07 -103.87
CA ALA LB 93 5.46 -11.54 -103.33
C ALA LB 93 4.71 -10.47 -104.09
N LEU LB 94 5.42 -9.51 -104.71
CA LEU LB 94 4.81 -8.32 -105.24
C LEU LB 94 3.76 -8.59 -106.30
N GLU LB 95 4.08 -9.42 -107.28
CA GLU LB 95 3.13 -9.82 -108.29
C GLU LB 95 1.93 -10.54 -107.71
N VAL LB 96 2.17 -11.47 -106.76
CA VAL LB 96 1.10 -12.26 -106.18
C VAL LB 96 0.17 -11.39 -105.33
N ALA LB 97 0.77 -10.44 -104.62
CA ALA LB 97 0.06 -9.41 -103.91
C ALA LB 97 -0.76 -8.54 -104.84
N ASN LB 98 -0.17 -8.08 -105.96
CA ASN LB 98 -0.84 -7.30 -106.96
C ASN LB 98 -2.06 -8.01 -107.52
N LYS LB 99 -1.93 -9.30 -107.87
CA LYS LB 99 -3.05 -10.12 -108.26
C LYS LB 99 -4.15 -10.25 -107.21
N ILE LB 100 -3.83 -10.49 -105.92
CA ILE LB 100 -4.91 -10.56 -104.95
C ILE LB 100 -5.50 -9.21 -104.56
N GLY LB 101 -4.72 -8.12 -104.58
CA GLY LB 101 -5.14 -6.77 -104.22
C GLY LB 101 -4.06 -5.99 -103.44
N SER MB 1 3.93 21.55 -81.72
CA SER MB 1 4.30 21.22 -83.15
C SER MB 1 5.42 20.22 -83.37
N LEU MB 2 6.67 20.51 -82.93
CA LEU MB 2 7.84 19.76 -83.39
C LEU MB 2 8.16 18.53 -82.55
N THR MB 3 7.41 18.33 -81.46
CA THR MB 3 7.38 17.17 -80.58
C THR MB 3 7.80 15.84 -81.17
N LEU MB 4 6.97 15.23 -82.03
CA LEU MB 4 7.29 14.03 -82.80
C LEU MB 4 8.70 13.99 -83.35
N GLN MB 5 9.09 15.02 -84.10
CA GLN MB 5 10.36 15.15 -84.75
C GLN MB 5 11.50 15.16 -83.76
N LYS MB 6 11.33 15.89 -82.64
CA LYS MB 6 12.28 15.88 -81.55
C LYS MB 6 12.42 14.49 -80.92
N ARG MB 7 11.30 13.77 -80.68
CA ARG MB 7 11.38 12.42 -80.16
C ARG MB 7 12.11 11.50 -81.12
N LEU MB 8 11.81 11.57 -82.43
CA LEU MB 8 12.50 10.77 -83.40
C LEU MB 8 13.98 11.09 -83.46
N ALA MB 9 14.34 12.38 -83.38
CA ALA MB 9 15.71 12.83 -83.42
C ALA MB 9 16.54 12.24 -82.31
N ALA MB 10 15.95 12.08 -81.11
CA ALA MB 10 16.60 11.44 -80.00
C ALA MB 10 16.98 10.02 -80.31
N SER MB 11 16.05 9.27 -80.88
CA SER MB 11 16.30 7.90 -81.29
C SER MB 11 17.34 7.78 -82.38
N VAL MB 12 17.26 8.63 -83.42
CA VAL MB 12 18.18 8.60 -84.55
C VAL MB 12 19.62 8.81 -84.14
N LEU MB 13 19.87 9.78 -83.26
CA LEU MB 13 21.22 10.11 -82.86
C LEU MB 13 21.80 9.16 -81.83
N LYS MB 14 20.95 8.61 -80.92
CA LYS MB 14 21.31 7.74 -79.79
C LYS MB 14 21.62 8.57 -78.56
N CYS MB 15 20.88 9.68 -78.36
CA CYS MB 15 21.29 10.75 -77.50
C CYS MB 15 20.09 11.35 -76.82
N GLY MB 16 20.28 11.88 -75.60
CA GLY MB 16 19.20 12.47 -74.80
C GLY MB 16 18.48 13.63 -75.42
N LYS MB 17 17.14 13.70 -75.26
CA LYS MB 17 16.32 14.80 -75.72
C LYS MB 17 16.86 16.19 -75.45
N ASN MB 18 17.43 16.38 -74.27
CA ASN MB 18 18.07 17.60 -73.86
C ASN MB 18 19.25 18.09 -74.69
N LYS MB 19 19.78 17.27 -75.59
CA LYS MB 19 20.96 17.62 -76.34
C LYS MB 19 20.66 17.86 -77.81
N ILE MB 20 19.39 17.90 -78.22
CA ILE MB 20 19.11 17.97 -79.64
C ILE MB 20 18.91 19.42 -80.01
N TRP MB 21 19.61 19.86 -81.06
CA TRP MB 21 19.53 21.21 -81.57
C TRP MB 21 18.79 21.24 -82.88
N MET MB 22 17.62 21.87 -82.88
CA MET MB 22 16.80 22.05 -84.05
C MET MB 22 16.95 23.51 -84.44
N ASP MB 23 17.44 23.82 -85.65
CA ASP MB 23 17.59 25.18 -86.09
C ASP MB 23 16.32 26.04 -85.87
N PRO MB 24 16.36 27.22 -85.26
CA PRO MB 24 15.16 27.96 -84.90
C PRO MB 24 14.50 28.56 -86.11
N ASN MB 25 15.16 28.51 -87.25
CA ASN MB 25 14.68 29.03 -88.49
C ASN MB 25 14.53 27.85 -89.44
N GLU MB 26 13.68 28.02 -90.47
CA GLU MB 26 13.36 26.96 -91.42
C GLU MB 26 12.60 25.83 -90.74
N ILE MB 27 11.73 26.23 -89.80
CA ILE MB 27 10.92 25.37 -88.96
C ILE MB 27 9.89 24.60 -89.75
N SER MB 28 9.49 25.13 -90.91
CA SER MB 28 8.50 24.52 -91.78
C SER MB 28 9.07 23.27 -92.42
N GLU MB 29 10.29 23.36 -92.96
CA GLU MB 29 11.05 22.24 -93.47
C GLU MB 29 11.21 21.13 -92.45
N ILE MB 30 11.53 21.47 -91.17
CA ILE MB 30 11.46 20.47 -90.11
C ILE MB 30 10.07 19.89 -89.87
N SER MB 31 9.03 20.74 -89.84
CA SER MB 31 7.64 20.34 -89.60
C SER MB 31 7.09 19.34 -90.57
N LEU MB 32 7.54 19.38 -91.83
CA LEU MB 32 7.17 18.41 -92.83
C LEU MB 32 7.72 17.01 -92.58
N ALA MB 33 8.84 16.89 -91.86
CA ALA MB 33 9.42 15.62 -91.51
C ALA MB 33 8.48 14.74 -90.69
N ASN MB 34 8.45 13.44 -91.00
CA ASN MB 34 7.38 12.61 -90.50
C ASN MB 34 7.85 11.19 -90.39
N SER MB 35 9.16 10.96 -90.45
CA SER MB 35 9.69 9.63 -90.50
C SER MB 35 11.11 9.69 -90.10
N ARG MB 36 11.67 8.55 -89.72
CA ARG MB 36 13.03 8.43 -89.30
C ARG MB 36 13.98 8.74 -90.43
N PHE MB 37 13.57 8.32 -91.64
CA PHE MB 37 14.22 8.61 -92.89
C PHE MB 37 14.34 10.11 -93.12
N SER MB 38 13.26 10.88 -92.88
CA SER MB 38 13.31 12.33 -92.96
C SER MB 38 14.28 12.95 -91.97
N ILE MB 39 14.31 12.45 -90.73
CA ILE MB 39 15.26 12.93 -89.75
C ILE MB 39 16.69 12.70 -90.18
N ARG MB 40 17.00 11.51 -90.72
CA ARG MB 40 18.30 11.23 -91.29
C ARG MB 40 18.72 12.23 -92.38
N LYS MB 41 17.80 12.60 -93.28
CA LYS MB 41 18.02 13.64 -94.28
C LYS MB 41 18.32 14.98 -93.62
N LEU MB 42 17.51 15.42 -92.66
CA LEU MB 42 17.74 16.68 -91.96
C LEU MB 42 19.10 16.71 -91.27
N TYR MB 43 19.47 15.63 -90.59
CA TYR MB 43 20.77 15.46 -89.99
C TYR MB 43 21.90 15.53 -90.99
N LYS MB 44 21.74 14.87 -92.15
CA LYS MB 44 22.71 15.01 -93.22
C LYS MB 44 22.90 16.44 -93.68
N GLU MB 45 21.81 17.18 -93.86
CA GLU MB 45 21.83 18.56 -94.27
C GLU MB 45 22.53 19.50 -93.32
N GLY MB 46 22.19 19.46 -92.02
CA GLY MB 46 22.69 20.45 -91.06
C GLY MB 46 21.60 21.04 -90.21
N LEU MB 47 20.35 20.63 -90.42
CA LEU MB 47 19.19 21.23 -89.81
C LEU MB 47 18.82 20.60 -88.49
N ILE MB 48 19.51 19.51 -88.10
CA ILE MB 48 19.46 19.02 -86.74
C ILE MB 48 20.89 18.69 -86.39
N LEU MB 49 21.38 19.22 -85.26
CA LEU MB 49 22.72 18.99 -84.75
C LEU MB 49 22.67 18.47 -83.34
N LYS MB 50 23.55 17.52 -82.98
CA LYS MB 50 23.80 17.17 -81.60
C LYS MB 50 24.58 18.23 -80.82
N LYS MB 51 24.04 18.81 -79.73
CA LYS MB 51 24.82 19.66 -78.83
C LYS MB 51 25.99 18.93 -78.16
N PRO MB 52 27.13 19.54 -77.88
CA PRO MB 52 28.17 18.90 -77.07
C PRO MB 52 27.71 18.60 -75.66
N GLN MB 53 28.43 17.71 -74.94
CA GLN MB 53 28.24 17.54 -73.51
C GLN MB 53 28.47 18.83 -72.75
N LYS MB 54 27.84 19.02 -71.59
CA LYS MB 54 28.08 20.21 -70.80
C LYS MB 54 29.41 20.10 -70.08
N VAL MB 55 30.45 20.77 -70.60
CA VAL MB 55 31.84 20.40 -70.33
C VAL MB 55 32.29 20.45 -68.89
N HIS MB 56 33.08 19.44 -68.54
CA HIS MB 56 33.42 19.13 -67.17
C HIS MB 56 34.80 18.55 -67.19
N SER MB 57 35.69 18.97 -66.27
CA SER MB 57 37.10 18.70 -66.32
C SER MB 57 37.65 18.07 -65.05
N ARG MB 58 38.50 17.04 -65.18
CA ARG MB 58 39.23 16.48 -64.06
C ARG MB 58 40.48 17.27 -63.68
N ALA MB 59 40.92 18.24 -64.51
CA ALA MB 59 42.09 19.08 -64.34
C ALA MB 59 42.41 19.53 -62.91
N ARG MB 60 41.40 20.13 -62.26
CA ARG MB 60 41.48 20.68 -60.94
C ARG MB 60 41.73 19.58 -59.93
N VAL MB 61 41.07 18.45 -60.10
CA VAL MB 61 41.32 17.27 -59.31
C VAL MB 61 42.74 16.75 -59.51
N ARG MB 62 43.26 16.74 -60.75
CA ARG MB 62 44.61 16.23 -60.99
C ARG MB 62 45.67 17.06 -60.30
N LEU MB 63 45.53 18.40 -60.33
CA LEU MB 63 46.43 19.26 -59.59
C LEU MB 63 46.40 19.00 -58.09
N TYR MB 64 45.19 18.90 -57.51
CA TYR MB 64 45.04 18.59 -56.11
C TYR MB 64 45.67 17.25 -55.75
N LYS MB 65 45.49 16.24 -56.60
CA LYS MB 65 46.06 14.93 -56.39
C LYS MB 65 47.56 14.92 -56.45
N LEU MB 66 48.15 15.65 -57.42
CA LEU MB 66 49.58 15.81 -57.48
C LEU MB 66 50.14 16.46 -56.22
N ALA MB 67 49.46 17.49 -55.71
CA ALA MB 67 49.80 18.04 -54.42
C ALA MB 67 49.67 17.03 -53.27
N LYS MB 68 48.63 16.18 -53.24
CA LYS MB 68 48.48 15.17 -52.21
C LYS MB 68 49.61 14.17 -52.22
N ARG MB 69 50.06 13.78 -53.42
CA ARG MB 69 51.25 12.97 -53.61
C ARG MB 69 52.49 13.61 -53.03
N LYS MB 70 52.62 14.94 -53.19
CA LYS MB 70 53.70 15.70 -52.64
C LYS MB 70 53.52 15.95 -51.14
N GLY MB 71 52.43 15.40 -50.55
CA GLY MB 71 52.27 15.23 -49.11
C GLY MB 71 51.60 16.37 -48.42
N ARG MB 72 50.69 17.08 -49.11
CA ARG MB 72 50.29 18.39 -48.68
C ARG MB 72 48.96 18.50 -47.95
N HIS MB 73 48.19 17.41 -47.76
CA HIS MB 73 46.89 17.55 -47.10
C HIS MB 73 46.55 16.39 -46.21
N MET MB 74 47.56 15.73 -45.64
CA MET MB 74 47.35 14.58 -44.79
C MET MB 74 47.47 14.96 -43.33
N GLY MB 75 47.46 16.28 -43.03
CA GLY MB 75 47.49 16.82 -41.67
C GLY MB 75 46.35 16.37 -40.77
N ILE MB 76 46.48 16.57 -39.45
CA ILE MB 76 45.53 16.04 -38.49
C ILE MB 76 44.14 16.59 -38.67
N GLY MB 77 44.02 17.91 -38.89
CA GLY MB 77 42.73 18.53 -39.13
C GLY MB 77 42.07 18.14 -40.42
N LYS MB 78 42.83 17.86 -41.48
CA LYS MB 78 42.22 17.49 -42.73
C LYS MB 78 41.53 16.14 -42.75
N ARG MB 79 42.06 15.14 -42.02
CA ARG MB 79 41.45 13.82 -41.89
C ARG MB 79 40.04 13.86 -41.32
N LYS MB 80 39.15 12.93 -41.70
CA LYS MB 80 37.79 12.97 -41.22
C LYS MB 80 37.27 11.56 -41.02
N GLY MB 81 38.00 10.77 -40.21
CA GLY MB 81 37.61 9.40 -39.91
C GLY MB 81 38.64 8.75 -39.03
N THR MB 82 38.24 7.72 -38.25
CA THR MB 82 39.10 6.95 -37.37
C THR MB 82 40.27 6.28 -38.04
N LYS MB 83 41.40 6.09 -37.34
CA LYS MB 83 42.65 5.62 -37.92
C LYS MB 83 42.54 4.31 -38.70
N ASN MB 84 41.83 3.33 -38.13
CA ASN MB 84 41.53 2.09 -38.81
C ASN MB 84 40.70 2.29 -40.07
N ALA MB 85 39.72 3.21 -40.06
CA ALA MB 85 38.96 3.54 -41.23
C ALA MB 85 39.80 4.28 -42.27
N ARG MB 86 40.74 5.15 -41.84
CA ARG MB 86 41.67 5.80 -42.72
C ARG MB 86 42.49 4.80 -43.50
N THR MB 87 43.12 3.84 -42.81
CA THR MB 87 43.71 2.70 -43.49
C THR MB 87 43.66 1.49 -42.59
N ASN MB 88 43.31 0.33 -43.15
CA ASN MB 88 42.94 -0.81 -42.34
C ASN MB 88 44.16 -1.52 -41.78
N GLN MB 89 44.23 -1.61 -40.44
CA GLN MB 89 45.31 -2.21 -39.71
C GLN MB 89 45.60 -3.64 -40.11
N LYS MB 90 44.53 -4.44 -40.31
CA LYS MB 90 44.64 -5.81 -40.73
C LYS MB 90 45.35 -5.94 -42.06
N THR MB 91 45.01 -5.08 -43.04
CA THR MB 91 45.63 -5.12 -44.36
C THR MB 91 47.09 -4.79 -44.27
N LEU MB 92 47.44 -3.77 -43.47
CA LEU MB 92 48.79 -3.37 -43.23
C LEU MB 92 49.64 -4.50 -42.66
N TRP MB 93 49.13 -5.23 -41.64
CA TRP MB 93 49.78 -6.41 -41.11
C TRP MB 93 50.00 -7.51 -42.15
N ILE MB 94 48.97 -7.82 -42.94
CA ILE MB 94 49.02 -8.85 -43.94
C ILE MB 94 50.07 -8.54 -44.98
N LYS MB 95 50.12 -7.28 -45.45
CA LYS MB 95 51.18 -6.80 -46.31
C LYS MB 95 52.55 -7.09 -45.72
N ARG MB 96 52.77 -6.65 -44.48
CA ARG MB 96 54.03 -6.86 -43.82
C ARG MB 96 54.39 -8.33 -43.68
N GLN MB 97 53.45 -9.20 -43.24
CA GLN MB 97 53.71 -10.62 -43.14
C GLN MB 97 54.14 -11.22 -44.46
N ARG MB 98 53.47 -10.86 -45.55
CA ARG MB 98 53.86 -11.26 -46.88
C ARG MB 98 55.26 -10.81 -47.24
N VAL MB 99 55.66 -9.57 -46.92
CA VAL MB 99 57.02 -9.13 -47.17
C VAL MB 99 58.05 -9.97 -46.43
N LEU MB 100 57.81 -10.28 -45.14
CA LEU MB 100 58.75 -11.06 -44.38
C LEU MB 100 58.83 -12.51 -44.87
N ARG MB 101 57.68 -13.13 -45.20
CA ARG MB 101 57.61 -14.48 -45.72
C ARG MB 101 58.29 -14.59 -47.06
N ARG MB 102 58.07 -13.60 -47.94
CA ARG MB 102 58.68 -13.53 -49.24
C ARG MB 102 60.18 -13.50 -49.19
N LEU MB 103 60.75 -12.67 -48.31
CA LEU MB 103 62.16 -12.65 -48.08
C LEU MB 103 62.70 -14.01 -47.64
N LEU MB 104 62.05 -14.63 -46.66
CA LEU MB 104 62.44 -15.93 -46.16
C LEU MB 104 62.40 -17.01 -47.22
N LYS MB 105 61.35 -17.09 -48.05
CA LYS MB 105 61.28 -18.06 -49.13
C LYS MB 105 62.42 -17.90 -50.11
N ARG MB 106 62.80 -16.67 -50.48
CA ARG MB 106 63.97 -16.44 -51.30
C ARG MB 106 65.25 -16.90 -50.65
N LEU MB 107 65.45 -16.62 -49.37
CA LEU MB 107 66.62 -17.04 -48.65
C LEU MB 107 66.77 -18.55 -48.55
N ARG MB 108 65.67 -19.29 -48.30
CA ARG MB 108 65.76 -20.73 -48.34
C ARG MB 108 65.97 -21.27 -49.74
N ASP MB 109 65.27 -20.73 -50.76
CA ASP MB 109 65.38 -21.20 -52.14
C ASP MB 109 66.79 -21.03 -52.68
N SER MB 110 67.40 -19.88 -52.39
CA SER MB 110 68.77 -19.57 -52.76
C SER MB 110 69.80 -20.29 -51.91
N LYS MB 111 69.37 -20.99 -50.84
CA LYS MB 111 70.21 -21.78 -49.98
C LYS MB 111 71.26 -20.95 -49.27
N LYS MB 112 70.86 -19.76 -48.78
CA LYS MB 112 71.76 -18.87 -48.09
C LYS MB 112 71.46 -18.84 -46.60
N VAL MB 113 70.54 -19.71 -46.16
CA VAL MB 113 70.27 -19.98 -44.76
C VAL MB 113 70.12 -21.47 -44.60
N ASP MB 114 70.25 -21.98 -43.35
CA ASP MB 114 69.87 -23.35 -43.05
C ASP MB 114 68.38 -23.43 -42.78
N ARG MB 115 67.77 -24.60 -43.07
CA ARG MB 115 66.37 -24.85 -42.79
C ARG MB 115 65.96 -24.58 -41.34
N HIS MB 116 66.78 -25.00 -40.38
CA HIS MB 116 66.50 -24.84 -38.96
C HIS MB 116 66.40 -23.39 -38.58
N LEU MB 117 67.37 -22.58 -39.00
CA LEU MB 117 67.36 -21.14 -38.82
C LEU MB 117 66.13 -20.52 -39.48
N TYR MB 118 65.82 -20.91 -40.73
CA TYR MB 118 64.64 -20.50 -41.47
C TYR MB 118 63.37 -20.73 -40.67
N HIS MB 119 63.20 -21.93 -40.10
CA HIS MB 119 61.99 -22.24 -39.38
C HIS MB 119 61.79 -21.37 -38.15
N SER MB 120 62.87 -21.14 -37.38
CA SER MB 120 62.81 -20.27 -36.22
C SER MB 120 62.48 -18.85 -36.59
N PHE MB 121 63.10 -18.33 -37.66
CA PHE MB 121 62.78 -17.01 -38.14
C PHE MB 121 61.36 -16.88 -38.63
N TYR MB 122 60.81 -17.90 -39.28
CA TYR MB 122 59.43 -17.88 -39.73
C TYR MB 122 58.49 -17.72 -38.56
N LEU MB 123 58.72 -18.47 -37.47
CA LEU MB 123 57.93 -18.32 -36.28
C LEU MB 123 58.09 -16.95 -35.63
N LYS MB 124 59.30 -16.39 -35.61
CA LYS MB 124 59.53 -15.04 -35.13
C LYS MB 124 58.85 -13.97 -35.94
N CYS MB 125 58.86 -14.06 -37.27
CA CYS MB 125 58.12 -13.15 -38.10
C CYS MB 125 56.63 -13.17 -37.81
N LYS MB 126 56.02 -14.34 -37.63
CA LYS MB 126 54.66 -14.45 -37.14
C LYS MB 126 54.49 -13.75 -35.80
N GLY MB 127 55.48 -13.98 -34.93
CA GLY MB 127 55.63 -13.49 -33.57
C GLY MB 127 55.51 -12.00 -33.43
N ASN MB 128 56.21 -11.24 -34.29
CA ASN MB 128 56.22 -9.79 -34.30
C ASN MB 128 57.34 -9.25 -33.44
N GLN MB 129 58.58 -9.62 -33.81
CA GLN MB 129 59.77 -8.95 -33.38
C GLN MB 129 60.36 -8.11 -34.50
N PHE MB 130 59.72 -8.05 -35.69
CA PHE MB 130 60.32 -7.46 -36.85
C PHE MB 130 59.40 -6.51 -37.55
N LYS MB 131 59.79 -5.23 -37.60
CA LYS MB 131 59.01 -4.23 -38.25
C LYS MB 131 59.14 -4.27 -39.75
N ASN MB 132 60.38 -4.30 -40.27
CA ASN MB 132 60.61 -3.98 -41.65
C ASN MB 132 61.71 -4.81 -42.25
N LYS MB 133 61.85 -4.70 -43.58
CA LYS MB 133 62.75 -5.50 -44.38
C LYS MB 133 64.19 -5.44 -43.90
N ARG MB 134 64.71 -4.22 -43.67
CA ARG MB 134 66.05 -4.02 -43.15
C ARG MB 134 66.27 -4.70 -41.83
N THR MB 135 65.33 -4.54 -40.89
CA THR MB 135 65.43 -5.18 -39.59
C THR MB 135 65.49 -6.68 -39.68
N LEU MB 136 64.66 -7.31 -40.53
CA LEU MB 136 64.77 -8.74 -40.74
C LEU MB 136 66.11 -9.18 -41.28
N ILE MB 137 66.63 -8.52 -42.34
CA ILE MB 137 67.90 -8.89 -42.94
C ILE MB 137 69.02 -8.77 -41.94
N GLU MB 138 69.05 -7.65 -41.21
CA GLU MB 138 70.02 -7.42 -40.18
C GLU MB 138 70.03 -8.48 -39.10
N ALA MB 139 68.86 -8.88 -38.57
CA ALA MB 139 68.87 -9.99 -37.65
C ALA MB 139 69.36 -11.31 -38.24
N ILE MB 140 68.90 -11.67 -39.45
CA ILE MB 140 69.27 -12.91 -40.07
C ILE MB 140 70.77 -12.99 -40.29
N GLN MB 141 71.37 -11.91 -40.80
CA GLN MB 141 72.80 -11.82 -41.05
C GLN MB 141 73.59 -12.07 -39.78
N ARG MB 142 73.22 -11.36 -38.70
CA ARG MB 142 73.86 -11.50 -37.43
C ARG MB 142 73.74 -12.89 -36.84
N GLU MB 143 72.55 -13.48 -36.90
CA GLU MB 143 72.30 -14.81 -36.41
C GLU MB 143 73.07 -15.89 -37.16
N LYS MB 144 73.06 -15.82 -38.50
CA LYS MB 144 73.80 -16.72 -39.36
C LYS MB 144 75.28 -16.68 -39.09
N ASN MB 145 75.85 -15.46 -38.99
CA ASN MB 145 77.22 -15.26 -38.60
C ASN MB 145 77.56 -15.84 -37.22
N GLU MB 146 76.70 -15.58 -36.23
CA GLU MB 146 76.82 -16.11 -34.89
C GLU MB 146 76.82 -17.61 -34.86
N THR MB 147 75.87 -18.23 -35.58
CA THR MB 147 75.75 -19.67 -35.70
C THR MB 147 76.99 -20.30 -36.28
N LEU MB 148 77.56 -19.70 -37.33
CA LEU MB 148 78.80 -20.13 -37.93
C LEU MB 148 79.95 -20.13 -36.95
N LYS MB 149 80.09 -19.03 -36.18
CA LYS MB 149 81.09 -18.94 -35.14
C LYS MB 149 80.97 -20.05 -34.11
N LYS MB 150 79.77 -20.31 -33.58
CA LYS MB 150 79.49 -21.44 -32.72
C LYS MB 150 79.82 -22.80 -33.32
N LYS MB 151 79.40 -23.05 -34.57
CA LYS MB 151 79.68 -24.30 -35.28
C LYS MB 151 81.16 -24.57 -35.42
N ALA MB 152 81.92 -23.52 -35.78
CA ALA MB 152 83.32 -23.59 -36.11
C ALA MB 152 84.16 -24.09 -34.96
N ILE MB 153 83.90 -23.60 -33.74
CA ILE MB 153 84.58 -24.04 -32.54
C ILE MB 153 84.19 -25.47 -32.20
N ALA MB 154 82.89 -25.80 -32.21
CA ALA MB 154 82.40 -27.14 -31.93
C ALA MB 154 82.95 -28.22 -32.85
N ASP MB 155 82.96 -27.98 -34.16
CA ASP MB 155 83.50 -28.90 -35.15
C ASP MB 155 85.00 -29.17 -34.97
N GLN MB 156 85.78 -28.11 -34.71
CA GLN MB 156 87.18 -28.19 -34.37
C GLN MB 156 87.42 -29.04 -33.14
N LEU MB 157 86.61 -28.85 -32.09
CA LEU MB 157 86.69 -29.65 -30.89
C LEU MB 157 86.42 -31.12 -31.14
N GLU MB 158 85.38 -31.42 -31.94
CA GLU MB 158 85.08 -32.77 -32.38
C GLU MB 158 86.22 -33.43 -33.15
N ALA MB 159 86.85 -32.70 -34.08
CA ALA MB 159 88.04 -33.13 -34.79
C ALA MB 159 89.22 -33.46 -33.87
N LYS MB 160 89.49 -32.59 -32.89
CA LYS MB 160 90.50 -32.78 -31.88
C LYS MB 160 90.25 -34.03 -31.06
N ARG MB 161 89.00 -34.22 -30.62
CA ARG MB 161 88.52 -35.39 -29.91
C ARG MB 161 88.72 -36.68 -30.71
N LEU MB 162 88.38 -36.66 -32.01
CA LEU MB 162 88.61 -37.76 -32.91
C LEU MB 162 90.10 -38.07 -33.07
N LYS MB 163 90.95 -37.04 -33.23
CA LYS MB 163 92.39 -37.19 -33.34
C LYS MB 163 92.97 -37.84 -32.10
N ALA MB 164 92.56 -37.38 -30.91
CA ALA MB 164 92.94 -37.97 -29.65
C ALA MB 164 92.48 -39.42 -29.53
N GLN MB 165 91.24 -39.72 -29.96
CA GLN MB 165 90.70 -41.05 -29.97
C GLN MB 165 91.50 -42.02 -30.84
N VAL MB 166 91.87 -41.64 -32.07
CA VAL MB 166 92.72 -42.46 -32.92
C VAL MB 166 94.08 -42.77 -32.31
N LEU MB 167 94.75 -41.76 -31.71
CA LEU MB 167 95.98 -41.95 -30.96
C LEU MB 167 95.79 -42.93 -29.81
N ARG MB 168 94.70 -42.76 -29.03
CA ARG MB 168 94.29 -43.67 -27.99
C ARG MB 168 94.06 -45.08 -28.51
N ASN MB 169 93.41 -45.28 -29.67
CA ASN MB 169 93.26 -46.59 -30.28
C ASN MB 169 94.60 -47.25 -30.58
N LYS MB 170 95.57 -46.54 -31.18
CA LYS MB 170 96.90 -47.10 -31.36
C LYS MB 170 97.58 -47.48 -30.05
N ARG MB 171 97.51 -46.64 -29.01
CA ARG MB 171 98.03 -46.99 -27.69
C ARG MB 171 97.40 -48.23 -27.08
N LYS MB 172 96.07 -48.36 -27.11
CA LYS MB 172 95.33 -49.49 -26.59
C LYS MB 172 95.65 -50.83 -27.28
N LEU MB 173 95.69 -50.87 -28.62
CA LEU MB 173 96.13 -52.06 -29.37
C LEU MB 173 97.59 -52.44 -29.12
N LYS MB 174 98.50 -51.45 -29.05
CA LYS MB 174 99.91 -51.62 -28.72
C LYS MB 174 100.08 -52.25 -27.35
N LYS MB 175 99.32 -51.76 -26.35
CA LYS MB 175 99.17 -52.39 -25.05
C LYS MB 175 98.63 -53.81 -25.14
N ASP MB 176 97.59 -54.09 -25.96
CA ASP MB 176 97.11 -55.44 -26.15
C ASP MB 176 98.18 -56.39 -26.72
N LYS MB 177 98.93 -55.92 -27.75
CA LYS MB 177 100.04 -56.64 -28.34
C LYS MB 177 101.17 -56.93 -27.36
N GLU MB 178 101.52 -55.92 -26.56
CA GLU MB 178 102.45 -56.04 -25.45
C GLU MB 178 102.02 -57.03 -24.37
N VAL MB 179 100.75 -56.98 -23.93
CA VAL MB 179 100.16 -57.86 -22.93
C VAL MB 179 100.19 -59.33 -23.32
N VAL MB 180 99.83 -59.66 -24.56
CA VAL MB 180 99.93 -61.01 -25.09
C VAL MB 180 101.35 -61.57 -25.11
N ALA MB 181 102.33 -60.81 -25.64
CA ALA MB 181 103.72 -61.24 -25.79
C ALA MB 181 104.49 -61.52 -24.46
N LYS NB 1 -69.51 -6.97 -79.24
CA LYS NB 1 -70.16 -6.67 -77.94
C LYS NB 1 -70.35 -7.93 -77.15
N PHE NB 2 -71.34 -8.76 -77.51
CA PHE NB 2 -71.78 -9.87 -76.70
C PHE NB 2 -70.76 -10.97 -76.49
N ASN NB 3 -69.95 -11.35 -77.49
CA ASN NB 3 -68.92 -12.36 -77.22
C ASN NB 3 -67.90 -11.91 -76.16
N LYS NB 4 -67.44 -12.83 -75.32
CA LYS NB 4 -66.50 -12.50 -74.26
C LYS NB 4 -65.09 -12.78 -74.72
N GLN NB 5 -64.94 -13.27 -75.96
CA GLN NB 5 -63.67 -13.68 -76.48
C GLN NB 5 -62.79 -12.51 -76.83
N LYS NB 6 -63.35 -11.51 -77.51
CA LYS NB 6 -62.60 -10.34 -77.91
C LYS NB 6 -62.68 -9.27 -76.86
N SER NB 7 -61.55 -8.88 -76.26
CA SER NB 7 -61.49 -7.78 -75.31
C SER NB 7 -61.91 -6.45 -75.88
N SER NB 8 -62.63 -5.68 -75.08
CA SER NB 8 -63.13 -4.39 -75.49
C SER NB 8 -62.50 -3.30 -74.66
N SER NB 9 -61.66 -3.69 -73.70
CA SER NB 9 -60.91 -2.77 -72.85
C SER NB 9 -59.94 -1.87 -73.62
N ARG NB 10 -60.03 -0.55 -73.36
CA ARG NB 10 -59.46 0.48 -74.19
C ARG NB 10 -57.98 0.39 -74.39
N ARG NB 11 -57.24 0.20 -73.29
CA ARG NB 11 -55.79 0.14 -73.30
C ARG NB 11 -55.32 -0.95 -74.22
N LYS NB 12 -55.92 -2.14 -74.06
CA LYS NB 12 -55.53 -3.31 -74.79
C LYS NB 12 -55.77 -3.14 -76.27
N MET NB 13 -56.94 -2.61 -76.64
CA MET NB 13 -57.20 -2.29 -78.02
C MET NB 13 -56.22 -1.29 -78.60
N ARG NB 14 -55.88 -0.25 -77.84
CA ARG NB 14 -54.95 0.74 -78.31
C ARG NB 14 -53.57 0.20 -78.59
N LYS NB 15 -53.08 -0.66 -77.71
CA LYS NB 15 -51.83 -1.35 -77.87
C LYS NB 15 -51.84 -2.16 -79.15
N ALA NB 16 -52.93 -2.90 -79.38
CA ALA NB 16 -53.12 -3.68 -80.58
C ALA NB 16 -53.02 -2.85 -81.84
N HIS NB 17 -53.66 -1.68 -81.84
CA HIS NB 17 -53.54 -0.74 -82.94
C HIS NB 17 -52.12 -0.30 -83.21
N PHE NB 18 -51.33 0.03 -82.20
CA PHE NB 18 -49.96 0.49 -82.46
C PHE NB 18 -48.98 -0.62 -82.76
N THR NB 19 -49.13 -1.81 -82.17
CA THR NB 19 -48.14 -2.87 -82.30
C THR NB 19 -48.50 -3.83 -83.42
N ALA NB 20 -49.53 -3.49 -84.21
CA ALA NB 20 -50.01 -4.30 -85.31
C ALA NB 20 -48.93 -4.71 -86.32
N PRO NB 21 -48.87 -5.96 -86.78
CA PRO NB 21 -47.91 -6.39 -87.78
C PRO NB 21 -48.29 -5.91 -89.17
N ALA NB 22 -47.40 -6.11 -90.15
CA ALA NB 22 -47.52 -5.51 -91.46
C ALA NB 22 -48.73 -5.97 -92.24
N GLY NB 23 -49.08 -7.26 -92.18
CA GLY NB 23 -50.28 -7.78 -92.83
C GLY NB 23 -51.55 -7.16 -92.31
N LEU NB 24 -51.65 -7.04 -90.98
CA LEU NB 24 -52.76 -6.38 -90.32
C LEU NB 24 -52.82 -4.91 -90.69
N ARG NB 25 -51.67 -4.23 -90.68
CA ARG NB 25 -51.56 -2.86 -91.12
C ARG NB 25 -52.04 -2.68 -92.55
N ARG NB 26 -51.67 -3.56 -93.48
CA ARG NB 26 -52.17 -3.53 -94.85
C ARG NB 26 -53.68 -3.63 -94.89
N LYS NB 27 -54.28 -4.52 -94.08
CA LYS NB 27 -55.73 -4.61 -93.96
C LYS NB 27 -56.41 -3.32 -93.50
N ILE NB 28 -55.88 -2.60 -92.49
CA ILE NB 28 -56.60 -1.47 -91.95
C ILE NB 28 -56.28 -0.15 -92.62
N MET NB 29 -55.64 -0.18 -93.80
CA MET NB 29 -55.46 0.97 -94.64
C MET NB 29 -56.54 0.97 -95.72
N SER NB 30 -57.76 0.57 -95.36
CA SER NB 30 -58.82 0.42 -96.35
C SER NB 30 -59.64 1.68 -96.53
N SER NB 31 -60.25 1.82 -97.71
CA SER NB 31 -60.86 3.05 -98.17
C SER NB 31 -62.28 2.83 -98.62
N LYS NB 32 -63.15 3.83 -98.44
CA LYS NB 32 -64.50 3.78 -99.01
C LYS NB 32 -64.47 3.82 -100.51
N LEU NB 33 -65.30 2.98 -101.13
CA LEU NB 33 -65.40 2.90 -102.56
C LEU NB 33 -66.40 3.90 -103.10
N SER NB 34 -66.09 4.57 -104.22
CA SER NB 34 -67.00 5.45 -104.95
C SER NB 34 -68.23 4.74 -105.47
N LYS NB 35 -69.31 5.50 -105.71
CA LYS NB 35 -70.66 5.00 -105.88
C LYS NB 35 -70.81 4.14 -107.09
N GLU NB 36 -70.26 4.53 -108.25
CA GLU NB 36 -70.30 3.73 -109.46
C GLU NB 36 -69.64 2.37 -109.27
N LEU NB 37 -68.44 2.36 -108.70
CA LEU NB 37 -67.72 1.18 -108.31
C LEU NB 37 -68.45 0.35 -107.29
N ARG NB 38 -69.01 0.97 -106.24
CA ARG NB 38 -69.81 0.30 -105.22
C ARG NB 38 -70.98 -0.44 -105.82
N LEU NB 39 -71.69 0.21 -106.73
CA LEU NB 39 -72.70 -0.40 -107.55
C LEU NB 39 -72.18 -1.54 -108.39
N LYS NB 40 -71.06 -1.35 -109.10
CA LYS NB 40 -70.42 -2.38 -109.90
C LYS NB 40 -70.05 -3.65 -109.13
N TYR NB 41 -69.42 -3.49 -107.97
CA TYR NB 41 -68.81 -4.57 -107.25
C TYR NB 41 -69.64 -5.10 -106.11
N LYS NB 42 -70.63 -4.33 -105.64
CA LYS NB 42 -71.46 -4.67 -104.49
C LYS NB 42 -70.60 -4.80 -103.24
N THR NB 43 -69.79 -3.75 -102.98
CA THR NB 43 -68.73 -3.83 -101.99
C THR NB 43 -68.56 -2.48 -101.34
N ARG NB 44 -68.52 -2.38 -100.00
CA ARG NB 44 -68.34 -1.10 -99.34
C ARG NB 44 -66.92 -0.55 -99.43
N SER NB 45 -65.93 -1.38 -99.09
CA SER NB 45 -64.62 -0.88 -98.76
C SER NB 45 -63.54 -1.83 -99.21
N LEU NB 46 -62.39 -1.30 -99.66
CA LEU NB 46 -61.28 -2.07 -100.19
C LEU NB 46 -59.94 -1.70 -99.57
N PRO NB 47 -58.99 -2.59 -99.35
CA PRO NB 47 -57.60 -2.19 -99.17
C PRO NB 47 -56.99 -1.49 -100.39
N VAL NB 48 -56.45 -0.28 -100.21
CA VAL NB 48 -55.83 0.53 -101.24
C VAL NB 48 -54.61 -0.09 -101.94
N ARG NB 49 -54.37 0.25 -103.22
CA ARG NB 49 -53.21 -0.20 -103.99
C ARG NB 49 -52.60 1.00 -104.72
N LYS NB 50 -51.34 0.90 -105.18
CA LYS NB 50 -50.62 2.04 -105.72
C LYS NB 50 -51.24 2.77 -106.91
N ASP NB 51 -51.69 2.07 -107.96
CA ASP NB 51 -52.01 2.77 -109.20
C ASP NB 51 -53.45 3.27 -109.27
N ASP NB 52 -54.16 3.27 -108.15
CA ASP NB 52 -55.52 3.71 -108.09
C ASP NB 52 -55.66 5.22 -108.00
N GLU NB 53 -56.87 5.72 -108.28
CA GLU NB 53 -57.18 7.14 -108.34
C GLU NB 53 -58.19 7.51 -107.27
N VAL NB 54 -57.75 8.31 -106.29
CA VAL NB 54 -58.56 8.71 -105.15
C VAL NB 54 -59.07 10.11 -105.28
N LEU NB 55 -60.15 10.43 -104.56
CA LEU NB 55 -60.67 11.76 -104.39
C LEU NB 55 -60.62 12.08 -102.90
N ILE NB 56 -60.11 13.26 -102.53
CA ILE NB 56 -59.93 13.69 -101.16
C ILE NB 56 -61.16 14.44 -100.71
N CYS NB 57 -61.64 14.22 -99.50
CA CYS NB 57 -62.91 14.77 -99.11
C CYS NB 57 -62.94 15.12 -97.65
N ARG NB 58 -61.78 15.11 -96.99
CA ARG NB 58 -61.59 15.62 -95.65
C ARG NB 58 -60.20 16.18 -95.64
N GLY NB 59 -59.90 17.16 -94.78
CA GLY NB 59 -58.62 17.85 -94.85
C GLY NB 59 -58.55 18.93 -95.90
N HIS NB 60 -57.43 19.67 -95.96
CA HIS NB 60 -57.34 20.98 -96.60
C HIS NB 60 -57.15 20.92 -98.09
N ASN NB 61 -57.62 19.84 -98.70
CA ASN NB 61 -57.33 19.52 -100.08
C ASN NB 61 -58.53 18.83 -100.63
N HIS NB 62 -59.72 19.12 -100.08
CA HIS NB 62 -60.92 18.38 -100.37
C HIS NB 62 -61.48 18.58 -101.77
N GLY NB 63 -60.94 19.53 -102.56
CA GLY NB 63 -61.27 19.59 -103.98
C GLY NB 63 -60.51 18.60 -104.82
N ARG NB 64 -59.48 17.94 -104.29
CA ARG NB 64 -58.51 17.25 -105.12
C ARG NB 64 -58.79 15.78 -105.37
N GLU NB 65 -58.85 15.38 -106.64
CA GLU NB 65 -58.65 14.00 -107.06
C GLU NB 65 -57.21 13.78 -107.43
N GLY NB 66 -56.78 12.52 -107.55
CA GLY NB 66 -55.45 12.21 -108.09
C GLY NB 66 -54.98 10.81 -107.83
N LYS NB 67 -53.94 10.41 -108.58
CA LYS NB 67 -53.30 9.13 -108.47
C LYS NB 67 -52.45 8.98 -107.22
N VAL NB 68 -52.40 7.76 -106.63
CA VAL NB 68 -51.60 7.45 -105.46
C VAL NB 68 -50.15 7.20 -105.85
N VAL NB 69 -49.22 7.92 -105.23
CA VAL NB 69 -47.79 7.70 -105.37
C VAL NB 69 -47.33 6.49 -104.59
N LYS NB 70 -47.11 6.64 -103.29
CA LYS NB 70 -46.60 5.61 -102.41
C LYS NB 70 -47.56 5.45 -101.24
N ILE NB 71 -47.69 4.23 -100.68
CA ILE NB 71 -48.40 4.01 -99.43
C ILE NB 71 -47.40 3.66 -98.37
N ASN NB 72 -47.52 4.26 -97.18
CA ASN NB 72 -46.59 4.04 -96.09
C ASN NB 72 -47.28 3.33 -94.94
N ARG NB 73 -47.02 2.03 -94.80
CA ARG NB 73 -47.60 1.22 -93.76
C ARG NB 73 -46.97 1.44 -92.41
N LYS NB 74 -45.74 1.97 -92.37
CA LYS NB 74 -45.08 2.33 -91.13
C LYS NB 74 -45.72 3.53 -90.48
N ARG NB 75 -46.06 4.55 -91.27
CA ARG NB 75 -46.55 5.82 -90.79
C ARG NB 75 -48.06 5.99 -90.89
N TYR NB 76 -48.79 5.01 -91.48
CA TYR NB 76 -50.21 5.12 -91.76
C TYR NB 76 -50.54 6.32 -92.65
N LYS NB 77 -49.85 6.44 -93.77
CA LYS NB 77 -50.04 7.56 -94.66
C LYS NB 77 -50.03 7.08 -96.09
N ILE NB 78 -51.01 7.52 -96.91
CA ILE NB 78 -50.89 7.37 -98.35
C ILE NB 78 -50.48 8.70 -98.91
N TYR NB 79 -49.75 8.69 -100.03
CA TYR NB 79 -49.34 9.92 -100.66
C TYR NB 79 -49.93 10.01 -102.06
N VAL NB 80 -50.33 11.21 -102.51
CA VAL NB 80 -51.02 11.42 -103.78
C VAL NB 80 -50.29 12.41 -104.65
N GLU NB 81 -50.44 12.26 -105.98
CA GLU NB 81 -49.79 12.99 -107.05
C GLU NB 81 -49.48 14.47 -106.88
N ARG NB 82 -50.48 15.32 -106.63
CA ARG NB 82 -50.24 16.75 -106.71
C ARG NB 82 -50.51 17.43 -105.41
N VAL NB 83 -50.77 16.69 -104.33
CA VAL NB 83 -50.71 17.22 -102.98
C VAL NB 83 -49.27 17.42 -102.53
N THR NB 84 -48.47 18.04 -103.40
CA THR NB 84 -47.14 18.49 -103.15
C THR NB 84 -47.13 19.68 -102.23
N ARG NB 85 -46.03 19.90 -101.52
CA ARG NB 85 -45.85 20.98 -100.62
C ARG NB 85 -44.36 21.23 -100.56
N GLU NB 86 -43.93 22.50 -100.57
CA GLU NB 86 -42.52 22.78 -100.37
C GLU NB 86 -42.23 22.80 -98.89
N LYS NB 87 -41.05 22.31 -98.52
CA LYS NB 87 -40.54 22.34 -97.17
C LYS NB 87 -39.68 23.58 -96.96
N VAL NB 88 -39.16 23.76 -95.73
CA VAL NB 88 -38.41 24.92 -95.31
C VAL NB 88 -37.20 25.20 -96.16
N ASN NB 89 -36.48 24.14 -96.56
CA ASN NB 89 -35.24 24.31 -97.29
C ASN NB 89 -35.50 24.36 -98.78
N GLY NB 90 -36.76 24.56 -99.19
CA GLY NB 90 -37.13 24.70 -100.59
C GLY NB 90 -37.15 23.39 -101.34
N GLU NB 91 -37.59 22.31 -100.67
CA GLU NB 91 -37.62 20.99 -101.23
C GLU NB 91 -39.04 20.48 -101.23
N SER NB 92 -39.51 19.93 -102.35
CA SER NB 92 -40.89 19.48 -102.47
C SER NB 92 -41.11 18.08 -101.99
N THR NB 93 -42.01 17.87 -101.02
CA THR NB 93 -42.48 16.54 -100.64
C THR NB 93 -43.99 16.47 -100.71
N PHE NB 94 -44.53 15.26 -100.53
CA PHE NB 94 -45.94 14.98 -100.66
C PHE NB 94 -46.64 15.06 -99.31
N ILE NB 95 -47.83 15.64 -99.26
CA ILE NB 95 -48.60 15.74 -98.04
C ILE NB 95 -49.20 14.40 -97.72
N GLY NB 96 -49.04 13.92 -96.47
CA GLY NB 96 -49.66 12.69 -96.03
C GLY NB 96 -51.15 12.78 -95.90
N ILE NB 97 -51.86 11.77 -96.37
CA ILE NB 97 -53.30 11.68 -96.26
C ILE NB 97 -53.60 10.38 -95.57
N HIS NB 98 -54.56 10.40 -94.63
CA HIS NB 98 -55.01 9.19 -93.98
C HIS NB 98 -56.15 8.55 -94.77
N PRO NB 99 -56.30 7.23 -94.85
CA PRO NB 99 -57.27 6.62 -95.76
C PRO NB 99 -58.70 7.07 -95.62
N SER NB 100 -59.19 7.42 -94.42
CA SER NB 100 -60.56 7.85 -94.25
C SER NB 100 -60.89 9.11 -94.99
N ASN NB 101 -59.86 9.87 -95.38
CA ASN NB 101 -60.07 11.20 -95.87
C ASN NB 101 -60.13 11.21 -97.39
N VAL NB 102 -60.06 10.02 -97.98
CA VAL NB 102 -60.11 9.78 -99.40
C VAL NB 102 -61.16 8.76 -99.72
N VAL NB 103 -61.83 8.97 -100.85
CA VAL NB 103 -62.81 8.09 -101.44
C VAL NB 103 -62.23 7.63 -102.75
N LEU NB 104 -62.25 6.31 -102.98
CA LEU NB 104 -61.49 5.72 -104.04
C LEU NB 104 -62.37 5.60 -105.26
N THR NB 105 -61.95 6.17 -106.41
CA THR NB 105 -62.67 6.02 -107.67
C THR NB 105 -62.14 4.88 -108.48
N LYS NB 106 -61.25 5.16 -109.46
CA LYS NB 106 -60.84 4.16 -110.41
C LYS NB 106 -59.76 3.28 -109.82
N LEU NB 107 -60.01 1.96 -109.80
CA LEU NB 107 -59.08 1.02 -109.24
C LEU NB 107 -58.59 0.04 -110.29
N LYS NB 108 -57.28 -0.25 -110.28
CA LYS NB 108 -56.64 -1.07 -111.28
C LYS NB 108 -56.65 -2.54 -110.89
N VAL NB 109 -57.42 -3.37 -111.59
CA VAL NB 109 -57.48 -4.80 -111.35
C VAL NB 109 -56.17 -5.53 -111.67
N ASP NB 110 -55.84 -6.56 -110.90
CA ASP NB 110 -54.75 -7.47 -111.15
C ASP NB 110 -55.24 -8.75 -110.50
N LYS NB 111 -54.57 -9.89 -110.71
CA LYS NB 111 -55.12 -11.17 -110.32
C LYS NB 111 -55.37 -11.31 -108.83
N ASN NB 112 -54.49 -10.78 -107.96
CA ASN NB 112 -54.72 -10.81 -106.52
C ASN NB 112 -55.97 -10.04 -106.11
N ARG NB 113 -56.12 -8.81 -106.63
CA ARG NB 113 -57.33 -8.04 -106.45
C ARG NB 113 -58.56 -8.67 -107.05
N LYS NB 114 -58.44 -9.31 -108.23
CA LYS NB 114 -59.53 -9.99 -108.91
C LYS NB 114 -60.11 -11.10 -108.07
N LYS NB 115 -59.23 -11.87 -107.42
CA LYS NB 115 -59.56 -12.85 -106.42
C LYS NB 115 -60.31 -12.23 -105.26
N ILE NB 116 -59.81 -11.11 -104.69
CA ILE NB 116 -60.53 -10.37 -103.66
C ILE NB 116 -61.92 -9.91 -104.10
N LEU NB 117 -62.05 -9.30 -105.29
CA LEU NB 117 -63.30 -8.85 -105.84
C LEU NB 117 -64.32 -9.95 -106.05
N ASP NB 118 -63.90 -11.10 -106.58
CA ASP NB 118 -64.72 -12.29 -106.64
C ASP NB 118 -65.11 -12.79 -105.25
N ARG NB 119 -64.16 -12.85 -104.29
CA ARG NB 119 -64.42 -13.23 -102.92
C ARG NB 119 -65.47 -12.35 -102.24
N LYS NB 120 -65.40 -11.03 -102.43
CA LYS NB 120 -66.44 -10.11 -102.00
C LYS NB 120 -67.83 -10.34 -102.62
N ALA NB 121 -67.87 -10.61 -103.94
CA ALA NB 121 -69.04 -10.60 -104.79
C ALA NB 121 -70.37 -11.19 -104.21
N ASN OB 1 -28.49 -14.55 -108.34
CA ASN OB 1 -29.53 -14.89 -107.30
C ASN OB 1 -30.35 -16.12 -107.72
N VAL OB 2 -30.58 -17.12 -106.85
CA VAL OB 2 -31.25 -18.35 -107.22
C VAL OB 2 -32.13 -18.85 -106.08
N LYS OB 3 -33.18 -19.63 -106.43
CA LYS OB 3 -34.26 -20.02 -105.55
C LYS OB 3 -34.29 -21.52 -105.32
N ALA OB 4 -34.54 -21.92 -104.06
CA ALA OB 4 -34.61 -23.29 -103.56
C ALA OB 4 -35.13 -24.39 -104.47
N TYR OB 5 -36.36 -24.27 -105.01
CA TYR OB 5 -36.95 -25.34 -105.79
C TYR OB 5 -36.17 -25.79 -107.00
N GLU OB 6 -35.40 -24.87 -107.62
CA GLU OB 6 -34.55 -25.15 -108.74
C GLU OB 6 -33.35 -25.96 -108.34
N LEU OB 7 -32.86 -25.71 -107.13
CA LEU OB 7 -31.78 -26.43 -106.51
C LEU OB 7 -32.15 -27.85 -106.13
N ARG OB 8 -33.39 -28.11 -105.67
CA ARG OB 8 -33.77 -29.35 -105.03
C ARG OB 8 -33.64 -30.57 -105.93
N THR OB 9 -33.87 -30.41 -107.24
CA THR OB 9 -33.74 -31.49 -108.19
C THR OB 9 -32.31 -32.02 -108.31
N LEU OB 10 -31.32 -31.12 -108.30
CA LEU OB 10 -29.95 -31.37 -108.67
C LEU OB 10 -29.18 -32.48 -107.93
N LYS OB 11 -28.23 -33.12 -108.63
CA LYS OB 11 -27.31 -34.13 -108.11
C LYS OB 11 -26.41 -33.62 -106.98
N LYS OB 12 -26.01 -34.49 -106.03
CA LYS OB 12 -25.30 -34.02 -104.86
C LYS OB 12 -23.95 -33.41 -105.15
N LYS OB 13 -23.18 -33.99 -106.09
CA LYS OB 13 -21.90 -33.44 -106.51
C LYS OB 13 -22.03 -32.02 -107.04
N GLU OB 14 -23.02 -31.81 -107.91
CA GLU OB 14 -23.28 -30.52 -108.52
C GLU OB 14 -23.67 -29.50 -107.49
N LEU OB 15 -24.55 -29.89 -106.56
CA LEU OB 15 -24.96 -29.07 -105.45
C LEU OB 15 -23.80 -28.61 -104.58
N LEU OB 16 -22.90 -29.52 -104.21
CA LEU OB 16 -21.69 -29.22 -103.48
C LEU OB 16 -20.73 -28.31 -104.24
N ASP OB 17 -20.53 -28.58 -105.55
CA ASP OB 17 -19.74 -27.77 -106.44
C ASP OB 17 -20.24 -26.33 -106.52
N LYS OB 18 -21.55 -26.14 -106.67
CA LYS OB 18 -22.21 -24.86 -106.63
C LYS OB 18 -21.95 -24.15 -105.30
N LEU OB 19 -22.07 -24.86 -104.16
CA LEU OB 19 -21.77 -24.30 -102.87
C LEU OB 19 -20.33 -23.80 -102.74
N ASP OB 20 -19.36 -24.60 -103.19
CA ASP OB 20 -17.96 -24.23 -103.19
C ASP OB 20 -17.70 -22.99 -104.03
N GLU OB 21 -18.33 -22.90 -105.21
CA GLU OB 21 -18.26 -21.78 -106.10
C GLU OB 21 -18.78 -20.50 -105.44
N LEU OB 22 -19.97 -20.55 -104.82
CA LEU OB 22 -20.51 -19.41 -104.09
C LEU OB 22 -19.59 -18.96 -102.98
N LYS OB 23 -19.00 -19.88 -102.20
CA LYS OB 23 -18.05 -19.56 -101.16
C LYS OB 23 -16.86 -18.76 -101.69
N LYS OB 24 -16.29 -19.20 -102.82
CA LYS OB 24 -15.21 -18.49 -103.46
C LYS OB 24 -15.58 -17.07 -103.84
N GLU OB 25 -16.78 -16.88 -104.43
CA GLU OB 25 -17.31 -15.58 -104.75
C GLU OB 25 -17.43 -14.68 -103.53
N LEU OB 26 -17.94 -15.26 -102.43
CA LEU OB 26 -18.13 -14.59 -101.17
C LEU OB 26 -16.82 -14.06 -100.61
N SER OB 27 -15.78 -14.89 -100.67
CA SER OB 27 -14.41 -14.53 -100.32
C SER OB 27 -13.92 -13.34 -101.14
N GLY OB 28 -14.15 -13.36 -102.46
CA GLY OB 28 -13.88 -12.23 -103.36
C GLY OB 28 -14.55 -10.93 -102.98
N LEU OB 29 -15.83 -10.98 -102.61
CA LEU OB 29 -16.55 -9.83 -102.11
C LEU OB 29 -15.92 -9.28 -100.84
N ARG OB 30 -15.56 -10.14 -99.88
CA ARG OB 30 -14.85 -9.71 -98.69
C ARG OB 30 -13.52 -9.08 -98.99
N ILE OB 31 -12.70 -9.64 -99.89
CA ILE OB 31 -11.43 -9.05 -100.31
C ILE OB 31 -11.62 -7.64 -100.84
N SER OB 32 -12.67 -7.43 -101.63
CA SER OB 32 -13.08 -6.11 -102.10
C SER OB 32 -13.37 -5.17 -100.95
N LYS OB 33 -14.17 -5.61 -99.98
CA LYS OB 33 -14.55 -4.88 -98.80
C LYS OB 33 -13.34 -4.46 -97.97
N ALA OB 34 -12.37 -5.36 -97.75
CA ALA OB 34 -11.15 -5.06 -97.03
C ALA OB 34 -10.27 -3.98 -97.65
N LEU OB 35 -10.08 -4.03 -98.98
CA LEU OB 35 -9.59 -2.91 -99.76
C LEU OB 35 -10.42 -1.64 -99.60
N GLY OB 36 -10.06 -0.56 -100.30
CA GLY OB 36 -10.78 0.71 -100.17
C GLY OB 36 -12.10 0.75 -100.91
N ASN OB 37 -12.41 -0.27 -101.70
CA ASN OB 37 -13.59 -0.32 -102.54
C ASN OB 37 -14.89 -0.20 -101.76
N SER OB 38 -15.86 0.55 -102.32
CA SER OB 38 -17.21 0.61 -101.77
C SER OB 38 -18.22 0.00 -102.70
N ALA OB 39 -17.83 -0.20 -103.98
CA ALA OB 39 -18.77 -0.33 -105.06
C ALA OB 39 -19.71 -1.53 -104.97
N LYS OB 40 -19.18 -2.70 -104.62
CA LYS OB 40 -19.95 -3.92 -104.68
C LYS OB 40 -20.33 -4.38 -103.30
N ASN OB 41 -20.15 -3.56 -102.27
CA ASN OB 41 -20.38 -3.94 -100.90
C ASN OB 41 -21.79 -4.44 -100.62
N SER OB 42 -22.80 -3.89 -101.29
CA SER OB 42 -24.17 -4.36 -101.20
C SER OB 42 -24.39 -5.78 -101.72
N LYS OB 43 -23.56 -6.27 -102.67
CA LYS OB 43 -23.84 -7.53 -103.30
C LYS OB 43 -23.55 -8.72 -102.41
N ILE OB 44 -22.76 -8.55 -101.35
CA ILE OB 44 -22.32 -9.66 -100.53
C ILE OB 44 -23.47 -10.33 -99.79
N HIS OB 45 -24.46 -9.53 -99.34
CA HIS OB 45 -25.65 -9.99 -98.70
C HIS OB 45 -26.41 -11.01 -99.51
N GLY OB 46 -26.62 -10.70 -100.80
CA GLY OB 46 -27.20 -11.61 -101.77
C GLY OB 46 -26.48 -12.91 -101.87
N VAL OB 47 -25.15 -12.84 -101.99
CA VAL OB 47 -24.33 -14.04 -102.10
C VAL OB 47 -24.47 -14.87 -100.84
N ARG OB 48 -24.32 -14.26 -99.67
CA ARG OB 48 -24.42 -14.99 -98.43
C ARG OB 48 -25.77 -15.67 -98.24
N LYS OB 49 -26.88 -14.96 -98.43
CA LYS OB 49 -28.19 -15.60 -98.40
C LYS OB 49 -28.37 -16.73 -99.41
N ASN OB 50 -27.86 -16.57 -100.63
CA ASN OB 50 -27.76 -17.68 -101.54
C ASN OB 50 -26.94 -18.86 -101.01
N VAL OB 51 -25.78 -18.63 -100.36
CA VAL OB 51 -24.96 -19.67 -99.75
C VAL OB 51 -25.77 -20.44 -98.73
N ALA OB 52 -26.49 -19.70 -97.89
CA ALA OB 52 -27.34 -20.31 -96.91
C ALA OB 52 -28.39 -21.21 -97.52
N ARG OB 53 -29.10 -20.71 -98.57
CA ARG OB 53 -30.04 -21.51 -99.27
C ARG OB 53 -29.51 -22.84 -99.83
N VAL OB 54 -28.35 -22.81 -100.50
CA VAL OB 54 -27.68 -23.99 -100.97
C VAL OB 54 -27.36 -25.00 -99.89
N LEU OB 55 -26.83 -24.53 -98.75
CA LEU OB 55 -26.59 -25.37 -97.60
C LEU OB 55 -27.83 -26.06 -97.07
N THR OB 56 -28.95 -25.33 -96.94
CA THR OB 56 -30.21 -25.85 -96.46
C THR OB 56 -30.68 -26.99 -97.34
N VAL OB 57 -30.69 -26.79 -98.66
CA VAL OB 57 -31.08 -27.84 -99.57
C VAL OB 57 -30.23 -29.08 -99.43
N TYR OB 58 -28.89 -28.95 -99.41
CA TYR OB 58 -28.06 -30.13 -99.28
C TYR OB 58 -28.26 -30.86 -97.96
N ASN OB 59 -28.33 -30.13 -96.83
CA ASN OB 59 -28.49 -30.79 -95.55
C ASN OB 59 -29.80 -31.53 -95.47
N GLN OB 60 -30.89 -30.90 -95.93
CA GLN OB 60 -32.17 -31.54 -96.02
C GLN OB 60 -32.16 -32.80 -96.87
N LYS OB 61 -31.48 -32.76 -98.03
CA LYS OB 61 -31.38 -33.89 -98.93
C LYS OB 61 -30.72 -35.08 -98.25
N ARG OB 62 -29.60 -34.83 -97.57
CA ARG OB 62 -28.91 -35.82 -96.77
C ARG OB 62 -29.77 -36.42 -95.69
N LYS OB 63 -30.53 -35.60 -94.96
CA LYS OB 63 -31.41 -36.06 -93.91
C LYS OB 63 -32.45 -37.03 -94.41
N MET OB 64 -33.10 -36.71 -95.54
CA MET OB 64 -34.02 -37.60 -96.18
C MET OB 64 -33.38 -38.90 -96.60
N GLU OB 65 -32.19 -38.84 -97.21
CA GLU OB 65 -31.46 -39.99 -97.67
C GLU OB 65 -31.11 -40.92 -96.54
N LEU OB 66 -30.66 -40.36 -95.41
CA LEU OB 66 -30.38 -41.10 -94.21
C LEU OB 66 -31.62 -41.75 -93.61
N ARG OB 67 -32.74 -41.04 -93.51
CA ARG OB 67 -33.97 -41.63 -93.04
C ARG OB 67 -34.45 -42.77 -93.92
N GLN OB 68 -34.38 -42.60 -95.25
CA GLN OB 68 -34.74 -43.62 -96.21
C GLN OB 68 -33.93 -44.89 -96.06
N LEU OB 69 -32.60 -44.77 -95.87
CA LEU OB 69 -31.76 -45.89 -95.51
C LEU OB 69 -32.19 -46.59 -94.23
N TYR OB 70 -32.51 -45.84 -93.17
CA TYR OB 70 -32.80 -46.43 -91.88
C TYR OB 70 -34.30 -46.61 -91.65
N LYS OB 71 -35.03 -47.07 -92.68
CA LYS OB 71 -36.38 -47.63 -92.54
C LYS OB 71 -36.45 -48.85 -91.63
N ASN OB 72 -37.62 -49.06 -91.00
CA ASN OB 72 -37.91 -50.20 -90.12
C ASN OB 72 -36.94 -50.35 -88.97
N LYS OB 73 -36.52 -51.59 -88.67
CA LYS OB 73 -35.23 -51.89 -88.07
C LYS OB 73 -35.16 -51.82 -86.56
N LYS OB 74 -36.02 -51.00 -85.91
CA LYS OB 74 -36.23 -50.97 -84.46
C LYS OB 74 -35.05 -50.38 -83.70
N PHE OB 75 -34.10 -49.79 -84.43
CA PHE OB 75 -32.81 -49.45 -83.89
C PHE OB 75 -32.21 -48.37 -84.72
N LYS OB 76 -32.99 -47.31 -84.98
CA LYS OB 76 -32.41 -46.10 -85.49
C LYS OB 76 -31.41 -45.53 -84.48
N PRO OB 77 -30.35 -44.88 -84.86
CA PRO OB 77 -29.66 -43.90 -84.03
C PRO OB 77 -30.57 -42.98 -83.23
N TYR OB 78 -30.17 -42.53 -82.03
CA TYR OB 78 -31.03 -41.82 -81.10
C TYR OB 78 -31.62 -40.56 -81.71
N ASN OB 79 -30.83 -39.87 -82.53
CA ASN OB 79 -31.16 -38.64 -83.19
C ASN OB 79 -32.39 -38.72 -84.07
N LEU OB 80 -32.62 -39.88 -84.68
CA LEU OB 80 -33.69 -40.01 -85.63
C LEU OB 80 -34.97 -40.53 -84.99
N ARG OB 81 -34.91 -40.96 -83.71
CA ARG OB 81 -36.07 -41.33 -82.92
C ARG OB 81 -36.82 -40.08 -82.47
N LYS OB 82 -37.99 -40.24 -81.84
CA LYS OB 82 -38.80 -39.10 -81.45
C LYS OB 82 -38.16 -38.12 -80.48
N LYS OB 83 -38.47 -36.84 -80.69
CA LYS OB 83 -37.87 -35.72 -79.99
C LYS OB 83 -38.92 -35.08 -79.10
N LEU OB 84 -40.00 -35.83 -78.84
CA LEU OB 84 -40.91 -35.61 -77.74
C LEU OB 84 -40.22 -35.40 -76.39
N THR OB 85 -40.94 -34.88 -75.40
CA THR OB 85 -40.38 -34.59 -74.10
C THR OB 85 -39.76 -35.77 -73.37
N LYS OB 86 -38.77 -35.53 -72.50
CA LYS OB 86 -38.22 -36.54 -71.63
C LYS OB 86 -39.26 -37.25 -70.81
N ASN OB 87 -40.22 -36.49 -70.28
CA ASN OB 87 -41.31 -37.05 -69.53
C ASN OB 87 -42.15 -38.00 -70.40
N LYS OB 88 -42.48 -37.61 -71.64
CA LYS OB 88 -43.12 -38.50 -72.58
C LYS OB 88 -42.30 -39.73 -72.94
N ARG OB 89 -41.01 -39.60 -73.23
CA ARG OB 89 -40.17 -40.72 -73.59
C ARG OB 89 -40.08 -41.80 -72.53
N LEU OB 90 -39.90 -41.42 -71.26
CA LEU OB 90 -39.89 -42.33 -70.14
C LEU OB 90 -41.17 -43.13 -69.99
N GLN OB 91 -42.32 -42.45 -70.03
CA GLN OB 91 -43.66 -42.96 -69.86
C GLN OB 91 -44.04 -44.26 -70.58
N LEU OB 92 -45.06 -44.98 -70.08
CA LEU OB 92 -45.64 -46.13 -70.73
C LEU OB 92 -46.21 -45.90 -72.11
N SER OB 93 -46.16 -46.94 -72.97
CA SER OB 93 -47.00 -47.04 -74.16
C SER OB 93 -48.47 -47.16 -73.79
N PRO OB 94 -49.42 -46.52 -74.47
CA PRO OB 94 -50.85 -46.72 -74.25
C PRO OB 94 -51.28 -48.15 -74.26
N LYS OB 95 -50.71 -48.96 -75.17
CA LYS OB 95 -51.01 -50.37 -75.26
C LYS OB 95 -50.73 -51.10 -73.97
N GLN OB 96 -49.57 -50.84 -73.37
CA GLN OB 96 -49.22 -51.38 -72.07
C GLN OB 96 -50.09 -50.88 -70.94
N LYS OB 97 -50.32 -49.56 -70.87
CA LYS OB 97 -51.15 -48.92 -69.87
C LYS OB 97 -52.57 -49.46 -69.84
N ALA OB 98 -53.17 -49.62 -71.03
CA ALA OB 98 -54.47 -50.18 -71.24
C ALA OB 98 -54.66 -51.59 -70.71
N ALA OB 99 -53.68 -52.48 -70.97
CA ALA OB 99 -53.75 -53.91 -70.71
C ALA OB 99 -54.10 -54.29 -69.27
N MET OB 100 -54.83 -55.40 -69.12
CA MET OB 100 -55.50 -55.68 -67.88
C MET OB 100 -55.41 -57.16 -67.58
N THR OB 101 -55.52 -57.53 -66.30
CA THR OB 101 -55.52 -58.93 -65.87
C THR OB 101 -56.73 -59.70 -66.39
N LEU OB 102 -56.58 -61.01 -66.65
CA LEU OB 102 -57.60 -61.79 -67.29
C LEU OB 102 -58.92 -61.80 -66.55
N ARG OB 103 -58.92 -61.95 -65.21
CA ARG OB 103 -60.17 -61.94 -64.46
C ARG OB 103 -60.92 -60.64 -64.58
N GLN OB 104 -60.21 -59.51 -64.54
CA GLN OB 104 -60.79 -58.21 -64.76
C GLN OB 104 -61.38 -58.12 -66.15
N LYS OB 105 -60.66 -58.64 -67.16
CA LYS OB 105 -61.14 -58.72 -68.50
C LYS OB 105 -62.42 -59.54 -68.60
N LYS OB 106 -62.46 -60.74 -67.95
CA LYS OB 106 -63.67 -61.54 -67.83
C LYS OB 106 -64.81 -60.78 -67.19
N LYS OB 107 -64.53 -60.07 -66.10
CA LYS OB 107 -65.54 -59.31 -65.39
C LYS OB 107 -66.18 -58.23 -66.24
N VAL OB 108 -65.36 -57.38 -66.91
CA VAL OB 108 -65.82 -56.37 -67.84
C VAL OB 108 -66.62 -56.92 -69.00
N GLN OB 109 -66.15 -58.00 -69.61
CA GLN OB 109 -66.90 -58.69 -70.64
C GLN OB 109 -68.26 -59.22 -70.21
N ASN OB 110 -68.35 -59.89 -69.06
CA ASN OB 110 -69.61 -60.36 -68.52
C ASN OB 110 -70.56 -59.27 -68.10
N PHE OB 111 -70.13 -58.38 -67.20
CA PHE OB 111 -70.95 -57.28 -66.72
C PHE OB 111 -70.43 -55.96 -67.25
N PRO OB 112 -70.60 -55.57 -68.49
CA PRO OB 112 -70.31 -54.20 -68.90
C PRO OB 112 -71.29 -53.25 -68.24
N GLN OB 113 -70.89 -52.00 -67.95
CA GLN OB 113 -71.85 -50.96 -67.63
C GLN OB 113 -72.73 -50.65 -68.85
N ARG OB 114 -74.02 -50.33 -68.68
CA ARG OB 114 -74.96 -50.28 -69.79
C ARG OB 114 -75.78 -49.03 -69.79
N LYS OB 115 -76.43 -48.75 -70.94
CA LYS OB 115 -77.27 -47.61 -71.12
C LYS OB 115 -78.71 -47.98 -70.83
N TYR OB 116 -79.45 -47.15 -70.08
CA TYR OB 116 -80.82 -47.48 -69.75
C TYR OB 116 -81.64 -46.23 -69.45
N LEU OB 117 -82.97 -46.38 -69.49
CA LEU OB 117 -83.92 -45.29 -69.36
C LEU OB 117 -85.00 -45.69 -68.37
N VAL OB 118 -85.87 -44.76 -67.96
CA VAL OB 118 -86.84 -44.99 -66.90
C VAL OB 118 -88.22 -44.48 -67.30
N VAL OB 119 -89.28 -44.87 -66.56
CA VAL OB 119 -90.59 -44.23 -66.67
C VAL OB 119 -90.51 -42.82 -66.01
N ALA PB 1 -121.14 36.10 -30.73
CA ALA PB 1 -119.93 37.00 -30.71
C ALA PB 1 -120.18 38.46 -30.31
N ALA PB 2 -121.25 39.12 -30.84
CA ALA PB 2 -121.53 40.53 -30.59
C ALA PB 2 -121.72 40.87 -29.13
N LYS PB 3 -122.47 39.99 -28.43
CA LYS PB 3 -122.62 40.02 -27.00
C LYS PB 3 -121.29 39.86 -26.29
N LYS PB 4 -120.41 38.93 -26.72
CA LYS PB 4 -119.10 38.78 -26.12
C LYS PB 4 -118.25 40.04 -26.20
N ILE PB 5 -118.18 40.71 -27.37
CA ILE PB 5 -117.47 41.98 -27.45
C ILE PB 5 -118.06 43.04 -26.52
N LYS PB 6 -119.40 43.17 -26.53
CA LYS PB 6 -120.10 44.07 -25.62
C LYS PB 6 -119.81 43.82 -24.15
N THR PB 7 -119.90 42.55 -23.74
CA THR PB 7 -119.61 42.05 -22.41
C THR PB 7 -118.21 42.38 -22.00
N LEU PB 8 -117.24 42.17 -22.89
CA LEU PB 8 -115.84 42.51 -22.69
C LEU PB 8 -115.67 43.99 -22.37
N LYS PB 9 -116.34 44.88 -23.13
CA LYS PB 9 -116.34 46.30 -22.84
C LYS PB 9 -116.87 46.62 -21.46
N LEU PB 10 -118.00 46.01 -21.06
CA LEU PB 10 -118.53 46.14 -19.72
C LEU PB 10 -117.56 45.70 -18.64
N ILE PB 11 -116.89 44.55 -18.78
CA ILE PB 11 -115.84 44.09 -17.88
C ILE PB 11 -114.71 45.11 -17.80
N ASN PB 12 -114.27 45.63 -18.96
CA ASN PB 12 -113.25 46.65 -19.05
C ASN PB 12 -113.63 47.91 -18.30
N LYS PB 13 -114.88 48.38 -18.45
CA LYS PB 13 -115.38 49.54 -17.74
C LYS PB 13 -115.43 49.31 -16.25
N LYS PB 14 -115.98 48.16 -15.80
CA LYS PB 14 -116.03 47.80 -14.41
C LYS PB 14 -114.68 47.76 -13.75
N LYS PB 15 -113.67 47.14 -14.39
CA LYS PB 15 -112.34 47.11 -13.86
C LYS PB 15 -111.75 48.48 -13.63
N ARG PB 16 -111.83 49.37 -14.64
CA ARG PB 16 -111.30 50.72 -14.53
C ARG PB 16 -111.98 51.49 -13.42
N ASN PB 17 -113.32 51.41 -13.34
CA ASN PB 17 -114.04 51.98 -12.24
C ASN PB 17 -113.65 51.43 -10.89
N ASP PB 18 -113.53 50.11 -10.74
CA ASP PB 18 -113.15 49.44 -9.52
C ASP PB 18 -111.79 49.89 -9.03
N LEU PB 19 -110.83 49.89 -9.96
CA LEU PB 19 -109.48 50.30 -9.69
C LEU PB 19 -109.41 51.74 -9.24
N ARG PB 20 -110.20 52.62 -9.87
CA ARG PB 20 -110.24 53.99 -9.47
C ARG PB 20 -110.68 54.21 -8.01
N GLN PB 21 -111.78 53.58 -7.59
CA GLN PB 21 -112.25 53.64 -6.22
C GLN PB 21 -111.26 53.11 -5.20
N ARG PB 22 -110.64 51.94 -5.46
CA ARG PB 22 -109.56 51.44 -4.63
C ARG PB 22 -108.40 52.43 -4.54
N THR PB 23 -107.99 53.00 -5.69
CA THR PB 23 -106.93 54.00 -5.78
C THR PB 23 -107.16 55.18 -4.90
N LEU PB 24 -108.37 55.75 -4.97
CA LEU PB 24 -108.79 56.84 -4.12
C LEU PB 24 -108.74 56.48 -2.65
N ARG PB 25 -109.24 55.30 -2.29
CA ARG PB 25 -109.21 54.83 -0.93
C ARG PB 25 -107.77 54.69 -0.39
N TYR PB 26 -106.85 54.11 -1.19
CA TYR PB 26 -105.43 54.08 -0.91
C TYR PB 26 -104.81 55.44 -0.68
N GLU PB 27 -105.06 56.39 -1.60
CA GLU PB 27 -104.55 57.73 -1.53
C GLU PB 27 -104.97 58.42 -0.24
N GLU PB 28 -106.25 58.28 0.14
CA GLU PB 28 -106.77 58.71 1.40
C GLU PB 28 -106.06 58.07 2.58
N GLU PB 29 -105.80 56.75 2.54
CA GLU PB 29 -105.05 56.07 3.58
C GLU PB 29 -103.63 56.60 3.76
N TYR PB 30 -102.88 56.84 2.68
CA TYR PB 30 -101.50 57.27 2.77
C TYR PB 30 -101.34 58.57 3.52
N GLU PB 31 -102.11 59.58 3.14
CA GLU PB 31 -102.09 60.89 3.75
C GLU PB 31 -102.47 60.82 5.21
N SER PB 32 -103.52 60.02 5.52
CA SER PB 32 -103.97 59.81 6.88
C SER PB 32 -102.88 59.23 7.76
N GLU PB 33 -102.17 58.19 7.29
CA GLU PB 33 -101.03 57.67 8.02
C GLU PB 33 -99.93 58.70 8.25
N ARG PB 34 -99.54 59.43 7.20
CA ARG PB 34 -98.49 60.42 7.26
C ARG PB 34 -98.78 61.53 8.25
N LYS PB 35 -100.01 62.07 8.21
CA LYS PB 35 -100.47 63.09 9.11
C LYS PB 35 -100.51 62.62 10.55
N LYS PB 36 -101.03 61.41 10.79
CA LYS PB 36 -101.13 60.82 12.10
C LYS PB 36 -99.79 60.66 12.79
N ILE PB 37 -98.75 60.22 12.05
CA ILE PB 37 -97.40 60.10 12.55
C ILE PB 37 -96.86 61.43 13.05
N ILE PB 38 -97.09 62.52 12.30
CA ILE PB 38 -96.72 63.85 12.73
C ILE PB 38 -97.41 64.21 14.03
N GLU PB 39 -98.72 63.99 14.08
CA GLU PB 39 -99.50 64.27 15.26
C GLU PB 39 -99.06 63.51 16.50
N LEU PB 40 -98.77 62.21 16.35
CA LEU PB 40 -98.25 61.36 17.39
C LEU PB 40 -96.93 61.83 17.94
N LYS PB 41 -95.97 62.19 17.07
CA LYS PB 41 -94.71 62.73 17.51
C LYS PB 41 -94.88 64.00 18.34
N ARG PB 42 -95.70 64.95 17.87
CA ARG PB 42 -96.04 66.13 18.64
C ARG PB 42 -96.68 65.81 19.98
N GLU PB 43 -97.60 64.84 20.04
CA GLU PB 43 -98.18 64.40 21.28
C GLU PB 43 -97.15 63.90 22.28
N ALA PB 44 -96.21 63.09 21.78
CA ALA PB 44 -95.07 62.65 22.54
C ALA PB 44 -94.19 63.77 23.07
N ARG PB 45 -93.90 64.78 22.23
CA ARG PB 45 -93.23 65.98 22.68
C ARG PB 45 -93.97 66.71 23.78
N LYS PB 46 -95.29 66.85 23.65
CA LYS PB 46 -96.12 67.54 24.59
C LYS PB 46 -96.03 66.98 26.00
N ASN PB 47 -96.25 65.67 26.17
CA ASN PB 47 -96.16 65.05 27.48
C ASN PB 47 -94.72 64.59 27.75
N ASN PB 48 -94.51 63.58 28.62
CA ASN PB 48 -93.18 63.08 28.91
C ASN PB 48 -93.17 61.60 28.59
N CYS PB 49 -92.50 61.22 27.50
CA CYS PB 49 -92.83 60.01 26.77
C CYS PB 49 -92.22 60.08 25.40
N PHE PB 50 -92.11 58.92 24.73
CA PHE PB 50 -91.64 58.84 23.37
C PHE PB 50 -92.53 57.89 22.60
N TYR PB 51 -92.85 58.25 21.36
CA TYR PB 51 -93.50 57.35 20.45
C TYR PB 51 -92.42 56.66 19.68
N ARG PB 52 -92.57 55.37 19.37
CA ARG PB 52 -91.70 54.76 18.41
C ARG PB 52 -92.48 54.14 17.30
N GLU PB 53 -92.10 54.55 16.09
CA GLU PB 53 -92.48 54.03 14.81
C GLU PB 53 -92.09 52.57 14.64
N ALA PB 54 -92.89 51.83 13.86
CA ALA PB 54 -92.60 50.45 13.55
C ALA PB 54 -91.27 50.26 12.84
N GLU PB 55 -90.65 49.07 12.95
CA GLU PB 55 -89.68 48.62 11.97
C GLU PB 55 -90.37 48.56 10.60
N LYS PB 56 -89.66 48.91 9.53
CA LYS PB 56 -90.30 49.43 8.33
C LYS PB 56 -91.01 48.39 7.45
N LYS PB 57 -90.83 47.08 7.73
CA LYS PB 57 -91.56 45.98 7.15
C LYS PB 57 -91.09 45.56 5.79
N VAL PB 58 -90.88 46.48 4.85
CA VAL PB 58 -90.20 46.13 3.62
C VAL PB 58 -88.80 46.66 3.63
N VAL PB 59 -87.97 46.17 2.71
CA VAL PB 59 -86.60 46.58 2.52
C VAL PB 59 -86.31 46.38 1.06
N PHE PB 60 -85.87 47.44 0.37
CA PHE PB 60 -85.27 47.38 -0.95
C PHE PB 60 -83.77 47.13 -0.83
N VAL PB 61 -83.30 46.02 -1.39
CA VAL PB 61 -81.91 45.62 -1.36
C VAL PB 61 -81.30 45.74 -2.74
N ILE PB 62 -80.19 46.49 -2.85
CA ILE PB 62 -79.42 46.62 -4.08
C ILE PB 62 -78.09 45.86 -3.96
N ARG PB 63 -77.79 44.96 -4.91
CA ARG PB 63 -76.51 44.28 -4.94
C ARG PB 63 -75.37 45.19 -5.37
N LEU PB 64 -74.13 44.94 -4.90
CA LEU PB 64 -73.03 45.83 -5.14
C LEU PB 64 -71.84 45.21 -5.82
N LYS PB 65 -71.86 43.91 -6.12
CA LYS PB 65 -70.60 43.21 -6.29
C LYS PB 65 -70.68 42.13 -7.34
N GLY PB 66 -69.58 41.96 -8.09
CA GLY PB 66 -69.38 41.02 -9.19
C GLY PB 66 -69.75 39.57 -9.00
N VAL PB 67 -69.69 38.81 -10.09
CA VAL PB 67 -69.95 37.39 -10.07
C VAL PB 67 -68.80 36.60 -9.46
N ASN PB 68 -67.57 36.94 -9.88
CA ASN PB 68 -66.33 36.27 -9.52
C ASN PB 68 -66.02 36.29 -8.03
N LYS PB 69 -65.29 35.28 -7.51
CA LYS PB 69 -64.76 35.27 -6.16
C LYS PB 69 -65.79 35.48 -5.04
N LEU PB 70 -66.80 34.61 -4.98
CA LEU PB 70 -67.87 34.76 -4.04
C LEU PB 70 -67.95 33.52 -3.16
N PRO PB 71 -67.98 33.58 -1.84
CA PRO PB 71 -68.13 32.40 -1.00
C PRO PB 71 -69.37 31.58 -1.30
N PRO PB 72 -69.42 30.29 -1.06
CA PRO PB 72 -70.43 29.44 -1.66
C PRO PB 72 -71.75 29.67 -0.98
N LYS PB 73 -71.77 29.81 0.36
CA LYS PB 73 -73.00 30.15 1.05
C LYS PB 73 -73.57 31.46 0.58
N VAL PB 74 -72.71 32.47 0.41
CA VAL PB 74 -73.10 33.80 -0.04
C VAL PB 74 -73.74 33.71 -1.40
N ARG PB 75 -73.14 32.96 -2.32
CA ARG PB 75 -73.74 32.70 -3.60
C ARG PB 75 -75.12 32.06 -3.50
N SER PB 76 -75.28 31.04 -2.65
CA SER PB 76 -76.58 30.42 -2.42
C SER PB 76 -77.64 31.36 -1.91
N VAL PB 77 -77.29 32.19 -0.92
CA VAL PB 77 -78.18 33.17 -0.35
C VAL PB 77 -78.61 34.17 -1.39
N PHE PB 78 -77.67 34.67 -2.19
CA PHE PB 78 -77.96 35.55 -3.29
C PHE PB 78 -78.98 34.97 -4.23
N ARG PB 79 -78.84 33.70 -4.61
CA ARG PB 79 -79.79 33.04 -5.46
C ARG PB 79 -81.20 33.05 -4.89
N LEU PB 80 -81.36 32.66 -3.62
CA LEU PB 80 -82.64 32.76 -2.93
C LEU PB 80 -83.19 34.18 -2.83
N LEU PB 81 -82.34 35.14 -2.47
CA LEU PB 81 -82.65 36.55 -2.37
C LEU PB 81 -83.17 37.10 -3.68
N ARG PB 82 -82.49 36.73 -4.77
CA ARG PB 82 -82.91 36.89 -6.14
C ARG PB 82 -82.21 38.06 -6.77
N LEU PB 83 -80.94 38.28 -6.39
CA LEU PB 83 -80.11 39.29 -6.97
C LEU PB 83 -78.89 38.66 -7.62
N LEU PB 84 -78.90 38.53 -8.94
CA LEU PB 84 -77.89 37.77 -9.65
C LEU PB 84 -76.95 38.73 -10.32
N GLN PB 85 -77.38 39.35 -11.43
CA GLN PB 85 -76.64 40.39 -12.12
C GLN PB 85 -76.38 41.60 -11.24
N VAL PB 86 -75.23 42.24 -11.42
CA VAL PB 86 -74.53 42.88 -10.33
C VAL PB 86 -75.13 44.12 -9.73
N HIS PB 87 -76.07 44.78 -10.43
CA HIS PB 87 -76.72 45.95 -9.90
C HIS PB 87 -78.19 45.71 -9.72
N ASN PB 88 -78.62 44.43 -9.69
CA ASN PB 88 -79.99 44.07 -9.47
C ASN PB 88 -80.55 44.48 -8.11
N GLY PB 89 -81.79 44.99 -8.12
CA GLY PB 89 -82.59 45.36 -6.95
C GLY PB 89 -83.86 44.56 -6.79
N VAL PB 90 -84.28 44.28 -5.55
CA VAL PB 90 -85.54 43.61 -5.29
C VAL PB 90 -86.06 44.06 -3.93
N PHE PB 91 -87.38 44.03 -3.74
CA PHE PB 91 -87.98 44.20 -2.42
C PHE PB 91 -87.96 42.88 -1.66
N VAL PB 92 -87.71 42.95 -0.36
CA VAL PB 92 -87.71 41.81 0.54
C VAL PB 92 -88.56 42.12 1.75
N LYS PB 93 -89.44 41.18 2.14
CA LYS PB 93 -90.28 41.25 3.33
C LYS PB 93 -89.50 41.06 4.62
N VAL PB 94 -89.32 42.12 5.42
CA VAL PB 94 -88.63 42.03 6.70
C VAL PB 94 -89.32 41.08 7.63
N ASN PB 95 -88.54 40.21 8.24
CA ASN PB 95 -89.00 39.21 9.15
C ASN PB 95 -87.80 39.03 10.07
N LYS PB 96 -87.59 37.82 10.55
CA LYS PB 96 -86.41 37.42 11.24
C LYS PB 96 -85.58 36.70 10.23
N ALA PB 97 -86.16 35.69 9.56
CA ALA PB 97 -85.45 34.85 8.63
C ALA PB 97 -84.80 35.59 7.49
N THR PB 98 -85.56 36.48 6.85
CA THR PB 98 -85.07 37.32 5.78
C THR PB 98 -83.94 38.19 6.22
N LYS PB 99 -84.05 38.82 7.41
CA LYS PB 99 -83.02 39.65 7.96
C LYS PB 99 -81.73 38.91 8.22
N GLU PB 100 -81.76 37.72 8.81
CA GLU PB 100 -80.57 36.89 8.95
C GLU PB 100 -79.87 36.54 7.63
N MET PB 101 -80.65 36.11 6.61
CA MET PB 101 -80.13 35.85 5.28
C MET PB 101 -79.47 37.08 4.70
N LEU PB 102 -80.14 38.23 4.84
CA LEU PB 102 -79.63 39.53 4.47
C LEU PB 102 -78.32 39.83 5.19
N LYS PB 103 -78.23 39.51 6.50
CA LYS PB 103 -77.01 39.65 7.28
C LYS PB 103 -75.86 38.86 6.69
N ILE PB 104 -76.08 37.61 6.27
CA ILE PB 104 -75.03 36.85 5.59
C ILE PB 104 -74.47 37.53 4.35
N VAL PB 105 -75.30 38.18 3.53
CA VAL PB 105 -74.82 38.79 2.30
C VAL PB 105 -74.46 40.24 2.50
N GLU PB 106 -74.61 40.75 3.73
CA GLU PB 106 -74.41 42.13 4.08
C GLU PB 106 -73.24 42.90 3.47
N PRO PB 107 -72.00 42.44 3.50
CA PRO PB 107 -70.89 43.19 2.93
C PRO PB 107 -70.93 43.33 1.42
N TYR PB 108 -71.95 42.80 0.77
CA TYR PB 108 -72.06 42.71 -0.66
C TYR PB 108 -73.29 43.44 -1.14
N VAL PB 109 -74.07 44.04 -0.23
CA VAL PB 109 -75.34 44.61 -0.60
C VAL PB 109 -75.55 45.89 0.17
N THR PB 110 -76.12 46.92 -0.47
CA THR PB 110 -76.66 48.04 0.30
C THR PB 110 -78.12 47.77 0.48
N TYR PB 111 -78.79 48.33 1.50
CA TYR PB 111 -80.22 48.21 1.54
C TYR PB 111 -80.85 49.25 2.42
N GLY PB 112 -82.18 49.40 2.32
CA GLY PB 112 -82.91 50.38 3.10
C GLY PB 112 -84.39 50.47 2.84
N TYR PB 113 -85.02 51.47 3.44
CA TYR PB 113 -86.46 51.63 3.50
C TYR PB 113 -86.99 52.56 2.41
N PRO PB 114 -87.99 52.25 1.61
CA PRO PB 114 -88.19 53.02 0.39
C PRO PB 114 -88.73 54.44 0.50
N THR PB 115 -89.81 54.67 1.24
CA THR PB 115 -90.75 55.80 1.06
C THR PB 115 -91.62 55.69 -0.17
N LEU PB 116 -92.84 56.26 -0.13
CA LEU PB 116 -93.86 56.04 -1.13
C LEU PB 116 -93.44 56.54 -2.49
N SER PB 117 -92.89 57.77 -2.58
CA SER PB 117 -92.49 58.37 -3.84
C SER PB 117 -91.50 57.49 -4.60
N THR PB 118 -90.50 56.96 -3.89
CA THR PB 118 -89.51 56.08 -4.47
C THR PB 118 -90.09 54.83 -5.07
N VAL PB 119 -90.97 54.13 -4.35
CA VAL PB 119 -91.65 52.96 -4.89
C VAL PB 119 -92.41 53.28 -6.15
N ARG PB 120 -93.22 54.36 -6.14
CA ARG PB 120 -94.09 54.70 -7.26
C ARG PB 120 -93.30 54.95 -8.51
N LYS PB 121 -92.26 55.79 -8.37
CA LYS PB 121 -91.37 56.10 -9.46
C LYS PB 121 -90.67 54.87 -10.00
N LEU PB 122 -90.10 54.05 -9.11
CA LEU PB 122 -89.38 52.88 -9.53
C LEU PB 122 -90.23 51.85 -10.25
N LEU PB 123 -91.42 51.56 -9.71
CA LEU PB 123 -92.36 50.67 -10.32
C LEU PB 123 -92.83 51.08 -11.69
N TYR PB 124 -93.11 52.38 -11.91
CA TYR PB 124 -93.47 52.79 -13.25
C TYR PB 124 -92.27 52.74 -14.16
N LYS PB 125 -91.16 53.38 -13.78
CA LYS PB 125 -90.16 53.72 -14.77
C LYS PB 125 -89.25 52.57 -15.10
N ARG PB 126 -89.10 51.60 -14.19
CA ARG PB 126 -88.11 50.55 -14.34
C ARG PB 126 -88.68 49.19 -13.99
N GLY PB 127 -89.99 49.09 -13.72
CA GLY PB 127 -90.63 47.79 -13.52
C GLY PB 127 -90.75 46.95 -14.77
N TYR PB 128 -90.30 45.70 -14.70
CA TYR PB 128 -90.59 44.68 -15.68
C TYR PB 128 -91.38 43.55 -15.00
N VAL PB 129 -92.17 42.78 -15.75
CA VAL PB 129 -93.03 41.76 -15.18
C VAL PB 129 -92.98 40.45 -15.95
N ARG PB 130 -93.22 39.32 -15.26
CA ARG PB 130 -93.06 37.99 -15.81
C ARG PB 130 -94.32 37.55 -16.53
N VAL PB 131 -94.29 37.44 -17.86
CA VAL PB 131 -95.52 37.33 -18.62
C VAL PB 131 -96.03 35.90 -18.84
N GLY PB 132 -95.14 34.98 -19.22
CA GLY PB 132 -95.48 33.72 -19.83
C GLY PB 132 -95.98 32.63 -18.92
N LYS PB 133 -96.06 31.42 -19.47
CA LYS PB 133 -96.39 30.22 -18.74
C LYS PB 133 -95.40 29.88 -17.64
N VAL PB 134 -95.93 29.25 -16.58
CA VAL PB 134 -95.23 28.75 -15.41
C VAL PB 134 -93.80 28.28 -15.62
N ARG PB 135 -92.88 28.93 -14.89
CA ARG PB 135 -91.46 28.71 -14.92
C ARG PB 135 -90.87 28.73 -16.34
N ARG PB 136 -91.30 29.67 -17.17
CA ARG PB 136 -90.75 29.92 -18.48
C ARG PB 136 -91.12 31.34 -18.81
N TYR PB 137 -90.81 32.26 -17.90
CA TYR PB 137 -91.55 33.50 -17.86
C TYR PB 137 -91.41 34.49 -18.99
N ALA PB 138 -90.20 34.79 -19.46
CA ALA PB 138 -90.00 35.88 -20.40
C ALA PB 138 -90.33 37.29 -19.86
N ARG PB 139 -89.41 38.23 -20.09
CA ARG PB 139 -89.41 39.52 -19.44
C ARG PB 139 -90.12 40.63 -20.21
N LYS PB 140 -91.31 41.11 -19.77
CA LYS PB 140 -92.00 42.19 -20.49
C LYS PB 140 -92.11 43.42 -19.63
N LYS PB 141 -91.73 44.60 -20.17
CA LYS PB 141 -91.96 45.86 -19.49
C LYS PB 141 -93.45 46.12 -19.28
N ILE PB 142 -93.88 46.64 -18.11
CA ILE PB 142 -95.26 46.61 -17.66
C ILE PB 142 -96.24 47.20 -18.66
N GLN PB 143 -96.17 48.50 -18.91
CA GLN PB 143 -96.78 49.15 -20.05
C GLN PB 143 -98.29 49.34 -19.99
N ASP PB 144 -99.05 48.29 -19.68
CA ASP PB 144 -100.47 48.39 -19.47
C ASP PB 144 -101.00 47.22 -18.65
N ASN PB 145 -102.23 47.37 -18.18
CA ASN PB 145 -102.85 46.63 -17.12
C ASN PB 145 -103.22 45.22 -17.45
N ALA PB 146 -103.48 44.88 -18.71
CA ALA PB 146 -104.05 43.57 -19.00
C ALA PB 146 -103.16 42.39 -18.59
N ASP PB 147 -101.83 42.58 -18.63
CA ASP PB 147 -100.83 41.68 -18.09
C ASP PB 147 -101.02 41.36 -16.63
N ILE PB 148 -101.22 42.39 -15.80
CA ILE PB 148 -101.28 42.18 -14.38
C ILE PB 148 -102.69 41.85 -13.97
N SER PB 149 -103.68 42.25 -14.78
CA SER PB 149 -105.06 41.84 -14.55
C SER PB 149 -105.28 40.36 -14.79
N LYS PB 150 -104.36 39.71 -15.53
CA LYS PB 150 -104.36 38.28 -15.67
C LYS PB 150 -103.89 37.61 -14.38
N HIS PB 151 -102.60 37.73 -14.06
CA HIS PB 151 -102.01 37.07 -12.92
C HIS PB 151 -102.55 37.42 -11.56
N LEU PB 152 -102.84 38.70 -11.28
CA LEU PB 152 -103.28 39.12 -9.95
C LEU PB 152 -104.76 39.38 -9.88
N GLY PB 153 -105.52 38.79 -10.82
CA GLY PB 153 -106.97 38.90 -10.86
C GLY PB 153 -107.58 38.07 -9.76
N LYS PB 154 -107.00 36.89 -9.56
CA LYS PB 154 -107.41 35.96 -8.54
C LYS PB 154 -107.25 36.53 -7.17
N TYR PB 155 -106.19 37.31 -6.95
CA TYR PB 155 -105.88 37.84 -5.65
C TYR PB 155 -106.43 39.23 -5.45
N ASN PB 156 -107.12 39.78 -6.46
CA ASN PB 156 -107.86 41.02 -6.37
C ASN PB 156 -106.99 42.23 -6.05
N VAL PB 157 -105.80 42.30 -6.68
CA VAL PB 157 -104.83 43.35 -6.38
C VAL PB 157 -104.22 43.83 -7.68
N HIS PB 158 -104.96 43.61 -8.78
CA HIS PB 158 -104.65 44.08 -10.10
C HIS PB 158 -104.85 45.58 -10.26
N GLY PB 159 -104.07 46.19 -11.17
CA GLY PB 159 -103.91 47.63 -11.32
C GLY PB 159 -102.55 48.04 -10.83
N ILE PB 160 -101.77 48.82 -11.60
CA ILE PB 160 -100.37 49.06 -11.27
C ILE PB 160 -100.22 49.86 -9.98
N GLU PB 161 -101.13 50.81 -9.76
CA GLU PB 161 -101.29 51.53 -8.52
C GLU PB 161 -101.52 50.61 -7.35
N ASP PB 162 -102.39 49.61 -7.55
CA ASP PB 162 -102.67 48.57 -6.59
C ASP PB 162 -101.39 47.80 -6.24
N MET PB 163 -100.55 47.47 -7.24
CA MET PB 163 -99.24 46.92 -6.94
C MET PB 163 -98.39 47.84 -6.09
N VAL PB 164 -98.33 49.16 -6.39
CA VAL PB 164 -97.64 50.09 -5.48
C VAL PB 164 -98.17 50.03 -4.06
N TYR PB 165 -99.50 50.03 -3.89
CA TYR PB 165 -100.14 49.94 -2.59
C TYR PB 165 -99.76 48.69 -1.81
N GLN PB 166 -99.80 47.51 -2.45
CA GLN PB 166 -99.38 46.32 -1.77
C GLN PB 166 -97.94 46.36 -1.31
N LEU PB 167 -97.01 46.74 -2.20
CA LEU PB 167 -95.63 46.81 -1.82
C LEU PB 167 -95.30 47.81 -0.74
N TYR PB 168 -95.83 49.05 -0.82
CA TYR PB 168 -95.28 50.15 -0.05
C TYR PB 168 -95.40 49.96 1.45
N THR PB 169 -96.57 49.55 1.91
CA THR PB 169 -96.74 49.12 3.26
C THR PB 169 -97.22 47.74 3.07
N CYS PB 170 -96.55 46.74 3.66
CA CYS PB 170 -96.75 45.36 3.28
C CYS PB 170 -98.18 44.88 3.40
N GLY PB 171 -98.86 44.74 2.25
CA GLY PB 171 -100.19 44.21 2.16
C GLY PB 171 -100.21 42.70 2.25
N PRO PB 172 -101.36 42.08 2.24
CA PRO PB 172 -101.46 40.65 2.45
C PRO PB 172 -100.92 39.93 1.24
N VAL PB 173 -101.09 40.46 0.03
CA VAL PB 173 -100.69 39.80 -1.18
C VAL PB 173 -99.33 40.31 -1.58
N PHE PB 174 -98.31 39.83 -0.87
CA PHE PB 174 -97.00 40.38 -1.03
C PHE PB 174 -96.15 39.43 -1.79
N LYS PB 175 -96.14 38.15 -1.38
CA LYS PB 175 -95.28 37.15 -1.95
C LYS PB 175 -95.48 36.97 -3.44
N LYS PB 176 -96.74 36.86 -3.90
CA LYS PB 176 -97.02 36.82 -5.31
C LYS PB 176 -96.57 38.07 -6.05
N VAL PB 177 -96.95 39.26 -5.55
CA VAL PB 177 -96.62 40.49 -6.24
C VAL PB 177 -95.13 40.72 -6.38
N ASN PB 178 -94.37 40.53 -5.29
CA ASN PB 178 -92.93 40.58 -5.40
C ASN PB 178 -92.38 39.56 -6.38
N ASN PB 179 -92.85 38.31 -6.29
CA ASN PB 179 -92.39 37.25 -7.17
C ASN PB 179 -92.62 37.55 -8.64
N PHE PB 180 -93.84 38.02 -8.95
CA PHE PB 180 -94.34 38.40 -10.25
C PHE PB 180 -93.53 39.45 -11.00
N LEU PB 181 -93.12 40.54 -10.32
CA LEU PB 181 -92.15 41.45 -10.89
C LEU PB 181 -90.84 40.75 -11.20
N TRP PB 182 -90.22 41.09 -12.34
CA TRP PB 182 -88.86 40.70 -12.58
C TRP PB 182 -87.95 41.50 -11.67
N ALA PB 183 -86.75 41.00 -11.32
CA ALA PB 183 -85.82 41.79 -10.55
C ALA PB 183 -85.46 43.11 -11.23
N PHE PB 184 -85.39 44.21 -10.47
CA PHE PB 184 -85.06 45.50 -11.03
C PHE PB 184 -83.65 45.56 -11.57
N LYS PB 185 -83.47 45.73 -12.88
CA LYS PB 185 -82.15 45.98 -13.41
C LYS PB 185 -81.87 47.47 -13.34
N LEU PB 186 -80.93 47.90 -12.48
CA LEU PB 186 -80.69 49.31 -12.25
C LEU PB 186 -79.50 49.83 -13.04
N LYS PB 187 -79.50 51.15 -13.30
CA LYS PB 187 -78.43 51.88 -13.94
C LYS PB 187 -77.49 52.42 -12.87
N PRO PB 188 -76.19 52.61 -13.04
CA PRO PB 188 -75.32 53.15 -11.99
C PRO PB 188 -75.69 54.53 -11.45
N PRO PB 189 -75.19 54.99 -10.32
CA PRO PB 189 -75.49 56.32 -9.80
C PRO PB 189 -74.81 57.48 -10.53
N ARG PB 190 -75.49 58.62 -10.71
CA ARG PB 190 -74.97 59.78 -11.43
C ARG PB 190 -73.68 60.31 -10.86
N LYS PB 191 -73.57 60.46 -9.53
CA LYS PB 191 -72.35 61.00 -8.96
C LYS PB 191 -71.50 59.89 -8.40
N GLY PB 192 -71.73 58.65 -8.86
CA GLY PB 192 -71.04 57.46 -8.37
C GLY PB 192 -71.30 57.07 -6.94
N PHE PB 193 -70.59 56.04 -6.47
CA PHE PB 193 -70.66 55.56 -5.11
C PHE PB 193 -69.65 56.33 -4.28
N LYS PB 194 -69.13 55.76 -3.18
CA LYS PB 194 -67.95 56.30 -2.55
C LYS PB 194 -66.90 55.22 -2.39
N ALA PB 195 -67.31 54.00 -2.02
CA ALA PB 195 -66.41 52.88 -1.93
C ALA PB 195 -67.18 51.60 -1.64
N LYS PB 196 -67.17 50.67 -2.62
CA LYS PB 196 -67.73 49.35 -2.47
C LYS PB 196 -66.85 48.50 -1.57
N ARG PB 197 -65.65 49.00 -1.34
CA ARG PB 197 -64.64 48.52 -0.45
C ARG PB 197 -65.07 48.48 1.03
N HIS PB 198 -65.93 49.40 1.50
CA HIS PB 198 -66.24 49.49 2.92
C HIS PB 198 -67.71 49.66 3.22
N ALA PB 199 -68.09 49.48 4.49
CA ALA PB 199 -69.43 49.74 4.95
C ALA PB 199 -69.80 51.21 4.97
N PHE PB 200 -71.10 51.52 4.88
CA PHE PB 200 -71.62 52.87 5.06
C PHE PB 200 -71.34 53.40 6.45
N ASN PB 201 -71.45 52.54 7.48
CA ASN PB 201 -71.20 52.93 8.85
C ASN PB 201 -69.72 53.07 9.18
N GLU PB 202 -68.78 52.49 8.42
CA GLU PB 202 -67.37 52.77 8.62
C GLU PB 202 -67.13 54.27 8.41
N PRO PB 203 -66.34 55.01 9.16
CA PRO PB 203 -66.49 56.46 9.15
C PRO PB 203 -65.80 57.07 7.96
N ARG PB 204 -64.92 56.33 7.28
CA ARG PB 204 -64.47 56.57 5.92
C ARG PB 204 -65.57 56.86 4.89
N PRO PB 205 -65.29 57.30 3.68
CA PRO PB 205 -66.14 56.97 2.53
C PRO PB 205 -66.45 55.49 2.44
N GLY PB 206 -67.70 55.08 2.16
CA GLY PB 206 -68.04 53.67 2.16
C GLY PB 206 -69.51 53.45 2.03
N ASP PB 207 -69.95 52.22 1.69
CA ASP PB 207 -71.29 52.04 1.20
C ASP PB 207 -72.03 50.81 1.68
N TRP PB 208 -71.39 49.68 2.04
CA TRP PB 208 -72.17 48.48 2.29
C TRP PB 208 -73.01 48.46 3.56
N GLY PB 209 -74.06 47.61 3.56
CA GLY PB 209 -75.02 47.40 4.63
C GLY PB 209 -76.22 48.30 4.68
N ASN PB 210 -76.82 48.37 5.88
CA ASN PB 210 -78.02 49.12 6.15
C ASN PB 210 -77.85 50.62 5.97
N ARG PB 211 -78.67 51.26 5.14
CA ARG PB 211 -78.63 52.69 4.93
C ARG PB 211 -79.94 53.32 5.36
N GLU PB 212 -80.85 52.53 5.96
CA GLU PB 212 -82.20 52.89 6.33
C GLU PB 212 -82.91 53.85 5.39
N ALA PB 213 -83.34 55.01 5.86
CA ALA PB 213 -83.90 56.08 5.07
C ALA PB 213 -83.11 56.46 3.81
N HIS PB 214 -81.79 56.68 3.91
CA HIS PB 214 -81.00 57.20 2.82
C HIS PB 214 -80.97 56.40 1.52
N ILE PB 215 -81.47 55.15 1.53
CA ILE PB 215 -81.57 54.35 0.31
C ILE PB 215 -82.31 55.05 -0.81
N ASN PB 216 -83.39 55.78 -0.50
CA ASN PB 216 -84.13 56.54 -1.47
C ASN PB 216 -83.34 57.58 -2.22
N GLU PB 217 -82.49 58.35 -1.53
CA GLU PB 217 -81.64 59.32 -2.16
C GLU PB 217 -80.70 58.67 -3.16
N LEU PB 218 -80.08 57.56 -2.76
CA LEU PB 218 -79.28 56.74 -3.63
C LEU PB 218 -80.05 56.19 -4.83
N ILE PB 219 -81.27 55.67 -4.62
CA ILE PB 219 -82.12 55.18 -5.69
C ILE PB 219 -82.46 56.28 -6.68
N ASN PB 220 -82.79 57.50 -6.19
CA ASN PB 220 -83.07 58.65 -7.02
C ASN PB 220 -81.90 59.03 -7.90
N ARG PB 221 -80.66 59.04 -7.36
CA ARG PB 221 -79.50 59.20 -8.21
C ARG PB 221 -79.36 58.13 -9.29
N MET PB 222 -79.63 56.86 -8.97
CA MET PB 222 -79.33 55.77 -9.88
C MET PB 222 -80.53 55.18 -10.59
N ILE PB 223 -81.61 55.95 -10.75
CA ILE PB 223 -82.77 55.47 -11.46
C ILE PB 223 -82.67 55.63 -13.01
N GLY QB 1 -17.07 -16.99 -21.61
CA GLY QB 1 -16.13 -16.18 -22.45
C GLY QB 1 -15.98 -16.73 -23.84
N ARG QB 2 -14.75 -16.88 -24.32
CA ARG QB 2 -14.48 -17.54 -25.56
C ARG QB 2 -13.56 -18.70 -25.29
N VAL QB 3 -13.15 -19.45 -26.31
CA VAL QB 3 -12.29 -20.60 -26.16
C VAL QB 3 -10.96 -20.24 -25.54
N ILE QB 4 -10.56 -20.90 -24.44
CA ILE QB 4 -9.36 -20.54 -23.70
C ILE QB 4 -8.08 -20.95 -24.41
N ARG QB 5 -6.93 -20.40 -24.01
CA ARG QB 5 -5.69 -20.59 -24.74
C ARG QB 5 -5.26 -22.03 -24.82
N GLY QB 6 -5.40 -22.77 -23.71
CA GLY QB 6 -5.15 -24.20 -23.68
C GLY QB 6 -5.96 -24.99 -24.67
N GLN QB 7 -7.28 -24.70 -24.77
CA GLN QB 7 -8.12 -25.42 -25.68
C GLN QB 7 -7.74 -25.20 -27.12
N ARG QB 8 -7.47 -23.93 -27.51
CA ARG QB 8 -7.06 -23.64 -28.85
C ARG QB 8 -5.84 -24.40 -29.32
N LYS QB 9 -4.91 -24.77 -28.42
CA LYS QB 9 -3.69 -25.43 -28.79
C LYS QB 9 -3.89 -26.78 -29.45
N GLY QB 10 -4.92 -27.51 -29.01
CA GLY QB 10 -5.27 -28.83 -29.45
C GLY QB 10 -5.81 -28.93 -30.84
N ARG QB 11 -6.49 -27.89 -31.35
CA ARG QB 11 -7.55 -28.10 -32.29
C ARG QB 11 -7.15 -28.31 -33.75
N GLY QB 12 -5.88 -28.60 -34.03
CA GLY QB 12 -5.48 -29.05 -35.36
C GLY QB 12 -5.34 -28.00 -36.41
N SER QB 13 -5.33 -26.72 -36.03
CA SER QB 13 -5.10 -25.64 -36.97
C SER QB 13 -3.62 -25.39 -37.13
N ILE QB 14 -3.13 -24.26 -36.64
CA ILE QB 14 -1.78 -23.81 -36.82
C ILE QB 14 -0.83 -24.54 -35.92
N PHE QB 15 -1.33 -25.22 -34.89
CA PHE QB 15 -0.48 -25.78 -33.87
C PHE QB 15 0.03 -27.18 -34.19
N LYS QB 16 -0.23 -27.67 -35.41
CA LYS QB 16 0.30 -28.90 -35.95
C LYS QB 16 1.82 -28.94 -35.95
N SER QB 17 2.41 -30.14 -35.83
CA SER QB 17 3.84 -30.29 -35.65
C SER QB 17 4.68 -29.68 -36.74
N HIS QB 18 5.86 -29.16 -36.40
CA HIS QB 18 6.73 -28.54 -37.38
C HIS QB 18 7.46 -29.59 -38.18
N ASN QB 19 6.77 -30.11 -39.20
CA ASN QB 19 7.15 -31.23 -40.02
C ASN QB 19 8.41 -31.08 -40.80
N HIS QB 20 8.63 -29.89 -41.38
CA HIS QB 20 9.21 -29.78 -42.68
C HIS QB 20 10.59 -30.35 -42.90
N HIS QB 21 11.48 -30.24 -41.91
CA HIS QB 21 12.83 -30.74 -42.07
C HIS QB 21 13.06 -32.04 -41.35
N ARG QB 22 12.03 -32.63 -40.72
CA ARG QB 22 12.13 -33.92 -40.06
C ARG QB 22 12.52 -35.02 -41.04
N LYS QB 23 13.29 -36.01 -40.58
CA LYS QB 23 13.90 -36.95 -41.51
C LYS QB 23 13.12 -38.24 -41.60
N GLY QB 24 11.92 -38.28 -41.03
CA GLY QB 24 11.11 -39.48 -40.97
C GLY QB 24 11.21 -40.15 -39.63
N ALA QB 25 10.19 -40.93 -39.28
CA ALA QB 25 10.02 -41.56 -37.99
C ALA QB 25 11.11 -42.54 -37.57
N ALA QB 26 11.40 -42.59 -36.27
CA ALA QB 26 12.32 -43.57 -35.74
C ALA QB 26 11.54 -44.70 -35.13
N LYS QB 27 11.55 -45.86 -35.79
CA LYS QB 27 10.93 -47.04 -35.28
C LYS QB 27 11.74 -48.23 -35.73
N LEU QB 28 12.06 -49.16 -34.81
CA LEU QB 28 12.88 -50.34 -35.02
C LEU QB 28 12.50 -51.23 -36.20
N ARG QB 29 13.42 -52.10 -36.64
CA ARG QB 29 13.18 -53.11 -37.66
C ARG QB 29 12.03 -54.04 -37.31
N HIS QB 30 10.96 -54.11 -38.12
CA HIS QB 30 9.79 -54.90 -37.76
C HIS QB 30 10.04 -56.40 -37.66
N LEU QB 31 9.30 -57.07 -36.76
CA LEU QB 31 9.50 -58.45 -36.41
C LEU QB 31 9.24 -59.45 -37.53
N ASP QB 32 10.11 -60.46 -37.68
CA ASP QB 32 10.08 -61.46 -38.74
C ASP QB 32 10.67 -62.77 -38.26
N TYR QB 33 10.66 -63.82 -39.11
CA TYR QB 33 11.28 -65.09 -38.81
C TYR QB 33 12.77 -64.97 -38.54
N CYS QB 34 13.50 -64.23 -39.38
CA CYS QB 34 14.94 -64.20 -39.30
C CYS QB 34 15.44 -63.65 -38.00
N GLU QB 35 14.81 -62.58 -37.49
CA GLU QB 35 15.10 -62.10 -36.17
C GLU QB 35 14.67 -63.04 -35.06
N LYS QB 36 13.45 -63.58 -35.14
CA LYS QB 36 12.85 -64.41 -34.13
C LYS QB 36 13.64 -65.68 -33.88
N LYS QB 37 14.16 -66.30 -34.94
CA LYS QB 37 14.87 -67.56 -34.84
C LYS QB 37 16.37 -67.37 -34.76
N GLY QB 38 16.89 -66.13 -34.71
CA GLY QB 38 18.34 -66.01 -34.75
C GLY QB 38 18.88 -64.63 -34.55
N TYR QB 39 19.65 -64.16 -35.55
CA TYR QB 39 20.32 -62.88 -35.52
C TYR QB 39 20.40 -62.39 -36.95
N ILE QB 40 20.33 -61.07 -37.17
CA ILE QB 40 20.73 -60.52 -38.44
C ILE QB 40 21.66 -59.36 -38.15
N LYS QB 41 22.81 -59.31 -38.87
CA LYS QB 41 23.78 -58.25 -38.72
C LYS QB 41 23.60 -57.25 -39.85
N GLY QB 42 23.60 -55.96 -39.47
CA GLY QB 42 23.46 -54.79 -40.32
C GLY QB 42 24.64 -53.86 -40.16
N LEU QB 43 24.68 -52.80 -40.98
CA LEU QB 43 25.76 -51.84 -41.00
C LEU QB 43 25.21 -50.47 -40.64
N VAL QB 44 25.75 -49.79 -39.62
CA VAL QB 44 25.48 -48.37 -39.46
C VAL QB 44 26.28 -47.60 -40.48
N LYS QB 45 25.63 -46.98 -41.48
CA LYS QB 45 26.33 -46.19 -42.47
C LYS QB 45 26.48 -44.74 -42.10
N ASP QB 46 25.60 -44.20 -41.24
CA ASP QB 46 25.67 -42.78 -40.99
C ASP QB 46 24.92 -42.43 -39.73
N ILE QB 47 25.31 -41.34 -39.08
CA ILE QB 47 24.60 -40.78 -37.95
C ILE QB 47 24.18 -39.40 -38.39
N ILE QB 48 22.91 -39.06 -38.22
CA ILE QB 48 22.33 -37.86 -38.78
C ILE QB 48 21.50 -37.17 -37.74
N HIS QB 49 21.46 -35.84 -37.82
CA HIS QB 49 20.73 -35.05 -36.87
C HIS QB 49 19.26 -34.91 -37.20
N ASP QB 50 18.50 -34.39 -36.24
CA ASP QB 50 17.06 -34.44 -36.26
C ASP QB 50 16.64 -33.10 -35.68
N PRO QB 51 15.72 -32.37 -36.23
CA PRO QB 51 15.35 -31.08 -35.68
C PRO QB 51 14.45 -31.23 -34.47
N GLY QB 52 13.99 -32.43 -34.10
CA GLY QB 52 12.98 -32.56 -33.05
C GLY QB 52 13.57 -32.86 -31.70
N ARG QB 53 14.54 -33.78 -31.63
CA ARG QB 53 15.00 -34.32 -30.38
C ARG QB 53 16.50 -34.29 -30.25
N GLY QB 54 16.99 -34.40 -29.00
CA GLY QB 54 18.42 -34.30 -28.74
C GLY QB 54 19.19 -35.46 -29.24
N ALA QB 55 18.61 -36.67 -29.18
CA ALA QB 55 19.28 -37.84 -29.66
C ALA QB 55 19.53 -37.76 -31.16
N PRO QB 56 20.67 -38.16 -31.68
CA PRO QB 56 20.85 -38.28 -33.10
C PRO QB 56 20.18 -39.55 -33.61
N LEU QB 57 19.86 -39.59 -34.91
CA LEU QB 57 19.34 -40.79 -35.52
C LEU QB 57 20.43 -41.54 -36.25
N ALA QB 58 20.30 -42.87 -36.32
CA ALA QB 58 21.30 -43.74 -36.89
C ALA QB 58 20.73 -44.44 -38.12
N LYS QB 59 21.44 -44.27 -39.23
CA LYS QB 59 21.09 -44.79 -40.51
C LYS QB 59 21.64 -46.19 -40.61
N VAL QB 60 20.74 -47.17 -40.65
CA VAL QB 60 21.07 -48.57 -40.57
C VAL QB 60 20.61 -49.25 -41.83
N ILE QB 61 21.53 -50.02 -42.43
CA ILE QB 61 21.33 -50.81 -43.61
C ILE QB 61 21.21 -52.26 -43.25
N PHE QB 62 20.21 -52.95 -43.80
CA PHE QB 62 20.14 -54.39 -43.75
C PHE QB 62 20.11 -54.88 -45.17
N LYS QB 63 20.37 -56.17 -45.37
CA LYS QB 63 20.16 -56.79 -46.66
C LYS QB 63 18.89 -57.60 -46.54
N ARG QB 64 17.95 -57.45 -47.49
CA ARG QB 64 16.60 -57.96 -47.39
C ARG QB 64 16.54 -59.49 -47.28
N THR QB 65 15.53 -60.04 -46.60
CA THR QB 65 15.50 -61.48 -46.30
C THR QB 65 14.67 -62.29 -47.26
N GLU QB 66 14.20 -61.69 -48.36
CA GLU QB 66 13.45 -62.43 -49.36
C GLU QB 66 13.56 -61.79 -50.73
N LYS QB 67 14.45 -60.81 -50.89
CA LYS QB 67 14.62 -60.12 -52.14
C LYS QB 67 16.07 -59.71 -52.16
N TYR QB 68 16.67 -59.57 -53.34
CA TYR QB 68 18.03 -59.10 -53.46
C TYR QB 68 18.23 -57.68 -52.95
N GLY QB 69 19.42 -57.39 -52.43
CA GLY QB 69 19.86 -56.04 -52.14
C GLY QB 69 19.47 -55.45 -50.81
N LYS QB 70 19.95 -54.21 -50.61
CA LYS QB 70 20.04 -53.52 -49.36
C LYS QB 70 18.85 -52.60 -49.14
N LYS QB 71 18.31 -52.55 -47.92
CA LYS QB 71 17.19 -51.73 -47.52
C LYS QB 71 17.54 -50.92 -46.28
N GLU QB 72 17.20 -49.61 -46.24
CA GLU QB 72 17.59 -48.74 -45.14
C GLU QB 72 16.47 -48.40 -44.15
N GLU QB 73 16.75 -48.54 -42.85
CA GLU QB 73 15.91 -48.18 -41.73
C GLU QB 73 16.49 -47.03 -40.92
N LEU QB 74 15.70 -46.38 -40.03
CA LEU QB 74 16.22 -45.38 -39.11
C LEU QB 74 16.00 -45.80 -37.66
N ILE QB 75 17.10 -46.12 -36.97
CA ILE QB 75 17.10 -46.47 -35.57
C ILE QB 75 17.52 -45.25 -34.76
N ILE QB 76 17.06 -45.12 -33.51
CA ILE QB 76 17.53 -44.10 -32.59
C ILE QB 76 18.82 -44.52 -31.90
N ALA QB 77 19.87 -43.68 -31.93
CA ALA QB 77 21.21 -44.07 -31.54
C ALA QB 77 21.52 -44.15 -30.04
N SER QB 78 22.00 -45.31 -29.58
CA SER QB 78 22.63 -45.45 -28.27
C SER QB 78 23.92 -44.69 -28.17
N GLU QB 79 24.27 -44.17 -26.99
CA GLU QB 79 25.55 -43.53 -26.79
C GLU QB 79 26.72 -44.49 -26.99
N GLY QB 80 27.84 -44.00 -27.55
CA GLY QB 80 29.04 -44.81 -27.72
C GLY QB 80 29.04 -45.69 -28.95
N MET QB 81 28.02 -45.61 -29.82
CA MET QB 81 28.04 -46.32 -31.10
C MET QB 81 28.59 -45.47 -32.23
N PHE QB 82 28.94 -46.08 -33.37
CA PHE QB 82 29.71 -45.35 -34.37
C PHE QB 82 29.48 -45.78 -35.79
N THR QB 83 29.79 -44.87 -36.73
CA THR QB 83 29.74 -45.16 -38.16
C THR QB 83 30.69 -46.23 -38.60
N GLY QB 84 30.17 -47.28 -39.22
CA GLY QB 84 30.95 -48.45 -39.62
C GLY QB 84 30.91 -49.56 -38.63
N GLN QB 85 30.18 -49.38 -37.52
CA GLN QB 85 29.87 -50.43 -36.59
C GLN QB 85 28.88 -51.41 -37.16
N TYR QB 86 29.05 -52.71 -36.83
CA TYR QB 86 28.07 -53.68 -37.22
C TYR QB 86 27.11 -53.78 -36.06
N ILE QB 87 25.82 -53.72 -36.38
CA ILE QB 87 24.72 -53.72 -35.47
C ILE QB 87 23.99 -55.02 -35.65
N SER QB 88 23.73 -55.76 -34.55
CA SER QB 88 23.06 -57.05 -34.68
C SER QB 88 21.73 -57.05 -33.96
N CYS QB 89 20.74 -57.71 -34.58
CA CYS QB 89 19.37 -57.76 -34.11
C CYS QB 89 18.90 -59.18 -34.02
N GLY QB 90 18.33 -59.60 -32.87
CA GLY QB 90 17.65 -60.89 -32.75
C GLY QB 90 17.80 -61.64 -31.47
N THR QB 91 17.09 -62.77 -31.39
CA THR QB 91 17.00 -63.66 -30.24
C THR QB 91 18.33 -64.21 -29.81
N LYS QB 92 19.22 -64.48 -30.77
CA LYS QB 92 20.53 -65.00 -30.48
C LYS QB 92 21.61 -63.93 -30.51
N ALA QB 93 21.27 -62.64 -30.71
CA ALA QB 93 22.26 -61.60 -30.73
C ALA QB 93 23.02 -61.47 -29.40
N PRO QB 94 24.31 -61.19 -29.37
CA PRO QB 94 25.08 -61.15 -28.15
C PRO QB 94 24.81 -59.88 -27.39
N LEU QB 95 24.84 -59.92 -26.04
CA LEU QB 95 24.77 -58.73 -25.22
C LEU QB 95 25.96 -57.81 -25.46
N SER QB 96 25.79 -56.77 -26.27
CA SER QB 96 26.84 -55.83 -26.58
C SER QB 96 26.20 -54.54 -27.03
N VAL QB 97 26.86 -53.40 -26.79
CA VAL QB 97 26.24 -52.10 -26.88
C VAL QB 97 25.67 -51.81 -28.26
N GLY QB 98 24.42 -51.35 -28.29
CA GLY QB 98 23.72 -50.99 -29.52
C GLY QB 98 23.16 -52.14 -30.30
N ASN QB 99 23.32 -53.39 -29.84
CA ASN QB 99 22.54 -54.48 -30.38
C ASN QB 99 21.09 -54.44 -29.94
N ILE QB 100 20.22 -55.16 -30.66
CA ILE QB 100 18.79 -55.21 -30.40
C ILE QB 100 18.38 -56.62 -30.04
N LEU QB 101 17.93 -56.83 -28.80
CA LEU QB 101 17.75 -58.13 -28.20
C LEU QB 101 16.36 -58.18 -27.58
N PRO QB 102 15.72 -59.32 -27.50
CA PRO QB 102 14.59 -59.52 -26.62
C PRO QB 102 14.92 -59.37 -25.14
N ILE QB 103 14.09 -58.64 -24.36
CA ILE QB 103 14.37 -58.39 -22.94
C ILE QB 103 14.49 -59.64 -22.10
N GLY QB 104 13.79 -60.71 -22.46
CA GLY QB 104 13.95 -62.04 -21.88
C GLY QB 104 15.35 -62.60 -21.85
N LYS QB 105 16.25 -62.11 -22.72
CA LYS QB 105 17.58 -62.66 -22.77
C LYS QB 105 18.59 -61.69 -22.18
N MET QB 106 18.15 -60.66 -21.45
CA MET QB 106 19.07 -59.82 -20.72
C MET QB 106 19.54 -60.48 -19.43
N PRO QB 107 20.78 -60.37 -18.99
CA PRO QB 107 21.11 -60.56 -17.60
C PRO QB 107 20.69 -59.36 -16.79
N GLU QB 108 20.30 -59.59 -15.52
CA GLU QB 108 19.76 -58.58 -14.64
C GLU QB 108 20.69 -57.39 -14.41
N GLY QB 109 20.12 -56.19 -14.26
CA GLY QB 109 20.88 -54.99 -13.94
C GLY QB 109 21.56 -54.34 -15.10
N THR QB 110 21.41 -54.90 -16.30
CA THR QB 110 21.71 -54.24 -17.57
C THR QB 110 20.95 -52.95 -17.78
N LEU QB 111 21.54 -52.01 -18.52
CA LEU QB 111 20.92 -50.74 -18.84
C LEU QB 111 20.53 -50.74 -20.32
N ILE QB 112 19.28 -50.42 -20.63
CA ILE QB 112 18.70 -50.59 -21.94
C ILE QB 112 17.90 -49.40 -22.34
N CYS QB 113 17.49 -49.34 -23.61
CA CYS QB 113 16.58 -48.34 -24.12
C CYS QB 113 15.80 -48.94 -25.27
N ASN QB 114 14.88 -48.20 -25.90
CA ASN QB 114 14.02 -48.72 -26.95
C ASN QB 114 13.13 -49.88 -26.54
N LEU QB 115 12.51 -49.83 -25.36
CA LEU QB 115 11.49 -50.77 -24.98
C LEU QB 115 10.26 -50.68 -25.86
N GLU QB 116 9.73 -51.83 -26.27
CA GLU QB 116 8.42 -51.91 -26.84
C GLU QB 116 7.41 -52.13 -25.73
N HIS QB 117 6.42 -51.23 -25.56
CA HIS QB 117 5.49 -51.36 -24.45
C HIS QB 117 4.65 -52.60 -24.47
N ARG QB 118 4.38 -53.12 -25.68
CA ARG QB 118 3.88 -54.45 -25.91
C ARG QB 118 4.58 -54.88 -27.20
N THR QB 119 4.74 -56.20 -27.41
CA THR QB 119 5.68 -56.78 -28.37
C THR QB 119 5.49 -56.41 -29.81
N GLY QB 120 6.58 -56.20 -30.56
CA GLY QB 120 6.53 -56.05 -32.01
C GLY QB 120 6.14 -54.68 -32.45
N ASN QB 121 6.15 -53.72 -31.52
CA ASN QB 121 5.63 -52.41 -31.77
C ASN QB 121 6.70 -51.45 -32.24
N ARG QB 122 7.94 -51.92 -32.40
CA ARG QB 122 8.99 -51.18 -33.04
C ARG QB 122 9.55 -50.05 -32.19
N GLY QB 123 9.37 -50.13 -30.85
CA GLY QB 123 10.02 -49.25 -29.87
C GLY QB 123 9.26 -48.00 -29.54
N THR QB 124 8.88 -47.82 -28.28
CA THR QB 124 7.90 -46.79 -27.93
C THR QB 124 8.08 -46.23 -26.54
N LEU QB 125 8.97 -46.80 -25.72
CA LEU QB 125 9.31 -46.26 -24.42
C LEU QB 125 10.81 -46.05 -24.34
N VAL QB 126 11.28 -44.93 -23.74
CA VAL QB 126 12.70 -44.66 -23.61
C VAL QB 126 13.33 -44.30 -24.94
N LYS QB 127 13.11 -43.06 -25.40
CA LYS QB 127 13.60 -42.57 -26.68
C LYS QB 127 14.20 -41.17 -26.55
N ALA QB 128 13.78 -40.36 -25.58
CA ALA QB 128 14.38 -39.06 -25.37
C ALA QB 128 15.84 -39.12 -24.94
N SER QB 129 16.61 -38.05 -25.20
CA SER QB 129 18.04 -38.06 -24.90
C SER QB 129 18.40 -38.34 -23.46
N GLY QB 130 19.44 -39.16 -23.27
CA GLY QB 130 20.05 -39.40 -21.98
C GLY QB 130 19.28 -40.26 -21.03
N CYS QB 131 18.13 -40.80 -21.46
CA CYS QB 131 17.36 -41.71 -20.69
C CYS QB 131 17.93 -43.11 -20.73
N TYR QB 132 17.47 -43.96 -19.82
CA TYR QB 132 17.67 -45.38 -19.93
C TYR QB 132 16.62 -46.03 -19.10
N ALA QB 133 16.42 -47.33 -19.30
CA ALA QB 133 15.68 -48.18 -18.42
C ALA QB 133 16.65 -49.21 -17.88
N THR QB 134 16.29 -49.84 -16.76
CA THR QB 134 17.12 -50.88 -16.15
C THR QB 134 16.28 -52.11 -16.09
N VAL QB 135 16.83 -53.28 -16.44
CA VAL QB 135 16.11 -54.52 -16.27
C VAL QB 135 16.24 -54.99 -14.83
N VAL QB 136 15.12 -55.29 -14.14
CA VAL QB 136 15.17 -55.58 -12.72
C VAL QB 136 14.80 -57.02 -12.40
N GLY QB 137 14.44 -57.86 -13.37
CA GLY QB 137 14.03 -59.22 -13.00
C GLY QB 137 13.35 -60.04 -14.06
N GLN QB 138 13.48 -61.38 -13.92
CA GLN QB 138 12.88 -62.36 -14.80
C GLN QB 138 12.06 -63.26 -13.92
N SER QB 139 10.79 -63.52 -14.30
CA SER QB 139 9.94 -64.43 -13.55
C SER QB 139 10.41 -65.86 -13.64
N GLU QB 140 10.11 -66.70 -12.62
CA GLU QB 140 10.55 -68.07 -12.55
C GLU QB 140 10.06 -68.94 -13.70
N ASP QB 141 8.82 -68.72 -14.17
CA ASP QB 141 8.29 -69.46 -15.30
C ASP QB 141 8.61 -68.74 -16.61
N GLY QB 142 9.55 -67.77 -16.57
CA GLY QB 142 9.87 -66.88 -17.68
C GLY QB 142 8.67 -66.15 -18.22
N LYS QB 143 8.73 -65.78 -19.50
CA LYS QB 143 7.61 -65.26 -20.26
C LYS QB 143 7.32 -63.79 -20.03
N LYS QB 144 7.34 -63.31 -18.78
CA LYS QB 144 7.25 -61.90 -18.48
C LYS QB 144 8.61 -61.38 -18.06
N THR QB 145 8.82 -60.06 -18.05
CA THR QB 145 10.08 -59.48 -17.54
C THR QB 145 9.77 -58.18 -16.85
N LYS QB 146 10.56 -57.79 -15.84
CA LYS QB 146 10.29 -56.58 -15.07
C LYS QB 146 11.32 -55.51 -15.34
N VAL QB 147 10.88 -54.31 -15.74
CA VAL QB 147 11.76 -53.22 -16.12
C VAL QB 147 11.43 -51.96 -15.36
N ARG QB 148 12.34 -50.98 -15.38
CA ARG QB 148 12.14 -49.71 -14.73
C ARG QB 148 12.30 -48.55 -15.69
N LEU QB 149 11.20 -47.86 -16.02
CA LEU QB 149 11.19 -46.63 -16.79
C LEU QB 149 11.78 -45.43 -16.04
N PRO QB 150 12.36 -44.45 -16.70
CA PRO QB 150 13.23 -43.49 -16.06
C PRO QB 150 12.48 -42.49 -15.23
N SER QB 151 11.15 -42.39 -15.35
CA SER QB 151 10.35 -41.55 -14.47
C SER QB 151 10.41 -41.96 -13.02
N GLY QB 152 10.44 -43.27 -12.77
CA GLY QB 152 10.48 -43.84 -11.42
C GLY QB 152 9.45 -44.90 -11.19
N ALA QB 153 8.59 -45.17 -12.17
CA ALA QB 153 7.68 -46.29 -12.11
C ALA QB 153 8.36 -47.61 -12.47
N LYS QB 154 7.89 -48.72 -11.90
CA LYS QB 154 8.27 -50.05 -12.33
C LYS QB 154 7.17 -50.62 -13.20
N LYS QB 155 7.49 -51.36 -14.26
CA LYS QB 155 6.52 -51.88 -15.21
C LYS QB 155 6.88 -53.31 -15.57
N THR QB 156 5.87 -54.12 -15.94
CA THR QB 156 6.05 -55.52 -16.31
C THR QB 156 5.62 -55.69 -17.73
N ILE QB 157 6.50 -56.24 -18.59
CA ILE QB 157 6.28 -56.38 -20.02
C ILE QB 157 6.44 -57.85 -20.37
N ASP QB 158 6.01 -58.28 -21.57
CA ASP QB 158 6.34 -59.56 -22.13
C ASP QB 158 7.84 -59.70 -22.42
N ALA QB 159 8.42 -60.89 -22.19
CA ALA QB 159 9.81 -61.19 -22.38
C ALA QB 159 10.31 -60.97 -23.81
N LYS QB 160 9.48 -61.24 -24.81
CA LYS QB 160 9.94 -61.26 -26.17
C LYS QB 160 9.82 -59.89 -26.81
N ALA QB 161 9.42 -58.87 -26.05
CA ALA QB 161 9.56 -57.49 -26.45
C ALA QB 161 11.02 -57.07 -26.68
N ARG QB 162 11.26 -56.19 -27.68
CA ARG QB 162 12.61 -55.75 -27.96
C ARG QB 162 13.09 -54.69 -26.98
N ALA QB 163 14.44 -54.54 -26.93
CA ALA QB 163 15.11 -53.39 -26.41
C ALA QB 163 16.52 -53.36 -26.97
N MET QB 164 17.24 -52.26 -26.71
CA MET QB 164 18.55 -51.97 -27.22
C MET QB 164 19.47 -51.76 -26.05
N VAL QB 165 20.54 -52.57 -25.99
CA VAL QB 165 21.57 -52.47 -24.98
C VAL QB 165 22.28 -51.12 -25.00
N GLY QB 166 22.43 -50.48 -23.82
CA GLY QB 166 23.09 -49.18 -23.68
C GLY QB 166 22.15 -48.01 -23.50
N VAL QB 167 22.66 -46.94 -22.90
CA VAL QB 167 21.97 -45.67 -22.67
C VAL QB 167 21.64 -44.93 -23.97
N VAL QB 168 20.51 -44.19 -24.05
CA VAL QB 168 20.22 -43.32 -25.17
C VAL QB 168 21.24 -42.22 -25.34
N GLY QB 169 21.63 -41.90 -26.58
CA GLY QB 169 22.54 -40.80 -26.86
C GLY QB 169 22.19 -39.41 -26.34
N ALA QB 170 23.13 -38.48 -26.53
CA ALA QB 170 23.00 -37.07 -26.25
C ALA QB 170 22.72 -36.76 -24.80
N GLY QB 171 23.31 -37.54 -23.88
CA GLY QB 171 23.11 -37.36 -22.46
C GLY QB 171 23.46 -36.02 -21.92
N GLY QB 172 22.72 -35.57 -20.89
CA GLY QB 172 23.00 -34.35 -20.15
C GLY QB 172 22.45 -33.10 -20.78
N ARG QB 173 21.56 -33.20 -21.76
CA ARG QB 173 21.15 -32.06 -22.56
C ARG QB 173 20.63 -30.87 -21.77
N ILE QB 174 19.82 -31.09 -20.71
CA ILE QB 174 19.33 -29.95 -19.94
C ILE QB 174 20.29 -29.52 -18.86
N ASP QB 175 21.52 -30.04 -18.80
CA ASP QB 175 22.52 -29.46 -17.94
C ASP QB 175 22.86 -28.03 -18.33
N LYS QB 176 23.08 -27.75 -19.63
CA LYS QB 176 23.41 -26.44 -20.14
C LYS QB 176 22.26 -25.44 -19.98
N PRO QB 177 22.38 -24.30 -19.36
CA PRO QB 177 21.27 -23.38 -19.28
C PRO QB 177 21.05 -22.68 -20.59
N ILE QB 178 19.82 -22.27 -20.89
CA ILE QB 178 19.56 -21.46 -22.06
C ILE QB 178 19.76 -19.99 -21.71
N LEU QB 179 20.87 -19.37 -22.14
CA LEU QB 179 21.18 -18.04 -21.67
C LEU QB 179 20.23 -16.91 -22.05
N LYS QB 180 19.77 -16.87 -23.32
CA LYS QB 180 19.03 -15.73 -23.84
C LYS QB 180 17.80 -16.17 -24.61
N ALA QB 181 16.85 -15.24 -24.83
CA ALA QB 181 15.52 -15.53 -25.29
C ALA QB 181 15.56 -16.15 -26.65
N GLY QB 182 16.46 -15.66 -27.51
CA GLY QB 182 16.58 -16.14 -28.88
C GLY QB 182 16.92 -17.59 -28.96
N VAL QB 183 17.72 -18.11 -28.02
CA VAL QB 183 18.00 -19.53 -27.97
C VAL QB 183 16.73 -20.30 -27.68
N ALA QB 184 15.91 -19.81 -26.76
CA ALA QB 184 14.61 -20.39 -26.51
C ALA QB 184 13.69 -20.31 -27.71
N HIS QB 185 13.68 -19.16 -28.41
CA HIS QB 185 13.00 -19.03 -29.67
C HIS QB 185 13.39 -20.09 -30.68
N HIS QB 186 14.69 -20.26 -30.91
CA HIS QB 186 15.16 -21.31 -31.77
C HIS QB 186 14.83 -22.72 -31.31
N LYS QB 187 14.71 -22.98 -30.00
CA LYS QB 187 14.36 -24.30 -29.52
C LYS QB 187 12.94 -24.63 -29.88
N TYR QB 188 12.02 -23.70 -29.65
CA TYR QB 188 10.64 -23.93 -29.98
C TYR QB 188 10.37 -23.84 -31.47
N ARG QB 189 11.14 -23.05 -32.24
CA ARG QB 189 10.97 -22.90 -33.67
C ARG QB 189 11.00 -24.20 -34.45
N VAL QB 190 11.77 -25.18 -33.99
CA VAL QB 190 11.83 -26.47 -34.63
C VAL QB 190 10.94 -27.49 -33.97
N LYS QB 191 10.15 -27.12 -32.96
CA LYS QB 191 9.22 -28.02 -32.31
C LYS QB 191 7.79 -27.71 -32.68
N ARG QB 192 7.15 -26.84 -31.90
CA ARG QB 192 5.73 -26.63 -31.97
C ARG QB 192 5.48 -25.20 -31.56
N ASN QB 193 4.55 -24.46 -32.16
CA ASN QB 193 4.21 -23.14 -31.64
C ASN QB 193 3.57 -23.24 -30.26
N CYS QB 194 4.29 -22.87 -29.20
CA CYS QB 194 3.78 -23.07 -27.86
C CYS QB 194 4.36 -22.05 -26.92
N TRP QB 195 4.98 -21.01 -27.48
CA TRP QB 195 5.87 -20.16 -26.74
C TRP QB 195 5.90 -18.84 -27.47
N PRO QB 196 6.26 -17.75 -26.84
CA PRO QB 196 6.27 -17.48 -25.41
C PRO QB 196 4.98 -17.83 -24.68
N LYS QB 197 5.01 -18.09 -23.38
CA LYS QB 197 3.91 -18.75 -22.73
C LYS QB 197 2.68 -17.89 -22.44
N VAL QB 198 2.88 -16.67 -21.90
CA VAL QB 198 1.82 -15.78 -21.44
C VAL QB 198 1.15 -16.27 -20.16
N ARG QB 199 1.40 -15.60 -19.03
CA ARG QB 199 0.75 -15.87 -17.77
C ARG QB 199 -0.76 -15.70 -17.82
N GLY QB 200 -1.51 -16.74 -17.50
CA GLY QB 200 -2.95 -16.77 -17.55
C GLY QB 200 -3.64 -15.72 -16.74
N VAL QB 201 -3.05 -15.36 -15.60
CA VAL QB 201 -3.61 -14.38 -14.72
C VAL QB 201 -3.53 -12.98 -15.28
N ALA QB 202 -2.74 -12.75 -16.31
CA ALA QB 202 -2.60 -11.45 -16.88
C ALA QB 202 -3.60 -11.26 -18.03
N MET QB 203 -4.24 -12.35 -18.47
CA MET QB 203 -5.26 -12.29 -19.49
C MET QB 203 -6.53 -11.58 -19.03
N ASN QB 204 -7.34 -11.08 -19.97
CA ASN QB 204 -8.70 -10.71 -19.66
C ASN QB 204 -9.57 -11.87 -19.18
N PRO QB 205 -10.60 -11.67 -18.39
CA PRO QB 205 -11.50 -12.73 -17.97
C PRO QB 205 -12.01 -13.57 -19.09
N VAL QB 206 -12.53 -12.94 -20.16
CA VAL QB 206 -13.05 -13.60 -21.33
C VAL QB 206 -12.21 -14.70 -21.90
N GLU QB 207 -10.89 -14.62 -21.75
CA GLU QB 207 -10.02 -15.63 -22.27
C GLU QB 207 -9.64 -16.72 -21.32
N HIS QB 208 -9.77 -16.58 -20.00
CA HIS QB 208 -9.16 -17.59 -19.15
C HIS QB 208 -9.64 -17.57 -17.71
N PRO QB 209 -9.71 -18.68 -16.99
CA PRO QB 209 -10.28 -18.67 -15.65
C PRO QB 209 -9.52 -17.88 -14.64
N HIS QB 210 -8.21 -17.72 -14.75
CA HIS QB 210 -7.51 -16.89 -13.79
C HIS QB 210 -7.69 -15.41 -14.01
N GLY QB 211 -8.23 -14.96 -15.15
CA GLY QB 211 -8.22 -13.55 -15.51
C GLY QB 211 -8.90 -12.58 -14.57
N GLY QB 212 -8.68 -11.29 -14.83
CA GLY QB 212 -9.35 -10.22 -14.10
C GLY QB 212 -8.80 -9.90 -12.74
N GLY QB 213 -9.43 -8.93 -12.07
CA GLY QB 213 -8.94 -8.35 -10.83
C GLY QB 213 -7.96 -7.22 -11.05
N ASN QB 214 -7.49 -6.64 -9.94
CA ASN QB 214 -6.62 -5.47 -9.98
C ASN QB 214 -5.30 -5.67 -9.30
N HIS QB 215 -4.93 -6.93 -9.00
CA HIS QB 215 -3.59 -7.19 -8.55
C HIS QB 215 -3.03 -8.42 -9.19
N GLN QB 216 -3.68 -8.95 -10.24
CA GLN QB 216 -3.30 -10.19 -10.85
C GLN QB 216 -3.26 -11.34 -9.86
N HIS QB 217 -4.25 -11.38 -8.96
CA HIS QB 217 -4.37 -12.40 -7.96
C HIS QB 217 -5.15 -13.56 -8.51
N ILE QB 218 -4.81 -14.77 -8.11
CA ILE QB 218 -5.51 -15.94 -8.57
C ILE QB 218 -6.97 -15.95 -8.10
N GLY QB 219 -7.20 -15.62 -6.83
CA GLY QB 219 -8.51 -15.29 -6.28
C GLY QB 219 -9.42 -16.44 -5.96
N HIS QB 220 -9.01 -17.67 -6.26
CA HIS QB 220 -9.69 -18.87 -5.83
C HIS QB 220 -8.71 -19.98 -6.02
N PRO QB 221 -8.84 -21.14 -5.39
CA PRO QB 221 -7.85 -22.21 -5.43
C PRO QB 221 -7.23 -22.60 -6.75
N SER QB 222 -5.94 -22.94 -6.74
CA SER QB 222 -5.19 -23.19 -7.94
C SER QB 222 -5.18 -24.64 -8.30
N THR QB 223 -5.85 -25.48 -7.52
CA THR QB 223 -5.96 -26.89 -7.76
C THR QB 223 -7.35 -27.21 -8.24
N VAL QB 224 -7.51 -27.73 -9.47
CA VAL QB 224 -8.82 -28.10 -9.99
C VAL QB 224 -8.94 -29.57 -10.25
N SER QB 225 -10.15 -30.09 -10.05
CA SER QB 225 -10.47 -31.52 -10.04
C SER QB 225 -10.17 -32.26 -11.32
N ARG QB 226 -9.80 -33.54 -11.20
CA ARG QB 226 -9.67 -34.43 -12.33
C ARG QB 226 -10.93 -34.45 -13.15
N SER QB 227 -12.07 -34.40 -12.46
CA SER QB 227 -13.38 -34.41 -13.05
C SER QB 227 -13.77 -33.13 -13.75
N ALA QB 228 -12.94 -32.07 -13.67
CA ALA QB 228 -13.27 -30.78 -14.23
C ALA QB 228 -13.56 -30.80 -15.74
N PRO QB 229 -14.46 -29.98 -16.23
CA PRO QB 229 -14.81 -29.97 -17.63
C PRO QB 229 -13.76 -29.26 -18.43
N ALA QB 230 -13.94 -29.24 -19.75
CA ALA QB 230 -12.92 -28.89 -20.70
C ALA QB 230 -12.31 -27.52 -20.54
N GLY QB 231 -13.13 -26.47 -20.45
CA GLY QB 231 -12.57 -25.13 -20.37
C GLY QB 231 -12.10 -24.75 -19.00
N GLN QB 232 -12.41 -25.56 -17.98
CA GLN QB 232 -12.15 -25.18 -16.61
C GLN QB 232 -10.77 -25.54 -16.16
N LYS QB 233 -10.13 -26.56 -16.78
CA LYS QB 233 -8.86 -27.05 -16.33
C LYS QB 233 -7.75 -26.01 -16.40
N VAL QB 234 -7.37 -25.43 -15.25
CA VAL QB 234 -6.66 -24.18 -15.23
C VAL QB 234 -5.22 -24.32 -14.79
N GLY QB 235 -4.94 -24.40 -13.47
CA GLY QB 235 -3.58 -24.34 -12.94
C GLY QB 235 -3.00 -25.71 -12.64
N LEU QB 236 -3.02 -26.13 -11.37
CA LEU QB 236 -2.45 -27.36 -10.95
C LEU QB 236 -3.46 -28.49 -11.13
N ILE QB 237 -3.36 -29.26 -12.21
CA ILE QB 237 -4.33 -30.30 -12.52
C ILE QB 237 -4.34 -31.44 -11.52
N ALA QB 238 -5.51 -31.74 -10.90
CA ALA QB 238 -5.77 -32.88 -10.04
C ALA QB 238 -4.73 -33.25 -8.99
N ALA QB 239 -3.97 -32.27 -8.48
CA ALA QB 239 -2.79 -32.51 -7.71
C ALA QB 239 -2.99 -33.26 -6.41
N ARG QB 240 -2.10 -34.20 -6.08
CA ARG QB 240 -2.10 -34.87 -4.79
C ARG QB 240 -1.74 -33.94 -3.64
N ARG QB 241 -0.83 -32.99 -3.88
CA ARG QB 241 -0.28 -32.14 -2.89
C ARG QB 241 0.39 -30.98 -3.58
N THR QB 242 0.64 -29.89 -2.85
CA THR QB 242 1.26 -28.68 -3.35
C THR QB 242 2.32 -28.25 -2.35
N GLY QB 243 3.21 -27.28 -2.67
CA GLY QB 243 4.38 -26.93 -1.86
C GLY QB 243 5.62 -27.77 -2.11
N LEU QB 244 6.77 -27.45 -1.48
CA LEU QB 244 8.05 -28.06 -1.83
C LEU QB 244 8.23 -29.54 -1.53
N LEU QB 245 9.04 -30.22 -2.35
CA LEU QB 245 9.31 -31.63 -2.32
C LEU QB 245 10.03 -32.18 -1.08
N ARG QB 246 9.87 -33.49 -0.77
CA ARG QB 246 10.68 -34.18 0.23
C ARG QB 246 11.23 -35.56 -0.17
N GLY QB 247 10.56 -36.35 -1.04
CA GLY QB 247 11.08 -37.66 -1.44
C GLY QB 247 10.12 -38.48 -2.35
N SER RB 1 -14.15 37.10 -9.64
CA SER RB 1 -13.24 37.58 -8.56
C SER RB 1 -12.18 38.54 -9.00
N HIS RB 2 -11.56 39.25 -8.07
CA HIS RB 2 -10.52 40.19 -8.39
C HIS RB 2 -9.30 39.54 -9.01
N ARG RB 3 -8.65 40.24 -9.96
CA ARG RB 3 -7.39 39.84 -10.53
C ARG RB 3 -6.33 39.58 -9.48
N LYS RB 4 -5.43 38.61 -9.71
CA LYS RB 4 -4.54 38.14 -8.67
C LYS RB 4 -3.50 39.15 -8.18
N PHE RB 5 -3.00 40.00 -9.09
CA PHE RB 5 -2.09 41.07 -8.72
C PHE RB 5 -2.48 42.31 -9.49
N GLU RB 6 -2.05 43.50 -9.07
CA GLU RB 6 -2.53 44.74 -9.65
C GLU RB 6 -1.39 45.57 -10.24
N ARG RB 7 -1.63 46.20 -11.40
CA ARG RB 7 -0.65 47.02 -12.09
C ARG RB 7 -1.44 48.21 -12.62
N PRO RB 8 -0.94 49.42 -12.82
CA PRO RB 8 -1.54 50.38 -13.75
C PRO RB 8 -1.93 49.78 -15.08
N ARG RB 9 -3.02 50.26 -15.69
CA ARG RB 9 -3.38 49.87 -17.04
C ARG RB 9 -2.33 50.25 -18.05
N HIS RB 10 -2.13 49.46 -19.11
CA HIS RB 10 -1.29 49.94 -20.17
C HIS RB 10 -1.89 51.12 -20.87
N GLY RB 11 -1.05 52.12 -21.16
CA GLY RB 11 -1.40 53.29 -21.95
C GLY RB 11 -2.41 54.21 -21.33
N SER RB 12 -2.19 55.52 -21.48
CA SER RB 12 -3.13 56.54 -21.03
C SER RB 12 -4.47 56.46 -21.75
N LEU RB 13 -5.57 56.69 -21.01
CA LEU RB 13 -6.88 56.83 -21.62
C LEU RB 13 -6.99 58.14 -22.34
N GLY RB 14 -6.15 59.12 -21.97
CA GLY RB 14 -6.42 60.53 -22.19
C GLY RB 14 -6.23 61.00 -23.59
N PHE RB 15 -5.78 60.11 -24.48
CA PHE RB 15 -5.59 60.43 -25.87
C PHE RB 15 -6.46 59.57 -26.76
N LEU RB 16 -7.26 58.66 -26.21
CA LEU RB 16 -8.19 57.90 -27.02
C LEU RB 16 -9.29 58.79 -27.59
N PRO RB 17 -9.85 58.59 -28.75
CA PRO RB 17 -9.49 57.58 -29.71
C PRO RB 17 -8.19 57.90 -30.40
N ARG RB 18 -7.34 56.89 -30.62
CA ARG RB 18 -6.04 57.06 -31.22
C ARG RB 18 -6.14 56.99 -32.72
N LYS RB 19 -6.94 57.87 -33.32
CA LYS RB 19 -7.07 58.02 -34.74
C LYS RB 19 -6.08 58.98 -35.36
N ARG RB 20 -5.95 58.98 -36.69
CA ARG RB 20 -5.10 59.92 -37.40
C ARG RB 20 -5.52 61.37 -37.23
N CYS RB 21 -4.55 62.30 -37.15
CA CYS RB 21 -4.82 63.73 -37.20
C CYS RB 21 -5.46 64.18 -38.50
N LYS RB 22 -6.32 65.21 -38.44
CA LYS RB 22 -6.95 65.78 -39.61
C LYS RB 22 -5.96 66.39 -40.59
N ARG RB 23 -4.87 66.97 -40.09
CA ARG RB 23 -4.06 67.89 -40.85
C ARG RB 23 -2.59 67.73 -40.52
N LEU RB 24 -1.73 67.86 -41.54
CA LEU RB 24 -0.29 67.79 -41.38
C LEU RB 24 0.22 68.90 -40.50
N ARG RB 25 -0.26 70.13 -40.76
CA ARG RB 25 0.02 71.26 -39.91
C ARG RB 25 -0.52 71.09 -38.51
N GLY RB 26 0.24 71.48 -37.47
CA GLY RB 26 -0.28 71.54 -36.11
C GLY RB 26 -1.34 72.59 -35.91
N LYS RB 27 -2.00 72.57 -34.75
CA LYS RB 27 -2.97 73.55 -34.36
C LYS RB 27 -2.77 73.90 -32.92
N ILE RB 28 -2.76 75.19 -32.60
CA ILE RB 28 -2.81 75.60 -31.21
C ILE RB 28 -4.21 75.31 -30.66
N ARG RB 29 -4.35 74.51 -29.57
CA ARG RB 29 -5.66 74.39 -28.96
C ARG RB 29 -6.02 75.63 -28.18
N SER RB 30 -5.08 76.18 -27.42
CA SER RB 30 -5.35 77.38 -26.65
C SER RB 30 -4.11 78.25 -26.55
N PHE RB 31 -4.30 79.57 -26.46
CA PHE RB 31 -3.23 80.53 -26.42
C PHE RB 31 -2.91 80.91 -24.99
N PRO RB 32 -1.79 81.51 -24.64
CA PRO RB 32 -1.64 82.21 -23.37
C PRO RB 32 -2.73 83.23 -23.11
N LYS RB 33 -3.01 83.56 -21.84
CA LYS RB 33 -4.09 84.45 -21.49
C LYS RB 33 -3.62 85.90 -21.58
N ASP RB 34 -4.52 86.83 -21.94
CA ASP RB 34 -4.15 88.18 -22.29
C ASP RB 34 -3.97 89.09 -21.07
N ASP RB 35 -2.76 89.12 -20.49
CA ASP RB 35 -2.41 90.09 -19.47
C ASP RB 35 -2.29 91.48 -20.07
N LYS RB 36 -3.12 92.40 -19.59
CA LYS RB 36 -3.34 93.68 -20.21
C LYS RB 36 -2.11 94.56 -20.26
N GLU RB 37 -1.33 94.54 -19.19
CA GLU RB 37 -0.24 95.47 -18.97
C GLU RB 37 0.89 95.38 -19.97
N LYS RB 38 1.27 94.18 -20.40
CA LYS RB 38 2.32 93.99 -21.37
C LYS RB 38 2.04 94.65 -22.73
N PRO RB 39 3.00 95.18 -23.46
CA PRO RB 39 2.83 95.59 -24.86
C PRO RB 39 2.20 94.54 -25.78
N PRO RB 40 1.49 94.86 -26.86
CA PRO RB 40 1.21 93.93 -27.94
C PRO RB 40 2.38 93.12 -28.45
N HIS RB 41 2.19 91.82 -28.69
CA HIS RB 41 3.21 90.98 -29.26
C HIS RB 41 2.64 89.65 -29.71
N PHE RB 42 3.31 89.04 -30.69
CA PHE RB 42 3.08 87.69 -31.18
C PHE RB 42 3.26 86.63 -30.12
N THR RB 43 2.49 85.52 -30.21
CA THR RB 43 2.54 84.43 -29.25
C THR RB 43 3.07 83.13 -29.82
N ALA RB 44 3.18 83.03 -31.15
CA ALA RB 44 3.52 81.79 -31.81
C ALA RB 44 4.39 82.04 -33.01
N PHE RB 45 4.98 80.99 -33.56
CA PHE RB 45 5.85 81.10 -34.69
C PHE RB 45 5.94 79.74 -35.34
N MET RB 46 5.98 79.70 -36.67
CA MET RB 46 6.05 78.48 -37.43
C MET RB 46 7.43 78.11 -37.91
N GLY RB 47 7.81 76.82 -37.85
CA GLY RB 47 9.16 76.39 -38.21
C GLY RB 47 9.21 75.00 -38.77
N TYR RB 48 10.32 74.64 -39.39
CA TYR RB 48 10.56 73.31 -39.90
C TYR RB 48 11.63 72.54 -39.14
N LYS RB 49 11.39 71.26 -38.80
CA LYS RB 49 12.38 70.41 -38.16
C LYS RB 49 13.52 70.00 -39.09
N ALA RB 50 14.77 70.24 -38.70
CA ALA RB 50 15.89 69.95 -39.57
C ALA RB 50 16.67 68.75 -39.08
N GLY RB 51 16.87 68.63 -37.76
CA GLY RB 51 17.36 67.37 -37.20
C GLY RB 51 17.77 67.54 -35.77
N MET RB 52 18.55 66.60 -35.23
CA MET RB 52 19.12 66.74 -33.92
C MET RB 52 20.64 66.74 -33.99
N THR RB 53 21.29 67.40 -33.03
CA THR RB 53 22.73 67.46 -32.84
C THR RB 53 22.96 67.27 -31.36
N HIS RB 54 24.22 67.25 -30.88
CA HIS RB 54 24.41 67.39 -29.44
C HIS RB 54 25.18 68.64 -29.14
N ILE RB 55 25.03 69.14 -27.90
CA ILE RB 55 25.63 70.36 -27.45
C ILE RB 55 26.31 70.12 -26.14
N VAL RB 56 27.30 70.96 -25.78
CA VAL RB 56 28.02 70.86 -24.54
C VAL RB 56 27.78 72.12 -23.76
N ARG RB 57 27.35 72.02 -22.50
CA ARG RB 57 26.88 73.15 -21.74
C ARG RB 57 27.49 73.12 -20.37
N GLU RB 58 27.91 74.27 -19.84
CA GLU RB 58 28.45 74.37 -18.50
C GLU RB 58 27.34 74.62 -17.51
N VAL RB 59 27.38 73.98 -16.34
CA VAL RB 59 26.25 73.98 -15.42
C VAL RB 59 26.60 74.73 -14.16
N ASP RB 60 25.83 75.78 -13.87
CA ASP RB 60 25.90 76.57 -12.66
C ASP RB 60 25.35 75.86 -11.42
N LYS RB 61 24.21 75.18 -11.59
CA LYS RB 61 23.32 74.63 -10.58
C LYS RB 61 23.96 74.10 -9.29
N PRO RB 62 23.78 74.71 -8.13
CA PRO RB 62 24.56 74.39 -6.96
C PRO RB 62 23.86 73.34 -6.14
N GLY RB 63 24.60 72.55 -5.35
CA GLY RB 63 24.02 71.51 -4.51
C GLY RB 63 23.65 70.28 -5.29
N SER RB 64 23.98 70.27 -6.59
CA SER RB 64 23.78 69.15 -7.47
C SER RB 64 24.99 68.26 -7.42
N LYS RB 65 24.80 66.95 -7.62
CA LYS RB 65 25.93 66.06 -7.76
C LYS RB 65 26.76 66.37 -8.99
N LEU RB 66 26.08 66.71 -10.09
CA LEU RB 66 26.70 67.10 -11.34
C LEU RB 66 27.52 68.37 -11.19
N HIS RB 67 26.92 69.37 -10.53
CA HIS RB 67 27.43 70.73 -10.34
C HIS RB 67 28.28 71.33 -11.47
N LYS RB 68 29.53 71.73 -11.16
CA LYS RB 68 30.30 72.69 -11.91
C LYS RB 68 30.59 72.33 -13.35
N LYS RB 69 30.87 71.05 -13.61
CA LYS RB 69 31.27 70.53 -14.91
C LYS RB 69 30.33 70.83 -16.08
N GLU RB 70 30.89 70.85 -17.28
CA GLU RB 70 30.14 70.78 -18.50
C GLU RB 70 29.49 69.42 -18.73
N ILE RB 71 28.28 69.43 -19.31
CA ILE RB 71 27.49 68.25 -19.57
C ILE RB 71 27.17 68.26 -21.05
N VAL RB 72 26.85 67.08 -21.60
CA VAL RB 72 26.51 66.88 -22.98
C VAL RB 72 25.04 66.59 -23.06
N GLU RB 73 24.31 67.29 -23.93
CA GLU RB 73 22.86 67.20 -24.02
C GLU RB 73 22.41 67.12 -25.46
N ALA RB 74 21.38 66.30 -25.71
CA ALA RB 74 20.71 66.30 -26.99
C ALA RB 74 19.90 67.57 -27.21
N CYS RB 75 19.79 68.00 -28.46
CA CYS RB 75 19.06 69.18 -28.82
C CYS RB 75 18.54 69.07 -30.24
N THR RB 76 17.44 69.77 -30.53
CA THR RB 76 16.81 69.74 -31.85
C THR RB 76 17.07 71.03 -32.58
N ILE RB 77 17.09 71.03 -33.92
CA ILE RB 77 17.31 72.21 -34.70
C ILE RB 77 16.05 72.45 -35.50
N ILE RB 78 15.51 73.67 -35.40
CA ILE RB 78 14.31 74.05 -36.11
C ILE RB 78 14.64 75.28 -36.89
N GLU RB 79 14.77 75.12 -38.23
CA GLU RB 79 14.90 76.19 -39.18
C GLU RB 79 13.69 77.07 -39.19
N CYS RB 80 13.90 78.38 -39.17
CA CYS RB 80 12.83 79.33 -39.11
C CYS RB 80 13.09 80.40 -40.12
N ALA RB 81 12.54 80.25 -41.34
CA ALA RB 81 12.46 81.33 -42.28
C ALA RB 81 11.56 82.43 -41.74
N PRO RB 82 11.80 83.70 -41.90
CA PRO RB 82 10.91 84.74 -41.40
C PRO RB 82 9.47 84.64 -41.89
N MET RB 83 8.46 84.61 -41.00
CA MET RB 83 7.06 84.63 -41.36
C MET RB 83 6.60 85.91 -42.04
N VAL RB 84 5.65 85.83 -42.98
CA VAL RB 84 5.02 87.01 -43.55
C VAL RB 84 3.58 87.07 -43.09
N VAL RB 85 3.19 88.19 -42.48
CA VAL RB 85 1.84 88.48 -42.03
C VAL RB 85 0.98 88.96 -43.19
N VAL RB 86 -0.25 88.46 -43.33
CA VAL RB 86 -1.07 88.80 -44.49
C VAL RB 86 -2.44 89.30 -44.12
N GLY RB 87 -2.96 88.94 -42.93
CA GLY RB 87 -4.30 89.35 -42.55
C GLY RB 87 -4.48 89.61 -41.09
N ILE RB 88 -5.54 90.36 -40.75
CA ILE RB 88 -5.92 90.66 -39.40
C ILE RB 88 -7.32 90.11 -39.19
N VAL RB 89 -7.53 89.41 -38.07
CA VAL RB 89 -8.78 88.78 -37.69
C VAL RB 89 -9.26 89.31 -36.36
N GLY RB 90 -10.55 89.69 -36.24
CA GLY RB 90 -11.14 90.10 -34.98
C GLY RB 90 -12.24 89.18 -34.53
N TYR RB 91 -12.08 88.57 -33.35
CA TYR RB 91 -13.09 87.69 -32.78
C TYR RB 91 -13.83 88.41 -31.68
N ARG RB 92 -15.10 88.03 -31.47
CA ARG RB 92 -15.90 88.52 -30.39
C ARG RB 92 -16.53 87.37 -29.64
N GLU RB 93 -16.61 87.53 -28.30
CA GLU RB 93 -17.12 86.56 -27.34
C GLU RB 93 -18.63 86.48 -27.28
N THR RB 94 -19.18 85.27 -27.43
CA THR RB 94 -20.61 85.02 -27.37
C THR RB 94 -20.82 83.88 -26.42
N PRO RB 95 -21.97 83.66 -25.83
CA PRO RB 95 -22.22 82.49 -25.01
C PRO RB 95 -22.02 81.18 -25.75
N LYS RB 96 -22.15 81.20 -27.08
CA LYS RB 96 -21.95 80.06 -27.92
C LYS RB 96 -20.54 80.09 -28.52
N GLY RB 97 -19.62 80.83 -27.89
CA GLY RB 97 -18.19 80.83 -28.19
C GLY RB 97 -17.72 81.99 -29.00
N LEU RB 98 -16.44 81.96 -29.40
CA LEU RB 98 -15.87 82.94 -30.29
C LEU RB 98 -16.47 82.88 -31.69
N ARG RB 99 -16.94 84.03 -32.20
CA ARG RB 99 -17.37 84.14 -33.57
C ARG RB 99 -16.57 85.25 -34.21
N ILE RB 100 -16.05 85.01 -35.44
CA ILE RB 100 -15.30 85.99 -36.19
C ILE RB 100 -16.19 87.14 -36.65
N LEU RB 101 -15.76 88.40 -36.43
CA LEU RB 101 -16.53 89.52 -36.92
C LEU RB 101 -16.22 89.87 -38.36
N SER RB 102 -14.95 90.15 -38.68
CA SER RB 102 -14.52 90.44 -40.03
C SER RB 102 -13.05 90.10 -40.17
N THR RB 103 -12.49 90.03 -41.40
CA THR RB 103 -11.05 89.97 -41.58
C THR RB 103 -10.59 90.99 -42.59
N VAL RB 104 -9.45 91.64 -42.32
CA VAL RB 104 -8.89 92.65 -43.20
C VAL RB 104 -7.58 92.15 -43.73
N TRP RB 105 -7.34 92.24 -45.05
CA TRP RB 105 -6.11 91.76 -45.64
C TRP RB 105 -5.16 92.87 -46.05
N ALA RB 106 -3.88 92.54 -46.18
CA ALA RB 106 -2.88 93.34 -46.87
C ALA RB 106 -3.21 93.71 -48.32
N ASN RB 107 -2.35 94.54 -48.95
CA ASN RB 107 -2.57 94.95 -50.33
C ASN RB 107 -1.87 94.06 -51.32
N HIS RB 108 -1.13 93.05 -50.87
CA HIS RB 108 -0.58 92.04 -51.75
C HIS RB 108 -0.40 90.78 -50.97
N VAL RB 109 -0.36 89.65 -51.64
CA VAL RB 109 0.00 88.39 -51.04
C VAL RB 109 0.80 87.66 -52.08
N SER RB 110 1.90 87.00 -51.68
CA SER RB 110 2.80 86.38 -52.63
C SER RB 110 2.29 85.05 -53.15
N ASP RB 111 2.85 84.56 -54.26
CA ASP RB 111 2.48 83.32 -54.91
C ASP RB 111 2.53 82.13 -54.00
N GLU RB 112 3.56 82.01 -53.15
CA GLU RB 112 3.68 80.93 -52.20
C GLU RB 112 2.49 80.86 -51.24
N PHE RB 113 2.00 82.00 -50.70
CA PHE RB 113 0.71 82.02 -50.03
C PHE RB 113 -0.46 81.60 -50.94
N ARG RB 114 -0.55 82.17 -52.14
CA ARG RB 114 -1.67 81.95 -53.03
C ARG RB 114 -1.91 80.49 -53.39
N ARG RB 115 -0.83 79.75 -53.68
CA ARG RB 115 -0.84 78.33 -53.95
C ARG RB 115 -1.62 77.47 -52.97
N ARG RB 116 -1.71 77.85 -51.70
CA ARG RB 116 -2.39 77.07 -50.71
C ARG RB 116 -3.89 77.03 -50.92
N TYR RB 117 -4.50 78.07 -51.54
CA TYR RB 117 -5.94 78.12 -51.73
C TYR RB 117 -6.39 77.44 -53.03
N TYR RB 118 -5.53 76.60 -53.59
CA TYR RB 118 -5.79 75.80 -54.74
C TYR RB 118 -5.35 74.40 -54.39
N LYS RB 119 -5.74 73.39 -55.18
CA LYS RB 119 -5.09 72.11 -55.14
C LYS RB 119 -4.13 71.99 -56.30
N ASN RB 120 -4.48 72.57 -57.46
CA ASN RB 120 -3.79 72.27 -58.70
C ASN RB 120 -3.23 73.51 -59.37
N TRP RB 121 -2.21 74.13 -58.77
CA TRP RB 121 -1.69 75.42 -59.17
C TRP RB 121 -1.25 75.51 -60.61
N TYR RB 122 -0.61 74.46 -61.12
CA TYR RB 122 -0.22 74.39 -62.50
C TYR RB 122 -1.39 74.39 -63.47
N LYS RB 123 -2.43 73.62 -63.14
CA LYS RB 123 -3.60 73.45 -63.98
C LYS RB 123 -4.51 74.65 -63.96
N SER RB 124 -4.69 75.28 -62.79
CA SER RB 124 -5.48 76.49 -62.58
C SER RB 124 -5.17 77.65 -63.51
N GLU RB 125 -6.02 78.68 -63.52
CA GLU RB 125 -5.76 79.88 -64.28
C GLU RB 125 -5.23 80.97 -63.36
N LYS RB 126 -5.05 80.62 -62.07
CA LYS RB 126 -4.47 81.47 -61.05
C LYS RB 126 -5.24 82.76 -60.81
N LYS RB 127 -6.58 82.66 -60.74
CA LYS RB 127 -7.46 83.78 -60.72
C LYS RB 127 -7.89 84.15 -59.31
N ALA RB 128 -7.49 83.34 -58.32
CA ALA RB 128 -7.72 83.63 -56.93
C ALA RB 128 -7.15 84.95 -56.42
N PHE RB 129 -7.85 85.58 -55.47
CA PHE RB 129 -7.49 86.79 -54.75
C PHE RB 129 -7.52 88.14 -55.44
N THR RB 130 -7.48 88.24 -56.77
CA THR RB 130 -7.11 89.52 -57.36
C THR RB 130 -8.10 90.67 -57.26
N LYS RB 131 -9.41 90.44 -57.06
CA LYS RB 131 -10.36 91.53 -57.18
C LYS RB 131 -10.72 92.09 -55.82
N SER RB 132 -10.73 91.25 -54.78
CA SER RB 132 -10.84 91.66 -53.39
C SER RB 132 -9.67 92.52 -52.99
N LEU RB 133 -8.46 92.09 -53.39
CA LEU RB 133 -7.23 92.76 -53.09
C LEU RB 133 -7.23 94.21 -53.55
N ASN RB 134 -7.87 94.47 -54.71
CA ASN RB 134 -8.08 95.79 -55.26
C ASN RB 134 -8.83 96.79 -54.37
N VAL RB 135 -9.90 96.39 -53.67
CA VAL RB 135 -10.89 97.32 -53.13
C VAL RB 135 -10.35 98.43 -52.20
N PRO RB 136 -10.86 99.66 -52.25
CA PRO RB 136 -10.10 100.84 -51.86
C PRO RB 136 -9.99 101.00 -50.37
N GLU RB 137 -9.07 101.87 -49.91
CA GLU RB 137 -8.57 101.88 -48.56
C GLU RB 137 -9.58 102.35 -47.54
N ALA RB 138 -10.55 103.17 -47.96
CA ALA RB 138 -11.66 103.55 -47.11
C ALA RB 138 -12.43 102.33 -46.62
N THR RB 139 -12.69 101.37 -47.50
CA THR RB 139 -13.39 100.13 -47.19
C THR RB 139 -12.70 99.35 -46.11
N LYS RB 140 -11.36 99.24 -46.23
CA LYS RB 140 -10.52 98.55 -45.27
C LYS RB 140 -10.58 99.24 -43.93
N ASN RB 141 -10.47 100.57 -43.93
CA ASN RB 141 -10.58 101.36 -42.74
C ASN RB 141 -11.92 101.22 -42.06
N CYS RB 142 -13.03 101.18 -42.83
CA CYS RB 142 -14.35 100.98 -42.24
C CYS RB 142 -14.46 99.67 -41.49
N LEU RB 143 -13.99 98.57 -42.09
CA LEU RB 143 -13.95 97.29 -41.42
C LEU RB 143 -13.04 97.29 -40.21
N LEU RB 144 -11.85 97.88 -40.31
CA LEU RB 144 -10.95 98.03 -39.19
C LEU RB 144 -11.60 98.77 -38.04
N LYS RB 145 -12.27 99.90 -38.30
CA LYS RB 145 -13.05 100.62 -37.33
C LYS RB 145 -14.13 99.78 -36.65
N ARG RB 146 -14.91 98.99 -37.42
CA ARG RB 146 -15.84 98.06 -36.83
C ARG RB 146 -15.18 97.05 -35.90
N ILE RB 147 -14.05 96.46 -36.32
CA ILE RB 147 -13.27 95.56 -35.50
C ILE RB 147 -12.81 96.23 -34.21
N GLU RB 148 -12.26 97.44 -34.32
CA GLU RB 148 -11.73 98.27 -33.27
C GLU RB 148 -12.76 98.54 -32.20
N LYS RB 149 -13.99 98.89 -32.61
CA LYS RB 149 -15.07 99.18 -31.71
C LYS RB 149 -15.51 98.01 -30.84
N TYR RB 150 -15.65 96.79 -31.38
CA TYR RB 150 -16.34 95.72 -30.68
C TYR RB 150 -15.49 94.50 -30.31
N CYS RB 151 -14.50 94.09 -31.15
CA CYS RB 151 -13.80 92.83 -30.95
C CYS RB 151 -13.04 92.71 -29.64
N THR RB 152 -12.95 91.48 -29.09
CA THR RB 152 -12.31 91.25 -27.81
C THR RB 152 -11.00 90.53 -27.94
N VAL RB 153 -10.74 89.86 -29.07
CA VAL RB 153 -9.46 89.24 -29.29
C VAL RB 153 -9.06 89.51 -30.70
N LEU RB 154 -7.80 89.88 -30.95
CA LEU RB 154 -7.33 90.09 -32.28
C LEU RB 154 -6.25 89.07 -32.58
N ARG RB 155 -6.32 88.40 -33.73
CA ARG RB 155 -5.31 87.47 -34.19
C ARG RB 155 -4.76 87.84 -35.55
N ALA RB 156 -3.48 87.56 -35.82
CA ALA RB 156 -2.82 87.85 -37.07
C ALA RB 156 -2.64 86.59 -37.92
N ILE RB 157 -2.93 86.68 -39.23
CA ILE RB 157 -2.74 85.62 -40.19
C ILE RB 157 -1.35 85.65 -40.74
N CYS RB 158 -0.51 84.64 -40.40
CA CYS RB 158 0.86 84.57 -40.83
C CYS RB 158 1.10 83.39 -41.76
N HIS RB 159 2.16 83.44 -42.58
CA HIS RB 159 2.52 82.31 -43.42
C HIS RB 159 4.00 82.12 -43.58
N THR RB 160 4.41 80.86 -43.80
CA THR RB 160 5.76 80.47 -44.08
C THR RB 160 6.14 80.75 -45.51
N GLN RB 161 7.45 80.95 -45.75
CA GLN RB 161 7.98 81.11 -47.09
C GLN RB 161 8.72 79.86 -47.50
N PRO RB 162 8.11 78.78 -47.92
CA PRO RB 162 8.81 77.54 -48.14
C PRO RB 162 9.92 77.61 -49.18
N SER RB 163 9.96 78.60 -50.08
CA SER RB 163 11.08 78.71 -51.00
C SER RB 163 12.38 79.06 -50.31
N LYS RB 164 12.33 79.62 -49.09
CA LYS RB 164 13.51 79.93 -48.32
C LYS RB 164 13.92 78.74 -47.48
N THR RB 165 13.59 77.54 -47.94
CA THR RB 165 13.85 76.29 -47.25
C THR RB 165 14.29 75.32 -48.33
N PRO RB 166 14.79 74.16 -48.01
CA PRO RB 166 15.10 73.17 -49.02
C PRO RB 166 13.93 72.24 -49.26
N LEU RB 167 12.81 72.36 -48.56
CA LEU RB 167 11.69 71.44 -48.69
C LEU RB 167 11.00 71.42 -50.05
N ARG RB 168 10.44 70.25 -50.43
CA ARG RB 168 9.84 70.04 -51.73
C ARG RB 168 8.63 70.90 -52.04
N MET RB 169 7.66 70.98 -51.12
CA MET RB 169 6.42 71.71 -51.32
C MET RB 169 6.56 73.22 -51.52
N LYS RB 170 5.64 73.82 -52.28
CA LYS RB 170 5.63 75.24 -52.52
C LYS RB 170 4.34 75.87 -52.04
N LYS RB 171 3.28 75.08 -51.79
CA LYS RB 171 2.13 75.55 -51.04
C LYS RB 171 2.50 75.87 -49.59
N ALA RB 172 2.62 77.16 -49.25
CA ALA RB 172 2.88 77.63 -47.90
C ALA RB 172 2.00 77.06 -46.80
N HIS RB 173 2.42 77.26 -45.55
CA HIS RB 173 1.67 76.89 -44.39
C HIS RB 173 1.15 78.16 -43.83
N ILE RB 174 -0.18 78.26 -43.69
CA ILE RB 174 -0.79 79.43 -43.15
C ILE RB 174 -1.15 79.07 -41.73
N MET RB 175 -1.02 80.00 -40.80
CA MET RB 175 -1.42 79.75 -39.44
C MET RB 175 -1.73 81.03 -38.74
N GLU RB 176 -2.74 80.97 -37.89
CA GLU RB 176 -3.15 82.11 -37.13
C GLU RB 176 -2.32 82.24 -35.88
N VAL RB 177 -1.95 83.48 -35.50
CA VAL RB 177 -1.23 83.78 -34.28
C VAL RB 177 -1.97 84.85 -33.52
N GLN RB 178 -2.47 84.52 -32.33
CA GLN RB 178 -3.05 85.49 -31.41
C GLN RB 178 -2.10 86.54 -30.87
N ILE RB 179 -2.57 87.79 -30.73
CA ILE RB 179 -1.79 88.87 -30.16
C ILE RB 179 -2.28 89.11 -28.77
N ASN RB 180 -1.37 89.12 -27.79
CA ASN RB 180 -1.67 89.45 -26.41
C ASN RB 180 -0.92 90.70 -26.06
N GLY RB 181 -1.58 91.61 -25.33
CA GLY RB 181 -0.96 92.85 -24.91
C GLY RB 181 -1.97 93.87 -24.50
N GLY RB 182 -1.72 95.13 -24.88
CA GLY RB 182 -2.45 96.31 -24.43
C GLY RB 182 -3.88 96.46 -24.88
N SER RB 183 -4.33 97.71 -25.02
CA SER RB 183 -5.65 98.04 -25.53
C SER RB 183 -5.91 97.52 -26.92
N MET RB 184 -7.18 97.24 -27.25
CA MET RB 184 -7.57 96.88 -28.59
C MET RB 184 -7.01 97.77 -29.66
N LYS RB 185 -7.01 99.09 -29.41
CA LYS RB 185 -6.39 100.04 -30.30
C LYS RB 185 -4.91 99.82 -30.52
N GLU RB 186 -4.13 99.61 -29.46
CA GLU RB 186 -2.73 99.27 -29.58
C GLU RB 186 -2.50 97.97 -30.32
N LYS RB 187 -3.32 96.95 -30.02
CA LYS RB 187 -3.21 95.67 -30.68
C LYS RB 187 -3.37 95.81 -32.19
N LEU RB 188 -4.43 96.52 -32.59
CA LEU RB 188 -4.72 96.83 -33.95
C LEU RB 188 -3.63 97.63 -34.62
N GLU RB 189 -3.09 98.65 -33.93
CA GLU RB 189 -1.99 99.46 -34.40
C GLU RB 189 -0.79 98.62 -34.73
N PHE RB 190 -0.39 97.73 -33.81
CA PHE RB 190 0.76 96.90 -33.97
C PHE RB 190 0.64 95.98 -35.19
N VAL RB 191 -0.50 95.30 -35.36
CA VAL RB 191 -0.71 94.50 -36.56
C VAL RB 191 -0.75 95.28 -37.86
N LYS RB 192 -1.36 96.47 -37.90
CA LYS RB 192 -1.39 97.31 -39.08
C LYS RB 192 0.00 97.72 -39.49
N GLU RB 193 0.80 98.20 -38.52
CA GLU RB 193 2.18 98.59 -38.72
C GLU RB 193 3.03 97.44 -39.25
N MET RB 194 2.90 96.24 -38.65
CA MET RB 194 3.56 95.05 -39.12
C MET RB 194 3.21 94.64 -40.53
N LEU RB 195 1.90 94.65 -40.83
CA LEU RB 195 1.21 93.97 -41.90
C LEU RB 195 2.03 93.34 -43.02
N GLU RB 196 2.24 94.00 -44.17
CA GLU RB 196 2.82 93.30 -45.31
C GLU RB 196 4.30 92.96 -45.21
N LYS RB 197 5.03 93.50 -44.20
CA LYS RB 197 6.43 93.15 -43.95
C LYS RB 197 6.69 91.72 -43.44
N ASN RB 198 7.98 91.36 -43.24
CA ASN RB 198 8.38 90.03 -42.79
C ASN RB 198 8.88 90.02 -41.35
N LEU RB 199 8.51 88.97 -40.60
CA LEU RB 199 8.64 88.84 -39.17
C LEU RB 199 9.62 87.76 -38.76
N PRO RB 200 10.80 88.06 -38.24
CA PRO RB 200 11.76 87.03 -37.87
C PRO RB 200 11.61 86.62 -36.42
N VAL RB 201 12.19 85.48 -36.02
CA VAL RB 201 11.99 84.86 -34.72
C VAL RB 201 12.41 85.71 -33.57
N SER RB 202 13.45 86.53 -33.77
CA SER RB 202 14.00 87.39 -32.75
C SER RB 202 12.99 88.40 -32.25
N THR RB 203 11.98 88.74 -33.06
CA THR RB 203 10.92 89.64 -32.63
C THR RB 203 9.91 89.00 -31.71
N VAL RB 204 9.90 87.66 -31.61
CA VAL RB 204 8.86 86.93 -30.93
C VAL RB 204 9.37 86.29 -29.67
N PHE RB 205 10.67 85.97 -29.64
CA PHE RB 205 11.27 85.27 -28.52
C PHE RB 205 12.49 86.00 -28.03
N ASN RB 206 13.13 85.46 -26.98
CA ASN RB 206 14.29 86.04 -26.38
C ASN RB 206 15.21 84.89 -26.09
N PRO RB 207 16.52 85.02 -26.05
CA PRO RB 207 17.41 84.04 -25.46
C PRO RB 207 16.96 83.55 -24.09
N ASN RB 208 17.16 82.26 -23.79
CA ASN RB 208 16.90 81.64 -22.51
C ASN RB 208 15.43 81.40 -22.23
N GLU RB 209 14.55 81.78 -23.16
CA GLU RB 209 13.14 81.55 -23.06
C GLU RB 209 12.72 80.08 -23.00
N MET RB 210 11.65 79.80 -22.25
CA MET RB 210 10.99 78.52 -22.15
C MET RB 210 9.84 78.45 -23.13
N ILE RB 211 9.73 77.40 -23.95
CA ILE RB 211 8.78 77.42 -25.03
C ILE RB 211 7.99 76.14 -25.07
N ASP RB 212 6.77 76.22 -25.61
CA ASP RB 212 5.88 75.10 -25.80
C ASP RB 212 5.92 74.73 -27.27
N VAL RB 213 5.98 73.42 -27.57
CA VAL RB 213 6.11 72.93 -28.93
C VAL RB 213 5.00 72.02 -29.33
N ILE RB 214 4.34 72.32 -30.44
CA ILE RB 214 3.18 71.61 -30.92
C ILE RB 214 3.47 71.02 -32.28
N SER RB 215 3.38 69.69 -32.40
CA SER RB 215 3.76 68.96 -33.61
C SER RB 215 3.03 67.64 -33.69
N VAL RB 216 2.80 67.14 -34.92
CA VAL RB 216 2.19 65.86 -35.20
C VAL RB 216 3.19 64.72 -35.22
N THR RB 217 2.98 63.63 -34.45
CA THR RB 217 3.95 62.54 -34.30
C THR RB 217 4.26 61.75 -35.54
N LYS RB 218 5.42 61.07 -35.52
CA LYS RB 218 5.88 60.14 -36.52
C LYS RB 218 4.89 59.03 -36.83
N GLY RB 219 4.60 58.74 -38.12
CA GLY RB 219 3.63 57.73 -38.47
C GLY RB 219 4.21 56.35 -38.48
N HIS RB 220 3.38 55.33 -38.29
CA HIS RB 220 3.83 53.96 -38.36
C HIS RB 220 2.84 53.08 -39.06
N GLY RB 221 1.74 53.65 -39.55
CA GLY RB 221 0.53 52.97 -39.98
C GLY RB 221 -0.22 52.29 -38.86
N THR RB 222 -0.82 51.15 -39.16
CA THR RB 222 -1.47 50.33 -38.17
C THR RB 222 -0.47 49.43 -37.51
N LYS RB 223 -0.37 49.47 -36.18
CA LYS RB 223 0.59 48.65 -35.46
C LYS RB 223 -0.12 47.76 -34.48
N GLY RB 224 0.49 46.58 -34.17
CA GLY RB 224 0.02 45.64 -33.17
C GLY RB 224 -0.10 46.17 -31.78
N VAL RB 225 -0.99 45.56 -30.97
CA VAL RB 225 -1.33 46.04 -29.66
C VAL RB 225 -0.15 46.18 -28.73
N VAL RB 226 0.73 45.17 -28.69
CA VAL RB 226 1.99 45.24 -27.99
C VAL RB 226 2.79 46.50 -28.29
N SER RB 227 3.09 46.77 -29.56
CA SER RB 227 3.77 47.98 -29.97
C SER RB 227 3.01 49.26 -29.65
N ARG RB 228 1.71 49.30 -29.95
CA ARG RB 228 0.85 50.46 -29.83
C ARG RB 228 0.55 50.86 -28.41
N TYR RB 229 0.57 49.91 -27.46
CA TYR RB 229 0.11 50.19 -26.12
C TYR RB 229 1.06 49.70 -25.06
N GLY RB 230 2.05 48.85 -25.40
CA GLY RB 230 3.07 48.44 -24.45
C GLY RB 230 2.80 47.15 -23.73
N VAL RB 231 1.74 46.42 -24.10
CA VAL RB 231 1.33 45.18 -23.48
C VAL RB 231 2.38 44.08 -23.45
N LYS RB 232 2.59 43.43 -22.30
CA LYS RB 232 3.52 42.32 -22.17
C LYS RB 232 3.14 41.10 -23.00
N ARG RB 233 4.10 40.46 -23.69
CA ARG RB 233 3.79 39.34 -24.55
C ARG RB 233 3.30 38.08 -23.84
N LEU RB 234 2.41 37.29 -24.46
CA LEU RB 234 2.01 36.01 -23.92
C LEU RB 234 3.10 34.95 -24.04
N PRO RB 235 3.19 33.93 -23.20
CA PRO RB 235 4.06 32.79 -23.39
C PRO RB 235 4.07 32.10 -24.74
N ARG RB 236 5.19 31.45 -25.07
CA ARG RB 236 5.46 30.87 -26.37
C ARG RB 236 4.48 29.82 -26.81
N LYS RB 237 4.07 28.93 -25.90
CA LYS RB 237 3.30 27.75 -26.21
C LYS RB 237 1.95 28.03 -26.89
N THR RB 238 1.28 29.12 -26.49
CA THR RB 238 0.06 29.68 -27.07
C THR RB 238 -0.31 29.33 -28.50
N HIS RB 239 -1.50 28.72 -28.71
CA HIS RB 239 -1.90 28.24 -30.02
C HIS RB 239 -2.18 29.26 -31.11
N ARG RB 240 -3.00 30.29 -30.88
CA ARG RB 240 -3.30 31.24 -31.94
C ARG RB 240 -2.53 32.51 -31.71
N GLY RB 241 -1.19 32.42 -31.81
CA GLY RB 241 -0.29 33.55 -31.65
C GLY RB 241 -0.08 34.02 -30.25
N LEU RB 242 0.82 35.00 -30.08
CA LEU RB 242 1.30 35.41 -28.77
C LEU RB 242 1.33 36.89 -28.60
N ARG RB 243 1.32 37.67 -29.69
CA ARG RB 243 1.59 39.08 -29.62
C ARG RB 243 0.32 39.89 -29.46
N LYS RB 244 -0.61 39.38 -28.66
CA LYS RB 244 -1.93 39.94 -28.56
C LYS RB 244 -2.50 39.73 -27.18
N VAL RB 245 -3.34 40.67 -26.70
CA VAL RB 245 -3.95 40.60 -25.39
C VAL RB 245 -4.78 39.35 -25.16
N ALA RB 246 -4.84 38.85 -23.92
CA ALA RB 246 -5.42 37.56 -23.65
C ALA RB 246 -6.85 37.60 -23.17
N CYS RB 247 -7.41 38.79 -22.98
CA CYS RB 247 -8.78 38.93 -22.59
C CYS RB 247 -9.15 40.27 -23.12
N ILE RB 248 -10.39 40.47 -23.55
CA ILE RB 248 -10.83 41.80 -23.92
C ILE RB 248 -12.00 42.23 -23.08
N GLY RB 249 -12.24 41.55 -21.96
CA GLY RB 249 -13.24 41.96 -20.99
C GLY RB 249 -13.94 40.81 -20.36
N ALA RB 250 -14.61 41.07 -19.24
CA ALA RB 250 -15.40 40.09 -18.56
C ALA RB 250 -16.63 39.65 -19.36
N TRP RB 251 -17.36 38.63 -18.87
CA TRP RB 251 -18.62 38.23 -19.46
C TRP RB 251 -19.65 39.35 -19.31
N HIS RB 252 -19.89 39.85 -18.10
CA HIS RB 252 -20.67 41.07 -17.96
C HIS RB 252 -19.79 42.29 -17.83
N PRO RB 253 -20.28 43.47 -18.11
CA PRO RB 253 -21.36 43.71 -19.04
C PRO RB 253 -20.98 43.26 -20.44
N ALA RB 254 -22.00 42.89 -21.23
CA ALA RB 254 -21.85 41.98 -22.34
C ALA RB 254 -21.45 42.67 -23.62
N ARG RB 255 -20.43 43.51 -23.54
CA ARG RB 255 -19.90 44.26 -24.63
C ARG RB 255 -18.42 44.41 -24.37
N VAL RB 256 -17.63 44.63 -25.44
CA VAL RB 256 -16.23 44.97 -25.29
C VAL RB 256 -16.11 46.35 -24.70
N GLN RB 257 -15.63 46.48 -23.46
CA GLN RB 257 -15.38 47.78 -22.88
C GLN RB 257 -14.29 48.53 -23.65
N PHE RB 258 -14.43 49.85 -23.90
CA PHE RB 258 -13.49 50.57 -24.76
C PHE RB 258 -12.05 50.60 -24.27
N GLN RB 259 -11.91 50.63 -22.95
CA GLN RB 259 -10.67 50.79 -22.26
C GLN RB 259 -9.61 49.73 -22.58
N ILE RB 260 -10.02 48.50 -22.93
CA ILE RB 260 -9.09 47.50 -23.38
C ILE RB 260 -8.45 47.93 -24.69
N PRO RB 261 -7.14 47.95 -24.85
CA PRO RB 261 -6.52 48.36 -26.09
C PRO RB 261 -6.63 47.30 -27.17
N ARG RB 262 -6.76 47.71 -28.44
CA ARG RB 262 -6.83 46.81 -29.56
C ARG RB 262 -5.85 47.29 -30.64
N HIS RB 263 -5.58 46.46 -31.67
CA HIS RB 263 -4.67 46.84 -32.74
C HIS RB 263 -5.13 48.06 -33.51
N GLY RB 264 -4.21 48.85 -34.10
CA GLY RB 264 -4.70 49.99 -34.87
C GLY RB 264 -3.65 51.02 -35.13
N GLN RB 265 -4.05 52.18 -35.68
CA GLN RB 265 -3.18 53.30 -35.96
C GLN RB 265 -2.26 53.71 -34.84
N LYS RB 266 -1.00 53.99 -35.19
CA LYS RB 266 -0.03 54.44 -34.24
C LYS RB 266 0.75 55.53 -34.90
N GLY RB 267 0.83 56.71 -34.26
CA GLY RB 267 1.53 57.82 -34.86
C GLY RB 267 0.64 58.65 -35.71
N TYR RB 268 1.15 59.80 -36.19
CA TYR RB 268 0.35 60.80 -36.87
C TYR RB 268 -0.71 61.32 -35.91
N PHE RB 269 -0.29 61.51 -34.64
CA PHE RB 269 -1.08 62.00 -33.55
C PHE RB 269 -0.71 63.43 -33.27
N HIS RB 270 -1.65 64.25 -32.80
CA HIS RB 270 -1.33 65.59 -32.36
C HIS RB 270 -0.75 65.56 -30.96
N ARG RB 271 0.26 66.38 -30.64
CA ARG RB 271 0.89 66.36 -29.34
C ARG RB 271 1.35 67.75 -29.02
N THR RB 272 1.12 68.17 -27.76
CA THR RB 272 1.65 69.41 -27.21
C THR RB 272 2.70 69.09 -26.17
N GLU RB 273 3.96 69.39 -26.47
CA GLU RB 273 5.04 69.37 -25.52
C GLU RB 273 5.15 70.71 -24.80
N ARG RB 274 5.39 70.68 -23.48
CA ARG RB 274 5.52 71.87 -22.69
C ARG RB 274 6.95 72.11 -22.24
N ASN RB 275 7.33 73.38 -22.03
CA ASN RB 275 8.47 73.79 -21.21
C ASN RB 275 9.86 73.40 -21.68
N LYS RB 276 10.17 73.51 -22.97
CA LYS RB 276 11.48 73.24 -23.53
C LYS RB 276 12.29 74.52 -23.57
N LYS RB 277 13.49 74.59 -22.96
CA LYS RB 277 14.28 75.81 -23.05
C LYS RB 277 15.02 76.00 -24.40
N ILE RB 278 14.92 77.21 -24.98
CA ILE RB 278 15.67 77.62 -26.16
C ILE RB 278 17.11 77.92 -25.81
N TYR RB 279 18.09 77.18 -26.35
CA TYR RB 279 19.47 77.44 -25.99
C TYR RB 279 20.14 78.52 -26.83
N ARG RB 280 19.73 78.74 -28.09
CA ARG RB 280 20.34 79.76 -28.92
C ARG RB 280 19.45 80.11 -30.09
N ILE RB 281 19.45 81.41 -30.45
CA ILE RB 281 18.69 81.94 -31.55
C ILE RB 281 19.68 82.42 -32.58
N GLY RB 282 19.76 81.73 -33.71
CA GLY RB 282 20.72 81.99 -34.76
C GLY RB 282 20.44 83.22 -35.58
N LEU RB 283 21.47 83.71 -36.30
CA LEU RB 283 21.32 84.82 -37.20
C LEU RB 283 21.85 84.44 -38.58
N LYS RB 284 20.98 84.47 -39.61
CA LYS RB 284 21.24 84.03 -40.97
C LYS RB 284 22.49 84.60 -41.57
N THR RB 285 22.66 85.92 -41.40
CA THR RB 285 23.76 86.65 -41.95
C THR RB 285 25.11 86.25 -41.36
N ASP RB 286 25.15 85.86 -40.07
CA ASP RB 286 26.38 85.47 -39.42
C ASP RB 286 27.00 84.19 -40.00
N LYS RB 287 28.32 84.23 -40.24
CA LYS RB 287 29.09 83.06 -40.55
C LYS RB 287 29.42 82.26 -39.30
N ASN RB 288 29.27 82.89 -38.13
CA ASN RB 288 29.75 82.39 -36.86
C ASN RB 288 28.60 81.94 -35.99
N SER RB 289 27.45 81.62 -36.58
CA SER RB 289 26.23 81.25 -35.86
C SER RB 289 26.36 80.03 -34.97
N ALA RB 290 27.18 79.05 -35.35
CA ALA RB 290 27.40 77.88 -34.55
C ALA RB 290 28.65 77.97 -33.71
N SER RB 291 29.38 79.10 -33.76
CA SER RB 291 30.60 79.29 -33.01
C SER RB 291 30.34 79.58 -31.54
N THR RB 292 31.36 79.44 -30.69
CA THR RB 292 31.22 79.75 -29.28
C THR RB 292 32.45 80.48 -28.82
N ASP RB 293 32.39 81.05 -27.61
CA ASP RB 293 33.52 81.66 -26.94
C ASP RB 293 34.66 80.68 -26.70
N ALA RB 294 34.34 79.42 -26.38
CA ALA RB 294 35.32 78.37 -26.27
C ALA RB 294 35.93 77.90 -27.59
N ASP RB 295 35.13 77.74 -28.65
CA ASP RB 295 35.58 77.23 -29.92
C ASP RB 295 36.41 78.21 -30.75
N ILE RB 296 35.89 79.43 -30.96
CA ILE RB 296 36.41 80.44 -31.87
C ILE RB 296 36.80 79.96 -33.29
N THR RB 297 35.94 79.14 -33.93
CA THR RB 297 36.12 78.69 -35.31
C THR RB 297 34.98 79.17 -36.15
N GLU RB 298 35.24 79.69 -37.36
CA GLU RB 298 34.20 80.05 -38.30
C GLU RB 298 33.41 78.86 -38.85
N LYS RB 299 32.12 78.71 -38.50
CA LYS RB 299 31.31 77.64 -39.07
C LYS RB 299 29.81 77.88 -38.90
N LYS RB 300 29.02 77.33 -39.85
CA LYS RB 300 27.57 77.43 -39.85
C LYS RB 300 26.95 76.29 -39.05
N ILE RB 301 25.66 76.40 -38.71
CA ILE RB 301 24.95 75.37 -37.98
C ILE RB 301 24.81 74.06 -38.73
N THR RB 302 24.65 74.10 -40.07
CA THR RB 302 24.46 72.89 -40.86
C THR RB 302 25.59 71.91 -40.66
N PRO RB 303 25.37 70.71 -40.14
CA PRO RB 303 26.43 69.77 -39.88
C PRO RB 303 27.07 69.26 -41.15
N MET RB 304 28.28 68.72 -41.04
CA MET RB 304 29.02 68.06 -42.08
C MET RB 304 28.19 67.12 -42.93
N GLY RB 305 28.16 67.32 -44.25
CA GLY RB 305 27.40 66.46 -45.14
C GLY RB 305 25.92 66.73 -45.14
N GLY RB 306 25.48 67.74 -44.38
CA GLY RB 306 24.08 68.16 -44.28
C GLY RB 306 23.26 67.30 -43.36
N PHE RB 307 22.16 67.85 -42.83
CA PHE RB 307 21.25 67.08 -42.00
C PHE RB 307 20.62 65.93 -42.75
N PRO RB 308 20.54 64.72 -42.23
CA PRO RB 308 19.83 63.63 -42.88
C PRO RB 308 18.43 63.99 -43.29
N HIS RB 309 18.11 63.83 -44.57
CA HIS RB 309 16.82 64.20 -45.15
C HIS RB 309 16.40 65.65 -44.98
N TYR RB 310 17.32 66.58 -44.76
CA TYR RB 310 16.94 67.98 -44.73
C TYR RB 310 18.04 68.85 -45.29
N GLY RB 311 19.29 68.38 -45.30
CA GLY RB 311 20.39 69.07 -45.94
C GLY RB 311 20.83 70.32 -45.25
N VAL RB 312 20.63 71.47 -45.90
CA VAL RB 312 21.35 72.67 -45.53
C VAL RB 312 20.41 73.70 -45.00
N VAL RB 313 20.53 74.04 -43.71
CA VAL RB 313 19.90 75.20 -43.13
C VAL RB 313 20.54 76.46 -43.68
N ASN RB 314 19.74 77.47 -44.02
CA ASN RB 314 20.24 78.64 -44.71
C ASN RB 314 19.66 79.91 -44.13
N GLU RB 315 18.54 79.85 -43.42
CA GLU RB 315 17.96 81.02 -42.80
C GLU RB 315 18.36 81.15 -41.34
N ASP RB 316 17.45 81.64 -40.49
CA ASP RB 316 17.62 81.69 -39.06
C ASP RB 316 17.13 80.39 -38.45
N PHE RB 317 17.60 80.02 -37.25
CA PHE RB 317 17.26 78.74 -36.67
C PHE RB 317 17.22 78.80 -35.16
N LEU RB 318 16.44 77.90 -34.56
CA LEU RB 318 16.40 77.75 -33.13
C LEU RB 318 17.08 76.48 -32.74
N LEU RB 319 18.02 76.55 -31.79
CA LEU RB 319 18.56 75.37 -31.17
C LEU RB 319 17.84 75.12 -29.86
N LEU RB 320 17.01 74.09 -29.84
CA LEU RB 320 16.11 73.80 -28.77
C LEU RB 320 16.61 72.66 -27.92
N LYS RB 321 16.56 72.76 -26.58
CA LYS RB 321 16.93 71.66 -25.71
C LYS RB 321 16.08 70.40 -25.91
N GLY RB 322 16.71 69.21 -25.95
CA GLY RB 322 15.99 67.94 -25.98
C GLY RB 322 15.31 67.64 -27.29
N CYS RB 323 14.13 66.98 -27.23
CA CYS RB 323 13.46 66.48 -28.42
C CYS RB 323 12.03 66.95 -28.49
N VAL RB 324 11.45 66.90 -29.70
CA VAL RB 324 10.13 67.41 -29.97
C VAL RB 324 9.49 66.51 -31.00
N ALA RB 325 8.18 66.26 -30.87
CA ALA RB 325 7.43 65.35 -31.70
C ALA RB 325 7.61 65.46 -33.20
N GLY RB 326 7.39 64.34 -33.92
CA GLY RB 326 7.37 64.29 -35.37
C GLY RB 326 8.68 64.14 -36.08
N THR RB 327 8.57 63.90 -37.39
CA THR RB 327 9.62 63.49 -38.29
C THR RB 327 10.51 64.59 -38.80
N LYS RB 328 11.56 64.19 -39.54
CA LYS RB 328 12.28 65.06 -40.42
C LYS RB 328 11.34 65.67 -41.45
N LYS RB 329 11.60 66.91 -41.89
CA LYS RB 329 10.83 67.67 -42.88
C LYS RB 329 9.48 68.19 -42.40
N ARG RB 330 9.08 67.81 -41.19
CA ARG RB 330 7.85 68.23 -40.57
C ARG RB 330 7.77 69.68 -40.12
N PRO RB 331 6.67 70.39 -40.32
CA PRO RB 331 6.37 71.60 -39.57
C PRO RB 331 6.29 71.40 -38.08
N ILE RB 332 6.75 72.40 -37.35
CA ILE RB 332 6.73 72.48 -35.92
C ILE RB 332 6.12 73.82 -35.61
N THR RB 333 5.22 73.87 -34.61
CA THR RB 333 4.67 75.13 -34.16
C THR RB 333 5.24 75.45 -32.81
N LEU RB 334 5.85 76.64 -32.68
CA LEU RB 334 6.32 77.13 -31.41
C LEU RB 334 5.25 77.99 -30.79
N ARG RB 335 4.98 77.83 -29.49
CA ARG RB 335 4.03 78.61 -28.76
C ARG RB 335 4.63 79.12 -27.48
N LYS RB 336 4.31 80.36 -27.09
CA LYS RB 336 4.70 80.91 -25.81
C LYS RB 336 4.09 80.12 -24.64
N ASN RB 337 4.75 80.11 -23.47
CA ASN RB 337 4.27 79.41 -22.31
C ASN RB 337 2.97 79.99 -21.77
N ILE RB 338 2.00 79.15 -21.33
CA ILE RB 338 0.65 79.60 -20.96
C ILE RB 338 0.66 80.61 -19.83
N VAL RB 339 1.47 80.34 -18.81
CA VAL RB 339 1.71 81.24 -17.70
C VAL RB 339 3.18 81.57 -17.79
N PRO RB 340 3.65 82.78 -17.63
CA PRO RB 340 5.06 83.08 -17.44
C PRO RB 340 5.76 82.21 -16.40
N GLN RB 341 6.93 81.66 -16.73
CA GLN RB 341 7.48 80.55 -15.98
C GLN RB 341 8.40 81.02 -14.87
N VAL RB 342 8.21 80.53 -13.63
CA VAL RB 342 8.87 81.07 -12.45
C VAL RB 342 9.87 80.12 -11.83
N SER RB 343 10.17 79.00 -12.50
CA SER RB 343 11.14 78.01 -12.05
C SER RB 343 12.57 78.51 -12.01
N ARG RB 344 13.39 77.93 -11.11
CA ARG RB 344 14.83 78.10 -11.13
C ARG RB 344 15.50 77.83 -12.48
N ASP RB 345 14.93 76.91 -13.29
CA ASP RB 345 15.26 76.69 -14.70
C ASP RB 345 14.98 77.88 -15.60
N ALA RB 346 13.85 78.55 -15.41
CA ALA RB 346 13.35 79.58 -16.31
C ALA RB 346 14.14 80.86 -16.16
N LEU RB 347 14.68 81.10 -14.97
CA LEU RB 347 15.58 82.21 -14.77
C LEU RB 347 16.94 81.99 -15.41
N ALA RB 348 17.43 80.74 -15.44
CA ALA RB 348 18.80 80.42 -15.79
C ALA RB 348 19.31 80.90 -17.14
N GLN RB 349 20.62 81.21 -17.21
CA GLN RB 349 21.33 81.68 -18.38
C GLN RB 349 22.25 80.61 -18.94
N VAL RB 350 21.95 80.11 -20.14
CA VAL RB 350 22.69 79.02 -20.73
C VAL RB 350 23.84 79.55 -21.56
N SER RB 351 25.05 79.55 -20.99
CA SER RB 351 26.24 79.82 -21.77
C SER RB 351 26.75 78.53 -22.35
N LEU RB 352 26.25 78.16 -23.53
CA LEU RB 352 26.64 76.96 -24.21
C LEU RB 352 28.09 76.97 -24.63
N LYS RB 353 28.78 75.81 -24.60
CA LYS RB 353 30.21 75.80 -24.75
C LYS RB 353 30.67 75.23 -26.06
N PHE RB 354 29.99 74.22 -26.61
CA PHE RB 354 30.38 73.67 -27.88
C PHE RB 354 29.17 73.11 -28.58
N ILE RB 355 29.13 73.28 -29.91
CA ILE RB 355 28.09 72.73 -30.73
C ILE RB 355 28.80 71.85 -31.72
N ASP RB 356 28.48 70.55 -31.74
CA ASP RB 356 28.95 69.66 -32.76
C ASP RB 356 28.37 69.99 -34.13
N THR RB 357 29.21 69.97 -35.14
CA THR RB 357 28.78 70.03 -36.52
C THR RB 357 29.35 68.88 -37.28
N SER RB 358 29.91 67.85 -36.61
CA SER RB 358 30.31 66.63 -37.28
C SER RB 358 29.19 65.90 -38.00
N SER RB 359 29.50 64.85 -38.78
CA SER RB 359 28.47 64.10 -39.47
C SER RB 359 27.40 63.52 -38.58
N LYS RB 360 26.19 63.34 -39.12
CA LYS RB 360 25.18 62.52 -38.53
C LYS RB 360 24.82 61.42 -39.51
N ILE RB 361 25.65 61.25 -40.54
CA ILE RB 361 25.58 60.13 -41.42
C ILE RB 361 26.82 59.38 -41.12
N GLY RB 362 26.72 58.22 -40.47
CA GLY RB 362 27.87 57.55 -39.89
C GLY RB 362 28.53 58.34 -38.76
N HIS RB 363 29.66 57.84 -38.24
CA HIS RB 363 30.22 58.38 -37.02
C HIS RB 363 31.27 59.44 -37.31
N GLY RB 364 30.88 60.73 -37.29
CA GLY RB 364 31.73 61.85 -37.68
C GLY RB 364 33.08 61.98 -37.01
N ARG RB 365 34.12 62.34 -37.77
CA ARG RB 365 35.47 62.50 -37.25
C ARG RB 365 35.96 63.93 -37.30
N PHE RB 366 35.26 64.83 -37.99
CA PHE RB 366 35.75 66.17 -38.22
C PHE RB 366 34.61 67.14 -38.07
N GLN RB 367 34.90 68.43 -37.86
CA GLN RB 367 33.87 69.42 -37.73
C GLN RB 367 33.57 70.15 -39.02
N THR RB 368 34.44 70.04 -40.04
CA THR RB 368 34.25 70.67 -41.33
C THR RB 368 34.99 69.88 -42.38
N SER RB 369 34.66 70.11 -43.66
CA SER RB 369 35.41 69.56 -44.77
C SER RB 369 36.80 70.09 -44.81
N GLU RB 370 36.99 71.36 -44.41
CA GLU RB 370 38.31 71.96 -44.37
C GLU RB 370 39.24 71.20 -43.42
N GLU RB 371 38.73 70.85 -42.22
CA GLU RB 371 39.42 69.97 -41.31
C GLU RB 371 39.76 68.62 -41.91
N LYS RB 372 38.81 67.96 -42.57
CA LYS RB 372 39.08 66.69 -43.20
C LYS RB 372 40.20 66.72 -44.23
N VAL RB 373 40.18 67.68 -45.16
CA VAL RB 373 41.21 67.82 -46.17
C VAL RB 373 42.58 68.05 -45.56
N LYS RB 374 42.64 68.91 -44.55
CA LYS RB 374 43.85 69.13 -43.79
C LYS RB 374 44.40 67.90 -43.12
N TYR RB 375 43.53 67.09 -42.49
CA TYR RB 375 43.92 65.89 -41.80
C TYR RB 375 44.62 64.86 -42.69
N TYR RB 376 44.07 64.54 -43.87
CA TYR RB 376 44.63 63.49 -44.70
C TYR RB 376 45.85 63.95 -45.46
N GLY RB 377 45.76 65.09 -46.16
CA GLY RB 377 46.81 65.57 -47.04
C GLY RB 377 46.49 65.27 -48.48
N PRO RB 378 47.45 65.34 -49.38
CA PRO RB 378 47.29 65.01 -50.78
C PRO RB 378 46.66 63.66 -51.09
N LEU RB 379 45.62 63.65 -51.94
CA LEU RB 379 44.90 62.47 -52.36
C LEU RB 379 44.72 62.57 -53.88
N LYS RB 380 44.29 61.50 -54.54
CA LYS RB 380 44.17 61.47 -55.99
C LYS RB 380 43.12 62.48 -56.55
N PRO SB 1 -111.25 -0.39 -60.39
CA PRO SB 1 -109.76 -0.21 -60.52
C PRO SB 1 -109.30 -0.88 -61.82
N VAL SB 2 -109.69 -0.36 -63.00
CA VAL SB 2 -109.32 -0.90 -64.31
C VAL SB 2 -108.32 -0.05 -65.04
N ALA SB 3 -107.35 -0.67 -65.73
CA ALA SB 3 -106.39 0.01 -66.56
C ALA SB 3 -106.55 -0.41 -68.02
N ASN SB 4 -106.38 0.55 -68.94
CA ASN SB 4 -106.54 0.38 -70.37
C ASN SB 4 -105.40 -0.35 -71.05
N VAL SB 5 -105.69 -1.32 -71.93
CA VAL SB 5 -104.63 -1.90 -72.75
C VAL SB 5 -104.67 -1.26 -74.13
N TYR SB 6 -103.50 -1.04 -74.74
CA TYR SB 6 -103.38 -0.36 -76.02
C TYR SB 6 -102.97 -1.32 -77.10
N SER SB 7 -103.18 -0.92 -78.37
CA SER SB 7 -102.70 -1.65 -79.53
C SER SB 7 -101.29 -1.22 -79.90
N THR SB 8 -100.71 -1.84 -80.94
CA THR SB 8 -99.37 -1.58 -81.41
C THR SB 8 -99.24 -0.16 -81.86
N ASN SB 9 -100.23 0.31 -82.63
CA ASN SB 9 -100.40 1.71 -82.86
C ASN SB 9 -101.19 2.27 -81.69
N GLY SB 10 -100.88 3.51 -81.27
CA GLY SB 10 -101.58 4.15 -80.15
C GLY SB 10 -102.93 4.66 -80.53
N LYS SB 11 -103.31 4.64 -81.81
CA LYS SB 11 -104.58 5.12 -82.31
C LYS SB 11 -105.68 4.06 -82.21
N ASN SB 12 -105.67 3.29 -81.11
CA ASN SB 12 -106.72 2.39 -80.72
C ASN SB 12 -106.61 2.20 -79.23
N VAL SB 13 -107.72 1.82 -78.56
CA VAL SB 13 -107.65 1.27 -77.22
C VAL SB 13 -108.47 -0.01 -77.22
N VAL SB 14 -107.84 -1.13 -76.82
CA VAL SB 14 -108.46 -2.44 -76.75
C VAL SB 14 -109.10 -2.74 -75.39
N GLY SB 15 -108.97 -3.99 -74.89
CA GLY SB 15 -109.62 -4.52 -73.69
C GLY SB 15 -109.06 -4.07 -72.36
N GLU SB 16 -109.92 -3.62 -71.46
CA GLU SB 16 -109.59 -3.22 -70.11
C GLU SB 16 -109.21 -4.39 -69.19
N VAL SB 17 -108.10 -4.28 -68.45
CA VAL SB 17 -107.66 -5.27 -67.48
C VAL SB 17 -107.68 -4.70 -66.06
N GLU SB 18 -108.07 -5.50 -65.03
CA GLU SB 18 -108.04 -5.08 -63.64
C GLU SB 18 -106.64 -4.77 -63.17
N ILE SB 19 -106.44 -3.68 -62.39
CA ILE SB 19 -105.15 -3.28 -61.85
C ILE SB 19 -104.63 -4.31 -60.86
N PRO SB 20 -103.49 -4.96 -61.04
CA PRO SB 20 -102.91 -5.89 -60.08
C PRO SB 20 -102.77 -5.36 -58.68
N VAL SB 21 -102.94 -6.22 -57.67
CA VAL SB 21 -103.00 -5.78 -56.28
C VAL SB 21 -101.66 -5.31 -55.74
N VAL SB 22 -100.57 -5.66 -56.44
CA VAL SB 22 -99.21 -5.23 -56.17
C VAL SB 22 -99.07 -3.72 -56.10
N PHE SB 23 -99.77 -3.00 -56.98
CA PHE SB 23 -99.68 -1.57 -57.11
C PHE SB 23 -100.25 -0.80 -55.94
N GLN SB 24 -100.89 -1.49 -55.00
CA GLN SB 24 -101.48 -0.88 -53.83
C GLN SB 24 -100.58 -0.95 -52.63
N THR SB 25 -99.41 -1.60 -52.75
CA THR SB 25 -98.43 -1.61 -51.67
C THR SB 25 -97.96 -0.22 -51.26
N PRO SB 26 -97.69 0.06 -50.00
CA PRO SB 26 -97.10 1.33 -49.59
C PRO SB 26 -95.81 1.69 -50.32
N ILE SB 27 -95.63 2.98 -50.68
CA ILE SB 27 -94.56 3.44 -51.55
C ILE SB 27 -93.16 3.31 -50.95
N ARG SB 28 -92.97 3.70 -49.67
CA ARG SB 28 -91.77 3.40 -48.90
C ARG SB 28 -90.42 3.74 -49.56
N ASN SB 29 -90.19 5.03 -49.85
CA ASN SB 29 -89.01 5.51 -50.55
C ASN SB 29 -87.71 5.13 -49.86
N ASP SB 30 -87.67 5.26 -48.53
CA ASP SB 30 -86.54 4.99 -47.71
C ASP SB 30 -86.11 3.53 -47.80
N LEU SB 31 -87.06 2.58 -47.83
CA LEU SB 31 -86.72 1.21 -48.06
C LEU SB 31 -86.04 0.99 -49.38
N ILE SB 32 -86.61 1.54 -50.47
CA ILE SB 32 -86.08 1.37 -51.80
C ILE SB 32 -84.67 1.90 -51.91
N GLN SB 33 -84.46 3.12 -51.40
CA GLN SB 33 -83.18 3.76 -51.37
C GLN SB 33 -82.14 2.96 -50.59
N SER SB 34 -82.46 2.59 -49.35
CA SER SB 34 -81.54 1.86 -48.48
C SER SB 34 -81.21 0.47 -49.01
N VAL SB 35 -82.21 -0.27 -49.47
CA VAL SB 35 -82.01 -1.54 -50.12
C VAL SB 35 -81.15 -1.37 -51.34
N TYR SB 36 -81.39 -0.36 -52.19
CA TYR SB 36 -80.59 -0.12 -53.37
C TYR SB 36 -79.14 0.12 -53.02
N THR SB 37 -78.85 0.96 -52.03
CA THR SB 37 -77.45 1.17 -51.66
C THR SB 37 -76.76 -0.10 -51.23
N ASN SB 38 -77.37 -0.90 -50.34
CA ASN SB 38 -76.78 -2.19 -50.03
C ASN SB 38 -76.63 -3.14 -51.21
N MET SB 39 -77.67 -3.29 -52.03
CA MET SB 39 -77.70 -4.20 -53.15
C MET SB 39 -76.64 -3.88 -54.16
N SER SB 40 -76.54 -2.59 -54.51
CA SER SB 40 -75.58 -2.07 -55.47
C SER SB 40 -74.17 -2.32 -55.02
N LYS SB 41 -73.90 -2.15 -53.73
CA LYS SB 41 -72.64 -2.44 -53.10
C LYS SB 41 -72.11 -3.85 -53.41
N ASN SB 42 -72.98 -4.88 -53.45
CA ASN SB 42 -72.58 -6.24 -53.81
C ASN SB 42 -72.02 -6.43 -55.22
N ARG SB 43 -72.22 -5.49 -56.14
CA ARG SB 43 -71.78 -5.67 -57.50
C ARG SB 43 -70.27 -5.63 -57.65
N ARG SB 44 -69.61 -4.66 -56.98
CA ARG SB 44 -68.20 -4.37 -57.05
C ARG SB 44 -67.22 -5.53 -57.19
N HIS SB 45 -66.17 -5.33 -57.99
CA HIS SB 45 -64.97 -6.13 -58.01
C HIS SB 45 -63.95 -5.60 -57.00
N PRO SB 46 -63.06 -6.38 -56.46
CA PRO SB 46 -62.26 -5.95 -55.32
C PRO SB 46 -61.02 -5.26 -55.80
N TYR SB 47 -60.28 -4.60 -54.90
CA TYR SB 47 -59.05 -3.92 -55.24
C TYR SB 47 -58.16 -3.85 -54.01
N ALA SB 48 -56.84 -3.77 -54.20
CA ALA SB 48 -55.92 -3.88 -53.10
C ALA SB 48 -54.63 -3.10 -53.36
N VAL SB 49 -53.49 -3.65 -52.95
CA VAL SB 49 -52.17 -3.26 -53.38
C VAL SB 49 -51.36 -4.54 -53.43
N LYS SB 50 -50.17 -4.55 -54.05
CA LYS SB 50 -49.28 -5.69 -53.98
C LYS SB 50 -48.83 -5.96 -52.56
N LEU SB 51 -48.73 -7.23 -52.16
CA LEU SB 51 -48.57 -7.60 -50.76
C LEU SB 51 -47.33 -7.03 -50.09
N GLY SB 52 -46.18 -7.08 -50.76
CA GLY SB 52 -44.96 -6.55 -50.19
C GLY SB 52 -44.74 -5.09 -50.45
N ALA SB 53 -45.65 -4.43 -51.18
CA ALA SB 53 -45.44 -3.11 -51.76
C ALA SB 53 -44.65 -2.09 -50.96
N GLY SB 54 -43.55 -1.58 -51.54
CA GLY SB 54 -42.73 -0.55 -50.96
C GLY SB 54 -41.79 -1.01 -49.87
N TYR SB 55 -41.77 -2.29 -49.53
CA TYR SB 55 -40.92 -2.78 -48.45
C TYR SB 55 -39.78 -3.66 -48.95
N GLU SB 56 -39.54 -3.75 -50.26
CA GLU SB 56 -38.54 -4.70 -50.74
C GLU SB 56 -37.17 -4.09 -50.92
N THR SB 57 -37.00 -2.81 -50.56
CA THR SB 57 -35.69 -2.31 -50.20
C THR SB 57 -35.10 -3.05 -49.02
N SER SB 58 -33.77 -3.00 -48.86
CA SER SB 58 -33.17 -3.32 -47.55
C SER SB 58 -33.66 -2.37 -46.46
N ALA SB 59 -33.60 -2.79 -45.19
CA ALA SB 59 -34.10 -2.02 -44.08
C ALA SB 59 -33.00 -1.72 -43.08
N GLU SB 60 -32.81 -0.43 -42.73
CA GLU SB 60 -31.72 -0.01 -41.87
C GLU SB 60 -32.11 1.34 -41.27
N SER SB 61 -31.43 1.75 -40.18
CA SER SB 61 -31.99 2.75 -39.28
C SER SB 61 -30.96 3.63 -38.63
N TRP SB 62 -29.69 3.66 -39.09
CA TRP SB 62 -28.69 4.51 -38.49
C TRP SB 62 -29.08 5.96 -38.61
N GLY SB 63 -29.23 6.63 -37.47
CA GLY SB 63 -29.79 7.97 -37.43
C GLY SB 63 -29.46 8.69 -36.15
N THR SB 64 -29.61 8.02 -35.00
CA THR SB 64 -29.22 8.59 -33.72
C THR SB 64 -27.76 8.95 -33.69
N GLY SB 65 -27.43 10.24 -33.55
CA GLY SB 65 -26.05 10.70 -33.54
C GLY SB 65 -25.44 10.90 -34.91
N ARG SB 66 -26.21 10.69 -35.98
CA ARG SB 66 -25.72 10.78 -37.35
C ARG SB 66 -26.10 12.13 -37.95
N ALA SB 67 -26.79 12.97 -37.17
CA ALA SB 67 -27.26 14.27 -37.57
C ALA SB 67 -28.20 14.27 -38.77
N VAL SB 68 -29.22 13.42 -38.70
CA VAL SB 68 -30.30 13.34 -39.66
C VAL SB 68 -31.52 12.96 -38.88
N ALA SB 69 -32.70 13.02 -39.50
CA ALA SB 69 -33.88 12.40 -38.95
C ALA SB 69 -33.76 10.88 -38.84
N ARG SB 70 -34.46 10.31 -37.87
CA ARG SB 70 -34.21 8.98 -37.38
C ARG SB 70 -35.02 7.93 -38.08
N ILE SB 71 -35.88 8.31 -39.04
CA ILE SB 71 -36.59 7.35 -39.86
C ILE SB 71 -35.66 6.53 -40.75
N PRO SB 72 -35.86 5.26 -41.01
CA PRO SB 72 -35.02 4.44 -41.87
C PRO SB 72 -34.51 4.99 -43.18
N ARG SB 73 -33.28 4.62 -43.54
CA ARG SB 73 -32.62 5.02 -44.76
C ARG SB 73 -32.22 3.79 -45.52
N VAL SB 74 -32.19 3.86 -46.85
CA VAL SB 74 -31.73 2.75 -47.65
C VAL SB 74 -30.21 2.61 -47.53
N PRO SB 75 -29.62 1.47 -47.25
CA PRO SB 75 -28.20 1.36 -46.96
C PRO SB 75 -27.42 1.25 -48.23
N GLY SB 76 -26.11 0.96 -48.15
CA GLY SB 76 -25.27 0.85 -49.34
C GLY SB 76 -24.81 2.19 -49.80
N GLY SB 77 -24.09 2.25 -50.93
CA GLY SB 77 -23.49 3.49 -51.41
C GLY SB 77 -23.63 3.69 -52.88
N GLY SB 78 -22.92 4.72 -53.38
CA GLY SB 78 -22.85 5.04 -54.80
C GLY SB 78 -24.08 5.70 -55.34
N THR SB 79 -25.07 4.89 -55.68
CA THR SB 79 -26.30 5.29 -56.33
C THR SB 79 -27.18 6.24 -55.52
N HIS SB 80 -27.96 7.09 -56.20
CA HIS SB 80 -28.82 8.09 -55.60
C HIS SB 80 -29.82 7.55 -54.63
N ARG SB 81 -30.22 6.29 -54.80
CA ARG SB 81 -31.13 5.67 -53.87
C ARG SB 81 -30.50 5.38 -52.51
N ALA SB 82 -29.17 5.32 -52.42
CA ALA SB 82 -28.49 5.14 -51.16
C ALA SB 82 -28.62 6.32 -50.22
N GLY SB 83 -28.83 6.05 -48.92
CA GLY SB 83 -28.88 7.10 -47.91
C GLY SB 83 -30.18 7.84 -47.90
N GLN SB 84 -31.10 7.41 -48.76
CA GLN SB 84 -32.36 8.04 -49.02
C GLN SB 84 -33.43 7.50 -48.11
N GLY SB 85 -34.44 8.32 -47.78
CA GLY SB 85 -35.61 7.91 -46.98
C GLY SB 85 -36.29 6.65 -47.45
N ALA SB 86 -36.51 5.69 -46.53
CA ALA SB 86 -36.97 4.37 -46.86
C ALA SB 86 -38.47 4.21 -46.68
N PHE SB 87 -38.94 2.96 -46.45
CA PHE SB 87 -40.34 2.63 -46.28
C PHE SB 87 -41.02 3.39 -45.18
N GLY SB 88 -42.30 3.68 -45.37
CA GLY SB 88 -43.00 4.56 -44.48
C GLY SB 88 -43.93 5.42 -45.27
N ASN SB 89 -45.03 5.76 -44.63
CA ASN SB 89 -46.16 6.47 -45.14
C ASN SB 89 -45.92 7.96 -45.29
N MET SB 90 -44.84 8.33 -45.98
CA MET SB 90 -44.43 9.70 -46.12
C MET SB 90 -43.24 9.87 -47.05
N CYS SB 91 -42.72 8.80 -47.68
CA CYS SB 91 -41.49 8.90 -48.44
C CYS SB 91 -41.63 8.35 -49.84
N ARG SB 92 -40.75 8.74 -50.76
CA ARG SB 92 -40.76 8.26 -52.12
C ARG SB 92 -40.76 6.74 -52.20
N GLY SB 93 -41.87 6.17 -52.70
CA GLY SB 93 -42.09 4.74 -52.88
C GLY SB 93 -42.41 3.97 -51.64
N GLY SB 94 -42.59 4.64 -50.51
CA GLY SB 94 -42.58 4.00 -49.20
C GLY SB 94 -43.81 3.26 -48.73
N GLY SB 95 -44.93 3.29 -49.48
CA GLY SB 95 -46.16 2.56 -49.15
C GLY SB 95 -47.08 3.23 -48.15
N MET SB 96 -48.37 3.41 -48.51
CA MET SB 96 -49.35 4.05 -47.64
C MET SB 96 -49.71 3.26 -46.41
N PHE SB 97 -50.13 3.99 -45.35
CA PHE SB 97 -50.10 3.52 -43.98
C PHE SB 97 -50.89 2.26 -43.70
N ASN SB 98 -52.12 2.19 -44.22
CA ASN SB 98 -52.86 0.97 -44.22
C ASN SB 98 -52.93 0.62 -45.69
N PRO SB 99 -52.35 -0.45 -46.18
CA PRO SB 99 -52.66 -0.94 -47.50
C PRO SB 99 -54.11 -1.32 -47.59
N THR SB 100 -54.66 -1.43 -48.80
CA THR SB 100 -55.99 -2.01 -48.96
C THR SB 100 -55.81 -3.48 -49.25
N LYS SB 101 -56.42 -4.35 -48.44
CA LYS SB 101 -56.26 -5.79 -48.56
C LYS SB 101 -57.23 -6.37 -49.57
N ILE SB 102 -57.17 -7.69 -49.84
CA ILE SB 102 -58.17 -8.31 -50.69
C ILE SB 102 -59.47 -8.56 -49.95
N TRP SB 103 -59.47 -8.43 -48.62
CA TRP SB 103 -60.55 -8.88 -47.76
C TRP SB 103 -61.37 -7.79 -47.12
N ARG SB 104 -61.50 -6.59 -47.73
CA ARG SB 104 -62.57 -5.69 -47.32
C ARG SB 104 -63.93 -6.37 -47.31
N ARG SB 105 -64.85 -5.91 -46.47
CA ARG SB 105 -66.21 -6.38 -46.50
C ARG SB 105 -66.93 -5.83 -47.72
N TRP SB 106 -66.66 -6.44 -48.89
CA TRP SB 106 -67.11 -5.97 -50.17
C TRP SB 106 -68.60 -5.91 -50.33
N GLY SB 107 -69.30 -7.04 -50.07
CA GLY SB 107 -70.73 -7.16 -50.26
C GLY SB 107 -71.54 -7.03 -49.01
N ARG SB 108 -72.82 -7.35 -49.10
CA ARG SB 108 -73.75 -7.22 -48.02
C ARG SB 108 -74.79 -8.29 -48.18
N LYS SB 109 -75.23 -8.95 -47.10
CA LYS SB 109 -76.30 -9.92 -47.22
C LYS SB 109 -77.65 -9.26 -47.04
N VAL SB 110 -78.21 -8.70 -48.11
CA VAL SB 110 -79.50 -8.04 -48.08
C VAL SB 110 -80.63 -9.04 -47.84
N ASN SB 111 -81.68 -8.68 -47.09
CA ASN SB 111 -82.60 -9.69 -46.55
C ASN SB 111 -83.79 -9.96 -47.45
N LEU SB 112 -84.11 -11.24 -47.70
CA LEU SB 112 -85.13 -11.68 -48.64
C LEU SB 112 -86.45 -10.96 -48.55
N LYS SB 113 -87.06 -10.91 -47.35
CA LYS SB 113 -88.31 -10.21 -47.19
C LYS SB 113 -88.23 -8.73 -47.55
N GLU SB 114 -87.18 -8.04 -47.11
CA GLU SB 114 -86.95 -6.66 -47.50
C GLU SB 114 -86.81 -6.48 -49.00
N LYS SB 115 -86.01 -7.34 -49.66
CA LYS SB 115 -85.84 -7.31 -51.10
C LYS SB 115 -87.15 -7.45 -51.85
N ARG SB 116 -87.99 -8.41 -51.45
CA ARG SB 116 -89.29 -8.58 -52.03
C ARG SB 116 -90.15 -7.34 -51.90
N TYR SB 117 -90.20 -6.75 -50.70
CA TYR SB 117 -90.94 -5.54 -50.41
C TYR SB 117 -90.47 -4.39 -51.27
N ALA SB 118 -89.15 -4.23 -51.44
CA ALA SB 118 -88.55 -3.22 -52.27
C ALA SB 118 -88.98 -3.38 -53.72
N VAL SB 119 -88.97 -4.60 -54.25
CA VAL SB 119 -89.52 -4.85 -55.56
C VAL SB 119 -91.00 -4.49 -55.65
N CYS SB 120 -91.85 -4.94 -54.72
CA CYS SB 120 -93.27 -4.64 -54.79
C CYS SB 120 -93.57 -3.15 -54.76
N SER SB 121 -92.95 -2.47 -53.80
CA SER SB 121 -93.04 -1.03 -53.61
C SER SB 121 -92.51 -0.24 -54.78
N SER SB 122 -91.39 -0.64 -55.37
CA SER SB 122 -90.86 0.01 -56.55
C SER SB 122 -91.79 -0.10 -57.73
N ILE SB 123 -92.37 -1.28 -57.97
CA ILE SB 123 -93.36 -1.45 -59.02
C ILE SB 123 -94.56 -0.57 -58.75
N ALA SB 124 -95.07 -0.58 -57.51
CA ALA SB 124 -96.18 0.26 -57.12
C ALA SB 124 -95.93 1.74 -57.33
N ALA SB 125 -94.74 2.22 -56.95
CA ALA SB 125 -94.32 3.57 -57.20
C ALA SB 125 -94.37 3.92 -58.68
N SER SB 126 -93.91 3.01 -59.56
CA SER SB 126 -93.98 3.19 -61.01
C SER SB 126 -95.40 3.39 -61.46
N GLY SB 127 -96.33 2.60 -60.91
CA GLY SB 127 -97.76 2.85 -61.04
C GLY SB 127 -98.25 4.29 -60.92
N VAL SB 128 -97.80 5.05 -59.91
CA VAL SB 128 -98.23 6.42 -59.69
C VAL SB 128 -97.64 7.45 -60.67
N THR SB 129 -98.52 8.20 -61.37
CA THR SB 129 -98.14 9.12 -62.45
C THR SB 129 -97.21 10.20 -62.02
N SER SB 130 -97.52 10.85 -60.89
CA SER SB 130 -96.74 11.94 -60.37
C SER SB 130 -95.32 11.52 -60.10
N LEU SB 131 -95.09 10.36 -59.50
CA LEU SB 131 -93.73 9.90 -59.24
C LEU SB 131 -92.87 9.71 -60.49
N VAL SB 132 -93.40 9.10 -61.57
CA VAL SB 132 -92.67 8.96 -62.81
C VAL SB 132 -92.28 10.28 -63.42
N LEU SB 133 -93.24 11.21 -63.48
CA LEU SB 133 -93.00 12.56 -63.94
C LEU SB 133 -91.92 13.25 -63.12
N ALA SB 134 -91.97 13.10 -61.78
CA ALA SB 134 -91.04 13.62 -60.80
C ALA SB 134 -89.64 13.09 -61.00
N ARG SB 135 -89.52 11.77 -61.26
CA ARG SB 135 -88.32 11.09 -61.69
C ARG SB 135 -87.75 11.63 -63.00
N GLY SB 136 -88.52 12.44 -63.72
CA GLY SB 136 -87.99 13.37 -64.72
C GLY SB 136 -88.25 12.96 -66.13
N HIS SB 137 -89.01 11.88 -66.35
CA HIS SB 137 -89.41 11.54 -67.71
C HIS SB 137 -90.30 12.55 -68.39
N ARG SB 138 -90.09 12.73 -69.70
CA ARG SB 138 -90.79 13.69 -70.53
C ARG SB 138 -92.16 13.16 -70.94
N ILE SB 139 -92.92 12.70 -69.95
CA ILE SB 139 -94.00 11.75 -70.09
C ILE SB 139 -95.32 12.42 -70.32
N SER SB 140 -95.27 13.73 -70.61
CA SER SB 140 -96.39 14.65 -70.63
C SER SB 140 -97.55 14.24 -71.48
N HIS SB 141 -97.28 13.68 -72.66
CA HIS SB 141 -98.35 13.35 -73.58
C HIS SB 141 -98.78 11.92 -73.49
N LEU SB 142 -98.23 11.12 -72.57
CA LEU SB 142 -98.64 9.74 -72.41
C LEU SB 142 -100.07 9.59 -71.94
N LYS SB 143 -100.82 8.64 -72.49
CA LYS SB 143 -102.20 8.42 -72.11
C LYS SB 143 -102.41 7.94 -70.69
N GLU SB 144 -101.65 6.92 -70.24
CA GLU SB 144 -101.79 6.40 -68.91
C GLU SB 144 -100.49 5.80 -68.43
N VAL SB 145 -100.14 6.00 -67.15
CA VAL SB 145 -98.87 5.63 -66.59
C VAL SB 145 -98.69 4.15 -66.39
N PRO SB 146 -99.63 3.38 -65.87
CA PRO SB 146 -99.62 1.95 -66.07
C PRO SB 146 -99.90 1.63 -67.52
N LEU SB 147 -98.86 1.59 -68.35
CA LEU SB 147 -99.03 1.46 -69.77
C LEU SB 147 -98.91 0.02 -70.17
N VAL SB 148 -100.03 -0.53 -70.68
CA VAL SB 148 -100.10 -1.92 -71.06
C VAL SB 148 -100.41 -2.01 -72.52
N VAL SB 149 -99.70 -2.86 -73.27
CA VAL SB 149 -99.93 -2.96 -74.69
C VAL SB 149 -100.22 -4.40 -75.06
N SER SB 150 -100.97 -4.63 -76.14
CA SER SB 150 -101.30 -5.94 -76.67
C SER SB 150 -100.10 -6.77 -77.04
N ASN SB 151 -100.21 -8.10 -76.94
CA ASN SB 151 -99.05 -8.99 -76.90
C ASN SB 151 -98.30 -9.07 -78.20
N ASP SB 152 -98.85 -8.49 -79.28
CA ASP SB 152 -98.16 -8.20 -80.52
C ASP SB 152 -96.91 -7.35 -80.32
N ILE SB 153 -96.82 -6.56 -79.23
CA ILE SB 153 -95.60 -5.86 -78.87
C ILE SB 153 -94.47 -6.85 -78.60
N GLU SB 154 -94.77 -8.00 -77.99
CA GLU SB 154 -93.79 -9.01 -77.67
C GLU SB 154 -93.19 -9.67 -78.91
N SER SB 155 -93.87 -9.49 -80.06
CA SER SB 155 -93.47 -10.10 -81.30
C SER SB 155 -92.81 -9.11 -82.23
N LEU SB 156 -92.59 -7.85 -81.79
CA LEU SB 156 -91.87 -6.88 -82.58
C LEU SB 156 -90.42 -7.29 -82.85
N SER SB 157 -89.87 -7.00 -84.05
CA SER SB 157 -88.62 -7.61 -84.49
C SER SB 157 -87.72 -6.76 -85.36
N LYS SB 158 -87.93 -5.44 -85.41
CA LYS SB 158 -87.04 -4.52 -86.08
C LYS SB 158 -86.96 -3.24 -85.26
N THR SB 159 -85.76 -2.73 -85.00
CA THR SB 159 -85.52 -1.54 -84.19
C THR SB 159 -86.32 -0.32 -84.58
N LYS SB 160 -86.45 -0.07 -85.88
CA LYS SB 160 -87.17 1.06 -86.38
C LYS SB 160 -88.63 1.03 -85.95
N GLU SB 161 -89.30 -0.12 -86.08
CA GLU SB 161 -90.63 -0.30 -85.57
C GLU SB 161 -90.71 -0.02 -84.09
N ALA SB 162 -89.74 -0.48 -83.29
CA ALA SB 162 -89.71 -0.14 -81.88
C ALA SB 162 -89.64 1.36 -81.60
N VAL SB 163 -88.76 2.10 -82.30
CA VAL SB 163 -88.74 3.56 -82.23
C VAL SB 163 -90.06 4.18 -82.63
N ASN SB 164 -90.61 3.70 -83.76
CA ASN SB 164 -91.86 4.13 -84.32
C ASN SB 164 -93.00 3.93 -83.34
N PHE SB 165 -93.04 2.78 -82.67
CA PHE SB 165 -93.96 2.45 -81.63
C PHE SB 165 -93.86 3.43 -80.45
N LEU SB 166 -92.66 3.72 -79.95
CA LEU SB 166 -92.46 4.72 -78.93
C LEU SB 166 -92.98 6.10 -79.32
N VAL SB 167 -92.71 6.54 -80.56
CA VAL SB 167 -93.28 7.76 -81.09
C VAL SB 167 -94.80 7.73 -81.15
N SER SB 168 -95.41 6.61 -81.58
CA SER SB 168 -96.85 6.40 -81.63
C SER SB 168 -97.50 6.53 -80.28
N LEU SB 169 -96.91 5.90 -79.24
CA LEU SB 169 -97.29 6.14 -77.87
C LEU SB 169 -97.22 7.59 -77.45
N GLY SB 170 -96.23 8.34 -77.93
CA GLY SB 170 -96.16 9.78 -77.72
C GLY SB 170 -94.99 10.16 -76.87
N LEU SB 171 -94.03 9.25 -76.75
CA LEU SB 171 -92.83 9.43 -75.96
C LEU SB 171 -91.72 10.10 -76.76
N LYS SB 172 -92.06 10.80 -77.87
CA LYS SB 172 -91.13 11.36 -78.82
C LYS SB 172 -90.05 12.22 -78.20
N ASP SB 173 -90.44 13.14 -77.31
CA ASP SB 173 -89.56 13.99 -76.55
C ASP SB 173 -88.59 13.17 -75.70
N GLU SB 174 -89.10 12.15 -74.98
CA GLU SB 174 -88.27 11.25 -74.22
C GLU SB 174 -87.28 10.48 -75.10
N VAL SB 175 -87.75 9.96 -76.24
CA VAL SB 175 -86.90 9.31 -77.22
C VAL SB 175 -85.81 10.25 -77.73
N ASN SB 176 -86.17 11.50 -78.01
CA ASN SB 176 -85.23 12.56 -78.30
C ASN SB 176 -84.20 12.73 -77.19
N ARG SB 177 -84.62 12.82 -75.92
CA ARG SB 177 -83.67 12.99 -74.83
C ARG SB 177 -82.71 11.82 -74.74
N LEU SB 178 -83.21 10.60 -74.87
CA LEU SB 178 -82.36 9.44 -74.90
C LEU SB 178 -81.33 9.44 -76.00
N VAL SB 179 -81.71 9.70 -77.26
CA VAL SB 179 -80.74 9.82 -78.34
C VAL SB 179 -79.75 10.95 -78.11
N LYS SB 180 -80.25 12.11 -77.70
CA LYS SB 180 -79.44 13.27 -77.43
C LYS SB 180 -78.39 13.09 -76.34
N SER SB 181 -78.76 12.43 -75.25
CA SER SB 181 -78.06 12.57 -73.99
C SER SB 181 -76.76 11.80 -73.84
N LYS SB 182 -76.28 11.04 -74.84
CA LYS SB 182 -74.96 10.45 -74.78
C LYS SB 182 -73.83 11.49 -74.77
N LYS SB 183 -72.98 11.50 -73.74
CA LYS SB 183 -71.85 12.41 -73.68
C LYS SB 183 -70.65 11.73 -73.08
N ILE SB 184 -69.44 12.20 -73.45
CA ILE SB 184 -68.21 11.84 -72.77
C ILE SB 184 -68.16 12.51 -71.43
N ARG SB 185 -67.97 11.78 -70.31
CA ARG SB 185 -67.92 12.43 -69.02
C ARG SB 185 -66.52 12.76 -68.57
N ALA SB 186 -66.40 13.75 -67.70
CA ALA SB 186 -65.15 14.20 -67.14
C ALA SB 186 -64.37 13.16 -66.36
N GLY SB 187 -63.05 13.36 -66.23
CA GLY SB 187 -62.25 12.69 -65.22
C GLY SB 187 -61.70 11.35 -65.59
N LYS SB 188 -61.11 10.65 -64.60
CA LYS SB 188 -60.28 9.49 -64.80
C LYS SB 188 -60.97 8.32 -65.46
N GLY SB 189 -62.31 8.28 -65.42
CA GLY SB 189 -63.18 7.24 -65.94
C GLY SB 189 -62.88 6.82 -67.35
N LYS SB 190 -62.60 7.77 -68.23
CA LYS SB 190 -62.18 7.53 -69.59
C LYS SB 190 -61.10 6.46 -69.76
N MET SB 191 -60.15 6.31 -68.82
CA MET SB 191 -59.11 5.31 -68.97
C MET SB 191 -59.55 3.96 -68.46
N ARG SB 192 -60.72 3.87 -67.83
CA ARG SB 192 -61.18 2.67 -67.19
C ARG SB 192 -62.41 2.13 -67.87
N ASN SB 193 -62.60 2.48 -69.15
CA ASN SB 193 -63.65 1.94 -69.98
C ASN SB 193 -65.02 2.41 -69.56
N ARG SB 194 -65.14 3.69 -69.21
CA ARG SB 194 -66.38 4.28 -68.75
C ARG SB 194 -66.70 5.50 -69.60
N LYS SB 195 -66.37 5.46 -70.91
CA LYS SB 195 -66.35 6.64 -71.77
C LYS SB 195 -67.64 7.43 -71.84
N TYR SB 196 -68.77 6.78 -72.07
CA TYR SB 196 -69.99 7.52 -72.27
C TYR SB 196 -70.87 7.39 -71.05
N LYS SB 197 -71.73 8.39 -70.82
CA LYS SB 197 -72.79 8.31 -69.83
C LYS SB 197 -74.07 8.56 -70.59
N ILE SB 198 -75.09 7.72 -70.34
CA ILE SB 198 -76.41 7.85 -70.93
C ILE SB 198 -77.38 7.88 -69.79
N ARG SB 199 -78.61 8.33 -70.03
CA ARG SB 199 -79.64 8.42 -69.01
C ARG SB 199 -80.68 7.35 -69.23
N ASN SB 200 -81.52 7.07 -68.23
CA ASN SB 200 -82.29 5.85 -68.27
C ASN SB 200 -83.58 6.02 -69.02
N GLY SB 201 -83.79 5.14 -70.00
CA GLY SB 201 -84.94 5.09 -70.87
C GLY SB 201 -86.04 4.26 -70.30
N PRO SB 202 -87.09 4.04 -71.04
CA PRO SB 202 -88.16 3.16 -70.63
C PRO SB 202 -87.70 1.74 -70.38
N LEU SB 203 -88.45 1.04 -69.53
CA LEU SB 203 -88.20 -0.32 -69.11
C LEU SB 203 -89.26 -1.22 -69.70
N ILE SB 204 -88.88 -2.14 -70.60
CA ILE SB 204 -89.82 -3.02 -71.26
C ILE SB 204 -89.96 -4.31 -70.47
N ILE SB 205 -91.17 -4.63 -70.03
CA ILE SB 205 -91.42 -5.82 -69.23
C ILE SB 205 -92.14 -6.84 -70.10
N TYR SB 206 -91.59 -8.06 -70.22
CA TYR SB 206 -92.07 -9.01 -71.20
C TYR SB 206 -92.27 -10.37 -70.58
N GLU SB 207 -93.23 -11.14 -71.11
CA GLU SB 207 -93.59 -12.42 -70.57
C GLU SB 207 -92.71 -13.53 -71.14
N ASN SB 208 -92.60 -13.64 -72.47
CA ASN SB 208 -91.70 -14.60 -73.09
C ASN SB 208 -91.26 -14.11 -74.44
N ASP SB 209 -89.98 -14.28 -74.80
CA ASP SB 209 -89.47 -13.71 -76.03
C ASP SB 209 -90.11 -14.23 -77.31
N ASN SB 210 -90.37 -13.28 -78.22
CA ASN SB 210 -90.81 -13.53 -79.56
C ASN SB 210 -90.22 -12.43 -80.41
N GLY SB 211 -89.12 -11.83 -79.94
CA GLY SB 211 -88.39 -10.81 -80.69
C GLY SB 211 -87.89 -9.73 -79.79
N VAL SB 212 -88.71 -9.29 -78.84
CA VAL SB 212 -88.44 -8.15 -77.98
C VAL SB 212 -87.08 -8.08 -77.35
N LYS SB 213 -86.61 -9.15 -76.69
CA LYS SB 213 -85.31 -9.14 -76.03
C LYS SB 213 -84.15 -8.62 -76.87
N LYS SB 214 -83.99 -9.13 -78.11
CA LYS SB 214 -83.05 -8.55 -79.03
C LYS SB 214 -83.54 -7.30 -79.73
N ALA SB 215 -84.86 -7.11 -79.91
CA ALA SB 215 -85.35 -6.10 -80.81
C ALA SB 215 -85.39 -4.69 -80.24
N PHE SB 216 -85.63 -4.51 -78.94
CA PHE SB 216 -85.69 -3.16 -78.40
C PHE SB 216 -84.36 -2.74 -77.81
N ARG SB 217 -83.47 -3.71 -77.56
CA ARG SB 217 -82.09 -3.48 -77.22
C ARG SB 217 -81.41 -2.74 -78.36
N ASN SB 218 -80.38 -1.91 -78.07
CA ASN SB 218 -79.67 -1.16 -79.07
C ASN SB 218 -80.42 0.11 -79.47
N ILE SB 219 -81.33 0.57 -78.61
CA ILE SB 219 -81.93 1.88 -78.68
C ILE SB 219 -81.55 2.52 -77.36
N PRO SB 220 -80.89 3.67 -77.31
CA PRO SB 220 -80.13 4.11 -76.15
C PRO SB 220 -80.93 4.18 -74.89
N GLY SB 221 -80.46 3.47 -73.85
CA GLY SB 221 -81.01 3.54 -72.50
C GLY SB 221 -82.24 2.73 -72.27
N VAL SB 222 -82.75 2.02 -73.28
CA VAL SB 222 -83.81 1.05 -73.06
C VAL SB 222 -83.31 -0.11 -72.22
N ASP SB 223 -84.15 -0.67 -71.33
CA ASP SB 223 -83.87 -1.91 -70.63
C ASP SB 223 -84.97 -2.91 -70.89
N LEU SB 224 -84.63 -4.21 -70.87
CA LEU SB 224 -85.60 -5.28 -70.92
C LEU SB 224 -85.38 -6.25 -69.79
N CYS SB 225 -86.46 -6.82 -69.24
CA CYS SB 225 -86.37 -7.82 -68.19
C CYS SB 225 -87.56 -8.74 -68.30
N LYS SB 226 -87.34 -10.04 -68.07
CA LYS SB 226 -88.42 -11.00 -68.00
C LYS SB 226 -89.18 -10.95 -66.68
N VAL SB 227 -90.52 -11.04 -66.75
CA VAL SB 227 -91.46 -10.77 -65.67
C VAL SB 227 -91.18 -11.52 -64.40
N THR SB 228 -90.89 -12.82 -64.47
CA THR SB 228 -90.67 -13.63 -63.29
C THR SB 228 -89.48 -13.18 -62.48
N LYS SB 229 -88.46 -12.61 -63.14
CA LYS SB 229 -87.21 -12.26 -62.55
C LYS SB 229 -87.02 -10.75 -62.46
N LEU SB 230 -88.11 -9.96 -62.36
CA LEU SB 230 -88.08 -8.54 -62.07
C LEU SB 230 -87.03 -8.07 -61.07
N ASN SB 231 -86.28 -7.02 -61.43
CA ASN SB 231 -85.01 -6.72 -60.82
C ASN SB 231 -85.04 -5.35 -60.13
N LEU SB 232 -84.68 -5.29 -58.84
CA LEU SB 232 -84.78 -4.08 -58.06
C LEU SB 232 -83.87 -2.97 -58.55
N LEU SB 233 -82.65 -3.31 -58.98
CA LEU SB 233 -81.73 -2.34 -59.54
C LEU SB 233 -82.25 -1.68 -60.81
N LYS SB 234 -83.08 -2.37 -61.60
CA LYS SB 234 -83.52 -1.89 -62.88
C LYS SB 234 -84.79 -1.10 -62.69
N LEU SB 235 -85.71 -1.60 -61.85
CA LEU SB 235 -86.88 -0.87 -61.44
C LEU SB 235 -86.60 0.43 -60.71
N ALA SB 236 -85.47 0.57 -60.00
CA ALA SB 236 -85.25 1.73 -59.16
C ALA SB 236 -83.86 2.33 -59.27
N PRO SB 237 -83.42 2.82 -60.41
CA PRO SB 237 -82.02 3.13 -60.62
C PRO SB 237 -81.55 4.28 -59.77
N GLY SB 238 -80.35 4.14 -59.19
CA GLY SB 238 -79.68 5.18 -58.43
C GLY SB 238 -80.36 5.53 -57.16
N GLY SB 239 -81.23 4.64 -56.66
CA GLY SB 239 -82.09 4.92 -55.52
C GLY SB 239 -83.17 5.94 -55.79
N SER SB 240 -83.47 6.22 -57.06
CA SER SB 240 -84.63 7.00 -57.46
C SER SB 240 -85.85 6.12 -57.51
N ILE SB 241 -87.06 6.69 -57.50
CA ILE SB 241 -88.26 5.88 -57.46
C ILE SB 241 -89.09 6.06 -58.70
N GLY SB 242 -89.67 4.95 -59.20
CA GLY SB 242 -90.48 4.92 -60.41
C GLY SB 242 -89.71 5.05 -61.70
N ARG SB 243 -90.33 4.58 -62.80
CA ARG SB 243 -89.71 4.63 -64.10
C ARG SB 243 -90.81 4.57 -65.16
N LEU SB 244 -90.51 5.03 -66.38
CA LEU SB 244 -91.41 4.89 -67.51
C LEU SB 244 -91.48 3.44 -67.94
N CYS SB 245 -92.56 2.73 -67.58
CA CYS SB 245 -92.61 1.29 -67.78
C CYS SB 245 -93.57 0.86 -68.88
N ILE SB 246 -93.13 -0.02 -69.78
CA ILE SB 246 -93.98 -0.55 -70.83
C ILE SB 246 -94.21 -2.04 -70.61
N TRP SB 247 -95.47 -2.43 -70.32
CA TRP SB 247 -95.85 -3.80 -70.03
C TRP SB 247 -96.61 -4.48 -71.16
N SER SB 248 -96.31 -5.75 -71.45
CA SER SB 248 -97.23 -6.56 -72.24
C SER SB 248 -98.48 -6.93 -71.46
N GLU SB 249 -99.59 -7.18 -72.15
CA GLU SB 249 -100.82 -7.57 -71.50
C GLU SB 249 -100.67 -8.90 -70.80
N SER SB 250 -99.96 -9.84 -71.44
CA SER SB 250 -99.59 -11.10 -70.84
C SER SB 250 -98.80 -10.92 -69.56
N ALA SB 251 -97.78 -10.04 -69.60
CA ALA SB 251 -97.00 -9.69 -68.43
C ALA SB 251 -97.87 -9.14 -67.32
N PHE SB 252 -98.75 -8.18 -67.66
CA PHE SB 252 -99.65 -7.57 -66.73
C PHE SB 252 -100.53 -8.58 -66.02
N LYS SB 253 -101.16 -9.49 -66.77
CA LYS SB 253 -101.93 -10.57 -66.20
C LYS SB 253 -101.08 -11.48 -65.33
N LYS SB 254 -99.88 -11.83 -65.79
CA LYS SB 254 -98.98 -12.67 -65.03
C LYS SB 254 -98.54 -12.05 -63.72
N LEU SB 255 -98.32 -10.72 -63.66
CA LEU SB 255 -97.98 -10.01 -62.45
C LEU SB 255 -98.91 -10.30 -61.30
N ASP SB 256 -100.23 -10.20 -61.55
CA ASP SB 256 -101.25 -10.50 -60.57
C ASP SB 256 -101.15 -11.95 -60.06
N VAL SB 257 -100.97 -12.92 -60.95
CA VAL SB 257 -100.72 -14.32 -60.60
C VAL SB 257 -99.53 -14.49 -59.65
N ILE SB 258 -98.40 -13.86 -59.96
CA ILE SB 258 -97.17 -13.94 -59.19
C ILE SB 258 -97.38 -13.66 -57.72
N TYR SB 259 -98.09 -12.58 -57.36
CA TYR SB 259 -98.25 -12.20 -55.96
C TYR SB 259 -99.56 -12.73 -55.40
N GLY SB 260 -100.13 -13.73 -56.06
CA GLY SB 260 -100.93 -14.73 -55.36
C GLY SB 260 -102.41 -14.62 -55.49
N LYS SB 261 -102.97 -13.60 -56.15
CA LYS SB 261 -104.35 -13.71 -56.58
C LYS SB 261 -104.43 -14.76 -57.67
N ILE SB 262 -105.30 -15.76 -57.46
CA ILE SB 262 -105.30 -17.00 -58.23
C ILE SB 262 -103.92 -17.65 -58.41
N HIS SB 263 -103.26 -17.96 -57.27
CA HIS SB 263 -101.97 -18.65 -57.18
C HIS SB 263 -101.72 -19.90 -58.04
N GLU SB 264 -100.44 -20.28 -58.17
CA GLU SB 264 -100.00 -21.37 -59.02
C GLU SB 264 -98.90 -22.13 -58.28
N LYS SB 265 -98.53 -23.34 -58.75
CA LYS SB 265 -97.52 -24.21 -58.16
C LYS SB 265 -96.09 -23.69 -58.18
N LYS SB 266 -95.66 -23.01 -59.26
CA LYS SB 266 -94.28 -22.57 -59.37
C LYS SB 266 -94.17 -21.10 -59.74
N VAL SB 267 -95.15 -20.50 -60.43
CA VAL SB 267 -95.09 -19.10 -60.76
C VAL SB 267 -95.17 -18.20 -59.53
N THR SB 268 -96.14 -18.44 -58.64
CA THR SB 268 -96.32 -17.70 -57.40
C THR SB 268 -95.17 -17.85 -56.45
N LYS SB 269 -94.75 -16.76 -55.79
CA LYS SB 269 -93.75 -16.83 -54.74
C LYS SB 269 -94.34 -17.40 -53.46
N LYS SB 270 -93.82 -18.54 -53.01
CA LYS SB 270 -94.48 -19.29 -51.97
C LYS SB 270 -94.38 -18.66 -50.60
N ASN SB 271 -95.51 -18.64 -49.86
CA ASN SB 271 -95.59 -18.19 -48.47
C ASN SB 271 -95.47 -16.69 -48.31
N TYR SB 272 -95.59 -15.94 -49.40
CA TYR SB 272 -95.28 -14.54 -49.41
C TYR SB 272 -96.55 -13.75 -49.67
N ILE SB 273 -96.68 -12.60 -49.00
CA ILE SB 273 -97.86 -11.76 -49.06
C ILE SB 273 -97.41 -10.35 -49.33
N LEU SB 274 -98.30 -9.49 -49.86
CA LEU SB 274 -97.97 -8.09 -49.99
C LEU SB 274 -97.86 -7.42 -48.63
N PRO SB 275 -96.83 -6.67 -48.31
CA PRO SB 275 -96.73 -5.97 -47.04
C PRO SB 275 -97.86 -4.99 -46.78
N LYS SB 276 -98.60 -5.15 -45.67
CA LYS SB 276 -99.65 -4.22 -45.34
C LYS SB 276 -99.13 -2.85 -44.93
N SER SB 277 -99.81 -1.78 -45.35
CA SER SB 277 -99.43 -0.42 -45.00
C SER SB 277 -99.63 -0.04 -43.54
N ILE SB 278 -98.77 0.85 -43.02
CA ILE SB 278 -98.92 1.45 -41.70
C ILE SB 278 -100.13 2.36 -41.63
N VAL SB 279 -100.28 3.22 -42.65
CA VAL SB 279 -101.40 4.13 -42.78
C VAL SB 279 -102.40 3.51 -43.72
N HIS SB 280 -103.70 3.49 -43.40
CA HIS SB 280 -104.66 2.95 -44.34
C HIS SB 280 -104.98 3.91 -45.48
N ASN SB 281 -105.14 5.20 -45.18
CA ASN SB 281 -105.40 6.19 -46.19
C ASN SB 281 -104.60 7.45 -45.89
N PRO SB 282 -103.85 8.04 -46.81
CA PRO SB 282 -102.89 9.06 -46.42
C PRO SB 282 -103.44 10.43 -46.68
N ASP SB 283 -104.73 10.62 -46.99
CA ASP SB 283 -105.27 11.94 -47.22
C ASP SB 283 -105.48 12.73 -45.92
N ILE SB 284 -104.39 13.27 -45.39
CA ILE SB 284 -104.36 13.99 -44.14
C ILE SB 284 -105.25 15.20 -44.17
N TYR SB 285 -105.23 15.94 -45.28
CA TYR SB 285 -106.07 17.09 -45.45
C TYR SB 285 -107.54 16.77 -45.51
N ARG SB 286 -107.97 15.64 -46.14
CA ARG SB 286 -109.34 15.21 -46.03
C ARG SB 286 -109.77 14.89 -44.61
N ILE SB 287 -108.94 14.19 -43.82
CA ILE SB 287 -109.22 13.94 -42.42
C ILE SB 287 -109.39 15.23 -41.64
N ILE SB 288 -108.45 16.18 -41.76
CA ILE SB 288 -108.59 17.50 -41.20
C ILE SB 288 -109.81 18.25 -41.67
N HIS SB 289 -110.10 18.25 -42.99
CA HIS SB 289 -111.29 18.85 -43.55
C HIS SB 289 -112.59 18.27 -43.01
N SER SB 290 -112.69 16.93 -42.93
CA SER SB 290 -113.82 16.17 -42.41
C SER SB 290 -114.58 16.74 -41.23
N ASP SB 291 -115.91 16.53 -41.20
CA ASP SB 291 -116.76 17.28 -40.32
C ASP SB 291 -116.54 16.97 -38.85
N LYS SB 292 -116.47 15.69 -38.48
CA LYS SB 292 -116.28 15.31 -37.11
C LYS SB 292 -115.03 15.90 -36.50
N VAL SB 293 -113.89 15.71 -37.19
CA VAL SB 293 -112.63 16.26 -36.75
C VAL SB 293 -112.65 17.76 -36.65
N GLN SB 294 -113.11 18.46 -37.69
CA GLN SB 294 -113.16 19.90 -37.71
C GLN SB 294 -114.02 20.50 -36.63
N ALA SB 295 -115.22 19.92 -36.44
CA ALA SB 295 -116.15 20.24 -35.39
C ALA SB 295 -115.53 20.09 -34.01
N SER SB 296 -114.80 18.99 -33.79
CA SER SB 296 -114.09 18.79 -32.54
C SER SB 296 -113.04 19.84 -32.22
N LEU SB 297 -112.23 20.29 -33.21
CA LEU SB 297 -111.15 21.22 -32.99
C LEU SB 297 -111.53 22.49 -32.24
N LEU SB 298 -110.74 22.87 -31.23
CA LEU SB 298 -110.89 24.12 -30.54
C LEU SB 298 -110.58 25.32 -31.44
N ALA SB 299 -111.24 26.47 -31.22
CA ALA SB 299 -111.09 27.67 -32.02
C ALA SB 299 -109.67 28.21 -32.12
N LYS SB 300 -109.34 28.87 -33.25
CA LYS SB 300 -108.02 29.37 -33.54
C LYS SB 300 -107.46 30.31 -32.47
N LYS SB 301 -106.18 30.16 -32.09
CA LYS SB 301 -105.55 31.01 -31.10
C LYS SB 301 -104.60 31.94 -31.83
N LYS SB 302 -104.25 33.09 -31.24
CA LYS SB 302 -103.63 34.17 -31.99
C LYS SB 302 -102.22 34.46 -31.49
N PRO SB 303 -101.26 34.80 -32.34
CA PRO SB 303 -99.85 34.83 -31.98
C PRO SB 303 -99.50 36.06 -31.19
N CYS SB 304 -98.43 35.99 -30.37
CA CYS SB 304 -97.93 37.08 -29.57
C CYS SB 304 -97.47 38.32 -30.33
N LYS SB 305 -97.47 39.49 -29.64
CA LYS SB 305 -97.49 40.78 -30.27
C LYS SB 305 -96.15 41.43 -30.54
N LYS SB 306 -95.92 41.91 -31.78
CA LYS SB 306 -94.68 42.53 -32.22
C LYS SB 306 -94.27 43.75 -31.42
N ARG SB 307 -92.99 43.88 -31.10
CA ARG SB 307 -92.57 44.82 -30.11
C ARG SB 307 -92.32 46.21 -30.67
N LEU SB 308 -93.34 47.07 -30.50
CA LEU SB 308 -93.23 48.51 -30.42
C LEU SB 308 -92.07 49.07 -29.60
N GLN SB 309 -91.77 50.36 -29.76
CA GLN SB 309 -91.03 51.11 -28.77
C GLN SB 309 -91.81 51.15 -27.48
N ASN SB 310 -91.20 50.88 -26.30
CA ASN SB 310 -91.90 51.17 -25.06
C ASN SB 310 -92.23 52.62 -24.95
N LYS SB 311 -93.35 52.94 -24.29
CA LYS SB 311 -93.74 54.31 -24.11
C LYS SB 311 -93.59 54.63 -22.64
N ASN SB 312 -93.11 55.85 -22.35
CA ASN SB 312 -92.75 56.29 -21.04
C ASN SB 312 -93.93 56.25 -20.06
N SER SB 313 -93.71 55.67 -18.89
CA SER SB 313 -94.77 55.38 -17.96
C SER SB 313 -94.96 56.49 -16.94
N LEU SB 314 -94.21 57.58 -17.06
CA LEU SB 314 -94.26 58.67 -16.13
C LEU SB 314 -94.58 59.97 -16.82
N THR SB 315 -93.98 60.25 -17.98
CA THR SB 315 -94.10 61.56 -18.62
C THR SB 315 -94.94 61.57 -19.88
N ASN SB 316 -95.38 60.41 -20.39
CA ASN SB 316 -96.35 60.37 -21.48
C ASN SB 316 -97.73 60.36 -20.85
N PHE SB 317 -98.46 61.47 -20.99
CA PHE SB 317 -99.73 61.67 -20.31
C PHE SB 317 -100.77 60.60 -20.61
N ALA SB 318 -100.94 60.25 -21.90
CA ALA SB 318 -101.86 59.22 -22.31
C ALA SB 318 -101.54 57.89 -21.70
N VAL SB 319 -100.28 57.49 -21.78
CA VAL SB 319 -99.77 56.28 -21.21
C VAL SB 319 -99.99 56.23 -19.72
N ARG SB 320 -99.68 57.30 -19.00
CA ARG SB 320 -99.88 57.34 -17.57
C ARG SB 320 -101.33 57.20 -17.16
N CYS SB 321 -102.23 57.92 -17.83
CA CYS SB 321 -103.66 57.84 -17.58
C CYS SB 321 -104.22 56.45 -17.85
N ARG SB 322 -103.78 55.83 -18.94
CA ARG SB 322 -104.08 54.48 -19.32
C ARG SB 322 -103.64 53.49 -18.24
N LEU SB 323 -102.42 53.63 -17.69
CA LEU SB 323 -101.99 52.89 -16.54
C LEU SB 323 -102.81 53.13 -15.29
N ASN SB 324 -103.00 54.38 -14.90
CA ASN SB 324 -103.59 54.76 -13.64
C ASN SB 324 -104.78 55.65 -13.91
N PRO SB 325 -106.01 55.26 -13.65
CA PRO SB 325 -107.16 56.08 -13.99
C PRO SB 325 -107.26 57.31 -13.13
N ALA SB 326 -106.89 57.23 -11.84
CA ALA SB 326 -107.06 58.33 -10.94
C ALA SB 326 -106.12 59.50 -11.17
N TYR SB 327 -105.01 59.29 -11.90
CA TYR SB 327 -104.02 60.31 -12.10
C TYR SB 327 -104.53 61.64 -12.62
N LYS SB 328 -105.50 61.63 -13.56
CA LYS SB 328 -106.07 62.87 -14.05
C LYS SB 328 -106.69 63.73 -12.97
N LEU SB 329 -107.51 63.12 -12.09
CA LEU SB 329 -108.09 63.83 -10.98
C LEU SB 329 -107.05 64.40 -10.05
N LEU SB 330 -106.07 63.59 -9.65
CA LEU SB 330 -105.02 64.08 -8.81
C LEU SB 330 -104.18 65.23 -9.38
N ARG SB 331 -103.81 65.18 -10.68
CA ARG SB 331 -103.11 66.28 -11.31
C ARG SB 331 -103.89 67.55 -11.33
N SER SB 332 -105.15 67.45 -11.72
CA SER SB 332 -106.06 68.57 -11.75
C SER SB 332 -106.24 69.19 -10.38
N LEU SB 333 -106.40 68.37 -9.33
CA LEU SB 333 -106.44 68.85 -7.97
C LEU SB 333 -105.19 69.63 -7.62
N ALA SB 334 -104.01 69.08 -7.94
CA ALA SB 334 -102.75 69.74 -7.72
C ALA SB 334 -102.64 71.07 -8.44
N VAL SB 335 -103.04 71.14 -9.72
CA VAL SB 335 -103.13 72.40 -10.43
C VAL SB 335 -104.07 73.39 -9.78
N LEU SB 336 -105.28 72.97 -9.35
CA LEU SB 336 -106.25 73.83 -8.71
C LEU SB 336 -105.76 74.46 -7.43
N ARG SB 337 -105.11 73.69 -6.55
CA ARG SB 337 -104.43 74.23 -5.40
C ARG SB 337 -103.34 75.23 -5.78
N MET SB 338 -102.52 74.86 -6.77
CA MET SB 338 -101.38 75.62 -7.23
C MET SB 338 -101.76 77.00 -7.71
N ARG SB 339 -102.83 77.12 -8.53
CA ARG SB 339 -103.34 78.35 -9.10
C ARG SB 339 -103.39 79.52 -8.11
N LYS SB 340 -103.89 79.28 -6.90
CA LYS SB 340 -104.07 80.28 -5.87
C LYS SB 340 -102.86 81.17 -5.55
N SER SB 341 -102.97 82.43 -6.02
CA SER SB 341 -102.14 83.60 -5.79
C SER SB 341 -101.79 83.92 -4.35
N ILE SB 342 -100.83 84.85 -4.16
CA ILE SB 342 -100.11 85.07 -2.92
C ILE SB 342 -100.84 85.76 -1.79
N LEU SB 343 -101.91 86.55 -2.02
CA LEU SB 343 -102.51 87.37 -0.99
C LEU SB 343 -103.01 86.61 0.23
N GLU SB 344 -103.73 85.51 -0.02
CA GLU SB 344 -104.26 84.68 1.05
C GLU SB 344 -103.16 84.08 1.91
N LYS SB 345 -102.12 83.53 1.26
CA LYS SB 345 -100.92 83.01 1.89
C LYS SB 345 -100.20 84.05 2.72
N SER SB 346 -100.06 85.26 2.15
CA SER SB 346 -99.37 86.35 2.79
C SER SB 346 -100.01 86.85 4.08
N LYS SB 347 -101.34 87.06 4.12
CA LYS SB 347 -102.03 87.24 5.40
C LYS SB 347 -101.95 86.08 6.38
N ASN SB 348 -102.20 84.85 5.89
CA ASN SB 348 -102.22 83.63 6.66
C ASN SB 348 -100.96 83.28 7.41
N LYS SB 349 -99.77 83.62 6.89
CA LYS SB 349 -98.50 83.20 7.46
C LYS SB 349 -98.33 83.64 8.90
N LYS SB 350 -98.74 84.87 9.21
CA LYS SB 350 -98.79 85.44 10.54
C LYS SB 350 -99.63 84.60 11.50
N GLU SB 351 -100.82 84.16 11.06
CA GLU SB 351 -101.70 83.30 11.82
C GLU SB 351 -101.05 81.95 12.15
N LYS SB 352 -100.39 81.33 11.14
CA LYS SB 352 -99.64 80.09 11.27
C LYS SB 352 -98.54 80.17 12.31
N ARG SB 353 -97.75 81.25 12.28
CA ARG SB 353 -96.74 81.53 13.27
C ARG SB 353 -97.31 81.72 14.68
N VAL SB 354 -98.38 82.52 14.82
CA VAL SB 354 -99.04 82.82 16.08
C VAL SB 354 -99.60 81.58 16.77
N GLN SB 355 -100.25 80.67 16.04
CA GLN SB 355 -100.76 79.46 16.64
C GLN SB 355 -99.69 78.42 16.94
N LYS SB 356 -98.45 78.62 16.45
CA LYS SB 356 -97.34 77.74 16.68
C LYS SB 356 -96.65 78.07 18.00
N GLN SB 357 -96.80 79.31 18.51
CA GLN SB 357 -96.14 79.84 19.69
C GLN SB 357 -96.10 78.94 20.90
N ILE SB 358 -97.26 78.40 21.33
CA ILE SB 358 -97.32 77.46 22.45
C ILE SB 358 -96.47 76.21 22.23
N GLN SB 359 -96.52 75.60 21.02
CA GLN SB 359 -95.65 74.52 20.61
C GLN SB 359 -94.19 74.88 20.72
N LYS SB 360 -93.87 76.12 20.30
CA LYS SB 360 -92.53 76.64 20.29
C LYS SB 360 -91.96 76.72 21.69
N LYS SB 361 -92.74 77.23 22.66
CA LYS SB 361 -92.35 77.18 24.05
C LYS SB 361 -92.12 75.75 24.58
N GLU SB 362 -93.04 74.83 24.30
CA GLU SB 362 -92.90 73.47 24.73
C GLU SB 362 -91.65 72.76 24.20
N LEU SB 363 -91.39 72.88 22.89
CA LEU SB 363 -90.19 72.41 22.22
C LEU SB 363 -88.91 73.00 22.78
N GLN SB 364 -88.90 74.32 23.07
CA GLN SB 364 -87.77 74.98 23.68
C GLN SB 364 -87.45 74.32 25.01
N LYS SB 365 -88.48 74.03 25.83
CA LYS SB 365 -88.28 73.29 27.06
C LYS SB 365 -87.71 71.90 26.86
N ILE SB 366 -88.18 71.09 25.88
CA ILE SB 366 -87.58 69.78 25.66
C ILE SB 366 -86.10 69.83 25.33
N ASN SB 367 -85.68 70.77 24.47
CA ASN SB 367 -84.28 70.86 24.12
C ASN SB 367 -83.46 71.44 25.27
N HIS SB 368 -84.04 72.41 26.00
CA HIS SB 368 -83.44 72.98 27.19
C HIS SB 368 -83.14 71.94 28.25
N ASP SB 369 -84.09 71.04 28.51
CA ASP SB 369 -83.87 69.90 29.35
C ASP SB 369 -82.73 69.00 28.87
N TYR SB 370 -82.67 68.71 27.56
CA TYR SB 370 -81.63 67.89 26.99
C TYR SB 370 -80.23 68.42 27.25
N TYR SB 371 -80.04 69.72 27.02
CA TYR SB 371 -78.80 70.40 27.33
C TYR SB 371 -78.42 70.35 28.79
N LYS SB 372 -79.38 70.59 29.69
CA LYS SB 372 -79.14 70.62 31.13
C LYS SB 372 -78.60 69.28 31.60
N GLY SB 373 -79.20 68.18 31.11
CA GLY SB 373 -78.76 66.82 31.39
C GLY SB 373 -77.32 66.60 31.00
N VAL SB 374 -76.92 67.04 29.80
CA VAL SB 374 -75.53 66.96 29.38
C VAL SB 374 -74.60 67.73 30.31
N ALA SB 375 -74.95 68.96 30.70
CA ALA SB 375 -74.12 69.76 31.58
C ALA SB 375 -73.93 69.09 32.94
N LYS SB 376 -75.01 68.52 33.49
CA LYS SB 376 -75.00 67.76 34.72
C LYS SB 376 -74.09 66.56 34.67
N ALA SB 377 -74.11 65.79 33.56
CA ALA SB 377 -73.19 64.71 33.35
C ALA SB 377 -71.75 65.17 33.40
N VAL SB 378 -71.42 66.31 32.77
CA VAL SB 378 -70.07 66.86 32.82
C VAL SB 378 -69.65 67.19 34.23
N LYS SB 379 -70.50 67.88 35.02
CA LYS SB 379 -70.22 68.11 36.41
C LYS SB 379 -70.03 66.85 37.24
N LYS SB 380 -70.88 65.80 37.06
CA LYS SB 380 -70.73 64.56 37.80
C LYS SB 380 -69.42 63.84 37.52
N LYS SB 381 -69.05 63.74 36.24
CA LYS SB 381 -67.75 63.26 35.84
C LYS SB 381 -66.62 64.09 36.41
N LYS SB 382 -66.73 65.43 36.41
CA LYS SB 382 -65.72 66.30 36.98
C LYS SB 382 -65.44 66.07 38.45
N LYS SB 383 -66.47 65.93 39.29
CA LYS SB 383 -66.31 65.55 40.68
C LYS SB 383 -65.61 64.21 40.83
N ARG SB 384 -66.01 63.23 40.01
CA ARG SB 384 -65.43 61.90 40.04
C ARG SB 384 -63.94 61.91 39.71
N GLU SB 385 -63.54 62.61 38.64
CA GLU SB 385 -62.17 62.82 38.23
C GLU SB 385 -61.36 63.54 39.29
N GLU SB 386 -61.93 64.60 39.87
CA GLU SB 386 -61.35 65.35 40.95
C GLU SB 386 -61.07 64.51 42.18
N LYS SB 387 -62.03 63.66 42.60
CA LYS SB 387 -61.81 62.63 43.60
C LYS SB 387 -60.71 61.64 43.25
N LYS SB 388 -60.71 61.12 42.03
CA LYS SB 388 -59.72 60.19 41.51
C LYS SB 388 -58.30 60.73 41.53
N ALA SB 389 -58.12 62.01 41.15
CA ALA SB 389 -56.82 62.63 41.04
C ALA SB 389 -56.02 62.63 42.34
N LYS SB 390 -56.62 63.03 43.46
CA LYS SB 390 -55.94 63.11 44.74
C LYS SB 390 -55.63 61.73 45.39
N VAL TB 1 -78.18 2.17 82.12
CA VAL TB 1 -78.24 2.49 80.64
C VAL TB 1 -77.98 1.27 79.75
N MET TB 2 -77.98 1.45 78.41
CA MET TB 2 -77.84 0.34 77.47
C MET TB 2 -76.43 0.26 76.91
N ARG TB 3 -75.60 1.26 77.26
CA ARG TB 3 -74.34 1.56 76.60
C ARG TB 3 -73.15 0.74 77.09
N GLU TB 4 -73.35 -0.56 77.35
CA GLU TB 4 -72.35 -1.37 78.01
C GLU TB 4 -71.20 -1.80 77.11
N ILE TB 5 -69.95 -1.39 77.43
CA ILE TB 5 -68.75 -1.87 76.75
C ILE TB 5 -68.45 -3.30 77.13
N LYS TB 6 -68.35 -4.18 76.13
CA LYS TB 6 -68.13 -5.59 76.32
C LYS TB 6 -67.11 -6.05 75.30
N VAL TB 7 -66.55 -7.26 75.46
CA VAL TB 7 -65.81 -7.89 74.38
C VAL TB 7 -66.72 -8.19 73.20
N ASN TB 8 -66.23 -7.93 71.99
CA ASN TB 8 -66.96 -8.19 70.78
C ASN TB 8 -66.24 -9.26 69.98
N LYS TB 9 -64.90 -9.28 70.03
CA LYS TB 9 -64.17 -10.35 69.40
C LYS TB 9 -62.84 -10.54 70.11
N LEU TB 10 -62.36 -11.79 70.20
CA LEU TB 10 -61.04 -12.08 70.71
C LEU TB 10 -60.31 -12.84 69.64
N VAL TB 11 -59.09 -12.40 69.31
CA VAL TB 11 -58.29 -13.04 68.28
C VAL TB 11 -56.97 -13.41 68.89
N LEU TB 12 -56.51 -14.64 68.61
CA LEU TB 12 -55.32 -15.20 69.17
C LEU TB 12 -54.42 -15.57 68.01
N ASN TB 13 -53.17 -15.07 68.00
CA ASN TB 13 -52.26 -15.24 66.89
C ASN TB 13 -51.02 -15.98 67.35
N ILE TB 14 -50.56 -16.94 66.53
CA ILE TB 14 -49.24 -17.52 66.68
C ILE TB 14 -48.61 -17.53 65.31
N CYS TB 15 -47.42 -16.94 65.18
CA CYS TB 15 -46.70 -16.93 63.92
C CYS TB 15 -45.33 -17.51 64.10
N VAL TB 16 -44.97 -18.51 63.28
CA VAL TB 16 -43.60 -18.98 63.21
C VAL TB 16 -42.94 -18.39 61.97
N GLY TB 17 -43.74 -18.06 60.93
CA GLY TB 17 -43.25 -17.42 59.72
C GLY TB 17 -42.61 -18.36 58.73
N GLU TB 18 -42.67 -19.68 58.97
CA GLU TB 18 -41.98 -20.68 58.19
C GLU TB 18 -42.93 -21.74 57.67
N SER TB 19 -42.38 -22.76 56.98
CA SER TB 19 -43.05 -23.99 56.56
C SER TB 19 -43.81 -24.78 57.65
N GLY TB 20 -44.45 -25.91 57.24
CA GLY TB 20 -45.21 -26.83 58.05
C GLY TB 20 -44.51 -27.46 59.23
N ASP TB 21 -45.25 -28.30 59.96
CA ASP TB 21 -44.83 -29.00 61.16
C ASP TB 21 -44.78 -28.08 62.34
N ARG TB 22 -43.79 -27.18 62.44
CA ARG TB 22 -43.75 -26.21 63.51
C ARG TB 22 -44.98 -25.33 63.52
N LEU TB 23 -45.40 -24.87 62.32
CA LEU TB 23 -46.69 -24.26 62.13
C LEU TB 23 -47.85 -25.16 62.58
N THR TB 24 -47.84 -26.45 62.20
CA THR TB 24 -48.86 -27.42 62.60
C THR TB 24 -48.94 -27.63 64.09
N ARG TB 25 -47.78 -27.74 64.76
CA ARG TB 25 -47.66 -27.85 66.19
C ARG TB 25 -48.25 -26.65 66.87
N ALA TB 26 -47.93 -25.43 66.39
CA ALA TB 26 -48.53 -24.22 66.89
C ALA TB 26 -50.05 -24.26 66.79
N ALA TB 27 -50.59 -24.62 65.62
CA ALA TB 27 -52.01 -24.81 65.44
C ALA TB 27 -52.64 -25.82 66.40
N ARG TB 28 -51.97 -26.94 66.68
CA ARG TB 28 -52.36 -27.90 67.67
C ARG TB 28 -52.39 -27.32 69.08
N VAL TB 29 -51.36 -26.54 69.45
CA VAL TB 29 -51.33 -25.80 70.69
C VAL TB 29 -52.48 -24.84 70.82
N LEU TB 30 -52.76 -24.08 69.75
CA LEU TB 30 -53.88 -23.16 69.71
C LEU TB 30 -55.22 -23.85 69.87
N GLU TB 31 -55.41 -24.97 69.16
CA GLU TB 31 -56.55 -25.86 69.23
C GLU TB 31 -56.80 -26.41 70.63
N GLN TB 32 -55.76 -26.93 71.30
CA GLN TB 32 -55.83 -27.37 72.68
C GLN TB 32 -56.21 -26.25 73.63
N LEU TB 33 -55.63 -25.06 73.42
CA LEU TB 33 -55.94 -23.86 74.16
C LEU TB 33 -57.39 -23.48 74.00
N THR TB 34 -57.90 -23.39 72.77
CA THR TB 34 -59.33 -23.38 72.59
C THR TB 34 -59.69 -23.98 71.26
N GLU TB 35 -60.79 -24.72 71.30
CA GLU TB 35 -61.11 -25.87 70.50
C GLU TB 35 -61.15 -25.68 69.00
N GLN TB 36 -61.67 -24.53 68.57
CA GLN TB 36 -62.03 -24.17 67.23
C GLN TB 36 -60.86 -24.27 66.25
N LYS TB 37 -61.09 -24.76 65.02
CA LYS TB 37 -59.97 -24.98 64.10
C LYS TB 37 -59.25 -23.69 63.67
N PRO TB 38 -57.93 -23.60 63.74
CA PRO TB 38 -57.22 -22.46 63.19
C PRO TB 38 -57.34 -22.30 61.70
N ILE TB 39 -57.00 -21.11 61.19
CA ILE TB 39 -56.93 -20.81 59.78
C ILE TB 39 -55.63 -20.05 59.54
N PHE TB 40 -55.17 -19.94 58.29
CA PHE TB 40 -53.78 -19.66 58.01
C PHE TB 40 -53.60 -18.57 56.97
N GLY TB 41 -52.36 -18.02 56.89
CA GLY TB 41 -51.98 -16.88 56.04
C GLY TB 41 -51.81 -17.14 54.56
N LYS TB 42 -50.56 -17.02 54.05
CA LYS TB 42 -50.30 -16.79 52.63
C LYS TB 42 -49.17 -17.63 52.03
N CYS TB 43 -48.37 -17.12 51.06
CA CYS TB 43 -47.50 -17.98 50.27
C CYS TB 43 -46.28 -17.30 49.65
N ARG TB 44 -45.89 -16.11 50.12
CA ARG TB 44 -44.82 -15.36 49.47
C ARG TB 44 -43.39 -15.65 50.03
N LYS TB 57 -48.54 -21.45 52.96
CA LYS TB 57 -48.99 -21.10 54.35
C LYS TB 57 -47.84 -20.63 55.23
N ILE TB 58 -48.07 -19.60 56.08
CA ILE TB 58 -46.97 -18.90 56.77
C ILE TB 58 -47.23 -18.69 58.25
N SER TB 59 -48.50 -18.62 58.70
CA SER TB 59 -48.83 -18.09 60.00
C SER TB 59 -50.21 -18.58 60.38
N CYS TB 60 -50.62 -18.51 61.67
CA CYS TB 60 -51.89 -19.05 62.09
C CYS TB 60 -52.59 -18.22 63.15
N PHE TB 61 -53.92 -18.36 63.23
CA PHE TB 61 -54.71 -17.68 64.21
C PHE TB 61 -56.04 -18.36 64.39
N VAL TB 62 -56.79 -17.95 65.41
CA VAL TB 62 -58.15 -18.37 65.61
C VAL TB 62 -58.90 -17.22 66.23
N THR TB 63 -60.23 -17.21 66.14
CA THR TB 63 -61.06 -16.21 66.79
C THR TB 63 -61.98 -16.88 67.79
N VAL TB 64 -62.41 -16.12 68.82
CA VAL TB 64 -63.19 -16.63 69.93
C VAL TB 64 -64.32 -15.67 70.19
N ARG TB 65 -65.37 -16.08 70.93
CA ARG TB 65 -66.44 -15.23 71.44
C ARG TB 65 -66.81 -15.64 72.85
N GLY TB 66 -67.59 -14.79 73.55
CA GLY TB 66 -68.33 -15.19 74.74
C GLY TB 66 -67.52 -15.70 75.90
N LYS TB 67 -68.11 -16.65 76.62
CA LYS TB 67 -67.56 -17.33 77.78
C LYS TB 67 -66.19 -17.92 77.52
N LYS TB 68 -65.99 -18.58 76.36
CA LYS TB 68 -64.67 -19.04 75.97
C LYS TB 68 -63.65 -17.92 75.90
N ALA TB 69 -64.01 -16.78 75.31
CA ALA TB 69 -63.14 -15.64 75.20
C ALA TB 69 -62.77 -15.05 76.55
N LEU TB 70 -63.78 -14.92 77.44
CA LEU TB 70 -63.62 -14.43 78.78
C LEU TB 70 -62.63 -15.27 79.58
N GLU TB 71 -62.72 -16.60 79.50
CA GLU TB 71 -61.74 -17.52 80.07
C GLU TB 71 -60.34 -17.28 79.54
N ILE TB 72 -60.16 -17.15 78.23
CA ILE TB 72 -58.86 -16.83 77.68
C ILE TB 72 -58.32 -15.50 78.18
N LEU TB 73 -59.14 -14.44 78.23
CA LEU TB 73 -58.78 -13.14 78.79
C LEU TB 73 -58.35 -13.24 80.25
N GLU TB 74 -59.13 -13.97 81.05
CA GLU TB 74 -58.91 -14.19 82.46
C GLU TB 74 -57.56 -14.85 82.73
N LYS TB 75 -57.19 -15.86 81.93
CA LYS TB 75 -55.90 -16.52 82.01
C LYS TB 75 -54.80 -15.58 81.53
N GLY TB 76 -55.12 -14.75 80.51
CA GLY TB 76 -54.31 -13.68 79.97
C GLY TB 76 -53.78 -12.69 80.98
N LEU TB 77 -54.62 -12.22 81.92
CA LEU TB 77 -54.25 -11.25 82.96
C LEU TB 77 -52.96 -11.59 83.72
N LYS TB 78 -52.78 -12.85 84.14
CA LYS TB 78 -51.63 -13.25 84.92
C LYS TB 78 -50.29 -13.20 84.14
N ARG TB 85 -51.35 -3.24 80.31
CA ARG TB 85 -50.64 -1.94 80.66
C ARG TB 85 -51.22 -0.70 80.00
N ARG TB 86 -51.23 0.43 80.73
CA ARG TB 86 -51.91 1.69 80.39
C ARG TB 86 -51.48 2.34 79.07
N LYS TB 87 -50.18 2.23 78.73
CA LYS TB 87 -49.61 2.87 77.58
C LYS TB 87 -50.16 2.46 76.24
N ASN TB 88 -50.47 1.16 76.04
CA ASN TB 88 -50.50 0.56 74.72
C ASN TB 88 -51.85 0.06 74.21
N PHE TB 89 -52.95 0.56 74.79
CA PHE TB 89 -54.25 0.49 74.17
C PHE TB 89 -54.30 1.22 72.82
N SER TB 90 -55.13 0.79 71.88
CA SER TB 90 -55.35 1.56 70.66
C SER TB 90 -56.08 2.86 70.89
N ASP TB 91 -55.97 3.77 69.91
CA ASP TB 91 -56.80 4.95 69.78
C ASP TB 91 -58.28 4.56 69.68
N THR TB 92 -58.57 3.49 68.94
CA THR TB 92 -59.92 3.08 68.65
C THR TB 92 -60.64 2.43 69.81
N GLY TB 93 -59.89 1.96 70.82
CA GLY TB 93 -60.44 1.36 72.01
C GLY TB 93 -60.38 -0.14 72.02
N ASN TB 94 -59.27 -0.71 71.55
CA ASN TB 94 -58.99 -2.12 71.57
C ASN TB 94 -57.58 -2.30 72.10
N PHE TB 95 -57.15 -3.54 72.40
CA PHE TB 95 -55.83 -3.73 72.95
C PHE TB 95 -55.34 -5.14 72.73
N GLY TB 96 -54.04 -5.36 72.95
CA GLY TB 96 -53.45 -6.68 72.98
C GLY TB 96 -52.36 -6.72 74.00
N PHE TB 97 -51.68 -7.86 74.07
CA PHE TB 97 -50.54 -8.05 74.93
C PHE TB 97 -49.80 -9.28 74.46
N GLY TB 98 -48.51 -9.44 74.84
CA GLY TB 98 -47.68 -10.57 74.45
C GLY TB 98 -47.30 -11.48 75.58
N ILE TB 99 -47.06 -12.76 75.28
CA ILE TB 99 -46.61 -13.75 76.25
C ILE TB 99 -45.46 -14.58 75.63
N GLY TB 117 -44.46 -19.32 72.33
CA GLY TB 117 -44.80 -17.84 72.48
C GLY TB 117 -46.01 -17.44 71.68
N MET TB 118 -46.72 -16.37 72.09
CA MET TB 118 -48.09 -16.18 71.64
C MET TB 118 -48.51 -14.71 71.70
N ASP TB 119 -49.48 -14.33 70.86
CA ASP TB 119 -50.00 -12.99 70.74
C ASP TB 119 -51.52 -12.98 70.91
N PHE TB 120 -52.07 -11.85 71.40
CA PHE TB 120 -53.44 -11.74 71.79
C PHE TB 120 -53.96 -10.42 71.31
N TYR TB 121 -55.21 -10.36 70.79
CA TYR TB 121 -55.84 -9.09 70.57
C TYR TB 121 -57.32 -9.16 70.90
N VAL TB 122 -57.76 -8.16 71.67
CA VAL TB 122 -59.05 -8.09 72.28
C VAL TB 122 -59.77 -6.93 71.64
N HIS TB 123 -60.94 -7.19 71.05
CA HIS TB 123 -61.72 -6.20 70.36
C HIS TB 123 -63.00 -5.96 71.11
N LEU TB 124 -63.27 -4.70 71.41
CA LEU TB 124 -64.30 -4.29 72.30
C LEU TB 124 -65.29 -3.40 71.61
N SER TB 125 -66.54 -3.43 72.07
CA SER TB 125 -67.56 -2.55 71.55
C SER TB 125 -68.71 -2.48 72.52
N ARG TB 126 -69.58 -1.47 72.35
CA ARG TB 126 -70.94 -1.54 72.84
C ARG TB 126 -71.77 -2.30 71.82
N SER TB 127 -72.99 -2.74 72.17
CA SER TB 127 -73.84 -3.42 71.19
C SER TB 127 -74.33 -2.50 70.11
N GLY TB 128 -75.02 -3.04 69.09
CA GLY TB 128 -75.27 -2.28 67.88
C GLY TB 128 -74.11 -2.32 66.94
N TYR TB 129 -73.10 -3.17 67.19
CA TYR TB 129 -71.97 -3.32 66.30
C TYR TB 129 -72.41 -3.96 64.98
N ARG TB 130 -73.55 -4.65 65.06
CA ARG TB 130 -74.27 -5.29 63.99
C ARG TB 130 -74.59 -4.33 62.86
N VAL TB 131 -74.87 -3.04 63.15
CA VAL TB 131 -75.22 -2.05 62.15
C VAL TB 131 -74.21 -1.90 61.04
N THR TB 132 -72.92 -2.16 61.30
CA THR TB 132 -71.90 -2.17 60.27
C THR TB 132 -72.01 -3.34 59.31
N ARG TB 133 -72.43 -4.51 59.77
CA ARG TB 133 -72.32 -5.71 58.96
C ARG TB 133 -73.65 -6.22 58.47
N ARG TB 134 -74.78 -5.89 59.11
CA ARG TB 134 -76.03 -6.46 58.67
C ARG TB 134 -76.51 -5.99 57.31
N THR TB 135 -76.68 -6.96 56.42
CA THR TB 135 -76.52 -6.85 55.00
C THR TB 135 -77.44 -5.89 54.31
N ARG TB 136 -78.69 -5.79 54.78
CA ARG TB 136 -79.60 -4.77 54.28
C ARG TB 136 -79.13 -3.34 54.49
N ARG TB 137 -78.54 -3.01 55.66
CA ARG TB 137 -78.45 -1.62 56.05
C ARG TB 137 -77.04 -1.11 56.30
N ARG TB 138 -75.99 -1.92 56.04
CA ARG TB 138 -74.59 -1.66 56.40
C ARG TB 138 -74.16 -0.20 56.50
N SER TB 139 -73.82 0.29 57.71
CA SER TB 139 -73.61 1.72 57.88
C SER TB 139 -72.77 2.03 59.10
N LYS TB 140 -72.28 3.28 59.19
CA LYS TB 140 -71.49 3.76 60.31
C LYS TB 140 -72.23 3.94 61.63
N ILE TB 141 -71.65 3.40 62.72
CA ILE TB 141 -71.98 3.73 64.08
C ILE TB 141 -71.69 5.20 64.42
N SER TB 142 -72.48 5.85 65.30
CA SER TB 142 -72.16 7.20 65.80
C SER TB 142 -70.84 7.34 66.55
N LYS TB 143 -70.17 8.50 66.41
CA LYS TB 143 -68.92 8.79 67.09
C LYS TB 143 -69.04 8.66 68.59
N THR TB 144 -70.10 9.21 69.20
CA THR TB 144 -70.33 9.12 70.64
C THR TB 144 -70.86 7.76 71.06
N HIS TB 145 -70.55 6.72 70.30
CA HIS TB 145 -70.98 5.38 70.56
C HIS TB 145 -69.83 4.44 70.28
N LYS TB 146 -68.84 4.87 69.49
CA LYS TB 146 -67.51 4.29 69.44
C LYS TB 146 -66.83 4.28 70.80
N VAL TB 147 -65.91 3.33 71.04
CA VAL TB 147 -65.45 2.98 72.37
C VAL TB 147 -64.69 4.09 73.11
N THR TB 148 -63.70 4.71 72.43
CA THR TB 148 -62.68 5.61 72.97
C THR TB 148 -61.65 4.95 73.85
N LYS TB 149 -60.40 5.45 73.84
CA LYS TB 149 -59.32 4.87 74.60
C LYS TB 149 -59.53 4.93 76.09
N GLU TB 150 -59.83 6.13 76.64
CA GLU TB 150 -59.97 6.37 78.06
C GLU TB 150 -61.00 5.52 78.77
N ASP TB 151 -62.21 5.39 78.19
CA ASP TB 151 -63.25 4.50 78.67
C ASP TB 151 -62.80 3.04 78.67
N ALA TB 152 -62.14 2.58 77.60
CA ALA TB 152 -61.65 1.23 77.50
C ALA TB 152 -60.63 0.91 78.60
N MET TB 153 -59.66 1.82 78.84
CA MET TB 153 -58.73 1.72 79.95
C MET TB 153 -59.42 1.69 81.30
N LYS TB 154 -60.42 2.57 81.51
CA LYS TB 154 -61.19 2.60 82.73
C LYS TB 154 -61.90 1.28 82.97
N TRP TB 155 -62.53 0.71 81.93
CA TRP TB 155 -63.14 -0.60 82.01
C TRP TB 155 -62.12 -1.68 82.39
N PHE TB 156 -60.93 -1.68 81.77
CA PHE TB 156 -59.92 -2.66 82.07
C PHE TB 156 -59.46 -2.65 83.54
N GLN TB 157 -59.19 -1.47 84.12
CA GLN TB 157 -58.90 -1.34 85.54
C GLN TB 157 -60.05 -1.81 86.42
N THR TB 158 -61.28 -1.38 86.08
CA THR TB 158 -62.52 -1.73 86.75
C THR TB 158 -62.79 -3.23 86.78
N LYS TB 159 -62.74 -3.89 85.62
CA LYS TB 159 -62.93 -5.31 85.46
C LYS TB 159 -62.01 -6.19 86.36
N ILE UB 1 -76.11 78.89 -0.43
CA ILE UB 1 -74.98 78.44 0.47
C ILE UB 1 -73.84 77.76 -0.28
N ASP UB 2 -72.58 77.92 0.16
CA ASP UB 2 -71.44 77.35 -0.53
C ASP UB 2 -71.26 75.88 -0.16
N ASN UB 3 -71.35 74.99 -1.16
CA ASN UB 3 -71.02 73.59 -1.01
C ASN UB 3 -69.56 73.35 -0.71
N SER UB 4 -68.64 74.13 -1.28
CA SER UB 4 -67.21 73.92 -1.12
C SER UB 4 -66.75 74.03 0.33
N LEU UB 5 -67.35 74.98 1.09
CA LEU UB 5 -67.04 75.16 2.48
C LEU UB 5 -67.97 74.36 3.37
N ASN UB 6 -68.90 73.60 2.79
CA ASN UB 6 -69.79 72.73 3.54
C ASN UB 6 -69.08 71.57 4.21
N THR UB 7 -69.64 71.08 5.32
CA THR UB 7 -69.20 69.89 6.02
C THR UB 7 -70.47 69.11 6.26
N ASN UB 8 -70.40 67.83 6.63
CA ASN UB 8 -71.62 67.06 6.87
C ASN UB 8 -71.71 66.51 8.28
N ILE UB 9 -70.87 67.00 9.21
CA ILE UB 9 -70.97 66.56 10.58
C ILE UB 9 -72.09 67.28 11.31
N HIS UB 10 -73.02 66.51 11.85
CA HIS UB 10 -74.13 66.98 12.64
C HIS UB 10 -74.13 66.36 14.03
N GLN UB 11 -75.02 66.84 14.91
CA GLN UB 11 -75.19 66.28 16.23
C GLN UB 11 -76.55 65.67 16.26
N TYR UB 12 -76.64 64.45 16.79
CA TYR UB 12 -77.92 63.78 16.89
C TYR UB 12 -78.11 63.40 18.33
N HIS UB 13 -79.31 63.70 18.86
CA HIS UB 13 -79.74 63.20 20.15
C HIS UB 13 -80.40 61.87 19.95
N ILE UB 14 -79.90 60.82 20.61
CA ILE UB 14 -80.43 59.48 20.52
C ILE UB 14 -80.89 59.00 21.88
N VAL UB 15 -82.09 58.42 21.96
CA VAL UB 15 -82.59 57.83 23.18
C VAL UB 15 -82.98 56.40 22.88
N GLY UB 16 -82.55 55.44 23.73
CA GLY UB 16 -82.90 54.03 23.59
C GLY UB 16 -83.01 53.30 24.90
N ARG UB 17 -83.59 52.09 24.83
CA ARG UB 17 -83.72 51.21 25.95
C ARG UB 17 -83.69 49.74 25.55
N ALA UB 18 -83.51 48.86 26.54
CA ALA UB 18 -83.58 47.43 26.40
C ALA UB 18 -85.00 46.93 26.19
N ILE UB 19 -85.22 45.93 25.31
CA ILE UB 19 -86.53 45.31 25.14
C ILE UB 19 -87.06 44.75 26.46
N PRO UB 20 -88.29 44.98 26.88
CA PRO UB 20 -88.76 44.53 28.17
C PRO UB 20 -88.95 43.03 28.20
N THR UB 21 -88.73 42.39 29.35
CA THR UB 21 -88.85 40.95 29.52
C THR UB 21 -89.46 40.69 30.89
N ALA UB 22 -89.68 39.41 31.24
CA ALA UB 22 -90.13 39.04 32.58
C ALA UB 22 -89.17 39.49 33.67
N LYS UB 23 -87.86 39.36 33.43
CA LYS UB 23 -86.84 39.86 34.33
C LYS UB 23 -86.80 41.38 34.44
N ASP UB 24 -86.88 42.12 33.31
CA ASP UB 24 -86.86 43.57 33.34
C ASP UB 24 -88.15 44.13 32.81
N LYS UB 25 -89.00 44.58 33.74
CA LYS UB 25 -90.27 45.19 33.43
C LYS UB 25 -90.13 46.62 32.93
N ASN UB 26 -89.28 47.41 33.61
CA ASN UB 26 -89.01 48.78 33.25
C ASN UB 26 -87.51 48.92 33.20
N PRO UB 27 -86.88 49.15 32.06
CA PRO UB 27 -85.43 49.09 31.98
C PRO UB 27 -84.85 50.45 32.27
N ASN UB 28 -83.53 50.55 32.48
CA ASN UB 28 -82.88 51.83 32.58
C ASN UB 28 -82.74 52.47 31.20
N VAL UB 29 -83.29 53.67 31.03
CA VAL UB 29 -83.34 54.32 29.74
C VAL UB 29 -82.11 55.17 29.55
N TYR UB 30 -81.51 55.15 28.35
CA TYR UB 30 -80.28 55.88 28.11
C TYR UB 30 -80.45 56.88 27.00
N ARG UB 31 -79.97 58.11 27.22
CA ARG UB 31 -79.88 59.11 26.18
C ARG UB 31 -78.48 59.58 26.02
N MET UB 32 -78.10 59.93 24.79
CA MET UB 32 -76.83 60.56 24.56
C MET UB 32 -76.88 61.44 23.33
N CYS UB 33 -76.02 62.47 23.27
CA CYS UB 33 -75.71 63.16 22.03
C CYS UB 33 -74.48 62.58 21.35
N ILE UB 34 -74.52 62.43 20.01
CA ILE UB 34 -73.42 61.86 19.27
C ILE UB 34 -73.18 62.59 17.97
N PHE UB 35 -71.92 62.98 17.72
CA PHE UB 35 -71.48 63.71 16.56
C PHE UB 35 -71.13 62.79 15.41
N ALA UB 36 -71.85 62.92 14.29
CA ALA UB 36 -71.88 61.93 13.24
C ALA UB 36 -72.04 62.53 11.85
N LYS UB 37 -71.64 61.78 10.82
CA LYS UB 37 -71.76 62.19 9.43
C LYS UB 37 -73.13 61.92 8.82
N ASN UB 38 -73.99 61.15 9.51
CA ASN UB 38 -75.39 61.03 9.21
C ASN UB 38 -76.08 60.37 10.39
N ASP UB 39 -77.40 60.22 10.35
CA ASP UB 39 -78.22 59.63 11.38
C ASP UB 39 -78.00 58.13 11.59
N THR UB 40 -77.71 57.38 10.53
CA THR UB 40 -77.43 55.95 10.62
C THR UB 40 -76.12 55.71 11.28
N ASN UB 41 -75.14 56.52 10.88
CA ASN UB 41 -73.84 56.53 11.46
C ASN UB 41 -73.95 56.92 12.95
N ALA UB 42 -74.77 57.94 13.27
CA ALA UB 42 -75.06 58.30 14.64
C ALA UB 42 -75.59 57.14 15.46
N LYS UB 43 -76.56 56.40 14.92
CA LYS UB 43 -77.09 55.23 15.53
C LYS UB 43 -76.01 54.19 15.76
N SER UB 44 -75.16 53.95 14.76
CA SER UB 44 -74.16 52.91 14.87
C SER UB 44 -73.18 53.22 15.98
N ARG UB 45 -72.71 54.47 16.03
CA ARG UB 45 -71.82 54.93 17.05
C ARG UB 45 -72.48 54.81 18.42
N PHE UB 46 -73.75 55.19 18.55
CA PHE UB 46 -74.50 55.03 19.79
C PHE UB 46 -74.57 53.56 20.22
N TRP UB 47 -74.88 52.64 19.29
CA TRP UB 47 -74.89 51.23 19.53
C TRP UB 47 -73.55 50.69 20.00
N TYR UB 48 -72.46 51.12 19.36
CA TYR UB 48 -71.14 50.74 19.83
C TYR UB 48 -70.91 51.21 21.27
N PHE UB 49 -71.28 52.44 21.63
CA PHE UB 49 -71.21 52.87 23.00
C PHE UB 49 -72.07 52.04 23.94
N MET UB 50 -73.27 51.67 23.51
CA MET UB 50 -74.14 50.80 24.27
C MET UB 50 -73.50 49.47 24.56
N LYS UB 51 -72.89 48.84 23.55
CA LYS UB 51 -72.11 47.65 23.77
C LYS UB 51 -70.93 47.84 24.70
N LYS UB 52 -70.11 48.89 24.52
CA LYS UB 52 -68.98 49.17 25.38
C LYS UB 52 -69.29 49.53 26.83
N ILE UB 53 -70.28 50.38 27.10
CA ILE UB 53 -70.55 50.84 28.45
C ILE UB 53 -71.59 50.01 29.17
N ASN UB 54 -72.83 49.97 28.67
CA ASN UB 54 -73.90 49.20 29.28
C ASN UB 54 -73.88 47.77 28.80
N LYS UB 55 -74.83 46.94 29.27
CA LYS UB 55 -75.02 45.63 28.71
C LYS UB 55 -76.12 45.64 27.66
N LEU UB 56 -75.80 45.88 26.38
CA LEU UB 56 -76.82 45.95 25.36
C LEU UB 56 -76.23 45.75 23.97
N LYS UB 57 -77.04 45.30 23.01
CA LYS UB 57 -76.73 45.27 21.60
C LYS UB 57 -77.98 45.67 20.85
N LYS UB 58 -77.88 45.94 19.52
CA LYS UB 58 -79.02 46.36 18.72
C LYS UB 58 -80.14 45.35 18.74
N SER UB 59 -79.78 44.07 18.67
CA SER UB 59 -80.71 42.98 18.58
C SER UB 59 -81.67 42.85 19.75
N ASN UB 60 -81.22 43.07 21.00
CA ASN UB 60 -82.08 42.92 22.15
C ASN UB 60 -82.54 44.26 22.73
N GLY UB 61 -82.55 45.34 21.93
CA GLY UB 61 -82.96 46.67 22.40
C GLY UB 61 -83.83 47.40 21.41
N GLU UB 62 -84.27 48.62 21.77
CA GLU UB 62 -85.12 49.41 20.92
C GLU UB 62 -84.82 50.90 21.09
N LEU UB 63 -84.83 51.65 19.98
CA LEU UB 63 -84.68 53.09 19.97
C LEU UB 63 -85.95 53.80 20.33
N LEU UB 64 -85.90 54.67 21.34
CA LEU UB 64 -87.04 55.44 21.71
C LEU UB 64 -87.16 56.69 20.88
N ALA UB 65 -86.04 57.38 20.60
CA ALA UB 65 -86.11 58.63 19.89
C ALA UB 65 -84.82 58.95 19.19
N CYS UB 66 -84.92 59.61 18.02
CA CYS UB 66 -83.76 60.06 17.28
C CYS UB 66 -84.10 61.43 16.74
N GLU UB 67 -83.30 62.46 17.08
CA GLU UB 67 -83.57 63.80 16.59
C GLU UB 67 -82.30 64.60 16.39
N GLN UB 68 -82.24 65.35 15.29
CA GLN UB 68 -81.15 66.28 15.04
C GLN UB 68 -81.17 67.49 15.94
N ILE UB 69 -80.00 67.86 16.48
CA ILE UB 69 -79.76 69.11 17.15
C ILE UB 69 -79.04 70.00 16.17
N LYS UB 70 -79.31 71.31 16.17
CA LYS UB 70 -78.60 72.24 15.34
C LYS UB 70 -78.42 73.50 16.14
N GLU UB 71 -77.34 74.25 15.91
CA GLU UB 71 -77.03 75.40 16.73
C GLU UB 71 -78.09 76.49 16.74
N ARG UB 72 -78.33 77.05 17.92
CA ARG UB 72 -79.32 78.05 18.21
C ARG UB 72 -78.97 79.38 17.56
N PHE UB 73 -77.69 79.77 17.62
CA PHE UB 73 -77.24 81.04 17.10
C PHE UB 73 -76.01 80.87 16.24
N PRO UB 74 -76.10 80.31 15.04
CA PRO UB 74 -74.96 79.84 14.28
C PRO UB 74 -74.06 80.93 13.76
N LEU UB 75 -74.39 82.21 13.97
CA LEU UB 75 -73.59 83.30 13.49
C LEU UB 75 -73.00 84.14 14.62
N ARG UB 76 -72.91 83.59 15.85
CA ARG UB 76 -72.09 84.20 16.89
C ARG UB 76 -71.05 83.24 17.44
N VAL UB 77 -69.82 83.73 17.64
CA VAL UB 77 -68.69 82.93 18.07
C VAL UB 77 -68.81 82.30 19.44
N LYS UB 78 -68.32 81.06 19.57
CA LYS UB 78 -68.16 80.39 20.84
C LYS UB 78 -66.79 79.72 20.92
N ASN UB 79 -66.26 79.59 22.14
CA ASN UB 79 -65.01 78.89 22.40
C ASN UB 79 -65.33 77.50 22.88
N TYR UB 80 -65.17 76.47 22.07
CA TYR UB 80 -65.50 75.14 22.48
C TYR UB 80 -64.28 74.39 22.96
N GLY UB 81 -64.38 73.80 24.17
CA GLY UB 81 -63.39 72.86 24.71
C GLY UB 81 -63.85 71.44 24.54
N VAL UB 82 -62.97 70.58 24.05
CA VAL UB 82 -63.26 69.18 23.81
C VAL UB 82 -62.28 68.31 24.54
N LEU UB 83 -62.76 67.16 25.05
CA LEU UB 83 -61.91 66.15 25.64
C LEU UB 83 -62.07 64.84 24.86
N LEU UB 84 -60.94 64.28 24.41
CA LEU UB 84 -60.93 63.12 23.56
C LEU UB 84 -60.23 61.99 24.23
N ARG UB 85 -60.63 60.77 23.85
CA ARG UB 85 -59.89 59.56 24.06
C ARG UB 85 -59.50 59.05 22.70
N TYR UB 86 -58.21 58.81 22.43
CA TYR UB 86 -57.83 58.22 21.17
C TYR UB 86 -56.84 57.09 21.35
N ASP UB 87 -56.66 56.28 20.30
CA ASP UB 87 -55.65 55.24 20.26
C ASP UB 87 -54.57 55.55 19.24
N SER UB 88 -53.33 55.44 19.69
CA SER UB 88 -52.11 55.58 18.93
C SER UB 88 -51.63 54.23 18.47
N ARG UB 89 -50.48 54.18 17.79
CA ARG UB 89 -49.82 52.94 17.48
C ARG UB 89 -49.33 52.18 18.72
N THR UB 90 -48.75 52.83 19.75
CA THR UB 90 -48.39 52.14 20.99
C THR UB 90 -49.59 51.80 21.85
N GLY UB 91 -50.48 52.77 22.10
CA GLY UB 91 -51.51 52.61 23.11
C GLY UB 91 -52.45 53.78 23.15
N THR UB 92 -53.03 54.06 24.32
CA THR UB 92 -54.23 54.88 24.44
C THR UB 92 -53.98 56.13 25.26
N HIS UB 93 -54.55 57.28 24.87
CA HIS UB 93 -54.34 58.52 25.59
C HIS UB 93 -55.59 59.36 25.70
N ASN UB 94 -55.71 60.14 26.79
CA ASN UB 94 -56.74 61.15 26.93
C ASN UB 94 -56.15 62.50 26.60
N MET UB 95 -56.89 63.45 26.01
CA MET UB 95 -56.37 64.78 25.72
C MET UB 95 -57.45 65.85 25.60
N TYR UB 96 -57.11 67.11 25.94
CA TYR UB 96 -58.01 68.25 26.02
C TYR UB 96 -57.56 69.35 25.07
N LYS UB 97 -58.43 69.73 24.10
CA LYS UB 97 -58.16 70.81 23.17
C LYS UB 97 -59.26 71.87 23.14
N GLU UB 98 -58.90 73.10 22.75
CA GLU UB 98 -59.84 74.22 22.60
C GLU UB 98 -59.90 74.72 21.16
N PHE UB 99 -61.12 75.06 20.71
CA PHE UB 99 -61.45 75.45 19.35
C PHE UB 99 -62.37 76.66 19.31
N ARG UB 100 -62.02 77.71 18.54
CA ARG UB 100 -62.98 78.79 18.31
C ARG UB 100 -63.83 78.51 17.09
N ASP UB 101 -65.17 78.45 17.29
CA ASP UB 101 -66.08 78.14 16.20
C ASP UB 101 -67.48 78.70 16.47
N THR UB 102 -68.39 78.36 15.58
CA THR UB 102 -69.70 78.90 15.38
C THR UB 102 -70.77 77.90 15.74
N THR UB 103 -70.38 76.65 15.97
CA THR UB 103 -71.28 75.59 16.34
C THR UB 103 -70.40 74.49 16.85
N LYS UB 104 -70.97 73.54 17.60
CA LYS UB 104 -70.34 72.32 18.01
C LYS UB 104 -69.83 71.54 16.82
N GLU UB 105 -70.65 71.50 15.77
CA GLU UB 105 -70.39 70.77 14.56
C GLU UB 105 -69.10 71.20 13.88
N GLY UB 106 -68.90 72.51 13.76
CA GLY UB 106 -67.68 73.12 13.25
C GLY UB 106 -66.47 72.73 14.05
N ALA UB 107 -66.62 72.73 15.37
CA ALA UB 107 -65.56 72.38 16.26
C ALA UB 107 -65.12 70.94 16.04
N ILE UB 108 -66.07 70.01 15.93
CA ILE UB 108 -65.73 68.62 15.70
C ILE UB 108 -65.06 68.42 14.35
N ALA UB 109 -65.55 69.06 13.29
CA ALA UB 109 -64.94 68.97 11.98
C ALA UB 109 -63.48 69.41 11.93
N GLN UB 110 -63.16 70.56 12.55
CA GLN UB 110 -61.79 70.99 12.73
C GLN UB 110 -60.98 70.01 13.54
N LEU UB 111 -61.54 69.49 14.64
CA LEU UB 111 -60.86 68.58 15.52
C LEU UB 111 -60.46 67.29 14.82
N TYR UB 112 -61.35 66.69 14.02
CA TYR UB 112 -61.01 65.53 13.23
C TYR UB 112 -59.87 65.80 12.26
N SER UB 113 -59.91 66.98 11.62
CA SER UB 113 -58.85 67.41 10.74
C SER UB 113 -57.52 67.58 11.45
N GLU UB 114 -57.54 68.17 12.65
CA GLU UB 114 -56.38 68.37 13.49
C GLU UB 114 -55.79 67.05 13.96
N MET UB 115 -56.63 66.15 14.48
CA MET UB 115 -56.20 64.88 14.99
C MET UB 115 -55.57 64.01 13.92
N ALA UB 116 -56.13 64.04 12.71
CA ALA UB 116 -55.47 63.47 11.59
C ALA UB 116 -54.12 64.11 11.28
N GLY UB 117 -54.01 65.45 11.33
CA GLY UB 117 -52.78 66.12 10.96
C GLY UB 117 -51.65 66.00 11.97
N ARG UB 118 -51.93 66.12 13.27
CA ARG UB 118 -50.89 66.17 14.27
C ARG UB 118 -50.66 64.79 14.86
N HIS UB 119 -51.65 63.88 14.83
CA HIS UB 119 -51.55 62.62 15.53
C HIS UB 119 -51.81 61.41 14.67
N ARG UB 120 -52.22 61.61 13.40
CA ARG UB 120 -52.46 60.52 12.48
C ARG UB 120 -53.60 59.66 12.96
N ALA UB 121 -54.55 60.29 13.64
CA ALA UB 121 -55.73 59.63 14.12
C ALA UB 121 -56.72 59.50 12.98
N ARG UB 122 -57.17 58.27 12.71
CA ARG UB 122 -58.23 58.08 11.75
C ARG UB 122 -59.55 58.19 12.49
N ALA UB 123 -60.64 58.47 11.78
CA ALA UB 123 -61.94 58.67 12.36
C ALA UB 123 -62.41 57.56 13.28
N SER UB 124 -62.16 56.30 12.90
CA SER UB 124 -62.28 55.11 13.73
C SER UB 124 -61.61 55.22 15.08
N SER UB 125 -60.46 55.89 15.13
CA SER UB 125 -59.55 55.87 16.25
C SER UB 125 -59.81 56.99 17.24
N ILE UB 126 -60.85 57.81 17.01
CA ILE UB 126 -61.19 58.94 17.87
C ILE UB 126 -62.45 58.63 18.66
N ASN UB 127 -62.49 59.00 19.95
CA ASN UB 127 -63.68 58.87 20.76
C ASN UB 127 -63.93 60.15 21.51
N ILE UB 128 -65.04 60.85 21.19
CA ILE UB 128 -65.41 62.09 21.87
C ILE UB 128 -65.92 61.87 23.27
N ILE UB 129 -65.21 62.38 24.31
CA ILE UB 129 -65.74 62.39 25.66
C ILE UB 129 -66.00 63.82 26.09
N ARG UB 130 -67.23 64.34 25.96
CA ARG UB 130 -67.57 65.68 26.41
C ARG UB 130 -67.02 66.82 25.53
N ILE UB 131 -67.91 67.65 24.97
CA ILE UB 131 -67.54 68.91 24.37
C ILE UB 131 -68.41 69.98 24.96
N SER UB 132 -67.84 71.07 25.48
CA SER UB 132 -68.63 72.16 26.01
C SER UB 132 -68.01 73.50 25.72
N GLU UB 133 -68.85 74.52 25.60
CA GLU UB 133 -68.48 75.88 25.42
C GLU UB 133 -67.89 76.47 26.70
N ILE UB 134 -66.68 77.05 26.60
CA ILE UB 134 -65.89 77.50 27.71
C ILE UB 134 -65.70 79.01 27.67
N SER UB 135 -65.84 79.67 28.84
CA SER UB 135 -65.66 81.11 29.00
C SER UB 135 -64.26 81.59 28.68
N SER UB 136 -64.16 82.79 28.10
CA SER UB 136 -62.94 83.38 27.57
C SER UB 136 -61.82 83.51 28.58
N SER UB 137 -62.18 83.76 29.85
CA SER UB 137 -61.22 83.87 30.92
C SER UB 137 -60.63 82.54 31.34
N LEU UB 138 -61.24 81.41 30.96
CA LEU UB 138 -60.81 80.11 31.40
C LEU UB 138 -60.01 79.35 30.35
N VAL UB 139 -59.81 79.91 29.16
CA VAL UB 139 -59.04 79.31 28.07
C VAL UB 139 -57.61 78.96 28.46
N ARG UB 140 -57.13 77.79 28.05
CA ARG UB 140 -55.90 77.20 28.50
C ARG UB 140 -54.84 77.08 27.42
N ARG UB 141 -55.15 77.31 26.15
CA ARG UB 141 -54.18 77.15 25.07
C ARG UB 141 -53.83 78.46 24.40
N PRO UB 142 -52.55 78.72 24.11
CA PRO UB 142 -52.05 80.05 23.84
C PRO UB 142 -52.61 80.62 22.57
N HIS UB 143 -52.82 79.82 21.52
CA HIS UB 143 -53.30 80.32 20.26
C HIS UB 143 -54.72 80.79 20.31
N ILE UB 144 -55.48 80.37 21.33
CA ILE UB 144 -56.86 80.79 21.44
C ILE UB 144 -56.87 82.05 22.28
N LYS UB 145 -55.99 82.13 23.29
CA LYS UB 145 -55.81 83.32 24.08
C LYS UB 145 -55.46 84.55 23.25
N GLN UB 146 -54.57 84.40 22.26
CA GLN UB 146 -54.20 85.46 21.33
C GLN UB 146 -55.35 86.02 20.53
N LEU UB 147 -56.22 85.15 20.01
CA LEU UB 147 -57.42 85.59 19.34
C LEU UB 147 -58.34 86.41 20.24
N LEU UB 148 -58.57 85.96 21.48
CA LEU UB 148 -59.40 86.66 22.45
C LEU UB 148 -58.98 88.06 22.93
N LYS UB 149 -57.97 88.69 22.34
CA LYS UB 149 -57.51 90.04 22.67
C LYS UB 149 -58.46 91.16 22.29
N ARG UB 150 -58.41 92.31 23.01
CA ARG UB 150 -59.43 93.35 22.95
C ARG UB 150 -59.72 93.92 21.57
N ARG UB 151 -58.68 94.34 20.83
CA ARG UB 151 -58.87 94.97 19.55
C ARG UB 151 -58.15 94.18 18.50
N LEU UB 152 -58.63 92.96 18.25
CA LEU UB 152 -58.03 92.10 17.26
C LEU UB 152 -58.06 92.67 15.86
N ARG UB 153 -56.87 92.75 15.27
CA ARG UB 153 -56.69 93.15 13.91
C ARG UB 153 -55.32 92.64 13.53
N PHE UB 154 -55.07 92.47 12.24
CA PHE UB 154 -53.78 92.06 11.76
C PHE UB 154 -53.78 92.34 10.29
N PRO UB 155 -52.67 92.42 9.61
CA PRO UB 155 -52.62 92.53 8.17
C PRO UB 155 -52.84 91.19 7.50
N ALA UB 156 -53.59 91.16 6.40
CA ALA UB 156 -53.60 90.03 5.52
C ALA UB 156 -52.24 89.82 4.84
N LEU UB 157 -51.78 88.57 4.75
CA LEU UB 157 -50.51 88.25 4.15
C LEU UB 157 -50.58 86.93 3.41
N HIS UB 158 -51.79 86.45 3.07
CA HIS UB 158 -51.98 85.25 2.29
C HIS UB 158 -51.91 85.56 0.80
N LEU UB 159 -51.43 84.60 -0.02
CA LEU UB 159 -51.34 84.76 -1.46
C LEU UB 159 -52.70 84.95 -2.13
N PRO UB 160 -52.85 85.71 -3.21
CA PRO UB 160 -54.07 85.76 -3.99
C PRO UB 160 -54.61 84.42 -4.41
N THR UB 161 -55.93 84.29 -4.57
CA THR UB 161 -56.53 83.13 -5.21
C THR UB 161 -57.77 83.61 -5.90
N LEU UB 162 -58.16 82.98 -7.02
CA LEU UB 162 -59.23 83.51 -7.82
C LEU UB 162 -59.80 82.47 -8.75
N GLN UB 163 -61.02 82.70 -9.23
CA GLN UB 163 -61.78 81.88 -10.17
C GLN UB 163 -61.03 81.31 -11.36
N LYS UB 164 -61.59 80.26 -11.98
CA LYS UB 164 -61.05 79.69 -13.20
C LYS UB 164 -61.05 80.66 -14.36
N GLU UB 165 -61.99 81.63 -14.35
CA GLU UB 165 -62.09 82.66 -15.36
C GLU UB 165 -60.82 83.50 -15.51
N TYR UB 166 -60.10 83.77 -14.40
CA TYR UB 166 -58.95 84.65 -14.43
C TYR UB 166 -57.63 83.93 -14.23
N ARG UB 167 -57.64 82.62 -13.90
CA ARG UB 167 -56.44 81.88 -13.53
C ARG UB 167 -55.69 81.38 -14.75
N LYS UB 168 -55.51 82.26 -15.74
CA LYS UB 168 -55.03 81.94 -17.07
C LYS UB 168 -53.55 81.63 -17.15
N LYS UB 169 -53.10 81.12 -18.31
CA LYS UB 169 -51.80 80.52 -18.42
C LYS UB 169 -50.74 81.49 -18.91
N PHE UB 170 -51.12 82.74 -19.17
CA PHE UB 170 -50.19 83.75 -19.66
C PHE UB 170 -50.58 85.08 -19.07
N ALA UB 171 -49.61 85.94 -18.76
CA ALA UB 171 -49.88 87.19 -18.09
C ALA UB 171 -48.95 88.28 -18.57
N SER UB 172 -49.42 89.53 -18.52
CA SER UB 172 -48.76 90.70 -19.03
C SER UB 172 -47.45 91.03 -18.38
N LYS UB 173 -47.38 90.87 -17.07
CA LYS UB 173 -46.21 91.13 -16.31
C LYS UB 173 -46.33 90.34 -15.04
N ARG UB 174 -45.28 90.30 -14.23
CA ARG UB 174 -45.33 89.57 -12.98
C ARG UB 174 -46.38 90.14 -12.04
N PRO UB 175 -47.32 89.39 -11.51
CA PRO UB 175 -48.22 89.86 -10.48
C PRO UB 175 -47.50 90.09 -9.18
N SER UB 176 -48.16 90.78 -8.24
CA SER UB 176 -47.52 91.22 -7.02
C SER UB 176 -48.14 90.58 -5.80
N THR UB 177 -47.30 90.01 -4.94
CA THR UB 177 -47.65 89.47 -3.63
C THR UB 177 -48.16 90.53 -2.71
N TYR UB 178 -47.58 91.73 -2.83
CA TYR UB 178 -47.69 92.86 -1.94
C TYR UB 178 -49.08 93.11 -1.41
N ARG UB 179 -50.02 93.46 -2.31
CA ARG UB 179 -51.30 94.06 -1.99
C ARG UB 179 -51.23 95.30 -1.09
N MET UB 180 -52.25 96.14 -1.17
CA MET UB 180 -52.24 97.38 -0.44
C MET UB 180 -52.56 97.19 1.08
N LYS VB 1 -48.02 78.70 17.27
CA LYS VB 1 -48.27 79.85 16.34
C LYS VB 1 -48.67 81.12 17.08
N THR VB 2 -48.28 82.33 16.64
CA THR VB 2 -48.63 83.54 17.39
C THR VB 2 -48.77 84.75 16.49
N ILE VB 3 -49.71 85.66 16.83
CA ILE VB 3 -50.12 86.73 15.94
C ILE VB 3 -49.12 87.86 15.78
N VAL VB 4 -48.62 88.39 16.90
CA VAL VB 4 -47.79 89.57 16.89
C VAL VB 4 -46.54 89.33 17.67
N SER VB 5 -45.36 89.68 17.13
CA SER VB 5 -44.15 89.78 17.92
C SER VB 5 -43.51 91.10 17.63
N THR VB 6 -43.01 91.82 18.65
CA THR VB 6 -42.35 93.11 18.42
C THR VB 6 -41.06 93.26 19.18
N GLN VB 7 -40.25 94.28 18.81
CA GLN VB 7 -39.13 94.75 19.56
C GLN VB 7 -38.82 96.20 19.23
N LYS VB 8 -38.40 96.99 20.24
CA LYS VB 8 -38.11 98.42 20.15
C LYS VB 8 -36.66 98.70 20.55
N VAL VB 9 -35.83 99.15 19.58
CA VAL VB 9 -34.40 99.38 19.72
C VAL VB 9 -34.02 100.84 19.73
N LEU VB 10 -33.59 101.42 20.88
CA LEU VB 10 -33.05 102.78 20.94
C LEU VB 10 -31.90 103.05 19.96
N ILE VB 11 -31.76 104.32 19.51
CA ILE VB 11 -30.67 104.70 18.62
C ILE VB 11 -29.75 105.64 19.38
N PRO VB 12 -28.45 105.42 19.48
CA PRO VB 12 -27.52 106.36 20.07
C PRO VB 12 -27.47 107.72 19.41
N GLU VB 13 -26.89 108.70 20.12
CA GLU VB 13 -26.93 110.10 19.78
C GLU VB 13 -26.33 110.51 18.44
N GLY VB 14 -25.19 109.91 18.04
CA GLY VB 14 -24.46 110.39 16.87
C GLY VB 14 -24.88 109.81 15.55
N VAL VB 15 -25.55 108.65 15.54
CA VAL VB 15 -25.78 107.89 14.32
C VAL VB 15 -26.67 108.57 13.30
N LYS VB 16 -26.37 108.38 12.00
CA LYS VB 16 -27.30 108.65 10.91
C LYS VB 16 -27.85 107.33 10.37
N VAL VB 17 -29.06 106.94 10.80
CA VAL VB 17 -29.69 105.71 10.34
C VAL VB 17 -30.57 105.99 9.14
N ALA VB 18 -30.74 105.00 8.25
CA ALA VB 18 -31.57 105.16 7.07
C ALA VB 18 -31.89 103.79 6.48
N ILE VB 19 -33.00 103.16 6.91
CA ILE VB 19 -33.47 101.92 6.33
C ILE VB 19 -34.40 102.12 5.15
N ASN VB 20 -34.61 101.07 4.34
CA ASN VB 20 -35.39 101.09 3.12
C ASN VB 20 -35.52 99.66 2.64
N ALA VB 21 -36.70 99.05 2.79
CA ALA VB 21 -37.02 97.72 2.28
C ALA VB 21 -36.00 96.65 2.64
N ARG VB 22 -35.59 96.65 3.93
CA ARG VB 22 -34.70 95.70 4.55
C ARG VB 22 -33.25 95.81 4.12
N LYS VB 23 -32.89 96.87 3.38
CA LYS VB 23 -31.53 97.29 3.20
C LYS VB 23 -31.15 98.30 4.28
N VAL VB 24 -30.76 97.85 5.48
CA VAL VB 24 -30.39 98.82 6.52
C VAL VB 24 -29.05 99.47 6.27
N THR VB 25 -28.97 100.79 6.54
CA THR VB 25 -27.73 101.54 6.39
C THR VB 25 -27.54 102.38 7.60
N VAL VB 26 -26.34 102.33 8.19
CA VAL VB 26 -25.97 103.19 9.28
C VAL VB 26 -24.69 103.91 8.91
N SER VB 27 -24.69 105.23 9.02
CA SER VB 27 -23.50 106.04 8.90
C SER VB 27 -23.18 106.70 10.21
N GLY VB 28 -21.90 107.00 10.46
CA GLY VB 28 -21.54 107.78 11.63
C GLY VB 28 -20.12 108.21 11.58
N LYS VB 29 -19.54 108.44 12.76
CA LYS VB 29 -18.25 109.09 12.95
C LYS VB 29 -17.12 108.36 12.28
N TYR VB 30 -17.19 107.02 12.32
CA TYR VB 30 -16.16 106.14 11.83
C TYR VB 30 -16.56 105.37 10.59
N GLY VB 31 -17.41 105.92 9.72
CA GLY VB 31 -17.76 105.26 8.46
C GLY VB 31 -19.13 104.67 8.38
N THR VB 32 -19.48 104.20 7.18
CA THR VB 32 -20.81 103.77 6.79
C THR VB 32 -20.90 102.29 6.62
N LEU VB 33 -21.88 101.63 7.26
CA LEU VB 33 -22.10 100.20 7.19
C LEU VB 33 -23.46 99.89 6.59
N ARG VB 34 -23.48 99.01 5.57
CA ARG VB 34 -24.69 98.56 4.90
C ARG VB 34 -24.78 97.07 5.07
N ARG VB 35 -25.97 96.54 5.41
CA ARG VB 35 -26.05 95.15 5.81
C ARG VB 35 -27.41 94.58 5.50
N SER VB 36 -27.56 93.79 4.42
CA SER VB 36 -28.89 93.40 3.94
C SER VB 36 -29.65 92.46 4.85
N PHE VB 37 -30.98 92.59 4.85
CA PHE VB 37 -31.87 91.75 5.62
C PHE VB 37 -33.04 91.31 4.78
N ARG VB 38 -32.97 91.44 3.43
CA ARG VB 38 -34.14 91.16 2.62
C ARG VB 38 -34.29 89.68 2.31
N HIS VB 39 -33.49 88.84 2.99
CA HIS VB 39 -33.65 87.40 3.04
C HIS VB 39 -34.76 86.98 3.98
N LEU VB 40 -35.19 87.89 4.86
CA LEU VB 40 -36.00 87.56 6.00
C LEU VB 40 -37.38 88.19 5.90
N PRO VB 41 -38.49 87.59 6.30
CA PRO VB 41 -39.72 88.33 6.52
C PRO VB 41 -39.57 89.17 7.79
N ILE VB 42 -40.07 90.41 7.77
CA ILE VB 42 -39.84 91.37 8.82
C ILE VB 42 -40.42 92.69 8.38
N ASP VB 43 -41.11 93.37 9.28
CA ASP VB 43 -41.70 94.67 9.04
C ASP VB 43 -40.88 95.62 9.88
N ILE VB 44 -39.63 95.88 9.47
CA ILE VB 44 -38.86 96.98 10.02
C ILE VB 44 -39.54 98.33 9.81
N ARG VB 45 -39.77 99.11 10.89
CA ARG VB 45 -40.13 100.49 10.73
C ARG VB 45 -39.23 101.42 11.49
N LEU VB 46 -38.93 102.50 10.77
CA LEU VB 46 -37.96 103.52 11.03
C LEU VB 46 -38.60 104.58 11.88
N ASN VB 47 -37.81 105.38 12.60
CA ASN VB 47 -38.38 106.46 13.37
C ASN VB 47 -37.34 107.55 13.59
N LYS VB 48 -36.92 108.26 12.52
CA LYS VB 48 -35.85 109.24 12.59
C LYS VB 48 -36.09 110.39 13.55
N LEU VB 49 -37.31 110.97 13.57
CA LEU VB 49 -37.59 112.19 14.30
C LEU VB 49 -37.41 112.05 15.81
N LYS VB 50 -37.91 110.95 16.40
CA LYS VB 50 -37.85 110.74 17.83
C LYS VB 50 -36.84 109.65 18.16
N LYS VB 51 -36.03 109.25 17.18
CA LYS VB 51 -35.15 108.10 17.23
C LYS VB 51 -35.91 106.79 17.53
N TYR VB 52 -35.17 105.71 17.83
CA TYR VB 52 -35.65 104.34 17.93
C TYR VB 52 -35.98 103.64 16.60
N ILE VB 53 -35.83 102.31 16.57
CA ILE VB 53 -36.28 101.47 15.47
C ILE VB 53 -37.23 100.48 16.06
N LYS VB 54 -38.34 100.20 15.35
CA LYS VB 54 -39.30 99.19 15.70
C LYS VB 54 -39.25 98.02 14.76
N VAL VB 55 -38.92 96.83 15.27
CA VAL VB 55 -39.06 95.61 14.50
C VAL VB 55 -40.35 94.94 14.89
N VAL VB 56 -41.19 94.59 13.91
CA VAL VB 56 -42.46 93.97 14.18
C VAL VB 56 -42.66 92.85 13.21
N MET VB 57 -43.17 91.72 13.71
CA MET VB 57 -43.44 90.54 12.94
C MET VB 57 -44.91 90.20 13.03
N TRP VB 58 -45.50 89.83 11.88
CA TRP VB 58 -46.84 89.33 11.78
C TRP VB 58 -46.93 87.83 11.58
N PHE VB 59 -47.64 87.12 12.48
CA PHE VB 59 -47.93 85.70 12.35
C PHE VB 59 -46.70 84.85 12.57
N GLY VB 60 -45.84 85.22 13.52
CA GLY VB 60 -44.65 84.42 13.76
C GLY VB 60 -44.87 82.98 14.15
N VAL VB 61 -43.74 82.29 14.25
CA VAL VB 61 -43.57 80.98 14.80
C VAL VB 61 -42.28 81.12 15.56
N PRO VB 62 -41.84 80.22 16.42
CA PRO VB 62 -40.69 80.50 17.25
C PRO VB 62 -39.41 80.78 16.48
N ASP VB 63 -39.24 80.17 15.29
CA ASP VB 63 -38.21 80.54 14.34
C ASP VB 63 -38.19 82.02 14.02
N SER VB 64 -39.36 82.59 13.70
CA SER VB 64 -39.50 84.00 13.43
C SER VB 64 -39.13 84.84 14.64
N LEU VB 65 -39.54 84.43 15.84
CA LEU VB 65 -39.23 85.16 17.06
C LEU VB 65 -37.73 85.24 17.29
N ALA VB 66 -37.04 84.11 17.11
CA ALA VB 66 -35.60 84.03 17.14
C ALA VB 66 -34.95 85.01 16.17
N CYS VB 67 -35.43 85.04 14.92
CA CYS VB 67 -34.94 85.97 13.95
C CYS VB 67 -35.08 87.44 14.38
N ILE VB 68 -36.22 87.85 14.98
CA ILE VB 68 -36.42 89.23 15.41
C ILE VB 68 -35.38 89.67 16.39
N ARG VB 69 -35.13 88.83 17.39
CA ARG VB 69 -34.07 89.10 18.32
C ARG VB 69 -32.72 89.17 17.63
N THR VB 70 -32.43 88.23 16.72
CA THR VB 70 -31.18 88.24 15.97
C THR VB 70 -30.93 89.52 15.18
N VAL VB 71 -31.92 89.98 14.41
CA VAL VB 71 -31.81 91.22 13.67
C VAL VB 71 -31.56 92.41 14.55
N CYS VB 72 -32.34 92.58 15.61
CA CYS VB 72 -32.19 93.74 16.47
C CYS VB 72 -30.82 93.85 17.13
N THR VB 73 -30.28 92.76 17.68
CA THR VB 73 -28.96 92.73 18.31
C THR VB 73 -27.92 93.11 17.31
N HIS VB 74 -28.01 92.54 16.10
CA HIS VB 74 -27.04 92.79 15.06
C HIS VB 74 -27.03 94.26 14.64
N LEU VB 75 -28.22 94.87 14.50
CA LEU VB 75 -28.37 96.28 14.25
C LEU VB 75 -27.75 97.18 15.33
N LYS VB 76 -27.98 96.83 16.60
CA LYS VB 76 -27.40 97.49 17.73
C LYS VB 76 -25.87 97.45 17.73
N ASN VB 77 -25.28 96.28 17.36
CA ASN VB 77 -23.86 96.20 17.11
C ASN VB 77 -23.40 97.17 16.04
N MET VB 78 -24.13 97.29 14.93
CA MET VB 78 -23.79 98.25 13.89
C MET VB 78 -23.76 99.69 14.39
N PHE VB 79 -24.77 100.12 15.17
CA PHE VB 79 -24.76 101.42 15.81
C PHE VB 79 -23.55 101.60 16.72
N THR VB 80 -23.27 100.57 17.52
CA THR VB 80 -22.14 100.58 18.43
C THR VB 80 -20.85 100.78 17.67
N GLY VB 81 -20.70 100.08 16.54
CA GLY VB 81 -19.54 100.20 15.68
C GLY VB 81 -19.28 101.55 15.11
N VAL VB 82 -20.30 102.19 14.52
CA VAL VB 82 -20.10 103.51 13.94
C VAL VB 82 -19.89 104.58 14.99
N THR VB 83 -20.54 104.48 16.16
CA THR VB 83 -20.31 105.39 17.27
C THR VB 83 -18.95 105.28 17.89
N LYS VB 84 -18.48 104.06 18.16
CA LYS VB 84 -17.25 103.87 18.89
C LYS VB 84 -16.70 102.52 18.47
N LYS VB 85 -15.63 102.52 17.64
CA LYS VB 85 -15.11 101.32 16.99
C LYS VB 85 -14.76 100.17 17.91
N PHE VB 86 -14.84 98.94 17.41
CA PHE VB 86 -14.57 97.74 18.17
C PHE VB 86 -13.09 97.49 18.23
N LEU VB 87 -12.55 97.29 19.44
CA LEU VB 87 -11.17 96.96 19.64
C LEU VB 87 -11.08 95.56 20.22
N TYR VB 88 -10.48 94.62 19.48
CA TYR VB 88 -10.25 93.26 19.86
C TYR VB 88 -8.75 93.10 20.16
N LYS VB 89 -8.40 92.98 21.44
CA LYS VB 89 -7.03 92.77 21.87
C LYS VB 89 -6.58 91.32 21.82
N MET VB 90 -5.56 91.03 21.00
CA MET VB 90 -5.03 89.70 20.74
C MET VB 90 -3.59 89.59 21.22
N ARG VB 91 -3.37 88.84 22.29
CA ARG VB 91 -2.04 88.56 22.84
C ARG VB 91 -1.34 87.41 22.15
N LEU VB 92 -0.09 87.62 21.73
CA LEU VB 92 0.65 86.59 21.05
C LEU VB 92 1.53 85.82 22.03
N VAL VB 93 1.27 84.51 22.19
CA VAL VB 93 1.86 83.69 23.23
C VAL VB 93 2.96 82.81 22.73
N HIS VB 94 4.09 82.77 23.44
CA HIS VB 94 5.13 81.81 23.11
C HIS VB 94 5.76 81.23 24.34
N ALA VB 95 5.97 79.92 24.34
CA ALA VB 95 6.72 79.23 25.34
C ALA VB 95 8.21 79.36 25.09
N HIS VB 96 8.64 79.18 23.83
CA HIS VB 96 10.04 79.18 23.49
C HIS VB 96 10.37 80.23 22.45
N PHE VB 97 10.24 79.93 21.16
CA PHE VB 97 10.66 80.83 20.10
C PHE VB 97 9.93 82.16 20.07
N PRO VB 98 10.55 83.29 19.77
CA PRO VB 98 9.86 84.55 19.97
C PRO VB 98 9.14 84.85 18.67
N ILE VB 99 7.80 84.90 18.71
CA ILE VB 99 7.01 85.01 17.50
C ILE VB 99 7.03 86.45 16.99
N ASN VB 100 7.59 86.67 15.80
CA ASN VB 100 7.84 87.99 15.27
C ASN VB 100 6.70 88.50 14.43
N SER VB 101 6.07 89.58 14.91
CA SER VB 101 4.90 90.21 14.35
C SER VB 101 5.23 91.48 13.60
N ASN VB 102 5.26 91.42 12.25
CA ASN VB 102 5.57 92.60 11.46
C ASN VB 102 4.32 93.11 10.75
N ILE VB 103 3.84 94.30 11.16
CA ILE VB 103 2.72 94.99 10.56
C ILE VB 103 3.17 95.82 9.38
N VAL VB 104 2.63 95.59 8.17
CA VAL VB 104 2.91 96.43 7.03
C VAL VB 104 1.63 96.93 6.37
N ASP VB 105 1.76 97.59 5.20
CA ASP VB 105 0.67 98.00 4.33
C ASP VB 105 -0.41 98.82 5.02
N ASN VB 106 0.01 99.87 5.76
CA ASN VB 106 -0.89 100.83 6.38
C ASN VB 106 -1.88 100.20 7.33
N ASN VB 107 -1.38 99.32 8.21
CA ASN VB 107 -2.15 98.57 9.17
C ASN VB 107 -3.04 97.53 8.52
N THR VB 108 -2.68 97.05 7.31
CA THR VB 108 -3.27 95.86 6.71
C THR VB 108 -2.28 94.72 6.97
N ARG VB 109 -2.21 93.65 6.16
CA ARG VB 109 -1.21 92.59 6.18
C ARG VB 109 -0.32 92.42 7.42
N ILE VB 110 -0.77 91.69 8.47
CA ILE VB 110 0.19 91.33 9.49
C ILE VB 110 0.96 90.11 9.04
N GLU VB 111 2.27 90.22 8.94
CA GLU VB 111 3.14 89.11 8.64
C GLU VB 111 3.66 88.50 9.91
N ILE VB 112 3.48 87.19 10.08
CA ILE VB 112 3.90 86.50 11.27
C ILE VB 112 5.04 85.60 10.87
N ARG VB 113 6.16 85.72 11.60
CA ARG VB 113 7.43 85.09 11.33
C ARG VB 113 7.89 84.32 12.53
N ASN VB 114 8.51 83.14 12.30
CA ASN VB 114 9.33 82.44 13.28
C ASN VB 114 8.50 81.56 14.20
N TYR VB 115 7.26 81.23 13.81
CA TYR VB 115 6.38 80.41 14.61
C TYR VB 115 6.95 79.01 14.85
N LEU VB 116 7.26 78.68 16.13
CA LEU VB 116 7.93 77.45 16.51
C LEU VB 116 9.24 77.22 15.79
N GLY VB 117 9.94 78.30 15.43
CA GLY VB 117 11.16 78.24 14.66
C GLY VB 117 11.02 77.70 13.27
N GLU VB 118 9.85 77.84 12.61
CA GLU VB 118 9.65 77.24 11.30
C GLU VB 118 10.38 77.92 10.16
N LYS VB 119 10.91 79.14 10.36
CA LYS VB 119 11.71 79.85 9.38
C LYS VB 119 10.99 80.08 8.06
N SER VB 120 9.70 80.41 8.16
CA SER VB 120 8.80 80.55 7.04
C SER VB 120 7.82 81.61 7.46
N VAL VB 121 7.22 82.33 6.52
CA VAL VB 121 6.38 83.46 6.84
C VAL VB 121 4.92 83.10 6.70
N ARG VB 122 4.08 83.46 7.68
CA ARG VB 122 2.64 83.34 7.51
C ARG VB 122 2.03 84.72 7.40
N PHE VB 123 1.50 85.03 6.22
CA PHE VB 123 0.82 86.26 5.89
C PHE VB 123 -0.68 86.13 6.02
N VAL VB 124 -1.33 87.02 6.75
CA VAL VB 124 -2.76 87.06 6.86
C VAL VB 124 -3.27 88.46 6.60
N LYS VB 125 -3.69 88.71 5.35
CA LYS VB 125 -4.36 89.94 4.95
C LYS VB 125 -5.69 90.15 5.65
N ALA VB 126 -6.02 91.39 6.04
CA ALA VB 126 -7.23 91.69 6.75
C ALA VB 126 -8.45 91.91 5.86
N LEU VB 127 -9.65 91.82 6.45
CA LEU VB 127 -10.90 92.27 5.84
C LEU VB 127 -10.90 93.77 5.59
N PRO VB 128 -11.66 94.35 4.66
CA PRO VB 128 -11.67 95.78 4.45
C PRO VB 128 -12.30 96.51 5.62
N GLY VB 129 -11.75 97.70 5.95
CA GLY VB 129 -12.17 98.50 7.09
C GLY VB 129 -11.52 98.13 8.39
N VAL VB 130 -10.55 97.21 8.37
CA VAL VB 130 -9.98 96.62 9.55
C VAL VB 130 -8.58 97.08 9.77
N VAL VB 131 -8.35 97.82 10.85
CA VAL VB 131 -7.04 98.19 11.28
C VAL VB 131 -6.39 97.03 12.04
N ILE VB 132 -5.14 96.69 11.73
CA ILE VB 132 -4.31 95.89 12.60
C ILE VB 132 -3.19 96.77 13.08
N GLU VB 133 -3.28 97.23 14.32
CA GLU VB 133 -2.31 98.07 14.98
C GLU VB 133 -1.58 97.21 16.00
N LYS VB 134 -0.43 97.62 16.53
CA LYS VB 134 0.16 96.93 17.67
C LYS VB 134 -0.04 97.76 18.90
N SER VB 135 -0.13 97.11 20.07
CA SER VB 135 -0.22 97.85 21.33
C SER VB 135 1.04 98.66 21.62
N PRO VB 136 0.97 99.82 22.25
CA PRO VB 136 2.15 100.48 22.75
C PRO VB 136 2.48 99.95 24.13
N ASN VB 137 1.60 99.16 24.75
CA ASN VB 137 1.69 98.82 26.14
C ASN VB 137 2.47 97.55 26.35
N VAL VB 138 1.80 96.40 26.45
CA VAL VB 138 2.45 95.13 26.71
C VAL VB 138 2.84 94.51 25.38
N LYS VB 139 4.11 94.07 25.27
CA LYS VB 139 4.81 93.86 24.01
C LYS VB 139 4.16 92.90 23.01
N ASP VB 140 3.45 91.85 23.48
CA ASP VB 140 2.92 90.82 22.63
C ASP VB 140 1.47 91.05 22.22
N GLU VB 141 0.80 92.08 22.78
CA GLU VB 141 -0.51 92.47 22.34
C GLU VB 141 -0.53 93.03 20.90
N ILE VB 142 -1.59 92.73 20.15
CA ILE VB 142 -1.79 93.17 18.79
C ILE VB 142 -3.25 93.52 18.71
N TYR VB 143 -3.54 94.74 18.26
CA TYR VB 143 -4.86 95.30 18.14
C TYR VB 143 -5.52 95.04 16.81
N VAL VB 144 -6.70 94.43 16.83
CA VAL VB 144 -7.55 94.29 15.67
C VAL VB 144 -8.75 95.18 15.90
N SER VB 145 -8.88 96.29 15.15
CA SER VB 145 -9.98 97.21 15.38
C SER VB 145 -10.70 97.66 14.13
N GLY VB 146 -11.99 98.04 14.27
CA GLY VB 146 -12.75 98.51 13.12
C GLY VB 146 -14.14 98.90 13.48
N ALA VB 147 -14.90 99.35 12.47
CA ALA VB 147 -16.29 99.68 12.63
C ALA VB 147 -17.20 98.47 12.63
N ASP VB 148 -16.96 97.48 11.76
CA ASP VB 148 -17.83 96.34 11.63
C ASP VB 148 -17.47 95.24 12.61
N ILE VB 149 -18.40 94.93 13.53
CA ILE VB 149 -18.32 93.78 14.40
C ILE VB 149 -18.00 92.47 13.71
N GLU VB 150 -18.41 92.28 12.45
CA GLU VB 150 -18.16 91.03 11.77
C GLU VB 150 -16.73 91.01 11.24
N ASN VB 151 -16.31 92.02 10.49
CA ASN VB 151 -15.02 92.04 9.86
C ASN VB 151 -13.87 91.98 10.84
N VAL VB 152 -13.90 92.73 11.95
CA VAL VB 152 -12.83 92.58 12.92
C VAL VB 152 -12.71 91.19 13.49
N SER VB 153 -13.84 90.57 13.88
CA SER VB 153 -13.86 89.22 14.39
C SER VB 153 -13.34 88.22 13.39
N LEU VB 154 -13.77 88.30 12.13
CA LEU VB 154 -13.29 87.41 11.10
C LEU VB 154 -11.81 87.58 10.89
N THR VB 155 -11.31 88.82 10.86
CA THR VB 155 -9.87 89.05 10.78
C THR VB 155 -9.13 88.42 11.94
N ALA VB 156 -9.62 88.60 13.16
CA ALA VB 156 -9.04 87.98 14.33
C ALA VB 156 -9.06 86.47 14.26
N ALA VB 157 -10.19 85.88 13.86
CA ALA VB 157 -10.33 84.47 13.65
C ALA VB 157 -9.37 83.91 12.61
N LEU VB 158 -9.20 84.63 11.49
CA LEU VB 158 -8.24 84.30 10.46
C LEU VB 158 -6.82 84.30 10.97
N ILE VB 159 -6.43 85.30 11.76
CA ILE VB 159 -5.12 85.36 12.36
C ILE VB 159 -4.91 84.18 13.27
N HIS VB 160 -5.89 83.91 14.16
CA HIS VB 160 -5.83 82.81 15.08
C HIS VB 160 -5.71 81.45 14.42
N GLN VB 161 -6.55 81.19 13.43
CA GLN VB 161 -6.51 79.98 12.65
C GLN VB 161 -5.19 79.79 11.90
N SER VB 162 -4.67 80.86 11.27
CA SER VB 162 -3.43 80.83 10.51
C SER VB 162 -2.23 80.35 11.28
N VAL VB 163 -2.08 80.80 12.53
CA VAL VB 163 -0.93 80.42 13.31
C VAL VB 163 -0.86 78.95 13.69
N LEU VB 164 -1.87 78.40 14.40
CA LEU VB 164 -1.66 77.22 15.22
C LEU VB 164 -1.17 75.94 14.58
N CYS VB 165 -0.19 75.30 15.26
CA CYS VB 165 0.48 74.06 14.97
C CYS VB 165 -0.32 72.83 14.56
N ARG VB 166 0.40 71.80 14.09
CA ARG VB 166 -0.17 70.54 13.69
C ARG VB 166 0.66 69.40 14.26
N ASN VB 167 0.02 68.24 14.52
CA ASN VB 167 0.61 67.02 15.05
C ASN VB 167 1.62 67.15 16.18
N LYS VB 168 1.17 67.73 17.29
CA LYS VB 168 1.86 67.75 18.55
C LYS VB 168 0.75 67.78 19.56
N ASP VB 169 0.95 67.37 20.83
CA ASP VB 169 -0.08 67.49 21.81
C ASP VB 169 -0.45 68.94 22.16
N ILE VB 170 -1.69 69.33 21.88
CA ILE VB 170 -2.17 70.68 22.08
C ILE VB 170 -2.38 71.00 23.53
N ARG VB 171 -2.43 69.96 24.40
CA ARG VB 171 -2.37 70.14 25.84
C ARG VB 171 -1.04 70.72 26.26
N LYS VB 172 0.05 70.26 25.63
CA LYS VB 172 1.38 70.66 26.01
C LYS VB 172 1.84 71.92 25.30
N PHE VB 173 1.69 71.98 23.97
CA PHE VB 173 2.20 73.08 23.18
C PHE VB 173 1.14 74.14 23.02
N LEU VB 174 1.40 75.32 23.58
CA LEU VB 174 0.36 76.32 23.67
C LEU VB 174 0.59 77.48 22.74
N ASP VB 175 1.76 77.55 22.07
CA ASP VB 175 2.20 78.68 21.29
C ASP VB 175 1.23 79.08 20.20
N GLY VB 176 1.06 80.38 19.96
CA GLY VB 176 0.01 80.85 19.08
C GLY VB 176 -0.66 82.08 19.62
N ILE VB 177 -1.48 82.70 18.77
CA ILE VB 177 -2.03 84.02 18.99
C ILE VB 177 -3.47 83.96 19.41
N TYR VB 178 -3.82 84.50 20.60
CA TYR VB 178 -5.17 84.35 21.10
C TYR VB 178 -5.88 85.66 21.41
N VAL VB 179 -7.22 85.63 21.36
CA VAL VB 179 -8.12 86.70 21.69
C VAL VB 179 -8.26 86.90 23.17
N SER VB 180 -7.70 87.98 23.72
CA SER VB 180 -7.90 88.30 25.13
C SER VB 180 -9.20 89.07 25.35
N GLU VB 181 -9.27 90.30 24.87
CA GLU VB 181 -10.19 91.28 25.40
C GLU VB 181 -11.04 91.91 24.30
N VAL VB 182 -12.37 91.82 24.44
CA VAL VB 182 -13.34 92.47 23.58
C VAL VB 182 -13.72 93.83 24.13
N THR VB 183 -13.35 94.91 23.44
CA THR VB 183 -13.53 96.28 23.92
C THR VB 183 -13.90 97.17 22.78
N THR VB 184 -13.96 98.48 23.01
CA THR VB 184 -14.16 99.46 21.96
C THR VB 184 -13.11 100.53 22.12
N VAL VB 185 -12.86 101.31 21.07
CA VAL VB 185 -11.78 102.26 21.02
C VAL VB 185 -12.09 103.49 21.90
N LYS WB 1 -52.01 7.05 10.40
CA LYS WB 1 -51.72 5.61 10.07
C LYS WB 1 -52.89 4.67 10.33
N SER WB 2 -53.08 4.16 11.57
CA SER WB 2 -54.19 3.26 11.87
C SER WB 2 -55.52 3.95 12.02
N ARG WB 3 -56.61 3.20 11.77
CA ARG WB 3 -57.96 3.71 11.92
C ARG WB 3 -58.85 2.56 12.32
N GLY WB 4 -58.65 1.98 13.52
CA GLY WB 4 -59.48 0.93 14.09
C GLY WB 4 -60.80 1.37 14.68
N LYS WB 5 -61.56 0.43 15.30
CA LYS WB 5 -62.95 0.67 15.60
C LYS WB 5 -63.22 1.83 16.52
N ARG WB 6 -62.49 1.96 17.64
CA ARG WB 6 -62.76 3.02 18.57
C ARG WB 6 -61.80 4.15 18.36
N SER WB 7 -61.18 4.25 17.18
CA SER WB 7 -60.19 5.28 16.92
C SER WB 7 -60.64 6.70 17.20
N GLY WB 8 -59.76 7.47 17.84
CA GLY WB 8 -59.97 8.86 18.19
C GLY WB 8 -61.15 9.15 19.08
N THR WB 9 -61.59 8.20 19.94
CA THR WB 9 -62.85 8.38 20.65
C THR WB 9 -62.69 8.92 22.05
N ARG WB 10 -61.45 9.20 22.48
CA ARG WB 10 -61.07 9.55 23.85
C ARG WB 10 -62.08 10.32 24.64
N TYR WB 11 -62.25 11.61 24.35
CA TYR WB 11 -63.15 12.42 25.13
C TYR WB 11 -64.61 12.22 24.73
N LYS WB 12 -64.86 11.81 23.48
CA LYS WB 12 -66.21 11.65 23.01
C LYS WB 12 -66.96 10.55 23.70
N PHE WB 13 -66.37 9.36 23.82
CA PHE WB 13 -67.08 8.25 24.41
C PHE WB 13 -66.98 8.25 25.93
N SER WB 14 -65.96 8.89 26.51
CA SER WB 14 -65.83 9.03 27.94
C SER WB 14 -66.98 9.78 28.58
N LYS WB 15 -67.38 9.40 29.81
CA LYS WB 15 -68.43 10.10 30.50
C LYS WB 15 -68.03 11.44 31.07
N LYS WB 16 -68.99 12.37 31.18
CA LYS WB 16 -68.80 13.60 31.90
C LYS WB 16 -68.56 13.36 33.39
N PHE WB 17 -67.79 14.25 34.04
CA PHE WB 17 -67.63 14.34 35.48
C PHE WB 17 -68.88 14.01 36.29
N ARG WB 18 -68.78 13.10 37.28
CA ARG WB 18 -69.90 12.69 38.12
C ARG WB 18 -71.02 11.97 37.39
N LYS WB 19 -70.77 11.45 36.19
CA LYS WB 19 -71.74 10.69 35.41
C LYS WB 19 -71.21 9.31 35.06
N HIS WB 20 -70.20 8.81 35.80
CA HIS WB 20 -69.81 7.42 35.71
C HIS WB 20 -70.88 6.52 36.29
N GLY WB 21 -70.74 5.22 36.08
CA GLY WB 21 -71.60 4.22 36.70
C GLY WB 21 -72.82 3.85 35.89
N GLU WB 22 -73.17 2.56 35.94
CA GLU WB 22 -74.19 1.88 35.16
C GLU WB 22 -75.42 2.69 34.75
N CYS WB 23 -75.82 2.53 33.47
CA CYS WB 23 -77.13 2.87 32.93
C CYS WB 23 -78.29 2.71 33.91
N THR WB 24 -79.08 3.77 34.15
CA THR WB 24 -80.18 3.70 35.12
C THR WB 24 -81.27 2.72 34.74
N ALA WB 25 -81.82 1.99 35.73
CA ALA WB 25 -82.78 0.93 35.51
C ALA WB 25 -84.04 1.42 34.82
N ASN WB 26 -84.52 2.61 35.19
CA ASN WB 26 -85.72 3.21 34.64
C ASN WB 26 -85.67 3.30 33.13
N LYS WB 27 -84.48 3.58 32.58
CA LYS WB 27 -84.23 3.85 31.19
C LYS WB 27 -84.59 2.70 30.26
N TYR WB 28 -84.64 1.45 30.72
CA TYR WB 28 -85.08 0.36 29.88
C TYR WB 28 -86.57 0.39 29.59
N LEU WB 29 -87.37 1.07 30.39
CA LEU WB 29 -88.81 1.02 30.23
C LEU WB 29 -89.34 1.80 29.04
N GLU WB 30 -88.58 2.76 28.50
CA GLU WB 30 -89.07 3.71 27.51
C GLU WB 30 -89.60 3.08 26.23
N LYS WB 31 -90.70 3.62 25.69
CA LYS WB 31 -91.41 2.98 24.60
C LYS WB 31 -90.84 3.28 23.23
N LEU WB 32 -90.70 2.24 22.40
CA LEU WB 32 -90.25 2.34 21.03
C LEU WB 32 -91.25 1.67 20.10
N ASN WB 33 -91.93 2.42 19.23
CA ASN WB 33 -92.82 1.85 18.25
C ASN WB 33 -92.20 2.02 16.88
N TYR WB 34 -92.60 1.21 15.88
CA TYR WB 34 -92.04 1.34 14.54
C TYR WB 34 -92.27 2.70 13.91
N GLY WB 35 -91.20 3.30 13.37
CA GLY WB 35 -91.22 4.62 12.79
C GLY WB 35 -91.10 5.75 13.78
N ASP WB 36 -90.98 5.47 15.08
CA ASP WB 36 -90.59 6.47 16.05
C ASP WB 36 -89.20 7.04 15.77
N TYR WB 37 -88.99 8.33 16.05
CA TYR WB 37 -87.66 8.90 15.90
C TYR WB 37 -86.82 8.63 17.14
N VAL WB 38 -85.51 8.46 16.95
CA VAL WB 38 -84.64 7.99 17.99
C VAL WB 38 -83.23 8.49 17.80
N ASP WB 39 -82.65 9.05 18.84
CA ASP WB 39 -81.27 9.48 18.88
C ASP WB 39 -80.35 8.30 19.17
N ILE WB 40 -79.11 8.38 18.67
CA ILE WB 40 -78.06 7.42 18.97
C ILE WB 40 -76.98 8.15 19.74
N VAL WB 41 -76.99 7.95 21.07
CA VAL WB 41 -76.07 8.56 22.00
C VAL WB 41 -75.21 7.47 22.58
N CYS WB 42 -73.89 7.49 22.38
CA CYS WB 42 -73.05 6.45 22.94
C CYS WB 42 -73.03 6.43 24.45
N ASP WB 43 -72.83 5.25 25.04
CA ASP WB 43 -72.48 5.10 26.42
C ASP WB 43 -71.18 4.31 26.43
N SER WB 44 -70.74 3.85 27.59
CA SER WB 44 -69.58 3.01 27.74
C SER WB 44 -69.65 2.28 29.05
N THR WB 45 -70.78 2.37 29.77
CA THR WB 45 -71.07 1.49 30.90
C THR WB 45 -71.59 0.17 30.41
N GLN WB 46 -71.99 0.14 29.14
CA GLN WB 46 -72.38 -1.01 28.39
C GLN WB 46 -71.37 -1.10 27.27
N GLN WB 47 -71.02 -2.32 26.83
CA GLN WB 47 -69.96 -2.55 25.87
C GLN WB 47 -70.50 -3.18 24.63
N LYS WB 48 -71.37 -4.19 24.79
CA LYS WB 48 -72.09 -4.75 23.68
C LYS WB 48 -73.02 -3.71 23.06
N GLY WB 49 -73.16 -3.68 21.72
CA GLY WB 49 -74.07 -2.75 21.06
C GLY WB 49 -73.58 -1.32 20.98
N MET WB 50 -72.33 -1.04 21.37
CA MET WB 50 -71.70 0.24 21.18
C MET WB 50 -71.55 0.59 19.69
N PRO WB 51 -72.04 1.70 19.15
CA PRO WB 51 -71.98 1.93 17.71
C PRO WB 51 -70.70 2.62 17.32
N PHE WB 52 -70.30 2.54 16.04
CA PHE WB 52 -69.18 3.31 15.53
C PHE WB 52 -69.39 4.82 15.61
N ASN WB 53 -68.29 5.56 15.87
CA ASN WB 53 -68.17 7.00 16.04
C ASN WB 53 -69.13 7.91 15.31
N TYR WB 54 -69.39 7.66 14.02
CA TYR WB 54 -70.15 8.58 13.20
C TYR WB 54 -71.58 8.68 13.66
N TYR WB 55 -72.15 7.61 14.23
CA TYR WB 55 -73.56 7.60 14.52
C TYR WB 55 -73.83 8.18 15.90
N HIS WB 56 -72.78 8.61 16.60
CA HIS WB 56 -72.92 9.42 17.78
C HIS WB 56 -73.56 10.75 17.41
N GLY WB 57 -74.61 11.16 18.13
CA GLY WB 57 -75.20 12.48 17.94
C GLY WB 57 -76.06 12.58 16.71
N LYS WB 58 -76.35 11.46 16.07
CA LYS WB 58 -77.25 11.41 14.96
C LYS WB 58 -78.58 10.82 15.42
N THR WB 59 -79.63 11.04 14.61
CA THR WB 59 -80.99 10.72 15.00
C THR WB 59 -81.71 10.22 13.79
N GLY WB 60 -82.54 9.17 13.92
CA GLY WB 60 -83.23 8.60 12.78
C GLY WB 60 -84.43 7.80 13.19
N LYS WB 61 -85.20 7.30 12.21
CA LYS WB 61 -86.29 6.38 12.44
C LYS WB 61 -85.90 4.98 12.90
N ILE WB 62 -86.66 4.42 13.86
CA ILE WB 62 -86.59 3.02 14.23
C ILE WB 62 -87.30 2.16 13.22
N PHE WB 63 -86.60 1.18 12.62
CA PHE WB 63 -87.25 0.32 11.64
C PHE WB 63 -87.38 -1.13 12.08
N HIS WB 64 -86.72 -1.53 13.19
CA HIS WB 64 -86.72 -2.94 13.57
C HIS WB 64 -86.32 -3.09 15.03
N ILE WB 65 -86.99 -3.98 15.77
CA ILE WB 65 -86.74 -4.15 17.18
C ILE WB 65 -86.55 -5.63 17.46
N THR WB 66 -85.57 -5.99 18.32
CA THR WB 66 -85.34 -7.36 18.75
C THR WB 66 -85.45 -7.50 20.26
N LYS WB 67 -84.78 -8.48 20.89
CA LYS WB 67 -84.87 -8.69 22.31
C LYS WB 67 -84.29 -7.55 23.11
N ARG WB 68 -83.11 -7.04 22.74
CA ARG WB 68 -82.61 -5.81 23.30
C ARG WB 68 -82.02 -4.94 22.22
N GLY WB 69 -82.20 -5.28 20.94
CA GLY WB 69 -81.63 -4.49 19.86
C GLY WB 69 -82.62 -3.62 19.18
N VAL WB 70 -82.14 -2.52 18.60
CA VAL WB 70 -82.95 -1.57 17.90
C VAL WB 70 -82.20 -1.18 16.66
N GLY WB 71 -82.83 -1.40 15.49
CA GLY WB 71 -82.35 -0.94 14.21
C GLY WB 71 -82.73 0.50 13.93
N VAL WB 72 -81.76 1.32 13.55
CA VAL WB 72 -81.98 2.73 13.32
C VAL WB 72 -81.52 3.11 11.93
N LEU WB 73 -82.43 3.68 11.12
CA LEU WB 73 -82.09 4.25 9.83
C LEU WB 73 -81.41 5.60 9.97
N VAL WB 74 -80.09 5.68 9.70
CA VAL WB 74 -79.35 6.93 9.83
C VAL WB 74 -78.81 7.36 8.49
N ASN WB 75 -78.91 8.67 8.19
CA ASN WB 75 -78.29 9.24 7.03
C ASN WB 75 -76.78 9.42 7.20
N LYS WB 76 -75.98 9.02 6.20
CA LYS WB 76 -74.55 9.24 6.25
C LYS WB 76 -74.09 9.93 5.00
N ARG WB 77 -73.35 11.04 5.13
CA ARG WB 77 -72.74 11.66 3.97
C ARG WB 77 -71.52 10.91 3.47
N VAL WB 78 -71.60 10.33 2.27
CA VAL WB 78 -70.51 9.65 1.62
C VAL WB 78 -70.16 10.41 0.37
N LYS WB 79 -69.17 11.31 0.44
CA LYS WB 79 -68.74 12.12 -0.69
C LYS WB 79 -69.86 12.95 -1.29
N HIS WB 80 -70.34 12.57 -2.49
CA HIS WB 80 -71.34 13.31 -3.23
C HIS WB 80 -72.76 12.88 -2.94
N ARG WB 81 -72.99 12.04 -1.94
CA ARG WB 81 -74.28 11.45 -1.74
C ARG WB 81 -74.53 11.06 -0.30
N ILE WB 82 -75.73 11.36 0.18
CA ILE WB 82 -76.23 10.77 1.40
C ILE WB 82 -76.69 9.37 1.09
N GLU WB 83 -76.36 8.34 1.90
CA GLU WB 83 -77.10 7.11 1.81
C GLU WB 83 -77.50 6.58 3.16
N GLN WB 84 -78.62 5.84 3.17
CA GLN WB 84 -79.26 5.32 4.35
C GLN WB 84 -78.56 4.12 4.90
N LYS WB 85 -78.20 4.14 6.19
CA LYS WB 85 -77.49 3.04 6.81
C LYS WB 85 -78.21 2.50 8.03
N LYS WB 86 -78.32 1.15 8.10
CA LYS WB 86 -79.05 0.44 9.14
C LYS WB 86 -78.13 0.13 10.30
N VAL WB 87 -78.06 1.01 11.28
CA VAL WB 87 -77.21 0.79 12.43
C VAL WB 87 -77.94 0.03 13.50
N CYS WB 88 -77.54 -1.24 13.72
CA CYS WB 88 -78.05 -2.01 14.84
C CYS WB 88 -77.32 -1.62 16.10
N VAL WB 89 -78.06 -1.19 17.14
CA VAL WB 89 -77.50 -0.84 18.43
C VAL WB 89 -78.27 -1.56 19.48
N ARG WB 90 -77.74 -1.60 20.72
CA ARG WB 90 -78.52 -2.08 21.84
C ARG WB 90 -79.21 -0.94 22.56
N ILE WB 91 -80.20 -1.23 23.43
CA ILE WB 91 -81.11 -0.24 23.97
C ILE WB 91 -80.44 0.83 24.79
N GLU WB 92 -79.36 0.52 25.51
CA GLU WB 92 -78.64 1.45 26.33
C GLU WB 92 -78.18 2.71 25.63
N HIS WB 93 -77.90 2.64 24.34
CA HIS WB 93 -77.39 3.76 23.58
C HIS WB 93 -78.50 4.48 22.82
N VAL WB 94 -79.55 3.77 22.42
CA VAL WB 94 -80.68 4.38 21.74
C VAL WB 94 -81.58 5.22 22.67
N ARG WB 95 -81.82 6.51 22.35
CA ARG WB 95 -82.61 7.39 23.19
C ARG WB 95 -83.81 7.98 22.44
N LYS WB 96 -85.05 7.80 22.97
CA LYS WB 96 -86.27 8.36 22.41
C LYS WB 96 -86.25 9.86 22.13
N SER WB 97 -86.40 10.30 20.87
CA SER WB 97 -86.14 11.70 20.53
C SER WB 97 -87.27 12.68 20.78
N ARG WB 98 -86.97 13.98 20.73
CA ARG WB 98 -87.86 15.06 21.10
C ARG WB 98 -88.26 15.95 19.93
N CYS WB 99 -87.46 15.91 18.86
CA CYS WB 99 -87.64 16.76 17.69
C CYS WB 99 -89.00 16.58 17.04
N ASN WB 100 -89.42 15.32 16.89
CA ASN WB 100 -90.76 14.87 16.53
C ASN WB 100 -91.86 15.45 17.44
N GLU WB 101 -91.58 15.61 18.74
CA GLU WB 101 -92.58 15.89 19.76
C GLU WB 101 -93.04 17.32 19.60
N ASP WB 102 -92.14 18.22 19.16
CA ASP WB 102 -92.56 19.57 18.85
C ASP WB 102 -93.68 19.64 17.80
N PHE WB 103 -93.51 18.94 16.69
CA PHE WB 103 -94.50 18.84 15.67
C PHE WB 103 -95.79 18.20 16.17
N LEU WB 104 -95.66 17.09 16.91
CA LEU WB 104 -96.80 16.37 17.43
C LEU WB 104 -97.67 17.21 18.37
N LEU WB 105 -97.04 17.93 19.31
CA LEU WB 105 -97.68 18.89 20.18
C LEU WB 105 -98.43 19.97 19.41
N ARG WB 106 -97.77 20.52 18.36
CA ARG WB 106 -98.36 21.49 17.46
C ARG WB 106 -99.60 20.97 16.79
N LYS WB 107 -99.59 19.73 16.25
CA LYS WB 107 -100.79 19.11 15.72
C LYS WB 107 -101.97 19.05 16.69
N ILE WB 108 -101.74 18.58 17.92
CA ILE WB 108 -102.77 18.53 18.95
C ILE WB 108 -103.37 19.89 19.28
N LYS WB 109 -102.50 20.89 19.50
CA LYS WB 109 -102.96 22.23 19.81
C LYS WB 109 -103.74 22.86 18.67
N ASN WB 110 -103.24 22.69 17.44
CA ASN WB 110 -103.91 23.14 16.24
C ASN WB 110 -105.26 22.52 16.04
N ALA WB 111 -105.40 21.22 16.29
CA ALA WB 111 -106.66 20.56 16.08
C ALA WB 111 -107.78 21.13 16.93
N GLU WB 112 -107.50 21.32 18.25
CA GLU WB 112 -108.46 21.95 19.13
C GLU WB 112 -108.83 23.37 18.73
N LEU WB 113 -107.80 24.17 18.42
CA LEU WB 113 -108.00 25.54 18.05
C LEU WB 113 -108.83 25.69 16.78
N ILE WB 114 -108.53 24.86 15.77
CA ILE WB 114 -109.24 24.79 14.51
C ILE WB 114 -110.67 24.36 14.70
N LYS WB 115 -110.92 23.31 15.50
CA LYS WB 115 -112.29 22.86 15.71
C LYS WB 115 -113.20 23.94 16.27
N GLU WB 116 -112.74 24.65 17.31
CA GLU WB 116 -113.45 25.78 17.87
C GLU WB 116 -113.68 26.93 16.91
N ALA WB 117 -112.64 27.34 16.17
CA ALA WB 117 -112.74 28.39 15.18
C ALA WB 117 -113.74 28.11 14.07
N LYS WB 118 -113.68 26.89 13.51
CA LYS WB 118 -114.51 26.44 12.42
C LYS WB 118 -115.98 26.36 12.81
N LEU WB 119 -116.27 25.84 14.02
CA LEU WB 119 -117.59 25.91 14.65
C LEU WB 119 -118.24 27.29 14.70
N LYS WB 120 -117.44 28.35 14.87
CA LYS WB 120 -117.93 29.71 14.96
C LYS WB 120 -117.95 30.38 13.60
N ASN WB 121 -117.32 29.72 12.60
CA ASN WB 121 -117.11 30.19 11.24
C ASN WB 121 -116.27 31.46 11.22
N GLU WB 122 -115.25 31.48 12.09
CA GLU WB 122 -114.34 32.57 12.26
C GLU WB 122 -113.03 32.20 11.62
N HIS WB 123 -112.72 32.78 10.44
CA HIS WB 123 -111.57 32.42 9.65
C HIS WB 123 -110.23 32.72 10.34
N ILE WB 124 -109.23 31.82 10.21
CA ILE WB 124 -108.12 31.80 11.13
C ILE WB 124 -106.81 31.36 10.50
N ASN WB 125 -105.70 31.94 10.96
CA ASN WB 125 -104.39 31.75 10.37
C ASN WB 125 -103.58 30.83 11.25
N ILE WB 126 -103.94 29.54 11.27
CA ILE WB 126 -103.39 28.55 12.19
C ILE WB 126 -101.91 28.35 12.09
N LYS WB 127 -101.36 28.52 10.88
CA LYS WB 127 -99.95 28.44 10.61
C LYS WB 127 -99.05 29.29 11.49
N ARG WB 128 -97.80 28.84 11.69
CA ARG WB 128 -96.89 29.46 12.61
C ARG WB 128 -96.57 30.92 12.33
N LYS WB 129 -96.45 31.69 13.41
CA LYS WB 129 -96.33 33.13 13.37
C LYS WB 129 -95.07 33.60 12.69
N THR WB 130 -93.92 33.00 13.08
CA THR WB 130 -92.60 33.24 12.51
C THR WB 130 -92.18 34.69 12.61
N GLU WB 131 -92.08 35.17 13.87
CA GLU WB 131 -91.78 36.51 14.34
C GLU WB 131 -91.48 37.63 13.32
N GLY WB 132 -92.47 38.52 13.16
CA GLY WB 132 -92.41 39.69 12.30
C GLY WB 132 -91.59 40.83 12.86
N PRO WB 133 -91.57 41.95 12.17
CA PRO WB 133 -90.95 43.18 12.66
C PRO WB 133 -91.68 43.72 13.87
N LYS WB 134 -91.03 44.57 14.68
CA LYS WB 134 -91.70 45.13 15.84
C LYS WB 134 -92.72 46.20 15.46
N PRO WB 135 -94.00 46.10 15.82
CA PRO WB 135 -94.99 47.12 15.50
C PRO WB 135 -94.77 48.40 16.27
N ALA WB 136 -95.36 49.51 15.80
CA ALA WB 136 -95.29 50.81 16.44
C ALA WB 136 -95.93 50.84 17.83
N ALA WB 137 -95.44 51.70 18.74
CA ALA WB 137 -96.01 51.80 20.07
C ALA WB 137 -95.68 53.13 20.71
N MET WB 138 -96.40 53.46 21.80
CA MET WB 138 -96.23 54.71 22.54
C MET WB 138 -95.78 54.40 23.93
N ILE WB 139 -94.68 55.03 24.39
CA ILE WB 139 -93.98 54.59 25.59
C ILE WB 139 -93.77 55.75 26.52
N LYS WB 140 -94.22 55.63 27.77
CA LYS WB 140 -93.97 56.61 28.81
C LYS WB 140 -92.66 56.32 29.52
N VAL WB 141 -91.72 57.29 29.50
CA VAL WB 141 -90.49 57.21 30.25
C VAL WB 141 -90.52 58.40 31.15
N PRO WB 142 -90.29 58.32 32.45
CA PRO WB 142 -90.35 59.50 33.30
C PRO WB 142 -89.14 60.38 33.05
N PRO WB 143 -89.24 61.69 32.99
CA PRO WB 143 -88.14 62.54 32.54
C PRO WB 143 -87.09 62.64 33.61
N SER WB 144 -87.39 62.17 34.82
CA SER WB 144 -86.47 62.15 35.92
C SER WB 144 -85.76 60.82 36.04
N LYS WB 145 -86.19 59.79 35.30
CA LYS WB 145 -85.64 58.47 35.50
C LYS WB 145 -84.57 58.16 34.48
N ILE WB 146 -84.59 58.88 33.35
CA ILE WB 146 -83.61 58.71 32.29
C ILE WB 146 -82.19 59.06 32.69
N ILE WB 147 -81.20 58.27 32.24
CA ILE WB 147 -79.80 58.44 32.61
C ILE WB 147 -79.04 58.76 31.35
N THR WB 148 -78.01 59.61 31.43
CA THR WB 148 -77.24 59.98 30.25
C THR WB 148 -75.80 59.61 30.44
N ILE WB 149 -75.11 59.27 29.34
CA ILE WB 149 -73.86 58.53 29.36
C ILE WB 149 -72.86 59.16 28.40
N GLU WB 150 -71.58 58.76 28.49
CA GLU WB 150 -70.50 59.22 27.66
C GLU WB 150 -69.49 58.09 27.67
N PRO WB 151 -68.60 57.91 26.72
CA PRO WB 151 -67.58 56.87 26.80
C PRO WB 151 -66.52 57.21 27.83
N LEU WB 152 -66.03 56.20 28.56
CA LEU WB 152 -65.10 56.44 29.66
C LEU WB 152 -63.72 56.91 29.24
N PRO WB 153 -63.04 57.80 29.93
CA PRO WB 153 -61.60 57.99 29.83
C PRO WB 153 -60.79 56.71 30.01
N PHE WB 154 -59.55 56.67 29.50
CA PHE WB 154 -58.68 55.53 29.64
C PHE WB 154 -57.90 55.55 30.97
N TYR WB 155 -57.46 54.38 31.47
CA TYR WB 155 -56.64 54.27 32.65
C TYR WB 155 -55.42 53.31 32.45
N HIS XB 1 42.24 -11.04 22.17
CA HIS XB 1 43.70 -11.09 22.55
C HIS XB 1 44.52 -12.04 21.70
N GLY XB 2 45.62 -12.62 22.23
CA GLY XB 2 46.39 -13.67 21.56
C GLY XB 2 45.62 -14.91 21.17
N ALA XB 3 46.29 -15.82 20.44
CA ALA XB 3 45.70 -16.97 19.80
C ALA XB 3 45.01 -17.97 20.71
N SER XB 4 45.57 -18.28 21.89
CA SER XB 4 44.89 -19.11 22.87
C SER XB 4 43.82 -18.37 23.61
N ARG XB 5 42.73 -18.12 22.90
CA ARG XB 5 41.38 -17.99 23.37
C ARG XB 5 40.95 -19.13 24.29
N TYR XB 6 39.66 -19.19 24.66
CA TYR XB 6 39.20 -20.04 25.73
C TYR XB 6 40.01 -19.96 27.02
N LYS XB 7 40.07 -21.05 27.80
CA LYS XB 7 40.65 -21.13 29.13
C LYS XB 7 39.85 -20.33 30.11
N LYS XB 8 39.06 -21.03 30.90
CA LYS XB 8 37.93 -20.44 31.56
C LYS XB 8 38.18 -20.31 33.07
N SER XB 9 39.46 -20.35 33.51
CA SER XB 9 39.85 -20.29 34.91
C SER XB 9 39.31 -19.08 35.62
N ARG XB 10 39.34 -17.92 34.94
CA ARG XB 10 38.82 -16.65 35.38
C ARG XB 10 37.33 -16.64 35.70
N ALA XB 11 36.54 -17.47 35.00
CA ALA XB 11 35.09 -17.56 35.00
C ALA XB 11 34.42 -16.63 34.01
N LYS XB 12 35.14 -16.10 32.99
CA LYS XB 12 34.56 -15.30 31.93
C LYS XB 12 33.52 -16.07 31.11
N MET XB 13 32.52 -15.36 30.50
CA MET XB 13 31.52 -15.97 29.64
C MET XB 13 32.08 -16.85 28.53
N ARG XB 14 31.29 -17.80 28.00
CA ARG XB 14 31.81 -18.81 27.10
C ARG XB 14 32.47 -18.25 25.85
N TRP XB 15 33.74 -18.60 25.58
CA TRP XB 15 34.49 -18.06 24.47
C TRP XB 15 33.79 -18.23 23.12
N LYS XB 16 33.21 -19.41 22.89
CA LYS XB 16 32.50 -19.67 21.66
C LYS XB 16 31.30 -18.78 21.44
N TRP XB 17 30.48 -18.58 22.47
CA TRP XB 17 29.38 -17.66 22.41
C TRP XB 17 29.84 -16.24 22.19
N LYS XB 18 30.91 -15.77 22.85
CA LYS XB 18 31.47 -14.44 22.62
C LYS XB 18 31.85 -14.30 21.15
N LYS XB 19 32.51 -15.32 20.58
CA LYS XB 19 32.80 -15.41 19.17
C LYS XB 19 31.55 -15.34 18.28
N LYS XB 20 30.48 -16.10 18.59
CA LYS XB 20 29.21 -16.00 17.89
C LYS XB 20 28.56 -14.62 17.97
N ARG XB 21 28.54 -13.98 19.16
CA ARG XB 21 27.99 -12.64 19.34
C ARG XB 21 28.72 -11.60 18.50
N THR XB 22 30.05 -11.63 18.55
CA THR XB 22 30.91 -10.78 17.77
C THR XB 22 30.81 -11.01 16.27
N ARG XB 23 30.73 -12.27 15.83
CA ARG XB 23 30.49 -12.56 14.44
C ARG XB 23 29.17 -11.97 13.94
N ARG XB 24 28.09 -12.08 14.72
CA ARG XB 24 26.83 -11.43 14.39
C ARG XB 24 26.93 -9.92 14.32
N LEU XB 25 27.62 -9.28 15.29
CA LEU XB 25 27.84 -7.85 15.26
C LEU XB 25 28.58 -7.39 14.03
N GLN XB 26 29.66 -8.11 13.67
CA GLN XB 26 30.39 -7.83 12.47
C GLN XB 26 29.56 -7.90 11.20
N LYS XB 27 28.70 -8.93 11.06
CA LYS XB 27 27.75 -9.04 9.97
C LYS XB 27 26.86 -7.83 9.82
N LYS XB 28 26.25 -7.38 10.93
CA LYS XB 28 25.42 -6.21 10.96
C LYS XB 28 26.14 -4.93 10.55
N ARG XB 29 27.36 -4.67 11.08
CA ARG XB 29 28.18 -3.56 10.64
C ARG XB 29 28.51 -3.58 9.15
N ARG XB 30 28.88 -4.76 8.64
CA ARG XB 30 29.19 -5.00 7.25
C ARG XB 30 27.99 -4.70 6.36
N LYS XB 31 26.79 -5.11 6.79
CA LYS XB 31 25.55 -4.75 6.13
C LYS XB 31 25.29 -3.25 6.11
N MET XB 32 25.49 -2.56 7.23
CA MET XB 32 25.28 -1.12 7.29
C MET XB 32 26.20 -0.37 6.37
N ARG XB 33 27.48 -0.74 6.32
CA ARG XB 33 28.38 -0.19 5.34
C ARG XB 33 27.89 -0.37 3.92
N GLN XB 34 27.37 -1.57 3.60
CA GLN XB 34 26.77 -1.84 2.32
C GLN XB 34 25.62 -0.92 1.95
N ARG XB 35 24.66 -0.64 2.85
CA ARG XB 35 23.66 0.38 2.57
C ARG XB 35 24.27 1.77 2.37
N SER XB 36 25.12 2.23 3.28
CA SER XB 36 25.74 3.55 3.22
C SER XB 36 26.58 3.81 1.98
N ARG XB 37 27.49 2.88 1.63
CA ARG XB 37 28.41 3.03 0.54
C ARG XB 37 27.83 2.35 -0.73
N ILE YB 1 62.64 12.99 -87.82
CA ILE YB 1 61.38 12.86 -88.65
C ILE YB 1 60.72 14.20 -88.95
N LYS YB 2 60.15 14.34 -90.16
CA LYS YB 2 59.58 15.58 -90.67
C LYS YB 2 58.05 15.55 -90.63
N TYR YB 3 57.42 16.62 -90.13
CA TYR YB 3 55.99 16.85 -90.18
C TYR YB 3 55.77 18.08 -91.02
N VAL YB 4 54.77 18.05 -91.92
CA VAL YB 4 54.56 19.14 -92.84
C VAL YB 4 53.19 19.74 -92.67
N LEU YB 5 53.10 21.05 -92.95
CA LEU YB 5 51.91 21.84 -92.84
C LEU YB 5 51.68 22.55 -94.15
N ASP YB 6 50.65 22.12 -94.91
CA ASP YB 6 50.28 22.81 -96.12
C ASP YB 6 49.52 24.10 -95.81
N CYS YB 7 50.30 25.16 -95.58
CA CYS YB 7 49.84 26.50 -95.32
C CYS YB 7 49.47 27.28 -96.57
N THR YB 8 49.42 26.66 -97.76
CA THR YB 8 49.21 27.36 -99.02
C THR YB 8 48.02 28.28 -99.06
N LYS YB 9 46.80 27.73 -98.98
CA LYS YB 9 45.55 28.46 -99.20
C LYS YB 9 45.37 29.84 -98.57
N PRO YB 10 45.66 30.14 -97.31
CA PRO YB 10 45.38 31.47 -96.79
C PRO YB 10 46.57 32.35 -97.00
N VAL YB 11 47.75 31.79 -97.32
CA VAL YB 11 48.89 32.57 -97.76
C VAL YB 11 48.66 33.00 -99.20
N LYS YB 12 48.04 32.13 -100.01
CA LYS YB 12 47.78 32.36 -101.41
C LYS YB 12 46.48 33.13 -101.64
N ASP YB 13 45.74 33.43 -100.56
CA ASP YB 13 44.69 34.42 -100.54
C ASP YB 13 45.11 35.60 -99.65
N THR YB 14 46.37 35.64 -99.20
CA THR YB 14 47.00 36.76 -98.50
C THR YB 14 46.34 37.17 -97.19
N ILE YB 15 45.85 36.18 -96.44
CA ILE YB 15 45.32 36.34 -95.09
C ILE YB 15 46.45 36.15 -94.10
N LEU YB 16 47.26 35.11 -94.33
CA LEU YB 16 48.21 34.60 -93.37
C LEU YB 16 49.62 34.95 -93.76
N ASP YB 17 50.42 35.50 -92.83
CA ASP YB 17 51.80 35.84 -93.09
C ASP YB 17 52.67 34.64 -92.75
N ILE YB 18 53.13 33.90 -93.78
CA ILE YB 18 53.97 32.75 -93.61
C ILE YB 18 55.33 33.01 -92.95
N SER YB 19 55.95 34.18 -93.18
CA SER YB 19 57.19 34.56 -92.51
C SER YB 19 57.02 34.75 -91.02
N GLY YB 20 55.94 35.44 -90.62
CA GLY YB 20 55.57 35.64 -89.23
C GLY YB 20 55.22 34.36 -88.55
N LEU YB 21 54.48 33.49 -89.26
CA LEU YB 21 54.16 32.15 -88.85
C LEU YB 21 55.41 31.35 -88.55
N GLU YB 22 56.40 31.37 -89.47
CA GLU YB 22 57.68 30.74 -89.26
C GLU YB 22 58.37 31.24 -88.01
N GLN YB 23 58.46 32.57 -87.82
CA GLN YB 23 59.09 33.16 -86.67
C GLN YB 23 58.43 32.71 -85.38
N PHE YB 24 57.09 32.74 -85.34
CA PHE YB 24 56.33 32.29 -84.20
C PHE YB 24 56.61 30.83 -83.87
N PHE YB 25 56.57 29.94 -84.86
CA PHE YB 25 56.95 28.57 -84.69
C PHE YB 25 58.35 28.40 -84.18
N LYS YB 26 59.31 29.16 -84.74
CA LYS YB 26 60.69 29.07 -84.38
C LYS YB 26 60.94 29.38 -82.92
N ASP YB 27 60.38 30.48 -82.39
CA ASP YB 27 60.41 30.72 -80.96
C ASP YB 27 59.69 29.70 -80.07
N LYS YB 28 58.45 29.31 -80.43
CA LYS YB 28 57.49 28.85 -79.44
C LYS YB 28 57.66 27.42 -78.94
N ILE YB 29 57.87 26.43 -79.82
CA ILE YB 29 58.05 25.02 -79.46
C ILE YB 29 58.88 24.77 -78.22
N LYS YB 30 58.26 24.25 -77.15
CA LYS YB 30 58.93 23.99 -75.90
C LYS YB 30 59.68 22.67 -75.89
N VAL YB 31 60.81 22.60 -75.19
CA VAL YB 31 61.53 21.36 -74.97
C VAL YB 31 61.96 21.35 -73.54
N ASP YB 32 61.50 20.35 -72.76
CA ASP YB 32 61.68 20.25 -71.33
C ASP YB 32 61.28 21.54 -70.59
N LYS YB 33 60.07 22.03 -70.90
CA LYS YB 33 59.42 23.20 -70.34
C LYS YB 33 59.97 24.49 -70.93
N LYS YB 34 61.30 24.58 -71.06
CA LYS YB 34 62.01 25.70 -71.60
C LYS YB 34 61.64 26.03 -73.04
N THR YB 35 61.69 27.33 -73.39
CA THR YB 35 61.20 27.80 -74.67
C THR YB 35 62.28 27.93 -75.70
N ASN YB 36 63.57 27.82 -75.34
CA ASN YB 36 64.62 28.11 -76.30
C ASN YB 36 65.74 27.12 -76.14
N ASN YB 37 65.38 25.87 -75.83
CA ASN YB 37 66.30 24.76 -75.70
C ASN YB 37 66.33 23.98 -77.01
N LEU YB 38 65.68 24.49 -78.06
CA LEU YB 38 65.48 23.78 -79.31
C LEU YB 38 66.76 23.36 -80.02
N LYS YB 39 67.80 24.23 -80.03
CA LYS YB 39 69.17 23.95 -80.43
C LYS YB 39 69.36 23.10 -81.67
N ASN YB 40 69.66 21.79 -81.49
CA ASN YB 40 69.82 20.83 -82.56
C ASN YB 40 68.79 19.71 -82.41
N LYS YB 41 67.75 19.92 -81.60
CA LYS YB 41 66.82 18.88 -81.22
C LYS YB 41 65.47 19.06 -81.90
N VAL YB 42 65.16 20.29 -82.31
CA VAL YB 42 63.98 20.60 -83.09
C VAL YB 42 64.39 21.65 -84.10
N VAL YB 43 63.93 21.55 -85.35
CA VAL YB 43 64.27 22.44 -86.43
C VAL YB 43 63.00 22.89 -87.14
N VAL YB 44 62.93 24.16 -87.57
CA VAL YB 44 61.79 24.70 -88.27
C VAL YB 44 62.29 25.34 -89.54
N THR YB 45 61.82 24.87 -90.71
CA THR YB 45 62.16 25.46 -92.00
C THR YB 45 60.92 25.80 -92.83
N SER YB 46 61.11 26.56 -93.93
CA SER YB 46 60.01 27.07 -94.71
C SER YB 46 60.30 27.12 -96.19
N ASP YB 47 59.33 26.67 -96.99
CA ASP YB 47 59.20 26.96 -98.39
C ASP YB 47 58.45 28.30 -98.53
N GLU YB 48 58.25 28.78 -99.77
CA GLU YB 48 57.38 29.89 -100.09
C GLU YB 48 55.94 29.66 -99.69
N TYR YB 49 55.44 28.41 -99.66
CA TYR YB 49 54.06 28.13 -99.29
C TYR YB 49 53.87 26.93 -98.38
N LYS YB 50 54.94 26.31 -97.86
CA LYS YB 50 54.83 25.11 -97.04
C LYS YB 50 55.75 25.18 -95.83
N ILE YB 51 55.24 24.86 -94.64
CA ILE YB 51 56.03 24.89 -93.41
C ILE YB 51 56.46 23.49 -93.04
N TYR YB 52 57.73 23.35 -92.63
CA TYR YB 52 58.32 22.08 -92.28
C TYR YB 52 58.79 22.09 -90.86
N ILE YB 53 58.35 21.10 -90.07
CA ILE YB 53 58.76 20.98 -88.68
C ILE YB 53 59.47 19.65 -88.59
N THR YB 54 60.72 19.66 -88.14
CA THR YB 54 61.52 18.46 -88.11
C THR YB 54 61.97 18.23 -86.70
N VAL YB 55 61.67 17.05 -86.17
CA VAL YB 55 61.97 16.74 -84.79
C VAL YB 55 62.89 15.55 -84.74
N HIS YB 56 63.81 15.56 -83.79
CA HIS YB 56 64.80 14.52 -83.59
C HIS YB 56 64.53 13.82 -82.28
N ILE YB 57 63.33 14.04 -81.75
CA ILE YB 57 62.89 13.62 -80.44
C ILE YB 57 61.41 13.33 -80.58
N PRO YB 58 60.80 12.36 -79.90
CA PRO YB 58 59.35 12.22 -79.78
C PRO YB 58 58.56 13.49 -79.52
N PHE YB 59 57.34 13.57 -80.07
CA PHE YB 59 56.63 14.81 -80.23
C PHE YB 59 55.15 14.50 -80.37
N SER YB 60 54.29 15.53 -80.49
CA SER YB 60 52.90 15.31 -80.87
C SER YB 60 52.47 16.20 -82.01
N LYS YB 61 51.83 15.58 -83.00
CA LYS YB 61 51.17 16.23 -84.11
C LYS YB 61 50.10 17.21 -83.62
N ARG YB 62 49.42 16.87 -82.52
CA ARG YB 62 48.49 17.73 -81.83
C ARG YB 62 49.09 19.06 -81.44
N TYR YB 63 50.33 19.06 -80.93
CA TYR YB 63 51.02 20.25 -80.46
C TYR YB 63 51.21 21.27 -81.57
N ILE YB 64 51.58 20.81 -82.78
CA ILE YB 64 51.75 21.68 -83.92
C ILE YB 64 50.45 22.42 -84.24
N LYS YB 65 49.33 21.69 -84.24
CA LYS YB 65 48.03 22.31 -84.44
C LYS YB 65 47.67 23.31 -83.35
N TYR YB 66 47.90 22.97 -82.07
CA TYR YB 66 47.65 23.83 -80.95
C TYR YB 66 48.39 25.16 -81.06
N LEU YB 67 49.69 25.12 -81.37
CA LEU YB 67 50.46 26.32 -81.63
C LEU YB 67 49.93 27.14 -82.78
N ALA YB 68 49.58 26.48 -83.90
CA ALA YB 68 49.02 27.13 -85.06
C ALA YB 68 47.72 27.85 -84.73
N LYS YB 69 46.83 27.18 -83.99
CA LYS YB 69 45.62 27.77 -83.49
C LYS YB 69 45.85 29.03 -82.68
N LYS YB 70 46.82 29.05 -81.73
CA LYS YB 70 47.17 30.28 -81.05
C LYS YB 70 47.61 31.43 -81.98
N TYR YB 71 48.47 31.17 -82.98
CA TYR YB 71 48.88 32.20 -83.92
C TYR YB 71 47.72 32.79 -84.71
N ILE YB 72 46.86 31.91 -85.21
CA ILE YB 72 45.64 32.20 -85.93
C ILE YB 72 44.65 33.05 -85.13
N LYS YB 73 44.42 32.69 -83.85
CA LYS YB 73 43.62 33.44 -82.89
C LYS YB 73 44.16 34.83 -82.67
N MET YB 74 45.48 34.93 -82.48
CA MET YB 74 46.22 36.14 -82.21
C MET YB 74 46.05 37.17 -83.30
N HIS YB 75 46.15 36.76 -84.58
CA HIS YB 75 45.94 37.65 -85.71
C HIS YB 75 44.48 37.64 -86.13
N GLN YB 76 43.61 37.10 -85.27
CA GLN YB 76 42.17 37.18 -85.33
C GLN YB 76 41.55 36.67 -86.62
N ILE YB 77 42.02 35.50 -87.08
CA ILE YB 77 41.56 34.90 -88.33
C ILE YB 77 41.06 33.48 -88.10
N ARG YB 78 40.83 33.11 -86.81
CA ARG YB 78 40.38 31.80 -86.42
C ARG YB 78 39.04 31.41 -87.02
N ASP YB 79 38.10 32.35 -87.10
CA ASP YB 79 36.77 32.03 -87.59
C ASP YB 79 36.72 32.07 -89.10
N PHE YB 80 37.89 32.09 -89.76
CA PHE YB 80 38.02 32.01 -91.18
C PHE YB 80 38.84 30.80 -91.59
N LEU YB 81 39.38 30.02 -90.64
CA LEU YB 81 40.23 28.89 -90.96
C LEU YB 81 40.11 27.79 -89.93
N ARG YB 82 40.09 26.52 -90.38
CA ARG YB 82 40.19 25.37 -89.52
C ARG YB 82 41.36 24.51 -89.97
N VAL YB 83 42.05 23.85 -89.02
CA VAL YB 83 43.19 23.00 -89.34
C VAL YB 83 42.76 21.56 -89.33
N ILE YB 84 43.14 20.76 -90.35
CA ILE YB 84 42.68 19.39 -90.45
C ILE YB 84 43.85 18.55 -90.94
N ALA YB 85 43.88 17.30 -90.51
CA ALA YB 85 44.82 16.26 -90.85
C ALA YB 85 44.48 15.54 -92.14
N LYS YB 86 45.48 15.36 -93.02
CA LYS YB 86 45.32 14.54 -94.20
C LYS YB 86 45.99 13.21 -93.89
N GLY YB 87 47.31 13.15 -94.03
CA GLY YB 87 48.14 11.98 -93.81
C GLY YB 87 48.76 12.10 -92.47
N LYS YB 88 49.37 11.02 -91.97
CA LYS YB 88 49.97 10.95 -90.65
C LYS YB 88 50.93 12.08 -90.35
N LEU YB 89 51.70 12.53 -91.35
CA LEU YB 89 52.63 13.61 -91.16
C LEU YB 89 52.15 14.90 -91.79
N ALA YB 90 50.95 14.90 -92.41
CA ALA YB 90 50.46 16.00 -93.23
C ALA YB 90 49.22 16.73 -92.73
N TYR YB 91 49.36 18.01 -92.37
CA TYR YB 91 48.30 18.95 -92.03
C TYR YB 91 47.90 19.84 -93.20
N GLU YB 92 46.66 20.37 -93.18
CA GLU YB 92 46.16 21.27 -94.19
C GLU YB 92 45.26 22.29 -93.54
N PHE YB 93 45.37 23.54 -94.01
CA PHE YB 93 44.39 24.58 -93.77
C PHE YB 93 43.15 24.41 -94.63
N LYS YB 94 41.97 24.71 -94.08
CA LYS YB 94 40.73 24.53 -94.82
C LYS YB 94 39.73 25.62 -94.43
N TYR YB 95 38.93 26.08 -95.41
CA TYR YB 95 37.93 27.11 -95.23
C TYR YB 95 36.66 26.63 -94.54
N PHE YB 96 35.92 27.54 -93.91
CA PHE YB 96 34.56 27.29 -93.44
C PHE YB 96 33.55 26.98 -94.56
N GLN YB 97 32.53 26.17 -94.23
CA GLN YB 97 31.48 25.70 -95.14
C GLN YB 97 32.01 24.91 -96.37
N VAL ZB 1 39.26 75.69 -27.23
CA VAL ZB 1 38.69 74.29 -27.14
C VAL ZB 1 39.75 73.21 -27.18
N LYS ZB 2 39.49 72.01 -26.62
CA LYS ZB 2 40.40 70.88 -26.71
C LYS ZB 2 39.65 69.61 -27.03
N THR ZB 3 40.38 68.61 -27.53
CA THR ZB 3 39.87 67.30 -27.87
C THR ZB 3 40.70 66.26 -27.16
N GLU ZB 4 40.07 65.23 -26.58
CA GLU ZB 4 40.79 64.01 -26.23
C GLU ZB 4 41.35 63.29 -27.45
N ALA ZB 5 42.27 62.33 -27.25
CA ALA ZB 5 42.80 61.56 -28.35
C ALA ZB 5 42.53 60.10 -28.12
N CYS ZB 6 42.21 59.36 -29.19
CA CYS ZB 6 41.90 57.94 -29.15
C CYS ZB 6 43.07 57.07 -28.76
N SER ZB 7 42.80 55.86 -28.21
CA SER ZB 7 43.86 54.90 -27.97
C SER ZB 7 44.10 53.95 -29.14
N PHE ZB 8 43.07 53.24 -29.64
CA PHE ZB 8 43.25 52.29 -30.73
C PHE ZB 8 43.51 53.00 -32.05
N SER ZB 9 42.70 54.01 -32.35
CA SER ZB 9 42.97 54.90 -33.46
C SER ZB 9 43.84 55.99 -32.93
N GLU ZB 10 44.46 56.77 -33.83
CA GLU ZB 10 45.18 57.94 -33.44
C GLU ZB 10 44.27 59.14 -33.57
N TYR ZB 11 43.01 58.96 -34.02
CA TYR ZB 11 42.07 60.05 -34.23
C TYR ZB 11 41.76 60.91 -33.03
N ARG ZB 12 41.52 62.20 -33.28
CA ARG ZB 12 41.02 63.16 -32.32
C ARG ZB 12 39.55 62.97 -32.00
N ILE ZB 13 39.21 63.03 -30.70
CA ILE ZB 13 37.87 62.80 -30.20
C ILE ZB 13 37.26 64.12 -29.79
N TYR ZB 14 36.37 64.70 -30.60
CA TYR ZB 14 35.48 65.76 -30.16
C TYR ZB 14 34.54 65.31 -29.04
N PRO ZB 15 34.20 66.10 -28.04
CA PRO ZB 15 33.46 65.62 -26.89
C PRO ZB 15 32.07 65.19 -27.25
N GLY ZB 16 31.49 64.27 -26.47
CA GLY ZB 16 30.15 63.78 -26.73
C GLY ZB 16 30.06 62.70 -27.79
N ARG ZB 17 31.20 62.16 -28.25
CA ARG ZB 17 31.20 61.13 -29.27
C ARG ZB 17 31.45 59.73 -28.69
N GLY ZB 18 32.73 59.30 -28.57
CA GLY ZB 18 33.13 57.89 -28.39
C GLY ZB 18 32.87 57.22 -27.06
N GLN ZB 19 33.44 56.00 -26.88
CA GLN ZB 19 33.26 55.26 -25.65
C GLN ZB 19 34.56 54.91 -24.96
N LYS ZB 20 34.47 54.59 -23.67
CA LYS ZB 20 35.60 54.38 -22.80
C LYS ZB 20 35.58 53.00 -22.18
N TYR ZB 21 36.67 52.26 -22.31
CA TYR ZB 21 36.80 50.92 -21.82
C TYR ZB 21 37.90 50.95 -20.79
N ILE ZB 22 37.60 50.48 -19.58
CA ILE ZB 22 38.60 50.28 -18.58
C ILE ZB 22 38.92 48.81 -18.41
N ALA ZB 23 40.16 48.45 -18.78
CA ALA ZB 23 40.75 47.14 -18.60
C ALA ZB 23 40.96 46.77 -17.14
N ARG ZB 24 40.98 45.46 -16.83
CA ARG ZB 24 41.09 44.93 -15.49
C ARG ZB 24 42.29 45.44 -14.71
N ASP ZB 25 43.40 45.65 -15.41
CA ASP ZB 25 44.60 46.24 -14.88
C ASP ZB 25 44.38 47.66 -14.32
N GLY ZB 26 43.45 48.43 -14.93
CA GLY ZB 26 43.18 49.82 -14.62
C GLY ZB 26 43.55 50.75 -15.74
N LYS ZB 27 43.80 50.20 -16.94
CA LYS ZB 27 44.12 50.98 -18.13
C LYS ZB 27 42.87 51.42 -18.86
N VAL ZB 28 42.71 52.73 -19.08
CA VAL ZB 28 41.59 53.23 -19.85
C VAL ZB 28 41.94 53.35 -21.32
N TYR ZB 29 41.02 52.91 -22.16
CA TYR ZB 29 41.11 52.97 -23.59
C TYR ZB 29 39.93 53.75 -24.10
N PHE ZB 30 40.17 54.79 -24.91
CA PHE ZB 30 39.12 55.57 -25.53
C PHE ZB 30 39.06 55.16 -26.97
N TYR ZB 31 37.91 54.72 -27.47
CA TYR ZB 31 37.75 54.36 -28.86
C TYR ZB 31 36.79 55.34 -29.49
N LEU ZB 32 37.11 55.79 -30.72
CA LEU ZB 32 36.31 56.82 -31.38
C LEU ZB 32 34.96 56.31 -31.79
N SER ZB 33 34.92 55.08 -32.32
CA SER ZB 33 33.72 54.49 -32.85
C SER ZB 33 33.61 53.04 -32.45
N SER ZB 34 32.43 52.47 -32.69
CA SER ZB 34 32.09 51.08 -32.41
C SER ZB 34 32.99 50.13 -33.13
N LYS ZB 35 33.31 50.40 -34.40
CA LYS ZB 35 34.17 49.55 -35.19
C LYS ZB 35 35.53 49.42 -34.54
N PHE ZB 36 36.12 50.54 -34.12
CA PHE ZB 36 37.35 50.50 -33.38
C PHE ZB 36 37.22 49.72 -32.08
N ALA ZB 37 36.11 49.91 -31.36
CA ALA ZB 37 35.84 49.17 -30.15
C ALA ZB 37 35.76 47.67 -30.34
N SER ZB 38 35.02 47.18 -31.34
CA SER ZB 38 35.00 45.76 -31.64
C SER ZB 38 36.37 45.23 -32.04
N LEU ZB 39 37.12 45.98 -32.87
CA LEU ZB 39 38.44 45.58 -33.31
C LEU ZB 39 39.40 45.40 -32.16
N ALA ZB 40 39.44 46.36 -31.23
CA ALA ZB 40 40.11 46.20 -29.96
C ALA ZB 40 39.66 45.03 -29.09
N LEU ZB 41 38.34 44.81 -28.95
CA LEU ZB 41 37.79 43.77 -28.11
C LEU ZB 41 38.22 42.38 -28.54
N GLN ZB 42 38.17 42.12 -29.85
CA GLN ZB 42 38.65 40.90 -30.47
C GLN ZB 42 40.16 40.75 -30.46
N LYS ZB 43 40.88 41.73 -29.92
CA LYS ZB 43 42.29 41.69 -29.66
C LYS ZB 43 43.15 41.67 -30.90
N LYS ZB 44 42.82 42.49 -31.90
CA LYS ZB 44 43.70 42.74 -33.01
C LYS ZB 44 44.75 43.75 -32.60
N LYS ZB 45 46.01 43.58 -33.03
CA LYS ZB 45 46.99 44.62 -32.85
C LYS ZB 45 46.84 45.68 -33.93
N ALA ZB 46 46.59 46.94 -33.52
CA ALA ZB 46 46.37 48.06 -34.41
C ALA ZB 46 47.38 48.26 -35.52
N ALA ZB 47 48.65 47.89 -35.29
CA ALA ZB 47 49.70 48.04 -36.28
C ALA ZB 47 49.64 47.03 -37.41
N LYS ZB 48 48.63 46.16 -37.46
CA LYS ZB 48 48.52 45.18 -38.51
C LYS ZB 48 47.28 45.39 -39.37
N LEU ZB 49 46.47 46.43 -39.11
CA LEU ZB 49 45.34 46.69 -39.98
C LEU ZB 49 45.61 47.92 -40.83
N ARG ZB 50 45.85 47.71 -42.13
CA ARG ZB 50 46.45 48.65 -43.07
C ARG ZB 50 45.77 50.01 -43.13
N TRP ZB 51 44.43 50.06 -43.06
CA TRP ZB 51 43.69 51.29 -43.02
C TRP ZB 51 43.97 52.17 -41.81
N THR ZB 52 44.15 51.55 -40.65
CA THR ZB 52 44.35 52.23 -39.39
C THR ZB 52 45.68 52.96 -39.35
N GLN ZB 53 45.74 54.13 -38.68
CA GLN ZB 53 46.84 55.09 -38.75
C GLN ZB 53 48.16 54.50 -38.32
N THR ZB 54 48.08 53.58 -37.36
CA THR ZB 54 49.19 52.92 -36.72
C THR ZB 54 50.06 52.21 -37.70
N TRP ZB 55 49.47 51.51 -38.69
CA TRP ZB 55 50.21 50.82 -39.72
C TRP ZB 55 51.00 51.79 -40.56
N ARG ZB 56 50.37 52.92 -40.91
CA ARG ZB 56 50.96 53.98 -41.69
C ARG ZB 56 52.20 54.52 -41.01
N ARG ZB 57 52.11 54.80 -39.70
CA ARG ZB 57 53.27 55.22 -38.95
C ARG ZB 57 54.41 54.20 -38.95
N ASN ZB 58 54.08 52.94 -38.67
CA ASN ZB 58 55.02 51.82 -38.70
C ASN ZB 58 55.67 51.52 -40.03
N ASN ZB 59 54.98 51.74 -41.15
CA ASN ZB 59 55.48 51.27 -42.43
C ASN ZB 59 56.20 52.37 -43.17
N LYS ZB 60 56.45 53.53 -42.53
CA LYS ZB 60 57.19 54.62 -43.12
C LYS ZB 60 56.48 55.20 -44.32
N LYS ZB 61 55.17 55.46 -44.15
CA LYS ZB 61 54.26 55.79 -45.24
C LYS ZB 61 53.52 57.08 -44.92
N THR ZB 62 54.13 57.94 -44.11
CA THR ZB 62 53.55 59.14 -43.54
C THR ZB 62 53.60 60.39 -44.45
#